data_4NWR
#
_entry.id   4NWR
#
_cell.length_a   124.910
_cell.length_b   189.250
_cell.length_c   376.830
_cell.angle_alpha   90.00
_cell.angle_beta   90.02
_cell.angle_gamma   90.00
#
_symmetry.space_group_name_H-M   'P 1 21 1'
#
loop_
_entity.id
_entity.type
_entity.pdbx_description
1 polymer 'integron gene cassette protein'
2 polymer 'Macrophage migration inhibitory factor-like protein'
#
loop_
_entity_poly.entity_id
_entity_poly.type
_entity_poly.pdbx_seq_one_letter_code
_entity_poly.pdbx_strand_id
1 'polypeptide(L)'
;MESVNTSFLSPSLVTIRDFDNGQFAVLRIGRTGFPADKGDIDLCLDKMIGVRAAQIFLGDDTEDGFKGPHIRIRCVDIDD
KHTYNAMVYVDLIVGTGASEVERETAEEEAKLALRVALQVDIADEHSCVTQFEMKLREELLSSDSFHPDKDEYYKDFL
;
A,C,E,G,I,K,M,O,Q,S,U,W,Y,a,c,e,g,i,k,m,o,q,s,u,w,y,0,2,4,6,8,AA,AC,AE,AG,AI,AK,AM,AO,AQ,AS,AU,AW,AY,BA,BC,BE,BG
2 'polypeptide(L)'
;MPVIQTFVSTPLDHHKRLLLAIIYRIVTRVVLGKPEDLVMMTFHDSTPMHFFGSTDPVACVRVEALGGYGPSEPEKVTSI
VTAAITAVCGIVADRIFVLYFSPLHCGWNGTNFLEHHHHHH
;
B,D,F,H,J,L,N,P,R,T,V,X,Z,b,d,f,h,j,l,n,p,r,t,v,x,z,1,3,5,7,9,AB,AD,AF,AH,AJ,AL,AN,AP,AR,AT,AV,AX,AZ,BB,BD,BF,BH
#
# COMPACT_ATOMS: atom_id res chain seq x y z
N SER A 3 50.08 51.19 10.47
CA SER A 3 50.79 52.42 10.13
C SER A 3 51.90 52.15 9.12
N VAL A 4 52.60 51.04 9.30
CA VAL A 4 53.68 50.65 8.39
C VAL A 4 53.38 49.29 7.77
N ASN A 5 53.57 49.17 6.47
CA ASN A 5 53.29 47.93 5.76
C ASN A 5 54.50 47.37 5.05
N THR A 6 55.22 46.48 5.73
CA THR A 6 56.38 45.81 5.14
C THR A 6 55.96 44.55 4.40
N SER A 7 56.82 44.08 3.49
CA SER A 7 56.54 42.89 2.70
C SER A 7 57.82 42.36 2.06
N PHE A 8 57.93 41.03 1.99
CA PHE A 8 59.12 40.40 1.43
C PHE A 8 58.90 39.91 0.01
N LEU A 9 59.51 40.61 -0.95
CA LEU A 9 59.50 40.14 -2.34
C LEU A 9 60.53 39.03 -2.48
N SER A 10 61.59 39.13 -1.68
CA SER A 10 62.68 38.17 -1.66
C SER A 10 63.29 38.19 -0.26
N PRO A 11 64.13 37.19 0.07
CA PRO A 11 64.78 37.23 1.38
C PRO A 11 65.62 38.49 1.61
N SER A 12 66.27 38.99 0.55
CA SER A 12 67.08 40.19 0.67
C SER A 12 66.40 41.41 0.08
N LEU A 13 65.12 41.29 -0.23
CA LEU A 13 64.36 42.40 -0.82
C LEU A 13 63.08 42.67 -0.05
N VAL A 14 62.99 43.87 0.54
CA VAL A 14 61.84 44.25 1.34
C VAL A 14 61.28 45.61 0.93
N THR A 15 59.97 45.67 0.75
CA THR A 15 59.30 46.94 0.44
C THR A 15 58.57 47.45 1.68
N ILE A 16 58.88 48.68 2.08
CA ILE A 16 58.28 49.28 3.27
C ILE A 16 57.45 50.52 2.95
N ARG A 17 56.17 50.46 3.26
CA ARG A 17 55.27 51.59 3.04
C ARG A 17 54.83 52.23 4.35
N ASP A 18 55.07 53.53 4.48
CA ASP A 18 54.66 54.29 5.67
C ASP A 18 53.53 55.23 5.34
N PHE A 19 52.31 54.88 5.74
CA PHE A 19 51.14 55.69 5.42
C PHE A 19 51.10 57.01 6.19
N ASP A 20 51.49 56.97 7.46
CA ASP A 20 51.44 58.16 8.30
C ASP A 20 52.44 59.23 7.86
N ASN A 21 53.66 58.80 7.54
CA ASN A 21 54.70 59.73 7.09
C ASN A 21 54.67 59.94 5.58
N GLY A 22 53.86 59.14 4.89
CA GLY A 22 53.75 59.24 3.45
C GLY A 22 55.05 58.91 2.74
N GLN A 23 55.66 57.81 3.13
CA GLN A 23 56.95 57.41 2.57
C GLN A 23 56.94 55.98 2.03
N PHE A 24 57.85 55.70 1.11
CA PHE A 24 58.04 54.35 0.59
C PHE A 24 59.54 54.11 0.46
N ALA A 25 60.02 53.07 1.12
CA ALA A 25 61.44 52.73 1.10
C ALA A 25 61.65 51.28 0.74
N VAL A 26 62.65 51.02 -0.09
CA VAL A 26 63.01 49.66 -0.46
C VAL A 26 64.20 49.18 0.36
N LEU A 27 64.01 48.12 1.14
CA LEU A 27 65.09 47.56 1.92
C LEU A 27 65.72 46.40 1.16
N ARG A 28 66.99 46.57 0.80
CA ARG A 28 67.67 45.56 0.00
C ARG A 28 69.08 45.29 0.51
N ILE A 29 69.40 44.01 0.69
CA ILE A 29 70.75 43.61 1.04
C ILE A 29 71.41 42.98 -0.18
N GLY A 30 71.87 43.83 -1.09
CA GLY A 30 72.39 43.39 -2.38
C GLY A 30 73.76 42.76 -2.32
N ARG A 31 74.68 43.39 -1.58
CA ARG A 31 76.07 42.96 -1.52
C ARG A 31 76.25 41.50 -1.11
N THR A 32 75.45 41.06 -0.14
CA THR A 32 75.60 39.70 0.39
C THR A 32 74.42 38.80 0.02
N GLY A 33 73.22 39.38 0.01
CA GLY A 33 72.01 38.62 -0.26
C GLY A 33 71.46 37.94 0.97
N PHE A 34 71.87 38.43 2.14
CA PHE A 34 71.38 37.91 3.41
C PHE A 34 69.92 38.28 3.62
N PRO A 35 69.19 37.48 4.42
CA PRO A 35 67.79 37.79 4.70
C PRO A 35 67.65 38.99 5.64
N ALA A 36 66.75 39.90 5.32
CA ALA A 36 66.55 41.08 6.15
C ALA A 36 65.92 40.67 7.48
N ASP A 37 66.64 40.91 8.57
CA ASP A 37 66.15 40.58 9.90
C ASP A 37 65.36 41.73 10.48
N LYS A 38 64.88 41.55 11.71
CA LYS A 38 64.11 42.58 12.40
C LYS A 38 64.96 43.83 12.62
N GLY A 39 66.24 43.63 12.89
CA GLY A 39 67.17 44.73 13.09
C GLY A 39 67.39 45.54 11.83
N ASP A 40 67.48 44.86 10.70
CA ASP A 40 67.70 45.53 9.41
C ASP A 40 66.52 46.41 9.05
N ILE A 41 65.30 45.91 9.25
CA ILE A 41 64.10 46.68 8.95
C ILE A 41 63.97 47.87 9.88
N ASP A 42 64.24 47.64 11.17
CA ASP A 42 64.19 48.70 12.17
C ASP A 42 65.20 49.80 11.86
N LEU A 43 66.34 49.40 11.30
CA LEU A 43 67.36 50.35 10.89
C LEU A 43 66.86 51.19 9.72
N CYS A 44 66.16 50.54 8.79
CA CYS A 44 65.60 51.24 7.63
C CYS A 44 64.56 52.27 8.04
N LEU A 45 63.70 51.89 8.99
CA LEU A 45 62.68 52.79 9.51
C LEU A 45 63.33 54.01 10.16
N ASP A 46 64.43 53.77 10.86
CA ASP A 46 65.17 54.85 11.52
C ASP A 46 65.79 55.80 10.50
N LYS A 47 66.05 55.28 9.31
CA LYS A 47 66.61 56.09 8.23
C LYS A 47 65.53 56.91 7.53
N MET A 48 64.33 56.36 7.43
CA MET A 48 63.22 57.05 6.79
C MET A 48 62.83 58.31 7.56
N ILE A 49 62.74 58.18 8.88
CA ILE A 49 62.37 59.30 9.74
C ILE A 49 63.49 60.34 9.76
N GLY A 50 64.72 59.88 9.51
CA GLY A 50 65.87 60.76 9.45
C GLY A 50 65.80 61.68 8.24
N VAL A 51 65.50 61.09 7.09
CA VAL A 51 65.37 61.86 5.85
C VAL A 51 64.10 62.69 5.91
N ARG A 52 63.08 62.18 6.59
CA ARG A 52 61.87 62.93 6.86
C ARG A 52 62.21 64.21 7.62
N ALA A 53 63.15 64.10 8.54
CA ALA A 53 63.64 65.26 9.30
C ALA A 53 64.43 66.20 8.40
N ALA A 54 65.13 65.66 7.42
CA ALA A 54 65.88 66.47 6.47
C ALA A 54 64.95 67.31 5.60
N GLN A 55 63.81 66.72 5.23
CA GLN A 55 62.83 67.40 4.39
C GLN A 55 62.20 68.59 5.10
N ILE A 56 61.72 68.37 6.32
CA ILE A 56 61.06 69.41 7.10
C ILE A 56 62.08 70.47 7.51
N PHE A 57 63.35 70.07 7.63
CA PHE A 57 64.43 71.01 7.90
C PHE A 57 64.57 71.99 6.75
N LEU A 58 64.55 71.48 5.53
CA LEU A 58 64.67 72.30 4.33
C LEU A 58 63.40 73.12 4.09
N GLY A 59 62.33 72.75 4.79
CA GLY A 59 61.06 73.45 4.66
C GLY A 59 59.87 72.50 4.70
N ASP A 60 58.82 72.91 5.40
CA ASP A 60 57.61 72.10 5.50
C ASP A 60 56.84 72.11 4.19
N ASP A 61 56.93 71.01 3.45
CA ASP A 61 56.28 70.91 2.14
C ASP A 61 54.97 70.13 2.24
N THR A 62 54.52 69.88 3.46
CA THR A 62 53.23 69.24 3.68
C THR A 62 52.10 70.24 3.47
N GLU A 63 52.43 71.53 3.57
CA GLU A 63 51.46 72.60 3.37
C GLU A 63 51.16 72.80 1.88
N ASP A 64 50.16 73.62 1.59
CA ASP A 64 49.76 73.90 0.23
C ASP A 64 50.76 74.81 -0.47
N GLY A 65 50.99 74.56 -1.75
CA GLY A 65 51.92 75.36 -2.54
C GLY A 65 53.36 75.04 -2.17
N PHE A 66 53.67 73.75 -2.07
CA PHE A 66 55.00 73.29 -1.74
C PHE A 66 56.03 73.70 -2.79
N LYS A 67 56.71 74.81 -2.53
CA LYS A 67 57.72 75.33 -3.45
C LYS A 67 58.94 74.43 -3.52
N GLY A 68 59.10 73.56 -2.52
CA GLY A 68 60.20 72.62 -2.49
C GLY A 68 61.38 73.12 -1.67
N PRO A 69 62.53 72.45 -1.80
CA PRO A 69 62.71 71.27 -2.65
C PRO A 69 62.29 69.97 -1.98
N HIS A 70 61.98 68.95 -2.78
CA HIS A 70 61.57 67.67 -2.24
C HIS A 70 62.75 66.72 -2.12
N ILE A 71 62.88 66.09 -0.96
CA ILE A 71 63.94 65.12 -0.71
C ILE A 71 63.35 63.86 -0.07
N ARG A 72 63.36 62.76 -0.83
CA ARG A 72 62.70 61.53 -0.39
C ARG A 72 63.60 60.32 -0.52
N ILE A 73 63.42 59.36 0.38
CA ILE A 73 64.15 58.10 0.32
C ILE A 73 63.62 57.20 -0.79
N ARG A 74 64.53 56.60 -1.56
CA ARG A 74 64.15 55.65 -2.60
C ARG A 74 64.44 54.22 -2.16
N CYS A 75 65.60 54.01 -1.54
CA CYS A 75 66.03 52.68 -1.14
C CYS A 75 67.13 52.72 -0.10
N VAL A 76 67.30 51.61 0.62
CA VAL A 76 68.36 51.48 1.61
C VAL A 76 69.11 50.17 1.40
N ASP A 77 70.38 50.28 1.02
CA ASP A 77 71.20 49.09 0.75
C ASP A 77 72.13 48.83 1.93
N ILE A 78 72.05 47.62 2.48
CA ILE A 78 72.84 47.25 3.64
C ILE A 78 74.00 46.32 3.29
N ASP A 79 75.22 46.73 3.64
CA ASP A 79 76.38 45.87 3.51
C ASP A 79 76.52 45.09 4.81
N ASP A 80 76.47 43.76 4.71
CA ASP A 80 76.40 42.91 5.90
C ASP A 80 77.51 41.86 5.93
N LYS A 81 78.48 42.00 5.04
CA LYS A 81 79.55 41.02 4.90
C LYS A 81 80.41 40.90 6.16
N HIS A 82 81.15 41.97 6.48
CA HIS A 82 82.09 41.96 7.60
C HIS A 82 81.71 42.95 8.67
N THR A 83 81.50 44.20 8.27
CA THR A 83 81.09 45.25 9.19
C THR A 83 79.73 45.76 8.78
N TYR A 84 78.90 46.10 9.76
CA TYR A 84 77.55 46.56 9.50
C TYR A 84 77.57 47.94 8.85
N ASN A 85 77.19 47.99 7.57
CA ASN A 85 77.18 49.24 6.82
C ASN A 85 75.89 49.41 6.02
N ALA A 86 75.45 50.65 5.87
CA ALA A 86 74.22 50.95 5.14
C ALA A 86 74.41 52.11 4.17
N MET A 87 74.01 51.91 2.92
CA MET A 87 74.06 52.95 1.92
C MET A 87 72.65 53.39 1.55
N VAL A 88 72.30 54.64 1.86
CA VAL A 88 70.95 55.15 1.63
C VAL A 88 70.85 55.84 0.28
N TYR A 89 69.78 55.55 -0.46
CA TYR A 89 69.54 56.17 -1.76
C TYR A 89 68.40 57.18 -1.66
N VAL A 90 68.70 58.42 -1.97
CA VAL A 90 67.76 59.52 -1.81
C VAL A 90 67.60 60.33 -3.10
N ASP A 91 66.38 60.74 -3.41
CA ASP A 91 66.13 61.58 -4.58
C ASP A 91 65.77 63.00 -4.17
N LEU A 92 66.50 63.97 -4.71
CA LEU A 92 66.25 65.38 -4.45
C LEU A 92 65.56 66.05 -5.64
N ILE A 93 64.34 66.51 -5.42
CA ILE A 93 63.56 67.15 -6.49
C ILE A 93 63.46 68.66 -6.26
N VAL A 94 63.76 69.43 -7.29
CA VAL A 94 63.71 70.89 -7.20
C VAL A 94 63.19 71.51 -8.49
N GLU A 100 69.58 78.25 -11.23
CA GLU A 100 70.62 77.24 -11.15
C GLU A 100 71.42 77.38 -9.87
N VAL A 101 71.59 78.62 -9.42
CA VAL A 101 72.31 78.92 -8.18
C VAL A 101 71.54 78.39 -6.98
N GLU A 102 70.24 78.60 -6.98
CA GLU A 102 69.37 78.11 -5.92
C GLU A 102 69.33 76.59 -5.88
N ARG A 103 69.47 75.98 -7.06
CA ARG A 103 69.51 74.53 -7.17
C ARG A 103 70.76 73.97 -6.49
N GLU A 104 71.89 74.65 -6.69
CA GLU A 104 73.14 74.26 -6.05
C GLU A 104 73.08 74.48 -4.54
N THR A 105 72.41 75.55 -4.14
CA THR A 105 72.23 75.86 -2.72
C THR A 105 71.35 74.81 -2.05
N ALA A 106 70.29 74.40 -2.75
CA ALA A 106 69.39 73.37 -2.25
C ALA A 106 70.12 72.04 -2.09
N GLU A 107 70.99 71.72 -3.05
CA GLU A 107 71.78 70.50 -3.00
C GLU A 107 72.72 70.52 -1.81
N GLU A 108 73.28 71.70 -1.53
CA GLU A 108 74.20 71.87 -0.42
C GLU A 108 73.48 71.70 0.92
N GLU A 109 72.33 72.35 1.06
CA GLU A 109 71.53 72.28 2.27
C GLU A 109 71.02 70.86 2.52
N ALA A 110 70.58 70.20 1.46
CA ALA A 110 70.07 68.83 1.55
C ALA A 110 71.18 67.87 1.96
N LYS A 111 72.38 68.08 1.41
CA LYS A 111 73.52 67.23 1.73
C LYS A 111 73.92 67.32 3.19
N LEU A 112 74.03 68.54 3.71
CA LEU A 112 74.40 68.76 5.09
C LEU A 112 73.38 68.20 6.07
N ALA A 113 72.11 68.35 5.74
CA ALA A 113 71.02 67.86 6.58
C ALA A 113 71.04 66.34 6.67
N LEU A 114 71.33 65.69 5.54
CA LEU A 114 71.37 64.24 5.47
C LEU A 114 72.55 63.67 6.26
N ARG A 115 73.66 64.41 6.29
CA ARG A 115 74.85 63.98 7.02
C ARG A 115 74.57 63.86 8.52
N VAL A 116 73.83 64.83 9.06
CA VAL A 116 73.51 64.84 10.47
C VAL A 116 72.42 63.83 10.81
N ALA A 117 71.40 63.77 9.95
CA ALA A 117 70.24 62.92 10.18
C ALA A 117 70.57 61.43 10.07
N LEU A 118 71.38 61.07 9.07
CA LEU A 118 71.68 59.67 8.80
C LEU A 118 72.98 59.21 9.48
N GLN A 119 73.62 60.11 10.20
CA GLN A 119 74.87 59.82 10.89
C GLN A 119 75.92 59.24 9.94
N VAL A 120 76.24 59.99 8.90
CA VAL A 120 77.17 59.54 7.88
C VAL A 120 78.58 59.37 8.43
N ASP A 121 79.21 58.25 8.10
CA ASP A 121 80.59 57.94 8.50
C ASP A 121 80.74 57.81 10.02
N ILE A 122 79.61 57.65 10.71
CA ILE A 122 79.62 57.45 12.16
C ILE A 122 78.78 56.24 12.53
N ALA A 123 79.03 55.69 13.72
CA ALA A 123 78.30 54.53 14.19
C ALA A 123 76.85 54.88 14.54
N ASP A 124 75.91 54.21 13.87
CA ASP A 124 74.50 54.45 14.10
C ASP A 124 74.04 53.81 15.39
N GLU A 125 72.74 53.91 15.68
CA GLU A 125 72.17 53.32 16.88
C GLU A 125 72.25 51.79 16.83
N HIS A 126 72.33 51.25 15.61
CA HIS A 126 72.46 49.82 15.42
C HIS A 126 73.91 49.43 15.17
N SER A 127 74.83 50.26 15.66
CA SER A 127 76.27 50.08 15.45
C SER A 127 76.60 49.96 13.97
N CYS A 128 76.09 50.91 13.18
CA CYS A 128 76.26 50.88 11.73
C CYS A 128 76.92 52.15 11.21
N VAL A 129 77.81 51.99 10.24
CA VAL A 129 78.41 53.13 9.56
C VAL A 129 77.63 53.43 8.29
N THR A 130 76.93 54.57 8.28
CA THR A 130 76.02 54.89 7.19
C THR A 130 76.63 55.85 6.17
N GLN A 131 76.14 55.77 4.94
CA GLN A 131 76.52 56.67 3.86
C GLN A 131 75.33 56.85 2.92
N PHE A 132 75.34 57.91 2.13
CA PHE A 132 74.21 58.17 1.26
C PHE A 132 74.62 58.65 -0.13
N GLU A 133 73.76 58.37 -1.11
CA GLU A 133 73.93 58.85 -2.47
C GLU A 133 72.63 59.49 -2.95
N MET A 134 72.73 60.67 -3.55
CA MET A 134 71.52 61.40 -3.95
C MET A 134 71.57 61.84 -5.41
N LYS A 135 70.39 61.84 -6.05
CA LYS A 135 70.26 62.27 -7.43
C LYS A 135 69.35 63.49 -7.54
N LEU A 136 69.64 64.36 -8.52
CA LEU A 136 68.88 65.58 -8.71
C LEU A 136 67.89 65.46 -9.86
N ARG A 137 66.63 65.79 -9.57
CA ARG A 137 65.58 65.74 -10.58
C ARG A 137 64.83 67.07 -10.62
N GLU A 138 64.35 67.47 -11.79
CA GLU A 138 63.65 68.73 -11.94
C GLU A 138 62.29 68.57 -12.61
N GLU A 139 61.24 68.96 -11.89
CA GLU A 139 59.87 68.87 -12.41
C GLU A 139 58.99 69.94 -11.78
N LEU A 140 57.91 70.27 -12.47
CA LEU A 140 56.97 71.28 -12.00
C LEU A 140 56.21 70.80 -10.76
N LEU A 141 56.32 71.55 -9.67
CA LEU A 141 55.64 71.21 -8.42
C LEU A 141 54.12 71.36 -8.54
N SER A 142 53.69 72.28 -9.40
CA SER A 142 52.26 72.54 -9.57
C SER A 142 51.64 71.61 -10.61
N SER A 143 52.47 70.77 -11.22
CA SER A 143 51.99 69.83 -12.24
C SER A 143 51.13 68.73 -11.62
N ASP A 144 50.08 68.34 -12.35
CA ASP A 144 49.18 67.30 -11.88
C ASP A 144 49.86 65.93 -11.85
N SER A 145 50.65 65.64 -12.88
CA SER A 145 51.35 64.37 -12.98
C SER A 145 52.69 64.40 -12.27
N PHE A 146 52.67 64.70 -10.97
CA PHE A 146 53.89 64.74 -10.18
C PHE A 146 53.63 64.34 -8.73
N HIS A 147 54.54 63.54 -8.18
CA HIS A 147 54.47 63.15 -6.77
C HIS A 147 55.87 62.79 -6.27
N PRO A 148 56.17 63.17 -5.02
CA PRO A 148 57.44 62.85 -4.34
C PRO A 148 57.86 61.38 -4.49
N ASP A 149 56.89 60.48 -4.49
CA ASP A 149 57.18 59.05 -4.59
C ASP A 149 56.51 58.43 -5.82
N LYS A 150 56.79 58.97 -7.00
CA LYS A 150 56.22 58.45 -8.24
C LYS A 150 56.68 57.02 -8.50
N ASP A 151 55.96 56.34 -9.38
CA ASP A 151 56.26 54.94 -9.70
C ASP A 151 57.64 54.79 -10.36
N GLU A 152 57.89 55.58 -11.39
CA GLU A 152 59.12 55.48 -12.16
C GLU A 152 60.38 55.80 -11.35
N TYR A 153 60.22 56.47 -10.21
CA TYR A 153 61.35 56.88 -9.40
C TYR A 153 62.04 55.69 -8.70
N TYR A 154 61.31 54.60 -8.52
CA TYR A 154 61.83 53.43 -7.82
C TYR A 154 62.23 52.32 -8.78
N LYS A 155 62.31 52.65 -10.06
CA LYS A 155 62.60 51.67 -11.11
C LYS A 155 63.99 51.04 -10.96
N ASP A 156 64.92 51.78 -10.37
CA ASP A 156 66.30 51.33 -10.24
C ASP A 156 66.45 50.19 -9.24
N PHE A 157 65.54 50.13 -8.27
CA PHE A 157 65.67 49.19 -7.17
C PHE A 157 64.63 48.07 -7.22
N LEU A 158 63.73 48.14 -8.21
CA LEU A 158 62.72 47.12 -8.38
C LEU A 158 62.76 46.53 -9.78
N MET B 1 78.12 73.60 23.53
CA MET B 1 77.16 72.73 24.19
C MET B 1 75.82 73.43 24.41
N PRO B 2 74.97 73.47 23.37
CA PRO B 2 73.67 74.14 23.45
C PRO B 2 72.60 73.27 24.11
N VAL B 3 71.61 73.93 24.71
CA VAL B 3 70.51 73.22 25.37
C VAL B 3 69.18 73.73 24.83
N ILE B 4 68.31 72.81 24.41
CA ILE B 4 67.04 73.17 23.82
C ILE B 4 65.85 72.59 24.59
N GLN B 5 65.10 73.47 25.26
CA GLN B 5 63.90 73.07 25.96
C GLN B 5 62.68 73.27 25.08
N THR B 6 61.80 72.27 25.04
CA THR B 6 60.60 72.33 24.22
C THR B 6 59.33 72.19 25.05
N PHE B 7 58.61 73.29 25.21
CA PHE B 7 57.34 73.28 25.94
C PHE B 7 56.18 73.27 24.94
N VAL B 8 55.32 72.26 25.06
CA VAL B 8 54.18 72.14 24.15
C VAL B 8 52.89 71.83 24.91
N SER B 9 51.78 72.31 24.37
CA SER B 9 50.46 72.07 24.94
C SER B 9 49.84 70.78 24.41
N THR B 10 50.43 70.26 23.33
CA THR B 10 49.95 69.03 22.72
C THR B 10 50.73 67.82 23.22
N PRO B 11 50.06 66.66 23.33
CA PRO B 11 50.71 65.42 23.76
C PRO B 11 51.81 64.99 22.80
N LEU B 12 52.92 64.50 23.34
CA LEU B 12 54.04 64.04 22.51
C LEU B 12 54.35 62.56 22.75
N ASP B 13 54.50 61.82 21.66
CA ASP B 13 54.86 60.41 21.75
C ASP B 13 56.32 60.20 21.36
N HIS B 14 56.68 58.95 21.06
CA HIS B 14 58.04 58.63 20.67
C HIS B 14 58.39 59.24 19.31
N HIS B 15 57.45 59.16 18.38
CA HIS B 15 57.66 59.63 17.01
C HIS B 15 57.91 61.14 16.92
N LYS B 16 57.06 61.91 17.59
CA LYS B 16 57.18 63.37 17.56
C LYS B 16 58.47 63.87 18.20
N ARG B 17 58.79 63.35 19.38
CA ARG B 17 59.99 63.75 20.10
C ARG B 17 61.26 63.35 19.36
N LEU B 18 61.23 62.19 18.72
CA LEU B 18 62.38 61.71 17.95
C LEU B 18 62.62 62.60 16.72
N LEU B 19 61.54 63.02 16.07
CA LEU B 19 61.64 63.90 14.91
C LEU B 19 62.25 65.25 15.27
N LEU B 20 61.73 65.88 16.32
CA LEU B 20 62.24 67.16 16.77
C LEU B 20 63.68 67.05 17.26
N ALA B 21 64.03 65.87 17.76
CA ALA B 21 65.39 65.62 18.23
C ALA B 21 66.39 65.68 17.08
N ILE B 22 66.06 65.00 15.98
CA ILE B 22 66.91 65.00 14.80
C ILE B 22 66.98 66.40 14.19
N ILE B 23 65.85 67.11 14.22
CA ILE B 23 65.79 68.48 13.75
C ILE B 23 66.79 69.36 14.49
N TYR B 24 66.75 69.31 15.81
CA TYR B 24 67.64 70.11 16.65
C TYR B 24 69.10 69.75 16.39
N ARG B 25 69.34 68.49 16.06
CA ARG B 25 70.68 68.01 15.73
C ARG B 25 71.19 68.66 14.45
N ILE B 26 70.34 68.69 13.43
CA ILE B 26 70.70 69.29 12.15
C ILE B 26 70.90 70.80 12.30
N VAL B 27 70.03 71.44 13.08
CA VAL B 27 70.14 72.87 13.34
C VAL B 27 71.44 73.19 14.07
N THR B 28 71.80 72.36 15.03
CA THR B 28 73.01 72.55 15.82
C THR B 28 74.27 72.41 14.97
N ARG B 29 74.29 71.42 14.09
CA ARG B 29 75.47 71.13 13.29
C ARG B 29 75.60 72.04 12.07
N VAL B 30 74.50 72.23 11.35
CA VAL B 30 74.53 73.00 10.11
C VAL B 30 74.52 74.51 10.37
N VAL B 31 73.64 74.95 11.25
CA VAL B 31 73.46 76.39 11.48
C VAL B 31 74.35 76.90 12.62
N LEU B 32 74.23 76.27 13.78
CA LEU B 32 74.96 76.72 14.97
C LEU B 32 76.45 76.38 14.89
N GLY B 33 76.80 75.43 14.04
CA GLY B 33 78.18 75.01 13.86
C GLY B 33 78.75 74.33 15.09
N LYS B 34 77.92 73.54 15.77
CA LYS B 34 78.33 72.83 16.97
C LYS B 34 78.03 71.33 16.83
N PRO B 35 78.81 70.48 17.51
CA PRO B 35 78.59 69.03 17.44
C PRO B 35 77.20 68.61 17.89
N GLU B 36 76.55 67.78 17.09
CA GLU B 36 75.18 67.35 17.36
C GLU B 36 75.10 66.37 18.53
N ASP B 37 76.26 65.85 18.95
CA ASP B 37 76.32 64.94 20.08
C ASP B 37 76.44 65.69 21.40
N LEU B 38 76.70 67.00 21.31
CA LEU B 38 76.92 67.81 22.51
C LEU B 38 75.72 68.69 22.85
N VAL B 39 74.63 68.56 22.11
CA VAL B 39 73.44 69.34 22.38
C VAL B 39 72.43 68.53 23.21
N MET B 40 71.96 69.14 24.29
CA MET B 40 71.00 68.48 25.17
C MET B 40 69.57 68.99 24.92
N MET B 41 68.63 68.07 24.79
CA MET B 41 67.26 68.42 24.45
C MET B 41 66.25 67.87 25.46
N THR B 42 65.38 68.74 25.95
CA THR B 42 64.32 68.33 26.86
C THR B 42 62.95 68.65 26.27
N PHE B 43 61.98 67.77 26.52
CA PHE B 43 60.64 67.94 26.00
C PHE B 43 59.59 67.95 27.11
N HIS B 44 58.77 69.00 27.13
CA HIS B 44 57.74 69.13 28.14
C HIS B 44 56.35 69.16 27.51
N ASP B 45 55.77 67.98 27.33
CA ASP B 45 54.46 67.85 26.69
C ASP B 45 53.33 67.99 27.68
N SER B 46 52.12 68.19 27.16
CA SER B 46 50.91 68.35 27.98
C SER B 46 51.08 69.44 29.02
N THR B 47 51.77 70.51 28.65
CA THR B 47 52.02 71.62 29.57
C THR B 47 50.88 72.62 29.55
N PRO B 48 50.30 72.88 30.73
CA PRO B 48 49.23 73.89 30.88
C PRO B 48 49.73 75.28 30.51
N MET B 49 49.35 75.75 29.32
CA MET B 49 49.81 77.04 28.84
C MET B 49 48.66 77.97 28.47
N HIS B 50 48.94 79.26 28.42
CA HIS B 50 47.95 80.26 28.05
C HIS B 50 48.61 81.36 27.22
N PHE B 51 48.11 81.56 26.01
CA PHE B 51 48.71 82.54 25.10
C PHE B 51 47.70 83.07 24.10
N PHE B 52 47.80 84.36 23.79
CA PHE B 52 46.93 85.02 22.82
C PHE B 52 45.45 84.91 23.21
N GLY B 53 45.20 84.90 24.52
CA GLY B 53 43.85 84.85 25.04
C GLY B 53 43.17 83.50 24.89
N SER B 54 43.97 82.45 24.74
CA SER B 54 43.43 81.10 24.59
C SER B 54 44.37 80.04 25.14
N THR B 55 43.81 78.88 25.47
CA THR B 55 44.61 77.74 25.93
C THR B 55 44.83 76.77 24.79
N ASP B 56 44.67 77.28 23.57
CA ASP B 56 44.87 76.51 22.35
C ASP B 56 46.32 76.01 22.26
N PRO B 57 46.56 74.93 21.48
CA PRO B 57 47.90 74.39 21.26
C PRO B 57 48.94 75.47 20.97
N VAL B 58 49.94 75.55 21.83
CA VAL B 58 50.94 76.62 21.76
C VAL B 58 52.29 76.10 22.24
N ALA B 59 53.37 76.54 21.58
CA ALA B 59 54.70 76.04 21.89
C ALA B 59 55.67 77.14 22.28
N CYS B 60 56.60 76.81 23.17
CA CYS B 60 57.65 77.72 23.58
C CYS B 60 58.99 77.00 23.60
N VAL B 61 59.92 77.45 22.78
CA VAL B 61 61.22 76.79 22.66
C VAL B 61 62.32 77.66 23.27
N ARG B 62 63.15 77.05 24.11
CA ARG B 62 64.25 77.76 24.75
C ARG B 62 65.61 77.28 24.24
N VAL B 63 66.39 78.21 23.69
CA VAL B 63 67.72 77.87 23.18
C VAL B 63 68.81 78.58 23.98
N GLU B 64 69.72 77.80 24.56
CA GLU B 64 70.79 78.37 25.38
C GLU B 64 72.14 77.84 24.96
N ALA B 65 73.00 78.72 24.46
CA ALA B 65 74.34 78.34 24.01
C ALA B 65 75.39 79.30 24.53
N LEU B 66 76.45 78.75 25.11
CA LEU B 66 77.55 79.55 25.64
C LEU B 66 78.35 80.20 24.51
N GLY B 67 78.78 81.44 24.74
CA GLY B 67 79.57 82.16 23.75
C GLY B 67 78.72 83.00 22.82
N GLY B 68 77.41 82.95 23.01
CA GLY B 68 76.48 83.72 22.19
C GLY B 68 76.10 83.02 20.91
N TYR B 69 75.61 83.79 19.95
CA TYR B 69 75.18 83.24 18.66
C TYR B 69 75.78 84.03 17.50
N GLY B 70 75.72 83.44 16.30
CA GLY B 70 76.20 84.10 15.11
C GLY B 70 75.31 85.25 14.67
N PRO B 71 75.74 85.99 13.64
CA PRO B 71 75.00 87.14 13.11
C PRO B 71 73.62 86.78 12.54
N SER B 72 73.59 85.87 11.58
CA SER B 72 72.34 85.52 10.90
C SER B 72 71.77 84.19 11.40
N GLU B 73 72.40 83.62 12.43
CA GLU B 73 71.97 82.33 12.96
C GLU B 73 70.62 82.34 13.69
N PRO B 74 70.37 83.32 14.59
CA PRO B 74 69.09 83.26 15.31
C PRO B 74 67.86 83.34 14.38
N GLU B 75 67.95 84.12 13.32
CA GLU B 75 66.86 84.23 12.36
C GLU B 75 66.61 82.90 11.66
N LYS B 76 67.69 82.19 11.34
CA LYS B 76 67.60 80.89 10.68
C LYS B 76 67.03 79.82 11.59
N VAL B 77 67.53 79.75 12.82
CA VAL B 77 67.09 78.76 13.78
C VAL B 77 65.59 78.89 14.07
N THR B 78 65.15 80.12 14.29
CA THR B 78 63.75 80.42 14.59
C THR B 78 62.84 79.96 13.46
N SER B 79 63.26 80.21 12.22
CA SER B 79 62.49 79.83 11.05
C SER B 79 62.34 78.31 10.97
N ILE B 80 63.43 77.60 11.22
CA ILE B 80 63.43 76.15 11.16
C ILE B 80 62.61 75.54 12.30
N VAL B 81 62.84 76.03 13.51
CA VAL B 81 62.13 75.54 14.69
C VAL B 81 60.63 75.74 14.57
N THR B 82 60.22 76.94 14.16
CA THR B 82 58.81 77.26 13.98
C THR B 82 58.17 76.32 12.97
N ALA B 83 58.85 76.12 11.84
CA ALA B 83 58.38 75.21 10.81
C ALA B 83 58.36 73.76 11.32
N ALA B 84 59.30 73.45 12.21
CA ALA B 84 59.41 72.11 12.77
C ALA B 84 58.22 71.79 13.68
N ILE B 85 57.93 72.69 14.59
CA ILE B 85 56.81 72.52 15.51
C ILE B 85 55.48 72.50 14.76
N THR B 86 55.39 73.31 13.71
CA THR B 86 54.16 73.42 12.92
C THR B 86 53.80 72.10 12.25
N ALA B 87 54.77 71.46 11.62
CA ALA B 87 54.53 70.21 10.91
C ALA B 87 54.39 69.03 11.87
N VAL B 88 55.23 68.98 12.89
CA VAL B 88 55.25 67.85 13.82
C VAL B 88 54.12 67.90 14.84
N CYS B 89 53.98 69.02 15.52
CA CYS B 89 53.00 69.14 16.61
C CYS B 89 51.65 69.67 16.14
N GLY B 90 51.64 70.31 14.97
CA GLY B 90 50.42 70.86 14.42
C GLY B 90 50.10 72.24 14.95
N ILE B 91 51.01 72.79 15.73
CA ILE B 91 50.84 74.12 16.31
C ILE B 91 51.13 75.21 15.28
N VAL B 92 50.20 76.14 15.12
CA VAL B 92 50.34 77.22 14.14
C VAL B 92 51.55 78.10 14.44
N ALA B 93 52.07 78.76 13.41
CA ALA B 93 53.28 79.56 13.52
C ALA B 93 53.08 80.76 14.45
N ASP B 94 51.88 81.31 14.47
CA ASP B 94 51.60 82.50 15.26
C ASP B 94 51.46 82.20 16.76
N ARG B 95 51.65 80.93 17.12
CA ARG B 95 51.61 80.50 18.51
C ARG B 95 52.86 79.72 18.89
N ILE B 96 54.01 80.17 18.40
CA ILE B 96 55.28 79.51 18.71
C ILE B 96 56.34 80.52 19.12
N PHE B 97 56.80 80.43 20.35
CA PHE B 97 57.87 81.29 20.86
C PHE B 97 59.21 80.58 20.83
N VAL B 98 60.24 81.30 20.37
CA VAL B 98 61.61 80.78 20.38
C VAL B 98 62.53 81.79 21.07
N LEU B 99 62.93 81.48 22.30
CA LEU B 99 63.76 82.38 23.08
C LEU B 99 65.22 81.95 23.09
N TYR B 100 66.12 82.93 23.10
CA TYR B 100 67.56 82.66 23.08
C TYR B 100 68.25 83.23 24.31
N PHE B 101 69.02 82.40 24.99
CA PHE B 101 69.74 82.81 26.19
C PHE B 101 71.22 82.42 26.11
N SER B 102 72.03 83.03 26.96
CA SER B 102 73.46 82.74 27.01
C SER B 102 73.98 82.64 28.44
N PRO B 103 74.34 81.43 28.87
CA PRO B 103 74.83 81.20 30.25
C PRO B 103 76.24 81.75 30.47
N LEU B 104 76.51 82.17 31.70
CA LEU B 104 77.83 82.71 32.05
C LEU B 104 78.86 81.58 32.09
N HIS B 105 78.44 80.42 32.57
CA HIS B 105 79.31 79.24 32.64
C HIS B 105 78.52 77.97 32.34
N CYS B 106 79.22 76.96 31.82
CA CYS B 106 78.58 75.68 31.50
C CYS B 106 79.49 74.52 31.87
N GLY B 107 78.93 73.53 32.56
CA GLY B 107 79.70 72.39 33.04
C GLY B 107 79.31 71.07 32.39
N TRP B 108 80.30 70.24 32.13
CA TRP B 108 80.08 68.91 31.56
C TRP B 108 81.23 67.99 31.93
N ASN B 109 80.90 66.74 32.22
CA ASN B 109 81.88 65.73 32.64
C ASN B 109 82.67 66.17 33.88
N GLY B 110 82.03 66.96 34.74
CA GLY B 110 82.63 67.40 35.98
C GLY B 110 83.50 68.64 35.85
N THR B 111 83.61 69.16 34.64
CA THR B 111 84.44 70.35 34.40
C THR B 111 83.70 71.40 33.57
N ASN B 112 84.14 72.65 33.71
CA ASN B 112 83.55 73.75 32.94
C ASN B 112 84.27 73.98 31.62
N PHE B 113 83.66 74.80 30.76
CA PHE B 113 84.24 75.11 29.46
C PHE B 113 84.56 76.59 29.33
N MET C 1 8.94 54.41 -4.22
CA MET C 1 9.58 54.44 -2.91
C MET C 1 9.29 53.17 -2.12
N PRO C 2 10.06 52.09 -2.41
CA PRO C 2 9.86 50.81 -1.74
C PRO C 2 10.52 50.74 -0.36
N VAL C 3 9.95 49.92 0.52
CA VAL C 3 10.50 49.72 1.86
C VAL C 3 10.71 48.24 2.14
N ILE C 4 11.91 47.88 2.59
CA ILE C 4 12.23 46.48 2.85
C ILE C 4 12.64 46.25 4.30
N GLN C 5 11.78 45.58 5.06
CA GLN C 5 12.10 45.22 6.44
C GLN C 5 12.66 43.80 6.51
N THR C 6 13.73 43.63 7.27
CA THR C 6 14.37 42.33 7.41
C THR C 6 14.41 41.86 8.86
N PHE C 7 13.58 40.87 9.18
CA PHE C 7 13.56 40.27 10.50
C PHE C 7 14.31 38.94 10.50
N VAL C 8 15.31 38.84 11.37
CA VAL C 8 16.12 37.62 11.46
C VAL C 8 16.29 37.20 12.92
N SER C 9 16.41 35.88 13.12
CA SER C 9 16.62 35.35 14.46
C SER C 9 18.11 35.29 14.78
N THR C 10 18.93 35.43 13.75
CA THR C 10 20.38 35.41 13.91
C THR C 10 20.93 36.83 14.00
N PRO C 11 21.99 37.02 14.80
CA PRO C 11 22.64 38.33 14.95
C PRO C 11 23.22 38.85 13.64
N LEU C 12 23.12 40.15 13.42
CA LEU C 12 23.65 40.78 12.21
C LEU C 12 24.70 41.83 12.57
N ASP C 13 25.83 41.80 11.88
CA ASP C 13 26.89 42.77 12.10
C ASP C 13 26.96 43.78 10.97
N HIS C 14 28.08 44.49 10.88
CA HIS C 14 28.27 45.50 9.85
C HIS C 14 28.35 44.86 8.46
N HIS C 15 29.08 43.76 8.36
CA HIS C 15 29.31 43.08 7.07
C HIS C 15 28.02 42.54 6.47
N LYS C 16 27.24 41.81 7.27
CA LYS C 16 26.00 41.20 6.80
C LYS C 16 24.95 42.23 6.38
N ARG C 17 24.77 43.25 7.22
CA ARG C 17 23.77 44.28 6.94
C ARG C 17 24.16 45.09 5.70
N LEU C 18 25.45 45.33 5.53
CA LEU C 18 25.94 46.05 4.35
C LEU C 18 25.74 45.22 3.10
N LEU C 19 25.97 43.92 3.22
CA LEU C 19 25.79 42.99 2.11
C LEU C 19 24.32 42.95 1.67
N LEU C 20 23.43 42.77 2.64
CA LEU C 20 22.00 42.72 2.38
C LEU C 20 21.49 44.06 1.84
N ALA C 21 22.15 45.15 2.24
CA ALA C 21 21.79 46.47 1.77
C ALA C 21 22.03 46.62 0.28
N ILE C 22 23.21 46.20 -0.18
CA ILE C 22 23.56 46.27 -1.59
C ILE C 22 22.67 45.35 -2.42
N ILE C 23 22.35 44.18 -1.87
CA ILE C 23 21.45 43.23 -2.53
C ILE C 23 20.10 43.88 -2.85
N TYR C 24 19.49 44.47 -1.83
CA TYR C 24 18.19 45.12 -1.98
C TYR C 24 18.25 46.27 -2.98
N ARG C 25 19.41 46.92 -3.05
CA ARG C 25 19.63 48.00 -4.01
C ARG C 25 19.56 47.47 -5.45
N ILE C 26 20.24 46.36 -5.69
CA ILE C 26 20.26 45.74 -7.01
C ILE C 26 18.87 45.23 -7.42
N VAL C 27 18.17 44.63 -6.46
CA VAL C 27 16.82 44.14 -6.69
C VAL C 27 15.87 45.27 -7.05
N THR C 28 16.02 46.40 -6.36
CA THR C 28 15.18 47.56 -6.58
C THR C 28 15.37 48.16 -7.98
N ARG C 29 16.61 48.23 -8.42
CA ARG C 29 16.94 48.85 -9.70
C ARG C 29 16.67 47.94 -10.89
N VAL C 30 17.08 46.69 -10.79
CA VAL C 30 16.98 45.75 -11.90
C VAL C 30 15.56 45.18 -12.06
N VAL C 31 14.97 44.73 -10.95
CA VAL C 31 13.68 44.06 -10.99
C VAL C 31 12.51 45.02 -10.82
N LEU C 32 12.53 45.79 -9.73
CA LEU C 32 11.41 46.68 -9.42
C LEU C 32 11.38 47.90 -10.32
N GLY C 33 12.50 48.20 -10.97
CA GLY C 33 12.61 49.34 -11.86
C GLY C 33 12.49 50.66 -11.12
N LYS C 34 13.05 50.71 -9.92
CA LYS C 34 13.02 51.92 -9.10
C LYS C 34 14.43 52.30 -8.67
N PRO C 35 14.67 53.60 -8.42
CA PRO C 35 16.00 54.07 -8.00
C PRO C 35 16.47 53.42 -6.71
N GLU C 36 17.70 52.92 -6.71
CA GLU C 36 18.26 52.21 -5.57
C GLU C 36 18.59 53.13 -4.40
N ASP C 37 18.60 54.44 -4.66
CA ASP C 37 18.87 55.42 -3.61
C ASP C 37 17.59 55.80 -2.87
N LEU C 38 16.45 55.38 -3.40
CA LEU C 38 15.15 55.77 -2.83
C LEU C 38 14.49 54.65 -2.03
N VAL C 39 15.18 53.53 -1.88
CA VAL C 39 14.65 52.41 -1.10
C VAL C 39 15.19 52.45 0.33
N MET C 40 14.28 52.36 1.29
CA MET C 40 14.66 52.38 2.70
C MET C 40 14.68 50.98 3.29
N MET C 41 15.75 50.67 4.01
CA MET C 41 15.95 49.32 4.54
C MET C 41 16.18 49.34 6.05
N THR C 42 15.42 48.51 6.76
CA THR C 42 15.58 48.36 8.21
C THR C 42 15.95 46.92 8.56
N PHE C 43 16.79 46.76 9.58
CA PHE C 43 17.24 45.43 9.98
C PHE C 43 16.94 45.16 11.46
N HIS C 44 16.23 44.08 11.72
CA HIS C 44 15.89 43.69 13.09
C HIS C 44 16.46 42.32 13.42
N ASP C 45 17.69 42.30 13.92
CA ASP C 45 18.38 41.05 14.23
C ASP C 45 18.07 40.56 15.64
N SER C 46 18.41 39.31 15.90
CA SER C 46 18.19 38.66 17.20
C SER C 46 16.73 38.75 17.63
N THR C 47 15.82 38.64 16.65
CA THR C 47 14.39 38.74 16.92
C THR C 47 13.80 37.39 17.32
N PRO C 48 13.16 37.35 18.51
CA PRO C 48 12.48 36.14 18.99
C PRO C 48 11.37 35.70 18.04
N MET C 49 11.62 34.64 17.28
CA MET C 49 10.66 34.17 16.30
C MET C 49 10.33 32.69 16.50
N HIS C 50 9.21 32.25 15.96
CA HIS C 50 8.78 30.87 16.07
C HIS C 50 8.10 30.43 14.77
N PHE C 51 8.62 29.37 14.16
CA PHE C 51 8.09 28.89 12.90
C PHE C 51 8.36 27.40 12.72
N PHE C 52 7.39 26.69 12.16
CA PHE C 52 7.48 25.25 11.92
C PHE C 52 7.76 24.45 13.20
N GLY C 53 7.24 24.96 14.32
CA GLY C 53 7.37 24.25 15.59
C GLY C 53 8.76 24.29 16.20
N SER C 54 9.56 25.28 15.80
CA SER C 54 10.92 25.40 16.33
C SER C 54 11.38 26.84 16.39
N THR C 55 12.37 27.10 17.25
CA THR C 55 12.95 28.44 17.38
C THR C 55 14.25 28.52 16.59
N ASP C 56 14.40 27.61 15.63
CA ASP C 56 15.57 27.58 14.75
C ASP C 56 15.67 28.88 13.94
N PRO C 57 16.87 29.21 13.46
CA PRO C 57 17.11 30.39 12.61
C PRO C 57 16.06 30.55 11.51
N VAL C 58 15.35 31.66 11.54
CA VAL C 58 14.24 31.90 10.62
C VAL C 58 14.14 33.38 10.27
N ALA C 59 13.82 33.69 9.02
CA ALA C 59 13.78 35.06 8.55
C ALA C 59 12.44 35.44 7.95
N CYS C 60 12.06 36.70 8.10
CA CYS C 60 10.84 37.22 7.51
C CYS C 60 11.10 38.57 6.85
N VAL C 61 10.90 38.64 5.54
CA VAL C 61 11.18 39.86 4.78
C VAL C 61 9.88 40.52 4.33
N ARG C 62 9.77 41.82 4.58
CA ARG C 62 8.58 42.59 4.20
C ARG C 62 8.88 43.58 3.08
N VAL C 63 8.16 43.46 1.98
CA VAL C 63 8.35 44.36 0.85
C VAL C 63 7.10 45.21 0.62
N GLU C 64 7.28 46.54 0.68
CA GLU C 64 6.17 47.45 0.52
C GLU C 64 6.49 48.52 -0.51
N ALA C 65 5.75 48.51 -1.61
CA ALA C 65 5.95 49.48 -2.68
C ALA C 65 4.63 50.07 -3.18
N LEU C 66 4.58 51.39 -3.26
CA LEU C 66 3.39 52.08 -3.74
C LEU C 66 3.17 51.84 -5.23
N GLY C 67 1.91 51.68 -5.63
CA GLY C 67 1.58 51.46 -7.03
C GLY C 67 1.53 50.00 -7.40
N GLY C 68 1.81 49.13 -6.43
CA GLY C 68 1.79 47.70 -6.64
C GLY C 68 3.08 47.16 -7.21
N TYR C 69 3.00 45.97 -7.81
CA TYR C 69 4.18 45.33 -8.40
C TYR C 69 3.90 44.85 -9.81
N GLY C 70 4.97 44.55 -10.55
CA GLY C 70 4.85 44.04 -11.90
C GLY C 70 4.32 42.62 -11.93
N PRO C 71 4.06 42.09 -13.13
CA PRO C 71 3.54 40.74 -13.33
C PRO C 71 4.46 39.65 -12.79
N SER C 72 5.71 39.63 -13.27
CA SER C 72 6.65 38.57 -12.91
C SER C 72 7.67 39.03 -11.86
N GLU C 73 7.50 40.24 -11.35
CA GLU C 73 8.43 40.81 -10.37
C GLU C 73 8.42 40.13 -8.99
N PRO C 74 7.23 39.89 -8.39
CA PRO C 74 7.26 39.28 -7.05
C PRO C 74 7.93 37.91 -7.00
N GLU C 75 7.73 37.11 -8.04
CA GLU C 75 8.35 35.79 -8.11
C GLU C 75 9.86 35.89 -8.18
N LYS C 76 10.36 36.89 -8.91
CA LYS C 76 11.79 37.11 -9.05
C LYS C 76 12.40 37.60 -7.74
N VAL C 77 11.76 38.58 -7.11
CA VAL C 77 12.24 39.16 -5.87
C VAL C 77 12.33 38.11 -4.76
N THR C 78 11.31 37.28 -4.63
CA THR C 78 11.27 36.24 -3.61
C THR C 78 12.43 35.27 -3.75
N SER C 79 12.72 34.88 -4.99
CA SER C 79 13.81 33.95 -5.26
C SER C 79 15.17 34.54 -4.88
N ILE C 80 15.38 35.80 -5.25
CA ILE C 80 16.65 36.47 -4.97
C ILE C 80 16.83 36.75 -3.48
N VAL C 81 15.79 37.28 -2.85
CA VAL C 81 15.84 37.62 -1.43
C VAL C 81 16.09 36.37 -0.57
N THR C 82 15.36 35.30 -0.87
CA THR C 82 15.52 34.04 -0.15
C THR C 82 16.94 33.52 -0.28
N ALA C 83 17.47 33.54 -1.50
CA ALA C 83 18.84 33.12 -1.76
C ALA C 83 19.84 34.04 -1.06
N ALA C 84 19.48 35.31 -0.94
CA ALA C 84 20.34 36.30 -0.29
C ALA C 84 20.45 36.02 1.20
N ILE C 85 19.30 35.83 1.84
CA ILE C 85 19.26 35.54 3.27
C ILE C 85 19.90 34.19 3.56
N THR C 86 19.72 33.25 2.65
CA THR C 86 20.26 31.90 2.80
C THR C 86 21.79 31.89 2.85
N ALA C 87 22.41 32.63 1.93
CA ALA C 87 23.86 32.68 1.85
C ALA C 87 24.47 33.54 2.95
N VAL C 88 23.86 34.68 3.23
CA VAL C 88 24.40 35.63 4.20
C VAL C 88 24.16 35.18 5.64
N CYS C 89 22.91 34.86 5.97
CA CYS C 89 22.55 34.54 7.35
C CYS C 89 22.64 33.05 7.66
N GLY C 90 22.65 32.23 6.62
CA GLY C 90 22.74 30.79 6.79
C GLY C 90 21.41 30.13 7.06
N ILE C 91 20.33 30.91 6.95
CA ILE C 91 18.99 30.40 7.17
C ILE C 91 18.48 29.64 5.94
N VAL C 92 17.98 28.42 6.17
CA VAL C 92 17.49 27.58 5.08
C VAL C 92 16.31 28.22 4.36
N ALA C 93 16.10 27.83 3.11
CA ALA C 93 15.06 28.40 2.27
C ALA C 93 13.65 28.11 2.80
N ASP C 94 13.49 26.93 3.40
CA ASP C 94 12.18 26.51 3.88
C ASP C 94 11.76 27.23 5.16
N ARG C 95 12.60 28.14 5.63
CA ARG C 95 12.30 28.94 6.81
C ARG C 95 12.48 30.44 6.54
N ILE C 96 12.06 30.86 5.35
CA ILE C 96 12.14 32.27 4.97
C ILE C 96 10.85 32.76 4.35
N PHE C 97 10.20 33.72 5.00
CA PHE C 97 8.98 34.31 4.48
C PHE C 97 9.26 35.64 3.80
N VAL C 98 8.65 35.85 2.64
CA VAL C 98 8.75 37.12 1.93
C VAL C 98 7.36 37.63 1.61
N LEU C 99 6.92 38.65 2.34
CA LEU C 99 5.57 39.20 2.17
C LEU C 99 5.60 40.47 1.35
N TYR C 100 4.56 40.68 0.55
CA TYR C 100 4.49 41.86 -0.31
C TYR C 100 3.25 42.70 0.00
N PHE C 101 3.46 44.00 0.21
CA PHE C 101 2.36 44.90 0.52
C PHE C 101 2.40 46.13 -0.40
N SER C 102 1.30 46.85 -0.45
CA SER C 102 1.21 48.07 -1.25
C SER C 102 0.48 49.16 -0.47
N PRO C 103 1.22 50.19 -0.05
CA PRO C 103 0.65 51.29 0.73
C PRO C 103 -0.25 52.18 -0.10
N LEU C 104 -1.26 52.77 0.53
CA LEU C 104 -2.18 53.67 -0.17
C LEU C 104 -1.49 54.99 -0.47
N HIS C 105 -0.63 55.44 0.43
CA HIS C 105 0.13 56.67 0.24
C HIS C 105 1.54 56.53 0.81
N CYS C 106 2.48 57.30 0.25
CA CYS C 106 3.85 57.28 0.72
C CYS C 106 4.42 58.70 0.74
N GLY C 107 5.05 59.06 1.86
CA GLY C 107 5.57 60.41 2.02
C GLY C 107 7.07 60.48 2.11
N TRP C 108 7.64 61.53 1.52
CA TRP C 108 9.08 61.75 1.56
C TRP C 108 9.39 63.24 1.38
N ASN C 109 10.38 63.72 2.15
CA ASN C 109 10.77 65.12 2.13
C ASN C 109 9.61 66.05 2.47
N GLY C 110 8.68 65.58 3.28
CA GLY C 110 7.56 66.37 3.73
C GLY C 110 6.37 66.39 2.78
N THR C 111 6.49 65.69 1.66
CA THR C 111 5.42 65.66 0.67
C THR C 111 5.12 64.24 0.20
N ASN C 112 3.90 64.03 -0.29
CA ASN C 112 3.50 62.72 -0.81
C ASN C 112 3.78 62.58 -2.30
N PHE C 113 3.67 61.36 -2.80
CA PHE C 113 3.90 61.09 -4.22
C PHE C 113 2.64 60.56 -4.89
N MET D 1 56.39 0.45 22.18
CA MET D 1 55.57 1.53 22.72
C MET D 1 56.31 2.29 23.81
N PRO D 2 57.18 3.23 23.40
CA PRO D 2 57.99 4.02 24.34
C PRO D 2 57.22 5.20 24.95
N VAL D 3 57.62 5.60 26.16
CA VAL D 3 57.01 6.73 26.85
C VAL D 3 58.09 7.71 27.29
N ILE D 4 57.90 8.99 26.95
CA ILE D 4 58.89 10.01 27.29
C ILE D 4 58.32 11.12 28.16
N GLN D 5 58.73 11.16 29.41
CA GLN D 5 58.31 12.21 30.34
C GLN D 5 59.34 13.34 30.37
N THR D 6 58.87 14.57 30.29
CA THR D 6 59.76 15.73 30.31
C THR D 6 59.44 16.66 31.48
N PHE D 7 60.31 16.66 32.48
CA PHE D 7 60.17 17.54 33.63
C PHE D 7 61.10 18.74 33.51
N VAL D 8 60.54 19.94 33.54
CA VAL D 8 61.33 21.16 33.43
C VAL D 8 60.94 22.19 34.49
N SER D 9 61.90 23.00 34.90
CA SER D 9 61.66 24.04 35.89
C SER D 9 61.19 25.33 35.21
N THR D 10 61.39 25.39 33.90
CA THR D 10 60.97 26.55 33.12
C THR D 10 59.60 26.32 32.49
N PRO D 11 58.80 27.38 32.37
CA PRO D 11 57.46 27.28 31.75
C PRO D 11 57.54 26.86 30.29
N LEU D 12 56.60 26.02 29.86
CA LEU D 12 56.55 25.55 28.48
C LEU D 12 55.24 25.94 27.81
N ASP D 13 55.33 26.48 26.60
CA ASP D 13 54.15 26.86 25.84
C ASP D 13 53.87 25.88 24.71
N HIS D 14 53.05 26.30 23.76
CA HIS D 14 52.71 25.46 22.62
C HIS D 14 53.91 25.22 21.71
N HIS D 15 54.68 26.27 21.46
CA HIS D 15 55.81 26.19 20.54
C HIS D 15 56.91 25.25 21.04
N LYS D 16 57.29 25.40 22.31
CA LYS D 16 58.36 24.59 22.90
C LYS D 16 57.97 23.12 23.00
N ARG D 17 56.76 22.86 23.48
CA ARG D 17 56.28 21.49 23.66
C ARG D 17 56.10 20.78 22.32
N LEU D 18 55.66 21.50 21.30
CA LEU D 18 55.49 20.94 19.97
C LEU D 18 56.84 20.59 19.37
N LEU D 19 57.83 21.44 19.61
CA LEU D 19 59.19 21.22 19.13
C LEU D 19 59.77 19.95 19.73
N LEU D 20 59.68 19.84 21.05
CA LEU D 20 60.18 18.66 21.75
C LEU D 20 59.42 17.40 21.34
N ALA D 21 58.15 17.58 20.98
CA ALA D 21 57.31 16.47 20.55
C ALA D 21 57.82 15.86 19.24
N ILE D 22 58.09 16.72 18.26
CA ILE D 22 58.59 16.27 16.97
C ILE D 22 59.98 15.66 17.13
N ILE D 23 60.80 16.25 18.00
CA ILE D 23 62.13 15.72 18.29
C ILE D 23 62.07 14.28 18.79
N TYR D 24 61.22 14.04 19.79
CA TYR D 24 61.08 12.71 20.37
C TYR D 24 60.57 11.70 19.33
N ARG D 25 59.76 12.19 18.39
CA ARG D 25 59.25 11.36 17.31
C ARG D 25 60.38 10.91 16.40
N ILE D 26 61.26 11.84 16.03
CA ILE D 26 62.40 11.54 15.17
C ILE D 26 63.38 10.60 15.88
N VAL D 27 63.61 10.85 17.16
CA VAL D 27 64.50 10.01 17.96
C VAL D 27 63.96 8.58 18.04
N THR D 28 62.64 8.47 18.22
CA THR D 28 61.99 7.17 18.33
C THR D 28 62.11 6.37 17.04
N ARG D 29 61.94 7.05 15.91
CA ARG D 29 61.95 6.39 14.61
C ARG D 29 63.36 6.10 14.12
N VAL D 30 64.24 7.09 14.23
CA VAL D 30 65.59 6.97 13.69
C VAL D 30 66.51 6.16 14.61
N VAL D 31 66.49 6.48 15.91
CA VAL D 31 67.39 5.86 16.86
C VAL D 31 66.78 4.62 17.51
N LEU D 32 65.61 4.78 18.10
CA LEU D 32 64.96 3.69 18.82
C LEU D 32 64.39 2.64 17.88
N GLY D 33 64.19 3.02 16.62
CA GLY D 33 63.65 2.12 15.62
C GLY D 33 62.22 1.71 15.88
N LYS D 34 61.43 2.65 16.40
CA LYS D 34 60.02 2.39 16.71
C LYS D 34 59.14 3.43 16.03
N PRO D 35 57.88 3.07 15.72
CA PRO D 35 56.96 4.01 15.07
C PRO D 35 56.75 5.29 15.88
N GLU D 36 56.86 6.43 15.21
CA GLU D 36 56.75 7.73 15.88
C GLU D 36 55.32 8.05 16.31
N ASP D 37 54.36 7.28 15.80
CA ASP D 37 52.96 7.47 16.16
C ASP D 37 52.61 6.69 17.43
N LEU D 38 53.53 5.82 17.86
CA LEU D 38 53.28 4.94 18.99
C LEU D 38 54.00 5.40 20.26
N VAL D 39 54.69 6.53 20.20
CA VAL D 39 55.39 7.05 21.37
C VAL D 39 54.55 8.09 22.11
N MET D 40 54.41 7.90 23.42
CA MET D 40 53.63 8.82 24.23
C MET D 40 54.53 9.78 25.00
N MET D 41 54.18 11.07 24.94
CA MET D 41 55.00 12.12 25.54
C MET D 41 54.20 12.99 26.50
N THR D 42 54.72 13.17 27.70
CA THR D 42 54.09 14.04 28.69
C THR D 42 55.02 15.18 29.07
N PHE D 43 54.46 16.35 29.31
CA PHE D 43 55.27 17.53 29.63
C PHE D 43 54.84 18.15 30.96
N HIS D 44 55.79 18.29 31.87
CA HIS D 44 55.53 18.87 33.18
C HIS D 44 56.37 20.13 33.39
N ASP D 45 55.83 21.27 32.97
CA ASP D 45 56.56 22.53 33.07
C ASP D 45 56.35 23.20 34.42
N SER D 46 57.19 24.19 34.71
CA SER D 46 57.15 24.95 35.95
C SER D 46 57.21 24.04 37.18
N THR D 47 58.00 22.97 37.08
CA THR D 47 58.13 22.01 38.16
C THR D 47 59.19 22.45 39.15
N PRO D 48 58.80 22.58 40.43
CA PRO D 48 59.74 22.94 41.51
C PRO D 48 60.84 21.89 41.66
N MET D 49 62.04 22.20 41.19
CA MET D 49 63.15 21.26 41.22
C MET D 49 64.36 21.85 41.92
N HIS D 50 65.26 20.99 42.38
CA HIS D 50 66.48 21.42 43.04
C HIS D 50 67.64 20.50 42.67
N PHE D 51 68.71 21.10 42.14
CA PHE D 51 69.86 20.33 41.69
C PHE D 51 71.14 21.16 41.74
N PHE D 52 72.23 20.50 42.13
CA PHE D 52 73.54 21.14 42.24
C PHE D 52 73.53 22.33 43.20
N GLY D 53 72.69 22.24 44.24
CA GLY D 53 72.61 23.27 45.26
C GLY D 53 71.94 24.55 44.81
N SER D 54 71.12 24.46 43.77
CA SER D 54 70.42 25.63 43.25
C SER D 54 69.06 25.26 42.65
N THR D 55 68.17 26.25 42.58
CA THR D 55 66.87 26.06 41.96
C THR D 55 66.88 26.61 40.54
N ASP D 56 68.08 26.73 39.98
CA ASP D 56 68.27 27.21 38.61
C ASP D 56 67.59 26.28 37.61
N PRO D 57 67.27 26.79 36.41
CA PRO D 57 66.65 26.00 35.34
C PRO D 57 67.30 24.63 35.16
N VAL D 58 66.50 23.58 35.33
CA VAL D 58 67.01 22.22 35.31
C VAL D 58 65.95 21.27 34.74
N ALA D 59 66.39 20.29 33.95
CA ALA D 59 65.46 19.38 33.29
C ALA D 59 65.74 17.92 33.63
N CYS D 60 64.68 17.12 33.68
CA CYS D 60 64.80 15.69 33.91
C CYS D 60 63.90 14.91 32.94
N VAL D 61 64.52 14.10 32.10
CA VAL D 61 63.79 13.34 31.10
C VAL D 61 63.77 11.85 31.41
N ARG D 62 62.58 11.25 31.34
CA ARG D 62 62.41 9.84 31.62
C ARG D 62 62.06 9.06 30.35
N VAL D 63 62.88 8.09 30.00
CA VAL D 63 62.64 7.27 28.82
C VAL D 63 62.36 5.82 29.21
N GLU D 64 61.19 5.33 28.81
CA GLU D 64 60.78 3.98 29.15
C GLU D 64 60.31 3.22 27.91
N ALA D 65 61.04 2.17 27.56
CA ALA D 65 60.70 1.36 26.39
C ALA D 65 60.76 -0.14 26.71
N LEU D 66 59.70 -0.85 26.34
CA LEU D 66 59.63 -2.29 26.55
C LEU D 66 60.60 -3.03 25.64
N GLY D 67 61.23 -4.07 26.17
CA GLY D 67 62.16 -4.86 25.41
C GLY D 67 63.59 -4.38 25.54
N GLY D 68 63.78 -3.32 26.33
CA GLY D 68 65.10 -2.77 26.56
C GLY D 68 65.55 -1.80 25.49
N TYR D 69 66.85 -1.57 25.40
CA TYR D 69 67.40 -0.64 24.41
C TYR D 69 68.56 -1.28 23.64
N GLY D 70 68.92 -0.68 22.51
CA GLY D 70 70.04 -1.14 21.72
C GLY D 70 71.38 -0.85 22.38
N PRO D 71 72.47 -1.35 21.77
CA PRO D 71 73.83 -1.17 22.29
C PRO D 71 74.26 0.30 22.33
N SER D 72 74.20 0.98 21.18
CA SER D 72 74.67 2.36 21.09
C SER D 72 73.53 3.37 21.09
N GLU D 73 72.31 2.89 21.30
CA GLU D 73 71.13 3.75 21.29
C GLU D 73 71.04 4.74 22.47
N PRO D 74 71.27 4.27 23.72
CA PRO D 74 71.13 5.21 24.83
C PRO D 74 72.08 6.41 24.74
N GLU D 75 73.29 6.19 24.25
CA GLU D 75 74.26 7.27 24.10
C GLU D 75 73.77 8.30 23.08
N LYS D 76 73.14 7.81 22.01
CA LYS D 76 72.60 8.67 20.96
C LYS D 76 71.39 9.46 21.45
N VAL D 77 70.46 8.78 22.10
CA VAL D 77 69.24 9.41 22.62
C VAL D 77 69.56 10.52 23.62
N THR D 78 70.47 10.23 24.55
CA THR D 78 70.86 11.19 25.58
C THR D 78 71.45 12.46 24.98
N SER D 79 72.30 12.28 23.97
CA SER D 79 72.94 13.42 23.29
C SER D 79 71.93 14.31 22.59
N ILE D 80 70.98 13.70 21.88
CA ILE D 80 69.98 14.45 21.13
C ILE D 80 69.00 15.16 22.05
N VAL D 81 68.49 14.45 23.05
CA VAL D 81 67.52 15.01 23.99
C VAL D 81 68.12 16.18 24.77
N THR D 82 69.34 16.00 25.26
CA THR D 82 70.03 17.06 25.99
C THR D 82 70.21 18.30 25.12
N ALA D 83 70.64 18.08 23.87
CA ALA D 83 70.80 19.18 22.92
C ALA D 83 69.46 19.82 22.59
N ALA D 84 68.40 19.01 22.60
CA ALA D 84 67.06 19.50 22.32
C ALA D 84 66.58 20.44 23.42
N ILE D 85 66.72 20.01 24.66
CA ILE D 85 66.33 20.82 25.81
C ILE D 85 67.18 22.08 25.91
N THR D 86 68.45 21.95 25.56
CA THR D 86 69.39 23.08 25.62
C THR D 86 68.99 24.22 24.69
N ALA D 87 68.65 23.88 23.45
CA ALA D 87 68.29 24.89 22.45
C ALA D 87 66.88 25.44 22.68
N VAL D 88 65.93 24.55 22.98
CA VAL D 88 64.53 24.94 23.13
C VAL D 88 64.25 25.64 24.44
N CYS D 89 64.65 25.02 25.55
CA CYS D 89 64.32 25.54 26.87
C CYS D 89 65.39 26.47 27.42
N GLY D 90 66.60 26.38 26.87
CA GLY D 90 67.70 27.21 27.31
C GLY D 90 68.43 26.65 28.52
N ILE D 91 68.06 25.43 28.93
CA ILE D 91 68.67 24.79 30.07
C ILE D 91 70.03 24.19 29.70
N VAL D 92 71.06 24.52 30.47
CA VAL D 92 72.41 24.05 30.22
C VAL D 92 72.52 22.53 30.30
N ALA D 93 73.50 21.98 29.61
CA ALA D 93 73.68 20.53 29.53
C ALA D 93 74.01 19.92 30.88
N ASP D 94 74.75 20.66 31.71
CA ASP D 94 75.19 20.14 33.01
C ASP D 94 74.05 20.11 34.04
N ARG D 95 72.86 20.48 33.62
CA ARG D 95 71.69 20.43 34.47
C ARG D 95 70.54 19.67 33.80
N ILE D 96 70.89 18.60 33.11
CA ILE D 96 69.90 17.77 32.43
C ILE D 96 70.12 16.29 32.69
N PHE D 97 69.16 15.65 33.35
CA PHE D 97 69.24 14.22 33.62
C PHE D 97 68.37 13.45 32.64
N VAL D 98 68.90 12.35 32.12
CA VAL D 98 68.14 11.47 31.24
C VAL D 98 68.21 10.04 31.75
N LEU D 99 67.11 9.57 32.33
CA LEU D 99 67.05 8.23 32.91
C LEU D 99 66.34 7.25 31.99
N TYR D 100 66.80 6.01 31.98
CA TYR D 100 66.22 4.98 31.13
C TYR D 100 65.69 3.80 31.94
N PHE D 101 64.43 3.43 31.67
CA PHE D 101 63.79 2.33 32.38
C PHE D 101 63.19 1.33 31.40
N SER D 102 62.86 0.14 31.91
CA SER D 102 62.24 -0.91 31.10
C SER D 102 61.12 -1.59 31.86
N PRO D 103 59.87 -1.37 31.43
CA PRO D 103 58.69 -1.94 32.09
C PRO D 103 58.55 -3.44 31.86
N LEU D 104 57.97 -4.14 32.83
CA LEU D 104 57.76 -5.58 32.71
C LEU D 104 56.66 -5.88 31.69
N HIS D 105 55.65 -5.02 31.68
CA HIS D 105 54.54 -5.16 30.73
C HIS D 105 54.04 -3.78 30.28
N CYS D 106 53.49 -3.72 29.08
CA CYS D 106 52.96 -2.48 28.53
C CYS D 106 51.64 -2.72 27.81
N GLY D 107 50.64 -1.90 28.11
CA GLY D 107 49.32 -2.08 27.54
C GLY D 107 48.89 -0.94 26.62
N TRP D 108 48.18 -1.30 25.55
CA TRP D 108 47.65 -0.31 24.61
C TRP D 108 46.44 -0.89 23.89
N ASN D 109 45.44 -0.05 23.66
CA ASN D 109 44.18 -0.45 23.02
C ASN D 109 43.48 -1.58 23.77
N GLY D 110 43.67 -1.61 25.09
CA GLY D 110 43.01 -2.59 25.94
C GLY D 110 43.74 -3.92 26.04
N THR D 111 44.86 -4.04 25.34
CA THR D 111 45.63 -5.27 25.34
C THR D 111 47.12 -5.01 25.58
N ASN D 112 47.83 -6.03 26.06
CA ASN D 112 49.26 -5.92 26.30
C ASN D 112 50.08 -6.33 25.09
N PHE D 113 51.37 -6.03 25.12
CA PHE D 113 52.27 -6.37 24.03
C PHE D 113 53.35 -7.35 24.47
N MET E 1 2.14 45.34 79.76
CA MET E 1 2.96 45.67 78.60
C MET E 1 4.44 45.44 78.87
N PRO E 2 4.90 44.18 78.79
CA PRO E 2 6.29 43.83 79.06
C PRO E 2 7.23 44.10 77.89
N VAL E 3 8.50 44.36 78.19
CA VAL E 3 9.52 44.59 77.18
C VAL E 3 10.73 43.68 77.43
N ILE E 4 11.14 42.96 76.39
CA ILE E 4 12.27 42.03 76.51
C ILE E 4 13.39 42.37 75.54
N GLN E 5 14.51 42.85 76.09
CA GLN E 5 15.70 43.13 75.29
C GLN E 5 16.65 41.94 75.28
N THR E 6 17.15 41.60 74.10
CA THR E 6 18.06 40.47 73.96
C THR E 6 19.39 40.91 73.35
N PHE E 7 20.43 40.95 74.17
CA PHE E 7 21.77 41.29 73.71
C PHE E 7 22.62 40.03 73.54
N VAL E 8 23.15 39.83 72.35
CA VAL E 8 23.97 38.66 72.07
C VAL E 8 25.26 39.03 71.35
N SER E 9 26.31 38.26 71.59
CA SER E 9 27.60 38.49 70.94
C SER E 9 27.68 37.75 69.62
N THR E 10 26.76 36.82 69.41
CA THR E 10 26.71 36.05 68.17
C THR E 10 25.71 36.67 67.20
N PRO E 11 26.02 36.58 65.88
CA PRO E 11 25.12 37.12 64.86
C PRO E 11 23.76 36.41 64.87
N LEU E 12 22.69 37.17 64.66
CA LEU E 12 21.34 36.62 64.63
C LEU E 12 20.66 36.86 63.29
N ASP E 13 20.04 35.82 62.75
CA ASP E 13 19.33 35.93 61.48
C ASP E 13 17.82 35.91 61.70
N HIS E 14 17.08 35.65 60.64
CA HIS E 14 15.62 35.60 60.72
C HIS E 14 15.14 34.42 61.55
N HIS E 15 15.75 33.25 61.33
CA HIS E 15 15.35 32.02 62.01
C HIS E 15 15.53 32.11 63.52
N LYS E 16 16.71 32.56 63.94
CA LYS E 16 17.02 32.66 65.37
C LYS E 16 16.14 33.70 66.07
N ARG E 17 16.01 34.87 65.46
CA ARG E 17 15.21 35.94 66.05
C ARG E 17 13.72 35.58 66.11
N LEU E 18 13.24 34.88 65.09
CA LEU E 18 11.85 34.45 65.06
C LEU E 18 11.57 33.41 66.13
N LEU E 19 12.52 32.50 66.33
CA LEU E 19 12.40 31.47 67.35
C LEU E 19 12.32 32.08 68.74
N LEU E 20 13.25 32.98 69.04
CA LEU E 20 13.28 33.67 70.33
C LEU E 20 12.04 34.55 70.52
N ALA E 21 11.51 35.06 69.41
CA ALA E 21 10.31 35.89 69.45
C ALA E 21 9.10 35.10 69.94
N ILE E 22 8.90 33.92 69.34
CA ILE E 22 7.79 33.05 69.74
C ILE E 22 7.96 32.56 71.17
N ILE E 23 9.21 32.28 71.55
CA ILE E 23 9.53 31.86 72.90
C ILE E 23 9.06 32.89 73.93
N TYR E 24 9.45 34.15 73.70
CA TYR E 24 9.09 35.23 74.61
C TYR E 24 7.57 35.42 74.68
N ARG E 25 6.90 35.12 73.58
CA ARG E 25 5.44 35.19 73.52
C ARG E 25 4.81 34.15 74.44
N ILE E 26 5.31 32.92 74.36
CA ILE E 26 4.80 31.83 75.19
C ILE E 26 5.08 32.09 76.66
N VAL E 27 6.28 32.61 76.95
CA VAL E 27 6.67 32.96 78.31
C VAL E 27 5.74 34.04 78.86
N THR E 28 5.41 35.01 78.01
CA THR E 28 4.55 36.12 78.41
C THR E 28 3.14 35.64 78.75
N ARG E 29 2.60 34.74 77.94
CA ARG E 29 1.22 34.28 78.11
C ARG E 29 1.09 33.24 79.22
N VAL E 30 1.99 32.26 79.23
CA VAL E 30 1.89 31.15 80.17
C VAL E 30 2.41 31.51 81.57
N VAL E 31 3.59 32.14 81.61
CA VAL E 31 4.23 32.44 82.89
C VAL E 31 3.86 33.83 83.43
N LEU E 32 4.07 34.85 82.62
CA LEU E 32 3.84 36.23 83.06
C LEU E 32 2.36 36.56 83.16
N GLY E 33 1.52 35.76 82.51
CA GLY E 33 0.08 35.97 82.54
C GLY E 33 -0.35 37.24 81.84
N LYS E 34 0.33 37.57 80.74
CA LYS E 34 0.02 38.77 79.97
C LYS E 34 -0.20 38.40 78.50
N PRO E 35 -1.00 39.20 77.77
CA PRO E 35 -1.25 38.95 76.35
C PRO E 35 0.03 38.96 75.53
N GLU E 36 0.22 37.95 74.68
CA GLU E 36 1.43 37.80 73.90
C GLU E 36 1.53 38.83 72.78
N ASP E 37 0.43 39.52 72.52
CA ASP E 37 0.42 40.56 71.49
C ASP E 37 0.88 41.91 72.07
N LEU E 38 0.99 41.97 73.39
CA LEU E 38 1.33 43.22 74.05
C LEU E 38 2.78 43.28 74.52
N VAL E 39 3.55 42.24 74.21
CA VAL E 39 4.97 42.22 74.58
C VAL E 39 5.85 42.68 73.42
N MET E 40 6.74 43.64 73.71
CA MET E 40 7.64 44.17 72.69
C MET E 40 9.03 43.56 72.84
N MET E 41 9.60 43.12 71.73
CA MET E 41 10.88 42.43 71.75
C MET E 41 11.91 43.08 70.82
N THR E 42 13.10 43.33 71.36
CA THR E 42 14.20 43.89 70.58
C THR E 42 15.40 42.95 70.58
N PHE E 43 16.10 42.88 69.45
CA PHE E 43 17.25 41.99 69.32
C PHE E 43 18.50 42.75 68.91
N HIS E 44 19.55 42.61 69.70
CA HIS E 44 20.82 43.30 69.44
C HIS E 44 21.96 42.31 69.24
N ASP E 45 22.14 41.87 67.99
CA ASP E 45 23.16 40.88 67.67
C ASP E 45 24.52 41.52 67.40
N SER E 46 25.56 40.69 67.39
CA SER E 46 26.93 41.12 67.14
C SER E 46 27.37 42.23 68.08
N THR E 47 26.92 42.16 69.33
CA THR E 47 27.25 43.17 70.32
C THR E 47 28.58 42.88 71.00
N PRO E 48 29.51 43.86 70.93
CA PRO E 48 30.82 43.75 71.59
C PRO E 48 30.68 43.62 73.11
N MET E 49 30.87 42.42 73.62
CA MET E 49 30.71 42.17 75.04
C MET E 49 31.95 41.54 75.66
N HIS E 50 32.07 41.65 76.98
CA HIS E 50 33.20 41.07 77.71
C HIS E 50 32.74 40.53 79.06
N PHE E 51 33.00 39.26 79.31
CA PHE E 51 32.55 38.62 80.55
C PHE E 51 33.44 37.45 80.95
N PHE E 52 33.67 37.32 82.25
CA PHE E 52 34.49 36.25 82.80
C PHE E 52 35.91 36.23 82.23
N GLY E 53 36.43 37.40 81.90
CA GLY E 53 37.78 37.53 81.41
C GLY E 53 37.97 37.03 79.98
N SER E 54 36.88 36.97 79.24
CA SER E 54 36.94 36.51 77.86
C SER E 54 35.87 37.18 77.00
N THR E 55 36.11 37.21 75.69
CA THR E 55 35.14 37.77 74.75
C THR E 55 34.35 36.66 74.08
N ASP E 56 34.32 35.50 74.73
CA ASP E 56 33.56 34.35 74.24
C ASP E 56 32.08 34.66 74.14
N PRO E 57 31.35 33.91 73.29
CA PRO E 57 29.90 34.06 73.11
C PRO E 57 29.15 34.21 74.43
N VAL E 58 28.45 35.33 74.59
CA VAL E 58 27.79 35.66 75.84
C VAL E 58 26.51 36.47 75.56
N ALA E 59 25.46 36.20 76.35
CA ALA E 59 24.17 36.84 76.14
C ALA E 59 23.68 37.55 77.39
N CYS E 60 22.95 38.66 77.19
CA CYS E 60 22.34 39.39 78.29
C CYS E 60 20.89 39.76 77.97
N VAL E 61 19.96 39.25 78.75
CA VAL E 61 18.54 39.49 78.51
C VAL E 61 17.93 40.42 79.56
N ARG E 62 17.19 41.42 79.10
CA ARG E 62 16.54 42.38 79.98
C ARG E 62 15.02 42.22 79.95
N VAL E 63 14.42 41.97 81.10
CA VAL E 63 12.98 41.83 81.19
C VAL E 63 12.38 42.94 82.04
N GLU E 64 11.45 43.69 81.45
CA GLU E 64 10.83 44.82 82.13
C GLU E 64 9.31 44.78 82.06
N ALA E 65 8.67 44.63 83.21
CA ALA E 65 7.22 44.59 83.28
C ALA E 65 6.70 45.48 84.41
N LEU E 66 5.72 46.32 84.09
CA LEU E 66 5.12 47.21 85.07
C LEU E 66 4.28 46.43 86.08
N GLY E 67 4.33 46.85 87.34
CA GLY E 67 3.56 46.22 88.39
C GLY E 67 4.32 45.11 89.09
N GLY E 68 5.55 44.88 88.65
CA GLY E 68 6.40 43.85 89.25
C GLY E 68 6.14 42.47 88.66
N TYR E 69 6.55 41.44 89.40
CA TYR E 69 6.39 40.07 88.95
C TYR E 69 5.77 39.19 90.02
N GLY E 70 5.30 38.01 89.62
CA GLY E 70 4.73 37.05 90.54
C GLY E 70 5.79 36.43 91.43
N PRO E 71 5.37 35.60 92.40
CA PRO E 71 6.27 34.95 93.35
C PRO E 71 7.27 33.99 92.68
N SER E 72 6.76 33.01 91.94
CA SER E 72 7.62 31.99 91.34
C SER E 72 7.86 32.22 89.85
N GLU E 73 7.38 33.35 89.34
CA GLU E 73 7.51 33.67 87.92
C GLU E 73 8.95 33.98 87.45
N PRO E 74 9.71 34.81 88.19
CA PRO E 74 11.07 35.12 87.70
C PRO E 74 11.97 33.89 87.57
N GLU E 75 11.83 32.94 88.49
CA GLU E 75 12.62 31.72 88.44
C GLU E 75 12.31 30.91 87.19
N LYS E 76 11.03 30.88 86.82
CA LYS E 76 10.58 30.15 85.65
C LYS E 76 11.07 30.82 84.36
N VAL E 77 10.90 32.14 84.29
CA VAL E 77 11.31 32.91 83.11
C VAL E 77 12.81 32.76 82.83
N THR E 78 13.61 32.87 83.90
CA THR E 78 15.06 32.76 83.78
C THR E 78 15.46 31.40 83.23
N SER E 79 14.82 30.35 83.73
CA SER E 79 15.10 28.98 83.29
C SER E 79 14.78 28.78 81.80
N ILE E 80 13.64 29.29 81.38
CA ILE E 80 13.21 29.15 79.99
C ILE E 80 14.08 29.96 79.03
N VAL E 81 14.32 31.22 79.39
CA VAL E 81 15.12 32.12 78.55
C VAL E 81 16.55 31.60 78.38
N THR E 82 17.17 31.18 79.48
CA THR E 82 18.53 30.65 79.44
C THR E 82 18.61 29.42 78.53
N ALA E 83 17.65 28.52 78.69
CA ALA E 83 17.59 27.32 77.85
C ALA E 83 17.32 27.68 76.39
N ALA E 84 16.57 28.77 76.18
CA ALA E 84 16.24 29.22 74.84
C ALA E 84 17.47 29.75 74.12
N ILE E 85 18.22 30.61 74.79
CA ILE E 85 19.44 31.19 74.22
C ILE E 85 20.48 30.10 73.97
N THR E 86 20.54 29.13 74.88
CA THR E 86 21.51 28.04 74.79
C THR E 86 21.29 27.21 73.53
N ALA E 87 20.03 26.86 73.26
CA ALA E 87 19.70 26.03 72.11
C ALA E 87 19.75 26.80 70.80
N VAL E 88 19.24 28.03 70.81
CA VAL E 88 19.15 28.83 69.59
C VAL E 88 20.48 29.46 69.19
N CYS E 89 21.13 30.14 70.13
CA CYS E 89 22.36 30.87 69.82
C CYS E 89 23.62 30.04 70.04
N GLY E 90 23.51 28.96 70.82
CA GLY E 90 24.64 28.11 71.09
C GLY E 90 25.50 28.63 72.23
N ILE E 91 25.02 29.67 72.90
CA ILE E 91 25.73 30.27 74.02
C ILE E 91 25.52 29.45 75.29
N VAL E 92 26.61 29.10 75.96
CA VAL E 92 26.54 28.30 77.18
C VAL E 92 25.75 28.99 78.29
N ALA E 93 25.19 28.19 79.20
CA ALA E 93 24.34 28.70 80.27
C ALA E 93 25.11 29.58 81.26
N ASP E 94 26.37 29.26 81.48
CA ASP E 94 27.18 29.99 82.46
C ASP E 94 27.61 31.36 81.95
N ARG E 95 27.17 31.72 80.76
CA ARG E 95 27.46 33.03 80.19
C ARG E 95 26.19 33.72 79.72
N ILE E 96 25.13 33.59 80.51
CA ILE E 96 23.86 34.22 80.18
C ILE E 96 23.26 34.96 81.39
N PHE E 97 23.13 36.28 81.26
CA PHE E 97 22.52 37.10 82.31
C PHE E 97 21.08 37.44 81.96
N VAL E 98 20.20 37.33 82.95
CA VAL E 98 18.80 37.72 82.79
C VAL E 98 18.40 38.68 83.89
N LEU E 99 18.27 39.96 83.54
CA LEU E 99 17.95 41.00 84.51
C LEU E 99 16.48 41.38 84.47
N TYR E 100 15.92 41.70 85.62
CA TYR E 100 14.51 42.06 85.72
C TYR E 100 14.31 43.46 86.29
N PHE E 101 13.52 44.26 85.59
CA PHE E 101 13.25 45.63 86.00
C PHE E 101 11.75 45.93 86.05
N SER E 102 11.38 47.01 86.72
CA SER E 102 9.99 47.41 86.80
C SER E 102 9.83 48.92 86.64
N PRO E 103 9.25 49.35 85.51
CA PRO E 103 9.07 50.78 85.21
C PRO E 103 7.98 51.43 86.06
N LEU E 104 8.14 52.71 86.34
CA LEU E 104 7.17 53.46 87.12
C LEU E 104 5.91 53.70 86.29
N HIS E 105 6.10 53.93 85.00
CA HIS E 105 4.99 54.13 84.08
C HIS E 105 5.29 53.52 82.71
N CYS E 106 4.24 53.13 81.99
CA CYS E 106 4.38 52.54 80.67
C CYS E 106 3.32 53.08 79.72
N GLY E 107 3.74 53.50 78.53
CA GLY E 107 2.82 54.10 77.58
C GLY E 107 2.61 53.29 76.32
N TRP E 108 1.37 53.28 75.83
CA TRP E 108 1.03 52.59 74.59
C TRP E 108 -0.19 53.24 73.95
N ASN E 109 -0.17 53.35 72.63
CA ASN E 109 -1.25 53.98 71.87
C ASN E 109 -1.52 55.41 72.31
N GLY E 110 -0.46 56.07 72.78
CA GLY E 110 -0.56 57.47 73.18
C GLY E 110 -1.04 57.69 74.60
N THR E 111 -1.34 56.61 75.31
CA THR E 111 -1.83 56.71 76.67
C THR E 111 -1.11 55.75 77.62
N ASN E 112 -1.11 56.08 78.90
CA ASN E 112 -0.49 55.25 79.92
C ASN E 112 -1.47 54.24 80.51
N PHE E 113 -0.95 53.28 81.27
CA PHE E 113 -1.78 52.26 81.90
C PHE E 113 -1.70 52.33 83.41
N MET F 1 52.03 -3.86 48.38
CA MET F 1 51.79 -2.42 48.37
C MET F 1 51.96 -1.84 46.98
N PRO F 2 50.92 -1.95 46.14
CA PRO F 2 50.95 -1.46 44.76
C PRO F 2 50.68 0.04 44.66
N VAL F 3 51.21 0.67 43.62
CA VAL F 3 51.00 2.10 43.38
C VAL F 3 50.48 2.32 41.96
N ILE F 4 49.38 3.07 41.85
CA ILE F 4 48.77 3.31 40.55
C ILE F 4 48.70 4.80 40.22
N GLN F 5 49.51 5.22 39.26
CA GLN F 5 49.49 6.61 38.80
C GLN F 5 48.59 6.75 37.58
N THR F 6 47.75 7.78 37.57
CA THR F 6 46.84 8.01 36.48
C THR F 6 47.09 9.37 35.81
N PHE F 7 47.66 9.34 34.62
CA PHE F 7 47.90 10.55 33.85
C PHE F 7 46.83 10.70 32.78
N VAL F 8 46.12 11.83 32.79
CA VAL F 8 45.07 12.09 31.82
C VAL F 8 45.19 13.49 31.23
N SER F 9 44.76 13.63 29.98
CA SER F 9 44.78 14.93 29.30
C SER F 9 43.50 15.70 29.58
N THR F 10 42.49 14.99 30.09
CA THR F 10 41.20 15.60 30.42
C THR F 10 41.14 15.99 31.88
N PRO F 11 40.44 17.09 32.19
CA PRO F 11 40.26 17.53 33.58
C PRO F 11 39.51 16.51 34.42
N LEU F 12 39.93 16.34 35.67
CA LEU F 12 39.28 15.38 36.58
C LEU F 12 38.71 16.08 37.80
N ASP F 13 37.47 15.75 38.14
CA ASP F 13 36.82 16.31 39.32
C ASP F 13 36.74 15.29 40.44
N HIS F 14 35.88 15.56 41.42
CA HIS F 14 35.71 14.67 42.56
C HIS F 14 35.07 13.34 42.15
N HIS F 15 34.06 13.43 41.29
CA HIS F 15 33.30 12.24 40.88
C HIS F 15 34.16 11.26 40.08
N LYS F 16 34.89 11.76 39.10
CA LYS F 16 35.73 10.92 38.24
C LYS F 16 36.87 10.26 39.01
N ARG F 17 37.57 11.04 39.82
CA ARG F 17 38.70 10.53 40.59
C ARG F 17 38.27 9.50 41.62
N LEU F 18 37.11 9.73 42.24
CA LEU F 18 36.56 8.79 43.21
C LEU F 18 36.19 7.46 42.57
N LEU F 19 35.61 7.54 41.37
CA LEU F 19 35.23 6.35 40.62
C LEU F 19 36.45 5.49 40.29
N LEU F 20 37.47 6.14 39.74
CA LEU F 20 38.71 5.47 39.38
C LEU F 20 39.41 4.91 40.61
N ALA F 21 39.22 5.56 41.75
CA ALA F 21 39.80 5.12 43.01
C ALA F 21 39.22 3.78 43.44
N ILE F 22 37.90 3.67 43.40
CA ILE F 22 37.22 2.43 43.77
C ILE F 22 37.56 1.31 42.79
N ILE F 23 37.68 1.66 41.51
CA ILE F 23 38.06 0.70 40.48
C ILE F 23 39.40 0.04 40.79
N TYR F 24 40.41 0.87 41.07
CA TYR F 24 41.74 0.38 41.38
C TYR F 24 41.73 -0.49 42.64
N ARG F 25 40.83 -0.16 43.56
CA ARG F 25 40.67 -0.93 44.79
C ARG F 25 40.17 -2.34 44.49
N ILE F 26 39.15 -2.44 43.63
CA ILE F 26 38.60 -3.73 43.25
C ILE F 26 39.62 -4.55 42.47
N VAL F 27 40.35 -3.89 41.58
CA VAL F 27 41.38 -4.57 40.78
C VAL F 27 42.49 -5.10 41.69
N THR F 28 42.86 -4.31 42.70
CA THR F 28 43.92 -4.70 43.62
C THR F 28 43.53 -5.93 44.46
N ARG F 29 42.27 -5.95 44.92
CA ARG F 29 41.81 -7.01 45.79
C ARG F 29 41.43 -8.28 45.02
N VAL F 30 40.69 -8.11 43.93
CA VAL F 30 40.18 -9.25 43.18
C VAL F 30 41.24 -9.86 42.25
N VAL F 31 41.93 -9.02 41.50
CA VAL F 31 42.87 -9.49 40.50
C VAL F 31 44.30 -9.61 41.05
N LEU F 32 44.81 -8.53 41.62
CA LEU F 32 46.19 -8.50 42.10
C LEU F 32 46.35 -9.32 43.38
N GLY F 33 45.25 -9.59 44.07
CA GLY F 33 45.27 -10.36 45.30
C GLY F 33 46.00 -9.64 46.42
N LYS F 34 45.83 -8.32 46.46
CA LYS F 34 46.45 -7.50 47.48
C LYS F 34 45.40 -6.65 48.18
N PRO F 35 45.65 -6.28 49.45
CA PRO F 35 44.69 -5.45 50.19
C PRO F 35 44.41 -4.11 49.50
N GLU F 36 43.13 -3.78 49.36
CA GLU F 36 42.73 -2.55 48.65
C GLU F 36 43.03 -1.30 49.48
N ASP F 37 43.35 -1.50 50.76
CA ASP F 37 43.69 -0.40 51.63
C ASP F 37 45.19 -0.07 51.54
N LEU F 38 45.94 -0.93 50.86
CA LEU F 38 47.38 -0.77 50.78
C LEU F 38 47.85 -0.25 49.42
N VAL F 39 46.89 0.05 48.54
CA VAL F 39 47.23 0.59 47.23
C VAL F 39 47.14 2.11 47.20
N MET F 40 48.21 2.75 46.73
CA MET F 40 48.25 4.21 46.65
C MET F 40 47.97 4.69 45.24
N MET F 41 47.10 5.68 45.12
CA MET F 41 46.67 6.18 43.81
C MET F 41 46.89 7.69 43.69
N THR F 42 47.55 8.10 42.62
CA THR F 42 47.76 9.52 42.34
C THR F 42 47.13 9.90 41.02
N PHE F 43 46.58 11.11 40.95
CA PHE F 43 45.92 11.57 39.73
C PHE F 43 46.52 12.89 39.23
N HIS F 44 46.95 12.88 37.97
CA HIS F 44 47.54 14.06 37.35
C HIS F 44 46.70 14.48 36.15
N ASP F 45 45.70 15.32 36.40
CA ASP F 45 44.77 15.76 35.36
C ASP F 45 45.29 16.98 34.62
N SER F 46 44.67 17.27 33.47
CA SER F 46 45.04 18.41 32.64
C SER F 46 46.51 18.40 32.27
N THR F 47 47.04 17.20 32.04
CA THR F 47 48.46 17.04 31.70
C THR F 47 48.69 17.20 30.20
N PRO F 48 49.58 18.12 29.83
CA PRO F 48 49.97 18.34 28.44
C PRO F 48 50.61 17.10 27.84
N MET F 49 49.87 16.37 27.00
CA MET F 49 50.36 15.13 26.42
C MET F 49 50.29 15.14 24.91
N HIS F 50 51.06 14.26 24.28
CA HIS F 50 51.09 14.15 22.83
C HIS F 50 51.25 12.70 22.41
N PHE F 51 50.31 12.20 21.61
CA PHE F 51 50.31 10.81 21.19
C PHE F 51 49.60 10.63 19.85
N PHE F 52 50.16 9.75 19.01
CA PHE F 52 49.60 9.45 17.70
C PHE F 52 49.48 10.70 16.83
N GLY F 53 50.41 11.63 17.01
CA GLY F 53 50.45 12.83 16.21
C GLY F 53 49.36 13.84 16.55
N SER F 54 48.82 13.73 17.75
CA SER F 54 47.77 14.64 18.18
C SER F 54 47.80 14.88 19.69
N THR F 55 47.21 15.99 20.11
CA THR F 55 47.12 16.32 21.53
C THR F 55 45.73 15.98 22.05
N ASP F 56 45.04 15.11 21.34
CA ASP F 56 43.71 14.64 21.72
C ASP F 56 43.73 13.95 23.08
N PRO F 57 42.57 13.90 23.76
CA PRO F 57 42.44 13.22 25.06
C PRO F 57 43.12 11.85 25.09
N VAL F 58 44.10 11.70 25.98
CA VAL F 58 44.92 10.50 26.03
C VAL F 58 45.34 10.21 27.48
N ALA F 59 45.38 8.94 27.84
CA ALA F 59 45.69 8.55 29.22
C ALA F 59 46.89 7.61 29.31
N CYS F 60 47.63 7.74 30.40
CA CYS F 60 48.77 6.87 30.68
C CYS F 60 48.74 6.40 32.13
N VAL F 61 48.62 5.09 32.33
CA VAL F 61 48.52 4.54 33.68
C VAL F 61 49.77 3.77 34.07
N ARG F 62 50.29 4.06 35.25
CA ARG F 62 51.49 3.39 35.76
C ARG F 62 51.15 2.49 36.95
N VAL F 63 51.45 1.20 36.82
CA VAL F 63 51.19 0.25 37.88
C VAL F 63 52.51 -0.32 38.40
N GLU F 64 52.75 -0.15 39.70
CA GLU F 64 54.00 -0.60 40.30
C GLU F 64 53.74 -1.44 41.56
N ALA F 65 54.10 -2.71 41.50
CA ALA F 65 53.90 -3.62 42.63
C ALA F 65 55.15 -4.45 42.88
N LEU F 66 55.58 -4.48 44.15
CA LEU F 66 56.75 -5.26 44.55
C LEU F 66 56.47 -6.76 44.48
N GLY F 67 57.47 -7.52 44.04
CA GLY F 67 57.33 -8.97 43.95
C GLY F 67 56.86 -9.42 42.58
N GLY F 68 56.63 -8.47 41.69
CA GLY F 68 56.19 -8.78 40.34
C GLY F 68 54.68 -8.96 40.23
N TYR F 69 54.24 -9.61 39.15
CA TYR F 69 52.82 -9.84 38.91
C TYR F 69 52.54 -11.30 38.57
N GLY F 70 51.27 -11.68 38.65
CA GLY F 70 50.85 -13.02 38.31
C GLY F 70 50.92 -13.29 36.82
N PRO F 71 50.66 -14.54 36.41
CA PRO F 71 50.72 -14.96 35.00
C PRO F 71 49.70 -14.24 34.11
N SER F 72 48.43 -14.35 34.45
CA SER F 72 47.36 -13.79 33.62
C SER F 72 46.82 -12.48 34.18
N GLU F 73 47.45 -11.98 35.24
CA GLU F 73 46.99 -10.76 35.90
C GLU F 73 47.18 -9.46 35.08
N PRO F 74 48.37 -9.25 34.47
CA PRO F 74 48.54 -7.99 33.74
C PRO F 74 47.56 -7.79 32.59
N GLU F 75 47.21 -8.87 31.90
CA GLU F 75 46.24 -8.81 30.81
C GLU F 75 44.86 -8.39 31.33
N LYS F 76 44.51 -8.91 32.50
CA LYS F 76 43.22 -8.60 33.13
C LYS F 76 43.17 -7.15 33.59
N VAL F 77 44.22 -6.71 34.28
CA VAL F 77 44.30 -5.35 34.81
C VAL F 77 44.22 -4.32 33.69
N THR F 78 44.96 -4.56 32.61
CA THR F 78 44.98 -3.66 31.46
C THR F 78 43.58 -3.52 30.85
N SER F 79 42.88 -4.64 30.73
CA SER F 79 41.53 -4.65 30.17
C SER F 79 40.56 -3.84 31.01
N ILE F 80 40.63 -4.01 32.33
CA ILE F 80 39.75 -3.31 33.26
C ILE F 80 40.04 -1.81 33.31
N VAL F 81 41.32 -1.47 33.42
CA VAL F 81 41.75 -0.07 33.50
C VAL F 81 41.36 0.71 32.24
N THR F 82 41.61 0.12 31.08
CA THR F 82 41.27 0.75 29.81
C THR F 82 39.78 1.05 29.69
N ALA F 83 38.95 0.06 30.05
CA ALA F 83 37.51 0.24 30.04
C ALA F 83 37.07 1.27 31.07
N ALA F 84 37.80 1.35 32.17
CA ALA F 84 37.49 2.29 33.24
C ALA F 84 37.73 3.74 32.78
N ILE F 85 38.90 3.98 32.22
CA ILE F 85 39.25 5.30 31.73
C ILE F 85 38.33 5.71 30.57
N THR F 86 37.98 4.73 29.75
CA THR F 86 37.13 4.98 28.58
C THR F 86 35.75 5.48 28.99
N ALA F 87 35.14 4.82 29.98
CA ALA F 87 33.80 5.19 30.43
C ALA F 87 33.81 6.46 31.29
N VAL F 88 34.79 6.57 32.17
CA VAL F 88 34.85 7.69 33.11
C VAL F 88 35.35 8.98 32.46
N CYS F 89 36.49 8.90 31.78
CA CYS F 89 37.13 10.07 31.21
C CYS F 89 36.70 10.36 29.77
N GLY F 90 36.16 9.34 29.11
CA GLY F 90 35.72 9.49 27.73
C GLY F 90 36.83 9.30 26.73
N ILE F 91 38.00 8.88 27.22
CA ILE F 91 39.16 8.65 26.36
C ILE F 91 39.06 7.31 25.65
N VAL F 92 39.23 7.31 24.34
CA VAL F 92 39.12 6.09 23.55
C VAL F 92 40.19 5.08 23.94
N ALA F 93 39.91 3.80 23.69
CA ALA F 93 40.79 2.71 24.09
C ALA F 93 42.15 2.77 23.39
N ASP F 94 42.16 3.21 22.14
CA ASP F 94 43.38 3.23 21.34
C ASP F 94 44.31 4.38 21.73
N ARG F 95 43.93 5.12 22.77
CA ARG F 95 44.77 6.20 23.28
C ARG F 95 44.98 6.07 24.79
N ILE F 96 45.17 4.84 25.24
CA ILE F 96 45.39 4.57 26.66
C ILE F 96 46.58 3.63 26.90
N PHE F 97 47.59 4.13 27.58
CA PHE F 97 48.76 3.32 27.93
C PHE F 97 48.68 2.83 29.37
N VAL F 98 49.01 1.55 29.56
CA VAL F 98 49.08 0.97 30.90
C VAL F 98 50.43 0.28 31.09
N LEU F 99 51.31 0.92 31.86
CA LEU F 99 52.66 0.39 32.06
C LEU F 99 52.79 -0.31 33.40
N TYR F 100 53.59 -1.38 33.43
CA TYR F 100 53.79 -2.15 34.65
C TYR F 100 55.26 -2.18 35.07
N PHE F 101 55.50 -1.85 36.32
CA PHE F 101 56.85 -1.80 36.87
C PHE F 101 56.96 -2.62 38.16
N SER F 102 58.20 -2.93 38.56
CA SER F 102 58.44 -3.66 39.79
C SER F 102 59.63 -3.08 40.52
N PRO F 103 59.38 -2.42 41.66
CA PRO F 103 60.44 -1.78 42.44
C PRO F 103 61.33 -2.78 43.17
N LEU F 104 62.60 -2.42 43.36
CA LEU F 104 63.53 -3.29 44.08
C LEU F 104 63.20 -3.31 45.55
N HIS F 105 62.75 -2.17 46.08
CA HIS F 105 62.34 -2.07 47.47
C HIS F 105 61.16 -1.13 47.62
N CYS F 106 60.33 -1.35 48.65
CA CYS F 106 59.17 -0.50 48.90
C CYS F 106 59.03 -0.24 50.40
N GLY F 107 58.85 1.02 50.76
CA GLY F 107 58.77 1.41 52.16
C GLY F 107 57.42 1.94 52.59
N TRP F 108 57.03 1.58 53.82
CA TRP F 108 55.79 2.07 54.41
C TRP F 108 55.88 2.04 55.93
N ASN F 109 55.33 3.06 56.57
CA ASN F 109 55.36 3.21 58.02
C ASN F 109 56.79 3.22 58.56
N GLY F 110 57.72 3.71 57.76
CA GLY F 110 59.12 3.82 58.17
C GLY F 110 59.93 2.56 57.96
N THR F 111 59.30 1.52 57.45
CA THR F 111 59.98 0.25 57.23
C THR F 111 59.70 -0.32 55.84
N ASN F 112 60.61 -1.17 55.37
CA ASN F 112 60.46 -1.81 54.06
C ASN F 112 59.75 -3.14 54.17
N PHE F 113 59.34 -3.70 53.02
CA PHE F 113 58.65 -4.98 52.99
C PHE F 113 59.44 -6.03 52.22
N MET G 1 -0.28 30.93 4.54
CA MET G 1 0.93 31.28 5.27
C MET G 1 0.75 32.59 6.04
N PRO G 2 0.13 32.50 7.23
CA PRO G 2 -0.12 33.69 8.06
C PRO G 2 1.09 34.13 8.88
N VAL G 3 1.17 35.41 9.18
CA VAL G 3 2.24 35.97 9.98
C VAL G 3 1.67 36.78 11.14
N ILE G 4 2.13 36.50 12.35
CA ILE G 4 1.61 37.17 13.54
C ILE G 4 2.69 37.93 14.30
N GLN G 5 2.62 39.26 14.25
CA GLN G 5 3.53 40.10 15.01
C GLN G 5 2.91 40.51 16.36
N THR G 6 3.70 40.41 17.42
CA THR G 6 3.22 40.76 18.75
C THR G 6 4.07 41.86 19.38
N PHE G 7 3.49 43.05 19.47
CA PHE G 7 4.18 44.17 20.13
C PHE G 7 3.63 44.35 21.54
N VAL G 8 4.52 44.28 22.53
CA VAL G 8 4.13 44.43 23.92
C VAL G 8 5.06 45.37 24.67
N SER G 9 4.52 46.07 25.66
CA SER G 9 5.31 46.99 26.48
C SER G 9 5.93 46.27 27.68
N THR G 10 5.44 45.06 27.95
CA THR G 10 5.95 44.26 29.06
C THR G 10 6.99 43.26 28.58
N PRO G 11 8.00 42.98 29.42
CA PRO G 11 9.04 42.00 29.10
C PRO G 11 8.50 40.59 28.91
N LEU G 12 9.03 39.86 27.94
CA LEU G 12 8.60 38.49 27.68
C LEU G 12 9.75 37.50 27.83
N ASP G 13 9.48 36.40 28.51
CA ASP G 13 10.49 35.36 28.69
C ASP G 13 10.17 34.15 27.82
N HIS G 14 10.79 33.02 28.12
CA HIS G 14 10.58 31.80 27.36
C HIS G 14 9.16 31.26 27.54
N HIS G 15 8.69 31.27 28.78
CA HIS G 15 7.38 30.71 29.11
C HIS G 15 6.23 31.45 28.44
N LYS G 16 6.24 32.77 28.54
CA LYS G 16 5.16 33.60 27.97
C LYS G 16 5.12 33.50 26.45
N ARG G 17 6.28 33.60 25.80
CA ARG G 17 6.36 33.54 24.35
C ARG G 17 5.97 32.17 23.82
N LEU G 18 6.35 31.12 24.55
CA LEU G 18 5.99 29.76 24.18
C LEU G 18 4.48 29.54 24.29
N LEU G 19 3.88 30.10 25.34
CA LEU G 19 2.44 29.99 25.55
C LEU G 19 1.69 30.67 24.42
N LEU G 20 2.07 31.90 24.11
CA LEU G 20 1.45 32.65 23.02
C LEU G 20 1.68 31.98 21.67
N ALA G 21 2.82 31.29 21.55
CA ALA G 21 3.15 30.57 20.32
C ALA G 21 2.15 29.44 20.07
N ILE G 22 1.91 28.63 21.10
CA ILE G 22 0.97 27.52 20.99
C ILE G 22 -0.45 28.04 20.76
N ILE G 23 -0.79 29.14 21.41
CA ILE G 23 -2.08 29.79 21.23
C ILE G 23 -2.33 30.15 19.76
N TYR G 24 -1.37 30.84 19.17
CA TYR G 24 -1.47 31.26 17.77
C TYR G 24 -1.56 30.06 16.84
N ARG G 25 -0.92 28.97 17.22
CA ARG G 25 -0.97 27.73 16.45
C ARG G 25 -2.38 27.16 16.43
N ILE G 26 -3.01 27.12 17.60
CA ILE G 26 -4.37 26.61 17.72
C ILE G 26 -5.36 27.50 16.98
N VAL G 27 -5.17 28.82 17.09
CA VAL G 27 -6.02 29.78 16.39
C VAL G 27 -5.91 29.61 14.87
N THR G 28 -4.69 29.40 14.40
CA THR G 28 -4.44 29.23 12.97
C THR G 28 -5.12 27.97 12.44
N ARG G 29 -5.03 26.89 13.20
CA ARG G 29 -5.55 25.59 12.78
C ARG G 29 -7.06 25.48 12.95
N VAL G 30 -7.56 25.89 14.12
CA VAL G 30 -8.98 25.75 14.43
C VAL G 30 -9.84 26.82 13.77
N VAL G 31 -9.41 28.07 13.88
CA VAL G 31 -10.21 29.19 13.38
C VAL G 31 -9.87 29.56 11.94
N LEU G 32 -8.59 29.82 11.68
CA LEU G 32 -8.16 30.27 10.35
C LEU G 32 -8.18 29.15 9.32
N GLY G 33 -8.18 27.91 9.79
CA GLY G 33 -8.21 26.76 8.90
C GLY G 33 -6.95 26.60 8.08
N LYS G 34 -5.81 26.92 8.70
CA LYS G 34 -4.51 26.82 8.04
C LYS G 34 -3.56 25.97 8.87
N PRO G 35 -2.58 25.32 8.21
CA PRO G 35 -1.62 24.48 8.93
C PRO G 35 -0.82 25.26 9.98
N GLU G 36 -0.74 24.70 11.18
CA GLU G 36 -0.09 25.36 12.31
C GLU G 36 1.43 25.39 12.17
N ASP G 37 1.95 24.61 11.23
CA ASP G 37 3.39 24.59 10.99
C ASP G 37 3.80 25.67 9.99
N LEU G 38 2.81 26.28 9.36
CA LEU G 38 3.06 27.26 8.31
C LEU G 38 2.84 28.71 8.77
N VAL G 39 2.53 28.88 10.05
CA VAL G 39 2.33 30.22 10.59
C VAL G 39 3.61 30.74 11.26
N MET G 40 4.03 31.94 10.87
CA MET G 40 5.23 32.54 11.43
C MET G 40 4.88 33.58 12.48
N MET G 41 5.55 33.51 13.62
CA MET G 41 5.26 34.38 14.75
C MET G 41 6.48 35.14 15.24
N THR G 42 6.36 36.45 15.37
CA THR G 42 7.44 37.27 15.91
C THR G 42 6.97 37.96 17.18
N PHE G 43 7.87 38.09 18.15
CA PHE G 43 7.52 38.70 19.42
C PHE G 43 8.46 39.86 19.73
N HIS G 44 7.88 41.04 19.99
CA HIS G 44 8.66 42.23 20.28
C HIS G 44 8.35 42.77 21.67
N ASP G 45 9.08 42.30 22.66
CA ASP G 45 8.86 42.69 24.04
C ASP G 45 9.61 43.96 24.41
N SER G 46 9.24 44.54 25.55
CA SER G 46 9.86 45.76 26.06
C SER G 46 9.82 46.90 25.05
N THR G 47 8.73 46.97 24.28
CA THR G 47 8.58 48.00 23.26
C THR G 47 8.00 49.28 23.86
N PRO G 48 8.71 50.40 23.69
CA PRO G 48 8.23 51.70 24.16
C PRO G 48 6.92 52.09 23.47
N MET G 49 5.81 51.99 24.20
CA MET G 49 4.50 52.28 23.63
C MET G 49 3.74 53.33 24.42
N HIS G 50 2.76 53.94 23.78
CA HIS G 50 1.93 54.96 24.41
C HIS G 50 0.49 54.85 23.89
N PHE G 51 -0.46 54.71 24.82
CA PHE G 51 -1.85 54.53 24.43
C PHE G 51 -2.79 55.04 25.52
N PHE G 52 -3.87 55.69 25.08
CA PHE G 52 -4.90 56.24 25.97
C PHE G 52 -4.31 57.24 26.97
N GLY G 53 -3.29 57.97 26.54
CA GLY G 53 -2.69 58.99 27.37
C GLY G 53 -1.83 58.47 28.51
N SER G 54 -1.36 57.23 28.38
CA SER G 54 -0.53 56.62 29.42
C SER G 54 0.48 55.64 28.83
N THR G 55 1.56 55.40 29.58
CA THR G 55 2.57 54.44 29.17
C THR G 55 2.38 53.10 29.88
N ASP G 56 1.17 52.89 30.38
CA ASP G 56 0.82 51.64 31.05
C ASP G 56 0.96 50.44 30.10
N PRO G 57 1.15 49.23 30.65
CA PRO G 57 1.24 48.00 29.87
C PRO G 57 0.19 47.89 28.78
N VAL G 58 0.63 47.80 27.53
CA VAL G 58 -0.26 47.82 26.38
C VAL G 58 0.31 46.94 25.27
N ALA G 59 -0.57 46.23 24.56
CA ALA G 59 -0.14 45.31 23.51
C ALA G 59 -0.78 45.61 22.17
N CYS G 60 -0.05 45.31 21.09
CA CYS G 60 -0.56 45.46 19.73
C CYS G 60 -0.22 44.24 18.90
N VAL G 61 -1.23 43.54 18.42
CA VAL G 61 -1.04 42.32 17.66
C VAL G 61 -1.36 42.51 16.18
N ARG G 62 -0.47 42.06 15.32
CA ARG G 62 -0.66 42.18 13.87
C ARG G 62 -0.88 40.82 13.21
N VAL G 63 -2.00 40.66 12.54
CA VAL G 63 -2.32 39.42 11.85
C VAL G 63 -2.37 39.62 10.34
N GLU G 64 -1.56 38.88 9.62
CA GLU G 64 -1.48 39.02 8.16
C GLU G 64 -1.60 37.66 7.47
N ALA G 65 -2.68 37.48 6.71
CA ALA G 65 -2.91 36.23 6.01
C ALA G 65 -3.32 36.48 4.55
N LEU G 66 -2.66 35.79 3.64
CA LEU G 66 -2.96 35.92 2.21
C LEU G 66 -4.31 35.29 1.88
N GLY G 67 -5.05 35.94 0.97
CA GLY G 67 -6.35 35.45 0.55
C GLY G 67 -7.49 36.01 1.37
N GLY G 68 -7.15 36.85 2.34
CA GLY G 68 -8.14 37.49 3.19
C GLY G 68 -8.57 36.60 4.35
N TYR G 69 -9.73 36.91 4.92
CA TYR G 69 -10.24 36.17 6.06
C TYR G 69 -11.70 35.76 5.85
N GLY G 70 -12.17 34.82 6.66
CA GLY G 70 -13.55 34.38 6.63
C GLY G 70 -14.49 35.43 7.18
N PRO G 71 -15.81 35.16 7.09
CA PRO G 71 -16.83 36.09 7.57
C PRO G 71 -16.76 36.34 9.07
N SER G 72 -16.82 35.27 9.86
CA SER G 72 -16.86 35.39 11.32
C SER G 72 -15.52 35.09 11.98
N GLU G 73 -14.49 34.86 11.17
CA GLU G 73 -13.17 34.53 11.69
C GLU G 73 -12.45 35.67 12.45
N PRO G 74 -12.43 36.90 11.88
CA PRO G 74 -11.71 37.97 12.60
C PRO G 74 -12.28 38.24 14.00
N GLU G 75 -13.60 38.14 14.15
CA GLU G 75 -14.24 38.35 15.44
C GLU G 75 -13.80 37.29 16.44
N LYS G 76 -13.67 36.06 15.97
CA LYS G 76 -13.24 34.96 16.82
C LYS G 76 -11.77 35.10 17.23
N VAL G 77 -10.91 35.39 16.25
CA VAL G 77 -9.48 35.53 16.49
C VAL G 77 -9.18 36.64 17.49
N THR G 78 -9.84 37.79 17.32
CA THR G 78 -9.63 38.94 18.19
C THR G 78 -9.98 38.61 19.65
N SER G 79 -11.08 37.89 19.84
CA SER G 79 -11.52 37.51 21.18
C SER G 79 -10.51 36.59 21.86
N ILE G 80 -10.00 35.62 21.12
CA ILE G 80 -9.04 34.66 21.65
C ILE G 80 -7.69 35.32 21.94
N VAL G 81 -7.20 36.09 20.99
CA VAL G 81 -5.90 36.76 21.13
C VAL G 81 -5.91 37.74 22.30
N THR G 82 -6.97 38.54 22.39
CA THR G 82 -7.11 39.50 23.49
C THR G 82 -7.13 38.80 24.83
N ALA G 83 -7.90 37.71 24.92
CA ALA G 83 -7.98 36.91 26.13
C ALA G 83 -6.63 36.26 26.44
N ALA G 84 -5.89 35.94 25.38
CA ALA G 84 -4.58 35.31 25.52
C ALA G 84 -3.57 36.26 26.16
N ILE G 85 -3.50 37.47 25.64
CA ILE G 85 -2.59 38.48 26.17
C ILE G 85 -2.95 38.87 27.60
N THR G 86 -4.25 38.91 27.88
CA THR G 86 -4.74 39.29 29.21
C THR G 86 -4.26 38.33 30.30
N ALA G 87 -4.39 37.03 30.03
CA ALA G 87 -4.01 36.03 31.02
C ALA G 87 -2.49 35.87 31.10
N VAL G 88 -1.83 35.86 29.94
CA VAL G 88 -0.40 35.61 29.87
C VAL G 88 0.42 36.85 30.27
N CYS G 89 0.13 37.98 29.65
CA CYS G 89 0.92 39.19 29.84
C CYS G 89 0.38 40.08 30.96
N GLY G 90 -0.89 39.89 31.32
CA GLY G 90 -1.52 40.66 32.37
C GLY G 90 -2.05 41.99 31.90
N ILE G 91 -2.01 42.22 30.59
CA ILE G 91 -2.51 43.46 30.01
C ILE G 91 -4.03 43.45 29.87
N VAL G 92 -4.68 44.50 30.38
CA VAL G 92 -6.14 44.60 30.33
C VAL G 92 -6.66 44.61 28.90
N ALA G 93 -7.91 44.20 28.73
CA ALA G 93 -8.51 44.07 27.41
C ALA G 93 -8.66 45.41 26.70
N ASP G 94 -8.90 46.47 27.45
CA ASP G 94 -9.14 47.79 26.87
C ASP G 94 -7.83 48.44 26.39
N ARG G 95 -6.73 47.71 26.51
CA ARG G 95 -5.44 48.18 26.04
C ARG G 95 -4.77 47.15 25.14
N ILE G 96 -5.58 46.51 24.29
CA ILE G 96 -5.07 45.52 23.36
C ILE G 96 -5.60 45.73 21.94
N PHE G 97 -4.71 46.02 21.00
CA PHE G 97 -5.09 46.18 19.61
C PHE G 97 -4.80 44.92 18.80
N VAL G 98 -5.74 44.53 17.95
CA VAL G 98 -5.55 43.42 17.04
C VAL G 98 -5.88 43.85 15.60
N LEU G 99 -4.85 44.04 14.79
CA LEU G 99 -5.03 44.52 13.43
C LEU G 99 -4.92 43.38 12.43
N TYR G 100 -5.71 43.47 11.36
CA TYR G 100 -5.72 42.43 10.33
C TYR G 100 -5.34 42.98 8.96
N PHE G 101 -4.39 42.32 8.31
CA PHE G 101 -3.92 42.73 6.99
C PHE G 101 -3.93 41.56 6.02
N SER G 102 -3.86 41.87 4.73
CA SER G 102 -3.81 40.84 3.69
C SER G 102 -2.79 41.20 2.61
N PRO G 103 -1.70 40.45 2.54
CA PRO G 103 -0.63 40.73 1.57
C PRO G 103 -1.03 40.40 0.14
N LEU G 104 -0.48 41.14 -0.82
CA LEU G 104 -0.77 40.91 -2.23
C LEU G 104 -0.09 39.62 -2.68
N HIS G 105 1.10 39.37 -2.14
CA HIS G 105 1.85 38.16 -2.45
C HIS G 105 2.60 37.67 -1.21
N CYS G 106 2.83 36.35 -1.15
CA CYS G 106 3.54 35.76 -0.04
C CYS G 106 4.51 34.69 -0.55
N GLY G 107 5.76 34.75 -0.09
CA GLY G 107 6.77 33.82 -0.55
C GLY G 107 7.28 32.88 0.52
N TRP G 108 7.53 31.64 0.13
CA TRP G 108 8.08 30.63 1.04
C TRP G 108 8.80 29.55 0.25
N ASN G 109 9.93 29.09 0.79
CA ASN G 109 10.78 28.10 0.14
C ASN G 109 11.24 28.54 -1.25
N GLY G 110 11.38 29.85 -1.42
CA GLY G 110 11.88 30.42 -2.66
C GLY G 110 10.83 30.62 -3.73
N THR G 111 9.59 30.25 -3.44
CA THR G 111 8.51 30.38 -4.41
C THR G 111 7.26 31.01 -3.79
N ASN G 112 6.42 31.61 -4.63
CA ASN G 112 5.18 32.21 -4.18
C ASN G 112 4.02 31.21 -4.23
N PHE G 113 2.90 31.56 -3.62
CA PHE G 113 1.73 30.69 -3.60
C PHE G 113 0.54 31.35 -4.30
N MET H 1 26.41 40.35 90.89
CA MET H 1 26.50 40.23 89.45
C MET H 1 26.10 41.52 88.76
N PRO H 2 27.04 42.48 88.69
CA PRO H 2 26.78 43.80 88.08
C PRO H 2 26.88 43.79 86.54
N VAL H 3 26.15 44.71 85.91
CA VAL H 3 26.19 44.85 84.45
C VAL H 3 26.50 46.29 84.08
N ILE H 4 27.49 46.49 83.23
CA ILE H 4 27.91 47.83 82.83
C ILE H 4 27.81 48.05 81.32
N GLN H 5 26.86 48.89 80.92
CA GLN H 5 26.70 49.25 79.51
C GLN H 5 27.45 50.54 79.20
N THR H 6 28.16 50.55 78.08
CA THR H 6 28.95 51.71 77.68
C THR H 6 28.51 52.26 76.31
N PHE H 7 27.84 53.41 76.34
CA PHE H 7 27.42 54.07 75.11
C PHE H 7 28.36 55.23 74.78
N VAL H 8 28.95 55.19 73.58
CA VAL H 8 29.88 56.24 73.16
C VAL H 8 29.57 56.70 71.74
N SER H 9 29.86 57.97 71.46
CA SER H 9 29.65 58.53 70.13
C SER H 9 30.87 58.32 69.25
N THR H 10 31.99 57.99 69.88
CA THR H 10 33.24 57.75 69.16
C THR H 10 33.45 56.26 68.91
N PRO H 11 34.07 55.92 67.78
CA PRO H 11 34.38 54.53 67.44
C PRO H 11 35.34 53.88 68.45
N LEU H 12 35.10 52.61 68.77
CA LEU H 12 35.94 51.88 69.72
C LEU H 12 36.58 50.66 69.07
N ASP H 13 37.87 50.48 69.31
CA ASP H 13 38.59 49.33 68.77
C ASP H 13 38.87 48.29 69.84
N HIS H 14 39.80 47.39 69.56
CA HIS H 14 40.17 46.34 70.50
C HIS H 14 40.87 46.90 71.73
N HIS H 15 41.78 47.85 71.51
CA HIS H 15 42.57 48.43 72.59
C HIS H 15 41.70 49.19 73.60
N LYS H 16 40.82 50.04 73.09
CA LYS H 16 39.96 50.84 73.95
C LYS H 16 38.98 49.98 74.75
N ARG H 17 38.34 49.03 74.08
CA ARG H 17 37.36 48.16 74.73
C ARG H 17 38.00 47.27 75.80
N LEU H 18 39.21 46.79 75.52
CA LEU H 18 39.93 45.97 76.48
C LEU H 18 40.34 46.78 77.72
N LEU H 19 40.77 48.01 77.49
CA LEU H 19 41.17 48.90 78.58
C LEU H 19 40.01 49.19 79.52
N LEU H 20 38.87 49.59 78.96
CA LEU H 20 37.68 49.88 79.75
C LEU H 20 37.17 48.64 80.47
N ALA H 21 37.40 47.48 79.86
CA ALA H 21 36.99 46.21 80.46
C ALA H 21 37.74 45.94 81.75
N ILE H 22 39.06 46.09 81.71
CA ILE H 22 39.89 45.88 82.88
C ILE H 22 39.57 46.91 83.96
N ILE H 23 39.32 48.15 83.53
CA ILE H 23 38.94 49.22 84.45
C ILE H 23 37.69 48.83 85.26
N TYR H 24 36.65 48.43 84.55
CA TYR H 24 35.38 48.05 85.17
C TYR H 24 35.56 46.85 86.10
N ARG H 25 36.50 45.97 85.77
CA ARG H 25 36.81 44.82 86.60
C ARG H 25 37.39 45.27 87.93
N ILE H 26 38.32 46.22 87.88
CA ILE H 26 38.94 46.75 89.09
C ILE H 26 37.93 47.52 89.93
N VAL H 27 37.06 48.28 89.27
CA VAL H 27 36.02 49.03 89.95
C VAL H 27 35.06 48.08 90.67
N THR H 28 34.72 46.98 90.01
CA THR H 28 33.80 45.99 90.58
C THR H 28 34.40 45.31 91.82
N ARG H 29 35.67 44.96 91.74
CA ARG H 29 36.33 44.23 92.83
C ARG H 29 36.75 45.11 94.00
N VAL H 30 37.35 46.25 93.69
CA VAL H 30 37.89 47.12 94.73
C VAL H 30 36.81 47.97 95.40
N VAL H 31 35.96 48.58 94.59
CA VAL H 31 34.95 49.49 95.11
C VAL H 31 33.63 48.80 95.43
N LEU H 32 33.08 48.09 94.45
CA LEU H 32 31.79 47.45 94.61
C LEU H 32 31.88 46.20 95.50
N GLY H 33 33.08 45.67 95.65
CA GLY H 33 33.31 44.50 96.47
C GLY H 33 32.67 43.24 95.90
N LYS H 34 32.71 43.12 94.57
CA LYS H 34 32.14 41.97 93.89
C LYS H 34 33.18 41.33 92.97
N PRO H 35 33.05 40.03 92.71
CA PRO H 35 34.00 39.32 91.83
C PRO H 35 34.08 39.92 90.42
N GLU H 36 35.29 40.15 89.95
CA GLU H 36 35.53 40.78 88.66
C GLU H 36 35.21 39.85 87.49
N ASP H 37 35.04 38.56 87.79
CA ASP H 37 34.69 37.59 86.76
C ASP H 37 33.18 37.51 86.55
N LEU H 38 32.43 38.13 87.46
CA LEU H 38 30.98 38.05 87.44
C LEU H 38 30.32 39.31 86.90
N VAL H 39 31.14 40.28 86.47
CA VAL H 39 30.61 41.52 85.91
C VAL H 39 30.55 41.44 84.39
N MET H 40 29.39 41.76 83.82
CA MET H 40 29.21 41.73 82.38
C MET H 40 29.30 43.13 81.79
N MET H 41 30.06 43.27 80.71
CA MET H 41 30.31 44.57 80.11
C MET H 41 29.95 44.58 78.62
N THR H 42 29.17 45.58 78.23
CA THR H 42 28.80 45.75 76.82
C THR H 42 29.27 47.11 76.29
N PHE H 43 29.68 47.14 75.03
CA PHE H 43 30.19 48.37 74.44
C PHE H 43 29.42 48.74 73.18
N HIS H 44 28.88 49.95 73.15
CA HIS H 44 28.12 50.44 72.01
C HIS H 44 28.76 51.67 71.40
N ASP H 45 29.68 51.46 70.47
CA ASP H 45 30.41 52.55 69.84
C ASP H 45 29.68 53.11 68.62
N SER H 46 30.12 54.28 68.17
CA SER H 46 29.55 54.95 67.01
C SER H 46 28.04 55.17 67.15
N THR H 47 27.60 55.47 68.37
CA THR H 47 26.19 55.69 68.65
C THR H 47 25.77 57.13 68.37
N PRO H 48 24.77 57.32 67.50
CA PRO H 48 24.23 58.64 67.20
C PRO H 48 23.62 59.28 68.45
N MET H 49 24.32 60.24 69.03
CA MET H 49 23.87 60.87 70.27
C MET H 49 23.80 62.38 70.15
N HIS H 50 23.03 63.00 71.04
CA HIS H 50 22.89 64.44 71.06
C HIS H 50 22.80 64.93 72.51
N PHE H 51 23.69 65.85 72.87
CA PHE H 51 23.77 66.33 74.25
C PHE H 51 24.35 67.74 74.29
N PHE H 52 23.78 68.57 75.17
CA PHE H 52 24.21 69.95 75.35
C PHE H 52 24.12 70.75 74.05
N GLY H 53 23.15 70.40 73.22
CA GLY H 53 22.90 71.11 71.97
C GLY H 53 23.93 70.83 70.90
N SER H 54 24.63 69.70 71.01
CA SER H 54 25.64 69.32 70.04
C SER H 54 25.77 67.81 69.90
N THR H 55 26.30 67.38 68.75
CA THR H 55 26.54 65.97 68.50
C THR H 55 28.01 65.63 68.73
N ASP H 56 28.68 66.48 69.52
CA ASP H 56 30.08 66.29 69.89
C ASP H 56 30.26 64.98 70.64
N PRO H 57 31.50 64.44 70.64
CA PRO H 57 31.84 63.21 71.37
C PRO H 57 31.27 63.19 72.79
N VAL H 58 30.42 62.21 73.07
CA VAL H 58 29.70 62.14 74.32
C VAL H 58 29.48 60.68 74.74
N ALA H 59 29.59 60.41 76.04
CA ALA H 59 29.47 59.04 76.54
C ALA H 59 28.38 58.91 77.61
N CYS H 60 27.74 57.75 77.64
CA CYS H 60 26.74 57.44 78.64
C CYS H 60 26.95 56.04 79.20
N VAL H 61 27.22 55.95 80.50
CA VAL H 61 27.50 54.67 81.14
C VAL H 61 26.38 54.23 82.06
N ARG H 62 25.94 52.99 81.92
CA ARG H 62 24.88 52.43 82.75
C ARG H 62 25.44 51.35 83.68
N VAL H 63 25.26 51.56 84.98
CA VAL H 63 25.73 50.60 85.97
C VAL H 63 24.54 49.98 86.71
N GLU H 64 24.43 48.66 86.66
CA GLU H 64 23.32 47.96 87.28
C GLU H 64 23.80 46.83 88.17
N ALA H 65 23.55 46.94 89.46
CA ALA H 65 23.95 45.91 90.42
C ALA H 65 22.81 45.57 91.38
N LEU H 66 22.53 44.29 91.52
CA LEU H 66 21.49 43.82 92.42
C LEU H 66 21.86 44.05 93.87
N GLY H 67 20.89 44.44 94.69
CA GLY H 67 21.12 44.68 96.10
C GLY H 67 21.49 46.12 96.39
N GLY H 68 21.57 46.93 95.35
CA GLY H 68 21.88 48.34 95.50
C GLY H 68 23.38 48.60 95.57
N TYR H 69 23.74 49.75 96.11
CA TYR H 69 25.15 50.14 96.22
C TYR H 69 25.48 50.60 97.63
N GLY H 70 26.77 50.67 97.94
CA GLY H 70 27.23 51.15 99.23
C GLY H 70 27.03 52.65 99.40
N PRO H 71 27.32 53.16 100.60
CA PRO H 71 27.16 54.59 100.91
C PRO H 71 28.03 55.50 100.06
N SER H 72 29.33 55.27 100.06
CA SER H 72 30.27 56.14 99.35
C SER H 72 30.76 55.52 98.05
N GLU H 73 30.20 54.36 97.70
CA GLU H 73 30.61 53.65 96.49
C GLU H 73 30.22 54.34 95.17
N PRO H 74 28.96 54.81 95.02
CA PRO H 74 28.60 55.43 93.74
C PRO H 74 29.45 56.66 93.40
N GLU H 75 29.82 57.44 94.40
CA GLU H 75 30.65 58.63 94.19
C GLU H 75 32.03 58.24 93.66
N LYS H 76 32.57 57.13 94.17
CA LYS H 76 33.88 56.64 93.74
C LYS H 76 33.82 56.11 92.31
N VAL H 77 32.82 55.28 92.03
CA VAL H 77 32.67 54.67 90.72
C VAL H 77 32.52 55.72 89.62
N THR H 78 31.68 56.73 89.87
CA THR H 78 31.44 57.80 88.91
C THR H 78 32.73 58.55 88.56
N SER H 79 33.52 58.83 89.59
CA SER H 79 34.78 59.54 89.40
C SER H 79 35.76 58.73 88.55
N ILE H 80 35.87 57.45 88.84
CA ILE H 80 36.78 56.56 88.12
C ILE H 80 36.33 56.32 86.68
N VAL H 81 35.06 56.01 86.49
CA VAL H 81 34.51 55.74 85.17
C VAL H 81 34.62 56.95 84.24
N THR H 82 34.25 58.12 84.75
CA THR H 82 34.34 59.35 83.97
C THR H 82 35.79 59.63 83.54
N ALA H 83 36.72 59.49 84.47
CA ALA H 83 38.14 59.68 84.19
C ALA H 83 38.65 58.62 83.21
N ALA H 84 38.06 57.43 83.28
CA ALA H 84 38.47 56.33 82.39
C ALA H 84 38.08 56.62 80.94
N ILE H 85 36.83 57.03 80.74
CA ILE H 85 36.33 57.36 79.41
C ILE H 85 37.08 58.56 78.85
N THR H 86 37.40 59.50 79.74
CA THR H 86 38.09 60.73 79.35
C THR H 86 39.48 60.46 78.76
N ALA H 87 40.24 59.59 79.41
CA ALA H 87 41.59 59.28 78.96
C ALA H 87 41.58 58.36 77.74
N VAL H 88 40.71 57.36 77.75
CA VAL H 88 40.66 56.36 76.69
C VAL H 88 40.01 56.88 75.42
N CYS H 89 38.81 57.44 75.55
CA CYS H 89 38.03 57.86 74.39
C CYS H 89 38.28 59.31 74.01
N GLY H 90 38.83 60.09 74.95
CA GLY H 90 39.10 61.50 74.70
C GLY H 90 37.90 62.38 74.92
N ILE H 91 36.83 61.80 75.43
CA ILE H 91 35.60 62.54 75.70
C ILE H 91 35.71 63.34 76.99
N VAL H 92 35.39 64.62 76.92
CA VAL H 92 35.48 65.52 78.08
C VAL H 92 34.56 65.07 79.21
N ALA H 93 34.91 65.46 80.43
CA ALA H 93 34.17 65.05 81.62
C ALA H 93 32.74 65.59 81.63
N ASP H 94 32.56 66.80 81.08
CA ASP H 94 31.26 67.45 81.10
C ASP H 94 30.29 66.85 80.09
N ARG H 95 30.73 65.81 79.39
CA ARG H 95 29.87 65.11 78.44
C ARG H 95 29.87 63.61 78.71
N ILE H 96 29.86 63.24 80.00
CA ILE H 96 29.83 61.83 80.38
C ILE H 96 28.79 61.57 81.47
N PHE H 97 27.79 60.75 81.13
CA PHE H 97 26.76 60.38 82.09
C PHE H 97 27.01 58.99 82.68
N VAL H 98 26.83 58.87 83.99
CA VAL H 98 26.94 57.58 84.67
C VAL H 98 25.70 57.33 85.51
N LEU H 99 24.84 56.43 85.02
CA LEU H 99 23.58 56.14 85.70
C LEU H 99 23.66 54.84 86.49
N TYR H 100 22.96 54.81 87.63
CA TYR H 100 22.96 53.63 88.48
C TYR H 100 21.56 53.06 88.66
N PHE H 101 21.42 51.76 88.42
CA PHE H 101 20.13 51.09 88.54
C PHE H 101 20.24 49.85 89.42
N SER H 102 19.10 49.34 89.86
CA SER H 102 19.05 48.14 90.68
C SER H 102 17.91 47.24 90.23
N PRO H 103 18.26 46.08 89.65
CA PRO H 103 17.25 45.13 89.16
C PRO H 103 16.52 44.41 90.29
N LEU H 104 15.26 44.06 90.05
CA LEU H 104 14.46 43.35 91.05
C LEU H 104 14.94 41.92 91.20
N HIS H 105 15.35 41.32 90.08
CA HIS H 105 15.88 39.96 90.07
C HIS H 105 17.00 39.83 89.05
N CYS H 106 17.91 38.89 89.29
CA CYS H 106 19.02 38.66 88.37
C CYS H 106 19.27 37.17 88.19
N GLY H 107 19.39 36.74 86.94
CA GLY H 107 19.56 35.33 86.62
C GLY H 107 20.89 35.00 85.98
N TRP H 108 21.44 33.86 86.36
CA TRP H 108 22.69 33.37 85.77
C TRP H 108 22.77 31.85 85.88
N ASN H 109 23.29 31.22 84.83
CA ASN H 109 23.40 29.77 84.75
C ASN H 109 22.05 29.07 84.90
N GLY H 110 20.98 29.74 84.47
CA GLY H 110 19.65 29.17 84.49
C GLY H 110 18.92 29.31 85.81
N THR H 111 19.57 29.91 86.80
CA THR H 111 18.96 30.08 88.12
C THR H 111 19.13 31.51 88.63
N ASN H 112 18.24 31.92 89.53
CA ASN H 112 18.32 33.25 90.12
C ASN H 112 19.15 33.27 91.40
N PHE H 113 19.48 34.47 91.87
CA PHE H 113 20.27 34.63 93.08
C PHE H 113 19.49 35.35 94.17
N MET I 1 74.51 9.38 40.62
CA MET I 1 73.57 10.43 40.28
C MET I 1 72.12 10.00 40.56
N PRO I 2 71.70 10.09 41.83
CA PRO I 2 70.35 9.69 42.25
C PRO I 2 69.30 10.75 41.97
N VAL I 3 68.05 10.30 41.80
CA VAL I 3 66.93 11.20 41.56
C VAL I 3 65.82 10.92 42.57
N ILE I 4 65.35 11.98 43.23
CA ILE I 4 64.33 11.82 44.26
C ILE I 4 63.06 12.63 43.96
N GLN I 5 61.98 11.93 43.63
CA GLN I 5 60.69 12.57 43.41
C GLN I 5 59.86 12.56 44.70
N THR I 6 59.26 13.69 45.01
CA THR I 6 58.45 13.81 46.22
C THR I 6 57.01 14.19 45.91
N PHE I 7 56.10 13.24 46.08
CA PHE I 7 54.68 13.50 45.88
C PHE I 7 53.99 13.69 47.22
N VAL I 8 53.35 14.84 47.41
CA VAL I 8 52.66 15.13 48.66
C VAL I 8 51.26 15.69 48.39
N SER I 9 50.34 15.41 49.31
CA SER I 9 48.98 15.92 49.20
C SER I 9 48.85 17.29 49.85
N THR I 10 49.85 17.64 50.65
CA THR I 10 49.87 18.93 51.34
C THR I 10 50.68 19.95 50.55
N PRO I 11 50.26 21.24 50.59
CA PRO I 11 50.99 22.32 49.92
C PRO I 11 52.40 22.50 50.48
N LEU I 12 53.36 22.79 49.61
CA LEU I 12 54.73 23.00 50.03
C LEU I 12 55.22 24.40 49.67
N ASP I 13 55.87 25.06 50.62
CA ASP I 13 56.40 26.40 50.39
C ASP I 13 57.91 26.36 50.25
N HIS I 14 58.54 27.53 50.39
CA HIS I 14 60.00 27.62 50.28
C HIS I 14 60.69 26.90 51.43
N HIS I 15 60.17 27.08 52.64
CA HIS I 15 60.77 26.50 53.83
C HIS I 15 60.76 24.97 53.83
N LYS I 16 59.60 24.40 53.52
CA LYS I 16 59.44 22.94 53.51
C LYS I 16 60.29 22.27 52.43
N ARG I 17 60.23 22.81 51.21
CA ARG I 17 60.97 22.24 50.09
C ARG I 17 62.48 22.34 50.26
N LEU I 18 62.93 23.47 50.83
CA LEU I 18 64.35 23.66 51.09
C LEU I 18 64.84 22.69 52.17
N LEU I 19 64.02 22.47 53.18
CA LEU I 19 64.34 21.54 54.25
C LEU I 19 64.50 20.12 53.73
N LEU I 20 63.52 19.67 52.94
CA LEU I 20 63.56 18.35 52.34
C LEU I 20 64.73 18.21 51.37
N ALA I 21 65.11 19.32 50.76
CA ALA I 21 66.24 19.34 49.83
C ALA I 21 67.54 19.02 50.57
N ILE I 22 67.77 19.72 51.68
CA ILE I 22 68.97 19.50 52.49
C ILE I 22 68.97 18.10 53.08
N ILE I 23 67.78 17.62 53.47
CA ILE I 23 67.63 16.27 53.99
C ILE I 23 68.11 15.23 52.97
N TYR I 24 67.62 15.35 51.74
CA TYR I 24 67.99 14.42 50.69
C TYR I 24 69.48 14.51 50.37
N ARG I 25 70.05 15.69 50.56
CA ARG I 25 71.49 15.89 50.37
C ARG I 25 72.31 15.09 51.38
N ILE I 26 71.91 15.18 52.65
CA ILE I 26 72.59 14.46 53.72
C ILE I 26 72.46 12.95 53.55
N VAL I 27 71.27 12.51 53.16
CA VAL I 27 71.01 11.09 52.93
C VAL I 27 71.88 10.57 51.77
N THR I 28 72.00 11.38 50.72
CA THR I 28 72.78 11.00 49.55
C THR I 28 74.26 10.84 49.86
N ARG I 29 74.80 11.76 50.66
CA ARG I 29 76.23 11.76 50.96
C ARG I 29 76.60 10.75 52.04
N VAL I 30 75.82 10.72 53.11
CA VAL I 30 76.14 9.87 54.26
C VAL I 30 75.75 8.41 54.04
N VAL I 31 74.53 8.19 53.55
CA VAL I 31 74.00 6.84 53.39
C VAL I 31 74.27 6.25 52.01
N LEU I 32 73.87 6.98 50.97
CA LEU I 32 73.99 6.48 49.60
C LEU I 32 75.44 6.51 49.10
N GLY I 33 76.28 7.30 49.76
CA GLY I 33 77.68 7.42 49.38
C GLY I 33 77.86 8.05 48.02
N LYS I 34 77.02 9.03 47.71
CA LYS I 34 77.08 9.74 46.43
C LYS I 34 77.17 11.24 46.66
N PRO I 35 77.77 11.98 45.71
CA PRO I 35 77.90 13.43 45.84
C PRO I 35 76.55 14.13 45.96
N GLU I 36 76.43 15.02 46.95
CA GLU I 36 75.17 15.71 47.24
C GLU I 36 74.85 16.76 46.18
N ASP I 37 75.81 17.09 45.34
CA ASP I 37 75.60 18.04 44.27
C ASP I 37 75.06 17.36 43.02
N LEU I 38 75.08 16.03 43.03
CA LEU I 38 74.68 15.25 41.86
C LEU I 38 73.30 14.62 42.01
N VAL I 39 72.62 14.91 43.11
CA VAL I 39 71.28 14.38 43.33
C VAL I 39 70.21 15.39 42.89
N MET I 40 69.27 14.92 42.08
CA MET I 40 68.20 15.78 41.58
C MET I 40 66.91 15.52 42.35
N MET I 41 66.27 16.61 42.77
CA MET I 41 65.08 16.51 43.61
C MET I 41 63.90 17.27 43.00
N THR I 42 62.76 16.60 42.89
CA THR I 42 61.54 17.23 42.41
C THR I 42 60.45 17.19 43.47
N PHE I 43 59.65 18.25 43.53
CA PHE I 43 58.60 18.33 44.53
C PHE I 43 57.23 18.56 43.89
N HIS I 44 56.28 17.68 44.19
CA HIS I 44 54.94 17.78 43.65
C HIS I 44 53.91 17.95 44.76
N ASP I 45 53.66 19.19 45.15
CA ASP I 45 52.72 19.47 46.23
C ASP I 45 51.30 19.59 45.70
N SER I 46 50.33 19.56 46.61
CA SER I 46 48.91 19.66 46.28
C SER I 46 48.50 18.62 45.24
N THR I 47 49.08 17.43 45.35
CA THR I 47 48.80 16.35 44.42
C THR I 47 47.57 15.56 44.85
N PRO I 48 46.57 15.46 43.96
CA PRO I 48 45.36 14.68 44.23
C PRO I 48 45.69 13.20 44.44
N MET I 49 45.68 12.77 45.70
CA MET I 49 46.03 11.38 46.01
C MET I 49 44.95 10.70 46.83
N HIS I 50 44.96 9.36 46.80
CA HIS I 50 44.00 8.57 47.56
C HIS I 50 44.68 7.30 48.08
N PHE I 51 44.62 7.10 49.40
CA PHE I 51 45.28 5.96 50.02
C PHE I 51 44.61 5.56 51.32
N PHE I 52 44.52 4.26 51.55
CA PHE I 52 43.92 3.69 52.76
C PHE I 52 42.46 4.15 52.91
N GLY I 53 41.79 4.34 51.78
CA GLY I 53 40.39 4.71 51.77
C GLY I 53 40.11 6.15 52.17
N SER I 54 41.11 7.01 52.07
CA SER I 54 40.96 8.41 52.43
C SER I 54 41.85 9.32 51.60
N THR I 55 41.46 10.59 51.50
CA THR I 55 42.25 11.59 50.80
C THR I 55 43.05 12.42 51.80
N ASP I 56 43.24 11.86 52.99
CA ASP I 56 44.01 12.50 54.05
C ASP I 56 45.45 12.74 53.60
N PRO I 57 46.14 13.69 54.24
CA PRO I 57 47.55 13.98 53.94
C PRO I 57 48.39 12.72 53.78
N VAL I 58 48.97 12.54 52.59
CA VAL I 58 49.69 11.33 52.25
C VAL I 58 50.84 11.65 51.31
N ALA I 59 51.97 10.96 51.50
CA ALA I 59 53.15 11.25 50.70
C ALA I 59 53.66 10.01 49.96
N CYS I 60 54.23 10.22 48.79
CA CYS I 60 54.83 9.15 48.00
C CYS I 60 56.18 9.59 47.46
N VAL I 61 57.25 8.91 47.88
CA VAL I 61 58.60 9.28 47.50
C VAL I 61 59.22 8.25 46.56
N ARG I 62 59.80 8.72 45.47
CA ARG I 62 60.45 7.85 44.50
C ARG I 62 61.96 8.06 44.51
N VAL I 63 62.70 6.98 44.78
CA VAL I 63 64.16 7.06 44.80
C VAL I 63 64.75 6.20 43.68
N GLU I 64 65.53 6.83 42.82
CA GLU I 64 66.11 6.14 41.68
C GLU I 64 67.62 6.38 41.57
N ALA I 65 68.39 5.31 41.73
CA ALA I 65 69.84 5.40 41.66
C ALA I 65 70.42 4.29 40.79
N LEU I 66 71.28 4.67 39.85
CA LEU I 66 71.90 3.69 38.96
C LEU I 66 72.89 2.80 39.69
N GLY I 67 72.93 1.53 39.32
CA GLY I 67 73.84 0.58 39.95
C GLY I 67 73.22 -0.13 41.13
N GLY I 68 71.98 0.20 41.44
CA GLY I 68 71.27 -0.42 42.55
C GLY I 68 71.57 0.26 43.87
N TYR I 69 71.32 -0.46 44.97
CA TYR I 69 71.54 0.09 46.30
C TYR I 69 72.35 -0.88 47.17
N GLY I 70 72.88 -0.37 48.28
CA GLY I 70 73.62 -1.17 49.22
C GLY I 70 72.73 -2.14 49.98
N PRO I 71 73.33 -3.01 50.80
CA PRO I 71 72.59 -4.00 51.59
C PRO I 71 71.63 -3.39 52.60
N SER I 72 72.15 -2.54 53.49
CA SER I 72 71.34 -1.97 54.56
C SER I 72 70.93 -0.52 54.26
N GLU I 73 71.27 -0.04 53.07
CA GLU I 73 70.97 1.34 52.68
C GLU I 73 69.47 1.64 52.48
N PRO I 74 68.72 0.77 51.76
CA PRO I 74 67.31 1.10 51.56
C PRO I 74 66.51 1.23 52.86
N GLU I 75 66.84 0.38 53.83
CA GLU I 75 66.17 0.42 55.13
C GLU I 75 66.43 1.75 55.84
N LYS I 76 67.65 2.25 55.72
CA LYS I 76 68.04 3.50 56.35
C LYS I 76 67.35 4.70 55.69
N VAL I 77 67.38 4.72 54.35
CA VAL I 77 66.77 5.82 53.60
C VAL I 77 65.28 5.94 53.87
N THR I 78 64.59 4.81 53.88
CA THR I 78 63.15 4.78 54.12
C THR I 78 62.80 5.36 55.48
N SER I 79 63.57 5.00 56.50
CA SER I 79 63.34 5.47 57.85
C SER I 79 63.51 6.99 57.95
N ILE I 80 64.56 7.51 57.34
CA ILE I 80 64.84 8.94 57.38
C ILE I 80 63.82 9.76 56.61
N VAL I 81 63.51 9.32 55.39
CA VAL I 81 62.56 10.04 54.53
C VAL I 81 61.18 10.10 55.16
N THR I 82 60.70 8.98 55.68
CA THR I 82 59.41 8.91 56.35
C THR I 82 59.37 9.84 57.55
N ALA I 83 60.44 9.80 58.35
CA ALA I 83 60.56 10.69 59.51
C ALA I 83 60.67 12.14 59.08
N ALA I 84 61.29 12.38 57.93
CA ALA I 84 61.45 13.73 57.41
C ALA I 84 60.11 14.34 57.02
N ILE I 85 59.33 13.58 56.26
CA ILE I 85 58.02 14.03 55.82
C ILE I 85 57.08 14.21 57.01
N THR I 86 57.23 13.34 58.01
CA THR I 86 56.38 13.38 59.19
C THR I 86 56.54 14.68 59.97
N ALA I 87 57.78 15.09 60.19
CA ALA I 87 58.06 16.30 60.95
C ALA I 87 57.79 17.56 60.13
N VAL I 88 58.19 17.54 58.87
CA VAL I 88 58.08 18.72 58.01
C VAL I 88 56.66 18.96 57.51
N CYS I 89 56.05 17.93 56.93
CA CYS I 89 54.74 18.07 56.31
C CYS I 89 53.59 17.76 57.27
N GLY I 90 53.90 17.06 58.34
CA GLY I 90 52.90 16.69 59.33
C GLY I 90 52.14 15.43 58.95
N ILE I 91 52.58 14.78 57.90
CA ILE I 91 51.94 13.54 57.44
C ILE I 91 52.38 12.35 58.29
N VAL I 92 51.41 11.59 58.79
CA VAL I 92 51.70 10.44 59.63
C VAL I 92 52.54 9.39 58.89
N ALA I 93 53.26 8.59 59.65
CA ALA I 93 54.17 7.60 59.08
C ALA I 93 53.42 6.51 58.31
N ASP I 94 52.22 6.18 58.77
CA ASP I 94 51.44 5.10 58.16
C ASP I 94 50.82 5.50 56.82
N ARG I 95 51.10 6.72 56.38
CA ARG I 95 50.61 7.21 55.10
C ARG I 95 51.75 7.77 54.24
N ILE I 96 52.89 7.09 54.27
CA ILE I 96 54.06 7.50 53.50
C ILE I 96 54.69 6.34 52.75
N PHE I 97 54.67 6.41 51.42
CA PHE I 97 55.31 5.39 50.58
C PHE I 97 56.68 5.85 50.09
N VAL I 98 57.65 4.94 50.16
CA VAL I 98 58.98 5.20 49.62
C VAL I 98 59.39 4.06 48.69
N LEU I 99 59.35 4.33 47.39
CA LEU I 99 59.64 3.31 46.40
C LEU I 99 61.06 3.46 45.85
N TYR I 100 61.71 2.34 45.55
CA TYR I 100 63.08 2.35 45.05
C TYR I 100 63.19 1.71 43.67
N PHE I 101 63.84 2.42 42.74
CA PHE I 101 64.01 1.92 41.38
C PHE I 101 65.48 2.03 40.97
N SER I 102 65.84 1.32 39.91
CA SER I 102 67.19 1.36 39.38
C SER I 102 67.18 1.44 37.87
N PRO I 103 67.59 2.58 37.32
CA PRO I 103 67.59 2.80 35.86
C PRO I 103 68.67 1.99 35.14
N LEU I 104 68.38 1.61 33.91
CA LEU I 104 69.35 0.87 33.10
C LEU I 104 70.48 1.77 32.66
N HIS I 105 70.16 3.03 32.37
CA HIS I 105 71.16 4.01 31.97
C HIS I 105 70.82 5.39 32.52
N CYS I 106 71.85 6.21 32.72
CA CYS I 106 71.67 7.56 33.24
C CYS I 106 72.58 8.55 32.51
N GLY I 107 72.00 9.66 32.05
CA GLY I 107 72.75 10.64 31.28
C GLY I 107 72.89 11.98 31.99
N TRP I 108 74.05 12.59 31.83
CA TRP I 108 74.32 13.90 32.41
C TRP I 108 75.40 14.64 31.62
N ASN I 109 75.20 15.95 31.45
CA ASN I 109 76.12 16.80 30.69
C ASN I 109 76.31 16.32 29.25
N GLY I 110 75.27 15.70 28.69
CA GLY I 110 75.29 15.26 27.31
C GLY I 110 75.93 13.89 27.10
N THR I 111 76.40 13.29 28.18
CA THR I 111 77.04 11.98 28.10
C THR I 111 76.50 11.02 29.16
N ASN I 112 76.63 9.72 28.91
CA ASN I 112 76.19 8.71 29.86
C ASN I 112 77.30 8.31 30.81
N PHE I 113 76.93 7.59 31.86
CA PHE I 113 77.91 7.14 32.86
C PHE I 113 77.98 5.61 32.92
N MET J 1 70.00 84.95 47.07
CA MET J 1 68.88 84.03 46.88
C MET J 1 69.04 83.23 45.59
N PRO J 2 69.84 82.17 45.63
CA PRO J 2 70.09 81.33 44.45
C PRO J 2 68.97 80.31 44.19
N VAL J 3 68.82 79.92 42.93
CA VAL J 3 67.81 78.94 42.55
C VAL J 3 68.45 77.79 41.77
N ILE J 4 68.18 76.56 42.20
CA ILE J 4 68.78 75.39 41.56
C ILE J 4 67.72 74.44 41.03
N GLN J 5 67.60 74.37 39.70
CA GLN J 5 66.69 73.45 39.05
C GLN J 5 67.40 72.15 38.68
N THR J 6 66.77 71.02 38.96
CA THR J 6 67.35 69.73 38.66
C THR J 6 66.46 68.91 37.72
N PHE J 7 66.89 68.79 36.47
CA PHE J 7 66.18 67.99 35.48
C PHE J 7 66.85 66.63 35.32
N VAL J 8 66.10 65.56 35.53
CA VAL J 8 66.64 64.22 35.41
C VAL J 8 65.71 63.31 34.61
N SER J 9 66.31 62.34 33.91
CA SER J 9 65.53 61.39 33.13
C SER J 9 65.14 60.20 33.98
N THR J 10 65.80 60.08 35.14
CA THR J 10 65.52 58.99 36.07
C THR J 10 64.53 59.44 37.15
N PRO J 11 63.66 58.52 37.59
CA PRO J 11 62.68 58.81 38.64
C PRO J 11 63.33 59.19 39.97
N LEU J 12 62.74 60.16 40.66
CA LEU J 12 63.26 60.61 41.94
C LEU J 12 62.23 60.40 43.05
N ASP J 13 62.67 59.84 44.17
CA ASP J 13 61.79 59.62 45.31
C ASP J 13 62.08 60.60 46.43
N HIS J 14 61.62 60.29 47.63
CA HIS J 14 61.83 61.16 48.78
C HIS J 14 63.31 61.20 49.17
N HIS J 15 63.95 60.04 49.17
CA HIS J 15 65.34 59.91 49.58
C HIS J 15 66.31 60.67 48.67
N LYS J 16 66.16 60.48 47.36
CA LYS J 16 67.03 61.12 46.39
C LYS J 16 66.90 62.63 46.38
N ARG J 17 65.66 63.12 46.37
CA ARG J 17 65.39 64.56 46.34
C ARG J 17 65.85 65.25 47.62
N LEU J 18 65.69 64.57 48.76
CA LEU J 18 66.13 65.12 50.04
C LEU J 18 67.65 65.20 50.10
N LEU J 19 68.32 64.19 49.56
CA LEU J 19 69.79 64.16 49.53
C LEU J 19 70.35 65.31 48.71
N LEU J 20 69.82 65.48 47.50
CA LEU J 20 70.25 66.57 46.63
C LEU J 20 69.91 67.93 47.23
N ALA J 21 68.84 67.98 48.01
CA ALA J 21 68.43 69.21 48.68
C ALA J 21 69.48 69.66 49.69
N ILE J 22 69.92 68.74 50.53
CA ILE J 22 70.93 69.05 51.54
C ILE J 22 72.26 69.38 50.87
N ILE J 23 72.57 68.68 49.79
CA ILE J 23 73.77 68.95 49.01
C ILE J 23 73.82 70.39 48.52
N TYR J 24 72.74 70.83 47.89
CA TYR J 24 72.65 72.19 47.37
C TYR J 24 72.73 73.21 48.50
N ARG J 25 72.24 72.83 49.67
CA ARG J 25 72.32 73.68 50.85
C ARG J 25 73.77 73.87 51.28
N ILE J 26 74.53 72.78 51.33
CA ILE J 26 75.94 72.84 51.71
C ILE J 26 76.75 73.61 50.67
N VAL J 27 76.45 73.37 49.40
CA VAL J 27 77.12 74.07 48.31
C VAL J 27 76.86 75.57 48.38
N THR J 28 75.62 75.92 48.70
CA THR J 28 75.22 77.32 48.79
C THR J 28 75.95 78.03 49.93
N ARG J 29 76.05 77.36 51.07
CA ARG J 29 76.65 77.96 52.26
C ARG J 29 78.17 77.95 52.24
N VAL J 30 78.76 76.82 51.88
CA VAL J 30 80.21 76.66 51.93
C VAL J 30 80.89 77.31 50.72
N VAL J 31 80.37 77.03 49.53
CA VAL J 31 81.00 77.51 48.30
C VAL J 31 80.45 78.87 47.86
N LEU J 32 79.13 78.95 47.70
CA LEU J 32 78.51 80.17 47.21
C LEU J 32 78.49 81.27 48.27
N GLY J 33 78.66 80.88 49.52
CA GLY J 33 78.67 81.83 50.63
C GLY J 33 77.33 82.51 50.84
N LYS J 34 76.25 81.76 50.65
CA LYS J 34 74.90 82.28 50.83
C LYS J 34 74.12 81.40 51.79
N PRO J 35 73.13 81.97 52.50
CA PRO J 35 72.32 81.20 53.45
C PRO J 35 71.59 80.03 52.80
N GLU J 36 71.69 78.86 53.42
CA GLU J 36 71.11 77.63 52.88
C GLU J 36 69.59 77.62 53.00
N ASP J 37 69.05 78.54 53.79
CA ASP J 37 67.60 78.65 53.94
C ASP J 37 67.01 79.54 52.86
N LEU J 38 67.87 80.23 52.12
CA LEU J 38 67.42 81.18 51.11
C LEU J 38 67.57 80.66 49.69
N VAL J 39 68.02 79.41 49.55
CA VAL J 39 68.16 78.79 48.23
C VAL J 39 66.94 77.94 47.91
N MET J 40 66.36 78.17 46.74
CA MET J 40 65.17 77.42 46.32
C MET J 40 65.54 76.33 45.33
N MET J 41 65.02 75.13 45.56
CA MET J 41 65.37 73.97 44.74
C MET J 41 64.13 73.29 44.17
N THR J 42 64.13 73.06 42.86
CA THR J 42 63.05 72.36 42.20
C THR J 42 63.56 71.08 41.54
N PHE J 43 62.74 70.03 41.55
CA PHE J 43 63.14 68.75 40.98
C PHE J 43 62.13 68.27 39.93
N HIS J 44 62.65 67.99 38.73
CA HIS J 44 61.81 67.52 37.64
C HIS J 44 62.25 66.13 37.19
N ASP J 45 61.69 65.10 37.83
CA ASP J 45 62.07 63.72 37.54
C ASP J 45 61.26 63.15 36.39
N SER J 46 61.73 62.02 35.87
CA SER J 46 61.08 61.32 34.75
C SER J 46 60.90 62.25 33.55
N THR J 47 61.88 63.12 33.33
CA THR J 47 61.83 64.08 32.24
C THR J 47 62.35 63.48 30.94
N PRO J 48 61.52 63.49 29.88
CA PRO J 48 61.91 63.01 28.55
C PRO J 48 63.08 63.82 27.98
N MET J 49 64.27 63.25 28.00
CA MET J 49 65.46 63.96 27.53
C MET J 49 66.19 63.16 26.47
N HIS J 50 67.02 63.86 25.69
CA HIS J 50 67.81 63.23 24.64
C HIS J 50 69.18 63.89 24.54
N PHE J 51 70.24 63.10 24.67
CA PHE J 51 71.59 63.62 24.66
C PHE J 51 72.59 62.58 24.16
N PHE J 52 73.57 63.04 23.39
CA PHE J 52 74.61 62.19 22.82
C PHE J 52 74.03 61.07 21.96
N GLY J 53 72.91 61.37 21.30
CA GLY J 53 72.29 60.42 20.39
C GLY J 53 71.59 59.27 21.09
N SER J 54 71.25 59.48 22.36
CA SER J 54 70.58 58.44 23.14
C SER J 54 69.64 59.03 24.19
N THR J 55 68.67 58.24 24.62
CA THR J 55 67.74 58.65 25.66
C THR J 55 68.16 58.05 27.00
N ASP J 56 69.43 57.68 27.10
CA ASP J 56 69.99 57.15 28.33
C ASP J 56 69.88 58.16 29.47
N PRO J 57 69.90 57.68 30.73
CA PRO J 57 69.86 58.54 31.92
C PRO J 57 70.79 59.74 31.84
N VAL J 58 70.21 60.94 31.91
CA VAL J 58 70.96 62.17 31.72
C VAL J 58 70.35 63.28 32.58
N ALA J 59 71.22 64.13 33.15
CA ALA J 59 70.76 65.19 34.05
C ALA J 59 71.22 66.56 33.59
N CYS J 60 70.38 67.57 33.88
CA CYS J 60 70.71 68.96 33.58
C CYS J 60 70.37 69.85 34.77
N VAL J 61 71.39 70.50 35.33
CA VAL J 61 71.20 71.35 36.50
C VAL J 61 71.35 72.82 36.17
N ARG J 62 70.40 73.63 36.61
CA ARG J 62 70.42 75.07 36.36
C ARG J 62 70.67 75.85 37.66
N VAL J 63 71.74 76.65 37.66
CA VAL J 63 72.06 77.45 38.83
C VAL J 63 71.92 78.93 38.52
N GLU J 64 71.08 79.62 39.27
CA GLU J 64 70.81 81.03 39.02
C GLU J 64 70.95 81.87 40.29
N ALA J 65 71.93 82.75 40.31
CA ALA J 65 72.18 83.61 41.46
C ALA J 65 72.40 85.06 41.03
N LEU J 66 71.70 85.99 41.68
CA LEU J 66 71.83 87.40 41.38
C LEU J 66 73.19 87.93 41.81
N GLY J 67 73.76 88.81 41.01
CA GLY J 67 75.06 89.40 41.32
C GLY J 67 76.21 88.63 40.73
N GLY J 68 75.90 87.54 40.04
CA GLY J 68 76.92 86.72 39.41
C GLY J 68 77.53 85.70 40.34
N TYR J 69 78.71 85.21 39.98
CA TYR J 69 79.42 84.21 40.78
C TYR J 69 80.87 84.62 41.01
N GLY J 70 81.51 83.97 41.97
CA GLY J 70 82.92 84.22 42.26
C GLY J 70 83.82 83.69 41.16
N PRO J 71 85.13 83.96 41.26
CA PRO J 71 86.11 83.54 40.28
C PRO J 71 86.22 82.01 40.15
N SER J 72 86.48 81.33 41.25
CA SER J 72 86.70 79.89 41.22
C SER J 72 85.49 79.10 41.71
N GLU J 73 84.39 79.80 41.98
CA GLU J 73 83.18 79.16 42.48
C GLU J 73 82.46 78.25 41.48
N PRO J 74 82.26 78.68 40.22
CA PRO J 74 81.54 77.80 39.29
C PRO J 74 82.23 76.46 39.06
N GLU J 75 83.56 76.46 39.03
CA GLU J 75 84.33 75.24 38.86
C GLU J 75 84.12 74.29 40.04
N LYS J 76 84.04 74.85 41.23
CA LYS J 76 83.82 74.06 42.44
C LYS J 76 82.41 73.48 42.48
N VAL J 77 81.43 74.33 42.20
CA VAL J 77 80.02 73.92 42.21
C VAL J 77 79.77 72.79 41.21
N THR J 78 80.31 72.94 40.01
CA THR J 78 80.13 71.96 38.94
C THR J 78 80.68 70.60 39.37
N SER J 79 81.86 70.60 39.99
CA SER J 79 82.49 69.38 40.44
C SER J 79 81.66 68.66 41.50
N ILE J 80 81.15 69.41 42.46
CA ILE J 80 80.35 68.84 43.55
C ILE J 80 78.99 68.34 43.06
N VAL J 81 78.30 69.17 42.26
CA VAL J 81 76.98 68.81 41.74
C VAL J 81 77.04 67.57 40.88
N THR J 82 78.03 67.51 39.98
CA THR J 82 78.21 66.35 39.11
C THR J 82 78.42 65.08 39.94
N ALA J 83 79.29 65.18 40.95
CA ALA J 83 79.55 64.06 41.85
C ALA J 83 78.30 63.71 42.66
N ALA J 84 77.50 64.72 42.96
CA ALA J 84 76.27 64.53 43.73
C ALA J 84 75.24 63.73 42.93
N ILE J 85 75.00 64.16 41.70
CA ILE J 85 74.05 63.50 40.82
C ILE J 85 74.52 62.09 40.49
N THR J 86 75.83 61.93 40.33
CA THR J 86 76.43 60.65 39.97
C THR J 86 76.17 59.58 41.03
N ALA J 87 76.38 59.93 42.29
CA ALA J 87 76.22 58.98 43.40
C ALA J 87 74.75 58.72 43.70
N VAL J 88 73.93 59.77 43.69
CA VAL J 88 72.53 59.66 44.07
C VAL J 88 71.67 59.05 42.96
N CYS J 89 71.78 59.59 41.75
CA CYS J 89 70.93 59.15 40.65
C CYS J 89 71.55 58.03 39.82
N GLY J 90 72.87 57.87 39.93
CA GLY J 90 73.56 56.84 39.19
C GLY J 90 73.91 57.27 37.78
N ILE J 91 73.68 58.54 37.47
CA ILE J 91 73.98 59.08 36.15
C ILE J 91 75.46 59.39 35.99
N VAL J 92 76.06 58.89 34.92
CA VAL J 92 77.48 59.10 34.65
C VAL J 92 77.82 60.58 34.50
N ALA J 93 79.08 60.92 34.77
CA ALA J 93 79.53 62.31 34.74
C ALA J 93 79.43 62.93 33.34
N ASP J 94 79.65 62.12 32.32
CA ASP J 94 79.67 62.62 30.94
C ASP J 94 78.27 62.92 30.41
N ARG J 95 77.26 62.73 31.26
CA ARG J 95 75.88 63.04 30.89
C ARG J 95 75.23 63.95 31.93
N ILE J 96 75.99 64.92 32.42
CA ILE J 96 75.47 65.88 33.40
C ILE J 96 75.82 67.31 33.02
N PHE J 97 74.80 68.12 32.76
CA PHE J 97 75.00 69.53 32.46
C PHE J 97 74.72 70.41 33.67
N VAL J 98 75.60 71.38 33.89
CA VAL J 98 75.42 72.36 34.95
C VAL J 98 75.54 73.77 34.37
N LEU J 99 74.41 74.45 34.22
CA LEU J 99 74.39 75.78 33.60
C LEU J 99 74.29 76.87 34.67
N TYR J 100 74.94 77.99 34.40
CA TYR J 100 74.94 79.10 35.35
C TYR J 100 74.36 80.37 34.72
N PHE J 101 73.42 80.98 35.42
CA PHE J 101 72.77 82.20 34.93
C PHE J 101 72.79 83.28 36.02
N SER J 102 72.54 84.51 35.61
CA SER J 102 72.47 85.63 36.55
C SER J 102 71.30 86.54 36.22
N PRO J 103 70.27 86.55 37.07
CA PRO J 103 69.07 87.36 36.85
C PRO J 103 69.33 88.85 37.09
N LEU J 104 68.61 89.70 36.35
CA LEU J 104 68.75 91.14 36.53
C LEU J 104 68.13 91.59 37.84
N HIS J 105 67.03 90.93 38.22
CA HIS J 105 66.35 91.22 39.47
C HIS J 105 65.79 89.95 40.09
N CYS J 106 65.66 89.94 41.41
CA CYS J 106 65.13 88.79 42.12
C CYS J 106 64.19 89.24 43.24
N GLY J 107 63.01 88.63 43.30
CA GLY J 107 62.01 89.03 44.29
C GLY J 107 61.70 87.98 45.32
N TRP J 108 61.49 88.43 46.56
CA TRP J 108 61.12 87.56 47.66
C TRP J 108 60.37 88.34 48.74
N ASN J 109 59.35 87.71 49.32
CA ASN J 109 58.51 88.34 50.33
C ASN J 109 57.87 89.63 49.83
N GLY J 110 57.60 89.71 48.54
CA GLY J 110 56.93 90.85 47.95
C GLY J 110 57.84 92.00 47.58
N THR J 111 59.14 91.85 47.85
CA THR J 111 60.10 92.90 47.55
C THR J 111 61.32 92.36 46.81
N ASN J 112 62.01 93.23 46.08
CA ASN J 112 63.21 92.84 45.36
C ASN J 112 64.48 93.03 46.20
N PHE J 113 65.58 92.48 45.72
CA PHE J 113 66.86 92.61 46.42
C PHE J 113 67.89 93.35 45.57
N MET K 1 19.05 65.52 85.41
CA MET K 1 19.80 64.96 84.28
C MET K 1 19.08 63.75 83.69
N PRO K 2 18.07 63.99 82.84
CA PRO K 2 17.28 62.92 82.23
C PRO K 2 17.96 62.29 81.01
N VAL K 3 17.64 61.02 80.75
CA VAL K 3 18.18 60.32 79.60
C VAL K 3 17.05 59.70 78.76
N ILE K 4 17.07 59.97 77.46
CA ILE K 4 16.02 59.49 76.58
C ILE K 4 16.57 58.62 75.45
N GLN K 5 16.30 57.32 75.53
CA GLN K 5 16.70 56.39 74.48
C GLN K 5 15.58 56.18 73.47
N THR K 6 15.91 56.20 72.19
CA THR K 6 14.92 56.04 71.14
C THR K 6 15.23 54.83 70.25
N PHE K 7 14.44 53.78 70.40
CA PHE K 7 14.58 52.58 69.56
C PHE K 7 13.54 52.59 68.46
N VAL K 8 14.00 52.52 67.21
CA VAL K 8 13.09 52.52 66.07
C VAL K 8 13.44 51.43 65.07
N SER K 9 12.42 50.91 64.39
CA SER K 9 12.62 49.87 63.37
C SER K 9 12.88 50.50 62.00
N THR K 10 12.57 51.79 61.89
CA THR K 10 12.76 52.52 60.64
C THR K 10 14.11 53.25 60.64
N PRO K 11 14.74 53.37 59.46
CA PRO K 11 16.01 54.08 59.34
C PRO K 11 15.88 55.56 59.71
N LEU K 12 16.90 56.10 60.38
CA LEU K 12 16.89 57.50 60.79
C LEU K 12 18.07 58.25 60.17
N ASP K 13 17.79 59.42 59.62
CA ASP K 13 18.83 60.25 59.03
C ASP K 13 19.14 61.45 59.92
N HIS K 14 19.79 62.45 59.35
CA HIS K 14 20.14 63.67 60.07
C HIS K 14 18.90 64.46 60.45
N HIS K 15 17.97 64.57 59.49
CA HIS K 15 16.75 65.36 59.67
C HIS K 15 15.86 64.82 60.79
N LYS K 16 15.60 63.51 60.77
CA LYS K 16 14.74 62.88 61.75
C LYS K 16 15.30 62.96 63.17
N ARG K 17 16.58 62.63 63.32
CA ARG K 17 17.21 62.64 64.64
C ARG K 17 17.28 64.05 65.22
N LEU K 18 17.52 65.03 64.36
CA LEU K 18 17.57 66.42 64.78
C LEU K 18 16.19 66.89 65.24
N LEU K 19 15.16 66.47 64.52
CA LEU K 19 13.79 66.81 64.89
C LEU K 19 13.42 66.25 66.25
N LEU K 20 13.68 64.97 66.45
CA LEU K 20 13.40 64.31 67.71
C LEU K 20 14.26 64.88 68.84
N ALA K 21 15.45 65.35 68.49
CA ALA K 21 16.35 65.94 69.47
C ALA K 21 15.75 67.23 70.05
N ILE K 22 15.28 68.10 69.16
CA ILE K 22 14.65 69.35 69.57
C ILE K 22 13.35 69.08 70.34
N ILE K 23 12.61 68.07 69.89
CA ILE K 23 11.38 67.67 70.56
C ILE K 23 11.63 67.32 72.02
N TYR K 24 12.60 66.44 72.26
CA TYR K 24 12.94 66.01 73.62
C TYR K 24 13.41 67.19 74.46
N ARG K 25 14.05 68.17 73.81
CA ARG K 25 14.49 69.37 74.50
C ARG K 25 13.30 70.18 75.01
N ILE K 26 12.31 70.36 74.15
CA ILE K 26 11.10 71.10 74.52
C ILE K 26 10.31 70.36 75.60
N VAL K 27 10.23 69.04 75.47
CA VAL K 27 9.54 68.21 76.45
C VAL K 27 10.22 68.29 77.81
N THR K 28 11.55 68.30 77.78
CA THR K 28 12.35 68.36 79.00
C THR K 28 12.16 69.68 79.75
N ARG K 29 12.12 70.77 79.00
CA ARG K 29 12.05 72.11 79.59
C ARG K 29 10.62 72.48 80.01
N VAL K 30 9.66 72.23 79.13
CA VAL K 30 8.28 72.65 79.38
C VAL K 30 7.54 71.71 80.33
N VAL K 31 7.65 70.41 80.09
CA VAL K 31 6.91 69.43 80.88
C VAL K 31 7.69 68.92 82.09
N LEU K 32 8.90 68.43 81.85
CA LEU K 32 9.71 67.83 82.91
C LEU K 32 10.30 68.90 83.83
N GLY K 33 10.35 70.14 83.34
CA GLY K 33 10.87 71.24 84.11
C GLY K 33 12.37 71.11 84.38
N LYS K 34 13.09 70.60 83.40
CA LYS K 34 14.53 70.41 83.52
C LYS K 34 15.24 71.08 82.34
N PRO K 35 16.50 71.50 82.53
CA PRO K 35 17.26 72.15 81.46
C PRO K 35 17.44 71.25 80.23
N GLU K 36 17.16 71.82 79.06
CA GLU K 36 17.21 71.07 77.81
C GLU K 36 18.64 70.75 77.39
N ASP K 37 19.61 71.40 78.02
CA ASP K 37 21.01 71.17 77.72
C ASP K 37 21.56 70.01 78.55
N LEU K 38 20.78 69.56 79.53
CA LEU K 38 21.24 68.51 80.44
C LEU K 38 20.61 67.16 80.14
N VAL K 39 19.80 67.09 79.09
CA VAL K 39 19.18 65.83 78.69
C VAL K 39 20.01 65.15 77.59
N MET K 40 20.33 63.88 77.80
CA MET K 40 21.11 63.12 76.83
C MET K 40 20.20 62.24 76.00
N MET K 41 20.39 62.25 74.68
CA MET K 41 19.52 61.53 73.76
C MET K 41 20.29 60.58 72.86
N THR K 42 19.84 59.33 72.82
CA THR K 42 20.43 58.33 71.94
C THR K 42 19.42 57.80 70.94
N PHE K 43 19.87 57.52 69.72
CA PHE K 43 18.99 57.04 68.65
C PHE K 43 19.48 55.72 68.08
N HIS K 44 18.60 54.73 68.08
CA HIS K 44 18.93 53.40 67.57
C HIS K 44 18.05 53.02 66.40
N ASP K 45 18.47 53.37 65.19
CA ASP K 45 17.69 53.11 63.99
C ASP K 45 17.99 51.72 63.44
N SER K 46 17.12 51.26 62.54
CA SER K 46 17.26 49.94 61.91
C SER K 46 17.37 48.82 62.94
N THR K 47 16.63 48.96 64.05
CA THR K 47 16.68 47.99 65.13
C THR K 47 15.71 46.84 64.89
N PRO K 48 16.22 45.60 64.89
CA PRO K 48 15.40 44.40 64.74
C PRO K 48 14.39 44.25 65.88
N MET K 49 13.13 44.56 65.60
CA MET K 49 12.10 44.52 66.63
C MET K 49 10.91 43.64 66.21
N HIS K 50 10.13 43.20 67.19
CA HIS K 50 8.96 42.38 66.94
C HIS K 50 7.85 42.76 67.90
N PHE K 51 6.68 43.10 67.36
CA PHE K 51 5.57 43.56 68.18
C PHE K 51 4.23 43.28 67.52
N PHE K 52 3.26 42.87 68.34
CA PHE K 52 1.90 42.55 67.88
C PHE K 52 1.90 41.48 66.81
N GLY K 53 2.85 40.55 66.91
CA GLY K 53 2.92 39.43 65.98
C GLY K 53 3.41 39.82 64.60
N SER K 54 4.10 40.95 64.51
CA SER K 54 4.62 41.43 63.23
C SER K 54 5.92 42.19 63.40
N THR K 55 6.69 42.27 62.32
CA THR K 55 7.95 43.03 62.32
C THR K 55 7.76 44.39 61.66
N ASP K 56 6.51 44.84 61.61
CA ASP K 56 6.17 46.14 61.05
C ASP K 56 6.85 47.26 61.84
N PRO K 57 7.02 48.45 61.21
CA PRO K 57 7.61 49.62 61.86
C PRO K 57 7.07 49.87 63.27
N VAL K 58 7.96 49.83 64.26
CA VAL K 58 7.58 49.91 65.65
C VAL K 58 8.65 50.65 66.46
N ALA K 59 8.24 51.46 67.43
CA ALA K 59 9.17 52.26 68.21
C ALA K 59 9.06 52.00 69.71
N CYS K 60 10.18 52.11 70.40
CA CYS K 60 10.23 51.97 71.85
C CYS K 60 11.08 53.08 72.47
N VAL K 61 10.46 53.92 73.29
CA VAL K 61 11.16 55.05 73.89
C VAL K 61 11.38 54.85 75.39
N ARG K 62 12.61 55.08 75.84
CA ARG K 62 12.95 54.95 77.26
C ARG K 62 13.27 56.30 77.89
N VAL K 63 12.52 56.65 78.94
CA VAL K 63 12.73 57.90 79.64
C VAL K 63 13.19 57.65 81.08
N GLU K 64 14.35 58.20 81.43
CA GLU K 64 14.92 57.98 82.76
C GLU K 64 15.31 59.29 83.43
N ALA K 65 14.65 59.61 84.53
CA ALA K 65 14.92 60.84 85.27
C ALA K 65 15.04 60.58 86.76
N LEU K 66 16.10 61.08 87.37
CA LEU K 66 16.32 60.92 88.80
C LEU K 66 15.33 61.75 89.62
N GLY K 67 14.88 61.19 90.73
CA GLY K 67 13.94 61.87 91.60
C GLY K 67 12.50 61.57 91.27
N GLY K 68 12.28 60.75 90.25
CA GLY K 68 10.94 60.39 89.85
C GLY K 68 10.33 61.40 88.90
N TYR K 69 9.00 61.38 88.79
CA TYR K 69 8.30 62.30 87.91
C TYR K 69 7.15 63.00 88.63
N GLY K 70 6.65 64.07 88.03
CA GLY K 70 5.52 64.81 88.57
C GLY K 70 4.23 64.02 88.45
N PRO K 71 3.14 64.57 89.02
CA PRO K 71 1.83 63.91 88.99
C PRO K 71 1.29 63.72 87.58
N SER K 72 1.17 64.80 86.82
CA SER K 72 0.59 64.75 85.48
C SER K 72 1.63 64.77 84.37
N GLU K 73 2.90 64.74 84.76
CA GLU K 73 3.99 64.79 83.78
C GLU K 73 4.14 63.55 82.88
N PRO K 74 4.09 62.33 83.45
CA PRO K 74 4.27 61.16 82.58
C PRO K 74 3.21 61.03 81.48
N GLU K 75 1.97 61.39 81.80
CA GLU K 75 0.88 61.34 80.83
C GLU K 75 1.11 62.32 79.68
N LYS K 76 1.65 63.49 80.01
CA LYS K 76 1.91 64.52 79.00
C LYS K 76 3.04 64.11 78.07
N VAL K 77 4.13 63.60 78.64
CA VAL K 77 5.30 63.19 77.86
C VAL K 77 4.95 62.08 76.86
N THR K 78 4.18 61.10 77.33
CA THR K 78 3.78 59.97 76.49
C THR K 78 2.98 60.42 75.27
N SER K 79 2.06 61.36 75.48
CA SER K 79 1.23 61.88 74.39
C SER K 79 2.08 62.60 73.34
N ILE K 80 3.01 63.43 73.81
CA ILE K 80 3.87 64.20 72.91
C ILE K 80 4.85 63.31 72.15
N VAL K 81 5.51 62.41 72.87
CA VAL K 81 6.51 61.53 72.28
C VAL K 81 5.89 60.62 71.21
N THR K 82 4.75 60.02 71.53
CA THR K 82 4.04 59.15 70.59
C THR K 82 3.67 59.91 69.32
N ALA K 83 3.13 61.11 69.49
CA ALA K 83 2.78 61.96 68.36
C ALA K 83 4.02 62.39 67.58
N ALA K 84 5.14 62.52 68.29
CA ALA K 84 6.40 62.92 67.67
C ALA K 84 6.92 61.83 66.73
N ILE K 85 6.95 60.61 67.24
CA ILE K 85 7.42 59.46 66.45
C ILE K 85 6.49 59.21 65.28
N THR K 86 5.19 59.42 65.51
CA THR K 86 4.17 59.18 64.49
C THR K 86 4.36 60.08 63.26
N ALA K 87 4.59 61.37 63.50
CA ALA K 87 4.75 62.32 62.40
C ALA K 87 6.12 62.20 61.74
N VAL K 88 7.16 62.05 62.55
CA VAL K 88 8.53 62.02 62.04
C VAL K 88 8.89 60.69 61.38
N CYS K 89 8.65 59.59 62.09
CA CYS K 89 9.05 58.27 61.61
C CYS K 89 7.95 57.57 60.81
N GLY K 90 6.72 58.02 60.99
CA GLY K 90 5.60 57.43 60.28
C GLY K 90 5.05 56.19 60.97
N ILE K 91 5.56 55.91 62.16
CA ILE K 91 5.14 54.76 62.94
C ILE K 91 3.82 55.02 63.65
N VAL K 92 2.86 54.11 63.48
CA VAL K 92 1.54 54.26 64.08
C VAL K 92 1.60 54.28 65.61
N ALA K 93 0.60 54.90 66.21
CA ALA K 93 0.55 55.08 67.67
C ALA K 93 0.43 53.75 68.41
N ASP K 94 -0.28 52.79 67.82
CA ASP K 94 -0.53 51.52 68.47
C ASP K 94 0.71 50.61 68.48
N ARG K 95 1.81 51.13 67.95
CA ARG K 95 3.08 50.41 67.95
C ARG K 95 4.20 51.29 68.52
N ILE K 96 3.87 52.03 69.57
CA ILE K 96 4.86 52.89 70.21
C ILE K 96 4.83 52.72 71.74
N PHE K 97 5.94 52.23 72.29
CA PHE K 97 6.08 52.09 73.73
C PHE K 97 6.88 53.22 74.33
N VAL K 98 6.41 53.75 75.45
CA VAL K 98 7.14 54.78 76.19
C VAL K 98 7.28 54.36 77.65
N LEU K 99 8.47 53.94 78.04
CA LEU K 99 8.71 53.46 79.39
C LEU K 99 9.41 54.52 80.24
N TYR K 100 9.08 54.55 81.52
CA TYR K 100 9.65 55.53 82.44
C TYR K 100 10.39 54.87 83.59
N PHE K 101 11.62 55.29 83.83
CA PHE K 101 12.45 54.73 84.88
C PHE K 101 13.04 55.83 85.78
N SER K 102 13.52 55.43 86.96
CA SER K 102 14.15 56.36 87.88
C SER K 102 15.40 55.75 88.51
N PRO K 103 16.58 56.27 88.15
CA PRO K 103 17.87 55.77 88.65
C PRO K 103 18.12 56.12 90.11
N LEU K 104 18.85 55.26 90.81
CA LEU K 104 19.18 55.51 92.21
C LEU K 104 20.22 56.63 92.34
N HIS K 105 21.15 56.68 91.41
CA HIS K 105 22.18 57.72 91.40
C HIS K 105 22.53 58.12 89.96
N CYS K 106 22.97 59.36 89.79
CA CYS K 106 23.34 59.87 88.47
C CYS K 106 24.59 60.72 88.54
N GLY K 107 25.54 60.44 87.64
CA GLY K 107 26.82 61.15 87.64
C GLY K 107 27.05 62.00 86.40
N TRP K 108 27.68 63.15 86.61
CA TRP K 108 28.03 64.05 85.50
C TRP K 108 29.23 64.91 85.88
N ASN K 109 30.12 65.13 84.92
CA ASN K 109 31.35 65.89 85.12
C ASN K 109 32.21 65.31 86.25
N GLY K 110 32.13 64.00 86.43
CA GLY K 110 32.95 63.32 87.42
C GLY K 110 32.38 63.32 88.82
N THR K 111 31.22 63.96 88.99
CA THR K 111 30.59 64.04 90.30
C THR K 111 29.10 63.68 90.24
N ASN K 112 28.54 63.27 91.38
CA ASN K 112 27.13 62.92 91.44
C ASN K 112 26.27 64.12 91.83
N PHE K 113 24.96 63.96 91.68
CA PHE K 113 24.02 65.01 92.00
C PHE K 113 23.08 64.61 93.14
N MET L 1 -9.56 53.95 15.27
CA MET L 1 -8.46 53.43 16.07
C MET L 1 -7.18 53.33 15.25
N PRO L 2 -6.47 54.46 15.11
CA PRO L 2 -5.23 54.51 14.32
C PRO L 2 -4.01 54.01 15.08
N VAL L 3 -3.02 53.50 14.34
CA VAL L 3 -1.78 53.02 14.93
C VAL L 3 -0.58 53.69 14.25
N ILE L 4 0.31 54.25 15.05
CA ILE L 4 1.47 54.96 14.51
C ILE L 4 2.78 54.35 14.99
N GLN L 5 3.50 53.70 14.09
CA GLN L 5 4.81 53.15 14.41
C GLN L 5 5.90 54.14 14.04
N THR L 6 6.87 54.33 14.93
CA THR L 6 7.95 55.26 14.69
C THR L 6 9.30 54.56 14.75
N PHE L 7 9.91 54.38 13.58
CA PHE L 7 11.24 53.79 13.48
C PHE L 7 12.28 54.88 13.25
N VAL L 8 13.27 54.94 14.15
CA VAL L 8 14.32 55.95 14.05
C VAL L 8 15.68 55.30 14.25
N SER L 9 16.70 55.88 13.62
CA SER L 9 18.06 55.38 13.75
C SER L 9 18.75 56.02 14.95
N THR L 10 18.15 57.10 15.46
CA THR L 10 18.69 57.80 16.61
C THR L 10 18.01 57.33 17.90
N PRO L 11 18.77 57.29 19.00
CA PRO L 11 18.23 56.91 20.31
C PRO L 11 17.14 57.86 20.79
N LEU L 12 16.10 57.32 21.42
CA LEU L 12 15.01 58.13 21.93
C LEU L 12 14.88 57.98 23.44
N ASP L 13 14.73 59.11 24.13
CA ASP L 13 14.56 59.10 25.58
C ASP L 13 13.12 59.41 25.97
N HIS L 14 12.92 59.76 27.23
CA HIS L 14 11.58 60.09 27.73
C HIS L 14 11.03 61.37 27.10
N HIS L 15 11.89 62.38 26.99
CA HIS L 15 11.47 63.68 26.46
C HIS L 15 11.05 63.62 25.00
N LYS L 16 11.89 62.99 24.17
CA LYS L 16 11.62 62.89 22.74
C LYS L 16 10.37 62.06 22.43
N ARG L 17 10.27 60.91 23.08
CA ARG L 17 9.13 60.01 22.86
C ARG L 17 7.82 60.62 23.34
N LEU L 18 7.87 61.36 24.44
CA LEU L 18 6.68 62.04 24.95
C LEU L 18 6.23 63.14 24.01
N LEU L 19 7.19 63.87 23.45
CA LEU L 19 6.91 64.94 22.49
C LEU L 19 6.22 64.40 21.25
N LEU L 20 6.79 63.35 20.67
CA LEU L 20 6.23 62.72 19.49
C LEU L 20 4.86 62.12 19.78
N ALA L 21 4.66 61.70 21.02
CA ALA L 21 3.38 61.14 21.44
C ALA L 21 2.27 62.18 21.37
N ILE L 22 2.54 63.36 21.93
CA ILE L 22 1.58 64.45 21.93
C ILE L 22 1.31 64.93 20.50
N ILE L 23 2.35 64.94 19.68
CA ILE L 23 2.23 65.32 18.28
C ILE L 23 1.21 64.45 17.55
N TYR L 24 1.36 63.14 17.66
CA TYR L 24 0.44 62.21 17.02
C TYR L 24 -0.97 62.35 17.55
N ARG L 25 -1.09 62.73 18.82
CA ARG L 25 -2.40 62.96 19.43
C ARG L 25 -3.12 64.13 18.78
N ILE L 26 -2.41 65.24 18.59
CA ILE L 26 -2.98 66.43 17.97
C ILE L 26 -3.33 66.14 16.51
N VAL L 27 -2.47 65.41 15.82
CA VAL L 27 -2.70 65.02 14.44
C VAL L 27 -3.96 64.16 14.32
N THR L 28 -4.15 63.26 15.27
CA THR L 28 -5.29 62.36 15.28
C THR L 28 -6.62 63.11 15.43
N ARG L 29 -6.63 64.09 16.31
CA ARG L 29 -7.86 64.84 16.61
C ARG L 29 -8.17 65.91 15.57
N VAL L 30 -7.16 66.69 15.21
CA VAL L 30 -7.36 67.83 14.31
C VAL L 30 -7.45 67.42 12.85
N VAL L 31 -6.52 66.58 12.40
CA VAL L 31 -6.44 66.20 10.99
C VAL L 31 -7.25 64.94 10.68
N LEU L 32 -6.96 63.87 11.40
CA LEU L 32 -7.60 62.58 11.15
C LEU L 32 -9.04 62.55 11.62
N GLY L 33 -9.39 63.48 12.51
CA GLY L 33 -10.75 63.56 13.03
C GLY L 33 -11.11 62.36 13.90
N LYS L 34 -10.14 61.86 14.65
CA LYS L 34 -10.36 60.71 15.52
C LYS L 34 -9.94 61.04 16.95
N PRO L 35 -10.55 60.36 17.94
CA PRO L 35 -10.20 60.59 19.35
C PRO L 35 -8.73 60.33 19.66
N GLU L 36 -8.11 61.26 20.35
CA GLU L 36 -6.67 61.19 20.65
C GLU L 36 -6.35 60.12 21.69
N ASP L 37 -7.36 59.61 22.37
CA ASP L 37 -7.18 58.56 23.35
C ASP L 37 -7.21 57.17 22.71
N LEU L 38 -7.60 57.12 21.44
CA LEU L 38 -7.78 55.86 20.74
C LEU L 38 -6.63 55.54 19.77
N VAL L 39 -5.61 56.40 19.75
CA VAL L 39 -4.46 56.17 18.88
C VAL L 39 -3.32 55.49 19.63
N MET L 40 -2.82 54.40 19.07
CA MET L 40 -1.72 53.65 19.68
C MET L 40 -0.40 53.96 18.99
N MET L 41 0.62 54.25 19.79
CA MET L 41 1.92 54.66 19.26
C MET L 41 3.06 53.79 19.78
N THR L 42 3.89 53.29 18.86
CA THR L 42 5.06 52.50 19.23
C THR L 42 6.33 53.19 18.74
N PHE L 43 7.38 53.11 19.54
CA PHE L 43 8.65 53.75 19.21
C PHE L 43 9.81 52.77 19.20
N HIS L 44 10.52 52.71 18.07
CA HIS L 44 11.65 51.81 17.92
C HIS L 44 12.95 52.57 17.65
N ASP L 45 13.64 52.94 18.72
CA ASP L 45 14.86 53.73 18.61
C ASP L 45 16.09 52.85 18.40
N SER L 46 17.19 53.48 18.00
CA SER L 46 18.46 52.79 17.76
C SER L 46 18.31 51.64 16.77
N THR L 47 17.45 51.82 15.78
CA THR L 47 17.19 50.78 14.78
C THR L 47 18.20 50.86 13.63
N PRO L 48 18.90 49.74 13.38
CA PRO L 48 19.86 49.64 12.27
C PRO L 48 19.19 49.83 10.91
N MET L 49 19.37 51.01 10.31
CA MET L 49 18.72 51.33 9.05
C MET L 49 19.73 51.73 7.98
N HIS L 50 19.30 51.64 6.73
CA HIS L 50 20.14 52.04 5.60
C HIS L 50 19.29 52.69 4.52
N PHE L 51 19.65 53.91 4.14
CA PHE L 51 18.88 54.67 3.16
C PHE L 51 19.74 55.68 2.42
N PHE L 52 19.48 55.82 1.12
CA PHE L 52 20.20 56.75 0.26
C PHE L 52 21.70 56.48 0.25
N GLY L 53 22.06 55.21 0.39
CA GLY L 53 23.46 54.79 0.34
C GLY L 53 24.25 55.16 1.58
N SER L 54 23.56 55.39 2.68
CA SER L 54 24.22 55.76 3.93
C SER L 54 23.46 55.26 5.16
N THR L 55 24.17 55.14 6.27
CA THR L 55 23.56 54.73 7.54
C THR L 55 23.31 55.97 8.40
N ASP L 56 23.26 57.12 7.74
CA ASP L 56 23.00 58.40 8.41
C ASP L 56 21.63 58.38 9.09
N PRO L 57 21.44 59.25 10.11
CA PRO L 57 20.15 59.38 10.81
C PRO L 57 18.96 59.43 9.85
N VAL L 58 18.06 58.46 10.00
CA VAL L 58 16.94 58.31 9.08
C VAL L 58 15.72 57.76 9.83
N ALA L 59 14.54 58.24 9.46
CA ALA L 59 13.32 57.85 10.15
C ALA L 59 12.29 57.26 9.19
N CYS L 60 11.51 56.31 9.70
CA CYS L 60 10.44 55.71 8.93
C CYS L 60 9.17 55.63 9.77
N VAL L 61 8.12 56.31 9.33
CA VAL L 61 6.87 56.37 10.08
C VAL L 61 5.76 55.58 9.39
N ARG L 62 5.08 54.74 10.16
CA ARG L 62 3.99 53.93 9.64
C ARG L 62 2.66 54.38 10.23
N VAL L 63 1.73 54.76 9.36
CA VAL L 63 0.41 55.19 9.81
C VAL L 63 -0.66 54.23 9.31
N GLU L 64 -1.41 53.66 10.25
CA GLU L 64 -2.43 52.68 9.91
C GLU L 64 -3.78 53.03 10.54
N ALA L 65 -4.76 53.32 9.69
CA ALA L 65 -6.10 53.67 10.17
C ALA L 65 -7.16 52.91 9.38
N LEU L 66 -8.09 52.29 10.11
CA LEU L 66 -9.17 51.53 9.48
C LEU L 66 -10.15 52.47 8.77
N GLY L 67 -10.63 52.02 7.62
CA GLY L 67 -11.57 52.80 6.84
C GLY L 67 -10.87 53.70 5.84
N GLY L 68 -9.54 53.64 5.83
CA GLY L 68 -8.74 54.44 4.92
C GLY L 68 -8.50 55.83 5.43
N TYR L 69 -8.14 56.74 4.53
CA TYR L 69 -7.88 58.12 4.89
C TYR L 69 -8.66 59.05 3.97
N GLY L 70 -8.78 60.32 4.37
CA GLY L 70 -9.44 61.30 3.53
C GLY L 70 -8.56 61.64 2.34
N PRO L 71 -9.10 62.42 1.39
CA PRO L 71 -8.38 62.84 0.18
C PRO L 71 -7.15 63.70 0.47
N SER L 72 -7.33 64.79 1.22
CA SER L 72 -6.24 65.72 1.47
C SER L 72 -5.60 65.54 2.84
N GLU L 73 -6.03 64.51 3.57
CA GLU L 73 -5.50 64.23 4.91
C GLU L 73 -4.04 63.74 4.93
N PRO L 74 -3.67 62.77 4.06
CA PRO L 74 -2.28 62.28 4.12
C PRO L 74 -1.22 63.35 3.86
N GLU L 75 -1.52 64.30 2.98
CA GLU L 75 -0.59 65.38 2.67
C GLU L 75 -0.33 66.24 3.91
N LYS L 76 -1.38 66.47 4.69
CA LYS L 76 -1.26 67.25 5.92
C LYS L 76 -0.46 66.50 6.97
N VAL L 77 -0.79 65.22 7.16
CA VAL L 77 -0.13 64.38 8.14
C VAL L 77 1.37 64.24 7.85
N THR L 78 1.72 64.02 6.59
CA THR L 78 3.10 63.86 6.17
C THR L 78 3.93 65.10 6.50
N SER L 79 3.35 66.27 6.24
CA SER L 79 4.03 67.53 6.51
C SER L 79 4.31 67.71 8.01
N ILE L 80 3.31 67.40 8.83
CA ILE L 80 3.44 67.56 10.28
C ILE L 80 4.41 66.55 10.87
N VAL L 81 4.27 65.29 10.48
CA VAL L 81 5.12 64.21 10.99
C VAL L 81 6.59 64.44 10.64
N THR L 82 6.83 64.79 9.37
CA THR L 82 8.19 65.05 8.91
C THR L 82 8.82 66.20 9.69
N ALA L 83 8.06 67.28 9.86
CA ALA L 83 8.50 68.43 10.62
C ALA L 83 8.71 68.08 12.10
N ALA L 84 7.91 67.15 12.59
CA ALA L 84 8.00 66.72 13.98
C ALA L 84 9.30 65.98 14.25
N ILE L 85 9.62 65.01 13.40
CA ILE L 85 10.85 64.22 13.53
C ILE L 85 12.08 65.11 13.35
N THR L 86 11.97 66.09 12.45
CA THR L 86 13.07 66.99 12.13
C THR L 86 13.50 67.81 13.34
N ALA L 87 12.53 68.37 14.06
CA ALA L 87 12.82 69.21 15.21
C ALA L 87 13.22 68.38 16.44
N VAL L 88 12.51 67.27 16.66
CA VAL L 88 12.74 66.45 17.84
C VAL L 88 14.00 65.59 17.74
N CYS L 89 14.12 64.83 16.65
CA CYS L 89 15.20 63.88 16.49
C CYS L 89 16.41 64.46 15.76
N GLY L 90 16.19 65.56 15.04
CA GLY L 90 17.26 66.20 14.30
C GLY L 90 17.49 65.57 12.94
N ILE L 91 16.61 64.65 12.56
CA ILE L 91 16.72 63.97 11.27
C ILE L 91 16.18 64.84 10.14
N VAL L 92 16.98 65.01 9.10
CA VAL L 92 16.60 65.84 7.97
C VAL L 92 15.35 65.31 7.26
N ALA L 93 14.64 66.21 6.59
CA ALA L 93 13.38 65.88 5.93
C ALA L 93 13.56 64.88 4.78
N ASP L 94 14.70 64.97 4.10
CA ASP L 94 14.95 64.12 2.94
C ASP L 94 15.29 62.68 3.33
N ARG L 95 15.25 62.41 4.63
CA ARG L 95 15.50 61.06 5.14
C ARG L 95 14.37 60.64 6.08
N ILE L 96 13.14 60.98 5.70
CA ILE L 96 11.96 60.61 6.49
C ILE L 96 10.86 60.03 5.62
N PHE L 97 10.54 58.75 5.86
CA PHE L 97 9.45 58.10 5.15
C PHE L 97 8.19 58.04 6.00
N VAL L 98 7.06 58.33 5.38
CA VAL L 98 5.77 58.22 6.05
C VAL L 98 4.82 57.36 5.21
N LEU L 99 4.60 56.13 5.65
CA LEU L 99 3.78 55.18 4.89
C LEU L 99 2.38 55.09 5.48
N TYR L 100 1.39 54.92 4.59
CA TYR L 100 0.01 54.84 5.03
C TYR L 100 -0.63 53.51 4.63
N PHE L 101 -1.26 52.86 5.61
CA PHE L 101 -1.91 51.58 5.40
C PHE L 101 -3.34 51.60 5.92
N SER L 102 -4.14 50.63 5.49
CA SER L 102 -5.52 50.51 5.95
C SER L 102 -5.88 49.06 6.21
N PRO L 103 -6.07 48.70 7.49
CA PRO L 103 -6.40 47.32 7.87
C PRO L 103 -7.82 46.92 7.49
N LEU L 104 -8.01 45.65 7.20
CA LEU L 104 -9.33 45.13 6.84
C LEU L 104 -10.23 45.10 8.06
N HIS L 105 -9.65 44.79 9.22
CA HIS L 105 -10.38 44.76 10.48
C HIS L 105 -9.49 45.25 11.62
N CYS L 106 -10.13 45.81 12.65
CA CYS L 106 -9.39 46.31 13.81
C CYS L 106 -10.12 45.96 15.10
N GLY L 107 -9.38 45.42 16.06
CA GLY L 107 -9.97 44.98 17.32
C GLY L 107 -9.49 45.77 18.52
N TRP L 108 -10.41 46.01 19.45
CA TRP L 108 -10.09 46.71 20.69
C TRP L 108 -11.08 46.32 21.78
N ASN L 109 -10.58 46.17 23.01
CA ASN L 109 -11.38 45.75 24.15
C ASN L 109 -12.06 44.40 23.92
N GLY L 110 -11.43 43.55 23.12
CA GLY L 110 -11.95 42.21 22.86
C GLY L 110 -12.96 42.14 21.74
N THR L 111 -13.26 43.28 21.13
CA THR L 111 -14.25 43.33 20.04
C THR L 111 -13.73 44.12 18.84
N ASN L 112 -14.31 43.84 17.68
CA ASN L 112 -13.92 44.54 16.45
C ASN L 112 -14.77 45.78 16.21
N PHE L 113 -14.33 46.61 15.26
CA PHE L 113 -15.05 47.83 14.93
C PHE L 113 -15.56 47.82 13.49
N MET M 1 57.40 90.91 23.81
CA MET M 1 56.92 89.54 23.94
C MET M 1 57.47 88.87 25.20
N PRO M 2 56.83 89.15 26.36
CA PRO M 2 57.27 88.58 27.63
C PRO M 2 56.79 87.15 27.87
N VAL M 3 57.56 86.40 28.65
CA VAL M 3 57.19 85.02 28.99
C VAL M 3 57.20 84.82 30.49
N ILE M 4 56.12 84.28 31.04
CA ILE M 4 56.00 84.08 32.48
C ILE M 4 55.78 82.62 32.84
N GLN M 5 56.80 82.01 33.45
CA GLN M 5 56.68 80.64 33.94
C GLN M 5 56.28 80.61 35.40
N THR M 6 55.33 79.75 35.75
CA THR M 6 54.85 79.66 37.12
C THR M 6 55.05 78.28 37.71
N PHE M 7 56.02 78.18 38.63
CA PHE M 7 56.27 76.93 39.35
C PHE M 7 55.66 76.98 40.74
N VAL M 8 54.80 76.03 41.04
CA VAL M 8 54.14 75.98 42.35
C VAL M 8 54.19 74.58 42.95
N SER M 9 54.21 74.52 44.28
CA SER M 9 54.22 73.24 44.98
C SER M 9 52.80 72.74 45.22
N THR M 10 51.83 73.64 45.07
CA THR M 10 50.42 73.28 45.25
C THR M 10 49.77 72.96 43.91
N PRO M 11 48.82 72.01 43.92
CA PRO M 11 48.08 71.65 42.70
C PRO M 11 47.28 72.82 42.15
N LEU M 12 47.25 72.96 40.82
CA LEU M 12 46.50 74.04 40.18
C LEU M 12 45.43 73.48 39.24
N ASP M 13 44.23 74.02 39.33
CA ASP M 13 43.14 73.60 38.46
C ASP M 13 42.85 74.66 37.41
N HIS M 14 41.69 74.57 36.77
CA HIS M 14 41.31 75.54 35.74
C HIS M 14 41.08 76.92 36.33
N HIS M 15 40.40 76.98 37.47
CA HIS M 15 40.04 78.25 38.10
C HIS M 15 41.27 79.05 38.52
N LYS M 16 42.19 78.39 39.22
CA LYS M 16 43.40 79.04 39.71
C LYS M 16 44.28 79.51 38.57
N ARG M 17 44.50 78.65 37.59
CA ARG M 17 45.36 78.96 36.45
C ARG M 17 44.78 80.08 35.59
N LEU M 18 43.45 80.09 35.46
CA LEU M 18 42.77 81.14 34.70
C LEU M 18 42.91 82.48 35.41
N LEU M 19 42.81 82.46 36.74
CA LEU M 19 42.95 83.67 37.54
C LEU M 19 44.33 84.28 37.38
N LEU M 20 45.37 83.44 37.53
CA LEU M 20 46.74 83.89 37.37
C LEU M 20 47.03 84.35 35.95
N ALA M 21 46.33 83.74 34.99
CA ALA M 21 46.48 84.10 33.59
C ALA M 21 46.01 85.54 33.35
N ILE M 22 44.83 85.86 33.85
CA ILE M 22 44.28 87.21 33.72
C ILE M 22 45.14 88.21 34.48
N ILE M 23 45.65 87.79 35.64
CA ILE M 23 46.55 88.63 36.43
C ILE M 23 47.77 89.04 35.63
N TYR M 24 48.45 88.05 35.06
CA TYR M 24 49.66 88.29 34.29
C TYR M 24 49.38 89.16 33.06
N ARG M 25 48.17 89.04 32.52
CA ARG M 25 47.75 89.86 31.38
C ARG M 25 47.67 91.33 31.78
N ILE M 26 47.04 91.59 32.93
CA ILE M 26 46.92 92.95 33.44
C ILE M 26 48.28 93.53 33.83
N VAL M 27 49.12 92.71 34.43
CA VAL M 27 50.47 93.13 34.81
C VAL M 27 51.28 93.51 33.58
N THR M 28 51.13 92.73 32.51
CA THR M 28 51.85 92.98 31.28
C THR M 28 51.43 94.30 30.64
N ARG M 29 50.13 94.57 30.66
CA ARG M 29 49.58 95.76 30.00
C ARG M 29 49.77 97.02 30.84
N VAL M 30 49.47 96.93 32.13
CA VAL M 30 49.51 98.10 33.00
C VAL M 30 50.93 98.47 33.44
N VAL M 31 51.69 97.47 33.87
CA VAL M 31 53.03 97.74 34.41
C VAL M 31 54.13 97.65 33.36
N LEU M 32 54.19 96.52 32.66
CA LEU M 32 55.24 96.27 31.68
C LEU M 32 55.05 97.10 30.41
N GLY M 33 53.83 97.58 30.19
CA GLY M 33 53.52 98.37 29.02
C GLY M 33 53.61 97.58 27.73
N LYS M 34 53.22 96.32 27.78
CA LYS M 34 53.25 95.43 26.63
C LYS M 34 51.87 94.80 26.42
N PRO M 35 51.54 94.45 25.17
CA PRO M 35 50.23 93.83 24.88
C PRO M 35 50.02 92.52 25.64
N GLU M 36 48.85 92.40 26.28
CA GLU M 36 48.53 91.24 27.10
C GLU M 36 48.27 90.00 26.26
N ASP M 37 48.13 90.19 24.95
CA ASP M 37 47.92 89.07 24.04
C ASP M 37 49.25 88.49 23.56
N LEU M 38 50.34 89.20 23.86
CA LEU M 38 51.66 88.79 23.39
C LEU M 38 52.50 88.14 24.49
N VAL M 39 51.91 87.98 25.67
CA VAL M 39 52.63 87.33 26.77
C VAL M 39 52.26 85.85 26.85
N MET M 40 53.27 84.99 26.90
CA MET M 40 53.05 83.56 26.99
C MET M 40 53.25 83.08 28.43
N MET M 41 52.30 82.28 28.91
CA MET M 41 52.30 81.85 30.30
C MET M 41 52.25 80.33 30.43
N THR M 42 53.17 79.77 31.21
CA THR M 42 53.18 78.35 31.48
C THR M 42 53.00 78.10 32.98
N PHE M 43 52.29 77.03 33.33
CA PHE M 43 52.03 76.71 34.72
C PHE M 43 52.54 75.31 35.07
N HIS M 44 53.38 75.23 36.09
CA HIS M 44 53.94 73.95 36.51
C HIS M 44 53.53 73.63 37.94
N ASP M 45 52.38 72.99 38.09
CA ASP M 45 51.84 72.67 39.41
C ASP M 45 52.36 71.34 39.93
N SER M 46 52.16 71.10 41.22
CA SER M 46 52.58 69.87 41.88
C SER M 46 54.07 69.59 41.67
N THR M 47 54.86 70.66 41.68
CA THR M 47 56.29 70.54 41.47
C THR M 47 57.03 70.22 42.77
N PRO M 48 57.79 69.13 42.79
CA PRO M 48 58.61 68.75 43.95
C PRO M 48 59.65 69.83 44.26
N MET M 49 59.40 70.62 45.29
CA MET M 49 60.29 71.72 45.62
C MET M 49 60.76 71.65 47.07
N HIS M 50 61.86 72.33 47.35
CA HIS M 50 62.42 72.36 48.71
C HIS M 50 63.01 73.74 49.00
N PHE M 51 62.55 74.36 50.08
CA PHE M 51 63.00 75.70 50.43
C PHE M 51 62.89 75.94 51.94
N PHE M 52 63.89 76.64 52.48
CA PHE M 52 63.94 76.98 53.90
C PHE M 52 63.91 75.73 54.79
N GLY M 53 64.48 74.63 54.29
CA GLY M 53 64.55 73.40 55.04
C GLY M 53 63.23 72.66 55.15
N SER M 54 62.31 72.95 54.24
CA SER M 54 61.00 72.31 54.26
C SER M 54 60.42 72.14 52.86
N THR M 55 59.50 71.18 52.72
CA THR M 55 58.82 70.95 51.45
C THR M 55 57.43 71.58 51.46
N ASP M 56 57.24 72.56 52.34
CA ASP M 56 55.97 73.28 52.45
C ASP M 56 55.63 73.99 51.13
N PRO M 57 54.33 74.28 50.90
CA PRO M 57 53.87 75.00 49.71
C PRO M 57 54.71 76.22 49.38
N VAL M 58 55.32 76.22 48.20
CA VAL M 58 56.25 77.26 47.79
C VAL M 58 56.17 77.49 46.28
N ALA M 59 56.28 78.75 45.87
CA ALA M 59 56.15 79.10 44.46
C ALA M 59 57.38 79.83 43.92
N CYS M 60 57.67 79.62 42.64
CA CYS M 60 58.76 80.30 41.97
C CYS M 60 58.31 80.79 40.59
N VAL M 61 58.34 82.11 40.40
CA VAL M 61 57.88 82.70 39.15
C VAL M 61 59.03 83.25 38.32
N ARG M 62 59.05 82.91 37.03
CA ARG M 62 60.09 83.37 36.12
C ARG M 62 59.51 84.35 35.10
N VAL M 63 60.08 85.56 35.07
CA VAL M 63 59.63 86.58 34.13
C VAL M 63 60.73 86.91 33.13
N GLU M 64 60.43 86.76 31.84
CA GLU M 64 61.41 87.00 30.80
C GLU M 64 60.88 87.93 29.73
N ALA M 65 61.49 89.11 29.61
CA ALA M 65 61.08 90.09 28.62
C ALA M 65 62.29 90.66 27.88
N LEU M 66 62.22 90.68 26.55
CA LEU M 66 63.29 91.22 25.73
C LEU M 66 63.40 92.72 25.87
N GLY M 67 64.63 93.23 25.89
CA GLY M 67 64.88 94.65 26.00
C GLY M 67 65.02 95.11 27.44
N GLY M 68 64.89 94.17 28.36
CA GLY M 68 65.03 94.47 29.78
C GLY M 68 63.74 94.99 30.39
N TYR M 69 63.85 95.66 31.53
CA TYR M 69 62.69 96.20 32.23
C TYR M 69 62.91 97.66 32.60
N GLY M 70 61.81 98.34 32.95
CA GLY M 70 61.87 99.72 33.40
C GLY M 70 62.51 99.86 34.77
N PRO M 71 62.71 101.10 35.22
CA PRO M 71 63.32 101.38 36.52
C PRO M 71 62.52 100.83 37.70
N SER M 72 61.25 101.22 37.80
CA SER M 72 60.42 100.85 38.94
C SER M 72 59.46 99.71 38.61
N GLU M 73 59.58 99.16 37.40
CA GLU M 73 58.69 98.09 36.96
C GLU M 73 58.88 96.75 37.70
N PRO M 74 60.15 96.28 37.88
CA PRO M 74 60.30 94.99 38.57
C PRO M 74 59.73 94.99 39.98
N GLU M 75 59.87 96.12 40.68
CA GLU M 75 59.34 96.24 42.04
C GLU M 75 57.82 96.12 42.05
N LYS M 76 57.18 96.70 41.03
CA LYS M 76 55.72 96.65 40.91
C LYS M 76 55.25 95.24 40.59
N VAL M 77 55.88 94.61 39.61
CA VAL M 77 55.52 93.26 39.18
C VAL M 77 55.64 92.26 40.32
N THR M 78 56.75 92.33 41.04
CA THR M 78 57.02 91.43 42.16
C THR M 78 55.93 91.52 43.23
N SER M 79 55.54 92.75 43.56
CA SER M 79 54.51 93.00 44.56
C SER M 79 53.17 92.39 44.16
N ILE M 80 52.79 92.59 42.90
CA ILE M 80 51.52 92.09 42.40
C ILE M 80 51.51 90.57 42.28
N VAL M 81 52.57 90.02 41.70
CA VAL M 81 52.66 88.57 41.51
C VAL M 81 52.67 87.82 42.84
N THR M 82 53.46 88.30 43.79
CA THR M 82 53.53 87.69 45.12
C THR M 82 52.16 87.71 45.79
N ALA M 83 51.49 88.85 45.72
CA ALA M 83 50.14 88.99 46.27
C ALA M 83 49.15 88.11 45.52
N ALA M 84 49.40 87.92 44.23
CA ALA M 84 48.53 87.11 43.38
C ALA M 84 48.61 85.63 43.77
N ILE M 85 49.83 85.12 43.88
CA ILE M 85 50.05 83.73 44.25
C ILE M 85 49.57 83.46 45.67
N THR M 86 49.75 84.44 46.55
CA THR M 86 49.37 84.33 47.95
C THR M 86 47.87 84.11 48.12
N ALA M 87 47.07 84.90 47.41
CA ALA M 87 45.62 84.82 47.50
C ALA M 87 45.07 83.59 46.79
N VAL M 88 45.61 83.31 45.60
CA VAL M 88 45.11 82.22 44.77
C VAL M 88 45.54 80.85 45.27
N CYS M 89 46.85 80.67 45.50
CA CYS M 89 47.38 79.37 45.87
C CYS M 89 47.45 79.16 47.38
N GLY M 90 47.39 80.25 48.13
CA GLY M 90 47.44 80.16 49.57
C GLY M 90 48.87 80.08 50.10
N ILE M 91 49.83 80.26 49.20
CA ILE M 91 51.24 80.21 49.57
C ILE M 91 51.69 81.53 50.19
N VAL M 92 52.33 81.45 51.34
CA VAL M 92 52.77 82.64 52.05
C VAL M 92 53.79 83.45 51.24
N ALA M 93 53.88 84.75 51.53
CA ALA M 93 54.75 85.65 50.79
C ALA M 93 56.22 85.31 50.94
N ASP M 94 56.60 84.80 52.11
CA ASP M 94 58.00 84.50 52.40
C ASP M 94 58.46 83.22 51.70
N ARG M 95 57.57 82.62 50.92
CA ARG M 95 57.91 81.43 50.15
C ARG M 95 57.54 81.60 48.68
N ILE M 96 57.78 82.78 48.15
CA ILE M 96 57.50 83.08 46.74
C ILE M 96 58.68 83.79 46.09
N PHE M 97 59.30 83.13 45.11
CA PHE M 97 60.40 83.73 44.36
C PHE M 97 59.94 84.28 43.02
N VAL M 98 60.41 85.48 42.68
CA VAL M 98 60.13 86.07 41.39
C VAL M 98 61.42 86.49 40.71
N LEU M 99 61.83 85.73 39.70
CA LEU M 99 63.08 85.99 39.00
C LEU M 99 62.83 86.67 37.66
N TYR M 100 63.74 87.57 37.29
CA TYR M 100 63.61 88.31 36.04
C TYR M 100 64.77 88.07 35.09
N PHE M 101 64.46 87.74 33.84
CA PHE M 101 65.50 87.46 32.84
C PHE M 101 65.25 88.27 31.57
N SER M 102 66.29 88.38 30.74
CA SER M 102 66.18 89.10 29.48
C SER M 102 66.90 88.35 28.36
N PRO M 103 66.13 87.81 27.40
CA PRO M 103 66.69 87.05 26.29
C PRO M 103 67.43 87.94 25.30
N LEU M 104 68.46 87.38 24.66
CA LEU M 104 69.23 88.10 23.66
C LEU M 104 68.39 88.28 22.39
N HIS M 105 67.59 87.26 22.08
CA HIS M 105 66.70 87.30 20.93
C HIS M 105 65.39 86.59 21.25
N CYS M 106 64.32 87.00 20.58
CA CYS M 106 63.01 86.38 20.78
C CYS M 106 62.29 86.21 19.45
N GLY M 107 61.76 85.01 19.22
CA GLY M 107 61.11 84.70 17.96
C GLY M 107 59.63 84.44 18.09
N TRP M 108 58.87 84.91 17.09
CA TRP M 108 57.43 84.68 17.03
C TRP M 108 56.96 84.74 15.58
N ASN M 109 56.02 83.86 15.25
CA ASN M 109 55.49 83.72 13.89
C ASN M 109 56.60 83.44 12.87
N GLY M 110 57.64 82.76 13.31
CA GLY M 110 58.74 82.36 12.44
C GLY M 110 59.81 83.42 12.25
N THR M 111 59.63 84.58 12.86
CA THR M 111 60.58 85.67 12.72
C THR M 111 60.96 86.29 14.06
N ASN M 112 62.13 86.92 14.10
CA ASN M 112 62.61 87.57 15.32
C ASN M 112 62.18 89.04 15.38
N PHE M 113 62.35 89.65 16.54
CA PHE M 113 61.99 91.05 16.73
C PHE M 113 63.21 91.90 17.07
N MET N 1 -81.33 -73.03 -12.92
CA MET N 1 -80.83 -72.06 -11.97
C MET N 1 -79.79 -72.68 -11.04
N PRO N 2 -78.54 -72.79 -11.50
CA PRO N 2 -77.46 -73.39 -10.71
C PRO N 2 -76.86 -72.44 -9.69
N VAL N 3 -76.33 -72.98 -8.60
CA VAL N 3 -75.68 -72.18 -7.56
C VAL N 3 -74.28 -72.69 -7.28
N ILE N 4 -73.30 -71.79 -7.30
CA ILE N 4 -71.91 -72.18 -7.09
C ILE N 4 -71.28 -71.47 -5.89
N GLN N 5 -71.02 -72.23 -4.83
CA GLN N 5 -70.36 -71.69 -3.65
C GLN N 5 -68.85 -71.93 -3.74
N THR N 6 -68.06 -70.92 -3.41
CA THR N 6 -66.61 -71.02 -3.46
C THR N 6 -65.97 -70.77 -2.10
N PHE N 7 -65.47 -71.84 -1.49
CA PHE N 7 -64.77 -71.75 -0.22
C PHE N 7 -63.27 -71.83 -0.43
N VAL N 8 -62.54 -70.81 0.01
CA VAL N 8 -61.09 -70.78 -0.15
C VAL N 8 -60.38 -70.39 1.15
N SER N 9 -59.18 -70.91 1.33
CA SER N 9 -58.37 -70.59 2.50
C SER N 9 -57.54 -69.34 2.26
N THR N 10 -57.44 -68.96 0.99
CA THR N 10 -56.69 -67.76 0.61
C THR N 10 -57.62 -66.56 0.46
N PRO N 11 -57.11 -65.36 0.80
CA PRO N 11 -57.89 -64.13 0.68
C PRO N 11 -58.26 -63.83 -0.77
N LEU N 12 -59.48 -63.32 -0.99
CA LEU N 12 -59.94 -62.99 -2.33
C LEU N 12 -60.30 -61.51 -2.44
N ASP N 13 -59.82 -60.88 -3.51
CA ASP N 13 -60.13 -59.47 -3.76
C ASP N 13 -61.15 -59.33 -4.89
N HIS N 14 -61.24 -58.13 -5.45
CA HIS N 14 -62.18 -57.87 -6.54
C HIS N 14 -61.78 -58.61 -7.81
N HIS N 15 -60.49 -58.60 -8.12
CA HIS N 15 -59.98 -59.21 -9.34
C HIS N 15 -60.20 -60.72 -9.39
N LYS N 16 -59.84 -61.40 -8.31
CA LYS N 16 -59.97 -62.86 -8.24
C LYS N 16 -61.42 -63.30 -8.29
N ARG N 17 -62.27 -62.63 -7.51
CA ARG N 17 -63.69 -62.98 -7.46
C ARG N 17 -64.37 -62.70 -8.79
N LEU N 18 -63.97 -61.62 -9.47
CA LEU N 18 -64.52 -61.29 -10.78
C LEU N 18 -64.12 -62.32 -11.82
N LEU N 19 -62.87 -62.79 -11.74
CA LEU N 19 -62.36 -63.80 -12.66
C LEU N 19 -63.13 -65.11 -12.53
N LEU N 20 -63.28 -65.58 -11.30
CA LEU N 20 -64.02 -66.81 -11.04
C LEU N 20 -65.48 -66.67 -11.43
N ALA N 21 -66.00 -65.45 -11.34
CA ALA N 21 -67.39 -65.18 -11.71
C ALA N 21 -67.62 -65.41 -13.20
N ILE N 22 -66.74 -64.84 -14.03
CA ILE N 22 -66.84 -65.00 -15.48
C ILE N 22 -66.62 -66.45 -15.88
N ILE N 23 -65.70 -67.12 -15.19
CA ILE N 23 -65.43 -68.53 -15.43
C ILE N 23 -66.68 -69.37 -15.25
N TYR N 24 -67.34 -69.20 -14.11
CA TYR N 24 -68.55 -69.96 -13.79
C TYR N 24 -69.66 -69.66 -14.80
N ARG N 25 -69.66 -68.44 -15.32
CA ARG N 25 -70.63 -68.03 -16.35
C ARG N 25 -70.40 -68.82 -17.63
N ILE N 26 -69.15 -68.92 -18.05
CA ILE N 26 -68.79 -69.67 -19.25
C ILE N 26 -69.09 -71.15 -19.08
N VAL N 27 -68.77 -71.68 -17.90
CA VAL N 27 -69.03 -73.08 -17.60
C VAL N 27 -70.53 -73.38 -17.63
N THR N 28 -71.32 -72.45 -17.09
CA THR N 28 -72.77 -72.61 -17.04
C THR N 28 -73.38 -72.60 -18.43
N ARG N 29 -72.91 -71.71 -19.29
CA ARG N 29 -73.47 -71.54 -20.62
C ARG N 29 -72.97 -72.57 -21.62
N VAL N 30 -71.67 -72.81 -21.63
CA VAL N 30 -71.05 -73.69 -22.61
C VAL N 30 -71.24 -75.17 -22.24
N VAL N 31 -70.96 -75.51 -20.99
CA VAL N 31 -70.98 -76.90 -20.56
C VAL N 31 -72.35 -77.33 -20.01
N LEU N 32 -72.84 -76.57 -19.02
CA LEU N 32 -74.09 -76.92 -18.36
C LEU N 32 -75.31 -76.63 -19.24
N GLY N 33 -75.13 -75.79 -20.25
CA GLY N 33 -76.20 -75.45 -21.15
C GLY N 33 -77.31 -74.66 -20.49
N LYS N 34 -76.93 -73.77 -19.58
CA LYS N 34 -77.88 -72.94 -18.85
C LYS N 34 -77.49 -71.47 -18.99
N PRO N 35 -78.47 -70.56 -18.89
CA PRO N 35 -78.18 -69.12 -19.01
C PRO N 35 -77.20 -68.65 -17.95
N GLU N 36 -76.18 -67.91 -18.40
CA GLU N 36 -75.11 -67.43 -17.52
C GLU N 36 -75.60 -66.32 -16.59
N ASP N 37 -76.77 -65.76 -16.89
CA ASP N 37 -77.35 -64.72 -16.06
C ASP N 37 -78.18 -65.31 -14.92
N LEU N 38 -78.41 -66.61 -14.97
CA LEU N 38 -79.26 -67.28 -14.00
C LEU N 38 -78.48 -68.08 -12.95
N VAL N 39 -77.15 -68.01 -13.01
CA VAL N 39 -76.32 -68.72 -12.05
C VAL N 39 -75.89 -67.80 -10.91
N MET N 40 -76.10 -68.25 -9.67
CA MET N 40 -75.75 -67.47 -8.50
C MET N 40 -74.44 -67.97 -7.89
N MET N 41 -73.54 -67.04 -7.59
CA MET N 41 -72.22 -67.39 -7.09
C MET N 41 -71.88 -66.68 -5.78
N THR N 42 -71.43 -67.46 -4.80
CA THR N 42 -71.02 -66.90 -3.51
C THR N 42 -69.54 -67.23 -3.25
N PHE N 43 -68.83 -66.30 -2.63
CA PHE N 43 -67.41 -66.48 -2.35
C PHE N 43 -67.09 -66.33 -0.87
N HIS N 44 -66.45 -67.34 -0.30
CA HIS N 44 -66.08 -67.34 1.11
C HIS N 44 -64.57 -67.43 1.28
N ASP N 45 -63.90 -66.28 1.29
CA ASP N 45 -62.45 -66.24 1.39
C ASP N 45 -61.99 -66.23 2.84
N SER N 46 -60.70 -66.49 3.05
CA SER N 46 -60.09 -66.51 4.38
C SER N 46 -60.81 -67.46 5.32
N THR N 47 -61.29 -68.58 4.78
CA THR N 47 -62.02 -69.56 5.56
C THR N 47 -61.07 -70.54 6.24
N PRO N 48 -61.16 -70.65 7.58
CA PRO N 48 -60.34 -71.60 8.33
C PRO N 48 -60.63 -73.03 7.92
N MET N 49 -59.72 -73.63 7.15
CA MET N 49 -59.91 -74.98 6.64
C MET N 49 -58.76 -75.89 7.03
N HIS N 50 -59.02 -77.20 6.99
CA HIS N 50 -57.99 -78.19 7.31
C HIS N 50 -58.15 -79.42 6.42
N PHE N 51 -57.10 -79.77 5.71
CA PHE N 51 -57.14 -80.90 4.78
C PHE N 51 -55.76 -81.51 4.56
N PHE N 52 -55.73 -82.84 4.47
CA PHE N 52 -54.50 -83.61 4.26
C PHE N 52 -53.47 -83.33 5.36
N GLY N 53 -53.96 -83.09 6.57
CA GLY N 53 -53.09 -82.87 7.71
C GLY N 53 -52.38 -81.53 7.74
N SER N 54 -52.92 -80.56 7.02
CA SER N 54 -52.33 -79.22 6.97
C SER N 54 -53.37 -78.14 6.76
N THR N 55 -53.04 -76.92 7.17
CA THR N 55 -53.91 -75.77 6.97
C THR N 55 -53.45 -74.97 5.76
N ASP N 56 -52.69 -75.63 4.89
CA ASP N 56 -52.20 -75.03 3.65
C ASP N 56 -53.37 -74.60 2.76
N PRO N 57 -53.12 -73.64 1.84
CA PRO N 57 -54.14 -73.17 0.90
C PRO N 57 -54.94 -74.30 0.26
N VAL N 58 -56.24 -74.29 0.49
CA VAL N 58 -57.12 -75.37 0.05
C VAL N 58 -58.49 -74.82 -0.31
N ALA N 59 -59.10 -75.35 -1.37
CA ALA N 59 -60.39 -74.85 -1.85
C ALA N 59 -61.46 -75.93 -1.91
N CYS N 60 -62.70 -75.53 -1.68
CA CYS N 60 -63.84 -76.42 -1.79
C CYS N 60 -64.97 -75.74 -2.56
N VAL N 61 -65.34 -76.30 -3.71
CA VAL N 61 -66.37 -75.70 -4.54
C VAL N 61 -67.65 -76.54 -4.52
N ARG N 62 -68.78 -75.87 -4.31
CA ARG N 62 -70.07 -76.55 -4.27
C ARG N 62 -70.94 -76.16 -5.46
N VAL N 63 -71.34 -77.16 -6.24
CA VAL N 63 -72.19 -76.92 -7.40
C VAL N 63 -73.56 -77.57 -7.23
N GLU N 64 -74.62 -76.76 -7.30
CA GLU N 64 -75.97 -77.26 -7.11
C GLU N 64 -76.90 -76.82 -8.24
N ALA N 65 -77.39 -77.78 -9.01
CA ALA N 65 -78.29 -77.49 -10.11
C ALA N 65 -79.49 -78.42 -10.12
N LEU N 66 -80.69 -77.85 -10.22
CA LEU N 66 -81.92 -78.63 -10.25
C LEU N 66 -82.04 -79.41 -11.56
N GLY N 67 -82.56 -80.63 -11.46
CA GLY N 67 -82.75 -81.47 -12.63
C GLY N 67 -81.56 -82.36 -12.91
N GLY N 68 -80.53 -82.25 -12.07
CA GLY N 68 -79.34 -83.06 -12.21
C GLY N 68 -78.33 -82.49 -13.17
N TYR N 69 -77.43 -83.35 -13.65
CA TYR N 69 -76.38 -82.93 -14.58
C TYR N 69 -76.32 -83.87 -15.78
N GLY N 70 -75.63 -83.43 -16.84
CA GLY N 70 -75.43 -84.24 -18.01
C GLY N 70 -74.50 -85.41 -17.77
N PRO N 71 -74.36 -86.29 -18.77
CA PRO N 71 -73.49 -87.48 -18.68
C PRO N 71 -72.01 -87.16 -18.47
N SER N 72 -71.43 -86.39 -19.37
CA SER N 72 -70.01 -86.09 -19.33
C SER N 72 -69.71 -84.70 -18.77
N GLU N 73 -70.76 -84.01 -18.33
CA GLU N 73 -70.63 -82.64 -17.82
C GLU N 73 -69.86 -82.52 -16.50
N PRO N 74 -70.15 -83.37 -15.48
CA PRO N 74 -69.43 -83.19 -14.21
C PRO N 74 -67.91 -83.34 -14.35
N GLU N 75 -67.48 -84.26 -15.21
CA GLU N 75 -66.05 -84.47 -15.44
C GLU N 75 -65.41 -83.23 -16.07
N LYS N 76 -66.15 -82.60 -16.98
CA LYS N 76 -65.67 -81.39 -17.65
C LYS N 76 -65.61 -80.20 -16.71
N VAL N 77 -66.69 -79.99 -15.96
CA VAL N 77 -66.77 -78.87 -15.03
C VAL N 77 -65.68 -78.93 -13.96
N THR N 78 -65.47 -80.12 -13.41
CA THR N 78 -64.45 -80.32 -12.39
C THR N 78 -63.07 -79.96 -12.90
N SER N 79 -62.77 -80.36 -14.14
CA SER N 79 -61.49 -80.08 -14.76
C SER N 79 -61.28 -78.58 -14.93
N ILE N 80 -62.32 -77.88 -15.39
CA ILE N 80 -62.25 -76.45 -15.62
C ILE N 80 -62.15 -75.68 -14.31
N VAL N 81 -63.00 -76.02 -13.35
CA VAL N 81 -63.03 -75.34 -12.06
C VAL N 81 -61.72 -75.50 -11.31
N THR N 82 -61.19 -76.72 -11.28
CA THR N 82 -59.92 -76.98 -10.62
C THR N 82 -58.80 -76.15 -11.25
N ALA N 83 -58.76 -76.13 -12.58
CA ALA N 83 -57.79 -75.33 -13.30
C ALA N 83 -58.02 -73.84 -13.05
N ALA N 84 -59.27 -73.47 -12.85
CA ALA N 84 -59.63 -72.08 -12.60
C ALA N 84 -59.11 -71.63 -11.23
N ILE N 85 -59.39 -72.43 -10.21
CA ILE N 85 -58.95 -72.12 -8.85
C ILE N 85 -57.42 -72.15 -8.75
N THR N 86 -56.81 -73.07 -9.49
CA THR N 86 -55.36 -73.24 -9.48
C THR N 86 -54.63 -72.00 -9.98
N ALA N 87 -55.08 -71.45 -11.10
CA ALA N 87 -54.44 -70.29 -11.69
C ALA N 87 -54.77 -69.01 -10.93
N VAL N 88 -56.02 -68.86 -10.53
CA VAL N 88 -56.47 -67.63 -9.88
C VAL N 88 -56.02 -67.53 -8.42
N CYS N 89 -56.28 -68.57 -7.64
CA CYS N 89 -56.01 -68.54 -6.20
C CYS N 89 -54.62 -69.08 -5.86
N GLY N 90 -54.04 -69.85 -6.78
CA GLY N 90 -52.72 -70.42 -6.56
C GLY N 90 -52.76 -71.73 -5.78
N ILE N 91 -53.97 -72.22 -5.52
CA ILE N 91 -54.15 -73.47 -4.79
C ILE N 91 -53.93 -74.67 -5.71
N VAL N 92 -53.08 -75.60 -5.27
CA VAL N 92 -52.75 -76.78 -6.06
C VAL N 92 -53.99 -77.64 -6.32
N ALA N 93 -53.93 -78.42 -7.41
CA ALA N 93 -55.07 -79.23 -7.84
C ALA N 93 -55.44 -80.30 -6.82
N ASP N 94 -54.43 -80.86 -6.13
CA ASP N 94 -54.66 -81.94 -5.20
C ASP N 94 -55.27 -81.45 -3.88
N ARG N 95 -55.54 -80.16 -3.81
CA ARG N 95 -56.19 -79.57 -2.63
C ARG N 95 -57.41 -78.75 -3.04
N ILE N 96 -58.15 -79.26 -4.00
CA ILE N 96 -59.37 -78.59 -4.47
C ILE N 96 -60.52 -79.58 -4.57
N PHE N 97 -61.57 -79.36 -3.78
CA PHE N 97 -62.75 -80.21 -3.82
C PHE N 97 -63.87 -79.55 -4.63
N VAL N 98 -64.52 -80.35 -5.47
CA VAL N 98 -65.68 -79.88 -6.23
C VAL N 98 -66.84 -80.84 -6.04
N LEU N 99 -67.81 -80.42 -5.23
CA LEU N 99 -68.95 -81.27 -4.91
C LEU N 99 -70.18 -80.91 -5.72
N TYR N 100 -70.98 -81.91 -6.08
CA TYR N 100 -72.18 -81.69 -6.87
C TYR N 100 -73.42 -82.17 -6.15
N PHE N 101 -74.41 -81.28 -6.08
CA PHE N 101 -75.67 -81.55 -5.39
C PHE N 101 -76.87 -81.23 -6.28
N SER N 102 -78.03 -81.75 -5.91
CA SER N 102 -79.26 -81.50 -6.66
C SER N 102 -80.42 -81.25 -5.71
N PRO N 103 -80.91 -80.00 -5.66
CA PRO N 103 -82.00 -79.63 -4.76
C PRO N 103 -83.35 -80.19 -5.21
N LEU N 104 -84.23 -80.47 -4.26
CA LEU N 104 -85.55 -81.00 -4.56
C LEU N 104 -86.42 -79.91 -5.20
N HIS N 105 -86.26 -78.68 -4.73
CA HIS N 105 -86.99 -77.55 -5.29
C HIS N 105 -86.13 -76.29 -5.29
N CYS N 106 -86.41 -75.38 -6.22
CA CYS N 106 -85.67 -74.13 -6.32
C CYS N 106 -86.61 -72.97 -6.62
N GLY N 107 -86.47 -71.88 -5.86
CA GLY N 107 -87.35 -70.74 -6.00
C GLY N 107 -86.65 -69.48 -6.48
N TRP N 108 -87.36 -68.72 -7.31
CA TRP N 108 -86.85 -67.44 -7.81
C TRP N 108 -88.00 -66.53 -8.19
N ASN N 109 -87.84 -65.24 -7.90
CA ASN N 109 -88.88 -64.23 -8.13
C ASN N 109 -90.19 -64.56 -7.44
N GLY N 110 -90.09 -65.23 -6.30
CA GLY N 110 -91.26 -65.54 -5.48
C GLY N 110 -91.99 -66.80 -5.89
N THR N 111 -91.51 -67.47 -6.94
CA THR N 111 -92.16 -68.68 -7.43
C THR N 111 -91.14 -69.79 -7.69
N ASN N 112 -91.61 -71.03 -7.67
CA ASN N 112 -90.77 -72.19 -7.93
C ASN N 112 -90.78 -72.55 -9.41
N PHE N 113 -89.86 -73.43 -9.82
CA PHE N 113 -89.76 -73.85 -11.20
C PHE N 113 -90.02 -75.35 -11.34
N MET O 1 -7.29 -54.78 -2.62
CA MET O 1 -8.51 -54.66 -1.83
C MET O 1 -8.59 -53.31 -1.11
N PRO O 2 -9.02 -52.27 -1.84
CA PRO O 2 -9.11 -50.92 -1.28
C PRO O 2 -10.38 -50.70 -0.45
N VAL O 3 -10.31 -49.79 0.51
CA VAL O 3 -11.46 -49.46 1.35
C VAL O 3 -11.70 -47.96 1.34
N ILE O 4 -12.93 -47.56 1.04
CA ILE O 4 -13.28 -46.14 0.96
C ILE O 4 -14.41 -45.78 1.94
N GLN O 5 -14.08 -45.03 2.98
CA GLN O 5 -15.08 -44.55 3.92
C GLN O 5 -15.54 -43.15 3.53
N THR O 6 -16.84 -42.93 3.57
CA THR O 6 -17.41 -41.64 3.20
C THR O 6 -18.19 -41.02 4.34
N PHE O 7 -17.60 -39.98 4.95
CA PHE O 7 -18.26 -39.24 6.03
C PHE O 7 -18.86 -37.95 5.50
N VAL O 8 -20.16 -37.79 5.70
CA VAL O 8 -20.86 -36.60 5.22
C VAL O 8 -21.76 -36.02 6.31
N SER O 9 -21.94 -34.71 6.29
CA SER O 9 -22.81 -34.04 7.26
C SER O 9 -24.24 -33.99 6.73
N THR O 10 -24.40 -34.25 5.44
CA THR O 10 -25.71 -34.25 4.80
C THR O 10 -26.28 -35.67 4.72
N PRO O 11 -27.62 -35.79 4.85
CA PRO O 11 -28.30 -37.08 4.77
C PRO O 11 -28.11 -37.75 3.40
N LEU O 12 -27.95 -39.08 3.40
CA LEU O 12 -27.78 -39.83 2.17
C LEU O 12 -28.90 -40.86 2.02
N ASP O 13 -29.49 -40.93 0.83
CA ASP O 13 -30.55 -41.89 0.55
C ASP O 13 -30.04 -43.02 -0.34
N HIS O 14 -30.97 -43.74 -0.95
CA HIS O 14 -30.62 -44.85 -1.84
C HIS O 14 -29.94 -44.35 -3.11
N HIS O 15 -30.47 -43.27 -3.67
CA HIS O 15 -29.95 -42.72 -4.93
C HIS O 15 -28.52 -42.21 -4.77
N LYS O 16 -28.29 -41.41 -3.74
CA LYS O 16 -26.97 -40.83 -3.49
C LYS O 16 -25.90 -41.87 -3.17
N ARG O 17 -26.24 -42.80 -2.28
CA ARG O 17 -25.28 -43.83 -1.87
C ARG O 17 -24.96 -44.79 -3.01
N LEU O 18 -25.95 -45.10 -3.83
CA LEU O 18 -25.74 -45.97 -4.99
C LEU O 18 -24.86 -45.29 -6.02
N LEU O 19 -25.06 -43.99 -6.21
CA LEU O 19 -24.26 -43.22 -7.16
C LEU O 19 -22.79 -43.19 -6.74
N LEU O 20 -22.53 -42.85 -5.48
CA LEU O 20 -21.17 -42.81 -4.96
C LEU O 20 -20.54 -44.20 -4.98
N ALA O 21 -21.36 -45.23 -4.85
CA ALA O 21 -20.89 -46.60 -4.89
C ALA O 21 -20.31 -46.93 -6.27
N ILE O 22 -21.07 -46.60 -7.30
CA ILE O 22 -20.63 -46.83 -8.67
C ILE O 22 -19.41 -45.97 -9.02
N ILE O 23 -19.41 -44.74 -8.49
CA ILE O 23 -18.28 -43.82 -8.69
C ILE O 23 -16.97 -44.43 -8.19
N TYR O 24 -16.99 -44.91 -6.95
CA TYR O 24 -15.81 -45.51 -6.33
C TYR O 24 -15.38 -46.75 -7.11
N ARG O 25 -16.36 -47.44 -7.69
CA ARG O 25 -16.08 -48.62 -8.51
C ARG O 25 -15.29 -48.26 -9.75
N ILE O 26 -15.70 -47.19 -10.43
CA ILE O 26 -15.03 -46.74 -11.64
C ILE O 26 -13.62 -46.24 -11.31
N VAL O 27 -13.49 -45.51 -10.21
CA VAL O 27 -12.21 -45.00 -9.75
C VAL O 27 -11.25 -46.15 -9.42
N THR O 28 -11.79 -47.19 -8.79
CA THR O 28 -10.99 -48.35 -8.41
C THR O 28 -10.45 -49.10 -9.61
N ARG O 29 -11.27 -49.26 -10.64
CA ARG O 29 -10.89 -50.04 -11.82
C ARG O 29 -9.99 -49.24 -12.77
N VAL O 30 -10.36 -48.00 -13.05
CA VAL O 30 -9.65 -47.19 -14.03
C VAL O 30 -8.36 -46.58 -13.47
N VAL O 31 -8.46 -45.98 -12.28
CA VAL O 31 -7.33 -45.27 -11.70
C VAL O 31 -6.46 -46.14 -10.80
N LEU O 32 -7.08 -46.77 -9.82
CA LEU O 32 -6.34 -47.57 -8.84
C LEU O 32 -5.83 -48.87 -9.42
N GLY O 33 -6.41 -49.29 -10.54
CA GLY O 33 -6.01 -50.52 -11.20
C GLY O 33 -6.34 -51.76 -10.39
N LYS O 34 -7.48 -51.72 -9.70
CA LYS O 34 -7.94 -52.83 -8.88
C LYS O 34 -9.37 -53.22 -9.28
N PRO O 35 -9.74 -54.48 -9.08
CA PRO O 35 -11.09 -54.94 -9.42
C PRO O 35 -12.18 -54.17 -8.67
N GLU O 36 -13.19 -53.72 -9.41
CA GLU O 36 -14.25 -52.90 -8.83
C GLU O 36 -15.19 -53.70 -7.93
N ASP O 37 -15.08 -55.02 -8.00
CA ASP O 37 -15.89 -55.89 -7.15
C ASP O 37 -15.22 -56.15 -5.81
N LEU O 38 -13.95 -55.75 -5.70
CA LEU O 38 -13.17 -56.03 -4.50
C LEU O 38 -13.01 -54.82 -3.59
N VAL O 39 -13.65 -53.70 -3.95
CA VAL O 39 -13.56 -52.50 -3.14
C VAL O 39 -14.76 -52.40 -2.20
N MET O 40 -14.48 -52.17 -0.91
CA MET O 40 -15.53 -52.07 0.08
C MET O 40 -15.81 -50.61 0.42
N MET O 41 -17.09 -50.25 0.44
CA MET O 41 -17.49 -48.87 0.64
C MET O 41 -18.47 -48.73 1.80
N THR O 42 -18.17 -47.81 2.71
CA THR O 42 -19.06 -47.52 3.83
C THR O 42 -19.50 -46.06 3.79
N PHE O 43 -20.74 -45.81 4.18
CA PHE O 43 -21.29 -44.46 4.17
C PHE O 43 -21.81 -44.04 5.54
N HIS O 44 -21.31 -42.91 6.03
CA HIS O 44 -21.73 -42.38 7.31
C HIS O 44 -22.36 -40.99 7.15
N ASP O 45 -23.67 -40.97 6.92
CA ASP O 45 -24.38 -39.72 6.69
C ASP O 45 -24.85 -39.09 8.00
N SER O 46 -25.24 -37.82 7.91
CA SER O 46 -25.71 -37.06 9.08
C SER O 46 -24.71 -37.08 10.23
N THR O 47 -23.43 -37.03 9.88
CA THR O 47 -22.36 -37.08 10.87
C THR O 47 -22.03 -35.69 11.41
N PRO O 48 -22.11 -35.53 12.75
CA PRO O 48 -21.76 -34.27 13.42
C PRO O 48 -20.30 -33.88 13.17
N MET O 49 -20.08 -32.91 12.30
CA MET O 49 -18.73 -32.51 11.94
C MET O 49 -18.51 -31.02 12.17
N HIS O 50 -17.24 -30.62 12.28
CA HIS O 50 -16.90 -29.21 12.47
C HIS O 50 -15.62 -28.88 11.71
N PHE O 51 -15.70 -27.89 10.82
CA PHE O 51 -14.55 -27.53 9.99
C PHE O 51 -14.65 -26.06 9.58
N PHE O 52 -13.49 -25.39 9.56
CA PHE O 52 -13.38 -23.98 9.20
C PHE O 52 -14.28 -23.09 10.06
N GLY O 53 -14.46 -23.47 11.31
CA GLY O 53 -15.23 -22.68 12.25
C GLY O 53 -16.73 -22.71 12.02
N SER O 54 -17.21 -23.74 11.33
CA SER O 54 -18.63 -23.85 11.03
C SER O 54 -19.09 -25.30 10.95
N THR O 55 -20.39 -25.52 11.15
CA THR O 55 -20.97 -26.85 11.04
C THR O 55 -21.66 -27.03 9.69
N ASP O 56 -21.27 -26.21 8.72
CA ASP O 56 -21.80 -26.28 7.37
C ASP O 56 -21.49 -27.64 6.73
N PRO O 57 -22.28 -28.04 5.72
CA PRO O 57 -22.06 -29.29 4.98
C PRO O 57 -20.61 -29.54 4.62
N VAL O 58 -20.05 -30.63 5.12
CA VAL O 58 -18.63 -30.93 4.96
C VAL O 58 -18.42 -32.44 4.87
N ALA O 59 -17.48 -32.87 4.02
CA ALA O 59 -17.25 -34.28 3.80
C ALA O 59 -15.80 -34.69 4.06
N CYS O 60 -15.62 -35.92 4.54
CA CYS O 60 -14.28 -36.47 4.78
C CYS O 60 -14.19 -37.90 4.25
N VAL O 61 -13.31 -38.11 3.28
CA VAL O 61 -13.16 -39.42 2.66
C VAL O 61 -11.84 -40.08 3.04
N ARG O 62 -11.92 -41.35 3.44
CA ARG O 62 -10.74 -42.13 3.81
C ARG O 62 -10.48 -43.23 2.79
N VAL O 63 -9.30 -43.20 2.20
CA VAL O 63 -8.93 -44.22 1.21
C VAL O 63 -7.78 -45.07 1.72
N GLU O 64 -8.00 -46.39 1.79
CA GLU O 64 -6.99 -47.31 2.29
C GLU O 64 -6.78 -48.48 1.33
N ALA O 65 -5.57 -48.56 0.78
CA ALA O 65 -5.23 -49.62 -0.15
C ALA O 65 -3.88 -50.24 0.19
N LEU O 66 -3.83 -51.56 0.26
CA LEU O 66 -2.59 -52.28 0.54
C LEU O 66 -1.61 -52.17 -0.61
N GLY O 67 -0.33 -52.05 -0.29
CA GLY O 67 0.70 -51.96 -1.30
C GLY O 67 1.02 -50.52 -1.70
N GLY O 68 0.33 -49.57 -1.08
CA GLY O 68 0.56 -48.16 -1.37
C GLY O 68 -0.25 -47.68 -2.56
N TYR O 69 0.18 -46.56 -3.14
CA TYR O 69 -0.51 -45.99 -4.28
C TYR O 69 0.46 -45.68 -5.42
N GLY O 70 -0.09 -45.47 -6.62
CA GLY O 70 0.71 -45.12 -7.78
C GLY O 70 1.25 -43.70 -7.70
N PRO O 71 2.09 -43.32 -8.68
CA PRO O 71 2.71 -41.99 -8.73
C PRO O 71 1.67 -40.87 -8.88
N SER O 72 0.87 -40.94 -9.93
CA SER O 72 -0.09 -39.87 -10.23
C SER O 72 -1.51 -40.25 -9.84
N GLU O 73 -1.67 -41.40 -9.19
CA GLU O 73 -3.00 -41.88 -8.81
C GLU O 73 -3.68 -41.07 -7.69
N PRO O 74 -2.98 -40.74 -6.59
CA PRO O 74 -3.68 -40.00 -5.54
C PRO O 74 -4.23 -38.65 -5.99
N GLU O 75 -3.51 -37.96 -6.86
CA GLU O 75 -3.96 -36.68 -7.38
C GLU O 75 -5.23 -36.83 -8.20
N LYS O 76 -5.31 -37.90 -8.97
CA LYS O 76 -6.48 -38.18 -9.81
C LYS O 76 -7.69 -38.55 -8.98
N VAL O 77 -7.49 -39.46 -8.01
CA VAL O 77 -8.57 -39.92 -7.15
C VAL O 77 -9.20 -38.78 -6.36
N THR O 78 -8.36 -37.92 -5.80
CA THR O 78 -8.83 -36.79 -5.00
C THR O 78 -9.73 -35.86 -5.83
N SER O 79 -9.32 -35.60 -7.06
CA SER O 79 -10.08 -34.73 -7.96
C SER O 79 -11.46 -35.30 -8.29
N ILE O 80 -11.50 -36.60 -8.59
CA ILE O 80 -12.76 -37.27 -8.95
C ILE O 80 -13.71 -37.37 -7.76
N VAL O 81 -13.18 -37.81 -6.63
CA VAL O 81 -13.98 -37.98 -5.42
C VAL O 81 -14.58 -36.65 -4.97
N THR O 82 -13.75 -35.60 -4.96
CA THR O 82 -14.20 -34.26 -4.60
C THR O 82 -15.34 -33.81 -5.51
N ALA O 83 -15.15 -34.01 -6.82
CA ALA O 83 -16.17 -33.66 -7.79
C ALA O 83 -17.43 -34.52 -7.61
N ALA O 84 -17.23 -35.76 -7.16
CA ALA O 84 -18.34 -36.68 -6.93
C ALA O 84 -19.20 -36.22 -5.76
N ILE O 85 -18.53 -35.89 -4.64
CA ILE O 85 -19.23 -35.42 -3.45
C ILE O 85 -19.91 -34.08 -3.72
N THR O 86 -19.26 -33.24 -4.53
CA THR O 86 -19.77 -31.92 -4.85
C THR O 86 -21.10 -32.00 -5.60
N ALA O 87 -21.17 -32.87 -6.59
CA ALA O 87 -22.38 -33.02 -7.39
C ALA O 87 -23.47 -33.78 -6.65
N VAL O 88 -23.09 -34.84 -5.94
CA VAL O 88 -24.05 -35.71 -5.27
C VAL O 88 -24.58 -35.10 -3.97
N CYS O 89 -23.69 -34.67 -3.09
CA CYS O 89 -24.07 -34.18 -1.77
C CYS O 89 -24.29 -32.67 -1.75
N GLY O 90 -23.74 -31.98 -2.74
CA GLY O 90 -23.88 -30.54 -2.81
C GLY O 90 -22.86 -29.81 -1.96
N ILE O 91 -21.91 -30.56 -1.41
CA ILE O 91 -20.86 -30.00 -0.57
C ILE O 91 -19.77 -29.36 -1.42
N VAL O 92 -19.43 -28.11 -1.12
CA VAL O 92 -18.41 -27.38 -1.86
C VAL O 92 -17.05 -28.06 -1.78
N ALA O 93 -16.21 -27.81 -2.77
CA ALA O 93 -14.89 -28.46 -2.86
C ALA O 93 -13.98 -28.06 -1.70
N ASP O 94 -14.12 -26.82 -1.23
CA ASP O 94 -13.25 -26.30 -0.18
C ASP O 94 -13.58 -26.86 1.19
N ARG O 95 -14.56 -27.77 1.24
CA ARG O 95 -14.93 -28.43 2.48
C ARG O 95 -14.94 -29.95 2.32
N ILE O 96 -13.95 -30.47 1.59
CA ILE O 96 -13.85 -31.91 1.37
C ILE O 96 -12.43 -32.42 1.61
N PHE O 97 -12.26 -33.28 2.60
CA PHE O 97 -10.97 -33.90 2.89
C PHE O 97 -10.91 -35.31 2.32
N VAL O 98 -9.79 -35.64 1.69
CA VAL O 98 -9.56 -36.99 1.19
C VAL O 98 -8.23 -37.52 1.69
N LEU O 99 -8.29 -38.44 2.65
CA LEU O 99 -7.07 -38.99 3.27
C LEU O 99 -6.72 -40.35 2.70
N TYR O 100 -5.42 -40.61 2.58
CA TYR O 100 -4.93 -41.87 2.03
C TYR O 100 -4.05 -42.63 3.02
N PHE O 101 -4.36 -43.90 3.22
CA PHE O 101 -3.61 -44.74 4.14
C PHE O 101 -3.19 -46.05 3.49
N SER O 102 -2.23 -46.74 4.10
CA SER O 102 -1.78 -48.03 3.60
C SER O 102 -1.59 -49.01 4.75
N PRO O 103 -2.46 -50.02 4.82
CA PRO O 103 -2.44 -51.03 5.89
C PRO O 103 -1.26 -52.00 5.75
N LEU O 104 -0.78 -52.50 6.88
CA LEU O 104 0.33 -53.46 6.88
C LEU O 104 -0.13 -54.82 6.37
N HIS O 105 -1.35 -55.19 6.71
CA HIS O 105 -1.93 -56.46 6.26
C HIS O 105 -3.43 -56.31 5.98
N CYS O 106 -3.95 -57.13 5.08
CA CYS O 106 -5.35 -57.10 4.73
C CYS O 106 -5.90 -58.51 4.55
N GLY O 107 -7.04 -58.79 5.18
CA GLY O 107 -7.63 -60.12 5.16
C GLY O 107 -8.97 -60.18 4.43
N TRP O 108 -9.19 -61.27 3.72
CA TRP O 108 -10.45 -61.51 3.01
C TRP O 108 -10.70 -63.00 2.84
N ASN O 109 -11.96 -63.40 2.99
CA ASN O 109 -12.36 -64.81 2.91
C ASN O 109 -11.60 -65.69 3.88
N GLY O 110 -11.22 -65.12 5.02
CA GLY O 110 -10.54 -65.86 6.07
C GLY O 110 -9.03 -65.95 5.89
N THR O 111 -8.54 -65.36 4.80
CA THR O 111 -7.10 -65.40 4.51
C THR O 111 -6.57 -64.02 4.15
N ASN O 112 -5.26 -63.84 4.32
CA ASN O 112 -4.62 -62.57 4.00
C ASN O 112 -4.12 -62.54 2.56
N PHE O 113 -3.75 -61.35 2.09
CA PHE O 113 -3.26 -61.17 0.73
C PHE O 113 -1.81 -60.69 0.73
N MET P 1 -59.63 0.21 -10.74
CA MET P 1 -59.29 -0.79 -9.74
C MET P 1 -60.54 -1.44 -9.15
N PRO P 2 -61.10 -2.42 -9.86
CA PRO P 2 -62.32 -3.10 -9.41
C PRO P 2 -62.05 -4.19 -8.37
N VAL P 3 -63.03 -4.45 -7.52
CA VAL P 3 -62.91 -5.48 -6.50
C VAL P 3 -64.08 -6.45 -6.57
N ILE P 4 -63.79 -7.75 -6.60
CA ILE P 4 -64.82 -8.76 -6.71
C ILE P 4 -64.78 -9.74 -5.54
N GLN P 5 -65.78 -9.66 -4.67
CA GLN P 5 -65.90 -10.58 -3.55
C GLN P 5 -66.83 -11.75 -3.91
N THR P 6 -66.41 -12.96 -3.57
CA THR P 6 -67.19 -14.15 -3.88
C THR P 6 -67.57 -14.93 -2.63
N PHE P 7 -68.84 -14.86 -2.25
CA PHE P 7 -69.36 -15.61 -1.12
C PHE P 7 -70.10 -16.85 -1.62
N VAL P 8 -69.68 -18.02 -1.16
CA VAL P 8 -70.32 -19.27 -1.58
C VAL P 8 -70.62 -20.18 -0.39
N SER P 9 -71.68 -20.96 -0.51
CA SER P 9 -72.08 -21.89 0.53
C SER P 9 -71.36 -23.23 0.34
N THR P 10 -70.79 -23.43 -0.84
CA THR P 10 -70.07 -24.66 -1.14
C THR P 10 -68.57 -24.45 -0.93
N PRO P 11 -67.87 -25.51 -0.47
CA PRO P 11 -66.42 -25.44 -0.26
C PRO P 11 -65.67 -25.18 -1.56
N LEU P 12 -64.62 -24.37 -1.49
CA LEU P 12 -63.81 -24.05 -2.66
C LEU P 12 -62.37 -24.49 -2.49
N ASP P 13 -61.83 -25.14 -3.53
CA ASP P 13 -60.44 -25.58 -3.50
C ASP P 13 -59.59 -24.70 -4.41
N HIS P 14 -58.39 -25.17 -4.75
CA HIS P 14 -57.49 -24.43 -5.61
C HIS P 14 -58.03 -24.31 -7.03
N HIS P 15 -58.57 -25.42 -7.54
CA HIS P 15 -59.05 -25.48 -8.92
C HIS P 15 -60.22 -24.53 -9.18
N LYS P 16 -61.22 -24.57 -8.30
CA LYS P 16 -62.41 -23.75 -8.45
C LYS P 16 -62.08 -22.25 -8.32
N ARG P 17 -61.29 -21.92 -7.30
CA ARG P 17 -60.92 -20.53 -7.05
C ARG P 17 -60.05 -19.95 -8.17
N LEU P 18 -59.16 -20.78 -8.71
CA LEU P 18 -58.31 -20.36 -9.82
C LEU P 18 -59.13 -20.10 -11.07
N LEU P 19 -60.11 -20.96 -11.32
CA LEU P 19 -60.99 -20.82 -12.48
C LEU P 19 -61.79 -19.52 -12.40
N LEU P 20 -62.41 -19.27 -11.25
CA LEU P 20 -63.18 -18.05 -11.04
C LEU P 20 -62.28 -16.82 -11.11
N ALA P 21 -61.02 -16.98 -10.73
CA ALA P 21 -60.06 -15.89 -10.77
C ALA P 21 -59.80 -15.45 -12.22
N ILE P 22 -59.55 -16.41 -13.10
CA ILE P 22 -59.30 -16.12 -14.50
C ILE P 22 -60.55 -15.53 -15.16
N ILE P 23 -61.71 -16.04 -14.77
CA ILE P 23 -62.99 -15.53 -15.27
C ILE P 23 -63.15 -14.04 -14.98
N TYR P 24 -62.94 -13.66 -13.74
CA TYR P 24 -63.08 -12.26 -13.33
C TYR P 24 -62.07 -11.37 -14.07
N ARG P 25 -60.91 -11.93 -14.38
CA ARG P 25 -59.88 -11.21 -15.12
C ARG P 25 -60.35 -10.90 -16.54
N ILE P 26 -60.94 -11.89 -17.21
CA ILE P 26 -61.43 -11.71 -18.57
C ILE P 26 -62.60 -10.73 -18.59
N VAL P 27 -63.48 -10.83 -17.61
CA VAL P 27 -64.61 -9.92 -17.48
C VAL P 27 -64.12 -8.48 -17.29
N THR P 28 -63.08 -8.32 -16.49
CA THR P 28 -62.52 -7.01 -16.19
C THR P 28 -61.93 -6.36 -17.44
N ARG P 29 -61.23 -7.15 -18.25
CA ARG P 29 -60.56 -6.63 -19.43
C ARG P 29 -61.51 -6.45 -20.61
N VAL P 30 -62.34 -7.46 -20.85
CA VAL P 30 -63.23 -7.44 -22.02
C VAL P 30 -64.49 -6.58 -21.79
N VAL P 31 -65.13 -6.77 -20.65
CA VAL P 31 -66.39 -6.08 -20.37
C VAL P 31 -66.19 -4.75 -19.64
N LEU P 32 -65.49 -4.80 -18.51
CA LEU P 32 -65.30 -3.62 -17.69
C LEU P 32 -64.32 -2.64 -18.32
N GLY P 33 -63.49 -3.13 -19.24
CA GLY P 33 -62.51 -2.31 -19.92
C GLY P 33 -61.42 -1.82 -18.98
N LYS P 34 -61.04 -2.67 -18.03
CA LYS P 34 -60.00 -2.34 -17.07
C LYS P 34 -58.93 -3.42 -17.08
N PRO P 35 -57.68 -3.07 -16.72
CA PRO P 35 -56.61 -4.06 -16.68
C PRO P 35 -56.91 -5.22 -15.74
N GLU P 36 -56.72 -6.45 -16.22
CA GLU P 36 -57.04 -7.65 -15.46
C GLU P 36 -56.07 -7.89 -14.31
N ASP P 37 -54.95 -7.16 -14.32
CA ASP P 37 -53.97 -7.28 -13.25
C ASP P 37 -54.31 -6.34 -12.08
N LEU P 38 -55.28 -5.46 -12.28
CA LEU P 38 -55.62 -4.46 -11.28
C LEU P 38 -56.91 -4.80 -10.52
N VAL P 39 -57.49 -5.96 -10.81
CA VAL P 39 -58.70 -6.38 -10.11
C VAL P 39 -58.36 -7.31 -8.93
N MET P 40 -58.90 -6.99 -7.76
CA MET P 40 -58.65 -7.81 -6.57
C MET P 40 -59.83 -8.72 -6.28
N MET P 41 -59.54 -9.98 -6.02
CA MET P 41 -60.57 -10.99 -5.83
C MET P 41 -60.41 -11.74 -4.52
N THR P 42 -61.49 -11.82 -3.75
CA THR P 42 -61.49 -12.56 -2.50
C THR P 42 -62.51 -13.68 -2.54
N PHE P 43 -62.19 -14.81 -1.91
CA PHE P 43 -63.07 -15.96 -1.92
C PHE P 43 -63.40 -16.41 -0.50
N HIS P 44 -64.69 -16.49 -0.19
CA HIS P 44 -65.15 -16.89 1.13
C HIS P 44 -66.00 -18.16 1.05
N ASP P 45 -65.34 -19.31 1.12
CA ASP P 45 -66.03 -20.59 1.00
C ASP P 45 -66.57 -21.08 2.34
N SER P 46 -67.45 -22.07 2.28
CA SER P 46 -68.08 -22.66 3.46
C SER P 46 -68.76 -21.61 4.33
N THR P 47 -69.36 -20.62 3.67
CA THR P 47 -70.05 -19.53 4.38
C THR P 47 -71.49 -19.90 4.70
N PRO P 48 -71.86 -19.85 5.99
CA PRO P 48 -73.22 -20.11 6.44
C PRO P 48 -74.22 -19.10 5.87
N MET P 49 -75.00 -19.52 4.87
CA MET P 49 -75.93 -18.62 4.21
C MET P 49 -77.35 -19.17 4.24
N HIS P 50 -78.32 -18.28 4.05
CA HIS P 50 -79.74 -18.67 4.03
C HIS P 50 -80.50 -17.85 3.00
N PHE P 51 -81.15 -18.54 2.07
CA PHE P 51 -81.87 -17.87 0.99
C PHE P 51 -83.03 -18.73 0.47
N PHE P 52 -84.14 -18.06 0.15
CA PHE P 52 -85.34 -18.72 -0.36
C PHE P 52 -85.88 -19.78 0.60
N GLY P 53 -85.70 -19.53 1.90
CA GLY P 53 -86.22 -20.43 2.92
C GLY P 53 -85.44 -21.73 3.05
N SER P 54 -84.19 -21.72 2.59
CA SER P 54 -83.35 -22.90 2.66
C SER P 54 -81.87 -22.55 2.80
N THR P 55 -81.09 -23.49 3.33
CA THR P 55 -79.65 -23.32 3.48
C THR P 55 -78.91 -24.02 2.35
N ASP P 56 -79.63 -24.27 1.26
CA ASP P 56 -79.07 -24.90 0.07
C ASP P 56 -77.93 -24.07 -0.52
N PRO P 57 -77.04 -24.71 -1.30
CA PRO P 57 -75.93 -24.03 -1.97
C PRO P 57 -76.34 -22.74 -2.66
N VAL P 58 -75.74 -21.63 -2.23
CA VAL P 58 -76.13 -20.31 -2.70
C VAL P 58 -74.91 -19.38 -2.74
N ALA P 59 -74.85 -18.52 -3.74
CA ALA P 59 -73.69 -17.65 -3.92
C ALA P 59 -74.08 -16.17 -3.93
N CYS P 60 -73.17 -15.33 -3.43
CA CYS P 60 -73.36 -13.88 -3.44
C CYS P 60 -72.10 -13.17 -3.90
N VAL P 61 -72.20 -12.45 -5.01
CA VAL P 61 -71.04 -11.77 -5.60
C VAL P 61 -71.13 -10.26 -5.45
N ARG P 62 -70.06 -9.65 -4.98
CA ARG P 62 -69.99 -8.20 -4.82
C ARG P 62 -69.00 -7.58 -5.79
N VAL P 63 -69.47 -6.65 -6.61
CA VAL P 63 -68.62 -5.97 -7.57
C VAL P 63 -68.51 -4.48 -7.24
N GLU P 64 -67.29 -4.01 -7.00
CA GLU P 64 -67.07 -2.62 -6.64
C GLU P 64 -65.99 -1.98 -7.49
N ALA P 65 -66.38 -0.98 -8.29
CA ALA P 65 -65.45 -0.29 -9.17
C ALA P 65 -65.63 1.22 -9.09
N LEU P 66 -64.53 1.94 -8.91
CA LEU P 66 -64.55 3.40 -8.85
C LEU P 66 -64.86 3.99 -10.22
N GLY P 67 -65.65 5.07 -10.23
CA GLY P 67 -66.02 5.73 -11.45
C GLY P 67 -67.31 5.22 -12.06
N GLY P 68 -67.92 4.23 -11.39
CA GLY P 68 -69.16 3.66 -11.85
C GLY P 68 -68.99 2.57 -12.88
N TYR P 69 -70.07 2.29 -13.62
CA TYR P 69 -70.05 1.24 -14.63
C TYR P 69 -70.64 1.74 -15.95
N GLY P 70 -70.38 1.01 -17.03
CA GLY P 70 -70.92 1.33 -18.33
C GLY P 70 -72.42 1.09 -18.43
N PRO P 71 -73.03 1.47 -19.56
CA PRO P 71 -74.47 1.31 -19.80
C PRO P 71 -74.92 -0.14 -19.82
N SER P 72 -74.33 -0.95 -20.70
CA SER P 72 -74.76 -2.33 -20.89
C SER P 72 -73.81 -3.32 -20.21
N GLU P 73 -72.84 -2.80 -19.47
CA GLU P 73 -71.85 -3.63 -18.79
C GLU P 73 -72.41 -4.47 -17.63
N PRO P 74 -73.22 -3.88 -16.73
CA PRO P 74 -73.71 -4.69 -15.61
C PRO P 74 -74.53 -5.91 -16.04
N GLU P 75 -75.31 -5.76 -17.11
CA GLU P 75 -76.10 -6.87 -17.64
C GLU P 75 -75.19 -7.99 -18.14
N LYS P 76 -74.08 -7.61 -18.76
CA LYS P 76 -73.13 -8.57 -19.29
C LYS P 76 -72.39 -9.30 -18.16
N VAL P 77 -71.90 -8.53 -17.18
CA VAL P 77 -71.16 -9.09 -16.06
C VAL P 77 -72.01 -10.09 -15.27
N THR P 78 -73.26 -9.72 -15.00
CA THR P 78 -74.18 -10.58 -14.26
C THR P 78 -74.39 -11.91 -14.97
N SER P 79 -74.56 -11.86 -16.28
CA SER P 79 -74.77 -13.05 -17.09
C SER P 79 -73.57 -13.99 -17.05
N ILE P 80 -72.36 -13.42 -17.18
CA ILE P 80 -71.14 -14.21 -17.19
C ILE P 80 -70.85 -14.81 -15.81
N VAL P 81 -70.96 -13.99 -14.76
CA VAL P 81 -70.70 -14.44 -13.40
C VAL P 81 -71.66 -15.55 -12.97
N THR P 82 -72.93 -15.37 -13.27
CA THR P 82 -73.95 -16.37 -12.94
C THR P 82 -73.66 -17.70 -13.61
N ALA P 83 -73.32 -17.65 -14.90
CA ALA P 83 -72.96 -18.85 -15.65
C ALA P 83 -71.68 -19.48 -15.13
N ALA P 84 -70.77 -18.63 -14.64
CA ALA P 84 -69.49 -19.09 -14.13
C ALA P 84 -69.65 -19.89 -12.84
N ILE P 85 -70.40 -19.33 -11.90
CA ILE P 85 -70.64 -19.99 -10.61
C ILE P 85 -71.44 -21.28 -10.83
N THR P 86 -72.36 -21.24 -11.79
CA THR P 86 -73.22 -22.38 -12.09
C THR P 86 -72.42 -23.59 -12.55
N ALA P 87 -71.47 -23.38 -13.45
CA ALA P 87 -70.66 -24.47 -13.99
C ALA P 87 -69.60 -24.92 -12.99
N VAL P 88 -68.95 -23.97 -12.34
CA VAL P 88 -67.84 -24.29 -11.43
C VAL P 88 -68.31 -24.84 -10.09
N CYS P 89 -69.22 -24.12 -9.43
CA CYS P 89 -69.65 -24.48 -8.08
C CYS P 89 -70.89 -25.38 -8.08
N GLY P 90 -71.62 -25.38 -9.19
CA GLY P 90 -72.82 -26.20 -9.30
C GLY P 90 -74.05 -25.52 -8.73
N ILE P 91 -73.92 -24.26 -8.34
CA ILE P 91 -75.04 -23.51 -7.79
C ILE P 91 -75.96 -23.01 -8.89
N VAL P 92 -77.26 -23.28 -8.75
CA VAL P 92 -78.24 -22.89 -9.75
C VAL P 92 -78.31 -21.37 -9.91
N ALA P 93 -78.75 -20.93 -11.10
CA ALA P 93 -78.80 -19.51 -11.43
C ALA P 93 -79.77 -18.73 -10.55
N ASP P 94 -80.86 -19.37 -10.15
CA ASP P 94 -81.90 -18.70 -9.37
C ASP P 94 -81.51 -18.51 -7.91
N ARG P 95 -80.28 -18.93 -7.57
CA ARG P 95 -79.77 -18.75 -6.21
C ARG P 95 -78.40 -18.08 -6.23
N ILE P 96 -78.24 -17.10 -7.11
CA ILE P 96 -76.99 -16.34 -7.21
C ILE P 96 -77.25 -14.84 -7.27
N PHE P 97 -76.76 -14.13 -6.27
CA PHE P 97 -76.89 -12.67 -6.24
C PHE P 97 -75.59 -12.00 -6.68
N VAL P 98 -75.72 -10.98 -7.52
CA VAL P 98 -74.58 -10.18 -7.95
C VAL P 98 -74.86 -8.70 -7.73
N LEU P 99 -74.24 -8.13 -6.70
CA LEU P 99 -74.48 -6.74 -6.34
C LEU P 99 -73.36 -5.84 -6.86
N TYR P 100 -73.72 -4.62 -7.24
CA TYR P 100 -72.76 -3.68 -7.78
C TYR P 100 -72.69 -2.40 -6.94
N PHE P 101 -71.48 -2.02 -6.55
CA PHE P 101 -71.27 -0.83 -5.74
C PHE P 101 -70.20 0.08 -6.34
N SER P 102 -70.16 1.33 -5.87
CA SER P 102 -69.17 2.28 -6.34
C SER P 102 -68.60 3.10 -5.18
N PRO P 103 -67.33 2.87 -4.85
CA PRO P 103 -66.67 3.55 -3.73
C PRO P 103 -66.39 5.02 -4.03
N LEU P 104 -66.40 5.86 -3.00
CA LEU P 104 -66.12 7.28 -3.15
C LEU P 104 -64.65 7.50 -3.47
N HIS P 105 -63.80 6.70 -2.86
CA HIS P 105 -62.36 6.76 -3.10
C HIS P 105 -61.75 5.36 -3.06
N CYS P 106 -60.64 5.18 -3.79
CA CYS P 106 -59.96 3.89 -3.83
C CYS P 106 -58.44 4.10 -3.79
N GLY P 107 -57.78 3.36 -2.91
CA GLY P 107 -56.34 3.52 -2.73
C GLY P 107 -55.52 2.31 -3.14
N TRP P 108 -54.35 2.57 -3.72
CA TRP P 108 -53.42 1.52 -4.11
C TRP P 108 -52.01 2.08 -4.16
N ASN P 109 -51.05 1.28 -3.70
CA ASN P 109 -49.65 1.67 -3.62
C ASN P 109 -49.44 2.93 -2.76
N GLY P 110 -50.30 3.10 -1.77
CA GLY P 110 -50.19 4.20 -0.83
C GLY P 110 -50.85 5.49 -1.29
N THR P 111 -51.42 5.47 -2.50
CA THR P 111 -52.06 6.66 -3.05
C THR P 111 -53.44 6.37 -3.61
N ASN P 112 -54.28 7.40 -3.68
CA ASN P 112 -55.62 7.26 -4.23
C ASN P 112 -55.65 7.53 -5.73
N PHE P 113 -56.77 7.19 -6.36
CA PHE P 113 -56.93 7.39 -7.80
C PHE P 113 -58.07 8.37 -8.09
N MET Q 1 -44.98 -36.33 71.20
CA MET Q 1 -45.08 -36.80 69.82
C MET Q 1 -46.48 -36.59 69.25
N PRO Q 2 -46.78 -35.37 68.79
CA PRO Q 2 -48.10 -35.05 68.26
C PRO Q 2 -48.29 -35.50 66.80
N VAL Q 3 -49.53 -35.78 66.43
CA VAL Q 3 -49.86 -36.18 65.06
C VAL Q 3 -50.98 -35.30 64.52
N ILE Q 4 -50.77 -34.72 63.34
CA ILE Q 4 -51.76 -33.83 62.74
C ILE Q 4 -52.23 -34.31 61.37
N GLN Q 5 -53.48 -34.76 61.30
CA GLN Q 5 -54.08 -35.18 60.03
C GLN Q 5 -54.84 -34.03 59.40
N THR Q 6 -54.64 -33.85 58.10
CA THR Q 6 -55.31 -32.76 57.38
C THR Q 6 -56.18 -33.29 56.25
N PHE Q 7 -57.50 -33.24 56.43
CA PHE Q 7 -58.43 -33.65 55.41
C PHE Q 7 -59.00 -32.45 54.68
N VAL Q 8 -58.83 -32.42 53.36
CA VAL Q 8 -59.33 -31.31 52.55
C VAL Q 8 -60.07 -31.82 51.31
N SER Q 9 -61.05 -31.05 50.86
CA SER Q 9 -61.81 -31.39 49.67
C SER Q 9 -61.13 -30.81 48.43
N THR Q 10 -60.21 -29.88 48.66
CA THR Q 10 -59.46 -29.25 47.57
C THR Q 10 -58.13 -29.94 47.36
N PRO Q 11 -57.68 -30.00 46.09
CA PRO Q 11 -56.38 -30.60 45.76
C PRO Q 11 -55.20 -29.86 46.39
N LEU Q 12 -54.20 -30.61 46.85
CA LEU Q 12 -53.02 -30.02 47.46
C LEU Q 12 -51.76 -30.40 46.70
N ASP Q 13 -50.92 -29.40 46.43
CA ASP Q 13 -49.65 -29.64 45.74
C ASP Q 13 -48.47 -29.53 46.70
N HIS Q 14 -47.28 -29.38 46.16
CA HIS Q 14 -46.07 -29.26 46.97
C HIS Q 14 -46.06 -27.97 47.77
N HIS Q 15 -46.46 -26.87 47.13
CA HIS Q 15 -46.42 -25.56 47.75
C HIS Q 15 -47.37 -25.48 48.95
N LYS Q 16 -48.61 -25.91 48.75
CA LYS Q 16 -49.61 -25.87 49.81
C LYS Q 16 -49.25 -26.78 50.97
N ARG Q 17 -48.86 -28.02 50.66
CA ARG Q 17 -48.52 -28.99 51.69
C ARG Q 17 -47.27 -28.59 52.46
N LEU Q 18 -46.30 -27.99 51.79
CA LEU Q 18 -45.09 -27.52 52.45
C LEU Q 18 -45.38 -26.36 53.39
N LEU Q 19 -46.25 -25.46 52.96
CA LEU Q 19 -46.64 -24.32 53.79
C LEU Q 19 -47.34 -24.77 55.06
N LEU Q 20 -48.31 -25.65 54.91
CA LEU Q 20 -49.05 -26.19 56.06
C LEU Q 20 -48.13 -27.01 56.96
N ALA Q 21 -47.12 -27.62 56.37
CA ALA Q 21 -46.15 -28.42 57.12
C ALA Q 21 -45.37 -27.54 58.08
N ILE Q 22 -44.85 -26.43 57.57
CA ILE Q 22 -44.09 -25.48 58.38
C ILE Q 22 -44.99 -24.86 59.44
N ILE Q 23 -46.24 -24.59 59.07
CA ILE Q 23 -47.23 -24.04 60.01
C ILE Q 23 -47.40 -24.93 61.23
N TYR Q 24 -47.65 -26.21 60.99
CA TYR Q 24 -47.85 -27.17 62.07
C TYR Q 24 -46.60 -27.30 62.94
N ARG Q 25 -45.43 -27.12 62.32
CA ARG Q 25 -44.16 -27.16 63.04
C ARG Q 25 -44.06 -25.99 64.04
N ILE Q 26 -44.42 -24.80 63.56
CA ILE Q 26 -44.39 -23.60 64.41
C ILE Q 26 -45.40 -23.70 65.54
N VAL Q 27 -46.60 -24.21 65.22
CA VAL Q 27 -47.65 -24.39 66.22
C VAL Q 27 -47.21 -25.38 67.28
N THR Q 28 -46.53 -26.44 66.86
CA THR Q 28 -46.06 -27.48 67.77
C THR Q 28 -45.02 -26.94 68.75
N ARG Q 29 -44.10 -26.12 68.25
CA ARG Q 29 -43.00 -25.61 69.06
C ARG Q 29 -43.41 -24.44 69.95
N VAL Q 30 -44.15 -23.49 69.37
CA VAL Q 30 -44.52 -22.28 70.09
C VAL Q 30 -45.70 -22.48 71.03
N VAL Q 31 -46.75 -23.14 70.55
CA VAL Q 31 -47.97 -23.30 71.33
C VAL Q 31 -47.96 -24.58 72.16
N LEU Q 32 -47.77 -25.72 71.50
CA LEU Q 32 -47.81 -27.01 72.18
C LEU Q 32 -46.57 -27.25 73.03
N GLY Q 33 -45.50 -26.51 72.75
CA GLY Q 33 -44.26 -26.65 73.48
C GLY Q 33 -43.58 -27.99 73.25
N LYS Q 34 -43.66 -28.48 72.03
CA LYS Q 34 -43.05 -29.75 71.66
C LYS Q 34 -42.13 -29.58 70.46
N PRO Q 35 -41.10 -30.44 70.34
CA PRO Q 35 -40.16 -30.34 69.22
C PRO Q 35 -40.85 -30.48 67.86
N GLU Q 36 -40.53 -29.58 66.94
CA GLU Q 36 -41.16 -29.54 65.63
C GLU Q 36 -40.67 -30.68 64.74
N ASP Q 37 -39.60 -31.35 65.17
CA ASP Q 37 -39.06 -32.48 64.43
C ASP Q 37 -39.77 -33.78 64.85
N LEU Q 38 -40.55 -33.71 65.91
CA LEU Q 38 -41.21 -34.89 66.46
C LEU Q 38 -42.70 -34.93 66.13
N VAL Q 39 -43.18 -33.96 65.37
CA VAL Q 39 -44.59 -33.95 64.97
C VAL Q 39 -44.76 -34.56 63.58
N MET Q 40 -45.68 -35.52 63.47
CA MET Q 40 -45.95 -36.19 62.21
C MET Q 40 -47.20 -35.63 61.54
N MET Q 41 -47.09 -35.34 60.25
CA MET Q 41 -48.19 -34.70 59.52
C MET Q 41 -48.58 -35.50 58.28
N THR Q 42 -49.87 -35.75 58.13
CA THR Q 42 -50.41 -36.44 56.96
C THR Q 42 -51.39 -35.53 56.23
N PHE Q 43 -51.40 -35.61 54.90
CA PHE Q 43 -52.26 -34.75 54.11
C PHE Q 43 -53.16 -35.57 53.20
N HIS Q 44 -54.47 -35.36 53.30
CA HIS Q 44 -55.44 -36.09 52.50
C HIS Q 44 -56.26 -35.15 51.63
N ASP Q 45 -55.76 -34.86 50.43
CA ASP Q 45 -56.42 -33.95 49.51
C ASP Q 45 -57.45 -34.65 48.64
N SER Q 46 -58.30 -33.86 47.99
CA SER Q 46 -59.34 -34.37 47.09
C SER Q 46 -60.25 -35.38 47.77
N THR Q 47 -60.56 -35.15 49.05
CA THR Q 47 -61.39 -36.05 49.82
C THR Q 47 -62.88 -35.74 49.63
N PRO Q 48 -63.65 -36.75 49.19
CA PRO Q 48 -65.11 -36.62 49.04
C PRO Q 48 -65.79 -36.33 50.37
N MET Q 49 -66.20 -35.09 50.58
CA MET Q 49 -66.80 -34.69 51.85
C MET Q 49 -68.16 -34.04 51.66
N HIS Q 50 -68.95 -34.01 52.74
CA HIS Q 50 -70.28 -33.41 52.71
C HIS Q 50 -70.55 -32.70 54.05
N PHE Q 51 -70.86 -31.42 53.98
CA PHE Q 51 -71.08 -30.63 55.18
C PHE Q 51 -72.00 -29.44 54.92
N PHE Q 52 -72.88 -29.16 55.88
CA PHE Q 52 -73.83 -28.04 55.80
C PHE Q 52 -74.73 -28.14 54.57
N GLY Q 53 -75.05 -29.37 54.17
CA GLY Q 53 -75.95 -29.60 53.05
C GLY Q 53 -75.32 -29.29 51.70
N SER Q 54 -74.00 -29.29 51.65
CA SER Q 54 -73.29 -29.01 50.40
C SER Q 54 -71.96 -29.75 50.34
N THR Q 55 -71.46 -29.96 49.13
CA THR Q 55 -70.17 -30.61 48.93
C THR Q 55 -69.08 -29.57 48.64
N ASP Q 56 -69.35 -28.32 49.03
CA ASP Q 56 -68.40 -27.23 48.86
C ASP Q 56 -67.09 -27.50 49.60
N PRO Q 57 -65.99 -26.85 49.16
CA PRO Q 57 -64.68 -26.96 49.81
C PRO Q 57 -64.74 -26.86 51.33
N VAL Q 58 -64.28 -27.93 51.99
CA VAL Q 58 -64.39 -28.04 53.45
C VAL Q 58 -63.19 -28.80 54.01
N ALA Q 59 -62.71 -28.39 55.18
CA ALA Q 59 -61.53 -29.00 55.77
C ALA Q 59 -61.78 -29.56 57.17
N CYS Q 60 -61.10 -30.64 57.51
CA CYS Q 60 -61.18 -31.24 58.83
C CYS Q 60 -59.78 -31.60 59.33
N VAL Q 61 -59.38 -30.99 60.44
CA VAL Q 61 -58.05 -31.22 60.99
C VAL Q 61 -58.10 -32.01 62.29
N ARG Q 62 -57.27 -33.05 62.38
CA ARG Q 62 -57.20 -33.89 63.57
C ARG Q 62 -55.88 -33.69 64.30
N VAL Q 63 -55.96 -33.30 65.56
CA VAL Q 63 -54.76 -33.10 66.38
C VAL Q 63 -54.71 -34.12 67.52
N GLU Q 64 -53.63 -34.90 67.56
CA GLU Q 64 -53.49 -35.94 68.57
C GLU Q 64 -52.14 -35.85 69.28
N ALA Q 65 -52.17 -35.55 70.58
CA ALA Q 65 -50.95 -35.44 71.37
C ALA Q 65 -51.09 -36.17 72.70
N LEU Q 66 -50.11 -37.00 73.03
CA LEU Q 66 -50.12 -37.75 74.28
C LEU Q 66 -49.90 -36.83 75.47
N GLY Q 67 -50.60 -37.11 76.57
CA GLY Q 67 -50.47 -36.32 77.78
C GLY Q 67 -51.48 -35.19 77.85
N GLY Q 68 -52.30 -35.07 76.81
CA GLY Q 68 -53.33 -34.04 76.76
C GLY Q 68 -52.80 -32.72 76.24
N TYR Q 69 -53.54 -31.65 76.53
CA TYR Q 69 -53.16 -30.31 76.08
C TYR Q 69 -53.20 -29.29 77.22
N GLY Q 70 -52.58 -28.15 77.00
CA GLY Q 70 -52.60 -27.06 77.96
C GLY Q 70 -53.96 -26.40 78.08
N PRO Q 71 -54.10 -25.46 79.03
CA PRO Q 71 -55.36 -24.75 79.27
C PRO Q 71 -55.83 -23.93 78.08
N SER Q 72 -54.98 -23.02 77.60
CA SER Q 72 -55.36 -22.11 76.52
C SER Q 72 -54.80 -22.52 75.17
N GLU Q 73 -54.17 -23.69 75.11
CA GLU Q 73 -53.56 -24.18 73.88
C GLU Q 73 -54.57 -24.56 72.78
N PRO Q 74 -55.63 -25.33 73.11
CA PRO Q 74 -56.56 -25.71 72.03
C PRO Q 74 -57.20 -24.52 71.32
N GLU Q 75 -57.53 -23.47 72.08
CA GLU Q 75 -58.13 -22.28 71.50
C GLU Q 75 -57.15 -21.59 70.54
N LYS Q 76 -55.88 -21.57 70.91
CA LYS Q 76 -54.85 -20.96 70.09
C LYS Q 76 -54.60 -21.76 68.82
N VAL Q 77 -54.46 -23.08 68.97
CA VAL Q 77 -54.19 -23.95 67.83
C VAL Q 77 -55.31 -23.88 66.79
N THR Q 78 -56.56 -23.91 67.28
CA THR Q 78 -57.71 -23.84 66.39
C THR Q 78 -57.73 -22.55 65.58
N SER Q 79 -57.41 -21.44 66.24
CA SER Q 79 -57.38 -20.13 65.59
C SER Q 79 -56.31 -20.07 64.50
N ILE Q 80 -55.13 -20.59 64.80
CA ILE Q 80 -54.02 -20.57 63.85
C ILE Q 80 -54.27 -21.52 62.67
N VAL Q 81 -54.68 -22.74 62.98
CA VAL Q 81 -54.94 -23.75 61.95
C VAL Q 81 -56.05 -23.31 60.99
N THR Q 82 -57.14 -22.80 61.54
CA THR Q 82 -58.25 -22.33 60.73
C THR Q 82 -57.81 -21.20 59.80
N ALA Q 83 -57.06 -20.25 60.34
CA ALA Q 83 -56.52 -19.15 59.54
C ALA Q 83 -55.52 -19.67 58.51
N ALA Q 84 -54.82 -20.73 58.87
CA ALA Q 84 -53.83 -21.33 57.98
C ALA Q 84 -54.51 -21.97 56.76
N ILE Q 85 -55.53 -22.78 57.03
CA ILE Q 85 -56.27 -23.44 55.96
C ILE Q 85 -57.00 -22.42 55.08
N THR Q 86 -57.48 -21.36 55.72
CA THR Q 86 -58.22 -20.31 55.01
C THR Q 86 -57.36 -19.61 53.96
N ALA Q 87 -56.13 -19.25 54.34
CA ALA Q 87 -55.24 -18.55 53.44
C ALA Q 87 -54.62 -19.48 52.39
N VAL Q 88 -54.21 -20.67 52.82
CA VAL Q 88 -53.54 -21.61 51.93
C VAL Q 88 -54.49 -22.33 50.99
N CYS Q 89 -55.55 -22.92 51.53
CA CYS Q 89 -56.46 -23.74 50.73
C CYS Q 89 -57.64 -22.94 50.19
N GLY Q 90 -57.91 -21.79 50.78
CA GLY Q 90 -59.01 -20.94 50.33
C GLY Q 90 -60.35 -21.35 50.92
N ILE Q 91 -60.31 -22.31 51.84
CA ILE Q 91 -61.54 -22.79 52.48
C ILE Q 91 -61.99 -21.84 53.58
N VAL Q 92 -63.26 -21.44 53.53
CA VAL Q 92 -63.81 -20.50 54.50
C VAL Q 92 -63.77 -21.05 55.93
N ALA Q 93 -63.75 -20.14 56.89
CA ALA Q 93 -63.62 -20.49 58.30
C ALA Q 93 -64.82 -21.29 58.81
N ASP Q 94 -66.01 -21.00 58.28
CA ASP Q 94 -67.24 -21.64 58.74
C ASP Q 94 -67.37 -23.08 58.21
N ARG Q 95 -66.36 -23.53 57.47
CA ARG Q 95 -66.33 -24.89 56.96
C ARG Q 95 -65.01 -25.58 57.31
N ILE Q 96 -64.53 -25.34 58.52
CA ILE Q 96 -63.30 -25.95 58.98
C ILE Q 96 -63.45 -26.55 60.38
N PHE Q 97 -63.31 -27.87 60.47
CA PHE Q 97 -63.36 -28.56 61.77
C PHE Q 97 -61.97 -28.87 62.27
N VAL Q 98 -61.74 -28.64 63.56
CA VAL Q 98 -60.46 -28.98 64.18
C VAL Q 98 -60.72 -29.82 65.44
N LEU Q 99 -60.46 -31.11 65.34
CA LEU Q 99 -60.72 -32.03 66.44
C LEU Q 99 -59.44 -32.35 67.21
N TYR Q 100 -59.58 -32.52 68.52
CA TYR Q 100 -58.43 -32.80 69.37
C TYR Q 100 -58.58 -34.13 70.11
N PHE Q 101 -57.55 -34.97 70.03
CA PHE Q 101 -57.57 -36.26 70.68
C PHE Q 101 -56.31 -36.48 71.52
N SER Q 102 -56.36 -37.45 72.42
CA SER Q 102 -55.22 -37.79 73.25
C SER Q 102 -55.08 -39.31 73.35
N PRO Q 103 -54.02 -39.85 72.73
CA PRO Q 103 -53.81 -41.31 72.73
C PRO Q 103 -53.38 -41.83 74.10
N LEU Q 104 -53.75 -43.07 74.40
CA LEU Q 104 -53.38 -43.70 75.66
C LEU Q 104 -51.89 -44.03 75.63
N HIS Q 105 -51.41 -44.41 74.46
CA HIS Q 105 -49.99 -44.71 74.26
C HIS Q 105 -49.53 -44.26 72.89
N CYS Q 106 -48.25 -43.94 72.78
CA CYS Q 106 -47.67 -43.50 71.51
C CYS Q 106 -46.29 -44.13 71.31
N GLY Q 107 -46.06 -44.69 70.13
CA GLY Q 107 -44.82 -45.39 69.87
C GLY Q 107 -43.94 -44.72 68.83
N TRP Q 108 -42.63 -44.76 69.05
CA TRP Q 108 -41.66 -44.20 68.13
C TRP Q 108 -40.31 -44.89 68.29
N ASN Q 109 -39.64 -45.14 67.18
CA ASN Q 109 -38.35 -45.84 67.16
C ASN Q 109 -38.43 -47.21 67.80
N GLY Q 110 -39.61 -47.83 67.70
CA GLY Q 110 -39.81 -49.18 68.21
C GLY Q 110 -40.16 -49.22 69.68
N THR Q 111 -40.24 -48.04 70.31
CA THR Q 111 -40.54 -47.96 71.74
C THR Q 111 -41.62 -46.92 72.03
N ASN Q 112 -42.30 -47.08 73.16
CA ASN Q 112 -43.35 -46.14 73.57
C ASN Q 112 -42.78 -45.02 74.42
N PHE Q 113 -43.59 -43.99 74.65
CA PHE Q 113 -43.18 -42.84 75.45
C PHE Q 113 -44.04 -42.70 76.71
N MET R 1 -69.54 7.44 13.20
CA MET R 1 -69.40 6.01 13.49
C MET R 1 -68.82 5.26 12.30
N PRO R 2 -67.49 5.30 12.15
CA PRO R 2 -66.80 4.65 11.03
C PRO R 2 -66.59 3.15 11.24
N VAL R 3 -66.52 2.41 10.15
CA VAL R 3 -66.27 0.96 10.20
C VAL R 3 -65.09 0.59 9.31
N ILE R 4 -64.13 -0.14 9.86
CA ILE R 4 -62.94 -0.52 9.12
C ILE R 4 -62.76 -2.03 9.02
N GLN R 5 -62.95 -2.56 7.82
CA GLN R 5 -62.73 -3.98 7.56
C GLN R 5 -61.33 -4.21 7.01
N THR R 6 -60.65 -5.22 7.54
CA THR R 6 -59.30 -5.53 7.11
C THR R 6 -59.20 -6.96 6.57
N PHE R 7 -59.06 -7.08 5.25
CA PHE R 7 -58.90 -8.38 4.62
C PHE R 7 -57.42 -8.63 4.31
N VAL R 8 -56.87 -9.71 4.83
CA VAL R 8 -55.47 -10.03 4.60
C VAL R 8 -55.28 -11.50 4.22
N SER R 9 -54.26 -11.76 3.41
CA SER R 9 -53.94 -13.12 2.99
C SER R 9 -52.99 -13.78 3.98
N THR R 10 -52.40 -12.97 4.85
CA THR R 10 -51.48 -13.45 5.87
C THR R 10 -52.21 -13.68 7.18
N PRO R 11 -51.78 -14.70 7.95
CA PRO R 11 -52.37 -14.99 9.25
C PRO R 11 -52.19 -13.83 10.24
N LEU R 12 -53.21 -13.56 11.05
CA LEU R 12 -53.13 -12.50 12.04
C LEU R 12 -53.32 -13.04 13.44
N ASP R 13 -52.45 -12.63 14.35
CA ASP R 13 -52.53 -13.04 15.75
C ASP R 13 -53.03 -11.92 16.63
N HIS R 14 -52.82 -12.05 17.94
CA HIS R 14 -53.23 -11.04 18.90
C HIS R 14 -52.42 -9.74 18.73
N HIS R 15 -51.12 -9.89 18.53
CA HIS R 15 -50.22 -8.74 18.43
C HIS R 15 -50.52 -7.88 17.20
N LYS R 16 -50.65 -8.52 16.05
CA LYS R 16 -50.90 -7.80 14.80
C LYS R 16 -52.24 -7.08 14.80
N ARG R 17 -53.28 -7.79 15.24
CA ARG R 17 -54.63 -7.23 15.27
C ARG R 17 -54.73 -6.08 16.28
N LEU R 18 -54.03 -6.21 17.40
CA LEU R 18 -54.02 -5.14 18.40
C LEU R 18 -53.31 -3.89 17.87
N LEU R 19 -52.23 -4.10 17.14
CA LEU R 19 -51.47 -3.00 16.55
C LEU R 19 -52.32 -2.23 15.54
N LEU R 20 -52.95 -2.96 14.63
CA LEU R 20 -53.81 -2.36 13.61
C LEU R 20 -55.02 -1.69 14.25
N ALA R 21 -55.45 -2.21 15.40
CA ALA R 21 -56.57 -1.63 16.13
C ALA R 21 -56.25 -0.23 16.64
N ILE R 22 -55.10 -0.09 17.28
CA ILE R 22 -54.67 1.20 17.80
C ILE R 22 -54.43 2.20 16.67
N ILE R 23 -53.87 1.71 15.56
CA ILE R 23 -53.63 2.52 14.37
C ILE R 23 -54.93 3.15 13.87
N TYR R 24 -55.95 2.31 13.67
CA TYR R 24 -57.24 2.77 13.17
C TYR R 24 -57.87 3.77 14.14
N ARG R 25 -57.60 3.59 15.42
CA ARG R 25 -58.09 4.49 16.45
C ARG R 25 -57.48 5.88 16.28
N ILE R 26 -56.17 5.93 16.08
CA ILE R 26 -55.46 7.19 15.88
C ILE R 26 -55.91 7.87 14.59
N VAL R 27 -56.07 7.06 13.54
CA VAL R 27 -56.53 7.57 12.25
C VAL R 27 -57.93 8.18 12.37
N THR R 28 -58.79 7.51 13.12
CA THR R 28 -60.16 7.95 13.31
C THR R 28 -60.22 9.30 14.05
N ARG R 29 -59.40 9.44 15.08
CA ARG R 29 -59.43 10.63 15.91
C ARG R 29 -58.67 11.80 15.28
N VAL R 30 -57.48 11.53 14.77
CA VAL R 30 -56.62 12.59 14.25
C VAL R 30 -57.02 13.03 12.85
N VAL R 31 -57.25 12.08 11.96
CA VAL R 31 -57.55 12.39 10.57
C VAL R 31 -59.04 12.53 10.29
N LEU R 32 -59.81 11.49 10.65
CA LEU R 32 -61.23 11.47 10.37
C LEU R 32 -62.02 12.40 11.28
N GLY R 33 -61.42 12.78 12.41
CA GLY R 33 -62.06 13.67 13.35
C GLY R 33 -63.27 13.05 14.03
N LYS R 34 -63.18 11.75 14.31
CA LYS R 34 -64.26 11.03 14.96
C LYS R 34 -63.75 10.31 16.20
N PRO R 35 -64.63 10.08 17.20
CA PRO R 35 -64.23 9.39 18.43
C PRO R 35 -63.67 7.99 18.17
N GLU R 36 -62.52 7.69 18.78
CA GLU R 36 -61.85 6.42 18.56
C GLU R 36 -62.56 5.26 19.24
N ASP R 37 -63.51 5.59 20.13
CA ASP R 37 -64.29 4.57 20.81
C ASP R 37 -65.51 4.18 19.98
N LEU R 38 -65.78 4.95 18.93
CA LEU R 38 -66.98 4.74 18.12
C LEU R 38 -66.67 4.07 16.79
N VAL R 39 -65.41 3.72 16.56
CA VAL R 39 -65.03 3.04 15.32
C VAL R 39 -65.00 1.53 15.51
N MET R 40 -65.67 0.81 14.61
CA MET R 40 -65.73 -0.64 14.67
C MET R 40 -64.77 -1.26 13.67
N MET R 41 -63.99 -2.23 14.13
CA MET R 41 -62.97 -2.84 13.29
C MET R 41 -63.12 -4.35 13.23
N THR R 42 -63.14 -4.89 12.01
CA THR R 42 -63.22 -6.34 11.82
C THR R 42 -61.98 -6.81 11.07
N PHE R 43 -61.50 -7.98 11.42
CA PHE R 43 -60.29 -8.53 10.80
C PHE R 43 -60.55 -9.92 10.21
N HIS R 44 -60.26 -10.07 8.93
CA HIS R 44 -60.46 -11.34 8.24
C HIS R 44 -59.12 -11.87 7.73
N ASP R 45 -58.44 -12.64 8.58
CA ASP R 45 -57.12 -13.17 8.24
C ASP R 45 -57.22 -14.49 7.50
N SER R 46 -56.10 -14.90 6.89
CA SER R 46 -56.02 -16.14 6.14
C SER R 46 -57.08 -16.22 5.06
N THR R 47 -57.38 -15.08 4.45
CA THR R 47 -58.42 -15.01 3.41
C THR R 47 -57.85 -15.36 2.04
N PRO R 48 -58.44 -16.37 1.38
CA PRO R 48 -58.04 -16.76 0.03
C PRO R 48 -58.26 -15.62 -0.96
N MET R 49 -57.18 -14.96 -1.36
CA MET R 49 -57.27 -13.82 -2.26
C MET R 49 -56.41 -14.00 -3.50
N HIS R 50 -56.73 -13.24 -4.54
CA HIS R 50 -55.97 -13.28 -5.78
C HIS R 50 -55.87 -11.88 -6.39
N PHE R 51 -54.65 -11.43 -6.63
CA PHE R 51 -54.42 -10.09 -7.15
C PHE R 51 -53.13 -10.00 -7.94
N PHE R 52 -53.17 -9.24 -9.04
CA PHE R 52 -52.02 -9.05 -9.92
C PHE R 52 -51.51 -10.38 -10.48
N GLY R 53 -52.41 -11.34 -10.67
CA GLY R 53 -52.06 -12.62 -11.25
C GLY R 53 -51.30 -13.52 -10.31
N SER R 54 -51.42 -13.27 -9.01
CA SER R 54 -50.72 -14.08 -8.02
C SER R 54 -51.49 -14.18 -6.71
N THR R 55 -51.21 -15.22 -5.93
CA THR R 55 -51.83 -15.40 -4.63
C THR R 55 -50.90 -14.93 -3.52
N ASP R 56 -49.94 -14.08 -3.88
CA ASP R 56 -49.01 -13.51 -2.93
C ASP R 56 -49.73 -12.69 -1.85
N PRO R 57 -49.10 -12.51 -0.68
CA PRO R 57 -49.66 -11.70 0.41
C PRO R 57 -50.25 -10.38 -0.07
N VAL R 58 -51.54 -10.20 0.16
CA VAL R 58 -52.26 -9.04 -0.37
C VAL R 58 -53.35 -8.61 0.61
N ALA R 59 -53.55 -7.30 0.75
CA ALA R 59 -54.52 -6.78 1.70
C ALA R 59 -55.57 -5.89 1.04
N CYS R 60 -56.77 -5.92 1.58
CA CYS R 60 -57.86 -5.05 1.13
C CYS R 60 -58.58 -4.44 2.33
N VAL R 61 -58.54 -3.12 2.43
CA VAL R 61 -59.14 -2.43 3.56
C VAL R 61 -60.39 -1.65 3.15
N ARG R 62 -61.46 -1.82 3.92
CA ARG R 62 -62.72 -1.13 3.66
C ARG R 62 -63.01 -0.09 4.73
N VAL R 63 -63.17 1.16 4.31
CA VAL R 63 -63.48 2.24 5.24
C VAL R 63 -64.86 2.82 4.94
N GLU R 64 -65.74 2.79 5.94
CA GLU R 64 -67.10 3.26 5.76
C GLU R 64 -67.49 4.24 6.86
N ALA R 65 -67.74 5.49 6.48
CA ALA R 65 -68.12 6.52 7.42
C ALA R 65 -69.31 7.33 6.91
N LEU R 66 -70.32 7.49 7.76
CA LEU R 66 -71.51 8.26 7.39
C LEU R 66 -71.18 9.74 7.27
N GLY R 67 -71.80 10.39 6.29
CA GLY R 67 -71.59 11.82 6.08
C GLY R 67 -70.46 12.10 5.11
N GLY R 68 -69.82 11.04 4.61
CA GLY R 68 -68.73 11.19 3.66
C GLY R 68 -67.40 11.44 4.35
N TYR R 69 -66.45 11.98 3.59
CA TYR R 69 -65.12 12.26 4.11
C TYR R 69 -64.69 13.69 3.79
N GLY R 70 -63.66 14.16 4.48
CA GLY R 70 -63.11 15.47 4.23
C GLY R 70 -62.38 15.56 2.90
N PRO R 71 -61.93 16.76 2.55
CA PRO R 71 -61.22 16.99 1.28
C PRO R 71 -59.90 16.21 1.18
N SER R 72 -59.01 16.40 2.14
CA SER R 72 -57.69 15.78 2.11
C SER R 72 -57.59 14.58 3.03
N GLU R 73 -58.70 14.20 3.65
CA GLU R 73 -58.72 13.08 4.60
C GLU R 73 -58.49 11.69 3.97
N PRO R 74 -59.19 11.37 2.87
CA PRO R 74 -58.99 10.01 2.32
C PRO R 74 -57.55 9.73 1.89
N GLU R 75 -56.87 10.74 1.35
CA GLU R 75 -55.48 10.60 0.95
C GLU R 75 -54.58 10.32 2.14
N LYS R 76 -54.89 10.98 3.26
CA LYS R 76 -54.11 10.81 4.49
C LYS R 76 -54.33 9.41 5.07
N VAL R 77 -55.59 9.00 5.15
CA VAL R 77 -55.95 7.69 5.69
C VAL R 77 -55.29 6.57 4.90
N THR R 78 -55.36 6.68 3.57
CA THR R 78 -54.80 5.67 2.68
C THR R 78 -53.29 5.51 2.90
N SER R 79 -52.59 6.62 3.05
CA SER R 79 -51.16 6.61 3.26
C SER R 79 -50.80 5.92 4.58
N ILE R 80 -51.54 6.25 5.63
CA ILE R 80 -51.28 5.68 6.95
C ILE R 80 -51.64 4.19 7.02
N VAL R 81 -52.82 3.85 6.50
CA VAL R 81 -53.30 2.47 6.52
C VAL R 81 -52.36 1.54 5.74
N THR R 82 -51.95 1.97 4.56
CA THR R 82 -51.04 1.21 3.73
C THR R 82 -49.71 0.96 4.44
N ALA R 83 -49.17 2.00 5.04
CA ALA R 83 -47.93 1.90 5.80
C ALA R 83 -48.10 1.01 7.02
N ALA R 84 -49.30 1.02 7.59
CA ALA R 84 -49.60 0.22 8.77
C ALA R 84 -49.59 -1.27 8.44
N ILE R 85 -50.28 -1.64 7.36
CA ILE R 85 -50.34 -3.03 6.92
C ILE R 85 -48.97 -3.50 6.49
N THR R 86 -48.20 -2.60 5.88
CA THR R 86 -46.86 -2.92 5.39
C THR R 86 -45.91 -3.31 6.51
N ALA R 87 -45.91 -2.53 7.59
CA ALA R 87 -45.03 -2.79 8.72
C ALA R 87 -45.51 -3.96 9.58
N VAL R 88 -46.81 -4.02 9.83
CA VAL R 88 -47.38 -5.03 10.72
C VAL R 88 -47.48 -6.41 10.04
N CYS R 89 -48.08 -6.45 8.85
CA CYS R 89 -48.35 -7.72 8.19
C CYS R 89 -47.23 -8.14 7.24
N GLY R 90 -46.38 -7.18 6.86
CA GLY R 90 -45.28 -7.46 5.96
C GLY R 90 -45.70 -7.44 4.50
N ILE R 91 -46.94 -7.04 4.25
CA ILE R 91 -47.46 -6.97 2.89
C ILE R 91 -46.98 -5.70 2.19
N VAL R 92 -46.42 -5.86 0.99
CA VAL R 92 -45.88 -4.74 0.24
C VAL R 92 -46.95 -3.71 -0.11
N ALA R 93 -46.52 -2.47 -0.32
CA ALA R 93 -47.44 -1.36 -0.58
C ALA R 93 -48.20 -1.55 -1.89
N ASP R 94 -47.56 -2.17 -2.88
CA ASP R 94 -48.15 -2.33 -4.20
C ASP R 94 -49.22 -3.43 -4.23
N ARG R 95 -49.50 -4.03 -3.08
CA ARG R 95 -50.53 -5.05 -2.98
C ARG R 95 -51.50 -4.74 -1.84
N ILE R 96 -51.87 -3.46 -1.70
CA ILE R 96 -52.80 -3.04 -0.67
C ILE R 96 -53.89 -2.12 -1.21
N PHE R 97 -55.14 -2.58 -1.13
CA PHE R 97 -56.28 -1.78 -1.55
C PHE R 97 -56.97 -1.14 -0.35
N VAL R 98 -57.33 0.14 -0.50
CA VAL R 98 -58.07 0.85 0.53
C VAL R 98 -59.31 1.51 -0.07
N LEU R 99 -60.47 0.93 0.19
CA LEU R 99 -61.72 1.42 -0.37
C LEU R 99 -62.51 2.27 0.61
N TYR R 100 -63.19 3.29 0.11
CA TYR R 100 -63.97 4.19 0.95
C TYR R 100 -65.44 4.19 0.53
N PHE R 101 -66.32 4.00 1.51
CA PHE R 101 -67.75 3.96 1.25
C PHE R 101 -68.50 4.89 2.20
N SER R 102 -69.74 5.20 1.85
CA SER R 102 -70.58 6.06 2.68
C SER R 102 -72.00 5.52 2.74
N PRO R 103 -72.40 5.01 3.92
CA PRO R 103 -73.74 4.43 4.10
C PRO R 103 -74.83 5.50 4.14
N LEU R 104 -76.03 5.15 3.67
CA LEU R 104 -77.15 6.07 3.69
C LEU R 104 -77.64 6.29 5.12
N HIS R 105 -77.59 5.22 5.91
CA HIS R 105 -77.98 5.28 7.32
C HIS R 105 -77.09 4.37 8.15
N CYS R 106 -76.91 4.71 9.42
CA CYS R 106 -76.10 3.91 10.33
C CYS R 106 -76.76 3.83 11.70
N GLY R 107 -76.86 2.62 12.25
CA GLY R 107 -77.54 2.40 13.50
C GLY R 107 -76.63 1.95 14.63
N TRP R 108 -76.90 2.45 15.83
CA TRP R 108 -76.15 2.06 17.02
C TRP R 108 -77.00 2.25 18.28
N ASN R 109 -76.88 1.31 19.21
CA ASN R 109 -77.65 1.31 20.45
C ASN R 109 -79.16 1.31 20.19
N GLY R 110 -79.56 0.69 19.07
CA GLY R 110 -80.97 0.55 18.73
C GLY R 110 -81.54 1.75 18.01
N THR R 111 -80.71 2.77 17.78
CA THR R 111 -81.15 3.98 17.11
C THR R 111 -80.19 4.40 16.01
N ASN R 112 -80.69 5.17 15.05
CA ASN R 112 -79.86 5.66 13.96
C ASN R 112 -79.24 7.01 14.29
N PHE R 113 -78.27 7.44 13.47
CA PHE R 113 -77.59 8.71 13.68
C PHE R 113 -77.84 9.66 12.52
N MET S 1 -3.03 -30.19 7.30
CA MET S 1 -4.47 -30.49 7.32
C MET S 1 -4.77 -31.68 8.22
N PRO S 2 -4.86 -31.44 9.53
CA PRO S 2 -5.11 -32.50 10.51
C PRO S 2 -6.59 -32.86 10.63
N VAL S 3 -6.85 -34.12 11.01
CA VAL S 3 -8.20 -34.61 11.22
C VAL S 3 -8.32 -35.26 12.60
N ILE S 4 -9.32 -34.86 13.36
CA ILE S 4 -9.49 -35.38 14.72
C ILE S 4 -10.84 -36.06 14.91
N GLN S 5 -10.82 -37.38 15.03
CA GLN S 5 -12.03 -38.15 15.31
C GLN S 5 -12.21 -38.39 16.80
N THR S 6 -13.42 -38.18 17.30
CA THR S 6 -13.70 -38.38 18.71
C THR S 6 -14.81 -39.41 18.93
N PHE S 7 -14.43 -40.58 19.40
CA PHE S 7 -15.41 -41.63 19.72
C PHE S 7 -15.68 -41.68 21.22
N VAL S 8 -16.95 -41.53 21.59
CA VAL S 8 -17.33 -41.56 22.99
C VAL S 8 -18.55 -42.45 23.21
N SER S 9 -18.63 -43.05 24.40
CA SER S 9 -19.76 -43.90 24.74
C SER S 9 -20.90 -43.08 25.35
N THR S 10 -20.59 -41.85 25.73
CA THR S 10 -21.59 -40.95 26.31
C THR S 10 -22.17 -40.03 25.24
N PRO S 11 -23.47 -39.68 25.37
CA PRO S 11 -24.14 -38.78 24.44
C PRO S 11 -23.54 -37.38 24.42
N LEU S 12 -23.46 -36.77 23.24
CA LEU S 12 -22.91 -35.43 23.09
C LEU S 12 -23.94 -34.47 22.50
N ASP S 13 -24.04 -33.28 23.11
CA ASP S 13 -24.96 -32.26 22.61
C ASP S 13 -24.20 -31.13 21.93
N HIS S 14 -24.87 -30.00 21.75
CA HIS S 14 -24.27 -28.85 21.11
C HIS S 14 -23.16 -28.22 21.95
N HIS S 15 -23.42 -28.10 23.25
CA HIS S 15 -22.48 -27.45 24.17
C HIS S 15 -21.16 -28.22 24.28
N LYS S 16 -21.25 -29.53 24.50
CA LYS S 16 -20.08 -30.36 24.66
C LYS S 16 -19.24 -30.43 23.38
N ARG S 17 -19.91 -30.64 22.25
CA ARG S 17 -19.22 -30.74 20.97
C ARG S 17 -18.56 -29.42 20.57
N LEU S 18 -19.21 -28.31 20.89
CA LEU S 18 -18.65 -26.99 20.60
C LEU S 18 -17.40 -26.72 21.43
N LEU S 19 -17.44 -27.15 22.70
CA LEU S 19 -16.28 -26.98 23.59
C LEU S 19 -15.08 -27.76 23.09
N LEU S 20 -15.29 -29.04 22.77
CA LEU S 20 -14.22 -29.89 22.25
C LEU S 20 -13.72 -29.37 20.90
N ALA S 21 -14.61 -28.73 20.15
CA ALA S 21 -14.24 -28.17 18.86
C ALA S 21 -13.23 -27.05 19.04
N ILE S 22 -13.51 -26.13 19.96
CA ILE S 22 -12.61 -25.01 20.25
C ILE S 22 -11.31 -25.52 20.84
N ILE S 23 -11.40 -26.54 21.69
CA ILE S 23 -10.22 -27.16 22.28
C ILE S 23 -9.25 -27.68 21.23
N TYR S 24 -9.77 -28.47 20.29
CA TYR S 24 -8.95 -29.05 19.24
C TYR S 24 -8.34 -27.97 18.35
N ARG S 25 -9.06 -26.86 18.18
CA ARG S 25 -8.58 -25.73 17.40
C ARG S 25 -7.36 -25.10 18.06
N ILE S 26 -7.44 -24.90 19.38
CA ILE S 26 -6.34 -24.32 20.13
C ILE S 26 -5.13 -25.26 20.14
N VAL S 27 -5.39 -26.56 20.29
CA VAL S 27 -4.33 -27.56 20.27
C VAL S 27 -3.62 -27.58 18.91
N THR S 28 -4.41 -27.45 17.85
CA THR S 28 -3.88 -27.46 16.49
C THR S 28 -2.98 -26.25 16.24
N ARG S 29 -3.41 -25.09 16.73
CA ARG S 29 -2.69 -23.85 16.50
C ARG S 29 -1.47 -23.68 17.42
N VAL S 30 -1.67 -23.96 18.71
CA VAL S 30 -0.61 -23.76 19.69
C VAL S 30 0.42 -24.88 19.70
N VAL S 31 -0.05 -26.13 19.69
CA VAL S 31 0.85 -27.27 19.80
C VAL S 31 1.27 -27.79 18.43
N LEU S 32 0.31 -28.11 17.58
CA LEU S 32 0.60 -28.69 16.28
C LEU S 32 1.17 -27.65 15.31
N GLY S 33 0.94 -26.38 15.59
CA GLY S 33 1.44 -25.31 14.75
C GLY S 33 0.79 -25.28 13.38
N LYS S 34 -0.50 -25.58 13.34
CA LYS S 34 -1.25 -25.59 12.08
C LYS S 34 -2.50 -24.71 12.21
N PRO S 35 -2.97 -24.16 11.07
CA PRO S 35 -4.17 -23.30 11.09
C PRO S 35 -5.39 -24.01 11.66
N GLU S 36 -6.08 -23.35 12.58
CA GLU S 36 -7.24 -23.92 13.26
C GLU S 36 -8.47 -24.00 12.35
N ASP S 37 -8.41 -23.32 11.21
CA ASP S 37 -9.51 -23.36 10.26
C ASP S 37 -9.36 -24.55 9.30
N LEU S 38 -8.20 -25.18 9.33
CA LEU S 38 -7.89 -26.27 8.41
C LEU S 38 -7.96 -27.64 9.08
N VAL S 39 -8.35 -27.68 10.35
CA VAL S 39 -8.48 -28.95 11.07
C VAL S 39 -9.93 -29.42 11.05
N MET S 40 -10.13 -30.68 10.65
CA MET S 40 -11.47 -31.25 10.59
C MET S 40 -11.74 -32.14 11.79
N MET S 41 -12.91 -31.96 12.40
CA MET S 41 -13.27 -32.68 13.61
C MET S 41 -14.59 -33.41 13.45
N THR S 42 -14.60 -34.70 13.80
CA THR S 42 -15.83 -35.48 13.77
C THR S 42 -16.16 -36.01 15.17
N PHE S 43 -17.45 -36.05 15.49
CA PHE S 43 -17.88 -36.51 16.80
C PHE S 43 -18.86 -37.66 16.69
N HIS S 44 -18.53 -38.78 17.34
CA HIS S 44 -19.37 -39.96 17.30
C HIS S 44 -19.86 -40.33 18.70
N ASP S 45 -21.01 -39.77 19.09
CA ASP S 45 -21.55 -39.99 20.43
C ASP S 45 -22.41 -41.25 20.47
N SER S 46 -22.69 -41.70 21.70
CA SER S 46 -23.51 -42.89 21.95
C SER S 46 -22.97 -44.11 21.21
N THR S 47 -21.65 -44.22 21.15
CA THR S 47 -21.01 -45.33 20.45
C THR S 47 -20.84 -46.53 21.38
N PRO S 48 -21.38 -47.69 20.99
CA PRO S 48 -21.24 -48.92 21.76
C PRO S 48 -19.78 -49.35 21.88
N MET S 49 -19.20 -49.14 23.06
CA MET S 49 -17.80 -49.44 23.27
C MET S 49 -17.61 -50.39 24.45
N HIS S 50 -16.45 -51.06 24.49
CA HIS S 50 -16.13 -51.98 25.57
C HIS S 50 -14.64 -51.90 25.89
N PHE S 51 -14.32 -51.62 27.15
CA PHE S 51 -12.93 -51.47 27.56
C PHE S 51 -12.75 -51.80 29.05
N PHE S 52 -11.64 -52.45 29.36
CA PHE S 52 -11.30 -52.86 30.73
C PHE S 52 -12.36 -53.74 31.35
N GLY S 53 -13.02 -54.55 30.53
CA GLY S 53 -14.00 -55.51 31.01
C GLY S 53 -15.32 -54.88 31.44
N SER S 54 -15.60 -53.68 30.94
CA SER S 54 -16.82 -52.97 31.30
C SER S 54 -17.33 -52.09 30.16
N THR S 55 -18.62 -51.77 30.19
CA THR S 55 -19.22 -50.88 29.21
C THR S 55 -19.34 -49.48 29.79
N ASP S 56 -18.55 -49.21 30.82
CA ASP S 56 -18.51 -47.91 31.47
C ASP S 56 -18.07 -46.82 30.48
N PRO S 57 -18.43 -45.56 30.78
CA PRO S 57 -18.03 -44.41 29.95
C PRO S 57 -16.55 -44.43 29.53
N VAL S 58 -16.32 -44.46 28.23
CA VAL S 58 -14.97 -44.62 27.69
C VAL S 58 -14.84 -43.86 26.36
N ALA S 59 -13.69 -43.24 26.13
CA ALA S 59 -13.48 -42.42 24.93
C ALA S 59 -12.28 -42.88 24.13
N CYS S 60 -12.36 -42.71 22.81
CA CYS S 60 -11.25 -43.01 21.90
C CYS S 60 -11.07 -41.88 20.90
N VAL S 61 -9.90 -41.24 20.94
CA VAL S 61 -9.60 -40.10 20.07
C VAL S 61 -8.57 -40.45 19.01
N ARG S 62 -8.87 -40.11 17.76
CA ARG S 62 -7.95 -40.37 16.65
C ARG S 62 -7.39 -39.07 16.08
N VAL S 63 -6.06 -38.96 16.09
CA VAL S 63 -5.39 -37.77 15.55
C VAL S 63 -4.58 -38.12 14.32
N GLU S 64 -4.88 -37.47 13.20
CA GLU S 64 -4.20 -37.75 11.94
C GLU S 64 -3.71 -36.46 11.29
N ALA S 65 -2.39 -36.33 11.18
CA ALA S 65 -1.81 -35.14 10.57
C ALA S 65 -0.71 -35.50 9.58
N LEU S 66 -0.78 -34.92 8.38
CA LEU S 66 0.21 -35.17 7.35
C LEU S 66 1.56 -34.55 7.71
N GLY S 67 2.64 -35.25 7.39
CA GLY S 67 3.98 -34.76 7.67
C GLY S 67 4.48 -35.22 9.03
N GLY S 68 3.66 -35.97 9.73
CA GLY S 68 4.02 -36.49 11.03
C GLY S 68 3.78 -35.50 12.16
N TYR S 69 4.45 -35.72 13.28
CA TYR S 69 4.30 -34.85 14.44
C TYR S 69 5.67 -34.43 14.98
N GLY S 70 5.68 -33.40 15.82
CA GLY S 70 6.90 -32.94 16.45
C GLY S 70 7.40 -33.91 17.50
N PRO S 71 8.59 -33.63 18.06
CA PRO S 71 9.20 -34.49 19.09
C PRO S 71 8.38 -34.58 20.37
N SER S 72 8.07 -33.43 20.97
CA SER S 72 7.37 -33.42 22.25
C SER S 72 5.89 -33.08 22.10
N GLU S 73 5.42 -32.96 20.86
CA GLU S 73 4.04 -32.61 20.59
C GLU S 73 3.00 -33.69 20.98
N PRO S 74 3.24 -34.98 20.62
CA PRO S 74 2.22 -35.97 20.96
C PRO S 74 1.94 -36.07 22.46
N GLU S 75 2.97 -35.91 23.29
CA GLU S 75 2.81 -35.96 24.73
C GLU S 75 1.94 -34.81 25.21
N LYS S 76 2.12 -33.64 24.60
CA LYS S 76 1.34 -32.46 24.95
C LYS S 76 -0.12 -32.61 24.53
N VAL S 77 -0.34 -33.04 23.28
CA VAL S 77 -1.69 -33.20 22.74
C VAL S 77 -2.50 -34.19 23.56
N THR S 78 -1.88 -35.33 23.89
CA THR S 78 -2.53 -36.38 24.67
C THR S 78 -2.99 -35.85 26.03
N SER S 79 -2.12 -35.09 26.68
CA SER S 79 -2.43 -34.53 28.00
C SER S 79 -3.62 -33.58 27.94
N ILE S 80 -3.64 -32.72 26.93
CA ILE S 80 -4.72 -31.74 26.78
C ILE S 80 -6.04 -32.41 26.40
N VAL S 81 -5.98 -33.30 25.42
CA VAL S 81 -7.17 -34.01 24.94
C VAL S 81 -7.81 -34.84 26.05
N THR S 82 -6.99 -35.59 26.78
CA THR S 82 -7.48 -36.42 27.88
C THR S 82 -8.17 -35.57 28.94
N ALA S 83 -7.53 -34.46 29.31
CA ALA S 83 -8.10 -33.51 30.27
C ALA S 83 -9.37 -32.89 29.72
N ALA S 84 -9.43 -32.70 28.40
CA ALA S 84 -10.59 -32.11 27.75
C ALA S 84 -11.80 -33.04 27.83
N ILE S 85 -11.60 -34.30 27.48
CA ILE S 85 -12.67 -35.29 27.53
C ILE S 85 -13.14 -35.51 28.96
N THR S 86 -12.19 -35.49 29.90
CA THR S 86 -12.49 -35.72 31.31
C THR S 86 -13.43 -34.67 31.88
N ALA S 87 -13.14 -33.41 31.61
CA ALA S 87 -13.95 -32.31 32.14
C ALA S 87 -15.28 -32.18 31.40
N VAL S 88 -15.24 -32.31 30.08
CA VAL S 88 -16.43 -32.10 29.25
C VAL S 88 -17.39 -33.29 29.30
N CYS S 89 -16.86 -34.48 29.06
CA CYS S 89 -17.71 -35.67 28.95
C CYS S 89 -17.87 -36.41 30.28
N GLY S 90 -16.97 -36.14 31.22
CA GLY S 90 -17.01 -36.77 32.52
C GLY S 90 -16.34 -38.13 32.54
N ILE S 91 -15.70 -38.50 31.44
CA ILE S 91 -15.01 -39.78 31.33
C ILE S 91 -13.65 -39.74 32.03
N VAL S 92 -13.39 -40.71 32.89
CA VAL S 92 -12.14 -40.76 33.64
C VAL S 92 -10.93 -40.90 32.72
N ALA S 93 -9.78 -40.44 33.21
CA ALA S 93 -8.55 -40.42 32.42
C ALA S 93 -8.06 -41.82 32.04
N ASP S 94 -8.28 -42.78 32.94
CA ASP S 94 -7.78 -44.15 32.71
C ASP S 94 -8.62 -44.91 31.68
N ARG S 95 -9.62 -44.24 31.12
CA ARG S 95 -10.45 -44.84 30.09
C ARG S 95 -10.54 -43.95 28.86
N ILE S 96 -9.40 -43.36 28.48
CA ILE S 96 -9.33 -42.49 27.31
C ILE S 96 -8.13 -42.82 26.42
N PHE S 97 -8.40 -43.24 25.19
CA PHE S 97 -7.34 -43.53 24.23
C PHE S 97 -7.15 -42.38 23.24
N VAL S 98 -5.90 -42.03 22.98
CA VAL S 98 -5.56 -41.02 21.98
C VAL S 98 -4.54 -41.58 21.01
N LEU S 99 -4.98 -41.90 19.79
CA LEU S 99 -4.12 -42.51 18.79
C LEU S 99 -3.64 -41.49 17.77
N TYR S 100 -2.41 -41.66 17.29
CA TYR S 100 -1.83 -40.74 16.32
C TYR S 100 -1.44 -41.46 15.03
N PHE S 101 -1.88 -40.92 13.89
CA PHE S 101 -1.58 -41.53 12.60
C PHE S 101 -1.04 -40.48 11.62
N SER S 102 -0.43 -40.96 10.54
CA SER S 102 0.09 -40.08 9.51
C SER S 102 -0.23 -40.62 8.11
N PRO S 103 -1.11 -39.92 7.39
CA PRO S 103 -1.55 -40.34 6.05
C PRO S 103 -0.47 -40.14 4.99
N LEU S 104 -0.46 -41.00 3.97
CA LEU S 104 0.49 -40.89 2.88
C LEU S 104 0.19 -39.69 2.00
N HIS S 105 -1.10 -39.41 1.81
CA HIS S 105 -1.53 -38.28 1.02
C HIS S 105 -2.79 -37.64 1.61
N CYS S 106 -2.97 -36.34 1.38
CA CYS S 106 -4.13 -35.62 1.89
C CYS S 106 -4.66 -34.65 0.84
N GLY S 107 -5.97 -34.68 0.60
CA GLY S 107 -6.57 -33.84 -0.42
C GLY S 107 -7.53 -32.80 0.13
N TRP S 108 -7.51 -31.62 -0.46
CA TRP S 108 -8.43 -30.54 -0.08
C TRP S 108 -8.65 -29.58 -1.23
N ASN S 109 -9.88 -29.11 -1.38
CA ASN S 109 -10.28 -28.21 -2.46
C ASN S 109 -10.00 -28.81 -3.83
N GLY S 110 -10.06 -30.13 -3.93
CA GLY S 110 -9.87 -30.82 -5.19
C GLY S 110 -8.42 -31.08 -5.52
N THR S 111 -7.52 -30.65 -4.64
CA THR S 111 -6.09 -30.82 -4.88
C THR S 111 -5.35 -31.36 -3.65
N ASN S 112 -4.20 -31.98 -3.90
CA ASN S 112 -3.35 -32.51 -2.84
C ASN S 112 -2.33 -31.48 -2.39
N PHE S 113 -1.60 -31.79 -1.32
CA PHE S 113 -0.61 -30.87 -0.78
C PHE S 113 0.80 -31.42 -0.95
N LEU S 114 1.78 -30.53 -0.82
CA LEU S 114 3.19 -30.87 -1.02
C LEU S 114 3.44 -31.47 -2.40
N MET T 1 -71.18 -30.88 67.39
CA MET T 1 -70.49 -30.98 66.10
C MET T 1 -69.89 -32.36 65.90
N PRO T 2 -70.72 -33.32 65.46
CA PRO T 2 -70.27 -34.70 65.26
C PRO T 2 -69.56 -34.92 63.93
N VAL T 3 -68.67 -35.90 63.89
CA VAL T 3 -67.94 -36.23 62.67
C VAL T 3 -68.08 -37.72 62.34
N ILE T 4 -68.47 -38.02 61.10
CA ILE T 4 -68.68 -39.40 60.68
C ILE T 4 -67.80 -39.77 59.48
N GLN T 5 -66.80 -40.61 59.72
CA GLN T 5 -65.94 -41.10 58.66
C GLN T 5 -66.44 -42.44 58.13
N THR T 6 -66.46 -42.59 56.81
CA THR T 6 -66.94 -43.82 56.18
C THR T 6 -65.86 -44.48 55.32
N PHE T 7 -65.33 -45.59 55.79
CA PHE T 7 -64.35 -46.36 55.03
C PHE T 7 -65.01 -47.57 54.38
N VAL T 8 -64.90 -47.66 53.06
CA VAL T 8 -65.49 -48.77 52.33
C VAL T 8 -64.50 -49.34 51.32
N SER T 9 -64.61 -50.65 51.06
CA SER T 9 -63.73 -51.30 50.09
C SER T 9 -64.32 -51.22 48.69
N THR T 10 -65.61 -50.89 48.61
CA THR T 10 -66.29 -50.76 47.33
C THR T 10 -66.33 -49.31 46.86
N PRO T 11 -66.26 -49.09 45.55
CA PRO T 11 -66.32 -47.74 44.98
C PRO T 11 -67.64 -47.05 45.28
N LEU T 12 -67.58 -45.74 45.56
CA LEU T 12 -68.78 -44.96 45.85
C LEU T 12 -68.94 -43.83 44.84
N ASP T 13 -70.16 -43.66 44.34
CA ASP T 13 -70.45 -42.60 43.38
C ASP T 13 -71.24 -41.47 44.03
N HIS T 14 -71.85 -40.63 43.19
CA HIS T 14 -72.64 -39.51 43.68
C HIS T 14 -73.92 -39.99 44.38
N HIS T 15 -74.58 -40.97 43.79
CA HIS T 15 -75.86 -41.45 44.31
C HIS T 15 -75.70 -42.10 45.69
N LYS T 16 -74.72 -42.99 45.82
CA LYS T 16 -74.49 -43.70 47.07
C LYS T 16 -74.05 -42.76 48.19
N ARG T 17 -73.12 -41.86 47.87
CA ARG T 17 -72.60 -40.92 48.87
C ARG T 17 -73.67 -39.94 49.32
N LEU T 18 -74.53 -39.52 48.40
CA LEU T 18 -75.62 -38.61 48.73
C LEU T 18 -76.64 -39.29 49.64
N LEU T 19 -76.91 -40.56 49.37
CA LEU T 19 -77.84 -41.35 50.18
C LEU T 19 -77.33 -41.50 51.61
N LEU T 20 -76.08 -41.91 51.75
CA LEU T 20 -75.46 -42.08 53.06
C LEU T 20 -75.35 -40.75 53.81
N ALA T 21 -75.21 -39.67 53.04
CA ALA T 21 -75.12 -38.33 53.62
C ALA T 21 -76.43 -37.95 54.31
N ILE T 22 -77.54 -38.15 53.63
CA ILE T 22 -78.86 -37.84 54.17
C ILE T 22 -79.16 -38.75 55.37
N ILE T 23 -78.74 -40.00 55.28
CA ILE T 23 -78.91 -40.95 56.37
C ILE T 23 -78.25 -40.45 57.65
N TYR T 24 -76.98 -40.06 57.54
CA TYR T 24 -76.22 -39.56 58.67
C TYR T 24 -76.83 -38.28 59.24
N ARG T 25 -77.45 -37.49 58.36
CA ARG T 25 -78.13 -36.27 58.77
C ARG T 25 -79.31 -36.60 59.66
N ILE T 26 -80.10 -37.59 59.25
CA ILE T 26 -81.26 -38.03 60.02
C ILE T 26 -80.82 -38.64 61.35
N VAL T 27 -79.74 -39.43 61.30
CA VAL T 27 -79.19 -40.05 62.50
C VAL T 27 -78.72 -38.98 63.49
N THR T 28 -78.09 -37.93 62.97
CA THR T 28 -77.58 -36.86 63.80
C THR T 28 -78.70 -36.09 64.50
N ARG T 29 -79.77 -35.81 63.77
CA ARG T 29 -80.88 -35.01 64.30
C ARG T 29 -81.84 -35.82 65.18
N VAL T 30 -82.22 -37.00 64.71
CA VAL T 30 -83.22 -37.80 65.41
C VAL T 30 -82.63 -38.56 66.60
N VAL T 31 -81.49 -39.21 66.38
CA VAL T 31 -80.89 -40.04 67.42
C VAL T 31 -79.90 -39.28 68.28
N LEU T 32 -78.92 -38.65 67.63
CA LEU T 32 -77.87 -37.94 68.34
C LEU T 32 -78.37 -36.62 68.94
N GLY T 33 -79.49 -36.12 68.40
CA GLY T 33 -80.07 -34.88 68.87
C GLY T 33 -79.22 -33.67 68.60
N LYS T 34 -78.56 -33.67 67.44
CA LYS T 34 -77.70 -32.57 67.04
C LYS T 34 -78.10 -32.05 65.66
N PRO T 35 -77.83 -30.76 65.38
CA PRO T 35 -78.17 -30.17 64.08
C PRO T 35 -77.53 -30.90 62.90
N GLU T 36 -78.33 -31.21 61.90
CA GLU T 36 -77.87 -31.98 60.74
C GLU T 36 -76.97 -31.16 59.82
N ASP T 37 -76.95 -29.85 60.03
CA ASP T 37 -76.08 -28.97 59.23
C ASP T 37 -74.69 -28.86 59.85
N LEU T 38 -74.55 -29.37 61.08
CA LEU T 38 -73.29 -29.25 61.81
C LEU T 38 -72.50 -30.55 61.84
N VAL T 39 -72.99 -31.58 61.16
CA VAL T 39 -72.30 -32.86 61.10
C VAL T 39 -71.45 -32.96 59.83
N MET T 40 -70.18 -33.30 60.00
CA MET T 40 -69.26 -33.42 58.87
C MET T 40 -69.06 -34.89 58.49
N MET T 41 -69.16 -35.17 57.19
CA MET T 41 -69.08 -36.54 56.70
C MET T 41 -68.01 -36.67 55.62
N THR T 42 -67.15 -37.67 55.79
CA THR T 42 -66.12 -37.97 54.80
C THR T 42 -66.30 -39.38 54.27
N PHE T 43 -66.02 -39.58 52.99
CA PHE T 43 -66.19 -40.89 52.36
C PHE T 43 -64.89 -41.38 51.72
N HIS T 44 -64.46 -42.57 52.12
CA HIS T 44 -63.23 -43.15 51.60
C HIS T 44 -63.51 -44.47 50.86
N ASP T 45 -63.80 -44.37 49.57
CA ASP T 45 -64.12 -45.55 48.77
C ASP T 45 -62.87 -46.20 48.19
N SER T 46 -63.03 -47.42 47.69
CA SER T 46 -61.95 -48.20 47.09
C SER T 46 -60.74 -48.32 48.01
N THR T 47 -61.00 -48.47 49.31
CA THR T 47 -59.93 -48.58 50.30
C THR T 47 -59.46 -50.02 50.45
N PRO T 48 -58.15 -50.26 50.25
CA PRO T 48 -57.56 -51.58 50.44
C PRO T 48 -57.71 -52.08 51.87
N MET T 49 -58.64 -52.99 52.10
CA MET T 49 -58.92 -53.48 53.44
C MET T 49 -58.83 -55.00 53.52
N HIS T 50 -58.67 -55.51 54.74
CA HIS T 50 -58.58 -56.94 54.97
C HIS T 50 -59.29 -57.28 56.29
N PHE T 51 -60.28 -58.17 56.22
CA PHE T 51 -61.07 -58.52 57.39
C PHE T 51 -61.64 -59.93 57.28
N PHE T 52 -61.65 -60.63 58.41
CA PHE T 52 -62.16 -62.00 58.48
C PHE T 52 -61.43 -62.94 57.52
N GLY T 53 -60.15 -62.67 57.30
CA GLY T 53 -59.32 -63.50 56.45
C GLY T 53 -59.62 -63.35 54.98
N SER T 54 -60.23 -62.24 54.61
CA SER T 54 -60.59 -61.99 53.21
C SER T 54 -60.57 -60.51 52.87
N THR T 55 -60.42 -60.21 51.58
CA THR T 55 -60.45 -58.84 51.09
C THR T 55 -61.82 -58.53 50.50
N ASP T 56 -62.81 -59.32 50.91
CA ASP T 56 -64.18 -59.14 50.48
C ASP T 56 -64.72 -57.76 50.89
N PRO T 57 -65.75 -57.26 50.18
CA PRO T 57 -66.39 -55.98 50.51
C PRO T 57 -66.66 -55.80 52.00
N VAL T 58 -66.06 -54.76 52.58
CA VAL T 58 -66.12 -54.55 54.02
C VAL T 58 -66.10 -53.06 54.33
N ALA T 59 -66.86 -52.65 55.34
CA ALA T 59 -66.97 -51.23 55.67
C ALA T 59 -66.59 -50.95 57.13
N CYS T 60 -66.01 -49.77 57.36
CA CYS T 60 -65.65 -49.33 58.70
C CYS T 60 -66.07 -47.88 58.91
N VAL T 61 -66.97 -47.65 59.86
CA VAL T 61 -67.49 -46.31 60.12
C VAL T 61 -66.99 -45.74 61.44
N ARG T 62 -66.52 -44.51 61.41
CA ARG T 62 -66.04 -43.83 62.61
C ARG T 62 -66.97 -42.69 63.01
N VAL T 63 -67.49 -42.76 64.23
CA VAL T 63 -68.38 -41.72 64.73
C VAL T 63 -67.74 -40.98 65.89
N GLU T 64 -67.61 -39.66 65.75
CA GLU T 64 -66.97 -38.85 66.78
C GLU T 64 -67.84 -37.65 67.15
N ALA T 65 -68.30 -37.61 68.39
CA ALA T 65 -69.14 -36.52 68.87
C ALA T 65 -68.65 -36.02 70.23
N LEU T 66 -68.50 -34.71 70.35
CA LEU T 66 -68.05 -34.09 71.60
C LEU T 66 -69.12 -34.19 72.67
N GLY T 67 -68.69 -34.43 73.91
CA GLY T 67 -69.61 -34.53 75.03
C GLY T 67 -70.08 -35.94 75.27
N GLY T 68 -69.61 -36.87 74.45
CA GLY T 68 -69.98 -38.27 74.60
C GLY T 68 -71.27 -38.59 73.88
N TYR T 69 -71.91 -39.69 74.29
CA TYR T 69 -73.15 -40.12 73.67
C TYR T 69 -74.22 -40.42 74.73
N GLY T 70 -75.47 -40.50 74.30
CA GLY T 70 -76.56 -40.85 75.18
C GLY T 70 -76.52 -42.31 75.59
N PRO T 71 -77.41 -42.72 76.51
CA PRO T 71 -77.47 -44.09 76.99
C PRO T 71 -77.79 -45.10 75.90
N SER T 72 -78.91 -44.91 75.21
CA SER T 72 -79.36 -45.86 74.20
C SER T 72 -79.08 -45.39 72.77
N GLU T 73 -78.38 -44.27 72.64
CA GLU T 73 -78.08 -43.71 71.32
C GLU T 73 -77.08 -44.53 70.47
N PRO T 74 -75.95 -44.99 71.06
CA PRO T 74 -75.01 -45.73 70.22
C PRO T 74 -75.59 -47.02 69.61
N GLU T 75 -76.45 -47.70 70.36
CA GLU T 75 -77.09 -48.91 69.87
C GLU T 75 -77.99 -48.63 68.67
N LYS T 76 -78.68 -47.50 68.71
CA LYS T 76 -79.56 -47.09 67.62
C LYS T 76 -78.76 -46.71 66.38
N VAL T 77 -77.72 -45.91 66.57
CA VAL T 77 -76.88 -45.46 65.46
C VAL T 77 -76.24 -46.63 64.73
N THR T 78 -75.71 -47.58 65.49
CA THR T 78 -75.06 -48.76 64.91
C THR T 78 -76.02 -49.57 64.03
N SER T 79 -77.24 -49.74 64.52
CA SER T 79 -78.26 -50.48 63.79
C SER T 79 -78.63 -49.80 62.47
N ILE T 80 -78.79 -48.48 62.51
CA ILE T 80 -79.15 -47.70 61.33
C ILE T 80 -78.03 -47.65 60.30
N VAL T 81 -76.82 -47.35 60.77
CA VAL T 81 -75.67 -47.23 59.89
C VAL T 81 -75.37 -48.56 59.18
N THR T 82 -75.38 -49.65 59.94
CA THR T 82 -75.14 -50.97 59.39
C THR T 82 -76.17 -51.32 58.32
N ALA T 83 -77.44 -51.06 58.62
CA ALA T 83 -78.52 -51.29 57.67
C ALA T 83 -78.39 -50.37 56.46
N ALA T 84 -77.86 -49.17 56.68
CA ALA T 84 -77.67 -48.21 55.61
C ALA T 84 -76.58 -48.67 54.63
N ILE T 85 -75.44 -49.07 55.18
CA ILE T 85 -74.33 -49.54 54.35
C ILE T 85 -74.71 -50.84 53.63
N THR T 86 -75.50 -51.68 54.29
CA THR T 86 -75.92 -52.95 53.74
C THR T 86 -76.74 -52.77 52.47
N ALA T 87 -77.70 -51.86 52.50
CA ALA T 87 -78.57 -51.62 51.37
C ALA T 87 -77.87 -50.82 50.27
N VAL T 88 -77.12 -49.80 50.66
CA VAL T 88 -76.47 -48.91 49.71
C VAL T 88 -75.24 -49.53 49.03
N CYS T 89 -74.33 -50.05 49.84
CA CYS T 89 -73.06 -50.56 49.32
C CYS T 89 -73.12 -52.05 48.99
N GLY T 90 -74.11 -52.74 49.56
CA GLY T 90 -74.28 -54.16 49.32
C GLY T 90 -73.39 -55.01 50.22
N ILE T 91 -72.73 -54.35 51.16
CA ILE T 91 -71.85 -55.04 52.11
C ILE T 91 -72.67 -55.69 53.23
N VAL T 92 -72.42 -56.97 53.47
CA VAL T 92 -73.15 -57.71 54.48
C VAL T 92 -72.93 -57.12 55.88
N ALA T 93 -73.88 -57.37 56.77
CA ALA T 93 -73.85 -56.81 58.11
C ALA T 93 -72.66 -57.31 58.93
N ASP T 94 -72.27 -58.55 58.69
CA ASP T 94 -71.19 -59.17 59.45
C ASP T 94 -69.81 -58.65 59.04
N ARG T 95 -69.79 -57.69 58.12
CA ARG T 95 -68.55 -57.07 57.68
C ARG T 95 -68.64 -55.55 57.77
N ILE T 96 -69.26 -55.06 58.84
CA ILE T 96 -69.40 -53.63 59.06
C ILE T 96 -69.04 -53.23 60.49
N PHE T 97 -67.99 -52.42 60.64
CA PHE T 97 -67.58 -51.92 61.94
C PHE T 97 -68.06 -50.49 62.15
N VAL T 98 -68.59 -50.21 63.35
CA VAL T 98 -69.00 -48.86 63.71
C VAL T 98 -68.37 -48.46 65.03
N LEU T 99 -67.38 -47.58 64.97
CA LEU T 99 -66.65 -47.16 66.16
C LEU T 99 -67.11 -45.79 66.66
N TYR T 100 -67.11 -45.62 67.97
CA TYR T 100 -67.53 -44.37 68.58
C TYR T 100 -66.43 -43.74 69.43
N PHE T 101 -66.17 -42.46 69.18
CA PHE T 101 -65.12 -41.72 69.87
C PHE T 101 -65.64 -40.40 70.42
N SER T 102 -64.89 -39.83 71.35
CA SER T 102 -65.24 -38.54 71.93
C SER T 102 -64.02 -37.66 72.09
N PRO T 103 -63.92 -36.59 71.29
CA PRO T 103 -62.77 -35.70 71.31
C PRO T 103 -62.72 -34.82 72.56
N LEU T 104 -61.53 -34.47 73.01
CA LEU T 104 -61.36 -33.62 74.18
C LEU T 104 -61.79 -32.18 73.86
N HIS T 105 -61.50 -31.75 72.64
CA HIS T 105 -61.89 -30.42 72.19
C HIS T 105 -62.26 -30.45 70.71
N CYS T 106 -63.13 -29.53 70.30
CA CYS T 106 -63.56 -29.44 68.92
C CYS T 106 -63.67 -27.99 68.48
N GLY T 107 -63.08 -27.67 67.33
CA GLY T 107 -63.05 -26.30 66.85
C GLY T 107 -63.84 -26.08 65.57
N TRP T 108 -64.50 -24.93 65.47
CA TRP T 108 -65.25 -24.56 64.29
C TRP T 108 -65.37 -23.04 64.19
N ASN T 109 -65.25 -22.53 62.96
CA ASN T 109 -65.28 -21.10 62.69
C ASN T 109 -64.20 -20.33 63.46
N GLY T 110 -63.09 -21.00 63.74
CA GLY T 110 -61.95 -20.37 64.40
C GLY T 110 -62.01 -20.36 65.92
N THR T 111 -63.09 -20.89 66.49
CA THR T 111 -63.26 -20.90 67.93
C THR T 111 -63.70 -22.28 68.44
N ASN T 112 -63.42 -22.56 69.71
CA ASN T 112 -63.83 -23.82 70.32
C ASN T 112 -65.20 -23.71 70.98
N PHE T 113 -65.76 -24.87 71.35
CA PHE T 113 -67.07 -24.91 71.99
C PHE T 113 -66.97 -25.48 73.39
N MET U 1 -84.73 -7.11 -3.93
CA MET U 1 -83.78 -8.17 -3.59
C MET U 1 -82.74 -7.67 -2.58
N PRO U 2 -83.11 -7.65 -1.29
CA PRO U 2 -82.22 -7.16 -0.22
C PRO U 2 -81.20 -8.21 0.23
N VAL U 3 -80.07 -7.74 0.74
CA VAL U 3 -79.02 -8.62 1.25
C VAL U 3 -78.62 -8.20 2.66
N ILE U 4 -78.60 -9.17 3.59
CA ILE U 4 -78.29 -8.88 4.98
C ILE U 4 -77.07 -9.67 5.48
N GLN U 5 -75.97 -8.97 5.70
CA GLN U 5 -74.77 -9.57 6.25
C GLN U 5 -74.72 -9.41 7.77
N THR U 6 -74.37 -10.49 8.48
CA THR U 6 -74.31 -10.46 9.93
C THR U 6 -72.92 -10.83 10.45
N PHE U 7 -72.19 -9.85 10.95
CA PHE U 7 -70.89 -10.08 11.54
C PHE U 7 -70.98 -10.09 13.07
N VAL U 8 -70.58 -11.19 13.69
CA VAL U 8 -70.64 -11.32 15.14
C VAL U 8 -69.35 -11.85 15.73
N SER U 9 -69.04 -11.45 16.94
CA SER U 9 -67.83 -11.91 17.64
C SER U 9 -68.11 -13.20 18.41
N THR U 10 -69.38 -13.50 18.60
CA THR U 10 -69.79 -14.70 19.32
C THR U 10 -70.10 -15.84 18.35
N PRO U 11 -69.81 -17.08 18.76
CA PRO U 11 -70.11 -18.25 17.92
C PRO U 11 -71.61 -18.42 17.67
N LEU U 12 -71.97 -18.81 16.45
CA LEU U 12 -73.37 -19.02 16.10
C LEU U 12 -73.62 -20.47 15.67
N ASP U 13 -74.68 -21.06 16.19
CA ASP U 13 -75.04 -22.42 15.83
C ASP U 13 -76.26 -22.44 14.90
N HIS U 14 -76.89 -23.60 14.78
CA HIS U 14 -78.07 -23.75 13.93
C HIS U 14 -79.25 -22.97 14.46
N HIS U 15 -79.46 -23.03 15.78
CA HIS U 15 -80.60 -22.39 16.42
C HIS U 15 -80.59 -20.87 16.28
N LYS U 16 -79.44 -20.26 16.58
CA LYS U 16 -79.31 -18.81 16.51
C LYS U 16 -79.46 -18.27 15.09
N ARG U 17 -78.78 -18.92 14.15
CA ARG U 17 -78.82 -18.50 12.75
C ARG U 17 -80.20 -18.67 12.14
N LEU U 18 -80.90 -19.73 12.51
CA LEU U 18 -82.26 -19.97 12.03
C LEU U 18 -83.22 -18.91 12.57
N LEU U 19 -83.03 -18.55 13.83
CA LEU U 19 -83.85 -17.53 14.46
C LEU U 19 -83.69 -16.18 13.77
N LEU U 20 -82.43 -15.77 13.56
CA LEU U 20 -82.12 -14.51 12.90
C LEU U 20 -82.62 -14.52 11.46
N ALA U 21 -82.65 -15.70 10.84
CA ALA U 21 -83.13 -15.85 9.48
C ALA U 21 -84.61 -15.52 9.38
N ILE U 22 -85.41 -16.11 10.27
CA ILE U 22 -86.84 -15.86 10.30
C ILE U 22 -87.13 -14.40 10.65
N ILE U 23 -86.34 -13.85 11.56
CA ILE U 23 -86.46 -12.44 11.94
C ILE U 23 -86.31 -11.53 10.72
N TYR U 24 -85.25 -11.74 9.97
CA TYR U 24 -84.98 -10.94 8.78
C TYR U 24 -86.09 -11.10 7.73
N ARG U 25 -86.70 -12.28 7.69
CA ARG U 25 -87.80 -12.54 6.77
C ARG U 25 -89.01 -11.68 7.12
N ILE U 26 -89.35 -11.62 8.40
CA ILE U 26 -90.48 -10.82 8.86
C ILE U 26 -90.21 -9.34 8.63
N VAL U 27 -88.99 -8.91 8.90
CA VAL U 27 -88.57 -7.52 8.68
C VAL U 27 -88.67 -7.16 7.20
N THR U 28 -88.27 -8.09 6.34
CA THR U 28 -88.28 -7.86 4.90
C THR U 28 -89.71 -7.70 4.36
N ARG U 29 -90.62 -8.54 4.84
CA ARG U 29 -91.99 -8.54 4.35
C ARG U 29 -92.84 -7.43 4.97
N VAL U 30 -92.75 -7.27 6.28
CA VAL U 30 -93.59 -6.32 7.00
C VAL U 30 -93.08 -4.88 6.89
N VAL U 31 -91.79 -4.69 7.09
CA VAL U 31 -91.22 -3.35 7.12
C VAL U 31 -90.72 -2.89 5.74
N LEU U 32 -89.86 -3.68 5.12
CA LEU U 32 -89.25 -3.31 3.85
C LEU U 32 -90.23 -3.40 2.68
N GLY U 33 -91.31 -4.15 2.88
CA GLY U 33 -92.32 -4.33 1.84
C GLY U 33 -91.77 -5.08 0.65
N LYS U 34 -90.92 -6.07 0.93
CA LYS U 34 -90.31 -6.88 -0.11
C LYS U 34 -90.54 -8.37 0.20
N PRO U 35 -90.56 -9.21 -0.85
CA PRO U 35 -90.77 -10.65 -0.64
C PRO U 35 -89.70 -11.27 0.27
N GLU U 36 -90.13 -12.03 1.27
CA GLU U 36 -89.23 -12.62 2.25
C GLU U 36 -88.43 -13.78 1.67
N ASP U 37 -88.82 -14.25 0.49
CA ASP U 37 -88.10 -15.33 -0.19
C ASP U 37 -86.96 -14.77 -1.03
N LEU U 38 -86.92 -13.46 -1.20
CA LEU U 38 -85.95 -12.82 -2.07
C LEU U 38 -84.81 -12.15 -1.30
N VAL U 39 -84.80 -12.29 0.03
CA VAL U 39 -83.74 -11.70 0.83
C VAL U 39 -82.66 -12.73 1.13
N MET U 40 -81.40 -12.36 0.87
CA MET U 40 -80.27 -13.24 1.11
C MET U 40 -79.55 -12.86 2.39
N MET U 41 -79.25 -13.86 3.21
CA MET U 41 -78.65 -13.62 4.52
C MET U 41 -77.37 -14.41 4.70
N THR U 42 -76.31 -13.72 5.12
CA THR U 42 -75.03 -14.35 5.41
C THR U 42 -74.65 -14.13 6.87
N PHE U 43 -74.03 -15.13 7.48
CA PHE U 43 -73.65 -15.06 8.89
C PHE U 43 -72.16 -15.29 9.07
N HIS U 44 -71.50 -14.34 9.74
CA HIS U 44 -70.06 -14.45 9.98
C HIS U 44 -69.79 -14.49 11.48
N ASP U 45 -69.81 -15.69 12.05
CA ASP U 45 -69.60 -15.85 13.49
C ASP U 45 -68.12 -16.00 13.82
N SER U 46 -67.80 -15.87 15.10
CA SER U 46 -66.42 -15.97 15.60
C SER U 46 -65.48 -15.03 14.86
N THR U 47 -65.98 -13.85 14.53
CA THR U 47 -65.19 -12.86 13.80
C THR U 47 -64.36 -12.00 14.75
N PRO U 48 -63.04 -11.97 14.54
CA PRO U 48 -62.16 -11.12 15.34
C PRO U 48 -62.50 -9.65 15.17
N MET U 49 -63.15 -9.06 16.16
CA MET U 49 -63.58 -7.67 16.07
C MET U 49 -63.06 -6.85 17.25
N HIS U 50 -63.04 -5.53 17.08
CA HIS U 50 -62.59 -4.63 18.12
C HIS U 50 -63.41 -3.34 18.09
N PHE U 51 -64.03 -3.02 19.22
CA PHE U 51 -64.90 -1.85 19.30
C PHE U 51 -64.97 -1.31 20.73
N PHE U 52 -65.00 0.01 20.85
CA PHE U 52 -65.06 0.70 22.14
C PHE U 52 -63.91 0.30 23.05
N GLY U 53 -62.75 0.03 22.44
CA GLY U 53 -61.55 -0.30 23.18
C GLY U 53 -61.55 -1.68 23.79
N SER U 54 -62.38 -2.57 23.25
CA SER U 54 -62.46 -3.93 23.77
C SER U 54 -62.82 -4.94 22.68
N THR U 55 -62.48 -6.20 22.92
CA THR U 55 -62.82 -7.28 21.99
C THR U 55 -64.05 -8.03 22.51
N ASP U 56 -64.81 -7.37 23.37
CA ASP U 56 -66.03 -7.93 23.93
C ASP U 56 -67.04 -8.25 22.83
N PRO U 57 -68.00 -9.16 23.11
CA PRO U 57 -69.05 -9.52 22.16
C PRO U 57 -69.68 -8.31 21.47
N VAL U 58 -69.56 -8.28 20.15
CA VAL U 58 -70.00 -7.13 19.35
C VAL U 58 -70.51 -7.59 18.00
N ALA U 59 -71.56 -6.95 17.50
CA ALA U 59 -72.17 -7.35 16.24
C ALA U 59 -72.21 -6.21 15.23
N CYS U 60 -72.10 -6.57 13.95
CA CYS U 60 -72.19 -5.60 12.86
C CYS U 60 -73.09 -6.14 11.75
N VAL U 61 -74.20 -5.44 11.50
CA VAL U 61 -75.16 -5.89 10.49
C VAL U 61 -75.16 -4.97 9.27
N ARG U 62 -75.09 -5.56 8.09
CA ARG U 62 -75.10 -4.81 6.84
C ARG U 62 -76.38 -5.06 6.06
N VAL U 63 -77.13 -4.00 5.77
CA VAL U 63 -78.37 -4.12 5.01
C VAL U 63 -78.24 -3.39 3.68
N GLU U 64 -78.44 -4.12 2.59
CA GLU U 64 -78.30 -3.55 1.25
C GLU U 64 -79.51 -3.85 0.38
N ALA U 65 -80.23 -2.81 -0.01
CA ALA U 65 -81.42 -2.96 -0.85
C ALA U 65 -81.43 -1.95 -1.99
N LEU U 66 -81.67 -2.46 -3.20
CA LEU U 66 -81.72 -1.61 -4.39
C LEU U 66 -82.96 -0.72 -4.38
N GLY U 67 -82.79 0.51 -4.85
CA GLY U 67 -83.90 1.46 -4.91
C GLY U 67 -84.01 2.31 -3.67
N GLY U 68 -83.12 2.10 -2.72
CA GLY U 68 -83.10 2.86 -1.48
C GLY U 68 -84.06 2.31 -0.43
N TYR U 69 -84.41 3.14 0.54
CA TYR U 69 -85.30 2.73 1.61
C TYR U 69 -86.43 3.74 1.82
N GLY U 70 -87.47 3.32 2.54
CA GLY U 70 -88.59 4.18 2.87
C GLY U 70 -88.22 5.26 3.88
N PRO U 71 -89.16 6.17 4.16
CA PRO U 71 -88.94 7.27 5.11
C PRO U 71 -88.67 6.81 6.53
N SER U 72 -89.58 6.01 7.09
CA SER U 72 -89.47 5.59 8.48
C SER U 72 -88.98 4.15 8.62
N GLU U 73 -88.63 3.53 7.50
CA GLU U 73 -88.18 2.14 7.48
C GLU U 73 -86.82 1.89 8.16
N PRO U 74 -85.78 2.70 7.86
CA PRO U 74 -84.49 2.41 8.49
C PRO U 74 -84.50 2.45 10.02
N GLU U 75 -85.28 3.37 10.59
CA GLU U 75 -85.39 3.49 12.04
C GLU U 75 -86.03 2.24 12.65
N LYS U 76 -87.02 1.69 11.95
CA LYS U 76 -87.71 0.49 12.42
C LYS U 76 -86.82 -0.74 12.37
N VAL U 77 -86.14 -0.93 11.24
CA VAL U 77 -85.25 -2.08 11.04
C VAL U 77 -84.14 -2.13 12.09
N THR U 78 -83.52 -0.99 12.34
CA THR U 78 -82.42 -0.91 13.31
C THR U 78 -82.87 -1.34 14.71
N SER U 79 -84.05 -0.89 15.11
CA SER U 79 -84.61 -1.22 16.42
C SER U 79 -84.85 -2.72 16.56
N ILE U 80 -85.41 -3.34 15.53
CA ILE U 80 -85.72 -4.76 15.53
C ILE U 80 -84.45 -5.61 15.52
N VAL U 81 -83.52 -5.28 14.63
CA VAL U 81 -82.27 -6.02 14.50
C VAL U 81 -81.45 -5.98 15.78
N THR U 82 -81.31 -4.79 16.36
CA THR U 82 -80.58 -4.62 17.60
C THR U 82 -81.19 -5.45 18.73
N ALA U 83 -82.51 -5.38 18.84
CA ALA U 83 -83.24 -6.17 19.82
C ALA U 83 -83.11 -7.67 19.54
N ALA U 84 -83.02 -8.01 18.27
CA ALA U 84 -82.89 -9.40 17.86
C ALA U 84 -81.54 -9.98 18.28
N ILE U 85 -80.47 -9.26 17.97
CA ILE U 85 -79.12 -9.69 18.33
C ILE U 85 -78.94 -9.73 19.85
N THR U 86 -79.58 -8.78 20.54
CA THR U 86 -79.47 -8.67 21.99
C THR U 86 -80.01 -9.91 22.69
N ALA U 87 -81.20 -10.36 22.28
CA ALA U 87 -81.83 -11.51 22.90
C ALA U 87 -81.20 -12.82 22.45
N VAL U 88 -80.90 -12.92 21.16
CA VAL U 88 -80.38 -14.17 20.59
C VAL U 88 -78.90 -14.39 20.90
N CYS U 89 -78.08 -13.39 20.62
CA CYS U 89 -76.63 -13.55 20.76
C CYS U 89 -76.13 -13.12 22.13
N GLY U 90 -76.93 -12.33 22.85
CA GLY U 90 -76.55 -11.87 24.17
C GLY U 90 -75.68 -10.63 24.12
N ILE U 91 -75.50 -10.09 22.93
CA ILE U 91 -74.69 -8.89 22.74
C ILE U 91 -75.49 -7.64 23.12
N VAL U 92 -74.90 -6.80 23.97
CA VAL U 92 -75.59 -5.60 24.43
C VAL U 92 -75.90 -4.66 23.27
N ALA U 93 -76.92 -3.83 23.45
CA ALA U 93 -77.39 -2.92 22.40
C ALA U 93 -76.33 -1.88 22.04
N ASP U 94 -75.56 -1.46 23.02
CA ASP U 94 -74.57 -0.40 22.84
C ASP U 94 -73.33 -0.89 22.07
N ARG U 95 -73.34 -2.15 21.66
CA ARG U 95 -72.25 -2.72 20.88
C ARG U 95 -72.78 -3.41 19.62
N ILE U 96 -73.75 -2.78 18.97
CA ILE U 96 -74.34 -3.33 17.76
C ILE U 96 -74.46 -2.27 16.66
N PHE U 97 -73.75 -2.47 15.55
CA PHE U 97 -73.84 -1.57 14.41
C PHE U 97 -74.75 -2.11 13.32
N VAL U 98 -75.60 -1.24 12.78
CA VAL U 98 -76.46 -1.59 11.66
C VAL U 98 -76.29 -0.57 10.53
N LEU U 99 -75.59 -0.96 9.48
CA LEU U 99 -75.30 -0.05 8.38
C LEU U 99 -76.22 -0.30 7.19
N TYR U 100 -76.58 0.77 6.49
CA TYR U 100 -77.47 0.67 5.34
C TYR U 100 -76.81 1.18 4.06
N PHE U 101 -76.89 0.35 3.02
CA PHE U 101 -76.30 0.66 1.72
C PHE U 101 -77.31 0.47 0.60
N SER U 102 -77.01 1.05 -0.56
CA SER U 102 -77.89 0.91 -1.72
C SER U 102 -77.08 0.68 -2.98
N PRO U 103 -77.16 -0.53 -3.54
CA PRO U 103 -76.40 -0.91 -4.74
C PRO U 103 -76.90 -0.23 -6.00
N LEU U 104 -76.00 0.03 -6.94
CA LEU U 104 -76.35 0.64 -8.21
C LEU U 104 -77.12 -0.35 -9.08
N HIS U 105 -76.74 -1.62 -8.99
CA HIS U 105 -77.41 -2.68 -9.73
C HIS U 105 -77.46 -3.97 -8.92
N CYS U 106 -78.47 -4.79 -9.19
CA CYS U 106 -78.63 -6.07 -8.49
C CYS U 106 -79.05 -7.16 -9.47
N GLY U 107 -78.36 -8.29 -9.42
CA GLY U 107 -78.62 -9.38 -10.36
C GLY U 107 -79.17 -10.64 -9.71
N TRP U 108 -80.08 -11.30 -10.41
CA TRP U 108 -80.65 -12.56 -9.95
C TRP U 108 -81.15 -13.39 -11.13
N ASN U 109 -80.94 -14.71 -11.05
CA ASN U 109 -81.32 -15.64 -12.10
C ASN U 109 -80.71 -15.29 -13.46
N GLY U 110 -79.52 -14.69 -13.44
CA GLY U 110 -78.80 -14.37 -14.66
C GLY U 110 -79.20 -13.06 -15.31
N THR U 111 -80.16 -12.37 -14.71
CA THR U 111 -80.66 -11.11 -15.24
C THR U 111 -80.74 -10.04 -14.16
N ASN U 112 -80.70 -8.77 -14.58
CA ASN U 112 -80.80 -7.66 -13.64
C ASN U 112 -82.24 -7.21 -13.43
N PHE U 113 -82.46 -6.38 -12.43
CA PHE U 113 -83.79 -5.87 -12.12
C PHE U 113 -83.86 -4.35 -12.26
N MET V 1 -86.91 -81.45 12.19
CA MET V 1 -85.83 -80.54 12.53
C MET V 1 -85.27 -79.86 11.30
N PRO V 2 -85.94 -78.80 10.83
CA PRO V 2 -85.53 -78.07 9.63
C PRO V 2 -84.41 -77.08 9.90
N VAL V 3 -83.60 -76.81 8.87
CA VAL V 3 -82.51 -75.84 8.98
C VAL V 3 -82.61 -74.81 7.87
N ILE V 4 -82.55 -73.52 8.24
CA ILE V 4 -82.67 -72.44 7.26
C ILE V 4 -81.45 -71.53 7.28
N GLN V 5 -80.65 -71.62 6.20
CA GLN V 5 -79.50 -70.75 6.04
C GLN V 5 -79.86 -69.51 5.22
N THR V 6 -79.41 -68.36 5.69
CA THR V 6 -79.70 -67.10 4.99
C THR V 6 -78.41 -66.39 4.58
N PHE V 7 -78.13 -66.42 3.28
CA PHE V 7 -76.97 -65.71 2.74
C PHE V 7 -77.41 -64.40 2.09
N VAL V 8 -76.85 -63.29 2.55
CA VAL V 8 -77.21 -61.98 2.02
C VAL V 8 -75.96 -61.15 1.72
N SER V 9 -76.07 -60.27 0.73
CA SER V 9 -74.98 -59.38 0.37
C SER V 9 -75.04 -58.10 1.18
N THR V 10 -76.19 -57.87 1.82
CA THR V 10 -76.39 -56.69 2.64
C THR V 10 -76.11 -56.99 4.11
N PRO V 11 -75.57 -56.00 4.84
CA PRO V 11 -75.29 -56.15 6.27
C PRO V 11 -76.57 -56.39 7.09
N LEU V 12 -76.46 -57.26 8.09
CA LEU V 12 -77.60 -57.57 8.95
C LEU V 12 -77.28 -57.22 10.40
N ASP V 13 -78.22 -56.54 11.06
CA ASP V 13 -78.06 -56.17 12.46
C ASP V 13 -78.93 -57.04 13.37
N HIS V 14 -79.13 -56.57 14.60
CA HIS V 14 -79.94 -57.30 15.57
C HIS V 14 -81.40 -57.33 15.16
N HIS V 15 -81.91 -56.20 14.69
CA HIS V 15 -83.32 -56.06 14.32
C HIS V 15 -83.71 -56.95 13.14
N LYS V 16 -82.90 -56.91 12.07
CA LYS V 16 -83.17 -57.68 10.86
C LYS V 16 -83.11 -59.18 11.11
N ARG V 17 -82.06 -59.62 11.79
CA ARG V 17 -81.87 -61.05 12.07
C ARG V 17 -82.95 -61.60 12.98
N LEU V 18 -83.38 -60.80 13.96
CA LEU V 18 -84.45 -61.22 14.86
C LEU V 18 -85.78 -61.32 14.12
N LEU V 19 -86.02 -60.38 13.20
CA LEU V 19 -87.24 -60.39 12.40
C LEU V 19 -87.32 -61.63 11.54
N LEU V 20 -86.23 -61.92 10.81
CA LEU V 20 -86.17 -63.09 9.95
C LEU V 20 -86.25 -64.38 10.75
N ALA V 21 -85.77 -64.34 11.99
CA ALA V 21 -85.81 -65.49 12.88
C ALA V 21 -87.25 -65.87 13.22
N ILE V 22 -88.04 -64.88 13.62
CA ILE V 22 -89.44 -65.12 13.95
C ILE V 22 -90.24 -65.57 12.73
N ILE V 23 -89.91 -65.00 11.57
CA ILE V 23 -90.55 -65.37 10.32
C ILE V 23 -90.39 -66.86 10.04
N TYR V 24 -89.15 -67.34 10.11
CA TYR V 24 -88.86 -68.75 9.86
C TYR V 24 -89.57 -69.65 10.87
N ARG V 25 -89.74 -69.13 12.08
CA ARG V 25 -90.45 -69.86 13.13
C ARG V 25 -91.91 -70.05 12.76
N ILE V 26 -92.54 -68.98 12.29
CA ILE V 26 -93.94 -69.02 11.88
C ILE V 26 -94.12 -69.92 10.65
N VAL V 27 -93.19 -69.81 9.71
CA VAL V 27 -93.21 -70.63 8.50
C VAL V 27 -93.08 -72.11 8.86
N THR V 28 -92.21 -72.40 9.81
CA THR V 28 -91.96 -73.77 10.24
C THR V 28 -93.20 -74.39 10.88
N ARG V 29 -93.88 -73.61 11.73
CA ARG V 29 -95.03 -74.11 12.48
C ARG V 29 -96.32 -74.15 11.66
N VAL V 30 -96.59 -73.07 10.93
CA VAL V 30 -97.85 -72.95 10.20
C VAL V 30 -97.84 -73.74 8.90
N VAL V 31 -96.77 -73.59 8.12
CA VAL V 31 -96.70 -74.22 6.80
C VAL V 31 -96.06 -75.61 6.86
N LEU V 32 -94.85 -75.67 7.41
CA LEU V 32 -94.10 -76.93 7.45
C LEU V 32 -94.67 -77.91 8.47
N GLY V 33 -95.46 -77.39 9.41
CA GLY V 33 -96.06 -78.22 10.43
C GLY V 33 -95.06 -78.83 11.39
N LYS V 34 -94.03 -78.07 11.72
CA LYS V 34 -92.99 -78.53 12.63
C LYS V 34 -92.81 -77.53 13.78
N PRO V 35 -92.35 -78.01 14.95
CA PRO V 35 -92.15 -77.13 16.10
C PRO V 35 -91.15 -76.00 15.82
N GLU V 36 -91.53 -74.77 16.18
CA GLU V 36 -90.72 -73.60 15.90
C GLU V 36 -89.48 -73.52 16.80
N ASP V 37 -89.45 -74.35 17.83
CA ASP V 37 -88.31 -74.39 18.73
C ASP V 37 -87.24 -75.36 18.22
N LEU V 38 -87.60 -76.14 17.19
CA LEU V 38 -86.71 -77.17 16.67
C LEU V 38 -86.07 -76.78 15.33
N VAL V 39 -86.34 -75.57 14.87
CA VAL V 39 -85.75 -75.10 13.62
C VAL V 39 -84.50 -74.26 13.89
N MET V 40 -83.41 -74.60 13.21
CA MET V 40 -82.15 -73.87 13.38
C MET V 40 -81.91 -72.89 12.23
N MET V 41 -81.55 -71.67 12.58
CA MET V 41 -81.37 -70.61 11.60
C MET V 41 -80.00 -69.97 11.69
N THR V 42 -79.32 -69.87 10.55
CA THR V 42 -78.02 -69.21 10.48
C THR V 42 -78.06 -68.03 9.53
N PHE V 43 -77.34 -66.96 9.87
CA PHE V 43 -77.33 -65.75 9.06
C PHE V 43 -75.92 -65.37 8.64
N HIS V 44 -75.71 -65.24 7.33
CA HIS V 44 -74.41 -64.87 6.78
C HIS V 44 -74.49 -63.55 6.03
N ASP V 45 -74.28 -62.45 6.74
CA ASP V 45 -74.38 -61.13 6.15
C ASP V 45 -73.07 -60.69 5.52
N SER V 46 -73.13 -59.64 4.70
CA SER V 46 -71.97 -59.09 4.02
C SER V 46 -71.22 -60.15 3.21
N THR V 47 -71.98 -61.06 2.61
CA THR V 47 -71.41 -62.13 1.81
C THR V 47 -71.16 -61.69 0.38
N PRO V 48 -69.90 -61.81 -0.08
CA PRO V 48 -69.54 -61.49 -1.47
C PRO V 48 -70.27 -62.37 -2.47
N MET V 49 -71.27 -61.83 -3.13
CA MET V 49 -72.08 -62.60 -4.08
C MET V 49 -72.12 -61.95 -5.46
N HIS V 50 -72.45 -62.75 -6.46
CA HIS V 50 -72.57 -62.27 -7.84
C HIS V 50 -73.72 -62.98 -8.55
N PHE V 51 -74.66 -62.19 -9.07
CA PHE V 51 -75.84 -62.75 -9.71
C PHE V 51 -76.41 -61.78 -10.75
N PHE V 52 -76.88 -62.33 -11.86
CA PHE V 52 -77.46 -61.54 -12.95
C PHE V 52 -76.49 -60.49 -13.49
N GLY V 53 -75.20 -60.80 -13.46
CA GLY V 53 -74.18 -59.92 -14.00
C GLY V 53 -73.90 -58.71 -13.15
N SER V 54 -74.22 -58.79 -11.86
CA SER V 54 -73.98 -57.67 -10.95
C SER V 54 -73.71 -58.14 -9.53
N THR V 55 -73.04 -57.30 -8.74
CA THR V 55 -72.78 -57.60 -7.35
C THR V 55 -73.77 -56.88 -6.45
N ASP V 56 -74.90 -56.48 -7.05
CA ASP V 56 -75.98 -55.82 -6.32
C ASP V 56 -76.54 -56.72 -5.22
N PRO V 57 -77.18 -56.12 -4.20
CA PRO V 57 -77.81 -56.86 -3.10
C PRO V 57 -78.63 -58.07 -3.56
N VAL V 58 -78.24 -59.24 -3.12
CA VAL V 58 -78.85 -60.49 -3.56
C VAL V 58 -78.84 -61.52 -2.42
N ALA V 59 -79.91 -62.30 -2.31
CA ALA V 59 -80.03 -63.25 -1.22
C ALA V 59 -80.22 -64.69 -1.71
N CYS V 60 -79.70 -65.63 -0.93
CA CYS V 60 -79.87 -67.05 -1.21
C CYS V 60 -80.24 -67.80 0.06
N VAL V 61 -81.42 -68.41 0.06
CA VAL V 61 -81.92 -69.10 1.24
C VAL V 61 -81.90 -70.62 1.05
N ARG V 62 -81.35 -71.33 2.02
CA ARG V 62 -81.26 -72.78 1.99
C ARG V 62 -82.17 -73.41 3.03
N VAL V 63 -83.10 -74.26 2.57
CA VAL V 63 -84.02 -74.94 3.47
C VAL V 63 -83.78 -76.44 3.45
N GLU V 64 -83.49 -77.00 4.62
CA GLU V 64 -83.18 -78.43 4.72
C GLU V 64 -84.02 -79.10 5.80
N ALA V 65 -84.89 -80.01 5.37
CA ALA V 65 -85.76 -80.73 6.31
C ALA V 65 -85.78 -82.22 5.98
N LEU V 66 -85.59 -83.04 7.01
CA LEU V 66 -85.61 -84.50 6.84
C LEU V 66 -87.01 -84.98 6.53
N GLY V 67 -87.11 -85.97 5.65
CA GLY V 67 -88.39 -86.55 5.28
C GLY V 67 -89.03 -85.87 4.08
N GLY V 68 -88.36 -84.87 3.53
CA GLY V 68 -88.87 -84.16 2.38
C GLY V 68 -89.83 -83.05 2.74
N TYR V 69 -90.65 -82.63 1.77
CA TYR V 69 -91.61 -81.55 1.99
C TYR V 69 -93.00 -81.94 1.51
N GLY V 70 -94.01 -81.18 1.95
CA GLY V 70 -95.37 -81.40 1.52
C GLY V 70 -95.60 -81.00 0.08
N PRO V 71 -96.80 -81.26 -0.44
CA PRO V 71 -97.15 -80.95 -1.83
C PRO V 71 -97.10 -79.45 -2.14
N SER V 72 -97.84 -78.66 -1.38
CA SER V 72 -97.95 -77.23 -1.65
C SER V 72 -97.09 -76.38 -0.71
N GLU V 73 -96.30 -77.03 0.14
CA GLU V 73 -95.46 -76.34 1.10
C GLU V 73 -94.30 -75.52 0.50
N PRO V 74 -93.52 -76.10 -0.44
CA PRO V 74 -92.40 -75.32 -0.97
C PRO V 74 -92.83 -74.01 -1.64
N GLU V 75 -93.96 -74.04 -2.33
CA GLU V 75 -94.49 -72.85 -2.98
C GLU V 75 -94.86 -71.79 -1.95
N LYS V 76 -95.42 -72.24 -0.82
CA LYS V 76 -95.80 -71.35 0.25
C LYS V 76 -94.59 -70.75 0.95
N VAL V 77 -93.63 -71.61 1.29
CA VAL V 77 -92.41 -71.17 1.97
C VAL V 77 -91.62 -70.16 1.15
N THR V 78 -91.45 -70.46 -0.14
CA THR V 78 -90.71 -69.59 -1.04
C THR V 78 -91.35 -68.21 -1.14
N SER V 79 -92.67 -68.18 -1.24
CA SER V 79 -93.41 -66.91 -1.35
C SER V 79 -93.24 -66.05 -0.10
N ILE V 80 -93.35 -66.68 1.07
CA ILE V 80 -93.24 -65.96 2.33
C ILE V 80 -91.81 -65.48 2.57
N VAL V 81 -90.84 -66.36 2.37
CA VAL V 81 -89.43 -66.02 2.58
C VAL V 81 -88.99 -64.89 1.66
N THR V 82 -89.36 -64.98 0.38
CA THR V 82 -89.03 -63.95 -0.59
C THR V 82 -89.60 -62.60 -0.16
N ALA V 83 -90.87 -62.60 0.24
CA ALA V 83 -91.52 -61.40 0.73
C ALA V 83 -90.88 -60.92 2.02
N ALA V 84 -90.39 -61.86 2.83
CA ALA V 84 -89.73 -61.54 4.09
C ALA V 84 -88.42 -60.82 3.86
N ILE V 85 -87.59 -61.38 2.98
CA ILE V 85 -86.29 -60.79 2.66
C ILE V 85 -86.47 -59.45 1.97
N THR V 86 -87.51 -59.35 1.14
CA THR V 86 -87.79 -58.13 0.39
C THR V 86 -88.09 -56.94 1.30
N ALA V 87 -88.93 -57.15 2.30
CA ALA V 87 -89.31 -56.08 3.21
C ALA V 87 -88.21 -55.76 4.21
N VAL V 88 -87.58 -56.80 4.76
CA VAL V 88 -86.57 -56.64 5.80
C VAL V 88 -85.23 -56.15 5.26
N CYS V 89 -84.72 -56.84 4.24
CA CYS V 89 -83.39 -56.55 3.72
C CYS V 89 -83.41 -55.55 2.56
N GLY V 90 -84.57 -55.38 1.94
CA GLY V 90 -84.71 -54.45 0.83
C GLY V 90 -84.29 -55.06 -0.50
N ILE V 91 -84.01 -56.36 -0.48
CA ILE V 91 -83.60 -57.07 -1.69
C ILE V 91 -84.81 -57.41 -2.57
N VAL V 92 -84.72 -57.06 -3.85
CA VAL V 92 -85.81 -57.29 -4.79
C VAL V 92 -86.10 -58.79 -4.95
N ALA V 93 -87.32 -59.11 -5.35
CA ALA V 93 -87.78 -60.50 -5.47
C ALA V 93 -87.01 -61.26 -6.54
N ASP V 94 -86.62 -60.56 -7.61
CA ASP V 94 -85.95 -61.21 -8.73
C ASP V 94 -84.49 -61.54 -8.43
N ARG V 95 -84.05 -61.25 -7.22
CA ARG V 95 -82.70 -61.57 -6.80
C ARG V 95 -82.70 -62.34 -5.48
N ILE V 96 -83.65 -63.27 -5.35
CA ILE V 96 -83.75 -64.09 -4.14
C ILE V 96 -83.92 -65.56 -4.50
N PHE V 97 -82.95 -66.38 -4.11
CA PHE V 97 -83.03 -67.82 -4.34
C PHE V 97 -83.47 -68.56 -3.08
N VAL V 98 -84.37 -69.51 -3.26
CA VAL V 98 -84.83 -70.36 -2.16
C VAL V 98 -84.67 -71.82 -2.54
N LEU V 99 -83.65 -72.46 -1.98
CA LEU V 99 -83.34 -73.85 -2.33
C LEU V 99 -83.85 -74.81 -1.25
N TYR V 100 -84.29 -75.99 -1.68
CA TYR V 100 -84.81 -76.98 -0.76
C TYR V 100 -84.01 -78.28 -0.84
N PHE V 101 -83.59 -78.76 0.33
CA PHE V 101 -82.80 -79.99 0.42
C PHE V 101 -83.39 -80.94 1.44
N SER V 102 -82.98 -82.20 1.37
CA SER V 102 -83.45 -83.22 2.32
C SER V 102 -82.30 -84.14 2.74
N PRO V 103 -81.87 -84.02 4.00
CA PRO V 103 -80.76 -84.82 4.52
C PRO V 103 -81.14 -86.29 4.72
N LEU V 104 -80.17 -87.18 4.57
CA LEU V 104 -80.40 -88.61 4.78
C LEU V 104 -80.59 -88.90 6.26
N HIS V 105 -79.85 -88.19 7.10
CA HIS V 105 -79.95 -88.34 8.54
C HIS V 105 -79.76 -87.00 9.25
N CYS V 106 -80.36 -86.85 10.43
CA CYS V 106 -80.25 -85.63 11.22
C CYS V 106 -80.07 -85.96 12.69
N GLY V 107 -79.10 -85.32 13.32
CA GLY V 107 -78.79 -85.61 14.72
C GLY V 107 -79.03 -84.44 15.65
N TRP V 108 -79.52 -84.75 16.86
CA TRP V 108 -79.75 -83.75 17.89
C TRP V 108 -79.69 -84.38 19.26
N ASN V 109 -79.10 -83.67 20.22
CA ASN V 109 -78.94 -84.17 21.59
C ASN V 109 -78.18 -85.50 21.65
N GLY V 110 -77.29 -85.71 20.69
CA GLY V 110 -76.46 -86.91 20.67
C GLY V 110 -77.09 -88.10 19.99
N THR V 111 -78.33 -87.94 19.52
CA THR V 111 -79.03 -89.04 18.87
C THR V 111 -79.68 -88.59 17.56
N ASN V 112 -79.92 -89.55 16.66
CA ASN V 112 -80.56 -89.26 15.39
C ASN V 112 -82.07 -89.40 15.47
N PHE V 113 -82.76 -88.92 14.43
CA PHE V 113 -84.22 -88.98 14.38
C PHE V 113 -84.69 -89.83 13.20
N MET W 1 -62.60 -56.58 69.33
CA MET W 1 -62.66 -56.19 67.93
C MET W 1 -61.74 -55.01 67.64
N PRO W 2 -60.44 -55.28 67.45
CA PRO W 2 -59.45 -54.23 67.20
C PRO W 2 -59.41 -53.77 65.75
N VAL W 3 -59.01 -52.51 65.54
CA VAL W 3 -58.89 -51.95 64.20
C VAL W 3 -57.49 -51.35 64.02
N ILE W 4 -56.83 -51.75 62.94
CA ILE W 4 -55.46 -51.29 62.68
C ILE W 4 -55.34 -50.55 61.35
N GLN W 5 -55.14 -49.24 61.42
CA GLN W 5 -54.91 -48.43 60.22
C GLN W 5 -53.41 -48.28 59.97
N THR W 6 -53.00 -48.45 58.71
CA THR W 6 -51.60 -48.34 58.35
C THR W 6 -51.38 -47.27 57.29
N PHE W 7 -50.76 -46.16 57.71
CA PHE W 7 -50.42 -45.08 56.79
C PHE W 7 -48.95 -45.15 56.42
N VAL W 8 -48.67 -45.24 55.12
CA VAL W 8 -47.30 -45.33 54.64
C VAL W 8 -47.05 -44.36 53.49
N SER W 9 -45.82 -43.88 53.37
CA SER W 9 -45.44 -42.98 52.30
C SER W 9 -44.98 -43.75 51.07
N THR W 10 -44.70 -45.04 51.27
CA THR W 10 -44.27 -45.91 50.18
C THR W 10 -45.45 -46.67 49.60
N PRO W 11 -45.43 -46.94 48.29
CA PRO W 11 -46.50 -47.71 47.63
C PRO W 11 -46.59 -49.13 48.17
N LEU W 12 -47.81 -49.63 48.33
CA LEU W 12 -48.02 -50.99 48.82
C LEU W 12 -48.75 -51.83 47.79
N ASP W 13 -48.26 -53.05 47.57
CA ASP W 13 -48.88 -53.96 46.63
C ASP W 13 -49.60 -55.09 47.38
N HIS W 14 -49.91 -56.16 46.66
CA HIS W 14 -50.59 -57.30 47.25
C HIS W 14 -49.69 -58.02 48.25
N HIS W 15 -48.43 -58.18 47.89
CA HIS W 15 -47.47 -58.91 48.73
C HIS W 15 -47.24 -58.23 50.08
N LYS W 16 -46.98 -56.93 50.05
CA LYS W 16 -46.70 -56.18 51.27
C LYS W 16 -47.92 -56.14 52.20
N ARG W 17 -49.09 -55.85 51.64
CA ARG W 17 -50.31 -55.75 52.42
C ARG W 17 -50.71 -57.09 53.01
N LEU W 18 -50.50 -58.17 52.26
CA LEU W 18 -50.80 -59.51 52.75
C LEU W 18 -49.88 -59.89 53.90
N LEU W 19 -48.61 -59.51 53.80
CA LEU W 19 -47.64 -59.76 54.86
C LEU W 19 -48.05 -59.05 56.15
N LEU W 20 -48.34 -57.75 56.02
CA LEU W 20 -48.76 -56.95 57.17
C LEU W 20 -50.11 -57.44 57.72
N ALA W 21 -50.94 -57.99 56.85
CA ALA W 21 -52.24 -58.51 57.25
C ALA W 21 -52.06 -59.70 58.21
N ILE W 22 -51.22 -60.65 57.81
CA ILE W 22 -50.95 -61.82 58.65
C ILE W 22 -50.26 -61.40 59.94
N ILE W 23 -49.36 -60.42 59.85
CA ILE W 23 -48.66 -59.90 61.01
C ILE W 23 -49.63 -59.38 62.07
N TYR W 24 -50.56 -58.52 61.64
CA TYR W 24 -51.54 -57.93 62.55
C TYR W 24 -52.44 -59.01 63.16
N ARG W 25 -52.68 -60.08 62.41
CA ARG W 25 -53.46 -61.21 62.89
C ARG W 25 -52.75 -61.92 64.04
N ILE W 26 -51.46 -62.17 63.87
CA ILE W 26 -50.65 -62.83 64.90
C ILE W 26 -50.52 -61.97 66.15
N VAL W 27 -50.32 -60.66 65.95
CA VAL W 27 -50.22 -59.72 67.05
C VAL W 27 -51.51 -59.68 67.85
N THR W 28 -52.64 -59.73 67.15
CA THR W 28 -53.96 -59.69 67.79
C THR W 28 -54.21 -60.92 68.65
N ARG W 29 -53.83 -62.09 68.15
CA ARG W 29 -54.10 -63.35 68.84
C ARG W 29 -53.10 -63.63 69.97
N VAL W 30 -51.81 -63.44 69.69
CA VAL W 30 -50.78 -63.78 70.65
C VAL W 30 -50.62 -62.72 71.74
N VAL W 31 -50.57 -61.45 71.34
CA VAL W 31 -50.31 -60.37 72.29
C VAL W 31 -51.60 -59.78 72.85
N LEU W 32 -52.49 -59.35 71.96
CA LEU W 32 -53.73 -58.69 72.37
C LEU W 32 -54.74 -59.66 72.97
N GLY W 33 -54.57 -60.95 72.66
CA GLY W 33 -55.46 -61.98 73.17
C GLY W 33 -56.87 -61.89 72.61
N LYS W 34 -56.97 -61.52 71.34
CA LYS W 34 -58.26 -61.40 70.67
C LYS W 34 -58.27 -62.23 69.38
N PRO W 35 -59.46 -62.69 68.96
CA PRO W 35 -59.58 -63.49 67.73
C PRO W 35 -59.05 -62.76 66.49
N GLU W 36 -58.23 -63.45 65.71
CA GLU W 36 -57.59 -62.86 64.53
C GLU W 36 -58.58 -62.63 63.38
N ASP W 37 -59.75 -63.23 63.49
CA ASP W 37 -60.78 -63.06 62.47
C ASP W 37 -61.61 -61.81 62.74
N LEU W 38 -61.43 -61.22 63.92
CA LEU W 38 -62.23 -60.07 64.33
C LEU W 38 -61.48 -58.74 64.24
N VAL W 39 -60.25 -58.79 63.74
CA VAL W 39 -59.47 -57.57 63.57
C VAL W 39 -59.59 -57.02 62.15
N MET W 40 -59.92 -55.74 62.04
CA MET W 40 -60.07 -55.09 60.74
C MET W 40 -58.84 -54.26 60.39
N MET W 41 -58.35 -54.42 59.17
CA MET W 41 -57.12 -53.75 58.76
C MET W 41 -57.31 -52.94 57.49
N THR W 42 -56.89 -51.68 57.52
CA THR W 42 -56.95 -50.80 56.36
C THR W 42 -55.55 -50.34 55.96
N PHE W 43 -55.32 -50.21 54.67
CA PHE W 43 -54.01 -49.80 54.17
C PHE W 43 -54.10 -48.57 53.28
N HIS W 44 -53.35 -47.53 53.63
CA HIS W 44 -53.34 -46.29 52.87
C HIS W 44 -51.94 -46.00 52.34
N ASP W 45 -51.64 -46.51 51.15
CA ASP W 45 -50.31 -46.35 50.57
C ASP W 45 -50.19 -45.06 49.78
N SER W 46 -48.95 -44.68 49.47
CA SER W 46 -48.65 -43.46 48.71
C SER W 46 -49.27 -42.23 49.36
N THR W 47 -49.28 -42.21 50.69
CA THR W 47 -49.87 -41.11 51.45
C THR W 47 -48.87 -39.98 51.65
N PRO W 48 -49.23 -38.76 51.21
CA PRO W 48 -48.41 -37.58 51.39
C PRO W 48 -48.18 -37.25 52.86
N MET W 49 -46.98 -37.55 53.37
CA MET W 49 -46.67 -37.34 54.77
C MET W 49 -45.42 -36.47 54.95
N HIS W 50 -45.29 -35.89 56.14
CA HIS W 50 -44.13 -35.07 56.46
C HIS W 50 -43.72 -35.27 57.92
N PHE W 51 -42.46 -35.64 58.13
CA PHE W 51 -41.98 -35.94 59.47
C PHE W 51 -40.47 -35.72 59.59
N PHE W 52 -40.05 -35.17 60.72
CA PHE W 52 -38.65 -34.88 61.02
C PHE W 52 -38.03 -33.94 59.99
N GLY W 53 -38.85 -33.05 59.43
CA GLY W 53 -38.37 -32.06 58.49
C GLY W 53 -38.04 -32.62 57.12
N SER W 54 -38.62 -33.78 56.79
CA SER W 54 -38.38 -34.41 55.50
C SER W 54 -39.60 -35.20 55.02
N THR W 55 -39.68 -35.41 53.71
CA THR W 55 -40.76 -36.20 53.13
C THR W 55 -40.30 -37.62 52.83
N ASP W 56 -39.23 -38.04 53.51
CA ASP W 56 -38.69 -39.38 53.37
C ASP W 56 -39.73 -40.43 53.79
N PRO W 57 -39.57 -41.68 53.30
CA PRO W 57 -40.47 -42.79 53.68
C PRO W 57 -40.73 -42.86 55.18
N VAL W 58 -42.00 -42.74 55.54
CA VAL W 58 -42.40 -42.66 56.94
C VAL W 58 -43.77 -43.33 57.14
N ALA W 59 -43.93 -44.02 58.26
CA ALA W 59 -45.17 -44.75 58.53
C ALA W 59 -45.85 -44.33 59.83
N CYS W 60 -47.17 -44.39 59.84
CA CYS W 60 -47.95 -44.10 61.03
C CYS W 60 -49.04 -45.15 61.22
N VAL W 61 -48.97 -45.88 62.33
CA VAL W 61 -49.93 -46.96 62.59
C VAL W 61 -50.89 -46.61 63.72
N ARG W 62 -52.17 -46.83 63.49
CA ARG W 62 -53.21 -46.57 64.49
C ARG W 62 -53.81 -47.86 65.00
N VAL W 63 -53.74 -48.07 66.31
CA VAL W 63 -54.30 -49.26 66.94
C VAL W 63 -55.45 -48.88 67.86
N GLU W 64 -56.63 -49.44 67.60
CA GLU W 64 -57.82 -49.11 68.38
C GLU W 64 -58.53 -50.35 68.88
N ALA W 65 -58.56 -50.53 70.19
CA ALA W 65 -59.22 -51.68 70.80
C ALA W 65 -60.10 -51.26 71.96
N LEU W 66 -61.34 -51.74 71.96
CA LEU W 66 -62.28 -51.41 73.03
C LEU W 66 -61.89 -52.10 74.34
N GLY W 67 -62.06 -51.39 75.44
CA GLY W 67 -61.75 -51.93 76.75
C GLY W 67 -60.32 -51.63 77.18
N GLY W 68 -59.59 -50.94 76.31
CA GLY W 68 -58.21 -50.58 76.60
C GLY W 68 -57.24 -51.68 76.24
N TYR W 69 -56.05 -51.62 76.84
CA TYR W 69 -55.00 -52.61 76.58
C TYR W 69 -54.43 -53.15 77.89
N GLY W 70 -53.71 -54.26 77.78
CA GLY W 70 -53.05 -54.86 78.93
C GLY W 70 -51.87 -54.02 79.41
N PRO W 71 -51.26 -54.43 80.53
CA PRO W 71 -50.12 -53.71 81.12
C PRO W 71 -48.90 -53.65 80.20
N SER W 72 -48.42 -54.82 79.76
CA SER W 72 -47.21 -54.88 78.96
C SER W 72 -47.49 -55.09 77.47
N GLU W 73 -48.77 -55.07 77.10
CA GLU W 73 -49.17 -55.30 75.71
C GLU W 73 -48.78 -54.18 74.74
N PRO W 74 -49.02 -52.89 75.08
CA PRO W 74 -48.68 -51.85 74.12
C PRO W 74 -47.19 -51.81 73.76
N GLU W 75 -46.32 -52.07 74.73
CA GLU W 75 -44.89 -52.09 74.49
C GLU W 75 -44.51 -53.21 73.51
N LYS W 76 -45.18 -54.35 73.64
CA LYS W 76 -44.93 -55.49 72.77
C LYS W 76 -45.39 -55.24 71.35
N VAL W 77 -46.61 -54.72 71.22
CA VAL W 77 -47.20 -54.42 69.91
C VAL W 77 -46.35 -53.42 69.12
N THR W 78 -45.92 -52.36 69.80
CA THR W 78 -45.10 -51.32 69.18
C THR W 78 -43.81 -51.89 68.60
N SER W 79 -43.16 -52.76 69.35
CA SER W 79 -41.91 -53.38 68.92
C SER W 79 -42.11 -54.24 67.67
N ILE W 80 -43.18 -55.03 67.67
CA ILE W 80 -43.47 -55.93 66.55
C ILE W 80 -43.90 -55.16 65.30
N VAL W 81 -44.81 -54.22 65.47
CA VAL W 81 -45.33 -53.43 64.35
C VAL W 81 -44.24 -52.62 63.67
N THR W 82 -43.41 -51.96 64.46
CA THR W 82 -42.29 -51.18 63.93
C THR W 82 -41.34 -52.07 63.13
N ALA W 83 -41.02 -53.23 63.71
CA ALA W 83 -40.17 -54.20 63.04
C ALA W 83 -40.84 -54.75 61.78
N ALA W 84 -42.16 -54.86 61.82
CA ALA W 84 -42.92 -55.36 60.69
C ALA W 84 -42.84 -54.40 59.51
N ILE W 85 -43.11 -53.13 59.77
CA ILE W 85 -43.06 -52.10 58.74
C ILE W 85 -41.64 -51.92 58.20
N THR W 86 -40.66 -52.05 59.09
CA THR W 86 -39.26 -51.87 58.74
C THR W 86 -38.79 -52.88 57.69
N ALA W 87 -39.13 -54.15 57.91
CA ALA W 87 -38.70 -55.21 57.00
C ALA W 87 -39.52 -55.21 55.72
N VAL W 88 -40.83 -55.01 55.84
CA VAL W 88 -41.73 -55.08 54.70
C VAL W 88 -41.66 -53.84 53.81
N CYS W 89 -41.79 -52.66 54.41
CA CYS W 89 -41.85 -51.42 53.65
C CYS W 89 -40.47 -50.78 53.45
N GLY W 90 -39.51 -51.17 54.27
CA GLY W 90 -38.16 -50.64 54.18
C GLY W 90 -38.01 -49.32 54.91
N ILE W 91 -39.05 -48.93 55.64
CA ILE W 91 -39.04 -47.68 56.40
C ILE W 91 -38.28 -47.84 57.71
N VAL W 92 -37.34 -46.94 57.96
CA VAL W 92 -36.51 -47.00 59.17
C VAL W 92 -37.36 -46.89 60.44
N ALA W 93 -36.83 -47.44 61.54
CA ALA W 93 -37.57 -47.48 62.80
C ALA W 93 -37.85 -46.10 63.37
N ASP W 94 -36.92 -45.17 63.15
CA ASP W 94 -37.03 -43.83 63.72
C ASP W 94 -38.06 -42.97 62.98
N ARG W 95 -38.72 -43.56 61.98
CA ARG W 95 -39.76 -42.87 61.24
C ARG W 95 -41.04 -43.69 61.20
N ILE W 96 -41.36 -44.33 62.32
CA ILE W 96 -42.58 -45.14 62.42
C ILE W 96 -43.36 -44.82 63.69
N PHE W 97 -44.57 -44.31 63.52
CA PHE W 97 -45.44 -44.01 64.65
C PHE W 97 -46.48 -45.10 64.87
N VAL W 98 -46.67 -45.48 66.13
CA VAL W 98 -47.71 -46.43 66.51
C VAL W 98 -48.56 -45.84 67.63
N LEU W 99 -49.78 -45.43 67.28
CA LEU W 99 -50.66 -44.79 68.24
C LEU W 99 -51.72 -45.76 68.73
N TYR W 100 -52.10 -45.62 70.00
CA TYR W 100 -53.09 -46.51 70.61
C TYR W 100 -54.31 -45.72 71.10
N PHE W 101 -55.50 -46.18 70.71
CA PHE W 101 -56.74 -45.52 71.10
C PHE W 101 -57.73 -46.54 71.66
N SER W 102 -58.75 -46.04 72.35
CA SER W 102 -59.79 -46.89 72.91
C SER W 102 -61.16 -46.26 72.69
N PRO W 103 -61.98 -46.88 71.83
CA PRO W 103 -63.31 -46.38 71.51
C PRO W 103 -64.31 -46.56 72.64
N LEU W 104 -65.27 -45.65 72.74
CA LEU W 104 -66.29 -45.73 73.78
C LEU W 104 -67.27 -46.86 73.48
N HIS W 105 -67.58 -47.05 72.20
CA HIS W 105 -68.48 -48.12 71.78
C HIS W 105 -68.03 -48.71 70.44
N CYS W 106 -68.36 -49.97 70.22
CA CYS W 106 -68.00 -50.65 68.96
C CYS W 106 -69.13 -51.53 68.47
N GLY W 107 -69.46 -51.39 67.19
CA GLY W 107 -70.57 -52.13 66.60
C GLY W 107 -70.15 -53.12 65.53
N TRP W 108 -70.81 -54.28 65.51
CA TRP W 108 -70.55 -55.29 64.50
C TRP W 108 -71.78 -56.18 64.30
N ASN W 109 -72.05 -56.54 63.05
CA ASN W 109 -73.22 -57.34 62.68
C ASN W 109 -74.53 -56.68 63.12
N GLY W 110 -74.54 -55.35 63.15
CA GLY W 110 -75.74 -54.60 63.49
C GLY W 110 -75.97 -54.41 64.97
N THR W 111 -75.07 -54.95 65.79
CA THR W 111 -75.20 -54.85 67.24
C THR W 111 -73.89 -54.43 67.89
N ASN W 112 -73.99 -53.85 69.09
CA ASN W 112 -72.80 -53.43 69.83
C ASN W 112 -72.29 -54.53 70.76
N PHE W 113 -71.09 -54.34 71.28
CA PHE W 113 -70.47 -55.30 72.19
C PHE W 113 -70.25 -54.71 73.57
N MET X 1 -1.41 -51.62 23.78
CA MET X 1 -2.76 -51.04 23.84
C MET X 1 -3.42 -51.05 22.45
N PRO X 2 -3.99 -52.19 22.07
CA PRO X 2 -4.63 -52.36 20.76
C PRO X 2 -6.05 -51.81 20.70
N VAL X 3 -6.49 -51.42 19.51
CA VAL X 3 -7.84 -50.91 19.31
C VAL X 3 -8.54 -51.68 18.18
N ILE X 4 -9.74 -52.17 18.44
CA ILE X 4 -10.47 -52.96 17.46
C ILE X 4 -11.83 -52.35 17.11
N GLN X 5 -11.94 -51.82 15.90
CA GLN X 5 -13.22 -51.29 15.41
C GLN X 5 -13.97 -52.35 14.61
N THR X 6 -15.27 -52.47 14.86
CA THR X 6 -16.09 -53.46 14.18
C THR X 6 -17.24 -52.81 13.41
N PHE X 7 -17.13 -52.81 12.08
CA PHE X 7 -18.18 -52.29 11.22
C PHE X 7 -19.00 -53.43 10.62
N VAL X 8 -20.31 -53.42 10.88
CA VAL X 8 -21.19 -54.45 10.36
C VAL X 8 -22.45 -53.86 9.74
N SER X 9 -23.00 -54.54 8.74
CA SER X 9 -24.22 -54.09 8.08
C SER X 9 -25.45 -54.64 8.79
N THR X 10 -25.23 -55.64 9.64
CA THR X 10 -26.31 -56.25 10.40
C THR X 10 -26.41 -55.64 11.81
N PRO X 11 -27.64 -55.53 12.34
CA PRO X 11 -27.86 -54.99 13.68
C PRO X 11 -27.20 -55.84 14.77
N LEU X 12 -26.64 -55.18 15.79
CA LEU X 12 -25.99 -55.87 16.89
C LEU X 12 -26.65 -55.53 18.22
N ASP X 13 -26.92 -56.56 19.03
CA ASP X 13 -27.53 -56.37 20.33
C ASP X 13 -26.50 -56.56 21.44
N HIS X 14 -27.00 -56.74 22.67
CA HIS X 14 -26.12 -56.94 23.82
C HIS X 14 -25.37 -58.27 23.76
N HIS X 15 -26.08 -59.33 23.38
CA HIS X 15 -25.51 -60.67 23.35
C HIS X 15 -24.37 -60.79 22.33
N LYS X 16 -24.63 -60.32 21.11
CA LYS X 16 -23.65 -60.40 20.03
C LYS X 16 -22.41 -59.55 20.32
N ARG X 17 -22.62 -58.32 20.76
CA ARG X 17 -21.52 -57.41 21.05
C ARG X 17 -20.67 -57.90 22.23
N LEU X 18 -21.32 -58.49 23.22
CA LEU X 18 -20.60 -59.04 24.38
C LEU X 18 -19.75 -60.24 23.96
N LEU X 19 -20.29 -61.06 23.07
CA LEU X 19 -19.58 -62.24 22.56
C LEU X 19 -18.32 -61.83 21.81
N LEU X 20 -18.46 -60.90 20.87
CA LEU X 20 -17.33 -60.40 20.10
C LEU X 20 -16.31 -59.70 21.00
N ALA X 21 -16.79 -59.11 22.09
CA ALA X 21 -15.93 -58.45 23.05
C ALA X 21 -15.00 -59.45 23.72
N ILE X 22 -15.57 -60.56 24.18
CA ILE X 22 -14.79 -61.62 24.82
C ILE X 22 -13.84 -62.26 23.82
N ILE X 23 -14.31 -62.40 22.58
CA ILE X 23 -13.48 -62.95 21.50
C ILE X 23 -12.21 -62.14 21.32
N TYR X 24 -12.36 -60.82 21.18
CA TYR X 24 -11.22 -59.93 20.98
C TYR X 24 -10.29 -59.95 22.19
N ARG X 25 -10.85 -60.18 23.37
CA ARG X 25 -10.07 -60.28 24.59
C ARG X 25 -9.15 -61.49 24.55
N ILE X 26 -9.70 -62.62 24.13
CA ILE X 26 -8.92 -63.86 24.03
C ILE X 26 -7.86 -63.74 22.94
N VAL X 27 -8.23 -63.11 21.82
CA VAL X 27 -7.30 -62.88 20.72
C VAL X 27 -6.13 -62.00 21.16
N THR X 28 -6.43 -60.98 21.94
CA THR X 28 -5.41 -60.06 22.44
C THR X 28 -4.42 -60.74 23.36
N ARG X 29 -4.92 -61.59 24.25
CA ARG X 29 -4.09 -62.25 25.25
C ARG X 29 -3.32 -63.44 24.69
N VAL X 30 -4.02 -64.28 23.93
CA VAL X 30 -3.41 -65.51 23.42
C VAL X 30 -2.53 -65.27 22.20
N VAL X 31 -3.04 -64.50 21.24
CA VAL X 31 -2.33 -64.30 19.98
C VAL X 31 -1.43 -63.06 20.03
N LEU X 32 -2.02 -61.92 20.37
CA LEU X 32 -1.29 -60.65 20.35
C LEU X 32 -0.32 -60.55 21.53
N GLY X 33 -0.56 -61.35 22.57
CA GLY X 33 0.28 -61.35 23.75
C GLY X 33 0.20 -60.05 24.53
N LYS X 34 -1.00 -59.48 24.58
CA LYS X 34 -1.22 -58.23 25.30
C LYS X 34 -2.37 -58.38 26.29
N PRO X 35 -2.36 -57.58 27.37
CA PRO X 35 -3.42 -57.65 28.39
C PRO X 35 -4.81 -57.38 27.80
N GLU X 36 -5.76 -58.23 28.15
CA GLU X 36 -7.11 -58.15 27.60
C GLU X 36 -7.90 -56.97 28.16
N ASP X 37 -7.38 -56.36 29.22
CA ASP X 37 -8.02 -55.19 29.82
C ASP X 37 -7.57 -53.92 29.13
N LEU X 38 -6.56 -54.02 28.28
CA LEU X 38 -5.98 -52.86 27.62
C LEU X 38 -6.41 -52.72 26.16
N VAL X 39 -7.28 -53.60 25.70
CA VAL X 39 -7.79 -53.53 24.34
C VAL X 39 -9.13 -52.81 24.30
N MET X 40 -9.25 -51.80 23.44
CA MET X 40 -10.49 -51.04 23.31
C MET X 40 -11.27 -51.47 22.07
N MET X 41 -12.57 -51.69 22.26
CA MET X 41 -13.42 -52.21 21.19
C MET X 41 -14.63 -51.31 20.93
N THR X 42 -14.83 -50.95 19.66
CA THR X 42 -15.99 -50.15 19.27
C THR X 42 -16.83 -50.93 18.26
N PHE X 43 -18.14 -50.78 18.35
CA PHE X 43 -19.05 -51.50 17.46
C PHE X 43 -19.97 -50.56 16.70
N HIS X 44 -19.96 -50.69 15.37
CA HIS X 44 -20.78 -49.85 14.51
C HIS X 44 -21.77 -50.68 13.70
N ASP X 45 -22.94 -50.92 14.27
CA ASP X 45 -23.95 -51.76 13.63
C ASP X 45 -24.85 -50.95 12.70
N SER X 46 -25.60 -51.65 11.85
CA SER X 46 -26.53 -51.04 10.91
C SER X 46 -25.86 -50.00 10.02
N THR X 47 -24.62 -50.26 9.64
CA THR X 47 -23.87 -49.33 8.79
C THR X 47 -24.15 -49.56 7.31
N PRO X 48 -24.60 -48.52 6.61
CA PRO X 48 -24.85 -48.58 5.17
C PRO X 48 -23.59 -48.89 4.38
N MET X 49 -23.47 -50.12 3.90
CA MET X 49 -22.27 -50.55 3.20
C MET X 49 -22.59 -51.13 1.82
N HIS X 50 -21.56 -51.16 0.97
CA HIS X 50 -21.70 -51.69 -0.38
C HIS X 50 -20.43 -52.43 -0.78
N PHE X 51 -20.57 -53.70 -1.13
CA PHE X 51 -19.41 -54.52 -1.48
C PHE X 51 -19.79 -55.68 -2.41
N PHE X 52 -18.90 -55.98 -3.35
CA PHE X 52 -19.08 -57.06 -4.31
C PHE X 52 -20.35 -56.88 -5.13
N GLY X 53 -20.70 -55.63 -5.40
CA GLY X 53 -21.85 -55.30 -6.22
C GLY X 53 -23.18 -55.53 -5.54
N SER X 54 -23.17 -55.56 -4.22
CA SER X 54 -24.40 -55.78 -3.45
C SER X 54 -24.35 -55.10 -2.09
N THR X 55 -25.52 -54.83 -1.52
CA THR X 55 -25.62 -54.25 -0.19
C THR X 55 -25.90 -55.34 0.84
N ASP X 56 -25.59 -56.57 0.46
CA ASP X 56 -25.76 -57.74 1.31
C ASP X 56 -24.93 -57.61 2.59
N PRO X 57 -25.33 -58.33 3.65
CA PRO X 57 -24.58 -58.35 4.93
C PRO X 57 -23.08 -58.51 4.76
N VAL X 58 -22.34 -57.50 5.23
CA VAL X 58 -20.90 -57.45 5.03
C VAL X 58 -20.23 -56.79 6.24
N ALA X 59 -19.06 -57.30 6.63
CA ALA X 59 -18.38 -56.79 7.81
C ALA X 59 -16.96 -56.31 7.50
N CYS X 60 -16.52 -55.29 8.22
CA CYS X 60 -15.15 -54.78 8.10
C CYS X 60 -14.57 -54.53 9.49
N VAL X 61 -13.49 -55.25 9.80
CA VAL X 61 -12.87 -55.14 11.12
C VAL X 61 -11.51 -54.43 11.03
N ARG X 62 -11.31 -53.46 11.91
CA ARG X 62 -10.07 -52.69 11.93
C ARG X 62 -9.26 -52.99 13.20
N VAL X 63 -8.03 -53.44 13.01
CA VAL X 63 -7.15 -53.76 14.13
C VAL X 63 -5.95 -52.82 14.16
N GLU X 64 -5.78 -52.12 15.28
CA GLU X 64 -4.70 -51.15 15.41
C GLU X 64 -3.91 -51.37 16.70
N ALA X 65 -2.63 -51.71 16.55
CA ALA X 65 -1.77 -51.95 17.70
C ALA X 65 -0.42 -51.24 17.54
N LEU X 66 -0.02 -50.51 18.58
CA LEU X 66 1.25 -49.80 18.56
C LEU X 66 2.43 -50.76 18.60
N GLY X 67 3.48 -50.44 17.86
CA GLY X 67 4.66 -51.28 17.82
C GLY X 67 4.58 -52.30 16.71
N GLY X 68 3.47 -52.29 15.98
CA GLY X 68 3.26 -53.20 14.87
C GLY X 68 2.71 -54.54 15.33
N TYR X 69 2.88 -55.55 14.49
CA TYR X 69 2.40 -56.89 14.78
C TYR X 69 3.52 -57.89 14.55
N GLY X 70 3.36 -59.10 15.08
CA GLY X 70 4.33 -60.15 14.84
C GLY X 70 4.24 -60.62 13.40
N PRO X 71 5.17 -61.46 12.98
CA PRO X 71 5.21 -62.03 11.61
C PRO X 71 4.00 -62.90 11.28
N SER X 72 3.73 -63.90 12.11
CA SER X 72 2.67 -64.86 11.81
C SER X 72 1.39 -64.57 12.60
N GLU X 73 1.38 -63.47 13.33
CA GLU X 73 0.22 -63.09 14.14
C GLU X 73 -1.01 -62.65 13.32
N PRO X 74 -0.84 -61.79 12.30
CA PRO X 74 -2.02 -61.33 11.56
C PRO X 74 -2.81 -62.46 10.88
N GLU X 75 -2.12 -63.48 10.39
CA GLU X 75 -2.79 -64.60 9.74
C GLU X 75 -3.69 -65.34 10.71
N LYS X 76 -3.23 -65.48 11.96
CA LYS X 76 -4.00 -66.16 13.00
C LYS X 76 -5.22 -65.32 13.39
N VAL X 77 -4.99 -64.03 13.62
CA VAL X 77 -6.06 -63.11 14.03
C VAL X 77 -7.15 -63.04 12.97
N THR X 78 -6.76 -62.93 11.71
CA THR X 78 -7.71 -62.84 10.61
C THR X 78 -8.62 -64.07 10.55
N SER X 79 -8.03 -65.24 10.76
CA SER X 79 -8.79 -66.49 10.75
C SER X 79 -9.82 -66.52 11.88
N ILE X 80 -9.41 -66.09 13.06
CA ILE X 80 -10.29 -66.08 14.23
C ILE X 80 -11.39 -65.04 14.12
N VAL X 81 -11.02 -63.82 13.73
CA VAL X 81 -11.97 -62.73 13.60
C VAL X 81 -13.04 -63.02 12.54
N THR X 82 -12.60 -63.50 11.38
CA THR X 82 -13.51 -63.85 10.30
C THR X 82 -14.49 -64.94 10.74
N ALA X 83 -13.96 -65.98 11.39
CA ALA X 83 -14.79 -67.07 11.91
C ALA X 83 -15.74 -66.57 13.00
N ALA X 84 -15.30 -65.58 13.75
CA ALA X 84 -16.12 -65.02 14.83
C ALA X 84 -17.33 -64.28 14.27
N ILE X 85 -17.09 -63.40 13.30
CA ILE X 85 -18.17 -62.63 12.68
C ILE X 85 -19.13 -63.53 11.92
N THR X 86 -18.60 -64.58 11.30
CA THR X 86 -19.40 -65.52 10.51
C THR X 86 -20.44 -66.23 11.36
N ALA X 87 -20.03 -66.72 12.53
CA ALA X 87 -20.92 -67.45 13.41
C ALA X 87 -21.90 -66.52 14.14
N VAL X 88 -21.38 -65.39 14.61
CA VAL X 88 -22.17 -64.47 15.41
C VAL X 88 -23.14 -63.63 14.58
N CYS X 89 -22.63 -63.00 13.52
CA CYS X 89 -23.44 -62.08 12.74
C CYS X 89 -24.11 -62.76 11.55
N GLY X 90 -23.62 -63.93 11.16
CA GLY X 90 -24.18 -64.67 10.06
C GLY X 90 -23.66 -64.21 8.71
N ILE X 91 -22.68 -63.32 8.74
CA ILE X 91 -22.08 -62.80 7.51
C ILE X 91 -21.07 -63.79 6.93
N VAL X 92 -21.21 -64.08 5.65
CA VAL X 92 -20.34 -65.04 4.97
C VAL X 92 -18.88 -64.60 5.00
N ALA X 93 -17.97 -65.56 4.89
CA ALA X 93 -16.54 -65.30 4.99
C ALA X 93 -16.03 -64.40 3.86
N ASP X 94 -16.61 -64.56 2.67
CA ASP X 94 -16.15 -63.82 1.50
C ASP X 94 -16.58 -62.34 1.54
N ARG X 95 -17.23 -61.95 2.62
CA ARG X 95 -17.64 -60.56 2.80
C ARG X 95 -17.18 -60.03 4.16
N ILE X 96 -15.96 -60.38 4.54
CA ILE X 96 -15.39 -59.92 5.80
C ILE X 96 -13.96 -59.41 5.61
N PHE X 97 -13.77 -58.11 5.85
CA PHE X 97 -12.45 -57.50 5.76
C PHE X 97 -11.82 -57.31 7.14
N VAL X 98 -10.54 -57.63 7.25
CA VAL X 98 -9.79 -57.40 8.48
C VAL X 98 -8.51 -56.62 8.18
N LEU X 99 -8.52 -55.34 8.54
CA LEU X 99 -7.40 -54.46 8.24
C LEU X 99 -6.50 -54.24 9.46
N TYR X 100 -5.20 -54.11 9.22
CA TYR X 100 -4.23 -53.93 10.29
C TYR X 100 -3.44 -52.64 10.14
N PHE X 101 -3.39 -51.86 11.22
CA PHE X 101 -2.69 -50.58 11.23
C PHE X 101 -1.73 -50.48 12.41
N SER X 102 -0.80 -49.54 12.33
CA SER X 102 0.16 -49.31 13.41
C SER X 102 0.38 -47.83 13.67
N PRO X 103 -0.10 -47.34 14.81
CA PRO X 103 0.01 -45.92 15.17
C PRO X 103 1.42 -45.50 15.53
N LEU X 104 1.76 -44.24 15.25
CA LEU X 104 3.07 -43.70 15.58
C LEU X 104 3.21 -43.51 17.09
N HIS X 105 2.10 -43.12 17.72
CA HIS X 105 2.07 -42.93 19.17
C HIS X 105 0.72 -43.37 19.71
N CYS X 106 0.70 -43.78 20.98
CA CYS X 106 -0.53 -44.21 21.63
C CYS X 106 -0.61 -43.68 23.05
N GLY X 107 -1.74 -43.09 23.41
CA GLY X 107 -1.92 -42.49 24.71
C GLY X 107 -2.96 -43.16 25.57
N TRP X 108 -2.68 -43.24 26.88
CA TRP X 108 -3.61 -43.81 27.84
C TRP X 108 -3.33 -43.22 29.23
N ASN X 109 -4.40 -42.96 29.96
CA ASN X 109 -4.32 -42.35 31.29
C ASN X 109 -3.59 -41.01 31.28
N GLY X 110 -3.69 -40.31 30.15
CA GLY X 110 -3.10 -38.99 30.03
C GLY X 110 -1.63 -38.99 29.62
N THR X 111 -1.06 -40.17 29.43
CA THR X 111 0.36 -40.28 29.07
C THR X 111 0.58 -41.24 27.91
N ASN X 112 1.69 -41.06 27.20
CA ASN X 112 2.05 -41.91 26.09
C ASN X 112 2.89 -43.11 26.52
N PHE X 113 3.05 -44.07 25.61
CA PHE X 113 3.84 -45.27 25.89
C PHE X 113 5.05 -45.35 24.95
N MET Y 1 -64.03 -89.56 0.21
CA MET Y 1 -63.63 -88.17 0.44
C MET Y 1 -64.74 -87.38 1.08
N PRO Y 2 -64.88 -87.48 2.41
CA PRO Y 2 -65.93 -86.79 3.16
C PRO Y 2 -65.58 -85.33 3.46
N VAL Y 3 -66.61 -84.50 3.61
CA VAL Y 3 -66.42 -83.08 3.94
C VAL Y 3 -67.25 -82.72 5.16
N ILE Y 4 -66.60 -82.10 6.14
CA ILE Y 4 -67.27 -81.74 7.39
C ILE Y 4 -67.23 -80.25 7.66
N GLN Y 5 -68.38 -79.60 7.57
CA GLN Y 5 -68.51 -78.17 7.89
C GLN Y 5 -68.95 -78.00 9.33
N THR Y 6 -68.30 -77.07 10.04
CA THR Y 6 -68.62 -76.83 11.44
C THR Y 6 -69.06 -75.39 11.68
N PHE Y 7 -70.35 -75.20 11.92
CA PHE Y 7 -70.89 -73.88 12.24
C PHE Y 7 -71.11 -73.74 13.73
N VAL Y 8 -70.48 -72.73 14.34
CA VAL Y 8 -70.60 -72.51 15.78
C VAL Y 8 -70.88 -71.05 16.09
N SER Y 9 -71.58 -70.82 17.19
CA SER Y 9 -71.89 -69.46 17.64
C SER Y 9 -70.78 -68.93 18.53
N THR Y 10 -69.92 -69.82 19.01
CA THR Y 10 -68.81 -69.45 19.86
C THR Y 10 -67.53 -69.27 19.06
N PRO Y 11 -66.68 -68.31 19.47
CA PRO Y 11 -65.39 -68.06 18.80
C PRO Y 11 -64.45 -69.26 18.88
N LEU Y 12 -63.72 -69.51 17.80
CA LEU Y 12 -62.79 -70.62 17.75
C LEU Y 12 -61.37 -70.15 17.50
N ASP Y 13 -60.43 -70.66 18.29
CA ASP Y 13 -59.02 -70.32 18.13
C ASP Y 13 -58.24 -71.48 17.51
N HIS Y 14 -56.92 -71.44 17.64
CA HIS Y 14 -56.07 -72.49 17.10
C HIS Y 14 -56.27 -73.81 17.84
N HIS Y 15 -56.37 -73.73 19.16
CA HIS Y 15 -56.49 -74.92 20.00
C HIS Y 15 -57.79 -75.68 19.74
N LYS Y 16 -58.90 -74.95 19.72
CA LYS Y 16 -60.22 -75.57 19.53
C LYS Y 16 -60.39 -76.20 18.15
N ARG Y 17 -60.00 -75.46 17.11
CA ARG Y 17 -60.15 -75.95 15.74
C ARG Y 17 -59.24 -77.15 15.46
N LEU Y 18 -58.03 -77.13 16.03
CA LEU Y 18 -57.11 -78.25 15.86
C LEU Y 18 -57.63 -79.51 16.53
N LEU Y 19 -58.22 -79.34 17.72
CA LEU Y 19 -58.80 -80.46 18.45
C LEU Y 19 -59.93 -81.09 17.66
N LEU Y 20 -60.85 -80.26 17.17
CA LEU Y 20 -61.98 -80.73 16.38
C LEU Y 20 -61.50 -81.34 15.06
N ALA Y 21 -60.38 -80.85 14.55
CA ALA Y 21 -59.80 -81.37 13.32
C ALA Y 21 -59.36 -82.81 13.49
N ILE Y 22 -58.60 -83.08 14.55
CA ILE Y 22 -58.12 -84.41 14.85
C ILE Y 22 -59.29 -85.35 15.15
N ILE Y 23 -60.30 -84.82 15.83
CA ILE Y 23 -61.52 -85.57 16.12
C ILE Y 23 -62.16 -86.09 14.84
N TYR Y 24 -62.37 -85.19 13.89
CA TYR Y 24 -62.99 -85.54 12.61
C TYR Y 24 -62.12 -86.54 11.84
N ARG Y 25 -60.81 -86.44 12.03
CA ARG Y 25 -59.88 -87.39 11.40
C ARG Y 25 -60.08 -88.80 11.94
N ILE Y 26 -60.19 -88.92 13.25
CA ILE Y 26 -60.38 -90.22 13.89
C ILE Y 26 -61.75 -90.79 13.52
N VAL Y 27 -62.76 -89.93 13.48
CA VAL Y 27 -64.11 -90.35 13.11
C VAL Y 27 -64.12 -90.87 11.67
N THR Y 28 -63.39 -90.20 10.79
CA THR Y 28 -63.32 -90.59 9.39
C THR Y 28 -62.67 -91.95 9.21
N ARG Y 29 -61.60 -92.20 9.95
CA ARG Y 29 -60.83 -93.44 9.80
C ARG Y 29 -61.47 -94.61 10.54
N VAL Y 30 -61.88 -94.38 11.79
CA VAL Y 30 -62.40 -95.45 12.63
C VAL Y 30 -63.85 -95.79 12.31
N VAL Y 31 -64.70 -94.77 12.20
CA VAL Y 31 -66.13 -94.99 12.00
C VAL Y 31 -66.51 -95.02 10.53
N LEU Y 32 -66.14 -93.98 9.79
CA LEU Y 32 -66.53 -93.85 8.39
C LEU Y 32 -65.75 -94.82 7.49
N GLY Y 33 -64.61 -95.30 7.99
CA GLY Y 33 -63.78 -96.21 7.24
C GLY Y 33 -63.15 -95.58 6.00
N LYS Y 34 -62.79 -94.32 6.13
CA LYS Y 34 -62.17 -93.58 5.03
C LYS Y 34 -60.86 -92.96 5.50
N PRO Y 35 -59.92 -92.74 4.57
CA PRO Y 35 -58.62 -92.13 4.92
C PRO Y 35 -58.77 -90.75 5.55
N GLU Y 36 -58.09 -90.55 6.68
CA GLU Y 36 -58.20 -89.30 7.44
C GLU Y 36 -57.50 -88.14 6.74
N ASP Y 37 -56.70 -88.45 5.73
CA ASP Y 37 -56.02 -87.43 4.95
C ASP Y 37 -56.91 -86.93 3.82
N LEU Y 38 -58.01 -87.62 3.59
CA LEU Y 38 -58.90 -87.30 2.46
C LEU Y 38 -60.17 -86.58 2.89
N VAL Y 39 -60.27 -86.27 4.19
CA VAL Y 39 -61.44 -85.55 4.69
C VAL Y 39 -61.15 -84.05 4.79
N MET Y 40 -62.03 -83.25 4.22
CA MET Y 40 -61.88 -81.80 4.25
C MET Y 40 -62.77 -81.17 5.32
N MET Y 41 -62.19 -80.29 6.11
CA MET Y 41 -62.90 -79.68 7.23
C MET Y 41 -62.88 -78.17 7.18
N THR Y 42 -64.04 -77.54 7.30
CA THR Y 42 -64.15 -76.10 7.33
C THR Y 42 -64.76 -75.65 8.65
N PHE Y 43 -64.29 -74.53 9.18
CA PHE Y 43 -64.78 -74.02 10.46
C PHE Y 43 -65.32 -72.60 10.33
N HIS Y 44 -66.56 -72.41 10.75
CA HIS Y 44 -67.21 -71.11 10.69
C HIS Y 44 -67.59 -70.64 12.10
N ASP Y 45 -66.66 -69.96 12.76
CA ASP Y 45 -66.87 -69.50 14.13
C ASP Y 45 -67.55 -68.13 14.16
N SER Y 46 -68.05 -67.76 15.34
CA SER Y 46 -68.72 -66.47 15.55
C SER Y 46 -69.87 -66.28 14.56
N THR Y 47 -70.57 -67.37 14.27
CA THR Y 47 -71.67 -67.34 13.31
C THR Y 47 -72.97 -66.91 13.97
N PRO Y 48 -73.59 -65.85 13.43
CA PRO Y 48 -74.89 -65.37 13.92
C PRO Y 48 -75.97 -66.44 13.74
N MET Y 49 -76.34 -67.11 14.82
CA MET Y 49 -77.31 -68.20 14.76
C MET Y 49 -78.48 -67.96 15.70
N HIS Y 50 -79.59 -68.65 15.43
CA HIS Y 50 -80.78 -68.55 16.26
C HIS Y 50 -81.45 -69.91 16.35
N PHE Y 51 -81.64 -70.40 17.58
CA PHE Y 51 -82.22 -71.72 17.78
C PHE Y 51 -82.91 -71.82 19.14
N PHE Y 52 -84.05 -72.50 19.16
CA PHE Y 52 -84.84 -72.70 20.37
C PHE Y 52 -85.25 -71.38 21.02
N GLY Y 53 -85.46 -70.37 20.19
CA GLY Y 53 -85.93 -69.07 20.67
C GLY Y 53 -84.86 -68.26 21.39
N SER Y 54 -83.60 -68.58 21.13
CA SER Y 54 -82.49 -67.88 21.78
C SER Y 54 -81.26 -67.81 20.87
N THR Y 55 -80.40 -66.84 21.15
CA THR Y 55 -79.14 -66.71 20.42
C THR Y 55 -78.00 -67.30 21.23
N ASP Y 56 -78.36 -68.17 22.17
CA ASP Y 56 -77.38 -68.86 23.01
C ASP Y 56 -76.43 -69.70 22.17
N PRO Y 57 -75.23 -70.01 22.71
CA PRO Y 57 -74.25 -70.86 22.04
C PRO Y 57 -74.85 -72.11 21.41
N VAL Y 58 -74.72 -72.23 20.09
CA VAL Y 58 -75.36 -73.30 19.35
C VAL Y 58 -74.48 -73.71 18.16
N ALA Y 59 -74.44 -75.01 17.87
CA ALA Y 59 -73.58 -75.51 16.81
C ALA Y 59 -74.34 -76.31 15.75
N CYS Y 60 -73.89 -76.23 14.51
CA CYS Y 60 -74.45 -77.00 13.42
C CYS Y 60 -73.35 -77.63 12.57
N VAL Y 61 -73.33 -78.95 12.52
CA VAL Y 61 -72.28 -79.66 11.80
C VAL Y 61 -72.85 -80.35 10.55
N ARG Y 62 -72.18 -80.16 9.42
CA ARG Y 62 -72.60 -80.76 8.16
C ARG Y 62 -71.63 -81.85 7.72
N VAL Y 63 -72.13 -83.06 7.54
CA VAL Y 63 -71.31 -84.18 7.10
C VAL Y 63 -71.74 -84.65 5.72
N GLU Y 64 -70.81 -84.64 4.77
CA GLU Y 64 -71.09 -85.03 3.40
C GLU Y 64 -70.09 -86.05 2.88
N ALA Y 65 -70.58 -87.26 2.60
CA ALA Y 65 -69.72 -88.32 2.10
C ALA Y 65 -70.35 -89.03 0.90
N LEU Y 66 -69.57 -89.18 -0.17
CA LEU Y 66 -70.04 -89.84 -1.38
C LEU Y 66 -70.24 -91.34 -1.14
N GLY Y 67 -71.30 -91.89 -1.73
CA GLY Y 67 -71.59 -93.31 -1.60
C GLY Y 67 -72.50 -93.61 -0.44
N GLY Y 68 -72.88 -92.57 0.30
CA GLY Y 68 -73.78 -92.73 1.44
C GLY Y 68 -73.04 -93.11 2.70
N TYR Y 69 -73.78 -93.67 3.67
CA TYR Y 69 -73.20 -94.07 4.94
C TYR Y 69 -73.61 -95.50 5.31
N GLY Y 70 -72.89 -96.08 6.26
CA GLY Y 70 -73.21 -97.40 6.76
C GLY Y 70 -74.48 -97.40 7.58
N PRO Y 71 -74.93 -98.60 8.00
CA PRO Y 71 -76.15 -98.75 8.80
C PRO Y 71 -76.08 -98.05 10.15
N SER Y 72 -75.07 -98.40 10.95
CA SER Y 72 -74.95 -97.88 12.30
C SER Y 72 -73.91 -96.76 12.42
N GLU Y 73 -73.35 -96.36 11.28
CA GLU Y 73 -72.33 -95.32 11.27
C GLU Y 73 -72.83 -93.90 11.63
N PRO Y 74 -73.97 -93.46 11.06
CA PRO Y 74 -74.42 -92.10 11.39
C PRO Y 74 -74.70 -91.90 12.88
N GLU Y 75 -75.23 -92.92 13.55
CA GLU Y 75 -75.50 -92.85 14.97
C GLU Y 75 -74.21 -92.67 15.77
N LYS Y 76 -73.15 -93.35 15.32
CA LYS Y 76 -71.85 -93.26 15.98
C LYS Y 76 -71.23 -91.88 15.78
N VAL Y 77 -71.24 -91.41 14.54
CA VAL Y 77 -70.66 -90.10 14.20
C VAL Y 77 -71.34 -88.98 14.97
N THR Y 78 -72.67 -89.01 15.01
CA THR Y 78 -73.45 -87.99 15.69
C THR Y 78 -73.11 -87.92 17.18
N SER Y 79 -72.97 -89.09 17.80
CA SER Y 79 -72.65 -89.17 19.22
C SER Y 79 -71.27 -88.57 19.52
N ILE Y 80 -70.29 -88.90 18.68
CA ILE Y 80 -68.93 -88.42 18.87
C ILE Y 80 -68.82 -86.91 18.61
N VAL Y 81 -69.40 -86.47 17.49
CA VAL Y 81 -69.35 -85.06 17.11
C VAL Y 81 -70.02 -84.17 18.15
N THR Y 82 -71.20 -84.58 18.60
CA THR Y 82 -71.93 -83.83 19.62
C THR Y 82 -71.11 -83.71 20.90
N ALA Y 83 -70.53 -84.83 21.33
CA ALA Y 83 -69.68 -84.86 22.51
C ALA Y 83 -68.42 -84.02 22.30
N ALA Y 84 -67.94 -83.98 21.06
CA ALA Y 84 -66.74 -83.22 20.72
C ALA Y 84 -66.97 -81.72 20.86
N ILE Y 85 -68.06 -81.24 20.26
CA ILE Y 85 -68.41 -79.82 20.32
C ILE Y 85 -68.74 -79.41 21.75
N THR Y 86 -69.38 -80.31 22.48
CA THR Y 86 -69.79 -80.03 23.86
C THR Y 86 -68.59 -79.76 24.77
N ALA Y 87 -67.57 -80.60 24.66
CA ALA Y 87 -66.38 -80.47 25.50
C ALA Y 87 -65.49 -79.32 25.05
N VAL Y 88 -65.32 -79.17 23.73
CA VAL Y 88 -64.43 -78.15 23.19
C VAL Y 88 -65.03 -76.75 23.23
N CYS Y 89 -66.24 -76.60 22.71
CA CYS Y 89 -66.86 -75.28 22.58
C CYS Y 89 -67.72 -74.91 23.79
N GLY Y 90 -68.11 -75.90 24.57
CA GLY Y 90 -68.92 -75.66 25.76
C GLY Y 90 -70.40 -75.58 25.43
N ILE Y 91 -70.74 -75.88 24.18
CA ILE Y 91 -72.13 -75.85 23.73
C ILE Y 91 -72.88 -77.10 24.17
N VAL Y 92 -74.02 -76.91 24.81
CA VAL Y 92 -74.83 -78.03 25.32
C VAL Y 92 -75.29 -78.94 24.19
N ALA Y 93 -75.56 -80.20 24.53
CA ALA Y 93 -75.94 -81.21 23.55
C ALA Y 93 -77.28 -80.89 22.88
N ASP Y 94 -78.19 -80.28 23.63
CA ASP Y 94 -79.53 -79.99 23.12
C ASP Y 94 -79.53 -78.81 22.14
N ARG Y 95 -78.35 -78.25 21.87
CA ARG Y 95 -78.22 -77.18 20.91
C ARG Y 95 -77.15 -77.48 19.87
N ILE Y 96 -77.09 -78.75 19.44
CA ILE Y 96 -76.12 -79.16 18.43
C ILE Y 96 -76.79 -80.01 17.35
N PHE Y 97 -76.79 -79.50 16.11
CA PHE Y 97 -77.33 -80.23 14.98
C PHE Y 97 -76.23 -80.89 14.16
N VAL Y 98 -76.46 -82.14 13.76
CA VAL Y 98 -75.54 -82.84 12.88
C VAL Y 98 -76.29 -83.41 11.68
N LEU Y 99 -76.13 -82.78 10.53
CA LEU Y 99 -76.84 -83.16 9.32
C LEU Y 99 -75.94 -83.98 8.39
N TYR Y 100 -76.53 -84.93 7.70
CA TYR Y 100 -75.79 -85.81 6.79
C TYR Y 100 -76.29 -85.69 5.37
N PHE Y 101 -75.37 -85.48 4.43
CA PHE Y 101 -75.74 -85.35 3.02
C PHE Y 101 -74.90 -86.28 2.16
N SER Y 102 -75.34 -86.49 0.92
CA SER Y 102 -74.61 -87.33 -0.02
C SER Y 102 -74.58 -86.70 -1.40
N PRO Y 103 -73.41 -86.23 -1.84
CA PRO Y 103 -73.25 -85.60 -3.15
C PRO Y 103 -73.36 -86.59 -4.30
N LEU Y 104 -73.85 -86.13 -5.43
CA LEU Y 104 -73.98 -86.98 -6.62
C LEU Y 104 -72.61 -87.28 -7.21
N HIS Y 105 -71.73 -86.28 -7.15
CA HIS Y 105 -70.37 -86.43 -7.65
C HIS Y 105 -69.37 -85.67 -6.78
N CYS Y 106 -68.13 -86.14 -6.75
CA CYS Y 106 -67.09 -85.50 -5.97
C CYS Y 106 -65.78 -85.47 -6.74
N GLY Y 107 -65.14 -84.30 -6.79
CA GLY Y 107 -63.92 -84.13 -7.55
C GLY Y 107 -62.71 -83.82 -6.69
N TRP Y 108 -61.57 -84.38 -7.08
CA TRP Y 108 -60.31 -84.13 -6.39
C TRP Y 108 -59.13 -84.33 -7.33
N ASN Y 109 -58.12 -83.47 -7.20
CA ASN Y 109 -56.93 -83.49 -8.06
C ASN Y 109 -57.28 -83.35 -9.54
N GLY Y 110 -58.37 -82.65 -9.83
CA GLY Y 110 -58.77 -82.38 -11.20
C GLY Y 110 -59.61 -83.48 -11.83
N THR Y 111 -59.85 -84.55 -11.06
CA THR Y 111 -60.63 -85.67 -11.56
C THR Y 111 -61.70 -86.09 -10.56
N ASN Y 112 -62.75 -86.75 -11.07
CA ASN Y 112 -63.83 -87.23 -10.21
C ASN Y 112 -63.57 -88.66 -9.72
N PHE Y 113 -64.35 -89.09 -8.75
CA PHE Y 113 -64.21 -90.42 -8.18
C PHE Y 113 -65.46 -91.27 -8.42
N MET Z 1 10.67 39.61 -67.54
CA MET Z 1 9.43 39.58 -66.76
C MET Z 1 9.21 40.91 -66.05
N PRO Z 2 8.67 41.90 -66.77
CA PRO Z 2 8.43 43.24 -66.21
C PRO Z 2 7.14 43.32 -65.39
N VAL Z 3 7.12 44.23 -64.42
CA VAL Z 3 5.94 44.45 -63.59
C VAL Z 3 5.56 45.93 -63.61
N ILE Z 4 4.29 46.20 -63.89
CA ILE Z 4 3.81 47.57 -63.99
C ILE Z 4 2.68 47.86 -63.01
N GLN Z 5 2.98 48.65 -61.98
CA GLN Z 5 1.98 49.06 -61.01
C GLN Z 5 1.39 50.41 -61.39
N THR Z 6 0.06 50.52 -61.29
CA THR Z 6 -0.62 51.76 -61.64
C THR Z 6 -1.42 52.30 -60.45
N PHE Z 7 -0.92 53.38 -59.85
CA PHE Z 7 -1.62 54.03 -58.76
C PHE Z 7 -2.35 55.27 -59.25
N VAL Z 8 -3.66 55.30 -59.03
CA VAL Z 8 -4.47 56.44 -59.46
C VAL Z 8 -5.42 56.89 -58.35
N SER Z 9 -5.73 58.17 -58.33
CA SER Z 9 -6.65 58.73 -57.35
C SER Z 9 -8.09 58.65 -57.85
N THR Z 10 -8.23 58.39 -59.15
CA THR Z 10 -9.54 58.28 -59.77
C THR Z 10 -9.99 56.82 -59.86
N PRO Z 11 -11.30 56.57 -59.72
CA PRO Z 11 -11.88 55.22 -59.83
C PRO Z 11 -11.68 54.61 -61.21
N LEU Z 12 -11.41 53.31 -61.24
CA LEU Z 12 -11.21 52.59 -62.50
C LEU Z 12 -12.22 51.47 -62.68
N ASP Z 13 -12.81 51.38 -63.87
CA ASP Z 13 -13.77 50.33 -64.17
C ASP Z 13 -13.16 49.27 -65.09
N HIS Z 14 -14.01 48.46 -65.70
CA HIS Z 14 -13.55 47.42 -66.60
C HIS Z 14 -12.92 47.98 -67.87
N HIS Z 15 -13.56 49.00 -68.43
CA HIS Z 15 -13.09 49.59 -69.69
C HIS Z 15 -11.72 50.24 -69.56
N LYS Z 16 -11.55 51.06 -68.53
CA LYS Z 16 -10.29 51.78 -68.32
C LYS Z 16 -9.13 50.84 -68.00
N ARG Z 17 -9.34 49.90 -67.08
CA ARG Z 17 -8.29 48.97 -66.69
C ARG Z 17 -7.89 48.04 -67.82
N LEU Z 18 -8.87 47.61 -68.62
CA LEU Z 18 -8.60 46.75 -69.77
C LEU Z 18 -7.80 47.51 -70.83
N LEU Z 19 -8.15 48.77 -71.02
CA LEU Z 19 -7.44 49.62 -71.99
C LEU Z 19 -5.98 49.79 -71.59
N LEU Z 20 -5.75 50.16 -70.33
CA LEU Z 20 -4.40 50.33 -69.81
C LEU Z 20 -3.63 49.01 -69.82
N ALA Z 21 -4.35 47.90 -69.68
CA ALA Z 21 -3.75 46.57 -69.71
C ALA Z 21 -3.13 46.29 -71.08
N ILE Z 22 -3.91 46.55 -72.13
CA ILE Z 22 -3.45 46.33 -73.49
C ILE Z 22 -2.29 47.29 -73.80
N ILE Z 23 -2.37 48.51 -73.28
CA ILE Z 23 -1.32 49.50 -73.45
C ILE Z 23 0.03 49.00 -72.96
N TYR Z 24 0.07 48.51 -71.73
CA TYR Z 24 1.30 48.01 -71.14
C TYR Z 24 1.84 46.80 -71.92
N ARG Z 25 0.92 46.03 -72.50
CA ARG Z 25 1.29 44.88 -73.31
C ARG Z 25 2.02 45.32 -74.58
N ILE Z 26 1.48 46.32 -75.25
CA ILE Z 26 2.09 46.85 -76.47
C ILE Z 26 3.43 47.52 -76.16
N VAL Z 27 3.48 48.27 -75.06
CA VAL Z 27 4.72 48.92 -74.63
C VAL Z 27 5.80 47.90 -74.34
N THR Z 28 5.41 46.80 -73.70
CA THR Z 28 6.34 45.74 -73.33
C THR Z 28 6.93 45.07 -74.57
N ARG Z 29 6.10 44.82 -75.57
CA ARG Z 29 6.53 44.11 -76.77
C ARG Z 29 7.30 44.99 -77.74
N VAL Z 30 6.79 46.19 -77.99
CA VAL Z 30 7.38 47.09 -78.97
C VAL Z 30 8.61 47.82 -78.44
N VAL Z 31 8.50 48.38 -77.24
CA VAL Z 31 9.57 49.19 -76.67
C VAL Z 31 10.54 48.36 -75.81
N LEU Z 32 9.99 47.65 -74.83
CA LEU Z 32 10.83 46.90 -73.90
C LEU Z 32 11.41 45.64 -74.53
N GLY Z 33 10.79 45.19 -75.63
CA GLY Z 33 11.25 44.00 -76.32
C GLY Z 33 11.07 42.74 -75.52
N LYS Z 34 9.96 42.68 -74.78
CA LYS Z 34 9.65 41.51 -73.95
C LYS Z 34 8.24 41.00 -74.28
N PRO Z 35 8.00 39.69 -74.07
CA PRO Z 35 6.69 39.10 -74.35
C PRO Z 35 5.56 39.75 -73.55
N GLU Z 36 4.48 40.09 -74.25
CA GLU Z 36 3.34 40.79 -73.64
C GLU Z 36 2.52 39.88 -72.72
N ASP Z 37 2.76 38.58 -72.82
CA ASP Z 37 2.06 37.62 -71.97
C ASP Z 37 2.79 37.43 -70.64
N LEU Z 38 4.00 37.96 -70.56
CA LEU Z 38 4.84 37.75 -69.38
C LEU Z 38 4.91 39.00 -68.49
N VAL Z 39 4.17 40.04 -68.85
CA VAL Z 39 4.15 41.26 -68.04
C VAL Z 39 2.95 41.27 -67.09
N MET Z 40 3.24 41.53 -65.82
CA MET Z 40 2.19 41.55 -64.80
C MET Z 40 1.78 42.98 -64.47
N MET Z 41 0.48 43.22 -64.43
CA MET Z 41 -0.05 44.57 -64.21
C MET Z 41 -1.02 44.60 -63.04
N THR Z 42 -0.79 45.53 -62.12
CA THR Z 42 -1.69 45.72 -60.99
C THR Z 42 -2.28 47.13 -61.01
N PHE Z 43 -3.54 47.25 -60.61
CA PHE Z 43 -4.22 48.54 -60.62
C PHE Z 43 -4.78 48.88 -59.25
N HIS Z 44 -4.39 50.04 -58.73
CA HIS Z 44 -4.86 50.50 -57.42
C HIS Z 44 -5.62 51.81 -57.55
N ASP Z 45 -6.92 51.72 -57.77
CA ASP Z 45 -7.75 52.91 -57.96
C ASP Z 45 -8.25 53.47 -56.63
N SER Z 46 -8.76 54.70 -56.68
CA SER Z 46 -9.29 55.38 -55.50
C SER Z 46 -8.27 55.46 -54.38
N THR Z 47 -7.00 55.65 -54.74
CA THR Z 47 -5.92 55.72 -53.76
C THR Z 47 -5.75 57.12 -53.22
N PRO Z 48 -5.83 57.29 -51.89
CA PRO Z 48 -5.61 58.57 -51.23
C PRO Z 48 -4.20 59.11 -51.47
N MET Z 49 -4.07 60.10 -52.34
CA MET Z 49 -2.77 60.65 -52.70
C MET Z 49 -2.71 62.16 -52.49
N HIS Z 50 -1.49 62.68 -52.40
CA HIS Z 50 -1.28 64.12 -52.22
C HIS Z 50 -0.05 64.56 -53.00
N PHE Z 51 -0.23 65.54 -53.89
CA PHE Z 51 0.86 66.02 -54.74
C PHE Z 51 0.65 67.46 -55.18
N PHE Z 52 1.74 68.22 -55.21
CA PHE Z 52 1.74 69.62 -55.61
C PHE Z 52 0.79 70.47 -54.78
N GLY Z 53 0.64 70.11 -53.51
CA GLY Z 53 -0.19 70.87 -52.58
C GLY Z 53 -1.67 70.73 -52.81
N SER Z 54 -2.07 69.64 -53.48
CA SER Z 54 -3.47 69.40 -53.77
C SER Z 54 -3.80 67.91 -53.82
N THR Z 55 -5.07 67.58 -53.61
CA THR Z 55 -5.53 66.20 -53.70
C THR Z 55 -6.19 65.94 -55.05
N ASP Z 56 -5.87 66.79 -56.02
CA ASP Z 56 -6.38 66.67 -57.38
C ASP Z 56 -5.95 65.34 -58.00
N PRO Z 57 -6.70 64.86 -59.00
CA PRO Z 57 -6.37 63.62 -59.73
C PRO Z 57 -4.89 63.51 -60.09
N VAL Z 58 -4.24 62.46 -59.59
CA VAL Z 58 -2.80 62.31 -59.75
C VAL Z 58 -2.45 60.82 -59.85
N ALA Z 59 -1.49 60.50 -60.72
CA ALA Z 59 -1.11 59.10 -60.96
C ALA Z 59 0.37 58.84 -60.72
N CYS Z 60 0.67 57.63 -60.26
CA CYS Z 60 2.04 57.19 -60.07
C CYS Z 60 2.24 55.79 -60.62
N VAL Z 61 3.10 55.66 -61.62
CA VAL Z 61 3.33 54.37 -62.27
C VAL Z 61 4.71 53.80 -61.94
N ARG Z 62 4.74 52.53 -61.55
CA ARG Z 62 5.98 51.86 -61.21
C ARG Z 62 6.34 50.78 -62.24
N VAL Z 63 7.51 50.92 -62.83
CA VAL Z 63 7.98 49.94 -63.82
C VAL Z 63 9.22 49.22 -63.30
N GLU Z 64 9.13 47.89 -63.22
CA GLU Z 64 10.22 47.07 -62.70
C GLU Z 64 10.56 45.93 -63.65
N ALA Z 65 11.77 45.97 -64.21
CA ALA Z 65 12.21 44.94 -65.13
C ALA Z 65 13.62 44.47 -64.81
N LEU Z 66 13.80 43.16 -64.73
CA LEU Z 66 15.11 42.57 -64.45
C LEU Z 66 16.07 42.78 -65.63
N GLY Z 67 17.34 43.04 -65.32
CA GLY Z 67 18.34 43.25 -66.34
C GLY Z 67 18.49 44.71 -66.74
N GLY Z 68 17.71 45.58 -66.10
CA GLY Z 68 17.77 46.99 -66.39
C GLY Z 68 16.93 47.41 -67.58
N TYR Z 69 17.24 48.56 -68.15
CA TYR Z 69 16.50 49.09 -69.29
C TYR Z 69 17.43 49.50 -70.42
N GLY Z 70 16.87 49.67 -71.61
CA GLY Z 70 17.63 50.13 -72.75
C GLY Z 70 18.03 51.59 -72.64
N PRO Z 71 18.84 52.07 -73.60
CA PRO Z 71 19.32 53.46 -73.62
C PRO Z 71 18.19 54.48 -73.76
N SER Z 72 17.39 54.36 -74.82
CA SER Z 72 16.35 55.33 -75.10
C SER Z 72 14.96 54.82 -74.72
N GLU Z 73 14.91 53.64 -74.11
CA GLU Z 73 13.64 53.03 -73.72
C GLU Z 73 12.87 53.76 -72.60
N PRO Z 74 13.55 54.14 -71.50
CA PRO Z 74 12.79 54.80 -70.42
C PRO Z 74 12.12 56.10 -70.87
N GLU Z 75 12.77 56.86 -71.75
CA GLU Z 75 12.20 58.09 -72.26
C GLU Z 75 10.95 57.81 -73.09
N LYS Z 76 10.98 56.73 -73.86
CA LYS Z 76 9.86 56.34 -74.70
C LYS Z 76 8.68 55.85 -73.86
N VAL Z 77 8.96 54.97 -72.89
CA VAL Z 77 7.93 54.41 -72.02
C VAL Z 77 7.21 55.49 -71.24
N THR Z 78 7.97 56.43 -70.69
CA THR Z 78 7.40 57.52 -69.91
C THR Z 78 6.43 58.35 -70.74
N SER Z 79 6.80 58.63 -71.98
CA SER Z 79 5.96 59.41 -72.89
C SER Z 79 4.65 58.71 -73.18
N ILE Z 80 4.71 57.41 -73.44
CA ILE Z 80 3.52 56.62 -73.76
C ILE Z 80 2.61 56.46 -72.54
N VAL Z 81 3.20 56.11 -71.40
CA VAL Z 81 2.45 55.89 -70.18
C VAL Z 81 1.73 57.16 -69.72
N THR Z 82 2.44 58.28 -69.73
CA THR Z 82 1.87 59.56 -69.34
C THR Z 82 0.69 59.93 -70.24
N ALA Z 83 0.87 59.76 -71.54
CA ALA Z 83 -0.20 60.01 -72.50
C ALA Z 83 -1.35 59.04 -72.32
N ALA Z 84 -1.04 57.82 -71.89
CA ALA Z 84 -2.05 56.79 -71.68
C ALA Z 84 -2.95 57.14 -70.50
N ILE Z 85 -2.33 57.50 -69.38
CA ILE Z 85 -3.08 57.87 -68.17
C ILE Z 85 -3.88 59.14 -68.43
N THR Z 86 -3.31 60.05 -69.21
CA THR Z 86 -3.96 61.32 -69.51
C THR Z 86 -5.28 61.14 -70.25
N ALA Z 87 -5.28 60.27 -71.25
CA ALA Z 87 -6.48 60.02 -72.05
C ALA Z 87 -7.49 59.15 -71.31
N VAL Z 88 -7.01 58.12 -70.65
CA VAL Z 88 -7.88 57.15 -69.99
C VAL Z 88 -8.45 57.66 -68.68
N CYS Z 89 -7.58 58.14 -67.79
CA CYS Z 89 -8.01 58.54 -66.45
C CYS Z 89 -8.37 60.02 -66.36
N GLY Z 90 -7.91 60.79 -67.34
CA GLY Z 90 -8.19 62.22 -67.38
C GLY Z 90 -7.23 63.02 -66.53
N ILE Z 91 -6.21 62.34 -66.00
CA ILE Z 91 -5.20 63.00 -65.16
C ILE Z 91 -4.19 63.75 -66.02
N VAL Z 92 -3.97 65.02 -65.69
CA VAL Z 92 -3.05 65.87 -66.44
C VAL Z 92 -1.63 65.33 -66.41
N ALA Z 93 -0.84 65.70 -67.42
CA ALA Z 93 0.52 65.20 -67.57
C ALA Z 93 1.43 65.65 -66.43
N ASP Z 94 1.17 66.86 -65.92
CA ASP Z 94 2.01 67.45 -64.87
C ASP Z 94 1.76 66.81 -63.50
N ARG Z 95 0.87 65.82 -63.46
CA ARG Z 95 0.58 65.10 -62.22
C ARG Z 95 0.70 63.60 -62.43
N ILE Z 96 1.70 63.18 -63.20
CA ILE Z 96 1.94 61.76 -63.46
C ILE Z 96 3.40 61.39 -63.27
N PHE Z 97 3.66 60.52 -62.30
CA PHE Z 97 5.01 60.02 -62.05
C PHE Z 97 5.23 58.65 -62.65
N VAL Z 98 6.38 58.45 -63.29
CA VAL Z 98 6.75 57.14 -63.83
C VAL Z 98 8.13 56.74 -63.32
N LEU Z 99 8.16 55.80 -62.38
CA LEU Z 99 9.42 55.37 -61.76
C LEU Z 99 9.91 54.05 -62.35
N TYR Z 100 11.23 53.92 -62.45
CA TYR Z 100 11.83 52.71 -63.02
C TYR Z 100 12.75 52.03 -62.02
N PHE Z 101 12.55 50.73 -61.84
CA PHE Z 101 13.34 49.95 -60.89
C PHE Z 101 13.89 48.69 -61.55
N SER Z 102 14.89 48.09 -60.91
CA SER Z 102 15.49 46.85 -61.41
C SER Z 102 15.76 45.87 -60.29
N PRO Z 103 14.99 44.76 -60.26
CA PRO Z 103 15.12 43.74 -59.21
C PRO Z 103 16.39 42.92 -59.35
N LEU Z 104 16.93 42.46 -58.23
CA LEU Z 104 18.14 41.64 -58.23
C LEU Z 104 17.84 40.25 -58.77
N HIS Z 105 16.66 39.73 -58.44
CA HIS Z 105 16.23 38.42 -58.91
C HIS Z 105 14.73 38.42 -59.18
N CYS Z 106 14.28 37.55 -60.08
CA CYS Z 106 12.87 37.45 -60.43
C CYS Z 106 12.46 35.99 -60.59
N GLY Z 107 11.36 35.62 -59.95
CA GLY Z 107 10.89 34.24 -59.97
C GLY Z 107 9.57 34.05 -60.67
N TRP Z 108 9.44 32.94 -61.39
CA TRP Z 108 8.22 32.59 -62.08
C TRP Z 108 8.11 31.08 -62.27
N ASN Z 109 6.89 30.55 -62.11
CA ASN Z 109 6.64 29.12 -62.20
C ASN Z 109 7.48 28.31 -61.22
N GLY Z 110 7.80 28.91 -60.08
CA GLY Z 110 8.55 28.23 -59.04
C GLY Z 110 10.05 28.29 -59.22
N THR Z 111 10.50 28.94 -60.28
CA THR Z 111 11.93 29.05 -60.57
C THR Z 111 12.32 30.48 -60.92
N ASN Z 112 13.60 30.80 -60.72
CA ASN Z 112 14.10 32.14 -61.04
C ASN Z 112 14.61 32.23 -62.48
N PHE Z 113 14.86 33.47 -62.93
CA PHE Z 113 15.36 33.70 -64.28
C PHE Z 113 16.74 34.35 -64.26
N MET AA 1 -45.65 91.45 -73.64
CA MET AA 1 -45.21 90.49 -72.64
C MET AA 1 -46.39 89.73 -72.04
N PRO AA 2 -46.85 88.69 -72.74
CA PRO AA 2 -48.00 87.89 -72.30
C PRO AA 2 -47.64 86.85 -71.25
N VAL AA 3 -48.59 86.49 -70.40
CA VAL AA 3 -48.39 85.47 -69.38
C VAL AA 3 -49.47 84.41 -69.48
N ILE AA 4 -49.06 83.14 -69.55
CA ILE AA 4 -50.00 82.05 -69.69
C ILE AA 4 -49.91 81.04 -68.55
N GLN AA 5 -50.93 81.02 -67.69
CA GLN AA 5 -51.00 80.03 -66.61
C GLN AA 5 -51.82 78.83 -67.04
N THR AA 6 -51.32 77.64 -66.75
CA THR AA 6 -52.01 76.41 -67.12
C THR AA 6 -52.32 75.55 -65.90
N PHE AA 7 -53.60 75.51 -65.53
CA PHE AA 7 -54.05 74.68 -64.42
C PHE AA 7 -54.68 73.40 -64.95
N VAL AA 8 -54.15 72.26 -64.53
CA VAL AA 8 -54.65 70.97 -64.99
C VAL AA 8 -54.86 70.00 -63.83
N SER AA 9 -55.83 69.11 -63.97
CA SER AA 9 -56.11 68.11 -62.96
C SER AA 9 -55.27 66.86 -63.17
N THR AA 10 -54.68 66.75 -64.35
CA THR AA 10 -53.83 65.61 -64.69
C THR AA 10 -52.36 65.93 -64.47
N PRO AA 11 -51.57 64.93 -64.04
CA PRO AA 11 -50.13 65.09 -63.82
C PRO AA 11 -49.38 65.44 -65.11
N LEU AA 12 -48.39 66.31 -65.00
CA LEU AA 12 -47.60 66.73 -66.16
C LEU AA 12 -46.13 66.41 -65.97
N ASP AA 13 -45.52 65.82 -67.00
CA ASP AA 13 -44.09 65.50 -66.97
C ASP AA 13 -43.31 66.46 -67.85
N HIS AA 14 -42.07 66.08 -68.19
CA HIS AA 14 -41.23 66.91 -69.03
C HIS AA 14 -41.78 66.99 -70.46
N HIS AA 15 -42.22 65.86 -70.98
CA HIS AA 15 -42.70 65.78 -72.36
C HIS AA 15 -43.93 66.63 -72.61
N LYS AA 16 -44.93 66.50 -71.74
CA LYS AA 16 -46.18 67.23 -71.89
C LYS AA 16 -45.99 68.73 -71.74
N ARG AA 17 -45.23 69.14 -70.73
CA ARG AA 17 -44.99 70.55 -70.47
C ARG AA 17 -44.18 71.20 -71.59
N LEU AA 18 -43.23 70.44 -72.15
CA LEU AA 18 -42.42 70.92 -73.26
C LEU AA 18 -43.27 71.11 -74.51
N LEU AA 19 -44.19 70.19 -74.74
CA LEU AA 19 -45.09 70.27 -75.89
C LEU AA 19 -45.98 71.50 -75.81
N LEU AA 20 -46.62 71.68 -74.66
CA LEU AA 20 -47.49 72.84 -74.43
C LEU AA 20 -46.71 74.15 -74.48
N ALA AA 21 -45.44 74.08 -74.11
CA ALA AA 21 -44.58 75.26 -74.14
C ALA AA 21 -44.38 75.74 -75.57
N ILE AA 22 -44.06 74.81 -76.47
CA ILE AA 22 -43.86 75.14 -77.88
C ILE AA 22 -45.17 75.63 -78.50
N ILE AA 23 -46.28 75.01 -78.09
CA ILE AA 23 -47.60 75.42 -78.55
C ILE AA 23 -47.87 76.89 -78.24
N TYR AA 24 -47.66 77.27 -76.99
CA TYR AA 24 -47.88 78.65 -76.56
C TYR AA 24 -46.96 79.61 -77.29
N ARG AA 25 -45.76 79.14 -77.63
CA ARG AA 25 -44.80 79.94 -78.38
C ARG AA 25 -45.30 80.26 -79.78
N ILE AA 26 -45.82 79.25 -80.47
CA ILE AA 26 -46.34 79.43 -81.82
C ILE AA 26 -47.57 80.34 -81.82
N VAL AA 27 -48.44 80.14 -80.83
CA VAL AA 27 -49.65 80.96 -80.68
C VAL AA 27 -49.27 82.42 -80.44
N THR AA 28 -48.26 82.64 -79.62
CA THR AA 28 -47.80 83.98 -79.29
C THR AA 28 -47.26 84.72 -80.51
N ARG AA 29 -46.48 84.01 -81.32
CA ARG AA 29 -45.82 84.61 -82.48
C ARG AA 29 -46.77 84.77 -83.67
N VAL AA 30 -47.53 83.73 -83.97
CA VAL AA 30 -48.39 83.72 -85.15
C VAL AA 30 -49.69 84.48 -84.93
N VAL AA 31 -50.35 84.21 -83.81
CA VAL AA 31 -51.67 84.80 -83.54
C VAL AA 31 -51.58 86.11 -82.76
N LEU AA 32 -50.89 86.07 -81.62
CA LEU AA 32 -50.81 87.24 -80.75
C LEU AA 32 -49.89 88.31 -81.31
N GLY AA 33 -49.02 87.93 -82.24
CA GLY AA 33 -48.09 88.86 -82.85
C GLY AA 33 -47.06 89.40 -81.87
N LYS AA 34 -46.62 88.54 -80.96
CA LYS AA 34 -45.63 88.92 -79.95
C LYS AA 34 -44.45 87.97 -79.97
N PRO AA 35 -43.27 88.45 -79.56
CA PRO AA 35 -42.05 87.62 -79.52
C PRO AA 35 -42.21 86.40 -78.62
N GLU AA 36 -41.84 85.23 -79.13
CA GLU AA 36 -42.00 83.97 -78.41
C GLU AA 36 -41.02 83.83 -77.25
N ASP AA 37 -40.02 84.70 -77.22
CA ASP AA 37 -39.04 84.68 -76.14
C ASP AA 37 -39.51 85.55 -74.96
N LEU AA 38 -40.57 86.32 -75.18
CA LEU AA 38 -41.05 87.25 -74.17
C LEU AA 38 -42.32 86.76 -73.47
N VAL AA 39 -42.77 85.55 -73.81
CA VAL AA 39 -43.95 84.99 -73.16
C VAL AA 39 -43.56 84.06 -72.01
N MET AA 40 -44.15 84.30 -70.85
CA MET AA 40 -43.87 83.49 -69.67
C MET AA 40 -44.97 82.47 -69.43
N MET AA 41 -44.57 81.22 -69.19
CA MET AA 41 -45.52 80.12 -69.04
C MET AA 41 -45.32 79.38 -67.73
N THR AA 42 -46.41 79.20 -66.98
CA THR AA 42 -46.37 78.43 -65.74
C THR AA 42 -47.30 77.23 -65.82
N PHE AA 43 -46.88 76.12 -65.20
CA PHE AA 43 -47.66 74.89 -65.22
C PHE AA 43 -47.96 74.40 -63.81
N HIS AA 44 -49.24 74.21 -63.51
CA HIS AA 44 -49.67 73.74 -62.20
C HIS AA 44 -50.41 72.42 -62.33
N ASP AA 45 -49.67 71.31 -62.28
CA ASP AA 45 -50.24 69.98 -62.44
C ASP AA 45 -50.74 69.42 -61.13
N SER AA 46 -51.53 68.35 -61.21
CA SER AA 46 -52.10 67.67 -60.05
C SER AA 46 -52.87 68.64 -59.15
N THR AA 47 -53.57 69.59 -59.77
CA THR AA 47 -54.33 70.58 -59.03
C THR AA 47 -55.74 70.07 -58.72
N PRO AA 48 -56.11 70.05 -57.43
CA PRO AA 48 -57.45 69.65 -56.99
C PRO AA 48 -58.53 70.57 -57.55
N MET AA 49 -59.26 70.10 -58.55
CA MET AA 49 -60.28 70.92 -59.21
C MET AA 49 -61.64 70.25 -59.20
N HIS AA 50 -62.69 71.04 -59.39
CA HIS AA 50 -64.05 70.52 -59.42
C HIS AA 50 -64.88 71.30 -60.44
N PHE AA 51 -65.47 70.58 -61.39
CA PHE AA 51 -66.25 71.21 -62.46
C PHE AA 51 -67.31 70.26 -63.01
N PHE AA 52 -68.48 70.82 -63.32
CA PHE AA 52 -69.61 70.06 -63.85
C PHE AA 52 -70.03 68.92 -62.94
N GLY AA 53 -69.88 69.13 -61.63
CA GLY AA 53 -70.31 68.16 -60.65
C GLY AA 53 -69.41 66.94 -60.55
N SER AA 54 -68.17 67.07 -61.00
CA SER AA 54 -67.23 65.96 -60.95
C SER AA 54 -65.79 66.43 -60.77
N THR AA 55 -64.94 65.54 -60.27
CA THR AA 55 -63.52 65.83 -60.10
C THR AA 55 -62.73 65.21 -61.23
N ASP AA 56 -63.41 64.94 -62.34
CA ASP AA 56 -62.79 64.38 -63.54
C ASP AA 56 -61.73 65.32 -64.09
N PRO AA 57 -60.77 64.78 -64.87
CA PRO AA 57 -59.72 65.57 -65.51
C PRO AA 57 -60.25 66.85 -66.17
N VAL AA 58 -59.75 67.99 -65.70
CA VAL AA 58 -60.25 69.29 -66.13
C VAL AA 58 -59.13 70.32 -66.14
N ALA AA 59 -59.14 71.21 -67.12
CA ALA AA 59 -58.07 72.19 -67.27
C ALA AA 59 -58.58 73.62 -67.25
N CYS AA 60 -57.75 74.53 -66.72
CA CYS AA 60 -58.08 75.95 -66.70
C CYS AA 60 -56.87 76.78 -67.15
N VAL AA 61 -57.05 77.50 -68.25
CA VAL AA 61 -55.96 78.29 -68.81
C VAL AA 61 -56.19 79.80 -68.64
N ARG AA 62 -55.18 80.50 -68.15
CA ARG AA 62 -55.24 81.94 -67.96
C ARG AA 62 -54.32 82.67 -68.92
N VAL AA 63 -54.88 83.55 -69.73
CA VAL AA 63 -54.09 84.34 -70.68
C VAL AA 63 -54.14 85.82 -70.32
N GLU AA 64 -52.98 86.41 -70.09
CA GLU AA 64 -52.91 87.81 -69.68
C GLU AA 64 -51.91 88.59 -70.54
N ALA AA 65 -52.43 89.55 -71.30
CA ALA AA 65 -51.60 90.37 -72.17
C ALA AA 65 -51.95 91.84 -72.03
N LEU AA 66 -50.93 92.67 -71.84
CA LEU AA 66 -51.12 94.12 -71.71
C LEU AA 66 -51.56 94.75 -73.04
N GLY AA 67 -52.45 95.72 -72.96
CA GLY AA 67 -52.93 96.41 -74.15
C GLY AA 67 -54.17 95.77 -74.73
N GLY AA 68 -54.64 94.70 -74.09
CA GLY AA 68 -55.83 94.01 -74.54
C GLY AA 68 -55.53 92.98 -75.61
N TYR AA 69 -56.57 92.60 -76.36
CA TYR AA 69 -56.41 91.61 -77.42
C TYR AA 69 -57.03 92.08 -78.73
N GLY AA 70 -56.68 91.41 -79.82
CA GLY AA 70 -57.23 91.72 -81.13
C GLY AA 70 -58.68 91.30 -81.26
N PRO AA 71 -59.31 91.65 -82.38
CA PRO AA 71 -60.72 91.34 -82.65
C PRO AA 71 -61.00 89.84 -82.72
N SER AA 72 -60.30 89.13 -83.62
CA SER AA 72 -60.56 87.71 -83.84
C SER AA 72 -59.52 86.83 -83.17
N GLU AA 73 -58.62 87.43 -82.41
CA GLU AA 73 -57.54 86.69 -81.73
C GLU AA 73 -58.00 85.77 -80.59
N PRO AA 74 -58.88 86.25 -79.68
CA PRO AA 74 -59.27 85.36 -78.59
C PRO AA 74 -59.96 84.07 -79.05
N GLU AA 75 -60.76 84.16 -80.10
CA GLU AA 75 -61.45 82.98 -80.63
C GLU AA 75 -60.45 81.96 -81.19
N LYS AA 76 -59.41 82.46 -81.84
CA LYS AA 76 -58.37 81.60 -82.41
C LYS AA 76 -57.54 80.93 -81.31
N VAL AA 77 -57.09 81.73 -80.35
CA VAL AA 77 -56.27 81.23 -79.25
C VAL AA 77 -57.01 80.16 -78.45
N THR AA 78 -58.28 80.43 -78.15
CA THR AA 78 -59.10 79.49 -77.39
C THR AA 78 -59.23 78.16 -78.11
N SER AA 79 -59.42 78.21 -79.43
CA SER AA 79 -59.55 77.01 -80.25
C SER AA 79 -58.28 76.17 -80.23
N ILE AA 80 -57.14 76.83 -80.37
CA ILE AA 80 -55.84 76.14 -80.39
C ILE AA 80 -55.48 75.56 -79.04
N VAL AA 81 -55.63 76.36 -77.98
CA VAL AA 81 -55.30 75.93 -76.64
C VAL AA 81 -56.15 74.74 -76.19
N THR AA 82 -57.45 74.81 -76.44
CA THR AA 82 -58.36 73.74 -76.09
C THR AA 82 -57.98 72.44 -76.81
N ALA AA 83 -57.70 72.56 -78.10
CA ALA AA 83 -57.25 71.41 -78.90
C ALA AA 83 -55.90 70.90 -78.42
N ALA AA 84 -55.06 71.81 -77.93
CA ALA AA 84 -53.74 71.45 -77.43
C ALA AA 84 -53.84 70.61 -76.16
N ILE AA 85 -54.64 71.08 -75.21
CA ILE AA 85 -54.84 70.36 -73.95
C ILE AA 85 -55.53 69.01 -74.20
N THR AA 86 -56.44 69.00 -75.17
CA THR AA 86 -57.19 67.80 -75.50
C THR AA 86 -56.30 66.66 -75.99
N ALA AA 87 -55.39 66.97 -76.89
CA ALA AA 87 -54.50 65.96 -77.45
C ALA AA 87 -53.38 65.56 -76.48
N VAL AA 88 -52.81 66.55 -75.81
CA VAL AA 88 -51.66 66.31 -74.94
C VAL AA 88 -52.07 65.68 -73.60
N CYS AA 89 -53.03 66.30 -72.92
CA CYS AA 89 -53.41 65.86 -71.57
C CYS AA 89 -54.55 64.86 -71.59
N GLY AA 90 -55.29 64.80 -72.69
CA GLY AA 90 -56.41 63.89 -72.82
C GLY AA 90 -57.70 64.43 -72.22
N ILE AA 91 -57.68 65.69 -71.80
CA ILE AA 91 -58.86 66.32 -71.22
C ILE AA 91 -59.82 66.76 -72.32
N VAL AA 92 -61.09 66.37 -72.18
CA VAL AA 92 -62.11 66.69 -73.17
C VAL AA 92 -62.31 68.20 -73.32
N ALA AA 93 -62.78 68.60 -74.49
CA ALA AA 93 -62.95 70.01 -74.82
C ALA AA 93 -64.01 70.69 -73.95
N ASP AA 94 -65.04 69.95 -73.58
CA ASP AA 94 -66.14 70.52 -72.80
C ASP AA 94 -65.78 70.74 -71.33
N ARG AA 95 -64.53 70.43 -70.98
CA ARG AA 95 -64.05 70.65 -69.63
C ARG AA 95 -62.74 71.45 -69.63
N ILE AA 96 -62.68 72.45 -70.50
CA ILE AA 96 -61.50 73.30 -70.61
C ILE AA 96 -61.89 74.78 -70.64
N PHE AA 97 -61.46 75.53 -69.62
CA PHE AA 97 -61.72 76.96 -69.56
C PHE AA 97 -60.50 77.76 -70.00
N VAL AA 98 -60.73 78.79 -70.81
CA VAL AA 98 -59.66 79.69 -71.22
C VAL AA 98 -60.07 81.14 -70.95
N LEU AA 99 -59.48 81.73 -69.92
CA LEU AA 99 -59.84 83.08 -69.51
C LEU AA 99 -58.81 84.11 -69.98
N TYR AA 100 -59.28 85.29 -70.33
CA TYR AA 100 -58.41 86.35 -70.82
C TYR AA 100 -58.49 87.60 -69.95
N PHE AA 101 -57.32 88.10 -69.55
CA PHE AA 101 -57.21 89.25 -68.69
C PHE AA 101 -56.27 90.31 -69.26
N SER AA 102 -56.36 91.53 -68.76
CA SER AA 102 -55.49 92.61 -69.21
C SER AA 102 -55.00 93.44 -68.04
N PRO AA 103 -53.70 93.34 -67.73
CA PRO AA 103 -53.09 94.04 -66.59
C PRO AA 103 -52.95 95.55 -66.84
N LEU AA 104 -53.02 96.33 -65.76
CA LEU AA 104 -52.87 97.77 -65.87
C LEU AA 104 -51.42 98.14 -66.16
N HIS AA 105 -50.50 97.39 -65.59
CA HIS AA 105 -49.07 97.60 -65.81
C HIS AA 105 -48.31 96.28 -65.83
N CYS AA 106 -47.20 96.24 -66.55
CA CYS AA 106 -46.38 95.03 -66.62
C CYS AA 106 -44.89 95.40 -66.57
N GLY AA 107 -44.15 94.71 -65.72
CA GLY AA 107 -42.74 95.01 -65.51
C GLY AA 107 -41.81 93.90 -65.93
N TRP AA 108 -40.67 94.27 -66.49
CA TRP AA 108 -39.64 93.32 -66.89
C TRP AA 108 -38.27 93.98 -66.91
N ASN AA 109 -37.25 93.24 -66.46
CA ASN AA 109 -35.89 93.73 -66.37
C ASN AA 109 -35.77 94.98 -65.49
N GLY AA 110 -36.65 95.09 -64.50
CA GLY AA 110 -36.62 96.20 -63.56
C GLY AA 110 -37.36 97.43 -64.03
N THR AA 111 -37.94 97.35 -65.22
CA THR AA 111 -38.66 98.49 -65.80
C THR AA 111 -40.03 98.07 -66.34
N ASN AA 112 -40.94 99.02 -66.44
CA ASN AA 112 -42.27 98.75 -66.97
C ASN AA 112 -42.33 98.95 -68.48
N PHE AA 113 -43.42 98.50 -69.09
CA PHE AA 113 -43.60 98.62 -70.54
C PHE AA 113 -44.82 99.48 -70.87
N MET BA 1 -61.76 16.41 -78.59
CA MET BA 1 -61.31 17.37 -77.59
C MET BA 1 -60.24 16.76 -76.68
N PRO BA 2 -58.98 16.75 -77.16
CA PRO BA 2 -57.85 16.18 -76.41
C PRO BA 2 -57.30 17.13 -75.35
N VAL BA 3 -56.70 16.57 -74.31
CA VAL BA 3 -56.11 17.36 -73.24
C VAL BA 3 -54.66 16.96 -73.01
N ILE BA 4 -53.76 17.94 -73.00
CA ILE BA 4 -52.33 17.68 -72.83
C ILE BA 4 -51.76 18.40 -71.62
N GLN BA 5 -51.42 17.63 -70.59
CA GLN BA 5 -50.79 18.17 -69.40
C GLN BA 5 -49.27 18.08 -69.48
N THR BA 6 -48.59 19.15 -69.10
CA THR BA 6 -47.13 19.18 -69.15
C THR BA 6 -46.52 19.45 -67.77
N PHE BA 7 -45.93 18.41 -67.19
CA PHE BA 7 -45.26 18.55 -65.91
C PHE BA 7 -43.75 18.64 -66.11
N VAL BA 8 -43.14 19.71 -65.62
CA VAL BA 8 -41.70 19.90 -65.78
C VAL BA 8 -41.05 20.33 -64.48
N SER BA 9 -39.79 19.93 -64.29
CA SER BA 9 -39.03 20.30 -63.11
C SER BA 9 -38.32 21.63 -63.32
N THR BA 10 -38.24 22.06 -64.58
CA THR BA 10 -37.58 23.31 -64.93
C THR BA 10 -38.61 24.44 -65.03
N PRO BA 11 -38.20 25.66 -64.66
CA PRO BA 11 -39.08 26.84 -64.75
C PRO BA 11 -39.49 27.14 -66.18
N LEU BA 12 -40.76 27.54 -66.37
CA LEU BA 12 -41.26 27.87 -67.70
C LEU BA 12 -41.76 29.30 -67.76
N ASP BA 13 -41.37 30.01 -68.82
CA ASP BA 13 -41.81 31.39 -69.03
C ASP BA 13 -42.85 31.46 -70.14
N HIS BA 14 -43.07 32.66 -70.67
CA HIS BA 14 -44.03 32.84 -71.74
C HIS BA 14 -43.56 32.18 -73.04
N HIS BA 15 -42.28 32.32 -73.34
CA HIS BA 15 -41.71 31.81 -74.58
C HIS BA 15 -41.78 30.29 -74.68
N LYS BA 16 -41.35 29.61 -73.61
CA LYS BA 16 -41.35 28.15 -73.59
C LYS BA 16 -42.75 27.57 -73.68
N ARG BA 17 -43.67 28.13 -72.89
CA ARG BA 17 -45.05 27.66 -72.87
C ARG BA 17 -45.73 27.90 -74.20
N LEU BA 18 -45.41 29.02 -74.83
CA LEU BA 18 -45.97 29.35 -76.14
C LEU BA 18 -45.45 28.38 -77.20
N LEU BA 19 -44.17 28.01 -77.09
CA LEU BA 19 -43.57 27.04 -77.99
C LEU BA 19 -44.25 25.68 -77.91
N LEU BA 20 -44.38 25.18 -76.69
CA LEU BA 20 -45.04 23.90 -76.44
C LEU BA 20 -46.52 23.92 -76.84
N ALA BA 21 -47.14 25.10 -76.73
CA ALA BA 21 -48.54 25.26 -77.11
C ALA BA 21 -48.75 25.02 -78.59
N ILE BA 22 -47.92 25.66 -79.41
CA ILE BA 22 -48.01 25.51 -80.87
C ILE BA 22 -47.69 24.08 -81.29
N ILE BA 23 -46.72 23.47 -80.60
CA ILE BA 23 -46.33 22.09 -80.86
C ILE BA 23 -47.51 21.13 -80.72
N TYR BA 24 -48.21 21.20 -79.59
CA TYR BA 24 -49.35 20.35 -79.33
C TYR BA 24 -50.47 20.60 -80.34
N ARG BA 25 -50.57 21.84 -80.80
CA ARG BA 25 -51.56 22.19 -81.82
C ARG BA 25 -51.27 21.47 -83.14
N ILE BA 26 -50.01 21.48 -83.55
CA ILE BA 26 -49.61 20.81 -84.77
C ILE BA 26 -49.77 19.29 -84.63
N VAL BA 27 -49.41 18.77 -83.47
CA VAL BA 27 -49.56 17.34 -83.19
C VAL BA 27 -51.03 16.93 -83.23
N THR BA 28 -51.89 17.77 -82.67
CA THR BA 28 -53.32 17.50 -82.62
C THR BA 28 -53.96 17.48 -84.01
N ARG BA 29 -53.58 18.44 -84.85
CA ARG BA 29 -54.18 18.58 -86.17
C ARG BA 29 -53.59 17.61 -87.20
N VAL BA 30 -52.26 17.51 -87.23
CA VAL BA 30 -51.58 16.71 -88.25
C VAL BA 30 -51.60 15.23 -87.91
N VAL BA 31 -51.25 14.90 -86.67
CA VAL BA 31 -51.13 13.51 -86.26
C VAL BA 31 -52.43 12.95 -85.68
N LEU BA 32 -52.97 13.63 -84.67
CA LEU BA 32 -54.16 13.16 -83.99
C LEU BA 32 -55.42 13.33 -84.83
N GLY BA 33 -55.35 14.20 -85.83
CA GLY BA 33 -56.48 14.44 -86.72
C GLY BA 33 -57.64 15.10 -86.01
N LYS BA 34 -57.34 16.01 -85.08
CA LYS BA 34 -58.37 16.73 -84.34
C LYS BA 34 -58.13 18.23 -84.45
N PRO BA 35 -59.20 19.03 -84.33
CA PRO BA 35 -59.07 20.50 -84.42
C PRO BA 35 -58.12 21.06 -83.37
N GLU BA 36 -57.20 21.91 -83.81
CA GLU BA 36 -56.18 22.48 -82.93
C GLU BA 36 -56.75 23.51 -81.97
N ASP BA 37 -57.97 23.95 -82.23
CA ASP BA 37 -58.63 24.92 -81.35
C ASP BA 37 -59.37 24.21 -80.22
N LEU BA 38 -59.50 22.90 -80.32
CA LEU BA 38 -60.27 22.12 -79.36
C LEU BA 38 -59.40 21.36 -78.37
N VAL BA 39 -58.09 21.55 -78.45
CA VAL BA 39 -57.18 20.89 -77.52
C VAL BA 39 -56.82 21.83 -76.37
N MET BA 40 -56.97 21.34 -75.14
CA MET BA 40 -56.67 22.12 -73.96
C MET BA 40 -55.31 21.72 -73.37
N MET BA 41 -54.49 22.71 -73.06
CA MET BA 41 -53.12 22.46 -72.60
C MET BA 41 -52.84 23.14 -71.27
N THR BA 42 -52.32 22.37 -70.32
CA THR BA 42 -51.92 22.92 -69.02
C THR BA 42 -50.43 22.71 -68.79
N PHE BA 43 -49.80 23.69 -68.14
CA PHE BA 43 -48.36 23.63 -67.88
C PHE BA 43 -48.05 23.76 -66.39
N HIS BA 44 -47.30 22.79 -65.87
CA HIS BA 44 -46.94 22.78 -64.46
C HIS BA 44 -45.42 22.85 -64.27
N ASP BA 45 -44.89 24.07 -64.20
CA ASP BA 45 -43.46 24.28 -64.08
C ASP BA 45 -43.00 24.27 -62.62
N SER BA 46 -41.70 24.16 -62.43
CA SER BA 46 -41.08 24.15 -61.09
C SER BA 46 -41.70 23.09 -60.19
N THR BA 47 -42.04 21.95 -60.77
CA THR BA 47 -42.67 20.86 -60.02
C THR BA 47 -41.62 19.97 -59.37
N PRO BA 48 -41.70 19.81 -58.04
CA PRO BA 48 -40.79 18.92 -57.30
C PRO BA 48 -40.95 17.48 -57.75
N MET BA 49 -40.00 16.99 -58.54
CA MET BA 49 -40.08 15.64 -59.07
C MET BA 49 -38.84 14.82 -58.73
N HIS BA 50 -38.99 13.50 -58.79
CA HIS BA 50 -37.89 12.59 -58.50
C HIS BA 50 -37.95 11.38 -59.44
N PHE BA 51 -36.87 11.14 -60.17
CA PHE BA 51 -36.84 10.05 -61.14
C PHE BA 51 -35.41 9.55 -61.37
N PHE BA 52 -35.27 8.24 -61.51
CA PHE BA 52 -33.98 7.59 -61.74
C PHE BA 52 -32.98 7.90 -60.62
N GLY BA 53 -33.49 8.07 -59.41
CA GLY BA 53 -32.65 8.30 -58.25
C GLY BA 53 -32.05 9.69 -58.21
N SER BA 54 -32.67 10.64 -58.92
CA SER BA 54 -32.18 12.01 -58.95
C SER BA 54 -33.31 13.02 -59.13
N THR BA 55 -33.07 14.26 -58.71
CA THR BA 55 -34.03 15.33 -58.88
C THR BA 55 -33.66 16.19 -60.08
N ASP BA 56 -32.88 15.61 -60.99
CA ASP BA 56 -32.45 16.28 -62.21
C ASP BA 56 -33.66 16.65 -63.06
N PRO BA 57 -33.51 17.66 -63.95
CA PRO BA 57 -34.58 18.07 -64.87
C PRO BA 57 -35.29 16.91 -65.55
N VAL BA 58 -36.59 16.81 -65.32
CA VAL BA 58 -37.37 15.68 -65.79
C VAL BA 58 -38.79 16.13 -66.14
N ALA BA 59 -39.36 15.57 -67.20
CA ALA BA 59 -40.68 15.98 -67.67
C ALA BA 59 -41.65 14.81 -67.75
N CYS BA 60 -42.92 15.11 -67.51
CA CYS BA 60 -43.98 14.11 -67.64
C CYS BA 60 -45.18 14.69 -68.37
N VAL BA 61 -45.50 14.10 -69.52
CA VAL BA 61 -46.60 14.60 -70.35
C VAL BA 61 -47.78 13.63 -70.34
N ARG BA 62 -48.97 14.18 -70.10
CA ARG BA 62 -50.18 13.39 -70.08
C ARG BA 62 -51.08 13.71 -71.26
N VAL BA 63 -51.41 12.70 -72.06
CA VAL BA 63 -52.28 12.89 -73.22
C VAL BA 63 -53.59 12.13 -73.05
N GLU BA 64 -54.70 12.87 -73.12
CA GLU BA 64 -56.01 12.29 -72.92
C GLU BA 64 -56.96 12.68 -74.05
N ALA BA 65 -57.39 11.69 -74.83
CA ALA BA 65 -58.30 11.93 -75.94
C ALA BA 65 -59.43 10.91 -75.97
N LEU BA 66 -60.66 11.41 -76.08
CA LEU BA 66 -61.84 10.53 -76.14
C LEU BA 66 -61.88 9.75 -77.44
N GLY BA 67 -62.31 8.50 -77.37
CA GLY BA 67 -62.41 7.65 -78.54
C GLY BA 67 -61.15 6.85 -78.81
N GLY BA 68 -60.15 7.04 -77.95
CA GLY BA 68 -58.90 6.32 -78.08
C GLY BA 68 -57.93 7.00 -79.04
N TYR BA 69 -56.96 6.24 -79.53
CA TYR BA 69 -55.96 6.76 -80.44
C TYR BA 69 -55.81 5.88 -81.67
N GLY BA 70 -55.17 6.41 -82.71
CA GLY BA 70 -54.91 5.65 -83.92
C GLY BA 70 -53.84 4.59 -83.72
N PRO BA 71 -53.62 3.76 -84.76
CA PRO BA 71 -52.64 2.67 -84.71
C PRO BA 71 -51.21 3.16 -84.52
N SER BA 72 -50.74 4.03 -85.41
CA SER BA 72 -49.35 4.49 -85.38
C SER BA 72 -49.21 5.88 -84.79
N GLU BA 73 -50.32 6.43 -84.29
CA GLU BA 73 -50.31 7.78 -83.72
C GLU BA 73 -49.53 7.94 -82.41
N PRO BA 74 -49.72 7.02 -81.42
CA PRO BA 74 -49.00 7.23 -80.16
C PRO BA 74 -47.48 7.23 -80.33
N GLU BA 75 -46.97 6.40 -81.23
CA GLU BA 75 -45.53 6.35 -81.48
C GLU BA 75 -45.04 7.67 -82.08
N LYS BA 76 -45.86 8.24 -82.96
CA LYS BA 76 -45.54 9.51 -83.60
C LYS BA 76 -45.59 10.66 -82.61
N VAL BA 77 -46.66 10.72 -81.82
CA VAL BA 77 -46.84 11.78 -80.83
C VAL BA 77 -45.71 11.78 -79.80
N THR BA 78 -45.38 10.58 -79.31
CA THR BA 78 -44.32 10.43 -78.30
C THR BA 78 -42.98 10.94 -78.80
N SER BA 79 -42.65 10.62 -80.05
CA SER BA 79 -41.40 11.04 -80.66
C SER BA 79 -41.32 12.57 -80.76
N ILE BA 80 -42.42 13.18 -81.19
CA ILE BA 80 -42.47 14.62 -81.34
C ILE BA 80 -42.45 15.35 -79.99
N VAL BA 81 -43.27 14.87 -79.05
CA VAL BA 81 -43.35 15.48 -77.73
C VAL BA 81 -42.02 15.41 -76.98
N THR BA 82 -41.38 14.24 -77.02
CA THR BA 82 -40.08 14.06 -76.38
C THR BA 82 -39.05 15.01 -76.97
N ALA BA 83 -39.03 15.09 -78.30
CA ALA BA 83 -38.15 15.99 -79.01
C ALA BA 83 -38.49 17.45 -78.71
N ALA BA 84 -39.77 17.71 -78.46
CA ALA BA 84 -40.23 19.06 -78.16
C ALA BA 84 -39.70 19.53 -76.81
N ILE BA 85 -39.86 18.69 -75.78
CA ILE BA 85 -39.37 19.01 -74.45
C ILE BA 85 -37.85 19.11 -74.41
N THR BA 86 -37.19 18.25 -75.19
CA THR BA 86 -35.73 18.20 -75.21
C THR BA 86 -35.09 19.49 -75.70
N ALA BA 87 -35.59 20.04 -76.80
CA ALA BA 87 -35.03 21.26 -77.36
C ALA BA 87 -35.44 22.50 -76.57
N VAL BA 88 -36.71 22.56 -76.17
CA VAL BA 88 -37.25 23.72 -75.50
C VAL BA 88 -36.82 23.82 -74.04
N CYS BA 89 -37.00 22.75 -73.28
CA CYS BA 89 -36.74 22.78 -71.84
C CYS BA 89 -35.32 22.32 -71.51
N GLY BA 90 -34.66 21.64 -72.43
CA GLY BA 90 -33.31 21.17 -72.23
C GLY BA 90 -33.23 19.85 -71.49
N ILE BA 91 -34.39 19.24 -71.25
CA ILE BA 91 -34.46 17.96 -70.55
C ILE BA 91 -34.13 16.81 -71.50
N VAL BA 92 -33.20 15.95 -71.09
CA VAL BA 92 -32.78 14.83 -71.92
C VAL BA 92 -33.93 13.87 -72.22
N ALA BA 93 -33.81 13.13 -73.32
CA ALA BA 93 -34.87 12.24 -73.77
C ALA BA 93 -35.13 11.09 -72.80
N ASP BA 94 -34.08 10.65 -72.12
CA ASP BA 94 -34.19 9.51 -71.21
C ASP BA 94 -34.87 9.87 -69.90
N ARG BA 95 -35.30 11.12 -69.78
CA ARG BA 95 -36.03 11.57 -68.60
C ARG BA 95 -37.35 12.24 -68.97
N ILE BA 96 -38.04 11.67 -69.95
CA ILE BA 96 -39.32 12.22 -70.40
C ILE BA 96 -40.37 11.12 -70.54
N PHE BA 97 -41.43 11.21 -69.73
CA PHE BA 97 -42.53 10.27 -69.81
C PHE BA 97 -43.70 10.86 -70.58
N VAL BA 98 -44.29 10.06 -71.45
CA VAL BA 98 -45.48 10.46 -72.19
C VAL BA 98 -46.57 9.40 -72.02
N LEU BA 99 -47.57 9.71 -71.21
CA LEU BA 99 -48.63 8.75 -70.92
C LEU BA 99 -49.89 9.06 -71.72
N TYR BA 100 -50.59 8.00 -72.11
CA TYR BA 100 -51.81 8.15 -72.91
C TYR BA 100 -53.01 7.54 -72.18
N PHE BA 101 -54.07 8.33 -72.07
CA PHE BA 101 -55.29 7.90 -71.39
C PHE BA 101 -56.52 8.12 -72.25
N SER BA 102 -57.62 7.48 -71.88
CA SER BA 102 -58.87 7.64 -72.60
C SER BA 102 -60.04 7.75 -71.62
N PRO BA 103 -60.64 8.95 -71.54
CA PRO BA 103 -61.76 9.19 -70.62
C PRO BA 103 -63.04 8.51 -71.06
N LEU BA 104 -63.86 8.11 -70.09
CA LEU BA 104 -65.13 7.47 -70.39
C LEU BA 104 -66.12 8.48 -70.98
N HIS BA 105 -66.05 9.71 -70.48
CA HIS BA 105 -66.90 10.79 -70.97
C HIS BA 105 -66.13 12.12 -70.96
N CYS BA 106 -66.51 13.02 -71.86
CA CYS BA 106 -65.88 14.34 -71.93
C CYS BA 106 -66.91 15.44 -72.18
N GLY BA 107 -66.82 16.50 -71.38
CA GLY BA 107 -67.79 17.57 -71.46
C GLY BA 107 -67.21 18.90 -71.91
N TRP BA 108 -68.00 19.64 -72.71
CA TRP BA 108 -67.61 20.95 -73.18
C TRP BA 108 -68.84 21.79 -73.51
N ASN BA 109 -68.79 23.07 -73.18
CA ASN BA 109 -69.90 24.01 -73.38
C ASN BA 109 -71.18 23.54 -72.71
N GLY BA 110 -71.04 22.82 -71.60
CA GLY BA 110 -72.20 22.38 -70.84
C GLY BA 110 -72.81 21.08 -71.32
N THR BA 111 -72.24 20.51 -72.37
CA THR BA 111 -72.76 19.27 -72.94
C THR BA 111 -71.65 18.25 -73.20
N ASN BA 112 -72.03 16.97 -73.24
CA ASN BA 112 -71.09 15.90 -73.51
C ASN BA 112 -70.99 15.60 -75.01
N PHE BA 113 -69.99 14.81 -75.38
CA PHE BA 113 -69.79 14.44 -76.77
C PHE BA 113 -69.92 12.94 -76.97
N MET CA 1 -54.73 56.29 2.86
CA MET CA 1 -54.05 56.33 1.57
C MET CA 1 -53.30 55.02 1.30
N PRO CA 2 -54.03 54.00 0.82
CA PRO CA 2 -53.43 52.69 0.55
C PRO CA 2 -52.72 52.63 -0.80
N VAL CA 3 -51.72 51.75 -0.89
CA VAL CA 3 -50.97 51.55 -2.12
C VAL CA 3 -50.98 50.08 -2.52
N ILE CA 4 -51.35 49.80 -3.76
CA ILE CA 4 -51.44 48.42 -4.24
C ILE CA 4 -50.55 48.14 -5.44
N GLN CA 5 -49.50 47.35 -5.22
CA GLN CA 5 -48.61 46.93 -6.30
C GLN CA 5 -49.05 45.58 -6.85
N THR CA 6 -49.08 45.46 -8.17
CA THR CA 6 -49.49 44.22 -8.82
C THR CA 6 -48.38 43.67 -9.71
N PHE CA 7 -47.76 42.58 -9.27
CA PHE CA 7 -46.73 41.91 -10.05
C PHE CA 7 -47.30 40.67 -10.74
N VAL CA 8 -47.19 40.63 -12.06
CA VAL CA 8 -47.69 39.51 -12.84
C VAL CA 8 -46.65 39.05 -13.84
N SER CA 9 -46.66 37.75 -14.17
CA SER CA 9 -45.72 37.20 -15.14
C SER CA 9 -46.30 37.30 -16.55
N THR CA 10 -47.59 37.55 -16.64
CA THR CA 10 -48.27 37.69 -17.92
C THR CA 10 -48.39 39.16 -18.31
N PRO CA 11 -48.31 39.44 -19.63
CA PRO CA 11 -48.45 40.81 -20.14
C PRO CA 11 -49.82 41.40 -19.84
N LEU CA 12 -49.87 42.69 -19.52
CA LEU CA 12 -51.12 43.37 -19.20
C LEU CA 12 -51.38 44.51 -20.18
N ASP CA 13 -52.62 44.57 -20.68
CA ASP CA 13 -53.01 45.63 -21.60
C ASP CA 13 -53.92 46.64 -20.92
N HIS CA 14 -54.61 47.45 -21.72
CA HIS CA 14 -55.51 48.45 -21.20
C HIS CA 14 -56.72 47.83 -20.50
N HIS CA 15 -57.29 46.80 -21.11
CA HIS CA 15 -58.49 46.15 -20.59
C HIS CA 15 -58.25 45.50 -19.24
N LYS CA 16 -57.18 44.71 -19.15
CA LYS CA 16 -56.85 44.00 -17.92
C LYS CA 16 -56.49 44.95 -16.78
N ARG CA 17 -55.65 45.93 -17.07
CA ARG CA 17 -55.22 46.89 -16.04
C ARG CA 17 -56.36 47.76 -15.55
N LEU CA 18 -57.26 48.15 -16.45
CA LEU CA 18 -58.41 48.97 -16.06
C LEU CA 18 -59.37 48.18 -15.18
N LEU CA 19 -59.57 46.90 -15.52
CA LEU CA 19 -60.45 46.03 -14.74
C LEU CA 19 -59.93 45.86 -13.32
N LEU CA 20 -58.65 45.52 -13.19
CA LEU CA 20 -58.02 45.34 -11.89
C LEU CA 20 -57.99 46.66 -11.10
N ALA CA 21 -57.93 47.77 -11.82
CA ALA CA 21 -57.92 49.08 -11.19
C ALA CA 21 -59.24 49.35 -10.48
N ILE CA 22 -60.35 49.09 -11.17
CA ILE CA 22 -61.67 49.28 -10.60
C ILE CA 22 -61.90 48.32 -9.44
N ILE CA 23 -61.39 47.10 -9.58
CA ILE CA 23 -61.49 46.09 -8.53
C ILE CA 23 -60.88 46.60 -7.23
N TYR CA 24 -59.64 47.09 -7.32
CA TYR CA 24 -58.94 47.61 -6.15
C TYR CA 24 -59.68 48.82 -5.55
N ARG CA 25 -60.35 49.57 -6.41
CA ARG CA 25 -61.15 50.71 -5.98
C ARG CA 25 -62.31 50.26 -5.10
N ILE CA 26 -63.01 49.23 -5.55
CA ILE CA 26 -64.15 48.69 -4.81
C ILE CA 26 -63.67 48.08 -3.50
N VAL CA 27 -62.55 47.37 -3.54
CA VAL CA 27 -61.97 46.77 -2.35
C VAL CA 27 -61.58 47.85 -1.34
N THR CA 28 -61.03 48.95 -1.84
CA THR CA 28 -60.61 50.05 -1.00
C THR CA 28 -61.80 50.70 -0.28
N ARG CA 29 -62.89 50.90 -1.01
CA ARG CA 29 -64.06 51.59 -0.46
C ARG CA 29 -64.93 50.69 0.40
N VAL CA 30 -65.21 49.48 -0.09
CA VAL CA 30 -66.13 48.58 0.60
C VAL CA 30 -65.47 47.84 1.76
N VAL CA 31 -64.28 47.30 1.52
CA VAL CA 31 -63.61 46.48 2.53
C VAL CA 31 -62.68 47.29 3.42
N LEU CA 32 -61.76 48.03 2.80
CA LEU CA 32 -60.76 48.78 3.54
C LEU CA 32 -61.35 50.01 4.23
N GLY CA 33 -62.52 50.45 3.76
CA GLY CA 33 -63.18 51.61 4.32
C GLY CA 33 -62.41 52.89 4.07
N LYS CA 34 -61.78 52.97 2.90
CA LYS CA 34 -61.00 54.14 2.52
C LYS CA 34 -61.48 54.66 1.17
N PRO CA 35 -61.30 55.98 0.92
CA PRO CA 35 -61.72 56.57 -0.35
C PRO CA 35 -61.02 55.92 -1.55
N GLU CA 36 -61.81 55.56 -2.57
CA GLU CA 36 -61.29 54.87 -3.74
C GLU CA 36 -60.48 55.79 -4.64
N ASP CA 37 -60.58 57.10 -4.39
CA ASP CA 37 -59.81 58.08 -5.15
C ASP CA 37 -58.43 58.28 -4.54
N LEU CA 38 -58.23 57.74 -3.34
CA LEU CA 38 -56.99 57.94 -2.60
C LEU CA 38 -56.09 56.70 -2.63
N VAL CA 39 -56.49 55.67 -3.35
CA VAL CA 39 -55.68 54.47 -3.46
C VAL CA 39 -54.83 54.50 -4.73
N MET CA 40 -53.53 54.26 -4.57
CA MET CA 40 -52.61 54.27 -5.70
C MET CA 40 -52.29 52.85 -6.16
N MET CA 41 -52.36 52.63 -7.46
CA MET CA 41 -52.17 51.30 -8.03
C MET CA 41 -51.09 51.29 -9.10
N THR CA 42 -50.16 50.36 -8.98
CA THR CA 42 -49.10 50.19 -9.96
C THR CA 42 -49.17 48.80 -10.58
N PHE CA 43 -48.84 48.72 -11.87
CA PHE CA 43 -48.90 47.45 -12.58
C PHE CA 43 -47.56 47.11 -13.21
N HIS CA 44 -47.02 45.93 -12.88
CA HIS CA 44 -45.74 45.50 -13.41
C HIS CA 44 -45.91 44.19 -14.21
N ASP CA 45 -46.20 44.33 -15.49
CA ASP CA 45 -46.43 43.17 -16.35
C ASP CA 45 -45.14 42.65 -16.95
N SER CA 46 -45.20 41.43 -17.50
CA SER CA 46 -44.05 40.78 -18.12
C SER CA 46 -42.85 40.70 -17.17
N THR CA 47 -43.13 40.47 -15.90
CA THR CA 47 -42.08 40.39 -14.89
C THR CA 47 -41.50 38.99 -14.79
N PRO CA 48 -40.18 38.86 -14.95
CA PRO CA 48 -39.49 37.57 -14.80
C PRO CA 48 -39.64 37.02 -13.38
N MET CA 49 -40.50 36.02 -13.22
CA MET CA 49 -40.78 35.47 -11.90
C MET CA 49 -40.55 33.96 -11.87
N HIS CA 50 -40.36 33.42 -10.67
CA HIS CA 50 -40.15 32.00 -10.49
C HIS CA 50 -40.83 31.55 -9.19
N PHE CA 51 -41.72 30.57 -9.29
CA PHE CA 51 -42.48 30.11 -8.13
C PHE CA 51 -42.91 28.65 -8.30
N PHE CA 52 -42.85 27.90 -7.21
CA PHE CA 52 -43.23 26.48 -7.19
C PHE CA 52 -42.42 25.66 -8.18
N GLY CA 53 -41.17 26.07 -8.40
CA GLY CA 53 -40.27 25.33 -9.26
C GLY CA 53 -40.57 25.50 -10.74
N SER CA 54 -41.29 26.57 -11.09
CA SER CA 54 -41.65 26.81 -12.48
C SER CA 54 -41.76 28.30 -12.78
N THR CA 55 -41.61 28.65 -14.05
CA THR CA 55 -41.76 30.03 -14.49
C THR CA 55 -43.14 30.25 -15.09
N ASP CA 56 -44.08 29.37 -14.74
CA ASP CA 56 -45.46 29.47 -15.19
C ASP CA 56 -46.09 30.77 -14.69
N PRO CA 57 -47.15 31.24 -15.36
CA PRO CA 57 -47.88 32.45 -14.95
C PRO CA 57 -48.15 32.51 -13.45
N VAL CA 58 -47.62 33.55 -12.80
CA VAL CA 58 -47.69 33.66 -11.35
C VAL CA 58 -47.79 35.14 -10.96
N ALA CA 59 -48.58 35.44 -9.93
CA ALA CA 59 -48.81 36.82 -9.54
C ALA CA 59 -48.46 37.09 -8.07
N CYS CA 60 -48.00 38.31 -7.80
CA CYS CA 60 -47.70 38.75 -6.44
C CYS CA 60 -48.26 40.16 -6.21
N VAL CA 61 -49.18 40.28 -5.26
CA VAL CA 61 -49.82 41.56 -4.98
C VAL CA 61 -49.38 42.12 -3.63
N ARG CA 62 -48.99 43.40 -3.63
CA ARG CA 62 -48.57 44.06 -2.40
C ARG CA 62 -49.57 45.12 -1.96
N VAL CA 63 -50.08 44.97 -0.75
CA VAL CA 63 -51.05 45.91 -0.20
C VAL CA 63 -50.46 46.66 0.99
N GLU CA 64 -50.42 47.98 0.91
CA GLU CA 64 -49.83 48.80 1.96
C GLU CA 64 -50.78 49.92 2.38
N ALA CA 65 -51.23 49.87 3.62
CA ALA CA 65 -52.14 50.89 4.16
C ALA CA 65 -51.69 51.35 5.54
N LEU CA 66 -51.62 52.66 5.73
CA LEU CA 66 -51.22 53.24 6.99
C LEU CA 66 -52.28 53.02 8.07
N GLY CA 67 -51.83 52.74 9.28
CA GLY CA 67 -52.73 52.52 10.41
C GLY CA 67 -53.10 51.07 10.57
N GLY CA 68 -52.56 50.22 9.70
CA GLY CA 68 -52.82 48.79 9.77
C GLY CA 68 -54.10 48.40 9.06
N TYR CA 69 -54.62 47.23 9.40
CA TYR CA 69 -55.85 46.74 8.79
C TYR CA 69 -56.85 46.27 9.85
N GLY CA 70 -58.11 46.11 9.43
CA GLY CA 70 -59.15 45.61 10.31
C GLY CA 70 -58.99 44.14 10.64
N PRO CA 71 -59.85 43.62 11.53
CA PRO CA 71 -59.82 42.22 11.96
C PRO CA 71 -60.09 41.23 10.83
N SER CA 72 -61.22 41.39 10.14
CA SER CA 72 -61.63 40.45 9.11
C SER CA 72 -61.37 40.98 7.70
N GLU CA 73 -60.73 42.14 7.62
CA GLU CA 73 -60.45 42.78 6.33
C GLU CA 73 -59.41 42.03 5.46
N PRO CA 74 -58.27 41.59 6.02
CA PRO CA 74 -57.28 40.93 5.17
C PRO CA 74 -57.80 39.65 4.50
N GLU CA 75 -58.65 38.90 5.20
CA GLU CA 75 -59.23 37.68 4.64
C GLU CA 75 -60.11 37.99 3.45
N LYS CA 76 -60.86 39.09 3.53
CA LYS CA 76 -61.74 39.51 2.46
C LYS CA 76 -60.94 39.99 1.25
N VAL CA 77 -59.95 40.85 1.49
CA VAL CA 77 -59.13 41.40 0.43
C VAL CA 77 -58.40 40.32 -0.36
N THR CA 78 -57.82 39.36 0.36
CA THR CA 78 -57.08 38.26 -0.26
C THR CA 78 -57.97 37.44 -1.18
N SER CA 79 -59.19 37.16 -0.73
CA SER CA 79 -60.15 36.37 -1.52
C SER CA 79 -60.53 37.08 -2.82
N ILE CA 80 -60.82 38.39 -2.71
CA ILE CA 80 -61.23 39.16 -3.87
C ILE CA 80 -60.09 39.36 -4.88
N VAL CA 81 -58.92 39.73 -4.38
CA VAL CA 81 -57.76 39.97 -5.22
C VAL CA 81 -57.34 38.72 -5.98
N THR CA 82 -57.27 37.60 -5.26
CA THR CA 82 -56.92 36.33 -5.88
C THR CA 82 -57.91 35.95 -6.97
N ALA CA 83 -59.20 36.08 -6.68
CA ALA CA 83 -60.24 35.81 -7.64
C ALA CA 83 -60.18 36.80 -8.81
N ALA CA 84 -59.75 38.02 -8.53
CA ALA CA 84 -59.64 39.05 -9.55
C ALA CA 84 -58.54 38.70 -10.55
N ILE CA 85 -57.37 38.37 -10.04
CA ILE CA 85 -56.24 38.00 -10.89
C ILE CA 85 -56.54 36.71 -11.66
N THR CA 86 -57.26 35.80 -11.01
CA THR CA 86 -57.61 34.52 -11.60
C THR CA 86 -58.49 34.69 -12.84
N ALA CA 87 -59.52 35.52 -12.73
CA ALA CA 87 -60.45 35.73 -13.84
C ALA CA 87 -59.87 36.63 -14.93
N VAL CA 88 -59.18 37.68 -14.53
CA VAL CA 88 -58.66 38.67 -15.48
C VAL CA 88 -57.41 38.18 -16.20
N CYS CA 89 -56.42 37.72 -15.44
CA CYS CA 89 -55.13 37.35 -16.01
C CYS CA 89 -55.06 35.87 -16.37
N GLY CA 90 -55.95 35.07 -15.80
CA GLY CA 90 -55.98 33.65 -16.06
C GLY CA 90 -55.00 32.87 -15.21
N ILE CA 91 -54.39 33.56 -14.25
CA ILE CA 91 -53.43 32.92 -13.35
C ILE CA 91 -54.16 32.16 -12.26
N VAL CA 92 -53.78 30.89 -12.07
CA VAL CA 92 -54.44 30.03 -11.08
C VAL CA 92 -54.29 30.58 -9.67
N ALA CA 93 -55.23 30.21 -8.81
CA ALA CA 93 -55.28 30.71 -7.44
C ALA CA 93 -54.07 30.26 -6.62
N ASP CA 94 -53.58 29.05 -6.90
CA ASP CA 94 -52.48 28.47 -6.14
C ASP CA 94 -51.13 29.10 -6.49
N ARG CA 95 -51.14 30.08 -7.38
CA ARG CA 95 -49.92 30.80 -7.75
C ARG CA 95 -50.11 32.31 -7.63
N ILE CA 96 -50.79 32.73 -6.57
CA ILE CA 96 -51.03 34.15 -6.32
C ILE CA 96 -50.71 34.52 -4.88
N PHE CA 97 -49.72 35.39 -4.70
CA PHE CA 97 -49.35 35.88 -3.38
C PHE CA 97 -49.93 37.26 -3.11
N VAL CA 98 -50.47 37.45 -1.91
CA VAL CA 98 -50.98 38.75 -1.49
C VAL CA 98 -50.37 39.15 -0.15
N LEU CA 99 -49.43 40.10 -0.19
CA LEU CA 99 -48.72 40.52 1.01
C LEU CA 99 -49.29 41.84 1.57
N TYR CA 100 -49.28 41.96 2.90
CA TYR CA 100 -49.82 43.13 3.56
C TYR CA 100 -48.76 43.82 4.41
N PHE CA 101 -48.60 45.13 4.23
CA PHE CA 101 -47.62 45.91 4.98
C PHE CA 101 -48.23 47.16 5.59
N SER CA 102 -47.52 47.74 6.55
CA SER CA 102 -47.98 48.97 7.20
C SER CA 102 -46.84 49.97 7.36
N PRO CA 103 -46.90 51.07 6.60
CA PRO CA 103 -45.85 52.10 6.62
C PRO CA 103 -45.86 52.95 7.89
N LEU CA 104 -44.68 53.41 8.30
CA LEU CA 104 -44.56 54.26 9.47
C LEU CA 104 -45.10 55.66 9.19
N HIS CA 105 -44.88 56.14 7.97
CA HIS CA 105 -45.38 57.44 7.55
C HIS CA 105 -45.79 57.44 6.08
N CYS CA 106 -46.73 58.31 5.74
CA CYS CA 106 -47.21 58.42 4.36
C CYS CA 106 -47.41 59.89 3.97
N GLY CA 107 -46.89 60.26 2.81
CA GLY CA 107 -46.96 61.64 2.36
C GLY CA 107 -47.79 61.84 1.11
N TRP CA 108 -48.53 62.95 1.06
CA TRP CA 108 -49.33 63.31 -0.10
C TRP CA 108 -49.56 64.82 -0.17
N ASN CA 109 -49.52 65.36 -1.38
CA ASN CA 109 -49.68 66.80 -1.62
C ASN CA 109 -48.67 67.64 -0.84
N GLY CA 110 -47.49 67.08 -0.63
CA GLY CA 110 -46.42 67.80 0.05
C GLY CA 110 -46.49 67.70 1.57
N THR CA 111 -47.49 67.00 2.07
CA THR CA 111 -47.67 66.85 3.51
C THR CA 111 -47.92 65.40 3.90
N ASN CA 112 -47.63 65.06 5.16
CA ASN CA 112 -47.85 63.71 5.65
C ASN CA 112 -49.25 63.53 6.26
N PHE CA 113 -49.63 62.29 6.50
CA PHE CA 113 -50.93 61.97 7.07
C PHE CA 113 -50.79 61.30 8.43
N MET DA 1 -66.13 6.39 -53.80
CA MET DA 1 -65.12 7.37 -53.43
C MET DA 1 -64.67 8.19 -54.64
N PRO DA 2 -65.46 9.21 -55.00
CA PRO DA 2 -65.15 10.05 -56.16
C PRO DA 2 -64.12 11.14 -55.86
N VAL DA 3 -63.37 11.54 -56.88
CA VAL DA 3 -62.37 12.59 -56.75
C VAL DA 3 -62.59 13.68 -57.80
N ILE DA 4 -62.64 14.93 -57.36
CA ILE DA 4 -62.88 16.04 -58.27
C ILE DA 4 -61.74 17.05 -58.25
N GLN DA 5 -60.98 17.09 -59.34
CA GLN DA 5 -59.89 18.06 -59.50
C GLN DA 5 -60.37 19.30 -60.25
N THR DA 6 -60.00 20.47 -59.75
CA THR DA 6 -60.40 21.73 -60.38
C THR DA 6 -59.18 22.57 -60.78
N PHE DA 7 -58.91 22.62 -62.08
CA PHE DA 7 -57.83 23.44 -62.61
C PHE DA 7 -58.38 24.73 -63.21
N VAL DA 8 -57.90 25.86 -62.71
CA VAL DA 8 -58.38 27.16 -63.20
C VAL DA 8 -57.23 28.12 -63.48
N SER DA 9 -57.44 29.00 -64.45
CA SER DA 9 -56.43 30.00 -64.81
C SER DA 9 -56.62 31.26 -63.97
N THR DA 10 -57.77 31.37 -63.32
CA THR DA 10 -58.08 32.50 -62.47
C THR DA 10 -57.78 32.19 -61.01
N PRO DA 11 -57.34 33.20 -60.26
CA PRO DA 11 -57.06 33.02 -58.83
C PRO DA 11 -58.31 32.64 -58.04
N LEU DA 12 -58.15 31.75 -57.07
CA LEU DA 12 -59.26 31.31 -56.24
C LEU DA 12 -59.00 31.63 -54.77
N ASP DA 13 -60.00 32.19 -54.10
CA ASP DA 13 -59.88 32.52 -52.68
C ASP DA 13 -60.69 31.55 -51.82
N HIS DA 14 -60.94 31.95 -50.58
CA HIS DA 14 -61.69 31.12 -49.64
C HIS DA 14 -63.15 30.98 -50.06
N HIS DA 15 -63.75 32.08 -50.49
CA HIS DA 15 -65.17 32.11 -50.87
C HIS DA 15 -65.47 31.23 -52.08
N LYS DA 16 -64.69 31.39 -53.13
CA LYS DA 16 -64.89 30.63 -54.38
C LYS DA 16 -64.70 29.14 -54.19
N ARG DA 17 -63.61 28.75 -53.52
CA ARG DA 17 -63.31 27.34 -53.31
C ARG DA 17 -64.34 26.66 -52.41
N LEU DA 18 -64.84 27.38 -51.41
CA LEU DA 18 -65.86 26.84 -50.52
C LEU DA 18 -67.18 26.65 -51.28
N LEU DA 19 -67.51 27.60 -52.15
CA LEU DA 19 -68.72 27.51 -52.95
C LEU DA 19 -68.68 26.30 -53.88
N LEU DA 20 -67.58 26.15 -54.60
CA LEU DA 20 -67.39 25.02 -55.51
C LEU DA 20 -67.37 23.70 -54.75
N ALA DA 21 -66.91 23.76 -53.51
CA ALA DA 21 -66.86 22.57 -52.66
C ALA DA 21 -68.27 22.08 -52.35
N ILE DA 22 -69.14 22.99 -51.93
CA ILE DA 22 -70.52 22.64 -51.62
C ILE DA 22 -71.26 22.17 -52.87
N ILE DA 23 -70.96 22.80 -54.00
CA ILE DA 23 -71.55 22.42 -55.28
C ILE DA 23 -71.25 20.95 -55.60
N TYR DA 24 -69.97 20.59 -55.52
CA TYR DA 24 -69.55 19.22 -55.81
C TYR DA 24 -70.17 18.23 -54.84
N ARG DA 25 -70.42 18.68 -53.61
CA ARG DA 25 -71.08 17.85 -52.61
C ARG DA 25 -72.52 17.53 -53.01
N ILE DA 26 -73.25 18.56 -53.44
CA ILE DA 26 -74.63 18.39 -53.86
C ILE DA 26 -74.71 17.53 -55.13
N VAL DA 27 -73.79 17.76 -56.06
CA VAL DA 27 -73.73 16.99 -57.28
C VAL DA 27 -73.46 15.51 -56.97
N THR DA 28 -72.57 15.28 -56.02
CA THR DA 28 -72.20 13.93 -55.63
C THR DA 28 -73.39 13.18 -55.02
N ARG DA 29 -74.15 13.86 -54.18
CA ARG DA 29 -75.26 13.25 -53.46
C ARG DA 29 -76.51 13.11 -54.32
N VAL DA 30 -76.86 14.17 -55.04
CA VAL DA 30 -78.10 14.20 -55.82
C VAL DA 30 -77.97 13.44 -57.14
N VAL DA 31 -76.88 13.72 -57.87
CA VAL DA 31 -76.71 13.15 -59.20
C VAL DA 31 -75.93 11.83 -59.17
N LEU DA 32 -74.75 11.85 -58.57
CA LEU DA 32 -73.89 10.67 -58.55
C LEU DA 32 -74.40 9.61 -57.58
N GLY DA 33 -75.24 10.02 -56.65
CA GLY DA 33 -75.80 9.10 -55.66
C GLY DA 33 -74.75 8.56 -54.71
N LYS DA 34 -73.79 9.41 -54.35
CA LYS DA 34 -72.71 9.03 -53.46
C LYS DA 34 -72.62 10.00 -52.28
N PRO DA 35 -72.11 9.53 -51.13
CA PRO DA 35 -71.98 10.39 -49.94
C PRO DA 35 -71.10 11.62 -50.20
N GLU DA 36 -71.59 12.78 -49.81
CA GLU DA 36 -70.89 14.05 -50.06
C GLU DA 36 -69.66 14.21 -49.16
N ASP DA 37 -69.55 13.36 -48.13
CA ASP DA 37 -68.41 13.40 -47.25
C ASP DA 37 -67.27 12.52 -47.77
N LEU DA 38 -67.57 11.73 -48.79
CA LEU DA 38 -66.59 10.78 -49.33
C LEU DA 38 -65.96 11.25 -50.64
N VAL DA 39 -66.32 12.45 -51.08
CA VAL DA 39 -65.75 13.01 -52.30
C VAL DA 39 -64.59 13.94 -51.96
N MET DA 40 -63.46 13.72 -52.64
CA MET DA 40 -62.28 14.54 -52.41
C MET DA 40 -62.12 15.59 -53.51
N MET DA 41 -61.87 16.83 -53.09
CA MET DA 41 -61.80 17.94 -54.03
C MET DA 41 -60.48 18.70 -53.89
N THR DA 42 -59.80 18.91 -55.01
CA THR DA 42 -58.57 19.69 -55.03
C THR DA 42 -58.73 20.90 -55.94
N PHE DA 43 -58.11 22.01 -55.56
CA PHE DA 43 -58.22 23.24 -56.34
C PHE DA 43 -56.84 23.75 -56.75
N HIS DA 44 -56.65 23.94 -58.05
CA HIS DA 44 -55.38 24.43 -58.58
C HIS DA 44 -55.59 25.76 -59.32
N ASP DA 45 -55.50 26.85 -58.58
CA ASP DA 45 -55.73 28.17 -59.14
C ASP DA 45 -54.47 28.77 -59.75
N SER DA 46 -54.64 29.83 -60.54
CA SER DA 46 -53.54 30.52 -61.19
C SER DA 46 -52.69 29.57 -62.03
N THR DA 47 -53.35 28.61 -62.67
CA THR DA 47 -52.66 27.62 -63.49
C THR DA 47 -52.43 28.12 -64.91
N PRO DA 48 -51.16 28.13 -65.34
CA PRO DA 48 -50.81 28.52 -66.71
C PRO DA 48 -51.44 27.59 -67.73
N MET DA 49 -52.50 28.05 -68.39
CA MET DA 49 -53.22 27.21 -69.35
C MET DA 49 -53.32 27.89 -70.71
N HIS DA 50 -53.58 27.08 -71.74
CA HIS DA 50 -53.73 27.59 -73.09
C HIS DA 50 -54.81 26.82 -73.84
N PHE DA 51 -55.79 27.53 -74.35
CA PHE DA 51 -56.92 26.91 -75.03
C PHE DA 51 -57.54 27.86 -76.04
N PHE DA 52 -57.94 27.31 -77.19
CA PHE DA 52 -58.56 28.06 -78.27
C PHE DA 52 -57.67 29.21 -78.76
N GLY DA 53 -56.36 28.99 -78.71
CA GLY DA 53 -55.40 29.96 -79.19
C GLY DA 53 -55.22 31.18 -78.30
N SER DA 54 -55.59 31.03 -77.03
CA SER DA 54 -55.46 32.13 -76.07
C SER DA 54 -55.17 31.63 -74.66
N THR DA 55 -54.59 32.51 -73.84
CA THR DA 55 -54.32 32.18 -72.44
C THR DA 55 -55.38 32.79 -71.55
N ASP DA 56 -56.53 33.11 -72.15
CA ASP DA 56 -57.68 33.66 -71.44
C ASP DA 56 -58.16 32.70 -70.35
N PRO DA 57 -58.86 33.23 -69.32
CA PRO DA 57 -59.43 32.43 -68.24
C PRO DA 57 -60.14 31.17 -68.73
N VAL DA 58 -59.64 30.02 -68.29
CA VAL DA 58 -60.13 28.73 -68.76
C VAL DA 58 -60.03 27.70 -67.64
N ALA DA 59 -61.02 26.81 -67.55
CA ALA DA 59 -61.06 25.84 -66.47
C ALA DA 59 -61.12 24.40 -66.98
N CYS DA 60 -60.52 23.48 -66.23
CA CYS DA 60 -60.56 22.07 -66.55
C CYS DA 60 -60.86 21.26 -65.30
N VAL DA 61 -61.98 20.55 -65.33
CA VAL DA 61 -62.43 19.77 -64.18
C VAL DA 61 -62.31 18.27 -64.44
N ARG DA 62 -61.69 17.55 -63.50
CA ARG DA 62 -61.52 16.11 -63.61
C ARG DA 62 -62.37 15.36 -62.60
N VAL DA 63 -63.23 14.48 -63.09
CA VAL DA 63 -64.09 13.67 -62.23
C VAL DA 63 -63.73 12.20 -62.34
N GLU DA 64 -63.38 11.59 -61.22
CA GLU DA 64 -62.96 10.19 -61.20
C GLU DA 64 -63.71 9.39 -60.15
N ALA DA 65 -64.51 8.42 -60.61
CA ALA DA 65 -65.28 7.58 -59.71
C ALA DA 65 -65.17 6.11 -60.08
N LEU DA 66 -64.87 5.27 -59.09
CA LEU DA 66 -64.75 3.84 -59.31
C LEU DA 66 -66.10 3.20 -59.61
N GLY DA 67 -66.10 2.23 -60.51
CA GLY DA 67 -67.33 1.53 -60.88
C GLY DA 67 -68.03 2.16 -62.05
N GLY DA 68 -67.45 3.24 -62.59
CA GLY DA 68 -68.02 3.93 -63.72
C GLY DA 68 -69.07 4.95 -63.34
N TYR DA 69 -69.91 5.33 -64.30
CA TYR DA 69 -70.96 6.31 -64.06
C TYR DA 69 -72.31 5.83 -64.56
N GLY DA 70 -73.36 6.50 -64.11
CA GLY DA 70 -74.72 6.18 -64.55
C GLY DA 70 -74.96 6.60 -65.98
N PRO DA 71 -76.14 6.25 -66.52
CA PRO DA 71 -76.52 6.56 -67.90
C PRO DA 71 -76.61 8.07 -68.17
N SER DA 72 -77.43 8.77 -67.39
CA SER DA 72 -77.67 10.19 -67.62
C SER DA 72 -76.92 11.08 -66.64
N GLU DA 73 -76.08 10.48 -65.81
CA GLU DA 73 -75.33 11.23 -64.80
C GLU DA 73 -74.25 12.17 -65.36
N PRO DA 74 -73.41 11.69 -66.31
CA PRO DA 74 -72.36 12.60 -66.81
C PRO DA 74 -72.91 13.86 -67.46
N GLU DA 75 -74.02 13.74 -68.17
CA GLU DA 75 -74.65 14.89 -68.82
C GLU DA 75 -75.12 15.90 -67.78
N LYS DA 76 -75.66 15.41 -66.67
CA LYS DA 76 -76.14 16.27 -65.59
C LYS DA 76 -74.97 16.97 -64.89
N VAL DA 77 -73.95 16.18 -64.54
CA VAL DA 77 -72.78 16.72 -63.85
C VAL DA 77 -72.09 17.79 -64.67
N THR DA 78 -71.91 17.53 -65.96
CA THR DA 78 -71.25 18.47 -66.86
C THR DA 78 -72.00 19.79 -66.92
N SER DA 79 -73.32 19.72 -67.00
CA SER DA 79 -74.16 20.91 -67.06
C SER DA 79 -74.05 21.75 -65.79
N ILE DA 80 -74.08 21.09 -64.64
CA ILE DA 80 -74.01 21.78 -63.35
C ILE DA 80 -72.62 22.37 -63.11
N VAL DA 81 -71.58 21.58 -63.35
CA VAL DA 81 -70.21 22.02 -63.13
C VAL DA 81 -69.86 23.22 -64.00
N THR DA 82 -70.21 23.15 -65.28
CA THR DA 82 -69.97 24.25 -66.20
C THR DA 82 -70.65 25.53 -65.74
N ALA DA 83 -71.93 25.39 -65.36
CA ALA DA 83 -72.69 26.53 -64.84
C ALA DA 83 -72.11 27.02 -63.51
N ALA DA 84 -71.56 26.10 -62.73
CA ALA DA 84 -70.97 26.44 -61.44
C ALA DA 84 -69.73 27.29 -61.61
N ILE DA 85 -68.82 26.84 -62.47
CA ILE DA 85 -67.58 27.57 -62.73
C ILE DA 85 -67.88 28.91 -63.40
N THR DA 86 -68.91 28.92 -64.25
CA THR DA 86 -69.30 30.12 -64.97
C THR DA 86 -69.73 31.25 -64.04
N ALA DA 87 -70.57 30.92 -63.07
CA ALA DA 87 -71.08 31.91 -62.13
C ALA DA 87 -70.04 32.29 -61.08
N VAL DA 88 -69.30 31.30 -60.58
CA VAL DA 88 -68.34 31.53 -59.51
C VAL DA 88 -67.05 32.18 -60.01
N CYS DA 89 -66.45 31.59 -61.04
CA CYS DA 89 -65.14 32.05 -61.52
C CYS DA 89 -65.27 33.08 -62.64
N GLY DA 90 -66.42 33.13 -63.29
CA GLY DA 90 -66.65 34.06 -64.36
C GLY DA 90 -66.15 33.55 -65.70
N ILE DA 91 -65.74 32.29 -65.73
CA ILE DA 91 -65.24 31.66 -66.95
C ILE DA 91 -66.39 31.23 -67.86
N VAL DA 92 -66.32 31.62 -69.12
CA VAL DA 92 -67.36 31.31 -70.09
C VAL DA 92 -67.52 29.80 -70.28
N ALA DA 93 -68.71 29.39 -70.72
CA ALA DA 93 -69.04 27.98 -70.88
C ALA DA 93 -68.19 27.31 -71.96
N ASP DA 94 -67.83 28.07 -73.00
CA ASP DA 94 -67.08 27.52 -74.12
C ASP DA 94 -65.61 27.31 -73.79
N ARG DA 95 -65.22 27.60 -72.55
CA ARG DA 95 -63.85 27.39 -72.10
C ARG DA 95 -63.81 26.58 -70.80
N ILE DA 96 -64.67 25.57 -70.70
CA ILE DA 96 -64.71 24.72 -69.52
C ILE DA 96 -64.75 23.23 -69.91
N PHE DA 97 -63.71 22.50 -69.53
CA PHE DA 97 -63.66 21.07 -69.79
C PHE DA 97 -64.03 20.26 -68.56
N VAL DA 98 -64.85 19.22 -68.77
CA VAL DA 98 -65.22 18.30 -67.70
C VAL DA 98 -64.95 16.87 -68.17
N LEU DA 99 -63.87 16.28 -67.64
CA LEU DA 99 -63.46 14.94 -68.05
C LEU DA 99 -63.88 13.89 -67.03
N TYR DA 100 -64.23 12.70 -67.52
CA TYR DA 100 -64.68 11.63 -66.66
C TYR DA 100 -63.78 10.40 -66.79
N PHE DA 101 -63.32 9.89 -65.65
CA PHE DA 101 -62.44 8.73 -65.62
C PHE DA 101 -62.94 7.67 -64.65
N SER DA 102 -62.42 6.45 -64.78
CA SER DA 102 -62.78 5.35 -63.90
C SER DA 102 -61.55 4.55 -63.50
N PRO DA 103 -61.16 4.64 -62.22
CA PRO DA 103 -59.97 3.94 -61.71
C PRO DA 103 -60.19 2.43 -61.57
N LEU DA 104 -59.12 1.66 -61.74
CA LEU DA 104 -59.18 0.22 -61.60
C LEU DA 104 -59.36 -0.17 -60.14
N HIS DA 105 -58.71 0.58 -59.25
CA HIS DA 105 -58.82 0.35 -57.82
C HIS DA 105 -58.80 1.67 -57.06
N CYS DA 106 -59.41 1.68 -55.88
CA CYS DA 106 -59.47 2.88 -55.05
C CYS DA 106 -59.24 2.54 -53.58
N GLY DA 107 -58.34 3.27 -52.93
CA GLY DA 107 -57.98 3.01 -51.55
C GLY DA 107 -58.36 4.11 -50.58
N TRP DA 108 -58.77 3.71 -49.38
CA TRP DA 108 -59.10 4.65 -48.31
C TRP DA 108 -58.93 3.99 -46.95
N ASN DA 109 -58.42 4.77 -46.00
CA ASN DA 109 -58.13 4.28 -44.65
C ASN DA 109 -57.17 3.09 -44.66
N GLY DA 110 -56.29 3.05 -45.64
CA GLY DA 110 -55.28 2.00 -45.73
C GLY DA 110 -55.75 0.73 -46.42
N THR DA 111 -57.01 0.71 -46.85
CA THR DA 111 -57.56 -0.47 -47.50
C THR DA 111 -58.32 -0.11 -48.79
N ASN DA 112 -58.43 -1.09 -49.69
CA ASN DA 112 -59.15 -0.89 -50.94
C ASN DA 112 -60.62 -1.27 -50.81
N PHE DA 113 -61.41 -0.90 -51.81
CA PHE DA 113 -62.84 -1.21 -51.82
C PHE DA 113 -63.19 -2.12 -53.00
N MET EA 1 -70.02 81.86 -67.10
CA MET EA 1 -68.99 80.88 -66.74
C MET EA 1 -68.01 81.46 -65.72
N PRO EA 2 -68.41 81.43 -64.43
CA PRO EA 2 -67.58 81.97 -63.35
C PRO EA 2 -66.49 81.00 -62.89
N VAL EA 3 -65.40 81.54 -62.37
CA VAL EA 3 -64.30 80.74 -61.86
C VAL EA 3 -63.95 81.12 -60.43
N ILE EA 4 -63.89 80.15 -59.54
CA ILE EA 4 -63.60 80.41 -58.14
C ILE EA 4 -62.35 79.68 -57.66
N GLN EA 5 -61.29 80.44 -57.41
CA GLN EA 5 -60.05 79.88 -56.88
C GLN EA 5 -60.01 80.00 -55.36
N THR EA 6 -59.59 78.93 -54.70
CA THR EA 6 -59.54 78.91 -53.25
C THR EA 6 -58.13 78.65 -52.72
N PHE EA 7 -57.49 79.69 -52.18
CA PHE EA 7 -56.17 79.56 -51.57
C PHE EA 7 -56.29 79.49 -50.06
N VAL EA 8 -55.78 78.41 -49.47
CA VAL EA 8 -55.82 78.23 -48.02
C VAL EA 8 -54.47 77.80 -47.48
N SER EA 9 -54.19 78.19 -46.23
CA SER EA 9 -52.94 77.82 -45.58
C SER EA 9 -53.10 76.47 -44.86
N THR EA 10 -54.34 76.05 -44.69
CA THR EA 10 -54.64 74.79 -44.03
C THR EA 10 -54.83 73.66 -45.04
N PRO EA 11 -54.42 72.44 -44.66
CA PRO EA 11 -54.58 71.26 -45.53
C PRO EA 11 -56.05 70.96 -45.82
N LEU EA 12 -56.33 70.55 -47.06
CA LEU EA 12 -57.71 70.24 -47.46
C LEU EA 12 -57.84 68.79 -47.92
N ASP EA 13 -58.88 68.11 -47.44
CA ASP EA 13 -59.15 66.73 -47.83
C ASP EA 13 -60.34 66.66 -48.77
N HIS EA 14 -60.89 65.46 -48.94
CA HIS EA 14 -62.04 65.25 -49.81
C HIS EA 14 -63.30 65.92 -49.26
N HIS EA 15 -63.51 65.78 -47.96
CA HIS EA 15 -64.71 66.30 -47.31
C HIS EA 15 -64.80 67.82 -47.39
N LYS EA 16 -63.71 68.50 -47.05
CA LYS EA 16 -63.65 69.95 -47.06
C LYS EA 16 -63.83 70.52 -48.46
N ARG EA 17 -63.11 69.94 -49.42
CA ARG EA 17 -63.16 70.41 -50.80
C ARG EA 17 -64.53 70.18 -51.44
N LEU EA 18 -65.15 69.05 -51.10
CA LEU EA 18 -66.48 68.74 -51.62
C LEU EA 18 -67.53 69.70 -51.04
N LEU EA 19 -67.37 70.02 -49.76
CA LEU EA 19 -68.27 70.96 -49.09
C LEU EA 19 -68.20 72.33 -49.72
N LEU EA 20 -66.98 72.84 -49.91
CA LEU EA 20 -66.76 74.14 -50.53
C LEU EA 20 -67.25 74.15 -51.98
N ALA EA 21 -67.18 72.99 -52.63
CA ALA EA 21 -67.64 72.86 -54.01
C ALA EA 21 -69.14 73.10 -54.13
N ILE EA 22 -69.91 72.44 -53.27
CA ILE EA 22 -71.37 72.59 -53.28
C ILE EA 22 -71.77 74.01 -52.89
N ILE EA 23 -71.03 74.59 -51.95
CA ILE EA 23 -71.27 75.97 -51.51
C ILE EA 23 -71.19 76.94 -52.68
N TYR EA 24 -70.11 76.86 -53.43
CA TYR EA 24 -69.90 77.75 -54.58
C TYR EA 24 -70.97 77.54 -55.64
N ARG EA 25 -71.46 76.31 -55.75
CA ARG EA 25 -72.53 75.99 -56.69
C ARG EA 25 -73.83 76.70 -56.32
N ILE EA 26 -74.19 76.65 -55.05
CA ILE EA 26 -75.41 77.31 -54.56
C ILE EA 26 -75.30 78.82 -54.71
N VAL EA 27 -74.12 79.36 -54.38
CA VAL EA 27 -73.86 80.79 -54.51
C VAL EA 27 -73.99 81.23 -55.97
N THR EA 28 -73.47 80.40 -56.87
CA THR EA 28 -73.51 80.71 -58.31
C THR EA 28 -74.93 80.76 -58.85
N ARG EA 29 -75.75 79.81 -58.42
CA ARG EA 29 -77.12 79.70 -58.93
C ARG EA 29 -78.07 80.68 -58.26
N VAL EA 30 -77.99 80.78 -56.94
CA VAL EA 30 -78.92 81.61 -56.17
C VAL EA 30 -78.55 83.10 -56.21
N VAL EA 31 -77.28 83.39 -55.98
CA VAL EA 31 -76.83 84.78 -55.89
C VAL EA 31 -76.35 85.33 -57.23
N LEU EA 32 -75.41 84.63 -57.86
CA LEU EA 32 -74.82 85.10 -59.10
C LEU EA 32 -75.77 84.94 -60.29
N GLY EA 33 -76.76 84.07 -60.15
CA GLY EA 33 -77.73 83.84 -61.20
C GLY EA 33 -77.12 83.17 -62.41
N LYS EA 34 -76.18 82.26 -62.17
CA LYS EA 34 -75.50 81.54 -63.24
C LYS EA 34 -75.60 80.04 -63.00
N PRO EA 35 -75.56 79.23 -64.08
CA PRO EA 35 -75.64 77.78 -63.94
C PRO EA 35 -74.52 77.19 -63.07
N GLU EA 36 -74.90 76.35 -62.12
CA GLU EA 36 -73.95 75.76 -61.18
C GLU EA 36 -73.07 74.70 -61.83
N ASP EA 37 -73.44 74.27 -63.02
CA ASP EA 37 -72.65 73.28 -63.76
C ASP EA 37 -71.56 73.96 -64.59
N LEU EA 38 -71.63 75.27 -64.70
CA LEU EA 38 -70.70 76.02 -65.54
C LEU EA 38 -69.62 76.75 -64.74
N VAL EA 39 -69.62 76.57 -63.43
CA VAL EA 39 -68.62 77.22 -62.58
C VAL EA 39 -67.46 76.27 -62.28
N MET EA 40 -66.23 76.75 -62.51
CA MET EA 40 -65.04 75.96 -62.27
C MET EA 40 -64.36 76.36 -60.96
N MET EA 41 -64.00 75.37 -60.15
CA MET EA 41 -63.42 75.61 -58.84
C MET EA 41 -62.08 74.92 -58.67
N THR EA 42 -61.08 75.68 -58.22
CA THR EA 42 -59.76 75.12 -57.95
C THR EA 42 -59.40 75.31 -56.47
N PHE EA 43 -58.69 74.34 -55.91
CA PHE EA 43 -58.31 74.39 -54.51
C PHE EA 43 -56.80 74.27 -54.33
N HIS EA 44 -56.21 75.25 -53.65
CA HIS EA 44 -54.77 75.25 -53.41
C HIS EA 44 -54.45 75.23 -51.92
N ASP EA 45 -54.36 74.02 -51.37
CA ASP EA 45 -54.11 73.84 -49.93
C ASP EA 45 -52.62 73.84 -49.61
N SER EA 46 -52.30 73.98 -48.34
CA SER EA 46 -50.93 73.98 -47.84
C SER EA 46 -50.06 75.04 -48.54
N THR EA 47 -50.67 76.18 -48.83
CA THR EA 47 -49.96 77.27 -49.51
C THR EA 47 -49.23 78.16 -48.51
N PRO EA 48 -47.91 78.32 -48.69
CA PRO EA 48 -47.12 79.21 -47.84
C PRO EA 48 -47.59 80.66 -47.94
N MET EA 49 -48.30 81.12 -46.91
CA MET EA 49 -48.87 82.46 -46.93
C MET EA 49 -48.43 83.28 -45.71
N HIS EA 50 -48.55 84.59 -45.83
CA HIS EA 50 -48.18 85.51 -44.75
C HIS EA 50 -49.15 86.69 -44.69
N PHE EA 51 -49.76 86.89 -43.54
CA PHE EA 51 -50.76 87.94 -43.38
C PHE EA 51 -50.84 88.42 -41.93
N PHE EA 52 -51.01 89.74 -41.77
CA PHE EA 52 -51.13 90.37 -40.45
C PHE EA 52 -49.91 90.08 -39.58
N GLY EA 53 -48.75 89.96 -40.21
CA GLY EA 53 -47.50 89.74 -39.50
C GLY EA 53 -47.38 88.33 -38.94
N SER EA 54 -48.14 87.40 -39.50
CA SER EA 54 -48.12 86.02 -39.05
C SER EA 54 -48.41 85.03 -40.18
N THR EA 55 -47.96 83.79 -40.00
CA THR EA 55 -48.23 82.73 -40.96
C THR EA 55 -49.38 81.86 -40.50
N ASP EA 56 -50.21 82.41 -39.62
CA ASP EA 56 -51.39 81.73 -39.10
C ASP EA 56 -52.35 81.37 -40.23
N PRO EA 57 -53.22 80.36 -40.01
CA PRO EA 57 -54.23 79.95 -40.98
C PRO EA 57 -54.97 81.13 -41.61
N VAL EA 58 -54.86 81.24 -42.93
CA VAL EA 58 -55.40 82.38 -43.66
C VAL EA 58 -55.86 81.94 -45.05
N ALA EA 59 -56.97 82.50 -45.53
CA ALA EA 59 -57.53 82.09 -46.81
C ALA EA 59 -57.69 83.25 -47.78
N CYS EA 60 -57.54 82.95 -49.07
CA CYS EA 60 -57.75 83.94 -50.12
C CYS EA 60 -58.55 83.35 -51.27
N VAL EA 61 -59.73 83.91 -51.52
CA VAL EA 61 -60.62 83.40 -52.56
C VAL EA 61 -60.71 84.35 -53.75
N ARG EA 62 -60.55 83.81 -54.96
CA ARG EA 62 -60.62 84.60 -56.18
C ARG EA 62 -61.87 84.28 -56.98
N VAL EA 63 -62.69 85.30 -57.23
CA VAL EA 63 -63.91 85.12 -58.00
C VAL EA 63 -63.85 85.89 -59.32
N GLU EA 64 -63.99 85.17 -60.44
CA GLU EA 64 -63.92 85.78 -61.76
C GLU EA 64 -65.10 85.39 -62.62
N ALA EA 65 -65.92 86.37 -62.99
CA ALA EA 65 -67.09 86.12 -63.82
C ALA EA 65 -67.21 87.13 -64.96
N LEU EA 66 -67.40 86.63 -66.17
CA LEU EA 66 -67.56 87.47 -67.35
C LEU EA 66 -68.88 88.23 -67.33
N GLY EA 67 -68.85 89.48 -67.78
CA GLY EA 67 -70.04 90.31 -67.83
C GLY EA 67 -70.24 91.12 -66.57
N GLY EA 68 -69.32 90.96 -65.63
CA GLY EA 68 -69.37 91.70 -64.37
C GLY EA 68 -70.27 91.05 -63.34
N TYR EA 69 -70.67 91.83 -62.34
CA TYR EA 69 -71.53 91.33 -61.28
C TYR EA 69 -72.73 92.25 -61.03
N GLY EA 70 -73.72 91.74 -60.32
CA GLY EA 70 -74.88 92.53 -59.96
C GLY EA 70 -74.55 93.58 -58.92
N PRO EA 71 -75.53 94.45 -58.61
CA PRO EA 71 -75.36 95.53 -57.62
C PRO EA 71 -75.06 95.03 -56.21
N SER EA 72 -75.93 94.17 -55.67
CA SER EA 72 -75.79 93.70 -54.30
C SER EA 72 -75.21 92.29 -54.20
N GLU EA 73 -74.81 91.73 -55.34
CA GLU EA 73 -74.27 90.38 -55.39
C GLU EA 73 -72.91 90.18 -54.71
N PRO EA 74 -71.92 91.08 -54.97
CA PRO EA 74 -70.61 90.86 -54.35
C PRO EA 74 -70.64 90.86 -52.81
N GLU EA 75 -71.47 91.71 -52.23
CA GLU EA 75 -71.59 91.78 -50.78
C GLU EA 75 -72.13 90.47 -50.19
N LYS EA 76 -73.08 89.87 -50.91
CA LYS EA 76 -73.68 88.61 -50.47
C LYS EA 76 -72.70 87.44 -50.57
N VAL EA 77 -72.01 87.36 -51.71
CA VAL EA 77 -71.05 86.29 -51.95
C VAL EA 77 -69.93 86.27 -50.92
N THR EA 78 -69.38 87.45 -50.62
CA THR EA 78 -68.31 87.58 -49.65
C THR EA 78 -68.73 87.09 -48.27
N SER EA 79 -69.95 87.44 -47.87
CA SER EA 79 -70.49 87.04 -46.58
C SER EA 79 -70.63 85.53 -46.48
N ILE EA 80 -71.16 84.91 -47.53
CA ILE EA 80 -71.35 83.47 -47.55
C ILE EA 80 -70.03 82.71 -47.61
N VAL EA 81 -69.14 83.15 -48.50
CA VAL EA 81 -67.84 82.50 -48.67
C VAL EA 81 -67.01 82.56 -47.38
N THR EA 82 -66.96 83.74 -46.77
CA THR EA 82 -66.23 83.94 -45.53
C THR EA 82 -66.75 83.01 -44.42
N ALA EA 83 -68.08 82.96 -44.30
CA ALA EA 83 -68.71 82.08 -43.32
C ALA EA 83 -68.46 80.62 -43.66
N ALA EA 84 -68.34 80.32 -44.96
CA ALA EA 84 -68.08 78.97 -45.42
C ALA EA 84 -66.67 78.53 -45.02
N ILE EA 85 -65.69 79.38 -45.31
CA ILE EA 85 -64.30 79.09 -44.98
C ILE EA 85 -64.12 79.02 -43.46
N THR EA 86 -64.84 79.86 -42.74
CA THR EA 86 -64.75 79.91 -41.29
C THR EA 86 -65.18 78.60 -40.65
N ALA EA 87 -66.31 78.06 -41.11
CA ALA EA 87 -66.84 76.83 -40.56
C ALA EA 87 -66.07 75.60 -41.03
N VAL EA 88 -65.72 75.56 -42.31
CA VAL EA 88 -65.06 74.40 -42.89
C VAL EA 88 -63.59 74.30 -42.50
N CYS EA 89 -62.84 75.37 -42.71
CA CYS EA 89 -61.40 75.36 -42.50
C CYS EA 89 -61.00 75.77 -41.09
N GLY EA 90 -61.90 76.45 -40.39
CA GLY EA 90 -61.64 76.91 -39.04
C GLY EA 90 -60.87 78.21 -39.01
N ILE EA 91 -60.71 78.81 -40.19
CA ILE EA 91 -60.00 80.08 -40.31
C ILE EA 91 -60.89 81.25 -39.90
N VAL EA 92 -60.36 82.10 -39.02
CA VAL EA 92 -61.11 83.25 -38.52
C VAL EA 92 -61.48 84.21 -39.65
N ALA EA 93 -62.55 84.99 -39.43
CA ALA EA 93 -63.07 85.90 -40.45
C ALA EA 93 -62.07 87.00 -40.79
N ASP EA 94 -61.29 87.42 -39.79
CA ASP EA 94 -60.35 88.53 -39.98
C ASP EA 94 -59.11 88.12 -40.78
N ARG EA 95 -59.08 86.86 -41.23
CA ARG EA 95 -57.97 86.39 -42.05
C ARG EA 95 -58.49 85.72 -43.33
N ILE EA 96 -59.51 86.32 -43.94
CA ILE EA 96 -60.07 85.78 -45.18
C ILE EA 96 -60.27 86.88 -46.23
N PHE EA 97 -59.55 86.76 -47.34
CA PHE EA 97 -59.70 87.71 -48.45
C PHE EA 97 -60.56 87.13 -49.56
N VAL EA 98 -61.47 87.95 -50.09
CA VAL EA 98 -62.29 87.57 -51.22
C VAL EA 98 -62.19 88.62 -52.32
N LEU EA 99 -61.46 88.29 -53.39
CA LEU EA 99 -61.23 89.23 -54.48
C LEU EA 99 -62.12 88.93 -55.67
N TYR EA 100 -62.56 89.99 -56.36
CA TYR EA 100 -63.44 89.84 -57.51
C TYR EA 100 -62.80 90.44 -58.77
N PHE EA 101 -62.79 89.68 -59.86
CA PHE EA 101 -62.21 90.13 -61.12
C PHE EA 101 -63.19 89.90 -62.27
N SER EA 102 -62.93 90.55 -63.40
CA SER EA 102 -63.76 90.40 -64.58
C SER EA 102 -62.92 90.27 -65.85
N PRO EA 103 -62.91 89.08 -66.45
CA PRO EA 103 -62.14 88.79 -67.66
C PRO EA 103 -62.73 89.45 -68.91
N LEU EA 104 -61.87 89.81 -69.85
CA LEU EA 104 -62.33 90.42 -71.10
C LEU EA 104 -63.02 89.40 -71.99
N HIS EA 105 -62.53 88.17 -71.96
CA HIS EA 105 -63.12 87.07 -72.74
C HIS EA 105 -63.05 85.76 -71.98
N CYS EA 106 -63.98 84.85 -72.27
CA CYS EA 106 -64.01 83.55 -71.63
C CYS EA 106 -64.33 82.46 -72.64
N GLY EA 107 -63.55 81.39 -72.63
CA GLY EA 107 -63.71 80.31 -73.59
C GLY EA 107 -64.13 78.99 -72.99
N TRP EA 108 -64.98 78.28 -73.71
CA TRP EA 108 -65.45 76.96 -73.28
C TRP EA 108 -65.88 76.12 -74.49
N ASN EA 109 -65.55 74.82 -74.44
CA ASN EA 109 -65.84 73.89 -75.52
C ASN EA 109 -65.23 74.33 -76.86
N GLY EA 110 -64.11 75.02 -76.79
CA GLY EA 110 -63.40 75.44 -77.99
C GLY EA 110 -63.89 76.76 -78.55
N THR EA 111 -64.90 77.35 -77.92
CA THR EA 111 -65.47 78.61 -78.38
C THR EA 111 -65.63 79.60 -77.24
N ASN EA 112 -65.67 80.89 -77.58
CA ASN EA 112 -65.84 81.94 -76.59
C ASN EA 112 -67.32 82.27 -76.36
N PHE EA 113 -67.59 83.03 -75.31
CA PHE EA 113 -68.96 83.43 -74.99
C PHE EA 113 -69.13 84.94 -75.06
N MET FA 1 -44.24 31.56 3.92
CA MET FA 1 -44.34 32.01 2.54
C MET FA 1 -43.48 33.25 2.29
N PRO FA 2 -42.17 33.05 2.08
CA PRO FA 2 -41.24 34.16 1.86
C PRO FA 2 -41.25 34.68 0.43
N VAL FA 3 -40.92 35.96 0.28
CA VAL FA 3 -40.84 36.58 -1.05
C VAL FA 3 -39.49 37.26 -1.23
N ILE FA 4 -38.80 36.95 -2.33
CA ILE FA 4 -37.49 37.50 -2.57
C ILE FA 4 -37.40 38.30 -3.87
N GLN FA 5 -37.28 39.62 -3.75
CA GLN FA 5 -37.11 40.48 -4.91
C GLN FA 5 -35.62 40.75 -5.16
N THR FA 6 -35.22 40.66 -6.41
CA THR FA 6 -33.81 40.87 -6.78
C THR FA 6 -33.66 41.99 -7.80
N PHE FA 7 -33.14 43.13 -7.35
CA PHE FA 7 -32.86 44.25 -8.24
C PHE FA 7 -31.38 44.31 -8.58
N VAL FA 8 -31.08 44.28 -9.88
CA VAL FA 8 -29.69 44.30 -10.34
C VAL FA 8 -29.51 45.32 -11.46
N SER FA 9 -28.31 45.89 -11.54
CA SER FA 9 -28.01 46.86 -12.58
C SER FA 9 -27.48 46.18 -13.84
N THR FA 10 -27.10 44.91 -13.69
CA THR FA 10 -26.61 44.12 -14.82
C THR FA 10 -27.73 43.28 -15.42
N PRO FA 11 -27.69 43.09 -16.75
CA PRO FA 11 -28.68 42.27 -17.45
C PRO FA 11 -28.66 40.81 -16.98
N LEU FA 12 -29.83 40.20 -16.87
CA LEU FA 12 -29.94 38.81 -16.45
C LEU FA 12 -30.59 37.96 -17.52
N ASP FA 13 -30.01 36.79 -17.78
CA ASP FA 13 -30.55 35.87 -18.77
C ASP FA 13 -31.20 34.68 -18.07
N HIS FA 14 -31.44 33.61 -18.83
CA HIS FA 14 -32.06 32.41 -18.29
C HIS FA 14 -31.14 31.71 -17.29
N HIS FA 15 -29.86 31.63 -17.62
CA HIS FA 15 -28.89 30.94 -16.78
C HIS FA 15 -28.71 31.60 -15.42
N LYS FA 16 -28.52 32.92 -15.43
CA LYS FA 16 -28.31 33.67 -14.19
C LYS FA 16 -29.52 33.64 -13.28
N ARG FA 17 -30.70 33.87 -13.84
CA ARG FA 17 -31.94 33.88 -13.07
C ARG FA 17 -32.24 32.49 -12.51
N LEU FA 18 -31.94 31.45 -13.28
CA LEU FA 18 -32.15 30.08 -12.83
C LEU FA 18 -31.21 29.76 -11.67
N LEU FA 19 -29.98 30.25 -11.76
CA LEU FA 19 -29.00 30.05 -10.69
C LEU FA 19 -29.45 30.69 -9.39
N LEU FA 20 -29.85 31.95 -9.46
CA LEU FA 20 -30.34 32.68 -8.30
C LEU FA 20 -31.62 32.06 -7.75
N ALA FA 21 -32.41 31.47 -8.64
CA ALA FA 21 -33.65 30.80 -8.24
C ALA FA 21 -33.35 29.60 -7.36
N ILE FA 22 -32.44 28.75 -7.80
CA ILE FA 22 -32.06 27.56 -7.04
C ILE FA 22 -31.38 27.97 -5.72
N ILE FA 23 -30.57 29.02 -5.78
CA ILE FA 23 -29.90 29.55 -4.61
C ILE FA 23 -30.91 29.96 -3.53
N TYR FA 24 -31.90 30.76 -3.93
CA TYR FA 24 -32.91 31.24 -3.01
C TYR FA 24 -33.73 30.08 -2.42
N ARG FA 25 -33.90 29.02 -3.21
CA ARG FA 25 -34.61 27.83 -2.75
C ARG FA 25 -33.85 27.13 -1.63
N ILE FA 26 -32.53 26.96 -1.82
CA ILE FA 26 -31.69 26.33 -0.81
C ILE FA 26 -31.60 27.18 0.46
N VAL FA 27 -31.48 28.49 0.29
CA VAL FA 27 -31.43 29.41 1.41
C VAL FA 27 -32.72 29.35 2.23
N THR FA 28 -33.84 29.26 1.52
CA THR FA 28 -35.16 29.20 2.16
C THR FA 28 -35.32 27.93 2.99
N ARG FA 29 -34.86 26.81 2.45
CA ARG FA 29 -35.04 25.51 3.11
C ARG FA 29 -34.03 25.27 4.23
N VAL FA 30 -32.77 25.57 3.97
CA VAL FA 30 -31.70 25.27 4.92
C VAL FA 30 -31.63 26.31 6.05
N VAL FA 31 -31.65 27.59 5.68
CA VAL FA 31 -31.48 28.66 6.66
C VAL FA 31 -32.81 29.14 7.23
N LEU FA 32 -33.72 29.54 6.35
CA LEU FA 32 -35.00 30.09 6.76
C LEU FA 32 -35.94 29.02 7.31
N GLY FA 33 -35.66 27.77 6.97
CA GLY FA 33 -36.46 26.64 7.44
C GLY FA 33 -37.87 26.62 6.89
N LYS FA 34 -38.02 27.02 5.63
CA LYS FA 34 -39.33 27.05 4.98
C LYS FA 34 -39.28 26.25 3.67
N PRO FA 35 -40.43 25.72 3.24
CA PRO FA 35 -40.47 24.94 1.99
C PRO FA 35 -40.00 25.75 0.78
N GLU FA 36 -39.12 25.15 -0.01
CA GLU FA 36 -38.52 25.83 -1.15
C GLU FA 36 -39.49 26.00 -2.32
N ASP FA 37 -40.62 25.29 -2.26
CA ASP FA 37 -41.63 25.40 -3.30
C ASP FA 37 -42.59 26.55 -3.02
N LEU FA 38 -42.50 27.11 -1.82
CA LEU FA 38 -43.43 28.15 -1.38
C LEU FA 38 -42.81 29.55 -1.40
N VAL FA 39 -41.56 29.65 -1.87
CA VAL FA 39 -40.90 30.93 -1.95
C VAL FA 39 -41.03 31.52 -3.36
N MET FA 40 -41.47 32.78 -3.42
CA MET FA 40 -41.65 33.46 -4.70
C MET FA 40 -40.50 34.40 -4.99
N MET FA 41 -39.97 34.32 -6.21
CA MET FA 41 -38.80 35.10 -6.59
C MET FA 41 -39.06 35.94 -7.84
N THR FA 42 -38.74 37.23 -7.75
CA THR FA 42 -38.87 38.12 -8.89
C THR FA 42 -37.52 38.73 -9.26
N PHE FA 43 -37.30 38.92 -10.56
CA PHE FA 43 -36.04 39.48 -11.05
C PHE FA 43 -36.26 40.72 -11.89
N HIS FA 44 -35.61 41.81 -11.52
CA HIS FA 44 -35.72 43.06 -12.23
C HIS FA 44 -34.35 43.49 -12.77
N ASP FA 45 -34.02 43.02 -13.97
CA ASP FA 45 -32.72 43.29 -14.56
C ASP FA 45 -32.72 44.61 -15.33
N SER FA 46 -31.51 45.08 -15.66
CA SER FA 46 -31.32 46.33 -16.39
C SER FA 46 -32.01 47.50 -15.69
N THR FA 47 -31.99 47.49 -14.36
CA THR FA 47 -32.62 48.55 -13.58
C THR FA 47 -31.68 49.73 -13.37
N PRO FA 48 -32.12 50.93 -13.77
CA PRO FA 48 -31.36 52.17 -13.57
C PRO FA 48 -31.14 52.46 -12.08
N MET FA 49 -29.91 52.22 -11.61
CA MET FA 49 -29.60 52.41 -10.20
C MET FA 49 -28.43 53.36 -9.99
N HIS FA 50 -28.32 53.90 -8.78
CA HIS FA 50 -27.25 54.82 -8.43
C HIS FA 50 -26.81 54.59 -6.99
N PHE FA 51 -25.52 54.31 -6.80
CA PHE FA 51 -25.00 54.00 -5.48
C PHE FA 51 -23.51 54.35 -5.36
N PHE FA 52 -23.13 54.87 -4.20
CA PHE FA 52 -21.74 55.25 -3.91
C PHE FA 52 -21.21 56.26 -4.93
N GLY FA 53 -22.09 57.12 -5.43
CA GLY FA 53 -21.69 58.17 -6.35
C GLY FA 53 -21.37 57.66 -7.75
N SER FA 54 -21.88 56.48 -8.10
CA SER FA 54 -21.64 55.91 -9.41
C SER FA 54 -22.81 55.06 -9.88
N THR FA 55 -22.90 54.87 -11.19
CA THR FA 55 -23.94 54.03 -11.77
C THR FA 55 -23.38 52.65 -12.12
N ASP FA 56 -22.27 52.32 -11.48
CA ASP FA 56 -21.62 51.02 -11.66
C ASP FA 56 -22.55 49.88 -11.25
N PRO FA 57 -22.31 48.66 -11.79
CA PRO FA 57 -23.09 47.47 -11.43
C PRO FA 57 -23.34 47.33 -9.93
N VAL FA 58 -24.61 47.33 -9.56
CA VAL FA 58 -25.02 47.33 -8.15
C VAL FA 58 -26.32 46.55 -7.98
N ALA FA 59 -26.43 45.81 -6.88
CA ALA FA 59 -27.60 44.97 -6.65
C ALA FA 59 -28.29 45.27 -5.34
N CYS FA 60 -29.62 45.11 -5.33
CA CYS FA 60 -30.42 45.28 -4.12
C CYS FA 60 -31.43 44.13 -3.98
N VAL FA 61 -31.30 43.37 -2.90
CA VAL FA 61 -32.16 42.21 -2.69
C VAL FA 61 -33.13 42.43 -1.53
N ARG FA 62 -34.40 42.12 -1.76
CA ARG FA 62 -35.43 42.28 -0.73
C ARG FA 62 -35.93 40.93 -0.24
N VAL FA 63 -35.81 40.69 1.06
CA VAL FA 63 -36.27 39.43 1.66
C VAL FA 63 -37.42 39.70 2.62
N GLU FA 64 -38.55 39.07 2.37
CA GLU FA 64 -39.75 39.29 3.18
C GLU FA 64 -40.35 37.96 3.64
N ALA FA 65 -40.34 37.73 4.95
CA ALA FA 65 -40.89 36.50 5.50
C ALA FA 65 -41.79 36.79 6.70
N LEU FA 66 -42.99 36.20 6.68
CA LEU FA 66 -43.95 36.38 7.77
C LEU FA 66 -43.49 35.68 9.04
N GLY FA 67 -43.74 36.30 10.18
CA GLY FA 67 -43.36 35.73 11.46
C GLY FA 67 -41.98 36.17 11.92
N GLY FA 68 -41.33 36.98 11.10
CA GLY FA 68 -40.01 37.49 11.43
C GLY FA 68 -38.91 36.52 11.02
N TYR FA 69 -37.74 36.68 11.62
CA TYR FA 69 -36.60 35.82 11.31
C TYR FA 69 -35.96 35.28 12.59
N GLY FA 70 -35.13 34.26 12.43
CA GLY FA 70 -34.41 33.68 13.56
C GLY FA 70 -33.31 34.60 14.07
N PRO FA 71 -32.66 34.20 15.18
CA PRO FA 71 -31.58 34.99 15.80
C PRO FA 71 -30.37 35.17 14.90
N SER FA 72 -29.79 34.06 14.43
CA SER FA 72 -28.56 34.12 13.64
C SER FA 72 -28.84 33.93 12.14
N GLU FA 73 -30.11 33.86 11.78
CA GLU FA 73 -30.50 33.64 10.38
C GLU FA 73 -30.19 34.81 9.43
N PRO FA 74 -30.52 36.07 9.82
CA PRO FA 74 -30.26 37.16 8.87
C PRO FA 74 -28.80 37.32 8.48
N GLU FA 75 -27.88 37.08 9.42
CA GLU FA 75 -26.46 37.18 9.13
C GLU FA 75 -26.03 36.15 8.09
N LYS FA 76 -26.59 34.95 8.19
CA LYS FA 76 -26.27 33.87 7.27
C LYS FA 76 -26.82 34.15 5.87
N VAL FA 77 -28.08 34.57 5.81
CA VAL FA 77 -28.73 34.87 4.53
C VAL FA 77 -28.00 35.96 3.77
N THR FA 78 -27.62 37.03 4.48
CA THR FA 78 -26.91 38.14 3.88
C THR FA 78 -25.60 37.70 3.24
N SER FA 79 -24.86 36.85 3.96
CA SER FA 79 -23.58 36.35 3.47
C SER FA 79 -23.74 35.52 2.19
N ILE FA 80 -24.73 34.63 2.18
CA ILE FA 80 -24.96 33.75 1.04
C ILE FA 80 -25.48 34.52 -0.18
N VAL FA 81 -26.48 35.37 0.03
CA VAL FA 81 -27.08 36.15 -1.06
C VAL FA 81 -26.06 37.07 -1.72
N THR FA 82 -25.27 37.77 -0.91
CA THR FA 82 -24.23 38.66 -1.40
C THR FA 82 -23.22 37.88 -2.23
N ALA FA 83 -22.79 36.74 -1.70
CA ALA FA 83 -21.85 35.86 -2.41
C ALA FA 83 -22.48 35.31 -3.68
N ALA FA 84 -23.80 35.10 -3.64
CA ALA FA 84 -24.52 34.59 -4.80
C ALA FA 84 -24.51 35.59 -5.94
N ILE FA 85 -24.86 36.83 -5.63
CA ILE FA 85 -24.87 37.90 -6.62
C ILE FA 85 -23.46 38.17 -7.14
N THR FA 86 -22.48 38.05 -6.25
CA THR FA 86 -21.08 38.32 -6.60
C THR FA 86 -20.56 37.36 -7.67
N ALA FA 87 -20.83 36.07 -7.49
CA ALA FA 87 -20.34 35.05 -8.42
C ALA FA 87 -21.16 35.02 -9.71
N VAL FA 88 -22.47 35.14 -9.59
CA VAL FA 88 -23.37 35.04 -10.73
C VAL FA 88 -23.38 36.31 -11.59
N CYS FA 89 -23.58 37.46 -10.95
CA CYS FA 89 -23.74 38.71 -11.69
C CYS FA 89 -22.43 39.47 -11.88
N GLY FA 90 -21.43 39.14 -11.08
CA GLY FA 90 -20.14 39.79 -11.19
C GLY FA 90 -20.09 41.10 -10.43
N ILE FA 91 -21.16 41.38 -9.69
CA ILE FA 91 -21.25 42.60 -8.89
C ILE FA 91 -20.45 42.47 -7.59
N VAL FA 92 -19.60 43.45 -7.33
CA VAL FA 92 -18.76 43.43 -6.13
C VAL FA 92 -19.59 43.45 -4.86
N ALA FA 93 -19.02 42.94 -3.77
CA ALA FA 93 -19.72 42.82 -2.51
C ALA FA 93 -20.10 44.17 -1.91
N ASP FA 94 -19.26 45.17 -2.14
CA ASP FA 94 -19.47 46.50 -1.56
C ASP FA 94 -20.59 47.27 -2.25
N ARG FA 95 -21.23 46.64 -3.23
CA ARG FA 95 -22.35 47.26 -3.94
C ARG FA 95 -23.57 46.33 -3.96
N ILE FA 96 -23.81 45.66 -2.83
CA ILE FA 96 -24.95 44.76 -2.72
C ILE FA 96 -25.74 45.00 -1.42
N PHE FA 97 -26.99 45.41 -1.56
CA PHE FA 97 -27.86 45.61 -0.40
C PHE FA 97 -28.81 44.42 -0.22
N VAL FA 98 -28.97 43.98 1.02
CA VAL FA 98 -29.91 42.93 1.36
C VAL FA 98 -30.83 43.38 2.50
N LEU FA 99 -32.07 43.69 2.16
CA LEU FA 99 -33.02 44.22 3.14
C LEU FA 99 -33.99 43.15 3.62
N TYR FA 100 -34.37 43.21 4.89
CA TYR FA 100 -35.28 42.23 5.47
C TYR FA 100 -36.55 42.89 6.01
N PHE FA 101 -37.69 42.34 5.60
CA PHE FA 101 -38.98 42.87 6.01
C PHE FA 101 -39.90 41.77 6.56
N SER FA 102 -40.95 42.17 7.27
CA SER FA 102 -41.91 41.21 7.82
C SER FA 102 -43.34 41.72 7.66
N PRO FA 103 -44.11 41.07 6.79
CA PRO FA 103 -45.50 41.47 6.52
C PRO FA 103 -46.44 41.13 7.68
N LEU FA 104 -47.48 41.94 7.85
CA LEU FA 104 -48.47 41.72 8.90
C LEU FA 104 -49.36 40.53 8.55
N HIS FA 105 -49.66 40.38 7.26
CA HIS FA 105 -50.48 39.27 6.77
C HIS FA 105 -50.00 38.82 5.40
N CYS FA 106 -50.22 37.54 5.09
CA CYS FA 106 -49.81 36.98 3.80
C CYS FA 106 -50.88 36.04 3.26
N GLY FA 107 -51.23 36.23 1.98
CA GLY FA 107 -52.29 35.45 1.36
C GLY FA 107 -51.82 34.54 0.25
N TRP FA 108 -52.42 33.34 0.17
CA TRP FA 108 -52.12 32.39 -0.88
C TRP FA 108 -53.28 31.44 -1.13
N ASN FA 109 -53.52 31.12 -2.39
CA ASN FA 109 -54.63 30.26 -2.80
C ASN FA 109 -55.98 30.78 -2.33
N GLY FA 110 -56.11 32.10 -2.23
CA GLY FA 110 -57.37 32.72 -1.85
C GLY FA 110 -57.58 32.83 -0.36
N THR FA 111 -56.62 32.33 0.43
CA THR FA 111 -56.73 32.35 1.88
C THR FA 111 -55.45 32.87 2.53
N ASN FA 112 -55.59 33.38 3.75
CA ASN FA 112 -54.43 33.87 4.49
C ASN FA 112 -53.80 32.80 5.36
N PHE FA 113 -52.61 33.10 5.89
CA PHE FA 113 -51.89 32.16 6.74
C PHE FA 113 -51.70 32.73 8.14
N MET GA 1 -43.13 0.91 -66.30
CA MET GA 1 -42.84 2.32 -66.07
C MET GA 1 -44.00 3.00 -65.32
N PRO GA 2 -44.03 2.84 -63.99
CA PRO GA 2 -45.10 3.40 -63.16
C PRO GA 2 -44.89 4.88 -62.82
N VAL GA 3 -45.99 5.60 -62.59
CA VAL GA 3 -45.94 7.01 -62.22
C VAL GA 3 -46.73 7.24 -60.94
N ILE GA 4 -46.11 7.90 -59.97
CA ILE GA 4 -46.76 8.14 -58.68
C ILE GA 4 -46.86 9.63 -58.35
N GLN GA 5 -48.08 10.16 -58.38
CA GLN GA 5 -48.33 11.55 -58.02
C GLN GA 5 -48.74 11.64 -56.54
N THR GA 6 -48.16 12.60 -55.83
CA THR GA 6 -48.46 12.78 -54.42
C THR GA 6 -49.01 14.18 -54.14
N PHE GA 7 -50.31 14.25 -53.85
CA PHE GA 7 -50.96 15.51 -53.50
C PHE GA 7 -51.16 15.62 -51.99
N VAL GA 8 -50.62 16.67 -51.39
CA VAL GA 8 -50.74 16.88 -49.95
C VAL GA 8 -51.15 18.31 -49.63
N SER GA 9 -51.88 18.48 -48.52
CA SER GA 9 -52.31 19.80 -48.07
C SER GA 9 -51.26 20.43 -47.18
N THR GA 10 -50.33 19.62 -46.69
CA THR GA 10 -49.26 20.08 -45.83
C THR GA 10 -48.00 20.37 -46.65
N PRO GA 11 -47.22 21.38 -46.25
CA PRO GA 11 -45.97 21.71 -46.92
C PRO GA 11 -44.95 20.57 -46.87
N LEU GA 12 -44.22 20.38 -47.96
CA LEU GA 12 -43.21 19.32 -48.03
C LEU GA 12 -41.83 19.91 -48.28
N ASP GA 13 -40.84 19.45 -47.51
CA ASP GA 13 -39.48 19.91 -47.67
C ASP GA 13 -38.60 18.85 -48.33
N HIS GA 14 -37.29 19.01 -48.21
CA HIS GA 14 -36.34 18.05 -48.79
C HIS GA 14 -36.41 16.69 -48.12
N HIS GA 15 -36.49 16.69 -46.79
CA HIS GA 15 -36.49 15.45 -46.02
C HIS GA 15 -37.71 14.58 -46.30
N LYS GA 16 -38.90 15.19 -46.25
CA LYS GA 16 -40.15 14.47 -46.46
C LYS GA 16 -40.27 13.89 -47.87
N ARG GA 17 -39.96 14.71 -48.88
CA ARG GA 17 -40.06 14.26 -50.26
C ARG GA 17 -39.05 13.18 -50.59
N LEU GA 18 -37.86 13.27 -50.01
CA LEU GA 18 -36.83 12.26 -50.21
C LEU GA 18 -37.24 10.93 -49.58
N LEU GA 19 -37.84 11.00 -48.39
CA LEU GA 19 -38.33 9.83 -47.69
C LEU GA 19 -39.41 9.12 -48.51
N LEU GA 20 -40.39 9.88 -48.95
CA LEU GA 20 -41.48 9.35 -49.76
C LEU GA 20 -40.98 8.82 -51.10
N ALA GA 21 -39.91 9.43 -51.61
CA ALA GA 21 -39.32 9.00 -52.87
C ALA GA 21 -38.75 7.60 -52.76
N ILE GA 22 -37.98 7.34 -51.71
CA ILE GA 22 -37.39 6.03 -51.47
C ILE GA 22 -38.48 5.00 -51.20
N ILE GA 23 -39.53 5.42 -50.50
CA ILE GA 23 -40.66 4.54 -50.23
C ILE GA 23 -41.28 4.01 -51.51
N TYR GA 24 -41.58 4.90 -52.44
CA TYR GA 24 -42.16 4.52 -53.72
C TYR GA 24 -41.21 3.62 -54.50
N ARG GA 25 -39.91 3.83 -54.31
CA ARG GA 25 -38.89 3.00 -54.95
C ARG GA 25 -38.95 1.57 -54.45
N ILE GA 26 -39.04 1.41 -53.13
CA ILE GA 26 -39.11 0.09 -52.51
C ILE GA 26 -40.42 -0.61 -52.87
N VAL GA 27 -41.51 0.14 -52.88
CA VAL GA 27 -42.82 -0.40 -53.25
C VAL GA 27 -42.81 -0.89 -54.69
N THR GA 28 -42.17 -0.13 -55.56
CA THR GA 28 -42.10 -0.45 -56.98
C THR GA 28 -41.32 -1.76 -57.22
N ARG GA 29 -40.21 -1.92 -56.51
CA ARG GA 29 -39.34 -3.07 -56.70
C ARG GA 29 -39.87 -4.33 -56.01
N VAL GA 30 -40.28 -4.19 -54.76
CA VAL GA 30 -40.69 -5.33 -53.95
C VAL GA 30 -42.12 -5.79 -54.27
N VAL GA 31 -43.05 -4.83 -54.34
CA VAL GA 31 -44.46 -5.16 -54.54
C VAL GA 31 -44.84 -5.19 -56.01
N LEU GA 32 -44.57 -4.09 -56.71
CA LEU GA 32 -44.98 -3.95 -58.10
C LEU GA 32 -44.12 -4.80 -59.03
N GLY GA 33 -42.94 -5.20 -58.56
CA GLY GA 33 -42.03 -6.01 -59.35
C GLY GA 33 -41.49 -5.27 -60.56
N LYS GA 34 -41.23 -3.98 -60.39
CA LYS GA 34 -40.71 -3.14 -61.47
C LYS GA 34 -39.45 -2.42 -61.01
N PRO GA 35 -38.56 -2.07 -61.96
CA PRO GA 35 -37.33 -1.37 -61.62
C PRO GA 35 -37.58 -0.02 -60.93
N GLU GA 36 -36.88 0.21 -59.82
CA GLU GA 36 -37.07 1.41 -59.02
C GLU GA 36 -36.51 2.65 -59.69
N ASP GA 37 -35.71 2.46 -60.73
CA ASP GA 37 -35.15 3.57 -61.48
C ASP GA 37 -36.09 4.04 -62.58
N LEU GA 38 -37.14 3.26 -62.83
CA LEU GA 38 -38.06 3.55 -63.92
C LEU GA 38 -39.39 4.14 -63.44
N VAL GA 39 -39.51 4.36 -62.13
CA VAL GA 39 -40.72 4.94 -61.58
C VAL GA 39 -40.58 6.46 -61.41
N MET GA 40 -41.55 7.20 -61.93
CA MET GA 40 -41.52 8.65 -61.84
C MET GA 40 -42.43 9.16 -60.72
N MET GA 41 -41.91 10.06 -59.91
CA MET GA 41 -42.64 10.57 -58.75
C MET GA 41 -42.75 12.08 -58.76
N THR GA 42 -43.96 12.59 -58.60
CA THR GA 42 -44.20 14.03 -58.51
C THR GA 42 -44.84 14.37 -57.17
N PHE GA 43 -44.47 15.53 -56.62
CA PHE GA 43 -44.99 15.97 -55.33
C PHE GA 43 -45.64 17.34 -55.43
N HIS GA 44 -46.89 17.41 -55.00
CA HIS GA 44 -47.64 18.65 -55.03
C HIS GA 44 -48.05 19.07 -53.62
N ASP GA 45 -47.18 19.80 -52.95
CA ASP GA 45 -47.42 20.21 -51.57
C ASP GA 45 -48.21 21.52 -51.49
N SER GA 46 -48.72 21.81 -50.30
CA SER GA 46 -49.51 23.01 -50.03
C SER GA 46 -50.69 23.13 -51.00
N THR GA 47 -51.29 22.00 -51.33
CA THR GA 47 -52.41 21.97 -52.26
C THR GA 47 -53.74 22.20 -51.55
N PRO GA 48 -54.49 23.23 -52.00
CA PRO GA 48 -55.82 23.52 -51.46
C PRO GA 48 -56.79 22.37 -51.70
N MET GA 49 -57.08 21.61 -50.65
CA MET GA 49 -57.94 20.44 -50.77
C MET GA 49 -59.13 20.50 -49.81
N HIS GA 50 -60.16 19.73 -50.10
CA HIS GA 50 -61.34 19.68 -49.26
C HIS GA 50 -61.89 18.25 -49.20
N PHE GA 51 -62.00 17.71 -47.99
CA PHE GA 51 -62.43 16.33 -47.81
C PHE GA 51 -63.07 16.12 -46.45
N PHE GA 52 -64.15 15.32 -46.42
CA PHE GA 52 -64.88 15.00 -45.20
C PHE GA 52 -65.40 16.25 -44.50
N GLY GA 53 -65.74 17.26 -45.29
CA GLY GA 53 -66.33 18.48 -44.76
C GLY GA 53 -65.33 19.37 -44.04
N SER GA 54 -64.04 19.19 -44.34
CA SER GA 54 -63.00 19.99 -43.70
C SER GA 54 -61.80 20.20 -44.62
N THR GA 55 -61.04 21.25 -44.34
CA THR GA 55 -59.82 21.54 -45.10
C THR GA 55 -58.60 21.06 -44.32
N ASP GA 56 -58.83 20.15 -43.38
CA ASP GA 56 -57.77 19.55 -42.59
C ASP GA 56 -56.77 18.81 -43.48
N PRO GA 57 -55.53 18.61 -42.99
CA PRO GA 57 -54.50 17.87 -43.73
C PRO GA 57 -55.02 16.57 -44.35
N VAL GA 58 -54.91 16.49 -45.67
CA VAL GA 58 -55.47 15.37 -46.43
C VAL GA 58 -54.60 15.09 -47.65
N ALA GA 59 -54.43 13.82 -47.98
CA ALA GA 59 -53.55 13.43 -49.08
C ALA GA 59 -54.27 12.61 -50.14
N CYS GA 60 -53.82 12.75 -51.39
CA CYS GA 60 -54.36 11.97 -52.49
C CYS GA 60 -53.21 11.45 -53.36
N VAL GA 61 -53.08 10.13 -53.44
CA VAL GA 61 -51.99 9.52 -54.18
C VAL GA 61 -52.49 8.82 -55.45
N ARG GA 62 -51.83 9.09 -56.57
CA ARG GA 62 -52.20 8.50 -57.85
C ARG GA 62 -51.14 7.51 -58.32
N VAL GA 63 -51.57 6.26 -58.55
CA VAL GA 63 -50.66 5.23 -59.04
C VAL GA 63 -51.07 4.77 -60.43
N GLU GA 64 -50.15 4.90 -61.39
CA GLU GA 64 -50.44 4.54 -62.78
C GLU GA 64 -49.36 3.64 -63.35
N ALA GA 65 -49.72 2.40 -63.67
CA ALA GA 65 -48.77 1.44 -64.21
C ALA GA 65 -49.35 0.71 -65.42
N LEU GA 66 -48.58 0.66 -66.50
CA LEU GA 66 -49.01 -0.01 -67.72
C LEU GA 66 -49.04 -1.53 -67.52
N GLY GA 67 -50.04 -2.17 -68.11
CA GLY GA 67 -50.18 -3.61 -68.01
C GLY GA 67 -51.05 -4.04 -66.84
N GLY GA 68 -51.52 -3.06 -66.09
CA GLY GA 68 -52.37 -3.33 -64.93
C GLY GA 68 -51.59 -3.65 -63.68
N TYR GA 69 -52.23 -4.30 -62.73
CA TYR GA 69 -51.61 -4.66 -61.47
C TYR GA 69 -51.83 -6.13 -61.13
N GLY GA 70 -51.04 -6.64 -60.19
CA GLY GA 70 -51.20 -8.01 -59.74
C GLY GA 70 -52.47 -8.19 -58.92
N PRO GA 71 -52.77 -9.44 -58.54
CA PRO GA 71 -53.97 -9.76 -57.75
C PRO GA 71 -53.98 -9.10 -56.38
N SER GA 72 -52.94 -9.33 -55.58
CA SER GA 72 -52.90 -8.82 -54.22
C SER GA 72 -52.01 -7.59 -54.08
N GLU GA 73 -51.50 -7.10 -55.19
CA GLU GA 73 -50.60 -5.95 -55.18
C GLU GA 73 -51.26 -4.61 -54.79
N PRO GA 74 -52.44 -4.28 -55.37
CA PRO GA 74 -53.03 -2.98 -55.00
C PRO GA 74 -53.34 -2.86 -53.51
N GLU GA 75 -53.77 -3.96 -52.89
CA GLU GA 75 -54.08 -3.96 -51.47
C GLU GA 75 -52.82 -3.70 -50.64
N LYS GA 76 -51.71 -4.26 -51.09
CA LYS GA 76 -50.43 -4.09 -50.40
C LYS GA 76 -49.92 -2.67 -50.56
N VAL GA 77 -49.95 -2.15 -51.79
CA VAL GA 77 -49.48 -0.80 -52.06
C VAL GA 77 -50.25 0.24 -51.27
N THR GA 78 -51.58 0.10 -51.24
CA THR GA 78 -52.44 1.03 -50.53
C THR GA 78 -52.08 1.09 -49.04
N SER GA 79 -51.85 -0.08 -48.46
CA SER GA 79 -51.49 -0.17 -47.04
C SER GA 79 -50.17 0.53 -46.75
N ILE GA 80 -49.18 0.29 -47.60
CA ILE GA 80 -47.86 0.87 -47.42
C ILE GA 80 -47.86 2.38 -47.66
N VAL GA 81 -48.49 2.81 -48.75
CA VAL GA 81 -48.55 4.22 -49.11
C VAL GA 81 -49.27 5.03 -48.03
N THR GA 82 -50.40 4.52 -47.57
CA THR GA 82 -51.17 5.17 -46.51
C THR GA 82 -50.33 5.29 -45.24
N ALA GA 83 -49.66 4.21 -44.87
CA ALA GA 83 -48.78 4.20 -43.71
C ALA GA 83 -47.59 5.14 -43.91
N ALA GA 84 -47.15 5.27 -45.15
CA ALA GA 84 -46.02 6.14 -45.48
C ALA GA 84 -46.36 7.61 -45.27
N ILE GA 85 -47.50 8.02 -45.82
CA ILE GA 85 -47.96 9.40 -45.69
C ILE GA 85 -48.27 9.73 -44.23
N THR GA 86 -48.80 8.75 -43.51
CA THR GA 86 -49.18 8.94 -42.11
C THR GA 86 -47.98 9.29 -41.24
N ALA GA 87 -46.88 8.55 -41.42
CA ALA GA 87 -45.68 8.77 -40.61
C ALA GA 87 -44.92 10.01 -41.05
N VAL GA 88 -44.79 10.20 -42.36
CA VAL GA 88 -44.00 11.30 -42.91
C VAL GA 88 -44.73 12.65 -42.82
N CYS GA 89 -45.96 12.70 -43.31
CA CYS GA 89 -46.70 13.95 -43.39
C CYS GA 89 -47.56 14.22 -42.16
N GLY GA 90 -47.85 13.16 -41.40
CA GLY GA 90 -48.66 13.28 -40.20
C GLY GA 90 -50.15 13.24 -40.50
N ILE GA 91 -50.51 12.97 -41.75
CA ILE GA 91 -51.90 12.89 -42.15
C ILE GA 91 -52.52 11.56 -41.74
N VAL GA 92 -53.67 11.63 -41.06
CA VAL GA 92 -54.35 10.43 -40.59
C VAL GA 92 -54.76 9.53 -41.75
N ALA GA 93 -54.93 8.23 -41.45
CA ALA GA 93 -55.25 7.24 -42.47
C ALA GA 93 -56.61 7.49 -43.10
N ASP GA 94 -57.55 8.00 -42.31
CA ASP GA 94 -58.92 8.20 -42.78
C ASP GA 94 -59.04 9.42 -43.70
N ARG GA 95 -57.91 10.06 -43.98
CA ARG GA 95 -57.88 11.19 -44.90
C ARG GA 95 -56.82 11.00 -45.98
N ILE GA 96 -56.70 9.77 -46.47
CA ILE GA 96 -55.73 9.47 -47.52
C ILE GA 96 -56.34 8.63 -48.63
N PHE GA 97 -56.39 9.19 -49.84
CA PHE GA 97 -56.89 8.46 -51.00
C PHE GA 97 -55.74 7.92 -51.85
N VAL GA 98 -55.87 6.66 -52.28
CA VAL GA 98 -54.89 6.06 -53.18
C VAL GA 98 -55.61 5.47 -54.39
N LEU GA 99 -55.48 6.14 -55.53
CA LEU GA 99 -56.16 5.72 -56.75
C LEU GA 99 -55.22 5.00 -57.70
N TYR GA 100 -55.76 4.00 -58.40
CA TYR GA 100 -54.96 3.22 -59.33
C TYR GA 100 -55.49 3.31 -60.75
N PHE GA 101 -54.60 3.62 -61.69
CA PHE GA 101 -54.97 3.78 -63.09
C PHE GA 101 -54.05 2.94 -63.98
N SER GA 102 -54.47 2.72 -65.22
CA SER GA 102 -53.68 1.97 -66.18
C SER GA 102 -53.73 2.64 -67.55
N PRO GA 103 -52.61 3.23 -67.99
CA PRO GA 103 -52.54 3.94 -69.26
C PRO GA 103 -52.58 3.00 -70.47
N LEU GA 104 -53.15 3.48 -71.57
CA LEU GA 104 -53.23 2.70 -72.80
C LEU GA 104 -51.85 2.57 -73.43
N HIS GA 105 -51.06 3.65 -73.32
CA HIS GA 105 -49.70 3.65 -73.84
C HIS GA 105 -48.78 4.46 -72.93
N CYS GA 106 -47.50 4.12 -72.93
CA CYS GA 106 -46.51 4.82 -72.11
C CYS GA 106 -45.22 5.00 -72.89
N GLY GA 107 -44.70 6.23 -72.90
CA GLY GA 107 -43.51 6.55 -73.67
C GLY GA 107 -42.31 6.93 -72.82
N TRP GA 108 -41.13 6.49 -73.25
CA TRP GA 108 -39.88 6.83 -72.57
C TRP GA 108 -38.70 6.76 -73.55
N ASN GA 109 -37.78 7.71 -73.41
CA ASN GA 109 -36.61 7.81 -74.29
C ASN GA 109 -36.98 7.93 -75.76
N GLY GA 110 -38.12 8.55 -76.04
CA GLY GA 110 -38.55 8.77 -77.40
C GLY GA 110 -39.31 7.61 -78.01
N THR GA 111 -39.48 6.54 -77.25
CA THR GA 111 -40.15 5.35 -77.74
C THR GA 111 -41.22 4.87 -76.75
N ASN GA 112 -42.19 4.12 -77.25
CA ASN GA 112 -43.25 3.57 -76.41
C ASN GA 112 -42.89 2.19 -75.87
N PHE GA 113 -43.68 1.72 -74.90
CA PHE GA 113 -43.44 0.41 -74.30
C PHE GA 113 -44.61 -0.53 -74.54
N MET HA 1 16.33 43.21 -41.30
CA MET HA 1 14.94 43.65 -41.23
C MET HA 1 14.26 43.56 -42.59
N PRO HA 2 13.80 42.36 -42.95
CA PRO HA 2 13.15 42.12 -44.26
C PRO HA 2 11.67 42.52 -44.28
N VAL HA 3 11.19 42.88 -45.46
CA VAL HA 3 9.79 43.24 -45.66
C VAL HA 3 9.18 42.43 -46.79
N ILE HA 4 8.04 41.81 -46.54
CA ILE HA 4 7.39 40.95 -47.55
C ILE HA 4 5.98 41.44 -47.89
N GLN HA 5 5.82 41.97 -49.10
CA GLN HA 5 4.52 42.40 -49.59
C GLN HA 5 3.84 41.29 -50.39
N THR HA 6 2.56 41.07 -50.13
CA THR HA 6 1.81 40.02 -50.83
C THR HA 6 0.60 40.57 -51.57
N PHE HA 7 0.70 40.60 -52.90
CA PHE HA 7 -0.43 41.03 -53.74
C PHE HA 7 -1.14 39.83 -54.34
N VAL HA 8 -2.45 39.73 -54.08
CA VAL HA 8 -3.24 38.62 -54.60
C VAL HA 8 -4.55 39.12 -55.20
N SER HA 9 -5.04 38.40 -56.21
CA SER HA 9 -6.30 38.75 -56.85
C SER HA 9 -7.48 38.09 -56.14
N THR HA 10 -7.19 37.11 -55.30
CA THR HA 10 -8.21 36.41 -54.54
C THR HA 10 -8.35 37.00 -53.14
N PRO HA 11 -9.58 36.99 -52.60
CA PRO HA 11 -9.83 37.50 -51.24
C PRO HA 11 -9.07 36.69 -50.19
N LEU HA 12 -8.56 37.37 -49.17
CA LEU HA 12 -7.82 36.73 -48.10
C LEU HA 12 -8.47 36.96 -46.74
N ASP HA 13 -8.61 35.88 -45.96
CA ASP HA 13 -9.20 35.99 -44.63
C ASP HA 13 -8.13 35.87 -43.55
N HIS HA 14 -8.57 35.62 -42.32
CA HIS HA 14 -7.65 35.48 -41.19
C HIS HA 14 -6.78 34.22 -41.31
N HIS HA 15 -7.40 33.12 -41.71
CA HIS HA 15 -6.70 31.84 -41.79
C HIS HA 15 -5.58 31.87 -42.82
N LYS HA 16 -5.88 32.38 -44.01
CA LYS HA 16 -4.91 32.45 -45.09
C LYS HA 16 -3.77 33.40 -44.73
N ARG HA 17 -4.11 34.57 -44.21
CA ARG HA 17 -3.10 35.57 -43.85
C ARG HA 17 -2.21 35.08 -42.73
N LEU HA 18 -2.80 34.38 -41.76
CA LEU HA 18 -2.03 33.83 -40.65
C LEU HA 18 -1.08 32.74 -41.11
N LEU HA 19 -1.54 31.90 -42.04
CA LEU HA 19 -0.70 30.84 -42.58
C LEU HA 19 0.51 31.40 -43.32
N LEU HA 20 0.26 32.36 -44.21
CA LEU HA 20 1.33 33.00 -44.97
C LEU HA 20 2.27 33.77 -44.05
N ALA HA 21 1.73 34.27 -42.94
CA ALA HA 21 2.52 35.00 -41.96
C ALA HA 21 3.55 34.08 -41.32
N ILE HA 22 3.11 32.91 -40.87
CA ILE HA 22 4.00 31.93 -40.27
C ILE HA 22 5.00 31.41 -41.30
N ILE HA 23 4.54 31.25 -42.54
CA ILE HA 23 5.40 30.82 -43.63
C ILE HA 23 6.59 31.75 -43.82
N TYR HA 24 6.31 33.05 -43.93
CA TYR HA 24 7.35 34.05 -44.12
C TYR HA 24 8.31 34.08 -42.94
N ARG HA 25 7.78 33.78 -41.75
CA ARG HA 25 8.59 33.73 -40.54
C ARG HA 25 9.61 32.59 -40.60
N ILE HA 26 9.15 31.41 -41.02
CA ILE HA 26 10.02 30.24 -41.14
C ILE HA 26 11.07 30.46 -42.22
N VAL HA 27 10.66 31.06 -43.34
CA VAL HA 27 11.58 31.35 -44.44
C VAL HA 27 12.66 32.33 -43.99
N THR HA 28 12.25 33.32 -43.20
CA THR HA 28 13.18 34.34 -42.70
C THR HA 28 14.23 33.75 -41.77
N ARG HA 29 13.81 32.84 -40.90
CA ARG HA 29 14.70 32.27 -39.90
C ARG HA 29 15.58 31.16 -40.48
N VAL HA 30 14.99 30.26 -41.24
CA VAL HA 30 15.70 29.10 -41.76
C VAL HA 30 16.56 29.44 -42.98
N VAL HA 31 15.97 30.16 -43.94
CA VAL HA 31 16.66 30.45 -45.19
C VAL HA 31 17.41 31.77 -45.16
N LEU HA 32 16.71 32.85 -44.82
CA LEU HA 32 17.31 34.18 -44.83
C LEU HA 32 18.26 34.39 -43.66
N GLY HA 33 18.13 33.57 -42.62
CA GLY HA 33 18.97 33.66 -41.45
C GLY HA 33 18.75 34.94 -40.66
N LYS HA 34 17.50 35.38 -40.58
CA LYS HA 34 17.14 36.59 -39.86
C LYS HA 34 16.03 36.30 -38.85
N PRO HA 35 15.97 37.08 -37.76
CA PRO HA 35 14.93 36.89 -36.74
C PRO HA 35 13.51 37.01 -37.30
N GLU HA 36 12.66 36.04 -36.96
CA GLU HA 36 11.30 35.99 -37.49
C GLU HA 36 10.39 37.06 -36.87
N ASP HA 37 10.86 37.69 -35.81
CA ASP HA 37 10.11 38.75 -35.15
C ASP HA 37 10.40 40.11 -35.80
N LEU HA 38 11.41 40.14 -36.67
CA LEU HA 38 11.85 41.39 -37.28
C LEU HA 38 11.40 41.53 -38.74
N VAL HA 39 10.62 40.57 -39.23
CA VAL HA 39 10.13 40.64 -40.60
C VAL HA 39 8.71 41.22 -40.65
N MET HA 40 8.52 42.22 -41.51
CA MET HA 40 7.23 42.87 -41.66
C MET HA 40 6.50 42.37 -42.90
N MET HA 41 5.22 42.04 -42.73
CA MET HA 41 4.43 41.45 -43.81
C MET HA 41 3.15 42.24 -44.07
N THR HA 42 2.91 42.59 -45.33
CA THR HA 42 1.68 43.26 -45.72
C THR HA 42 0.90 42.42 -46.72
N PHE HA 43 -0.42 42.45 -46.63
CA PHE HA 43 -1.27 41.66 -47.51
C PHE HA 43 -2.28 42.52 -48.27
N HIS HA 44 -2.28 42.40 -49.59
CA HIS HA 44 -3.19 43.17 -50.44
C HIS HA 44 -4.10 42.25 -51.24
N ASP HA 45 -5.24 41.90 -50.66
CA ASP HA 45 -6.19 40.99 -51.30
C ASP HA 45 -7.17 41.73 -52.21
N SER HA 46 -7.86 40.97 -53.05
CA SER HA 46 -8.84 41.52 -53.99
C SER HA 46 -8.27 42.61 -54.87
N THR HA 47 -7.01 42.45 -55.27
CA THR HA 47 -6.33 43.43 -56.11
C THR HA 47 -6.61 43.20 -57.58
N PRO HA 48 -7.14 44.22 -58.27
CA PRO HA 48 -7.40 44.16 -59.71
C PRO HA 48 -6.12 43.94 -60.51
N MET HA 49 -5.91 42.72 -60.99
CA MET HA 49 -4.69 42.40 -61.71
C MET HA 49 -4.96 41.83 -63.10
N HIS HA 50 -3.96 41.88 -63.96
CA HIS HA 50 -4.06 41.36 -65.33
C HIS HA 50 -2.74 40.74 -65.75
N PHE HA 51 -2.79 39.48 -66.16
CA PHE HA 51 -1.57 38.75 -66.53
C PHE HA 51 -1.88 37.64 -67.53
N PHE HA 52 -0.98 37.47 -68.50
CA PHE HA 52 -1.11 36.45 -69.54
C PHE HA 52 -2.41 36.60 -70.32
N GLY HA 53 -2.86 37.84 -70.48
CA GLY HA 53 -4.05 38.12 -71.25
C GLY HA 53 -5.34 37.75 -70.54
N SER HA 54 -5.28 37.62 -69.22
CA SER HA 54 -6.44 37.27 -68.44
C SER HA 54 -6.41 37.88 -67.05
N THR HA 55 -7.58 38.02 -66.43
CA THR HA 55 -7.69 38.53 -65.07
C THR HA 55 -7.86 37.39 -64.09
N ASP HA 56 -7.45 36.20 -64.50
CA ASP HA 56 -7.51 35.00 -63.67
C ASP HA 56 -6.67 35.17 -62.40
N PRO HA 57 -6.99 34.40 -61.34
CA PRO HA 57 -6.25 34.43 -60.07
C PRO HA 57 -4.73 34.44 -60.26
N VAL HA 58 -4.09 35.50 -59.77
CA VAL HA 58 -2.67 35.70 -59.97
C VAL HA 58 -2.06 36.43 -58.76
N ALA HA 59 -0.85 36.05 -58.38
CA ALA HA 59 -0.22 36.62 -57.19
C ALA HA 59 1.14 37.25 -57.50
N CYS HA 60 1.48 38.30 -56.76
CA CYS HA 60 2.76 38.96 -56.88
C CYS HA 60 3.36 39.22 -55.50
N VAL HA 61 4.52 38.62 -55.23
CA VAL HA 61 5.16 38.75 -53.93
C VAL HA 61 6.44 39.57 -54.02
N ARG HA 62 6.58 40.54 -53.12
CA ARG HA 62 7.76 41.39 -53.09
C ARG HA 62 8.61 41.12 -51.84
N VAL HA 63 9.87 40.77 -52.06
CA VAL HA 63 10.79 40.51 -50.95
C VAL HA 63 11.91 41.54 -50.94
N GLU HA 64 12.03 42.25 -49.82
CA GLU HA 64 13.03 43.31 -49.69
C GLU HA 64 13.85 43.18 -48.41
N ALA HA 65 15.15 42.94 -48.57
CA ALA HA 65 16.05 42.79 -47.43
C ALA HA 65 17.33 43.59 -47.63
N LEU HA 66 17.70 44.38 -46.62
CA LEU HA 66 18.91 45.18 -46.68
C LEU HA 66 20.16 44.29 -46.61
N GLY HA 67 21.17 44.66 -47.37
CA GLY HA 67 22.42 43.91 -47.39
C GLY HA 67 22.43 42.84 -48.46
N GLY HA 68 21.33 42.73 -49.19
CA GLY HA 68 21.22 41.75 -50.26
C GLY HA 68 20.80 40.37 -49.79
N TYR HA 69 21.07 39.37 -50.61
CA TYR HA 69 20.71 37.99 -50.29
C TYR HA 69 21.90 37.06 -50.52
N GLY HA 70 21.80 35.85 -49.97
CA GLY HA 70 22.84 34.84 -50.15
C GLY HA 70 22.86 34.32 -51.57
N PRO HA 71 23.86 33.46 -51.88
CA PRO HA 71 24.02 32.88 -53.22
C PRO HA 71 22.84 32.02 -53.66
N SER HA 72 22.50 31.01 -52.86
CA SER HA 72 21.46 30.06 -53.24
C SER HA 72 20.14 30.34 -52.52
N GLU HA 73 20.10 31.44 -51.78
CA GLU HA 73 18.90 31.80 -51.03
C GLU HA 73 17.69 32.23 -51.89
N PRO HA 74 17.90 33.10 -52.90
CA PRO HA 74 16.73 33.52 -53.69
C PRO HA 74 16.01 32.35 -54.38
N GLU HA 75 16.76 31.36 -54.84
CA GLU HA 75 16.18 30.20 -55.49
C GLU HA 75 15.32 29.41 -54.50
N LYS HA 76 15.80 29.31 -53.27
CA LYS HA 76 15.08 28.59 -52.22
C LYS HA 76 13.81 29.32 -51.80
N VAL HA 77 13.93 30.63 -51.57
CA VAL HA 77 12.79 31.45 -51.15
C VAL HA 77 11.66 31.43 -52.18
N THR HA 78 12.02 31.58 -53.45
CA THR HA 78 11.04 31.58 -54.54
C THR HA 78 10.27 30.27 -54.60
N SER HA 79 10.98 29.17 -54.41
CA SER HA 79 10.37 27.84 -54.45
C SER HA 79 9.34 27.67 -53.32
N ILE HA 80 9.71 28.12 -52.12
CA ILE HA 80 8.84 28.00 -50.96
C ILE HA 80 7.62 28.91 -51.08
N VAL HA 81 7.85 30.16 -51.46
CA VAL HA 81 6.78 31.15 -51.59
C VAL HA 81 5.76 30.74 -52.65
N THR HA 82 6.26 30.31 -53.81
CA THR HA 82 5.39 29.86 -54.89
C THR HA 82 4.53 28.69 -54.46
N ALA HA 83 5.14 27.72 -53.80
CA ALA HA 83 4.42 26.57 -53.27
C ALA HA 83 3.43 27.00 -52.18
N ALA HA 84 3.80 28.04 -51.44
CA ALA HA 84 2.96 28.54 -50.36
C ALA HA 84 1.68 29.19 -50.91
N ILE HA 85 1.83 30.07 -51.89
CA ILE HA 85 0.70 30.75 -52.50
C ILE HA 85 -0.21 29.76 -53.23
N THR HA 86 0.41 28.76 -53.86
CA THR HA 86 -0.34 27.76 -54.62
C THR HA 86 -1.30 26.96 -53.74
N ALA HA 87 -0.82 26.52 -52.59
CA ALA HA 87 -1.63 25.71 -51.68
C ALA HA 87 -2.67 26.54 -50.94
N VAL HA 88 -2.26 27.73 -50.48
CA VAL HA 88 -3.13 28.57 -49.67
C VAL HA 88 -4.19 29.29 -50.50
N CYS HA 89 -3.76 29.98 -51.56
CA CYS HA 89 -4.67 30.81 -52.35
C CYS HA 89 -5.27 30.04 -53.53
N GLY HA 90 -4.65 28.94 -53.92
CA GLY HA 90 -5.15 28.15 -55.03
C GLY HA 90 -4.68 28.66 -56.38
N ILE HA 91 -3.78 29.64 -56.37
CA ILE HA 91 -3.24 30.22 -57.59
C ILE HA 91 -2.14 29.33 -58.16
N VAL HA 92 -2.25 29.01 -59.45
CA VAL HA 92 -1.28 28.14 -60.12
C VAL HA 92 0.13 28.74 -60.09
N ALA HA 93 1.13 27.87 -60.19
CA ALA HA 93 2.53 28.28 -60.10
C ALA HA 93 2.94 29.19 -61.24
N ASP HA 94 2.36 28.98 -62.42
CA ASP HA 94 2.72 29.74 -63.61
C ASP HA 94 2.15 31.15 -63.58
N ARG HA 95 1.47 31.50 -62.49
CA ARG HA 95 0.92 32.84 -62.32
C ARG HA 95 1.34 33.42 -60.98
N ILE HA 96 2.59 33.20 -60.60
CA ILE HA 96 3.13 33.72 -59.34
C ILE HA 96 4.49 34.38 -59.55
N PHE HA 97 4.56 35.68 -59.29
CA PHE HA 97 5.82 36.42 -59.39
C PHE HA 97 6.45 36.65 -58.02
N VAL HA 98 7.77 36.45 -57.95
CA VAL HA 98 8.52 36.73 -56.73
C VAL HA 98 9.71 37.64 -57.03
N LEU HA 99 9.59 38.90 -56.65
CA LEU HA 99 10.62 39.90 -56.95
C LEU HA 99 11.49 40.19 -55.73
N TYR HA 100 12.77 40.44 -55.98
CA TYR HA 100 13.72 40.71 -54.89
C TYR HA 100 14.38 42.08 -55.01
N PHE HA 101 14.34 42.84 -53.92
CA PHE HA 101 14.92 44.17 -53.89
C PHE HA 101 15.84 44.35 -52.69
N SER HA 102 16.69 45.38 -52.74
CA SER HA 102 17.60 45.68 -51.64
C SER HA 102 17.66 47.17 -51.38
N PRO HA 103 17.11 47.62 -50.24
CA PRO HA 103 17.07 49.04 -49.89
C PRO HA 103 18.44 49.59 -49.51
N LEU HA 104 18.66 50.86 -49.78
CA LEU HA 104 19.92 51.52 -49.44
C LEU HA 104 20.02 51.73 -47.93
N HIS HA 105 18.88 52.02 -47.31
CA HIS HA 105 18.82 52.20 -45.87
C HIS HA 105 17.50 51.68 -45.31
N CYS HA 106 17.51 51.25 -44.05
CA CYS HA 106 16.32 50.73 -43.39
C CYS HA 106 16.23 51.24 -41.95
N GLY HA 107 15.07 51.73 -41.57
CA GLY HA 107 14.88 52.30 -40.25
C GLY HA 107 13.92 51.52 -39.37
N TRP HA 108 14.25 51.45 -38.08
CA TRP HA 108 13.41 50.78 -37.10
C TRP HA 108 13.66 51.36 -35.70
N ASN HA 109 12.58 51.52 -34.94
CA ASN HA 109 12.64 52.10 -33.60
C ASN HA 109 13.25 53.50 -33.60
N GLY HA 110 13.08 54.21 -34.70
CA GLY HA 110 13.54 55.58 -34.82
C GLY HA 110 14.99 55.74 -35.24
N THR HA 111 15.68 54.61 -35.43
CA THR HA 111 17.09 54.64 -35.81
C THR HA 111 17.39 53.69 -36.97
N ASN HA 112 18.47 53.99 -37.69
CA ASN HA 112 18.90 53.15 -38.80
C ASN HA 112 19.89 52.08 -38.34
N PHE HA 113 20.16 51.11 -39.21
CA PHE HA 113 21.09 50.03 -38.88
C PHE HA 113 22.29 50.05 -39.82
N MET IA 1 -27.98 52.99 6.23
CA MET IA 1 -28.04 52.59 4.83
C MET IA 1 -29.47 52.66 4.29
N PRO IA 2 -29.91 53.87 3.91
CA PRO IA 2 -31.27 54.08 3.41
C PRO IA 2 -31.43 53.70 1.94
N VAL IA 3 -32.65 53.32 1.54
CA VAL IA 3 -32.94 52.97 0.16
C VAL IA 3 -34.13 53.77 -0.35
N ILE IA 4 -33.97 54.40 -1.51
CA ILE IA 4 -35.03 55.24 -2.07
C ILE IA 4 -35.46 54.76 -3.46
N GLN IA 5 -36.66 54.22 -3.55
CA GLN IA 5 -37.23 53.80 -4.84
C GLN IA 5 -38.08 54.92 -5.42
N THR IA 6 -37.92 55.18 -6.71
CA THR IA 6 -38.67 56.23 -7.38
C THR IA 6 -39.50 55.67 -8.53
N PHE IA 7 -40.81 55.60 -8.32
CA PHE IA 7 -41.73 55.15 -9.36
C PHE IA 7 -42.41 56.33 -10.03
N VAL IA 8 -42.26 56.43 -11.34
CA VAL IA 8 -42.86 57.53 -12.09
C VAL IA 8 -43.57 57.02 -13.34
N SER IA 9 -44.63 57.72 -13.75
CA SER IA 9 -45.37 57.37 -14.95
C SER IA 9 -44.74 58.04 -16.17
N THR IA 10 -43.89 59.03 -15.92
CA THR IA 10 -43.21 59.76 -16.97
C THR IA 10 -41.82 59.18 -17.23
N PRO IA 11 -41.37 59.20 -18.50
CA PRO IA 11 -40.04 58.71 -18.88
C PRO IA 11 -38.92 59.52 -18.22
N LEU IA 12 -37.86 58.83 -17.81
CA LEU IA 12 -36.71 59.49 -17.18
C LEU IA 12 -35.44 59.25 -17.98
N ASP IA 13 -34.67 60.31 -18.19
CA ASP IA 13 -33.40 60.21 -18.91
C ASP IA 13 -32.22 60.31 -17.95
N HIS IA 14 -31.04 60.56 -18.50
CA HIS IA 14 -29.84 60.69 -17.69
C HIS IA 14 -29.90 61.93 -16.81
N HIS IA 15 -30.37 63.03 -17.38
CA HIS IA 15 -30.42 64.31 -16.68
C HIS IA 15 -31.35 64.28 -15.47
N LYS IA 16 -32.56 63.78 -15.68
CA LYS IA 16 -33.56 63.72 -14.62
C LYS IA 16 -33.14 62.77 -13.50
N ARG IA 17 -32.67 61.58 -13.87
CA ARG IA 17 -32.25 60.59 -12.89
C ARG IA 17 -31.02 61.05 -12.10
N LEU IA 18 -30.11 61.75 -12.77
CA LEU IA 18 -28.93 62.28 -12.10
C LEU IA 18 -29.31 63.37 -11.11
N LEU IA 19 -30.27 64.21 -11.50
CA LEU IA 19 -30.76 65.28 -10.65
C LEU IA 19 -31.39 64.74 -9.37
N LEU IA 20 -32.30 63.78 -9.53
CA LEU IA 20 -32.97 63.15 -8.39
C LEU IA 20 -31.97 62.41 -7.51
N ALA IA 21 -30.91 61.90 -8.12
CA ALA IA 21 -29.88 61.19 -7.39
C ALA IA 21 -29.16 62.12 -6.43
N ILE IA 22 -28.75 63.29 -6.91
CA ILE IA 22 -28.06 64.27 -6.09
C ILE IA 22 -28.98 64.80 -4.99
N ILE IA 23 -30.24 64.97 -5.32
CA ILE IA 23 -31.24 65.42 -4.35
C ILE IA 23 -31.32 64.46 -3.17
N TYR IA 24 -31.49 63.17 -3.46
CA TYR IA 24 -31.59 62.15 -2.43
C TYR IA 24 -30.31 62.07 -1.60
N ARG IA 25 -29.18 62.36 -2.23
CA ARG IA 25 -27.89 62.39 -1.54
C ARG IA 25 -27.84 63.51 -0.51
N ILE IA 26 -28.28 64.70 -0.91
CA ILE IA 26 -28.29 65.85 0.00
C ILE IA 26 -29.29 65.64 1.14
N VAL IA 27 -30.44 65.08 0.81
CA VAL IA 27 -31.48 64.80 1.80
C VAL IA 27 -30.95 63.80 2.83
N THR IA 28 -30.22 62.80 2.35
CA THR IA 28 -29.67 61.76 3.21
C THR IA 28 -28.64 62.34 4.20
N ARG IA 29 -27.80 63.25 3.71
CA ARG IA 29 -26.74 63.82 4.51
C ARG IA 29 -27.23 64.92 5.46
N VAL IA 30 -28.05 65.82 4.92
CA VAL IA 30 -28.51 66.99 5.69
C VAL IA 30 -29.65 66.65 6.65
N VAL IA 31 -30.65 65.93 6.14
CA VAL IA 31 -31.84 65.65 6.93
C VAL IA 31 -31.73 64.32 7.69
N LEU IA 32 -31.45 63.25 6.97
CA LEU IA 32 -31.40 61.92 7.57
C LEU IA 32 -30.15 61.72 8.43
N GLY IA 33 -29.13 62.54 8.20
CA GLY IA 33 -27.89 62.46 8.94
C GLY IA 33 -27.12 61.19 8.66
N LYS IA 34 -27.17 60.74 7.41
CA LYS IA 34 -26.48 59.53 7.00
C LYS IA 34 -25.58 59.83 5.79
N PRO IA 35 -24.50 59.05 5.63
CA PRO IA 35 -23.59 59.26 4.49
C PRO IA 35 -24.28 59.12 3.13
N GLU IA 36 -24.06 60.08 2.26
CA GLU IA 36 -24.72 60.12 0.95
C GLU IA 36 -24.18 59.05 0.00
N ASP IA 37 -23.05 58.46 0.37
CA ASP IA 37 -22.45 57.40 -0.43
C ASP IA 37 -23.04 56.04 -0.07
N LEU IA 38 -23.79 56.00 1.02
CA LEU IA 38 -24.34 54.74 1.52
C LEU IA 38 -25.82 54.56 1.22
N VAL IA 39 -26.40 55.53 0.51
CA VAL IA 39 -27.81 55.44 0.11
C VAL IA 39 -27.94 54.87 -1.29
N MET IA 40 -28.76 53.85 -1.46
CA MET IA 40 -28.95 53.21 -2.75
C MET IA 40 -30.26 53.70 -3.39
N MET IA 41 -30.19 54.07 -4.66
CA MET IA 41 -31.34 54.65 -5.35
C MET IA 41 -31.69 53.91 -6.63
N THR IA 42 -32.96 53.54 -6.77
CA THR IA 42 -33.45 52.89 -7.98
C THR IA 42 -34.53 53.74 -8.64
N PHE IA 43 -34.56 53.73 -9.96
CA PHE IA 43 -35.53 54.53 -10.71
C PHE IA 43 -36.36 53.65 -11.64
N HIS IA 44 -37.68 53.75 -11.50
CA HIS IA 44 -38.59 52.96 -12.33
C HIS IA 44 -39.50 53.87 -13.15
N ASP IA 45 -39.05 54.24 -14.35
CA ASP IA 45 -39.80 55.15 -15.20
C ASP IA 45 -40.78 54.41 -16.11
N SER IA 46 -41.70 55.17 -16.70
CA SER IA 46 -42.72 54.65 -17.61
C SER IA 46 -43.55 53.52 -16.98
N THR IA 47 -43.85 53.67 -15.70
CA THR IA 47 -44.63 52.66 -14.98
C THR IA 47 -46.13 52.88 -15.14
N PRO IA 48 -46.85 51.87 -15.63
CA PRO IA 48 -48.31 51.92 -15.77
C PRO IA 48 -49.01 52.08 -14.42
N MET IA 49 -49.49 53.29 -14.13
CA MET IA 49 -50.10 53.58 -12.85
C MET IA 49 -51.51 54.16 -13.00
N HIS IA 50 -52.28 54.08 -11.92
CA HIS IA 50 -53.65 54.60 -11.90
C HIS IA 50 -53.97 55.22 -10.55
N PHE IA 51 -54.37 56.49 -10.55
CA PHE IA 51 -54.64 57.21 -9.32
C PHE IA 51 -55.65 58.34 -9.53
N PHE IA 52 -56.53 58.51 -8.54
CA PHE IA 52 -57.57 59.55 -8.58
C PHE IA 52 -58.48 59.43 -9.80
N GLY IA 53 -58.70 58.20 -10.24
CA GLY IA 53 -59.60 57.93 -11.36
C GLY IA 53 -59.01 58.33 -12.70
N SER IA 54 -57.69 58.43 -12.76
CA SER IA 54 -57.01 58.81 -14.00
C SER IA 54 -55.63 58.18 -14.11
N THR IA 55 -55.14 58.07 -15.34
CA THR IA 55 -53.81 57.54 -15.58
C THR IA 55 -52.83 58.69 -15.81
N ASP IA 56 -53.20 59.87 -15.31
CA ASP IA 56 -52.37 61.06 -15.41
C ASP IA 56 -51.02 60.86 -14.71
N PRO IA 57 -50.00 61.65 -15.10
CA PRO IA 57 -48.67 61.61 -14.49
C PRO IA 57 -48.70 61.56 -12.97
N VAL IA 58 -48.16 60.50 -12.40
CA VAL IA 58 -48.22 60.27 -10.97
C VAL IA 58 -46.95 59.57 -10.47
N ALA IA 59 -46.48 59.94 -9.29
CA ALA IA 59 -45.24 59.40 -8.76
C ALA IA 59 -45.43 58.76 -7.39
N CYS IA 60 -44.65 57.72 -7.12
CA CYS IA 60 -44.65 57.05 -5.82
C CYS IA 60 -43.22 56.80 -5.34
N VAL IA 61 -42.86 57.39 -4.21
CA VAL IA 61 -41.51 57.28 -3.69
C VAL IA 61 -41.49 56.43 -2.41
N ARG IA 62 -40.58 55.46 -2.37
CA ARG IA 62 -40.44 54.58 -1.22
C ARG IA 62 -39.13 54.84 -0.48
N VAL IA 63 -39.24 55.18 0.81
CA VAL IA 63 -38.06 55.44 1.64
C VAL IA 63 -37.93 54.39 2.73
N GLU IA 64 -36.79 53.71 2.75
CA GLU IA 64 -36.56 52.64 3.72
C GLU IA 64 -35.23 52.80 4.45
N ALA IA 65 -35.29 53.04 5.76
CA ALA IA 65 -34.08 53.20 6.57
C ALA IA 65 -34.17 52.40 7.86
N LEU IA 66 -33.13 51.64 8.15
CA LEU IA 66 -33.08 50.84 9.37
C LEU IA 66 -32.93 51.72 10.59
N GLY IA 67 -33.61 51.34 11.67
CA GLY IA 67 -33.54 52.10 12.92
C GLY IA 67 -34.61 53.16 13.03
N GLY IA 68 -35.44 53.26 12.00
CA GLY IA 68 -36.52 54.23 11.98
C GLY IA 68 -36.10 55.61 11.52
N TYR IA 69 -36.90 56.62 11.85
CA TYR IA 69 -36.61 57.99 11.45
C TYR IA 69 -36.70 58.95 12.64
N GLY IA 70 -36.15 60.14 12.46
CA GLY IA 70 -36.22 61.18 13.48
C GLY IA 70 -37.62 61.73 13.64
N PRO IA 71 -37.81 62.62 14.63
CA PRO IA 71 -39.12 63.23 14.91
C PRO IA 71 -39.66 64.07 13.75
N SER IA 72 -38.87 65.05 13.30
CA SER IA 72 -39.33 65.97 12.26
C SER IA 72 -38.76 65.65 10.89
N GLU IA 73 -38.04 64.53 10.80
CA GLU IA 73 -37.40 64.13 9.54
C GLU IA 73 -38.39 63.71 8.44
N PRO IA 74 -39.39 62.85 8.74
CA PRO IA 74 -40.30 62.45 7.66
C PRO IA 74 -41.03 63.63 7.01
N GLU IA 75 -41.41 64.62 7.83
CA GLU IA 75 -42.09 65.81 7.33
C GLU IA 75 -41.18 66.60 6.39
N LYS IA 76 -39.90 66.68 6.75
CA LYS IA 76 -38.93 67.41 5.95
C LYS IA 76 -38.63 66.70 4.63
N VAL IA 77 -38.39 65.40 4.70
CA VAL IA 77 -38.08 64.60 3.53
C VAL IA 77 -39.22 64.63 2.51
N THR IA 78 -40.45 64.48 3.01
CA THR IA 78 -41.63 64.48 2.16
C THR IA 78 -41.77 65.79 1.38
N SER IA 79 -41.53 66.91 2.07
CA SER IA 79 -41.62 68.23 1.45
C SER IA 79 -40.58 68.39 0.34
N ILE IA 80 -39.35 67.97 0.60
CA ILE IA 80 -38.27 68.09 -0.36
C ILE IA 80 -38.44 67.17 -1.56
N VAL IA 81 -38.76 65.90 -1.28
CA VAL IA 81 -38.94 64.91 -2.34
C VAL IA 81 -40.07 65.27 -3.28
N THR IA 82 -41.22 65.66 -2.72
CA THR IA 82 -42.37 66.07 -3.51
C THR IA 82 -42.04 67.25 -4.41
N ALA IA 83 -41.38 68.25 -3.83
CA ALA IA 83 -40.95 69.44 -4.58
C ALA IA 83 -39.91 69.08 -5.64
N ALA IA 84 -39.09 68.08 -5.33
CA ALA IA 84 -38.06 67.63 -6.27
C ALA IA 84 -38.68 66.99 -7.51
N ILE IA 85 -39.61 66.06 -7.29
CA ILE IA 85 -40.29 65.38 -8.38
C ILE IA 85 -41.13 66.37 -9.17
N THR IA 86 -41.71 67.34 -8.47
CA THR IA 86 -42.56 68.36 -9.09
C THR IA 86 -41.77 69.20 -10.09
N ALA IA 87 -40.58 69.64 -9.69
CA ALA IA 87 -39.75 70.48 -10.55
C ALA IA 87 -39.08 69.68 -11.66
N VAL IA 88 -38.58 68.50 -11.32
CA VAL IA 88 -37.83 67.69 -12.27
C VAL IA 88 -38.74 66.97 -13.27
N CYS IA 89 -39.73 66.25 -12.76
CA CYS IA 89 -40.59 65.42 -13.60
C CYS IA 89 -41.84 66.15 -14.08
N GLY IA 90 -42.19 67.25 -13.41
CA GLY IA 90 -43.36 68.02 -13.78
C GLY IA 90 -44.65 67.47 -13.21
N ILE IA 91 -44.53 66.46 -12.35
CA ILE IA 91 -45.69 65.84 -11.72
C ILE IA 91 -46.21 66.69 -10.57
N VAL IA 92 -47.50 66.99 -10.59
CA VAL IA 92 -48.11 67.81 -9.55
C VAL IA 92 -47.99 67.18 -8.17
N ALA IA 93 -48.02 68.02 -7.13
CA ALA IA 93 -47.84 67.57 -5.76
C ALA IA 93 -48.97 66.65 -5.30
N ASP IA 94 -50.17 66.90 -5.79
CA ASP IA 94 -51.35 66.15 -5.36
C ASP IA 94 -51.40 64.75 -5.96
N ARG IA 95 -50.39 64.40 -6.76
CA ARG IA 95 -50.29 63.08 -7.34
C ARG IA 95 -48.92 62.48 -7.04
N ILE IA 96 -48.43 62.70 -5.83
CA ILE IA 96 -47.14 62.17 -5.40
C ILE IA 96 -47.23 61.53 -4.02
N PHE IA 97 -47.01 60.22 -3.96
CA PHE IA 97 -47.00 59.51 -2.69
C PHE IA 97 -45.57 59.28 -2.19
N VAL IA 98 -45.35 59.51 -0.91
CA VAL IA 98 -44.04 59.24 -0.30
C VAL IA 98 -44.23 58.37 0.92
N LEU IA 99 -43.89 57.09 0.79
CA LEU IA 99 -44.09 56.13 1.88
C LEU IA 99 -42.78 55.85 2.61
N TYR IA 100 -42.88 55.62 3.91
CA TYR IA 100 -41.70 55.38 4.74
C TYR IA 100 -41.78 54.02 5.42
N PHE IA 101 -40.71 53.24 5.30
CA PHE IA 101 -40.65 51.91 5.91
C PHE IA 101 -39.36 51.75 6.72
N SER IA 102 -39.35 50.73 7.58
CA SER IA 102 -38.17 50.43 8.38
C SER IA 102 -37.92 48.92 8.43
N PRO IA 103 -36.83 48.48 7.80
CA PRO IA 103 -36.49 47.05 7.74
C PRO IA 103 -36.00 46.52 9.07
N LEU IA 104 -36.25 45.24 9.34
CA LEU IA 104 -35.80 44.62 10.58
C LEU IA 104 -34.29 44.44 10.57
N HIS IA 105 -33.75 44.13 9.39
CA HIS IA 105 -32.31 43.97 9.23
C HIS IA 105 -31.87 44.49 7.86
N CYS IA 106 -30.61 44.93 7.79
CA CYS IA 106 -30.06 45.46 6.54
C CYS IA 106 -28.64 44.96 6.34
N GLY IA 107 -28.36 44.45 5.14
CA GLY IA 107 -27.07 43.88 4.84
C GLY IA 107 -26.29 44.63 3.78
N TRP IA 108 -24.97 44.71 3.98
CA TRP IA 108 -24.08 45.34 3.01
C TRP IA 108 -22.67 44.76 3.13
N ASN IA 109 -22.03 44.56 1.99
CA ASN IA 109 -20.69 43.96 1.92
C ASN IA 109 -20.65 42.58 2.56
N GLY IA 110 -21.77 41.86 2.51
CA GLY IA 110 -21.84 40.51 3.03
C GLY IA 110 -22.14 40.42 4.52
N THR IA 111 -22.30 41.57 5.16
CA THR IA 111 -22.56 41.61 6.60
C THR IA 111 -23.72 42.56 6.92
N ASN IA 112 -24.35 42.33 8.07
CA ASN IA 112 -25.46 43.17 8.51
C ASN IA 112 -25.00 44.34 9.35
N PHE IA 113 -25.90 45.29 9.59
CA PHE IA 113 -25.58 46.47 10.39
C PHE IA 113 -26.44 46.53 11.65
N MET JA 1 -56.16 96.99 -49.23
CA MET JA 1 -55.88 95.58 -49.00
C MET JA 1 -55.27 94.92 -50.23
N PRO JA 2 -53.95 95.11 -50.41
CA PRO JA 2 -53.23 94.56 -51.57
C PRO JA 2 -52.86 93.09 -51.41
N VAL JA 3 -52.75 92.39 -52.53
CA VAL JA 3 -52.36 90.98 -52.54
C VAL JA 3 -51.18 90.76 -53.47
N ILE JA 4 -50.12 90.12 -52.97
CA ILE JA 4 -48.92 89.90 -53.76
C ILE JA 4 -48.58 88.42 -53.91
N GLN JA 5 -48.74 87.89 -55.11
CA GLN JA 5 -48.38 86.51 -55.40
C GLN JA 5 -46.97 86.43 -55.97
N THR JA 6 -46.18 85.48 -55.46
CA THR JA 6 -44.81 85.31 -55.92
C THR JA 6 -44.57 83.92 -56.48
N PHE JA 7 -44.42 83.84 -57.80
CA PHE JA 7 -44.13 82.58 -58.48
C PHE JA 7 -42.64 82.49 -58.81
N VAL JA 8 -41.98 81.45 -58.32
CA VAL JA 8 -40.56 81.27 -58.58
C VAL JA 8 -40.25 79.84 -59.02
N SER JA 9 -39.22 79.69 -59.84
CA SER JA 9 -38.79 78.38 -60.32
C SER JA 9 -37.78 77.78 -59.36
N THR JA 10 -37.23 78.61 -58.48
CA THR JA 10 -36.26 78.17 -57.50
C THR JA 10 -36.94 77.85 -56.17
N PRO JA 11 -36.43 76.85 -55.45
CA PRO JA 11 -36.98 76.48 -54.14
C PRO JA 11 -36.87 77.60 -53.12
N LEU JA 12 -37.90 77.76 -52.29
CA LEU JA 12 -37.91 78.79 -51.27
C LEU JA 12 -38.04 78.19 -49.88
N ASP JA 13 -37.21 78.65 -48.95
CA ASP JA 13 -37.26 78.18 -47.57
C ASP JA 13 -37.89 79.25 -46.67
N HIS JA 14 -37.69 79.10 -45.36
CA HIS JA 14 -38.22 80.04 -44.40
C HIS JA 14 -37.56 81.42 -44.53
N HIS JA 15 -36.24 81.41 -44.69
CA HIS JA 15 -35.46 82.64 -44.76
C HIS JA 15 -35.82 83.50 -45.98
N LYS JA 16 -35.87 82.87 -47.15
CA LYS JA 16 -36.17 83.59 -48.38
C LYS JA 16 -37.58 84.16 -48.38
N ARG JA 17 -38.56 83.35 -47.97
CA ARG JA 17 -39.94 83.78 -47.94
C ARG JA 17 -40.17 84.89 -46.93
N LEU JA 18 -39.49 84.81 -45.79
CA LEU JA 18 -39.59 85.84 -44.77
C LEU JA 18 -39.01 87.16 -45.25
N LEU JA 19 -37.89 87.08 -45.98
CA LEU JA 19 -37.24 88.25 -46.55
C LEU JA 19 -38.17 88.97 -47.53
N LEU JA 20 -38.73 88.22 -48.47
CA LEU JA 20 -39.65 88.78 -49.44
C LEU JA 20 -40.91 89.33 -48.78
N ALA JA 21 -41.29 88.73 -47.66
CA ALA JA 21 -42.46 89.17 -46.90
C ALA JA 21 -42.26 90.58 -46.33
N ILE JA 22 -41.12 90.79 -45.68
CA ILE JA 22 -40.80 92.10 -45.10
C ILE JA 22 -40.63 93.16 -46.19
N ILE JA 23 -40.03 92.77 -47.31
CA ILE JA 23 -39.86 93.65 -48.46
C ILE JA 23 -41.21 94.19 -48.95
N TYR JA 24 -42.14 93.27 -49.19
CA TYR JA 24 -43.47 93.63 -49.67
C TYR JA 24 -44.19 94.54 -48.68
N ARG JA 25 -43.92 94.33 -47.39
CA ARG JA 25 -44.51 95.16 -46.34
C ARG JA 25 -44.02 96.60 -46.44
N ILE JA 26 -42.71 96.76 -46.62
CA ILE JA 26 -42.12 98.10 -46.74
C ILE JA 26 -42.62 98.79 -48.00
N VAL JA 27 -42.71 98.04 -49.09
CA VAL JA 27 -43.22 98.56 -50.35
C VAL JA 27 -44.67 99.01 -50.19
N THR JA 28 -45.44 98.21 -49.44
CA THR JA 28 -46.85 98.50 -49.21
C THR JA 28 -47.05 99.79 -48.42
N ARG JA 29 -46.22 99.98 -47.40
CA ARG JA 29 -46.36 101.14 -46.51
C ARG JA 29 -45.75 102.41 -47.10
N VAL JA 30 -44.53 102.29 -47.63
CA VAL JA 30 -43.80 103.45 -48.13
C VAL JA 30 -44.27 103.88 -49.52
N VAL JA 31 -44.39 102.93 -50.43
CA VAL JA 31 -44.71 103.24 -51.82
C VAL JA 31 -46.22 103.22 -52.09
N LEU JA 32 -46.86 102.09 -51.76
CA LEU JA 32 -48.27 101.92 -52.05
C LEU JA 32 -49.15 102.74 -51.13
N GLY JA 33 -48.60 103.16 -49.99
CA GLY JA 33 -49.32 103.96 -49.03
C GLY JA 33 -50.46 103.20 -48.37
N LYS JA 34 -50.24 101.92 -48.12
CA LYS JA 34 -51.24 101.07 -47.49
C LYS JA 34 -50.65 100.38 -46.27
N PRO JA 35 -51.49 100.04 -45.28
CA PRO JA 35 -51.02 99.36 -44.06
C PRO JA 35 -50.33 98.02 -44.37
N GLU JA 36 -49.15 97.83 -43.79
CA GLU JA 36 -48.35 96.62 -44.04
C GLU JA 36 -48.94 95.38 -43.38
N ASP JA 37 -49.90 95.59 -42.47
CA ASP JA 37 -50.56 94.48 -41.79
C ASP JA 37 -51.76 93.98 -42.60
N LEU JA 38 -52.14 94.73 -43.63
CA LEU JA 38 -53.32 94.41 -44.41
C LEU JA 38 -52.98 93.82 -45.78
N VAL JA 39 -51.70 93.59 -46.04
CA VAL JA 39 -51.27 93.01 -47.30
C VAL JA 39 -51.09 91.50 -47.18
N MET JA 40 -51.69 90.76 -48.10
CA MET JA 40 -51.61 89.30 -48.10
C MET JA 40 -50.58 88.82 -49.12
N MET JA 41 -49.71 87.92 -48.69
CA MET JA 41 -48.63 87.44 -49.55
C MET JA 41 -48.63 85.91 -49.66
N THR JA 42 -48.60 85.42 -50.89
CA THR JA 42 -48.53 83.98 -51.13
C THR JA 42 -47.25 83.64 -51.91
N PHE JA 43 -46.66 82.50 -51.59
CA PHE JA 43 -45.42 82.09 -52.24
C PHE JA 43 -45.55 80.71 -52.89
N HIS JA 44 -45.25 80.65 -54.18
CA HIS JA 44 -45.33 79.40 -54.92
C HIS JA 44 -43.95 79.01 -55.48
N ASP JA 45 -43.19 78.28 -54.68
CA ASP JA 45 -41.84 77.89 -55.05
C ASP JA 45 -41.81 76.59 -55.86
N SER JA 46 -40.66 76.32 -56.47
CA SER JA 46 -40.47 75.12 -57.28
C SER JA 46 -41.52 74.98 -58.38
N THR JA 47 -41.91 76.11 -58.96
CA THR JA 47 -42.94 76.12 -60.01
C THR JA 47 -42.32 75.85 -61.37
N PRO JA 48 -42.81 74.81 -62.06
CA PRO JA 48 -42.35 74.49 -63.42
C PRO JA 48 -42.67 75.62 -64.39
N MET JA 49 -41.65 76.39 -64.77
CA MET JA 49 -41.85 77.54 -65.64
C MET JA 49 -40.97 77.47 -66.88
N HIS JA 50 -41.36 78.23 -67.91
CA HIS JA 50 -40.60 78.29 -69.15
C HIS JA 50 -40.64 79.70 -69.73
N PHE JA 51 -39.46 80.26 -69.95
CA PHE JA 51 -39.36 81.64 -70.45
C PHE JA 51 -38.06 81.84 -71.22
N PHE JA 52 -38.15 82.62 -72.31
CA PHE JA 52 -37.00 82.91 -73.16
C PHE JA 52 -36.35 81.64 -73.71
N GLY JA 53 -37.17 80.63 -73.94
CA GLY JA 53 -36.71 79.37 -74.52
C GLY JA 53 -35.90 78.52 -73.56
N SER JA 54 -36.09 78.75 -72.27
CA SER JA 54 -35.36 77.99 -71.25
C SER JA 54 -36.17 77.82 -69.97
N THR JA 55 -35.83 76.81 -69.19
CA THR JA 55 -36.47 76.57 -67.89
C THR JA 55 -35.58 77.09 -66.78
N ASP JA 56 -34.68 78.01 -67.13
CA ASP JA 56 -33.78 78.65 -66.18
C ASP JA 56 -34.56 79.39 -65.10
N PRO JA 57 -33.94 79.62 -63.92
CA PRO JA 57 -34.56 80.36 -62.82
C PRO JA 57 -35.29 81.63 -63.28
N VAL JA 58 -36.58 81.68 -63.02
CA VAL JA 58 -37.44 82.75 -63.51
C VAL JA 58 -38.56 83.04 -62.51
N ALA JA 59 -38.91 84.31 -62.34
CA ALA JA 59 -39.91 84.71 -61.36
C ALA JA 59 -41.05 85.50 -61.97
N CYS JA 60 -42.24 85.33 -61.41
CA CYS JA 60 -43.42 86.08 -61.83
C CYS JA 60 -44.18 86.61 -60.61
N VAL JA 61 -44.27 87.93 -60.49
CA VAL JA 61 -44.92 88.54 -59.34
C VAL JA 61 -46.23 89.21 -59.73
N ARG JA 62 -47.29 88.93 -58.98
CA ARG JA 62 -48.60 89.50 -59.25
C ARG JA 62 -49.00 90.49 -58.15
N VAL JA 63 -49.27 91.73 -58.56
CA VAL JA 63 -49.69 92.76 -57.62
C VAL JA 63 -51.11 93.21 -57.91
N GLU JA 64 -51.98 93.08 -56.91
CA GLU JA 64 -53.40 93.42 -57.08
C GLU JA 64 -53.89 94.35 -55.97
N ALA JA 65 -54.27 95.56 -56.36
CA ALA JA 65 -54.79 96.54 -55.41
C ALA JA 65 -56.05 97.22 -55.94
N LEU JA 66 -57.09 97.26 -55.10
CA LEU JA 66 -58.35 97.89 -55.48
C LEU JA 66 -58.19 99.40 -55.59
N GLY JA 67 -58.86 99.99 -56.57
CA GLY JA 67 -58.81 101.42 -56.78
C GLY JA 67 -57.70 101.85 -57.72
N GLY JA 68 -56.95 100.87 -58.22
CA GLY JA 68 -55.86 101.14 -59.13
C GLY JA 68 -54.57 101.50 -58.40
N TYR JA 69 -53.66 102.14 -59.12
CA TYR JA 69 -52.37 102.53 -58.55
C TYR JA 69 -52.06 104.00 -58.81
N GLY JA 70 -51.08 104.52 -58.07
CA GLY JA 70 -50.64 105.89 -58.26
C GLY JA 70 -49.89 106.08 -59.57
N PRO JA 71 -49.54 107.33 -59.90
CA PRO JA 71 -48.83 107.67 -61.13
C PRO JA 71 -47.44 107.02 -61.22
N SER JA 72 -46.59 107.28 -60.24
CA SER JA 72 -45.21 106.81 -60.27
C SER JA 72 -44.98 105.59 -59.38
N GLU JA 73 -46.05 105.07 -58.79
CA GLU JA 73 -45.95 103.92 -57.88
C GLU JA 73 -45.59 102.60 -58.57
N PRO JA 74 -46.25 102.24 -59.68
CA PRO JA 74 -45.91 100.95 -60.30
C PRO JA 74 -44.45 100.85 -60.74
N GLU JA 75 -43.89 101.95 -61.23
CA GLU JA 75 -42.49 101.97 -61.64
C GLU JA 75 -41.58 101.74 -60.44
N LYS JA 76 -41.96 102.31 -59.31
CA LYS JA 76 -41.19 102.14 -58.08
C LYS JA 76 -41.28 100.71 -57.55
N VAL JA 77 -42.49 100.18 -57.50
CA VAL JA 77 -42.73 98.83 -57.02
C VAL JA 77 -41.98 97.79 -57.86
N THR JA 78 -42.06 97.95 -59.18
CA THR JA 78 -41.40 97.03 -60.11
C THR JA 78 -39.88 97.00 -59.88
N SER JA 79 -39.29 98.17 -59.69
CA SER JA 79 -37.86 98.29 -59.47
C SER JA 79 -37.43 97.60 -58.18
N ILE JA 80 -38.18 97.82 -57.11
CA ILE JA 80 -37.86 97.24 -55.81
C ILE JA 80 -38.08 95.72 -55.79
N VAL JA 81 -39.22 95.29 -56.31
CA VAL JA 81 -39.57 93.86 -56.32
C VAL JA 81 -38.57 93.05 -57.14
N THR JA 82 -38.22 93.55 -58.32
CA THR JA 82 -37.26 92.88 -59.19
C THR JA 82 -35.91 92.74 -58.50
N ALA JA 83 -35.45 93.83 -57.87
CA ALA JA 83 -34.20 93.82 -57.13
C ALA JA 83 -34.28 92.88 -55.92
N ALA JA 84 -35.47 92.78 -55.35
CA ALA JA 84 -35.69 91.92 -54.18
C ALA JA 84 -35.55 90.45 -54.56
N ILE JA 85 -36.23 90.04 -55.63
CA ILE JA 85 -36.16 88.67 -56.10
C ILE JA 85 -34.75 88.32 -56.58
N THR JA 86 -34.08 89.31 -57.19
CA THR JA 86 -32.74 89.11 -57.72
C THR JA 86 -31.73 88.75 -56.63
N ALA JA 87 -31.76 89.49 -55.53
CA ALA JA 87 -30.81 89.27 -54.44
C ALA JA 87 -31.17 88.03 -53.62
N VAL JA 88 -32.46 87.86 -53.34
CA VAL JA 88 -32.93 86.77 -52.49
C VAL JA 88 -32.94 85.42 -53.21
N CYS JA 89 -33.57 85.38 -54.38
CA CYS JA 89 -33.75 84.11 -55.10
C CYS JA 89 -32.61 83.83 -56.07
N GLY JA 90 -31.86 84.87 -56.43
CA GLY JA 90 -30.74 84.70 -57.35
C GLY JA 90 -31.18 84.74 -58.81
N ILE JA 91 -32.45 85.04 -59.03
CA ILE JA 91 -33.00 85.11 -60.38
C ILE JA 91 -32.65 86.44 -61.04
N VAL JA 92 -32.10 86.36 -62.25
CA VAL JA 92 -31.68 87.56 -62.98
C VAL JA 92 -32.86 88.48 -63.28
N ALA JA 93 -32.56 89.77 -63.45
CA ALA JA 93 -33.60 90.78 -63.66
C ALA JA 93 -34.37 90.55 -64.96
N ASP JA 94 -33.68 90.04 -65.97
CA ASP JA 94 -34.27 89.87 -67.29
C ASP JA 94 -35.22 88.66 -67.34
N ARG JA 95 -35.39 87.99 -66.20
CA ARG JA 95 -36.32 86.88 -66.11
C ARG JA 95 -37.27 87.06 -64.92
N ILE JA 96 -37.73 88.28 -64.73
CA ILE JA 96 -38.66 88.59 -63.64
C ILE JA 96 -39.83 89.42 -64.15
N PHE JA 97 -41.03 88.86 -64.07
CA PHE JA 97 -42.24 89.58 -64.46
C PHE JA 97 -42.98 90.12 -63.25
N VAL JA 98 -43.44 91.36 -63.36
CA VAL JA 98 -44.25 91.97 -62.31
C VAL JA 98 -45.53 92.53 -62.92
N LEU JA 99 -46.64 91.84 -62.68
CA LEU JA 99 -47.92 92.24 -63.26
C LEU JA 99 -48.79 92.98 -62.25
N TYR JA 100 -49.55 93.95 -62.75
CA TYR JA 100 -50.41 94.76 -61.90
C TYR JA 100 -51.87 94.65 -62.32
N PHE JA 101 -52.74 94.36 -61.35
CA PHE JA 101 -54.16 94.20 -61.60
C PHE JA 101 -54.99 95.05 -60.64
N SER JA 102 -56.26 95.25 -60.97
CA SER JA 102 -57.16 96.02 -60.12
C SER JA 102 -58.52 95.35 -60.04
N PRO JA 103 -58.86 94.79 -58.87
CA PRO JA 103 -60.12 94.07 -58.67
C PRO JA 103 -61.32 95.00 -58.60
N LEU JA 104 -62.48 94.51 -59.05
CA LEU JA 104 -63.71 95.29 -59.00
C LEU JA 104 -64.21 95.40 -57.57
N HIS JA 105 -64.04 94.33 -56.81
CA HIS JA 105 -64.42 94.31 -55.41
C HIS JA 105 -63.45 93.47 -54.59
N CYS JA 106 -63.33 93.80 -53.30
CA CYS JA 106 -62.44 93.08 -52.41
C CYS JA 106 -63.12 92.88 -51.04
N GLY JA 107 -63.07 91.64 -50.54
CA GLY JA 107 -63.75 91.31 -49.31
C GLY JA 107 -62.82 90.93 -48.17
N TRP JA 108 -63.18 91.35 -46.96
CA TRP JA 108 -62.42 91.02 -45.76
C TRP JA 108 -63.31 91.07 -44.53
N ASN JA 109 -63.10 90.12 -43.62
CA ASN JA 109 -63.91 90.01 -42.39
C ASN JA 109 -65.39 89.86 -42.68
N GLY JA 110 -65.72 89.26 -43.82
CA GLY JA 110 -67.10 88.99 -44.19
C GLY JA 110 -67.80 90.15 -44.88
N THR JA 111 -67.08 91.26 -45.06
CA THR JA 111 -67.66 92.44 -45.69
C THR JA 111 -66.73 93.01 -46.76
N ASN JA 112 -67.31 93.74 -47.71
CA ASN JA 112 -66.52 94.37 -48.77
C ASN JA 112 -66.07 95.78 -48.40
N PHE JA 113 -65.17 96.33 -49.19
CA PHE JA 113 -64.65 97.67 -48.95
C PHE JA 113 -64.99 98.61 -50.10
N MET KA 1 12.66 64.59 -57.49
CA MET KA 1 11.27 64.15 -57.47
C MET KA 1 11.10 62.89 -56.62
N PRO KA 2 11.01 63.08 -55.29
CA PRO KA 2 10.88 61.96 -54.34
C PRO KA 2 9.45 61.43 -54.22
N VAL KA 3 9.30 60.16 -53.87
CA VAL KA 3 8.00 59.55 -53.69
C VAL KA 3 7.92 58.87 -52.31
N ILE KA 4 6.87 59.18 -51.57
CA ILE KA 4 6.71 58.64 -50.22
C ILE KA 4 5.41 57.84 -50.06
N GLN KA 5 5.55 56.53 -49.91
CA GLN KA 5 4.41 55.66 -49.66
C GLN KA 5 4.23 55.43 -48.17
N THR KA 6 2.99 55.52 -47.71
CA THR KA 6 2.69 55.33 -46.29
C THR KA 6 1.71 54.18 -46.07
N PHE KA 7 2.21 53.06 -45.56
CA PHE KA 7 1.38 51.92 -45.23
C PHE KA 7 1.11 51.86 -43.74
N VAL KA 8 -0.16 51.86 -43.36
CA VAL KA 8 -0.54 51.81 -41.95
C VAL KA 8 -1.64 50.76 -41.71
N SER KA 9 -1.63 50.18 -40.52
CA SER KA 9 -2.65 49.19 -40.14
C SER KA 9 -3.87 49.87 -39.53
N THR KA 10 -3.70 51.13 -39.15
CA THR KA 10 -4.79 51.92 -38.56
C THR KA 10 -5.48 52.75 -39.61
N PRO KA 11 -6.80 52.95 -39.46
CA PRO KA 11 -7.58 53.77 -40.40
C PRO KA 11 -7.11 55.22 -40.43
N LEU KA 12 -7.10 55.82 -41.61
CA LEU KA 12 -6.67 57.21 -41.76
C LEU KA 12 -7.78 58.07 -42.35
N ASP KA 13 -7.98 59.24 -41.75
CA ASP KA 13 -9.00 60.18 -42.22
C ASP KA 13 -8.34 61.37 -42.92
N HIS KA 14 -9.10 62.45 -43.09
CA HIS KA 14 -8.59 63.65 -43.75
C HIS KA 14 -7.52 64.33 -42.90
N HIS KA 15 -7.77 64.42 -41.61
CA HIS KA 15 -6.87 65.13 -40.68
C HIS KA 15 -5.50 64.46 -40.59
N LYS KA 16 -5.49 63.15 -40.39
CA LYS KA 16 -4.24 62.40 -40.25
C LYS KA 16 -3.41 62.43 -41.52
N ARG KA 17 -4.06 62.18 -42.65
CA ARG KA 17 -3.38 62.16 -43.94
C ARG KA 17 -2.81 63.53 -44.32
N LEU KA 18 -3.56 64.58 -43.99
CA LEU KA 18 -3.11 65.94 -44.28
C LEU KA 18 -1.89 66.31 -43.43
N LEU KA 19 -1.88 65.89 -42.17
CA LEU KA 19 -0.76 66.15 -41.28
C LEU KA 19 0.52 65.51 -41.79
N LEU KA 20 0.44 64.22 -42.12
CA LEU KA 20 1.59 63.49 -42.65
C LEU KA 20 2.03 64.05 -44.00
N ALA KA 21 1.07 64.59 -44.76
CA ALA KA 21 1.35 65.17 -46.05
C ALA KA 21 2.26 66.40 -45.92
N ILE KA 22 1.91 67.28 -45.00
CA ILE KA 22 2.71 68.48 -44.75
C ILE KA 22 4.07 68.10 -44.19
N ILE KA 23 4.10 67.08 -43.35
CA ILE KA 23 5.35 66.57 -42.78
C ILE KA 23 6.36 66.18 -43.86
N TYR KA 24 5.92 65.34 -44.79
CA TYR KA 24 6.79 64.86 -45.87
C TYR KA 24 7.25 66.03 -46.74
N ARG KA 25 6.41 67.05 -46.85
CA ARG KA 25 6.76 68.25 -47.61
C ARG KA 25 7.93 68.98 -46.94
N ILE KA 26 7.84 69.15 -45.64
CA ILE KA 26 8.89 69.81 -44.87
C ILE KA 26 10.17 68.98 -44.87
N VAL KA 27 10.02 67.66 -44.74
CA VAL KA 27 11.16 66.75 -44.78
C VAL KA 27 11.87 66.84 -46.13
N THR KA 28 11.09 66.94 -47.19
CA THR KA 28 11.63 67.03 -48.55
C THR KA 28 12.45 68.30 -48.75
N ARG KA 29 11.94 69.41 -48.23
CA ARG KA 29 12.58 70.71 -48.43
C ARG KA 29 13.76 70.95 -47.51
N VAL KA 30 13.59 70.64 -46.23
CA VAL KA 30 14.62 70.92 -45.23
C VAL KA 30 15.75 69.89 -45.25
N VAL KA 31 15.40 68.61 -45.27
CA VAL KA 31 16.40 67.55 -45.17
C VAL KA 31 16.89 67.08 -46.54
N LEU KA 32 15.96 66.70 -47.41
CA LEU KA 32 16.30 66.15 -48.71
C LEU KA 32 16.80 67.22 -49.68
N GLY KA 33 16.49 68.48 -49.38
CA GLY KA 33 16.91 69.59 -50.21
C GLY KA 33 16.25 69.57 -51.58
N LYS KA 34 14.98 69.16 -51.60
CA LYS KA 34 14.21 69.09 -52.83
C LYS KA 34 12.91 69.87 -52.67
N PRO KA 35 12.36 70.38 -53.80
CA PRO KA 35 11.10 71.14 -53.74
C PRO KA 35 9.95 70.32 -53.15
N GLU KA 36 9.23 70.92 -52.21
CA GLU KA 36 8.15 70.24 -51.51
C GLU KA 36 6.91 70.06 -52.41
N ASP KA 37 6.89 70.76 -53.54
CA ASP KA 37 5.80 70.65 -54.48
C ASP KA 37 6.03 69.49 -55.44
N LEU KA 38 7.24 68.94 -55.41
CA LEU KA 38 7.62 67.89 -56.34
C LEU KA 38 7.63 66.50 -55.71
N VAL KA 39 7.23 66.41 -54.44
CA VAL KA 39 7.17 65.12 -53.76
C VAL KA 39 5.75 64.54 -53.81
N MET KA 40 5.66 63.28 -54.23
CA MET KA 40 4.38 62.61 -54.34
C MET KA 40 4.16 61.67 -53.16
N MET KA 41 2.98 61.74 -52.55
CA MET KA 41 2.68 60.97 -51.36
C MET KA 41 1.42 60.12 -51.52
N THR KA 42 1.54 58.84 -51.21
CA THR KA 42 0.39 57.93 -51.26
C THR KA 42 0.12 57.33 -49.88
N PHE KA 43 -1.15 57.14 -49.57
CA PHE KA 43 -1.55 56.60 -48.26
C PHE KA 43 -2.38 55.34 -48.40
N HIS KA 44 -1.95 54.26 -47.75
CA HIS KA 44 -2.66 52.99 -47.79
C HIS KA 44 -3.12 52.60 -46.39
N ASP KA 45 -4.29 53.04 -46.00
CA ASP KA 45 -4.81 52.79 -44.66
C ASP KA 45 -5.56 51.46 -44.59
N SER KA 46 -5.80 51.01 -43.35
CA SER KA 46 -6.51 49.76 -43.09
C SER KA 46 -5.85 48.58 -43.80
N THR KA 47 -4.53 48.59 -43.87
CA THR KA 47 -3.78 47.54 -44.54
C THR KA 47 -3.51 46.36 -43.60
N PRO KA 48 -3.95 45.16 -44.00
CA PRO KA 48 -3.70 43.93 -43.23
C PRO KA 48 -2.21 43.64 -43.12
N MET KA 49 -1.65 43.88 -41.94
CA MET KA 49 -0.21 43.70 -41.74
C MET KA 49 0.07 42.76 -40.58
N HIS KA 50 1.28 42.20 -40.56
CA HIS KA 50 1.70 41.30 -39.50
C HIS KA 50 3.17 41.52 -39.17
N PHE KA 51 3.47 41.79 -37.90
CA PHE KA 51 4.83 42.07 -37.48
C PHE KA 51 5.06 41.73 -36.01
N PHE KA 52 6.23 41.19 -35.72
CA PHE KA 52 6.63 40.80 -34.37
C PHE KA 52 5.64 39.80 -33.74
N GLY KA 53 5.08 38.94 -34.58
CA GLY KA 53 4.18 37.90 -34.11
C GLY KA 53 2.82 38.41 -33.67
N SER KA 54 2.44 39.58 -34.16
CA SER KA 54 1.16 40.17 -33.79
C SER KA 54 0.58 41.01 -34.93
N THR KA 55 -0.73 41.21 -34.89
CA THR KA 55 -1.41 42.04 -35.87
C THR KA 55 -1.68 43.43 -35.30
N ASP KA 56 -0.91 43.79 -34.27
CA ASP KA 56 -1.02 45.09 -33.63
C ASP KA 56 -0.72 46.22 -34.62
N PRO KA 57 -1.23 47.44 -34.34
CA PRO KA 57 -0.98 48.63 -35.15
C PRO KA 57 0.48 48.80 -35.56
N VAL KA 58 0.73 48.82 -36.88
CA VAL KA 58 2.08 48.84 -37.40
C VAL KA 58 2.12 49.62 -38.71
N ALA KA 59 3.19 50.39 -38.91
CA ALA KA 59 3.33 51.24 -40.10
C ALA KA 59 4.60 50.95 -40.89
N CYS KA 60 4.52 51.12 -42.20
CA CYS KA 60 5.68 50.97 -43.08
C CYS KA 60 5.75 52.11 -44.10
N VAL KA 61 6.83 52.88 -44.04
CA VAL KA 61 6.99 54.03 -44.92
C VAL KA 61 8.08 53.80 -45.96
N ARG KA 62 7.76 54.07 -47.22
CA ARG KA 62 8.70 53.89 -48.31
C ARG KA 62 9.14 55.22 -48.92
N VAL KA 63 10.45 55.46 -48.92
CA VAL KA 63 10.99 56.69 -49.48
C VAL KA 63 11.86 56.40 -50.70
N GLU KA 64 11.50 56.99 -51.84
CA GLU KA 64 12.21 56.76 -53.09
C GLU KA 64 12.58 58.07 -53.78
N ALA KA 65 13.88 58.33 -53.88
CA ALA KA 65 14.37 59.54 -54.52
C ALA KA 65 15.50 59.25 -55.50
N LEU KA 66 15.38 59.79 -56.71
CA LEU KA 66 16.39 59.60 -57.75
C LEU KA 66 17.66 60.35 -57.40
N GLY KA 67 18.80 59.73 -57.72
CA GLY KA 67 20.10 60.34 -57.46
C GLY KA 67 20.66 59.95 -56.10
N GLY KA 68 19.91 59.14 -55.37
CA GLY KA 68 20.34 58.67 -54.06
C GLY KA 68 20.00 59.64 -52.95
N TYR KA 69 20.69 59.49 -51.83
CA TYR KA 69 20.47 60.35 -50.66
C TYR KA 69 21.79 60.90 -50.12
N GLY KA 70 21.69 61.93 -49.29
CA GLY KA 70 22.87 62.51 -48.66
C GLY KA 70 23.46 61.59 -47.60
N PRO KA 71 24.61 61.98 -47.03
CA PRO KA 71 25.30 61.20 -46.01
C PRO KA 71 24.49 61.03 -44.73
N SER KA 72 24.07 62.14 -44.14
CA SER KA 72 23.36 62.11 -42.85
C SER KA 72 21.85 62.29 -43.00
N GLU KA 73 21.39 62.33 -44.24
CA GLU KA 73 19.96 62.54 -44.51
C GLU KA 73 19.05 61.36 -44.10
N PRO KA 74 19.43 60.11 -44.44
CA PRO KA 74 18.53 59.01 -44.07
C PRO KA 74 18.30 58.90 -42.57
N GLU KA 75 19.33 59.16 -41.78
CA GLU KA 75 19.22 59.11 -40.32
C GLU KA 75 18.24 60.17 -39.82
N LYS KA 76 18.28 61.35 -40.43
CA LYS KA 76 17.40 62.44 -40.05
C LYS KA 76 15.95 62.15 -40.44
N VAL KA 77 15.75 61.71 -41.68
CA VAL KA 77 14.42 61.40 -42.18
C VAL KA 77 13.74 60.32 -41.35
N THR KA 78 14.49 59.27 -41.03
CA THR KA 78 13.98 58.15 -40.25
C THR KA 78 13.49 58.60 -38.87
N SER KA 79 14.27 59.47 -38.24
CA SER KA 79 13.94 60.00 -36.93
C SER KA 79 12.64 60.81 -36.96
N ILE KA 80 12.51 61.67 -37.96
CA ILE KA 80 11.33 62.53 -38.10
C ILE KA 80 10.08 61.74 -38.46
N VAL KA 81 10.20 60.86 -39.45
CA VAL KA 81 9.06 60.07 -39.92
C VAL KA 81 8.51 59.15 -38.83
N THR KA 82 9.39 58.46 -38.12
CA THR KA 82 8.99 57.58 -37.03
C THR KA 82 8.24 58.35 -35.95
N ALA KA 83 8.77 59.50 -35.57
CA ALA KA 83 8.12 60.38 -34.60
C ALA KA 83 6.80 60.91 -35.14
N ALA KA 84 6.74 61.10 -36.46
CA ALA KA 84 5.55 61.61 -37.11
C ALA KA 84 4.40 60.60 -37.04
N ILE KA 85 4.69 59.37 -37.42
CA ILE KA 85 3.69 58.30 -37.38
C ILE KA 85 3.24 58.03 -35.94
N THR KA 86 4.19 58.14 -35.02
CA THR KA 86 3.92 57.90 -33.60
C THR KA 86 2.87 58.87 -33.05
N ALA KA 87 3.04 60.15 -33.38
CA ALA KA 87 2.12 61.18 -32.89
C ALA KA 87 0.78 61.16 -33.61
N VAL KA 88 0.83 60.99 -34.93
CA VAL KA 88 -0.38 61.06 -35.75
C VAL KA 88 -1.23 59.79 -35.65
N CYS KA 89 -0.61 58.63 -35.86
CA CYS KA 89 -1.35 57.37 -35.93
C CYS KA 89 -1.40 56.67 -34.58
N GLY KA 90 -0.52 57.03 -33.66
CA GLY KA 90 -0.48 56.42 -32.34
C GLY KA 90 0.30 55.11 -32.32
N ILE KA 91 0.94 54.79 -33.43
CA ILE KA 91 1.73 53.56 -33.54
C ILE KA 91 3.10 53.74 -32.88
N VAL KA 92 3.45 52.80 -32.01
CA VAL KA 92 4.72 52.86 -31.29
C VAL KA 92 5.93 52.84 -32.23
N ALA KA 93 7.03 53.39 -31.77
CA ALA KA 93 8.24 53.51 -32.58
C ALA KA 93 8.84 52.17 -32.96
N ASP KA 94 8.72 51.19 -32.07
CA ASP KA 94 9.33 49.87 -32.28
C ASP KA 94 8.55 49.04 -33.31
N ARG KA 95 7.50 49.62 -33.88
CA ARG KA 95 6.72 48.96 -34.91
C ARG KA 95 6.57 49.84 -36.14
N ILE KA 96 7.66 50.52 -36.51
CA ILE KA 96 7.65 51.39 -37.69
C ILE KA 96 8.89 51.16 -38.55
N PHE KA 97 8.67 50.69 -39.77
CA PHE KA 97 9.76 50.48 -40.72
C PHE KA 97 9.85 51.62 -41.73
N VAL KA 98 11.07 52.07 -42.01
CA VAL KA 98 11.31 53.11 -43.00
C VAL KA 98 12.36 52.65 -44.02
N LEU KA 99 11.90 52.31 -45.22
CA LEU KA 99 12.79 51.79 -46.26
C LEU KA 99 13.12 52.87 -47.29
N TYR KA 100 14.34 52.83 -47.81
CA TYR KA 100 14.81 53.81 -48.77
C TYR KA 100 15.24 53.16 -50.09
N PHE KA 101 14.74 53.68 -51.20
CA PHE KA 101 15.08 53.15 -52.52
C PHE KA 101 15.51 54.26 -53.47
N SER KA 102 16.16 53.88 -54.57
CA SER KA 102 16.60 54.83 -55.57
C SER KA 102 16.34 54.29 -56.98
N PRO KA 103 15.39 54.93 -57.70
CA PRO KA 103 15.02 54.50 -59.05
C PRO KA 103 16.10 54.82 -60.09
N LEU KA 104 16.19 54.00 -61.13
CA LEU KA 104 17.16 54.21 -62.20
C LEU KA 104 16.76 55.41 -63.05
N HIS KA 105 15.46 55.57 -63.25
CA HIS KA 105 14.93 56.69 -64.00
C HIS KA 105 13.61 57.17 -63.41
N CYS KA 106 13.31 58.45 -63.59
CA CYS KA 106 12.08 59.03 -63.07
C CYS KA 106 11.45 59.98 -64.08
N GLY KA 107 10.15 59.81 -64.31
CA GLY KA 107 9.46 60.61 -65.31
C GLY KA 107 8.41 61.54 -64.73
N TRP KA 108 8.30 62.72 -65.32
CA TRP KA 108 7.29 63.70 -64.93
C TRP KA 108 6.97 64.63 -66.08
N ASN KA 109 5.69 64.97 -66.23
CA ASN KA 109 5.21 65.81 -67.33
C ASN KA 109 5.57 65.24 -68.70
N GLY KA 110 5.66 63.92 -68.77
CA GLY KA 110 5.93 63.25 -70.03
C GLY KA 110 7.40 63.13 -70.37
N THR KA 111 8.25 63.66 -69.50
CA THR KA 111 9.70 63.64 -69.74
C THR KA 111 10.47 63.18 -68.50
N ASN KA 112 11.68 62.66 -68.72
CA ASN KA 112 12.53 62.21 -67.63
C ASN KA 112 13.44 63.32 -67.13
N PHE KA 113 14.07 63.09 -65.99
CA PHE KA 113 14.98 64.07 -65.39
C PHE KA 113 16.40 63.53 -65.31
N MET LA 1 71.45 -6.95 -33.53
CA MET LA 1 71.06 -8.33 -33.32
C MET LA 1 71.61 -8.87 -31.99
N PRO LA 2 70.91 -8.55 -30.88
CA PRO LA 2 71.36 -8.97 -29.55
C PRO LA 2 70.98 -10.41 -29.20
N VAL LA 3 71.77 -11.04 -28.35
CA VAL LA 3 71.50 -12.39 -27.89
C VAL LA 3 71.52 -12.45 -26.37
N ILE LA 4 70.47 -13.01 -25.78
CA ILE LA 4 70.36 -13.08 -24.32
C ILE LA 4 70.23 -14.51 -23.82
N GLN LA 5 71.28 -15.00 -23.16
CA GLN LA 5 71.25 -16.33 -22.55
C GLN LA 5 70.84 -16.25 -21.09
N THR LA 6 69.94 -17.15 -20.68
CA THR LA 6 69.46 -17.15 -19.30
C THR LA 6 69.73 -18.49 -18.63
N PHE LA 7 70.69 -18.49 -17.71
CA PHE LA 7 71.01 -19.69 -16.93
C PHE LA 7 70.40 -19.62 -15.54
N VAL LA 8 69.58 -20.60 -15.19
CA VAL LA 8 68.93 -20.63 -13.90
C VAL LA 8 69.05 -22.00 -13.23
N SER LA 9 69.09 -22.01 -11.90
CA SER LA 9 69.16 -23.25 -11.15
C SER LA 9 67.77 -23.80 -10.87
N THR LA 10 66.76 -22.96 -11.05
CA THR LA 10 65.37 -23.35 -10.84
C THR LA 10 64.72 -23.77 -12.16
N PRO LA 11 63.81 -24.74 -12.10
CA PRO LA 11 63.08 -25.20 -13.30
C PRO LA 11 62.25 -24.09 -13.91
N LEU LA 12 62.21 -24.04 -15.25
CA LEU LA 12 61.43 -23.03 -15.95
C LEU LA 12 60.38 -23.69 -16.84
N ASP LA 13 59.15 -23.18 -16.77
CA ASP LA 13 58.06 -23.70 -17.60
C ASP LA 13 57.72 -22.74 -18.73
N HIS LA 14 56.55 -22.94 -19.33
CA HIS LA 14 56.11 -22.09 -20.43
C HIS LA 14 55.79 -20.67 -19.97
N HIS LA 15 55.10 -20.56 -18.83
CA HIS LA 15 54.66 -19.26 -18.31
C HIS LA 15 55.83 -18.36 -17.94
N LYS LA 16 56.78 -18.90 -17.19
CA LYS LA 16 57.94 -18.12 -16.75
C LYS LA 16 58.81 -17.69 -17.93
N ARG LA 17 59.09 -18.62 -18.83
CA ARG LA 17 59.93 -18.34 -19.99
C ARG LA 17 59.29 -17.32 -20.92
N LEU LA 18 57.97 -17.41 -21.06
CA LEU LA 18 57.23 -16.46 -21.90
C LEU LA 18 57.28 -15.08 -21.28
N LEU LA 19 57.18 -15.03 -19.96
CA LEU LA 19 57.26 -13.77 -19.22
C LEU LA 19 58.62 -13.11 -19.41
N LEU LA 20 59.68 -13.88 -19.20
CA LEU LA 20 61.04 -13.40 -19.38
C LEU LA 20 61.31 -13.03 -20.83
N ALA LA 21 60.64 -13.72 -21.76
CA ALA LA 21 60.78 -13.44 -23.18
C ALA LA 21 60.28 -12.04 -23.52
N ILE LA 22 59.07 -11.72 -23.03
CA ILE LA 22 58.48 -10.41 -23.27
C ILE LA 22 59.31 -9.32 -22.59
N ILE LA 23 59.84 -9.63 -21.41
CA ILE LA 23 60.70 -8.71 -20.68
C ILE LA 23 61.91 -8.29 -21.52
N TYR LA 24 62.62 -9.29 -22.04
CA TYR LA 24 63.81 -9.03 -22.85
C TYR LA 24 63.46 -8.27 -24.13
N ARG LA 25 62.25 -8.51 -24.64
CA ARG LA 25 61.77 -7.81 -25.83
C ARG LA 25 61.59 -6.32 -25.55
N ILE LA 26 60.96 -5.99 -24.43
CA ILE LA 26 60.74 -4.61 -24.04
C ILE LA 26 62.06 -3.91 -23.75
N VAL LA 27 62.98 -4.61 -23.11
CA VAL LA 27 64.30 -4.08 -22.80
C VAL LA 27 65.05 -3.76 -24.10
N THR LA 28 64.91 -4.64 -25.09
CA THR LA 28 65.58 -4.46 -26.37
C THR LA 28 65.05 -3.23 -27.11
N ARG LA 29 63.75 -3.02 -27.07
CA ARG LA 29 63.13 -1.92 -27.80
C ARG LA 29 63.25 -0.58 -27.08
N VAL LA 30 62.95 -0.59 -25.78
CA VAL LA 30 62.93 0.65 -25.00
C VAL LA 30 64.33 1.12 -24.60
N VAL LA 31 65.14 0.20 -24.09
CA VAL LA 31 66.45 0.56 -23.58
C VAL LA 31 67.54 0.44 -24.64
N LEU LA 32 67.64 -0.73 -25.26
CA LEU LA 32 68.70 -0.99 -26.24
C LEU LA 32 68.44 -0.26 -27.56
N GLY LA 33 67.19 0.12 -27.79
CA GLY LA 33 66.83 0.82 -29.02
C GLY LA 33 66.98 -0.06 -30.25
N LYS LA 34 66.66 -1.33 -30.10
CA LYS LA 34 66.75 -2.29 -31.18
C LYS LA 34 65.42 -3.03 -31.38
N PRO LA 35 65.16 -3.51 -32.60
CA PRO LA 35 63.91 -4.23 -32.88
C PRO LA 35 63.73 -5.46 -32.00
N GLU LA 36 62.54 -5.60 -31.42
CA GLU LA 36 62.24 -6.68 -30.49
C GLU LA 36 62.09 -8.03 -31.20
N ASP LA 37 61.96 -7.99 -32.52
CA ASP LA 37 61.83 -9.21 -33.31
C ASP LA 37 63.21 -9.78 -33.69
N LEU LA 38 64.25 -8.98 -33.45
CA LEU LA 38 65.59 -9.36 -33.85
C LEU LA 38 66.47 -9.83 -32.68
N VAL LA 39 65.88 -9.90 -31.49
CA VAL LA 39 66.60 -10.37 -30.32
C VAL LA 39 66.36 -11.85 -30.07
N MET LA 40 67.45 -12.61 -29.92
CA MET LA 40 67.34 -14.05 -29.68
C MET LA 40 67.56 -14.38 -28.21
N MET LA 41 66.67 -15.22 -27.67
CA MET LA 41 66.68 -15.55 -26.25
C MET LA 41 66.74 -17.06 -26.03
N THR LA 42 67.69 -17.50 -25.21
CA THR LA 42 67.79 -18.91 -24.85
C THR LA 42 67.62 -19.08 -23.34
N PHE LA 43 66.98 -20.18 -22.95
CA PHE LA 43 66.72 -20.45 -21.54
C PHE LA 43 67.31 -21.78 -21.12
N HIS LA 44 68.14 -21.74 -20.07
CA HIS LA 44 68.79 -22.95 -19.57
C HIS LA 44 68.37 -23.22 -18.13
N ASP LA 45 67.28 -23.95 -17.96
CA ASP LA 45 66.74 -24.23 -16.64
C ASP LA 45 67.37 -25.48 -16.02
N SER LA 46 67.16 -25.65 -14.72
CA SER LA 46 67.69 -26.79 -13.97
C SER LA 46 69.19 -26.97 -14.15
N THR LA 47 69.91 -25.86 -14.23
CA THR LA 47 71.35 -25.91 -14.42
C THR LA 47 72.09 -26.04 -13.09
N PRO LA 48 72.91 -27.09 -12.95
CA PRO LA 48 73.74 -27.29 -11.76
C PRO LA 48 74.73 -26.15 -11.57
N MET LA 49 74.44 -25.27 -10.62
CA MET LA 49 75.28 -24.10 -10.40
C MET LA 49 75.78 -24.01 -8.96
N HIS LA 50 76.85 -23.25 -8.75
CA HIS LA 50 77.42 -23.07 -7.43
C HIS LA 50 77.92 -21.64 -7.27
N PHE LA 51 77.43 -20.95 -6.26
CA PHE LA 51 77.78 -19.55 -6.04
C PHE LA 51 77.67 -19.17 -4.57
N PHE LA 52 78.61 -18.35 -4.10
CA PHE LA 52 78.64 -17.89 -2.71
C PHE LA 52 78.70 -19.05 -1.72
N GLY LA 53 79.35 -20.14 -2.13
CA GLY LA 53 79.53 -21.28 -1.26
C GLY LA 53 78.27 -22.09 -1.05
N SER LA 54 77.31 -21.97 -1.97
CA SER LA 54 76.05 -22.69 -1.87
C SER LA 54 75.47 -23.04 -3.23
N THR LA 55 74.61 -24.06 -3.25
CA THR LA 55 73.92 -24.46 -4.47
C THR LA 55 72.50 -23.91 -4.49
N ASP LA 56 72.28 -22.87 -3.70
CA ASP LA 56 70.98 -22.20 -3.63
C ASP LA 56 70.58 -21.62 -4.98
N PRO LA 57 69.27 -21.42 -5.21
CA PRO LA 57 68.75 -20.81 -6.45
C PRO LA 57 69.54 -19.59 -6.90
N VAL LA 58 70.12 -19.67 -8.09
CA VAL LA 58 71.02 -18.64 -8.59
C VAL LA 58 70.90 -18.53 -10.11
N ALA LA 59 70.97 -17.29 -10.63
CA ALA LA 59 70.79 -17.06 -12.06
C ALA LA 59 71.99 -16.36 -12.68
N CYS LA 60 72.25 -16.66 -13.95
CA CYS LA 60 73.32 -16.02 -14.71
C CYS LA 60 72.84 -15.62 -16.10
N VAL LA 61 72.85 -14.32 -16.37
CA VAL LA 61 72.36 -13.81 -17.64
C VAL LA 61 73.49 -13.27 -18.51
N ARG LA 62 73.51 -13.68 -19.78
CA ARG LA 62 74.52 -13.21 -20.72
C ARG LA 62 73.90 -12.33 -21.79
N VAL LA 63 74.40 -11.10 -21.90
CA VAL LA 63 73.90 -10.16 -22.90
C VAL LA 63 74.97 -9.85 -23.93
N GLU LA 64 74.67 -10.12 -25.20
CA GLU LA 64 75.63 -9.91 -26.27
C GLU LA 64 75.02 -9.12 -27.43
N ALA LA 65 75.54 -7.91 -27.65
CA ALA LA 65 75.04 -7.06 -28.73
C ALA LA 65 76.18 -6.46 -29.53
N LEU LA 66 76.09 -6.56 -30.85
CA LEU LA 66 77.11 -6.02 -31.73
C LEU LA 66 77.08 -4.49 -31.74
N GLY LA 67 78.26 -3.88 -31.77
CA GLY LA 67 78.38 -2.44 -31.79
C GLY LA 67 78.51 -1.85 -30.39
N GLY LA 68 78.48 -2.72 -29.39
CA GLY LA 68 78.60 -2.28 -28.01
C GLY LA 68 77.28 -1.85 -27.41
N TYR LA 69 77.35 -1.07 -26.33
CA TYR LA 69 76.15 -0.60 -25.65
C TYR LA 69 76.22 0.92 -25.42
N GLY LA 70 75.08 1.51 -25.10
CA GLY LA 70 75.01 2.93 -24.80
C GLY LA 70 75.67 3.26 -23.47
N PRO LA 71 75.76 4.56 -23.16
CA PRO LA 71 76.39 5.04 -21.93
C PRO LA 71 75.69 4.57 -20.65
N SER LA 72 74.39 4.84 -20.55
CA SER LA 72 73.64 4.52 -19.34
C SER LA 72 72.79 3.26 -19.50
N GLU LA 73 72.93 2.59 -20.65
CA GLU LA 73 72.13 1.40 -20.94
C GLU LA 73 72.47 0.16 -20.06
N PRO LA 74 73.78 -0.16 -19.88
CA PRO LA 74 74.06 -1.36 -19.08
C PRO LA 74 73.53 -1.28 -17.65
N GLU LA 75 73.58 -0.11 -17.05
CA GLU LA 75 73.07 0.08 -15.69
C GLU LA 75 71.56 -0.14 -15.64
N LYS LA 76 70.87 0.33 -16.67
CA LYS LA 76 69.41 0.18 -16.75
C LYS LA 76 69.00 -1.26 -16.99
N VAL LA 77 69.66 -1.92 -17.94
CA VAL LA 77 69.35 -3.30 -18.29
C VAL LA 77 69.56 -4.23 -17.09
N THR LA 78 70.67 -4.04 -16.39
CA THR LA 78 71.00 -4.86 -15.23
C THR LA 78 69.92 -4.75 -14.16
N SER LA 79 69.45 -3.52 -13.91
CA SER LA 79 68.42 -3.28 -12.92
C SER LA 79 67.11 -3.97 -13.29
N ILE LA 80 66.72 -3.87 -14.55
CA ILE LA 80 65.48 -4.47 -15.03
C ILE LA 80 65.55 -6.00 -15.04
N VAL LA 81 66.64 -6.54 -15.59
CA VAL LA 81 66.80 -7.99 -15.68
C VAL LA 81 66.83 -8.64 -14.29
N THR LA 82 67.58 -8.04 -13.38
CA THR LA 82 67.67 -8.54 -12.01
C THR LA 82 66.29 -8.54 -11.34
N ALA LA 83 65.56 -7.44 -11.51
CA ALA LA 83 64.21 -7.34 -10.97
C ALA LA 83 63.26 -8.34 -11.64
N ALA LA 84 63.52 -8.62 -12.91
CA ALA LA 84 62.70 -9.56 -13.66
C ALA LA 84 62.87 -10.98 -13.14
N ILE LA 85 64.12 -11.40 -12.98
CA ILE LA 85 64.44 -12.73 -12.48
C ILE LA 85 63.95 -12.91 -11.05
N THR LA 86 64.06 -11.84 -10.27
CA THR LA 86 63.66 -11.85 -8.86
C THR LA 86 62.17 -12.15 -8.70
N ALA LA 87 61.34 -11.50 -9.49
CA ALA LA 87 59.90 -11.68 -9.40
C ALA LA 87 59.44 -12.99 -10.04
N VAL LA 88 60.01 -13.33 -11.19
CA VAL LA 88 59.59 -14.50 -11.94
C VAL LA 88 60.10 -15.81 -11.33
N CYS LA 89 61.41 -15.88 -11.10
CA CYS LA 89 62.03 -17.12 -10.65
C CYS LA 89 62.11 -17.21 -9.13
N GLY LA 90 62.00 -16.07 -8.46
CA GLY LA 90 62.07 -16.03 -7.00
C GLY LA 90 63.49 -15.99 -6.48
N ILE LA 91 64.44 -15.85 -7.39
CA ILE LA 91 65.86 -15.79 -7.03
C ILE LA 91 66.21 -14.38 -6.53
N VAL LA 92 66.84 -14.32 -5.36
CA VAL LA 92 67.21 -13.05 -4.75
C VAL LA 92 68.18 -12.27 -5.64
N ALA LA 93 68.21 -10.95 -5.47
CA ALA LA 93 69.03 -10.07 -6.31
C ALA LA 93 70.51 -10.34 -6.12
N ASP LA 94 70.91 -10.73 -4.92
CA ASP LA 94 72.31 -10.94 -4.60
C ASP LA 94 72.86 -12.24 -5.18
N ARG LA 95 72.00 -12.96 -5.92
CA ARG LA 95 72.41 -14.18 -6.59
C ARG LA 95 72.05 -14.14 -8.07
N ILE LA 96 72.23 -12.98 -8.69
CA ILE LA 96 71.94 -12.81 -10.10
C ILE LA 96 73.07 -12.09 -10.82
N PHE LA 97 73.71 -12.78 -11.77
CA PHE LA 97 74.77 -12.17 -12.56
C PHE LA 97 74.26 -11.76 -13.94
N VAL LA 98 74.67 -10.56 -14.37
CA VAL LA 98 74.34 -10.08 -15.69
C VAL LA 98 75.61 -9.62 -16.40
N LEU LA 99 76.08 -10.43 -17.35
CA LEU LA 99 77.32 -10.15 -18.06
C LEU LA 99 77.05 -9.58 -19.43
N TYR LA 100 77.91 -8.67 -19.88
CA TYR LA 100 77.75 -8.02 -21.18
C TYR LA 100 78.94 -8.28 -22.09
N PHE LA 101 78.66 -8.74 -23.31
CA PHE LA 101 79.71 -9.01 -24.28
C PHE LA 101 79.39 -8.34 -25.62
N SER LA 102 80.40 -8.24 -26.47
CA SER LA 102 80.24 -7.66 -27.79
C SER LA 102 80.97 -8.48 -28.85
N PRO LA 103 80.21 -9.13 -29.74
CA PRO LA 103 80.79 -9.98 -30.79
C PRO LA 103 81.48 -9.17 -31.88
N LEU LA 104 82.52 -9.74 -32.48
CA LEU LA 104 83.25 -9.08 -33.56
C LEU LA 104 82.40 -9.06 -34.83
N HIS LA 105 81.64 -10.13 -35.04
CA HIS LA 105 80.75 -10.23 -36.19
C HIS LA 105 79.47 -10.96 -35.81
N CYS LA 106 78.39 -10.66 -36.52
CA CYS LA 106 77.10 -11.29 -36.27
C CYS LA 106 76.39 -11.61 -37.57
N GLY LA 107 75.91 -12.84 -37.70
CA GLY LA 107 75.27 -13.29 -38.93
C GLY LA 107 73.79 -13.60 -38.78
N TRP LA 108 73.03 -13.26 -39.82
CA TRP LA 108 71.60 -13.54 -39.87
C TRP LA 108 71.13 -13.62 -41.33
N ASN LA 109 70.24 -14.57 -41.60
CA ASN LA 109 69.71 -14.81 -42.94
C ASN LA 109 70.82 -15.10 -43.95
N GLY LA 110 71.91 -15.71 -43.48
CA GLY LA 110 73.00 -16.10 -44.35
C GLY LA 110 74.02 -15.01 -44.62
N THR LA 111 73.80 -13.83 -44.04
CA THR LA 111 74.70 -12.71 -44.26
C THR LA 111 75.07 -12.01 -42.94
N ASN LA 112 76.20 -11.31 -42.94
CA ASN LA 112 76.65 -10.58 -41.77
C ASN LA 112 76.13 -9.15 -41.75
N PHE LA 113 76.27 -8.49 -40.61
CA PHE LA 113 75.82 -7.11 -40.47
C PHE LA 113 76.98 -6.16 -40.18
N MET MA 1 34.74 -29.57 29.83
CA MET MA 1 35.50 -30.18 28.74
C MET MA 1 34.84 -31.46 28.24
N PRO MA 2 33.82 -31.33 27.38
CA PRO MA 2 33.09 -32.48 26.85
C PRO MA 2 33.80 -33.17 25.68
N VAL MA 3 33.54 -34.47 25.51
CA VAL MA 3 34.13 -35.24 24.42
C VAL MA 3 33.04 -35.96 23.63
N ILE MA 4 33.05 -35.80 22.32
CA ILE MA 4 32.03 -36.40 21.47
C ILE MA 4 32.62 -37.34 20.42
N GLN MA 5 32.40 -38.64 20.60
CA GLN MA 5 32.83 -39.64 19.63
C GLN MA 5 31.71 -39.97 18.66
N THR MA 6 32.03 -40.03 17.37
CA THR MA 6 31.03 -40.31 16.35
C THR MA 6 31.40 -41.56 15.52
N PHE MA 7 30.66 -42.64 15.74
CA PHE MA 7 30.86 -43.87 14.98
C PHE MA 7 29.81 -43.97 13.87
N VAL MA 8 30.27 -44.09 12.64
CA VAL MA 8 29.37 -44.18 11.48
C VAL MA 8 29.79 -45.34 10.58
N SER MA 9 28.82 -45.97 9.92
CA SER MA 9 29.10 -47.06 9.00
C SER MA 9 29.33 -46.56 7.58
N THR MA 10 28.94 -45.32 7.31
CA THR MA 10 29.12 -44.72 6.00
C THR MA 10 30.39 -43.88 5.96
N PRO MA 11 31.07 -43.84 4.80
CA PRO MA 11 32.29 -43.03 4.66
C PRO MA 11 32.03 -41.54 4.87
N LEU MA 12 32.97 -40.88 5.53
CA LEU MA 12 32.85 -39.45 5.80
C LEU MA 12 33.99 -38.67 5.16
N ASP MA 13 33.66 -37.56 4.51
CA ASP MA 13 34.67 -36.72 3.88
C ASP MA 13 34.90 -35.45 4.68
N HIS MA 14 35.52 -34.46 4.06
CA HIS MA 14 35.80 -33.18 4.71
C HIS MA 14 34.52 -32.42 5.02
N HIS MA 15 33.60 -32.42 4.06
CA HIS MA 15 32.35 -31.68 4.20
C HIS MA 15 31.47 -32.19 5.33
N LYS MA 16 31.27 -33.51 5.38
CA LYS MA 16 30.42 -34.13 6.39
C LYS MA 16 30.98 -33.97 7.81
N ARG MA 17 32.27 -34.23 7.98
CA ARG MA 17 32.90 -34.13 9.30
C ARG MA 17 32.91 -32.70 9.82
N LEU MA 18 33.11 -31.74 8.91
CA LEU MA 18 33.10 -30.34 9.29
C LEU MA 18 31.72 -29.91 9.75
N LEU MA 19 30.69 -30.41 9.08
CA LEU MA 19 29.31 -30.10 9.45
C LEU MA 19 28.99 -30.60 10.85
N LEU MA 20 29.29 -31.86 11.12
CA LEU MA 20 29.06 -32.45 12.43
C LEU MA 20 29.91 -31.76 13.49
N ALA MA 21 31.07 -31.26 13.10
CA ALA MA 21 31.96 -30.56 14.01
C ALA MA 21 31.32 -29.26 14.50
N ILE MA 22 30.82 -28.47 13.57
CA ILE MA 22 30.16 -27.20 13.90
C ILE MA 22 28.86 -27.47 14.68
N ILE MA 23 28.15 -28.51 14.29
CA ILE MA 23 26.93 -28.92 14.99
C ILE MA 23 27.21 -29.18 16.47
N TYR MA 24 28.21 -30.01 16.74
CA TYR MA 24 28.58 -30.35 18.10
C TYR MA 24 29.02 -29.12 18.88
N ARG MA 25 29.62 -28.17 18.18
CA ARG MA 25 30.02 -26.90 18.78
C ARG MA 25 28.81 -26.10 19.25
N ILE MA 26 27.80 -26.02 18.39
CA ILE MA 26 26.58 -25.29 18.73
C ILE MA 26 25.83 -25.99 19.86
N VAL MA 27 25.77 -27.32 19.80
CA VAL MA 27 25.12 -28.10 20.84
C VAL MA 27 25.82 -27.91 22.18
N THR MA 28 27.15 -27.88 22.15
CA THR MA 28 27.95 -27.70 23.35
C THR MA 28 27.72 -26.33 23.99
N ARG MA 29 27.65 -25.30 23.15
CA ARG MA 29 27.53 -23.93 23.63
C ARG MA 29 26.10 -23.57 24.03
N VAL MA 30 25.13 -23.92 23.18
CA VAL MA 30 23.74 -23.54 23.40
C VAL MA 30 23.05 -24.44 24.43
N VAL MA 31 23.21 -25.75 24.28
CA VAL MA 31 22.52 -26.70 25.14
C VAL MA 31 23.33 -27.08 26.37
N LEU MA 32 24.56 -27.55 26.14
CA LEU MA 32 25.40 -28.02 27.24
C LEU MA 32 25.94 -26.87 28.07
N GLY MA 33 25.93 -25.66 27.50
CA GLY MA 33 26.40 -24.48 28.20
C GLY MA 33 27.89 -24.50 28.47
N LYS MA 34 28.66 -25.04 27.52
CA LYS MA 34 30.11 -25.12 27.65
C LYS MA 34 30.78 -24.49 26.44
N PRO MA 35 32.02 -23.98 26.61
CA PRO MA 35 32.73 -23.35 25.50
C PRO MA 35 32.94 -24.30 24.32
N GLU MA 36 32.61 -23.83 23.12
CA GLU MA 36 32.68 -24.64 21.92
C GLU MA 36 34.11 -24.92 21.48
N ASP MA 37 35.06 -24.18 22.03
CA ASP MA 37 36.47 -24.37 21.73
C ASP MA 37 37.09 -25.44 22.62
N LEU MA 38 36.36 -25.85 23.65
CA LEU MA 38 36.88 -26.80 24.63
C LEU MA 38 36.31 -28.20 24.46
N VAL MA 39 35.49 -28.40 23.42
CA VAL MA 39 34.93 -29.71 23.14
C VAL MA 39 35.75 -30.45 22.10
N MET MA 40 36.12 -31.68 22.40
CA MET MA 40 36.93 -32.49 21.49
C MET MA 40 36.05 -33.49 20.76
N MET MA 41 36.22 -33.56 19.44
CA MET MA 41 35.37 -34.40 18.60
C MET MA 41 36.18 -35.36 17.75
N THR MA 42 35.80 -36.65 17.79
CA THR MA 42 36.47 -37.66 16.98
C THR MA 42 35.47 -38.31 16.03
N PHE MA 43 35.93 -38.64 14.82
CA PHE MA 43 35.08 -39.24 13.81
C PHE MA 43 35.63 -40.58 13.33
N HIS MA 44 34.81 -41.62 13.42
CA HIS MA 44 35.23 -42.95 13.01
C HIS MA 44 34.33 -43.47 11.89
N ASP MA 45 34.69 -43.16 10.65
CA ASP MA 45 33.88 -43.56 9.49
C ASP MA 45 34.25 -44.95 9.01
N SER MA 46 33.39 -45.51 8.16
CA SER MA 46 33.58 -46.85 7.59
C SER MA 46 33.80 -47.91 8.67
N THR MA 47 33.10 -47.76 9.78
CA THR MA 47 33.23 -48.69 10.90
C THR MA 47 32.31 -49.89 10.71
N PRO MA 48 32.89 -51.10 10.74
CA PRO MA 48 32.11 -52.35 10.64
C PRO MA 48 31.13 -52.49 11.80
N MET MA 49 29.86 -52.24 11.54
CA MET MA 49 28.84 -52.29 12.59
C MET MA 49 27.70 -53.23 12.23
N HIS MA 50 26.96 -53.67 13.25
CA HIS MA 50 25.84 -54.55 13.07
C HIS MA 50 24.73 -54.19 14.06
N PHE MA 51 23.53 -53.92 13.54
CA PHE MA 51 22.43 -53.49 14.37
C PHE MA 51 21.09 -53.85 13.74
N PHE MA 52 20.15 -54.28 14.60
CA PHE MA 52 18.80 -54.66 14.16
C PHE MA 52 18.84 -55.79 13.14
N GLY MA 53 19.83 -56.67 13.25
CA GLY MA 53 19.94 -57.82 12.38
C GLY MA 53 20.40 -57.47 10.97
N SER MA 54 21.04 -56.32 10.83
CA SER MA 54 21.51 -55.89 9.52
C SER MA 54 22.79 -55.05 9.63
N THR MA 55 23.54 -54.99 8.54
CA THR MA 55 24.75 -54.18 8.48
C THR MA 55 24.45 -52.87 7.76
N ASP MA 56 23.17 -52.50 7.72
CA ASP MA 56 22.72 -51.26 7.10
C ASP MA 56 23.35 -50.05 7.80
N PRO MA 57 23.42 -48.90 7.09
CA PRO MA 57 23.95 -47.65 7.65
C PRO MA 57 23.42 -47.36 9.06
N VAL MA 58 24.34 -47.27 10.01
CA VAL MA 58 23.98 -47.13 11.41
C VAL MA 58 25.03 -46.29 12.15
N ALA MA 59 24.58 -45.43 13.06
CA ALA MA 59 25.47 -44.53 13.77
C ALA MA 59 25.38 -44.67 15.28
N CYS MA 60 26.52 -44.45 15.95
CA CYS MA 60 26.57 -44.45 17.41
C CYS MA 60 27.38 -43.25 17.91
N VAL MA 61 26.72 -42.39 18.67
CA VAL MA 61 27.38 -41.17 19.17
C VAL MA 61 27.60 -41.24 20.68
N ARG MA 62 28.82 -40.94 21.10
CA ARG MA 62 29.17 -40.96 22.51
C ARG MA 62 29.43 -39.55 23.04
N VAL MA 63 28.68 -39.16 24.07
CA VAL MA 63 28.85 -37.85 24.68
C VAL MA 63 29.34 -37.99 26.12
N GLU MA 64 30.48 -37.37 26.42
CA GLU MA 64 31.08 -37.47 27.74
C GLU MA 64 31.41 -36.11 28.30
N ALA MA 65 30.74 -35.74 29.39
CA ALA MA 65 30.97 -34.45 30.02
C ALA MA 65 31.08 -34.59 31.55
N LEU MA 66 32.13 -33.99 32.11
CA LEU MA 66 32.36 -34.04 33.55
C LEU MA 66 31.32 -33.20 34.30
N GLY MA 67 30.88 -33.72 35.44
CA GLY MA 67 29.90 -33.02 36.26
C GLY MA 67 28.47 -33.41 35.94
N GLY MA 68 28.32 -34.31 34.97
CA GLY MA 68 27.00 -34.77 34.57
C GLY MA 68 26.30 -33.87 33.57
N TYR MA 69 24.99 -34.00 33.49
CA TYR MA 69 24.19 -33.20 32.57
C TYR MA 69 23.01 -32.55 33.28
N GLY MA 70 22.40 -31.56 32.64
CA GLY MA 70 21.23 -30.90 33.17
C GLY MA 70 20.00 -31.78 33.12
N PRO MA 71 18.89 -31.30 33.71
CA PRO MA 71 17.63 -32.06 33.75
C PRO MA 71 17.05 -32.35 32.37
N SER MA 72 16.82 -31.30 31.57
CA SER MA 72 16.18 -31.46 30.27
C SER MA 72 17.18 -31.40 29.12
N GLU MA 73 18.46 -31.32 29.45
CA GLU MA 73 19.52 -31.21 28.44
C GLU MA 73 19.73 -32.49 27.58
N PRO MA 74 19.79 -33.69 28.20
CA PRO MA 74 20.04 -34.88 27.38
C PRO MA 74 18.98 -35.14 26.32
N GLU MA 75 17.72 -34.85 26.63
CA GLU MA 75 16.62 -35.04 25.68
C GLU MA 75 16.80 -34.14 24.45
N LYS MA 76 17.26 -32.92 24.68
CA LYS MA 76 17.48 -31.96 23.60
C LYS MA 76 18.64 -32.38 22.71
N VAL MA 77 19.75 -32.77 23.34
CA VAL MA 77 20.95 -33.20 22.61
C VAL MA 77 20.67 -34.39 21.70
N THR MA 78 19.95 -35.37 22.23
CA THR MA 78 19.60 -36.57 21.49
C THR MA 78 18.81 -36.24 20.23
N SER MA 79 17.85 -35.33 20.38
CA SER MA 79 17.01 -34.92 19.25
C SER MA 79 17.83 -34.24 18.16
N ILE MA 80 18.73 -33.34 18.57
CA ILE MA 80 19.55 -32.60 17.63
C ILE MA 80 20.57 -33.50 16.93
N VAL MA 81 21.27 -34.32 17.70
CA VAL MA 81 22.28 -35.22 17.17
C VAL MA 81 21.68 -36.22 16.17
N THR MA 82 20.56 -36.81 16.55
CA THR MA 82 19.86 -37.76 15.67
C THR MA 82 19.47 -37.10 14.35
N ALA MA 83 18.91 -35.89 14.44
CA ALA MA 83 18.54 -35.13 13.27
C ALA MA 83 19.77 -34.72 12.46
N ALA MA 84 20.88 -34.51 13.15
CA ALA MA 84 22.13 -34.12 12.50
C ALA MA 84 22.69 -35.25 11.65
N ILE MA 85 22.77 -36.44 12.23
CA ILE MA 85 23.28 -37.61 11.51
C ILE MA 85 22.35 -37.98 10.36
N THR MA 86 21.04 -37.81 10.58
CA THR MA 86 20.03 -38.16 9.58
C THR MA 86 20.17 -37.33 8.30
N ALA MA 87 20.33 -36.02 8.46
CA ALA MA 87 20.43 -35.13 7.31
C ALA MA 87 21.79 -35.20 6.63
N VAL MA 88 22.85 -35.26 7.43
CA VAL MA 88 24.21 -35.24 6.91
C VAL MA 88 24.64 -36.59 6.33
N CYS MA 89 24.47 -37.66 7.11
CA CYS MA 89 24.95 -38.98 6.71
C CYS MA 89 23.89 -39.80 5.98
N GLY MA 90 22.63 -39.41 6.13
CA GLY MA 90 21.55 -40.12 5.47
C GLY MA 90 21.06 -41.34 6.24
N ILE MA 91 21.58 -41.51 7.46
CA ILE MA 91 21.20 -42.62 8.31
C ILE MA 91 19.86 -42.39 8.99
N VAL MA 92 18.96 -43.36 8.87
CA VAL MA 92 17.63 -43.24 9.45
C VAL MA 92 17.68 -43.09 10.97
N ALA MA 93 16.64 -42.49 11.55
CA ALA MA 93 16.59 -42.21 12.97
C ALA MA 93 16.56 -43.49 13.81
N ASP MA 94 15.92 -44.53 13.28
CA ASP MA 94 15.75 -45.78 14.02
C ASP MA 94 17.04 -46.59 14.09
N ARG MA 95 18.11 -46.05 13.52
CA ARG MA 95 19.42 -46.71 13.58
C ARG MA 95 20.49 -45.75 14.10
N ILE MA 96 20.14 -44.95 15.10
CA ILE MA 96 21.09 -44.00 15.68
C ILE MA 96 21.08 -44.07 17.21
N PHE MA 97 22.20 -44.47 17.80
CA PHE MA 97 22.34 -44.52 19.24
C PHE MA 97 23.11 -43.31 19.76
N VAL MA 98 22.63 -42.71 20.84
CA VAL MA 98 23.33 -41.60 21.48
C VAL MA 98 23.52 -41.87 22.97
N LEU MA 99 24.75 -42.19 23.37
CA LEU MA 99 25.03 -42.54 24.75
C LEU MA 99 25.67 -41.38 25.51
N TYR MA 100 25.35 -41.26 26.80
CA TYR MA 100 25.86 -40.19 27.62
C TYR MA 100 26.65 -40.72 28.82
N PHE MA 101 27.86 -40.19 29.00
CA PHE MA 101 28.73 -40.62 30.09
C PHE MA 101 29.26 -39.43 30.90
N SER MA 102 29.77 -39.71 32.09
CA SER MA 102 30.35 -38.68 32.94
C SER MA 102 31.63 -39.16 33.61
N PRO MA 103 32.78 -38.59 33.21
CA PRO MA 103 34.08 -39.00 33.74
C PRO MA 103 34.31 -38.54 35.18
N LEU MA 104 35.08 -39.31 35.93
CA LEU MA 104 35.39 -38.96 37.31
C LEU MA 104 36.37 -37.79 37.36
N HIS MA 105 37.30 -37.76 36.43
CA HIS MA 105 38.27 -36.67 36.33
C HIS MA 105 38.60 -36.38 34.87
N CYS MA 106 38.98 -35.14 34.59
CA CYS MA 106 39.33 -34.72 33.23
C CYS MA 106 40.54 -33.81 33.22
N GLY MA 107 41.49 -34.11 32.34
CA GLY MA 107 42.73 -33.36 32.28
C GLY MA 107 42.93 -32.60 30.98
N TRP MA 108 43.51 -31.41 31.09
CA TRP MA 108 43.81 -30.59 29.92
C TRP MA 108 44.96 -29.64 30.22
N ASN MA 109 45.84 -29.45 29.24
CA ASN MA 109 47.02 -28.60 29.38
C ASN MA 109 47.93 -29.05 30.53
N GLY MA 110 47.93 -30.35 30.81
CA GLY MA 110 48.78 -30.92 31.83
C GLY MA 110 48.20 -30.86 33.24
N THR MA 111 47.01 -30.29 33.37
CA THR MA 111 46.37 -30.15 34.68
C THR MA 111 44.91 -30.60 34.64
N ASN MA 112 44.40 -30.97 35.80
CA ASN MA 112 43.00 -31.39 35.92
C ASN MA 112 42.09 -30.21 36.25
N PHE MA 113 40.78 -30.43 36.14
CA PHE MA 113 39.80 -29.39 36.42
C PHE MA 113 38.91 -29.79 37.59
N MET NA 1 6.36 -47.87 -38.80
CA MET NA 1 7.51 -48.26 -37.98
C MET NA 1 8.78 -48.31 -38.82
N PRO NA 2 9.41 -47.15 -39.04
CA PRO NA 2 10.63 -47.04 -39.85
C PRO NA 2 11.89 -47.41 -39.06
N VAL NA 3 12.91 -47.89 -39.77
CA VAL NA 3 14.19 -48.22 -39.16
C VAL NA 3 15.33 -47.52 -39.89
N ILE NA 4 16.18 -46.83 -39.14
CA ILE NA 4 17.28 -46.07 -39.74
C ILE NA 4 18.64 -46.53 -39.21
N GLN NA 5 19.41 -47.18 -40.07
CA GLN NA 5 20.77 -47.60 -39.72
C GLN NA 5 21.80 -46.56 -40.15
N THR NA 6 22.74 -46.27 -39.26
CA THR NA 6 23.76 -45.28 -39.55
C THR NA 6 25.16 -45.89 -39.47
N PHE NA 7 25.78 -46.08 -40.64
CA PHE NA 7 27.15 -46.58 -40.71
C PHE NA 7 28.11 -45.43 -41.00
N VAL NA 8 29.09 -45.25 -40.12
CA VAL NA 8 30.06 -44.17 -40.27
C VAL NA 8 31.49 -44.67 -40.06
N SER NA 9 32.44 -44.05 -40.75
CA SER NA 9 33.85 -44.39 -40.60
C SER NA 9 34.47 -43.59 -39.46
N THR NA 10 33.76 -42.56 -39.02
CA THR NA 10 34.23 -41.71 -37.93
C THR NA 10 33.63 -42.16 -36.61
N PRO NA 11 34.40 -42.02 -35.51
CA PRO NA 11 33.93 -42.37 -34.17
C PRO NA 11 32.73 -41.53 -33.75
N LEU NA 12 31.78 -42.15 -33.05
CA LEU NA 12 30.60 -41.43 -32.57
C LEU NA 12 30.50 -41.49 -31.06
N ASP NA 13 30.25 -40.33 -30.45
CA ASP NA 13 30.09 -40.25 -29.00
C ASP NA 13 28.62 -40.05 -28.62
N HIS NA 14 28.39 -39.62 -27.39
CA HIS NA 14 27.04 -39.39 -26.93
C HIS NA 14 26.39 -38.20 -27.65
N HIS NA 15 27.15 -37.13 -27.82
CA HIS NA 15 26.65 -35.90 -28.43
C HIS NA 15 26.24 -36.11 -29.89
N LYS NA 16 27.11 -36.73 -30.66
CA LYS NA 16 26.85 -36.96 -32.09
C LYS NA 16 25.67 -37.90 -32.31
N ARG NA 17 25.65 -39.02 -31.58
CA ARG NA 17 24.60 -40.00 -31.71
C ARG NA 17 23.23 -39.46 -31.27
N LEU NA 18 23.24 -38.65 -30.21
CA LEU NA 18 22.00 -38.03 -29.72
C LEU NA 18 21.46 -37.02 -30.73
N LEU NA 19 22.37 -36.26 -31.34
CA LEU NA 19 21.99 -35.28 -32.35
C LEU NA 19 21.34 -35.95 -33.54
N LEU NA 20 21.99 -36.98 -34.07
CA LEU NA 20 21.47 -37.74 -35.19
C LEU NA 20 20.16 -38.43 -34.84
N ALA NA 21 20.00 -38.79 -33.57
CA ALA NA 21 18.79 -39.44 -33.09
C ALA NA 21 17.59 -38.50 -33.19
N ILE NA 22 17.76 -37.27 -32.71
CA ILE NA 22 16.70 -36.27 -32.76
C ILE NA 22 16.37 -35.91 -34.21
N ILE NA 23 17.41 -35.87 -35.05
CA ILE NA 23 17.24 -35.58 -36.47
C ILE NA 23 16.27 -36.55 -37.14
N TYR NA 24 16.51 -37.84 -36.96
CA TYR NA 24 15.67 -38.87 -37.56
C TYR NA 24 14.24 -38.79 -37.03
N ARG NA 25 14.10 -38.36 -35.77
CA ARG NA 25 12.79 -38.18 -35.17
C ARG NA 25 12.00 -37.08 -35.86
N ILE NA 26 12.65 -35.95 -36.11
CA ILE NA 26 12.01 -34.83 -36.78
C ILE NA 26 11.68 -35.17 -38.23
N VAL NA 27 12.59 -35.88 -38.90
CA VAL NA 27 12.37 -36.30 -40.28
C VAL NA 27 11.18 -37.24 -40.36
N THR NA 28 11.07 -38.13 -39.39
CA THR NA 28 9.99 -39.11 -39.35
C THR NA 28 8.62 -38.44 -39.18
N ARG NA 29 8.57 -37.45 -38.31
CA ARG NA 29 7.31 -36.77 -38.00
C ARG NA 29 6.91 -35.75 -39.06
N VAL NA 30 7.86 -34.93 -39.47
CA VAL NA 30 7.57 -33.84 -40.41
C VAL NA 30 7.46 -34.32 -41.86
N VAL NA 31 8.43 -35.12 -42.28
CA VAL NA 31 8.48 -35.55 -43.68
C VAL NA 31 7.74 -36.86 -43.92
N LEU NA 32 8.11 -37.88 -43.16
CA LEU NA 32 7.54 -39.21 -43.35
C LEU NA 32 6.11 -39.30 -42.82
N GLY NA 33 5.74 -38.36 -41.95
CA GLY NA 33 4.40 -38.34 -41.38
C GLY NA 33 4.13 -39.52 -40.47
N LYS NA 34 5.16 -39.94 -39.73
CA LYS NA 34 5.03 -41.07 -38.82
C LYS NA 34 5.48 -40.67 -37.41
N PRO NA 35 4.95 -41.35 -36.38
CA PRO NA 35 5.32 -41.05 -34.99
C PRO NA 35 6.81 -41.19 -34.71
N GLU NA 36 7.39 -40.18 -34.07
CA GLU NA 36 8.83 -40.14 -33.81
C GLU NA 36 9.25 -41.14 -32.72
N ASP NA 37 8.28 -41.68 -32.01
CA ASP NA 37 8.55 -42.67 -30.98
C ASP NA 37 8.61 -44.08 -31.57
N LEU NA 38 8.21 -44.22 -32.83
CA LEU NA 38 8.12 -45.53 -33.46
C LEU NA 38 9.27 -45.80 -34.42
N VAL NA 39 10.22 -44.87 -34.50
CA VAL NA 39 11.39 -45.06 -35.37
C VAL NA 39 12.57 -45.60 -34.57
N MET NA 40 13.16 -46.68 -35.07
CA MET NA 40 14.31 -47.30 -34.41
C MET NA 40 15.61 -46.91 -35.11
N MET NA 41 16.60 -46.51 -34.32
CA MET NA 41 17.85 -46.02 -34.87
C MET NA 41 19.05 -46.78 -34.32
N THR NA 42 19.92 -47.25 -35.22
CA THR NA 42 21.14 -47.93 -34.83
C THR NA 42 22.36 -47.18 -35.34
N PHE NA 43 23.44 -47.18 -34.55
CA PHE NA 43 24.65 -46.46 -34.92
C PHE NA 43 25.87 -47.39 -34.94
N HIS NA 44 26.55 -47.43 -36.07
CA HIS NA 44 27.74 -48.25 -36.22
C HIS NA 44 28.97 -47.39 -36.54
N ASP NA 45 29.64 -46.93 -35.49
CA ASP NA 45 30.79 -46.05 -35.65
C ASP NA 45 32.08 -46.85 -35.83
N SER NA 46 33.13 -46.18 -36.27
CA SER NA 46 34.43 -46.80 -36.50
C SER NA 46 34.33 -48.01 -37.43
N THR NA 47 33.45 -47.90 -38.42
CA THR NA 47 33.24 -48.99 -39.37
C THR NA 47 34.25 -48.93 -40.51
N PRO NA 48 34.99 -50.02 -40.71
CA PRO NA 48 35.96 -50.13 -41.81
C PRO NA 48 35.28 -50.03 -43.17
N MET NA 49 35.41 -48.89 -43.83
CA MET NA 49 34.75 -48.66 -45.11
C MET NA 49 35.74 -48.24 -46.20
N HIS NA 50 35.33 -48.42 -47.45
CA HIS NA 50 36.16 -48.02 -48.59
C HIS NA 50 35.27 -47.50 -49.71
N PHE NA 51 35.54 -46.27 -50.15
CA PHE NA 51 34.70 -45.63 -51.16
C PHE NA 51 35.50 -44.61 -51.97
N PHE NA 52 35.23 -44.55 -53.26
CA PHE NA 52 35.88 -43.62 -54.18
C PHE NA 52 37.41 -43.79 -54.18
N GLY NA 53 37.86 -45.03 -53.98
CA GLY NA 53 39.27 -45.34 -54.02
C GLY NA 53 40.04 -44.87 -52.80
N SER NA 54 39.32 -44.64 -51.70
CA SER NA 54 39.95 -44.18 -50.47
C SER NA 54 39.21 -44.69 -49.23
N THR NA 55 39.91 -44.72 -48.11
CA THR NA 55 39.32 -45.10 -46.84
C THR NA 55 38.99 -43.86 -46.03
N ASP NA 56 38.87 -42.73 -46.72
CA ASP NA 56 38.52 -41.46 -46.11
C ASP NA 56 37.15 -41.53 -45.44
N PRO NA 57 36.89 -40.64 -44.47
CA PRO NA 57 35.59 -40.57 -43.78
C PRO NA 57 34.39 -40.63 -44.73
N VAL NA 58 33.56 -41.66 -44.54
CA VAL NA 58 32.44 -41.93 -45.43
C VAL NA 58 31.29 -42.55 -44.64
N ALA NA 59 30.06 -42.17 -45.00
CA ALA NA 59 28.90 -42.64 -44.26
C ALA NA 59 27.90 -43.36 -45.16
N CYS NA 60 27.21 -44.33 -44.60
CA CYS NA 60 26.16 -45.05 -45.32
C CYS NA 60 24.91 -45.18 -44.45
N VAL NA 61 23.81 -44.60 -44.92
CA VAL NA 61 22.57 -44.60 -44.16
C VAL NA 61 21.52 -45.48 -44.82
N ARG NA 62 20.88 -46.33 -44.02
CA ARG NA 62 19.83 -47.22 -44.52
C ARG NA 62 18.48 -46.82 -43.96
N VAL NA 63 17.54 -46.53 -44.84
CA VAL NA 63 16.19 -46.16 -44.44
C VAL NA 63 15.18 -47.21 -44.89
N GLU NA 64 14.47 -47.80 -43.93
CA GLU NA 64 13.52 -48.86 -44.22
C GLU NA 64 12.17 -48.60 -43.58
N ALA NA 65 11.15 -48.40 -44.41
CA ALA NA 65 9.80 -48.13 -43.92
C ALA NA 65 8.77 -48.98 -44.67
N LEU NA 66 7.90 -49.64 -43.91
CA LEU NA 66 6.85 -50.46 -44.50
C LEU NA 66 5.79 -49.59 -45.18
N GLY NA 67 5.28 -50.06 -46.31
CA GLY NA 67 4.26 -49.35 -47.06
C GLY NA 67 4.84 -48.41 -48.10
N GLY NA 68 6.17 -48.37 -48.18
CA GLY NA 68 6.84 -47.52 -49.16
C GLY NA 68 7.04 -46.10 -48.68
N TYR NA 69 7.26 -45.20 -49.63
CA TYR NA 69 7.47 -43.79 -49.33
C TYR NA 69 6.60 -42.90 -50.20
N GLY NA 70 6.47 -41.63 -49.80
CA GLY NA 70 5.72 -40.66 -50.57
C GLY NA 70 6.43 -40.29 -51.86
N PRO NA 71 5.77 -39.49 -52.71
CA PRO NA 71 6.33 -39.06 -54.01
C PRO NA 71 7.61 -38.23 -53.86
N SER NA 72 7.54 -37.14 -53.11
CA SER NA 72 8.67 -36.21 -52.98
C SER NA 72 9.42 -36.39 -51.66
N GLU NA 73 9.03 -37.39 -50.88
CA GLU NA 73 9.63 -37.64 -49.58
C GLU NA 73 11.09 -38.14 -49.63
N PRO NA 74 11.40 -39.13 -50.50
CA PRO NA 74 12.79 -39.61 -50.50
C PRO NA 74 13.82 -38.54 -50.85
N GLU NA 75 13.46 -37.64 -51.76
CA GLU NA 75 14.35 -36.54 -52.14
C GLU NA 75 14.60 -35.61 -50.97
N LYS NA 76 13.56 -35.36 -50.18
CA LYS NA 76 13.66 -34.49 -49.01
C LYS NA 76 14.50 -35.13 -47.91
N VAL NA 77 14.24 -36.40 -47.62
CA VAL NA 77 14.96 -37.13 -46.59
C VAL NA 77 16.46 -37.20 -46.89
N THR NA 78 16.78 -37.49 -48.15
CA THR NA 78 18.17 -37.60 -48.58
C THR NA 78 18.93 -36.30 -48.37
N SER NA 79 18.28 -35.18 -48.69
CA SER NA 79 18.88 -33.86 -48.53
C SER NA 79 19.18 -33.56 -47.06
N ILE NA 80 18.21 -33.87 -46.20
CA ILE NA 80 18.35 -33.61 -44.77
C ILE NA 80 19.39 -34.52 -44.12
N VAL NA 81 19.32 -35.80 -44.42
CA VAL NA 81 20.26 -36.78 -43.85
C VAL NA 81 21.69 -36.47 -44.24
N THR NA 82 21.91 -36.19 -45.53
CA THR NA 82 23.23 -35.83 -46.03
C THR NA 82 23.76 -34.59 -45.30
N ALA NA 83 22.89 -33.58 -45.17
CA ALA NA 83 23.23 -32.37 -44.45
C ALA NA 83 23.46 -32.67 -42.96
N ALA NA 84 22.73 -33.66 -42.45
CA ALA NA 84 22.84 -34.04 -41.05
C ALA NA 84 24.21 -34.66 -40.75
N ILE NA 85 24.61 -35.62 -41.57
CA ILE NA 85 25.90 -36.29 -41.40
C ILE NA 85 27.06 -35.31 -41.60
N THR NA 86 26.87 -34.38 -42.54
CA THR NA 86 27.91 -33.41 -42.88
C THR NA 86 28.26 -32.50 -41.69
N ALA NA 87 27.24 -32.00 -41.01
CA ALA NA 87 27.46 -31.08 -39.89
C ALA NA 87 27.93 -31.81 -38.63
N VAL NA 88 27.33 -32.97 -38.36
CA VAL NA 88 27.62 -33.71 -37.14
C VAL NA 88 28.95 -34.47 -37.22
N CYS NA 89 29.12 -35.26 -38.27
CA CYS NA 89 30.30 -36.13 -38.38
C CYS NA 89 31.44 -35.47 -39.16
N GLY NA 90 31.12 -34.43 -39.94
CA GLY NA 90 32.13 -33.73 -40.72
C GLY NA 90 32.42 -34.39 -42.05
N ILE NA 91 31.62 -35.40 -42.38
CA ILE NA 91 31.79 -36.13 -43.64
C ILE NA 91 31.19 -35.35 -44.81
N VAL NA 92 31.97 -35.18 -45.87
CA VAL NA 92 31.53 -34.42 -47.04
C VAL NA 92 30.32 -35.04 -47.71
N ALA NA 93 29.56 -34.21 -48.42
CA ALA NA 93 28.31 -34.64 -49.06
C ALA NA 93 28.55 -35.68 -50.15
N ASP NA 94 29.68 -35.56 -50.85
CA ASP NA 94 29.98 -36.45 -51.97
C ASP NA 94 30.42 -37.84 -51.51
N ARG NA 95 30.42 -38.06 -50.20
CA ARG NA 95 30.76 -39.36 -49.64
C ARG NA 95 29.69 -39.84 -48.67
N ILE NA 96 28.42 -39.60 -49.02
CA ILE NA 96 27.30 -40.02 -48.19
C ILE NA 96 26.23 -40.73 -49.02
N PHE NA 97 26.01 -42.01 -48.73
CA PHE NA 97 24.97 -42.77 -49.40
C PHE NA 97 23.72 -42.89 -48.54
N VAL NA 98 22.57 -42.71 -49.17
CA VAL NA 98 21.28 -42.89 -48.50
C VAL NA 98 20.41 -43.85 -49.30
N LEU NA 99 20.28 -45.08 -48.79
CA LEU NA 99 19.53 -46.11 -49.49
C LEU NA 99 18.15 -46.30 -48.87
N TYR NA 100 17.17 -46.61 -49.70
CA TYR NA 100 15.80 -46.79 -49.23
C TYR NA 100 15.26 -48.17 -49.53
N PHE NA 101 14.72 -48.82 -48.51
CA PHE NA 101 14.18 -50.17 -48.64
C PHE NA 101 12.77 -50.24 -48.07
N SER NA 102 12.03 -51.28 -48.43
CA SER NA 102 10.68 -51.49 -47.92
C SER NA 102 10.45 -52.95 -47.57
N PRO NA 103 10.34 -53.26 -46.27
CA PRO NA 103 10.15 -54.63 -45.80
C PRO NA 103 8.76 -55.16 -46.11
N LEU NA 104 8.65 -56.47 -46.35
CA LEU NA 104 7.37 -57.09 -46.63
C LEU NA 104 6.50 -57.14 -45.38
N HIS NA 105 7.13 -57.36 -44.24
CA HIS NA 105 6.44 -57.39 -42.95
C HIS NA 105 7.30 -56.80 -41.85
N CYS NA 106 6.65 -56.24 -40.84
CA CYS NA 106 7.34 -55.64 -39.70
C CYS NA 106 6.63 -55.97 -38.40
N GLY NA 107 7.38 -56.42 -37.40
CA GLY NA 107 6.79 -56.84 -36.14
C GLY NA 107 7.18 -55.96 -34.97
N TRP NA 108 6.22 -55.72 -34.08
CA TRP NA 108 6.47 -54.95 -32.87
C TRP NA 108 5.46 -55.36 -31.78
N ASN NA 109 5.94 -55.42 -30.54
CA ASN NA 109 5.14 -55.83 -29.40
C ASN NA 109 4.54 -57.23 -29.59
N GLY NA 110 5.25 -58.07 -30.34
CA GLY NA 110 4.83 -59.44 -30.56
C GLY NA 110 3.84 -59.65 -31.69
N THR NA 111 3.44 -58.57 -32.34
CA THR NA 111 2.47 -58.66 -33.43
C THR NA 111 2.91 -57.86 -34.65
N ASN NA 112 2.38 -58.25 -35.81
CA ASN NA 112 2.66 -57.55 -37.06
C ASN NA 112 1.66 -56.44 -37.34
N PHE NA 113 1.97 -55.60 -38.32
CA PHE NA 113 1.09 -54.49 -38.68
C PHE NA 113 0.59 -54.63 -40.12
N MET OA 1 70.81 -100.01 -1.85
CA MET OA 1 70.47 -98.58 -1.94
C MET OA 1 70.55 -98.09 -3.38
N PRO OA 2 69.48 -98.33 -4.16
CA PRO OA 2 69.45 -97.93 -5.58
C PRO OA 2 69.09 -96.46 -5.78
N VAL OA 3 69.56 -95.89 -6.87
CA VAL OA 3 69.26 -94.50 -7.22
C VAL OA 3 68.70 -94.42 -8.63
N ILE OA 4 67.56 -93.75 -8.79
CA ILE OA 4 66.92 -93.65 -10.10
C ILE OA 4 66.75 -92.19 -10.54
N GLN OA 5 67.54 -91.79 -11.54
CA GLN OA 5 67.43 -90.46 -12.12
C GLN OA 5 66.51 -90.47 -13.33
N THR OA 6 65.62 -89.50 -13.42
CA THR OA 6 64.67 -89.42 -14.53
C THR OA 6 64.81 -88.10 -15.30
N PHE OA 7 65.38 -88.18 -16.49
CA PHE OA 7 65.52 -87.01 -17.35
C PHE OA 7 64.44 -87.02 -18.42
N VAL OA 8 63.64 -85.95 -18.48
CA VAL OA 8 62.57 -85.85 -19.46
C VAL OA 8 62.56 -84.49 -20.15
N SER OA 9 62.12 -84.47 -21.41
CA SER OA 9 62.03 -83.23 -22.17
C SER OA 9 60.67 -82.56 -21.96
N THR OA 10 59.73 -83.31 -21.41
CA THR OA 10 58.39 -82.79 -21.14
C THR OA 10 58.29 -82.31 -19.69
N PRO OA 11 57.50 -81.25 -19.47
CA PRO OA 11 57.30 -80.73 -18.11
C PRO OA 11 56.66 -81.75 -17.18
N LEU OA 12 57.12 -81.77 -15.92
CA LEU OA 12 56.57 -82.70 -14.93
C LEU OA 12 55.99 -81.94 -13.75
N ASP OA 13 54.79 -82.34 -13.33
CA ASP OA 13 54.15 -81.74 -12.16
C ASP OA 13 54.19 -82.68 -10.97
N HIS OA 14 53.37 -82.40 -9.97
CA HIS OA 14 53.31 -83.23 -8.77
C HIS OA 14 52.75 -84.62 -9.09
N HIS OA 15 51.69 -84.65 -9.90
CA HIS OA 15 51.01 -85.90 -10.23
C HIS OA 15 51.91 -86.88 -10.99
N LYS OA 16 52.58 -86.38 -12.02
CA LYS OA 16 53.44 -87.21 -12.85
C LYS OA 16 54.63 -87.74 -12.05
N ARG OA 17 55.27 -86.87 -11.29
CA ARG OA 17 56.43 -87.25 -10.49
C ARG OA 17 56.05 -88.25 -9.40
N LEU OA 18 54.87 -88.08 -8.81
CA LEU OA 18 54.39 -88.98 -7.79
C LEU OA 18 54.11 -90.37 -8.37
N LEU OA 19 53.56 -90.39 -9.57
CA LEU OA 19 53.27 -91.65 -10.26
C LEU OA 19 54.55 -92.43 -10.54
N LEU OA 20 55.54 -91.75 -11.12
CA LEU OA 20 56.82 -92.37 -11.43
C LEU OA 20 57.54 -92.80 -10.16
N ALA OA 21 57.31 -92.07 -9.06
CA ALA OA 21 57.92 -92.39 -7.77
C ALA OA 21 57.44 -93.74 -7.26
N ILE OA 22 56.13 -93.95 -7.26
CA ILE OA 22 55.54 -95.20 -6.80
C ILE OA 22 55.96 -96.36 -7.71
N ILE OA 23 56.05 -96.09 -9.00
CA ILE OA 23 56.49 -97.09 -9.97
C ILE OA 23 57.88 -97.62 -9.62
N TYR OA 24 58.82 -96.71 -9.41
CA TYR OA 24 60.19 -97.08 -9.07
C TYR OA 24 60.25 -97.84 -7.76
N ARG OA 25 59.33 -97.52 -6.85
CA ARG OA 25 59.24 -98.21 -5.57
C ARG OA 25 58.84 -99.67 -5.76
N ILE OA 26 57.83 -99.90 -6.60
CA ILE OA 26 57.36 -101.26 -6.89
C ILE OA 26 58.45 -102.05 -7.62
N VAL OA 27 59.13 -101.39 -8.56
CA VAL OA 27 60.22 -102.01 -9.29
C VAL OA 27 61.36 -102.39 -8.34
N THR OA 28 61.64 -101.52 -7.39
CA THR OA 28 62.72 -101.74 -6.43
C THR OA 28 62.42 -102.94 -5.53
N ARG OA 29 61.17 -103.05 -5.06
CA ARG OA 29 60.80 -104.10 -4.12
C ARG OA 29 60.53 -105.44 -4.81
N VAL OA 30 59.78 -105.41 -5.90
CA VAL OA 30 59.37 -106.64 -6.58
C VAL OA 30 60.46 -107.20 -7.48
N VAL OA 31 61.06 -106.33 -8.29
CA VAL OA 31 62.05 -106.77 -9.28
C VAL OA 31 63.47 -106.72 -8.74
N LEU OA 32 63.88 -105.55 -8.25
CA LEU OA 32 65.25 -105.35 -7.78
C LEU OA 32 65.51 -106.06 -6.45
N GLY OA 33 64.43 -106.40 -5.74
CA GLY OA 33 64.55 -107.08 -4.47
C GLY OA 33 65.19 -106.24 -3.39
N LYS OA 34 64.90 -104.94 -3.41
CA LYS OA 34 65.45 -104.01 -2.44
C LYS OA 34 64.31 -103.23 -1.77
N PRO OA 35 64.52 -102.77 -0.52
CA PRO OA 35 63.50 -102.00 0.18
C PRO OA 35 63.10 -100.72 -0.56
N GLU OA 36 61.80 -100.50 -0.70
CA GLU OA 36 61.29 -99.35 -1.44
C GLU OA 36 61.48 -98.04 -0.68
N ASP OA 37 61.83 -98.14 0.59
CA ASP OA 37 62.08 -96.96 1.40
C ASP OA 37 63.55 -96.53 1.26
N LEU OA 38 64.36 -97.39 0.65
CA LEU OA 38 65.79 -97.14 0.54
C LEU OA 38 66.20 -96.72 -0.87
N VAL OA 39 65.23 -96.56 -1.76
CA VAL OA 39 65.52 -96.13 -3.12
C VAL OA 39 65.34 -94.62 -3.26
N MET OA 40 66.35 -93.95 -3.81
CA MET OA 40 66.30 -92.51 -3.99
C MET OA 40 65.98 -92.16 -5.43
N MET OA 41 65.04 -91.25 -5.62
CA MET OA 41 64.57 -90.89 -6.95
C MET OA 41 64.68 -89.39 -7.19
N THR OA 42 65.30 -89.01 -8.30
CA THR OA 42 65.42 -87.61 -8.68
C THR OA 42 64.74 -87.37 -10.02
N PHE OA 43 64.11 -86.21 -10.17
CA PHE OA 43 63.40 -85.88 -11.41
C PHE OA 43 63.91 -84.59 -12.02
N HIS OA 44 64.32 -84.67 -13.28
CA HIS OA 44 64.85 -83.50 -13.99
C HIS OA 44 63.98 -83.19 -15.21
N ASP OA 45 62.95 -82.38 -14.99
CA ASP OA 45 62.00 -82.03 -16.04
C ASP OA 45 62.46 -80.83 -16.86
N SER OA 46 61.82 -80.63 -18.00
CA SER OA 46 62.11 -79.52 -18.91
C SER OA 46 63.59 -79.47 -19.29
N THR OA 47 64.19 -80.65 -19.47
CA THR OA 47 65.60 -80.74 -19.83
C THR OA 47 65.80 -80.66 -21.34
N PRO OA 48 66.61 -79.70 -21.78
CA PRO OA 48 66.95 -79.54 -23.20
C PRO OA 48 67.68 -80.75 -23.74
N MET OA 49 66.98 -81.58 -24.52
CA MET OA 49 67.56 -82.81 -25.04
C MET OA 49 67.46 -82.89 -26.55
N HIS OA 50 68.30 -83.74 -27.14
CA HIS OA 50 68.31 -83.94 -28.59
C HIS OA 50 68.58 -85.41 -28.92
N PHE OA 51 67.68 -86.01 -29.68
CA PHE OA 51 67.79 -87.43 -30.03
C PHE OA 51 67.10 -87.74 -31.34
N PHE OA 52 67.71 -88.61 -32.13
CA PHE OA 52 67.20 -89.03 -33.43
C PHE OA 52 66.99 -87.85 -34.37
N GLY OA 53 67.86 -86.85 -34.23
CA GLY OA 53 67.82 -85.68 -35.10
C GLY OA 53 66.67 -84.74 -34.82
N SER OA 54 66.12 -84.81 -33.61
CA SER OA 54 65.01 -83.96 -33.22
C SER OA 54 65.03 -83.64 -31.73
N THR OA 55 64.37 -82.54 -31.36
CA THR OA 55 64.24 -82.16 -29.96
C THR OA 55 62.88 -82.57 -29.42
N ASP OA 56 62.28 -83.55 -30.09
CA ASP OA 56 60.99 -84.11 -29.69
C ASP OA 56 61.06 -84.72 -28.28
N PRO OA 57 59.91 -84.84 -27.60
CA PRO OA 57 59.82 -85.46 -26.28
C PRO OA 57 60.62 -86.75 -26.16
N VAL OA 58 61.60 -86.76 -25.26
CA VAL OA 58 62.52 -87.89 -25.12
C VAL OA 58 62.95 -88.04 -23.67
N ALA OA 59 63.08 -89.28 -23.20
CA ALA OA 59 63.41 -89.53 -21.81
C ALA OA 59 64.68 -90.37 -21.64
N CYS OA 60 65.42 -90.12 -20.58
CA CYS OA 60 66.60 -90.89 -20.25
C CYS OA 60 66.61 -91.25 -18.76
N VAL OA 61 66.57 -92.53 -18.46
CA VAL OA 61 66.52 -93.00 -17.08
C VAL OA 61 67.83 -93.66 -16.65
N ARG OA 62 68.35 -93.26 -15.49
CA ARG OA 62 69.59 -93.82 -14.97
C ARG OA 62 69.33 -94.67 -13.72
N VAL OA 63 69.72 -95.93 -13.78
CA VAL OA 63 69.55 -96.84 -12.65
C VAL OA 63 70.90 -97.29 -12.11
N GLU OA 64 71.14 -97.02 -10.83
CA GLU OA 64 72.42 -97.35 -10.19
C GLU OA 64 72.22 -98.11 -8.89
N ALA OA 65 72.67 -99.36 -8.87
CA ALA OA 65 72.55 -100.19 -7.68
C ALA OA 65 73.86 -100.90 -7.36
N LEU OA 66 74.30 -100.81 -6.11
CA LEU OA 66 75.52 -101.47 -5.66
C LEU OA 66 75.35 -102.98 -5.62
N GLY OA 67 76.40 -103.70 -6.00
CA GLY OA 67 76.39 -105.15 -5.99
C GLY OA 67 75.93 -105.74 -7.31
N GLY OA 68 75.62 -104.87 -8.26
CA GLY OA 68 75.20 -105.29 -9.58
C GLY OA 68 73.71 -105.59 -9.66
N TYR OA 69 73.31 -106.35 -10.68
CA TYR OA 69 71.91 -106.69 -10.88
C TYR OA 69 71.73 -108.18 -11.12
N GLY OA 70 70.49 -108.65 -11.00
CA GLY OA 70 70.16 -110.04 -11.26
C GLY OA 70 70.23 -110.38 -12.74
N PRO OA 71 70.05 -111.67 -13.08
CA PRO OA 71 70.12 -112.14 -14.47
C PRO OA 71 69.04 -111.54 -15.36
N SER OA 72 67.78 -111.70 -14.98
CA SER OA 72 66.66 -111.25 -15.81
C SER OA 72 66.05 -109.95 -15.32
N GLU OA 73 66.67 -109.36 -14.29
CA GLU OA 73 66.14 -108.12 -13.70
C GLU OA 73 66.25 -106.88 -14.60
N PRO OA 74 67.41 -106.64 -15.24
CA PRO OA 74 67.49 -105.42 -16.07
C PRO OA 74 66.47 -105.38 -17.20
N GLU OA 75 66.20 -106.54 -17.81
CA GLU OA 75 65.22 -106.63 -18.88
C GLU OA 75 63.83 -106.27 -18.38
N LYS OA 76 63.51 -106.72 -17.16
CA LYS OA 76 62.22 -106.44 -16.55
C LYS OA 76 62.08 -104.97 -16.20
N VAL OA 77 63.10 -104.41 -15.56
CA VAL OA 77 63.09 -103.01 -15.16
C VAL OA 77 62.93 -102.08 -16.36
N THR OA 78 63.69 -102.36 -17.42
CA THR OA 78 63.64 -101.56 -18.64
C THR OA 78 62.25 -101.54 -19.25
N SER OA 79 61.61 -102.70 -19.29
CA SER OA 79 60.27 -102.82 -19.85
C SER OA 79 59.25 -102.01 -19.05
N ILE OA 80 59.33 -102.11 -17.73
CA ILE OA 80 58.41 -101.41 -16.84
C ILE OA 80 58.62 -99.91 -16.86
N VAL OA 81 59.87 -99.49 -16.75
CA VAL OA 81 60.21 -98.06 -16.73
C VAL OA 81 59.81 -97.37 -18.03
N THR OA 82 60.12 -98.01 -19.16
CA THR OA 82 59.77 -97.48 -20.47
C THR OA 82 58.26 -97.33 -20.62
N ALA OA 83 57.53 -98.35 -20.20
CA ALA OA 83 56.07 -98.32 -20.24
C ALA OA 83 55.52 -97.26 -19.30
N ALA OA 84 56.24 -97.02 -18.20
CA ALA OA 84 55.83 -96.01 -17.22
C ALA OA 84 55.92 -94.61 -17.81
N ILE OA 85 57.06 -94.31 -18.42
CA ILE OA 85 57.28 -93.00 -19.03
C ILE OA 85 56.33 -92.79 -20.20
N THR OA 86 56.05 -93.86 -20.94
CA THR OA 86 55.18 -93.80 -22.10
C THR OA 86 53.76 -93.37 -21.74
N ALA OA 87 53.20 -93.97 -20.70
CA ALA OA 87 51.84 -93.66 -20.29
C ALA OA 87 51.75 -92.33 -19.54
N VAL OA 88 52.72 -92.08 -18.67
CA VAL OA 88 52.69 -90.88 -17.82
C VAL OA 88 53.09 -89.62 -18.58
N CYS OA 89 54.24 -89.67 -19.26
CA CYS OA 89 54.78 -88.48 -19.92
C CYS OA 89 54.33 -88.36 -21.36
N GLY OA 90 53.86 -89.46 -21.94
CA GLY OA 90 53.40 -89.47 -23.32
C GLY OA 90 54.55 -89.63 -24.31
N ILE OA 91 55.74 -89.90 -23.80
CA ILE OA 91 56.91 -90.09 -24.64
C ILE OA 91 56.93 -91.49 -25.26
N VAL OA 92 57.10 -91.55 -26.57
CA VAL OA 92 57.11 -92.82 -27.30
C VAL OA 92 58.25 -93.72 -26.83
N ALA OA 93 58.07 -95.03 -27.02
CA ALA OA 93 59.05 -96.01 -26.55
C ALA OA 93 60.40 -95.89 -27.25
N ASP OA 94 60.39 -95.51 -28.52
CA ASP OA 94 61.61 -95.43 -29.31
C ASP OA 94 62.46 -94.22 -28.95
N ARG OA 95 62.01 -93.44 -27.97
CA ARG OA 95 62.75 -92.29 -27.49
C ARG OA 95 62.95 -92.34 -25.98
N ILE OA 96 63.22 -93.53 -25.46
CA ILE OA 96 63.45 -93.71 -24.03
C ILE OA 96 64.69 -94.54 -23.75
N PHE OA 97 65.68 -93.92 -23.10
CA PHE OA 97 66.89 -94.63 -22.71
C PHE OA 97 66.87 -95.02 -21.24
N VAL OA 98 67.28 -96.25 -20.97
CA VAL OA 98 67.41 -96.72 -19.59
C VAL OA 98 68.79 -97.32 -19.38
N LEU OA 99 69.65 -96.58 -18.68
CA LEU OA 99 71.03 -97.01 -18.47
C LEU OA 99 71.23 -97.60 -17.08
N TYR OA 100 72.09 -98.60 -16.98
CA TYR OA 100 72.35 -99.27 -15.71
C TYR OA 100 73.82 -99.17 -15.32
N PHE OA 101 74.05 -98.75 -14.08
CA PHE OA 101 75.40 -98.58 -13.56
C PHE OA 101 75.57 -99.28 -12.22
N SER OA 102 76.81 -99.49 -11.80
CA SER OA 102 77.10 -100.11 -10.52
C SER OA 102 78.24 -99.41 -9.81
N PRO OA 103 77.93 -98.71 -8.70
CA PRO OA 103 78.92 -97.96 -7.93
C PRO OA 103 79.87 -98.86 -7.14
N LEU OA 104 81.10 -98.40 -6.96
CA LEU OA 104 82.08 -99.16 -6.19
C LEU OA 104 81.74 -99.11 -4.70
N HIS OA 105 81.24 -97.96 -4.26
CA HIS OA 105 80.83 -97.79 -2.86
C HIS OA 105 79.61 -96.89 -2.77
N CYS OA 106 78.81 -97.08 -1.72
CA CYS OA 106 77.62 -96.28 -1.50
C CYS OA 106 77.47 -95.93 -0.02
N GLY OA 107 77.23 -94.65 0.26
CA GLY OA 107 77.16 -94.18 1.63
C GLY OA 107 75.78 -93.68 2.05
N TRP OA 108 75.42 -93.97 3.29
CA TRP OA 108 74.15 -93.51 3.85
C TRP OA 108 74.23 -93.42 5.37
N ASN OA 109 73.62 -92.39 5.94
CA ASN OA 109 73.64 -92.14 7.37
C ASN OA 109 75.05 -92.01 7.94
N GLY OA 110 75.98 -91.51 7.13
CA GLY OA 110 77.34 -91.29 7.56
C GLY OA 110 78.24 -92.50 7.46
N THR OA 111 77.68 -93.62 6.99
CA THR OA 111 78.43 -94.86 6.86
C THR OA 111 78.20 -95.50 5.50
N ASN OA 112 79.16 -96.32 5.07
CA ASN OA 112 79.04 -97.03 3.80
C ASN OA 112 78.38 -98.39 3.96
N PHE OA 113 78.01 -98.99 2.83
CA PHE OA 113 77.35 -100.30 2.84
C PHE OA 113 78.19 -101.35 2.13
N MET PA 1 17.43 -70.71 -48.23
CA MET PA 1 18.59 -70.23 -47.50
C MET PA 1 18.31 -68.88 -46.84
N PRO PA 2 17.65 -68.91 -45.66
CA PRO PA 2 17.28 -67.69 -44.93
C PRO PA 2 18.44 -67.12 -44.10
N VAL PA 3 18.40 -65.80 -43.87
CA VAL PA 3 19.42 -65.14 -43.08
C VAL PA 3 18.79 -64.33 -41.95
N ILE PA 4 19.27 -64.53 -40.72
CA ILE PA 4 18.71 -63.85 -39.57
C ILE PA 4 19.74 -63.00 -38.83
N GLN PA 5 19.60 -61.69 -38.92
CA GLN PA 5 20.47 -60.77 -38.20
C GLN PA 5 19.85 -60.35 -36.87
N THR PA 6 20.65 -60.35 -35.82
CA THR PA 6 20.17 -59.99 -34.49
C THR PA 6 20.95 -58.81 -33.92
N PHE PA 7 20.29 -57.65 -33.87
CA PHE PA 7 20.89 -56.45 -33.28
C PHE PA 7 20.37 -56.22 -31.87
N VAL PA 8 21.28 -56.16 -30.90
CA VAL PA 8 20.89 -55.95 -29.52
C VAL PA 8 21.75 -54.88 -28.83
N SER PA 9 21.15 -54.17 -27.88
CA SER PA 9 21.87 -53.14 -27.13
C SER PA 9 22.55 -53.71 -25.90
N THR PA 10 22.16 -54.93 -25.53
CA THR PA 10 22.73 -55.61 -24.37
C THR PA 10 23.87 -56.55 -24.78
N PRO PA 11 24.89 -56.68 -23.91
CA PRO PA 11 26.01 -57.58 -24.18
C PRO PA 11 25.57 -59.04 -24.30
N LEU PA 12 26.17 -59.76 -25.23
CA LEU PA 12 25.83 -61.17 -25.45
C LEU PA 12 27.04 -62.09 -25.26
N ASP PA 13 26.83 -63.17 -24.52
CA ASP PA 13 27.89 -64.14 -24.29
C ASP PA 13 27.66 -65.41 -25.12
N HIS PA 14 28.34 -66.49 -24.75
CA HIS PA 14 28.20 -67.76 -25.47
C HIS PA 14 26.82 -68.37 -25.28
N HIS PA 15 26.31 -68.33 -24.05
CA HIS PA 15 25.04 -68.95 -23.71
C HIS PA 15 23.84 -68.33 -24.44
N LYS PA 16 23.77 -66.99 -24.41
CA LYS PA 16 22.66 -66.28 -25.03
C LYS PA 16 22.64 -66.45 -26.55
N ARG PA 17 23.80 -66.30 -27.18
CA ARG PA 17 23.91 -66.42 -28.63
C ARG PA 17 23.62 -67.84 -29.10
N LEU PA 18 24.05 -68.83 -28.33
CA LEU PA 18 23.80 -70.22 -28.67
C LEU PA 18 22.31 -70.55 -28.58
N LEU PA 19 21.64 -70.00 -27.57
CA LEU PA 19 20.21 -70.20 -27.39
C LEU PA 19 19.43 -69.64 -28.57
N LEU PA 20 19.71 -68.39 -28.93
CA LEU PA 20 19.05 -67.75 -30.06
C LEU PA 20 19.36 -68.45 -31.38
N ALA PA 21 20.54 -69.04 -31.44
CA ALA PA 21 20.96 -69.79 -32.63
C ALA PA 21 20.06 -70.99 -32.86
N ILE PA 22 19.85 -71.76 -31.80
CA ILE PA 22 18.99 -72.94 -31.87
C ILE PA 22 17.55 -72.54 -32.15
N ILE PA 23 17.13 -71.42 -31.57
CA ILE PA 23 15.78 -70.89 -31.80
C ILE PA 23 15.48 -70.65 -33.27
N TYR PA 24 16.37 -69.91 -33.94
CA TYR PA 24 16.20 -69.62 -35.37
C TYR PA 24 16.23 -70.89 -36.20
N ARG PA 25 16.98 -71.88 -35.73
CA ARG PA 25 17.04 -73.18 -36.40
C ARG PA 25 15.68 -73.87 -36.34
N ILE PA 26 15.07 -73.87 -35.17
CA ILE PA 26 13.75 -74.47 -34.99
C ILE PA 26 12.68 -73.71 -35.77
N VAL PA 27 12.76 -72.38 -35.74
CA VAL PA 27 11.84 -71.53 -36.48
C VAL PA 27 11.94 -71.78 -37.98
N THR PA 28 13.16 -71.95 -38.45
CA THR PA 28 13.43 -72.18 -39.87
C THR PA 28 12.83 -73.51 -40.34
N ARG PA 29 12.96 -74.54 -39.52
CA ARG PA 29 12.52 -75.88 -39.89
C ARG PA 29 11.01 -76.07 -39.71
N VAL PA 30 10.49 -75.63 -38.58
CA VAL PA 30 9.08 -75.84 -38.25
C VAL PA 30 8.16 -74.87 -38.96
N VAL PA 31 8.49 -73.58 -38.92
CA VAL PA 31 7.62 -72.55 -39.47
C VAL PA 31 7.94 -72.22 -40.93
N LEU PA 32 9.19 -71.89 -41.21
CA LEU PA 32 9.59 -71.47 -42.54
C LEU PA 32 9.66 -72.64 -43.52
N GLY PA 33 9.74 -73.85 -42.99
CA GLY PA 33 9.80 -75.04 -43.81
C GLY PA 33 11.09 -75.13 -44.61
N LYS PA 34 12.18 -74.69 -43.99
CA LYS PA 34 13.49 -74.71 -44.64
C LYS PA 34 14.49 -75.42 -43.73
N PRO PA 35 15.53 -76.04 -44.33
CA PRO PA 35 16.54 -76.75 -43.54
C PRO PA 35 17.25 -75.84 -42.53
N GLU PA 36 17.35 -76.30 -41.29
CA GLU PA 36 17.93 -75.52 -40.21
C GLU PA 36 19.45 -75.40 -40.35
N ASP PA 37 20.04 -76.21 -41.22
CA ASP PA 37 21.47 -76.17 -41.47
C ASP PA 37 21.79 -75.13 -42.55
N LEU PA 38 20.76 -74.62 -43.21
CA LEU PA 38 20.95 -73.69 -44.32
C LEU PA 38 20.61 -72.25 -43.92
N VAL PA 39 20.29 -72.03 -42.66
CA VAL PA 39 20.00 -70.69 -42.19
C VAL PA 39 21.24 -70.08 -41.54
N MET PA 40 21.60 -68.86 -41.98
CA MET PA 40 22.76 -68.18 -41.45
C MET PA 40 22.35 -67.11 -40.45
N MET PA 41 23.02 -67.09 -39.30
CA MET PA 41 22.67 -66.19 -38.21
C MET PA 41 23.85 -65.33 -37.78
N THR PA 42 23.63 -64.02 -37.72
CA THR PA 42 24.66 -63.10 -37.26
C THR PA 42 24.18 -62.35 -36.02
N PHE PA 43 25.11 -62.08 -35.11
CA PHE PA 43 24.78 -61.39 -33.86
C PHE PA 43 25.62 -60.14 -33.66
N HIS PA 44 24.94 -59.01 -33.46
CA HIS PA 44 25.62 -57.73 -33.25
C HIS PA 44 25.26 -57.17 -31.88
N ASP PA 45 26.04 -57.55 -30.88
CA ASP PA 45 25.78 -57.12 -29.51
C ASP PA 45 26.43 -55.77 -29.19
N SER PA 46 26.02 -55.16 -28.09
CA SER PA 46 26.53 -53.88 -27.63
C SER PA 46 26.39 -52.80 -28.71
N THR PA 47 25.31 -52.86 -29.47
CA THR PA 47 25.08 -51.91 -30.54
C THR PA 47 24.39 -50.65 -30.02
N PRO PA 48 25.01 -49.48 -30.27
CA PRO PA 48 24.44 -48.20 -29.87
C PRO PA 48 23.11 -47.94 -30.58
N MET PA 49 22.01 -48.08 -29.84
CA MET PA 49 20.68 -47.92 -30.42
C MET PA 49 19.85 -46.88 -29.67
N HIS PA 50 18.83 -46.36 -30.33
CA HIS PA 50 17.94 -45.37 -29.73
C HIS PA 50 16.52 -45.62 -30.23
N PHE PA 51 15.58 -45.81 -29.29
CA PHE PA 51 14.21 -46.12 -29.65
C PHE PA 51 13.21 -45.69 -28.59
N PHE PA 52 12.06 -45.21 -29.06
CA PHE PA 52 10.96 -44.76 -28.20
C PHE PA 52 11.42 -43.65 -27.24
N GLY PA 53 12.34 -42.82 -27.69
CA GLY PA 53 12.80 -41.68 -26.92
C GLY PA 53 13.71 -42.07 -25.76
N SER PA 54 14.31 -43.25 -25.85
CA SER PA 54 15.19 -43.72 -24.80
C SER PA 54 16.31 -44.62 -25.35
N THR PA 55 17.39 -44.73 -24.59
CA THR PA 55 18.49 -45.60 -24.96
C THR PA 55 18.41 -46.91 -24.19
N ASP PA 56 17.21 -47.20 -23.69
CA ASP PA 56 16.94 -48.44 -22.97
C ASP PA 56 17.18 -49.66 -23.84
N PRO PA 57 17.44 -50.82 -23.20
CA PRO PA 57 17.63 -52.11 -23.91
C PRO PA 57 16.60 -52.36 -25.00
N VAL PA 58 17.06 -52.52 -26.23
CA VAL PA 58 16.18 -52.64 -27.39
C VAL PA 58 16.81 -53.55 -28.45
N ALA PA 59 15.99 -54.36 -29.10
CA ALA PA 59 16.49 -55.33 -30.08
C ALA PA 59 15.83 -55.16 -31.44
N CYS PA 60 16.60 -55.43 -32.50
CA CYS PA 60 16.09 -55.38 -33.86
C CYS PA 60 16.55 -56.60 -34.65
N VAL PA 61 15.59 -57.40 -35.12
CA VAL PA 61 15.90 -58.64 -35.83
C VAL PA 61 15.55 -58.54 -37.32
N ARG PA 62 16.49 -58.94 -38.17
CA ARG PA 62 16.28 -58.92 -39.62
C ARG PA 62 16.18 -60.33 -40.20
N VAL PA 63 15.06 -60.61 -40.85
CA VAL PA 63 14.86 -61.92 -41.47
C VAL PA 63 14.77 -61.81 -42.99
N GLU PA 64 15.65 -62.52 -43.69
CA GLU PA 64 15.70 -62.47 -45.14
C GLU PA 64 15.68 -63.87 -45.75
N ALA PA 65 14.62 -64.16 -46.48
CA ALA PA 65 14.48 -65.48 -47.12
C ALA PA 65 14.04 -65.35 -48.58
N LEU PA 66 14.75 -66.04 -49.46
CA LEU PA 66 14.43 -66.04 -50.88
C LEU PA 66 13.14 -66.78 -51.17
N GLY PA 67 12.35 -66.26 -52.11
CA GLY PA 67 11.09 -66.88 -52.50
C GLY PA 67 9.91 -66.35 -51.71
N GLY PA 68 10.18 -65.43 -50.80
CA GLY PA 68 9.14 -64.82 -49.98
C GLY PA 68 8.80 -65.63 -48.75
N TYR PA 69 7.62 -65.38 -48.19
CA TYR PA 69 7.17 -66.07 -46.99
C TYR PA 69 5.75 -66.61 -47.16
N GLY PA 70 5.36 -67.52 -46.28
CA GLY PA 70 4.02 -68.07 -46.29
C GLY PA 70 2.99 -67.06 -45.81
N PRO PA 71 1.70 -67.43 -45.89
CA PRO PA 71 0.60 -66.56 -45.47
C PRO PA 71 0.62 -66.22 -43.99
N SER PA 72 0.64 -67.25 -43.14
CA SER PA 72 0.57 -67.05 -41.69
C SER PA 72 1.93 -67.21 -41.02
N GLU PA 73 2.97 -67.39 -41.82
CA GLU PA 73 4.32 -67.59 -41.29
C GLU PA 73 4.93 -66.35 -40.60
N PRO PA 74 4.85 -65.15 -41.23
CA PRO PA 74 5.46 -64.00 -40.56
C PRO PA 74 4.88 -63.69 -39.18
N GLU PA 75 3.58 -63.88 -39.03
CA GLU PA 75 2.91 -63.64 -37.75
C GLU PA 75 3.43 -64.61 -36.69
N LYS PA 76 3.66 -65.86 -37.09
CA LYS PA 76 4.16 -66.88 -36.18
C LYS PA 76 5.61 -66.61 -35.77
N VAL PA 77 6.45 -66.32 -36.77
CA VAL PA 77 7.87 -66.04 -36.53
C VAL PA 77 8.06 -64.86 -35.60
N THR PA 78 7.31 -63.78 -35.86
CA THR PA 78 7.40 -62.56 -35.06
C THR PA 78 7.07 -62.83 -33.60
N SER PA 79 6.02 -63.62 -33.37
CA SER PA 79 5.61 -63.96 -32.01
C SER PA 79 6.68 -64.75 -31.27
N ILE PA 80 7.28 -65.72 -31.95
CA ILE PA 80 8.31 -66.56 -31.35
C ILE PA 80 9.60 -65.78 -31.10
N VAL PA 81 10.05 -65.04 -32.11
CA VAL PA 81 11.28 -64.27 -32.02
C VAL PA 81 11.21 -63.22 -30.91
N THR PA 82 10.11 -62.48 -30.86
CA THR PA 82 9.91 -61.46 -29.83
C THR PA 82 9.95 -62.09 -28.43
N ALA PA 83 9.25 -63.21 -28.27
CA ALA PA 83 9.24 -63.94 -27.02
C ALA PA 83 10.63 -64.51 -26.71
N ALA PA 84 11.37 -64.85 -27.76
CA ALA PA 84 12.71 -65.40 -27.62
C ALA PA 84 13.68 -64.37 -27.06
N ILE PA 85 13.68 -63.18 -27.66
CA ILE PA 85 14.55 -62.09 -27.22
C ILE PA 85 14.17 -61.65 -25.81
N THR PA 86 12.87 -61.69 -25.52
CA THR PA 86 12.34 -61.28 -24.23
C THR PA 86 12.90 -62.16 -23.10
N ALA PA 87 12.91 -63.46 -23.32
CA ALA PA 87 13.39 -64.40 -22.31
C ALA PA 87 14.92 -64.40 -22.21
N VAL PA 88 15.58 -64.38 -23.36
CA VAL PA 88 17.04 -64.48 -23.39
C VAL PA 88 17.73 -63.18 -23.00
N CYS PA 89 17.35 -62.07 -23.64
CA CYS PA 89 18.03 -60.80 -23.42
C CYS PA 89 17.37 -59.95 -22.33
N GLY PA 90 16.13 -60.26 -22.01
CA GLY PA 90 15.40 -59.53 -20.99
C GLY PA 90 14.76 -58.26 -21.51
N ILE PA 91 14.80 -58.07 -22.83
CA ILE PA 91 14.22 -56.89 -23.46
C ILE PA 91 12.70 -57.06 -23.61
N VAL PA 92 11.95 -56.06 -23.16
CA VAL PA 92 10.49 -56.09 -23.22
C VAL PA 92 9.99 -56.20 -24.65
N ALA PA 93 8.78 -56.73 -24.81
CA ALA PA 93 8.20 -56.97 -26.13
C ALA PA 93 7.95 -55.68 -26.90
N ASP PA 94 7.61 -54.61 -26.17
CA ASP PA 94 7.27 -53.34 -26.80
C ASP PA 94 8.50 -52.60 -27.32
N ARG PA 95 9.67 -53.21 -27.18
CA ARG PA 95 10.91 -52.63 -27.67
C ARG PA 95 11.68 -53.63 -28.55
N ILE PA 96 10.94 -54.37 -29.38
CA ILE PA 96 11.55 -55.34 -30.28
C ILE PA 96 10.99 -55.24 -31.70
N PHE PA 97 11.85 -54.90 -32.66
CA PHE PA 97 11.45 -54.84 -34.05
C PHE PA 97 11.89 -56.09 -34.81
N VAL PA 98 10.99 -56.61 -35.64
CA VAL PA 98 11.29 -57.77 -36.49
C VAL PA 98 10.94 -57.48 -37.94
N LEU PA 99 11.96 -57.25 -38.76
CA LEU PA 99 11.74 -56.90 -40.17
C LEU PA 99 11.97 -58.08 -41.08
N TYR PA 100 11.19 -58.16 -42.16
CA TYR PA 100 11.28 -59.25 -43.12
C TYR PA 100 11.60 -58.75 -44.51
N PHE PA 101 12.61 -59.36 -45.14
CA PHE PA 101 13.04 -58.98 -46.48
C PHE PA 101 13.12 -60.19 -47.40
N SER PA 102 13.15 -59.93 -48.70
CA SER PA 102 13.26 -60.99 -49.70
C SER PA 102 14.22 -60.60 -50.81
N PRO PA 103 15.38 -61.27 -50.86
CA PRO PA 103 16.41 -60.96 -51.87
C PRO PA 103 16.01 -61.41 -53.27
N LEU PA 104 16.49 -60.69 -54.28
CA LEU PA 104 16.21 -61.04 -55.67
C LEU PA 104 16.96 -62.31 -56.04
N HIS PA 105 18.17 -62.44 -55.49
CA HIS PA 105 18.98 -63.62 -55.72
C HIS PA 105 19.76 -63.97 -54.45
N CYS PA 106 20.07 -65.26 -54.29
CA CYS PA 106 20.81 -65.72 -53.12
C CYS PA 106 21.84 -66.77 -53.53
N GLY PA 107 23.08 -66.60 -53.06
CA GLY PA 107 24.16 -67.48 -53.44
C GLY PA 107 24.72 -68.32 -52.31
N TRP PA 108 25.07 -69.56 -52.64
CA TRP PA 108 25.68 -70.47 -51.68
C TRP PA 108 26.53 -71.51 -52.41
N ASN PA 109 27.67 -71.84 -51.83
CA ASN PA 109 28.62 -72.79 -52.42
C ASN PA 109 29.06 -72.38 -53.82
N GLY PA 110 29.09 -71.07 -54.07
CA GLY PA 110 29.55 -70.54 -55.34
C GLY PA 110 28.48 -70.48 -56.42
N THR PA 111 27.27 -70.92 -56.09
CA THR PA 111 26.18 -70.93 -57.05
C THR PA 111 24.90 -70.34 -56.47
N ASN PA 112 24.03 -69.85 -57.35
CA ASN PA 112 22.75 -69.28 -56.92
C ASN PA 112 21.64 -70.34 -56.89
N PHE PA 113 20.52 -69.97 -56.30
CA PHE PA 113 19.38 -70.89 -56.19
C PHE PA 113 18.16 -70.33 -56.93
N MET QA 1 18.79 -51.15 25.63
CA MET QA 1 19.58 -50.90 24.43
C MET QA 1 21.08 -50.93 24.73
N PRO QA 2 21.65 -52.14 24.80
CA PRO QA 2 23.07 -52.34 25.11
C PRO QA 2 23.99 -52.13 23.91
N VAL QA 3 25.23 -51.73 24.17
CA VAL QA 3 26.22 -51.53 23.12
C VAL QA 3 27.48 -52.33 23.43
N ILE QA 4 27.94 -53.12 22.45
CA ILE QA 4 29.11 -53.97 22.64
C ILE QA 4 30.22 -53.65 21.65
N GLN QA 5 31.32 -53.07 22.14
CA GLN QA 5 32.48 -52.79 21.31
C GLN QA 5 33.49 -53.93 21.39
N THR QA 6 34.01 -54.33 20.24
CA THR QA 6 34.97 -55.42 20.20
C THR QA 6 36.30 -54.97 19.59
N PHE QA 7 37.32 -54.85 20.43
CA PHE QA 7 38.66 -54.48 19.98
C PHE QA 7 39.55 -55.71 19.89
N VAL QA 8 40.11 -55.96 18.71
CA VAL QA 8 40.98 -57.11 18.51
C VAL QA 8 42.26 -56.71 17.78
N SER QA 9 43.35 -57.42 18.07
CA SER QA 9 44.63 -57.17 17.42
C SER QA 9 44.76 -57.99 16.14
N THR QA 10 43.88 -58.98 15.99
CA THR QA 10 43.88 -59.83 14.81
C THR QA 10 42.87 -59.34 13.78
N PRO QA 11 43.20 -59.51 12.49
CA PRO QA 11 42.29 -59.11 11.41
C PRO QA 11 40.96 -59.87 11.45
N LEU QA 12 39.88 -59.19 11.16
CA LEU QA 12 38.55 -59.80 11.16
C LEU QA 12 37.89 -59.72 9.79
N ASP QA 13 37.31 -60.83 9.35
CA ASP QA 13 36.63 -60.88 8.08
C ASP QA 13 35.11 -60.91 8.27
N HIS QA 14 34.38 -61.28 7.23
CA HIS QA 14 32.93 -61.34 7.32
C HIS QA 14 32.46 -62.46 8.25
N HIS QA 15 33.12 -63.62 8.15
CA HIS QA 15 32.74 -64.79 8.92
C HIS QA 15 32.90 -64.57 10.42
N LYS QA 16 34.05 -64.06 10.83
CA LYS QA 16 34.34 -63.83 12.24
C LYS QA 16 33.42 -62.78 12.85
N ARG QA 17 33.25 -61.66 12.15
CA ARG QA 17 32.41 -60.57 12.64
C ARG QA 17 30.95 -60.98 12.71
N LEU QA 18 30.49 -61.76 11.73
CA LEU QA 18 29.12 -62.25 11.71
C LEU QA 18 28.88 -63.22 12.87
N LEU QA 19 29.87 -64.07 13.13
CA LEU QA 19 29.80 -65.04 14.22
C LEU QA 19 29.68 -64.36 15.57
N LEU QA 20 30.57 -63.39 15.80
CA LEU QA 20 30.56 -62.62 17.05
C LEU QA 20 29.27 -61.81 17.20
N ALA QA 21 28.70 -61.40 16.06
CA ALA QA 21 27.45 -60.66 16.06
C ALA QA 21 26.29 -61.49 16.61
N ILE QA 22 26.17 -62.71 16.10
CA ILE QA 22 25.10 -63.61 16.55
C ILE QA 22 25.29 -63.99 18.02
N ILE QA 23 26.53 -64.17 18.43
CA ILE QA 23 26.85 -64.46 19.83
C ILE QA 23 26.31 -63.39 20.76
N TYR QA 24 26.64 -62.13 20.46
CA TYR QA 24 26.21 -61.00 21.27
C TYR QA 24 24.69 -60.88 21.29
N ARG QA 25 24.05 -61.27 20.19
CA ARG QA 25 22.60 -61.26 20.12
C ARG QA 25 21.98 -62.25 21.09
N ILE QA 26 22.53 -63.47 21.11
CA ILE QA 26 22.06 -64.52 22.01
C ILE QA 26 22.32 -64.16 23.47
N VAL QA 27 23.49 -63.59 23.73
CA VAL QA 27 23.86 -63.15 25.08
C VAL QA 27 22.90 -62.08 25.58
N THR QA 28 22.53 -61.17 24.68
CA THR QA 28 21.63 -60.07 25.02
C THR QA 28 20.23 -60.59 25.39
N ARG QA 29 19.74 -61.57 24.64
CA ARG QA 29 18.39 -62.09 24.85
C ARG QA 29 18.31 -63.07 26.01
N VAL QA 30 19.26 -64.00 26.08
CA VAL QA 30 19.22 -65.05 27.09
C VAL QA 30 19.72 -64.57 28.46
N VAL QA 31 20.85 -63.87 28.47
CA VAL QA 31 21.46 -63.46 29.73
C VAL QA 31 20.99 -62.06 30.16
N LEU QA 32 21.15 -61.08 29.28
CA LEU QA 32 20.82 -59.69 29.61
C LEU QA 32 19.32 -59.46 29.66
N GLY QA 33 18.55 -60.34 29.01
CA GLY QA 33 17.10 -60.22 28.99
C GLY QA 33 16.62 -59.01 28.22
N LYS QA 34 17.33 -58.69 27.13
CA LYS QA 34 16.98 -57.56 26.29
C LYS QA 34 16.85 -58.00 24.84
N PRO QA 35 16.03 -57.29 24.05
CA PRO QA 35 15.84 -57.64 22.64
C PRO QA 35 17.14 -57.63 21.84
N GLU QA 36 17.38 -58.69 21.09
CA GLU QA 36 18.61 -58.86 20.32
C GLU QA 36 18.67 -57.92 19.11
N ASP QA 37 17.53 -57.33 18.76
CA ASP QA 37 17.48 -56.40 17.65
C ASP QA 37 17.84 -54.98 18.10
N LEU QA 38 17.93 -54.78 19.41
CA LEU QA 38 18.18 -53.44 19.96
C LEU QA 38 19.62 -53.27 20.44
N VAL QA 39 20.45 -54.28 20.25
CA VAL QA 39 21.85 -54.19 20.65
C VAL QA 39 22.74 -53.78 19.47
N MET QA 40 23.56 -52.76 19.68
CA MET QA 40 24.45 -52.28 18.63
C MET QA 40 25.86 -52.79 18.84
N MET QA 41 26.47 -53.30 17.76
CA MET QA 41 27.79 -53.91 17.85
C MET QA 41 28.78 -53.28 16.88
N THR QA 42 29.94 -52.91 17.39
CA THR QA 42 31.01 -52.36 16.55
C THR QA 42 32.25 -53.24 16.64
N PHE QA 43 32.96 -53.38 15.53
CA PHE QA 43 34.16 -54.21 15.48
C PHE QA 43 35.37 -53.42 15.02
N HIS QA 44 36.43 -53.45 15.83
CA HIS QA 44 37.66 -52.73 15.51
C HIS QA 44 38.84 -53.67 15.39
N ASP QA 45 39.07 -54.18 14.18
CA ASP QA 45 40.14 -55.15 13.94
C ASP QA 45 41.47 -54.45 13.62
N SER QA 46 42.55 -55.23 13.67
CA SER QA 46 43.90 -54.75 13.39
C SER QA 46 44.30 -53.55 14.25
N THR QA 47 43.87 -53.57 15.52
CA THR QA 47 44.16 -52.47 16.43
C THR QA 47 45.51 -52.67 17.11
N PRO QA 48 46.41 -51.70 16.99
CA PRO QA 48 47.72 -51.73 17.65
C PRO QA 48 47.59 -51.76 19.18
N MET QA 49 47.81 -52.94 19.77
CA MET QA 49 47.64 -53.11 21.21
C MET QA 49 48.89 -53.67 21.88
N HIS QA 50 48.99 -53.47 23.19
CA HIS QA 50 50.12 -53.98 23.96
C HIS QA 50 49.65 -54.43 25.34
N PHE QA 51 49.95 -55.69 25.67
CA PHE QA 51 49.50 -56.27 26.93
C PHE QA 51 50.43 -57.38 27.41
N PHE QA 52 50.67 -57.44 28.71
CA PHE QA 52 51.52 -58.45 29.34
C PHE QA 52 52.94 -58.43 28.77
N GLY QA 53 53.41 -57.24 28.40
CA GLY QA 53 54.75 -57.07 27.90
C GLY QA 53 54.96 -57.62 26.51
N SER QA 54 53.87 -57.77 25.76
CA SER QA 54 53.95 -58.30 24.39
C SER QA 54 52.86 -57.71 23.50
N THR QA 55 53.10 -57.76 22.20
CA THR QA 55 52.13 -57.29 21.22
C THR QA 55 51.38 -58.48 20.64
N ASP QA 56 51.40 -59.59 21.39
CA ASP QA 56 50.71 -60.82 21.00
C ASP QA 56 49.21 -60.58 20.86
N PRO QA 57 48.52 -61.43 20.08
CA PRO QA 57 47.07 -61.35 19.90
C PRO QA 57 46.31 -61.13 21.20
N VAL QA 58 45.58 -60.02 21.28
CA VAL QA 58 44.91 -59.62 22.51
C VAL QA 58 43.61 -58.89 22.19
N ALA QA 59 42.57 -59.14 22.98
CA ALA QA 59 41.27 -58.56 22.73
C ALA QA 59 40.74 -57.78 23.94
N CYS QA 60 39.98 -56.72 23.66
CA CYS QA 60 39.33 -55.94 24.70
C CYS QA 60 37.89 -55.63 24.30
N VAL QA 61 36.95 -56.13 25.11
CA VAL QA 61 35.53 -55.96 24.80
C VAL QA 61 34.86 -54.99 25.78
N ARG QA 62 34.10 -54.04 25.24
CA ARG QA 62 33.40 -53.07 26.05
C ARG QA 62 31.89 -53.29 26.01
N VAL QA 63 31.29 -53.52 27.16
CA VAL QA 63 29.85 -53.73 27.25
C VAL QA 63 29.19 -52.59 28.04
N GLU QA 64 28.24 -51.93 27.42
CA GLU QA 64 27.57 -50.79 28.04
C GLU QA 64 26.05 -50.91 27.98
N ALA QA 65 25.42 -51.02 29.15
CA ALA QA 65 23.98 -51.13 29.23
C ALA QA 65 23.40 -50.18 30.29
N LEU QA 66 22.38 -49.42 29.89
CA LEU QA 66 21.73 -48.49 30.80
C LEU QA 66 20.91 -49.22 31.87
N GLY QA 67 20.93 -48.69 33.08
CA GLY QA 67 20.18 -49.28 34.17
C GLY QA 67 21.00 -50.29 34.97
N GLY QA 68 22.25 -50.48 34.56
CA GLY QA 68 23.13 -51.40 35.24
C GLY QA 68 22.97 -52.82 34.75
N TYR QA 69 23.42 -53.78 35.56
CA TYR QA 69 23.34 -55.19 35.21
C TYR QA 69 22.73 -56.02 36.33
N GLY QA 70 22.31 -57.24 36.01
CA GLY QA 70 21.78 -58.16 36.99
C GLY QA 70 22.84 -58.67 37.94
N PRO QA 71 22.43 -59.45 38.95
CA PRO QA 71 23.34 -60.01 39.96
C PRO QA 71 24.39 -60.95 39.37
N SER QA 72 23.94 -61.99 38.66
CA SER QA 72 24.85 -63.01 38.15
C SER QA 72 25.14 -62.83 36.66
N GLU QA 73 24.63 -61.75 36.07
CA GLU QA 73 24.81 -61.49 34.64
C GLU QA 73 26.25 -61.16 34.21
N PRO QA 74 26.96 -60.28 34.92
CA PRO QA 74 28.32 -59.95 34.45
C PRO QA 74 29.26 -61.16 34.41
N GLU QA 75 29.13 -62.06 35.37
CA GLU QA 75 29.96 -63.27 35.40
C GLU QA 75 29.67 -64.17 34.21
N LYS QA 76 28.40 -64.26 33.83
CA LYS QA 76 27.98 -65.08 32.70
C LYS QA 76 28.45 -64.51 31.36
N VAL QA 77 28.24 -63.22 31.18
CA VAL QA 77 28.61 -62.55 29.93
C VAL QA 77 30.11 -62.66 29.68
N THR QA 78 30.90 -62.43 30.73
CA THR QA 78 32.36 -62.50 30.62
C THR QA 78 32.82 -63.88 30.18
N SER QA 79 32.21 -64.92 30.74
CA SER QA 79 32.56 -66.29 30.40
C SER QA 79 32.25 -66.61 28.94
N ILE QA 80 31.08 -66.19 28.47
CA ILE QA 80 30.66 -66.46 27.10
C ILE QA 80 31.48 -65.66 26.08
N VAL QA 81 31.65 -64.36 26.35
CA VAL QA 81 32.38 -63.48 25.44
C VAL QA 81 33.84 -63.91 25.29
N THR QA 82 34.49 -64.20 26.40
CA THR QA 82 35.88 -64.65 26.40
C THR QA 82 36.03 -65.94 25.61
N ALA QA 83 35.14 -66.89 25.86
CA ALA QA 83 35.13 -68.16 25.14
C ALA QA 83 34.82 -67.97 23.66
N ALA QA 84 34.01 -66.96 23.36
CA ALA QA 84 33.63 -66.67 21.98
C ALA QA 84 34.82 -66.15 21.19
N ILE QA 85 35.52 -65.17 21.76
CA ILE QA 85 36.71 -64.59 21.11
C ILE QA 85 37.80 -65.64 20.99
N THR QA 86 37.91 -66.49 22.00
CA THR QA 86 38.93 -67.53 22.04
C THR QA 86 38.78 -68.51 20.88
N ALA QA 87 37.54 -68.96 20.64
CA ALA QA 87 37.28 -69.93 19.59
C ALA QA 87 37.30 -69.30 18.19
N VAL QA 88 36.72 -68.11 18.07
CA VAL QA 88 36.60 -67.45 16.78
C VAL QA 88 37.92 -66.81 16.33
N CYS QA 89 38.51 -66.00 17.20
CA CYS QA 89 39.70 -65.23 16.83
C CYS QA 89 41.00 -65.96 17.16
N GLY QA 90 40.92 -66.96 18.03
CA GLY QA 90 42.10 -67.72 18.41
C GLY QA 90 42.92 -67.07 19.51
N ILE QA 91 42.39 -66.00 20.07
CA ILE QA 91 43.07 -65.28 21.14
C ILE QA 91 42.89 -66.00 22.48
N VAL QA 92 44.00 -66.24 23.17
CA VAL QA 92 43.97 -66.96 24.44
C VAL QA 92 43.16 -66.21 25.49
N ALA QA 93 42.64 -66.95 26.47
CA ALA QA 93 41.79 -66.38 27.51
C ALA QA 93 42.52 -65.38 28.37
N ASP QA 94 43.81 -65.62 28.61
CA ASP QA 94 44.60 -64.78 29.49
C ASP QA 94 44.96 -63.44 28.85
N ARG QA 95 44.49 -63.21 27.63
CA ARG QA 95 44.72 -61.95 26.94
C ARG QA 95 43.41 -61.36 26.42
N ILE QA 96 42.36 -61.47 27.23
CA ILE QA 96 41.05 -60.93 26.86
C ILE QA 96 40.43 -60.13 28.00
N PHE QA 97 40.23 -58.83 27.77
CA PHE QA 97 39.58 -57.97 28.75
C PHE QA 97 38.12 -57.72 28.41
N VAL QA 98 37.26 -57.80 29.40
CA VAL QA 98 35.84 -57.49 29.22
C VAL QA 98 35.40 -56.48 30.27
N LEU QA 99 35.21 -55.23 29.84
CA LEU QA 99 34.85 -54.16 30.75
C LEU QA 99 33.36 -53.82 30.67
N TYR QA 100 32.78 -53.46 31.80
CA TYR QA 100 31.34 -53.15 31.87
C TYR QA 100 31.10 -51.72 32.35
N PHE QA 101 30.28 -51.01 31.60
CA PHE QA 101 29.95 -49.62 31.91
C PHE QA 101 28.44 -49.39 31.91
N SER QA 102 28.00 -48.29 32.50
CA SER QA 102 26.59 -47.95 32.54
C SER QA 102 26.38 -46.46 32.28
N PRO QA 103 25.80 -46.13 31.11
CA PRO QA 103 25.57 -44.74 30.73
C PRO QA 103 24.46 -44.07 31.53
N LEU QA 104 24.58 -42.77 31.73
CA LEU QA 104 23.58 -42.01 32.48
C LEU QA 104 22.29 -41.88 31.66
N HIS QA 105 22.45 -41.72 30.35
CA HIS QA 105 21.30 -41.61 29.45
C HIS QA 105 21.59 -42.31 28.12
N CYS QA 106 20.54 -42.77 27.47
CA CYS QA 106 20.67 -43.46 26.18
C CYS QA 106 19.57 -43.05 25.21
N GLY QA 107 19.96 -42.69 24.00
CA GLY QA 107 19.02 -42.21 23.01
C GLY QA 107 18.87 -43.10 21.79
N TRP QA 108 17.65 -43.21 21.28
CA TRP QA 108 17.36 -43.98 20.08
C TRP QA 108 16.10 -43.45 19.40
N ASN QA 109 16.14 -43.43 18.07
CA ASN QA 109 15.03 -42.89 17.27
C ASN QA 109 14.68 -41.46 17.63
N GLY QA 110 15.69 -40.70 18.07
CA GLY QA 110 15.52 -39.30 18.39
C GLY QA 110 15.02 -39.02 19.79
N THR QA 111 14.78 -40.08 20.57
CA THR QA 111 14.28 -39.92 21.93
C THR QA 111 15.07 -40.76 22.92
N ASN QA 112 15.03 -40.35 24.19
CA ASN QA 112 15.73 -41.09 25.25
C ASN QA 112 14.82 -42.13 25.90
N PHE QA 113 15.42 -43.00 26.71
CA PHE QA 113 14.68 -44.04 27.39
C PHE QA 113 14.77 -43.88 28.91
N MET RA 1 74.66 -97.40 -28.31
CA MET RA 1 73.79 -96.33 -27.82
C MET RA 1 74.52 -95.47 -26.80
N PRO RA 2 75.33 -94.51 -27.28
CA PRO RA 2 76.10 -93.64 -26.39
C PRO RA 2 75.28 -92.48 -25.84
N VAL RA 3 75.65 -91.98 -24.67
CA VAL RA 3 74.97 -90.85 -24.04
C VAL RA 3 75.99 -89.77 -23.68
N ILE RA 4 75.71 -88.54 -24.10
CA ILE RA 4 76.63 -87.44 -23.84
C ILE RA 4 75.97 -86.32 -23.04
N GLN RA 5 76.38 -86.19 -21.78
CA GLN RA 5 75.90 -85.10 -20.93
C GLN RA 5 76.85 -83.91 -20.97
N THR RA 6 76.29 -82.71 -21.12
CA THR RA 6 77.11 -81.51 -21.18
C THR RA 6 76.76 -80.53 -20.06
N PHE RA 7 77.63 -80.43 -19.07
CA PHE RA 7 77.44 -79.48 -17.98
C PHE RA 7 78.30 -78.25 -18.19
N VAL RA 8 77.66 -77.09 -18.24
CA VAL RA 8 78.37 -75.83 -18.46
C VAL RA 8 77.91 -74.76 -17.47
N SER RA 9 78.82 -73.85 -17.15
CA SER RA 9 78.51 -72.74 -16.25
C SER RA 9 77.96 -71.56 -17.03
N THR RA 10 78.13 -71.60 -18.35
CA THR RA 10 77.65 -70.55 -19.22
C THR RA 10 76.29 -70.89 -19.82
N PRO RA 11 75.42 -69.89 -20.01
CA PRO RA 11 74.09 -70.07 -20.60
C PRO RA 11 74.16 -70.59 -22.04
N LEU RA 12 73.24 -71.49 -22.38
CA LEU RA 12 73.17 -72.04 -23.72
C LEU RA 12 71.82 -71.76 -24.37
N ASP RA 13 71.84 -71.30 -25.62
CA ASP RA 13 70.62 -71.03 -26.36
C ASP RA 13 70.36 -72.10 -27.41
N HIS RA 14 69.49 -71.80 -28.36
CA HIS RA 14 69.15 -72.74 -29.42
C HIS RA 14 70.34 -72.98 -30.34
N HIS RA 15 71.04 -71.90 -30.70
CA HIS RA 15 72.17 -71.96 -31.62
C HIS RA 15 73.33 -72.79 -31.08
N LYS RA 16 73.73 -72.50 -29.84
CA LYS RA 16 74.86 -73.19 -29.22
C LYS RA 16 74.58 -74.67 -29.02
N ARG RA 17 73.40 -75.00 -28.50
CA ARG RA 17 73.03 -76.38 -28.25
C ARG RA 17 72.92 -77.18 -29.54
N LEU RA 18 72.42 -76.54 -30.59
CA LEU RA 18 72.31 -77.18 -31.90
C LEU RA 18 73.68 -77.46 -32.48
N LEU RA 19 74.61 -76.53 -32.30
CA LEU RA 19 75.98 -76.69 -32.77
C LEU RA 19 76.66 -77.89 -32.10
N LEU RA 20 76.57 -77.93 -30.78
CA LEU RA 20 77.16 -79.03 -30.01
C LEU RA 20 76.49 -80.35 -30.33
N ALA RA 21 75.21 -80.29 -30.69
CA ALA RA 21 74.45 -81.48 -31.06
C ALA RA 21 75.00 -82.12 -32.32
N ILE RA 22 75.22 -81.31 -33.35
CA ILE RA 22 75.76 -81.79 -34.62
C ILE RA 22 77.18 -82.30 -34.42
N ILE RA 23 77.94 -81.60 -33.58
CA ILE RA 23 79.30 -82.01 -33.26
C ILE RA 23 79.34 -83.42 -32.69
N TYR RA 24 78.51 -83.67 -31.68
CA TYR RA 24 78.44 -84.98 -31.05
C TYR RA 24 77.99 -86.05 -32.03
N ARG RA 25 77.15 -85.66 -32.98
CA ARG RA 25 76.68 -86.57 -34.02
C ARG RA 25 77.82 -87.02 -34.92
N ILE RA 26 78.63 -86.07 -35.36
CA ILE RA 26 79.77 -86.38 -36.23
C ILE RA 26 80.80 -87.22 -35.49
N VAL RA 27 81.04 -86.90 -34.23
CA VAL RA 27 81.97 -87.67 -33.40
C VAL RA 27 81.50 -89.11 -33.23
N THR RA 28 80.20 -89.27 -33.03
CA THR RA 28 79.61 -90.60 -32.85
C THR RA 28 79.75 -91.47 -34.10
N ARG RA 29 79.53 -90.87 -35.26
CA ARG RA 29 79.56 -91.61 -36.52
C ARG RA 29 80.97 -91.87 -37.04
N VAL RA 30 81.81 -90.83 -37.01
CA VAL RA 30 83.15 -90.92 -37.58
C VAL RA 30 84.13 -91.62 -36.63
N VAL RA 31 84.13 -91.22 -35.37
CA VAL RA 31 85.09 -91.74 -34.41
C VAL RA 31 84.58 -92.97 -33.66
N LEU RA 32 83.41 -92.84 -33.04
CA LEU RA 32 82.85 -93.92 -32.24
C LEU RA 32 82.33 -95.08 -33.09
N GLY RA 33 82.07 -94.79 -34.37
CA GLY RA 33 81.56 -95.80 -35.28
C GLY RA 33 80.17 -96.28 -34.93
N LYS RA 34 79.34 -95.35 -34.46
CA LYS RA 34 77.96 -95.66 -34.09
C LYS RA 34 77.00 -94.73 -34.81
N PRO RA 35 75.75 -95.19 -35.04
CA PRO RA 35 74.75 -94.36 -35.71
C PRO RA 35 74.47 -93.06 -34.97
N GLU RA 36 74.49 -91.94 -35.70
CA GLU RA 36 74.32 -90.62 -35.12
C GLU RA 36 72.88 -90.36 -34.67
N ASP RA 37 71.96 -91.22 -35.11
CA ASP RA 37 70.56 -91.11 -34.71
C ASP RA 37 70.30 -91.84 -33.40
N LEU RA 38 71.27 -92.61 -32.94
CA LEU RA 38 71.11 -93.44 -31.75
C LEU RA 38 71.82 -92.87 -30.53
N VAL RA 39 72.43 -91.70 -30.68
CA VAL RA 39 73.11 -91.05 -29.57
C VAL RA 39 72.19 -90.01 -28.90
N MET RA 40 72.07 -90.11 -27.57
CA MET RA 40 71.23 -89.19 -26.82
C MET RA 40 72.08 -88.12 -26.14
N MET RA 41 71.65 -86.87 -26.27
CA MET RA 41 72.43 -85.75 -25.75
C MET RA 41 71.60 -84.87 -24.82
N THR RA 42 72.13 -84.58 -23.63
CA THR RA 42 71.47 -83.69 -22.70
C THR RA 42 72.35 -82.47 -22.41
N PHE RA 43 71.72 -81.32 -22.22
CA PHE RA 43 72.45 -80.09 -21.98
C PHE RA 43 72.01 -79.42 -20.68
N HIS RA 44 72.98 -79.16 -19.80
CA HIS RA 44 72.70 -78.52 -18.52
C HIS RA 44 73.45 -77.19 -18.42
N ASP RA 45 72.81 -76.12 -18.89
CA ASP RA 45 73.43 -74.80 -18.90
C ASP RA 45 73.20 -74.07 -17.58
N SER RA 46 73.95 -72.99 -17.38
CA SER RA 46 73.86 -72.16 -16.18
C SER RA 46 74.01 -72.98 -14.90
N THR RA 47 74.88 -73.98 -14.94
CA THR RA 47 75.11 -74.86 -13.80
C THR RA 47 76.14 -74.27 -12.84
N PRO RA 48 75.75 -74.09 -11.57
CA PRO RA 48 76.68 -73.60 -10.53
C PRO RA 48 77.85 -74.55 -10.33
N MET RA 49 79.01 -74.18 -10.86
CA MET RA 49 80.19 -75.03 -10.78
C MET RA 49 81.37 -74.32 -10.15
N HIS RA 50 82.33 -75.09 -9.68
CA HIS RA 50 83.53 -74.54 -9.06
C HIS RA 50 84.75 -75.40 -9.41
N PHE RA 51 85.76 -74.77 -9.99
CA PHE RA 51 86.94 -75.48 -10.45
C PHE RA 51 88.16 -74.56 -10.47
N PHE RA 52 89.31 -75.12 -10.07
CA PHE RA 52 90.58 -74.39 -10.04
C PHE RA 52 90.50 -73.14 -9.15
N GLY RA 53 89.70 -73.22 -8.10
CA GLY RA 53 89.58 -72.13 -7.14
C GLY RA 53 88.81 -70.93 -7.65
N SER RA 54 87.98 -71.15 -8.66
CA SER RA 54 87.19 -70.06 -9.24
C SER RA 54 85.86 -70.55 -9.79
N THR RA 55 84.91 -69.63 -9.91
CA THR RA 55 83.61 -69.95 -10.49
C THR RA 55 83.56 -69.50 -11.95
N ASP RA 56 84.75 -69.35 -12.53
CA ASP RA 56 84.90 -68.96 -13.93
C ASP RA 56 84.27 -70.01 -14.85
N PRO RA 57 83.92 -69.61 -16.09
CA PRO RA 57 83.35 -70.51 -17.10
C PRO RA 57 84.07 -71.85 -17.19
N VAL RA 58 83.34 -72.94 -16.93
CA VAL RA 58 83.92 -74.27 -16.85
C VAL RA 58 82.92 -75.31 -17.36
N ALA RA 59 83.42 -76.32 -18.06
CA ALA RA 59 82.55 -77.35 -18.64
C ALA RA 59 82.94 -78.75 -18.19
N CYS RA 60 81.93 -79.62 -18.08
CA CYS RA 60 82.16 -81.02 -17.75
C CYS RA 60 81.33 -81.92 -18.66
N VAL RA 61 82.01 -82.77 -19.42
CA VAL RA 61 81.33 -83.63 -20.39
C VAL RA 61 81.38 -85.10 -19.96
N ARG RA 62 80.22 -85.75 -19.99
CA ARG RA 62 80.13 -87.16 -19.65
C ARG RA 62 79.81 -88.02 -20.86
N VAL RA 63 80.69 -88.96 -21.17
CA VAL RA 63 80.48 -89.86 -22.29
C VAL RA 63 80.30 -91.29 -21.80
N GLU RA 64 79.17 -91.90 -22.14
CA GLU RA 64 78.86 -93.25 -21.68
C GLU RA 64 78.44 -94.15 -22.84
N ALA RA 65 79.24 -95.15 -23.13
CA ALA RA 65 78.95 -96.08 -24.22
C ALA RA 65 79.16 -97.53 -23.78
N LEU RA 66 78.16 -98.36 -24.05
CA LEU RA 66 78.23 -99.78 -23.70
C LEU RA 66 79.25 -100.50 -24.57
N GLY RA 67 79.98 -101.44 -23.97
CA GLY RA 67 80.98 -102.21 -24.68
C GLY RA 67 82.36 -101.58 -24.62
N GLY RA 68 82.46 -100.45 -23.93
CA GLY RA 68 83.73 -99.76 -23.79
C GLY RA 68 84.04 -98.85 -24.95
N TYR RA 69 85.33 -98.52 -25.10
CA TYR RA 69 85.76 -97.64 -26.18
C TYR RA 69 86.95 -98.23 -26.93
N GLY RA 70 87.22 -97.68 -28.11
CA GLY RA 70 88.36 -98.11 -28.90
C GLY RA 70 89.68 -97.69 -28.31
N PRO RA 71 90.80 -98.13 -28.92
CA PRO RA 71 92.14 -97.82 -28.45
C PRO RA 71 92.47 -96.32 -28.51
N SER RA 72 92.34 -95.73 -29.69
CA SER RA 72 92.70 -94.34 -29.89
C SER RA 72 91.49 -93.41 -29.95
N GLU RA 73 90.31 -93.98 -29.70
CA GLU RA 73 89.06 -93.20 -29.74
C GLU RA 73 88.90 -92.16 -28.63
N PRO RA 74 89.18 -92.52 -27.35
CA PRO RA 74 88.98 -91.51 -26.30
C PRO RA 74 89.85 -90.26 -26.49
N GLU RA 75 91.07 -90.44 -26.96
CA GLU RA 75 91.97 -89.32 -27.20
C GLU RA 75 91.42 -88.40 -28.28
N LYS RA 76 90.84 -88.99 -29.32
CA LYS RA 76 90.26 -88.23 -30.42
C LYS RA 76 89.02 -87.48 -29.98
N VAL RA 77 88.12 -88.17 -29.28
CA VAL RA 77 86.88 -87.58 -28.81
C VAL RA 77 87.15 -86.41 -27.87
N THR RA 78 88.08 -86.60 -26.94
CA THR RA 78 88.44 -85.56 -25.97
C THR RA 78 88.94 -84.31 -26.68
N SER RA 79 89.78 -84.50 -27.70
CA SER RA 79 90.35 -83.39 -28.46
C SER RA 79 89.26 -82.59 -29.20
N ILE RA 80 88.33 -83.31 -29.83
CA ILE RA 80 87.27 -82.68 -30.60
C ILE RA 80 86.27 -81.97 -29.69
N VAL RA 81 85.83 -82.65 -28.64
CA VAL RA 81 84.86 -82.10 -27.70
C VAL RA 81 85.39 -80.85 -27.02
N THR RA 82 86.63 -80.91 -26.55
CA THR RA 82 87.27 -79.77 -25.90
C THR RA 82 87.33 -78.56 -26.83
N ALA RA 83 87.75 -78.81 -28.08
CA ALA RA 83 87.80 -77.76 -29.09
C ALA RA 83 86.40 -77.25 -29.42
N ALA RA 84 85.42 -78.14 -29.34
CA ALA RA 84 84.03 -77.77 -29.63
C ALA RA 84 83.48 -76.82 -28.57
N ILE RA 85 83.66 -77.18 -27.31
CA ILE RA 85 83.19 -76.36 -26.20
C ILE RA 85 83.94 -75.02 -26.17
N THR RA 86 85.23 -75.07 -26.52
CA THR RA 86 86.06 -73.87 -26.51
C THR RA 86 85.58 -72.81 -27.50
N ALA RA 87 85.28 -73.23 -28.72
CA ALA RA 87 84.84 -72.31 -29.76
C ALA RA 87 83.38 -71.87 -29.57
N VAL RA 88 82.52 -72.81 -29.21
CA VAL RA 88 81.09 -72.53 -29.09
C VAL RA 88 80.74 -71.78 -27.81
N CYS RA 89 81.20 -72.31 -26.67
CA CYS RA 89 80.83 -71.75 -25.37
C CYS RA 89 81.83 -70.71 -24.88
N GLY RA 90 83.04 -70.72 -25.43
CA GLY RA 90 84.06 -69.78 -25.04
C GLY RA 90 84.83 -70.20 -23.81
N ILE RA 91 84.59 -71.42 -23.35
CA ILE RA 91 85.29 -71.95 -22.17
C ILE RA 91 86.67 -72.45 -22.53
N VAL RA 92 87.68 -71.99 -21.79
CA VAL RA 92 89.08 -72.37 -22.05
C VAL RA 92 89.30 -73.87 -21.90
N ALA RA 93 90.32 -74.38 -22.58
CA ALA RA 93 90.62 -75.81 -22.60
C ALA RA 93 91.02 -76.35 -21.24
N ASP RA 94 91.70 -75.53 -20.45
CA ASP RA 94 92.21 -75.95 -19.14
C ASP RA 94 91.10 -76.02 -18.09
N ARG RA 95 89.88 -75.73 -18.50
CA ARG RA 95 88.73 -75.82 -17.61
C ARG RA 95 87.61 -76.66 -18.22
N ILE RA 96 87.99 -77.75 -18.88
CA ILE RA 96 87.03 -78.65 -19.48
C ILE RA 96 87.33 -80.11 -19.15
N PHE RA 97 86.42 -80.75 -18.43
CA PHE RA 97 86.56 -82.16 -18.10
C PHE RA 97 85.72 -83.03 -19.01
N VAL RA 98 86.31 -84.13 -19.49
CA VAL RA 98 85.59 -85.10 -20.29
C VAL RA 98 85.77 -86.49 -19.71
N LEU RA 99 84.72 -87.01 -19.06
CA LEU RA 99 84.80 -88.31 -18.40
C LEU RA 99 84.15 -89.40 -19.24
N TYR RA 100 84.71 -90.60 -19.18
CA TYR RA 100 84.20 -91.72 -19.95
C TYR RA 100 83.77 -92.87 -19.04
N PHE RA 101 82.56 -93.36 -19.27
CA PHE RA 101 81.98 -94.43 -18.46
C PHE RA 101 81.45 -95.55 -19.33
N SER RA 102 81.22 -96.71 -18.72
CA SER RA 102 80.67 -97.85 -19.45
C SER RA 102 79.61 -98.55 -18.61
N PRO RA 103 78.34 -98.45 -19.04
CA PRO RA 103 77.21 -99.04 -18.31
C PRO RA 103 77.17 -100.56 -18.41
N LEU RA 104 76.65 -101.20 -17.38
CA LEU RA 104 76.53 -102.65 -17.38
C LEU RA 104 75.43 -103.08 -18.35
N HIS RA 105 74.37 -102.28 -18.42
CA HIS RA 105 73.27 -102.54 -19.34
C HIS RA 105 72.70 -101.23 -19.87
N CYS RA 106 72.12 -101.29 -21.07
CA CYS RA 106 71.52 -100.11 -21.69
C CYS RA 106 70.22 -100.50 -22.39
N GLY RA 107 69.17 -99.72 -22.13
CA GLY RA 107 67.86 -100.03 -22.67
C GLY RA 107 67.33 -99.01 -23.66
N TRP RA 108 66.64 -99.50 -24.69
CA TRP RA 108 66.01 -98.64 -25.68
C TRP RA 108 64.83 -99.36 -26.32
N ASN RA 109 63.76 -98.60 -26.56
CA ASN RA 109 62.52 -99.14 -27.13
C ASN RA 109 61.93 -100.28 -26.31
N GLY RA 110 62.15 -100.23 -25.00
CA GLY RA 110 61.59 -101.21 -24.09
C GLY RA 110 62.40 -102.48 -23.95
N THR RA 111 63.53 -102.55 -24.66
CA THR RA 111 64.38 -103.74 -24.63
C THR RA 111 65.84 -103.38 -24.41
N ASN RA 112 66.61 -104.34 -23.91
CA ASN RA 112 68.03 -104.14 -23.67
C ASN RA 112 68.88 -104.54 -24.88
N PHE RA 113 70.15 -104.16 -24.84
CA PHE RA 113 71.07 -104.47 -25.94
C PHE RA 113 72.22 -105.37 -25.45
N MET SA 1 25.01 -46.99 -58.49
CA MET SA 1 25.65 -46.85 -57.19
C MET SA 1 25.42 -48.07 -56.31
N PRO SA 2 26.21 -49.13 -56.52
CA PRO SA 2 26.06 -50.38 -55.77
C PRO SA 2 26.72 -50.33 -54.39
N VAL SA 3 26.19 -51.11 -53.45
CA VAL SA 3 26.75 -51.19 -52.10
C VAL SA 3 27.02 -52.64 -51.73
N ILE SA 4 28.23 -52.92 -51.27
CA ILE SA 4 28.63 -54.28 -50.93
C ILE SA 4 29.08 -54.40 -49.47
N GLN SA 5 28.26 -55.07 -48.66
CA GLN SA 5 28.61 -55.32 -47.27
C GLN SA 5 29.29 -56.68 -47.10
N THR SA 6 30.36 -56.72 -46.33
CA THR SA 6 31.10 -57.96 -46.11
C THR SA 6 31.16 -58.34 -44.63
N PHE SA 7 30.40 -59.37 -44.26
CA PHE SA 7 30.42 -59.89 -42.90
C PHE SA 7 31.27 -61.15 -42.81
N VAL SA 8 32.27 -61.12 -41.94
CA VAL SA 8 33.16 -62.28 -41.77
C VAL SA 8 33.37 -62.60 -40.30
N SER SA 9 33.59 -63.88 -40.00
CA SER SA 9 33.84 -64.33 -38.64
C SER SA 9 35.33 -64.26 -38.32
N THR SA 10 36.15 -64.12 -39.36
CA THR SA 10 37.59 -64.04 -39.20
C THR SA 10 38.06 -62.59 -39.18
N PRO SA 11 39.11 -62.30 -38.39
CA PRO SA 11 39.68 -60.94 -38.32
C PRO SA 11 40.24 -60.47 -39.65
N LEU SA 12 40.05 -59.19 -39.95
CA LEU SA 12 40.55 -58.62 -41.19
C LEU SA 12 41.52 -57.47 -40.92
N ASP SA 13 42.65 -57.47 -41.64
CA ASP SA 13 43.64 -56.41 -41.49
C ASP SA 13 43.62 -55.48 -42.70
N HIS SA 14 44.67 -54.69 -42.86
CA HIS SA 14 44.78 -53.76 -43.98
C HIS SA 14 44.91 -54.49 -45.31
N HIS SA 15 45.75 -55.53 -45.35
CA HIS SA 15 46.02 -56.25 -46.58
C HIS SA 15 44.78 -56.96 -47.14
N LYS SA 16 44.08 -57.69 -46.28
CA LYS SA 16 42.89 -58.44 -46.69
C LYS SA 16 41.77 -57.52 -47.16
N ARG SA 17 41.51 -56.47 -46.38
CA ARG SA 17 40.44 -55.52 -46.70
C ARG SA 17 40.73 -54.76 -47.98
N LEU SA 18 42.01 -54.41 -48.18
CA LEU SA 18 42.42 -53.70 -49.40
C LEU SA 18 42.26 -54.61 -50.62
N LEU SA 19 42.59 -55.88 -50.46
CA LEU SA 19 42.46 -56.86 -51.53
C LEU SA 19 41.01 -57.03 -51.96
N LEU SA 20 40.12 -57.23 -50.98
CA LEU SA 20 38.70 -57.37 -51.25
C LEU SA 20 38.10 -56.09 -51.83
N ALA SA 21 38.68 -54.96 -51.46
CA ALA SA 21 38.23 -53.67 -51.97
C ALA SA 21 38.44 -53.56 -53.47
N ILE SA 22 39.64 -53.90 -53.92
CA ILE SA 22 39.97 -53.87 -55.35
C ILE SA 22 39.13 -54.88 -56.11
N ILE SA 23 38.89 -56.04 -55.49
CA ILE SA 23 38.06 -57.08 -56.09
C ILE SA 23 36.66 -56.56 -56.43
N TYR SA 24 36.00 -55.95 -55.45
CA TYR SA 24 34.66 -55.43 -55.64
C TYR SA 24 34.64 -54.32 -56.70
N ARG SA 25 35.74 -53.59 -56.80
CA ARG SA 25 35.88 -52.56 -57.82
C ARG SA 25 35.88 -53.15 -59.22
N ILE SA 26 36.66 -54.21 -59.40
CA ILE SA 26 36.75 -54.90 -60.69
C ILE SA 26 35.43 -55.56 -61.04
N VAL SA 27 34.79 -56.18 -60.05
CA VAL SA 27 33.49 -56.82 -60.26
C VAL SA 27 32.45 -55.79 -60.69
N THR SA 28 32.49 -54.63 -60.06
CA THR SA 28 31.55 -53.56 -60.35
C THR SA 28 31.71 -53.04 -61.79
N ARG SA 29 32.96 -52.89 -62.22
CA ARG SA 29 33.25 -52.33 -63.54
C ARG SA 29 33.07 -53.33 -64.66
N VAL SA 30 33.59 -54.55 -64.48
CA VAL SA 30 33.57 -55.56 -65.52
C VAL SA 30 32.22 -56.25 -65.64
N VAL SA 31 31.65 -56.67 -64.50
CA VAL SA 31 30.43 -57.45 -64.51
C VAL SA 31 29.17 -56.58 -64.40
N LEU SA 32 29.12 -55.74 -63.37
CA LEU SA 32 27.94 -54.92 -63.12
C LEU SA 32 27.81 -53.77 -64.11
N GLY SA 33 28.92 -53.43 -64.77
CA GLY SA 33 28.92 -52.35 -65.74
C GLY SA 33 28.68 -50.99 -65.10
N LYS SA 34 29.24 -50.82 -63.90
CA LYS SA 34 29.10 -49.58 -63.15
C LYS SA 34 30.48 -49.04 -62.75
N PRO SA 35 30.60 -47.72 -62.58
CA PRO SA 35 31.88 -47.11 -62.20
C PRO SA 35 32.42 -47.64 -60.87
N GLU SA 36 33.70 -48.02 -60.86
CA GLU SA 36 34.33 -48.61 -59.69
C GLU SA 36 34.57 -47.59 -58.58
N ASP SA 37 34.44 -46.32 -58.91
CA ASP SA 37 34.61 -45.25 -57.92
C ASP SA 37 33.28 -44.97 -57.20
N LEU SA 38 32.20 -45.54 -57.72
CA LEU SA 38 30.87 -45.26 -57.18
C LEU SA 38 30.32 -46.40 -56.32
N VAL SA 39 31.13 -47.43 -56.12
CA VAL SA 39 30.71 -48.56 -55.28
C VAL SA 39 31.21 -48.39 -53.85
N MET SA 40 30.29 -48.53 -52.89
CA MET SA 40 30.64 -48.39 -51.48
C MET SA 40 30.79 -49.75 -50.81
N MET SA 41 31.88 -49.92 -50.07
CA MET SA 41 32.18 -51.19 -49.44
C MET SA 41 32.39 -51.05 -47.94
N THR SA 42 31.69 -51.89 -47.17
CA THR SA 42 31.84 -51.90 -45.72
C THR SA 42 32.32 -53.28 -45.28
N PHE SA 43 33.17 -53.31 -44.25
CA PHE SA 43 33.72 -54.57 -43.76
C PHE SA 43 33.45 -54.78 -42.29
N HIS SA 44 32.82 -55.90 -41.95
CA HIS SA 44 32.49 -56.22 -40.58
C HIS SA 44 33.18 -57.51 -40.14
N ASP SA 45 34.40 -57.38 -39.64
CA ASP SA 45 35.20 -58.54 -39.23
C ASP SA 45 34.89 -58.93 -37.79
N SER SA 46 35.32 -60.14 -37.42
CA SER SA 46 35.11 -60.68 -36.08
C SER SA 46 33.65 -60.66 -35.67
N THR SA 47 32.76 -60.92 -36.62
CA THR SA 47 31.33 -60.92 -36.37
C THR SA 47 30.86 -62.26 -35.83
N PRO SA 48 30.22 -62.26 -34.65
CA PRO SA 48 29.67 -63.48 -34.06
C PRO SA 48 28.59 -64.09 -34.94
N MET SA 49 28.94 -65.18 -35.63
CA MET SA 49 28.02 -65.82 -36.56
C MET SA 49 27.84 -67.30 -36.25
N HIS SA 50 26.75 -67.87 -36.75
CA HIS SA 50 26.46 -69.29 -36.56
C HIS SA 50 25.82 -69.86 -37.81
N PHE SA 51 26.42 -70.90 -38.36
CA PHE SA 51 25.93 -71.50 -39.60
C PHE SA 51 26.31 -72.97 -39.71
N PHE SA 52 25.39 -73.78 -40.23
CA PHE SA 52 25.58 -75.21 -40.41
C PHE SA 52 25.90 -75.92 -39.09
N GLY SA 53 25.34 -75.41 -38.00
CA GLY SA 53 25.52 -76.03 -36.69
C GLY SA 53 26.89 -75.84 -36.09
N SER SA 54 27.61 -74.83 -36.53
CA SER SA 54 28.96 -74.56 -36.02
C SER SA 54 29.28 -73.06 -36.05
N THR SA 55 30.24 -72.67 -35.22
CA THR SA 55 30.70 -71.28 -35.19
C THR SA 55 31.99 -71.14 -35.98
N ASP SA 56 32.22 -72.10 -36.87
CA ASP SA 56 33.38 -72.10 -37.75
C ASP SA 56 33.38 -70.87 -38.65
N PRO SA 57 34.56 -70.47 -39.16
CA PRO SA 57 34.69 -69.34 -40.09
C PRO SA 57 33.64 -69.36 -41.21
N VAL SA 58 32.83 -68.30 -41.26
CA VAL SA 58 31.71 -68.23 -42.19
C VAL SA 58 31.49 -66.77 -42.63
N ALA SA 59 31.15 -66.60 -43.91
CA ALA SA 59 31.00 -65.25 -44.47
C ALA SA 59 29.61 -65.02 -45.07
N CYS SA 60 29.15 -63.78 -44.99
CA CYS SA 60 27.88 -63.38 -45.60
C CYS SA 60 28.06 -62.06 -46.34
N VAL SA 61 27.82 -62.08 -47.65
CA VAL SA 61 28.02 -60.90 -48.48
C VAL SA 61 26.69 -60.33 -48.96
N ARG SA 62 26.51 -59.02 -48.80
CA ARG SA 62 25.31 -58.34 -49.22
C ARG SA 62 25.57 -57.41 -50.41
N VAL SA 63 24.86 -57.64 -51.51
CA VAL SA 63 25.00 -56.80 -52.70
C VAL SA 63 23.71 -56.04 -52.98
N GLU SA 64 23.80 -54.71 -53.02
CA GLU SA 64 22.63 -53.88 -53.24
C GLU SA 64 22.88 -52.85 -54.35
N ALA SA 65 22.15 -52.98 -55.44
CA ALA SA 65 22.28 -52.06 -56.57
C ALA SA 65 20.91 -51.62 -57.07
N LEU SA 66 20.74 -50.31 -57.25
CA LEU SA 66 19.49 -49.76 -57.73
C LEU SA 66 19.27 -50.12 -59.19
N GLY SA 67 18.02 -50.41 -59.55
CA GLY SA 67 17.67 -50.77 -60.91
C GLY SA 67 17.74 -52.26 -61.17
N GLY SA 68 18.10 -53.02 -60.14
CA GLY SA 68 18.18 -54.46 -60.25
C GLY SA 68 19.51 -54.94 -60.80
N TYR SA 69 19.53 -56.16 -61.33
CA TYR SA 69 20.74 -56.75 -61.87
C TYR SA 69 20.49 -57.32 -63.27
N GLY SA 70 21.57 -57.59 -63.99
CA GLY SA 70 21.48 -58.19 -65.31
C GLY SA 70 21.05 -59.65 -65.24
N PRO SA 71 20.82 -60.27 -66.41
CA PRO SA 71 20.38 -61.67 -66.49
C PRO SA 71 21.40 -62.65 -65.91
N SER SA 72 22.63 -62.62 -66.42
CA SER SA 72 23.65 -63.57 -66.00
C SER SA 72 24.65 -62.98 -65.01
N GLU SA 73 24.40 -61.74 -64.58
CA GLU SA 73 25.29 -61.05 -63.66
C GLU SA 73 25.34 -61.62 -62.23
N PRO SA 74 24.19 -61.91 -61.61
CA PRO SA 74 24.26 -62.43 -60.23
C PRO SA 74 25.04 -63.74 -60.10
N GLU SA 75 24.91 -64.62 -61.08
CA GLU SA 75 25.62 -65.88 -61.08
C GLU SA 75 27.13 -65.67 -61.15
N LYS SA 76 27.54 -64.69 -61.96
CA LYS SA 76 28.96 -64.36 -62.11
C LYS SA 76 29.53 -63.74 -60.85
N VAL SA 77 28.82 -62.75 -60.29
CA VAL SA 77 29.25 -62.06 -59.09
C VAL SA 77 29.40 -63.02 -57.92
N THR SA 78 28.42 -63.90 -57.75
CA THR SA 78 28.44 -64.88 -56.66
C THR SA 78 29.66 -65.79 -56.76
N SER SA 79 29.97 -66.22 -57.98
CA SER SA 79 31.13 -67.08 -58.23
C SER SA 79 32.44 -66.38 -57.88
N ILE SA 80 32.57 -65.12 -58.29
CA ILE SA 80 33.79 -64.35 -58.03
C ILE SA 80 33.95 -64.03 -56.55
N VAL SA 81 32.88 -63.54 -55.93
CA VAL SA 81 32.91 -63.17 -54.52
C VAL SA 81 33.24 -64.36 -53.62
N THR SA 82 32.59 -65.49 -53.87
CA THR SA 82 32.83 -66.71 -53.11
C THR SA 82 34.29 -67.14 -53.21
N ALA SA 83 34.82 -67.13 -54.43
CA ALA SA 83 36.22 -67.46 -54.66
C ALA SA 83 37.15 -66.44 -54.02
N ALA SA 84 36.69 -65.19 -53.97
CA ALA SA 84 37.47 -64.11 -53.38
C ALA SA 84 37.63 -64.28 -51.87
N ILE SA 85 36.50 -64.54 -51.20
CA ILE SA 85 36.51 -64.74 -49.76
C ILE SA 85 37.28 -66.00 -49.39
N THR SA 86 37.19 -67.00 -50.25
CA THR SA 86 37.85 -68.29 -50.03
C THR SA 86 39.38 -68.13 -49.97
N ALA SA 87 39.92 -67.38 -50.92
CA ALA SA 87 41.37 -67.19 -51.00
C ALA SA 87 41.87 -66.21 -49.94
N VAL SA 88 41.13 -65.12 -49.73
CA VAL SA 88 41.57 -64.07 -48.83
C VAL SA 88 41.37 -64.43 -47.36
N CYS SA 89 40.15 -64.85 -47.01
CA CYS SA 89 39.81 -65.10 -45.61
C CYS SA 89 40.02 -66.56 -45.21
N GLY SA 90 40.10 -67.44 -46.20
CA GLY SA 90 40.31 -68.85 -45.94
C GLY SA 90 39.02 -69.59 -45.62
N ILE SA 91 37.89 -68.90 -45.79
CA ILE SA 91 36.59 -69.48 -45.52
C ILE SA 91 36.13 -70.35 -46.70
N VAL SA 92 35.74 -71.59 -46.40
CA VAL SA 92 35.29 -72.52 -47.42
C VAL SA 92 34.08 -72.02 -48.18
N ALA SA 93 33.91 -72.51 -49.41
CA ALA SA 93 32.84 -72.07 -50.29
C ALA SA 93 31.46 -72.43 -49.73
N ASP SA 94 31.37 -73.56 -49.05
CA ASP SA 94 30.09 -74.05 -48.54
C ASP SA 94 29.62 -73.27 -47.31
N ARG SA 95 30.40 -72.26 -46.92
CA ARG SA 95 30.03 -71.40 -45.81
C ARG SA 95 30.10 -69.93 -46.21
N ILE SA 96 29.65 -69.64 -47.42
CA ILE SA 96 29.64 -68.26 -47.92
C ILE SA 96 28.30 -67.92 -48.56
N PHE SA 97 27.60 -66.95 -47.98
CA PHE SA 97 26.34 -66.48 -48.54
C PHE SA 97 26.50 -65.19 -49.31
N VAL SA 98 25.87 -65.11 -50.48
CA VAL SA 98 25.87 -63.90 -51.28
C VAL SA 98 24.44 -63.50 -51.63
N LEU SA 99 23.94 -62.48 -50.95
CA LEU SA 99 22.56 -62.04 -51.14
C LEU SA 99 22.49 -60.79 -52.01
N TYR SA 100 21.44 -60.69 -52.81
CA TYR SA 100 21.28 -59.56 -53.72
C TYR SA 100 19.99 -58.80 -53.44
N PHE SA 101 20.10 -57.49 -53.29
CA PHE SA 101 18.96 -56.64 -53.01
C PHE SA 101 18.89 -55.46 -53.98
N SER SA 102 17.73 -54.81 -54.05
CA SER SA 102 17.56 -53.66 -54.92
C SER SA 102 16.77 -52.57 -54.21
N PRO SA 103 17.44 -51.45 -53.89
CA PRO SA 103 16.80 -50.34 -53.18
C PRO SA 103 15.82 -49.58 -54.05
N LEU SA 104 14.78 -49.02 -53.43
CA LEU SA 104 13.78 -48.25 -54.15
C LEU SA 104 14.34 -46.90 -54.59
N HIS SA 105 15.20 -46.32 -53.76
CA HIS SA 105 15.83 -45.04 -54.08
C HIS SA 105 17.26 -45.01 -53.55
N CYS SA 106 18.12 -44.22 -54.18
CA CYS SA 106 19.51 -44.11 -53.77
C CYS SA 106 19.97 -42.66 -53.83
N GLY SA 107 20.60 -42.19 -52.76
CA GLY SA 107 21.03 -40.81 -52.67
C GLY SA 107 22.54 -40.64 -52.60
N TRP SA 108 23.03 -39.59 -53.26
CA TRP SA 108 24.46 -39.26 -53.24
C TRP SA 108 24.65 -37.78 -53.51
N ASN SA 109 25.61 -37.17 -52.80
CA ASN SA 109 25.89 -35.74 -52.90
C ASN SA 109 24.67 -34.87 -52.60
N GLY SA 110 23.79 -35.37 -51.73
CA GLY SA 110 22.62 -34.62 -51.31
C GLY SA 110 21.43 -34.76 -52.23
N THR SA 111 21.59 -35.51 -53.32
CA THR SA 111 20.51 -35.69 -54.28
C THR SA 111 20.34 -37.16 -54.66
N ASN SA 112 19.14 -37.52 -55.12
CA ASN SA 112 18.86 -38.88 -55.55
C ASN SA 112 19.16 -39.09 -57.03
N PHE SA 113 19.17 -40.35 -57.46
CA PHE SA 113 19.43 -40.68 -58.85
C PHE SA 113 18.22 -41.37 -59.49
N MET TA 1 93.03 -22.60 -32.29
CA MET TA 1 92.14 -23.48 -31.56
C MET TA 1 90.74 -22.87 -31.43
N PRO TA 2 89.93 -23.00 -32.48
CA PRO TA 2 88.57 -22.44 -32.50
C PRO TA 2 87.55 -23.31 -31.77
N VAL TA 3 86.50 -22.68 -31.25
CA VAL TA 3 85.43 -23.39 -30.56
C VAL TA 3 84.07 -23.03 -31.16
N ILE TA 4 83.29 -24.03 -31.51
CA ILE TA 4 82.00 -23.81 -32.14
C ILE TA 4 80.84 -24.40 -31.34
N GLN TA 5 80.03 -23.53 -30.74
CA GLN TA 5 78.85 -23.97 -30.01
C GLN TA 5 77.61 -23.92 -30.89
N THR TA 6 76.80 -24.98 -30.84
CA THR TA 6 75.60 -25.06 -31.65
C THR TA 6 74.34 -25.20 -30.81
N PHE TA 7 73.55 -24.13 -30.77
CA PHE TA 7 72.27 -24.15 -30.06
C PHE TA 7 71.13 -24.33 -31.06
N VAL TA 8 70.33 -25.38 -30.86
CA VAL TA 8 69.21 -25.64 -31.75
C VAL TA 8 67.93 -25.95 -30.97
N SER TA 9 66.80 -25.59 -31.56
CA SER TA 9 65.49 -25.85 -30.95
C SER TA 9 64.97 -27.23 -31.35
N THR TA 10 65.59 -27.81 -32.38
CA THR TA 10 65.20 -29.14 -32.86
C THR TA 10 66.09 -30.21 -32.25
N PRO TA 11 65.51 -31.40 -31.99
CA PRO TA 11 66.28 -32.53 -31.44
C PRO TA 11 67.39 -32.98 -32.38
N LEU TA 12 68.54 -33.34 -31.81
CA LEU TA 12 69.67 -33.80 -32.61
C LEU TA 12 70.07 -35.22 -32.24
N ASP TA 13 70.27 -36.05 -33.25
CA ASP TA 13 70.70 -37.43 -33.05
C ASP TA 13 72.16 -37.59 -33.46
N HIS TA 14 72.58 -38.83 -33.66
CA HIS TA 14 73.95 -39.11 -34.06
C HIS TA 14 74.26 -38.59 -35.46
N HIS TA 15 73.32 -38.80 -36.38
CA HIS TA 15 73.50 -38.42 -37.78
C HIS TA 15 73.65 -36.91 -37.98
N LYS TA 16 72.74 -36.15 -37.38
CA LYS TA 16 72.75 -34.69 -37.52
C LYS TA 16 74.00 -34.06 -36.93
N ARG TA 17 74.35 -34.47 -35.71
CA ARG TA 17 75.51 -33.93 -35.02
C ARG TA 17 76.81 -34.28 -35.73
N LEU TA 18 76.87 -35.48 -36.30
CA LEU TA 18 78.05 -35.92 -37.05
C LEU TA 18 78.21 -35.09 -38.32
N LEU TA 19 77.10 -34.78 -38.97
CA LEU TA 19 77.12 -33.97 -40.19
C LEU TA 19 77.67 -32.57 -39.93
N LEU TA 20 77.12 -31.91 -38.92
CA LEU TA 20 77.57 -30.57 -38.55
C LEU TA 20 79.02 -30.58 -38.06
N ALA TA 21 79.44 -31.70 -37.48
CA ALA TA 21 80.81 -31.85 -37.00
C ALA TA 21 81.79 -31.80 -38.16
N ILE TA 22 81.51 -32.57 -39.21
CA ILE TA 22 82.36 -32.60 -40.40
C ILE TA 22 82.34 -31.24 -41.09
N ILE TA 23 81.17 -30.60 -41.10
CA ILE TA 23 81.02 -29.27 -41.69
C ILE TA 23 81.96 -28.27 -41.05
N TYR TA 24 81.95 -28.19 -39.72
CA TYR TA 24 82.81 -27.26 -39.00
C TYR TA 24 84.29 -27.58 -39.23
N ARG TA 25 84.59 -28.86 -39.44
CA ARG TA 25 85.95 -29.29 -39.74
C ARG TA 25 86.43 -28.73 -41.07
N ILE TA 26 85.57 -28.85 -42.10
CA ILE TA 26 85.90 -28.33 -43.42
C ILE TA 26 85.99 -26.81 -43.41
N VAL TA 27 85.07 -26.17 -42.69
CA VAL TA 27 85.08 -24.71 -42.56
C VAL TA 27 86.35 -24.24 -41.87
N THR TA 28 86.76 -24.97 -40.83
CA THR TA 28 87.96 -24.62 -40.07
C THR TA 28 89.23 -24.72 -40.91
N ARG TA 29 89.33 -25.78 -41.71
CA ARG TA 29 90.53 -26.03 -42.49
C ARG TA 29 90.60 -25.19 -43.77
N VAL TA 30 89.49 -25.14 -44.50
CA VAL TA 30 89.46 -24.45 -45.79
C VAL TA 30 89.34 -22.94 -45.63
N VAL TA 31 88.42 -22.50 -44.79
CA VAL TA 31 88.15 -21.07 -44.65
C VAL TA 31 88.98 -20.43 -43.54
N LEU TA 32 88.90 -20.98 -42.33
CA LEU TA 32 89.59 -20.41 -41.19
C LEU TA 32 91.10 -20.63 -41.22
N GLY TA 33 91.53 -21.61 -42.02
CA GLY TA 33 92.93 -21.92 -42.16
C GLY TA 33 93.55 -22.47 -40.88
N LYS TA 34 92.78 -23.28 -40.17
CA LYS TA 34 93.24 -23.88 -38.92
C LYS TA 34 93.05 -25.40 -38.96
N PRO TA 35 93.87 -26.14 -38.22
CA PRO TA 35 93.77 -27.61 -38.19
C PRO TA 35 92.39 -28.09 -37.73
N GLU TA 36 91.81 -29.01 -38.49
CA GLU TA 36 90.46 -29.51 -38.22
C GLU TA 36 90.42 -30.42 -36.99
N ASP TA 37 91.58 -30.83 -36.52
CA ASP TA 37 91.66 -31.67 -35.32
C ASP TA 37 91.71 -30.84 -34.06
N LEU TA 38 91.90 -29.53 -34.23
CA LEU TA 38 92.08 -28.63 -33.09
C LEU TA 38 90.83 -27.80 -32.80
N VAL TA 39 89.76 -28.04 -33.55
CA VAL TA 39 88.52 -27.31 -33.31
C VAL TA 39 87.58 -28.12 -32.43
N MET TA 40 87.07 -27.49 -31.37
CA MET TA 40 86.16 -28.17 -30.45
C MET TA 40 84.71 -27.76 -30.71
N MET TA 41 83.84 -28.76 -30.77
CA MET TA 41 82.44 -28.53 -31.11
C MET TA 41 81.50 -29.09 -30.06
N THR TA 42 80.56 -28.25 -29.60
CA THR TA 42 79.54 -28.68 -28.66
C THR TA 42 78.15 -28.50 -29.26
N PHE TA 43 77.25 -29.42 -28.95
CA PHE TA 43 75.90 -29.38 -29.49
C PHE TA 43 74.86 -29.37 -28.38
N HIS TA 44 73.99 -28.38 -28.42
CA HIS TA 44 72.94 -28.23 -27.41
C HIS TA 44 71.56 -28.33 -28.03
N ASP TA 45 71.04 -29.54 -28.14
CA ASP TA 45 69.75 -29.78 -28.76
C ASP TA 45 68.62 -29.62 -27.76
N SER TA 46 67.39 -29.52 -28.27
CA SER TA 46 66.20 -29.36 -27.44
C SER TA 46 66.33 -28.18 -26.48
N THR TA 47 66.98 -27.11 -26.96
CA THR TA 47 67.20 -25.93 -26.14
C THR TA 47 66.01 -24.99 -26.21
N PRO TA 48 65.44 -24.66 -25.04
CA PRO TA 48 64.32 -23.71 -24.95
C PRO TA 48 64.72 -22.32 -25.46
N MET TA 49 64.28 -21.98 -26.67
CA MET TA 49 64.65 -20.70 -27.28
C MET TA 49 63.42 -19.91 -27.68
N HIS TA 50 63.60 -18.60 -27.83
CA HIS TA 50 62.52 -17.72 -28.25
C HIS TA 50 63.07 -16.63 -29.16
N PHE TA 51 62.52 -16.51 -30.36
CA PHE TA 51 63.01 -15.55 -31.33
C PHE TA 51 61.90 -15.15 -32.30
N PHE TA 52 61.88 -13.86 -32.66
CA PHE TA 52 60.88 -13.31 -33.59
C PHE TA 52 59.45 -13.55 -33.09
N GLY TA 53 59.28 -13.54 -31.78
CA GLY TA 53 57.96 -13.69 -31.17
C GLY TA 53 57.41 -15.10 -31.25
N SER TA 54 58.28 -16.08 -31.42
CA SER TA 54 57.85 -17.47 -31.51
C SER TA 54 58.90 -18.43 -30.96
N THR TA 55 58.45 -19.62 -30.57
CA THR TA 55 59.34 -20.68 -30.10
C THR TA 55 59.60 -21.69 -31.21
N ASP TA 56 59.39 -21.25 -32.45
CA ASP TA 56 59.63 -22.08 -33.62
C ASP TA 56 61.10 -22.49 -33.70
N PRO TA 57 61.40 -23.59 -34.42
CA PRO TA 57 62.78 -24.05 -34.63
C PRO TA 57 63.73 -22.92 -34.99
N VAL TA 58 64.74 -22.69 -34.15
CA VAL TA 58 65.64 -21.57 -34.30
C VAL TA 58 67.03 -21.96 -33.82
N ALA TA 59 68.07 -21.49 -34.51
CA ALA TA 59 69.42 -21.88 -34.17
C ALA TA 59 70.33 -20.69 -33.85
N CYS TA 60 71.28 -20.91 -32.94
CA CYS TA 60 72.27 -19.91 -32.60
C CYS TA 60 73.65 -20.54 -32.53
N VAL TA 61 74.55 -20.08 -33.39
CA VAL TA 61 75.90 -20.65 -33.45
C VAL TA 61 76.95 -19.67 -32.92
N ARG TA 62 77.81 -20.17 -32.03
CA ARG TA 62 78.88 -19.35 -31.46
C ARG TA 62 80.24 -19.80 -31.95
N VAL TA 63 80.96 -18.88 -32.58
CA VAL TA 63 82.30 -19.17 -33.08
C VAL TA 63 83.34 -18.34 -32.34
N GLU TA 64 84.30 -19.00 -31.72
CA GLU TA 64 85.33 -18.31 -30.95
C GLU TA 64 86.73 -18.77 -31.35
N ALA TA 65 87.50 -17.86 -31.91
CA ALA TA 65 88.86 -18.16 -32.34
C ALA TA 65 89.84 -17.09 -31.89
N LEU TA 66 90.94 -17.52 -31.28
CA LEU TA 66 91.97 -16.61 -30.81
C LEU TA 66 92.72 -15.95 -31.97
N GLY TA 67 93.05 -14.68 -31.82
CA GLY TA 67 93.78 -13.95 -32.84
C GLY TA 67 92.86 -13.24 -33.82
N GLY TA 68 91.55 -13.37 -33.61
CA GLY TA 68 90.57 -12.73 -34.47
C GLY TA 68 90.25 -13.54 -35.70
N TYR TA 69 89.70 -12.87 -36.72
CA TYR TA 69 89.32 -13.54 -37.96
C TYR TA 69 89.86 -12.78 -39.17
N GLY TA 70 89.86 -13.45 -40.32
CA GLY TA 70 90.29 -12.85 -41.57
C GLY TA 70 89.30 -11.81 -42.09
N PRO TA 71 89.66 -11.12 -43.17
CA PRO TA 71 88.83 -10.07 -43.78
C PRO TA 71 87.49 -10.60 -44.31
N SER TA 72 87.56 -11.58 -45.22
CA SER TA 72 86.36 -12.10 -45.87
C SER TA 72 85.90 -13.44 -45.28
N GLU TA 73 86.58 -13.88 -44.22
CA GLU TA 73 86.27 -15.17 -43.60
C GLU TA 73 84.91 -15.22 -42.88
N PRO TA 74 84.57 -14.21 -42.04
CA PRO TA 74 83.28 -14.32 -41.34
C PRO TA 74 82.08 -14.40 -42.27
N GLU TA 75 82.13 -13.68 -43.39
CA GLU TA 75 81.06 -13.71 -44.38
C GLU TA 75 80.93 -15.10 -44.99
N LYS TA 76 82.06 -15.74 -45.24
CA LYS TA 76 82.08 -17.08 -45.81
C LYS TA 76 81.55 -18.12 -44.83
N VAL TA 77 82.04 -18.07 -43.60
CA VAL TA 77 81.64 -19.00 -42.55
C VAL TA 77 80.14 -18.93 -42.28
N THR TA 78 79.63 -17.70 -42.18
CA THR TA 78 78.21 -17.48 -41.91
C THR TA 78 77.31 -18.09 -42.98
N SER TA 79 77.70 -17.92 -44.24
CA SER TA 79 76.95 -18.46 -45.36
C SER TA 79 76.88 -19.98 -45.30
N ILE TA 80 78.02 -20.61 -45.01
CA ILE TA 80 78.11 -22.06 -44.93
C ILE TA 80 77.35 -22.61 -43.73
N VAL TA 81 77.56 -21.99 -42.57
CA VAL TA 81 76.93 -22.42 -41.33
C VAL TA 81 75.41 -22.32 -41.41
N THR TA 82 74.92 -21.19 -41.92
CA THR TA 82 73.48 -20.99 -42.09
C THR TA 82 72.90 -22.05 -43.03
N ALA TA 83 73.60 -22.28 -44.14
CA ALA TA 83 73.21 -23.31 -45.10
C ALA TA 83 73.31 -24.70 -44.47
N ALA TA 84 74.25 -24.87 -43.56
CA ALA TA 84 74.44 -26.15 -42.89
C ALA TA 84 73.27 -26.49 -41.99
N ILE TA 85 72.87 -25.53 -41.16
CA ILE TA 85 71.74 -25.71 -40.25
C ILE TA 85 70.44 -25.88 -41.03
N THR TA 86 70.32 -25.15 -42.13
CA THR TA 86 69.11 -25.18 -42.96
C THR TA 86 68.81 -26.57 -43.53
N ALA TA 87 69.83 -27.21 -44.09
CA ALA TA 87 69.65 -28.52 -44.70
C ALA TA 87 69.55 -29.63 -43.66
N VAL TA 88 70.39 -29.56 -42.64
CA VAL TA 88 70.47 -30.61 -41.63
C VAL TA 88 69.31 -30.56 -40.63
N CYS TA 89 69.09 -29.39 -40.03
CA CYS TA 89 68.10 -29.26 -38.97
C CYS TA 89 66.73 -28.83 -39.51
N GLY TA 90 66.72 -28.28 -40.71
CA GLY TA 90 65.48 -27.84 -41.32
C GLY TA 90 65.06 -26.44 -40.87
N ILE TA 91 65.95 -25.79 -40.13
CA ILE TA 91 65.69 -24.45 -39.63
C ILE TA 91 65.94 -23.40 -40.72
N VAL TA 92 64.96 -22.53 -40.95
CA VAL TA 92 65.05 -21.50 -41.98
C VAL TA 92 66.21 -20.53 -41.72
N ALA TA 93 66.69 -19.92 -42.80
CA ALA TA 93 67.85 -19.02 -42.72
C ALA TA 93 67.57 -17.77 -41.88
N ASP TA 94 66.32 -17.30 -41.92
CA ASP TA 94 65.95 -16.07 -41.22
C ASP TA 94 65.83 -16.27 -39.72
N ARG TA 95 66.09 -17.48 -39.25
CA ARG TA 95 66.06 -17.79 -37.82
C ARG TA 95 67.36 -18.46 -37.37
N ILE TA 96 68.48 -17.98 -37.89
CA ILE TA 96 69.78 -18.53 -37.54
C ILE TA 96 70.78 -17.42 -37.21
N PHE TA 97 71.23 -17.37 -35.96
CA PHE TA 97 72.25 -16.40 -35.56
C PHE TA 97 73.62 -17.05 -35.50
N VAL TA 98 74.62 -16.34 -36.02
CA VAL TA 98 76.01 -16.81 -35.96
C VAL TA 98 76.89 -15.70 -35.39
N LEU TA 99 77.30 -15.88 -34.14
CA LEU TA 99 78.09 -14.85 -33.45
C LEU TA 99 79.57 -15.23 -33.43
N TYR TA 100 80.43 -14.22 -33.52
CA TYR TA 100 81.87 -14.44 -33.54
C TYR TA 100 82.56 -13.72 -32.39
N PHE TA 101 83.38 -14.44 -31.65
CA PHE TA 101 84.08 -13.89 -30.49
C PHE TA 101 85.58 -14.16 -30.55
N SER TA 102 86.34 -13.42 -29.75
CA SER TA 102 87.79 -13.61 -29.68
C SER TA 102 88.27 -13.54 -28.23
N PRO TA 103 88.72 -14.69 -27.70
CA PRO TA 103 89.20 -14.79 -26.31
C PRO TA 103 90.54 -14.11 -26.10
N LEU TA 104 90.77 -13.59 -24.90
CA LEU TA 104 92.04 -12.95 -24.58
C LEU TA 104 93.16 -13.98 -24.46
N HIS TA 105 92.82 -15.16 -23.95
CA HIS TA 105 93.77 -16.25 -23.82
C HIS TA 105 93.08 -17.59 -24.06
N CYS TA 106 93.83 -18.57 -24.53
CA CYS TA 106 93.28 -19.90 -24.80
C CYS TA 106 94.24 -21.00 -24.34
N GLY TA 107 93.72 -21.97 -23.61
CA GLY TA 107 94.53 -23.03 -23.05
C GLY TA 107 94.24 -24.41 -23.59
N TRP TA 108 95.30 -25.20 -23.74
CA TRP TA 108 95.18 -26.59 -24.20
C TRP TA 108 96.37 -27.42 -23.71
N ASN TA 109 96.09 -28.65 -23.30
CA ASN TA 109 97.10 -29.56 -22.77
C ASN TA 109 97.84 -28.97 -21.57
N GLY TA 110 97.16 -28.14 -20.81
CA GLY TA 110 97.74 -27.57 -19.60
C GLY TA 110 98.55 -26.30 -19.87
N THR TA 111 98.61 -25.89 -21.12
CA THR TA 111 99.39 -24.70 -21.49
C THR TA 111 98.59 -23.76 -22.39
N ASN TA 112 98.98 -22.50 -22.39
CA ASN TA 112 98.31 -21.49 -23.21
C ASN TA 112 98.95 -21.36 -24.59
N PHE TA 113 98.28 -20.65 -25.49
CA PHE TA 113 98.78 -20.45 -26.84
C PHE TA 113 99.02 -18.97 -27.12
N MET UA 1 92.25 -86.40 -10.96
CA MET UA 1 91.23 -85.43 -11.33
C MET UA 1 89.83 -85.93 -10.99
N PRO UA 2 89.43 -85.80 -9.72
CA PRO UA 2 88.12 -86.27 -9.24
C PRO UA 2 86.98 -85.29 -9.56
N VAL UA 3 85.77 -85.82 -9.67
CA VAL UA 3 84.59 -84.99 -9.93
C VAL UA 3 83.52 -85.25 -8.89
N ILE UA 4 83.01 -84.19 -8.27
CA ILE UA 4 82.02 -84.31 -7.21
C ILE UA 4 80.72 -83.58 -7.53
N GLN UA 5 79.66 -84.33 -7.78
CA GLN UA 5 78.34 -83.76 -8.01
C GLN UA 5 77.53 -83.72 -6.73
N THR UA 6 76.87 -82.59 -6.47
CA THR UA 6 76.08 -82.43 -5.27
C THR UA 6 74.61 -82.12 -5.59
N PHE UA 7 73.75 -83.11 -5.37
CA PHE UA 7 72.31 -82.94 -5.57
C PHE UA 7 71.60 -82.70 -4.24
N VAL UA 8 70.88 -81.59 -4.13
CA VAL UA 8 70.17 -81.25 -2.91
C VAL UA 8 68.74 -80.81 -3.19
N SER UA 9 67.85 -81.08 -2.25
CA SER UA 9 66.45 -80.68 -2.38
C SER UA 9 66.24 -79.27 -1.84
N THR UA 10 67.23 -78.78 -1.09
CA THR UA 10 67.16 -77.45 -0.51
C THR UA 10 67.89 -76.44 -1.39
N PRO UA 11 67.38 -75.20 -1.43
CA PRO UA 11 68.02 -74.13 -2.22
C PRO UA 11 69.43 -73.82 -1.72
N LEU UA 12 70.34 -73.55 -2.66
CA LEU UA 12 71.72 -73.24 -2.32
C LEU UA 12 72.13 -71.86 -2.81
N ASP UA 13 72.78 -71.09 -1.95
CA ASP UA 13 73.25 -69.76 -2.31
C ASP UA 13 74.77 -69.75 -2.49
N HIS UA 14 75.36 -68.56 -2.48
CA HIS UA 14 76.80 -68.42 -2.64
C HIS UA 14 77.55 -68.97 -1.43
N HIS UA 15 77.04 -68.69 -0.24
CA HIS UA 15 77.69 -69.09 1.00
C HIS UA 15 77.77 -70.61 1.16
N LYS UA 16 76.64 -71.28 0.95
CA LYS UA 16 76.56 -72.72 1.09
C LYS UA 16 77.43 -73.45 0.06
N ARG UA 17 77.33 -73.03 -1.19
CA ARG UA 17 78.08 -73.65 -2.27
C ARG UA 17 79.59 -73.46 -2.13
N LEU UA 18 79.98 -72.27 -1.66
CA LEU UA 18 81.39 -71.97 -1.43
C LEU UA 18 81.94 -72.81 -0.28
N LEU UA 19 81.13 -72.98 0.76
CA LEU UA 19 81.51 -73.78 1.92
C LEU UA 19 81.77 -75.23 1.52
N LEU UA 20 80.81 -75.82 0.79
CA LEU UA 20 80.94 -77.19 0.32
C LEU UA 20 82.12 -77.34 -0.64
N ALA UA 21 82.42 -76.27 -1.38
CA ALA UA 21 83.53 -76.27 -2.32
C ALA UA 21 84.86 -76.44 -1.62
N ILE UA 22 85.08 -75.64 -0.58
CA ILE UA 22 86.33 -75.71 0.19
C ILE UA 22 86.43 -77.06 0.90
N ILE UA 23 85.30 -77.56 1.38
CA ILE UA 23 85.23 -78.87 2.02
C ILE UA 23 85.75 -79.96 1.08
N TYR UA 24 85.21 -79.98 -0.13
CA TYR UA 24 85.61 -80.99 -1.12
C TYR UA 24 87.09 -80.85 -1.46
N ARG UA 25 87.61 -79.63 -1.41
CA ARG UA 25 89.03 -79.38 -1.66
C ARG UA 25 89.91 -80.02 -0.59
N ILE UA 26 89.53 -79.84 0.68
CA ILE UA 26 90.28 -80.42 1.79
C ILE UA 26 90.22 -81.94 1.76
N VAL UA 27 89.03 -82.47 1.45
CA VAL UA 27 88.85 -83.92 1.35
C VAL UA 27 89.69 -84.49 0.22
N THR UA 28 89.75 -83.78 -0.89
CA THR UA 28 90.51 -84.22 -2.06
C THR UA 28 92.01 -84.29 -1.78
N ARG UA 29 92.53 -83.28 -1.09
CA ARG UA 29 93.96 -83.18 -0.84
C ARG UA 29 94.40 -84.07 0.33
N VAL UA 30 93.67 -84.03 1.43
CA VAL UA 30 94.06 -84.74 2.64
C VAL UA 30 93.72 -86.23 2.57
N VAL UA 31 92.49 -86.54 2.17
CA VAL UA 31 92.00 -87.91 2.18
C VAL UA 31 92.23 -88.62 0.84
N LEU UA 32 91.75 -88.01 -0.24
CA LEU UA 32 91.83 -88.64 -1.57
C LEU UA 32 93.24 -88.61 -2.14
N GLY UA 33 94.08 -87.71 -1.60
CA GLY UA 33 95.45 -87.58 -2.04
C GLY UA 33 95.57 -87.08 -3.46
N LYS UA 34 94.68 -86.16 -3.84
CA LYS UA 34 94.69 -85.58 -5.17
C LYS UA 34 94.72 -84.05 -5.07
N PRO UA 35 95.27 -83.38 -6.09
CA PRO UA 35 95.33 -81.91 -6.07
C PRO UA 35 93.95 -81.26 -5.98
N GLU UA 36 93.79 -80.32 -5.06
CA GLU UA 36 92.51 -79.67 -4.83
C GLU UA 36 92.15 -78.69 -5.95
N ASP UA 37 93.12 -78.37 -6.80
CA ASP UA 37 92.87 -77.49 -7.92
C ASP UA 37 92.37 -78.27 -9.13
N LEU UA 38 92.45 -79.60 -9.05
CA LEU UA 38 92.08 -80.47 -10.17
C LEU UA 38 90.74 -81.15 -9.97
N VAL UA 39 90.06 -80.84 -8.88
CA VAL UA 39 88.74 -81.42 -8.61
C VAL UA 39 87.63 -80.49 -9.08
N MET UA 40 86.70 -81.03 -9.86
CA MET UA 40 85.58 -80.26 -10.37
C MET UA 40 84.31 -80.53 -9.58
N MET UA 41 83.62 -79.46 -9.20
CA MET UA 41 82.44 -79.58 -8.35
C MET UA 41 81.22 -78.93 -8.98
N THR UA 42 80.11 -79.67 -9.05
CA THR UA 42 78.86 -79.14 -9.57
C THR UA 42 77.78 -79.19 -8.50
N PHE UA 43 76.92 -78.18 -8.49
CA PHE UA 43 75.84 -78.09 -7.49
C PHE UA 43 74.48 -77.99 -8.16
N HIS UA 44 73.58 -78.89 -7.79
CA HIS UA 44 72.24 -78.92 -8.35
C HIS UA 44 71.18 -78.71 -7.26
N ASP UA 45 70.85 -77.44 -7.00
CA ASP UA 45 69.89 -77.11 -5.95
C ASP UA 45 68.46 -77.14 -6.48
N SER UA 46 67.51 -77.14 -5.55
CA SER UA 46 66.08 -77.17 -5.86
C SER UA 46 65.72 -78.34 -6.78
N THR UA 47 66.38 -79.47 -6.55
CA THR UA 47 66.15 -80.66 -7.35
C THR UA 47 64.98 -81.48 -6.81
N PRO UA 48 63.97 -81.74 -7.66
CA PRO UA 48 62.83 -82.57 -7.27
C PRO UA 48 63.25 -83.99 -6.92
N MET UA 49 63.28 -84.30 -5.63
CA MET UA 49 63.74 -85.61 -5.17
C MET UA 49 62.69 -86.30 -4.29
N HIS UA 50 62.82 -87.62 -4.17
CA HIS UA 50 61.91 -88.41 -3.35
C HIS UA 50 62.67 -89.54 -2.66
N PHE UA 51 62.60 -89.60 -1.34
CA PHE UA 51 63.33 -90.60 -0.57
C PHE UA 51 62.64 -90.91 0.75
N PHE UA 52 62.66 -92.19 1.13
CA PHE UA 52 62.05 -92.67 2.37
C PHE UA 52 60.56 -92.35 2.45
N GLY UA 53 59.90 -92.33 1.30
CA GLY UA 53 58.47 -92.09 1.25
C GLY UA 53 58.08 -90.66 1.52
N SER UA 54 59.03 -89.74 1.34
CA SER UA 54 58.78 -88.32 1.58
C SER UA 54 59.62 -87.44 0.67
N THR UA 55 59.16 -86.21 0.49
CA THR UA 55 59.89 -85.22 -0.31
C THR UA 55 60.68 -84.29 0.61
N ASP UA 56 60.92 -84.76 1.83
CA ASP UA 56 61.69 -84.01 2.83
C ASP UA 56 63.11 -83.72 2.32
N PRO UA 57 63.77 -82.69 2.88
CA PRO UA 57 65.14 -82.34 2.53
C PRO UA 57 66.08 -83.56 2.45
N VAL UA 58 66.65 -83.77 1.27
CA VAL UA 58 67.46 -84.96 1.02
C VAL UA 58 68.58 -84.64 0.04
N ALA UA 59 69.76 -85.21 0.27
CA ALA UA 59 70.92 -84.93 -0.56
C ALA UA 59 71.54 -86.18 -1.17
N CYS UA 60 72.08 -86.04 -2.38
CA CYS UA 60 72.77 -87.13 -3.05
C CYS UA 60 74.08 -86.64 -3.67
N VAL UA 61 75.20 -87.20 -3.22
CA VAL UA 61 76.51 -86.78 -3.69
C VAL UA 61 77.17 -87.86 -4.56
N ARG UA 62 77.68 -87.44 -5.72
CA ARG UA 62 78.35 -88.36 -6.64
C ARG UA 62 79.84 -88.08 -6.71
N VAL UA 63 80.65 -89.09 -6.39
CA VAL UA 63 82.10 -88.95 -6.43
C VAL UA 63 82.72 -89.85 -7.49
N GLU UA 64 83.43 -89.24 -8.44
CA GLU UA 64 84.04 -89.99 -9.53
C GLU UA 64 85.52 -89.65 -9.68
N ALA UA 65 86.38 -90.64 -9.46
CA ALA UA 65 87.82 -90.45 -9.58
C ALA UA 65 88.47 -91.59 -10.36
N LEU UA 66 89.29 -91.23 -11.34
CA LEU UA 66 89.99 -92.22 -12.15
C LEU UA 66 91.07 -92.94 -11.35
N GLY UA 67 91.22 -94.24 -11.59
CA GLY UA 67 92.21 -95.04 -10.90
C GLY UA 67 91.67 -95.67 -9.64
N GLY UA 68 90.41 -95.41 -9.35
CA GLY UA 68 89.76 -95.98 -8.17
C GLY UA 68 90.01 -95.19 -6.91
N TYR UA 69 89.81 -95.82 -5.76
CA TYR UA 69 90.00 -95.18 -4.47
C TYR UA 69 90.86 -96.02 -3.54
N GLY UA 70 91.36 -95.41 -2.48
CA GLY UA 70 92.15 -96.12 -1.48
C GLY UA 70 91.31 -97.06 -0.65
N PRO UA 71 91.96 -97.85 0.22
CA PRO UA 71 91.30 -98.82 1.09
C PRO UA 71 90.33 -98.19 2.08
N SER UA 72 90.83 -97.25 2.89
CA SER UA 72 90.01 -96.64 3.94
C SER UA 72 89.51 -95.25 3.56
N GLU UA 73 89.78 -94.84 2.33
CA GLU UA 73 89.38 -93.51 1.86
C GLU UA 73 87.86 -93.30 1.70
N PRO UA 74 87.14 -94.25 1.06
CA PRO UA 74 85.70 -94.01 0.87
C PRO UA 74 84.92 -93.84 2.18
N GLU UA 75 85.30 -94.57 3.21
CA GLU UA 75 84.63 -94.47 4.51
C GLU UA 75 84.84 -93.09 5.12
N LYS UA 76 86.04 -92.54 4.95
CA LYS UA 76 86.36 -91.22 5.47
C LYS UA 76 85.61 -90.11 4.72
N VAL UA 77 85.63 -90.18 3.40
CA VAL UA 77 84.98 -89.18 2.56
C VAL UA 77 83.48 -89.09 2.84
N THR UA 78 82.83 -90.24 2.94
CA THR UA 78 81.40 -90.30 3.21
C THR UA 78 81.05 -89.64 4.54
N SER UA 79 81.87 -89.91 5.55
CA SER UA 79 81.66 -89.35 6.88
C SER UA 79 81.77 -87.82 6.87
N ILE UA 80 82.79 -87.31 6.19
CA ILE UA 80 83.02 -85.87 6.12
C ILE UA 80 81.94 -85.17 5.31
N VAL UA 81 81.62 -85.72 4.15
CA VAL UA 81 80.61 -85.15 3.25
C VAL UA 81 79.25 -85.12 3.94
N THR UA 82 78.88 -86.23 4.58
CA THR UA 82 77.61 -86.31 5.29
C THR UA 82 77.53 -85.26 6.40
N ALA UA 83 78.62 -85.13 7.16
CA ALA UA 83 78.70 -84.13 8.21
C ALA UA 83 78.68 -82.72 7.62
N ALA UA 84 79.23 -82.58 6.43
CA ALA UA 84 79.28 -81.28 5.74
C ALA UA 84 77.88 -80.86 5.31
N ILE UA 85 77.16 -81.77 4.66
CA ILE UA 85 75.80 -81.49 4.20
C ILE UA 85 74.87 -81.26 5.39
N THR UA 86 75.10 -82.00 6.46
CA THR UA 86 74.27 -81.90 7.67
C THR UA 86 74.35 -80.51 8.29
N ALA UA 87 75.57 -79.99 8.40
CA ALA UA 87 75.79 -78.68 9.00
C ALA UA 87 75.41 -77.54 8.07
N VAL UA 88 75.75 -77.67 6.80
CA VAL UA 88 75.52 -76.60 5.83
C VAL UA 88 74.06 -76.50 5.39
N CYS UA 89 73.49 -77.62 4.95
CA CYS UA 89 72.15 -77.62 4.39
C CYS UA 89 71.08 -77.92 5.44
N GLY UA 90 71.49 -78.50 6.56
CA GLY UA 90 70.55 -78.82 7.62
C GLY UA 90 69.85 -80.16 7.38
N ILE UA 91 70.30 -80.87 6.35
CA ILE UA 91 69.72 -82.16 6.00
C ILE UA 91 70.24 -83.26 6.92
N VAL UA 92 69.30 -84.02 7.49
CA VAL UA 92 69.65 -85.10 8.41
C VAL UA 92 70.52 -86.16 7.73
N ALA UA 93 71.29 -86.87 8.55
CA ALA UA 93 72.23 -87.87 8.04
C ALA UA 93 71.52 -89.03 7.34
N ASP UA 94 70.34 -89.39 7.83
CA ASP UA 94 69.61 -90.53 7.32
C ASP UA 94 68.97 -90.26 5.95
N ARG UA 95 69.19 -89.06 5.42
CA ARG UA 95 68.68 -88.71 4.10
C ARG UA 95 69.79 -88.16 3.21
N ILE UA 96 70.96 -88.78 3.28
CA ILE UA 96 72.09 -88.36 2.47
C ILE UA 96 72.79 -89.56 1.81
N PHE UA 97 72.76 -89.59 0.48
CA PHE UA 97 73.43 -90.64 -0.28
C PHE UA 97 74.77 -90.16 -0.83
N VAL UA 98 75.79 -91.00 -0.71
CA VAL UA 98 77.10 -90.70 -1.29
C VAL UA 98 77.58 -91.88 -2.15
N LEU UA 99 77.52 -91.69 -3.46
CA LEU UA 99 77.89 -92.76 -4.40
C LEU UA 99 79.28 -92.56 -4.96
N TYR UA 100 79.99 -93.67 -5.19
CA TYR UA 100 81.34 -93.61 -5.71
C TYR UA 100 81.46 -94.37 -7.03
N PHE UA 101 82.05 -93.70 -8.03
CA PHE UA 101 82.21 -94.28 -9.35
C PHE UA 101 83.65 -94.14 -9.84
N SER UA 102 84.01 -94.91 -10.86
CA SER UA 102 85.35 -94.85 -11.42
C SER UA 102 85.31 -94.90 -12.94
N PRO UA 103 85.65 -93.78 -13.59
CA PRO UA 103 85.62 -93.68 -15.05
C PRO UA 103 86.74 -94.47 -15.73
N LEU UA 104 86.47 -94.96 -16.93
CA LEU UA 104 87.46 -95.71 -17.69
C LEU UA 104 88.55 -94.77 -18.21
N HIS UA 105 88.16 -93.56 -18.58
CA HIS UA 105 89.10 -92.56 -19.06
C HIS UA 105 88.69 -91.16 -18.59
N CYS UA 106 89.67 -90.27 -18.46
CA CYS UA 106 89.41 -88.91 -18.02
C CYS UA 106 90.24 -87.92 -18.82
N GLY UA 107 89.59 -86.87 -19.32
CA GLY UA 107 90.25 -85.90 -20.16
C GLY UA 107 90.34 -84.52 -19.55
N TRP UA 108 91.46 -83.84 -19.81
CA TRP UA 108 91.67 -82.48 -19.33
C TRP UA 108 92.67 -81.74 -20.22
N ASN UA 109 92.38 -80.47 -20.47
CA ASN UA 109 93.21 -79.63 -21.34
C ASN UA 109 93.37 -80.22 -22.74
N GLY UA 110 92.35 -80.94 -23.19
CA GLY UA 110 92.35 -81.52 -24.53
C GLY UA 110 93.06 -82.86 -24.63
N THR UA 111 93.58 -83.34 -23.51
CA THR UA 111 94.30 -84.61 -23.50
C THR UA 111 93.83 -85.52 -22.35
N ASN UA 112 94.03 -86.81 -22.52
CA ASN UA 112 93.67 -87.78 -21.48
C ASN UA 112 94.82 -88.05 -20.51
N PHE UA 113 94.51 -88.72 -19.41
CA PHE UA 113 95.52 -89.04 -18.41
C PHE UA 113 95.68 -90.55 -18.26
N MET VA 1 43.50 -53.84 37.22
CA MET VA 1 43.61 -54.03 35.77
C MET VA 1 43.17 -52.78 35.02
N PRO VA 2 44.07 -51.79 34.90
CA PRO VA 2 43.75 -50.53 34.23
C PRO VA 2 43.85 -50.62 32.70
N VAL VA 3 43.10 -49.78 32.00
CA VAL VA 3 43.13 -49.75 30.54
C VAL VA 3 43.39 -48.33 30.05
N ILE VA 4 44.37 -48.17 29.17
CA ILE VA 4 44.74 -46.85 28.67
C ILE VA 4 44.61 -46.75 27.15
N GLN VA 5 43.61 -46.01 26.70
CA GLN VA 5 43.41 -45.77 25.26
C GLN VA 5 44.09 -44.46 24.85
N THR VA 6 44.80 -44.50 23.73
CA THR VA 6 45.49 -43.31 23.24
C THR VA 6 45.03 -42.92 21.84
N PHE VA 7 44.28 -41.82 21.76
CA PHE VA 7 43.82 -41.30 20.47
C PHE VA 7 44.69 -40.12 20.05
N VAL VA 8 45.29 -40.24 18.87
CA VAL VA 8 46.15 -39.18 18.34
C VAL VA 8 45.82 -38.88 16.89
N SER VA 9 46.03 -37.62 16.49
CA SER VA 9 45.78 -37.21 15.11
C SER VA 9 47.02 -37.44 14.26
N THR VA 10 48.15 -37.66 14.92
CA THR VA 10 49.41 -37.90 14.24
C THR VA 10 49.67 -39.41 14.11
N PRO VA 11 50.32 -39.82 13.00
CA PRO VA 11 50.66 -41.23 12.78
C PRO VA 11 51.63 -41.76 13.83
N LEU VA 12 51.42 -43.01 14.24
CA LEU VA 12 52.28 -43.64 15.24
C LEU VA 12 52.97 -44.88 14.69
N ASP VA 13 54.28 -44.98 14.93
CA ASP VA 13 55.05 -46.14 14.49
C ASP VA 13 55.39 -47.05 15.66
N HIS VA 14 56.37 -47.92 15.45
CA HIS VA 14 56.78 -48.86 16.49
C HIS VA 14 57.45 -48.14 17.66
N HIS VA 15 58.32 -47.18 17.35
CA HIS VA 15 59.07 -46.46 18.37
C HIS VA 15 58.16 -45.63 19.28
N LYS VA 16 57.26 -44.86 18.68
CA LYS VA 16 56.36 -44.00 19.45
C LYS VA 16 55.42 -44.82 20.33
N ARG VA 17 54.81 -45.86 19.75
CA ARG VA 17 53.88 -46.70 20.48
C ARG VA 17 54.56 -47.48 21.60
N LEU VA 18 55.79 -47.93 21.35
CA LEU VA 18 56.56 -48.65 22.36
C LEU VA 18 56.94 -47.73 23.52
N LEU VA 19 57.30 -46.49 23.19
CA LEU VA 19 57.66 -45.50 24.19
C LEU VA 19 56.49 -45.22 25.12
N LEU VA 20 55.34 -44.94 24.53
CA LEU VA 20 54.12 -44.67 25.28
C LEU VA 20 53.69 -45.89 26.09
N ALA VA 21 54.00 -47.08 25.57
CA ALA VA 21 53.68 -48.32 26.26
C ALA VA 21 54.44 -48.44 27.57
N ILE VA 22 55.74 -48.20 27.51
CA ILE VA 22 56.59 -48.27 28.71
C ILE VA 22 56.21 -47.18 29.70
N ILE VA 23 55.88 -46.00 29.19
CA ILE VA 23 55.44 -44.89 30.02
C ILE VA 23 54.22 -45.27 30.87
N TYR VA 24 53.20 -45.80 30.20
CA TYR VA 24 51.97 -46.20 30.88
C TYR VA 24 52.23 -47.30 31.91
N ARG VA 25 53.22 -48.13 31.63
CA ARG VA 25 53.63 -49.19 32.55
C ARG VA 25 54.21 -48.60 33.84
N ILE VA 26 55.08 -47.61 33.70
CA ILE VA 26 55.70 -46.96 34.84
C ILE VA 26 54.65 -46.20 35.65
N VAL VA 27 53.73 -45.55 34.96
CA VAL VA 27 52.64 -44.83 35.61
C VAL VA 27 51.76 -45.81 36.40
N THR VA 28 51.51 -46.96 35.80
CA THR VA 28 50.67 -47.99 36.42
C THR VA 28 51.28 -48.53 37.71
N ARG VA 29 52.59 -48.79 37.68
CA ARG VA 29 53.27 -49.38 38.81
C ARG VA 29 53.62 -48.38 39.91
N VAL VA 30 54.16 -47.23 39.51
CA VAL VA 30 54.63 -46.24 40.47
C VAL VA 30 53.49 -45.38 41.04
N VAL VA 31 52.63 -44.88 40.16
CA VAL VA 31 51.57 -43.97 40.57
C VAL VA 31 50.27 -44.68 40.90
N LEU VA 32 49.78 -45.50 39.97
CA LEU VA 32 48.49 -46.17 40.14
C LEU VA 32 48.58 -47.31 41.15
N GLY VA 33 49.79 -47.79 41.41
CA GLY VA 33 49.99 -48.88 42.35
C GLY VA 33 49.40 -50.19 41.87
N LYS VA 34 49.49 -50.43 40.56
CA LYS VA 34 48.96 -51.64 39.95
C LYS VA 34 50.06 -52.32 39.13
N PRO VA 35 49.97 -53.66 38.96
CA PRO VA 35 50.97 -54.39 38.19
C PRO VA 35 51.07 -53.90 36.74
N GLU VA 36 52.28 -53.64 36.28
CA GLU VA 36 52.52 -53.11 34.94
C GLU VA 36 52.26 -54.14 33.84
N ASP VA 37 52.16 -55.40 34.23
CA ASP VA 37 51.87 -56.47 33.29
C ASP VA 37 50.37 -56.65 33.08
N LEU VA 38 49.58 -55.99 33.92
CA LEU VA 38 48.13 -56.14 33.89
C LEU VA 38 47.42 -54.96 33.26
N VAL VA 39 48.17 -53.99 32.75
CA VAL VA 39 47.58 -52.83 32.10
C VAL VA 39 47.51 -53.03 30.58
N MET VA 40 46.33 -52.83 30.01
CA MET VA 40 46.14 -52.98 28.57
C MET VA 40 46.13 -51.63 27.87
N MET VA 41 46.88 -51.54 26.78
CA MET VA 41 47.04 -50.28 26.07
C MET VA 41 46.69 -50.41 24.59
N THR VA 42 45.84 -49.50 24.11
CA THR VA 42 45.47 -49.47 22.70
C THR VA 42 45.87 -48.13 22.09
N PHE VA 43 46.31 -48.17 20.83
CA PHE VA 43 46.75 -46.96 20.15
C PHE VA 43 45.96 -46.73 18.86
N HIS VA 44 45.34 -45.56 18.75
CA HIS VA 44 44.55 -45.22 17.57
C HIS VA 44 45.12 -44.00 16.86
N ASP VA 45 46.06 -44.22 15.95
CA ASP VA 45 46.71 -43.13 15.23
C ASP VA 45 45.92 -42.75 13.97
N SER VA 46 46.25 -41.59 13.40
CA SER VA 46 45.61 -41.07 12.20
C SER VA 46 44.10 -40.98 12.37
N THR VA 47 43.65 -40.63 13.57
CA THR VA 47 42.24 -40.50 13.88
C THR VA 47 41.72 -39.12 13.52
N PRO VA 48 40.69 -39.05 12.67
CA PRO VA 48 40.06 -37.78 12.30
C PRO VA 48 39.47 -37.07 13.52
N MET VA 49 40.16 -36.03 14.00
CA MET VA 49 39.72 -35.33 15.20
C MET VA 49 39.56 -33.84 14.94
N HIS VA 50 38.80 -33.19 15.80
CA HIS VA 50 38.57 -31.75 15.70
C HIS VA 50 38.50 -31.12 17.09
N PHE VA 51 39.35 -30.13 17.33
CA PHE VA 51 39.43 -29.49 18.64
C PHE VA 51 39.93 -28.06 18.53
N PHE VA 52 39.35 -27.18 19.33
CA PHE VA 52 39.70 -25.75 19.36
C PHE VA 52 39.54 -25.10 17.99
N GLY VA 53 38.57 -25.58 17.23
CA GLY VA 53 38.25 -25.02 15.93
C GLY VA 53 39.28 -25.33 14.85
N SER VA 54 40.06 -26.40 15.06
CA SER VA 54 41.08 -26.78 14.11
C SER VA 54 41.31 -28.29 14.09
N THR VA 55 41.85 -28.79 12.99
CA THR VA 55 42.19 -30.21 12.86
C THR VA 55 43.68 -30.41 13.12
N ASP VA 56 44.28 -29.45 13.80
CA ASP VA 56 45.69 -29.51 14.17
C ASP VA 56 45.95 -30.73 15.06
N PRO VA 57 47.22 -31.20 15.10
CA PRO VA 57 47.61 -32.32 15.97
C PRO VA 57 47.05 -32.22 17.38
N VAL VA 58 46.25 -33.21 17.75
CA VAL VA 58 45.53 -33.20 19.02
C VAL VA 58 45.39 -34.62 19.57
N ALA VA 59 45.51 -34.77 20.88
CA ALA VA 59 45.48 -36.09 21.49
C ALA VA 59 44.38 -36.22 22.56
N CYS VA 60 43.82 -37.42 22.67
CA CYS VA 60 42.83 -37.73 23.70
C CYS VA 60 43.14 -39.07 24.36
N VAL VA 61 43.42 -39.05 25.65
CA VAL VA 61 43.78 -40.27 26.38
C VAL VA 61 42.69 -40.69 27.35
N ARG VA 62 42.33 -41.97 27.31
CA ARG VA 62 41.30 -42.51 28.19
C ARG VA 62 41.91 -43.46 29.21
N VAL VA 63 41.70 -43.16 30.49
CA VAL VA 63 42.21 -44.01 31.57
C VAL VA 63 41.06 -44.63 32.35
N GLU VA 64 41.05 -45.96 32.41
CA GLU VA 64 39.97 -46.67 33.09
C GLU VA 64 40.52 -47.69 34.07
N ALA VA 65 40.24 -47.48 35.35
CA ALA VA 65 40.71 -48.39 36.40
C ALA VA 65 39.59 -48.71 37.38
N LEU VA 66 39.40 -50.01 37.64
CA LEU VA 66 38.38 -50.47 38.57
C LEU VA 66 38.73 -50.10 40.02
N GLY VA 67 37.71 -49.72 40.78
CA GLY VA 67 37.90 -49.35 42.17
C GLY VA 67 38.17 -47.87 42.35
N GLY VA 68 38.18 -47.14 41.24
CA GLY VA 68 38.41 -45.71 41.28
C GLY VA 68 39.89 -45.38 41.29
N TYR VA 69 40.21 -44.17 41.74
CA TYR VA 69 41.59 -43.71 41.79
C TYR VA 69 41.94 -43.13 43.16
N GLY VA 70 43.23 -42.99 43.42
CA GLY VA 70 43.70 -42.40 44.66
C GLY VA 70 43.42 -40.91 44.74
N PRO VA 71 43.71 -40.29 45.90
CA PRO VA 71 43.49 -38.86 46.13
C PRO VA 71 44.31 -37.97 45.19
N SER VA 72 45.63 -38.13 45.21
CA SER VA 72 46.51 -37.26 44.44
C SER VA 72 47.02 -37.94 43.17
N GLU VA 73 46.52 -39.13 42.89
CA GLU VA 73 46.95 -39.91 41.72
C GLU VA 73 46.52 -39.33 40.37
N PRO VA 74 45.24 -38.92 40.21
CA PRO VA 74 44.83 -38.41 38.89
C PRO VA 74 45.63 -37.19 38.43
N GLU VA 75 45.97 -36.31 39.36
CA GLU VA 75 46.75 -35.12 39.03
C GLU VA 75 48.13 -35.50 38.53
N LYS VA 76 48.71 -36.53 39.14
CA LYS VA 76 50.04 -37.01 38.74
C LYS VA 76 50.01 -37.67 37.38
N VAL VA 77 49.03 -38.56 37.16
CA VAL VA 77 48.90 -39.28 35.91
C VAL VA 77 48.71 -38.34 34.73
N THR VA 78 47.83 -37.36 34.90
CA THR VA 78 47.54 -36.38 33.84
C THR VA 78 48.80 -35.62 33.46
N SER VA 79 49.58 -35.22 34.45
CA SER VA 79 50.82 -34.47 34.21
C SER VA 79 51.82 -35.30 33.41
N ILE VA 80 51.97 -36.56 33.78
CA ILE VA 80 52.91 -37.45 33.11
C ILE VA 80 52.47 -37.80 31.68
N VAL VA 81 51.19 -38.16 31.54
CA VAL VA 81 50.65 -38.53 30.23
C VAL VA 81 50.71 -37.38 29.23
N THR VA 82 50.30 -36.20 29.66
CA THR VA 82 50.34 -35.01 28.82
C THR VA 82 51.76 -34.70 28.36
N ALA VA 83 52.69 -34.75 29.31
CA ALA VA 83 54.11 -34.53 29.01
C ALA VA 83 54.66 -35.62 28.09
N ALA VA 84 54.13 -36.83 28.23
CA ALA VA 84 54.59 -37.96 27.42
C ALA VA 84 54.19 -37.78 25.95
N ILE VA 85 52.93 -37.43 25.72
CA ILE VA 85 52.43 -37.21 24.37
C ILE VA 85 53.11 -36.00 23.73
N THR VA 86 53.38 -34.99 24.55
CA THR VA 86 54.00 -33.75 24.08
C THR VA 86 55.39 -33.99 23.51
N ALA VA 87 56.20 -34.76 24.22
CA ALA VA 87 57.57 -35.02 23.79
C ALA VA 87 57.63 -36.03 22.65
N VAL VA 88 56.83 -37.08 22.74
CA VAL VA 88 56.85 -38.16 21.76
C VAL VA 88 56.17 -37.80 20.45
N CYS VA 89 54.94 -37.32 20.54
CA CYS VA 89 54.13 -37.05 19.35
C CYS VA 89 54.28 -35.62 18.85
N GLY VA 90 54.77 -34.73 19.71
CA GLY VA 90 54.96 -33.34 19.35
C GLY VA 90 53.71 -32.51 19.49
N ILE VA 91 52.66 -33.10 20.05
CA ILE VA 91 51.40 -32.40 20.24
C ILE VA 91 51.48 -31.51 21.48
N VAL VA 92 51.10 -30.25 21.32
CA VAL VA 92 51.17 -29.28 22.42
C VAL VA 92 50.29 -29.70 23.59
N ALA VA 93 50.63 -29.22 24.78
CA ALA VA 93 49.92 -29.61 26.00
C ALA VA 93 48.46 -29.14 26.00
N ASP VA 94 48.22 -27.99 25.38
CA ASP VA 94 46.88 -27.39 25.37
C ASP VA 94 45.93 -28.11 24.43
N ARG VA 95 46.41 -29.18 23.79
CA ARG VA 95 45.58 -29.99 22.92
C ARG VA 95 45.65 -31.46 23.30
N ILE VA 96 45.66 -31.74 24.59
CA ILE VA 96 45.72 -33.10 25.10
C ILE VA 96 44.67 -33.32 26.19
N PHE VA 97 43.71 -34.21 25.91
CA PHE VA 97 42.68 -34.56 26.88
C PHE VA 97 43.01 -35.87 27.58
N VAL VA 98 42.83 -35.90 28.90
CA VAL VA 98 43.01 -37.11 29.68
C VAL VA 98 41.78 -37.37 30.52
N LEU VA 99 40.97 -38.35 30.11
CA LEU VA 99 39.73 -38.66 30.80
C LEU VA 99 39.88 -39.89 31.69
N TYR VA 100 39.19 -39.87 32.83
CA TYR VA 100 39.26 -40.97 33.78
C TYR VA 100 37.89 -41.59 34.02
N PHE VA 101 37.81 -42.92 33.91
CA PHE VA 101 36.56 -43.64 34.12
C PHE VA 101 36.75 -44.80 35.08
N SER VA 102 35.64 -45.32 35.59
CA SER VA 102 35.67 -46.46 36.50
C SER VA 102 34.57 -47.45 36.15
N PRO VA 103 34.95 -48.63 35.64
CA PRO VA 103 34.00 -49.67 35.24
C PRO VA 103 33.34 -50.36 36.42
N LEU VA 104 32.11 -50.81 36.23
CA LEU VA 104 31.37 -51.52 37.28
C LEU VA 104 31.95 -52.91 37.48
N HIS VA 105 32.37 -53.54 36.39
CA HIS VA 105 32.97 -54.86 36.44
C HIS VA 105 34.09 -54.99 35.41
N CYS VA 106 35.06 -55.86 35.69
CA CYS VA 106 36.18 -56.08 34.79
C CYS VA 106 36.51 -57.58 34.72
N GLY VA 107 36.66 -58.08 33.50
CA GLY VA 107 36.91 -59.49 33.29
C GLY VA 107 38.26 -59.80 32.68
N TRP VA 108 38.86 -60.90 33.14
CA TRP VA 108 40.14 -61.37 32.62
C TRP VA 108 40.29 -62.87 32.83
N ASN VA 109 40.86 -63.55 31.83
CA ASN VA 109 41.05 -64.99 31.86
C ASN VA 109 39.73 -65.75 32.04
N GLY VA 110 38.64 -65.17 31.53
CA GLY VA 110 37.35 -65.81 31.59
C GLY VA 110 36.59 -65.57 32.88
N THR VA 111 37.20 -64.82 33.80
CA THR VA 111 36.58 -64.54 35.08
C THR VA 111 36.66 -63.06 35.44
N ASN VA 112 35.76 -62.60 36.30
CA ASN VA 112 35.75 -61.21 36.72
C ASN VA 112 36.60 -60.98 37.97
N PHE VA 113 36.84 -59.72 38.28
CA PHE VA 113 37.65 -59.35 39.44
C PHE VA 113 36.82 -58.55 40.45
N MET WA 1 84.23 -10.21 -10.00
CA MET WA 1 83.17 -11.20 -10.11
C MET WA 1 83.37 -12.10 -11.33
N PRO WA 2 84.22 -13.12 -11.20
CA PRO WA 2 84.54 -14.04 -12.29
C PRO WA 2 83.49 -15.14 -12.47
N VAL WA 3 83.37 -15.64 -13.68
CA VAL WA 3 82.42 -16.72 -13.99
C VAL WA 3 83.14 -17.88 -14.67
N ILE WA 4 82.95 -19.08 -14.14
CA ILE WA 4 83.62 -20.27 -14.68
C ILE WA 4 82.61 -21.32 -15.15
N GLN WA 5 82.52 -21.50 -16.46
CA GLN WA 5 81.66 -22.54 -17.04
C GLN WA 5 82.45 -23.81 -17.32
N THR WA 6 81.88 -24.95 -16.96
CA THR WA 6 82.53 -26.24 -17.17
C THR WA 6 81.70 -27.16 -18.05
N PHE WA 7 82.14 -27.36 -19.29
CA PHE WA 7 81.47 -28.28 -20.20
C PHE WA 7 82.23 -29.60 -20.26
N VAL WA 8 81.53 -30.69 -19.96
CA VAL WA 8 82.14 -32.02 -19.97
C VAL WA 8 81.28 -33.03 -20.71
N SER WA 9 81.92 -34.03 -21.31
CA SER WA 9 81.21 -35.08 -22.02
C SER WA 9 80.86 -36.23 -21.07
N THR WA 10 81.49 -36.24 -19.91
CA THR WA 10 81.23 -37.26 -18.91
C THR WA 10 80.21 -36.79 -17.88
N PRO WA 11 79.37 -37.70 -17.38
CA PRO WA 11 78.38 -37.36 -16.36
C PRO WA 11 79.03 -36.86 -15.07
N LEU WA 12 78.41 -35.86 -14.44
CA LEU WA 12 78.93 -35.31 -13.20
C LEU WA 12 77.91 -35.45 -12.07
N ASP WA 13 78.37 -35.91 -10.92
CA ASP WA 13 77.50 -36.06 -9.76
C ASP WA 13 77.79 -34.98 -8.72
N HIS WA 14 77.31 -35.19 -7.50
CA HIS WA 14 77.52 -34.24 -6.42
C HIS WA 14 78.99 -34.14 -6.03
N HIS WA 15 79.66 -35.28 -5.95
CA HIS WA 15 81.05 -35.33 -5.51
C HIS WA 15 81.99 -34.60 -6.46
N LYS WA 16 81.85 -34.87 -7.77
CA LYS WA 16 82.71 -34.26 -8.77
C LYS WA 16 82.49 -32.75 -8.86
N ARG WA 17 81.23 -32.33 -8.88
CA ARG WA 17 80.90 -30.91 -8.98
C ARG WA 17 81.34 -30.13 -7.74
N LEU WA 18 81.21 -30.75 -6.58
CA LEU WA 18 81.64 -30.10 -5.34
C LEU WA 18 83.16 -29.94 -5.28
N LEU WA 19 83.88 -30.96 -5.76
CA LEU WA 19 85.34 -30.91 -5.80
C LEU WA 19 85.83 -29.80 -6.72
N LEU WA 20 85.28 -29.75 -7.93
CA LEU WA 20 85.65 -28.73 -8.91
C LEU WA 20 85.26 -27.34 -8.40
N ALA WA 21 84.20 -27.28 -7.60
CA ALA WA 21 83.74 -26.02 -7.01
C ALA WA 21 84.78 -25.46 -6.06
N ILE WA 22 85.28 -26.31 -5.16
CA ILE WA 22 86.30 -25.90 -4.21
C ILE WA 22 87.61 -25.53 -4.95
N ILE WA 23 87.91 -26.29 -5.99
CA ILE WA 23 89.09 -26.02 -6.82
C ILE WA 23 89.04 -24.61 -7.40
N TYR WA 24 87.93 -24.27 -8.03
CA TYR WA 24 87.75 -22.95 -8.64
C TYR WA 24 87.81 -21.85 -7.58
N ARG WA 25 87.36 -22.17 -6.38
CA ARG WA 25 87.43 -21.23 -5.26
C ARG WA 25 88.87 -20.91 -4.89
N ILE WA 26 89.70 -21.95 -4.79
CA ILE WA 26 91.10 -21.78 -4.46
C ILE WA 26 91.85 -21.04 -5.57
N VAL WA 27 91.53 -21.39 -6.82
CA VAL WA 27 92.13 -20.73 -7.98
C VAL WA 27 91.78 -19.26 -8.01
N THR WA 28 90.53 -18.94 -7.70
CA THR WA 28 90.04 -17.56 -7.71
C THR WA 28 90.74 -16.72 -6.65
N ARG WA 29 90.92 -17.28 -5.45
CA ARG WA 29 91.49 -16.55 -4.34
C ARG WA 29 93.02 -16.46 -4.40
N VAL WA 30 93.66 -17.58 -4.69
CA VAL WA 30 95.13 -17.64 -4.68
C VAL WA 30 95.75 -17.05 -5.94
N VAL WA 31 95.22 -17.45 -7.10
CA VAL WA 31 95.80 -17.04 -8.37
C VAL WA 31 95.18 -15.77 -8.93
N LEU WA 32 93.85 -15.76 -9.06
CA LEU WA 32 93.15 -14.62 -9.65
C LEU WA 32 93.10 -13.44 -8.71
N GLY WA 33 93.29 -13.70 -7.42
CA GLY WA 33 93.26 -12.66 -6.40
C GLY WA 33 91.88 -12.04 -6.24
N LYS WA 34 90.86 -12.88 -6.36
CA LYS WA 34 89.47 -12.43 -6.23
C LYS WA 34 88.74 -13.28 -5.19
N PRO WA 35 87.71 -12.70 -4.54
CA PRO WA 35 86.94 -13.44 -3.53
C PRO WA 35 86.28 -14.71 -4.08
N GLU WA 36 86.46 -15.82 -3.37
CA GLU WA 36 85.94 -17.11 -3.81
C GLU WA 36 84.43 -17.20 -3.66
N ASP WA 37 83.84 -16.25 -2.94
CA ASP WA 37 82.40 -16.21 -2.77
C ASP WA 37 81.73 -15.45 -3.90
N LEU WA 38 82.54 -14.77 -4.71
CA LEU WA 38 82.03 -13.92 -5.77
C LEU WA 38 82.18 -14.57 -7.15
N VAL WA 39 82.69 -15.79 -7.18
CA VAL WA 39 82.84 -16.51 -8.45
C VAL WA 39 81.66 -17.45 -8.68
N MET WA 40 81.06 -17.35 -9.87
CA MET WA 40 79.91 -18.18 -10.20
C MET WA 40 80.35 -19.35 -11.09
N MET WA 41 79.90 -20.54 -10.74
CA MET WA 41 80.31 -21.75 -11.45
C MET WA 41 79.12 -22.56 -11.96
N THR WA 42 79.16 -22.91 -13.24
CA THR WA 42 78.12 -23.74 -13.84
C THR WA 42 78.74 -25.02 -14.39
N PHE WA 43 78.00 -26.11 -14.29
CA PHE WA 43 78.48 -27.41 -14.74
C PHE WA 43 77.52 -28.02 -15.78
N HIS WA 44 78.07 -28.36 -16.93
CA HIS WA 44 77.27 -28.93 -18.01
C HIS WA 44 77.75 -30.33 -18.34
N ASP WA 45 77.22 -31.32 -17.65
CA ASP WA 45 77.63 -32.71 -17.83
C ASP WA 45 76.83 -33.40 -18.93
N SER WA 46 77.34 -34.55 -19.38
CA SER WA 46 76.72 -35.35 -20.42
C SER WA 46 76.47 -34.52 -21.69
N THR WA 47 77.41 -33.62 -21.99
CA THR WA 47 77.29 -32.75 -23.14
C THR WA 47 77.83 -33.41 -24.40
N PRO WA 48 77.00 -33.51 -25.44
CA PRO WA 48 77.42 -34.05 -26.73
C PRO WA 48 78.53 -33.22 -27.37
N MET WA 49 79.76 -33.71 -27.31
CA MET WA 49 80.89 -32.96 -27.82
C MET WA 49 81.68 -33.77 -28.86
N HIS WA 50 82.46 -33.07 -29.68
CA HIS WA 50 83.29 -33.71 -30.68
C HIS WA 50 84.61 -32.98 -30.84
N PHE WA 51 85.71 -33.69 -30.68
CA PHE WA 51 87.04 -33.09 -30.74
C PHE WA 51 88.09 -34.10 -31.16
N PHE WA 52 89.03 -33.65 -31.99
CA PHE WA 52 90.13 -34.48 -32.49
C PHE WA 52 89.62 -35.71 -33.23
N GLY WA 53 88.47 -35.56 -33.89
CA GLY WA 53 87.91 -36.63 -34.70
C GLY WA 53 87.30 -37.76 -33.89
N SER WA 54 86.95 -37.49 -32.64
CA SER WA 54 86.35 -38.50 -31.78
C SER WA 54 85.38 -37.90 -30.78
N THR WA 55 84.45 -38.72 -30.29
CA THR WA 55 83.49 -38.29 -29.28
C THR WA 55 83.92 -38.74 -27.89
N ASP WA 56 85.21 -39.05 -27.74
CA ASP WA 56 85.78 -39.46 -26.47
C ASP WA 56 85.61 -38.36 -25.42
N PRO WA 57 85.64 -38.74 -24.12
CA PRO WA 57 85.55 -37.79 -23.00
C PRO WA 57 86.43 -36.55 -23.19
N VAL WA 58 85.80 -35.38 -23.22
CA VAL WA 58 86.50 -34.13 -23.52
C VAL WA 58 85.86 -32.98 -22.72
N ALA WA 59 86.69 -32.06 -22.24
CA ALA WA 59 86.22 -30.96 -21.41
C ALA WA 59 86.57 -29.60 -21.98
N CYS WA 60 85.70 -28.63 -21.75
CA CYS WA 60 85.95 -27.25 -22.16
C CYS WA 60 85.59 -26.29 -21.03
N VAL WA 61 86.57 -25.56 -20.54
CA VAL WA 61 86.36 -24.64 -19.42
C VAL WA 61 86.42 -23.18 -19.86
N ARG WA 62 85.43 -22.41 -19.45
CA ARG WA 62 85.36 -21.00 -19.80
C ARG WA 62 85.58 -20.10 -18.58
N VAL WA 63 86.60 -19.25 -18.66
CA VAL WA 63 86.91 -18.33 -17.56
C VAL WA 63 86.67 -16.89 -17.99
N GLU WA 64 85.80 -16.19 -17.27
CA GLU WA 64 85.46 -14.81 -17.63
C GLU WA 64 85.58 -13.88 -16.43
N ALA WA 65 86.51 -12.93 -16.52
CA ALA WA 65 86.73 -11.97 -15.46
C ALA WA 65 86.85 -10.56 -16.03
N LEU WA 66 86.10 -9.62 -15.45
CA LEU WA 66 86.14 -8.23 -15.89
C LEU WA 66 87.48 -7.58 -15.54
N GLY WA 67 87.97 -6.74 -16.45
CA GLY WA 67 89.22 -6.04 -16.23
C GLY WA 67 90.42 -6.80 -16.77
N GLY WA 68 90.15 -7.97 -17.36
CA GLY WA 68 91.21 -8.78 -17.91
C GLY WA 68 91.86 -9.68 -16.89
N TYR WA 69 93.08 -10.15 -17.19
CA TYR WA 69 93.81 -11.03 -16.31
C TYR WA 69 95.23 -10.54 -16.06
N GLY WA 70 95.87 -11.09 -15.03
CA GLY WA 70 97.25 -10.75 -14.73
C GLY WA 70 98.23 -11.30 -15.75
N PRO WA 71 99.51 -10.95 -15.61
CA PRO WA 71 100.55 -11.39 -16.54
C PRO WA 71 100.73 -12.91 -16.56
N SER WA 72 100.99 -13.51 -15.40
CA SER WA 72 101.29 -14.94 -15.32
C SER WA 72 100.10 -15.75 -14.82
N GLU WA 73 98.96 -15.09 -14.63
CA GLU WA 73 97.76 -15.76 -14.11
C GLU WA 73 97.11 -16.77 -15.08
N PRO WA 74 96.92 -16.40 -16.36
CA PRO WA 74 96.25 -17.37 -17.24
C PRO WA 74 97.01 -18.69 -17.40
N GLU WA 75 98.34 -18.63 -17.42
CA GLU WA 75 99.16 -19.83 -17.52
C GLU WA 75 98.99 -20.71 -16.29
N LYS WA 76 98.90 -20.09 -15.13
CA LYS WA 76 98.72 -20.81 -13.87
C LYS WA 76 97.34 -21.45 -13.79
N VAL WA 77 96.31 -20.67 -14.11
CA VAL WA 77 94.93 -21.15 -14.04
C VAL WA 77 94.72 -22.34 -14.98
N THR WA 78 95.24 -22.24 -16.20
CA THR WA 78 95.11 -23.30 -17.19
C THR WA 78 95.73 -24.61 -16.69
N SER WA 79 96.91 -24.49 -16.07
CA SER WA 79 97.62 -25.66 -15.56
C SER WA 79 96.84 -26.34 -14.43
N ILE WA 80 96.30 -25.55 -13.52
CA ILE WA 80 95.56 -26.10 -12.37
C ILE WA 80 94.23 -26.70 -12.81
N VAL WA 81 93.48 -25.97 -13.64
CA VAL WA 81 92.17 -26.42 -14.10
C VAL WA 81 92.27 -27.72 -14.89
N THR WA 82 93.23 -27.77 -15.81
CA THR WA 82 93.45 -28.97 -16.61
C THR WA 82 93.78 -30.17 -15.72
N ALA WA 83 94.67 -29.96 -14.75
CA ALA WA 83 95.02 -31.00 -13.79
C ALA WA 83 93.83 -31.37 -12.92
N ALA WA 84 92.97 -30.39 -12.66
CA ALA WA 84 91.78 -30.61 -11.84
C ALA WA 84 90.79 -31.52 -12.54
N ILE WA 85 90.49 -31.20 -13.80
CA ILE WA 85 89.56 -31.99 -14.60
C ILE WA 85 90.12 -33.40 -14.84
N THR WA 86 91.43 -33.48 -14.99
CA THR WA 86 92.11 -34.75 -15.27
C THR WA 86 91.91 -35.76 -14.14
N ALA WA 87 92.10 -35.32 -12.91
CA ALA WA 87 91.98 -36.21 -11.75
C ALA WA 87 90.51 -36.49 -11.41
N VAL WA 88 89.68 -35.46 -11.49
CA VAL WA 88 88.27 -35.58 -11.10
C VAL WA 88 87.43 -36.31 -12.15
N CYS WA 89 87.51 -35.85 -13.39
CA CYS WA 89 86.66 -36.39 -14.45
C CYS WA 89 87.31 -37.54 -15.20
N GLY WA 90 88.64 -37.64 -15.10
CA GLY WA 90 89.37 -38.70 -15.77
C GLY WA 90 89.68 -38.36 -17.22
N ILE WA 91 89.37 -37.14 -17.61
CA ILE WA 91 89.62 -36.67 -18.98
C ILE WA 91 91.08 -36.29 -19.17
N VAL WA 92 91.69 -36.84 -20.23
CA VAL WA 92 93.10 -36.58 -20.51
C VAL WA 92 93.38 -35.10 -20.78
N ALA WA 93 94.62 -34.69 -20.56
CA ALA WA 93 95.02 -33.31 -20.69
C ALA WA 93 94.91 -32.80 -22.13
N ASP WA 94 95.16 -33.69 -23.10
CA ASP WA 94 95.17 -33.30 -24.50
C ASP WA 94 93.76 -33.10 -25.06
N ARG WA 95 92.75 -33.26 -24.19
CA ARG WA 95 91.37 -33.03 -24.58
C ARG WA 95 90.68 -32.07 -23.62
N ILE WA 96 91.40 -31.03 -23.20
CA ILE WA 96 90.85 -30.03 -22.28
C ILE WA 96 91.14 -28.61 -22.75
N PHE WA 97 90.08 -27.87 -23.07
CA PHE WA 97 90.21 -26.47 -23.46
C PHE WA 97 89.90 -25.53 -22.30
N VAL WA 98 90.72 -24.49 -22.14
CA VAL WA 98 90.48 -23.47 -21.13
C VAL WA 98 90.52 -22.10 -21.78
N LEU WA 99 89.34 -21.49 -21.95
CA LEU WA 99 89.23 -20.21 -22.64
C LEU WA 99 89.08 -19.06 -21.66
N TYR WA 100 89.67 -17.92 -22.02
CA TYR WA 100 89.62 -16.74 -21.17
C TYR WA 100 88.96 -15.56 -21.88
N PHE WA 101 87.99 -14.95 -21.21
CA PHE WA 101 87.25 -13.84 -21.77
C PHE WA 101 87.19 -12.65 -20.80
N SER WA 102 86.85 -11.48 -21.32
CA SER WA 102 86.73 -10.29 -20.48
C SER WA 102 85.52 -9.47 -20.88
N PRO WA 103 84.50 -9.45 -20.02
CA PRO WA 103 83.24 -8.73 -20.30
C PRO WA 103 83.40 -7.22 -20.22
N LEU WA 104 82.63 -6.49 -21.02
CA LEU WA 104 82.65 -5.03 -21.02
C LEU WA 104 82.01 -4.51 -19.74
N HIS WA 105 80.97 -5.19 -19.29
CA HIS WA 105 80.27 -4.82 -18.06
C HIS WA 105 79.79 -6.08 -17.32
N CYS WA 106 79.68 -5.96 -16.00
CA CYS WA 106 79.22 -7.08 -15.18
C CYS WA 106 78.26 -6.60 -14.09
N GLY WA 107 77.13 -7.28 -13.97
CA GLY WA 107 76.10 -6.87 -13.02
C GLY WA 107 75.87 -7.85 -11.89
N TRP WA 108 75.63 -7.31 -10.70
CA TRP WA 108 75.33 -8.13 -9.53
C TRP WA 108 74.52 -7.32 -8.52
N ASN WA 109 73.55 -7.97 -7.89
CA ASN WA 109 72.66 -7.32 -6.93
C ASN WA 109 71.92 -6.14 -7.53
N GLY WA 110 71.67 -6.20 -8.83
CA GLY WA 110 70.91 -5.16 -9.52
C GLY WA 110 71.75 -3.98 -9.98
N THR WA 111 73.04 -4.02 -9.69
CA THR WA 111 73.94 -2.93 -10.07
C THR WA 111 75.20 -3.43 -10.74
N ASN WA 112 75.83 -2.56 -11.53
CA ASN WA 112 77.07 -2.90 -12.22
C ASN WA 112 78.31 -2.55 -11.40
N PHE WA 113 79.46 -3.04 -11.84
CA PHE WA 113 80.72 -2.77 -11.15
C PHE WA 113 81.68 -2.00 -12.05
N GLU XA 2 44.35 37.46 10.70
CA GLU XA 2 44.63 38.22 9.47
C GLU XA 2 43.60 37.92 8.40
N SER XA 3 42.50 38.67 8.41
CA SER XA 3 41.43 38.48 7.44
C SER XA 3 41.84 38.99 6.06
N VAL XA 4 42.53 40.12 6.04
CA VAL XA 4 43.00 40.71 4.78
C VAL XA 4 44.52 40.84 4.80
N ASN XA 5 45.16 40.43 3.71
CA ASN XA 5 46.61 40.48 3.61
C ASN XA 5 47.07 41.34 2.44
N THR XA 6 47.34 42.61 2.71
CA THR XA 6 47.84 43.52 1.69
C THR XA 6 49.36 43.47 1.62
N SER XA 7 49.91 43.90 0.48
CA SER XA 7 51.35 43.90 0.28
C SER XA 7 51.72 44.79 -0.91
N PHE XA 8 52.85 45.49 -0.80
CA PHE XA 8 53.28 46.40 -1.84
C PHE XA 8 54.37 45.81 -2.73
N LEU XA 9 54.01 45.45 -3.95
CA LEU XA 9 54.99 45.02 -4.94
C LEU XA 9 55.69 46.25 -5.50
N SER XA 10 54.95 47.34 -5.55
CA SER XA 10 55.44 48.62 -6.05
C SER XA 10 54.64 49.72 -5.37
N PRO XA 11 55.10 50.98 -5.44
CA PRO XA 11 54.32 52.08 -4.86
C PRO XA 11 52.92 52.19 -5.44
N SER XA 12 52.77 51.90 -6.73
CA SER XA 12 51.47 51.98 -7.39
C SER XA 12 50.86 50.61 -7.65
N LEU XA 13 51.46 49.58 -7.05
CA LEU XA 13 50.97 48.22 -7.26
C LEU XA 13 50.76 47.50 -5.92
N VAL XA 14 49.51 47.15 -5.64
CA VAL XA 14 49.15 46.49 -4.38
C VAL XA 14 48.32 45.24 -4.62
N THR XA 15 48.68 44.15 -3.95
CA THR XA 15 47.91 42.91 -4.01
C THR XA 15 47.12 42.71 -2.72
N ILE XA 16 45.81 42.53 -2.87
CA ILE XA 16 44.94 42.39 -1.71
C ILE XA 16 44.26 41.03 -1.68
N ARG XA 17 44.54 40.25 -0.62
CA ARG XA 17 43.92 38.94 -0.45
C ARG XA 17 42.95 38.95 0.72
N ASP XA 18 41.70 38.55 0.45
CA ASP XA 18 40.69 38.45 1.49
C ASP XA 18 40.37 36.99 1.76
N PHE XA 19 40.87 36.48 2.89
CA PHE XA 19 40.71 35.07 3.23
C PHE XA 19 39.27 34.71 3.57
N ASP XA 20 38.60 35.60 4.30
CA ASP XA 20 37.23 35.35 4.73
C ASP XA 20 36.25 35.33 3.55
N ASN XA 21 36.40 36.28 2.64
CA ASN XA 21 35.52 36.36 1.48
C ASN XA 21 36.04 35.54 0.30
N GLY XA 22 37.26 35.04 0.42
CA GLY XA 22 37.86 34.23 -0.62
C GLY XA 22 38.06 34.99 -1.92
N GLN XA 23 38.62 36.19 -1.82
CA GLN XA 23 38.82 37.03 -3.00
C GLN XA 23 40.26 37.51 -3.10
N PHE XA 24 40.68 37.85 -4.31
CA PHE XA 24 41.99 38.44 -4.54
C PHE XA 24 41.85 39.56 -5.56
N ALA XA 25 42.29 40.75 -5.17
CA ALA XA 25 42.19 41.92 -6.04
C ALA XA 25 43.54 42.62 -6.15
N VAL XA 26 43.87 43.05 -7.36
CA VAL XA 26 45.10 43.80 -7.59
C VAL XA 26 44.80 45.30 -7.64
N LEU XA 27 45.39 46.04 -6.71
CA LEU XA 27 45.19 47.48 -6.67
C LEU XA 27 46.32 48.19 -7.42
N ARG XA 28 45.96 48.87 -8.50
CA ARG XA 28 46.96 49.53 -9.33
C ARG XA 28 46.55 50.94 -9.76
N ILE XA 29 47.45 51.89 -9.58
CA ILE XA 29 47.24 53.24 -10.07
C ILE XA 29 48.13 53.45 -11.29
N GLY XA 30 47.67 52.94 -12.43
CA GLY XA 30 48.46 52.90 -13.65
C GLY XA 30 48.61 54.24 -14.34
N ARG XA 31 47.52 54.97 -14.45
CA ARG XA 31 47.48 56.23 -15.19
C ARG XA 31 48.53 57.23 -14.72
N THR XA 32 48.73 57.33 -13.41
CA THR XA 32 49.64 58.31 -12.85
C THR XA 32 50.88 57.69 -12.23
N GLY XA 33 50.70 56.53 -11.59
CA GLY XA 33 51.80 55.87 -10.91
C GLY XA 33 51.99 56.41 -9.50
N PHE XA 34 50.96 57.06 -8.98
CA PHE XA 34 50.99 57.58 -7.62
C PHE XA 34 50.95 56.44 -6.60
N PRO XA 35 51.50 56.68 -5.40
CA PRO XA 35 51.47 55.64 -4.36
C PRO XA 35 50.07 55.44 -3.77
N ALA XA 36 49.68 54.18 -3.61
CA ALA XA 36 48.37 53.86 -3.07
C ALA XA 36 48.29 54.20 -1.59
N ASP XA 37 47.40 55.12 -1.23
CA ASP XA 37 47.22 55.52 0.15
C ASP XA 37 46.21 54.61 0.85
N LYS XA 38 45.95 54.89 2.12
CA LYS XA 38 44.99 54.10 2.89
C LYS XA 38 43.58 54.22 2.31
N GLY XA 39 43.26 55.40 1.79
CA GLY XA 39 41.96 55.65 1.19
C GLY XA 39 41.75 54.85 -0.10
N ASP XA 40 42.82 54.73 -0.88
CA ASP XA 40 42.75 53.98 -2.14
C ASP XA 40 42.49 52.50 -1.90
N ILE XA 41 43.16 51.95 -0.89
CA ILE XA 41 42.98 50.54 -0.54
C ILE XA 41 41.57 50.30 0.01
N ASP XA 42 41.12 51.22 0.86
CA ASP XA 42 39.78 51.14 1.44
C ASP XA 42 38.72 51.22 0.35
N LEU XA 43 39.01 51.99 -0.70
CA LEU XA 43 38.12 52.10 -1.85
C LEU XA 43 38.06 50.77 -2.59
N CYS XA 44 39.21 50.12 -2.72
CA CYS XA 44 39.30 48.82 -3.37
C CYS XA 44 38.50 47.76 -2.62
N LEU XA 45 38.62 47.78 -1.30
CA LEU XA 45 37.89 46.85 -0.44
C LEU XA 45 36.39 47.03 -0.60
N ASP XA 46 35.96 48.28 -0.73
CA ASP XA 46 34.55 48.61 -0.91
C ASP XA 46 34.03 48.09 -2.24
N LYS XA 47 34.93 47.96 -3.22
CA LYS XA 47 34.56 47.45 -4.53
C LYS XA 47 34.49 45.93 -4.53
N MET XA 48 35.36 45.30 -3.74
CA MET XA 48 35.38 43.84 -3.65
C MET XA 48 34.08 43.31 -3.07
N ILE XA 49 33.63 43.93 -1.98
CA ILE XA 49 32.39 43.52 -1.32
C ILE XA 49 31.19 43.85 -2.20
N GLY XA 50 31.35 44.83 -3.08
CA GLY XA 50 30.31 45.20 -4.02
C GLY XA 50 30.06 44.12 -5.06
N VAL XA 51 31.14 43.61 -5.64
CA VAL XA 51 31.06 42.55 -6.63
C VAL XA 51 30.68 41.24 -5.94
N ARG XA 52 31.11 41.09 -4.68
CA ARG XA 52 30.70 39.96 -3.86
C ARG XA 52 29.17 39.94 -3.73
N ALA XA 53 28.58 41.13 -3.61
CA ALA XA 53 27.14 41.26 -3.57
C ALA XA 53 26.52 40.94 -4.93
N ALA XA 54 27.26 41.27 -5.99
CA ALA XA 54 26.81 40.96 -7.35
C ALA XA 54 26.81 39.45 -7.59
N GLN XA 55 27.78 38.76 -7.00
CA GLN XA 55 27.91 37.31 -7.15
C GLN XA 55 26.73 36.56 -6.52
N ILE XA 56 26.41 36.91 -5.28
CA ILE XA 56 25.32 36.26 -4.56
C ILE XA 56 23.97 36.63 -5.17
N PHE XA 57 23.91 37.81 -5.79
CA PHE XA 57 22.72 38.23 -6.51
C PHE XA 57 22.44 37.33 -7.71
N LEU XA 58 23.48 37.04 -8.47
CA LEU XA 58 23.37 36.19 -9.65
C LEU XA 58 23.12 34.73 -9.27
N GLY XA 59 23.33 34.40 -7.99
CA GLY XA 59 23.11 33.06 -7.50
C GLY XA 59 24.17 32.66 -6.48
N ASP XA 60 23.73 31.99 -5.43
CA ASP XA 60 24.65 31.54 -4.39
C ASP XA 60 25.49 30.38 -4.90
N ASP XA 61 26.76 30.67 -5.21
CA ASP XA 61 27.65 29.67 -5.75
C ASP XA 61 28.59 29.12 -4.67
N THR XA 62 28.30 29.49 -3.42
CA THR XA 62 29.04 28.96 -2.29
C THR XA 62 28.59 27.53 -1.99
N GLU XA 63 27.39 27.19 -2.44
CA GLU XA 63 26.84 25.86 -2.26
C GLU XA 63 27.47 24.87 -3.22
N ASP XA 64 27.18 23.59 -3.02
CA ASP XA 64 27.73 22.53 -3.86
C ASP XA 64 27.03 22.50 -5.22
N GLY XA 65 27.80 22.21 -6.27
CA GLY XA 65 27.26 22.16 -7.62
C GLY XA 65 26.96 23.53 -8.17
N PHE XA 66 27.91 24.45 -7.99
CA PHE XA 66 27.76 25.82 -8.47
C PHE XA 66 27.63 25.89 -9.99
N LYS XA 67 26.39 25.94 -10.47
CA LYS XA 67 26.12 26.00 -11.90
C LYS XA 67 26.57 27.33 -12.51
N GLY XA 68 26.78 28.33 -11.66
CA GLY XA 68 27.24 29.63 -12.10
C GLY XA 68 26.11 30.62 -12.30
N PRO XA 69 26.40 31.75 -12.96
CA PRO XA 69 27.74 32.09 -13.48
C PRO XA 69 28.64 32.72 -12.42
N HIS XA 70 29.95 32.64 -12.63
CA HIS XA 70 30.90 33.21 -11.68
C HIS XA 70 31.31 34.62 -12.10
N ILE XA 71 31.26 35.55 -11.14
CA ILE XA 71 31.66 36.93 -11.38
C ILE XA 71 32.59 37.41 -10.26
N ARG XA 72 33.85 37.61 -10.63
CA ARG XA 72 34.88 37.94 -9.64
C ARG XA 72 35.72 39.15 -10.04
N ILE XA 73 36.19 39.90 -9.06
CA ILE XA 73 37.08 41.04 -9.31
C ILE XA 73 38.47 40.55 -9.66
N ARG XA 74 39.06 41.15 -10.68
CA ARG XA 74 40.43 40.83 -11.08
C ARG XA 74 41.39 41.93 -10.64
N CYS XA 75 40.97 43.18 -10.83
CA CYS XA 75 41.82 44.33 -10.55
C CYS XA 75 41.02 45.62 -10.44
N VAL XA 76 41.61 46.63 -9.80
CA VAL XA 76 41.00 47.95 -9.69
C VAL XA 76 42.00 49.03 -10.10
N ASP XA 77 41.69 49.73 -11.19
CA ASP XA 77 42.59 50.74 -11.72
C ASP XA 77 42.09 52.14 -11.36
N ILE XA 78 42.95 52.91 -10.71
CA ILE XA 78 42.59 54.25 -10.24
C ILE XA 78 43.22 55.35 -11.08
N ASP XA 79 42.38 56.23 -11.62
CA ASP XA 79 42.86 57.43 -12.30
C ASP XA 79 42.99 58.56 -11.28
N ASP XA 80 44.18 59.10 -11.13
CA ASP XA 80 44.47 60.05 -10.06
C ASP XA 80 45.02 61.37 -10.57
N LYS XA 81 44.98 61.57 -11.87
CA LYS XA 81 45.56 62.76 -12.50
C LYS XA 81 44.87 64.04 -12.06
N HIS XA 82 43.61 64.19 -12.46
CA HIS XA 82 42.86 65.42 -12.18
C HIS XA 82 41.66 65.15 -11.28
N THR XA 83 40.83 64.19 -11.67
CA THR XA 83 39.66 63.82 -10.89
C THR XA 83 39.74 62.37 -10.44
N TYR XA 84 39.25 62.09 -9.24
CA TYR XA 84 39.29 60.75 -8.67
C TYR XA 84 38.37 59.78 -9.43
N ASN XA 85 38.98 58.85 -10.15
CA ASN XA 85 38.22 57.88 -10.94
C ASN XA 85 38.78 56.47 -10.77
N ALA XA 86 37.89 55.47 -10.82
CA ALA XA 86 38.31 54.09 -10.66
C ALA XA 86 37.71 53.18 -11.72
N MET XA 87 38.56 52.37 -12.35
CA MET XA 87 38.11 51.40 -13.34
C MET XA 87 38.27 49.98 -12.81
N VAL XA 88 37.15 49.29 -12.62
CA VAL XA 88 37.17 47.94 -12.07
C VAL XA 88 37.18 46.90 -13.17
N TYR XA 89 38.03 45.88 -13.00
CA TYR XA 89 38.11 44.79 -13.97
C TYR XA 89 37.48 43.52 -13.40
N VAL XA 90 36.48 43.01 -14.10
CA VAL XA 90 35.70 41.87 -13.63
C VAL XA 90 35.69 40.76 -14.67
N ASP XA 91 35.81 39.52 -14.22
CA ASP XA 91 35.75 38.38 -15.13
C ASP XA 91 34.46 37.58 -14.92
N LEU XA 92 33.72 37.37 -16.00
CA LEU XA 92 32.49 36.60 -15.94
C LEU XA 92 32.71 35.20 -16.51
N ILE XA 93 32.56 34.19 -15.67
CA ILE XA 93 32.77 32.81 -16.11
C ILE XA 93 31.44 32.07 -16.19
N VAL XA 94 31.20 31.40 -17.32
CA VAL XA 94 29.96 30.67 -17.53
C VAL XA 94 30.20 29.37 -18.30
N GLU XA 100 23.69 29.82 -25.83
CA GLU XA 100 24.21 31.13 -26.22
C GLU XA 100 23.27 32.25 -25.78
N VAL XA 101 21.97 31.96 -25.78
CA VAL XA 101 20.97 32.94 -25.36
C VAL XA 101 21.09 33.21 -23.86
N GLU XA 102 21.29 32.15 -23.08
CA GLU XA 102 21.46 32.26 -21.64
C GLU XA 102 22.74 33.01 -21.29
N ARG XA 103 23.75 32.85 -22.14
CA ARG XA 103 25.03 33.54 -21.95
C ARG XA 103 24.87 35.04 -22.09
N GLU XA 104 24.08 35.47 -23.05
CA GLU XA 104 23.79 36.89 -23.25
C GLU XA 104 22.96 37.43 -22.09
N THR XA 105 22.05 36.60 -21.59
CA THR XA 105 21.23 36.98 -20.45
C THR XA 105 22.08 37.11 -19.20
N ALA XA 106 23.02 36.17 -19.03
CA ALA XA 106 23.94 36.21 -17.89
C ALA XA 106 24.83 37.44 -17.95
N GLU XA 107 25.29 37.77 -19.15
CA GLU XA 107 26.12 38.95 -19.36
C GLU XA 107 25.34 40.22 -19.05
N GLU XA 108 24.07 40.24 -19.44
CA GLU XA 108 23.21 41.39 -19.21
C GLU XA 108 22.91 41.60 -17.73
N GLU XA 109 22.55 40.51 -17.05
CA GLU XA 109 22.24 40.56 -15.63
C GLU XA 109 23.46 40.95 -14.80
N ALA XA 110 24.62 40.40 -15.16
CA ALA XA 110 25.86 40.71 -14.47
C ALA XA 110 26.24 42.17 -14.65
N LYS XA 111 26.02 42.68 -15.86
CA LYS XA 111 26.33 44.07 -16.18
C LYS XA 111 25.47 45.03 -15.35
N LEU XA 112 24.16 44.75 -15.31
CA LEU XA 112 23.23 45.57 -14.56
C LEU XA 112 23.51 45.56 -13.07
N ALA XA 113 23.87 44.39 -12.55
CA ALA XA 113 24.17 44.22 -11.13
C ALA XA 113 25.43 44.99 -10.74
N LEU XA 114 26.42 44.97 -11.61
CA LEU XA 114 27.69 45.66 -11.36
C LEU XA 114 27.53 47.18 -11.35
N ARG XA 115 26.63 47.68 -12.18
CA ARG XA 115 26.38 49.12 -12.26
C ARG XA 115 25.84 49.66 -10.94
N VAL XA 116 24.93 48.91 -10.32
CA VAL XA 116 24.34 49.30 -9.05
C VAL XA 116 25.31 49.08 -7.89
N ALA XA 117 26.00 47.94 -7.92
CA ALA XA 117 26.90 47.56 -6.82
C ALA XA 117 28.13 48.46 -6.75
N LEU XA 118 28.71 48.78 -7.89
CA LEU XA 118 29.94 49.57 -7.93
C LEU XA 118 29.67 51.06 -8.08
N GLN XA 119 28.39 51.42 -8.14
CA GLN XA 119 27.97 52.80 -8.31
C GLN XA 119 28.63 53.45 -9.53
N VAL XA 120 28.43 52.84 -10.70
CA VAL XA 120 29.04 53.31 -11.93
C VAL XA 120 28.48 54.67 -12.36
N ASP XA 121 29.39 55.56 -12.76
CA ASP XA 121 29.06 56.89 -13.24
C ASP XA 121 28.42 57.77 -12.16
N ILE XA 122 28.59 57.36 -10.92
CA ILE XA 122 28.10 58.14 -9.78
C ILE XA 122 29.20 58.32 -8.74
N ALA XA 123 29.06 59.34 -7.90
CA ALA XA 123 30.04 59.61 -6.86
C ALA XA 123 29.98 58.54 -5.76
N ASP XA 124 31.10 57.86 -5.55
CA ASP XA 124 31.17 56.81 -4.53
C ASP XA 124 31.27 57.41 -3.13
N GLU XA 125 31.39 56.55 -2.13
CA GLU XA 125 31.53 56.98 -0.74
C GLU XA 125 32.87 57.68 -0.53
N HIS XA 126 33.84 57.39 -1.39
CA HIS XA 126 35.14 58.03 -1.32
C HIS XA 126 35.25 59.15 -2.34
N SER XA 127 34.10 59.72 -2.71
CA SER XA 127 34.02 60.77 -3.72
C SER XA 127 34.67 60.34 -5.03
N CYS XA 128 34.31 59.15 -5.51
CA CYS XA 128 34.91 58.60 -6.71
C CYS XA 128 33.89 58.26 -7.78
N VAL XA 129 34.24 58.53 -9.03
CA VAL XA 129 33.41 58.13 -10.17
C VAL XA 129 33.91 56.80 -10.71
N THR XA 130 33.11 55.75 -10.54
CA THR XA 130 33.54 54.40 -10.89
C THR XA 130 33.02 53.94 -12.25
N GLN XA 131 33.77 53.03 -12.86
CA GLN XA 131 33.38 52.40 -14.11
C GLN XA 131 33.97 51.00 -14.14
N PHE XA 132 33.42 50.12 -14.98
CA PHE XA 132 33.90 48.75 -15.02
C PHE XA 132 34.00 48.19 -16.43
N GLU XA 133 34.91 47.24 -16.61
CA GLU XA 133 35.05 46.51 -17.86
C GLU XA 133 35.11 45.01 -17.57
N MET XA 134 34.33 44.24 -18.31
CA MET XA 134 34.24 42.80 -18.05
C MET XA 134 34.49 41.95 -19.29
N LYS XA 135 35.10 40.80 -19.07
CA LYS XA 135 35.37 39.84 -20.14
C LYS XA 135 34.64 38.53 -19.87
N LEU XA 136 34.24 37.84 -20.93
CA LEU XA 136 33.49 36.59 -20.80
C LEU XA 136 34.40 35.38 -20.99
N ARG XA 137 34.35 34.46 -20.03
CA ARG XA 137 35.17 33.25 -20.09
C ARG XA 137 34.29 32.01 -19.92
N GLU XA 138 34.66 30.92 -20.58
CA GLU XA 138 33.87 29.70 -20.52
C GLU XA 138 34.68 28.48 -20.12
N GLU XA 139 34.29 27.84 -19.01
CA GLU XA 139 34.96 26.64 -18.54
C GLU XA 139 34.00 25.75 -17.76
N LEU XA 140 34.33 24.46 -17.68
CA LEU XA 140 33.49 23.50 -16.97
C LEU XA 140 33.55 23.75 -15.46
N LEU XA 141 32.38 23.99 -14.86
CA LEU XA 141 32.29 24.24 -13.43
C LEU XA 141 32.61 22.98 -12.62
N SER XA 142 32.36 21.81 -13.20
CA SER XA 142 32.59 20.54 -12.53
C SER XA 142 34.01 20.05 -12.74
N SER XA 143 34.78 20.79 -13.54
CA SER XA 143 36.17 20.43 -13.81
C SER XA 143 37.05 20.61 -12.58
N ASP XA 144 38.00 19.70 -12.40
CA ASP XA 144 38.92 19.75 -11.27
C ASP XA 144 39.88 20.94 -11.40
N SER XA 145 40.37 21.17 -12.61
CA SER XA 145 41.29 22.26 -12.86
C SER XA 145 40.57 23.57 -13.17
N PHE XA 146 39.75 24.02 -12.22
CA PHE XA 146 39.01 25.27 -12.37
C PHE XA 146 38.78 25.97 -11.04
N HIS XA 147 38.96 27.29 -11.05
CA HIS XA 147 38.69 28.11 -9.87
C HIS XA 147 38.36 29.55 -10.28
N PRO XA 148 37.39 30.17 -9.58
CA PRO XA 148 37.00 31.57 -9.79
C PRO XA 148 38.17 32.53 -9.84
N ASP XA 149 39.20 32.28 -9.04
CA ASP XA 149 40.37 33.15 -8.99
C ASP XA 149 41.66 32.42 -9.34
N LYS XA 150 41.69 31.80 -10.51
CA LYS XA 150 42.88 31.07 -10.95
C LYS XA 150 44.06 32.01 -11.15
N ASP XA 151 45.26 31.44 -11.21
CA ASP XA 151 46.48 32.22 -11.36
C ASP XA 151 46.52 32.94 -12.71
N GLU XA 152 46.27 32.20 -13.78
CA GLU XA 152 46.36 32.74 -15.14
C GLU XA 152 45.37 33.87 -15.39
N TYR XA 153 44.34 33.96 -14.55
CA TYR XA 153 43.31 34.98 -14.72
C TYR XA 153 43.83 36.37 -14.37
N TYR XA 154 44.89 36.42 -13.57
CA TYR XA 154 45.44 37.69 -13.10
C TYR XA 154 46.68 38.07 -13.90
N LYS XA 155 46.91 37.37 -15.01
CA LYS XA 155 48.12 37.57 -15.82
C LYS XA 155 48.18 38.97 -16.43
N ASP XA 156 47.01 39.57 -16.66
CA ASP XA 156 46.95 40.88 -17.30
C ASP XA 156 47.42 41.99 -16.36
N PHE XA 157 47.26 41.78 -15.06
CA PHE XA 157 47.52 42.81 -14.07
C PHE XA 157 48.75 42.52 -13.21
N LEU XA 158 49.37 41.36 -13.42
CA LEU XA 158 50.57 40.99 -12.68
C LEU XA 158 51.71 40.64 -13.63
N MET YA 1 57.51 44.59 16.33
CA MET YA 1 57.19 44.03 15.01
C MET YA 1 56.39 42.75 15.13
N GLU YA 2 56.03 42.17 13.99
CA GLU YA 2 55.30 40.91 13.97
C GLU YA 2 56.27 39.74 13.83
N SER YA 3 55.85 38.58 14.33
CA SER YA 3 56.70 37.38 14.27
C SER YA 3 56.80 36.81 12.87
N VAL YA 4 55.66 36.78 12.17
CA VAL YA 4 55.61 36.26 10.81
C VAL YA 4 55.13 37.31 9.82
N ASN YA 5 55.80 37.43 8.69
CA ASN YA 5 55.45 38.41 7.67
C ASN YA 5 55.13 37.75 6.33
N THR YA 6 53.85 37.46 6.11
CA THR YA 6 53.41 36.88 4.84
C THR YA 6 53.07 37.98 3.84
N SER YA 7 53.06 37.61 2.56
CA SER YA 7 52.76 38.56 1.49
C SER YA 7 52.43 37.82 0.19
N PHE YA 8 51.49 38.38 -0.57
CA PHE YA 8 51.05 37.78 -1.81
C PHE YA 8 51.66 38.47 -3.03
N LEU YA 9 52.62 37.81 -3.66
CA LEU YA 9 53.19 38.29 -4.91
C LEU YA 9 52.22 37.98 -6.05
N SER YA 10 51.49 36.88 -5.88
CA SER YA 10 50.51 36.42 -6.85
C SER YA 10 49.46 35.62 -6.09
N PRO YA 11 48.31 35.32 -6.73
CA PRO YA 11 47.32 34.49 -6.04
C PRO YA 11 47.88 33.13 -5.61
N SER YA 12 48.76 32.55 -6.42
CA SER YA 12 49.34 31.25 -6.11
C SER YA 12 50.79 31.37 -5.60
N LEU YA 13 51.22 32.59 -5.30
CA LEU YA 13 52.59 32.82 -4.84
C LEU YA 13 52.63 33.63 -3.54
N VAL YA 14 53.13 33.01 -2.48
CA VAL YA 14 53.20 33.67 -1.18
C VAL YA 14 54.59 33.55 -0.57
N THR YA 15 55.11 34.67 -0.08
CA THR YA 15 56.39 34.68 0.61
C THR YA 15 56.20 34.83 2.11
N ILE YA 16 56.75 33.88 2.87
CA ILE YA 16 56.58 33.88 4.33
C ILE YA 16 57.92 34.04 5.04
N ARG YA 17 58.06 35.10 5.83
CA ARG YA 17 59.27 35.33 6.60
C ARG YA 17 59.04 35.14 8.09
N ASP YA 18 59.84 34.28 8.70
CA ASP YA 18 59.75 34.04 10.14
C ASP YA 18 60.96 34.63 10.85
N PHE YA 19 60.76 35.76 11.52
CA PHE YA 19 61.84 36.47 12.19
C PHE YA 19 62.35 35.73 13.44
N ASP YA 20 61.42 35.18 14.21
CA ASP YA 20 61.77 34.51 15.46
C ASP YA 20 62.57 33.24 15.21
N ASN YA 21 62.15 32.45 14.23
CA ASN YA 21 62.83 31.21 13.90
C ASN YA 21 63.95 31.43 12.89
N GLY YA 22 64.00 32.64 12.33
CA GLY YA 22 65.00 32.98 11.35
C GLY YA 22 64.88 32.14 10.08
N GLN YA 23 63.66 32.05 9.56
CA GLN YA 23 63.39 31.23 8.39
C GLN YA 23 62.66 32.01 7.30
N PHE YA 24 62.81 31.56 6.06
CA PHE YA 24 62.06 32.12 4.94
C PHE YA 24 61.60 30.98 4.04
N ALA YA 25 60.29 30.94 3.80
CA ALA YA 25 59.71 29.89 2.97
C ALA YA 25 58.83 30.49 1.88
N VAL YA 26 58.92 29.95 0.68
CA VAL YA 26 58.08 30.39 -0.43
C VAL YA 26 56.90 29.43 -0.61
N LEU YA 27 55.69 29.96 -0.47
CA LEU YA 27 54.49 29.15 -0.65
C LEU YA 27 53.94 29.28 -2.06
N ARG YA 28 53.94 28.18 -2.80
CA ARG YA 28 53.50 28.19 -4.18
C ARG YA 28 52.60 27.00 -4.53
N ILE YA 29 51.47 27.29 -5.15
CA ILE YA 29 50.58 26.25 -5.66
C ILE YA 29 50.72 26.18 -7.17
N GLY YA 30 51.77 25.52 -7.63
CA GLY YA 30 52.13 25.52 -9.04
C GLY YA 30 51.26 24.67 -9.94
N ARG YA 31 50.95 23.46 -9.49
CA ARG YA 31 50.21 22.49 -10.30
C ARG YA 31 48.87 23.02 -10.80
N THR YA 32 48.16 23.75 -9.95
CA THR YA 32 46.82 24.23 -10.30
C THR YA 32 46.77 25.74 -10.47
N GLY YA 33 47.52 26.46 -9.64
CA GLY YA 33 47.52 27.91 -9.66
C GLY YA 33 46.39 28.48 -8.82
N PHE YA 34 45.86 27.66 -7.92
CA PHE YA 34 44.80 28.08 -7.01
C PHE YA 34 45.34 29.09 -6.00
N PRO YA 35 44.46 29.95 -5.46
CA PRO YA 35 44.89 30.93 -4.45
C PRO YA 35 45.17 30.28 -3.11
N ALA YA 36 46.28 30.66 -2.48
CA ALA YA 36 46.66 30.10 -1.19
C ALA YA 36 45.72 30.58 -0.10
N ASP YA 37 45.02 29.65 0.53
CA ASP YA 37 44.09 29.98 1.60
C ASP YA 37 44.80 29.99 2.95
N LYS YA 38 44.05 30.26 4.01
CA LYS YA 38 44.61 30.29 5.36
C LYS YA 38 45.14 28.92 5.76
N GLY YA 39 44.48 27.87 5.31
CA GLY YA 39 44.90 26.51 5.59
C GLY YA 39 46.23 26.17 4.93
N ASP YA 40 46.41 26.66 3.70
CA ASP YA 40 47.64 26.42 2.96
C ASP YA 40 48.84 27.07 3.64
N ILE YA 41 48.66 28.30 4.11
CA ILE YA 41 49.71 29.03 4.79
C ILE YA 41 50.05 28.38 6.13
N ASP YA 42 49.02 27.98 6.86
CA ASP YA 42 49.20 27.31 8.15
C ASP YA 42 49.94 25.99 7.97
N LEU YA 43 49.69 25.33 6.83
CA LEU YA 43 50.38 24.09 6.50
C LEU YA 43 51.85 24.35 6.25
N CYS YA 44 52.15 25.46 5.57
CA CYS YA 44 53.52 25.84 5.27
C CYS YA 44 54.30 26.12 6.55
N LEU YA 45 53.67 26.82 7.49
CA LEU YA 45 54.27 27.12 8.78
C LEU YA 45 54.57 25.84 9.55
N ASP YA 46 53.66 24.87 9.45
CA ASP YA 46 53.82 23.58 10.13
C ASP YA 46 54.99 22.80 9.55
N LYS YA 47 55.32 23.06 8.29
CA LYS YA 47 56.45 22.40 7.64
C LYS YA 47 57.76 23.05 8.04
N MET YA 48 57.74 24.35 8.26
CA MET YA 48 58.92 25.09 8.67
C MET YA 48 59.42 24.62 10.04
N ILE YA 49 58.49 24.50 10.99
CA ILE YA 49 58.84 24.08 12.34
C ILE YA 49 59.25 22.60 12.34
N GLY YA 50 58.77 21.85 11.35
CA GLY YA 50 59.14 20.46 11.20
C GLY YA 50 60.58 20.32 10.80
N VAL YA 51 60.98 21.13 9.80
CA VAL YA 51 62.37 21.14 9.34
C VAL YA 51 63.25 21.80 10.39
N ARG YA 52 62.68 22.76 11.11
CA ARG YA 52 63.37 23.37 12.25
C ARG YA 52 63.71 22.32 13.28
N ALA YA 53 62.81 21.36 13.48
CA ALA YA 53 63.04 20.23 14.37
C ALA YA 53 64.11 19.30 13.81
N ALA YA 54 64.15 19.19 12.49
CA ALA YA 54 65.16 18.37 11.82
C ALA YA 54 66.55 18.98 11.99
N GLN YA 55 66.62 20.30 11.98
CA GLN YA 55 67.89 21.01 12.11
C GLN YA 55 68.52 20.81 13.49
N ILE YA 56 67.73 21.01 14.53
CA ILE YA 56 68.22 20.87 15.89
C ILE YA 56 68.52 19.41 16.21
N PHE YA 57 67.83 18.51 15.53
CA PHE YA 57 68.10 17.08 15.66
C PHE YA 57 69.50 16.74 15.17
N LEU YA 58 69.86 17.28 14.01
CA LEU YA 58 71.19 17.06 13.43
C LEU YA 58 72.27 17.79 14.21
N GLY YA 59 71.86 18.71 15.06
CA GLY YA 59 72.80 19.48 15.87
C GLY YA 59 72.37 20.93 16.01
N ASP YA 60 72.53 21.48 17.22
CA ASP YA 60 72.17 22.86 17.48
C ASP YA 60 73.18 23.81 16.83
N ASP YA 61 72.79 24.44 15.74
CA ASP YA 61 73.67 25.33 15.01
C ASP YA 61 73.38 26.80 15.34
N THR YA 62 72.57 27.01 16.37
CA THR YA 62 72.30 28.35 16.86
C THR YA 62 73.49 28.87 17.67
N GLU YA 63 74.30 27.95 18.16
CA GLU YA 63 75.49 28.30 18.92
C GLU YA 63 76.62 28.79 18.01
N ASP YA 64 77.68 29.30 18.63
CA ASP YA 64 78.82 29.81 17.87
C ASP YA 64 79.66 28.67 17.31
N GLY YA 65 80.19 28.86 16.11
CA GLY YA 65 81.01 27.85 15.46
C GLY YA 65 80.20 26.69 14.95
N PHE YA 66 79.08 27.00 14.28
CA PHE YA 66 78.20 25.97 13.73
C PHE YA 66 78.90 25.14 12.66
N LYS YA 67 79.42 23.99 13.06
CA LYS YA 67 80.12 23.10 12.15
C LYS YA 67 79.17 22.48 11.12
N GLY YA 68 77.88 22.52 11.42
CA GLY YA 68 76.88 22.00 10.51
C GLY YA 68 76.43 20.59 10.85
N PRO YA 69 75.72 19.94 9.91
CA PRO YA 69 75.32 20.52 8.62
C PRO YA 69 74.06 21.37 8.71
N HIS YA 70 73.88 22.28 7.75
CA HIS YA 70 72.72 23.15 7.73
C HIS YA 70 71.61 22.57 6.86
N ILE YA 71 70.38 22.56 7.40
CA ILE YA 71 69.23 22.06 6.67
C ILE YA 71 68.06 23.06 6.79
N ARG YA 72 67.74 23.70 5.68
CA ARG YA 72 66.75 24.78 5.67
C ARG YA 72 65.69 24.62 4.58
N ILE YA 73 64.49 25.09 4.86
CA ILE YA 73 63.41 25.08 3.86
C ILE YA 73 63.64 26.16 2.81
N ARG YA 74 63.43 25.80 1.55
CA ARG YA 74 63.55 26.75 0.45
C ARG YA 74 62.18 27.15 -0.08
N CYS YA 75 61.28 26.17 -0.22
CA CYS YA 75 59.96 26.40 -0.78
C CYS YA 75 59.00 25.27 -0.47
N VAL YA 76 57.70 25.55 -0.56
CA VAL YA 76 56.67 24.54 -0.36
C VAL YA 76 55.67 24.55 -1.50
N ASP YA 77 55.63 23.46 -2.26
CA ASP YA 77 54.75 23.35 -3.42
C ASP YA 77 53.53 22.49 -3.09
N ILE YA 78 52.35 23.06 -3.31
CA ILE YA 78 51.11 22.36 -2.98
C ILE YA 78 50.38 21.84 -4.22
N ASP YA 79 50.12 20.54 -4.23
CA ASP YA 79 49.30 19.93 -5.27
C ASP YA 79 47.83 19.96 -4.85
N ASP YA 80 47.00 20.63 -5.64
CA ASP YA 80 45.62 20.89 -5.25
C ASP YA 80 44.63 20.38 -6.28
N LYS YA 81 45.12 19.61 -7.25
CA LYS YA 81 44.28 19.14 -8.35
C LYS YA 81 43.17 18.21 -7.89
N HIS YA 82 43.54 17.04 -7.39
CA HIS YA 82 42.56 16.03 -7.00
C HIS YA 82 42.65 15.72 -5.50
N THR YA 83 43.85 15.41 -5.04
CA THR YA 83 44.09 15.13 -3.63
C THR YA 83 45.08 16.13 -3.05
N TYR YA 84 44.89 16.50 -1.79
CA TYR YA 84 45.75 17.48 -1.14
C TYR YA 84 47.15 16.91 -0.91
N ASN YA 85 48.13 17.45 -1.63
CA ASN YA 85 49.51 17.00 -1.53
C ASN YA 85 50.48 18.17 -1.45
N ALA YA 86 51.59 17.97 -0.74
CA ALA YA 86 52.58 19.02 -0.56
C ALA YA 86 54.00 18.52 -0.83
N MET YA 87 54.74 19.25 -1.64
CA MET YA 87 56.13 18.93 -1.94
C MET YA 87 57.06 19.97 -1.32
N VAL YA 88 57.87 19.56 -0.35
CA VAL YA 88 58.75 20.47 0.36
C VAL YA 88 60.15 20.49 -0.27
N TYR YA 89 60.69 21.69 -0.42
CA TYR YA 89 62.04 21.85 -0.98
C TYR YA 89 63.02 22.26 0.10
N VAL YA 90 64.04 21.43 0.30
CA VAL YA 90 64.99 21.62 1.39
C VAL YA 90 66.43 21.62 0.86
N ASP YA 91 67.26 22.51 1.39
CA ASP YA 91 68.68 22.56 1.03
C ASP YA 91 69.56 22.09 2.18
N LEU YA 92 70.43 21.12 1.89
CA LEU YA 92 71.36 20.62 2.89
C LEU YA 92 72.77 21.17 2.63
N ILE YA 93 73.26 21.96 3.58
CA ILE YA 93 74.58 22.58 3.45
C ILE YA 93 75.58 21.93 4.41
N VAL YA 94 76.74 21.55 3.87
CA VAL YA 94 77.78 20.91 4.68
C VAL YA 94 79.17 21.38 4.28
N GLU YA 100 83.86 12.75 2.52
CA GLU YA 100 82.79 12.33 1.63
C GLU YA 100 81.87 11.32 2.31
N VAL YA 101 82.46 10.49 3.18
CA VAL YA 101 81.70 9.50 3.93
C VAL YA 101 80.77 10.17 4.93
N GLU YA 102 81.27 11.19 5.62
CA GLU YA 102 80.48 11.95 6.58
C GLU YA 102 79.35 12.70 5.89
N ARG YA 103 79.58 13.11 4.65
CA ARG YA 103 78.58 13.81 3.86
C ARG YA 103 77.39 12.90 3.55
N GLU YA 104 77.69 11.64 3.22
CA GLU YA 104 76.65 10.65 2.97
C GLU YA 104 75.88 10.33 4.24
N THR YA 105 76.59 10.30 5.37
CA THR YA 105 75.97 10.04 6.65
C THR YA 105 75.04 11.18 7.05
N ALA YA 106 75.48 12.41 6.80
CA ALA YA 106 74.67 13.59 7.10
C ALA YA 106 73.43 13.62 6.22
N GLU YA 107 73.59 13.25 4.95
CA GLU YA 107 72.47 13.19 4.02
C GLU YA 107 71.45 12.13 4.44
N GLU YA 108 71.95 11.01 4.93
CA GLU YA 108 71.09 9.92 5.38
C GLU YA 108 70.29 10.31 6.62
N GLU YA 109 70.98 10.89 7.59
CA GLU YA 109 70.34 11.33 8.83
C GLU YA 109 69.30 12.43 8.57
N ALA YA 110 69.65 13.36 7.69
CA ALA YA 110 68.75 14.46 7.33
C ALA YA 110 67.51 13.93 6.62
N LYS YA 111 67.70 12.95 5.75
CA LYS YA 111 66.60 12.35 5.01
C LYS YA 111 65.61 11.66 5.93
N LEU YA 112 66.14 10.85 6.85
CA LEU YA 112 65.31 10.12 7.80
C LEU YA 112 64.57 11.06 8.74
N ALA YA 113 65.26 12.13 9.16
CA ALA YA 113 64.66 13.11 10.07
C ALA YA 113 63.52 13.85 9.39
N LEU YA 114 63.70 14.18 8.11
CA LEU YA 114 62.69 14.90 7.34
C LEU YA 114 61.44 14.05 7.10
N ARG YA 115 61.63 12.75 6.94
CA ARG YA 115 60.51 11.84 6.73
C ARG YA 115 59.58 11.82 7.93
N VAL YA 116 60.18 11.82 9.12
CA VAL YA 116 59.42 11.80 10.36
C VAL YA 116 58.82 13.17 10.67
N ALA YA 117 59.62 14.22 10.46
CA ALA YA 117 59.21 15.58 10.78
C ALA YA 117 58.10 16.09 9.87
N LEU YA 118 58.21 15.81 8.58
CA LEU YA 118 57.25 16.33 7.61
C LEU YA 118 56.12 15.33 7.34
N GLN YA 119 56.16 14.19 8.02
CA GLN YA 119 55.15 13.14 7.86
C GLN YA 119 55.00 12.72 6.40
N VAL YA 120 56.11 12.29 5.80
CA VAL YA 120 56.13 11.90 4.39
C VAL YA 120 55.29 10.65 4.13
N ASP YA 121 54.50 10.69 3.06
CA ASP YA 121 53.66 9.57 2.62
C ASP YA 121 52.58 9.21 3.63
N ILE YA 122 52.30 10.11 4.56
CA ILE YA 122 51.24 9.91 5.54
C ILE YA 122 50.33 11.13 5.59
N ALA YA 123 49.10 10.93 6.07
CA ALA YA 123 48.15 12.03 6.18
C ALA YA 123 48.55 12.98 7.30
N ASP YA 124 48.78 14.24 6.95
CA ASP YA 124 49.17 15.25 7.92
C ASP YA 124 47.97 15.72 8.75
N GLU YA 125 48.21 16.69 9.63
CA GLU YA 125 47.16 17.25 10.47
C GLU YA 125 46.14 18.01 9.62
N HIS YA 126 46.57 18.46 8.45
CA HIS YA 126 45.69 19.18 7.53
C HIS YA 126 45.17 18.24 6.45
N SER YA 127 45.15 16.95 6.76
CA SER YA 127 44.74 15.91 5.82
C SER YA 127 45.54 16.00 4.52
N CYS YA 128 46.86 16.07 4.65
CA CYS YA 128 47.73 16.23 3.49
C CYS YA 128 48.79 15.13 3.41
N VAL YA 129 49.05 14.67 2.19
CA VAL YA 129 50.11 13.71 1.93
C VAL YA 129 51.37 14.47 1.48
N THR YA 130 52.39 14.47 2.34
CA THR YA 130 53.58 15.28 2.08
C THR YA 130 54.73 14.47 1.50
N GLN YA 131 55.59 15.15 0.75
CA GLN YA 131 56.81 14.57 0.20
C GLN YA 131 57.88 15.66 0.13
N PHE YA 132 59.14 15.26 0.03
CA PHE YA 132 60.22 16.24 0.03
C PHE YA 132 61.32 15.93 -0.98
N GLU YA 133 61.99 16.98 -1.43
CA GLU YA 133 63.15 16.86 -2.29
C GLU YA 133 64.28 17.74 -1.74
N MET YA 134 65.49 17.19 -1.67
CA MET YA 134 66.59 17.93 -1.07
C MET YA 134 67.81 17.99 -1.99
N LYS YA 135 68.53 19.11 -1.91
CA LYS YA 135 69.75 19.30 -2.69
C LYS YA 135 70.94 19.48 -1.78
N LEU YA 136 72.11 19.02 -2.24
CA LEU YA 136 73.33 19.10 -1.45
C LEU YA 136 74.22 20.24 -1.90
N ARG YA 137 74.63 21.08 -0.96
CA ARG YA 137 75.49 22.21 -1.25
C ARG YA 137 76.69 22.21 -0.31
N GLU YA 138 77.84 22.68 -0.81
CA GLU YA 138 79.07 22.70 -0.03
C GLU YA 138 79.68 24.09 0.01
N GLU YA 139 79.81 24.65 1.21
CA GLU YA 139 80.38 25.97 1.40
C GLU YA 139 81.07 26.07 2.76
N LEU YA 140 82.01 27.00 2.87
CA LEU YA 140 82.73 27.21 4.12
C LEU YA 140 81.82 27.79 5.19
N LEU YA 141 81.68 27.08 6.30
CA LEU YA 141 80.83 27.53 7.40
C LEU YA 141 81.40 28.76 8.09
N SER YA 142 82.72 28.90 8.06
CA SER YA 142 83.41 30.02 8.71
C SER YA 142 83.50 31.23 7.79
N SER YA 143 83.01 31.07 6.55
CA SER YA 143 83.06 32.16 5.58
C SER YA 143 82.10 33.28 5.96
N ASP YA 144 82.53 34.53 5.71
CA ASP YA 144 81.73 35.70 6.01
C ASP YA 144 80.53 35.79 5.08
N SER YA 145 80.75 35.48 3.80
CA SER YA 145 79.69 35.55 2.80
C SER YA 145 78.90 34.25 2.76
N PHE YA 146 78.29 33.89 3.87
CA PHE YA 146 77.48 32.68 3.97
C PHE YA 146 76.32 32.82 4.94
N HIS YA 147 75.17 32.30 4.53
CA HIS YA 147 74.00 32.25 5.39
C HIS YA 147 73.07 31.12 4.94
N PRO YA 148 72.47 30.41 5.92
CA PRO YA 148 71.49 29.34 5.68
C PRO YA 148 70.41 29.70 4.66
N ASP YA 149 69.97 30.95 4.65
CA ASP YA 149 68.92 31.38 3.72
C ASP YA 149 69.39 32.50 2.81
N LYS YA 150 70.47 32.27 2.07
CA LYS YA 150 70.99 33.27 1.15
C LYS YA 150 69.99 33.58 0.03
N ASP YA 151 70.21 34.72 -0.64
CA ASP YA 151 69.32 35.17 -1.70
C ASP YA 151 69.30 34.20 -2.87
N GLU YA 152 70.49 33.84 -3.35
CA GLU YA 152 70.64 32.98 -4.53
C GLU YA 152 70.02 31.60 -4.32
N TYR YA 153 69.81 31.22 -3.07
CA TYR YA 153 69.26 29.90 -2.75
C TYR YA 153 67.79 29.78 -3.16
N TYR YA 154 67.10 30.91 -3.25
CA TYR YA 154 65.68 30.92 -3.56
C TYR YA 154 65.43 31.28 -5.03
N LYS YA 155 66.49 31.28 -5.83
CA LYS YA 155 66.40 31.70 -7.22
C LYS YA 155 65.50 30.78 -8.05
N ASP YA 156 65.42 29.52 -7.64
CA ASP YA 156 64.65 28.52 -8.36
C ASP YA 156 63.14 28.72 -8.22
N PHE YA 157 62.72 29.35 -7.12
CA PHE YA 157 61.30 29.44 -6.80
C PHE YA 157 60.76 30.87 -6.92
N LEU YA 158 61.62 31.81 -7.25
CA LEU YA 158 61.20 33.20 -7.43
C LEU YA 158 61.60 33.73 -8.81
N GLU ZA 2 19.76 20.49 49.81
CA GLU ZA 2 18.49 21.15 50.13
C GLU ZA 2 18.18 21.02 51.62
N SER ZA 3 17.81 22.13 52.24
CA SER ZA 3 17.49 22.14 53.67
C SER ZA 3 16.13 21.47 53.92
N VAL ZA 4 15.18 21.74 53.03
CA VAL ZA 4 13.85 21.17 53.13
C VAL ZA 4 13.52 20.36 51.88
N ASN ZA 5 12.98 19.16 52.07
CA ASN ZA 5 12.66 18.29 50.94
C ASN ZA 5 11.18 17.95 50.91
N THR ZA 6 10.40 18.72 50.18
CA THR ZA 6 8.97 18.47 50.02
C THR ZA 6 8.72 17.52 48.86
N SER ZA 7 7.55 16.89 48.84
CA SER ZA 7 7.19 15.93 47.81
C SER ZA 7 5.68 15.69 47.78
N PHE ZA 8 5.15 15.51 46.59
CA PHE ZA 8 3.71 15.32 46.41
C PHE ZA 8 3.34 13.86 46.18
N LEU ZA 9 2.75 13.23 47.20
CA LEU ZA 9 2.22 11.88 47.05
C LEU ZA 9 0.90 11.95 46.30
N SER ZA 10 0.18 13.06 46.50
CA SER ZA 10 -1.11 13.29 45.87
C SER ZA 10 -1.31 14.80 45.77
N PRO ZA 11 -2.29 15.25 44.96
CA PRO ZA 11 -2.56 16.69 44.90
C PRO ZA 11 -2.89 17.29 46.27
N SER ZA 12 -3.58 16.54 47.11
CA SER ZA 12 -3.94 17.02 48.43
C SER ZA 12 -3.08 16.39 49.53
N LEU ZA 13 -2.01 15.71 49.12
CA LEU ZA 13 -1.13 15.06 50.08
C LEU ZA 13 0.33 15.45 49.85
N VAL ZA 14 0.93 16.11 50.83
CA VAL ZA 14 2.32 16.57 50.72
C VAL ZA 14 3.13 16.17 51.94
N THR ZA 15 4.32 15.62 51.71
CA THR ZA 15 5.24 15.27 52.79
C THR ZA 15 6.39 16.27 52.88
N ILE ZA 16 6.58 16.84 54.06
CA ILE ZA 16 7.62 17.85 54.25
C ILE ZA 16 8.66 17.39 55.27
N ARG ZA 17 9.91 17.26 54.83
CA ARG ZA 17 11.00 16.87 55.71
C ARG ZA 17 11.96 18.03 55.95
N ASP ZA 18 12.19 18.36 57.21
CA ASP ZA 18 13.13 19.40 57.57
C ASP ZA 18 14.36 18.79 58.24
N PHE ZA 19 15.47 18.73 57.49
CA PHE ZA 19 16.68 18.11 58.00
C PHE ZA 19 17.36 18.95 59.09
N ASP ZA 20 17.37 20.26 58.89
CA ASP ZA 20 18.02 21.17 59.83
C ASP ZA 20 17.32 21.18 61.18
N ASN ZA 21 15.99 21.26 61.16
CA ASN ZA 21 15.21 21.29 62.39
C ASN ZA 21 14.85 19.88 62.88
N GLY ZA 22 15.13 18.88 62.05
CA GLY ZA 22 14.85 17.50 62.40
C GLY ZA 22 13.37 17.24 62.58
N GLN ZA 23 12.56 17.68 61.61
CA GLN ZA 23 11.11 17.52 61.69
C GLN ZA 23 10.53 16.87 60.44
N PHE ZA 24 9.37 16.24 60.60
CA PHE ZA 24 8.63 15.68 59.47
C PHE ZA 24 7.16 15.99 59.65
N ALA ZA 25 6.56 16.63 58.66
CA ALA ZA 25 5.14 16.98 58.72
C ALA ZA 25 4.41 16.54 57.46
N VAL ZA 26 3.20 16.01 57.64
CA VAL ZA 26 2.36 15.63 56.52
C VAL ZA 26 1.30 16.70 56.24
N LEU ZA 27 1.35 17.25 55.03
CA LEU ZA 27 0.38 18.27 54.63
C LEU ZA 27 -0.78 17.65 53.87
N ARG ZA 28 -1.99 17.75 54.44
CA ARG ZA 28 -3.16 17.14 53.83
C ARG ZA 28 -4.37 18.06 53.85
N ILE ZA 29 -5.02 18.18 52.70
CA ILE ZA 29 -6.28 18.92 52.59
C ILE ZA 29 -7.43 17.92 52.44
N GLY ZA 30 -7.86 17.34 53.55
CA GLY ZA 30 -8.83 16.27 53.55
C GLY ZA 30 -10.26 16.67 53.24
N ARG ZA 31 -10.71 17.76 53.87
CA ARG ZA 31 -12.11 18.19 53.78
C ARG ZA 31 -12.57 18.40 52.34
N THR ZA 32 -11.71 18.99 51.51
CA THR ZA 32 -12.09 19.32 50.14
C THR ZA 32 -11.34 18.49 49.10
N GLY ZA 33 -10.07 18.20 49.38
CA GLY ZA 33 -9.24 17.47 48.45
C GLY ZA 33 -8.62 18.38 47.39
N PHE ZA 34 -8.60 19.68 47.70
CA PHE ZA 34 -7.99 20.66 46.80
C PHE ZA 34 -6.47 20.48 46.76
N PRO ZA 35 -5.83 20.90 45.66
CA PRO ZA 35 -4.37 20.78 45.55
C PRO ZA 35 -3.64 21.77 46.44
N ALA ZA 36 -2.61 21.30 47.14
CA ALA ZA 36 -1.84 22.15 48.03
C ALA ZA 36 -1.01 23.16 47.24
N ASP ZA 37 -1.28 24.44 47.44
CA ASP ZA 37 -0.55 25.49 46.75
C ASP ZA 37 0.70 25.88 47.54
N LYS ZA 38 1.44 26.86 47.02
CA LYS ZA 38 2.66 27.34 47.66
C LYS ZA 38 2.34 27.94 49.04
N GLY ZA 39 1.19 28.59 49.13
CA GLY ZA 39 0.75 29.18 50.39
C GLY ZA 39 0.46 28.13 51.44
N ASP ZA 40 -0.12 27.01 51.01
CA ASP ZA 40 -0.46 25.92 51.91
C ASP ZA 40 0.80 25.30 52.53
N ILE ZA 41 1.82 25.11 51.69
CA ILE ZA 41 3.09 24.56 52.14
C ILE ZA 41 3.79 25.54 53.07
N ASP ZA 42 3.78 26.81 52.68
CA ASP ZA 42 4.39 27.88 53.47
C ASP ZA 42 3.69 28.01 54.83
N LEU ZA 43 2.39 27.76 54.85
CA LEU ZA 43 1.62 27.79 56.09
C LEU ZA 43 2.05 26.66 57.02
N CYS ZA 44 2.28 25.49 56.42
CA CYS ZA 44 2.72 24.32 57.19
C CYS ZA 44 4.09 24.55 57.82
N LEU ZA 45 4.99 25.14 57.06
CA LEU ZA 45 6.33 25.45 57.56
C LEU ZA 45 6.29 26.40 58.75
N ASP ZA 46 5.40 27.38 58.68
CA ASP ZA 46 5.23 28.35 59.76
C ASP ZA 46 4.69 27.69 61.02
N LYS ZA 47 3.96 26.59 60.85
CA LYS ZA 47 3.39 25.86 61.98
C LYS ZA 47 4.43 24.96 62.62
N MET ZA 48 5.34 24.42 61.79
CA MET ZA 48 6.40 23.56 62.28
C MET ZA 48 7.34 24.33 63.21
N ILE ZA 49 7.71 25.53 62.81
CA ILE ZA 49 8.61 26.37 63.61
C ILE ZA 49 7.91 26.82 64.88
N GLY ZA 50 6.58 26.88 64.83
CA GLY ZA 50 5.79 27.24 66.00
C GLY ZA 50 5.85 26.17 67.07
N VAL ZA 51 5.65 24.92 66.65
CA VAL ZA 51 5.71 23.78 67.56
C VAL ZA 51 7.16 23.52 67.98
N ARG ZA 52 8.09 23.82 67.08
CA ARG ZA 52 9.51 23.76 67.41
C ARG ZA 52 9.82 24.69 68.58
N ALA ZA 53 9.18 25.86 68.58
CA ALA ZA 53 9.31 26.80 69.67
C ALA ZA 53 8.64 26.28 70.94
N ALA ZA 54 7.55 25.55 70.75
CA ALA ZA 54 6.85 24.94 71.87
C ALA ZA 54 7.71 23.85 72.52
N GLN ZA 55 8.45 23.13 71.69
CA GLN ZA 55 9.32 22.05 72.17
C GLN ZA 55 10.44 22.57 73.06
N ILE ZA 56 11.15 23.60 72.58
CA ILE ZA 56 12.27 24.16 73.32
C ILE ZA 56 11.74 24.89 74.56
N PHE ZA 57 10.51 25.37 74.49
CA PHE ZA 57 9.85 25.97 75.65
C PHE ZA 57 9.65 24.91 76.73
N LEU ZA 58 9.18 23.73 76.31
CA LEU ZA 58 8.96 22.63 77.22
C LEU ZA 58 10.29 22.03 77.70
N GLY ZA 59 11.38 22.43 77.04
CA GLY ZA 59 12.70 21.94 77.40
C GLY ZA 59 13.60 21.72 76.20
N ASP ZA 60 14.88 22.08 76.37
CA ASP ZA 60 15.87 21.93 75.31
C ASP ZA 60 16.24 20.46 75.13
N ASP ZA 61 15.80 19.89 74.02
CA ASP ZA 61 16.03 18.47 73.75
C ASP ZA 61 17.24 18.24 72.85
N THR ZA 62 17.99 19.30 72.59
CA THR ZA 62 19.23 19.17 71.84
C THR ZA 62 20.34 18.60 72.72
N GLU ZA 63 20.20 18.77 74.04
CA GLU ZA 63 21.18 18.26 74.99
C GLU ZA 63 21.05 16.77 75.23
N ASP ZA 64 22.06 16.20 75.89
CA ASP ZA 64 22.07 14.77 76.22
C ASP ZA 64 21.18 14.44 77.40
N GLY ZA 65 20.52 13.28 77.34
CA GLY ZA 65 19.68 12.81 78.42
C GLY ZA 65 18.38 13.56 78.60
N PHE ZA 66 17.69 13.84 77.49
CA PHE ZA 66 16.43 14.55 77.52
C PHE ZA 66 15.33 13.79 78.26
N LYS ZA 67 15.09 14.16 79.50
CA LYS ZA 67 14.07 13.52 80.34
C LYS ZA 67 12.67 13.79 79.77
N GLY ZA 68 12.58 14.77 78.87
CA GLY ZA 68 11.32 15.10 78.21
C GLY ZA 68 10.61 16.29 78.82
N PRO ZA 69 9.34 16.50 78.44
CA PRO ZA 69 8.59 15.69 77.46
C PRO ZA 69 8.83 16.08 76.00
N HIS ZA 70 8.54 15.15 75.09
CA HIS ZA 70 8.68 15.39 73.66
C HIS ZA 70 7.35 15.84 73.04
N ILE ZA 71 7.40 16.91 72.25
CA ILE ZA 71 6.21 17.41 71.57
C ILE ZA 71 6.54 17.69 70.10
N ARG ZA 72 5.97 16.89 69.20
CA ARG ZA 72 6.31 16.96 67.79
C ARG ZA 72 5.07 17.03 66.89
N ILE ZA 73 5.20 17.71 65.76
CA ILE ZA 73 4.13 17.77 64.77
C ILE ZA 73 4.00 16.46 64.00
N ARG ZA 74 2.77 16.01 63.83
CA ARG ZA 74 2.49 14.81 63.04
C ARG ZA 74 1.92 15.15 61.67
N CYS ZA 75 0.97 16.10 61.66
CA CYS ZA 75 0.27 16.46 60.43
C CYS ZA 75 -0.44 17.80 60.53
N VAL ZA 76 -0.74 18.39 59.37
CA VAL ZA 76 -1.49 19.63 59.30
C VAL ZA 76 -2.64 19.49 58.31
N ASP ZA 77 -3.86 19.55 58.82
CA ASP ZA 77 -5.05 19.38 57.98
C ASP ZA 77 -5.71 20.72 57.69
N ILE ZA 78 -5.90 21.02 56.41
CA ILE ZA 78 -6.46 22.30 56.00
C ILE ZA 78 -7.91 22.17 55.53
N ASP ZA 79 -8.79 22.95 56.17
CA ASP ZA 79 -10.17 23.05 55.73
C ASP ZA 79 -10.30 24.19 54.73
N ASP ZA 80 -10.76 23.88 53.52
CA ASP ZA 80 -10.74 24.83 52.43
C ASP ZA 80 -12.13 25.03 51.82
N LYS ZA 81 -13.14 24.50 52.50
CA LYS ZA 81 -14.51 24.54 51.98
C LYS ZA 81 -15.05 25.97 51.86
N HIS ZA 82 -15.22 26.63 53.00
CA HIS ZA 82 -15.81 27.98 53.00
C HIS ZA 82 -14.82 29.01 53.55
N THR ZA 83 -14.28 28.74 54.73
CA THR ZA 83 -13.30 29.63 55.34
C THR ZA 83 -11.98 28.91 55.54
N TYR ZA 84 -10.88 29.65 55.42
CA TYR ZA 84 -9.55 29.07 55.55
C TYR ZA 84 -9.29 28.64 56.99
N ASN ZA 85 -9.22 27.33 57.20
CA ASN ZA 85 -9.01 26.76 58.53
C ASN ZA 85 -7.96 25.66 58.51
N ALA ZA 86 -7.22 25.54 59.60
CA ALA ZA 86 -6.16 24.53 59.70
C ALA ZA 86 -6.23 23.76 61.01
N MET ZA 87 -6.18 22.45 60.92
CA MET ZA 87 -6.14 21.59 62.09
C MET ZA 87 -4.79 20.91 62.22
N VAL ZA 88 -4.06 21.26 63.28
CA VAL ZA 88 -2.71 20.73 63.48
C VAL ZA 88 -2.74 19.48 64.36
N TYR ZA 89 -1.99 18.47 63.96
CA TYR ZA 89 -1.91 17.23 64.73
C TYR ZA 89 -0.56 17.10 65.42
N VAL ZA 90 -0.58 17.03 66.75
CA VAL ZA 90 0.64 17.04 67.54
C VAL ZA 90 0.67 15.85 68.49
N ASP ZA 91 1.83 15.22 68.64
CA ASP ZA 91 1.99 14.13 69.59
C ASP ZA 91 2.87 14.54 70.78
N LEU ZA 92 2.36 14.35 71.98
CA LEU ZA 92 3.12 14.66 73.19
C LEU ZA 92 3.63 13.38 73.84
N ILE ZA 93 4.95 13.22 73.89
CA ILE ZA 93 5.56 12.04 74.46
C ILE ZA 93 6.22 12.37 75.80
N VAL ZA 94 5.93 11.58 76.82
CA VAL ZA 94 6.49 11.81 78.16
C VAL ZA 94 6.81 10.50 78.86
N GLU ZA 100 1.74 10.54 87.40
CA GLU ZA 100 0.48 10.84 86.73
C GLU ZA 100 0.13 12.33 86.86
N VAL ZA 101 0.49 12.92 87.99
CA VAL ZA 101 0.25 14.34 88.22
C VAL ZA 101 1.11 15.19 87.30
N GLU ZA 102 2.37 14.79 87.14
CA GLU ZA 102 3.29 15.50 86.25
C GLU ZA 102 2.86 15.35 84.80
N ARG ZA 103 2.25 14.21 84.47
CA ARG ZA 103 1.74 13.97 83.13
C ARG ZA 103 0.60 14.93 82.80
N GLU ZA 104 -0.27 15.14 83.78
CA GLU ZA 104 -1.38 16.08 83.64
C GLU ZA 104 -0.86 17.51 83.55
N THR ZA 105 0.17 17.79 84.33
CA THR ZA 105 0.81 19.11 84.32
C THR ZA 105 1.50 19.36 82.98
N ALA ZA 106 2.16 18.33 82.46
CA ALA ZA 106 2.84 18.42 81.18
C ALA ZA 106 1.84 18.64 80.04
N GLU ZA 107 0.71 17.96 80.11
CA GLU ZA 107 -0.34 18.10 79.11
C GLU ZA 107 -0.93 19.50 79.12
N GLU ZA 108 -1.09 20.07 80.31
CA GLU ZA 108 -1.64 21.41 80.45
C GLU ZA 108 -0.68 22.47 79.91
N GLU ZA 109 0.58 22.39 80.29
CA GLU ZA 109 1.60 23.33 79.84
C GLU ZA 109 1.81 23.26 78.33
N ALA ZA 110 1.84 22.05 77.80
CA ALA ZA 110 2.03 21.85 76.36
C ALA ZA 110 0.84 22.40 75.58
N LYS ZA 111 -0.35 22.21 76.12
CA LYS ZA 111 -1.57 22.70 75.47
C LYS ZA 111 -1.56 24.22 75.38
N LEU ZA 112 -1.22 24.88 76.49
CA LEU ZA 112 -1.16 26.33 76.55
C LEU ZA 112 -0.10 26.89 75.61
N ALA ZA 113 1.03 26.20 75.52
CA ALA ZA 113 2.13 26.62 74.66
C ALA ZA 113 1.73 26.52 73.19
N LEU ZA 114 1.01 25.47 72.84
CA LEU ZA 114 0.57 25.24 71.47
C LEU ZA 114 -0.45 26.28 71.04
N ARG ZA 115 -1.28 26.72 71.99
CA ARG ZA 115 -2.30 27.73 71.71
C ARG ZA 115 -1.67 29.04 71.28
N VAL ZA 116 -0.58 29.42 71.94
CA VAL ZA 116 0.13 30.65 71.63
C VAL ZA 116 0.95 30.53 70.35
N ALA ZA 117 1.61 29.39 70.19
CA ALA ZA 117 2.50 29.16 69.05
C ALA ZA 117 1.75 29.05 67.73
N LEU ZA 118 0.63 28.33 67.74
CA LEU ZA 118 -0.11 28.07 66.50
C LEU ZA 118 -1.24 29.08 66.29
N GLN ZA 119 -1.37 30.02 67.21
CA GLN ZA 119 -2.41 31.05 67.14
C GLN ZA 119 -3.80 30.43 67.00
N VAL ZA 120 -4.16 29.58 67.95
CA VAL ZA 120 -5.44 28.87 67.92
C VAL ZA 120 -6.61 29.83 68.09
N ASP ZA 121 -7.63 29.64 67.25
CA ASP ZA 121 -8.87 30.42 67.27
C ASP ZA 121 -8.63 31.90 66.95
N ILE ZA 122 -7.47 32.19 66.36
CA ILE ZA 122 -7.15 33.54 65.93
C ILE ZA 122 -6.65 33.52 64.48
N ALA ZA 123 -6.75 34.67 63.82
CA ALA ZA 123 -6.31 34.79 62.44
C ALA ZA 123 -4.78 34.72 62.34
N ASP ZA 124 -4.28 33.74 61.60
CA ASP ZA 124 -2.84 33.57 61.44
C ASP ZA 124 -2.26 34.59 60.46
N GLU ZA 125 -0.97 34.49 60.20
CA GLU ZA 125 -0.30 35.38 59.26
C GLU ZA 125 -0.80 35.15 57.84
N HIS ZA 126 -1.34 33.96 57.58
CA HIS ZA 126 -1.89 33.62 56.28
C HIS ZA 126 -3.41 33.77 56.28
N SER ZA 127 -3.91 34.61 57.18
CA SER ZA 127 -5.35 34.83 57.34
C SER ZA 127 -6.09 33.50 57.57
N CYS ZA 128 -5.59 32.71 58.50
CA CYS ZA 128 -6.16 31.40 58.77
C CYS ZA 128 -6.56 31.23 60.23
N VAL ZA 129 -7.69 30.56 60.46
CA VAL ZA 129 -8.13 30.23 61.80
C VAL ZA 129 -7.66 28.83 62.15
N THR ZA 130 -6.71 28.75 63.09
CA THR ZA 130 -6.05 27.48 63.40
C THR ZA 130 -6.63 26.81 64.65
N GLN ZA 131 -6.53 25.49 64.67
CA GLN ZA 131 -6.91 24.68 65.83
C GLN ZA 131 -6.01 23.46 65.86
N PHE ZA 132 -5.91 22.80 67.01
CA PHE ZA 132 -5.01 21.66 67.13
C PHE ZA 132 -5.60 20.52 67.94
N GLU ZA 133 -5.16 19.31 67.64
CA GLU ZA 133 -5.54 18.12 68.40
C GLU ZA 133 -4.27 17.34 68.77
N MET ZA 134 -4.15 16.95 70.03
CA MET ZA 134 -2.94 16.28 70.47
C MET ZA 134 -3.22 14.96 71.18
N LYS ZA 135 -2.30 14.01 71.01
CA LYS ZA 135 -2.41 12.70 71.64
C LYS ZA 135 -1.23 12.48 72.59
N LEU ZA 136 -1.49 11.74 73.66
CA LEU ZA 136 -0.46 11.48 74.66
C LEU ZA 136 0.12 10.08 74.52
N ARG ZA 137 1.44 10.00 74.45
CA ARG ZA 137 2.13 8.72 74.33
C ARG ZA 137 3.21 8.60 75.40
N GLU ZA 138 3.45 7.38 75.86
CA GLU ZA 138 4.44 7.13 76.90
C GLU ZA 138 5.45 6.07 76.48
N GLU ZA 139 6.72 6.45 76.45
CA GLU ZA 139 7.78 5.53 76.08
C GLU ZA 139 9.10 5.88 76.77
N LEU ZA 140 9.97 4.89 76.89
CA LEU ZA 140 11.27 5.10 77.53
C LEU ZA 140 12.17 5.98 76.67
N LEU ZA 141 12.60 7.11 77.25
CA LEU ZA 141 13.48 8.03 76.55
C LEU ZA 141 14.88 7.44 76.34
N SER ZA 142 15.27 6.56 77.26
CA SER ZA 142 16.59 5.94 77.20
C SER ZA 142 16.60 4.69 76.33
N SER ZA 143 15.43 4.33 75.81
CA SER ZA 143 15.30 3.16 74.96
C SER ZA 143 15.98 3.36 73.61
N ASP ZA 144 16.61 2.31 73.10
CA ASP ZA 144 17.28 2.37 71.81
C ASP ZA 144 16.28 2.52 70.67
N SER ZA 145 15.17 1.78 70.76
CA SER ZA 145 14.13 1.82 69.74
C SER ZA 145 13.13 2.95 69.98
N PHE ZA 146 13.62 4.18 70.03
CA PHE ZA 146 12.75 5.33 70.23
C PHE ZA 146 13.24 6.58 69.53
N HIS ZA 147 12.30 7.31 68.93
CA HIS ZA 147 12.59 8.60 68.31
C HIS ZA 147 11.32 9.43 68.26
N PRO ZA 148 11.45 10.75 68.51
CA PRO ZA 148 10.35 11.71 68.45
C PRO ZA 148 9.47 11.57 67.20
N ASP ZA 149 10.08 11.22 66.07
CA ASP ZA 149 9.34 11.08 64.82
C ASP ZA 149 9.45 9.67 64.26
N LYS ZA 150 9.06 8.69 65.06
CA LYS ZA 150 9.11 7.29 64.62
C LYS ZA 150 8.16 7.05 63.45
N ASP ZA 151 8.35 5.93 62.76
CA ASP ZA 151 7.55 5.60 61.59
C ASP ZA 151 6.08 5.41 61.97
N GLU ZA 152 5.84 4.59 62.99
CA GLU ZA 152 4.49 4.24 63.41
C GLU ZA 152 3.67 5.45 63.87
N TYR ZA 153 4.34 6.54 64.21
CA TYR ZA 153 3.66 7.73 64.73
C TYR ZA 153 2.85 8.44 63.65
N TYR ZA 154 3.23 8.21 62.39
CA TYR ZA 154 2.59 8.87 61.25
C TYR ZA 154 1.61 7.95 60.53
N LYS ZA 155 1.29 6.83 61.17
CA LYS ZA 155 0.42 5.83 60.56
C LYS ZA 155 -0.99 6.34 60.30
N ASP ZA 156 -1.42 7.30 61.11
CA ASP ZA 156 -2.77 7.85 61.00
C ASP ZA 156 -2.97 8.72 59.76
N PHE ZA 157 -1.87 9.32 59.29
CA PHE ZA 157 -1.97 10.30 58.20
C PHE ZA 157 -1.37 9.81 56.89
N LEU ZA 158 -0.81 8.61 56.89
CA LEU ZA 158 -0.23 8.03 55.69
C LEU ZA 158 -0.83 6.67 55.39
N SER AB 3 20.05 17.19 39.33
CA SER AB 3 20.79 16.00 38.97
C SER AB 3 20.27 14.77 39.71
N VAL AB 4 19.97 14.96 40.99
CA VAL AB 4 19.45 13.88 41.83
C VAL AB 4 18.08 14.27 42.38
N ASN AB 5 17.13 13.34 42.32
CA ASN AB 5 15.77 13.62 42.77
C ASN AB 5 15.32 12.68 43.89
N THR AB 6 15.51 13.12 45.14
CA THR AB 6 15.08 12.36 46.30
C THR AB 6 13.64 12.73 46.66
N SER AB 7 12.97 11.85 47.41
CA SER AB 7 11.58 12.07 47.80
C SER AB 7 11.19 11.18 48.97
N PHE AB 8 10.37 11.73 49.86
CA PHE AB 8 9.94 11.01 51.06
C PHE AB 8 8.53 10.46 50.95
N LEU AB 9 8.41 9.14 50.78
CA LEU AB 9 7.11 8.48 50.81
C LEU AB 9 6.66 8.34 52.26
N SER AB 10 7.65 8.20 53.14
CA SER AB 10 7.43 8.05 54.57
C SER AB 10 8.67 8.56 55.29
N PRO AB 11 8.58 8.79 56.61
CA PRO AB 11 9.79 9.20 57.34
C PRO AB 11 10.94 8.21 57.19
N SER AB 12 10.62 6.92 57.14
CA SER AB 12 11.65 5.89 57.01
C SER AB 12 11.73 5.32 55.59
N LEU AB 13 11.06 5.97 54.64
CA LEU AB 13 11.05 5.49 53.26
C LEU AB 13 11.40 6.61 52.29
N VAL AB 14 12.53 6.45 51.59
CA VAL AB 14 13.00 7.46 50.65
C VAL AB 14 13.34 6.84 49.29
N THR AB 15 12.84 7.45 48.22
CA THR AB 15 13.17 7.01 46.86
C THR AB 15 14.17 7.97 46.22
N ILE AB 16 15.30 7.43 45.76
CA ILE AB 16 16.34 8.26 45.18
C ILE AB 16 16.57 7.92 43.71
N ARG AB 17 16.34 8.90 42.84
CA ARG AB 17 16.56 8.73 41.41
C ARG AB 17 17.76 9.53 40.93
N ASP AB 18 18.69 8.85 40.27
CA ASP AB 18 19.87 9.50 39.72
C ASP AB 18 19.77 9.55 38.20
N PHE AB 19 19.45 10.72 37.67
CA PHE AB 19 19.25 10.87 36.23
C PHE AB 19 20.56 10.76 35.46
N ASP AB 20 21.63 11.34 36.01
CA ASP AB 20 22.92 11.35 35.36
C ASP AB 20 23.54 9.96 35.28
N ASN AB 21 23.47 9.23 36.39
CA ASN AB 21 24.04 7.88 36.46
C ASN AB 21 23.04 6.82 36.03
N GLY AB 22 21.79 7.23 35.84
CA GLY AB 22 20.74 6.30 35.44
C GLY AB 22 20.47 5.22 36.46
N GLN AB 23 20.32 5.62 37.73
CA GLN AB 23 20.09 4.67 38.81
C GLN AB 23 18.87 5.04 39.63
N PHE AB 24 18.30 4.04 40.29
CA PHE AB 24 17.17 4.26 41.20
C PHE AB 24 17.38 3.38 42.43
N ALA AB 25 17.39 4.01 43.60
CA ALA AB 25 17.59 3.29 44.86
C ALA AB 25 16.51 3.65 45.86
N VAL AB 26 16.02 2.63 46.57
CA VAL AB 26 15.03 2.85 47.62
C VAL AB 26 15.70 2.87 48.99
N LEU AB 27 15.59 3.99 49.68
CA LEU AB 27 16.17 4.12 51.02
C LEU AB 27 15.13 3.82 52.08
N ARG AB 28 15.35 2.76 52.84
CA ARG AB 28 14.39 2.33 53.85
C ARG AB 28 15.08 1.97 55.16
N ILE AB 29 14.57 2.52 56.27
CA ILE AB 29 15.03 2.15 57.60
C ILE AB 29 13.97 1.29 58.27
N GLY AB 30 13.94 0.01 57.92
CA GLY AB 30 12.90 -0.89 58.38
C GLY AB 30 13.03 -1.31 59.83
N ARG AB 31 14.25 -1.62 60.24
CA ARG AB 31 14.53 -2.15 61.57
C ARG AB 31 14.01 -1.27 62.70
N THR AB 32 14.19 0.05 62.56
CA THR AB 32 13.81 0.98 63.62
C THR AB 32 12.63 1.87 63.24
N GLY AB 33 12.59 2.28 61.98
CA GLY AB 33 11.54 3.17 61.50
C GLY AB 33 11.89 4.63 61.77
N PHE AB 34 13.17 4.87 62.02
CA PHE AB 34 13.65 6.23 62.24
C PHE AB 34 13.60 7.05 60.95
N PRO AB 35 13.51 8.38 61.08
CA PRO AB 35 13.48 9.24 59.88
C PRO AB 35 14.86 9.33 59.23
N ALA AB 36 14.90 9.21 57.90
CA ALA AB 36 16.15 9.26 57.17
C ALA AB 36 16.74 10.67 57.21
N ASP AB 37 17.93 10.78 57.80
CA ASP AB 37 18.61 12.07 57.90
C ASP AB 37 19.48 12.33 56.68
N LYS AB 38 20.16 13.46 56.68
CA LYS AB 38 21.04 13.82 55.57
C LYS AB 38 22.20 12.83 55.43
N GLY AB 39 22.68 12.34 56.56
CA GLY AB 39 23.76 11.36 56.58
C GLY AB 39 23.35 10.03 55.98
N ASP AB 40 22.12 9.61 56.26
CA ASP AB 40 21.60 8.35 55.74
C ASP AB 40 21.47 8.39 54.22
N ILE AB 41 20.97 9.50 53.70
CA ILE AB 41 20.81 9.68 52.26
C ILE AB 41 22.17 9.77 51.58
N ASP AB 42 23.09 10.52 52.18
CA ASP AB 42 24.44 10.66 51.65
C ASP AB 42 25.16 9.32 51.64
N LEU AB 43 24.86 8.49 52.64
CA LEU AB 43 25.42 7.14 52.71
C LEU AB 43 24.89 6.29 51.56
N CYS AB 44 23.61 6.45 51.27
CA CYS AB 44 22.96 5.71 50.19
C CYS AB 44 23.57 6.08 48.84
N LEU AB 45 23.81 7.37 48.65
CA LEU AB 45 24.44 7.87 47.42
C LEU AB 45 25.84 7.29 47.27
N ASP AB 46 26.55 7.18 48.39
CA ASP AB 46 27.90 6.62 48.40
C ASP AB 46 27.89 5.14 48.04
N LYS AB 47 26.78 4.46 48.32
CA LYS AB 47 26.64 3.06 47.98
C LYS AB 47 26.28 2.85 46.51
N MET AB 48 25.51 3.79 45.97
CA MET AB 48 25.11 3.73 44.56
C MET AB 48 26.31 3.82 43.63
N ILE AB 49 27.20 4.77 43.91
CA ILE AB 49 28.39 4.96 43.10
C ILE AB 49 29.34 3.78 43.26
N GLY AB 50 29.24 3.09 44.40
CA GLY AB 50 30.04 1.91 44.65
C GLY AB 50 29.64 0.76 43.76
N VAL AB 51 28.34 0.52 43.66
CA VAL AB 51 27.81 -0.54 42.79
C VAL AB 51 27.98 -0.12 41.34
N ARG AB 52 27.90 1.18 41.09
CA ARG AB 52 28.19 1.74 39.77
C ARG AB 52 29.62 1.38 39.36
N ALA AB 53 30.53 1.42 40.32
CA ALA AB 53 31.91 1.03 40.09
C ALA AB 53 32.02 -0.47 39.86
N ALA AB 54 31.17 -1.24 40.51
CA ALA AB 54 31.14 -2.68 40.33
C ALA AB 54 30.64 -3.04 38.93
N GLN AB 55 29.68 -2.25 38.43
CA GLN AB 55 29.11 -2.48 37.11
C GLN AB 55 30.12 -2.28 35.99
N ILE AB 56 30.83 -1.16 36.03
CA ILE AB 56 31.80 -0.82 35.01
C ILE AB 56 33.00 -1.78 35.10
N PHE AB 57 33.25 -2.30 36.30
CA PHE AB 57 34.29 -3.30 36.51
C PHE AB 57 33.98 -4.58 35.74
N LEU AB 58 32.73 -5.04 35.84
CA LEU AB 58 32.29 -6.25 35.14
C LEU AB 58 32.19 -6.01 33.64
N GLY AB 59 32.20 -4.75 33.24
CA GLY AB 59 32.13 -4.39 31.83
C GLY AB 59 31.26 -3.17 31.60
N ASP AB 60 31.72 -2.28 30.71
CA ASP AB 60 30.97 -1.07 30.39
C ASP AB 60 29.75 -1.42 29.55
N ASP AB 61 28.58 -1.40 30.17
CA ASP AB 61 27.34 -1.75 29.49
C ASP AB 61 26.55 -0.51 29.06
N THR AB 62 27.19 0.65 29.15
CA THR AB 62 26.58 1.88 28.66
C THR AB 62 26.62 1.93 27.14
N GLU AB 63 27.53 1.17 26.55
CA GLU AB 63 27.66 1.08 25.10
C GLU AB 63 26.54 0.22 24.50
N ASP AB 64 26.47 0.22 23.17
CA ASP AB 64 25.44 -0.56 22.47
C ASP AB 64 25.78 -2.05 22.47
N GLY AB 65 24.75 -2.88 22.59
CA GLY AB 65 24.93 -4.32 22.61
C GLY AB 65 25.50 -4.83 23.91
N PHE AB 66 24.96 -4.34 25.02
CA PHE AB 66 25.40 -4.74 26.35
C PHE AB 66 25.18 -6.23 26.60
N LYS AB 67 26.23 -7.02 26.39
CA LYS AB 67 26.15 -8.46 26.60
C LYS AB 67 25.99 -8.81 28.07
N GLY AB 68 26.32 -7.86 28.94
CA GLY AB 68 26.17 -8.04 30.37
C GLY AB 68 27.45 -8.48 31.06
N PRO AB 69 27.35 -8.92 32.33
CA PRO AB 69 26.08 -8.96 33.06
C PRO AB 69 25.72 -7.63 33.70
N HIS AB 70 24.43 -7.43 33.98
CA HIS AB 70 23.96 -6.20 34.59
C HIS AB 70 23.86 -6.33 36.11
N ILE AB 71 24.41 -5.36 36.82
CA ILE AB 71 24.35 -5.35 38.28
C ILE AB 71 23.91 -3.96 38.75
N ARG AB 72 22.70 -3.90 39.31
CA ARG AB 72 22.09 -2.62 39.68
C ARG AB 72 21.56 -2.66 41.12
N ILE AB 73 21.59 -1.52 41.79
CA ILE AB 73 21.05 -1.41 43.13
C ILE AB 73 19.53 -1.41 43.11
N ARG AB 74 18.92 -2.17 44.01
CA ARG AB 74 17.48 -2.20 44.16
C ARG AB 74 17.04 -1.41 45.38
N CYS AB 75 17.77 -1.58 46.48
CA CYS AB 75 17.42 -0.94 47.74
C CYS AB 75 18.56 -0.93 48.75
N VAL AB 76 18.48 -0.01 49.72
CA VAL AB 76 19.46 0.06 50.79
C VAL AB 76 18.75 0.13 52.14
N ASP AB 77 18.93 -0.90 52.96
CA ASP AB 77 18.27 -0.98 54.25
C ASP AB 77 19.25 -0.65 55.38
N ILE AB 78 18.90 0.31 56.22
CA ILE AB 78 19.78 0.76 57.28
C ILE AB 78 19.32 0.27 58.66
N ASP AB 79 20.22 -0.43 59.35
CA ASP AB 79 19.98 -0.84 60.73
C ASP AB 79 20.49 0.26 61.67
N ASP AB 80 19.59 0.79 62.48
CA ASP AB 80 19.89 1.97 63.28
C ASP AB 80 19.63 1.76 64.78
N LYS AB 81 19.40 0.51 65.16
CA LYS AB 81 19.04 0.19 66.55
C LYS AB 81 20.16 0.51 67.54
N HIS AB 82 21.27 -0.23 67.45
CA HIS AB 82 22.37 -0.07 68.38
C HIS AB 82 23.64 0.40 67.68
N THR AB 83 24.02 -0.32 66.63
CA THR AB 83 25.19 0.05 65.84
C THR AB 83 24.79 0.35 64.41
N TYR AB 84 25.45 1.32 63.79
CA TYR AB 84 25.13 1.74 62.44
C TYR AB 84 25.48 0.66 61.40
N ASN AB 85 24.45 0.06 60.80
CA ASN AB 85 24.65 -0.99 59.82
C ASN AB 85 23.76 -0.79 58.59
N ALA AB 86 24.26 -1.21 57.43
CA ALA AB 86 23.51 -1.06 56.18
C ALA AB 86 23.52 -2.35 55.36
N MET AB 87 22.34 -2.77 54.92
CA MET AB 87 22.20 -3.94 54.07
C MET AB 87 21.75 -3.55 52.66
N VAL AB 88 22.61 -3.78 51.68
CA VAL AB 88 22.34 -3.38 50.30
C VAL AB 88 21.70 -4.51 49.49
N TYR AB 89 20.69 -4.16 48.71
CA TYR AB 89 20.00 -5.13 47.86
C TYR AB 89 20.36 -4.92 46.40
N VAL AB 90 20.94 -5.94 45.79
CA VAL AB 90 21.47 -5.85 44.43
C VAL AB 90 20.90 -6.95 43.53
N ASP AB 91 20.57 -6.61 42.29
CA ASP AB 91 20.12 -7.60 41.32
C ASP AB 91 21.15 -7.84 40.23
N LEU AB 92 21.51 -9.11 40.03
CA LEU AB 92 22.45 -9.49 38.98
C LEU AB 92 21.70 -10.11 37.80
N ILE AB 93 21.75 -9.45 36.66
CA ILE AB 93 21.05 -9.92 35.48
C ILE AB 93 22.02 -10.46 34.43
N VAL AB 94 21.74 -11.67 33.93
CA VAL AB 94 22.59 -12.31 32.94
C VAL AB 94 21.77 -13.07 31.90
N GLU AB 100 25.92 -21.84 32.02
CA GLU AB 100 25.74 -21.91 33.46
C GLU AB 100 27.05 -21.62 34.20
N VAL AB 101 28.17 -22.04 33.59
CA VAL AB 101 29.48 -21.81 34.18
C VAL AB 101 29.84 -20.33 34.18
N GLU AB 102 29.54 -19.65 33.09
CA GLU AB 102 29.80 -18.22 32.98
C GLU AB 102 28.91 -17.43 33.95
N ARG AB 103 27.71 -17.94 34.19
CA ARG AB 103 26.79 -17.31 35.14
C ARG AB 103 27.34 -17.39 36.55
N GLU AB 104 27.92 -18.53 36.90
CA GLU AB 104 28.55 -18.71 38.20
C GLU AB 104 29.80 -17.84 38.32
N THR AB 105 30.52 -17.72 37.20
CA THR AB 105 31.72 -16.87 37.16
C THR AB 105 31.34 -15.41 37.32
N ALA AB 106 30.25 -15.00 36.66
CA ALA AB 106 29.76 -13.63 36.75
C ALA AB 106 29.29 -13.32 38.18
N GLU AB 107 28.62 -14.28 38.80
CA GLU AB 107 28.15 -14.13 40.17
C GLU AB 107 29.31 -13.99 41.15
N GLU AB 108 30.37 -14.75 40.90
CA GLU AB 108 31.56 -14.72 41.75
C GLU AB 108 32.29 -13.38 41.65
N GLU AB 109 32.49 -12.92 40.42
CA GLU AB 109 33.17 -11.65 40.19
C GLU AB 109 32.37 -10.49 40.75
N ALA AB 110 31.06 -10.53 40.57
CA ALA AB 110 30.18 -9.47 41.07
C ALA AB 110 30.18 -9.44 42.59
N LYS AB 111 30.19 -10.62 43.21
CA LYS AB 111 30.20 -10.74 44.66
C LYS AB 111 31.48 -10.15 45.25
N LEU AB 112 32.62 -10.51 44.67
CA LEU AB 112 33.91 -10.02 45.12
C LEU AB 112 34.05 -8.52 44.90
N ALA AB 113 33.53 -8.03 43.78
CA ALA AB 113 33.59 -6.61 43.46
C ALA AB 113 32.75 -5.79 44.44
N LEU AB 114 31.59 -6.32 44.81
CA LEU AB 114 30.70 -5.62 45.72
C LEU AB 114 31.29 -5.55 47.12
N ARG AB 115 32.04 -6.57 47.51
CA ARG AB 115 32.68 -6.60 48.83
C ARG AB 115 33.70 -5.47 48.96
N VAL AB 116 34.46 -5.23 47.91
CA VAL AB 116 35.47 -4.17 47.91
C VAL AB 116 34.82 -2.80 47.76
N ALA AB 117 33.85 -2.70 46.87
CA ALA AB 117 33.20 -1.43 46.56
C ALA AB 117 32.35 -0.91 47.72
N LEU AB 118 31.60 -1.81 48.35
CA LEU AB 118 30.68 -1.42 49.41
C LEU AB 118 31.30 -1.53 50.80
N GLN AB 119 32.57 -1.94 50.84
CA GLN AB 119 33.30 -2.11 52.10
C GLN AB 119 32.57 -3.02 53.07
N VAL AB 120 32.29 -4.24 52.63
CA VAL AB 120 31.54 -5.22 53.42
C VAL AB 120 32.33 -5.67 54.65
N ASP AB 121 31.64 -5.72 55.79
CA ASP AB 121 32.20 -6.16 57.06
C ASP AB 121 33.30 -5.23 57.57
N ILE AB 122 33.35 -4.03 57.01
CA ILE AB 122 34.31 -3.03 57.44
C ILE AB 122 33.60 -1.70 57.70
N ALA AB 123 34.23 -0.84 58.50
CA ALA AB 123 33.66 0.46 58.82
C ALA AB 123 33.71 1.39 57.60
N ASP AB 124 32.54 1.86 57.18
CA ASP AB 124 32.44 2.74 56.03
C ASP AB 124 32.88 4.16 56.37
N GLU AB 125 32.79 5.06 55.39
CA GLU AB 125 33.17 6.45 55.59
C GLU AB 125 32.21 7.13 56.56
N HIS AB 126 31.00 6.59 56.67
CA HIS AB 126 30.00 7.12 57.60
C HIS AB 126 29.98 6.29 58.88
N SER AB 127 31.11 5.65 59.17
CA SER AB 127 31.25 4.77 60.33
C SER AB 127 30.17 3.68 60.33
N CYS AB 128 30.02 3.01 59.20
CA CYS AB 128 28.98 1.99 59.05
C CYS AB 128 29.55 0.65 58.63
N VAL AB 129 29.00 -0.42 59.20
CA VAL AB 129 29.36 -1.77 58.81
C VAL AB 129 28.37 -2.27 57.77
N THR AB 130 28.83 -2.42 56.54
CA THR AB 130 27.94 -2.75 55.43
C THR AB 130 27.93 -4.23 55.08
N GLN AB 131 26.81 -4.66 54.51
CA GLN AB 131 26.65 -6.03 54.02
C GLN AB 131 25.71 -5.98 52.82
N PHE AB 132 25.73 -7.03 52.00
CA PHE AB 132 24.91 -7.02 50.79
C PHE AB 132 24.24 -8.36 50.52
N GLU AB 133 23.09 -8.30 49.84
CA GLU AB 133 22.38 -9.48 49.39
C GLU AB 133 22.03 -9.33 47.92
N MET AB 134 22.29 -10.34 47.12
CA MET AB 134 22.07 -10.25 45.68
C MET AB 134 21.22 -11.38 45.14
N LYS AB 135 20.40 -11.07 44.13
CA LYS AB 135 19.55 -12.06 43.49
C LYS AB 135 19.93 -12.22 42.03
N LEU AB 136 19.78 -13.44 41.51
CA LEU AB 136 20.14 -13.73 40.13
C LEU AB 136 18.91 -13.80 39.23
N ARG AB 137 18.93 -13.04 38.14
CA ARG AB 137 17.83 -13.04 37.17
C ARG AB 137 18.37 -13.22 35.76
N GLU AB 138 17.58 -13.88 34.91
CA GLU AB 138 17.98 -14.14 33.54
C GLU AB 138 16.92 -13.65 32.56
N GLU AB 139 17.32 -12.74 31.69
CA GLU AB 139 16.43 -12.19 30.68
C GLU AB 139 17.20 -11.75 29.44
N LEU AB 140 16.53 -11.69 28.31
CA LEU AB 140 17.16 -11.27 27.07
C LEU AB 140 17.53 -9.78 27.11
N LEU AB 141 18.81 -9.49 26.94
CA LEU AB 141 19.29 -8.11 26.95
C LEU AB 141 18.82 -7.37 25.71
N SER AB 142 18.60 -8.11 24.63
CA SER AB 142 18.17 -7.54 23.36
C SER AB 142 16.66 -7.40 23.28
N SER AB 143 15.96 -7.85 24.32
CA SER AB 143 14.51 -7.77 24.37
C SER AB 143 14.04 -6.32 24.49
N ASP AB 144 12.95 -6.00 23.82
CA ASP AB 144 12.40 -4.64 23.86
C ASP AB 144 11.83 -4.32 25.24
N SER AB 145 11.16 -5.28 25.83
CA SER AB 145 10.57 -5.10 27.16
C SER AB 145 11.57 -5.45 28.26
N PHE AB 146 12.70 -4.75 28.28
CA PHE AB 146 13.73 -5.00 29.29
C PHE AB 146 14.51 -3.73 29.65
N HIS AB 147 14.78 -3.58 30.93
CA HIS AB 147 15.61 -2.49 31.43
C HIS AB 147 16.24 -2.89 32.75
N PRO AB 148 17.51 -2.51 32.96
CA PRO AB 148 18.26 -2.75 34.21
C PRO AB 148 17.46 -2.40 35.46
N ASP AB 149 16.65 -1.36 35.40
CA ASP AB 149 15.85 -0.93 36.54
C ASP AB 149 14.36 -0.94 36.23
N LYS AB 150 13.85 -2.09 35.82
CA LYS AB 150 12.43 -2.23 35.49
C LYS AB 150 11.54 -2.01 36.71
N ASP AB 151 10.26 -1.76 36.46
CA ASP AB 151 9.29 -1.50 37.52
C ASP AB 151 9.13 -2.69 38.45
N GLU AB 152 8.88 -3.85 37.87
CA GLU AB 152 8.62 -5.07 38.63
C GLU AB 152 9.80 -5.48 39.51
N TYR AB 153 10.98 -4.97 39.19
CA TYR AB 153 12.19 -5.32 39.93
C TYR AB 153 12.19 -4.71 41.33
N TYR AB 154 11.43 -3.63 41.50
CA TYR AB 154 11.41 -2.91 42.77
C TYR AB 154 10.17 -3.25 43.60
N LYS AB 155 9.47 -4.31 43.21
CA LYS AB 155 8.22 -4.68 43.86
C LYS AB 155 8.41 -5.06 45.33
N ASP AB 156 9.59 -5.57 45.67
CA ASP AB 156 9.86 -6.01 47.03
C ASP AB 156 9.99 -4.86 48.01
N PHE AB 157 10.41 -3.69 47.51
CA PHE AB 157 10.72 -2.57 48.39
C PHE AB 157 9.73 -1.41 48.26
N LEU AB 158 8.77 -1.54 47.36
CA LEU AB 158 7.74 -0.51 47.18
C LEU AB 158 6.34 -1.10 47.33
N SER BB 3 9.42 26.27 41.57
CA SER BB 3 8.23 26.41 40.73
C SER BB 3 7.60 25.04 40.43
N VAL BB 4 8.45 24.05 40.19
CA VAL BB 4 7.98 22.70 39.92
C VAL BB 4 8.55 21.72 40.94
N ASN BB 5 7.68 20.85 41.46
CA ASN BB 5 8.09 19.88 42.46
C ASN BB 5 7.81 18.45 42.01
N THR BB 6 8.80 17.83 41.39
CA THR BB 6 8.69 16.44 40.97
C THR BB 6 9.09 15.50 42.09
N SER BB 7 8.63 14.25 42.01
CA SER BB 7 8.93 13.25 43.02
C SER BB 7 8.65 11.84 42.50
N PHE BB 8 9.48 10.88 42.89
CA PHE BB 8 9.33 9.52 42.41
C PHE BB 8 8.67 8.62 43.45
N LEU BB 9 7.41 8.26 43.19
CA LEU BB 9 6.72 7.28 44.02
C LEU BB 9 7.21 5.89 43.65
N SER BB 10 7.57 5.74 42.38
CA SER BB 10 8.07 4.48 41.83
C SER BB 10 8.98 4.82 40.65
N PRO BB 11 9.76 3.83 40.17
CA PRO BB 11 10.59 4.09 38.98
C PRO BB 11 9.77 4.54 37.78
N SER BB 12 8.57 3.98 37.63
CA SER BB 12 7.71 4.33 36.50
C SER BB 12 6.57 5.25 36.91
N LEU BB 13 6.64 5.80 38.12
CA LEU BB 13 5.58 6.67 38.62
C LEU BB 13 6.13 8.00 39.14
N VAL BB 14 5.74 9.09 38.48
CA VAL BB 14 6.21 10.43 38.86
C VAL BB 14 5.05 11.41 39.00
N THR BB 15 5.04 12.16 40.10
CA THR BB 15 4.03 13.19 40.31
C THR BB 15 4.65 14.57 40.10
N ILE BB 16 4.06 15.36 39.21
CA ILE BB 16 4.57 16.67 38.88
C ILE BB 16 3.58 17.77 39.24
N ARG BB 17 3.99 18.66 40.15
CA ARG BB 17 3.17 19.79 40.55
C ARG BB 17 3.73 21.09 40.01
N ASP BB 18 2.90 21.83 39.28
CA ASP BB 18 3.31 23.12 38.73
C ASP BB 18 2.60 24.24 39.47
N PHE BB 19 3.35 24.92 40.34
CA PHE BB 19 2.78 25.98 41.17
C PHE BB 19 2.41 27.22 40.33
N ASP BB 20 3.28 27.56 39.38
CA ASP BB 20 3.07 28.74 38.56
C ASP BB 20 1.86 28.59 37.64
N ASN BB 21 1.74 27.43 37.02
CA ASN BB 21 0.62 27.16 36.10
C ASN BB 21 -0.59 26.58 36.83
N GLY BB 22 -0.42 26.23 38.09
CA GLY BB 22 -1.49 25.68 38.90
C GLY BB 22 -1.98 24.36 38.35
N GLN BB 23 -1.05 23.46 38.05
CA GLN BB 23 -1.39 22.16 37.47
C GLN BB 23 -0.75 21.01 38.24
N PHE BB 24 -1.36 19.83 38.13
CA PHE BB 24 -0.81 18.62 38.71
C PHE BB 24 -0.99 17.48 37.71
N ALA BB 25 0.13 16.85 37.34
CA ALA BB 25 0.11 15.76 36.39
C ALA BB 25 0.84 14.54 36.92
N VAL BB 26 0.29 13.36 36.68
CA VAL BB 26 0.93 12.11 37.07
C VAL BB 26 1.65 11.50 35.87
N LEU BB 27 2.96 11.32 35.99
CA LEU BB 27 3.75 10.73 34.93
C LEU BB 27 3.93 9.23 35.15
N ARG BB 28 3.40 8.43 34.23
CA ARG BB 28 3.43 6.99 34.36
C ARG BB 28 3.80 6.28 33.06
N ILE BB 29 4.76 5.37 33.14
CA ILE BB 29 5.13 4.52 32.01
C ILE BB 29 4.61 3.12 32.26
N GLY BB 30 3.32 2.91 32.01
CA GLY BB 30 2.65 1.67 32.34
C GLY BB 30 2.97 0.48 31.46
N ARG BB 31 2.98 0.71 30.15
CA ARG BB 31 3.17 -0.36 29.16
C ARG BB 31 4.43 -1.18 29.39
N THR BB 32 5.52 -0.51 29.73
CA THR BB 32 6.80 -1.18 29.88
C THR BB 32 7.29 -1.23 31.33
N GLY BB 33 7.03 -0.16 32.06
CA GLY BB 33 7.49 -0.06 33.44
C GLY BB 33 8.92 0.46 33.51
N PHE BB 34 9.37 1.08 32.42
CA PHE BB 34 10.70 1.68 32.38
C PHE BB 34 10.78 2.90 33.30
N PRO BB 35 11.98 3.21 33.79
CA PRO BB 35 12.16 4.39 34.65
C PRO BB 35 12.07 5.68 33.84
N ALA BB 36 11.34 6.66 34.37
CA ALA BB 36 11.18 7.94 33.70
C ALA BB 36 12.50 8.70 33.69
N ASP BB 37 13.02 8.96 32.49
CA ASP BB 37 14.27 9.70 32.35
C ASP BB 37 14.00 11.19 32.28
N LYS BB 38 15.06 11.97 32.12
CA LYS BB 38 14.94 13.42 32.03
C LYS BB 38 14.11 13.82 30.81
N GLY BB 39 14.25 13.06 29.73
CA GLY BB 39 13.50 13.30 28.51
C GLY BB 39 12.00 13.07 28.70
N ASP BB 40 11.67 12.04 29.46
CA ASP BB 40 10.27 11.70 29.72
C ASP BB 40 9.57 12.81 30.51
N ILE BB 41 10.26 13.33 31.53
CA ILE BB 41 9.71 14.40 32.34
C ILE BB 41 9.57 15.69 31.54
N ASP BB 42 10.60 16.01 30.75
CA ASP BB 42 10.58 17.19 29.91
C ASP BB 42 9.45 17.13 28.88
N LEU BB 43 9.16 15.93 28.39
CA LEU BB 43 8.06 15.72 27.47
C LEU BB 43 6.73 15.95 28.18
N CYS BB 44 6.64 15.48 29.42
CA CYS BB 44 5.42 15.64 30.21
C CYS BB 44 5.11 17.10 30.49
N LEU BB 45 6.15 17.87 30.84
CA LEU BB 45 6.01 19.30 31.08
C LEU BB 45 5.51 20.03 29.83
N ASP BB 46 6.02 19.60 28.67
CA ASP BB 46 5.63 20.19 27.40
C ASP BB 46 4.16 19.94 27.07
N LYS BB 47 3.62 18.85 27.61
CA LYS BB 47 2.21 18.52 27.39
C LYS BB 47 1.31 19.33 28.32
N MET BB 48 1.79 19.59 29.53
CA MET BB 48 1.04 20.37 30.50
C MET BB 48 0.82 21.80 30.02
N ILE BB 49 1.89 22.43 29.53
CA ILE BB 49 1.83 23.80 29.04
C ILE BB 49 0.99 23.86 27.76
N GLY BB 50 0.93 22.74 27.05
CA GLY BB 50 0.13 22.65 25.85
C GLY BB 50 -1.36 22.67 26.18
N VAL BB 51 -1.75 21.88 27.18
CA VAL BB 51 -3.12 21.84 27.62
C VAL BB 51 -3.48 23.12 28.36
N ARG BB 52 -2.50 23.71 29.03
CA ARG BB 52 -2.66 25.02 29.65
C ARG BB 52 -3.05 26.04 28.58
N ALA BB 53 -2.44 25.91 27.41
CA ALA BB 53 -2.76 26.75 26.26
C ALA BB 53 -4.16 26.42 25.73
N ALA BB 54 -4.55 25.15 25.82
CA ALA BB 54 -5.87 24.73 25.38
C ALA BB 54 -6.96 25.32 26.28
N GLN BB 55 -6.67 25.42 27.57
CA GLN BB 55 -7.63 25.95 28.54
C GLN BB 55 -7.92 27.43 28.29
N ILE BB 56 -6.87 28.22 28.14
CA ILE BB 56 -7.00 29.65 27.94
C ILE BB 56 -7.61 29.92 26.57
N PHE BB 57 -7.38 29.01 25.63
CA PHE BB 57 -7.99 29.09 24.31
C PHE BB 57 -9.51 28.99 24.42
N LEU BB 58 -9.97 28.03 25.20
CA LEU BB 58 -11.41 27.81 25.42
C LEU BB 58 -12.00 28.93 26.27
N GLY BB 59 -11.13 29.71 26.91
CA GLY BB 59 -11.55 30.82 27.75
C GLY BB 59 -10.70 30.95 28.99
N ASP BB 60 -10.37 32.18 29.35
CA ASP BB 60 -9.55 32.44 30.52
C ASP BB 60 -10.36 32.23 31.79
N ASP BB 61 -10.12 31.12 32.48
CA ASP BB 61 -10.85 30.78 33.69
C ASP BB 61 -10.05 31.12 34.93
N THR BB 62 -8.96 31.85 34.75
CA THR BB 62 -8.16 32.33 35.87
C THR BB 62 -8.87 33.51 36.54
N GLU BB 63 -9.74 34.18 35.79
CA GLU BB 63 -10.51 35.31 36.31
C GLU BB 63 -11.64 34.83 37.21
N ASP BB 64 -12.29 35.78 37.88
CA ASP BB 64 -13.41 35.46 38.76
C ASP BB 64 -14.66 35.12 37.97
N GLY BB 65 -15.43 34.16 38.48
CA GLY BB 65 -16.66 33.75 37.81
C GLY BB 65 -16.39 32.93 36.56
N PHE BB 66 -15.48 31.95 36.69
CA PHE BB 66 -15.11 31.07 35.58
C PHE BB 66 -16.30 30.26 35.07
N LYS BB 67 -16.95 30.76 34.02
CA LYS BB 67 -18.11 30.08 33.44
C LYS BB 67 -17.72 28.76 32.77
N GLY BB 68 -16.43 28.60 32.48
CA GLY BB 68 -15.94 27.38 31.89
C GLY BB 68 -15.82 27.45 30.38
N PRO BB 69 -15.61 26.29 29.74
CA PRO BB 69 -15.46 24.99 30.40
C PRO BB 69 -14.03 24.74 30.88
N HIS BB 70 -13.87 23.86 31.86
CA HIS BB 70 -12.54 23.55 32.39
C HIS BB 70 -11.95 22.32 31.71
N ILE BB 71 -10.70 22.45 31.27
CA ILE BB 71 -9.99 21.35 30.64
C ILE BB 71 -8.59 21.24 31.24
N ARG BB 72 -8.35 20.16 31.99
CA ARG BB 72 -7.12 20.00 32.74
C ARG BB 72 -6.49 18.64 32.50
N ILE BB 73 -5.16 18.57 32.56
CA ILE BB 73 -4.45 17.31 32.44
C ILE BB 73 -4.60 16.48 33.71
N ARG BB 74 -4.87 15.19 33.54
CA ARG BB 74 -4.96 14.27 34.66
C ARG BB 74 -3.70 13.41 34.75
N CYS BB 75 -3.24 12.92 33.60
CA CYS BB 75 -2.10 12.01 33.55
C CYS BB 75 -1.52 11.91 32.15
N VAL BB 76 -0.27 11.46 32.07
CA VAL BB 76 0.40 11.24 30.80
C VAL BB 76 1.03 9.85 30.76
N ASP BB 77 0.52 8.99 29.88
CA ASP BB 77 0.99 7.61 29.78
C ASP BB 77 1.93 7.45 28.59
N ILE BB 78 3.12 6.94 28.85
CA ILE BB 78 4.14 6.79 27.82
C ILE BB 78 4.33 5.35 27.38
N ASP BB 79 4.19 5.11 26.08
CA ASP BB 79 4.51 3.81 25.49
C ASP BB 79 5.97 3.81 25.09
N ASP BB 80 6.74 2.89 25.65
CA ASP BB 80 8.19 2.91 25.50
C ASP BB 80 8.74 1.58 24.96
N LYS BB 81 7.84 0.71 24.53
CA LYS BB 81 8.23 -0.63 24.09
C LYS BB 81 9.11 -0.61 22.85
N HIS BB 82 8.55 -0.18 21.73
CA HIS BB 82 9.26 -0.20 20.46
C HIS BB 82 9.44 1.21 19.90
N THR BB 83 8.33 1.95 19.82
CA THR BB 83 8.37 3.31 19.33
C THR BB 83 7.90 4.28 20.41
N TYR BB 84 8.51 5.46 20.43
CA TYR BB 84 8.21 6.46 21.44
C TYR BB 84 6.79 7.02 21.26
N ASN BB 85 5.90 6.69 22.18
CA ASN BB 85 4.51 7.12 22.10
C ASN BB 85 3.99 7.62 23.45
N ALA BB 86 3.10 8.61 23.42
CA ALA BB 86 2.54 9.16 24.64
C ALA BB 86 1.02 9.31 24.58
N MET BB 87 0.34 8.82 25.60
CA MET BB 87 -1.10 8.96 25.72
C MET BB 87 -1.45 9.89 26.88
N VAL BB 88 -2.03 11.05 26.55
CA VAL BB 88 -2.36 12.05 27.55
C VAL BB 88 -3.80 11.88 28.04
N TYR BB 89 -3.99 11.98 29.34
CA TYR BB 89 -5.33 11.86 29.93
C TYR BB 89 -5.82 13.21 30.39
N VAL BB 90 -6.94 13.64 29.80
CA VAL BB 90 -7.47 14.98 30.03
C VAL BB 90 -8.93 14.92 30.48
N ASP BB 91 -9.29 15.76 31.45
CA ASP BB 91 -10.68 15.85 31.90
C ASP BB 91 -11.31 17.18 31.47
N LEU BB 92 -12.46 17.10 30.82
CA LEU BB 92 -13.19 18.29 30.41
C LEU BB 92 -14.36 18.51 31.37
N ILE BB 93 -14.31 19.62 32.11
CA ILE BB 93 -15.33 19.92 33.11
C ILE BB 93 -16.23 21.07 32.66
N VAL BB 94 -17.54 20.86 32.76
CA VAL BB 94 -18.51 21.87 32.35
C VAL BB 94 -19.71 21.90 33.29
N GLU BB 100 -27.40 21.27 25.83
CA GLU BB 100 -26.80 20.12 25.17
C GLU BB 100 -25.97 20.54 23.97
N VAL BB 101 -26.41 21.58 23.28
CA VAL BB 101 -25.70 22.10 22.12
C VAL BB 101 -24.37 22.72 22.53
N GLU BB 102 -24.39 23.48 23.63
CA GLU BB 102 -23.18 24.08 24.16
C GLU BB 102 -22.21 23.02 24.69
N ARG BB 103 -22.77 21.92 25.21
CA ARG BB 103 -21.96 20.82 25.71
C ARG BB 103 -21.21 20.13 24.58
N GLU BB 104 -21.90 19.92 23.46
CA GLU BB 104 -21.29 19.31 22.28
C GLU BB 104 -20.26 20.25 21.66
N THR BB 105 -20.57 21.55 21.66
CA THR BB 105 -19.67 22.55 21.11
C THR BB 105 -18.39 22.68 21.93
N ALA BB 106 -18.51 22.65 23.25
CA ALA BB 106 -17.36 22.73 24.13
C ALA BB 106 -16.43 21.52 23.97
N GLU BB 107 -17.03 20.34 23.82
CA GLU BB 107 -16.28 19.11 23.62
C GLU BB 107 -15.51 19.15 22.29
N GLU BB 108 -16.16 19.70 21.28
CA GLU BB 108 -15.56 19.81 19.95
C GLU BB 108 -14.38 20.76 19.94
N GLU BB 109 -14.57 21.94 20.53
CA GLU BB 109 -13.52 22.94 20.60
C GLU BB 109 -12.32 22.44 21.40
N ALA BB 110 -12.61 21.77 22.52
CA ALA BB 110 -11.56 21.22 23.37
C ALA BB 110 -10.78 20.12 22.64
N LYS BB 111 -11.51 19.30 21.88
CA LYS BB 111 -10.88 18.22 21.12
C LYS BB 111 -9.95 18.77 20.05
N LEU BB 112 -10.43 19.76 19.30
CA LEU BB 112 -9.64 20.39 18.25
C LEU BB 112 -8.42 21.10 18.81
N ALA BB 113 -8.60 21.77 19.95
CA ALA BB 113 -7.52 22.50 20.59
C ALA BB 113 -6.42 21.57 21.09
N LEU BB 114 -6.82 20.43 21.65
CA LEU BB 114 -5.87 19.47 22.20
C LEU BB 114 -5.04 18.80 21.12
N ARG BB 115 -5.63 18.58 19.95
CA ARG BB 115 -4.92 17.97 18.84
C ARG BB 115 -3.77 18.84 18.36
N VAL BB 116 -3.99 20.15 18.33
CA VAL BB 116 -2.96 21.10 17.91
C VAL BB 116 -1.93 21.27 19.02
N ALA BB 117 -2.41 21.36 20.25
CA ALA BB 117 -1.55 21.61 21.40
C ALA BB 117 -0.64 20.42 21.71
N LEU BB 118 -1.19 19.21 21.63
CA LEU BB 118 -0.42 18.03 21.99
C LEU BB 118 0.22 17.37 20.77
N GLN BB 119 0.00 17.96 19.60
CA GLN BB 119 0.55 17.44 18.35
C GLN BB 119 0.18 15.97 18.12
N VAL BB 120 -1.11 15.69 18.10
CA VAL BB 120 -1.62 14.33 17.96
C VAL BB 120 -1.30 13.74 16.58
N ASP BB 121 -0.84 12.49 16.59
CA ASP BB 121 -0.52 11.73 15.37
C ASP BB 121 0.64 12.33 14.59
N ILE BB 122 1.40 13.20 15.24
CA ILE BB 122 2.58 13.78 14.61
C ILE BB 122 3.79 13.65 15.54
N ALA BB 123 4.99 13.72 14.96
CA ALA BB 123 6.21 13.61 15.74
C ALA BB 123 6.42 14.87 16.57
N ASP BB 124 6.50 14.71 17.89
CA ASP BB 124 6.70 15.85 18.78
C ASP BB 124 8.15 16.33 18.73
N GLU BB 125 8.46 17.34 19.54
CA GLU BB 125 9.81 17.87 19.62
C GLU BB 125 10.76 16.84 20.22
N HIS BB 126 10.20 15.90 20.98
CA HIS BB 126 10.99 14.85 21.59
C HIS BB 126 10.92 13.57 20.77
N SER BB 127 10.63 13.71 19.48
CA SER BB 127 10.44 12.58 18.57
C SER BB 127 9.39 11.61 19.10
N CYS BB 128 8.24 12.15 19.47
CA CYS BB 128 7.18 11.34 20.08
C CYS BB 128 5.86 11.44 19.32
N VAL BB 129 5.17 10.30 19.20
CA VAL BB 129 3.84 10.29 18.63
C VAL BB 129 2.80 10.34 19.75
N THR BB 130 2.09 11.47 19.84
CA THR BB 130 1.19 11.69 20.96
C THR BB 130 -0.27 11.43 20.60
N GLN BB 131 -1.06 11.07 21.62
CA GLN BB 131 -2.50 10.88 21.47
C GLN BB 131 -3.16 11.23 22.80
N PHE BB 132 -4.46 11.50 22.77
CA PHE BB 132 -5.15 11.91 23.99
C PHE BB 132 -6.52 11.27 24.14
N GLU BB 133 -6.96 11.12 25.38
CA GLU BB 133 -8.29 10.63 25.70
C GLU BB 133 -8.93 11.56 26.73
N MET BB 134 -10.19 11.93 26.51
CA MET BB 134 -10.84 12.89 27.39
C MET BB 134 -12.17 12.40 27.94
N LYS BB 135 -12.46 12.79 29.18
CA LYS BB 135 -13.70 12.43 29.83
C LYS BB 135 -14.53 13.68 30.16
N LEU BB 136 -15.85 13.54 30.12
CA LEU BB 136 -16.74 14.67 30.39
C LEU BB 136 -17.32 14.58 31.80
N ARG BB 137 -17.19 15.67 32.55
CA ARG BB 137 -17.71 15.72 33.92
C ARG BB 137 -18.58 16.96 34.11
N GLU BB 138 -19.61 16.83 34.95
CA GLU BB 138 -20.53 17.93 35.20
C GLU BB 138 -20.66 18.23 36.68
N GLU BB 139 -20.30 19.45 37.07
CA GLU BB 139 -20.39 19.89 38.46
C GLU BB 139 -20.61 21.39 38.54
N LEU BB 140 -21.16 21.85 39.66
CA LEU BB 140 -21.40 23.27 39.84
C LEU BB 140 -20.07 24.03 39.97
N LEU BB 141 -19.85 24.95 39.06
CA LEU BB 141 -18.63 25.75 39.05
C LEU BB 141 -18.58 26.73 40.21
N SER BB 142 -19.75 27.18 40.66
CA SER BB 142 -19.85 28.15 41.74
C SER BB 142 -19.85 27.47 43.10
N SER BB 143 -19.84 26.14 43.09
CA SER BB 143 -19.82 25.36 44.32
C SER BB 143 -18.51 25.52 45.07
N ASP BB 144 -18.58 25.56 46.39
CA ASP BB 144 -17.39 25.71 47.21
C ASP BB 144 -16.51 24.46 47.14
N SER BB 145 -17.15 23.29 47.14
CA SER BB 145 -16.43 22.03 47.08
C SER BB 145 -16.17 21.60 45.64
N PHE BB 146 -15.47 22.45 44.90
CA PHE BB 146 -15.14 22.15 43.50
C PHE BB 146 -13.80 22.77 43.09
N HIS BB 147 -13.02 22.00 42.35
CA HIS BB 147 -11.75 22.48 41.82
C HIS BB 147 -11.36 21.70 40.57
N PRO BB 148 -10.80 22.40 39.56
CA PRO BB 148 -10.29 21.81 38.33
C PRO BB 148 -9.42 20.57 38.57
N ASP BB 149 -8.65 20.58 39.65
CA ASP BB 149 -7.76 19.47 39.97
C ASP BB 149 -8.09 18.87 41.34
N LYS BB 150 -9.33 18.43 41.52
CA LYS BB 150 -9.75 17.83 42.77
C LYS BB 150 -9.01 16.52 43.04
N ASP BB 151 -9.05 16.07 44.28
CA ASP BB 151 -8.34 14.86 44.70
C ASP BB 151 -8.89 13.62 43.99
N GLU BB 152 -10.21 13.45 44.04
CA GLU BB 152 -10.87 12.27 43.48
C GLU BB 152 -10.66 12.11 41.98
N TYR BB 153 -10.28 13.20 41.31
CA TYR BB 153 -10.11 13.19 39.86
C TYR BB 153 -8.90 12.37 39.42
N TYR BB 154 -7.93 12.20 40.32
CA TYR BB 154 -6.69 11.50 39.99
C TYR BB 154 -6.71 10.06 40.53
N LYS BB 155 -7.88 9.60 40.95
CA LYS BB 155 -8.00 8.28 41.56
C LYS BB 155 -7.65 7.15 40.60
N ASP BB 156 -7.84 7.39 39.31
CA ASP BB 156 -7.60 6.38 38.29
C ASP BB 156 -6.11 6.12 38.07
N PHE BB 157 -5.29 7.13 38.35
CA PHE BB 157 -3.87 7.06 38.04
C PHE BB 157 -2.99 6.95 39.28
N LEU BB 158 -3.63 6.97 40.45
CA LEU BB 158 -2.90 6.84 41.71
C LEU BB 158 -3.45 5.69 42.55
N GLU CB 2 55.44 49.26 63.63
CA GLU CB 2 56.28 50.29 64.26
C GLU CB 2 55.71 50.70 65.61
N SER CB 3 54.58 50.13 65.97
CA SER CB 3 53.92 50.45 67.23
C SER CB 3 54.67 49.85 68.42
N VAL CB 4 55.13 48.61 68.24
CA VAL CB 4 55.88 47.92 69.28
C VAL CB 4 57.27 47.53 68.78
N ASN CB 5 58.29 47.79 69.58
CA ASN CB 5 59.67 47.49 69.19
C ASN CB 5 60.34 46.52 70.17
N THR CB 6 60.25 45.24 69.86
CA THR CB 6 60.90 44.20 70.67
C THR CB 6 62.34 43.95 70.20
N SER CB 7 63.14 43.36 71.07
CA SER CB 7 64.54 43.06 70.76
C SER CB 7 65.12 42.04 71.73
N PHE CB 8 65.97 41.16 71.20
CA PHE CB 8 66.58 40.09 72.00
C PHE CB 8 68.02 40.39 72.38
N LEU CB 9 68.25 40.72 73.65
CA LEU CB 9 69.61 40.86 74.16
C LEU CB 9 70.19 39.48 74.40
N SER CB 10 69.32 38.55 74.78
CA SER CB 10 69.69 37.18 75.06
C SER CB 10 68.48 36.28 74.81
N PRO CB 11 68.68 34.95 74.75
CA PRO CB 11 67.53 34.06 74.59
C PRO CB 11 66.49 34.22 75.70
N SER CB 12 66.96 34.49 76.92
CA SER CB 12 66.07 34.67 78.06
C SER CB 12 65.93 36.14 78.45
N LEU CB 13 66.44 37.04 77.60
CA LEU CB 13 66.36 38.47 77.89
C LEU CB 13 65.79 39.25 76.71
N VAL CB 14 64.64 39.87 76.93
CA VAL CB 14 63.96 40.61 75.87
C VAL CB 14 63.56 42.01 76.34
N THR CB 15 63.87 43.02 75.54
CA THR CB 15 63.46 44.39 75.84
C THR CB 15 62.31 44.81 74.94
N ILE CB 16 61.21 45.24 75.56
CA ILE CB 16 60.01 45.61 74.81
C ILE CB 16 59.66 47.09 75.02
N ARG CB 17 59.64 47.85 73.94
CA ARG CB 17 59.28 49.26 73.99
C ARG CB 17 57.92 49.53 73.36
N ASP CB 18 57.04 50.16 74.11
CA ASP CB 18 55.72 50.52 73.61
C ASP CB 18 55.63 52.03 73.40
N PHE CB 19 55.71 52.46 72.15
CA PHE CB 19 55.70 53.88 71.82
C PHE CB 19 54.33 54.52 72.02
N ASP CB 20 53.28 53.78 71.63
CA ASP CB 20 51.92 54.30 71.72
C ASP CB 20 51.47 54.48 73.16
N ASN CB 21 51.76 53.50 74.00
CA ASN CB 21 51.38 53.55 75.41
C ASN CB 21 52.44 54.22 76.27
N GLY CB 22 53.60 54.48 75.67
CA GLY CB 22 54.70 55.10 76.38
C GLY CB 22 55.22 54.23 77.52
N GLN CB 23 55.45 52.96 77.22
CA GLN CB 23 55.89 52.00 78.22
C GLN CB 23 57.15 51.25 77.80
N PHE CB 24 57.88 50.75 78.79
CA PHE CB 24 59.04 49.91 78.53
C PHE CB 24 59.04 48.76 79.53
N ALA CB 25 59.05 47.53 79.03
CA ALA CB 25 59.04 46.35 79.89
C ALA CB 25 60.14 45.38 79.47
N VAL CB 26 60.82 44.82 80.46
CA VAL CB 26 61.85 43.81 80.20
C VAL CB 26 61.30 42.41 80.45
N LEU CB 27 61.30 41.59 79.41
CA LEU CB 27 60.82 40.21 79.53
C LEU CB 27 62.00 39.27 79.78
N ARG CB 28 62.02 38.63 80.94
CA ARG CB 28 63.12 37.76 81.32
C ARG CB 28 62.67 36.46 81.95
N ILE CB 29 63.21 35.35 81.48
CA ILE CB 29 62.96 34.04 82.07
C ILE CB 29 64.20 33.62 82.84
N GLY CB 30 64.35 34.16 84.05
CA GLY CB 30 65.54 33.96 84.86
C GLY CB 30 65.66 32.60 85.51
N ARG CB 31 64.56 32.11 86.08
CA ARG CB 31 64.56 30.87 86.85
C ARG CB 31 65.09 29.67 86.07
N THR CB 32 64.72 29.58 84.79
CA THR CB 32 65.10 28.43 83.98
C THR CB 32 66.09 28.80 82.88
N GLY CB 33 65.93 30.00 82.32
CA GLY CB 33 66.78 30.45 81.23
C GLY CB 33 66.31 29.97 79.88
N PHE CB 34 65.05 29.57 79.81
CA PHE CB 34 64.46 29.14 78.55
C PHE CB 34 64.29 30.31 77.59
N PRO CB 35 64.28 30.03 76.27
CA PRO CB 35 64.10 31.11 75.29
C PRO CB 35 62.66 31.61 75.26
N ALA CB 36 62.50 32.94 75.26
CA ALA CB 36 61.17 33.55 75.25
C ALA CB 36 60.47 33.35 73.90
N ASP CB 37 59.34 32.66 73.94
CA ASP CB 37 58.56 32.41 72.72
C ASP CB 37 57.57 33.54 72.46
N LYS CB 38 56.80 33.40 71.38
CA LYS CB 38 55.80 34.40 71.02
C LYS CB 38 54.72 34.54 72.09
N GLY CB 39 54.38 33.42 72.72
CA GLY CB 39 53.39 33.40 73.78
C GLY CB 39 53.87 34.16 75.01
N ASP CB 40 55.15 34.04 75.30
CA ASP CB 40 55.75 34.73 76.44
C ASP CB 40 55.70 36.24 76.24
N ILE CB 41 55.99 36.68 75.02
CA ILE CB 41 55.97 38.10 74.69
C ILE CB 41 54.54 38.63 74.73
N ASP CB 42 53.61 37.87 74.18
CA ASP CB 42 52.20 38.25 74.18
C ASP CB 42 51.65 38.36 75.60
N LEU CB 43 52.14 37.50 76.49
CA LEU CB 43 51.76 37.55 77.90
C LEU CB 43 52.28 38.82 78.55
N CYS CB 44 53.51 39.19 78.19
CA CYS CB 44 54.13 40.40 78.73
C CYS CB 44 53.36 41.65 78.31
N LEU CB 45 52.96 41.70 77.04
CA LEU CB 45 52.18 42.81 76.53
C LEU CB 45 50.84 42.91 77.26
N ASP CB 46 50.25 41.76 77.55
CA ASP CB 46 48.98 41.70 78.27
C ASP CB 46 49.13 42.23 79.69
N LYS CB 47 50.33 42.11 80.24
CA LYS CB 47 50.62 42.60 81.58
C LYS CB 47 50.85 44.11 81.59
N MET CB 48 51.44 44.62 80.51
CA MET CB 48 51.71 46.05 80.40
C MET CB 48 50.42 46.86 80.38
N ILE CB 49 49.47 46.41 79.56
CA ILE CB 49 48.18 47.08 79.44
C ILE CB 49 47.38 46.94 80.73
N GLY CB 50 47.67 45.88 81.49
CA GLY CB 50 47.01 45.66 82.78
C GLY CB 50 47.41 46.70 83.80
N VAL CB 51 48.72 46.95 83.89
CA VAL CB 51 49.25 47.97 84.79
C VAL CB 51 48.90 49.36 84.26
N ARG CB 52 48.83 49.48 82.94
CA ARG CB 52 48.36 50.71 82.31
C ARG CB 52 46.94 51.03 82.79
N ALA CB 53 46.13 49.98 82.95
CA ALA CB 53 44.79 50.13 83.49
C ALA CB 53 44.84 50.50 84.97
N ALA CB 54 45.84 49.98 85.67
CA ALA CB 54 46.02 50.30 87.08
C ALA CB 54 46.41 51.77 87.26
N GLN CB 55 47.20 52.29 86.33
CA GLN CB 55 47.65 53.67 86.40
C GLN CB 55 46.50 54.66 86.25
N ILE CB 56 45.68 54.45 85.21
CA ILE CB 56 44.56 55.33 84.95
C ILE CB 56 43.49 55.18 86.03
N PHE CB 57 43.44 54.00 86.65
CA PHE CB 57 42.54 53.76 87.77
C PHE CB 57 42.90 54.65 88.94
N LEU CB 58 44.19 54.73 89.25
CA LEU CB 58 44.67 55.57 90.35
C LEU CB 58 44.58 57.05 89.96
N GLY CB 59 44.39 57.31 88.68
CA GLY CB 59 44.28 58.67 88.18
C GLY CB 59 44.98 58.85 86.85
N ASP CB 60 44.35 59.58 85.93
CA ASP CB 60 44.93 59.83 84.62
C ASP CB 60 46.09 60.83 84.74
N ASP CB 61 47.31 60.32 84.63
CA ASP CB 61 48.50 61.15 84.78
C ASP CB 61 49.08 61.53 83.43
N THR CB 62 48.32 61.28 82.36
CA THR CB 62 48.71 61.69 81.02
C THR CB 62 48.50 63.19 80.84
N GLU CB 63 47.64 63.77 81.67
CA GLU CB 63 47.37 65.20 81.62
C GLU CB 63 48.51 65.99 82.26
N ASP CB 64 48.45 67.32 82.12
CA ASP CB 64 49.47 68.20 82.68
C ASP CB 64 49.34 68.34 84.18
N GLY CB 65 50.47 68.43 84.87
CA GLY CB 65 50.48 68.57 86.31
C GLY CB 65 50.13 67.29 87.03
N PHE CB 66 50.72 66.18 86.58
CA PHE CB 66 50.47 64.87 87.17
C PHE CB 66 50.92 64.81 88.63
N LYS CB 67 49.97 65.01 89.54
CA LYS CB 67 50.27 64.98 90.97
C LYS CB 67 50.62 63.57 91.43
N GLY CB 68 50.25 62.57 90.63
CA GLY CB 68 50.55 61.19 90.93
C GLY CB 68 49.41 60.45 91.61
N PRO CB 69 49.70 59.25 92.15
CA PRO CB 69 51.02 58.62 92.10
C PRO CB 69 51.27 57.87 90.79
N HIS CB 70 52.54 57.67 90.45
CA HIS CB 70 52.92 56.96 89.24
C HIS CB 70 53.17 55.48 89.50
N ILE CB 71 52.59 54.62 88.67
CA ILE CB 71 52.78 53.18 88.79
C ILE CB 71 53.10 52.57 87.41
N ARG CB 72 54.34 52.10 87.26
CA ARG CB 72 54.83 51.63 85.97
C ARG CB 72 55.49 50.25 86.07
N ILE CB 73 55.38 49.47 85.02
CA ILE CB 73 56.05 48.17 84.94
C ILE CB 73 57.54 48.33 84.70
N ARG CB 74 58.35 47.58 85.44
CA ARG CB 74 59.79 47.58 85.25
C ARG CB 74 60.25 46.32 84.53
N CYS CB 75 59.69 45.18 84.92
CA CYS CB 75 60.10 43.89 84.36
C CYS CB 75 59.08 42.79 84.61
N VAL CB 76 59.14 41.73 83.82
CA VAL CB 76 58.27 40.57 83.99
C VAL CB 76 59.10 39.29 83.98
N ASP CB 77 59.12 38.60 85.11
CA ASP CB 77 59.91 37.37 85.25
C ASP CB 77 59.00 36.15 85.17
N ILE CB 78 59.33 35.23 84.25
CA ILE CB 78 58.51 34.06 84.03
C ILE CB 78 59.13 32.78 84.59
N ASP CB 79 58.39 32.09 85.45
CA ASP CB 79 58.80 30.79 85.95
C ASP CB 79 58.28 29.71 85.01
N ASP CB 80 59.19 28.92 84.45
CA ASP CB 80 58.84 27.97 83.40
C ASP CB 80 59.29 26.55 83.75
N LYS CB 81 59.69 26.34 85.00
CA LYS CB 81 60.23 25.06 85.44
C LYS CB 81 59.20 23.94 85.35
N HIS CB 82 58.15 24.02 86.17
CA HIS CB 82 57.14 22.97 86.23
C HIS CB 82 55.78 23.49 85.80
N THR CB 83 55.34 24.59 86.41
CA THR CB 83 54.07 25.21 86.07
C THR CB 83 54.29 26.62 85.56
N TYR CB 84 53.48 27.05 84.61
CA TYR CB 84 53.62 28.37 84.01
C TYR CB 84 53.28 29.47 85.03
N ASN CB 85 54.29 30.21 85.45
CA ASN CB 85 54.12 31.27 86.43
C ASN CB 85 54.86 32.54 86.02
N ALA CB 86 54.31 33.69 86.38
CA ALA CB 86 54.91 34.97 86.03
C ALA CB 86 54.98 35.92 87.22
N MET CB 87 56.16 36.49 87.44
CA MET CB 87 56.36 37.48 88.50
C MET CB 87 56.62 38.86 87.90
N VAL CB 88 55.69 39.78 88.12
CA VAL CB 88 55.79 41.12 87.56
C VAL CB 88 56.46 42.09 88.52
N TYR CB 89 57.36 42.91 88.01
CA TYR CB 89 58.03 43.92 88.83
C TYR CB 89 57.51 45.31 88.48
N VAL CB 90 56.94 45.98 89.46
CA VAL CB 90 56.29 47.27 89.25
C VAL CB 90 56.83 48.31 90.23
N ASP CB 91 57.04 49.53 89.75
CA ASP CB 91 57.48 50.61 90.62
C ASP CB 91 56.38 51.65 90.83
N LEU CB 92 56.07 51.92 92.10
CA LEU CB 92 55.08 52.92 92.45
C LEU CB 92 55.76 54.20 92.93
N ILE CB 93 55.58 55.29 92.19
CA ILE CB 93 56.20 56.56 92.53
C ILE CB 93 55.18 57.56 93.06
N VAL CB 94 55.48 58.17 94.20
CA VAL CB 94 54.58 59.14 94.82
C VAL CB 94 55.35 60.28 95.46
N GLU CB 100 52.69 60.89 105.07
CA GLU CB 100 53.04 59.48 105.23
C GLU CB 100 51.79 58.60 105.18
N VAL CB 101 50.68 59.12 105.69
CA VAL CB 101 49.42 58.39 105.69
C VAL CB 101 48.89 58.22 104.27
N GLU CB 102 49.00 59.29 103.48
CA GLU CB 102 48.57 59.26 102.09
C GLU CB 102 49.44 58.30 101.27
N ARG CB 103 50.71 58.19 101.66
CA ARG CB 103 51.63 57.28 100.98
C ARG CB 103 51.21 55.83 101.19
N GLU CB 104 50.79 55.50 102.40
CA GLU CB 104 50.29 54.17 102.71
C GLU CB 104 48.97 53.89 102.00
N THR CB 105 48.14 54.93 101.90
CA THR CB 105 46.86 54.82 101.21
C THR CB 105 47.06 54.59 99.72
N ALA CB 106 48.02 55.31 99.14
CA ALA CB 106 48.33 55.16 97.73
C ALA CB 106 48.89 53.77 97.43
N GLU CB 107 49.73 53.28 98.35
CA GLU CB 107 50.31 51.94 98.23
C GLU CB 107 49.23 50.87 98.32
N GLU CB 108 48.26 51.08 99.20
CA GLU CB 108 47.17 50.14 99.39
C GLU CB 108 46.27 50.07 98.16
N GLU CB 109 45.89 51.23 97.64
CA GLU CB 109 45.04 51.31 96.46
C GLU CB 109 45.73 50.72 95.23
N ALA CB 110 47.01 51.02 95.08
CA ALA CB 110 47.80 50.50 93.96
C ALA CB 110 47.93 48.98 94.03
N LYS CB 111 48.14 48.47 95.24
CA LYS CB 111 48.27 47.04 95.46
C LYS CB 111 46.98 46.30 95.10
N LEU CB 112 45.86 46.80 95.58
CA LEU CB 112 44.56 46.21 95.31
C LEU CB 112 44.21 46.24 93.82
N ALA CB 113 44.54 47.34 93.17
CA ALA CB 113 44.27 47.51 91.75
C ALA CB 113 45.08 46.53 90.90
N LEU CB 114 46.33 46.32 91.30
CA LEU CB 114 47.21 45.41 90.57
C LEU CB 114 46.76 43.96 90.70
N ARG CB 115 46.18 43.61 91.83
CA ARG CB 115 45.69 42.25 92.07
C ARG CB 115 44.60 41.88 91.07
N VAL CB 116 43.70 42.82 90.80
CA VAL CB 116 42.61 42.59 89.87
C VAL CB 116 43.08 42.64 88.42
N ALA CB 117 43.94 43.61 88.13
CA ALA CB 117 44.41 43.84 86.77
C ALA CB 117 45.33 42.72 86.27
N LEU CB 118 46.22 42.26 87.13
CA LEU CB 118 47.20 41.26 86.75
C LEU CB 118 46.74 39.84 87.07
N GLN CB 119 45.53 39.73 87.61
CA GLN CB 119 44.94 38.45 87.98
C GLN CB 119 45.86 37.65 88.91
N VAL CB 120 46.21 38.24 90.03
CA VAL CB 120 47.10 37.62 91.00
C VAL CB 120 46.47 36.38 91.62
N ASP CB 121 47.25 35.30 91.71
CA ASP CB 121 46.84 34.04 92.32
C ASP CB 121 45.70 33.39 91.55
N ILE CB 122 45.49 33.83 90.31
CA ILE CB 122 44.49 33.24 89.44
C ILE CB 122 45.08 32.90 88.08
N ALA CB 123 44.42 31.98 87.37
CA ALA CB 123 44.89 31.55 86.06
C ALA CB 123 44.69 32.65 85.02
N ASP CB 124 45.79 33.07 84.38
CA ASP CB 124 45.73 34.11 83.36
C ASP CB 124 45.18 33.57 82.05
N GLU CB 125 45.13 34.42 81.03
CA GLU CB 125 44.64 34.03 79.71
C GLU CB 125 45.57 33.01 79.05
N HIS CB 126 46.83 33.01 79.48
CA HIS CB 126 47.81 32.06 78.96
C HIS CB 126 47.97 30.88 79.92
N SER CB 127 46.94 30.63 80.72
CA SER CB 127 46.95 29.58 81.74
C SER CB 127 48.13 29.78 82.68
N CYS CB 128 48.29 30.99 83.18
CA CYS CB 128 49.41 31.35 84.04
C CYS CB 128 48.97 31.91 85.38
N VAL CB 129 49.69 31.54 86.44
CA VAL CB 129 49.44 32.11 87.75
C VAL CB 129 50.40 33.28 87.96
N THR CB 130 49.85 34.49 88.00
CA THR CB 130 50.67 35.69 88.04
C THR CB 130 50.80 36.25 89.45
N GLN CB 131 51.90 36.96 89.69
CA GLN CB 131 52.15 37.65 90.95
C GLN CB 131 52.97 38.90 90.69
N PHE CB 132 52.96 39.83 91.64
CA PHE CB 132 53.67 41.09 91.45
C PHE CB 132 54.41 41.54 92.70
N GLU CB 133 55.49 42.29 92.49
CA GLU CB 133 56.25 42.88 93.57
C GLU CB 133 56.48 44.36 93.29
N MET CB 134 56.25 45.21 94.29
CA MET CB 134 56.37 46.65 94.07
C MET CB 134 57.29 47.33 95.08
N LYS CB 135 57.99 48.35 94.62
CA LYS CB 135 58.88 49.14 95.47
C LYS CB 135 58.42 50.59 95.51
N LEU CB 136 58.63 51.25 96.65
CA LEU CB 136 58.19 52.63 96.81
C LEU CB 136 59.35 53.61 96.66
N ARG CB 137 59.17 54.60 95.79
CA ARG CB 137 60.18 55.63 95.57
C ARG CB 137 59.56 57.02 95.69
N GLU CB 138 60.33 57.97 96.18
CA GLU CB 138 59.83 59.33 96.37
C GLU CB 138 60.72 60.36 95.68
N GLU CB 139 60.12 61.10 94.74
CA GLU CB 139 60.83 62.14 94.00
C GLU CB 139 59.84 63.22 93.57
N LEU CB 140 60.37 64.42 93.31
CA LEU CB 140 59.53 65.54 92.88
C LEU CB 140 58.97 65.30 91.47
N LEU CB 141 57.65 65.31 91.37
CA LEU CB 141 56.98 65.11 90.09
C LEU CB 141 57.20 66.31 89.15
N SER CB 142 57.39 67.47 89.74
CA SER CB 142 57.59 68.70 88.97
C SER CB 142 59.05 68.91 88.59
N SER CB 143 59.91 68.01 89.06
CA SER CB 143 61.34 68.09 88.77
C SER CB 143 61.61 67.81 87.29
N ASP CB 144 62.58 68.54 86.73
CA ASP CB 144 62.95 68.38 85.34
C ASP CB 144 63.62 67.02 85.11
N SER CB 145 64.48 66.62 86.05
CA SER CB 145 65.18 65.35 85.95
C SER CB 145 64.34 64.21 86.54
N PHE CB 146 63.16 64.00 85.99
CA PHE CB 146 62.27 62.94 86.44
C PHE CB 146 61.42 62.38 85.31
N HIS CB 147 61.29 61.06 85.29
CA HIS CB 147 60.41 60.40 84.33
C HIS CB 147 59.97 59.04 84.88
N PRO CB 148 58.70 58.67 84.62
CA PRO CB 148 58.13 57.38 85.02
C PRO CB 148 59.03 56.19 84.65
N ASP CB 149 59.71 56.28 83.51
CA ASP CB 149 60.57 55.21 83.05
C ASP CB 149 62.02 55.69 82.86
N LYS CB 150 62.59 56.23 83.93
CA LYS CB 150 63.97 56.71 83.89
C LYS CB 150 64.97 55.59 83.64
N ASP CB 151 66.18 55.95 83.25
CA ASP CB 151 67.23 54.98 82.95
C ASP CB 151 67.63 54.16 84.17
N GLU CB 152 67.93 54.86 85.26
CA GLU CB 152 68.43 54.23 86.48
C GLU CB 152 67.41 53.27 87.12
N TYR CB 153 66.14 53.42 86.75
CA TYR CB 153 65.08 52.60 87.33
C TYR CB 153 65.14 51.15 86.85
N TYR CB 154 65.75 50.93 85.68
CA TYR CB 154 65.80 49.60 85.09
C TYR CB 154 67.17 48.94 85.29
N LYS CB 155 67.97 49.52 86.18
CA LYS CB 155 69.33 49.04 86.43
C LYS CB 155 69.34 47.63 87.03
N ASP CB 156 68.27 47.28 87.73
CA ASP CB 156 68.19 45.98 88.40
C ASP CB 156 68.01 44.83 87.42
N PHE CB 157 67.40 45.12 86.27
CA PHE CB 157 67.04 44.08 85.31
C PHE CB 157 67.87 44.14 84.04
N LEU CB 158 68.75 45.14 83.94
CA LEU CB 158 69.62 45.28 82.79
C LEU CB 158 71.09 45.35 83.20
N SER DB 3 58.12 36.47 62.41
CA SER DB 3 58.70 35.14 62.47
C SER DB 3 60.14 35.19 62.97
N VAL DB 4 60.88 36.18 62.50
CA VAL DB 4 62.28 36.35 62.89
C VAL DB 4 62.49 37.71 63.55
N ASN DB 5 63.19 37.73 64.67
CA ASN DB 5 63.45 38.97 65.40
C ASN DB 5 64.94 39.22 65.57
N THR DB 6 65.52 39.98 64.65
CA THR DB 6 66.93 40.34 64.72
C THR DB 6 67.12 41.59 65.58
N SER DB 7 68.34 41.79 66.07
CA SER DB 7 68.66 42.94 66.91
C SER DB 7 70.16 43.15 66.99
N PHE DB 8 70.57 44.42 67.02
CA PHE DB 8 71.98 44.78 67.05
C PHE DB 8 72.46 45.18 68.44
N LEU DB 9 73.22 44.31 69.08
CA LEU DB 9 73.87 44.66 70.35
C LEU DB 9 75.06 45.54 70.06
N SER DB 10 75.67 45.30 68.91
CA SER DB 10 76.84 46.04 68.45
C SER DB 10 76.85 46.02 66.92
N PRO DB 11 77.67 46.86 66.28
CA PRO DB 11 77.76 46.81 64.82
C PRO DB 11 78.16 45.43 64.30
N SER DB 12 79.02 44.73 65.03
CA SER DB 12 79.47 43.41 64.62
C SER DB 12 78.81 42.30 65.44
N LEU DB 13 77.77 42.66 66.20
CA LEU DB 13 77.08 41.69 67.05
C LEU DB 13 75.57 41.72 66.82
N VAL DB 14 75.02 40.61 66.33
CA VAL DB 14 73.60 40.52 66.03
C VAL DB 14 72.98 39.27 66.65
N THR DB 15 71.84 39.45 67.31
CA THR DB 15 71.10 38.32 67.88
C THR DB 15 69.86 38.01 67.05
N ILE DB 16 69.75 36.77 66.59
CA ILE DB 16 68.63 36.36 65.73
C ILE DB 16 67.78 35.28 66.39
N ARG DB 17 66.50 35.60 66.60
CA ARG DB 17 65.56 34.65 67.19
C ARG DB 17 64.54 34.16 66.18
N ASP DB 18 64.43 32.83 66.05
CA ASP DB 18 63.46 32.21 65.16
C ASP DB 18 62.35 31.56 65.97
N PHE DB 19 61.19 32.19 65.99
CA PHE DB 19 60.06 31.70 66.79
C PHE DB 19 59.46 30.41 66.21
N ASP DB 20 59.34 30.36 64.89
CA ASP DB 20 58.73 29.22 64.22
C ASP DB 20 59.54 27.94 64.37
N ASN DB 21 60.85 28.06 64.18
CA ASN DB 21 61.74 26.90 64.30
C ASN DB 21 62.25 26.70 65.71
N GLY DB 22 61.99 27.67 66.58
CA GLY DB 22 62.43 27.60 67.96
C GLY DB 22 63.94 27.58 68.10
N GLN DB 23 64.60 28.49 67.40
CA GLN DB 23 66.06 28.54 67.39
C GLN DB 23 66.58 29.93 67.75
N PHE DB 24 67.80 29.99 68.26
CA PHE DB 24 68.46 31.27 68.54
C PHE DB 24 69.93 31.19 68.12
N ALA DB 25 70.34 32.11 67.27
CA ALA DB 25 71.71 32.14 66.79
C ALA DB 25 72.32 33.54 66.96
N VAL DB 26 73.56 33.59 67.40
CA VAL DB 26 74.28 34.85 67.54
C VAL DB 26 75.20 35.09 66.36
N LEU DB 27 74.95 36.19 65.64
CA LEU DB 27 75.78 36.54 64.49
C LEU DB 27 76.87 37.52 64.87
N ARG DB 28 78.13 37.09 64.76
CA ARG DB 28 79.25 37.92 65.15
C ARG DB 28 80.39 37.87 64.13
N ILE DB 29 80.88 39.06 63.75
CA ILE DB 29 82.05 39.16 62.89
C ILE DB 29 83.24 39.62 63.72
N GLY DB 30 83.84 38.68 64.45
CA GLY DB 30 84.91 38.99 65.40
C GLY DB 30 86.25 39.33 64.79
N ARG DB 31 86.67 38.54 63.80
CA ARG DB 31 87.99 38.65 63.20
C ARG DB 31 88.30 40.06 62.66
N THR DB 32 87.31 40.68 62.02
CA THR DB 32 87.51 41.98 61.40
C THR DB 32 86.76 43.10 62.11
N GLY DB 33 85.57 42.78 62.60
CA GLY DB 33 84.74 43.76 63.27
C GLY DB 33 83.89 44.56 62.30
N PHE DB 34 83.72 44.03 61.10
CA PHE DB 34 82.89 44.67 60.09
C PHE DB 34 81.41 44.61 60.50
N PRO DB 35 80.60 45.57 60.01
CA PRO DB 35 79.17 45.57 60.31
C PRO DB 35 78.45 44.48 59.53
N ALA DB 36 77.57 43.74 60.20
CA ALA DB 36 76.83 42.66 59.55
C ALA DB 36 75.83 43.23 58.54
N ASP DB 37 76.03 42.88 57.27
CA ASP DB 37 75.15 43.34 56.20
C ASP DB 37 73.97 42.38 56.03
N LYS DB 38 73.11 42.69 55.06
CA LYS DB 38 71.94 41.86 54.79
C LYS DB 38 72.36 40.45 54.36
N GLY DB 39 73.47 40.37 53.63
CA GLY DB 39 74.00 39.10 53.17
C GLY DB 39 74.49 38.24 54.33
N ASP DB 40 75.10 38.88 55.32
CA ASP DB 40 75.61 38.18 56.49
C ASP DB 40 74.47 37.56 57.30
N ILE DB 41 73.39 38.32 57.47
CA ILE DB 41 72.22 37.84 58.20
C ILE DB 41 71.55 36.71 57.44
N ASP DB 42 71.40 36.88 56.14
CA ASP DB 42 70.80 35.86 55.28
C ASP DB 42 71.62 34.58 55.28
N LEU DB 43 72.93 34.73 55.39
CA LEU DB 43 73.84 33.58 55.47
C LEU DB 43 73.64 32.82 56.77
N CYS DB 44 73.44 33.55 57.86
CA CYS DB 44 73.23 32.96 59.18
C CYS DB 44 71.95 32.13 59.21
N LEU DB 45 70.88 32.68 58.62
CA LEU DB 45 69.60 31.97 58.53
C LEU DB 45 69.74 30.68 57.75
N ASP DB 46 70.54 30.72 56.68
CA ASP DB 46 70.77 29.56 55.85
C ASP DB 46 71.51 28.45 56.60
N LYS DB 47 72.27 28.84 57.61
CA LYS DB 47 73.00 27.86 58.41
C LYS DB 47 72.11 27.23 59.47
N MET DB 48 71.16 28.00 59.99
CA MET DB 48 70.23 27.51 60.99
C MET DB 48 69.34 26.40 60.43
N ILE DB 49 68.79 26.63 59.24
CA ILE DB 49 67.91 25.66 58.60
C ILE DB 49 68.71 24.41 58.19
N GLY DB 50 70.00 24.60 57.98
CA GLY DB 50 70.87 23.49 57.64
C GLY DB 50 71.05 22.57 58.84
N VAL DB 51 71.32 23.15 59.99
CA VAL DB 51 71.46 22.39 61.23
C VAL DB 51 70.10 21.88 61.68
N ARG DB 52 69.06 22.64 61.39
CA ARG DB 52 67.69 22.19 61.63
C ARG DB 52 67.43 20.91 60.85
N ALA DB 53 67.96 20.86 59.63
CA ALA DB 53 67.86 19.66 58.80
C ALA DB 53 68.71 18.54 59.38
N ALA DB 54 69.84 18.90 60.00
CA ALA DB 54 70.70 17.92 60.65
C ALA DB 54 70.02 17.30 61.87
N GLN DB 55 69.25 18.11 62.58
CA GLN DB 55 68.55 17.66 63.78
C GLN DB 55 67.48 16.62 63.46
N ILE DB 56 66.64 16.93 62.47
CA ILE DB 56 65.56 16.03 62.08
C ILE DB 56 66.14 14.79 61.41
N PHE DB 57 67.31 14.94 60.80
CA PHE DB 57 68.04 13.82 60.21
C PHE DB 57 68.42 12.80 61.28
N LEU DB 58 68.95 13.29 62.39
CA LEU DB 58 69.36 12.44 63.51
C LEU DB 58 68.15 11.87 64.24
N GLY DB 59 66.98 12.44 63.98
CA GLY DB 59 65.75 11.99 64.60
C GLY DB 59 64.83 13.14 64.94
N ASP DB 60 63.53 12.96 64.72
CA ASP DB 60 62.55 13.99 65.01
C ASP DB 60 62.34 14.13 66.51
N ASP DB 61 62.89 15.20 67.08
CA ASP DB 61 62.79 15.44 68.52
C ASP DB 61 61.69 16.44 68.84
N THR DB 62 60.89 16.77 67.85
CA THR DB 62 59.74 17.65 68.06
C THR DB 62 58.62 16.86 68.74
N GLU DB 63 58.66 15.54 68.60
CA GLU DB 63 57.68 14.66 69.22
C GLU DB 63 57.95 14.51 70.71
N ASP DB 64 57.03 13.87 71.41
CA ASP DB 64 57.15 13.66 72.86
C ASP DB 64 58.19 12.57 73.16
N GLY DB 65 58.93 12.75 74.24
CA GLY DB 65 59.94 11.79 74.66
C GLY DB 65 61.18 11.81 73.78
N PHE DB 66 61.67 13.01 73.49
CA PHE DB 66 62.86 13.18 72.67
C PHE DB 66 64.09 12.56 73.32
N LYS DB 67 64.41 11.33 72.93
CA LYS DB 67 65.56 10.62 73.49
C LYS DB 67 66.88 11.25 73.04
N GLY DB 68 66.83 12.04 71.98
CA GLY DB 68 68.01 12.72 71.48
C GLY DB 68 68.69 11.99 70.34
N PRO DB 69 69.92 12.42 70.00
CA PRO DB 69 70.62 13.54 70.64
C PRO DB 69 70.21 14.89 70.06
N HIS DB 70 70.40 15.95 70.83
CA HIS DB 70 70.05 17.29 70.39
C HIS DB 70 71.25 18.01 69.76
N ILE DB 71 71.03 18.61 68.60
CA ILE DB 71 72.07 19.34 67.90
C ILE DB 71 71.55 20.71 67.46
N ARG DB 72 72.08 21.77 68.09
CA ARG DB 72 71.59 23.12 67.88
C ARG DB 72 72.71 24.11 67.61
N ILE DB 73 72.41 25.14 66.81
CA ILE DB 73 73.37 26.20 66.54
C ILE DB 73 73.50 27.14 67.74
N ARG DB 74 74.73 27.49 68.08
CA ARG DB 74 74.99 28.43 69.17
C ARG DB 74 75.38 29.80 68.62
N CYS DB 75 76.23 29.81 67.60
CA CYS DB 75 76.75 31.05 67.04
C CYS DB 75 77.35 30.84 65.65
N VAL DB 76 77.45 31.93 64.90
CA VAL DB 76 78.08 31.90 63.58
C VAL DB 76 79.10 33.03 63.44
N ASP DB 77 80.37 32.65 63.30
CA ASP DB 77 81.45 33.63 63.19
C ASP DB 77 81.91 33.76 61.75
N ILE DB 78 81.90 34.99 61.24
CA ILE DB 78 82.25 35.25 59.85
C ILE DB 78 83.62 35.89 59.71
N ASP DB 79 84.51 35.26 58.94
CA ASP DB 79 85.80 35.85 58.60
C ASP DB 79 85.65 36.65 57.31
N ASP DB 80 85.96 37.94 57.39
CA ASP DB 80 85.67 38.86 56.28
C ASP DB 80 86.92 39.61 55.82
N LYS DB 81 88.08 39.18 56.29
CA LYS DB 81 89.34 39.88 56.00
C LYS DB 81 89.68 39.88 54.51
N HIS DB 82 89.95 38.69 53.97
CA HIS DB 82 90.38 38.57 52.58
C HIS DB 82 89.36 37.79 51.77
N THR DB 83 89.00 36.60 52.26
CA THR DB 83 88.02 35.75 51.61
C THR DB 83 86.82 35.52 52.53
N TYR DB 84 85.64 35.44 51.94
CA TYR DB 84 84.41 35.25 52.70
C TYR DB 84 84.37 33.86 53.35
N ASN DB 85 84.47 33.82 54.67
CA ASN DB 85 84.47 32.57 55.41
C ASN DB 85 83.56 32.61 56.63
N ALA DB 86 82.96 31.47 56.96
CA ALA DB 86 82.03 31.40 58.09
C ALA DB 86 82.32 30.20 59.00
N MET DB 87 82.39 30.46 60.30
CA MET DB 87 82.58 29.41 61.29
C MET DB 87 81.32 29.22 62.14
N VAL DB 88 80.69 28.05 62.02
CA VAL DB 88 79.45 27.77 62.73
C VAL DB 88 79.73 27.06 64.05
N TYR DB 89 79.04 27.49 65.11
CA TYR DB 89 79.18 26.86 66.43
C TYR DB 89 77.95 26.06 66.80
N VAL DB 90 78.15 24.76 67.03
CA VAL DB 90 77.05 23.84 67.29
C VAL DB 90 77.27 23.06 68.58
N ASP DB 91 76.22 22.88 69.37
CA ASP DB 91 76.31 22.07 70.59
C ASP DB 91 75.53 20.77 70.45
N LEU DB 92 76.21 19.66 70.71
CA LEU DB 92 75.59 18.34 70.66
C LEU DB 92 75.30 17.81 72.06
N ILE DB 93 74.03 17.64 72.37
CA ILE DB 93 73.62 17.15 73.69
C ILE DB 93 73.10 15.72 73.63
N VAL DB 94 73.62 14.87 74.51
CA VAL DB 94 73.22 13.47 74.55
C VAL DB 94 73.15 12.97 75.99
N GLU DB 100 78.87 4.90 76.06
CA GLU DB 100 79.94 5.73 75.53
C GLU DB 100 80.12 5.48 74.03
N VAL DB 101 79.90 4.24 73.60
CA VAL DB 101 80.01 3.88 72.20
C VAL DB 101 78.92 4.54 71.37
N GLU DB 102 77.70 4.56 71.90
CA GLU DB 102 76.57 5.21 71.24
C GLU DB 102 76.77 6.71 71.18
N ARG DB 103 77.44 7.25 72.19
CA ARG DB 103 77.75 8.68 72.23
C ARG DB 103 78.72 9.06 71.11
N GLU DB 104 79.71 8.21 70.88
CA GLU DB 104 80.66 8.40 69.80
C GLU DB 104 79.99 8.25 68.44
N THR DB 105 79.05 7.32 68.36
CA THR DB 105 78.30 7.09 67.13
C THR DB 105 77.42 8.28 66.79
N ALA DB 106 76.78 8.85 67.82
CA ALA DB 106 75.93 10.02 67.63
C ALA DB 106 76.78 11.23 67.20
N GLU DB 107 77.96 11.35 67.78
CA GLU DB 107 78.89 12.43 67.44
C GLU DB 107 79.38 12.29 66.01
N GLU DB 108 79.62 11.05 65.58
CA GLU DB 108 80.09 10.79 64.23
C GLU DB 108 79.03 11.13 63.20
N GLU DB 109 77.80 10.68 63.45
CA GLU DB 109 76.68 10.94 62.55
C GLU DB 109 76.39 12.44 62.48
N ALA DB 110 76.45 13.11 63.62
CA ALA DB 110 76.22 14.55 63.68
C ALA DB 110 77.29 15.32 62.92
N LYS DB 111 78.53 14.87 63.03
CA LYS DB 111 79.64 15.51 62.34
C LYS DB 111 79.49 15.40 60.83
N LEU DB 112 79.17 14.21 60.35
CA LEU DB 112 79.00 13.97 58.92
C LEU DB 112 77.80 14.74 58.37
N ALA DB 113 76.74 14.82 59.16
CA ALA DB 113 75.53 15.52 58.75
C ALA DB 113 75.78 17.02 58.63
N LEU DB 114 76.56 17.57 59.55
CA LEU DB 114 76.87 18.99 59.56
C LEU DB 114 77.73 19.39 58.37
N ARG DB 115 78.61 18.48 57.94
CA ARG DB 115 79.49 18.73 56.80
C ARG DB 115 78.69 18.94 55.52
N VAL DB 116 77.65 18.14 55.33
CA VAL DB 116 76.81 18.23 54.15
C VAL DB 116 75.86 19.43 54.21
N ALA DB 117 75.27 19.63 55.39
CA ALA DB 117 74.27 20.69 55.57
C ALA DB 117 74.88 22.09 55.50
N LEU DB 118 76.05 22.26 56.11
CA LEU DB 118 76.68 23.57 56.19
C LEU DB 118 77.69 23.80 55.06
N GLN DB 119 77.81 22.82 54.17
CA GLN DB 119 78.74 22.89 53.03
C GLN DB 119 80.16 23.21 53.46
N VAL DB 120 80.71 22.37 54.33
CA VAL DB 120 82.06 22.57 54.85
C VAL DB 120 83.11 22.41 53.75
N ASP DB 121 84.06 23.35 53.71
CA ASP DB 121 85.17 23.33 52.77
C ASP DB 121 84.72 23.47 51.32
N ILE DB 122 83.48 23.92 51.13
CA ILE DB 122 82.95 24.16 49.79
C ILE DB 122 82.33 25.55 49.70
N ALA DB 123 82.21 26.07 48.48
CA ALA DB 123 81.65 27.39 48.25
C ALA DB 123 80.14 27.39 48.52
N ASP DB 124 79.72 28.22 49.47
CA ASP DB 124 78.30 28.33 49.82
C ASP DB 124 77.54 29.13 48.78
N GLU DB 125 76.25 29.33 49.02
CA GLU DB 125 75.40 30.11 48.13
C GLU DB 125 75.82 31.59 48.11
N HIS DB 126 76.47 32.02 49.19
CA HIS DB 126 76.96 33.39 49.29
C HIS DB 126 78.44 33.46 48.95
N SER DB 127 78.91 32.50 48.16
CA SER DB 127 80.32 32.39 47.80
C SER DB 127 81.19 32.36 49.05
N CYS DB 128 80.83 31.48 49.99
CA CYS DB 128 81.52 31.41 51.27
C CYS DB 128 82.06 30.01 51.57
N VAL DB 129 83.26 29.95 52.14
CA VAL DB 129 83.81 28.69 52.60
C VAL DB 129 83.51 28.50 54.08
N THR DB 130 82.65 27.53 54.38
CA THR DB 130 82.15 27.36 55.74
C THR DB 130 82.87 26.25 56.50
N GLN DB 131 82.87 26.37 57.82
CA GLN DB 131 83.44 25.36 58.71
C GLN DB 131 82.66 25.36 60.02
N PHE DB 132 82.78 24.29 60.79
CA PHE DB 132 82.01 24.17 62.01
C PHE DB 132 82.83 23.59 63.17
N GLU DB 133 82.46 23.97 64.38
CA GLU DB 133 83.04 23.43 65.60
C GLU DB 133 81.94 23.00 66.55
N MET DB 134 82.07 21.80 67.13
CA MET DB 134 81.02 21.28 67.98
C MET DB 134 81.53 20.83 69.35
N LYS DB 135 80.69 21.01 70.36
CA LYS DB 135 81.01 20.60 71.73
C LYS DB 135 80.02 19.56 72.21
N LEU DB 136 80.48 18.64 73.06
CA LEU DB 136 79.63 17.57 73.58
C LEU DB 136 79.18 17.85 75.00
N ARG DB 137 77.87 17.78 75.22
CA ARG DB 137 77.28 18.00 76.54
C ARG DB 137 76.35 16.85 76.91
N GLU DB 138 76.30 16.53 78.20
CA GLU DB 138 75.48 15.42 78.66
C GLU DB 138 74.53 15.84 79.78
N GLU DB 139 73.23 15.68 79.53
CA GLU DB 139 72.20 16.02 80.51
C GLU DB 139 70.96 15.16 80.33
N LEU DB 140 70.18 15.03 81.40
CA LEU DB 140 68.95 14.24 81.35
C LEU DB 140 67.90 14.90 80.46
N LEU DB 141 67.45 14.16 79.45
CA LEU DB 141 66.45 14.66 78.52
C LEU DB 141 65.09 14.82 79.20
N SER DB 142 64.85 14.01 80.23
CA SER DB 142 63.58 14.05 80.95
C SER DB 142 63.60 15.07 82.08
N SER DB 143 64.75 15.72 82.26
CA SER DB 143 64.89 16.72 83.32
C SER DB 143 64.08 17.98 83.01
N ASP DB 144 63.50 18.56 84.05
CA ASP DB 144 62.69 19.78 83.90
C ASP DB 144 63.56 20.98 83.55
N SER DB 145 64.73 21.08 84.19
CA SER DB 145 65.63 22.19 83.96
C SER DB 145 66.57 21.91 82.79
N PHE DB 146 66.00 21.66 81.61
CA PHE DB 146 66.80 21.40 80.42
C PHE DB 146 66.10 21.88 79.16
N HIS DB 147 66.87 22.50 78.27
CA HIS DB 147 66.37 22.93 76.97
C HIS DB 147 67.51 23.03 75.96
N PRO DB 148 67.25 22.64 74.71
CA PRO DB 148 68.20 22.74 73.59
C PRO DB 148 68.90 24.09 73.52
N ASP DB 149 68.18 25.16 73.83
CA ASP DB 149 68.75 26.50 73.79
C ASP DB 149 68.69 27.20 75.15
N LYS DB 150 69.29 26.58 76.16
CA LYS DB 150 69.31 27.14 77.50
C LYS DB 150 70.13 28.44 77.54
N ASP DB 151 69.94 29.21 78.61
CA ASP DB 151 70.61 30.50 78.76
C ASP DB 151 72.12 30.34 78.88
N GLU DB 152 72.56 29.47 79.78
CA GLU DB 152 73.97 29.28 80.08
C GLU DB 152 74.76 28.78 78.88
N TYR DB 153 74.07 28.22 77.89
CA TYR DB 153 74.71 27.65 76.71
C TYR DB 153 75.29 28.73 75.80
N TYR DB 154 74.77 29.95 75.91
CA TYR DB 154 75.19 31.04 75.03
C TYR DB 154 76.17 31.99 75.73
N LYS DB 155 76.67 31.56 76.89
CA LYS DB 155 77.55 32.39 77.70
C LYS DB 155 78.88 32.71 77.02
N ASP DB 156 79.31 31.81 76.13
CA ASP DB 156 80.60 31.96 75.47
C ASP DB 156 80.61 33.08 74.43
N PHE DB 157 79.45 33.38 73.86
CA PHE DB 157 79.38 34.33 72.76
C PHE DB 157 78.70 35.64 73.14
N LEU DB 158 78.25 35.73 74.38
CA LEU DB 158 77.62 36.95 74.87
C LEU DB 158 78.30 37.46 76.14
N SER EB 3 64.56 47.71 55.98
CA SER EB 3 65.64 48.60 55.56
C SER EB 3 66.43 49.10 56.77
N VAL EB 4 65.71 49.42 57.85
CA VAL EB 4 66.34 49.89 59.07
C VAL EB 4 66.00 48.96 60.24
N ASN EB 5 67.01 48.61 61.03
CA ASN EB 5 66.81 47.70 62.15
C ASN EB 5 67.19 48.33 63.49
N THR EB 6 66.21 48.92 64.16
CA THR EB 6 66.45 49.51 65.47
C THR EB 6 66.28 48.47 66.57
N SER EB 7 66.84 48.75 67.74
CA SER EB 7 66.77 47.83 68.87
C SER EB 7 67.11 48.54 70.17
N PHE EB 8 66.43 48.16 71.24
CA PHE EB 8 66.61 48.80 72.54
C PHE EB 8 67.48 47.96 73.48
N LEU EB 9 68.72 48.38 73.69
CA LEU EB 9 69.59 47.76 74.68
C LEU EB 9 69.17 48.23 76.06
N SER EB 10 68.67 49.46 76.10
CA SER EB 10 68.21 50.10 77.33
C SER EB 10 67.16 51.14 76.95
N PRO EB 11 66.39 51.64 77.93
CA PRO EB 11 65.42 52.70 77.61
C PRO EB 11 66.07 53.93 76.98
N SER EB 12 67.27 54.28 77.43
CA SER EB 12 67.97 55.44 76.89
C SER EB 12 69.09 55.05 75.94
N LEU EB 13 69.11 53.77 75.54
CA LEU EB 13 70.15 53.28 74.64
C LEU EB 13 69.52 52.54 73.46
N VAL EB 14 69.72 53.08 72.26
CA VAL EB 14 69.14 52.49 71.05
C VAL EB 14 70.20 52.32 69.96
N THR EB 15 70.23 51.15 69.35
CA THR EB 15 71.14 50.89 68.24
C THR EB 15 70.37 50.89 66.93
N ILE EB 16 70.79 51.73 66.00
CA ILE EB 16 70.10 51.86 64.72
C ILE EB 16 71.01 51.46 63.56
N ARG EB 17 70.60 50.44 62.82
CA ARG EB 17 71.36 49.99 61.65
C ARG EB 17 70.62 50.31 60.36
N ASP EB 18 71.30 51.01 59.45
CA ASP EB 18 70.72 51.34 58.17
C ASP EB 18 71.40 50.53 57.06
N PHE EB 19 70.71 49.52 56.57
CA PHE EB 19 71.27 48.62 55.57
C PHE EB 19 71.43 49.29 54.21
N ASP EB 20 70.44 50.09 53.82
CA ASP EB 20 70.46 50.75 52.52
C ASP EB 20 71.57 51.78 52.40
N ASN EB 21 71.72 52.60 53.45
CA ASN EB 21 72.74 53.64 53.46
C ASN EB 21 74.08 53.14 54.01
N GLY EB 22 74.08 51.93 54.55
CA GLY EB 22 75.28 51.34 55.11
C GLY EB 22 75.82 52.12 56.29
N GLN EB 23 74.94 52.47 57.22
CA GLN EB 23 75.32 53.28 58.38
C GLN EB 23 74.87 52.62 59.68
N PHE EB 24 75.55 52.98 60.77
CA PHE EB 24 75.16 52.53 62.10
C PHE EB 24 75.32 53.70 63.07
N ALA EB 25 74.23 54.02 63.76
CA ALA EB 25 74.24 55.13 64.71
C ALA EB 25 73.68 54.68 66.05
N VAL EB 26 74.31 55.13 67.13
CA VAL EB 26 73.85 54.82 68.47
C VAL EB 26 73.03 55.99 69.03
N LEU EB 27 71.77 55.72 69.34
CA LEU EB 27 70.90 56.75 69.90
C LEU EB 27 70.90 56.66 71.43
N ARG EB 28 71.41 57.71 72.07
CA ARG EB 28 71.53 57.71 73.52
C ARG EB 28 71.11 59.05 74.13
N ILE EB 29 70.27 58.98 75.15
CA ILE EB 29 69.89 60.15 75.92
C ILE EB 29 70.59 60.10 77.28
N GLY EB 30 71.86 60.47 77.30
CA GLY EB 30 72.70 60.33 78.48
C GLY EB 30 72.43 61.30 79.60
N ARG EB 31 72.26 62.58 79.24
CA ARG EB 31 72.10 63.66 80.22
C ARG EB 31 70.96 63.42 81.20
N THR EB 32 69.84 62.91 80.69
CA THR EB 32 68.64 62.72 81.51
C THR EB 32 68.32 61.25 81.75
N GLY EB 33 68.55 60.42 80.74
CA GLY EB 33 68.23 59.01 80.83
C GLY EB 33 66.80 58.71 80.47
N PHE EB 34 66.16 59.65 79.77
CA PHE EB 34 64.79 59.46 79.32
C PHE EB 34 64.71 58.39 78.23
N PRO EB 35 63.55 57.73 78.10
CA PRO EB 35 63.36 56.72 77.05
C PRO EB 35 63.21 57.35 75.67
N ALA EB 36 63.91 56.79 74.68
CA ALA EB 36 63.86 57.32 73.33
C ALA EB 36 62.48 57.09 72.70
N ASP EB 37 61.81 58.18 72.36
CA ASP EB 37 60.49 58.09 71.75
C ASP EB 37 60.61 58.01 70.23
N LYS EB 38 59.47 57.96 69.55
CA LYS EB 38 59.46 57.87 68.09
C LYS EB 38 60.08 59.11 67.46
N GLY EB 39 59.87 60.26 68.10
CA GLY EB 39 60.42 61.51 67.62
C GLY EB 39 61.94 61.54 67.73
N ASP EB 40 62.46 60.97 68.82
CA ASP EB 40 63.89 60.93 69.05
C ASP EB 40 64.59 60.06 68.00
N ILE EB 41 64.00 58.92 67.68
CA ILE EB 41 64.55 58.02 66.68
C ILE EB 41 64.48 58.66 65.29
N ASP EB 42 63.34 59.28 65.00
CA ASP EB 42 63.15 59.96 63.72
C ASP EB 42 64.13 61.11 63.54
N LEU EB 43 64.45 61.78 64.65
CA LEU EB 43 65.43 62.86 64.64
C LEU EB 43 66.83 62.33 64.34
N CYS EB 44 67.14 61.17 64.92
CA CYS EB 44 68.45 60.54 64.71
C CYS EB 44 68.64 60.14 63.25
N LEU EB 45 67.59 59.59 62.65
CA LEU EB 45 67.62 59.20 61.25
C LEU EB 45 67.87 60.41 60.36
N ASP EB 46 67.26 61.54 60.73
CA ASP EB 46 67.43 62.79 59.98
C ASP EB 46 68.86 63.30 60.08
N LYS EB 47 69.55 62.94 61.16
CA LYS EB 47 70.94 63.33 61.34
C LYS EB 47 71.88 62.44 60.55
N MET EB 48 71.52 61.16 60.41
CA MET EB 48 72.33 60.22 59.66
C MET EB 48 72.42 60.59 58.18
N ILE EB 49 71.27 60.93 57.59
CA ILE EB 49 71.21 61.30 56.19
C ILE EB 49 71.90 62.64 55.95
N GLY EB 50 71.97 63.47 56.99
CA GLY EB 50 72.64 64.74 56.91
C GLY EB 50 74.14 64.58 56.76
N VAL EB 51 74.72 63.71 57.58
CA VAL EB 51 76.15 63.42 57.51
C VAL EB 51 76.43 62.61 56.26
N ARG EB 52 75.47 61.78 55.87
CA ARG EB 52 75.55 61.05 54.60
C ARG EB 52 75.68 62.04 53.44
N ALA EB 53 74.96 63.15 53.54
CA ALA EB 53 75.06 64.22 52.56
C ALA EB 53 76.41 64.92 52.64
N ALA EB 54 76.96 64.99 53.85
CA ALA EB 54 78.28 65.58 54.05
C ALA EB 54 79.36 64.71 53.40
N GLN EB 55 79.17 63.39 53.46
CA GLN EB 55 80.12 62.44 52.89
C GLN EB 55 80.21 62.57 51.37
N ILE EB 56 79.06 62.56 50.71
CA ILE EB 56 79.01 62.65 49.25
C ILE EB 56 79.43 64.05 48.79
N PHE EB 57 79.23 65.04 49.64
CA PHE EB 57 79.68 66.40 49.35
C PHE EB 57 81.20 66.46 49.26
N LEU EB 58 81.87 65.84 50.23
CA LEU EB 58 83.33 65.80 50.26
C LEU EB 58 83.91 64.92 49.16
N GLY EB 59 83.06 64.11 48.55
CA GLY EB 59 83.48 63.21 47.49
C GLY EB 59 82.79 61.87 47.58
N ASP EB 60 82.40 61.33 46.42
CA ASP EB 60 81.73 60.03 46.37
C ASP EB 60 82.72 58.91 46.65
N ASP EB 61 82.64 58.35 47.85
CA ASP EB 61 83.56 57.29 48.26
C ASP EB 61 82.90 55.91 48.15
N THR EB 62 81.74 55.87 47.51
CA THR EB 62 81.06 54.61 47.24
C THR EB 62 81.73 53.88 46.09
N GLU EB 63 82.46 54.62 45.27
CA GLU EB 63 83.19 54.04 44.14
C GLU EB 63 84.45 53.32 44.61
N ASP EB 64 85.10 52.61 43.71
CA ASP EB 64 86.31 51.88 44.02
C ASP EB 64 87.50 52.83 44.18
N GLY EB 65 88.39 52.51 45.11
CA GLY EB 65 89.56 53.33 45.35
C GLY EB 65 89.22 54.62 46.07
N PHE EB 66 88.40 54.52 47.10
CA PHE EB 66 87.97 55.68 47.89
C PHE EB 66 89.15 56.35 48.57
N LYS EB 67 89.68 57.40 47.94
CA LYS EB 67 90.82 58.13 48.49
C LYS EB 67 90.44 58.89 49.75
N GLY EB 68 89.15 59.10 49.96
CA GLY EB 68 88.67 59.76 51.15
C GLY EB 68 88.42 61.25 50.96
N PRO EB 69 88.22 61.98 52.06
CA PRO EB 69 88.22 61.44 53.42
C PRO EB 69 86.86 60.85 53.83
N HIS EB 70 86.87 59.94 54.80
CA HIS EB 70 85.64 59.32 55.28
C HIS EB 70 85.09 60.07 56.49
N ILE EB 71 83.79 60.35 56.45
CA ILE EB 71 83.13 61.04 57.56
C ILE EB 71 81.82 60.32 57.91
N ARG EB 72 81.78 59.69 59.08
CA ARG EB 72 80.67 58.86 59.49
C ARG EB 72 80.16 59.19 60.89
N ILE EB 73 78.86 59.01 61.10
CA ILE EB 73 78.25 59.21 62.42
C ILE EB 73 78.60 58.06 63.35
N ARG EB 74 78.96 58.40 64.59
CA ARG EB 74 79.24 57.39 65.60
C ARG EB 74 78.09 57.26 66.60
N CYS EB 75 77.56 58.40 67.03
CA CYS EB 75 76.50 58.42 68.04
C CYS EB 75 75.77 59.76 68.08
N VAL EB 76 74.57 59.76 68.66
CA VAL EB 76 73.79 60.97 68.83
C VAL EB 76 73.30 61.10 70.26
N ASP EB 77 73.79 62.13 70.96
CA ASP EB 77 73.44 62.34 72.36
C ASP EB 77 72.40 63.46 72.47
N ILE EB 78 71.28 63.17 73.12
CA ILE EB 78 70.18 64.12 73.24
C ILE EB 78 70.07 64.70 74.64
N ASP EB 79 70.12 66.03 74.73
CA ASP EB 79 69.86 66.71 75.99
C ASP EB 79 68.36 67.00 76.09
N ASP EB 80 67.73 66.47 77.13
CA ASP EB 80 66.27 66.50 77.23
C ASP EB 80 65.81 67.13 78.54
N LYS EB 81 66.73 67.73 79.28
CA LYS EB 81 66.44 68.29 80.58
C LYS EB 81 65.43 69.44 80.52
N HIS EB 82 65.84 70.54 79.91
CA HIS EB 82 65.01 71.73 79.85
C HIS EB 82 64.62 72.08 78.42
N THR EB 83 65.61 72.16 77.55
CA THR EB 83 65.38 72.45 76.15
C THR EB 83 65.86 71.29 75.28
N TYR EB 84 65.15 71.04 74.19
CA TYR EB 84 65.48 69.93 73.29
C TYR EB 84 66.78 70.21 72.55
N ASN EB 85 67.82 69.45 72.89
CA ASN EB 85 69.14 69.63 72.29
C ASN EB 85 69.76 68.29 71.91
N ALA EB 86 70.54 68.28 70.83
CA ALA EB 86 71.18 67.06 70.37
C ALA EB 86 72.65 67.28 70.05
N MET EB 87 73.52 66.41 70.58
CA MET EB 87 74.94 66.47 70.29
C MET EB 87 75.35 65.24 69.47
N VAL EB 88 75.77 65.48 68.24
CA VAL EB 88 76.13 64.39 67.33
C VAL EB 88 77.63 64.10 67.37
N TYR EB 89 77.98 62.82 67.42
CA TYR EB 89 79.37 62.41 67.42
C TYR EB 89 79.75 61.82 66.06
N VAL EB 90 80.71 62.44 65.40
CA VAL EB 90 81.10 62.07 64.04
C VAL EB 90 82.60 61.83 63.96
N ASP EB 91 83.01 60.79 63.24
CA ASP EB 91 84.43 60.52 63.05
C ASP EB 91 84.86 60.81 61.61
N LEU EB 92 85.90 61.63 61.47
CA LEU EB 92 86.46 61.95 60.16
C LEU EB 92 87.75 61.19 59.94
N ILE EB 93 87.76 60.30 58.95
CA ILE EB 93 88.94 59.49 58.66
C ILE EB 93 89.62 59.92 57.37
N VAL EB 94 90.93 60.12 57.44
CA VAL EB 94 91.70 60.56 56.28
C VAL EB 94 93.07 59.89 56.25
N GLU EB 100 99.69 67.07 55.80
CA GLU EB 100 99.10 67.65 57.01
C GLU EB 100 98.24 68.86 56.68
N VAL EB 101 98.64 69.61 55.66
CA VAL EB 101 97.88 70.77 55.22
C VAL EB 101 96.54 70.37 54.61
N GLU EB 102 96.56 69.31 53.81
CA GLU EB 102 95.35 68.79 53.20
C GLU EB 102 94.41 68.22 54.27
N ARG EB 103 95.00 67.69 55.33
CA ARG EB 103 94.22 67.14 56.45
C ARG EB 103 93.45 68.25 57.16
N GLU EB 104 94.11 69.40 57.33
CA GLU EB 104 93.47 70.56 57.94
C GLU EB 104 92.38 71.11 57.03
N THR EB 105 92.65 71.07 55.73
CA THR EB 105 91.67 71.52 54.74
C THR EB 105 90.45 70.61 54.72
N ALA EB 106 90.69 69.31 54.81
CA ALA EB 106 89.61 68.33 54.84
C ALA EB 106 88.77 68.49 56.11
N GLU EB 107 89.45 68.74 57.23
CA GLU EB 107 88.78 68.97 58.51
C GLU EB 107 87.93 70.22 58.47
N GLU EB 108 88.45 71.26 57.81
CA GLU EB 108 87.74 72.53 57.70
C GLU EB 108 86.49 72.40 56.83
N GLU EB 109 86.63 71.74 55.68
CA GLU EB 109 85.52 71.53 54.78
C GLU EB 109 84.45 70.65 55.42
N ALA EB 110 84.90 69.62 56.13
CA ALA EB 110 83.98 68.71 56.82
C ALA EB 110 83.23 69.43 57.93
N LYS EB 111 83.93 70.30 58.64
CA LYS EB 111 83.33 71.07 59.73
C LYS EB 111 82.23 72.00 59.22
N LEU EB 112 82.54 72.73 58.15
CA LEU EB 112 81.58 73.66 57.55
C LEU EB 112 80.38 72.92 56.99
N ALA EB 113 80.63 71.76 56.37
CA ALA EB 113 79.56 70.95 55.79
C ALA EB 113 78.63 70.40 56.86
N LEU EB 114 79.19 69.98 57.99
CA LEU EB 114 78.41 69.43 59.08
C LEU EB 114 77.52 70.47 59.73
N ARG EB 115 77.99 71.71 59.77
CA ARG EB 115 77.22 72.80 60.36
C ARG EB 115 75.94 73.04 59.56
N VAL EB 116 76.04 72.97 58.24
CA VAL EB 116 74.90 73.16 57.37
C VAL EB 116 73.97 71.95 57.36
N ALA EB 117 74.57 70.76 57.31
CA ALA EB 117 73.80 69.52 57.21
C ALA EB 117 73.02 69.21 58.48
N LEU EB 118 73.66 69.42 59.64
CA LEU EB 118 73.05 69.08 60.91
C LEU EB 118 72.32 70.26 61.55
N GLN EB 119 72.33 71.40 60.86
CA GLN EB 119 71.69 72.62 61.34
C GLN EB 119 72.19 73.01 62.73
N VAL EB 120 73.50 73.18 62.85
CA VAL EB 120 74.12 73.52 64.13
C VAL EB 120 73.72 74.91 64.61
N ASP EB 121 73.37 75.00 65.89
CA ASP EB 121 73.01 76.26 66.55
C ASP EB 121 71.74 76.88 65.96
N ILE EB 122 70.99 76.07 65.23
CA ILE EB 122 69.72 76.51 64.65
C ILE EB 122 68.61 75.51 64.98
N ALA EB 123 67.37 75.95 64.93
CA ALA EB 123 66.24 75.09 65.22
C ALA EB 123 66.03 74.05 64.12
N ASP EB 124 66.11 72.78 64.50
CA ASP EB 124 65.92 71.68 63.55
C ASP EB 124 64.44 71.48 63.23
N GLU EB 125 64.15 70.47 62.41
CA GLU EB 125 62.77 70.16 62.05
C GLU EB 125 61.97 69.66 63.25
N HIS EB 126 62.69 69.14 64.24
CA HIS EB 126 62.06 68.65 65.47
C HIS EB 126 62.17 69.69 66.58
N SER EB 127 62.31 70.95 66.19
CA SER EB 127 62.49 72.07 67.13
C SER EB 127 63.67 71.80 68.06
N CYS EB 128 64.81 71.44 67.48
CA CYS EB 128 65.99 71.09 68.26
C CYS EB 128 67.20 71.91 67.88
N VAL EB 129 67.99 72.30 68.88
CA VAL EB 129 69.26 72.98 68.65
C VAL EB 129 70.38 71.97 68.64
N THR EB 130 70.98 71.76 67.48
CA THR EB 130 71.98 70.70 67.31
C THR EB 130 73.42 71.20 67.39
N GLN EB 131 74.32 70.31 67.79
CA GLN EB 131 75.75 70.61 67.81
C GLN EB 131 76.51 69.30 67.55
N PHE EB 132 77.77 69.42 67.17
CA PHE EB 132 78.56 68.24 66.82
C PHE EB 132 80.00 68.30 67.34
N GLU EB 133 80.56 67.12 67.60
CA GLU EB 133 81.95 66.98 67.99
C GLU EB 133 82.62 65.90 67.15
N MET EB 134 83.81 66.19 66.64
CA MET EB 134 84.49 65.26 65.74
C MET EB 134 85.91 64.93 66.16
N LYS EB 135 86.32 63.70 65.91
CA LYS EB 135 87.68 63.25 66.20
C LYS EB 135 88.40 62.85 64.92
N LEU EB 136 89.71 63.06 64.88
CA LEU EB 136 90.49 62.76 63.69
C LEU EB 136 91.26 61.44 63.80
N ARG EB 137 91.07 60.58 62.81
CA ARG EB 137 91.76 59.29 62.77
C ARG EB 137 92.44 59.09 61.41
N GLU EB 138 93.58 58.40 61.41
CA GLU EB 138 94.34 58.19 60.18
C GLU EB 138 94.62 56.71 59.93
N GLU EB 139 94.16 56.20 58.80
CA GLU EB 139 94.37 54.81 58.43
C GLU EB 139 94.44 54.63 56.92
N LEU EB 140 95.09 53.55 56.48
CA LEU EB 140 95.21 53.25 55.06
C LEU EB 140 93.87 52.86 54.44
N LEU EB 141 93.46 53.61 53.43
CA LEU EB 141 92.20 53.34 52.73
C LEU EB 141 92.26 52.05 51.92
N SER EB 142 93.44 51.69 51.46
CA SER EB 142 93.63 50.49 50.65
C SER EB 142 93.85 49.25 51.50
N SER EB 143 93.90 49.44 52.82
CA SER EB 143 94.10 48.32 53.74
C SER EB 143 92.89 47.41 53.79
N ASP EB 144 93.13 46.11 53.89
CA ASP EB 144 92.07 45.12 53.95
C ASP EB 144 91.30 45.22 55.27
N SER EB 145 92.03 45.42 56.36
CA SER EB 145 91.44 45.52 57.68
C SER EB 145 91.01 46.96 58.01
N PHE EB 146 90.13 47.50 57.18
CA PHE EB 146 89.63 48.86 57.38
C PHE EB 146 88.19 49.02 56.89
N HIS EB 147 87.39 49.71 57.68
CA HIS EB 147 86.01 50.03 57.30
C HIS EB 147 85.53 51.28 58.01
N PRO EB 148 84.75 52.13 57.30
CA PRO EB 148 84.14 53.34 57.84
C PRO EB 148 83.44 53.15 59.18
N ASP EB 149 82.80 52.00 59.37
CA ASP EB 149 82.07 51.73 60.61
C ASP EB 149 82.61 50.49 61.33
N LYS EB 150 83.90 50.50 61.65
CA LYS EB 150 84.53 49.38 62.35
C LYS EB 150 83.96 49.20 63.76
N ASP EB 151 84.20 48.02 64.32
CA ASP EB 151 83.70 47.67 65.65
C ASP EB 151 84.27 48.57 66.74
N GLU EB 152 85.60 48.69 66.75
CA GLU EB 152 86.32 49.44 67.79
C GLU EB 152 85.96 50.92 67.81
N TYR EB 153 85.38 51.40 66.72
CA TYR EB 153 85.03 52.82 66.61
C TYR EB 153 83.85 53.20 67.51
N TYR EB 154 83.04 52.21 67.87
CA TYR EB 154 81.84 52.46 68.68
C TYR EB 154 82.06 52.08 70.14
N LYS EB 155 83.32 51.85 70.51
CA LYS EB 155 83.66 51.40 71.86
C LYS EB 155 83.32 52.45 72.92
N ASP EB 156 83.33 53.72 72.53
CA ASP EB 156 83.10 54.81 73.45
C ASP EB 156 81.64 54.91 73.90
N PHE EB 157 80.73 54.42 73.07
CA PHE EB 157 79.30 54.58 73.32
C PHE EB 157 78.62 53.26 73.68
N LEU EB 158 79.39 52.18 73.66
CA LEU EB 158 78.87 50.86 74.00
C LEU EB 158 79.69 50.22 75.12
N SER FB 3 15.30 69.16 47.28
CA SER FB 3 14.52 69.18 48.51
C SER FB 3 14.25 70.62 48.97
N VAL FB 4 15.27 71.47 48.84
CA VAL FB 4 15.16 72.88 49.22
C VAL FB 4 15.44 73.77 48.02
N ASN FB 5 14.60 74.78 47.83
CA ASN FB 5 14.75 75.68 46.69
C ASN FB 5 14.93 77.13 47.13
N THR FB 6 16.19 77.55 47.27
CA THR FB 6 16.51 78.92 47.62
C THR FB 6 16.61 79.81 46.39
N SER FB 7 16.50 81.11 46.60
CA SER FB 7 16.57 82.08 45.51
C SER FB 7 16.83 83.49 46.05
N PHE FB 8 17.62 84.27 45.31
CA PHE FB 8 18.00 85.60 45.72
C PHE FB 8 17.21 86.70 45.01
N LEU FB 9 16.30 87.34 45.73
CA LEU FB 9 15.60 88.51 45.21
C LEU FB 9 16.52 89.72 45.28
N SER FB 10 17.37 89.70 46.31
CA SER FB 10 18.34 90.77 46.55
C SER FB 10 19.52 90.17 47.30
N PRO FB 11 20.65 90.90 47.38
CA PRO FB 11 21.79 90.38 48.17
C PRO FB 11 21.41 90.11 49.62
N SER FB 12 20.55 90.94 50.20
CA SER FB 12 20.13 90.76 51.59
C SER FB 12 18.73 90.17 51.69
N LEU FB 13 18.19 89.70 50.58
CA LEU FB 13 16.84 89.14 50.56
C LEU FB 13 16.83 87.76 49.90
N VAL FB 14 16.49 86.74 50.68
CA VAL FB 14 16.48 85.37 50.19
C VAL FB 14 15.16 84.66 50.53
N THR FB 15 14.58 83.99 49.54
CA THR FB 15 13.38 83.20 49.75
C THR FB 15 13.72 81.72 49.76
N ILE FB 16 13.36 81.03 50.84
CA ILE FB 16 13.68 79.62 51.00
C ILE FB 16 12.43 78.77 51.09
N ARG FB 17 12.27 77.85 50.13
CA ARG FB 17 11.12 76.95 50.12
C ARG FB 17 11.55 75.53 50.45
N ASP FB 18 10.91 74.94 51.47
CA ASP FB 18 11.19 73.57 51.85
C ASP FB 18 10.01 72.69 51.49
N PHE FB 19 10.15 71.90 50.42
CA PHE FB 19 9.07 71.05 49.93
C PHE FB 19 8.76 69.90 50.87
N ASP FB 20 9.81 69.29 51.42
CA ASP FB 20 9.65 68.13 52.29
C ASP FB 20 8.94 68.48 53.60
N ASN FB 21 9.33 69.58 54.21
CA ASN FB 21 8.73 70.02 55.47
C ASN FB 21 7.52 70.92 55.25
N GLY FB 22 7.29 71.33 54.01
CA GLY FB 22 6.17 72.18 53.66
C GLY FB 22 6.23 73.54 54.34
N GLN FB 23 7.38 74.19 54.25
CA GLN FB 23 7.58 75.49 54.88
C GLN FB 23 8.11 76.53 53.91
N PHE FB 24 7.87 77.81 54.23
CA PHE FB 24 8.41 78.91 53.45
C PHE FB 24 8.91 80.00 54.40
N ALA FB 25 10.17 80.36 54.28
CA ALA FB 25 10.76 81.38 55.14
C ALA FB 25 11.49 82.43 54.31
N VAL FB 26 11.33 83.69 54.70
CA VAL FB 26 12.03 84.79 54.04
C VAL FB 26 13.26 85.20 54.84
N LEU FB 27 14.42 85.09 54.21
CA LEU FB 27 15.67 85.48 54.86
C LEU FB 27 16.05 86.91 54.49
N ARG FB 28 16.08 87.80 55.47
CA ARG FB 28 16.37 89.21 55.22
C ARG FB 28 17.34 89.78 56.24
N ILE FB 29 18.38 90.45 55.75
CA ILE FB 29 19.33 91.16 56.60
C ILE FB 29 19.09 92.66 56.47
N GLY FB 30 18.09 93.16 57.18
CA GLY FB 30 17.66 94.55 57.05
C GLY FB 30 18.57 95.57 57.68
N ARG FB 31 19.03 95.30 58.90
CA ARG FB 31 19.82 96.25 59.67
C ARG FB 31 21.07 96.74 58.94
N THR FB 32 21.76 95.83 58.25
CA THR FB 32 23.02 96.18 57.59
C THR FB 32 22.92 96.14 56.08
N GLY FB 33 22.17 95.18 55.56
CA GLY FB 33 22.05 95.01 54.11
C GLY FB 33 23.18 94.19 53.55
N PHE FB 34 23.85 93.44 54.42
CA PHE FB 34 24.94 92.56 53.99
C PHE FB 34 24.40 91.39 53.17
N PRO FB 35 25.25 90.82 52.29
CA PRO FB 35 24.83 89.68 51.49
C PRO FB 35 24.74 88.40 52.33
N ALA FB 36 23.67 87.64 52.15
CA ALA FB 36 23.48 86.42 52.91
C ALA FB 36 24.49 85.36 52.48
N ASP FB 37 25.32 84.93 53.42
CA ASP FB 37 26.33 83.92 53.15
C ASP FB 37 25.75 82.52 53.38
N LYS FB 38 26.59 81.50 53.19
CA LYS FB 38 26.16 80.12 53.38
C LYS FB 38 25.75 79.88 54.83
N GLY FB 39 26.45 80.55 55.75
CA GLY FB 39 26.14 80.44 57.16
C GLY FB 39 24.78 81.01 57.52
N ASP FB 40 24.43 82.13 56.87
CA ASP FB 40 23.16 82.79 57.12
C ASP FB 40 21.98 81.90 56.70
N ILE FB 41 22.11 81.26 55.54
CA ILE FB 41 21.07 80.37 55.05
C ILE FB 41 20.97 79.12 55.92
N ASP FB 42 22.13 78.58 56.30
CA ASP FB 42 22.19 77.41 57.18
C ASP FB 42 21.57 77.73 58.54
N LEU FB 43 21.74 78.96 58.99
CA LEU FB 43 21.13 79.41 60.24
C LEU FB 43 19.62 79.45 60.13
N CYS FB 44 19.12 79.92 58.98
CA CYS FB 44 17.69 80.01 58.75
C CYS FB 44 17.05 78.63 58.72
N LEU FB 45 17.70 77.68 58.06
CA LEU FB 45 17.22 76.31 57.98
C LEU FB 45 17.13 75.68 59.37
N ASP FB 46 18.12 75.97 60.20
CA ASP FB 46 18.17 75.45 61.57
C ASP FB 46 17.03 76.03 62.41
N LYS FB 47 16.57 77.22 62.05
CA LYS FB 47 15.47 77.86 62.77
C LYS FB 47 14.11 77.32 62.31
N MET FB 48 14.02 76.99 61.03
CA MET FB 48 12.77 76.46 60.47
C MET FB 48 12.42 75.10 61.09
N ILE FB 49 13.42 74.23 61.19
CA ILE FB 49 13.21 72.90 61.75
C ILE FB 49 12.92 73.01 63.26
N GLY FB 50 13.39 74.08 63.87
CA GLY FB 50 13.13 74.33 65.28
C GLY FB 50 11.67 74.63 65.52
N VAL FB 51 11.12 75.52 64.70
CA VAL FB 51 9.71 75.88 64.78
C VAL FB 51 8.85 74.71 64.28
N ARG FB 52 9.40 73.96 63.33
CA ARG FB 52 8.75 72.73 62.87
C ARG FB 52 8.55 71.77 64.04
N ALA FB 53 9.54 71.73 64.92
CA ALA FB 53 9.45 70.92 66.13
C ALA FB 53 8.43 71.51 67.11
N ALA FB 54 8.30 72.82 67.12
CA ALA FB 54 7.33 73.49 67.97
C ALA FB 54 5.89 73.19 67.54
N GLN FB 55 5.68 73.08 66.24
CA GLN FB 55 4.36 72.80 65.70
C GLN FB 55 3.88 71.41 66.09
N ILE FB 56 4.73 70.42 65.87
CA ILE FB 56 4.40 69.03 66.17
C ILE FB 56 4.33 68.81 67.68
N PHE FB 57 5.06 69.62 68.42
CA PHE FB 57 4.99 69.60 69.88
C PHE FB 57 3.60 70.01 70.36
N LEU FB 58 3.08 71.08 69.77
CA LEU FB 58 1.75 71.57 70.10
C LEU FB 58 0.67 70.63 69.58
N GLY FB 59 1.06 69.72 68.69
CA GLY FB 59 0.13 68.76 68.13
C GLY FB 59 0.42 68.49 66.67
N ASP FB 60 0.34 67.23 66.26
CA ASP FB 60 0.58 66.85 64.87
C ASP FB 60 -0.60 67.29 64.01
N ASP FB 61 -0.39 68.36 63.24
CA ASP FB 61 -1.45 68.90 62.40
C ASP FB 61 -1.31 68.45 60.95
N THR FB 62 -0.43 67.49 60.73
CA THR FB 62 -0.27 66.90 59.40
C THR FB 62 -1.43 65.93 59.13
N GLU FB 63 -2.06 65.45 60.21
CA GLU FB 63 -3.19 64.55 60.11
C GLU FB 63 -4.46 65.30 59.70
N ASP FB 64 -5.52 64.54 59.42
CA ASP FB 64 -6.79 65.13 59.02
C ASP FB 64 -7.52 65.72 60.22
N GLY FB 65 -8.21 66.84 59.99
CA GLY FB 65 -8.95 67.50 61.04
C GLY FB 65 -8.07 68.24 62.03
N PHE FB 66 -7.09 68.97 61.51
CA PHE FB 66 -6.16 69.73 62.34
C PHE FB 66 -6.88 70.80 63.16
N LYS FB 67 -7.18 70.47 64.41
CA LYS FB 67 -7.87 71.39 65.30
C LYS FB 67 -6.97 72.58 65.69
N GLY FB 68 -5.67 72.41 65.49
CA GLY FB 68 -4.71 73.47 65.77
C GLY FB 68 -4.07 73.33 67.14
N PRO FB 69 -3.39 74.40 67.59
CA PRO FB 69 -3.21 75.65 66.84
C PRO FB 69 -2.05 75.58 65.85
N HIS FB 70 -2.08 76.43 64.83
CA HIS FB 70 -1.03 76.45 63.82
C HIS FB 70 0.04 77.50 64.15
N ILE FB 71 1.29 77.08 64.09
CA ILE FB 71 2.42 77.96 64.35
C ILE FB 71 3.48 77.80 63.27
N ARG FB 72 3.66 78.84 62.44
CA ARG FB 72 4.53 78.77 61.29
C ARG FB 72 5.50 79.95 61.20
N ILE FB 73 6.69 79.70 60.67
CA ILE FB 73 7.67 80.75 60.45
C ILE FB 73 7.30 81.63 59.26
N ARG FB 74 7.41 82.94 59.44
CA ARG FB 74 7.16 83.89 58.36
C ARG FB 74 8.46 84.44 57.79
N CYS FB 75 9.40 84.77 58.67
CA CYS FB 75 10.65 85.41 58.26
C CYS FB 75 11.74 85.31 59.32
N VAL FB 76 12.98 85.47 58.90
CA VAL FB 76 14.13 85.49 59.80
C VAL FB 76 15.01 86.71 59.52
N ASP FB 77 15.09 87.62 60.49
CA ASP FB 77 15.86 88.85 60.32
C ASP FB 77 17.18 88.75 61.08
N ILE FB 78 18.28 88.97 60.37
CA ILE FB 78 19.61 88.84 60.94
C ILE FB 78 20.28 90.20 61.19
N ASP FB 79 20.67 90.43 62.44
CA ASP FB 79 21.46 91.62 62.79
C ASP FB 79 22.95 91.29 62.65
N ASP FB 80 23.64 92.04 61.80
CA ASP FB 80 25.01 91.72 61.45
C ASP FB 80 25.96 92.89 61.69
N LYS FB 81 25.46 93.92 62.37
CA LYS FB 81 26.23 95.14 62.59
C LYS FB 81 27.48 94.91 63.44
N HIS FB 82 27.28 94.55 64.70
CA HIS FB 82 28.38 94.37 65.63
C HIS FB 82 28.46 92.94 66.13
N THR FB 83 27.34 92.44 66.63
CA THR FB 83 27.27 91.06 67.11
C THR FB 83 26.23 90.27 66.32
N TYR FB 84 26.51 88.99 66.09
CA TYR FB 84 25.61 88.13 65.32
C TYR FB 84 24.30 87.87 66.05
N ASN FB 85 23.21 88.42 65.54
CA ASN FB 85 21.90 88.26 66.15
C ASN FB 85 20.83 87.96 65.10
N ALA FB 86 19.83 87.17 65.48
CA ALA FB 86 18.76 86.80 64.57
C ALA FB 86 17.39 86.97 65.22
N MET FB 87 16.49 87.64 64.51
CA MET FB 87 15.12 87.83 64.97
C MET FB 87 14.14 87.05 64.10
N VAL FB 88 13.50 86.05 64.68
CA VAL FB 88 12.58 85.19 63.94
C VAL FB 88 11.14 85.69 64.04
N TYR FB 89 10.44 85.69 62.90
CA TYR FB 89 9.05 86.10 62.86
C TYR FB 89 8.12 84.91 62.66
N VAL FB 90 7.21 84.72 63.62
CA VAL FB 90 6.34 83.56 63.63
C VAL FB 90 4.86 83.97 63.74
N ASP FB 91 3.99 83.30 63.00
CA ASP FB 91 2.56 83.55 63.09
C ASP FB 91 1.85 82.39 63.76
N LEU FB 92 1.07 82.71 64.81
CA LEU FB 92 0.31 81.70 65.52
C LEU FB 92 -1.18 81.77 65.15
N ILE FB 93 -1.68 80.71 64.55
CA ILE FB 93 -3.08 80.66 64.13
C ILE FB 93 -3.88 79.71 65.02
N VAL FB 94 -5.01 80.18 65.51
CA VAL FB 94 -5.86 79.37 66.39
C VAL FB 94 -7.34 79.62 66.11
N GLU FB 100 -11.45 82.27 74.73
CA GLU FB 100 -10.42 83.29 74.89
C GLU FB 100 -9.35 82.83 75.87
N VAL FB 101 -9.75 82.06 76.87
CA VAL FB 101 -8.82 81.52 77.86
C VAL FB 101 -7.88 80.51 77.21
N GLU FB 102 -8.44 79.65 76.37
CA GLU FB 102 -7.65 78.66 75.65
C GLU FB 102 -6.69 79.33 74.67
N ARG FB 103 -7.09 80.47 74.13
CA ARG FB 103 -6.24 81.23 73.22
C ARG FB 103 -5.00 81.76 73.95
N GLU FB 104 -5.20 82.24 75.17
CA GLU FB 104 -4.10 82.70 76.00
C GLU FB 104 -3.22 81.53 76.40
N THR FB 105 -3.85 80.39 76.68
CA THR FB 105 -3.11 79.18 77.03
C THR FB 105 -2.30 78.68 75.85
N ALA FB 106 -2.88 78.73 74.66
CA ALA FB 106 -2.19 78.33 73.43
C ALA FB 106 -1.02 79.25 73.15
N GLU FB 107 -1.23 80.55 73.39
CA GLU FB 107 -0.18 81.54 73.20
C GLU FB 107 0.96 81.31 74.18
N GLU FB 108 0.61 80.92 75.41
CA GLU FB 108 1.60 80.66 76.45
C GLU FB 108 2.44 79.43 76.12
N GLU FB 109 1.77 78.35 75.71
CA GLU FB 109 2.45 77.11 75.34
C GLU FB 109 3.34 77.31 74.13
N ALA FB 110 2.86 78.06 73.14
CA ALA FB 110 3.63 78.33 71.93
C ALA FB 110 4.85 79.17 72.24
N LYS FB 111 4.70 80.15 73.13
CA LYS FB 111 5.80 81.03 73.52
C LYS FB 111 6.92 80.25 74.21
N LEU FB 112 6.55 79.40 75.15
CA LEU FB 112 7.53 78.58 75.88
C LEU FB 112 8.24 77.60 74.96
N ALA FB 113 7.50 77.01 74.03
CA ALA FB 113 8.07 76.05 73.09
C ALA FB 113 9.07 76.69 72.15
N LEU FB 114 8.77 77.91 71.70
CA LEU FB 114 9.64 78.63 70.78
C LEU FB 114 10.95 79.05 71.44
N ARG FB 115 10.89 79.35 72.74
CA ARG FB 115 12.07 79.75 73.49
C ARG FB 115 13.11 78.63 73.54
N VAL FB 116 12.63 77.40 73.73
CA VAL FB 116 13.51 76.24 73.82
C VAL FB 116 14.02 75.82 72.44
N ALA FB 117 13.12 75.83 71.46
CA ALA FB 117 13.44 75.36 70.11
C ALA FB 117 14.43 76.27 69.38
N LEU FB 118 14.24 77.58 69.52
CA LEU FB 118 15.07 78.55 68.80
C LEU FB 118 16.26 79.03 69.62
N GLN FB 119 16.40 78.49 70.83
CA GLN FB 119 17.47 78.86 71.75
C GLN FB 119 17.51 80.38 71.98
N VAL FB 120 16.38 80.92 72.44
CA VAL FB 120 16.26 82.35 72.67
C VAL FB 120 17.17 82.80 73.81
N ASP FB 121 17.88 83.90 73.60
CA ASP FB 121 18.77 84.51 74.59
C ASP FB 121 19.94 83.59 74.94
N ILE FB 122 20.18 82.59 74.10
CA ILE FB 122 21.31 81.69 74.28
C ILE FB 122 22.11 81.56 72.98
N ALA FB 123 23.37 81.15 73.11
CA ALA FB 123 24.23 80.99 71.94
C ALA FB 123 23.80 79.79 71.10
N ASP FB 124 23.47 80.04 69.84
CA ASP FB 124 23.06 78.98 68.93
C ASP FB 124 24.26 78.19 68.43
N GLU FB 125 24.01 77.22 67.56
CA GLU FB 125 25.07 76.40 66.99
C GLU FB 125 25.97 77.24 66.08
N HIS FB 126 25.43 78.33 65.56
CA HIS FB 126 26.20 79.24 64.71
C HIS FB 126 26.70 80.44 65.50
N SER FB 127 26.82 80.27 66.82
CA SER FB 127 27.22 81.33 67.73
C SER FB 127 26.32 82.56 67.58
N CYS FB 128 25.02 82.33 67.62
CA CYS FB 128 24.05 83.40 67.42
C CYS FB 128 23.07 83.53 68.58
N VAL FB 129 22.75 84.78 68.94
CA VAL FB 129 21.74 85.05 69.95
C VAL FB 129 20.38 85.29 69.28
N THR FB 130 19.45 84.37 69.47
CA THR FB 130 18.17 84.42 68.78
C THR FB 130 17.05 85.02 69.62
N GLN FB 131 16.06 85.59 68.94
CA GLN FB 131 14.87 86.13 69.58
C GLN FB 131 13.69 86.00 68.62
N PHE FB 132 12.47 86.07 69.15
CA PHE FB 132 11.29 85.86 68.31
C PHE FB 132 10.16 86.83 68.62
N GLU FB 133 9.35 87.10 67.61
CA GLU FB 133 8.13 87.90 67.76
C GLU FB 133 6.98 87.16 67.09
N MET FB 134 5.84 87.07 67.78
CA MET FB 134 4.72 86.31 67.26
C MET FB 134 3.42 87.11 67.23
N LYS FB 135 2.61 86.86 66.22
CA LYS FB 135 1.31 87.51 66.08
C LYS FB 135 0.19 86.48 66.12
N LEU FB 136 -0.97 86.88 66.66
CA LEU FB 136 -2.10 85.97 66.78
C LEU FB 136 -3.13 86.23 65.70
N ARG FB 137 -3.52 85.18 64.98
CA ARG FB 137 -4.53 85.27 63.93
C ARG FB 137 -5.61 84.22 64.15
N GLU FB 138 -6.85 84.56 63.78
CA GLU FB 138 -7.97 83.65 63.98
C GLU FB 138 -8.75 83.42 62.69
N GLU FB 139 -8.81 82.16 62.28
CA GLU FB 139 -9.53 81.78 61.07
C GLU FB 139 -10.06 80.35 61.17
N LEU FB 140 -11.11 80.05 60.40
CA LEU FB 140 -11.69 78.72 60.40
C LEU FB 140 -10.74 77.71 59.78
N LEU FB 141 -10.39 76.67 60.54
CA LEU FB 141 -9.49 75.62 60.07
C LEU FB 141 -10.14 74.78 58.97
N SER FB 142 -11.46 74.68 59.02
CA SER FB 142 -12.20 73.87 58.06
C SER FB 142 -12.56 74.67 56.82
N SER FB 143 -12.21 75.95 56.82
CA SER FB 143 -12.49 76.82 55.68
C SER FB 143 -11.62 76.45 54.48
N ASP FB 144 -12.21 76.54 53.29
CA ASP FB 144 -11.50 76.22 52.06
C ASP FB 144 -10.40 77.24 51.77
N SER FB 145 -10.72 78.51 51.99
CA SER FB 145 -9.77 79.59 51.74
C SER FB 145 -8.88 79.86 52.95
N PHE FB 146 -8.16 78.84 53.39
CA PHE FB 146 -7.27 78.97 54.53
C PHE FB 146 -6.04 78.06 54.41
N HIS FB 147 -4.88 78.59 54.76
CA HIS FB 147 -3.66 77.81 54.80
C HIS FB 147 -2.64 78.41 55.76
N PRO FB 148 -1.92 77.55 56.50
CA PRO FB 148 -0.85 77.95 57.42
C PRO FB 148 0.13 78.95 56.81
N ASP FB 149 0.41 78.80 55.51
CA ASP FB 149 1.34 79.67 54.81
C ASP FB 149 0.65 80.38 53.64
N LYS FB 150 -0.43 81.11 53.94
CA LYS FB 150 -1.15 81.83 52.91
C LYS FB 150 -0.30 82.95 52.30
N ASP FB 151 -0.73 83.42 51.14
CA ASP FB 151 0.00 84.45 50.40
C ASP FB 151 0.06 85.76 51.18
N GLU FB 152 -1.10 86.23 51.64
CA GLU FB 152 -1.22 87.51 52.33
C GLU FB 152 -0.42 87.58 53.63
N TYR FB 153 -0.06 86.42 54.18
CA TYR FB 153 0.65 86.35 55.46
C TYR FB 153 2.08 86.85 55.35
N TYR FB 154 2.64 86.81 54.14
CA TYR FB 154 4.03 87.19 53.94
C TYR FB 154 4.16 88.60 53.34
N LYS FB 155 3.06 89.35 53.36
CA LYS FB 155 3.02 90.68 52.77
C LYS FB 155 3.96 91.66 53.47
N ASP FB 156 4.21 91.43 54.75
CA ASP FB 156 5.04 92.33 55.55
C ASP FB 156 6.53 92.24 55.17
N PHE FB 157 6.95 91.08 54.66
CA PHE FB 157 8.36 90.84 54.41
C PHE FB 157 8.69 90.78 52.91
N LEU FB 158 7.67 90.92 52.07
CA LEU FB 158 7.87 90.92 50.63
C LEU FB 158 7.30 92.18 49.99
N SER GB 3 19.18 72.27 33.77
CA SER GB 3 18.31 72.36 32.60
C SER GB 3 17.10 73.26 32.87
N VAL GB 4 16.56 73.14 34.08
CA VAL GB 4 15.41 73.95 34.49
C VAL GB 4 15.76 74.77 35.73
N ASN GB 5 15.42 76.05 35.71
CA ASN GB 5 15.74 76.94 36.82
C ASN GB 5 14.50 77.56 37.44
N THR GB 6 13.98 76.92 38.48
CA THR GB 6 12.82 77.45 39.20
C THR GB 6 13.27 78.38 40.31
N SER GB 7 12.36 79.23 40.75
CA SER GB 7 12.64 80.20 41.81
C SER GB 7 11.35 80.76 42.41
N PHE GB 8 11.38 81.00 43.72
CA PHE GB 8 10.19 81.48 44.42
C PHE GB 8 10.26 82.98 44.71
N LEU GB 9 9.47 83.76 43.97
CA LEU GB 9 9.33 85.18 44.26
C LEU GB 9 8.40 85.36 45.45
N SER GB 10 7.44 84.44 45.54
CA SER GB 10 6.45 84.44 46.61
C SER GB 10 5.98 83.01 46.82
N PRO GB 11 5.29 82.72 47.94
CA PRO GB 11 4.75 81.37 48.11
C PRO GB 11 3.82 80.94 46.98
N SER GB 12 3.04 81.88 46.46
CA SER GB 12 2.12 81.57 45.37
C SER GB 12 2.62 82.08 44.02
N LEU GB 13 3.88 82.50 43.97
CA LEU GB 13 4.46 83.00 42.73
C LEU GB 13 5.79 82.33 42.42
N VAL GB 14 5.84 81.60 41.31
CA VAL GB 14 7.03 80.86 40.91
C VAL GB 14 7.39 81.14 39.46
N THR GB 15 8.67 81.43 39.21
CA THR GB 15 9.16 81.62 37.85
C THR GB 15 9.98 80.41 37.39
N ILE GB 16 9.59 79.82 36.27
CA ILE GB 16 10.25 78.63 35.75
C ILE GB 16 10.88 78.87 34.39
N ARG GB 17 12.20 78.71 34.32
CA ARG GB 17 12.93 78.88 33.07
C ARG GB 17 13.45 77.54 32.53
N ASP GB 18 13.11 77.23 31.29
CA ASP GB 18 13.57 76.02 30.64
C ASP GB 18 14.59 76.35 29.56
N PHE GB 19 15.87 76.11 29.85
CA PHE GB 19 16.94 76.45 28.92
C PHE GB 19 16.94 75.56 27.68
N ASP GB 20 16.69 74.27 27.88
CA ASP GB 20 16.72 73.30 26.79
C ASP GB 20 15.61 73.55 25.77
N ASN GB 21 14.40 73.80 26.27
CA ASN GB 21 13.26 74.06 25.39
C ASN GB 21 13.13 75.54 25.05
N GLY GB 22 13.92 76.38 25.71
CA GLY GB 22 13.89 77.81 25.48
C GLY GB 22 12.55 78.43 25.84
N GLN GB 23 12.04 78.08 27.01
CA GLN GB 23 10.73 78.56 27.45
C GLN GB 23 10.78 79.20 28.83
N PHE GB 24 9.82 80.08 29.10
CA PHE GB 24 9.69 80.68 30.42
C PHE GB 24 8.21 80.72 30.79
N ALA GB 25 7.88 80.14 31.94
CA ALA GB 25 6.51 80.09 32.42
C ALA GB 25 6.43 80.58 33.85
N VAL GB 26 5.40 81.37 34.14
CA VAL GB 26 5.17 81.85 35.49
C VAL GB 26 4.11 81.00 36.19
N LEU GB 27 4.48 80.38 37.30
CA LEU GB 27 3.56 79.56 38.07
C LEU GB 27 2.94 80.38 39.20
N ARG GB 28 1.63 80.59 39.13
CA ARG GB 28 0.95 81.43 40.10
C ARG GB 28 -0.37 80.81 40.58
N ILE GB 29 -0.55 80.78 41.89
CA ILE GB 29 -1.81 80.33 42.48
C ILE GB 29 -2.56 81.55 43.02
N GLY GB 30 -3.20 82.27 42.12
CA GLY GB 30 -3.84 83.54 42.46
C GLY GB 30 -5.13 83.43 43.25
N ARG GB 31 -6.00 82.51 42.83
CA ARG GB 31 -7.33 82.37 43.42
C ARG GB 31 -7.31 82.16 44.92
N THR GB 32 -6.36 81.35 45.41
CA THR GB 32 -6.31 81.01 46.83
C THR GB 32 -5.10 81.62 47.52
N GLY GB 33 -3.97 81.67 46.81
CA GLY GB 33 -2.74 82.17 47.38
C GLY GB 33 -1.98 81.11 48.15
N PHE GB 34 -2.31 79.85 47.88
CA PHE GB 34 -1.63 78.73 48.50
C PHE GB 34 -0.20 78.60 48.00
N PRO GB 35 0.70 78.01 48.81
CA PRO GB 35 2.09 77.82 48.39
C PRO GB 35 2.22 76.72 47.34
N ALA GB 36 2.99 77.00 46.28
CA ALA GB 36 3.19 76.04 45.21
C ALA GB 36 4.02 74.85 45.68
N ASP GB 37 3.43 73.66 45.62
CA ASP GB 37 4.12 72.44 46.04
C ASP GB 37 4.88 71.83 44.86
N LYS GB 38 5.52 70.69 45.10
CA LYS GB 38 6.28 70.00 44.06
C LYS GB 38 5.37 69.53 42.93
N GLY GB 39 4.14 69.15 43.28
CA GLY GB 39 3.17 68.70 42.30
C GLY GB 39 2.73 69.81 41.36
N ASP GB 40 2.58 71.02 41.92
CA ASP GB 40 2.17 72.18 41.14
C ASP GB 40 3.21 72.54 40.08
N ILE GB 41 4.47 72.50 40.47
CA ILE GB 41 5.56 72.80 39.55
C ILE GB 41 5.66 71.72 38.47
N ASP GB 42 5.53 70.47 38.88
CA ASP GB 42 5.57 69.34 37.95
C ASP GB 42 4.41 69.44 36.97
N LEU GB 43 3.28 69.94 37.44
CA LEU GB 43 2.12 70.16 36.60
C LEU GB 43 2.39 71.25 35.56
N CYS GB 44 3.08 72.30 36.00
CA CYS GB 44 3.44 73.40 35.12
C CYS GB 44 4.38 72.95 34.02
N LEU GB 45 5.36 72.12 34.38
CA LEU GB 45 6.31 71.57 33.41
C LEU GB 45 5.59 70.71 32.38
N ASP GB 46 4.61 69.95 32.83
CA ASP GB 46 3.83 69.09 31.94
C ASP GB 46 3.00 69.91 30.95
N LYS GB 47 2.65 71.13 31.34
CA LYS GB 47 1.89 72.02 30.47
C LYS GB 47 2.78 72.71 29.45
N MET GB 48 4.01 73.00 29.85
CA MET GB 48 4.97 73.66 28.96
C MET GB 48 5.32 72.76 27.76
N ILE GB 49 5.60 71.49 28.04
CA ILE GB 49 5.97 70.55 27.00
C ILE GB 49 4.77 70.25 26.09
N GLY GB 50 3.57 70.43 26.63
CA GLY GB 50 2.36 70.24 25.85
C GLY GB 50 2.21 71.33 24.80
N VAL GB 51 2.42 72.57 25.24
CA VAL GB 51 2.36 73.71 24.33
C VAL GB 51 3.57 73.71 23.42
N ARG GB 52 4.70 73.22 23.94
CA ARG GB 52 5.90 73.04 23.12
C ARG GB 52 5.57 72.09 21.97
N ALA GB 53 4.77 71.07 22.26
CA ALA GB 53 4.31 70.14 21.24
C ALA GB 53 3.32 70.83 20.30
N ALA GB 54 2.55 71.76 20.83
CA ALA GB 54 1.60 72.52 20.02
C ALA GB 54 2.32 73.42 19.02
N GLN GB 55 3.45 73.98 19.45
CA GLN GB 55 4.24 74.88 18.61
C GLN GB 55 4.81 74.17 17.40
N ILE GB 56 5.45 73.03 17.65
CA ILE GB 56 6.10 72.25 16.58
C ILE GB 56 5.03 71.64 15.66
N PHE GB 57 3.84 71.41 16.21
CA PHE GB 57 2.72 70.93 15.42
C PHE GB 57 2.32 71.96 14.37
N LEU GB 58 2.21 73.22 14.78
CA LEU GB 58 1.84 74.31 13.88
C LEU GB 58 2.95 74.62 12.88
N GLY GB 59 4.14 74.08 13.14
CA GLY GB 59 5.29 74.29 12.28
C GLY GB 59 6.56 74.45 13.08
N ASP GB 60 7.64 73.85 12.61
CA ASP GB 60 8.92 73.94 13.29
C ASP GB 60 9.51 75.33 13.10
N ASP GB 61 9.43 76.14 14.16
CA ASP GB 61 9.92 77.50 14.10
C ASP GB 61 11.30 77.62 14.75
N THR GB 62 11.89 76.48 15.06
CA THR GB 62 13.25 76.44 15.58
C THR GB 62 14.23 76.67 14.43
N GLU GB 63 13.78 76.40 13.22
CA GLU GB 63 14.58 76.59 12.02
C GLU GB 63 14.68 78.07 11.65
N ASP GB 64 15.53 78.37 10.68
CA ASP GB 64 15.72 79.74 10.22
C ASP GB 64 14.56 80.20 9.36
N GLY GB 65 14.18 81.47 9.49
CA GLY GB 65 13.08 82.03 8.72
C GLY GB 65 11.74 81.55 9.23
N PHE GB 66 11.56 81.56 10.55
CA PHE GB 66 10.32 81.13 11.17
C PHE GB 66 9.14 81.99 10.74
N LYS GB 67 8.41 81.53 9.74
CA LYS GB 67 7.24 82.25 9.23
C LYS GB 67 6.10 82.25 10.25
N GLY GB 68 6.17 81.34 11.21
CA GLY GB 68 5.17 81.27 12.26
C GLY GB 68 4.08 80.25 11.99
N PRO GB 69 3.00 80.31 12.78
CA PRO GB 69 2.82 81.27 13.86
C PRO GB 69 3.48 80.81 15.16
N HIS GB 70 3.79 81.75 16.04
CA HIS GB 70 4.41 81.42 17.32
C HIS GB 70 3.36 81.29 18.41
N ILE GB 71 3.44 80.21 19.17
CA ILE GB 71 2.52 79.97 20.28
C ILE GB 71 3.30 79.54 21.52
N ARG GB 72 3.31 80.42 22.52
CA ARG GB 72 4.15 80.21 23.71
C ARG GB 72 3.35 80.40 25.00
N ILE GB 73 3.72 79.65 26.03
CA ILE GB 73 3.11 79.78 27.35
C ILE GB 73 3.62 81.04 28.06
N ARG GB 74 2.69 81.78 28.66
CA ARG GB 74 3.05 82.96 29.44
C ARG GB 74 2.97 82.68 30.93
N CYS GB 75 1.91 81.98 31.34
CA CYS GB 75 1.66 81.71 32.75
C CYS GB 75 0.67 80.57 32.95
N VAL GB 76 0.70 79.98 34.14
CA VAL GB 76 -0.24 78.92 34.51
C VAL GB 76 -0.88 79.23 35.85
N ASP GB 77 -2.19 79.47 35.84
CA ASP GB 77 -2.91 79.82 37.06
C ASP GB 77 -3.68 78.61 37.58
N ILE GB 78 -3.45 78.27 38.84
CA ILE GB 78 -4.06 77.09 39.46
C ILE GB 78 -5.18 77.47 40.43
N ASP GB 79 -6.37 76.93 40.19
CA ASP GB 79 -7.49 77.07 41.12
C ASP GB 79 -7.44 75.92 42.12
N ASP GB 80 -7.33 76.26 43.40
CA ASP GB 80 -7.09 75.25 44.44
C ASP GB 80 -8.12 75.31 45.56
N LYS GB 81 -9.19 76.07 45.34
CA LYS GB 81 -10.21 76.27 46.37
C LYS GB 81 -10.90 74.97 46.75
N HIS GB 82 -11.65 74.40 45.82
CA HIS GB 82 -12.43 73.20 46.09
C HIS GB 82 -11.95 72.03 45.24
N THR GB 83 -11.87 72.26 43.92
CA THR GB 83 -11.41 71.24 43.00
C THR GB 83 -10.15 71.71 42.28
N TYR GB 84 -9.25 70.77 41.99
CA TYR GB 84 -7.99 71.08 41.35
C TYR GB 84 -8.21 71.51 39.89
N ASN GB 85 -7.97 72.78 39.62
CA ASN GB 85 -8.16 73.35 38.28
C ASN GB 85 -6.98 74.22 37.86
N ALA GB 86 -6.69 74.24 36.57
CA ALA GB 86 -5.57 75.02 36.05
C ALA GB 86 -5.97 75.84 34.84
N MET GB 87 -5.63 77.13 34.86
CA MET GB 87 -5.89 78.02 33.74
C MET GB 87 -4.59 78.44 33.08
N VAL GB 88 -4.39 78.01 31.83
CA VAL GB 88 -3.16 78.29 31.11
C VAL GB 88 -3.29 79.56 30.27
N TYR GB 89 -2.25 80.39 30.30
CA TYR GB 89 -2.22 81.62 29.52
C TYR GB 89 -1.23 81.50 28.37
N VAL GB 90 -1.74 81.65 27.15
CA VAL GB 90 -0.94 81.43 25.95
C VAL GB 90 -0.98 82.63 25.01
N ASP GB 91 0.15 82.98 24.43
CA ASP GB 91 0.21 84.07 23.46
C ASP GB 91 0.45 83.54 22.05
N LEU GB 92 -0.43 83.92 21.12
CA LEU GB 92 -0.30 83.53 19.72
C LEU GB 92 0.21 84.70 18.88
N ILE GB 93 1.40 84.53 18.30
CA ILE GB 93 2.01 85.58 17.50
C ILE GB 93 2.00 85.21 16.02
N VAL GB 94 1.53 86.13 15.18
CA VAL GB 94 1.45 85.89 13.74
C VAL GB 94 1.81 87.14 12.94
N GLU GB 100 -6.02 88.14 6.89
CA GLU GB 100 -6.93 88.05 8.02
C GLU GB 100 -7.58 86.67 8.11
N VAL GB 101 -7.83 86.09 6.93
CA VAL GB 101 -8.43 84.76 6.86
C VAL GB 101 -7.48 83.70 7.39
N GLU GB 102 -6.21 83.81 7.03
CA GLU GB 102 -5.17 82.90 7.50
C GLU GB 102 -4.96 83.05 9.01
N ARG GB 103 -5.17 84.28 9.50
CA ARG GB 103 -5.05 84.56 10.92
C ARG GB 103 -6.14 83.83 11.71
N GLU GB 104 -7.35 83.82 11.16
CA GLU GB 104 -8.46 83.10 11.76
C GLU GB 104 -8.22 81.59 11.72
N THR GB 105 -7.62 81.13 10.63
CA THR GB 105 -7.29 79.72 10.46
C THR GB 105 -6.21 79.29 11.47
N ALA GB 106 -5.22 80.15 11.67
CA ALA GB 106 -4.15 79.89 12.62
C ALA GB 106 -4.69 79.84 14.05
N GLU GB 107 -5.61 80.74 14.36
CA GLU GB 107 -6.23 80.77 15.68
C GLU GB 107 -7.05 79.51 15.95
N GLU GB 108 -7.73 79.03 14.92
CA GLU GB 108 -8.55 77.83 15.04
C GLU GB 108 -7.71 76.58 15.26
N GLU GB 109 -6.66 76.43 14.47
CA GLU GB 109 -5.76 75.28 14.58
C GLU GB 109 -5.03 75.26 15.92
N ALA GB 110 -4.60 76.44 16.37
CA ALA GB 110 -3.90 76.56 17.64
C ALA GB 110 -4.83 76.22 18.81
N LYS GB 111 -6.08 76.65 18.71
CA LYS GB 111 -7.08 76.38 19.74
C LYS GB 111 -7.34 74.89 19.89
N LEU GB 112 -7.55 74.21 18.77
CA LEU GB 112 -7.79 72.77 18.76
C LEU GB 112 -6.59 72.00 19.28
N ALA GB 113 -5.40 72.45 18.90
CA ALA GB 113 -4.16 71.82 19.32
C ALA GB 113 -3.94 71.94 20.83
N LEU GB 114 -4.28 73.11 21.37
CA LEU GB 114 -4.12 73.36 22.80
C LEU GB 114 -5.08 72.53 23.64
N ARG GB 115 -6.28 72.28 23.09
CA ARG GB 115 -7.28 71.48 23.78
C ARG GB 115 -6.80 70.04 23.98
N VAL GB 116 -6.14 69.51 22.95
CA VAL GB 116 -5.63 68.14 23.01
C VAL GB 116 -4.37 68.05 23.87
N ALA GB 117 -3.49 69.02 23.72
CA ALA GB 117 -2.20 69.01 24.42
C ALA GB 117 -2.34 69.23 25.93
N LEU GB 118 -3.20 70.16 26.32
CA LEU GB 118 -3.35 70.51 27.72
C LEU GB 118 -4.47 69.75 28.43
N GLN GB 119 -5.13 68.86 27.69
CA GLN GB 119 -6.23 68.06 28.21
C GLN GB 119 -7.33 68.94 28.80
N VAL GB 120 -7.84 69.87 28.00
CA VAL GB 120 -8.86 70.81 28.43
C VAL GB 120 -10.19 70.11 28.73
N ASP GB 121 -10.80 70.48 29.86
CA ASP GB 121 -12.10 69.97 30.28
C ASP GB 121 -12.07 68.47 30.56
N ILE GB 122 -10.87 67.92 30.71
CA ILE GB 122 -10.69 66.51 31.04
C ILE GB 122 -9.74 66.36 32.22
N ALA GB 123 -9.80 65.23 32.91
CA ALA GB 123 -8.92 64.99 34.05
C ALA GB 123 -7.49 64.78 33.58
N ASP GB 124 -6.59 65.64 34.05
CA ASP GB 124 -5.18 65.55 33.68
C ASP GB 124 -4.48 64.42 34.42
N GLU GB 125 -3.18 64.29 34.20
CA GLU GB 125 -2.38 63.27 34.87
C GLU GB 125 -2.28 63.56 36.36
N HIS GB 126 -2.46 64.82 36.73
CA HIS GB 126 -2.44 65.23 38.13
C HIS GB 126 -3.86 65.38 38.68
N SER GB 127 -4.81 64.67 38.04
CA SER GB 127 -6.22 64.75 38.40
C SER GB 127 -6.72 66.19 38.37
N CYS GB 128 -6.43 66.89 37.27
CA CYS GB 128 -6.77 68.30 37.15
C CYS GB 128 -7.63 68.58 35.92
N VAL GB 129 -8.61 69.47 36.09
CA VAL GB 129 -9.42 69.94 34.97
C VAL GB 129 -8.83 71.24 34.45
N THR GB 130 -8.27 71.18 33.23
CA THR GB 130 -7.53 72.31 32.68
C THR GB 130 -8.35 73.15 31.71
N GLN GB 131 -7.98 74.42 31.60
CA GLN GB 131 -8.59 75.33 30.65
C GLN GB 131 -7.55 76.35 30.21
N PHE GB 132 -7.77 77.01 29.07
CA PHE GB 132 -6.79 77.93 28.54
C PHE GB 132 -7.40 79.21 27.98
N GLU GB 133 -6.62 80.29 28.02
CA GLU GB 133 -7.00 81.56 27.42
C GLU GB 133 -5.85 82.08 26.57
N MET GB 134 -6.16 82.51 25.35
CA MET GB 134 -5.11 82.96 24.44
C MET GB 134 -5.39 84.34 23.85
N LYS GB 135 -4.32 85.10 23.63
CA LYS GB 135 -4.41 86.42 23.04
C LYS GB 135 -3.66 86.48 21.72
N LEU GB 136 -4.15 87.29 20.79
CA LEU GB 136 -3.53 87.40 19.47
C LEU GB 136 -2.68 88.66 19.35
N ARG GB 137 -1.43 88.47 18.93
CA ARG GB 137 -0.50 89.58 18.76
C ARG GB 137 0.13 89.52 17.37
N GLU GB 138 0.42 90.69 16.81
CA GLU GB 138 0.98 90.78 15.46
C GLU GB 138 2.27 91.58 15.45
N GLU GB 139 3.35 90.96 15.01
CA GLU GB 139 4.65 91.62 14.93
C GLU GB 139 5.50 91.02 13.81
N LEU GB 140 6.46 91.80 13.32
CA LEU GB 140 7.35 91.34 12.27
C LEU GB 140 8.29 90.25 12.77
N LEU GB 141 8.23 89.08 12.14
CA LEU GB 141 9.08 87.96 12.53
C LEU GB 141 10.55 88.24 12.19
N SER GB 142 10.78 89.05 11.17
CA SER GB 142 12.14 89.36 10.73
C SER GB 142 12.71 90.55 11.49
N SER GB 143 11.89 91.14 12.36
CA SER GB 143 12.32 92.30 13.15
C SER GB 143 13.36 91.89 14.18
N ASP GB 144 14.35 92.77 14.39
CA ASP GB 144 15.40 92.51 15.36
C ASP GB 144 14.87 92.53 16.79
N SER GB 145 13.98 93.48 17.08
CA SER GB 145 13.42 93.62 18.41
C SER GB 145 12.18 92.74 18.59
N PHE GB 146 12.35 91.43 18.41
CA PHE GB 146 11.25 90.49 18.58
C PHE GB 146 11.71 89.13 19.09
N HIS GB 147 10.94 88.57 20.02
CA HIS GB 147 11.19 87.22 20.52
C HIS GB 147 9.90 86.61 21.05
N PRO GB 148 9.70 85.31 20.81
CA PRO GB 148 8.56 84.55 21.33
C PRO GB 148 8.28 84.78 22.81
N ASP GB 149 9.34 84.95 23.60
CA ASP GB 149 9.19 85.17 25.03
C ASP GB 149 9.81 86.49 25.46
N LYS GB 150 9.35 87.59 24.86
CA LYS GB 150 9.84 88.91 25.19
C LYS GB 150 9.50 89.29 26.62
N ASP GB 151 10.20 90.29 27.16
CA ASP GB 151 10.00 90.73 28.53
C ASP GB 151 8.59 91.28 28.76
N GLU GB 152 8.18 92.19 27.89
CA GLU GB 152 6.90 92.88 28.03
C GLU GB 152 5.71 91.93 27.95
N TYR GB 153 5.93 90.73 27.41
CA TYR GB 153 4.87 89.75 27.25
C TYR GB 153 4.44 89.17 28.59
N TYR GB 154 5.34 89.23 29.57
CA TYR GB 154 5.08 88.65 30.88
C TYR GB 154 4.73 89.73 31.91
N LYS GB 155 4.46 90.95 31.42
CA LYS GB 155 4.19 92.08 32.29
C LYS GB 155 2.91 91.90 33.11
N ASP GB 156 1.96 91.14 32.56
CA ASP GB 156 0.68 90.93 33.22
C ASP GB 156 0.80 90.02 34.44
N PHE GB 157 1.81 89.16 34.44
CA PHE GB 157 1.94 88.14 35.48
C PHE GB 157 3.12 88.41 36.40
N LEU GB 158 3.86 89.47 36.11
CA LEU GB 158 5.00 89.87 36.94
C LEU GB 158 4.87 91.31 37.41
N SER HB 3 27.26 75.91 44.90
CA SER HB 3 28.27 76.96 44.90
C SER HB 3 27.71 78.26 44.34
N VAL HB 4 26.92 78.14 43.27
CA VAL HB 4 26.30 79.30 42.64
C VAL HB 4 24.78 79.17 42.64
N ASN HB 5 24.10 80.25 43.01
CA ASN HB 5 22.65 80.23 43.08
C ASN HB 5 22.01 81.28 42.17
N THR HB 6 21.67 80.86 40.95
CA THR HB 6 21.00 81.73 40.00
C THR HB 6 19.50 81.66 40.18
N SER HB 7 18.79 82.68 39.69
CA SER HB 7 17.34 82.74 39.81
C SER HB 7 16.74 83.76 38.85
N PHE HB 8 15.57 83.45 38.32
CA PHE HB 8 14.91 84.31 37.35
C PHE HB 8 13.78 85.11 37.99
N LEU HB 9 14.02 86.40 38.19
CA LEU HB 9 12.98 87.30 38.68
C LEU HB 9 12.04 87.64 37.52
N SER HB 10 12.61 87.66 36.32
CA SER HB 10 11.88 87.96 35.11
C SER HB 10 12.59 87.25 33.96
N PRO HB 11 11.94 87.15 32.78
CA PRO HB 11 12.64 86.54 31.65
C PRO HB 11 13.95 87.24 31.30
N SER HB 12 14.00 88.56 31.45
CA SER HB 12 15.21 89.31 31.14
C SER HB 12 15.95 89.76 32.41
N LEU HB 13 15.55 89.23 33.55
CA LEU HB 13 16.18 89.60 34.83
C LEU HB 13 16.62 88.38 35.62
N VAL HB 14 17.93 88.26 35.84
CA VAL HB 14 18.51 87.12 36.55
C VAL HB 14 19.44 87.58 37.66
N THR HB 15 19.27 87.00 38.85
CA THR HB 15 20.15 87.30 39.97
C THR HB 15 21.11 86.14 40.21
N ILE HB 16 22.40 86.42 40.21
CA ILE HB 16 23.42 85.39 40.38
C ILE HB 16 24.25 85.61 41.64
N ARG HB 17 24.19 84.66 42.57
CA ARG HB 17 24.96 84.73 43.79
C ARG HB 17 26.08 83.68 43.81
N ASP HB 18 27.31 84.15 44.01
CA ASP HB 18 28.45 83.26 44.10
C ASP HB 18 28.96 83.21 45.54
N PHE HB 19 28.67 82.10 46.22
CA PHE HB 19 29.04 81.94 47.62
C PHE HB 19 30.54 81.77 47.83
N ASP HB 20 31.18 81.00 46.95
CA ASP HB 20 32.60 80.70 47.08
C ASP HB 20 33.46 81.95 46.88
N ASN HB 21 33.14 82.73 45.86
CA ASN HB 21 33.89 83.95 45.58
C ASN HB 21 33.34 85.16 46.32
N GLY HB 22 32.19 84.98 46.96
CA GLY HB 22 31.55 86.06 47.69
C GLY HB 22 31.14 87.22 46.81
N GLN HB 23 30.47 86.90 45.71
CA GLN HB 23 30.05 87.92 44.75
C GLN HB 23 28.56 87.85 44.45
N PHE HB 24 28.00 88.97 44.02
CA PHE HB 24 26.60 89.01 43.58
C PHE HB 24 26.52 89.90 42.34
N ALA HB 25 26.00 89.33 41.25
CA ALA HB 25 25.87 90.06 40.00
C ALA HB 25 24.45 89.96 39.48
N VAL HB 26 23.93 91.07 38.95
CA VAL HB 26 22.61 91.09 38.36
C VAL HB 26 22.69 91.01 36.84
N LEU HB 27 22.11 89.95 36.28
CA LEU HB 27 22.09 89.77 34.82
C LEU HB 27 20.78 90.30 34.25
N ARG HB 28 20.89 91.33 33.41
CA ARG HB 28 19.71 91.96 32.85
C ARG HB 28 19.88 92.25 31.35
N ILE HB 29 18.88 91.86 30.57
CA ILE HB 29 18.85 92.19 29.14
C ILE HB 29 17.81 93.27 28.90
N GLY HB 30 18.18 94.51 29.18
CA GLY HB 30 17.24 95.62 29.13
C GLY HB 30 16.87 96.09 27.75
N ARG HB 31 17.86 96.22 26.88
CA ARG HB 31 17.68 96.78 25.53
C ARG HB 31 16.62 96.04 24.71
N THR HB 32 16.59 94.72 24.81
CA THR HB 32 15.68 93.92 24.01
C THR HB 32 14.59 93.25 24.83
N GLY HB 33 14.96 92.80 26.03
CA GLY HB 33 14.03 92.10 26.90
C GLY HB 33 13.97 90.63 26.57
N PHE HB 34 14.99 90.13 25.89
CA PHE HB 34 15.09 88.72 25.55
C PHE HB 34 15.33 87.89 26.80
N PRO HB 35 14.91 86.60 26.77
CA PRO HB 35 15.16 85.73 27.91
C PRO HB 35 16.62 85.34 28.02
N ALA HB 36 17.17 85.40 29.22
CA ALA HB 36 18.58 85.07 29.43
C ALA HB 36 18.80 83.58 29.24
N ASP HB 37 19.62 83.23 28.25
CA ASP HB 37 19.93 81.84 27.97
C ASP HB 37 21.13 81.38 28.79
N LYS HB 38 21.53 80.13 28.61
CA LYS HB 38 22.67 79.59 29.33
C LYS HB 38 23.94 80.34 28.97
N GLY HB 39 24.04 80.75 27.71
CA GLY HB 39 25.19 81.50 27.24
C GLY HB 39 25.30 82.87 27.87
N ASP HB 40 24.15 83.52 28.05
CA ASP HB 40 24.10 84.84 28.67
C ASP HB 40 24.56 84.79 30.11
N ILE HB 41 24.09 83.77 30.83
CA ILE HB 41 24.47 83.58 32.22
C ILE HB 41 25.95 83.23 32.32
N ASP HB 42 26.41 82.36 31.41
CA ASP HB 42 27.81 81.95 31.36
C ASP HB 42 28.71 83.15 31.08
N LEU HB 43 28.21 84.08 30.28
CA LEU HB 43 28.94 85.31 29.99
C LEU HB 43 29.09 86.17 31.24
N CYS HB 44 28.02 86.23 32.04
CA CYS HB 44 28.03 86.99 33.27
C CYS HB 44 29.05 86.44 34.27
N LEU HB 45 29.10 85.12 34.39
CA LEU HB 45 30.05 84.45 35.28
C LEU HB 45 31.49 84.74 34.88
N ASP HB 46 31.75 84.78 33.57
CA ASP HB 46 33.07 85.06 33.05
C ASP HB 46 33.52 86.48 33.36
N LYS HB 47 32.56 87.39 33.54
CA LYS HB 47 32.86 88.77 33.86
C LYS HB 47 33.15 88.92 35.35
N MET HB 48 32.48 88.11 36.17
CA MET HB 48 32.68 88.15 37.61
C MET HB 48 34.10 87.75 37.99
N ILE HB 49 34.58 86.66 37.40
CA ILE HB 49 35.93 86.17 37.67
C ILE HB 49 36.97 87.13 37.10
N GLY HB 50 36.59 87.89 36.08
CA GLY HB 50 37.47 88.89 35.49
C GLY HB 50 37.71 90.05 36.43
N VAL HB 51 36.62 90.56 37.02
CA VAL HB 51 36.71 91.65 37.98
C VAL HB 51 37.31 91.14 39.28
N ARG HB 52 37.05 89.87 39.60
CA ARG HB 52 37.68 89.22 40.73
C ARG HB 52 39.20 89.26 40.56
N ALA HB 53 39.66 89.07 39.33
CA ALA HB 53 41.08 89.18 39.02
C ALA HB 53 41.55 90.64 39.12
N ALA HB 54 40.66 91.57 38.79
CA ALA HB 54 40.98 92.99 38.89
C ALA HB 54 41.15 93.40 40.35
N GLN HB 55 40.34 92.82 41.23
CA GLN HB 55 40.39 93.12 42.65
C GLN HB 55 41.71 92.72 43.29
N ILE HB 56 42.12 91.47 43.04
CA ILE HB 56 43.36 90.94 43.61
C ILE HB 56 44.58 91.63 43.00
N PHE HB 57 44.42 92.11 41.76
CA PHE HB 57 45.47 92.89 41.11
C PHE HB 57 45.74 94.19 41.85
N LEU HB 58 44.67 94.89 42.22
CA LEU HB 58 44.78 96.15 42.94
C LEU HB 58 45.25 95.94 44.38
N GLY HB 59 45.17 94.69 44.83
CA GLY HB 59 45.59 94.34 46.17
C GLY HB 59 44.67 93.30 46.79
N ASP HB 60 45.26 92.34 47.49
CA ASP HB 60 44.48 91.29 48.13
C ASP HB 60 43.76 91.84 49.35
N ASP HB 61 42.45 92.04 49.22
CA ASP HB 61 41.65 92.61 50.29
C ASP HB 61 40.90 91.51 51.05
N THR HB 62 41.25 90.27 50.78
CA THR HB 62 40.69 89.14 51.52
C THR HB 62 41.34 89.05 52.89
N GLU HB 63 42.52 89.64 53.03
CA GLU HB 63 43.25 89.65 54.29
C GLU HB 63 42.64 90.68 55.26
N ASP HB 64 43.09 90.66 56.50
CA ASP HB 64 42.60 91.58 57.51
C ASP HB 64 43.16 92.98 57.31
N GLY HB 65 42.33 93.99 57.59
CA GLY HB 65 42.74 95.37 57.43
C GLY HB 65 42.82 95.80 55.98
N PHE HB 66 41.80 95.44 55.21
CA PHE HB 66 41.74 95.78 53.80
C PHE HB 66 41.70 97.29 53.57
N LYS HB 67 42.87 97.88 53.32
CA LYS HB 67 42.96 99.32 53.09
C LYS HB 67 42.31 99.72 51.77
N GLY HB 68 42.10 98.74 50.89
CA GLY HB 68 41.46 98.99 49.61
C GLY HB 68 42.44 99.17 48.47
N PRO HB 69 41.95 99.66 47.32
CA PRO HB 69 40.53 100.00 47.11
C PRO HB 69 39.69 98.79 46.73
N HIS HB 70 38.38 98.88 46.97
CA HIS HB 70 37.48 97.79 46.63
C HIS HB 70 36.85 98.01 45.25
N ILE HB 71 36.87 96.96 44.44
CA ILE HB 71 36.27 97.02 43.11
C ILE HB 71 35.40 95.79 42.87
N ARG HB 72 34.09 96.00 42.80
CA ARG HB 72 33.14 94.89 42.73
C ARG HB 72 32.12 95.07 41.61
N ILE HB 73 31.68 93.96 41.03
CA ILE HB 73 30.64 93.99 40.00
C ILE HB 73 29.27 94.27 40.61
N ARG HB 74 28.51 95.15 39.97
CA ARG HB 74 27.15 95.46 40.41
C ARG HB 74 26.13 94.80 39.49
N CYS HB 75 26.38 94.86 38.18
CA CYS HB 75 25.44 94.34 37.20
C CYS HB 75 26.07 94.13 35.83
N VAL HB 76 25.42 93.29 35.02
CA VAL HB 76 25.87 93.06 33.65
C VAL HB 76 24.69 93.19 32.69
N ASP HB 77 24.74 94.20 31.84
CA ASP HB 77 23.66 94.48 30.89
C ASP HB 77 24.03 94.01 29.49
N ILE HB 78 23.19 93.18 28.91
CA ILE HB 78 23.47 92.61 27.58
C ILE HB 78 22.61 93.24 26.49
N ASP HB 79 23.28 93.80 25.48
CA ASP HB 79 22.59 94.30 24.29
C ASP HB 79 22.50 93.16 23.27
N ASP HB 80 21.28 92.83 22.87
CA ASP HB 80 21.04 91.64 22.06
C ASP HB 80 20.30 91.94 20.77
N LYS HB 81 20.18 93.23 20.44
CA LYS HB 81 19.41 93.67 19.28
C LYS HB 81 19.99 93.16 17.97
N HIS HB 82 21.18 93.63 17.62
CA HIS HB 82 21.80 93.28 16.35
C HIS HB 82 23.09 92.50 16.55
N THR HB 83 23.97 93.05 17.37
CA THR HB 83 25.24 92.40 17.69
C THR HB 83 25.35 92.13 19.18
N TYR HB 84 25.98 91.01 19.53
CA TYR HB 84 26.11 90.61 20.92
C TYR HB 84 27.04 91.55 21.69
N ASN HB 85 26.47 92.32 22.61
CA ASN HB 85 27.22 93.28 23.40
C ASN HB 85 26.87 93.20 24.88
N ALA HB 86 27.85 93.48 25.73
CA ALA HB 86 27.65 93.41 27.18
C ALA HB 86 28.19 94.64 27.88
N MET HB 87 27.37 95.24 28.74
CA MET HB 87 27.78 96.38 29.54
C MET HB 87 27.87 96.01 31.01
N VAL HB 88 29.08 96.03 31.55
CA VAL HB 88 29.31 95.64 32.94
C VAL HB 88 29.27 96.85 33.86
N TYR HB 89 28.59 96.73 34.99
CA TYR HB 89 28.51 97.81 35.96
C TYR HB 89 29.33 97.49 37.20
N VAL HB 90 30.31 98.34 37.48
CA VAL HB 90 31.27 98.09 38.56
C VAL HB 90 31.34 99.30 39.50
N ASP HB 91 31.40 99.04 40.81
CA ASP HB 91 31.56 100.11 41.78
C ASP HB 91 32.95 100.08 42.40
N LEU HB 92 33.64 101.20 42.36
CA LEU HB 92 34.97 101.31 42.96
C LEU HB 92 34.92 102.05 44.29
N ILE HB 93 35.27 101.35 45.36
CA ILE HB 93 35.23 101.92 46.70
C ILE HB 93 36.63 102.17 47.23
N VAL HB 94 36.87 103.39 47.72
CA VAL HB 94 38.17 103.76 48.26
C VAL HB 94 38.03 104.65 49.49
N GLU HB 100 43.18 112.75 47.49
CA GLU HB 100 42.50 112.94 46.21
C GLU HB 100 43.35 112.49 45.05
N VAL HB 101 44.67 112.68 45.18
CA VAL HB 101 45.61 112.28 44.15
C VAL HB 101 45.67 110.75 44.04
N GLU HB 102 45.67 110.09 45.20
CA GLU HB 102 45.66 108.63 45.24
C GLU HB 102 44.35 108.07 44.68
N ARG HB 103 43.27 108.82 44.86
CA ARG HB 103 41.96 108.44 44.35
C ARG HB 103 41.97 108.43 42.82
N GLU HB 104 42.60 109.43 42.22
CA GLU HB 104 42.73 109.50 40.78
C GLU HB 104 43.64 108.38 40.27
N THR HB 105 44.69 108.08 41.04
CA THR HB 105 45.60 107.00 40.70
C THR HB 105 44.90 105.65 40.78
N ALA HB 106 44.09 105.48 41.80
CA ALA HB 106 43.33 104.24 41.98
C ALA HB 106 42.30 104.07 40.87
N GLU HB 107 41.67 105.18 40.48
CA GLU HB 107 40.69 105.16 39.40
C GLU HB 107 41.34 104.81 38.07
N GLU HB 108 42.55 105.31 37.85
CA GLU HB 108 43.28 105.04 36.62
C GLU HB 108 43.71 103.58 36.53
N GLU HB 109 44.27 103.06 37.62
CA GLU HB 109 44.70 101.66 37.67
C GLU HB 109 43.53 100.70 37.53
N ALA HB 110 42.43 101.02 38.20
CA ALA HB 110 41.23 100.18 38.15
C ALA HB 110 40.62 100.15 36.74
N LYS HB 111 40.62 101.31 36.09
CA LYS HB 111 40.09 101.42 34.74
C LYS HB 111 40.89 100.58 33.75
N LEU HB 112 42.21 100.70 33.82
CA LEU HB 112 43.10 99.95 32.94
C LEU HB 112 43.01 98.45 33.18
N ALA HB 113 42.89 98.06 34.45
CA ALA HB 113 42.78 96.66 34.82
C ALA HB 113 41.49 96.04 34.28
N LEU HB 114 40.40 96.81 34.35
CA LEU HB 114 39.11 96.33 33.89
C LEU HB 114 39.08 96.15 32.38
N ARG HB 115 39.80 96.99 31.66
CA ARG HB 115 39.87 96.91 30.21
C ARG HB 115 40.50 95.59 29.76
N VAL HB 116 41.55 95.17 30.47
CA VAL HB 116 42.25 93.93 30.17
C VAL HB 116 41.46 92.71 30.64
N ALA HB 117 40.90 92.82 31.85
CA ALA HB 117 40.19 91.69 32.47
C ALA HB 117 38.88 91.37 31.76
N LEU HB 118 38.13 92.40 31.38
CA LEU HB 118 36.82 92.20 30.78
C LEU HB 118 36.87 92.20 29.26
N GLN HB 119 38.08 92.35 28.72
CA GLN HB 119 38.29 92.39 27.28
C GLN HB 119 37.40 93.44 26.61
N VAL HB 120 37.54 94.67 27.07
CA VAL HB 120 36.72 95.78 26.58
C VAL HB 120 37.04 96.10 25.12
N ASP HB 121 35.99 96.30 24.32
CA ASP HB 121 36.10 96.66 22.91
C ASP HB 121 36.75 95.58 22.08
N ILE HB 122 36.81 94.36 22.64
CA ILE HB 122 37.35 93.21 21.92
C ILE HB 122 36.37 92.04 21.99
N ALA HB 123 36.51 91.11 21.06
CA ALA HB 123 35.63 89.94 21.01
C ALA HB 123 35.92 89.00 22.17
N ASP HB 124 34.90 88.75 22.99
CA ASP HB 124 35.03 87.86 24.13
C ASP HB 124 35.01 86.39 23.70
N GLU HB 125 35.07 85.49 24.68
CA GLU HB 125 35.04 84.06 24.41
C GLU HB 125 33.69 83.63 23.84
N HIS HB 126 32.65 84.42 24.14
CA HIS HB 126 31.32 84.14 23.63
C HIS HB 126 31.00 84.99 22.41
N SER HB 127 32.06 85.41 21.70
CA SER HB 127 31.94 86.30 20.55
C SER HB 127 31.16 87.56 20.91
N CYS HB 128 31.57 88.20 22.00
CA CYS HB 128 30.89 89.38 22.50
C CYS HB 128 31.80 90.59 22.63
N VAL HB 129 31.27 91.76 22.28
CA VAL HB 129 32.00 93.01 22.48
C VAL HB 129 31.59 93.63 23.81
N THR HB 130 32.51 93.64 24.76
CA THR HB 130 32.19 94.07 26.12
C THR HB 130 32.61 95.52 26.39
N GLN HB 131 31.90 96.14 27.32
CA GLN HB 131 32.22 97.49 27.77
C GLN HB 131 31.81 97.62 29.24
N PHE HB 132 32.35 98.62 29.93
CA PHE HB 132 32.06 98.77 31.35
C PHE HB 132 31.85 100.22 31.76
N GLU HB 133 31.06 100.42 32.80
CA GLU HB 133 30.86 101.73 33.40
C GLU HB 133 31.05 101.62 34.90
N MET HB 134 31.82 102.54 35.47
CA MET HB 134 32.13 102.46 36.89
C MET HB 134 31.83 103.74 37.66
N LYS HB 135 31.42 103.57 38.91
CA LYS HB 135 31.13 104.69 39.80
C LYS HB 135 32.07 104.68 41.00
N LEU HB 136 32.40 105.87 41.50
CA LEU HB 136 33.32 105.99 42.62
C LEU HB 136 32.57 106.26 43.92
N ARG HB 137 32.87 105.45 44.95
CA ARG HB 137 32.23 105.62 46.25
C ARG HB 137 33.28 105.68 47.35
N GLU HB 138 32.98 106.46 48.39
CA GLU HB 138 33.91 106.64 49.49
C GLU HB 138 33.25 106.31 50.83
N GLU HB 139 33.81 105.32 51.53
CA GLU HB 139 33.29 104.92 52.83
C GLU HB 139 34.40 104.35 53.70
N LEU HB 140 34.20 104.39 55.02
CA LEU HB 140 35.19 103.87 55.95
C LEU HB 140 35.28 102.35 55.87
N LEU HB 141 36.46 101.85 55.56
CA LEU HB 141 36.69 100.41 55.46
C LEU HB 141 36.59 99.74 56.83
N SER HB 142 36.91 100.51 57.87
CA SER HB 142 36.90 99.99 59.23
C SER HB 142 35.52 100.11 59.87
N SER HB 143 34.58 100.70 59.13
CA SER HB 143 33.22 100.88 59.62
C SER HB 143 32.51 99.54 59.72
N ASP HB 144 31.69 99.38 60.75
CA ASP HB 144 30.94 98.14 60.96
C ASP HB 144 29.86 97.97 59.90
N SER HB 145 29.17 99.05 59.57
CA SER HB 145 28.10 99.02 58.58
C SER HB 145 28.62 99.23 57.17
N PHE HB 146 29.53 98.34 56.72
CA PHE HB 146 30.08 98.43 55.38
C PHE HB 146 30.43 97.07 54.80
N HIS HB 147 30.11 96.89 53.53
CA HIS HB 147 30.47 95.68 52.80
C HIS HB 147 30.57 95.97 51.31
N PRO HB 148 31.55 95.36 50.62
CA PRO HB 148 31.75 95.47 49.18
C PRO HB 148 30.46 95.31 48.37
N ASP HB 149 29.57 94.44 48.83
CA ASP HB 149 28.33 94.19 48.11
C ASP HB 149 27.10 94.49 48.98
N LYS HB 150 27.01 95.72 49.47
CA LYS HB 150 25.89 96.12 50.31
C LYS HB 150 24.58 96.11 49.51
N ASP HB 151 23.46 96.12 50.22
CA ASP HB 151 22.14 96.07 49.61
C ASP HB 151 21.87 97.30 48.76
N GLU HB 152 22.09 98.48 49.33
CA GLU HB 152 21.80 99.75 48.66
C GLU HB 152 22.61 99.95 47.39
N TYR HB 153 23.70 99.20 47.26
CA TYR HB 153 24.59 99.34 46.11
C TYR HB 153 23.95 98.81 44.83
N TYR HB 154 22.97 97.90 44.99
CA TYR HB 154 22.34 97.26 43.84
C TYR HB 154 20.97 97.89 43.56
N LYS HB 155 20.71 99.04 44.17
CA LYS HB 155 19.41 99.70 44.06
C LYS HB 155 19.10 100.13 42.62
N ASP HB 156 20.15 100.39 41.85
CA ASP HB 156 19.98 100.87 40.48
C ASP HB 156 19.45 99.79 39.53
N PHE HB 157 19.73 98.53 39.85
CA PHE HB 157 19.41 97.43 38.95
C PHE HB 157 18.28 96.53 39.45
N LEU HB 158 17.77 96.81 40.64
CA LEU HB 158 16.67 96.03 41.20
C LEU HB 158 15.49 96.91 41.57
N GLU IB 2 -46.09 -49.38 -11.01
CA GLU IB 2 -47.48 -49.36 -11.45
C GLU IB 2 -47.88 -50.68 -12.08
N SER IB 3 -49.05 -51.18 -11.71
CA SER IB 3 -49.54 -52.45 -12.24
C SER IB 3 -50.00 -52.33 -13.69
N VAL IB 4 -50.68 -51.23 -14.00
CA VAL IB 4 -51.16 -50.98 -15.36
C VAL IB 4 -50.60 -49.68 -15.90
N ASN IB 5 -50.12 -49.72 -17.15
CA ASN IB 5 -49.53 -48.54 -17.77
C ASN IB 5 -50.25 -48.13 -19.06
N THR IB 6 -51.21 -47.23 -18.93
CA THR IB 6 -51.92 -46.71 -20.10
C THR IB 6 -51.18 -45.50 -20.67
N SER IB 7 -51.44 -45.19 -21.93
CA SER IB 7 -50.79 -44.07 -22.60
C SER IB 7 -51.53 -43.65 -23.87
N PHE IB 8 -51.55 -42.35 -24.13
CA PHE IB 8 -52.26 -41.81 -25.29
C PHE IB 8 -51.32 -41.47 -26.44
N LEU IB 9 -51.34 -42.30 -27.48
CA LEU IB 9 -50.60 -42.01 -28.70
C LEU IB 9 -51.36 -40.97 -29.51
N SER IB 10 -52.69 -41.02 -29.39
CA SER IB 10 -53.59 -40.11 -30.08
C SER IB 10 -54.86 -39.98 -29.25
N PRO IB 11 -55.70 -38.98 -29.55
CA PRO IB 11 -56.97 -38.86 -28.82
C PRO IB 11 -57.84 -40.12 -28.92
N SER IB 12 -57.83 -40.77 -30.08
CA SER IB 12 -58.64 -41.98 -30.27
C SER IB 12 -57.79 -43.25 -30.24
N LEU IB 13 -56.53 -43.11 -29.84
CA LEU IB 13 -55.62 -44.26 -29.80
C LEU IB 13 -54.93 -44.39 -28.44
N VAL IB 14 -55.21 -45.49 -27.75
CA VAL IB 14 -54.64 -45.72 -26.42
C VAL IB 14 -54.01 -47.11 -26.31
N THR IB 15 -52.80 -47.17 -25.77
CA THR IB 15 -52.13 -48.44 -25.53
C THR IB 15 -52.15 -48.78 -24.03
N ILE IB 16 -52.68 -49.97 -23.72
CA ILE IB 16 -52.80 -50.39 -22.32
C ILE IB 16 -51.97 -51.63 -22.03
N ARG IB 17 -51.02 -51.50 -21.11
CA ARG IB 17 -50.17 -52.62 -20.72
C ARG IB 17 -50.49 -53.10 -19.30
N ASP IB 18 -50.79 -54.39 -19.18
CA ASP IB 18 -51.08 -55.00 -17.88
C ASP IB 18 -49.95 -55.94 -17.47
N PHE IB 19 -49.12 -55.49 -16.52
CA PHE IB 19 -47.97 -56.29 -16.10
C PHE IB 19 -48.36 -57.53 -15.30
N ASP IB 20 -49.37 -57.38 -14.44
CA ASP IB 20 -49.80 -58.48 -13.58
C ASP IB 20 -50.42 -59.62 -14.38
N ASN IB 21 -51.29 -59.26 -15.33
CA ASN IB 21 -51.96 -60.27 -16.16
C ASN IB 21 -51.15 -60.63 -17.40
N GLY IB 22 -50.09 -59.87 -17.65
CA GLY IB 22 -49.24 -60.10 -18.81
C GLY IB 22 -49.97 -59.91 -20.12
N GLN IB 23 -50.68 -58.80 -20.24
CA GLN IB 23 -51.46 -58.51 -21.43
C GLN IB 23 -51.16 -57.14 -22.02
N PHE IB 24 -51.42 -56.99 -23.31
CA PHE IB 24 -51.29 -55.71 -23.99
C PHE IB 24 -52.48 -55.54 -24.92
N ALA IB 25 -53.23 -54.46 -24.75
CA ALA IB 25 -54.41 -54.20 -25.56
C ALA IB 25 -54.38 -52.80 -26.17
N VAL IB 26 -54.81 -52.70 -27.42
CA VAL IB 26 -54.89 -51.41 -28.09
C VAL IB 26 -56.32 -50.88 -28.07
N LEU IB 27 -56.51 -49.72 -27.45
CA LEU IB 27 -57.82 -49.09 -27.39
C LEU IB 27 -57.97 -48.06 -28.51
N ARG IB 28 -58.91 -48.31 -29.43
CA ARG IB 28 -59.08 -47.43 -30.57
C ARG IB 28 -60.54 -47.13 -30.88
N ILE IB 29 -60.86 -45.85 -31.03
CA ILE IB 29 -62.18 -45.44 -31.47
C ILE IB 29 -62.09 -44.97 -32.91
N GLY IB 30 -62.06 -45.93 -33.84
CA GLY IB 30 -61.83 -45.64 -35.25
C GLY IB 30 -63.00 -45.02 -35.99
N ARG IB 31 -64.20 -45.56 -35.76
CA ARG IB 31 -65.39 -45.15 -36.49
C ARG IB 31 -65.67 -43.65 -36.40
N THR IB 32 -65.48 -43.09 -35.21
CA THR IB 32 -65.81 -41.68 -34.99
C THR IB 32 -64.57 -40.82 -34.75
N GLY IB 33 -63.58 -41.37 -34.07
CA GLY IB 33 -62.37 -40.64 -33.74
C GLY IB 33 -62.53 -39.82 -32.48
N PHE IB 34 -63.52 -40.17 -31.66
CA PHE IB 34 -63.76 -39.50 -30.40
C PHE IB 34 -62.65 -39.82 -29.40
N PRO IB 35 -62.43 -38.92 -28.43
CA PRO IB 35 -61.40 -39.16 -27.41
C PRO IB 35 -61.82 -40.22 -26.40
N ALA IB 36 -60.92 -41.13 -26.08
CA ALA IB 36 -61.22 -42.19 -25.13
C ALA IB 36 -61.34 -41.61 -23.72
N ASP IB 37 -62.53 -41.73 -23.13
CA ASP IB 37 -62.77 -41.23 -21.79
C ASP IB 37 -62.43 -42.28 -20.75
N LYS IB 38 -62.64 -41.95 -19.48
CA LYS IB 38 -62.36 -42.88 -18.39
C LYS IB 38 -63.23 -44.13 -18.50
N GLY IB 39 -64.46 -43.94 -18.97
CA GLY IB 39 -65.38 -45.04 -19.16
C GLY IB 39 -64.93 -45.99 -20.26
N ASP IB 40 -64.39 -45.43 -21.34
CA ASP IB 40 -63.92 -46.22 -22.48
C ASP IB 40 -62.76 -47.12 -22.10
N ILE IB 41 -61.80 -46.59 -21.34
CA ILE IB 41 -60.65 -47.35 -20.89
C ILE IB 41 -61.07 -48.44 -19.92
N ASP IB 42 -61.96 -48.09 -18.99
CA ASP IB 42 -62.47 -49.04 -18.02
C ASP IB 42 -63.21 -50.18 -18.71
N LEU IB 43 -63.87 -49.85 -19.83
CA LEU IB 43 -64.55 -50.86 -20.63
C LEU IB 43 -63.55 -51.82 -21.27
N CYS IB 44 -62.44 -51.27 -21.74
CA CYS IB 44 -61.39 -52.06 -22.36
C CYS IB 44 -60.77 -53.02 -21.36
N LEU IB 45 -60.53 -52.54 -20.16
CA LEU IB 45 -59.98 -53.37 -19.08
C LEU IB 45 -60.92 -54.52 -18.76
N ASP IB 46 -62.23 -54.24 -18.78
CA ASP IB 46 -63.24 -55.24 -18.51
C ASP IB 46 -63.26 -56.31 -19.60
N LYS IB 47 -62.82 -55.94 -20.79
CA LYS IB 47 -62.76 -56.88 -21.91
C LYS IB 47 -61.50 -57.75 -21.83
N MET IB 48 -60.42 -57.17 -21.32
CA MET IB 48 -59.16 -57.91 -21.18
C MET IB 48 -59.30 -59.06 -20.20
N ILE IB 49 -59.92 -58.79 -19.05
CA ILE IB 49 -60.10 -59.80 -18.02
C ILE IB 49 -61.11 -60.85 -18.49
N GLY IB 50 -61.99 -60.46 -19.41
CA GLY IB 50 -62.95 -61.38 -19.98
C GLY IB 50 -62.28 -62.41 -20.85
N VAL IB 51 -61.40 -61.94 -21.73
CA VAL IB 51 -60.66 -62.84 -22.61
C VAL IB 51 -59.63 -63.60 -21.78
N ARG IB 52 -59.12 -62.97 -20.73
CA ARG IB 52 -58.25 -63.64 -19.77
C ARG IB 52 -58.98 -64.83 -19.16
N ALA IB 53 -60.28 -64.66 -18.91
CA ALA IB 53 -61.11 -65.74 -18.41
C ALA IB 53 -61.33 -66.82 -19.47
N ALA IB 54 -61.37 -66.41 -20.72
CA ALA IB 54 -61.52 -67.35 -21.83
C ALA IB 54 -60.27 -68.22 -21.96
N GLN IB 55 -59.11 -67.62 -21.72
CA GLN IB 55 -57.84 -68.32 -21.82
C GLN IB 55 -57.70 -69.42 -20.77
N ILE IB 56 -57.97 -69.06 -19.52
CA ILE IB 56 -57.85 -70.00 -18.41
C ILE IB 56 -58.94 -71.07 -18.50
N PHE IB 57 -60.06 -70.71 -19.11
CA PHE IB 57 -61.15 -71.66 -19.36
C PHE IB 57 -60.69 -72.76 -20.31
N LEU IB 58 -60.02 -72.36 -21.40
CA LEU IB 58 -59.52 -73.31 -22.37
C LEU IB 58 -58.33 -74.12 -21.84
N GLY IB 59 -57.76 -73.65 -20.73
CA GLY IB 59 -56.64 -74.32 -20.11
C GLY IB 59 -55.62 -73.35 -19.55
N ASP IB 60 -55.09 -73.65 -18.36
CA ASP IB 60 -54.09 -72.81 -17.74
C ASP IB 60 -52.75 -72.95 -18.44
N ASP IB 61 -52.38 -71.94 -19.22
CA ASP IB 61 -51.14 -71.97 -19.98
C ASP IB 61 -50.05 -71.16 -19.29
N THR IB 62 -50.32 -70.76 -18.05
CA THR IB 62 -49.31 -70.06 -17.24
C THR IB 62 -48.27 -71.04 -16.72
N GLU IB 63 -48.65 -72.32 -16.66
CA GLU IB 63 -47.75 -73.36 -16.21
C GLU IB 63 -46.72 -73.71 -17.29
N ASP IB 64 -45.75 -74.53 -16.92
CA ASP IB 64 -44.69 -74.93 -17.86
C ASP IB 64 -45.22 -75.94 -18.88
N GLY IB 65 -44.75 -75.83 -20.11
CA GLY IB 65 -45.16 -76.72 -21.18
C GLY IB 65 -46.56 -76.42 -21.67
N PHE IB 66 -46.85 -75.14 -21.87
CA PHE IB 66 -48.15 -74.69 -22.33
C PHE IB 66 -48.47 -75.23 -23.72
N LYS IB 67 -49.20 -76.34 -23.78
CA LYS IB 67 -49.57 -76.96 -25.05
C LYS IB 67 -50.54 -76.10 -25.84
N GLY IB 68 -51.21 -75.17 -25.15
CA GLY IB 68 -52.15 -74.28 -25.80
C GLY IB 68 -53.58 -74.74 -25.69
N PRO IB 69 -54.48 -74.12 -26.47
CA PRO IB 69 -54.16 -73.03 -27.39
C PRO IB 69 -54.15 -71.67 -26.70
N HIS IB 70 -53.44 -70.71 -27.28
CA HIS IB 70 -53.36 -69.36 -26.74
C HIS IB 70 -54.40 -68.44 -27.35
N ILE IB 71 -55.11 -67.70 -26.51
CA ILE IB 71 -56.11 -66.75 -26.96
C ILE IB 71 -55.91 -65.42 -26.23
N ARG IB 72 -55.49 -64.41 -26.99
CA ARG IB 72 -55.12 -63.12 -26.39
C ARG IB 72 -55.79 -61.95 -27.11
N ILE IB 73 -56.07 -60.88 -26.36
CA ILE IB 73 -56.63 -59.67 -26.94
C ILE IB 73 -55.58 -58.88 -27.72
N ARG IB 74 -55.95 -58.43 -28.90
CA ARG IB 74 -55.07 -57.60 -29.71
C ARG IB 74 -55.53 -56.14 -29.67
N CYS IB 75 -56.84 -55.93 -29.77
CA CYS IB 75 -57.40 -54.59 -29.82
C CYS IB 75 -58.89 -54.56 -29.50
N VAL IB 76 -59.37 -53.38 -29.12
CA VAL IB 76 -60.79 -53.17 -28.85
C VAL IB 76 -61.26 -51.92 -29.59
N ASP IB 77 -62.15 -52.10 -30.56
CA ASP IB 77 -62.63 -50.98 -31.36
C ASP IB 77 -64.02 -50.57 -30.89
N ILE IB 78 -64.16 -49.29 -30.53
CA ILE IB 78 -65.41 -48.79 -29.99
C ILE IB 78 -66.17 -47.92 -30.99
N ASP IB 79 -67.42 -48.30 -31.27
CA ASP IB 79 -68.31 -47.46 -32.07
C ASP IB 79 -69.05 -46.52 -31.13
N ASP IB 80 -68.89 -45.22 -31.36
CA ASP IB 80 -69.40 -44.22 -30.41
C ASP IB 80 -70.32 -43.21 -31.09
N LYS IB 81 -70.71 -43.50 -32.33
CA LYS IB 81 -71.52 -42.58 -33.11
C LYS IB 81 -72.90 -42.35 -32.50
N HIS IB 82 -73.72 -43.40 -32.48
CA HIS IB 82 -75.10 -43.28 -32.02
C HIS IB 82 -75.35 -44.12 -30.77
N THR IB 83 -75.00 -45.40 -30.86
CA THR IB 83 -75.16 -46.31 -29.75
C THR IB 83 -73.79 -46.83 -29.32
N TYR IB 84 -73.61 -47.04 -28.02
CA TYR IB 84 -72.34 -47.50 -27.49
C TYR IB 84 -72.07 -48.93 -27.91
N ASN IB 85 -71.09 -49.12 -28.78
CA ASN IB 85 -70.75 -50.46 -29.28
C ASN IB 85 -69.25 -50.69 -29.28
N ALA IB 86 -68.84 -51.93 -29.04
CA ALA IB 86 -67.43 -52.28 -29.00
C ALA IB 86 -67.12 -53.54 -29.79
N MET IB 87 -66.11 -53.48 -30.65
CA MET IB 87 -65.65 -54.63 -31.41
C MET IB 87 -64.28 -55.05 -30.92
N VAL IB 88 -64.19 -56.23 -30.32
CA VAL IB 88 -62.94 -56.72 -29.76
C VAL IB 88 -62.18 -57.57 -30.77
N TYR IB 89 -60.88 -57.35 -30.87
CA TYR IB 89 -60.03 -58.12 -31.79
C TYR IB 89 -59.14 -59.07 -31.00
N VAL IB 90 -59.30 -60.36 -31.26
CA VAL IB 90 -58.62 -61.39 -30.50
C VAL IB 90 -57.87 -62.35 -31.43
N ASP IB 91 -56.66 -62.75 -31.05
CA ASP IB 91 -55.89 -63.72 -31.82
C ASP IB 91 -55.83 -65.07 -31.12
N LEU IB 92 -56.23 -66.12 -31.84
CA LEU IB 92 -56.17 -67.48 -31.32
C LEU IB 92 -55.00 -68.24 -31.93
N ILE IB 93 -54.05 -68.64 -31.08
CA ILE IB 93 -52.87 -69.36 -31.55
C ILE IB 93 -52.92 -70.82 -31.15
N VAL IB 94 -52.68 -71.71 -32.11
CA VAL IB 94 -52.72 -73.14 -31.86
C VAL IB 94 -51.64 -73.87 -32.65
N GLU IB 100 -55.96 -81.10 -37.62
CA GLU IB 100 -56.86 -80.10 -38.18
C GLU IB 100 -58.22 -80.11 -37.49
N VAL IB 101 -58.65 -81.30 -37.08
CA VAL IB 101 -59.91 -81.46 -36.37
C VAL IB 101 -59.86 -80.81 -35.00
N GLU IB 102 -58.74 -81.00 -34.31
CA GLU IB 102 -58.53 -80.40 -32.99
C GLU IB 102 -58.45 -78.87 -33.09
N ARG IB 103 -57.95 -78.38 -34.22
CA ARG IB 103 -57.86 -76.94 -34.47
C ARG IB 103 -59.25 -76.33 -34.57
N GLU IB 104 -60.16 -77.03 -35.25
CA GLU IB 104 -61.54 -76.59 -35.37
C GLU IB 104 -62.26 -76.64 -34.02
N THR IB 105 -61.95 -77.66 -33.23
CA THR IB 105 -62.53 -77.81 -31.91
C THR IB 105 -62.08 -76.69 -30.96
N ALA IB 106 -60.80 -76.35 -31.04
CA ALA IB 106 -60.23 -75.29 -30.22
C ALA IB 106 -60.86 -73.93 -30.56
N GLU IB 107 -61.07 -73.71 -31.85
CA GLU IB 107 -61.71 -72.47 -32.31
C GLU IB 107 -63.14 -72.37 -31.82
N GLU IB 108 -63.84 -73.51 -31.80
CA GLU IB 108 -65.23 -73.56 -31.35
C GLU IB 108 -65.34 -73.27 -29.85
N GLU IB 109 -64.47 -73.92 -29.06
CA GLU IB 109 -64.46 -73.72 -27.62
C GLU IB 109 -64.10 -72.28 -27.28
N ALA IB 110 -63.12 -71.74 -28.01
CA ALA IB 110 -62.69 -70.36 -27.80
C ALA IB 110 -63.81 -69.39 -28.17
N LYS IB 111 -64.53 -69.70 -29.24
CA LYS IB 111 -65.63 -68.87 -29.70
C LYS IB 111 -66.75 -68.81 -28.67
N LEU IB 112 -67.13 -69.98 -28.15
CA LEU IB 112 -68.20 -70.07 -27.15
C LEU IB 112 -67.81 -69.37 -25.86
N ALA IB 113 -66.55 -69.51 -25.47
CA ALA IB 113 -66.04 -68.88 -24.25
C ALA IB 113 -66.04 -67.37 -24.36
N LEU IB 114 -65.68 -66.87 -25.54
CA LEU IB 114 -65.64 -65.43 -25.79
C LEU IB 114 -67.02 -64.80 -25.77
N ARG IB 115 -68.02 -65.55 -26.24
CA ARG IB 115 -69.40 -65.05 -26.27
C ARG IB 115 -69.93 -64.76 -24.88
N VAL IB 116 -69.61 -65.64 -23.93
CA VAL IB 116 -70.05 -65.48 -22.56
C VAL IB 116 -69.21 -64.42 -21.85
N ALA IB 117 -67.91 -64.44 -22.08
CA ALA IB 117 -66.97 -63.55 -21.41
C ALA IB 117 -67.14 -62.10 -21.85
N LEU IB 118 -67.32 -61.89 -23.16
CA LEU IB 118 -67.40 -60.54 -23.70
C LEU IB 118 -68.85 -60.05 -23.84
N GLN IB 119 -69.79 -60.90 -23.44
CA GLN IB 119 -71.21 -60.58 -23.52
C GLN IB 119 -71.63 -60.13 -24.92
N VAL IB 120 -71.39 -61.00 -25.90
CA VAL IB 120 -71.68 -60.68 -27.30
C VAL IB 120 -73.18 -60.51 -27.55
N ASP IB 121 -73.53 -59.45 -28.28
CA ASP IB 121 -74.91 -59.15 -28.66
C ASP IB 121 -75.79 -58.84 -27.45
N ILE IB 122 -75.16 -58.55 -26.32
CA ILE IB 122 -75.89 -58.17 -25.11
C ILE IB 122 -75.32 -56.89 -24.52
N ALA IB 123 -76.12 -56.22 -23.71
CA ALA IB 123 -75.70 -54.97 -23.07
C ALA IB 123 -74.65 -55.23 -22.00
N ASP IB 124 -73.48 -54.61 -22.16
CA ASP IB 124 -72.39 -54.76 -21.20
C ASP IB 124 -72.65 -53.94 -19.94
N GLU IB 125 -71.70 -53.96 -19.02
CA GLU IB 125 -71.82 -53.19 -17.78
C GLU IB 125 -71.78 -51.69 -18.05
N HIS IB 126 -71.20 -51.31 -19.19
CA HIS IB 126 -71.14 -49.92 -19.60
C HIS IB 126 -72.23 -49.61 -20.61
N SER IB 127 -73.31 -50.38 -20.57
CA SER IB 127 -74.41 -50.25 -21.51
C SER IB 127 -73.93 -50.35 -22.96
N CYS IB 128 -73.15 -51.38 -23.24
CA CYS IB 128 -72.56 -51.55 -24.56
C CYS IB 128 -72.91 -52.89 -25.20
N VAL IB 129 -73.18 -52.87 -26.49
CA VAL IB 129 -73.42 -54.10 -27.25
C VAL IB 129 -72.12 -54.55 -27.90
N THR IB 130 -71.57 -55.66 -27.43
CA THR IB 130 -70.26 -56.10 -27.89
C THR IB 130 -70.32 -57.20 -28.94
N GLN IB 131 -69.26 -57.25 -29.76
CA GLN IB 131 -69.10 -58.29 -30.77
C GLN IB 131 -67.61 -58.54 -30.94
N PHE IB 132 -67.23 -59.69 -31.49
CA PHE IB 132 -65.82 -60.03 -31.59
C PHE IB 132 -65.44 -60.67 -32.92
N GLU IB 133 -64.19 -60.48 -33.31
CA GLU IB 133 -63.62 -61.11 -34.49
C GLU IB 133 -62.29 -61.75 -34.10
N MET IB 134 -62.07 -63.00 -34.51
CA MET IB 134 -60.87 -63.71 -34.12
C MET IB 134 -60.13 -64.31 -35.31
N LYS IB 135 -58.80 -64.34 -35.21
CA LYS IB 135 -57.96 -64.91 -36.26
C LYS IB 135 -57.17 -66.10 -35.74
N LEU IB 136 -56.92 -67.07 -36.61
CA LEU IB 136 -56.19 -68.28 -36.24
C LEU IB 136 -54.76 -68.23 -36.73
N ARG IB 137 -53.81 -68.46 -35.82
CA ARG IB 137 -52.39 -68.47 -36.15
C ARG IB 137 -51.74 -69.75 -35.63
N GLU IB 138 -50.74 -70.25 -36.36
CA GLU IB 138 -50.08 -71.49 -35.99
C GLU IB 138 -48.57 -71.34 -35.88
N GLU IB 139 -48.05 -71.63 -34.68
CA GLU IB 139 -46.61 -71.55 -34.43
C GLU IB 139 -46.21 -72.54 -33.34
N LEU IB 140 -44.93 -72.93 -33.33
CA LEU IB 140 -44.43 -73.86 -32.33
C LEU IB 140 -44.41 -73.23 -30.95
N LEU IB 141 -45.10 -73.86 -30.00
CA LEU IB 141 -45.16 -73.37 -28.63
C LEU IB 141 -43.81 -73.51 -27.92
N SER IB 142 -43.03 -74.50 -28.34
CA SER IB 142 -41.73 -74.76 -27.72
C SER IB 142 -40.63 -73.94 -28.38
N SER IB 143 -40.98 -73.19 -29.42
CA SER IB 143 -40.03 -72.36 -30.13
C SER IB 143 -39.56 -71.19 -29.28
N ASP IB 144 -38.28 -70.85 -29.39
CA ASP IB 144 -37.71 -69.74 -28.64
C ASP IB 144 -38.26 -68.40 -29.13
N SER IB 145 -38.40 -68.26 -30.43
CA SER IB 145 -38.91 -67.03 -31.03
C SER IB 145 -40.44 -67.02 -31.12
N PHE IB 146 -41.11 -67.17 -29.97
CA PHE IB 146 -42.56 -67.17 -29.94
C PHE IB 146 -43.09 -66.59 -28.63
N HIS IB 147 -44.13 -65.76 -28.74
CA HIS IB 147 -44.80 -65.22 -27.56
C HIS IB 147 -46.25 -64.85 -27.89
N PRO IB 148 -47.17 -65.10 -26.95
CA PRO IB 148 -48.58 -64.73 -27.05
C PRO IB 148 -48.81 -63.30 -27.52
N ASP IB 149 -47.94 -62.39 -27.10
CA ASP IB 149 -48.07 -60.97 -27.46
C ASP IB 149 -46.84 -60.48 -28.23
N LYS IB 150 -46.53 -61.13 -29.35
CA LYS IB 150 -45.40 -60.72 -30.17
C LYS IB 150 -45.62 -59.34 -30.78
N ASP IB 151 -44.53 -58.72 -31.23
CA ASP IB 151 -44.58 -57.38 -31.79
C ASP IB 151 -45.43 -57.32 -33.07
N GLU IB 152 -45.13 -58.22 -34.00
CA GLU IB 152 -45.78 -58.22 -35.31
C GLU IB 152 -47.29 -58.48 -35.23
N TYR IB 153 -47.76 -59.02 -34.12
CA TYR IB 153 -49.17 -59.35 -33.97
C TYR IB 153 -50.05 -58.10 -33.84
N TYR IB 154 -49.45 -57.01 -33.40
CA TYR IB 154 -50.19 -55.77 -33.18
C TYR IB 154 -49.97 -54.76 -34.30
N LYS IB 155 -49.39 -55.22 -35.41
CA LYS IB 155 -49.05 -54.36 -36.53
C LYS IB 155 -50.28 -53.73 -37.18
N ASP IB 156 -51.41 -54.43 -37.09
CA ASP IB 156 -52.64 -54.00 -37.74
C ASP IB 156 -53.27 -52.77 -37.08
N PHE IB 157 -53.01 -52.58 -35.78
CA PHE IB 157 -53.68 -51.54 -35.03
C PHE IB 157 -52.74 -50.39 -34.64
N LEU IB 158 -51.48 -50.51 -34.99
CA LEU IB 158 -50.50 -49.46 -34.71
C LEU IB 158 -49.80 -48.99 -35.98
N SER JB 3 -41.76 -39.01 -10.77
CA SER JB 3 -40.33 -38.86 -11.00
C SER JB 3 -39.92 -39.46 -12.34
N VAL JB 4 -40.51 -40.62 -12.66
CA VAL JB 4 -40.24 -41.29 -13.93
C VAL JB 4 -41.53 -41.46 -14.72
N ASN JB 5 -41.48 -41.15 -16.01
CA ASN JB 5 -42.66 -41.24 -16.86
C ASN JB 5 -42.47 -42.19 -18.03
N THR JB 6 -42.87 -43.45 -17.84
CA THR JB 6 -42.78 -44.45 -18.89
C THR JB 6 -44.04 -44.45 -19.74
N SER JB 7 -43.95 -45.01 -20.94
CA SER JB 7 -45.07 -45.06 -21.87
C SER JB 7 -44.82 -46.09 -22.97
N PHE JB 8 -45.89 -46.78 -23.38
CA PHE JB 8 -45.78 -47.84 -24.39
C PHE JB 8 -46.26 -47.38 -25.76
N LEU JB 9 -45.31 -47.17 -26.68
CA LEU JB 9 -45.66 -46.89 -28.06
C LEU JB 9 -46.04 -48.20 -28.74
N SER JB 10 -45.41 -49.27 -28.27
CA SER JB 10 -45.62 -50.62 -28.77
C SER JB 10 -45.30 -51.61 -27.64
N PRO JB 11 -45.72 -52.88 -27.79
CA PRO JB 11 -45.35 -53.86 -26.75
C PRO JB 11 -43.84 -53.97 -26.55
N SER JB 12 -43.07 -53.83 -27.62
CA SER JB 12 -41.62 -53.94 -27.52
C SER JB 12 -40.93 -52.57 -27.60
N LEU JB 13 -41.73 -51.50 -27.50
CA LEU JB 13 -41.18 -50.14 -27.56
C LEU JB 13 -41.65 -49.29 -26.39
N VAL JB 14 -40.70 -48.86 -25.56
CA VAL JB 14 -41.03 -48.07 -24.37
C VAL JB 14 -40.15 -46.83 -24.27
N THR JB 15 -40.78 -45.68 -24.02
CA THR JB 15 -40.04 -44.44 -23.82
C THR JB 15 -40.01 -44.08 -22.33
N ILE JB 16 -38.82 -43.89 -21.78
CA ILE JB 16 -38.66 -43.61 -20.37
C ILE JB 16 -38.03 -42.25 -20.12
N ARG JB 17 -38.77 -41.37 -19.43
CA ARG JB 17 -38.27 -40.05 -19.09
C ARG JB 17 -38.02 -39.94 -17.59
N ASP JB 18 -36.79 -39.56 -17.23
CA ASP JB 18 -36.43 -39.38 -15.83
C ASP JB 18 -36.24 -37.88 -15.55
N PHE JB 19 -37.22 -37.29 -14.87
CA PHE JB 19 -37.19 -35.85 -14.59
C PHE JB 19 -36.11 -35.48 -13.57
N ASP JB 20 -35.96 -36.31 -12.55
CA ASP JB 20 -35.00 -36.03 -11.49
C ASP JB 20 -33.56 -36.08 -11.98
N ASN JB 21 -33.25 -37.10 -12.78
CA ASN JB 21 -31.90 -37.25 -13.32
C ASN JB 21 -31.73 -36.53 -14.65
N GLY JB 22 -32.83 -36.03 -15.20
CA GLY JB 22 -32.80 -35.32 -16.47
C GLY JB 22 -32.33 -36.21 -17.61
N GLN JB 23 -32.93 -37.39 -17.71
CA GLN JB 23 -32.54 -38.37 -18.72
C GLN JB 23 -33.72 -38.87 -19.53
N PHE JB 24 -33.45 -39.35 -20.74
CA PHE JB 24 -34.46 -39.98 -21.57
C PHE JB 24 -33.85 -41.21 -22.23
N ALA JB 25 -34.49 -42.35 -22.02
CA ALA JB 25 -34.01 -43.61 -22.58
C ALA JB 25 -35.12 -44.34 -23.32
N VAL JB 26 -34.78 -44.93 -24.47
CA VAL JB 26 -35.73 -45.71 -25.23
C VAL JB 26 -35.51 -47.19 -24.95
N LEU JB 27 -36.53 -47.85 -24.41
CA LEU JB 27 -36.46 -49.27 -24.12
C LEU JB 27 -37.07 -50.07 -25.27
N ARG JB 28 -36.24 -50.87 -25.94
CA ARG JB 28 -36.70 -51.63 -27.09
C ARG JB 28 -36.18 -53.06 -27.10
N ILE JB 29 -37.10 -54.01 -27.30
CA ILE JB 29 -36.72 -55.41 -27.47
C ILE JB 29 -36.89 -55.76 -28.94
N GLY JB 30 -35.90 -55.38 -29.74
CA GLY JB 30 -35.98 -55.51 -31.20
C GLY JB 30 -35.81 -56.91 -31.73
N ARG JB 31 -34.84 -57.64 -31.19
CA ARG JB 31 -34.48 -58.97 -31.69
C ARG JB 31 -35.67 -59.94 -31.70
N THR JB 32 -36.50 -59.88 -30.67
CA THR JB 32 -37.60 -60.82 -30.53
C THR JB 32 -38.96 -60.15 -30.70
N GLY JB 33 -39.09 -58.93 -30.19
CA GLY JB 33 -40.35 -58.22 -30.24
C GLY JB 33 -41.24 -58.58 -29.07
N PHE JB 34 -40.64 -59.14 -28.02
CA PHE JB 34 -41.37 -59.49 -26.81
C PHE JB 34 -41.82 -58.23 -26.07
N PRO JB 35 -42.91 -58.35 -25.29
CA PRO JB 35 -43.39 -57.21 -24.50
C PRO JB 35 -42.47 -56.91 -23.31
N ALA JB 36 -42.15 -55.64 -23.12
CA ALA JB 36 -41.27 -55.23 -22.02
C ALA JB 36 -41.98 -55.42 -20.68
N ASP JB 37 -41.41 -56.29 -19.84
CA ASP JB 37 -41.97 -56.55 -18.52
C ASP JB 37 -41.41 -55.56 -17.50
N LYS JB 38 -41.83 -55.72 -16.25
CA LYS JB 38 -41.36 -54.85 -15.17
C LYS JB 38 -39.85 -55.00 -14.96
N GLY JB 39 -39.35 -56.21 -15.13
CA GLY JB 39 -37.94 -56.48 -15.00
C GLY JB 39 -37.10 -55.79 -16.06
N ASP JB 40 -37.63 -55.77 -17.28
CA ASP JB 40 -36.93 -55.14 -18.40
C ASP JB 40 -36.79 -53.64 -18.19
N ILE JB 41 -37.86 -53.01 -17.72
CA ILE JB 41 -37.86 -51.57 -17.45
C ILE JB 41 -36.93 -51.26 -16.28
N ASP JB 42 -37.02 -52.08 -15.23
CA ASP JB 42 -36.17 -51.92 -14.06
C ASP JB 42 -34.69 -52.08 -14.41
N LEU JB 43 -34.41 -52.95 -15.37
CA LEU JB 43 -33.06 -53.14 -15.86
C LEU JB 43 -32.56 -51.88 -16.58
N CYS JB 44 -33.45 -51.27 -17.35
CA CYS JB 44 -33.12 -50.04 -18.07
C CYS JB 44 -32.81 -48.90 -17.11
N LEU JB 45 -33.63 -48.77 -16.06
CA LEU JB 45 -33.42 -47.75 -15.05
C LEU JB 45 -32.06 -47.93 -14.37
N ASP JB 46 -31.69 -49.19 -14.12
CA ASP JB 46 -30.42 -49.50 -13.49
C ASP JB 46 -29.25 -49.14 -14.40
N LYS JB 47 -29.51 -49.15 -15.71
CA LYS JB 47 -28.49 -48.79 -16.69
C LYS JB 47 -28.35 -47.28 -16.83
N MET JB 48 -29.46 -46.55 -16.68
CA MET JB 48 -29.45 -45.11 -16.78
C MET JB 48 -28.61 -44.47 -15.67
N ILE JB 49 -28.79 -44.94 -14.45
CA ILE JB 49 -28.06 -44.41 -13.31
C ILE JB 49 -26.58 -44.78 -13.41
N GLY JB 50 -26.29 -45.85 -14.12
CA GLY JB 50 -24.92 -46.27 -14.36
C GLY JB 50 -24.18 -45.29 -15.25
N VAL JB 51 -24.83 -44.90 -16.34
CA VAL JB 51 -24.26 -43.93 -17.25
C VAL JB 51 -24.26 -42.54 -16.61
N ARG JB 52 -25.27 -42.29 -15.77
CA ARG JB 52 -25.31 -41.08 -14.97
C ARG JB 52 -24.07 -41.00 -14.09
N ALA JB 53 -23.67 -42.14 -13.55
CA ALA JB 53 -22.45 -42.24 -12.77
C ALA JB 53 -21.22 -42.07 -13.65
N ALA JB 54 -21.32 -42.54 -14.89
CA ALA JB 54 -20.23 -42.38 -15.85
C ALA JB 54 -20.05 -40.91 -16.23
N GLN JB 55 -21.16 -40.18 -16.31
CA GLN JB 55 -21.13 -38.77 -16.67
C GLN JB 55 -20.42 -37.93 -15.61
N ILE JB 56 -20.81 -38.11 -14.35
CA ILE JB 56 -20.24 -37.34 -13.25
C ILE JB 56 -18.78 -37.75 -13.02
N PHE JB 57 -18.45 -39.00 -13.37
CA PHE JB 57 -17.06 -39.45 -13.30
C PHE JB 57 -16.17 -38.68 -14.27
N LEU JB 58 -16.65 -38.50 -15.50
CA LEU JB 58 -15.91 -37.78 -16.52
C LEU JB 58 -15.86 -36.28 -16.21
N GLY JB 59 -16.69 -35.85 -15.26
CA GLY JB 59 -16.73 -34.46 -14.86
C GLY JB 59 -18.14 -33.99 -14.58
N ASP JB 60 -18.30 -33.20 -13.51
CA ASP JB 60 -19.62 -32.68 -13.16
C ASP JB 60 -20.04 -31.61 -14.14
N ASP JB 61 -20.95 -31.96 -15.02
CA ASP JB 61 -21.42 -31.03 -16.05
C ASP JB 61 -22.76 -30.42 -15.67
N THR JB 62 -23.17 -30.65 -14.43
CA THR JB 62 -24.38 -30.02 -13.90
C THR JB 62 -24.11 -28.57 -13.56
N GLU JB 63 -22.84 -28.25 -13.33
CA GLU JB 63 -22.42 -26.89 -13.02
C GLU JB 63 -22.43 -26.01 -14.27
N ASP JB 64 -22.24 -24.71 -14.08
CA ASP JB 64 -22.21 -23.76 -15.17
C ASP JB 64 -20.91 -23.86 -15.96
N GLY JB 65 -20.99 -23.70 -17.28
CA GLY JB 65 -19.82 -23.77 -18.13
C GLY JB 65 -19.33 -25.19 -18.30
N PHE JB 66 -20.26 -26.11 -18.55
CA PHE JB 66 -19.93 -27.52 -18.75
C PHE JB 66 -19.02 -27.72 -19.96
N LYS JB 67 -17.72 -27.80 -19.72
CA LYS JB 67 -16.74 -28.00 -20.79
C LYS JB 67 -16.86 -29.38 -21.42
N GLY JB 68 -17.50 -30.30 -20.71
CA GLY JB 68 -17.71 -31.65 -21.21
C GLY JB 68 -16.68 -32.63 -20.71
N PRO JB 69 -16.63 -33.83 -21.31
CA PRO JB 69 -17.51 -34.23 -22.41
C PRO JB 69 -18.86 -34.77 -21.93
N HIS JB 70 -19.87 -34.72 -22.79
CA HIS JB 70 -21.19 -35.21 -22.44
C HIS JB 70 -21.39 -36.66 -22.86
N ILE JB 71 -21.89 -37.48 -21.95
CA ILE JB 71 -22.16 -38.88 -22.23
C ILE JB 71 -23.55 -39.27 -21.73
N ARG JB 72 -24.45 -39.54 -22.67
CA ARG JB 72 -25.86 -39.79 -22.33
C ARG JB 72 -26.39 -41.05 -22.99
N ILE JB 73 -27.32 -41.72 -22.32
CA ILE JB 73 -27.99 -42.90 -22.88
C ILE JB 73 -29.01 -42.49 -23.94
N ARG JB 74 -29.00 -43.20 -25.06
CA ARG JB 74 -29.96 -42.98 -26.13
C ARG JB 74 -31.04 -44.07 -26.14
N CYS JB 75 -30.61 -45.31 -25.97
CA CYS JB 75 -31.52 -46.45 -26.06
C CYS JB 75 -30.94 -47.71 -25.42
N VAL JB 76 -31.81 -48.65 -25.09
CA VAL JB 76 -31.42 -49.94 -24.54
C VAL JB 76 -32.09 -51.08 -25.31
N ASP JB 77 -31.27 -51.88 -25.99
CA ASP JB 77 -31.79 -52.98 -26.80
C ASP JB 77 -31.63 -54.30 -26.06
N ILE JB 78 -32.73 -55.02 -25.90
CA ILE JB 78 -32.73 -56.27 -25.16
C ILE JB 78 -32.81 -57.49 -26.07
N ASP JB 79 -31.82 -58.38 -25.97
CA ASP JB 79 -31.88 -59.66 -26.67
C ASP JB 79 -32.56 -60.68 -25.75
N ASP JB 80 -33.67 -61.23 -26.21
CA ASP JB 80 -34.50 -62.07 -25.35
C ASP JB 80 -34.78 -63.44 -25.97
N LYS JB 81 -34.06 -63.76 -27.04
CA LYS JB 81 -34.29 -65.01 -27.77
C LYS JB 81 -33.99 -66.24 -26.92
N HIS JB 82 -32.72 -66.42 -26.57
CA HIS JB 82 -32.29 -67.59 -25.83
C HIS JB 82 -31.75 -67.20 -24.46
N THR JB 83 -30.81 -66.26 -24.45
CA THR JB 83 -30.22 -65.78 -23.21
C THR JB 83 -30.47 -64.29 -23.03
N TYR JB 84 -30.67 -63.88 -21.79
CA TYR JB 84 -30.96 -62.48 -21.47
C TYR JB 84 -29.74 -61.59 -21.72
N ASN JB 85 -29.84 -60.75 -22.74
CA ASN JB 85 -28.74 -59.86 -23.10
C ASN JB 85 -29.23 -58.44 -23.38
N ALA JB 86 -28.39 -57.46 -23.06
CA ALA JB 86 -28.77 -56.06 -23.25
C ALA JB 86 -27.67 -55.26 -23.95
N MET JB 87 -28.07 -54.53 -24.98
CA MET JB 87 -27.14 -53.65 -25.70
C MET JB 87 -27.50 -52.19 -25.46
N VAL JB 88 -26.61 -51.47 -24.79
CA VAL JB 88 -26.87 -50.08 -24.45
C VAL JB 88 -26.30 -49.14 -25.52
N TYR JB 89 -27.08 -48.13 -25.89
CA TYR JB 89 -26.64 -47.15 -26.88
C TYR JB 89 -26.35 -45.82 -26.21
N VAL JB 90 -25.11 -45.36 -26.35
CA VAL JB 90 -24.63 -44.18 -25.66
C VAL JB 90 -24.03 -43.18 -26.64
N ASP JB 91 -24.31 -41.89 -26.44
CA ASP JB 91 -23.73 -40.84 -27.29
C ASP JB 91 -22.68 -40.03 -26.52
N LEU JB 92 -21.49 -39.94 -27.09
CA LEU JB 92 -20.42 -39.15 -26.49
C LEU JB 92 -20.25 -37.83 -27.23
N ILE JB 93 -20.50 -36.72 -26.54
CA ILE JB 93 -20.39 -35.41 -27.14
C ILE JB 93 -19.17 -34.65 -26.63
N VAL JB 94 -18.38 -34.12 -27.55
CA VAL JB 94 -17.17 -33.39 -27.19
C VAL JB 94 -16.96 -32.18 -28.11
N GLU JB 100 -7.66 -33.19 -31.02
CA GLU JB 100 -7.97 -34.54 -31.50
C GLU JB 100 -7.44 -35.60 -30.54
N VAL JB 101 -6.29 -35.31 -29.92
CA VAL JB 101 -5.68 -36.23 -28.97
C VAL JB 101 -6.54 -36.35 -27.71
N GLU JB 102 -7.05 -35.21 -27.25
CA GLU JB 102 -7.93 -35.18 -26.08
C GLU JB 102 -9.24 -35.90 -26.38
N ARG JB 103 -9.68 -35.83 -27.63
CA ARG JB 103 -10.90 -36.51 -28.07
C ARG JB 103 -10.74 -38.02 -27.97
N GLU JB 104 -9.56 -38.50 -28.37
CA GLU JB 104 -9.25 -39.93 -28.26
C GLU JB 104 -9.15 -40.33 -26.80
N THR JB 105 -8.59 -39.44 -25.98
CA THR JB 105 -8.48 -39.68 -24.55
C THR JB 105 -9.87 -39.72 -23.90
N ALA JB 106 -10.74 -38.82 -24.32
CA ALA JB 106 -12.10 -38.77 -23.83
C ALA JB 106 -12.87 -40.03 -24.22
N GLU JB 107 -12.65 -40.49 -25.44
CA GLU JB 107 -13.28 -41.71 -25.92
C GLU JB 107 -12.80 -42.92 -25.13
N GLU JB 108 -11.51 -42.93 -24.81
CA GLU JB 108 -10.91 -44.03 -24.04
C GLU JB 108 -11.44 -44.07 -22.61
N GLU JB 109 -11.46 -42.91 -21.96
CA GLU JB 109 -11.95 -42.80 -20.59
C GLU JB 109 -13.43 -43.16 -20.49
N ALA JB 110 -14.22 -42.70 -21.46
CA ALA JB 110 -15.65 -42.98 -21.48
C ALA JB 110 -15.91 -44.48 -21.67
N LYS JB 111 -15.11 -45.11 -22.53
CA LYS JB 111 -15.24 -46.54 -22.78
C LYS JB 111 -14.96 -47.36 -21.53
N LEU JB 112 -13.87 -47.02 -20.84
CA LEU JB 112 -13.49 -47.72 -19.62
C LEU JB 112 -14.52 -47.52 -18.51
N ALA JB 113 -15.05 -46.30 -18.41
CA ALA JB 113 -16.03 -45.97 -17.39
C ALA JB 113 -17.35 -46.72 -17.61
N LEU JB 114 -17.76 -46.83 -18.87
CA LEU JB 114 -19.01 -47.49 -19.21
C LEU JB 114 -18.96 -48.99 -18.95
N ARG JB 115 -17.79 -49.60 -19.16
CA ARG JB 115 -17.62 -51.02 -18.93
C ARG JB 115 -17.84 -51.38 -17.46
N VAL JB 116 -17.34 -50.53 -16.57
CA VAL JB 116 -17.49 -50.75 -15.13
C VAL JB 116 -18.91 -50.42 -14.67
N ALA JB 117 -19.44 -49.32 -15.18
CA ALA JB 117 -20.75 -48.83 -14.75
C ALA JB 117 -21.89 -49.73 -15.23
N LEU JB 118 -21.81 -50.18 -16.47
CA LEU JB 118 -22.90 -50.98 -17.07
C LEU JB 118 -22.66 -52.48 -16.93
N GLN JB 119 -21.57 -52.84 -16.29
CA GLN JB 119 -21.21 -54.25 -16.08
C GLN JB 119 -21.15 -55.02 -17.41
N VAL JB 120 -20.34 -54.54 -18.33
CA VAL JB 120 -20.23 -55.13 -19.66
C VAL JB 120 -19.59 -56.53 -19.60
N ASP JB 121 -20.18 -57.47 -20.33
CA ASP JB 121 -19.69 -58.84 -20.44
C ASP JB 121 -19.72 -59.58 -19.11
N ILE JB 122 -20.48 -59.05 -18.17
CA ILE JB 122 -20.66 -59.68 -16.87
C ILE JB 122 -22.14 -59.78 -16.52
N ALA JB 123 -22.48 -60.68 -15.62
CA ALA JB 123 -23.87 -60.86 -15.20
C ALA JB 123 -24.34 -59.68 -14.36
N ASP JB 124 -25.39 -59.01 -14.83
CA ASP JB 124 -25.95 -57.86 -14.13
C ASP JB 124 -26.76 -58.29 -12.92
N GLU JB 125 -27.36 -57.32 -12.23
CA GLU JB 125 -28.18 -57.60 -11.07
C GLU JB 125 -29.44 -58.38 -11.46
N HIS JB 126 -29.84 -58.25 -12.72
CA HIS JB 126 -31.00 -58.96 -13.24
C HIS JB 126 -30.57 -60.20 -14.01
N SER JB 127 -29.38 -60.72 -13.68
CA SER JB 127 -28.79 -61.86 -14.37
C SER JB 127 -28.70 -61.62 -15.86
N CYS JB 128 -28.15 -60.47 -16.24
CA CYS JB 128 -28.07 -60.07 -17.64
C CYS JB 128 -26.64 -59.79 -18.09
N VAL JB 129 -26.32 -60.20 -19.30
CA VAL JB 129 -25.03 -59.89 -19.90
C VAL JB 129 -25.15 -58.65 -20.77
N THR JB 130 -24.52 -57.56 -20.33
CA THR JB 130 -24.67 -56.27 -21.01
C THR JB 130 -23.52 -55.94 -21.94
N GLN JB 131 -23.81 -55.14 -22.95
CA GLN JB 131 -22.79 -54.63 -23.87
C GLN JB 131 -23.21 -53.26 -24.35
N PHE JB 132 -22.27 -52.47 -24.88
CA PHE JB 132 -22.59 -51.12 -25.29
C PHE JB 132 -21.93 -50.72 -26.60
N GLU JB 133 -22.56 -49.80 -27.32
CA GLU JB 133 -22.01 -49.21 -28.53
C GLU JB 133 -22.14 -47.70 -28.42
N MET JB 134 -21.07 -46.97 -28.74
CA MET JB 134 -21.07 -45.52 -28.56
C MET JB 134 -20.67 -44.78 -29.82
N LYS JB 135 -21.27 -43.60 -30.01
CA LYS JB 135 -20.96 -42.75 -31.15
C LYS JB 135 -20.38 -41.41 -30.69
N LEU JB 136 -19.50 -40.84 -31.49
CA LEU JB 136 -18.84 -39.59 -31.15
C LEU JB 136 -19.48 -38.41 -31.90
N ARG JB 137 -19.86 -37.38 -31.15
CA ARG JB 137 -20.46 -36.19 -31.75
C ARG JB 137 -19.74 -34.93 -31.28
N GLU JB 138 -19.67 -33.92 -32.15
CA GLU JB 138 -18.97 -32.69 -31.82
C GLU JB 138 -19.86 -31.47 -32.04
N GLU JB 139 -20.10 -30.72 -30.97
CA GLU JB 139 -20.91 -29.51 -31.04
C GLU JB 139 -20.48 -28.50 -29.99
N LEU JB 140 -20.79 -27.23 -30.22
CA LEU JB 140 -20.44 -26.17 -29.29
C LEU JB 140 -21.26 -26.29 -28.01
N LEU JB 141 -20.57 -26.40 -26.88
CA LEU JB 141 -21.23 -26.51 -25.58
C LEU JB 141 -21.90 -25.21 -25.20
N SER JB 142 -21.36 -24.09 -25.70
CA SER JB 142 -21.89 -22.77 -25.40
C SER JB 142 -23.00 -22.36 -26.36
N SER JB 143 -23.28 -23.22 -27.34
CA SER JB 143 -24.34 -22.94 -28.31
C SER JB 143 -25.71 -23.01 -27.66
N ASP JB 144 -26.60 -22.11 -28.09
CA ASP JB 144 -27.96 -22.05 -27.56
C ASP JB 144 -28.77 -23.27 -28.00
N SER JB 145 -28.61 -23.65 -29.27
CA SER JB 145 -29.33 -24.79 -29.82
C SER JB 145 -28.60 -26.10 -29.58
N PHE JB 146 -28.37 -26.42 -28.31
CA PHE JB 146 -27.68 -27.66 -27.95
C PHE JB 146 -28.17 -28.23 -26.61
N HIS JB 147 -28.34 -29.55 -26.57
CA HIS JB 147 -28.71 -30.24 -25.35
C HIS JB 147 -28.25 -31.70 -25.40
N PRO JB 148 -27.78 -32.22 -24.26
CA PRO JB 148 -27.36 -33.62 -24.10
C PRO JB 148 -28.37 -34.62 -24.67
N ASP JB 149 -29.66 -34.32 -24.54
CA ASP JB 149 -30.70 -35.22 -25.03
C ASP JB 149 -31.59 -34.54 -26.08
N LYS JB 150 -30.97 -34.03 -27.14
CA LYS JB 150 -31.71 -33.37 -28.21
C LYS JB 150 -32.65 -34.35 -28.92
N ASP JB 151 -33.62 -33.81 -29.65
CA ASP JB 151 -34.60 -34.62 -30.36
C ASP JB 151 -33.95 -35.49 -31.43
N GLU JB 152 -33.13 -34.86 -32.26
CA GLU JB 152 -32.50 -35.54 -33.40
C GLU JB 152 -31.57 -36.68 -32.96
N TYR JB 153 -31.15 -36.66 -31.70
CA TYR JB 153 -30.22 -37.68 -31.20
C TYR JB 153 -30.89 -39.04 -31.06
N TYR JB 154 -32.22 -39.02 -30.92
CA TYR JB 154 -32.98 -40.25 -30.71
C TYR JB 154 -33.67 -40.70 -32.00
N LYS JB 155 -33.28 -40.10 -33.12
CA LYS JB 155 -33.90 -40.39 -34.40
C LYS JB 155 -33.70 -41.84 -34.84
N ASP JB 156 -32.60 -42.44 -34.40
CA ASP JB 156 -32.26 -43.80 -34.79
C ASP JB 156 -33.16 -44.83 -34.14
N PHE JB 157 -33.70 -44.50 -32.97
CA PHE JB 157 -34.46 -45.47 -32.18
C PHE JB 157 -35.94 -45.16 -32.10
N LEU JB 158 -36.36 -44.05 -32.69
CA LEU JB 158 -37.78 -43.68 -32.70
C LEU JB 158 -38.28 -43.45 -34.13
N SER KB 3 -56.15 -38.80 -12.86
CA SER KB 3 -56.89 -37.66 -13.39
C SER KB 3 -56.25 -37.15 -14.68
N VAL KB 4 -54.93 -37.11 -14.70
CA VAL KB 4 -54.19 -36.66 -15.87
C VAL KB 4 -53.26 -37.76 -16.38
N ASN KB 5 -53.26 -37.99 -17.69
CA ASN KB 5 -52.45 -39.05 -18.28
C ASN KB 5 -51.47 -38.52 -19.31
N THR KB 6 -50.25 -38.23 -18.88
CA THR KB 6 -49.20 -37.78 -19.80
C THR KB 6 -48.45 -38.97 -20.38
N SER KB 7 -47.78 -38.75 -21.50
CA SER KB 7 -47.03 -39.80 -22.18
C SER KB 7 -46.04 -39.22 -23.18
N PHE KB 8 -44.88 -39.85 -23.29
CA PHE KB 8 -43.82 -39.37 -24.18
C PHE KB 8 -43.75 -40.18 -25.47
N LEU KB 9 -44.20 -39.59 -26.57
CA LEU KB 9 -44.04 -40.20 -27.89
C LEU KB 9 -42.61 -39.99 -28.36
N SER KB 10 -42.04 -38.87 -27.94
CA SER KB 10 -40.68 -38.48 -28.28
C SER KB 10 -40.14 -37.59 -27.16
N PRO KB 11 -38.82 -37.35 -27.13
CA PRO KB 11 -38.30 -36.44 -26.09
C PRO KB 11 -38.93 -35.06 -26.14
N SER KB 12 -39.24 -34.56 -27.34
CA SER KB 12 -39.85 -33.25 -27.48
C SER KB 12 -41.34 -33.33 -27.79
N LEU KB 13 -41.92 -34.52 -27.66
CA LEU KB 13 -43.34 -34.71 -27.97
C LEU KB 13 -44.09 -35.40 -26.83
N VAL KB 14 -45.05 -34.69 -26.25
CA VAL KB 14 -45.83 -35.20 -25.12
C VAL KB 14 -47.33 -35.04 -25.36
N THR KB 15 -48.10 -36.10 -25.14
CA THR KB 15 -49.54 -36.04 -25.24
C THR KB 15 -50.18 -36.03 -23.86
N ILE KB 16 -51.01 -35.02 -23.59
CA ILE KB 16 -51.64 -34.88 -22.29
C ILE KB 16 -53.17 -34.98 -22.38
N ARG KB 17 -53.73 -35.97 -21.69
CA ARG KB 17 -55.17 -36.16 -21.67
C ARG KB 17 -55.75 -35.83 -20.29
N ASP KB 18 -56.72 -34.93 -20.27
CA ASP KB 18 -57.39 -34.55 -19.03
C ASP KB 18 -58.81 -35.09 -19.00
N PHE KB 19 -59.02 -36.14 -18.23
CA PHE KB 19 -60.33 -36.81 -18.16
C PHE KB 19 -61.37 -35.94 -17.44
N ASP KB 20 -60.94 -35.29 -16.36
CA ASP KB 20 -61.84 -34.50 -15.53
C ASP KB 20 -62.37 -33.28 -16.28
N ASN KB 21 -61.47 -32.57 -16.97
CA ASN KB 21 -61.86 -31.39 -17.73
C ASN KB 21 -62.29 -31.74 -19.15
N GLY KB 22 -62.07 -33.00 -19.54
CA GLY KB 22 -62.42 -33.45 -20.87
C GLY KB 22 -61.62 -32.73 -21.93
N GLN KB 23 -60.31 -32.68 -21.74
CA GLN KB 23 -59.43 -31.97 -22.67
C GLN KB 23 -58.27 -32.84 -23.14
N PHE KB 24 -57.73 -32.52 -24.31
CA PHE KB 24 -56.55 -33.20 -24.83
C PHE KB 24 -55.62 -32.16 -25.45
N ALA KB 25 -54.38 -32.12 -24.98
CA ALA KB 25 -53.40 -31.17 -25.49
C ALA KB 25 -52.11 -31.88 -25.87
N VAL KB 26 -51.53 -31.47 -27.00
CA VAL KB 26 -50.26 -32.02 -27.45
C VAL KB 26 -49.11 -31.08 -27.10
N LEU KB 27 -48.17 -31.56 -26.29
CA LEU KB 27 -47.02 -30.76 -25.90
C LEU KB 27 -45.85 -31.05 -26.82
N ARG KB 28 -45.41 -30.02 -27.56
CA ARG KB 28 -44.33 -30.18 -28.52
C ARG KB 28 -43.35 -29.01 -28.45
N ILE KB 29 -42.06 -29.34 -28.37
CA ILE KB 29 -41.01 -28.34 -28.42
C ILE KB 29 -40.33 -28.42 -29.78
N GLY KB 30 -40.97 -27.85 -30.79
CA GLY KB 30 -40.54 -27.99 -32.17
C GLY KB 30 -39.32 -27.20 -32.60
N ARG KB 31 -39.26 -25.93 -32.20
CA ARG KB 31 -38.22 -25.02 -32.66
C ARG KB 31 -36.81 -25.54 -32.36
N THR KB 32 -36.60 -26.11 -31.18
CA THR KB 32 -35.28 -26.54 -30.77
C THR KB 32 -35.16 -28.06 -30.63
N GLY KB 33 -36.23 -28.72 -30.19
CA GLY KB 33 -36.22 -30.15 -29.98
C GLY KB 33 -35.70 -30.59 -28.62
N PHE KB 34 -35.71 -29.67 -27.65
CA PHE KB 34 -35.32 -30.00 -26.29
C PHE KB 34 -36.34 -30.93 -25.64
N PRO KB 35 -35.91 -31.71 -24.63
CA PRO KB 35 -36.82 -32.62 -23.92
C PRO KB 35 -37.77 -31.86 -23.00
N ALA KB 36 -39.04 -32.22 -23.02
CA ALA KB 36 -40.02 -31.55 -22.19
C ALA KB 36 -39.80 -31.88 -20.72
N ASP KB 37 -39.50 -30.85 -19.92
CA ASP KB 37 -39.26 -31.03 -18.49
C ASP KB 37 -40.56 -30.93 -17.71
N LYS KB 38 -40.47 -31.04 -16.40
CA LYS KB 38 -41.63 -30.95 -15.52
C LYS KB 38 -42.29 -29.58 -15.63
N GLY KB 39 -41.46 -28.56 -15.78
CA GLY KB 39 -41.94 -27.19 -15.92
C GLY KB 39 -42.73 -26.97 -17.21
N ASP KB 40 -42.26 -27.60 -18.28
CA ASP KB 40 -42.92 -27.49 -19.58
C ASP KB 40 -44.31 -28.10 -19.57
N ILE KB 41 -44.43 -29.26 -18.94
CA ILE KB 41 -45.73 -29.94 -18.83
C ILE KB 41 -46.69 -29.17 -17.95
N ASP KB 42 -46.19 -28.67 -16.81
CA ASP KB 42 -46.99 -27.87 -15.89
C ASP KB 42 -47.48 -26.58 -16.54
N LEU KB 43 -46.66 -26.02 -17.43
CA LEU KB 43 -47.01 -24.81 -18.16
C LEU KB 43 -48.16 -25.10 -19.13
N CYS KB 44 -48.13 -26.26 -19.75
CA CYS KB 44 -49.17 -26.67 -20.69
C CYS KB 44 -50.51 -26.81 -19.98
N LEU KB 45 -50.48 -27.41 -18.79
CA LEU KB 45 -51.69 -27.57 -17.98
C LEU KB 45 -52.32 -26.23 -17.62
N ASP KB 46 -51.46 -25.25 -17.32
CA ASP KB 46 -51.93 -23.91 -16.98
C ASP KB 46 -52.59 -23.22 -18.17
N LYS KB 47 -52.21 -23.62 -19.38
CA LYS KB 47 -52.80 -23.06 -20.59
C LYS KB 47 -54.15 -23.72 -20.90
N MET KB 48 -54.27 -25.01 -20.58
CA MET KB 48 -55.50 -25.75 -20.82
C MET KB 48 -56.64 -25.18 -19.98
N ILE KB 49 -56.37 -24.95 -18.70
CA ILE KB 49 -57.37 -24.41 -17.77
C ILE KB 49 -57.68 -22.96 -18.14
N GLY KB 50 -56.74 -22.31 -18.79
CA GLY KB 50 -56.94 -20.95 -19.25
C GLY KB 50 -57.97 -20.89 -20.37
N VAL KB 51 -57.82 -21.80 -21.34
CA VAL KB 51 -58.77 -21.90 -22.43
C VAL KB 51 -60.08 -22.48 -21.93
N ARG KB 52 -59.98 -23.35 -20.92
CA ARG KB 52 -61.17 -23.86 -20.23
C ARG KB 52 -61.97 -22.70 -19.64
N ALA KB 53 -61.24 -21.71 -19.10
CA ALA KB 53 -61.86 -20.50 -18.58
C ALA KB 53 -62.43 -19.66 -19.72
N ALA KB 54 -61.75 -19.68 -20.86
CA ALA KB 54 -62.22 -18.97 -22.04
C ALA KB 54 -63.50 -19.59 -22.59
N GLN KB 55 -63.60 -20.91 -22.50
CA GLN KB 55 -64.76 -21.65 -23.00
C GLN KB 55 -66.02 -21.31 -22.21
N ILE KB 56 -65.93 -21.37 -20.89
CA ILE KB 56 -67.06 -21.10 -20.03
C ILE KB 56 -67.44 -19.63 -20.10
N PHE KB 57 -66.45 -18.78 -20.39
CA PHE KB 57 -66.70 -17.35 -20.60
C PHE KB 57 -67.59 -17.13 -21.81
N LEU KB 58 -67.28 -17.82 -22.91
CA LEU KB 58 -68.07 -17.70 -24.14
C LEU KB 58 -69.43 -18.36 -23.98
N GLY KB 59 -69.58 -19.16 -22.93
CA GLY KB 59 -70.83 -19.84 -22.66
C GLY KB 59 -70.61 -21.25 -22.14
N ASP KB 60 -71.40 -21.65 -21.14
CA ASP KB 60 -71.29 -22.98 -20.57
C ASP KB 60 -71.85 -24.01 -21.54
N ASP KB 61 -70.96 -24.76 -22.20
CA ASP KB 61 -71.36 -25.74 -23.18
C ASP KB 61 -71.35 -27.15 -22.60
N THR KB 62 -71.20 -27.24 -21.29
CA THR KB 62 -71.28 -28.52 -20.59
C THR KB 62 -72.73 -28.96 -20.47
N GLU KB 63 -73.65 -28.01 -20.58
CA GLU KB 63 -75.07 -28.30 -20.52
C GLU KB 63 -75.57 -28.92 -21.82
N ASP KB 64 -76.82 -29.38 -21.81
CA ASP KB 64 -77.41 -30.01 -22.99
C ASP KB 64 -77.80 -28.96 -24.03
N GLY KB 65 -77.63 -29.31 -25.31
CA GLY KB 65 -77.96 -28.40 -26.39
C GLY KB 65 -76.94 -27.29 -26.53
N PHE KB 66 -75.66 -27.66 -26.47
CA PHE KB 66 -74.57 -26.70 -26.58
C PHE KB 66 -74.57 -26.01 -27.95
N LYS KB 67 -75.18 -24.82 -28.00
CA LYS KB 67 -75.25 -24.05 -29.23
C LYS KB 67 -73.88 -23.53 -29.64
N GLY KB 68 -72.95 -23.53 -28.69
CA GLY KB 68 -71.59 -23.09 -28.97
C GLY KB 68 -71.34 -21.64 -28.59
N PRO KB 69 -70.21 -21.08 -29.03
CA PRO KB 69 -69.21 -21.78 -29.85
C PRO KB 69 -68.24 -22.60 -29.02
N HIS KB 70 -67.62 -23.61 -29.63
CA HIS KB 70 -66.65 -24.44 -28.94
C HIS KB 70 -65.23 -23.93 -29.17
N ILE KB 71 -64.46 -23.81 -28.08
CA ILE KB 71 -63.08 -23.36 -28.17
C ILE KB 71 -62.19 -24.29 -27.35
N ARG KB 72 -61.34 -25.05 -28.04
CA ARG KB 72 -60.53 -26.08 -27.41
C ARG KB 72 -59.06 -26.00 -27.81
N ILE KB 73 -58.17 -26.36 -26.88
CA ILE KB 73 -56.74 -26.42 -27.17
C ILE KB 73 -56.41 -27.65 -28.01
N ARG KB 74 -55.59 -27.45 -29.03
CA ARG KB 74 -55.12 -28.55 -29.88
C ARG KB 74 -53.68 -28.93 -29.55
N CYS KB 75 -52.83 -27.92 -29.36
CA CYS KB 75 -51.41 -28.15 -29.12
C CYS KB 75 -50.72 -26.93 -28.51
N VAL KB 76 -49.58 -27.17 -27.88
CA VAL KB 76 -48.77 -26.10 -27.31
C VAL KB 76 -47.31 -26.22 -27.75
N ASP KB 77 -46.86 -25.24 -28.51
CA ASP KB 77 -45.50 -25.26 -29.04
C ASP KB 77 -44.60 -24.34 -28.24
N ILE KB 78 -43.50 -24.88 -27.73
CA ILE KB 78 -42.58 -24.13 -26.88
C ILE KB 78 -41.29 -23.75 -27.58
N ASP KB 79 -41.00 -22.44 -27.63
CA ASP KB 79 -39.71 -21.98 -28.13
C ASP KB 79 -38.73 -21.89 -26.96
N ASP KB 80 -37.63 -22.63 -27.05
CA ASP KB 80 -36.71 -22.78 -25.93
C ASP KB 80 -35.29 -22.39 -26.30
N LYS KB 81 -35.13 -21.77 -27.48
CA LYS KB 81 -33.81 -21.44 -28.00
C LYS KB 81 -33.08 -20.42 -27.11
N HIS KB 82 -33.61 -19.22 -27.02
CA HIS KB 82 -32.96 -18.15 -26.27
C HIS KB 82 -33.82 -17.69 -25.10
N THR KB 83 -35.07 -17.37 -25.39
CA THR KB 83 -36.02 -16.94 -24.36
C THR KB 83 -37.19 -17.90 -24.29
N TYR KB 84 -37.71 -18.11 -23.09
CA TYR KB 84 -38.82 -19.04 -22.89
C TYR KB 84 -40.10 -18.50 -23.52
N ASN KB 85 -40.55 -19.16 -24.58
CA ASN KB 85 -41.74 -18.72 -25.30
C ASN KB 85 -42.67 -19.89 -25.63
N ALA KB 86 -43.97 -19.63 -25.64
CA ALA KB 86 -44.96 -20.68 -25.91
C ALA KB 86 -46.01 -20.23 -26.93
N MET KB 87 -46.26 -21.07 -27.93
CA MET KB 87 -47.30 -20.81 -28.92
C MET KB 87 -48.45 -21.81 -28.77
N VAL KB 88 -49.62 -21.30 -28.41
CA VAL KB 88 -50.78 -22.15 -28.17
C VAL KB 88 -51.65 -22.27 -29.42
N TYR KB 89 -52.10 -23.49 -29.70
CA TYR KB 89 -52.96 -23.76 -30.86
C TYR KB 89 -54.40 -24.04 -30.41
N VAL KB 90 -55.33 -23.23 -30.88
CA VAL KB 90 -56.71 -23.31 -30.44
C VAL KB 90 -57.68 -23.43 -31.62
N ASP KB 91 -58.69 -24.28 -31.48
CA ASP KB 91 -59.72 -24.44 -32.51
C ASP KB 91 -61.06 -23.86 -32.07
N LEU KB 92 -61.61 -22.97 -32.90
CA LEU KB 92 -62.92 -22.39 -32.63
C LEU KB 92 -63.98 -23.01 -33.53
N ILE KB 93 -64.94 -23.68 -32.91
CA ILE KB 93 -66.00 -24.35 -33.65
C ILE KB 93 -67.34 -23.63 -33.49
N VAL KB 94 -68.02 -23.37 -34.60
CA VAL KB 94 -69.29 -22.67 -34.57
C VAL KB 94 -70.28 -23.23 -35.60
N GLU KB 100 -72.96 -14.88 -40.54
CA GLU KB 100 -71.57 -14.54 -40.76
C GLU KB 100 -71.11 -13.45 -39.81
N VAL KB 101 -72.02 -12.53 -39.48
CA VAL KB 101 -71.71 -11.45 -38.56
C VAL KB 101 -71.48 -11.98 -37.14
N GLU KB 102 -72.31 -12.92 -36.73
CA GLU KB 102 -72.18 -13.54 -35.41
C GLU KB 102 -70.89 -14.35 -35.32
N ARG KB 103 -70.47 -14.92 -36.45
CA ARG KB 103 -69.23 -15.69 -36.51
C ARG KB 103 -68.03 -14.79 -36.28
N GLU KB 104 -68.05 -13.59 -36.87
CA GLU KB 104 -67.00 -12.61 -36.68
C GLU KB 104 -67.00 -12.10 -35.24
N THR KB 105 -68.20 -11.93 -34.68
CA THR KB 105 -68.35 -11.50 -33.30
C THR KB 105 -67.83 -12.55 -32.33
N ALA KB 106 -68.11 -13.81 -32.62
CA ALA KB 106 -67.66 -14.92 -31.80
C ALA KB 106 -66.14 -15.03 -31.84
N GLU KB 107 -65.56 -14.82 -33.02
CA GLU KB 107 -64.11 -14.86 -33.19
C GLU KB 107 -63.45 -13.74 -32.40
N GLU KB 108 -64.08 -12.58 -32.39
CA GLU KB 108 -63.56 -11.42 -31.67
C GLU KB 108 -63.58 -11.64 -30.16
N GLU KB 109 -64.72 -12.12 -29.66
CA GLU KB 109 -64.87 -12.39 -28.23
C GLU KB 109 -63.91 -13.47 -27.76
N ALA KB 110 -63.75 -14.51 -28.57
CA ALA KB 110 -62.85 -15.61 -28.25
C ALA KB 110 -61.39 -15.13 -28.23
N LYS KB 111 -61.06 -14.27 -29.18
CA LYS KB 111 -59.70 -13.73 -29.29
C LYS KB 111 -59.35 -12.89 -28.06
N LEU KB 112 -60.26 -12.00 -27.67
CA LEU KB 112 -60.05 -11.14 -26.51
C LEU KB 112 -59.95 -11.95 -25.23
N ALA KB 113 -60.78 -12.98 -25.12
CA ALA KB 113 -60.79 -13.84 -23.94
C ALA KB 113 -59.49 -14.63 -23.81
N LEU KB 114 -58.98 -15.11 -24.94
CA LEU KB 114 -57.75 -15.89 -24.95
C LEU KB 114 -56.52 -15.07 -24.58
N ARG KB 115 -56.51 -13.80 -24.96
CA ARG KB 115 -55.41 -12.91 -24.63
C ARG KB 115 -55.25 -12.74 -23.12
N VAL KB 116 -56.38 -12.62 -22.44
CA VAL KB 116 -56.39 -12.48 -20.99
C VAL KB 116 -56.10 -13.81 -20.30
N ALA KB 117 -56.72 -14.86 -20.82
CA ALA KB 117 -56.60 -16.19 -20.22
C ALA KB 117 -55.20 -16.78 -20.36
N LEU KB 118 -54.60 -16.62 -21.53
CA LEU KB 118 -53.30 -17.21 -21.81
C LEU KB 118 -52.15 -16.25 -21.54
N GLN KB 119 -52.49 -15.04 -21.08
CA GLN KB 119 -51.51 -14.01 -20.78
C GLN KB 119 -50.60 -13.73 -21.97
N VAL KB 120 -51.22 -13.39 -23.10
CA VAL KB 120 -50.48 -13.15 -24.35
C VAL KB 120 -49.61 -11.90 -24.26
N ASP KB 121 -48.37 -12.02 -24.72
CA ASP KB 121 -47.40 -10.92 -24.77
C ASP KB 121 -47.03 -10.40 -23.39
N ILE KB 122 -47.32 -11.18 -22.36
CA ILE KB 122 -46.96 -10.82 -21.00
C ILE KB 122 -46.25 -12.00 -20.31
N ALA KB 123 -45.48 -11.70 -19.27
CA ALA KB 123 -44.76 -12.74 -18.55
C ALA KB 123 -45.72 -13.61 -17.75
N ASP KB 124 -45.72 -14.91 -18.03
CA ASP KB 124 -46.60 -15.84 -17.34
C ASP KB 124 -46.08 -16.17 -15.95
N GLU KB 125 -46.78 -17.06 -15.25
CA GLU KB 125 -46.38 -17.48 -13.92
C GLU KB 125 -45.07 -18.28 -13.96
N HIS KB 126 -44.80 -18.89 -15.11
CA HIS KB 126 -43.57 -19.65 -15.29
C HIS KB 126 -42.52 -18.83 -16.03
N SER KB 127 -42.64 -17.51 -15.94
CA SER KB 127 -41.75 -16.58 -16.62
C SER KB 127 -41.71 -16.86 -18.13
N CYS KB 128 -42.89 -16.98 -18.72
CA CYS KB 128 -42.99 -17.33 -20.14
C CYS KB 128 -43.81 -16.29 -20.91
N VAL KB 129 -43.37 -15.97 -22.13
CA VAL KB 129 -44.12 -15.09 -23.00
C VAL KB 129 -44.97 -15.93 -23.96
N THR KB 130 -46.29 -15.87 -23.77
CA THR KB 130 -47.19 -16.73 -24.53
C THR KB 130 -47.84 -16.00 -25.70
N GLN KB 131 -48.20 -16.77 -26.73
CA GLN KB 131 -48.94 -16.26 -27.88
C GLN KB 131 -49.82 -17.37 -28.42
N PHE KB 132 -50.84 -17.02 -29.20
CA PHE KB 132 -51.76 -18.03 -29.69
C PHE KB 132 -52.18 -17.81 -31.14
N GLU KB 133 -52.51 -18.91 -31.81
CA GLU KB 133 -53.06 -18.88 -33.16
C GLU KB 133 -54.30 -19.76 -33.20
N MET KB 134 -55.38 -19.26 -33.78
CA MET KB 134 -56.63 -19.99 -33.78
C MET KB 134 -57.22 -20.13 -35.18
N LYS KB 135 -57.88 -21.27 -35.41
CA LYS KB 135 -58.53 -21.55 -36.69
C LYS KB 135 -60.04 -21.69 -36.50
N LEU KB 136 -60.78 -21.31 -37.53
CA LEU KB 136 -62.25 -21.36 -37.47
C LEU KB 136 -62.78 -22.58 -38.22
N ARG KB 137 -63.63 -23.34 -37.54
CA ARG KB 137 -64.24 -24.53 -38.13
C ARG KB 137 -65.76 -24.48 -37.98
N GLU KB 138 -66.47 -25.03 -38.95
CA GLU KB 138 -67.92 -24.99 -38.93
C GLU KB 138 -68.52 -26.39 -39.08
N GLU KB 139 -69.28 -26.81 -38.07
CA GLU KB 139 -69.92 -28.13 -38.09
C GLU KB 139 -71.21 -28.11 -37.27
N LEU KB 140 -72.12 -29.03 -37.59
CA LEU KB 140 -73.38 -29.12 -36.86
C LEU KB 140 -73.16 -29.60 -35.43
N LEU KB 141 -73.59 -28.79 -34.47
CA LEU KB 141 -73.44 -29.14 -33.06
C LEU KB 141 -74.35 -30.30 -32.68
N SER KB 142 -75.46 -30.44 -33.38
CA SER KB 142 -76.43 -31.49 -33.09
C SER KB 142 -76.09 -32.78 -33.84
N SER KB 143 -75.04 -32.73 -34.66
CA SER KB 143 -74.62 -33.90 -35.42
C SER KB 143 -74.03 -34.96 -34.50
N ASP KB 144 -74.31 -36.23 -34.81
CA ASP KB 144 -73.81 -37.35 -34.03
C ASP KB 144 -72.31 -37.50 -34.17
N SER KB 145 -71.81 -37.34 -35.40
CA SER KB 145 -70.39 -37.48 -35.68
C SER KB 145 -69.65 -36.17 -35.46
N PHE KB 146 -69.71 -35.66 -34.23
CA PHE KB 146 -69.04 -34.42 -33.89
C PHE KB 146 -68.59 -34.40 -32.43
N HIS KB 147 -67.37 -33.90 -32.21
CA HIS KB 147 -66.84 -33.73 -30.86
C HIS KB 147 -65.78 -32.64 -30.85
N PRO KB 148 -65.77 -31.81 -29.79
CA PRO KB 148 -64.77 -30.76 -29.56
C PRO KB 148 -63.33 -31.21 -29.80
N ASP KB 149 -63.03 -32.46 -29.44
CA ASP KB 149 -61.67 -32.98 -29.59
C ASP KB 149 -61.64 -34.20 -30.50
N LYS KB 150 -62.13 -34.04 -31.73
CA LYS KB 150 -62.15 -35.14 -32.70
C LYS KB 150 -60.74 -35.56 -33.08
N ASP KB 151 -60.62 -36.74 -33.67
CA ASP KB 151 -59.32 -37.29 -34.07
C ASP KB 151 -58.65 -36.43 -35.13
N GLU KB 152 -59.40 -36.12 -36.19
CA GLU KB 152 -58.87 -35.38 -37.33
C GLU KB 152 -58.40 -33.98 -36.97
N TYR KB 153 -58.87 -33.47 -35.83
CA TYR KB 153 -58.51 -32.12 -35.40
C TYR KB 153 -57.04 -32.03 -34.97
N TYR KB 154 -56.48 -33.17 -34.57
CA TYR KB 154 -55.11 -33.20 -34.08
C TYR KB 154 -54.14 -33.74 -35.12
N LYS KB 155 -54.60 -33.83 -36.36
CA LYS KB 155 -53.80 -34.40 -37.44
C LYS KB 155 -52.57 -33.56 -37.75
N ASP KB 156 -52.66 -32.26 -37.48
CA ASP KB 156 -51.59 -31.32 -37.78
C ASP KB 156 -50.39 -31.47 -36.85
N PHE KB 157 -50.63 -31.96 -35.63
CA PHE KB 157 -49.59 -32.00 -34.61
C PHE KB 157 -49.12 -33.41 -34.29
N LEU KB 158 -49.75 -34.40 -34.92
CA LEU KB 158 -49.36 -35.80 -34.73
C LEU KB 158 -49.06 -36.48 -36.06
N SER LB 3 -43.16 -16.81 37.23
CA SER LB 3 -43.63 -16.61 38.59
C SER LB 3 -42.61 -15.85 39.43
N VAL LB 4 -41.34 -16.20 39.24
CA VAL LB 4 -40.25 -15.54 39.96
C VAL LB 4 -39.28 -14.89 38.98
N ASN LB 5 -38.88 -13.66 39.28
CA ASN LB 5 -37.97 -12.92 38.41
C ASN LB 5 -36.69 -12.52 39.13
N THR LB 6 -35.67 -13.37 39.01
CA THR LB 6 -34.37 -13.08 39.60
C THR LB 6 -33.49 -12.27 38.66
N SER LB 7 -32.47 -11.62 39.20
CA SER LB 7 -31.59 -10.78 38.41
C SER LB 7 -30.27 -10.50 39.14
N PHE LB 8 -29.19 -10.43 38.38
CA PHE LB 8 -27.86 -10.22 38.94
C PHE LB 8 -27.39 -8.77 38.78
N LEU LB 9 -27.39 -8.02 39.88
CA LEU LB 9 -26.82 -6.68 39.89
C LEU LB 9 -25.30 -6.77 39.94
N SER LB 10 -24.83 -7.83 40.61
CA SER LB 10 -23.41 -8.08 40.78
C SER LB 10 -23.22 -9.58 40.96
N PRO LB 11 -21.98 -10.08 40.86
CA PRO LB 11 -21.76 -11.52 41.11
C PRO LB 11 -22.25 -11.95 42.49
N SER LB 12 -22.09 -11.09 43.49
CA SER LB 12 -22.51 -11.41 44.85
C SER LB 12 -23.80 -10.70 45.24
N LEU LB 13 -24.49 -10.10 44.26
CA LEU LB 13 -25.72 -9.38 44.55
C LEU LB 13 -26.86 -9.83 43.63
N VAL LB 14 -27.90 -10.41 44.22
CA VAL LB 14 -29.04 -10.91 43.46
C VAL LB 14 -30.36 -10.42 44.02
N THR LB 15 -31.24 -9.93 43.14
CA THR LB 15 -32.57 -9.50 43.55
C THR LB 15 -33.62 -10.52 43.13
N ILE LB 16 -34.41 -10.99 44.08
CA ILE LB 16 -35.42 -12.01 43.80
C ILE LB 16 -36.83 -11.49 44.08
N ARG LB 17 -37.65 -11.45 43.03
CA ARG LB 17 -39.04 -11.02 43.15
C ARG LB 17 -40.01 -12.17 42.98
N ASP LB 18 -40.88 -12.36 43.96
CA ASP LB 18 -41.90 -13.41 43.89
C ASP LB 18 -43.28 -12.78 43.71
N PHE LB 19 -43.80 -12.85 42.48
CA PHE LB 19 -45.08 -12.24 42.17
C PHE LB 19 -46.25 -12.96 42.84
N ASP LB 20 -46.19 -14.30 42.84
CA ASP LB 20 -47.25 -15.11 43.40
C ASP LB 20 -47.38 -14.93 44.91
N ASN LB 21 -46.24 -14.93 45.60
CA ASN LB 21 -46.24 -14.77 47.05
C ASN LB 21 -46.19 -13.31 47.48
N GLY LB 22 -45.96 -12.42 46.51
CA GLY LB 22 -45.88 -11.00 46.78
C GLY LB 22 -44.73 -10.65 47.70
N GLN LB 23 -43.55 -11.18 47.39
CA GLN LB 23 -42.37 -10.96 48.21
C GLN LB 23 -41.19 -10.46 47.39
N PHE LB 24 -40.26 -9.78 48.05
CA PHE LB 24 -39.03 -9.34 47.42
C PHE LB 24 -37.87 -9.58 48.39
N ALA LB 25 -36.87 -10.33 47.93
CA ALA LB 25 -35.72 -10.63 48.77
C ALA LB 25 -34.41 -10.33 48.05
N VAL LB 26 -33.46 -9.76 48.77
CA VAL LB 26 -32.14 -9.49 48.22
C VAL LB 26 -31.14 -10.56 48.66
N LEU LB 27 -30.56 -11.26 47.69
CA LEU LB 27 -29.57 -12.29 47.98
C LEU LB 27 -28.16 -11.72 47.85
N ARG LB 28 -27.42 -11.70 48.95
CA ARG LB 28 -26.08 -11.11 48.95
C ARG LB 28 -25.08 -11.97 49.71
N ILE LB 29 -23.93 -12.22 49.09
CA ILE LB 29 -22.83 -12.91 49.74
C ILE LB 29 -21.73 -11.90 50.08
N GLY LB 30 -21.95 -11.17 51.18
CA GLY LB 30 -21.08 -10.07 51.55
C GLY LB 30 -19.72 -10.46 52.11
N ARG LB 31 -19.72 -11.45 53.00
CA ARG LB 31 -18.51 -11.85 53.72
C ARG LB 31 -17.36 -12.23 52.79
N THR LB 32 -17.66 -12.93 51.70
CA THR LB 32 -16.62 -13.41 50.80
C THR LB 32 -16.67 -12.73 49.44
N GLY LB 33 -17.87 -12.44 48.96
CA GLY LB 33 -18.04 -11.84 47.66
C GLY LB 33 -18.04 -12.88 46.55
N PHE LB 34 -18.31 -14.13 46.94
CA PHE LB 34 -18.39 -15.23 45.98
C PHE LB 34 -19.64 -15.07 45.12
N PRO LB 35 -19.62 -15.63 43.89
CA PRO LB 35 -20.80 -15.55 43.03
C PRO LB 35 -21.93 -16.45 43.50
N ALA LB 36 -23.14 -15.93 43.51
CA ALA LB 36 -24.30 -16.70 43.96
C ALA LB 36 -24.61 -17.82 42.97
N ASP LB 37 -24.51 -19.06 43.44
CA ASP LB 37 -24.79 -20.21 42.60
C ASP LB 37 -26.27 -20.57 42.66
N LYS LB 38 -26.65 -21.64 41.95
CA LYS LB 38 -28.03 -22.09 41.93
C LYS LB 38 -28.48 -22.50 43.32
N GLY LB 39 -27.54 -23.07 44.09
CA GLY LB 39 -27.82 -23.48 45.45
C GLY LB 39 -28.10 -22.30 46.36
N ASP LB 40 -27.37 -21.20 46.16
CA ASP LB 40 -27.56 -20.00 46.96
C ASP LB 40 -28.94 -19.41 46.75
N ILE LB 41 -29.37 -19.34 45.48
CA ILE LB 41 -30.69 -18.81 45.14
C ILE LB 41 -31.80 -19.73 45.66
N ASP LB 42 -31.62 -21.03 45.48
CA ASP LB 42 -32.58 -22.02 45.95
C ASP LB 42 -32.72 -21.97 47.47
N LEU LB 43 -31.62 -21.69 48.16
CA LEU LB 43 -31.63 -21.54 49.61
C LEU LB 43 -32.43 -20.31 50.03
N CYS LB 44 -32.29 -19.23 49.27
CA CYS LB 44 -33.00 -17.99 49.54
C CYS LB 44 -34.51 -18.18 49.39
N LEU LB 45 -34.91 -18.90 48.33
CA LEU LB 45 -36.32 -19.19 48.09
C LEU LB 45 -36.92 -20.00 49.24
N ASP LB 46 -36.14 -20.94 49.76
CA ASP LB 46 -36.58 -21.78 50.87
C ASP LB 46 -36.77 -20.96 52.15
N LYS LB 47 -36.04 -19.85 52.27
CA LYS LB 47 -36.16 -18.97 53.42
C LYS LB 47 -37.37 -18.06 53.29
N MET LB 48 -37.68 -17.65 52.07
CA MET LB 48 -38.82 -16.77 51.81
C MET LB 48 -40.14 -17.46 52.16
N ILE LB 49 -40.28 -18.71 51.74
CA ILE LB 49 -41.50 -19.46 52.02
C ILE LB 49 -41.60 -19.78 53.51
N GLY LB 50 -40.45 -19.83 54.18
CA GLY LB 50 -40.40 -20.05 55.61
C GLY LB 50 -40.96 -18.87 56.39
N VAL LB 51 -40.52 -17.68 56.01
CA VAL LB 51 -41.00 -16.45 56.64
C VAL LB 51 -42.44 -16.17 56.22
N ARG LB 52 -42.79 -16.59 55.02
CA ARG LB 52 -44.17 -16.53 54.55
C ARG LB 52 -45.07 -17.34 55.48
N ALA LB 53 -44.54 -18.48 55.93
CA ALA LB 53 -45.24 -19.32 56.90
C ALA LB 53 -45.30 -18.65 58.27
N ALA LB 54 -44.26 -17.89 58.60
CA ALA LB 54 -44.22 -17.15 59.86
C ALA LB 54 -45.27 -16.05 59.85
N GLN LB 55 -45.48 -15.43 58.68
CA GLN LB 55 -46.43 -14.35 58.53
C GLN LB 55 -47.87 -14.82 58.74
N ILE LB 56 -48.25 -15.90 58.07
CA ILE LB 56 -49.60 -16.44 58.17
C ILE LB 56 -49.83 -17.03 59.55
N PHE LB 57 -48.75 -17.48 60.20
CA PHE LB 57 -48.83 -17.96 61.58
C PHE LB 57 -49.24 -16.83 62.52
N LEU LB 58 -48.63 -15.67 62.35
CA LEU LB 58 -48.93 -14.51 63.18
C LEU LB 58 -50.30 -13.93 62.85
N GLY LB 59 -50.87 -14.36 61.74
CA GLY LB 59 -52.18 -13.89 61.32
C GLY LB 59 -52.25 -13.69 59.82
N ASP LB 60 -53.38 -14.10 59.23
CA ASP LB 60 -53.58 -13.95 57.79
C ASP LB 60 -53.83 -12.49 57.45
N ASP LB 61 -52.82 -11.84 56.88
CA ASP LB 61 -52.93 -10.43 56.53
C ASP LB 61 -53.21 -10.25 55.04
N THR LB 62 -53.52 -11.35 54.36
CA THR LB 62 -53.93 -11.30 52.97
C THR LB 62 -55.37 -10.81 52.85
N GLU LB 63 -56.12 -10.97 53.94
CA GLU LB 63 -57.51 -10.53 53.99
C GLU LB 63 -57.61 -9.02 54.16
N ASP LB 64 -58.82 -8.49 54.04
CA ASP LB 64 -59.05 -7.05 54.17
C ASP LB 64 -58.98 -6.63 55.63
N GLY LB 65 -58.43 -5.43 55.86
CA GLY LB 65 -58.30 -4.90 57.21
C GLY LB 65 -57.22 -5.62 58.00
N PHE LB 66 -56.06 -5.81 57.36
CA PHE LB 66 -54.92 -6.47 57.99
C PHE LB 66 -54.42 -5.71 59.20
N LYS LB 67 -54.87 -6.11 60.39
CA LYS LB 67 -54.47 -5.47 61.63
C LYS LB 67 -53.00 -5.73 61.95
N GLY LB 68 -52.43 -6.75 61.30
CA GLY LB 68 -51.03 -7.09 61.49
C GLY LB 68 -50.83 -8.19 62.51
N PRO LB 69 -49.57 -8.38 62.94
CA PRO LB 69 -48.41 -7.61 62.49
C PRO LB 69 -47.81 -8.15 61.19
N HIS LB 70 -47.09 -7.29 60.47
CA HIS LB 70 -46.44 -7.69 59.22
C HIS LB 70 -45.00 -8.11 59.46
N ILE LB 71 -44.63 -9.26 58.91
CA ILE LB 71 -43.26 -9.75 59.02
C ILE LB 71 -42.77 -10.20 57.64
N ARG LB 72 -41.81 -9.47 57.10
CA ARG LB 72 -41.37 -9.69 55.73
C ARG LB 72 -39.84 -9.80 55.64
N ILE LB 73 -39.37 -10.61 54.69
CA ILE LB 73 -37.94 -10.74 54.45
C ILE LB 73 -37.40 -9.51 53.72
N ARG LB 74 -36.25 -9.02 54.17
CA ARG LB 74 -35.60 -7.89 53.52
C ARG LB 74 -34.39 -8.38 52.73
N CYS LB 75 -33.61 -9.29 53.32
CA CYS LB 75 -32.39 -9.76 52.70
C CYS LB 75 -31.89 -11.06 53.32
N VAL LB 76 -31.05 -11.78 52.58
CA VAL LB 76 -30.42 -13.01 53.07
C VAL LB 76 -28.92 -12.95 52.82
N ASP LB 77 -28.14 -12.92 53.89
CA ASP LB 77 -26.68 -12.81 53.78
C ASP LB 77 -26.02 -14.16 54.02
N ILE LB 78 -25.21 -14.60 53.07
CA ILE LB 78 -24.56 -15.90 53.14
C ILE LB 78 -23.08 -15.80 53.47
N ASP LB 79 -22.67 -16.46 54.54
CA ASP LB 79 -21.25 -16.58 54.89
C ASP LB 79 -20.69 -17.83 54.21
N ASP LB 80 -19.67 -17.65 53.38
CA ASP LB 80 -19.17 -18.72 52.53
C ASP LB 80 -17.67 -18.95 52.74
N LYS LB 81 -17.12 -18.33 53.78
CA LYS LB 81 -15.69 -18.40 54.05
C LYS LB 81 -15.22 -19.81 54.38
N HIS LB 82 -15.67 -20.33 55.52
CA HIS LB 82 -15.22 -21.64 55.99
C HIS LB 82 -16.38 -22.62 56.07
N THR LB 83 -17.44 -22.22 56.76
CA THR LB 83 -18.63 -23.05 56.89
C THR LB 83 -19.85 -22.35 56.30
N TYR LB 84 -20.74 -23.12 55.71
CA TYR LB 84 -21.93 -22.56 55.07
C TYR LB 84 -22.89 -21.98 56.11
N ASN LB 85 -23.02 -20.66 56.11
CA ASN LB 85 -23.88 -19.96 57.06
C ASN LB 85 -24.72 -18.90 56.38
N ALA LB 86 -25.92 -18.67 56.89
CA ALA LB 86 -26.81 -17.68 56.31
C ALA LB 86 -27.42 -16.78 57.39
N MET LB 87 -27.34 -15.47 57.16
CA MET LB 87 -27.96 -14.50 58.06
C MET LB 87 -29.13 -13.82 57.38
N VAL LB 88 -30.33 -14.06 57.89
CA VAL LB 88 -31.54 -13.51 57.28
C VAL LB 88 -31.94 -12.19 57.91
N TYR LB 89 -32.30 -11.23 57.08
CA TYR LB 89 -32.74 -9.93 57.56
C TYR LB 89 -34.24 -9.78 57.35
N VAL LB 90 -34.96 -9.60 58.44
CA VAL LB 90 -36.42 -9.58 58.42
C VAL LB 90 -36.95 -8.31 59.10
N ASP LB 91 -37.99 -7.71 58.53
CA ASP LB 91 -38.62 -6.55 59.14
C ASP LB 91 -39.99 -6.87 59.72
N LEU LB 92 -40.16 -6.55 61.00
CA LEU LB 92 -41.43 -6.74 61.69
C LEU LB 92 -42.16 -5.42 61.83
N ILE LB 93 -43.32 -5.30 61.20
CA ILE LB 93 -44.07 -4.05 61.26
C ILE LB 93 -45.30 -4.24 62.14
N VAL LB 94 -45.46 -3.35 63.12
CA VAL LB 94 -46.58 -3.42 64.05
C VAL LB 94 -47.07 -2.02 64.42
N GLU LB 100 -47.52 -1.17 74.50
CA GLU LB 100 -46.13 -1.57 74.58
C GLU LB 100 -46.00 -3.06 74.92
N VAL LB 101 -46.94 -3.56 75.72
CA VAL LB 101 -46.96 -4.96 76.10
C VAL LB 101 -47.27 -5.85 74.90
N GLU LB 102 -48.24 -5.42 74.09
CA GLU LB 102 -48.61 -6.16 72.89
C GLU LB 102 -47.50 -6.15 71.86
N ARG LB 103 -46.73 -5.06 71.83
CA ARG LB 103 -45.60 -4.94 70.92
C ARG LB 103 -44.49 -5.94 71.27
N GLU LB 104 -44.24 -6.08 72.57
CA GLU LB 104 -43.26 -7.04 73.06
C GLU LB 104 -43.72 -8.48 72.80
N THR LB 105 -45.03 -8.70 72.96
CA THR LB 105 -45.61 -10.02 72.71
C THR LB 105 -45.51 -10.39 71.23
N ALA LB 106 -45.76 -9.41 70.36
CA ALA LB 106 -45.67 -9.62 68.93
C ALA LB 106 -44.23 -9.93 68.52
N GLU LB 107 -43.28 -9.21 69.12
CA GLU LB 107 -41.86 -9.43 68.85
C GLU LB 107 -41.43 -10.81 69.30
N GLU LB 108 -41.95 -11.25 70.44
CA GLU LB 108 -41.61 -12.56 70.99
C GLU LB 108 -42.15 -13.69 70.11
N GLU LB 109 -43.42 -13.57 69.71
CA GLU LB 109 -44.05 -14.57 68.86
C GLU LB 109 -43.37 -14.65 67.49
N ALA LB 110 -43.05 -13.48 66.94
CA ALA LB 110 -42.38 -13.41 65.63
C ALA LB 110 -40.99 -14.03 65.70
N LYS LB 111 -40.28 -13.76 66.79
CA LYS LB 111 -38.94 -14.30 66.99
C LYS LB 111 -38.97 -15.83 67.07
N LEU LB 112 -39.88 -16.36 67.87
CA LEU LB 112 -40.02 -17.80 68.03
C LEU LB 112 -40.45 -18.48 66.73
N ALA LB 113 -41.33 -17.83 65.98
CA ALA LB 113 -41.82 -18.38 64.72
C ALA LB 113 -40.69 -18.45 63.69
N LEU LB 114 -39.84 -17.42 63.67
CA LEU LB 114 -38.73 -17.36 62.74
C LEU LB 114 -37.67 -18.41 63.05
N ARG LB 115 -37.50 -18.71 64.33
CA ARG LB 115 -36.53 -19.72 64.76
C ARG LB 115 -36.91 -21.10 64.23
N VAL LB 116 -38.20 -21.40 64.26
CA VAL LB 116 -38.70 -22.69 63.79
C VAL LB 116 -38.72 -22.75 62.27
N ALA LB 117 -39.17 -21.65 61.65
CA ALA LB 117 -39.33 -21.60 60.19
C ALA LB 117 -37.99 -21.60 59.47
N LEU LB 118 -37.02 -20.85 59.98
CA LEU LB 118 -35.73 -20.70 59.31
C LEU LB 118 -34.68 -21.69 59.83
N GLN LB 119 -35.08 -22.53 60.79
CA GLN LB 119 -34.19 -23.53 61.38
C GLN LB 119 -32.91 -22.92 61.91
N VAL LB 120 -33.05 -21.96 62.84
CA VAL LB 120 -31.92 -21.24 63.40
C VAL LB 120 -31.03 -22.16 64.24
N ASP LB 121 -29.71 -22.03 64.04
CA ASP LB 121 -28.69 -22.77 64.78
C ASP LB 121 -28.76 -24.27 64.51
N ILE LB 122 -29.44 -24.64 63.43
CA ILE LB 122 -29.53 -26.04 63.02
C ILE LB 122 -29.17 -26.18 61.55
N ALA LB 123 -28.78 -27.39 61.15
CA ALA LB 123 -28.42 -27.65 59.76
C ALA LB 123 -29.65 -27.61 58.86
N ASP LB 124 -29.63 -26.72 57.87
CA ASP LB 124 -30.74 -26.58 56.94
C ASP LB 124 -30.76 -27.72 55.93
N GLU LB 125 -31.71 -27.67 55.01
CA GLU LB 125 -31.82 -28.70 53.96
C GLU LB 125 -30.61 -28.63 53.02
N HIS LB 126 -29.99 -27.46 52.96
CA HIS LB 126 -28.80 -27.26 52.14
C HIS LB 126 -27.53 -27.36 52.98
N SER LB 127 -27.62 -28.07 54.09
CA SER LB 127 -26.52 -28.21 55.05
C SER LB 127 -26.02 -26.84 55.50
N CYS LB 128 -26.94 -25.98 55.91
CA CYS LB 128 -26.60 -24.61 56.30
C CYS LB 128 -27.04 -24.28 57.72
N VAL LB 129 -26.20 -23.55 58.45
CA VAL LB 129 -26.57 -23.05 59.76
C VAL LB 129 -27.10 -21.63 59.62
N THR LB 130 -28.40 -21.46 59.84
CA THR LB 130 -29.06 -20.19 59.60
C THR LB 130 -29.24 -19.37 60.87
N GLN LB 131 -29.30 -18.06 60.70
CA GLN LB 131 -29.57 -17.12 61.79
C GLN LB 131 -30.31 -15.92 61.23
N PHE LB 132 -30.97 -15.16 62.09
CA PHE LB 132 -31.76 -14.03 61.61
C PHE LB 132 -31.62 -12.81 62.51
N GLU LB 133 -31.78 -11.64 61.91
CA GLU LB 133 -31.80 -10.38 62.64
C GLU LB 133 -33.01 -9.58 62.19
N MET LB 134 -33.78 -9.04 63.14
CA MET LB 134 -34.99 -8.32 62.78
C MET LB 134 -35.07 -6.95 63.41
N LYS LB 135 -35.67 -6.01 62.69
CA LYS LB 135 -35.86 -4.65 63.17
C LYS LB 135 -37.35 -4.35 63.28
N LEU LB 136 -37.71 -3.51 64.25
CA LEU LB 136 -39.11 -3.19 64.49
C LEU LB 136 -39.47 -1.82 63.92
N ARG LB 137 -40.53 -1.78 63.13
CA ARG LB 137 -41.02 -0.54 62.55
C ARG LB 137 -42.51 -0.38 62.83
N GLU LB 138 -42.94 0.87 62.99
CA GLU LB 138 -44.33 1.16 63.31
C GLU LB 138 -44.94 2.15 62.33
N GLU LB 139 -46.00 1.73 61.65
CA GLU LB 139 -46.69 2.58 60.68
C GLU LB 139 -48.16 2.23 60.60
N LEU LB 140 -48.97 3.20 60.16
CA LEU LB 140 -50.41 2.98 60.02
C LEU LB 140 -50.72 1.99 58.91
N LEU LB 141 -51.41 0.91 59.27
CA LEU LB 141 -51.78 -0.11 58.30
C LEU LB 141 -52.84 0.41 57.32
N SER LB 142 -53.64 1.36 57.78
CA SER LB 142 -54.70 1.93 56.96
C SER LB 142 -54.20 3.09 56.11
N SER LB 143 -52.93 3.44 56.28
CA SER LB 143 -52.34 4.54 55.52
C SER LB 143 -52.18 4.19 54.06
N ASP LB 144 -52.41 5.17 53.19
CA ASP LB 144 -52.29 4.97 51.75
C ASP LB 144 -50.84 4.76 51.34
N SER LB 145 -49.94 5.52 51.94
CA SER LB 145 -48.51 5.43 51.62
C SER LB 145 -47.82 4.38 52.49
N PHE LB 146 -48.29 3.13 52.41
CA PHE LB 146 -47.68 2.05 53.19
C PHE LB 146 -47.79 0.71 52.48
N HIS LB 147 -46.71 -0.07 52.54
CA HIS LB 147 -46.70 -1.42 51.99
C HIS LB 147 -45.65 -2.25 52.72
N PRO LB 148 -45.96 -3.54 52.97
CA PRO LB 148 -45.05 -4.49 53.60
C PRO LB 148 -43.64 -4.48 53.00
N ASP LB 149 -43.56 -4.26 51.69
CA ASP LB 149 -42.27 -4.26 51.00
C ASP LB 149 -42.02 -2.92 50.32
N LYS LB 150 -42.06 -1.84 51.10
CA LYS LB 150 -41.82 -0.50 50.57
C LYS LB 150 -40.39 -0.37 50.06
N ASP LB 151 -40.15 0.66 49.25
CA ASP LB 151 -38.84 0.89 48.65
C ASP LB 151 -37.79 1.16 49.71
N GLU LB 152 -38.09 2.10 50.61
CA GLU LB 152 -37.15 2.54 51.63
C GLU LB 152 -36.73 1.43 52.59
N TYR LB 153 -37.52 0.35 52.64
CA TYR LB 153 -37.24 -0.76 53.55
C TYR LB 153 -36.01 -1.54 53.11
N TYR LB 154 -35.69 -1.46 51.83
CA TYR LB 154 -34.57 -2.20 51.26
C TYR LB 154 -33.35 -1.32 51.01
N LYS LB 155 -33.36 -0.12 51.58
CA LYS LB 155 -32.29 0.85 51.37
C LYS LB 155 -30.96 0.35 51.92
N ASP LB 156 -31.02 -0.47 52.96
CA ASP LB 156 -29.83 -0.97 53.62
C ASP LB 156 -29.07 -2.00 52.79
N PHE LB 157 -29.78 -2.72 51.93
CA PHE LB 157 -29.21 -3.84 51.21
C PHE LB 157 -29.02 -3.58 49.70
N LEU LB 158 -29.45 -2.42 49.24
CA LEU LB 158 -29.29 -2.05 47.83
C LEU LB 158 -28.54 -0.73 47.69
N SER MB 3 -38.48 -13.23 24.58
CA SER MB 3 -38.81 -12.07 23.76
C SER MB 3 -38.65 -10.77 24.55
N VAL MB 4 -39.06 -10.81 25.81
CA VAL MB 4 -38.95 -9.65 26.69
C VAL MB 4 -38.13 -10.02 27.92
N ASN MB 5 -37.20 -9.15 28.30
CA ASN MB 5 -36.32 -9.43 29.44
C ASN MB 5 -36.43 -8.37 30.53
N THR MB 6 -37.29 -8.62 31.50
CA THR MB 6 -37.45 -7.71 32.63
C THR MB 6 -36.44 -8.04 33.74
N SER MB 7 -36.21 -7.07 34.62
CA SER MB 7 -35.25 -7.24 35.72
C SER MB 7 -35.47 -6.19 36.80
N PHE MB 8 -35.29 -6.60 38.05
CA PHE MB 8 -35.52 -5.72 39.19
C PHE MB 8 -34.22 -5.17 39.77
N LEU MB 9 -33.97 -3.88 39.54
CA LEU MB 9 -32.84 -3.19 40.15
C LEU MB 9 -33.20 -2.87 41.59
N SER MB 10 -34.48 -2.63 41.81
CA SER MB 10 -35.02 -2.31 43.12
C SER MB 10 -36.49 -2.75 43.15
N PRO MB 11 -37.09 -2.81 44.34
CA PRO MB 11 -38.52 -3.15 44.38
C PRO MB 11 -39.39 -2.21 43.55
N SER MB 12 -39.03 -0.92 43.52
CA SER MB 12 -39.80 0.05 42.76
C SER MB 12 -39.11 0.46 41.46
N LEU MB 13 -38.07 -0.28 41.08
CA LEU MB 13 -37.33 0.03 39.86
C LEU MB 13 -37.18 -1.19 38.97
N VAL MB 14 -37.77 -1.12 37.78
CA VAL MB 14 -37.74 -2.24 36.84
C VAL MB 14 -37.29 -1.79 35.45
N THR MB 15 -36.36 -2.53 34.87
CA THR MB 15 -35.91 -2.27 33.50
C THR MB 15 -36.49 -3.31 32.54
N ILE MB 16 -37.18 -2.85 31.52
CA ILE MB 16 -37.82 -3.75 30.57
C ILE MB 16 -37.25 -3.60 29.16
N ARG MB 17 -36.66 -4.68 28.65
CA ARG MB 17 -36.11 -4.68 27.31
C ARG MB 17 -36.93 -5.55 26.38
N ASP MB 18 -37.38 -4.98 25.27
CA ASP MB 18 -38.15 -5.72 24.27
C ASP MB 18 -37.32 -5.92 23.01
N PHE MB 19 -36.82 -7.14 22.83
CA PHE MB 19 -35.94 -7.43 21.69
C PHE MB 19 -36.69 -7.44 20.36
N ASP MB 20 -37.90 -8.01 20.36
CA ASP MB 20 -38.67 -8.12 19.12
C ASP MB 20 -39.11 -6.75 18.60
N ASN MB 21 -39.59 -5.90 19.49
CA ASN MB 21 -40.05 -4.56 19.12
C ASN MB 21 -38.92 -3.53 19.15
N GLY MB 22 -37.78 -3.93 19.67
CA GLY MB 22 -36.62 -3.05 19.76
C GLY MB 22 -36.87 -1.84 20.64
N GLN MB 23 -37.39 -2.09 21.84
CA GLN MB 23 -37.73 -1.02 22.76
C GLN MB 23 -37.11 -1.25 24.14
N PHE MB 24 -36.93 -0.16 24.87
CA PHE MB 24 -36.44 -0.25 26.25
C PHE MB 24 -37.23 0.74 27.10
N ALA MB 25 -37.87 0.24 28.14
CA ALA MB 25 -38.67 1.07 29.03
C ALA MB 25 -38.30 0.84 30.48
N VAL MB 26 -38.22 1.93 31.25
CA VAL MB 26 -37.95 1.83 32.68
C VAL MB 26 -39.25 1.95 33.47
N LEU MB 27 -39.58 0.91 34.23
CA LEU MB 27 -40.79 0.92 35.05
C LEU MB 27 -40.46 1.33 36.48
N ARG MB 28 -40.99 2.46 36.90
CA ARG MB 28 -40.68 2.99 38.23
C ARG MB 28 -41.92 3.51 38.95
N ILE MB 29 -42.08 3.08 40.20
CA ILE MB 29 -43.14 3.61 41.06
C ILE MB 29 -42.51 4.52 42.10
N GLY MB 30 -42.20 5.74 41.69
CA GLY MB 30 -41.47 6.68 42.52
C GLY MB 30 -42.25 7.31 43.64
N ARG MB 31 -43.47 7.74 43.32
CA ARG MB 31 -44.32 8.49 44.26
C ARG MB 31 -44.55 7.74 45.57
N THR MB 32 -44.75 6.43 45.48
CA THR MB 32 -45.06 5.64 46.67
C THR MB 32 -43.92 4.69 47.04
N GLY MB 33 -43.24 4.14 46.03
CA GLY MB 33 -42.17 3.19 46.27
C GLY MB 33 -42.67 1.78 46.43
N PHE MB 34 -43.90 1.53 45.97
CA PHE MB 34 -44.49 0.20 46.02
C PHE MB 34 -43.78 -0.75 45.05
N PRO MB 35 -43.80 -2.05 45.34
CA PRO MB 35 -43.19 -3.04 44.44
C PRO MB 35 -44.05 -3.24 43.19
N ALA MB 36 -43.40 -3.28 42.04
CA ALA MB 36 -44.11 -3.45 40.77
C ALA MB 36 -44.68 -4.87 40.67
N ASP MB 37 -46.00 -4.96 40.58
CA ASP MB 37 -46.67 -6.25 40.46
C ASP MB 37 -46.77 -6.67 39.00
N LYS MB 38 -47.38 -7.82 38.76
CA LYS MB 38 -47.54 -8.34 37.40
C LYS MB 38 -48.40 -7.40 36.56
N GLY MB 39 -49.40 -6.79 37.20
CA GLY MB 39 -50.28 -5.85 36.52
C GLY MB 39 -49.55 -4.59 36.09
N ASP MB 40 -48.64 -4.11 36.94
CA ASP MB 40 -47.86 -2.91 36.65
C ASP MB 40 -46.96 -3.12 35.44
N ILE MB 41 -46.31 -4.27 35.38
CA ILE MB 41 -45.43 -4.59 34.25
C ILE MB 41 -46.25 -4.78 32.99
N ASP MB 42 -47.37 -5.48 33.11
CA ASP MB 42 -48.27 -5.71 31.98
C ASP MB 42 -48.83 -4.39 31.46
N LEU MB 43 -49.06 -3.45 32.37
CA LEU MB 43 -49.52 -2.12 32.00
C LEU MB 43 -48.44 -1.38 31.21
N CYS MB 44 -47.19 -1.53 31.65
CA CYS MB 44 -46.06 -0.90 30.98
C CYS MB 44 -45.90 -1.43 29.57
N LEU MB 45 -46.03 -2.74 29.41
CA LEU MB 45 -45.96 -3.39 28.11
C LEU MB 45 -47.06 -2.86 27.19
N ASP MB 46 -48.25 -2.67 27.77
CA ASP MB 46 -49.39 -2.15 27.02
C ASP MB 46 -49.17 -0.72 26.56
N LYS MB 47 -48.34 0.01 27.30
CA LYS MB 47 -48.02 1.39 26.93
C LYS MB 47 -46.95 1.44 25.84
N MET MB 48 -46.04 0.48 25.88
CA MET MB 48 -44.97 0.41 24.88
C MET MB 48 -45.52 0.17 23.48
N ILE MB 49 -46.45 -0.77 23.37
CA ILE MB 49 -47.05 -1.10 22.08
C ILE MB 49 -47.91 0.07 21.59
N GLY MB 50 -48.37 0.88 22.53
CA GLY MB 50 -49.15 2.07 22.20
C GLY MB 50 -48.28 3.12 21.52
N VAL MB 51 -47.11 3.38 22.08
CA VAL MB 51 -46.17 4.32 21.51
C VAL MB 51 -45.57 3.73 20.24
N ARG MB 52 -45.42 2.41 20.23
CA ARG MB 52 -45.00 1.70 19.02
C ARG MB 52 -45.99 1.96 17.90
N ALA MB 53 -47.27 2.01 18.25
CA ALA MB 53 -48.33 2.33 17.29
C ALA MB 53 -48.24 3.80 16.88
N ALA MB 54 -47.82 4.65 17.81
CA ALA MB 54 -47.64 6.06 17.52
C ALA MB 54 -46.49 6.28 16.54
N GLN MB 55 -45.44 5.47 16.68
CA GLN MB 55 -44.26 5.57 15.82
C GLN MB 55 -44.59 5.23 14.37
N ILE MB 56 -45.26 4.10 14.16
CA ILE MB 56 -45.60 3.64 12.83
C ILE MB 56 -46.65 4.56 12.20
N PHE MB 57 -47.46 5.18 13.05
CA PHE MB 57 -48.44 6.17 12.58
C PHE MB 57 -47.73 7.37 11.98
N LEU MB 58 -46.71 7.86 12.68
CA LEU MB 58 -45.94 9.01 12.21
C LEU MB 58 -45.06 8.67 11.02
N GLY MB 59 -44.89 7.37 10.77
CA GLY MB 59 -44.09 6.91 9.65
C GLY MB 59 -43.27 5.69 9.99
N ASP MB 60 -43.21 4.74 9.07
CA ASP MB 60 -42.43 3.51 9.27
C ASP MB 60 -40.93 3.80 9.17
N ASP MB 61 -40.27 3.84 10.31
CA ASP MB 61 -38.84 4.13 10.37
C ASP MB 61 -38.02 2.85 10.52
N THR MB 62 -38.66 1.70 10.36
CA THR MB 62 -37.97 0.43 10.38
C THR MB 62 -37.22 0.22 9.06
N GLU MB 63 -37.67 0.93 8.02
CA GLU MB 63 -37.04 0.85 6.71
C GLU MB 63 -35.74 1.63 6.67
N ASP MB 64 -34.99 1.49 5.58
CA ASP MB 64 -33.71 2.17 5.41
C ASP MB 64 -33.92 3.65 5.10
N GLY MB 65 -33.04 4.49 5.63
CA GLY MB 65 -33.11 5.93 5.42
C GLY MB 65 -34.24 6.57 6.20
N PHE MB 66 -34.35 6.19 7.47
CA PHE MB 66 -35.38 6.73 8.36
C PHE MB 66 -35.24 8.24 8.55
N LYS MB 67 -35.99 9.00 7.76
CA LYS MB 67 -35.95 10.46 7.83
C LYS MB 67 -36.54 10.96 9.14
N GLY MB 68 -37.33 10.10 9.79
CA GLY MB 68 -37.94 10.43 11.07
C GLY MB 68 -39.36 10.92 10.93
N PRO MB 69 -39.92 11.49 12.00
CA PRO MB 69 -39.24 11.66 13.29
C PRO MB 69 -39.33 10.41 14.17
N HIS MB 70 -38.41 10.28 15.12
CA HIS MB 70 -38.38 9.15 16.03
C HIS MB 70 -39.11 9.49 17.33
N ILE MB 71 -40.00 8.58 17.75
CA ILE MB 71 -40.73 8.74 18.99
C ILE MB 71 -40.65 7.45 19.81
N ARG MB 72 -39.94 7.52 20.94
CA ARG MB 72 -39.65 6.34 21.73
C ARG MB 72 -39.94 6.56 23.21
N ILE MB 73 -40.35 5.48 23.89
CA ILE MB 73 -40.59 5.53 25.32
C ILE MB 73 -39.27 5.58 26.09
N ARG MB 74 -39.20 6.44 27.09
CA ARG MB 74 -38.02 6.53 27.95
C ARG MB 74 -38.28 5.86 29.29
N CYS MB 75 -39.47 6.10 29.84
CA CYS MB 75 -39.81 5.60 31.17
C CYS MB 75 -41.32 5.63 31.42
N VAL MB 76 -41.77 4.83 32.38
CA VAL MB 76 -43.17 4.83 32.80
C VAL MB 76 -43.27 4.95 34.31
N ASP MB 77 -43.83 6.07 34.77
CA ASP MB 77 -43.94 6.33 36.21
C ASP MB 77 -45.36 6.09 36.68
N ILE MB 78 -45.51 5.25 37.70
CA ILE MB 78 -46.84 4.89 38.20
C ILE MB 78 -47.16 5.56 39.52
N ASP MB 79 -48.28 6.29 39.55
CA ASP MB 79 -48.79 6.85 40.79
C ASP MB 79 -49.73 5.83 41.42
N ASP MB 80 -49.41 5.41 42.63
CA ASP MB 80 -50.13 4.29 43.25
C ASP MB 80 -50.69 4.65 44.63
N LYS MB 81 -50.65 5.94 44.97
CA LYS MB 81 -51.07 6.40 46.28
C LYS MB 81 -52.56 6.16 46.55
N HIS MB 82 -53.41 6.85 45.80
CA HIS MB 82 -54.84 6.78 46.01
C HIS MB 82 -55.58 6.19 44.81
N THR MB 83 -55.33 6.75 43.64
CA THR MB 83 -55.92 6.26 42.40
C THR MB 83 -54.85 5.80 41.43
N TYR MB 84 -55.15 4.75 40.67
CA TYR MB 84 -54.18 4.18 39.74
C TYR MB 84 -53.91 5.12 38.57
N ASN MB 85 -52.69 5.68 38.54
CA ASN MB 85 -52.30 6.62 37.51
C ASN MB 85 -50.90 6.31 36.96
N ALA MB 86 -50.70 6.59 35.68
CA ALA MB 86 -49.41 6.34 35.04
C ALA MB 86 -48.96 7.54 34.21
N MET MB 87 -47.72 7.95 34.42
CA MET MB 87 -47.13 9.04 33.64
C MET MB 87 -46.03 8.52 32.74
N VAL MB 88 -46.26 8.61 31.43
CA VAL MB 88 -45.31 8.07 30.45
C VAL MB 88 -44.34 9.15 29.98
N TYR MB 89 -43.06 8.79 29.90
CA TYR MB 89 -42.04 9.72 29.41
C TYR MB 89 -41.59 9.30 28.02
N VAL MB 90 -41.78 10.21 27.06
CA VAL MB 90 -41.53 9.91 25.66
C VAL MB 90 -40.59 10.95 25.06
N ASP MB 91 -39.64 10.50 24.24
CA ASP MB 91 -38.74 11.41 23.54
C ASP MB 91 -39.03 11.47 22.04
N LEU MB 92 -39.23 12.68 21.53
CA LEU MB 92 -39.43 12.86 20.10
C LEU MB 92 -38.16 13.41 19.46
N ILE MB 93 -37.57 12.61 18.57
CA ILE MB 93 -36.33 13.00 17.91
C ILE MB 93 -36.56 13.35 16.45
N VAL MB 94 -36.04 14.50 16.04
CA VAL MB 94 -36.21 14.96 14.66
C VAL MB 94 -34.94 15.65 14.16
N GLU MB 100 -38.17 24.27 11.13
CA GLU MB 100 -38.78 24.50 12.43
C GLU MB 100 -40.29 24.29 12.39
N VAL MB 101 -40.90 24.62 11.25
CA VAL MB 101 -42.33 24.44 11.07
C VAL MB 101 -42.71 22.97 11.04
N GLU MB 102 -41.90 22.17 10.35
CA GLU MB 102 -42.13 20.73 10.27
C GLU MB 102 -41.91 20.08 11.64
N ARG MB 103 -41.01 20.65 12.42
CA ARG MB 103 -40.75 20.18 13.78
C ARG MB 103 -41.97 20.39 14.67
N GLU MB 104 -42.61 21.55 14.51
CA GLU MB 104 -43.82 21.86 15.25
C GLU MB 104 -44.97 20.97 14.79
N THR MB 105 -45.01 20.68 13.50
CA THR MB 105 -46.02 19.79 12.94
C THR MB 105 -45.84 18.37 13.45
N ALA MB 106 -44.59 17.93 13.53
CA ALA MB 106 -44.28 16.60 14.04
C ALA MB 106 -44.64 16.46 15.51
N GLU MB 107 -44.39 17.51 16.28
CA GLU MB 107 -44.73 17.53 17.70
C GLU MB 107 -46.23 17.47 17.91
N GLU MB 108 -46.97 18.16 17.06
CA GLU MB 108 -48.43 18.19 17.14
C GLU MB 108 -49.03 16.83 16.82
N GLU MB 109 -48.57 16.22 15.73
CA GLU MB 109 -49.05 14.91 15.32
C GLU MB 109 -48.72 13.83 16.34
N ALA MB 110 -47.51 13.89 16.89
CA ALA MB 110 -47.07 12.93 17.88
C ALA MB 110 -47.87 13.06 19.17
N LYS MB 111 -48.17 14.29 19.56
CA LYS MB 111 -48.94 14.54 20.77
C LYS MB 111 -50.35 13.99 20.65
N LEU MB 112 -51.00 14.26 19.53
CA LEU MB 112 -52.35 13.78 19.28
C LEU MB 112 -52.40 12.26 19.19
N ALA MB 113 -51.38 11.68 18.56
CA ALA MB 113 -51.30 10.23 18.40
C ALA MB 113 -51.12 9.54 19.74
N LEU MB 114 -50.30 10.14 20.61
CA LEU MB 114 -50.03 9.56 21.91
C LEU MB 114 -51.26 9.60 22.81
N ARG MB 115 -52.06 10.64 22.67
CA ARG MB 115 -53.29 10.78 23.45
C ARG MB 115 -54.28 9.66 23.13
N VAL MB 116 -54.38 9.30 21.86
CA VAL MB 116 -55.28 8.24 21.43
C VAL MB 116 -54.72 6.86 21.77
N ALA MB 117 -53.42 6.69 21.53
CA ALA MB 117 -52.76 5.40 21.73
C ALA MB 117 -52.64 5.02 23.20
N LEU MB 118 -52.27 5.99 24.03
CA LEU MB 118 -52.02 5.72 25.45
C LEU MB 118 -53.24 6.00 26.32
N GLN MB 119 -54.33 6.40 25.68
CA GLN MB 119 -55.58 6.72 26.38
C GLN MB 119 -55.35 7.76 27.48
N VAL MB 120 -54.81 8.91 27.09
CA VAL MB 120 -54.50 9.97 28.05
C VAL MB 120 -55.77 10.56 28.64
N ASP MB 121 -55.76 10.74 29.96
CA ASP MB 121 -56.87 11.36 30.71
C ASP MB 121 -58.14 10.50 30.63
N ILE MB 122 -57.97 9.24 30.23
CA ILE MB 122 -59.07 8.28 30.17
C ILE MB 122 -58.67 6.98 30.88
N ALA MB 123 -59.66 6.20 31.28
CA ALA MB 123 -59.42 4.94 31.97
C ALA MB 123 -58.84 3.91 31.00
N ASP MB 124 -57.64 3.42 31.32
CA ASP MB 124 -56.97 2.42 30.49
C ASP MB 124 -57.57 1.04 30.69
N GLU MB 125 -57.00 0.05 29.99
CA GLU MB 125 -57.45 -1.33 30.11
C GLU MB 125 -57.15 -1.90 31.50
N HIS MB 126 -56.17 -1.31 32.17
CA HIS MB 126 -55.79 -1.74 33.51
C HIS MB 126 -56.41 -0.83 34.57
N SER MB 127 -57.52 -0.19 34.21
CA SER MB 127 -58.22 0.76 35.07
C SER MB 127 -57.28 1.88 35.53
N CYS MB 128 -56.57 2.46 34.59
CA CYS MB 128 -55.59 3.49 34.90
C CYS MB 128 -55.84 4.78 34.12
N VAL MB 129 -55.66 5.92 34.78
CA VAL MB 129 -55.74 7.21 34.11
C VAL MB 129 -54.34 7.64 33.71
N THR MB 130 -54.07 7.64 32.40
CA THR MB 130 -52.72 7.89 31.91
C THR MB 130 -52.51 9.32 31.44
N GLN MB 131 -51.25 9.75 31.50
CA GLN MB 131 -50.83 11.05 30.99
C GLN MB 131 -49.39 10.92 30.52
N PHE MB 132 -48.94 11.85 29.67
CA PHE MB 132 -47.59 11.76 29.14
C PHE MB 132 -46.88 13.10 29.08
N GLU MB 133 -45.56 13.04 29.16
CA GLU MB 133 -44.72 14.22 29.00
C GLU MB 133 -43.62 13.91 27.99
N MET MB 134 -43.41 14.82 27.05
CA MET MB 134 -42.44 14.56 25.98
C MET MB 134 -41.43 15.68 25.82
N LYS MB 135 -40.21 15.29 25.45
CA LYS MB 135 -39.13 16.25 25.22
C LYS MB 135 -38.68 16.19 23.76
N LEU MB 136 -38.25 17.33 23.24
CA LEU MB 136 -37.83 17.42 21.85
C LEU MB 136 -36.31 17.41 21.72
N ARG MB 137 -35.78 16.52 20.89
CA ARG MB 137 -34.35 16.42 20.66
C ARG MB 137 -34.05 16.43 19.16
N GLU MB 138 -32.91 17.01 18.80
CA GLU MB 138 -32.53 17.10 17.39
C GLU MB 138 -31.14 16.52 17.14
N GLU MB 139 -31.08 15.50 16.29
CA GLU MB 139 -29.83 14.85 15.94
C GLU MB 139 -29.88 14.26 14.55
N LEU MB 140 -28.72 14.08 13.93
CA LEU MB 140 -28.64 13.50 12.59
C LEU MB 140 -29.03 12.03 12.61
N LEU MB 141 -30.05 11.68 11.84
CA LEU MB 141 -30.52 10.30 11.75
C LEU MB 141 -29.50 9.42 11.03
N SER MB 142 -28.73 10.03 10.14
CA SER MB 142 -27.74 9.31 9.34
C SER MB 142 -26.40 9.20 10.07
N SER MB 143 -26.33 9.81 11.26
CA SER MB 143 -25.10 9.77 12.04
C SER MB 143 -24.83 8.36 12.58
N ASP MB 144 -23.56 7.99 12.61
CA ASP MB 144 -23.15 6.67 13.09
C ASP MB 144 -23.38 6.53 14.59
N SER MB 145 -23.07 7.58 15.34
CA SER MB 145 -23.24 7.58 16.78
C SER MB 145 -24.64 8.03 17.18
N PHE MB 146 -25.65 7.31 16.70
CA PHE MB 146 -27.04 7.63 17.01
C PHE MB 146 -27.94 6.41 17.06
N HIS MB 147 -28.84 6.39 18.03
CA HIS MB 147 -29.85 5.35 18.14
C HIS MB 147 -31.06 5.89 18.90
N PRO MB 148 -32.27 5.50 18.47
CA PRO MB 148 -33.55 5.85 19.12
C PRO MB 148 -33.53 5.67 20.63
N ASP MB 149 -32.82 4.65 21.10
CA ASP MB 149 -32.74 4.37 22.54
C ASP MB 149 -31.30 4.42 23.04
N LYS MB 150 -30.63 5.55 22.83
CA LYS MB 150 -29.25 5.70 23.28
C LYS MB 150 -29.13 5.63 24.79
N ASP MB 151 -27.92 5.42 25.29
CA ASP MB 151 -27.66 5.28 26.72
C ASP MB 151 -27.98 6.56 27.48
N GLU MB 152 -27.43 7.68 27.00
CA GLU MB 152 -27.58 8.96 27.67
C GLU MB 152 -29.04 9.44 27.76
N TYR MB 153 -29.90 8.86 26.92
CA TYR MB 153 -31.30 9.26 26.88
C TYR MB 153 -32.07 8.81 28.11
N TYR MB 154 -31.57 7.78 28.79
CA TYR MB 154 -32.26 7.21 29.95
C TYR MB 154 -31.59 7.66 31.24
N LYS MB 155 -30.73 8.67 31.15
CA LYS MB 155 -29.95 9.13 32.30
C LYS MB 155 -30.83 9.68 33.41
N ASP MB 156 -32.01 10.19 33.05
CA ASP MB 156 -32.91 10.81 34.02
C ASP MB 156 -33.55 9.78 34.95
N PHE MB 157 -33.69 8.54 34.47
CA PHE MB 157 -34.43 7.54 35.21
C PHE MB 157 -33.56 6.42 35.79
N LEU MB 158 -32.27 6.47 35.51
CA LEU MB 158 -31.34 5.48 36.04
C LEU MB 158 -30.19 6.13 36.79
N SER NB 3 -30.59 -21.72 33.30
CA SER NB 3 -29.15 -21.95 33.21
C SER NB 3 -28.38 -20.64 33.11
N VAL NB 4 -28.92 -19.71 32.34
CA VAL NB 4 -28.31 -18.40 32.17
C VAL NB 4 -29.27 -17.31 32.61
N ASN NB 5 -28.77 -16.35 33.39
CA ASN NB 5 -29.60 -15.27 33.91
C ASN NB 5 -29.09 -13.90 33.49
N THR NB 6 -29.62 -13.38 32.38
CA THR NB 6 -29.25 -12.05 31.92
C THR NB 6 -30.14 -11.00 32.57
N SER NB 7 -29.67 -9.76 32.58
CA SER NB 7 -30.41 -8.66 33.19
C SER NB 7 -29.86 -7.31 32.73
N PHE NB 8 -30.75 -6.35 32.55
CA PHE NB 8 -30.36 -5.02 32.08
C PHE NB 8 -30.31 -4.01 33.21
N LEU NB 9 -29.09 -3.62 33.59
CA LEU NB 9 -28.90 -2.56 34.57
C LEU NB 9 -29.12 -1.23 33.86
N SER NB 10 -28.77 -1.21 32.57
CA SER NB 10 -28.90 -0.03 31.73
C SER NB 10 -29.09 -0.53 30.29
N PRO NB 11 -29.51 0.37 29.38
CA PRO NB 11 -29.63 -0.05 27.97
C PRO NB 11 -28.32 -0.58 27.40
N SER NB 12 -27.20 0.00 27.82
CA SER NB 12 -25.90 -0.44 27.33
C SER NB 12 -25.13 -1.27 28.35
N LEU NB 13 -25.82 -1.69 29.41
CA LEU NB 13 -25.17 -2.48 30.46
C LEU NB 13 -25.95 -3.75 30.78
N VAL NB 14 -25.31 -4.90 30.54
CA VAL NB 14 -25.95 -6.19 30.76
C VAL NB 14 -25.07 -7.12 31.59
N THR NB 15 -25.66 -7.74 32.61
CA THR NB 15 -24.94 -8.72 33.43
C THR NB 15 -25.39 -10.13 33.08
N ILE NB 16 -24.44 -10.99 32.71
CA ILE NB 16 -24.76 -12.34 32.31
C ILE NB 16 -24.14 -13.38 33.24
N ARG NB 17 -24.99 -14.18 33.88
CA ARG NB 17 -24.53 -15.24 34.77
C ARG NB 17 -24.79 -16.62 34.15
N ASP NB 18 -23.73 -17.42 34.05
CA ASP NB 18 -23.85 -18.78 33.52
C ASP NB 18 -23.65 -19.78 34.65
N PHE NB 19 -24.75 -20.39 35.09
CA PHE NB 19 -24.71 -21.33 36.21
C PHE NB 19 -24.02 -22.64 35.84
N ASP NB 20 -24.28 -23.13 34.63
CA ASP NB 20 -23.73 -24.40 34.18
C ASP NB 20 -22.22 -24.32 34.01
N ASN NB 21 -21.74 -23.25 33.40
CA ASN NB 21 -20.31 -23.08 33.17
C ASN NB 21 -19.63 -22.37 34.34
N GLY NB 22 -20.43 -21.87 35.28
CA GLY NB 22 -19.92 -21.18 36.43
C GLY NB 22 -19.17 -19.91 36.08
N GLN NB 23 -19.77 -19.08 35.23
CA GLN NB 23 -19.13 -17.86 34.78
C GLN NB 23 -20.03 -16.64 34.96
N PHE NB 24 -19.40 -15.46 35.05
CA PHE NB 24 -20.13 -14.20 35.11
C PHE NB 24 -19.41 -13.19 34.24
N ALA NB 25 -20.14 -12.62 33.28
CA ALA NB 25 -19.58 -11.63 32.37
C ALA NB 25 -20.44 -10.39 32.31
N VAL NB 26 -19.80 -9.23 32.27
CA VAL NB 26 -20.50 -7.96 32.13
C VAL NB 26 -20.47 -7.50 30.67
N LEU NB 27 -21.64 -7.36 30.07
CA LEU NB 27 -21.74 -6.90 28.70
C LEU NB 27 -22.00 -5.40 28.64
N ARG NB 28 -21.06 -4.66 28.07
CA ARG NB 28 -21.16 -3.21 28.02
C ARG NB 28 -20.79 -2.65 26.64
N ILE NB 29 -21.64 -1.79 26.11
CA ILE NB 29 -21.36 -1.08 24.87
C ILE NB 29 -21.02 0.37 25.18
N GLY NB 30 -19.78 0.60 25.60
CA GLY NB 30 -19.36 1.91 26.09
C GLY NB 30 -19.15 2.98 25.04
N ARG NB 31 -18.49 2.61 23.95
CA ARG NB 31 -18.11 3.56 22.89
C ARG NB 31 -19.29 4.34 22.34
N THR NB 32 -20.42 3.67 22.14
CA THR NB 32 -21.59 4.31 21.52
C THR NB 32 -22.75 4.48 22.50
N GLY NB 33 -22.94 3.50 23.37
CA GLY NB 33 -24.03 3.52 24.31
C GLY NB 33 -25.31 2.97 23.70
N PHE NB 34 -25.15 2.22 22.61
CA PHE NB 34 -26.29 1.58 21.95
C PHE NB 34 -26.84 0.46 22.83
N PRO NB 35 -28.13 0.13 22.67
CA PRO NB 35 -28.74 -0.96 23.43
C PRO NB 35 -28.27 -2.32 22.94
N ALA NB 36 -27.94 -3.21 23.88
CA ALA NB 36 -27.47 -4.54 23.53
C ALA NB 36 -28.60 -5.36 22.93
N ASP NB 37 -28.43 -5.76 21.67
CA ASP NB 37 -29.43 -6.56 20.97
C ASP NB 37 -29.18 -8.05 21.21
N LYS NB 38 -30.02 -8.88 20.60
CA LYS NB 38 -29.89 -10.33 20.74
C LYS NB 38 -28.55 -10.82 20.19
N GLY NB 39 -28.09 -10.17 19.13
CA GLY NB 39 -26.81 -10.51 18.53
C GLY NB 39 -25.64 -10.20 19.44
N ASP NB 40 -25.74 -9.07 20.16
CA ASP NB 40 -24.70 -8.66 21.08
C ASP NB 40 -24.54 -9.64 22.23
N ILE NB 41 -25.67 -10.10 22.77
CA ILE NB 41 -25.67 -11.05 23.86
C ILE NB 41 -25.12 -12.40 23.42
N ASP NB 42 -25.54 -12.85 22.25
CA ASP NB 42 -25.08 -14.12 21.69
C ASP NB 42 -23.57 -14.12 21.44
N LEU NB 43 -23.04 -12.97 21.06
CA LEU NB 43 -21.60 -12.82 20.85
C LEU NB 43 -20.84 -12.94 22.17
N CYS NB 44 -21.39 -12.35 23.21
CA CYS NB 44 -20.78 -12.39 24.53
C CYS NB 44 -20.73 -13.82 25.06
N LEU NB 45 -21.82 -14.55 24.89
CA LEU NB 45 -21.89 -15.95 25.30
C LEU NB 45 -20.86 -16.80 24.57
N ASP NB 46 -20.66 -16.52 23.29
CA ASP NB 46 -19.69 -17.25 22.48
C ASP NB 46 -18.26 -17.00 22.95
N LYS NB 47 -18.03 -15.84 23.56
CA LYS NB 47 -16.70 -15.50 24.07
C LYS NB 47 -16.46 -16.15 25.42
N MET NB 48 -17.52 -16.29 26.22
CA MET NB 48 -17.40 -16.92 27.53
C MET NB 48 -17.02 -18.39 27.40
N ILE NB 49 -17.69 -19.11 26.50
CA ILE NB 49 -17.42 -20.52 26.28
C ILE NB 49 -16.05 -20.69 25.62
N GLY NB 50 -15.60 -19.66 24.91
CA GLY NB 50 -14.28 -19.66 24.29
C GLY NB 50 -13.20 -19.60 25.34
N VAL NB 51 -13.36 -18.69 26.29
CA VAL NB 51 -12.41 -18.54 27.39
C VAL NB 51 -12.53 -19.74 28.33
N ARG NB 52 -13.75 -20.27 28.44
CA ARG NB 52 -13.97 -21.51 29.18
C ARG NB 52 -13.12 -22.62 28.59
N ALA NB 53 -13.02 -22.64 27.26
CA ALA NB 53 -12.17 -23.59 26.56
C ALA NB 53 -10.70 -23.30 26.81
N ALA NB 54 -10.38 -22.01 26.96
CA ALA NB 54 -9.00 -21.62 27.26
C ALA NB 54 -8.58 -22.08 28.64
N GLN NB 55 -9.52 -22.05 29.58
CA GLN NB 55 -9.25 -22.46 30.96
C GLN NB 55 -8.92 -23.94 31.06
N ILE NB 56 -9.77 -24.77 30.45
CA ILE NB 56 -9.59 -26.21 30.49
C ILE NB 56 -8.37 -26.61 29.67
N PHE NB 57 -8.04 -25.78 28.67
CA PHE NB 57 -6.82 -25.97 27.89
C PHE NB 57 -5.60 -25.83 28.77
N LEU NB 58 -5.60 -24.79 29.60
CA LEU NB 58 -4.49 -24.52 30.52
C LEU NB 58 -4.48 -25.53 31.66
N GLY NB 59 -5.59 -26.26 31.81
CA GLY NB 59 -5.71 -27.26 32.85
C GLY NB 59 -7.10 -27.30 33.44
N ASP NB 60 -7.61 -28.51 33.69
CA ASP NB 60 -8.93 -28.68 34.26
C ASP NB 60 -8.93 -28.29 35.74
N ASP NB 61 -9.48 -27.13 36.04
CA ASP NB 61 -9.51 -26.62 37.41
C ASP NB 61 -10.87 -26.87 38.06
N THR NB 62 -11.70 -27.65 37.39
CA THR NB 62 -12.98 -28.07 37.97
C THR NB 62 -12.76 -29.16 39.01
N GLU NB 63 -11.63 -29.86 38.88
CA GLU NB 63 -11.26 -30.92 39.80
C GLU NB 63 -10.74 -30.34 41.11
N ASP NB 64 -10.55 -31.21 42.10
CA ASP NB 64 -10.05 -30.80 43.41
C ASP NB 64 -8.56 -30.48 43.36
N GLY NB 65 -8.14 -29.47 44.11
CA GLY NB 65 -6.75 -29.08 44.16
C GLY NB 65 -6.30 -28.36 42.90
N PHE NB 66 -7.13 -27.43 42.43
CA PHE NB 66 -6.82 -26.66 41.24
C PHE NB 66 -5.55 -25.81 41.42
N LYS NB 67 -4.42 -26.34 40.97
CA LYS NB 67 -3.14 -25.65 41.09
C LYS NB 67 -3.10 -24.40 40.21
N GLY NB 68 -3.98 -24.35 39.22
CA GLY NB 68 -4.05 -23.20 38.33
C GLY NB 68 -3.28 -23.40 37.04
N PRO NB 69 -3.07 -22.32 36.28
CA PRO NB 69 -3.56 -20.98 36.62
C PRO NB 69 -5.01 -20.76 36.21
N HIS NB 70 -5.67 -19.81 36.85
CA HIS NB 70 -7.07 -19.50 36.53
C HIS NB 70 -7.16 -18.36 35.52
N ILE NB 71 -7.98 -18.58 34.49
CA ILE NB 71 -8.20 -17.57 33.46
C ILE NB 71 -9.70 -17.42 33.21
N ARG NB 72 -10.25 -16.27 33.60
CA ARG NB 72 -11.69 -16.06 33.57
C ARG NB 72 -12.06 -14.74 32.89
N ILE NB 73 -13.22 -14.72 32.24
CA ILE NB 73 -13.72 -13.50 31.63
C ILE NB 73 -14.25 -12.54 32.68
N ARG NB 74 -13.91 -11.26 32.54
CA ARG NB 74 -14.40 -10.23 33.43
C ARG NB 74 -15.48 -9.40 32.74
N CYS NB 75 -15.26 -9.08 31.47
CA CYS NB 75 -16.17 -8.23 30.73
C CYS NB 75 -15.97 -8.31 29.22
N VAL NB 76 -17.00 -7.92 28.47
CA VAL NB 76 -16.93 -7.87 27.01
C VAL NB 76 -17.42 -6.51 26.51
N ASP NB 77 -16.52 -5.73 25.93
CA ASP NB 77 -16.85 -4.39 25.46
C ASP NB 77 -17.03 -4.38 23.94
N ILE NB 78 -18.17 -3.90 23.48
CA ILE NB 78 -18.49 -3.90 22.06
C ILE NB 78 -18.37 -2.52 21.43
N ASP NB 79 -17.56 -2.41 20.38
CA ASP NB 79 -17.47 -1.19 19.60
C ASP NB 79 -18.49 -1.25 18.47
N ASP NB 80 -19.40 -0.28 18.43
CA ASP NB 80 -20.54 -0.32 17.53
C ASP NB 80 -20.65 0.92 16.66
N LYS NB 81 -19.61 1.75 16.68
CA LYS NB 81 -19.62 3.02 15.96
C LYS NB 81 -19.73 2.83 14.45
N HIS NB 82 -18.67 2.28 13.86
CA HIS NB 82 -18.60 2.12 12.41
C HIS NB 82 -18.53 0.65 12.02
N THR NB 83 -17.58 -0.06 12.62
CA THR NB 83 -17.41 -1.48 12.34
C THR NB 83 -17.63 -2.30 13.61
N TYR NB 84 -18.20 -3.49 13.45
CA TYR NB 84 -18.53 -4.37 14.57
C TYR NB 84 -17.25 -4.91 15.22
N ASN NB 85 -16.97 -4.45 16.43
CA ASN NB 85 -15.76 -4.88 17.15
C ASN NB 85 -16.04 -5.21 18.61
N ALA NB 86 -15.28 -6.15 19.16
CA ALA NB 86 -15.46 -6.57 20.54
C ALA NB 86 -14.14 -6.67 21.29
N MET NB 87 -14.07 -6.06 22.47
CA MET NB 87 -12.90 -6.15 23.33
C MET NB 87 -13.20 -6.96 24.59
N VAL NB 88 -12.53 -8.10 24.72
CA VAL NB 88 -12.77 -8.99 25.84
C VAL NB 88 -11.80 -8.70 26.99
N TYR NB 89 -12.32 -8.67 28.21
CA TYR NB 89 -11.49 -8.42 29.39
C TYR NB 89 -11.35 -9.71 30.18
N VAL NB 90 -10.11 -10.16 30.34
CA VAL NB 90 -9.82 -11.45 30.96
C VAL NB 90 -8.81 -11.30 32.10
N ASP NB 91 -9.05 -11.99 33.20
CA ASP NB 91 -8.10 -11.98 34.31
C ASP NB 91 -7.37 -13.31 34.45
N LEU NB 92 -6.05 -13.26 34.47
CA LEU NB 92 -5.22 -14.45 34.66
C LEU NB 92 -4.68 -14.47 36.09
N ILE NB 93 -5.09 -15.47 36.86
CA ILE NB 93 -4.68 -15.58 38.26
C ILE NB 93 -3.69 -16.73 38.44
N VAL NB 94 -2.57 -16.44 39.09
CA VAL NB 94 -1.53 -17.44 39.32
C VAL NB 94 -0.90 -17.27 40.70
N GLU NB 100 8.57 -17.12 38.94
CA GLU NB 100 8.37 -16.01 38.02
C GLU NB 100 8.47 -16.46 36.56
N VAL NB 101 9.35 -17.43 36.32
CA VAL NB 101 9.53 -17.97 34.98
C VAL NB 101 8.29 -18.73 34.54
N GLU NB 102 7.73 -19.51 35.45
CA GLU NB 102 6.50 -20.27 35.17
C GLU NB 102 5.32 -19.33 34.95
N ARG NB 103 5.36 -18.18 35.62
CA ARG NB 103 4.32 -17.17 35.46
C ARG NB 103 4.34 -16.60 34.04
N GLU NB 104 5.54 -16.37 33.52
CA GLU NB 104 5.71 -15.88 32.16
C GLU NB 104 5.27 -16.95 31.16
N THR NB 105 5.54 -18.21 31.49
CA THR NB 105 5.13 -19.33 30.66
C THR NB 105 3.61 -19.45 30.65
N ALA NB 106 3.01 -19.25 31.82
CA ALA NB 106 1.56 -19.30 31.95
C ALA NB 106 0.90 -18.16 31.17
N GLU NB 107 1.52 -16.98 31.23
CA GLU NB 107 1.02 -15.82 30.51
C GLU NB 107 1.07 -16.02 29.00
N GLU NB 108 2.14 -16.66 28.53
CA GLU NB 108 2.31 -16.92 27.10
C GLU NB 108 1.29 -17.93 26.59
N GLU NB 109 1.12 -19.03 27.32
CA GLU NB 109 0.16 -20.06 26.94
C GLU NB 109 -1.27 -19.54 26.96
N ALA NB 110 -1.60 -18.75 27.99
CA ALA NB 110 -2.93 -18.18 28.11
C ALA NB 110 -3.20 -17.20 26.96
N LYS NB 111 -2.18 -16.43 26.60
CA LYS NB 111 -2.28 -15.47 25.51
C LYS NB 111 -2.55 -16.19 24.18
N LEU NB 112 -1.79 -17.24 23.92
CA LEU NB 112 -1.94 -18.01 22.69
C LEU NB 112 -3.30 -18.69 22.63
N ALA NB 113 -3.76 -19.20 23.77
CA ALA NB 113 -5.04 -19.88 23.85
C ALA NB 113 -6.20 -18.92 23.59
N LEU NB 114 -6.10 -17.72 24.14
CA LEU NB 114 -7.15 -16.72 24.00
C LEU NB 114 -7.27 -16.21 22.56
N ARG NB 115 -6.14 -16.12 21.86
CA ARG NB 115 -6.13 -15.66 20.47
C ARG NB 115 -6.92 -16.60 19.58
N VAL NB 116 -6.77 -17.90 19.79
CA VAL NB 116 -7.47 -18.90 19.01
C VAL NB 116 -8.94 -18.99 19.41
N ALA NB 117 -9.18 -18.94 20.72
CA ALA NB 117 -10.52 -19.09 21.27
C ALA NB 117 -11.42 -17.91 20.93
N LEU NB 118 -10.87 -16.69 21.04
CA LEU NB 118 -11.67 -15.48 20.83
C LEU NB 118 -11.58 -14.96 19.40
N GLN NB 119 -10.83 -15.66 18.55
CA GLN NB 119 -10.66 -15.28 17.15
C GLN NB 119 -10.17 -13.83 17.01
N VAL NB 120 -9.04 -13.54 17.62
CA VAL NB 120 -8.48 -12.19 17.62
C VAL NB 120 -8.04 -11.76 16.22
N ASP NB 121 -8.40 -10.52 15.87
CA ASP NB 121 -8.02 -9.90 14.59
C ASP NB 121 -8.63 -10.61 13.39
N ILE NB 122 -9.64 -11.43 13.64
CA ILE NB 122 -10.36 -12.11 12.56
C ILE NB 122 -11.86 -11.92 12.72
N ALA NB 123 -12.59 -12.10 11.63
CA ALA NB 123 -14.05 -11.96 11.64
C ALA NB 123 -14.69 -13.12 12.39
N ASP NB 124 -15.44 -12.79 13.44
CA ASP NB 124 -16.11 -13.81 14.25
C ASP NB 124 -17.33 -14.35 13.54
N GLU NB 125 -18.04 -15.26 14.20
CA GLU NB 125 -19.26 -15.83 13.65
C GLU NB 125 -20.36 -14.78 13.51
N HIS NB 126 -20.26 -13.71 14.30
CA HIS NB 126 -21.21 -12.62 14.24
C HIS NB 126 -20.66 -11.47 13.42
N SER NB 127 -19.75 -11.80 12.50
CA SER NB 127 -19.07 -10.81 11.66
C SER NB 127 -18.41 -9.74 12.52
N CYS NB 128 -17.66 -10.17 13.52
CA CYS NB 128 -17.03 -9.25 14.46
C CYS NB 128 -15.52 -9.44 14.54
N VAL NB 129 -14.79 -8.33 14.63
CA VAL NB 129 -13.35 -8.38 14.84
C VAL NB 129 -13.06 -8.25 16.33
N THR NB 130 -12.59 -9.34 16.92
CA THR NB 130 -12.41 -9.39 18.37
C THR NB 130 -10.97 -9.14 18.79
N GLN NB 131 -10.81 -8.63 20.02
CA GLN NB 131 -9.50 -8.43 20.61
C GLN NB 131 -9.65 -8.59 22.12
N PHE NB 132 -8.54 -8.82 22.82
CA PHE NB 132 -8.62 -9.06 24.25
C PHE NB 132 -7.52 -8.35 25.03
N GLU NB 133 -7.82 -8.03 26.28
CA GLU NB 133 -6.87 -7.44 27.20
C GLU NB 133 -6.89 -8.21 28.51
N MET NB 134 -5.72 -8.57 29.03
CA MET NB 134 -5.66 -9.39 30.23
C MET NB 134 -4.78 -8.77 31.32
N LYS NB 135 -5.17 -9.01 32.57
CA LYS NB 135 -4.41 -8.53 33.72
C LYS NB 135 -3.92 -9.71 34.55
N LEU NB 136 -2.76 -9.54 35.18
CA LEU NB 136 -2.15 -10.61 35.97
C LEU NB 136 -2.38 -10.40 37.47
N ARG NB 137 -2.90 -11.43 38.13
CA ARG NB 137 -3.15 -11.37 39.57
C ARG NB 137 -2.53 -12.58 40.25
N GLU NB 138 -2.08 -12.39 41.49
CA GLU NB 138 -1.43 -13.48 42.23
C GLU NB 138 -2.10 -13.69 43.58
N GLU NB 139 -2.63 -14.89 43.80
CA GLU NB 139 -3.31 -15.21 45.05
C GLU NB 139 -3.20 -16.69 45.38
N LEU NB 140 -3.33 -17.02 46.67
CA LEU NB 140 -3.28 -18.41 47.09
C LEU NB 140 -4.51 -19.18 46.62
N LEU NB 141 -4.29 -20.24 45.86
CA LEU NB 141 -5.38 -21.07 45.36
C LEU NB 141 -6.05 -21.87 46.47
N SER NB 142 -5.29 -22.18 47.52
CA SER NB 142 -5.80 -22.97 48.64
C SER NB 142 -6.46 -22.10 49.70
N SER NB 143 -6.44 -20.79 49.49
CA SER NB 143 -7.03 -19.85 50.45
C SER NB 143 -8.56 -19.96 50.46
N ASP NB 144 -9.15 -19.83 51.64
CA ASP NB 144 -10.59 -19.91 51.78
C ASP NB 144 -11.27 -18.71 51.14
N SER NB 145 -10.68 -17.53 51.32
CA SER NB 145 -11.23 -16.31 50.75
C SER NB 145 -10.72 -16.08 49.33
N PHE NB 146 -11.00 -17.04 48.45
CA PHE NB 146 -10.57 -16.94 47.06
C PHE NB 146 -11.54 -17.62 46.11
N HIS NB 147 -11.82 -16.96 44.99
CA HIS NB 147 -12.64 -17.53 43.93
C HIS NB 147 -12.30 -16.89 42.60
N PRO NB 148 -12.29 -17.69 41.51
CA PRO NB 148 -12.04 -17.22 40.15
C PRO NB 148 -12.86 -15.97 39.79
N ASP NB 149 -14.08 -15.90 40.30
CA ASP NB 149 -14.96 -14.77 40.01
C ASP NB 149 -15.38 -14.03 41.28
N LYS NB 150 -14.40 -13.55 42.04
CA LYS NB 150 -14.67 -12.81 43.26
C LYS NB 150 -15.40 -11.51 42.94
N ASP NB 151 -16.01 -10.91 43.96
CA ASP NB 151 -16.78 -9.69 43.81
C ASP NB 151 -15.91 -8.52 43.34
N GLU NB 152 -14.81 -8.32 44.05
CA GLU NB 152 -13.91 -7.19 43.79
C GLU NB 152 -13.29 -7.22 42.39
N TYR NB 153 -13.31 -8.39 41.76
CA TYR NB 153 -12.70 -8.55 40.44
C TYR NB 153 -13.49 -7.82 39.34
N TYR NB 154 -14.77 -7.57 39.58
CA TYR NB 154 -15.63 -6.96 38.57
C TYR NB 154 -15.85 -5.48 38.87
N LYS NB 155 -15.05 -4.92 39.78
CA LYS NB 155 -15.24 -3.53 40.22
C LYS NB 155 -15.02 -2.52 39.10
N ASP NB 156 -14.19 -2.87 38.12
CA ASP NB 156 -13.86 -1.97 37.03
C ASP NB 156 -15.02 -1.79 36.05
N PHE NB 157 -15.88 -2.79 35.96
CA PHE NB 157 -16.94 -2.80 34.95
C PHE NB 157 -18.32 -2.60 35.55
N LEU NB 158 -18.39 -2.50 36.88
CA LEU NB 158 -19.64 -2.28 37.58
C LEU NB 158 -19.57 -1.05 38.47
N GLU OB 2 -83.04 -42.69 30.22
CA GLU OB 2 -83.04 -44.15 30.28
C GLU OB 2 -83.37 -44.65 31.68
N SER OB 3 -82.64 -44.14 32.67
CA SER OB 3 -82.85 -44.53 34.06
C SER OB 3 -84.14 -43.92 34.61
N VAL OB 4 -84.39 -42.67 34.24
CA VAL OB 4 -85.58 -41.95 34.68
C VAL OB 4 -86.42 -41.54 33.47
N ASN OB 5 -87.73 -41.74 33.57
CA ASN OB 5 -88.63 -41.43 32.46
C ASN OB 5 -89.69 -40.40 32.84
N THR OB 6 -89.38 -39.13 32.56
CA THR OB 6 -90.32 -38.05 32.81
C THR OB 6 -91.24 -37.84 31.61
N SER OB 7 -92.37 -37.19 31.83
CA SER OB 7 -93.34 -36.94 30.77
C SER OB 7 -94.33 -35.85 31.18
N PHE OB 8 -94.72 -35.03 30.20
CA PHE OB 8 -95.63 -33.92 30.45
C PHE OB 8 -97.06 -34.22 30.03
N LEU OB 9 -97.93 -34.45 31.00
CA LEU OB 9 -99.36 -34.61 30.74
C LEU OB 9 -99.97 -33.23 30.52
N SER OB 10 -99.40 -32.24 31.20
CA SER OB 10 -99.86 -30.86 31.13
C SER OB 10 -98.67 -29.96 31.44
N PRO OB 11 -98.78 -28.65 31.15
CA PRO OB 11 -97.69 -27.74 31.52
C PRO OB 11 -97.34 -27.77 33.00
N SER OB 12 -98.35 -27.92 33.85
CA SER OB 12 -98.12 -27.97 35.29
C SER OB 12 -98.25 -29.39 35.85
N LEU OB 13 -98.28 -30.39 34.97
CA LEU OB 13 -98.41 -31.78 35.40
C LEU OB 13 -97.35 -32.66 34.78
N VAL OB 14 -96.49 -33.24 35.61
CA VAL OB 14 -95.38 -34.07 35.15
C VAL OB 14 -95.34 -35.40 35.90
N THR OB 15 -95.20 -36.50 35.16
CA THR OB 15 -95.06 -37.81 35.77
C THR OB 15 -93.61 -38.30 35.69
N ILE OB 16 -93.04 -38.63 36.84
CA ILE OB 16 -91.64 -39.06 36.89
C ILE OB 16 -91.49 -40.48 37.40
N ARG OB 17 -90.92 -41.35 36.56
CA ARG OB 17 -90.69 -42.74 36.94
C ARG OB 17 -89.20 -43.02 37.14
N ASP OB 18 -88.85 -43.54 38.30
CA ASP OB 18 -87.46 -43.90 38.61
C ASP OB 18 -87.30 -45.41 38.63
N PHE OB 19 -86.71 -45.96 37.58
CA PHE OB 19 -86.54 -47.40 37.46
C PHE OB 19 -85.51 -47.95 38.44
N ASP OB 20 -84.41 -47.22 38.61
CA ASP OB 20 -83.32 -47.67 39.47
C ASP OB 20 -83.73 -47.69 40.94
N ASN OB 21 -84.41 -46.64 41.39
CA ASN OB 21 -84.85 -46.54 42.77
C ASN OB 21 -86.23 -47.15 42.99
N GLY OB 22 -86.90 -47.52 41.91
CA GLY OB 22 -88.23 -48.10 41.98
C GLY OB 22 -89.24 -47.13 42.57
N GLN OB 23 -89.25 -45.90 42.04
CA GLN OB 23 -90.13 -44.85 42.56
C GLN OB 23 -90.97 -44.20 41.48
N PHE OB 24 -92.09 -43.63 41.89
CA PHE OB 24 -92.94 -42.86 40.98
C PHE OB 24 -93.43 -41.61 41.71
N ALA OB 25 -93.16 -40.44 41.12
CA ALA OB 25 -93.56 -39.18 41.73
C ALA OB 25 -94.29 -38.31 40.71
N VAL OB 26 -95.36 -37.65 41.16
CA VAL OB 26 -96.09 -36.73 40.32
C VAL OB 26 -95.69 -35.29 40.61
N LEU OB 27 -95.17 -34.60 39.62
CA LEU OB 27 -94.77 -33.21 39.79
C LEU OB 27 -95.89 -32.28 39.31
N ARG OB 28 -96.44 -31.51 40.24
CA ARG OB 28 -97.56 -30.64 39.93
C ARG OB 28 -97.44 -29.26 40.55
N ILE OB 29 -97.64 -28.23 39.72
CA ILE OB 29 -97.69 -26.86 40.21
C ILE OB 29 -99.14 -26.37 40.15
N GLY OB 30 -99.93 -26.76 41.15
CA GLY OB 30 -101.35 -26.50 41.17
C GLY OB 30 -101.75 -25.08 41.48
N ARG OB 31 -101.11 -24.49 42.50
CA ARG OB 31 -101.46 -23.17 43.00
C ARG OB 31 -101.43 -22.08 41.93
N THR OB 32 -100.43 -22.14 41.05
CA THR OB 32 -100.26 -21.09 40.05
C THR OB 32 -100.53 -21.62 38.64
N GLY OB 33 -100.14 -22.85 38.37
CA GLY OB 33 -100.29 -23.44 37.05
C GLY OB 33 -99.15 -23.09 36.13
N PHE OB 34 -98.02 -22.67 36.71
CA PHE OB 34 -96.83 -22.34 35.94
C PHE OB 34 -96.22 -23.61 35.33
N PRO OB 35 -95.51 -23.46 34.20
CA PRO OB 35 -94.85 -24.61 33.58
C PRO OB 35 -93.63 -25.10 34.36
N ALA OB 36 -93.52 -26.40 34.55
CA ALA OB 36 -92.41 -26.98 35.30
C ALA OB 36 -91.10 -26.86 34.52
N ASP OB 37 -90.14 -26.15 35.09
CA ASP OB 37 -88.84 -25.98 34.46
C ASP OB 37 -87.89 -27.11 34.86
N LYS OB 38 -86.66 -27.05 34.36
CA LYS OB 38 -85.66 -28.06 34.66
C LYS OB 38 -85.32 -28.07 36.15
N GLY OB 39 -85.34 -26.89 36.76
CA GLY OB 39 -85.06 -26.76 38.19
C GLY OB 39 -86.13 -27.40 39.05
N ASP OB 40 -87.38 -27.28 38.62
CA ASP OB 40 -88.51 -27.85 39.35
C ASP OB 40 -88.42 -29.37 39.37
N ILE OB 41 -88.08 -29.96 38.23
CA ILE OB 41 -87.93 -31.41 38.13
C ILE OB 41 -86.75 -31.89 38.96
N ASP OB 42 -85.64 -31.17 38.88
CA ASP OB 42 -84.44 -31.50 39.64
C ASP OB 42 -84.72 -31.44 41.14
N LEU OB 43 -85.59 -30.51 41.54
CA LEU OB 43 -86.00 -30.38 42.92
C LEU OB 43 -86.82 -31.60 43.35
N CYS OB 44 -87.68 -32.05 42.44
CA CYS OB 44 -88.53 -33.22 42.70
C CYS OB 44 -87.69 -34.48 42.87
N LEU OB 45 -86.69 -34.66 42.02
CA LEU OB 45 -85.79 -35.80 42.10
C LEU OB 45 -85.03 -35.82 43.42
N ASP OB 46 -84.63 -34.63 43.88
CA ASP OB 46 -83.91 -34.49 45.14
C ASP OB 46 -84.79 -34.86 46.33
N LYS OB 47 -86.11 -34.71 46.16
CA LYS OB 47 -87.06 -35.06 47.20
C LYS OB 47 -87.34 -36.56 47.22
N MET OB 48 -87.31 -37.18 46.03
CA MET OB 48 -87.53 -38.63 45.93
C MET OB 48 -86.43 -39.39 46.65
N ILE OB 49 -85.19 -39.01 46.40
CA ILE OB 49 -84.04 -39.66 47.02
C ILE OB 49 -83.99 -39.34 48.52
N GLY OB 50 -84.59 -38.23 48.90
CA GLY OB 50 -84.69 -37.84 50.29
C GLY OB 50 -85.59 -38.78 51.06
N VAL OB 51 -86.76 -39.06 50.48
CA VAL OB 51 -87.71 -39.99 51.06
C VAL OB 51 -87.18 -41.42 50.93
N ARG OB 52 -86.43 -41.68 49.86
CA ARG OB 52 -85.74 -42.95 49.69
C ARG OB 52 -84.79 -43.18 50.87
N ALA OB 53 -84.14 -42.11 51.31
CA ALA OB 53 -83.28 -42.15 52.48
C ALA OB 53 -84.11 -42.35 53.74
N ALA OB 54 -85.31 -41.78 53.76
CA ALA OB 54 -86.22 -41.94 54.89
C ALA OB 54 -86.69 -43.39 55.02
N GLN OB 55 -86.90 -44.04 53.87
CA GLN OB 55 -87.37 -45.42 53.85
C GLN OB 55 -86.33 -46.38 54.43
N ILE OB 56 -85.09 -46.26 53.94
CA ILE OB 56 -84.01 -47.14 54.39
C ILE OB 56 -83.64 -46.83 55.84
N PHE OB 57 -83.87 -45.59 56.27
CA PHE OB 57 -83.67 -45.20 57.66
C PHE OB 57 -84.61 -45.97 58.58
N LEU OB 58 -85.89 -46.03 58.19
CA LEU OB 58 -86.89 -46.74 58.97
C LEU OB 58 -86.68 -48.25 58.88
N GLY OB 59 -85.86 -48.67 57.92
CA GLY OB 59 -85.57 -50.08 57.73
C GLY OB 59 -85.47 -50.45 56.26
N ASP OB 60 -84.50 -51.27 55.92
CA ASP OB 60 -84.31 -51.70 54.54
C ASP OB 60 -85.39 -52.70 54.15
N ASP OB 61 -86.36 -52.24 53.36
CA ASP OB 61 -87.48 -53.08 52.95
C ASP OB 61 -87.28 -53.62 51.54
N THR OB 62 -86.08 -53.45 51.01
CA THR OB 62 -85.73 -54.02 49.71
C THR OB 62 -85.50 -55.52 49.84
N GLU OB 63 -85.19 -55.96 51.06
CA GLU OB 63 -84.98 -57.37 51.34
C GLU OB 63 -86.30 -58.13 51.40
N ASP OB 64 -86.21 -59.46 51.46
CA ASP OB 64 -87.39 -60.31 51.52
C ASP OB 64 -88.05 -60.26 52.89
N GLY OB 65 -89.39 -60.32 52.90
CA GLY OB 65 -90.14 -60.28 54.13
C GLY OB 65 -90.17 -58.92 54.78
N PHE OB 66 -90.42 -57.89 53.96
CA PHE OB 66 -90.49 -56.52 54.43
C PHE OB 66 -91.63 -56.31 55.43
N LYS OB 67 -91.30 -56.38 56.72
CA LYS OB 67 -92.30 -56.20 57.76
C LYS OB 67 -92.81 -54.76 57.81
N GLY OB 68 -92.05 -53.85 57.21
CA GLY OB 68 -92.44 -52.46 57.13
C GLY OB 68 -91.82 -51.60 58.22
N PRO OB 69 -92.32 -50.36 58.38
CA PRO OB 69 -93.40 -49.80 57.56
C PRO OB 69 -92.90 -49.19 56.25
N HIS OB 70 -93.78 -49.08 55.26
CA HIS OB 70 -93.42 -48.52 53.96
C HIS OB 70 -93.74 -47.03 53.88
N ILE OB 71 -92.79 -46.26 53.39
CA ILE OB 71 -92.97 -44.81 53.22
C ILE OB 71 -92.51 -44.37 51.83
N ARG OB 72 -93.47 -43.98 51.00
CA ARG OB 72 -93.20 -43.66 49.60
C ARG OB 72 -93.79 -42.32 49.18
N ILE OB 73 -93.12 -41.65 48.25
CA ILE OB 73 -93.62 -40.38 47.70
C ILE OB 73 -94.77 -40.62 46.72
N ARG OB 74 -95.82 -39.81 46.85
CA ARG OB 74 -96.95 -39.87 45.94
C ARG OB 74 -96.93 -38.71 44.95
N CYS OB 75 -96.61 -37.52 45.46
CA CYS OB 75 -96.64 -36.31 44.64
C CYS OB 75 -95.86 -35.16 45.28
N VAL OB 76 -95.48 -34.19 44.45
CA VAL OB 76 -94.80 -33.00 44.91
C VAL OB 76 -95.47 -31.74 44.36
N ASP OB 77 -96.03 -30.94 45.27
CA ASP OB 77 -96.74 -29.72 44.87
C ASP OB 77 -95.90 -28.48 45.13
N ILE OB 78 -95.69 -27.68 44.10
CA ILE OB 78 -94.84 -26.49 44.21
C ILE OB 78 -95.66 -25.20 44.24
N ASP OB 79 -95.44 -24.41 45.28
CA ASP OB 79 -96.04 -23.08 45.37
C ASP OB 79 -95.09 -22.06 44.73
N ASP OB 80 -95.58 -21.37 43.70
CA ASP OB 80 -94.73 -20.50 42.89
C ASP OB 80 -95.27 -19.08 42.81
N LYS OB 81 -96.26 -18.77 43.63
CA LYS OB 81 -96.92 -17.47 43.59
C LYS OB 81 -95.98 -16.32 43.93
N HIS OB 82 -95.52 -16.28 45.17
CA HIS OB 82 -94.68 -15.19 45.65
C HIS OB 82 -93.30 -15.70 46.06
N THR OB 83 -93.28 -16.71 46.91
CA THR OB 83 -92.03 -17.32 47.36
C THR OB 83 -91.99 -18.79 46.96
N TYR OB 84 -90.80 -19.27 46.63
CA TYR OB 84 -90.62 -20.65 46.19
C TYR OB 84 -90.86 -21.63 47.32
N ASN OB 85 -91.95 -22.38 47.22
CA ASN OB 85 -92.32 -23.35 48.26
C ASN OB 85 -92.74 -24.68 47.64
N ALA OB 86 -92.47 -25.77 48.35
CA ALA OB 86 -92.81 -27.10 47.85
C ALA OB 86 -93.50 -27.94 48.92
N MET OB 87 -94.64 -28.53 48.57
CA MET OB 87 -95.35 -29.41 49.47
C MET OB 87 -95.31 -30.86 48.98
N VAL OB 88 -94.66 -31.72 49.74
CA VAL OB 88 -94.51 -33.12 49.35
C VAL OB 88 -95.61 -33.99 49.93
N TYR OB 89 -96.15 -34.89 49.10
CA TYR OB 89 -97.20 -35.81 49.55
C TYR OB 89 -96.67 -37.22 49.67
N VAL OB 90 -96.74 -37.77 50.88
CA VAL OB 90 -96.17 -39.08 51.18
C VAL OB 90 -97.22 -39.99 51.82
N ASP OB 91 -97.22 -41.27 51.40
CA ASP OB 91 -98.11 -42.25 52.00
C ASP OB 91 -97.30 -43.23 52.84
N LEU OB 92 -97.69 -43.38 54.11
CA LEU OB 92 -97.03 -44.31 55.01
C LEU OB 92 -97.93 -45.53 55.18
N ILE OB 93 -97.44 -46.69 54.75
CA ILE OB 93 -98.21 -47.92 54.83
C ILE OB 93 -97.68 -48.84 55.93
N VAL OB 94 -98.58 -49.32 56.79
CA VAL OB 94 -98.20 -50.19 57.89
C VAL OB 94 -99.25 -51.27 58.13
N GLU OB 100 -101.81 -50.79 67.80
CA GLU OB 100 -102.15 -49.38 67.60
C GLU OB 100 -101.05 -48.47 68.12
N VAL OB 101 -100.39 -48.89 69.18
CA VAL OB 101 -99.29 -48.13 69.76
C VAL OB 101 -98.10 -48.10 68.81
N GLU OB 102 -97.80 -49.24 68.20
CA GLU OB 102 -96.71 -49.35 67.24
C GLU OB 102 -96.98 -48.51 66.00
N ARG OB 103 -98.26 -48.37 65.64
CA ARG OB 103 -98.66 -47.55 64.50
C ARG OB 103 -98.34 -46.08 64.77
N GLU OB 104 -98.60 -45.63 65.99
CA GLU OB 104 -98.28 -44.26 66.39
C GLU OB 104 -96.78 -44.05 66.44
N THR OB 105 -96.06 -45.07 66.88
CA THR OB 105 -94.60 -45.02 66.94
C THR OB 105 -93.99 -44.95 65.54
N ALA OB 106 -94.56 -45.73 64.62
CA ALA OB 106 -94.09 -45.72 63.24
C ALA OB 106 -94.35 -44.37 62.58
N GLU OB 107 -95.52 -43.79 62.88
CA GLU OB 107 -95.88 -42.47 62.35
C GLU OB 107 -94.96 -41.38 62.87
N GLU OB 108 -94.59 -41.49 64.15
CA GLU OB 108 -93.71 -40.52 64.78
C GLU OB 108 -92.30 -40.55 64.20
N GLU OB 109 -91.74 -41.75 64.09
CA GLU OB 109 -90.41 -41.93 63.54
C GLU OB 109 -90.32 -41.50 62.08
N ALA OB 110 -91.35 -41.84 61.30
CA ALA OB 110 -91.40 -41.46 59.89
C ALA OB 110 -91.51 -39.96 59.72
N LYS OB 111 -92.28 -39.32 60.59
CA LYS OB 111 -92.46 -37.87 60.55
C LYS OB 111 -91.15 -37.14 60.81
N LEU OB 112 -90.43 -37.56 61.85
CA LEU OB 112 -89.16 -36.96 62.22
C LEU OB 112 -88.11 -37.13 61.13
N ALA OB 113 -88.10 -38.30 60.50
CA ALA OB 113 -87.15 -38.61 59.45
C ALA OB 113 -87.39 -37.74 58.21
N LEU OB 114 -88.65 -37.52 57.88
CA LEU OB 114 -89.03 -36.72 56.72
C LEU OB 114 -88.66 -35.25 56.91
N ARG OB 115 -88.74 -34.77 58.15
CA ARG OB 115 -88.40 -33.39 58.45
C ARG OB 115 -86.93 -33.10 58.15
N VAL OB 116 -86.07 -34.05 58.51
CA VAL OB 116 -84.63 -33.91 58.28
C VAL OB 116 -84.27 -34.15 56.81
N ALA OB 117 -84.88 -35.17 56.21
CA ALA OB 117 -84.57 -35.56 54.85
C ALA OB 117 -85.02 -34.53 53.81
N LEU OB 118 -86.22 -33.99 54.01
CA LEU OB 118 -86.79 -33.06 53.04
C LEU OB 118 -86.51 -31.60 53.41
N GLN OB 119 -85.78 -31.41 54.50
CA GLN OB 119 -85.44 -30.06 54.99
C GLN OB 119 -86.69 -29.21 55.19
N VAL OB 120 -87.62 -29.71 56.00
CA VAL OB 120 -88.88 -29.02 56.25
C VAL OB 120 -88.66 -27.71 57.00
N ASP OB 121 -89.32 -26.65 56.55
CA ASP OB 121 -89.26 -25.33 57.16
C ASP OB 121 -87.86 -24.73 57.08
N ILE OB 122 -87.04 -25.28 56.21
CA ILE OB 122 -85.70 -24.76 55.97
C ILE OB 122 -85.45 -24.57 54.48
N ALA OB 123 -84.49 -23.72 54.14
CA ALA OB 123 -84.15 -23.45 52.75
C ALA OB 123 -83.47 -24.65 52.10
N ASP OB 124 -84.07 -25.16 51.03
CA ASP OB 124 -83.51 -26.32 50.32
C ASP OB 124 -82.33 -25.91 49.46
N GLU OB 125 -81.79 -26.88 48.72
CA GLU OB 125 -80.66 -26.63 47.83
C GLU OB 125 -81.07 -25.71 46.68
N HIS OB 126 -82.36 -25.68 46.37
CA HIS OB 126 -82.89 -24.81 45.33
C HIS OB 126 -83.49 -23.55 45.94
N SER OB 127 -83.02 -23.20 47.13
CA SER OB 127 -83.53 -22.06 47.89
C SER OB 127 -85.04 -22.17 48.07
N CYS OB 128 -85.49 -23.33 48.53
CA CYS OB 128 -86.92 -23.59 48.68
C CYS OB 128 -87.28 -24.01 50.10
N VAL OB 129 -88.42 -23.53 50.58
CA VAL OB 129 -88.95 -23.93 51.87
C VAL OB 129 -89.93 -25.08 51.68
N THR OB 130 -89.54 -26.27 52.15
CA THR OB 130 -90.32 -27.48 51.91
C THR OB 130 -91.21 -27.86 53.08
N GLN OB 131 -92.30 -28.55 52.79
CA GLN OB 131 -93.21 -29.08 53.80
C GLN OB 131 -93.82 -30.38 53.29
N PHE OB 132 -94.36 -31.18 54.20
CA PHE OB 132 -94.90 -32.47 53.80
C PHE OB 132 -96.22 -32.80 54.50
N GLU OB 133 -97.04 -33.62 53.82
CA GLU OB 133 -98.29 -34.12 54.37
C GLU OB 133 -98.32 -35.63 54.19
N MET OB 134 -98.70 -36.34 55.25
CA MET OB 134 -98.66 -37.80 55.21
C MET OB 134 -99.98 -38.43 55.59
N LYS OB 135 -100.31 -39.54 54.93
CA LYS OB 135 -101.53 -40.30 55.21
C LYS OB 135 -101.18 -41.71 55.67
N LEU OB 136 -101.99 -42.27 56.56
CA LEU OB 136 -101.74 -43.60 57.08
C LEU OB 136 -102.65 -44.64 56.42
N ARG OB 137 -102.05 -45.70 55.89
CA ARG OB 137 -102.81 -46.77 55.26
C ARG OB 137 -102.39 -48.12 55.84
N GLU OB 138 -103.33 -49.05 55.93
CA GLU OB 138 -103.06 -50.36 56.50
C GLU OB 138 -103.46 -51.49 55.56
N GLU OB 139 -102.49 -52.31 55.17
CA GLU OB 139 -102.73 -53.44 54.29
C GLU OB 139 -101.71 -54.55 54.57
N LEU OB 140 -102.07 -55.77 54.20
CA LEU OB 140 -101.19 -56.92 54.42
C LEU OB 140 -99.95 -56.84 53.52
N LEU OB 141 -98.78 -56.85 54.15
CA LEU OB 141 -97.51 -56.79 53.41
C LEU OB 141 -97.26 -58.08 52.63
N SER OB 142 -97.80 -59.18 53.12
CA SER OB 142 -97.60 -60.48 52.48
C SER OB 142 -98.64 -60.75 51.40
N SER OB 143 -99.58 -59.82 51.24
CA SER OB 143 -100.63 -59.95 50.23
C SER OB 143 -100.08 -59.83 48.82
N ASP OB 144 -100.62 -60.61 47.90
CA ASP OB 144 -100.19 -60.59 46.51
C ASP OB 144 -100.61 -59.28 45.84
N SER OB 145 -101.83 -58.84 46.14
CA SER OB 145 -102.35 -57.61 45.56
C SER OB 145 -101.95 -56.39 46.38
N PHE OB 146 -100.65 -56.19 46.53
CA PHE OB 146 -100.13 -55.06 47.29
C PHE OB 146 -98.79 -54.58 46.73
N HIS OB 147 -98.63 -53.26 46.64
CA HIS OB 147 -97.37 -52.67 46.22
C HIS OB 147 -97.25 -51.25 46.77
N PRO OB 148 -96.02 -50.87 47.18
CA PRO OB 148 -95.69 -49.52 47.67
C PRO OB 148 -96.23 -48.40 46.76
N ASP OB 149 -96.21 -48.63 45.45
CA ASP OB 149 -96.68 -47.63 44.50
C ASP OB 149 -97.83 -48.16 43.65
N LYS OB 150 -98.90 -48.59 44.30
CA LYS OB 150 -100.08 -49.12 43.59
C LYS OB 150 -100.76 -48.03 42.76
N ASP OB 151 -101.60 -48.47 41.82
CA ASP OB 151 -102.30 -47.55 40.92
C ASP OB 151 -103.25 -46.63 41.67
N GLU OB 152 -104.10 -47.21 42.50
CA GLU OB 152 -105.13 -46.47 43.22
C GLU OB 152 -104.56 -45.42 44.19
N TYR OB 153 -103.29 -45.57 44.53
CA TYR OB 153 -102.65 -44.66 45.48
C TYR OB 153 -102.42 -43.27 44.88
N TYR OB 154 -102.37 -43.19 43.56
CA TYR OB 154 -102.08 -41.93 42.88
C TYR OB 154 -103.35 -41.27 42.33
N LYS OB 155 -104.50 -41.76 42.76
CA LYS OB 155 -105.79 -41.27 42.26
C LYS OB 155 -106.03 -39.80 42.59
N ASP OB 156 -105.44 -39.34 43.69
CA ASP OB 156 -105.66 -37.97 44.16
C ASP OB 156 -105.00 -36.91 43.29
N PHE OB 157 -103.92 -37.29 42.60
CA PHE OB 157 -103.13 -36.33 41.85
C PHE OB 157 -103.26 -36.48 40.33
N LEU OB 158 -104.00 -37.50 39.90
CA LEU OB 158 -104.21 -37.74 38.48
C LEU OB 158 -105.70 -37.78 38.15
N SER PB 3 -83.30 -31.38 26.50
CA SER PB 3 -83.76 -30.05 26.13
C SER PB 3 -85.24 -30.06 25.77
N VAL PB 4 -85.67 -31.10 25.06
CA VAL PB 4 -87.07 -31.24 24.67
C VAL PB 4 -87.66 -32.53 25.23
N ASN PB 5 -88.85 -32.44 25.80
CA ASN PB 5 -89.50 -33.60 26.40
C ASN PB 5 -90.87 -33.88 25.78
N THR PB 6 -90.88 -34.76 24.78
CA THR PB 6 -92.12 -35.16 24.14
C THR PB 6 -92.76 -36.33 24.88
N SER PB 7 -94.06 -36.51 24.67
CA SER PB 7 -94.80 -37.58 25.33
C SER PB 7 -96.12 -37.84 24.61
N PHE PB 8 -96.52 -39.11 24.55
CA PHE PB 8 -97.74 -39.49 23.86
C PHE PB 8 -98.89 -39.77 24.81
N LEU PB 9 -99.85 -38.85 24.86
CA LEU PB 9 -101.08 -39.06 25.63
C LEU PB 9 -102.00 -39.99 24.85
N SER PB 10 -101.92 -39.88 23.54
CA SER PB 10 -102.73 -40.68 22.63
C SER PB 10 -101.97 -40.81 21.31
N PRO PB 11 -102.39 -41.73 20.42
CA PRO PB 11 -101.73 -41.83 19.12
C PRO PB 11 -101.75 -40.52 18.33
N SER PB 12 -102.84 -39.77 18.46
CA SER PB 12 -102.97 -38.49 17.77
C SER PB 12 -102.76 -37.30 18.69
N LEU PB 13 -102.28 -37.56 19.90
CA LEU PB 13 -102.08 -36.49 20.88
C LEU PB 13 -100.66 -36.51 21.47
N VAL PB 14 -99.91 -35.43 21.22
CA VAL PB 14 -98.54 -35.34 21.69
C VAL PB 14 -98.28 -34.01 22.40
N THR PB 15 -97.67 -34.07 23.58
CA THR PB 15 -97.30 -32.87 24.32
C THR PB 15 -95.80 -32.61 24.24
N ILE PB 16 -95.43 -31.42 23.78
CA ILE PB 16 -94.02 -31.07 23.61
C ILE PB 16 -93.60 -29.91 24.50
N ARG PB 17 -92.64 -30.17 25.40
CA ARG PB 17 -92.12 -29.14 26.29
C ARG PB 17 -90.69 -28.75 25.93
N ASP PB 18 -90.47 -27.45 25.72
CA ASP PB 18 -89.14 -26.94 25.41
C ASP PB 18 -88.58 -26.14 26.60
N PHE PB 19 -87.63 -26.73 27.31
CA PHE PB 19 -87.07 -26.11 28.51
C PHE PB 19 -86.22 -24.88 28.18
N ASP PB 20 -85.43 -24.97 27.12
CA ASP PB 20 -84.51 -23.89 26.75
C ASP PB 20 -85.25 -22.63 26.31
N ASN PB 21 -86.26 -22.79 25.46
CA ASN PB 21 -87.04 -21.66 24.96
C ASN PB 21 -88.21 -21.31 25.86
N GLY PB 22 -88.49 -22.18 26.84
CA GLY PB 22 -89.58 -21.96 27.77
C GLY PB 22 -90.93 -21.97 27.08
N GLN PB 23 -91.17 -22.98 26.25
CA GLN PB 23 -92.43 -23.08 25.51
C GLN PB 23 -93.08 -24.44 25.70
N PHE PB 24 -94.40 -24.48 25.51
CA PHE PB 24 -95.14 -25.73 25.56
C PHE PB 24 -96.17 -25.75 24.45
N ALA PB 25 -96.11 -26.77 23.60
CA ALA PB 25 -97.05 -26.89 22.49
C ALA PB 25 -97.70 -28.27 22.46
N VAL PB 26 -98.99 -28.30 22.17
CA VAL PB 26 -99.72 -29.55 22.05
C VAL PB 26 -99.88 -29.95 20.58
N LEU PB 27 -99.33 -31.11 20.23
CA LEU PB 27 -99.43 -31.61 18.86
C LEU PB 27 -100.60 -32.58 18.71
N ARG PB 28 -101.58 -32.20 17.89
CA ARG PB 28 -102.78 -33.01 17.72
C ARG PB 28 -103.20 -33.13 16.27
N ILE PB 29 -103.46 -34.35 15.83
CA ILE PB 29 -104.00 -34.60 14.51
C ILE PB 29 -105.48 -34.98 14.62
N GLY PB 30 -106.32 -33.97 14.79
CA GLY PB 30 -107.73 -34.18 15.06
C GLY PB 30 -108.56 -34.64 13.87
N ARG PB 31 -108.35 -34.00 12.72
CA ARG PB 31 -109.15 -34.25 11.53
C ARG PB 31 -109.17 -35.71 11.10
N THR PB 32 -108.04 -36.38 11.19
CA THR PB 32 -107.93 -37.76 10.73
C THR PB 32 -107.73 -38.75 11.87
N GLY PB 33 -106.95 -38.33 12.88
CA GLY PB 33 -106.65 -39.20 14.00
C GLY PB 33 -105.46 -40.11 13.73
N PHE PB 34 -104.66 -39.74 12.74
CA PHE PB 34 -103.46 -40.49 12.39
C PHE PB 34 -102.40 -40.36 13.49
N PRO PB 35 -101.51 -41.36 13.60
CA PRO PB 35 -100.43 -41.30 14.59
C PRO PB 35 -99.36 -40.30 14.19
N ALA PB 36 -98.92 -39.47 15.14
CA ALA PB 36 -97.91 -38.47 14.87
C ALA PB 36 -96.55 -39.11 14.60
N ASP PB 37 -96.03 -38.90 13.40
CA ASP PB 37 -94.74 -39.45 13.01
C ASP PB 37 -93.62 -38.48 13.39
N LYS PB 38 -92.38 -38.84 13.07
CA LYS PB 38 -91.23 -38.01 13.36
C LYS PB 38 -91.31 -36.68 12.61
N GLY PB 39 -91.84 -36.73 11.39
CA GLY PB 39 -92.00 -35.54 10.58
C GLY PB 39 -93.01 -34.56 11.15
N ASP PB 40 -94.10 -35.10 11.71
CA ASP PB 40 -95.14 -34.27 12.30
C ASP PB 40 -94.63 -33.50 13.51
N ILE PB 41 -93.85 -34.18 14.35
CA ILE PB 41 -93.28 -33.56 15.53
C ILE PB 41 -92.26 -32.50 15.14
N ASP PB 42 -91.42 -32.83 14.16
CA ASP PB 42 -90.42 -31.90 13.64
C ASP PB 42 -91.07 -30.66 13.02
N LEU PB 43 -92.24 -30.86 12.41
CA LEU PB 43 -92.99 -29.75 11.84
C LEU PB 43 -93.50 -28.80 12.93
N CYS PB 44 -93.95 -29.39 14.04
CA CYS PB 44 -94.45 -28.60 15.17
C CYS PB 44 -93.36 -27.73 15.78
N LEU PB 45 -92.17 -28.30 15.93
CA LEU PB 45 -91.03 -27.57 16.47
C LEU PB 45 -90.65 -26.38 15.60
N ASP PB 46 -90.75 -26.56 14.28
CA ASP PB 46 -90.43 -25.51 13.33
C ASP PB 46 -91.40 -24.34 13.44
N LYS PB 47 -92.62 -24.63 13.89
CA LYS PB 47 -93.63 -23.60 14.09
C LYS PB 47 -93.41 -22.85 15.40
N MET PB 48 -92.91 -23.57 16.40
CA MET PB 48 -92.65 -22.99 17.71
C MET PB 48 -91.57 -21.92 17.63
N ILE PB 49 -90.48 -22.23 16.94
CA ILE PB 49 -89.37 -21.29 16.79
C ILE PB 49 -89.80 -20.11 15.92
N GLY PB 50 -90.79 -20.34 15.06
CA GLY PB 50 -91.32 -19.28 14.21
C GLY PB 50 -92.08 -18.24 15.02
N VAL PB 51 -92.94 -18.71 15.90
CA VAL PB 51 -93.70 -17.83 16.78
C VAL PB 51 -92.76 -17.22 17.82
N ARG PB 52 -91.74 -17.99 18.21
CA ARG PB 52 -90.69 -17.49 19.07
C ARG PB 52 -90.02 -16.28 18.42
N ALA PB 53 -89.84 -16.36 17.10
CA ALA PB 53 -89.30 -15.25 16.33
C ALA PB 53 -90.29 -14.09 16.29
N ALA PB 54 -91.58 -14.41 16.26
CA ALA PB 54 -92.63 -13.40 16.27
C ALA PB 54 -92.64 -12.65 17.60
N GLN PB 55 -92.37 -13.37 18.68
CA GLN PB 55 -92.38 -12.78 20.02
C GLN PB 55 -91.28 -11.74 20.19
N ILE PB 56 -90.05 -12.12 19.82
CA ILE PB 56 -88.91 -11.22 19.95
C ILE PB 56 -89.03 -10.07 18.97
N PHE PB 57 -89.72 -10.32 17.86
CA PHE PB 57 -90.00 -9.27 16.89
C PHE PB 57 -90.87 -8.17 17.48
N LEU PB 58 -91.92 -8.58 18.20
CA LEU PB 58 -92.83 -7.65 18.85
C LEU PB 58 -92.17 -6.97 20.04
N GLY PB 59 -91.03 -7.52 20.47
CA GLY PB 59 -90.30 -6.97 21.59
C GLY PB 59 -89.71 -8.07 22.46
N ASP PB 60 -88.47 -7.87 22.90
CA ASP PB 60 -87.80 -8.86 23.75
C ASP PB 60 -88.42 -8.83 25.15
N ASP PB 61 -89.21 -9.85 25.45
CA ASP PB 61 -89.89 -9.93 26.73
C ASP PB 61 -89.16 -10.87 27.69
N THR PB 62 -87.96 -11.27 27.30
CA THR PB 62 -87.10 -12.07 28.17
C THR PB 62 -86.48 -11.18 29.24
N GLU PB 63 -86.42 -9.88 28.96
CA GLU PB 63 -85.90 -8.91 29.91
C GLU PB 63 -86.90 -8.63 31.03
N ASP PB 64 -86.46 -7.91 32.05
CA ASP PB 64 -87.32 -7.56 33.17
C ASP PB 64 -88.31 -6.47 32.81
N GLY PB 65 -89.52 -6.56 33.35
CA GLY PB 65 -90.56 -5.58 33.09
C GLY PB 65 -91.15 -5.71 31.70
N PHE PB 66 -91.46 -6.93 31.30
CA PHE PB 66 -92.03 -7.20 29.98
C PHE PB 66 -93.40 -6.54 29.83
N LYS PB 67 -93.41 -5.36 29.21
CA LYS PB 67 -94.64 -4.62 29.00
C LYS PB 67 -95.55 -5.30 27.98
N GLY PB 68 -94.97 -6.21 27.19
CA GLY PB 68 -95.73 -6.97 26.21
C GLY PB 68 -95.69 -6.38 24.82
N PRO PB 69 -96.56 -6.87 23.93
CA PRO PB 69 -97.53 -7.94 24.23
C PRO PB 69 -96.92 -9.33 24.10
N HIS PB 70 -97.51 -10.30 24.78
CA HIS PB 70 -97.03 -11.68 24.73
C HIS PB 70 -97.77 -12.50 23.68
N ILE PB 71 -97.00 -13.23 22.87
CA ILE PB 71 -97.56 -14.07 21.84
C ILE PB 71 -96.93 -15.47 21.89
N ARG PB 72 -97.73 -16.46 22.27
CA ARG PB 72 -97.23 -17.81 22.52
C ARG PB 72 -98.08 -18.86 21.80
N ILE PB 73 -97.45 -19.95 21.38
CA ILE PB 73 -98.16 -21.07 20.77
C ILE PB 73 -98.93 -21.88 21.81
N ARG PB 74 -100.17 -22.22 21.49
CA ARG PB 74 -100.98 -23.05 22.36
C ARG PB 74 -101.08 -24.48 21.84
N CYS PB 75 -101.29 -24.62 20.53
CA CYS PB 75 -101.48 -25.92 19.91
C CYS PB 75 -101.29 -25.87 18.39
N VAL PB 76 -101.02 -27.03 17.80
CA VAL PB 76 -100.88 -27.14 16.35
C VAL PB 76 -101.71 -28.31 15.82
N ASP PB 77 -102.72 -28.01 15.00
CA ASP PB 77 -103.60 -29.04 14.47
C ASP PB 77 -103.24 -29.35 13.02
N ILE PB 78 -102.99 -30.62 12.74
CA ILE PB 78 -102.56 -31.04 11.40
C ILE PB 78 -103.67 -31.77 10.63
N ASP PB 79 -104.00 -31.26 9.45
CA ASP PB 79 -104.91 -31.95 8.55
C ASP PB 79 -104.11 -32.88 7.64
N ASP PB 80 -104.43 -34.17 7.68
CA ASP PB 80 -103.63 -35.17 6.99
C ASP PB 80 -104.46 -36.03 6.04
N LYS PB 81 -105.69 -35.61 5.78
CA LYS PB 81 -106.62 -36.38 4.96
C LYS PB 81 -106.14 -36.55 3.51
N HIS PB 82 -106.08 -35.45 2.78
CA HIS PB 82 -105.72 -35.49 1.36
C HIS PB 82 -104.42 -34.74 1.10
N THR PB 83 -104.37 -33.49 1.55
CA THR PB 83 -103.17 -32.68 1.41
C THR PB 83 -102.63 -32.28 2.78
N TYR PB 84 -101.31 -32.20 2.88
CA TYR PB 84 -100.65 -31.89 4.14
C TYR PB 84 -100.90 -30.44 4.56
N ASN PB 85 -101.67 -30.26 5.63
CA ASN PB 85 -102.02 -28.93 6.12
C ASN PB 85 -101.88 -28.82 7.64
N ALA PB 86 -101.52 -27.64 8.11
CA ALA PB 86 -101.33 -27.40 9.54
C ALA PB 86 -102.01 -26.11 10.01
N MET PB 87 -102.78 -26.22 11.09
CA MET PB 87 -103.43 -25.06 11.69
C MET PB 87 -102.83 -24.74 13.05
N VAL PB 88 -102.20 -23.57 13.16
CA VAL PB 88 -101.52 -23.17 14.39
C VAL PB 88 -102.43 -22.35 15.30
N TYR PB 89 -102.39 -22.65 16.60
CA TYR PB 89 -103.19 -21.92 17.59
C TYR PB 89 -102.31 -21.04 18.46
N VAL PB 90 -102.57 -19.73 18.43
CA VAL PB 90 -101.73 -18.75 19.12
C VAL PB 90 -102.55 -17.86 20.04
N ASP PB 91 -102.02 -17.57 21.23
CA ASP PB 91 -102.68 -16.65 22.15
C ASP PB 91 -101.91 -15.34 22.28
N LEU PB 92 -102.60 -14.23 22.06
CA LEU PB 92 -102.01 -12.90 22.20
C LEU PB 92 -102.45 -12.23 23.49
N ILE PB 93 -101.50 -11.96 24.38
CA ILE PB 93 -101.80 -11.34 25.66
C ILE PB 93 -101.32 -9.89 25.71
N VAL PB 94 -102.21 -8.99 26.11
CA VAL PB 94 -101.88 -7.57 26.19
C VAL PB 94 -102.54 -6.92 27.41
N GLU PB 100 -107.28 0.84 23.66
CA GLU PB 100 -107.95 -0.04 22.71
C GLU PB 100 -107.32 0.05 21.32
N VAL PB 101 -106.84 1.24 20.97
CA VAL PB 101 -106.19 1.46 19.69
C VAL PB 101 -104.86 0.71 19.62
N GLU PB 102 -104.10 0.77 20.71
CA GLU PB 102 -102.83 0.06 20.79
C GLU PB 102 -103.03 -1.45 20.77
N ARG PB 103 -104.16 -1.89 21.31
CA ARG PB 103 -104.51 -3.32 21.31
C ARG PB 103 -104.76 -3.81 19.89
N GLU PB 104 -105.44 -2.98 19.10
CA GLU PB 104 -105.69 -3.29 17.69
C GLU PB 104 -104.39 -3.27 16.89
N THR PB 105 -103.51 -2.34 17.24
CA THR PB 105 -102.21 -2.22 16.59
C THR PB 105 -101.34 -3.43 16.89
N ALA PB 106 -101.37 -3.89 18.14
CA ALA PB 106 -100.62 -5.06 18.55
C ALA PB 106 -101.12 -6.31 17.82
N GLU PB 107 -102.44 -6.41 17.67
CA GLU PB 107 -103.05 -7.53 16.97
C GLU PB 107 -102.67 -7.54 15.50
N GLU PB 108 -102.59 -6.35 14.90
CA GLU PB 108 -102.22 -6.22 13.50
C GLU PB 108 -100.77 -6.62 13.25
N GLU PB 109 -99.87 -6.13 14.10
CA GLU PB 109 -98.45 -6.44 13.99
C GLU PB 109 -98.19 -7.93 14.22
N ALA PB 110 -98.89 -8.50 15.20
CA ALA PB 110 -98.75 -9.92 15.51
C ALA PB 110 -99.25 -10.78 14.36
N LYS PB 111 -100.35 -10.36 13.74
CA LYS PB 111 -100.93 -11.09 12.62
C LYS PB 111 -99.99 -11.12 11.43
N LEU PB 112 -99.43 -9.96 11.08
CA LEU PB 112 -98.50 -9.86 9.96
C LEU PB 112 -97.23 -10.65 10.20
N ALA PB 113 -96.75 -10.63 11.44
CA ALA PB 113 -95.54 -11.35 11.82
C ALA PB 113 -95.74 -12.87 11.73
N LEU PB 114 -96.91 -13.32 12.15
CA LEU PB 114 -97.23 -14.75 12.14
C LEU PB 114 -97.34 -15.31 10.73
N ARG PB 115 -97.83 -14.48 9.80
CA ARG PB 115 -97.98 -14.89 8.41
C ARG PB 115 -96.64 -15.22 7.77
N VAL PB 116 -95.63 -14.41 8.08
CA VAL PB 116 -94.29 -14.62 7.53
C VAL PB 116 -93.58 -15.78 8.23
N ALA PB 117 -93.73 -15.84 9.55
CA ALA PB 117 -93.04 -16.84 10.36
C ALA PB 117 -93.57 -18.25 10.12
N LEU PB 118 -94.89 -18.38 10.01
CA LEU PB 118 -95.51 -19.69 9.87
C LEU PB 118 -95.75 -20.07 8.41
N GLN PB 119 -95.36 -19.19 7.50
CA GLN PB 119 -95.54 -19.41 6.06
C GLN PB 119 -96.99 -19.72 5.71
N VAL PB 120 -97.89 -18.81 6.06
CA VAL PB 120 -99.31 -19.01 5.84
C VAL PB 120 -99.65 -19.02 4.35
N ASP PB 121 -100.47 -19.98 3.94
CA ASP PB 121 -100.95 -20.12 2.57
C ASP PB 121 -99.82 -20.41 1.58
N ILE PB 122 -98.67 -20.84 2.10
CA ILE PB 122 -97.54 -21.21 1.27
C ILE PB 122 -97.00 -22.57 1.68
N ALA PB 123 -96.29 -23.22 0.76
CA ALA PB 123 -95.72 -24.54 1.02
C ALA PB 123 -94.55 -24.43 2.01
N ASP PB 124 -94.68 -25.12 3.14
CA ASP PB 124 -93.64 -25.12 4.16
C ASP PB 124 -92.47 -26.01 3.75
N GLU PB 125 -91.48 -26.11 4.64
CA GLU PB 125 -90.32 -26.95 4.40
C GLU PB 125 -90.70 -28.42 4.37
N HIS PB 126 -91.82 -28.76 5.01
CA HIS PB 126 -92.32 -30.12 5.02
C HIS PB 126 -93.43 -30.29 3.99
N SER PB 127 -93.41 -29.44 2.96
CA SER PB 127 -94.43 -29.43 1.92
C SER PB 127 -95.83 -29.28 2.53
N CYS PB 128 -95.98 -28.30 3.41
CA CYS PB 128 -97.23 -28.09 4.12
C CYS PB 128 -97.80 -26.69 3.93
N VAL PB 129 -99.12 -26.61 3.78
CA VAL PB 129 -99.81 -25.33 3.73
C VAL PB 129 -100.32 -24.97 5.11
N THR PB 130 -99.73 -23.94 5.72
CA THR PB 130 -100.03 -23.59 7.10
C THR PB 130 -101.03 -22.45 7.23
N GLN PB 131 -101.74 -22.44 8.36
CA GLN PB 131 -102.67 -21.37 8.69
C GLN PB 131 -102.70 -21.18 10.20
N PHE PB 132 -103.19 -20.03 10.67
CA PHE PB 132 -103.17 -19.75 12.10
C PHE PB 132 -104.46 -19.09 12.59
N GLU PB 133 -104.78 -19.33 13.86
CA GLU PB 133 -105.90 -18.68 14.53
C GLU PB 133 -105.44 -18.12 15.87
N MET PB 134 -105.82 -16.88 16.17
CA MET PB 134 -105.34 -16.24 17.39
C MET PB 134 -106.47 -15.67 18.24
N LYS PB 135 -106.28 -15.72 19.56
CA LYS PB 135 -107.25 -15.18 20.51
C LYS PB 135 -106.62 -14.06 21.33
N LEU PB 136 -107.43 -13.08 21.72
CA LEU PB 136 -106.95 -11.94 22.48
C LEU PB 136 -107.29 -12.05 23.96
N ARG PB 137 -106.28 -11.91 24.81
CA ARG PB 137 -106.47 -11.98 26.26
C ARG PB 137 -105.83 -10.76 26.94
N GLU PB 138 -106.44 -10.30 28.02
CA GLU PB 138 -105.95 -9.12 28.74
C GLU PB 138 -105.73 -9.40 30.21
N GLU PB 139 -104.49 -9.23 30.65
CA GLU PB 139 -104.13 -9.44 32.05
C GLU PB 139 -102.95 -8.56 32.47
N LEU PB 140 -102.83 -8.32 33.77
CA LEU PB 140 -101.74 -7.50 34.29
C LEU PB 140 -100.40 -8.20 34.15
N LEU PB 141 -99.47 -7.57 33.45
CA LEU PB 141 -98.14 -8.13 33.23
C LEU PB 141 -97.32 -8.17 34.52
N SER PB 142 -97.61 -7.24 35.42
CA SER PB 142 -96.87 -7.15 36.68
C SER PB 142 -97.47 -8.05 37.76
N SER PB 143 -98.57 -8.72 37.43
CA SER PB 143 -99.24 -9.61 38.38
C SER PB 143 -98.41 -10.85 38.66
N ASP PB 144 -98.43 -11.29 39.90
CA ASP PB 144 -97.68 -12.49 40.31
C ASP PB 144 -98.29 -13.75 39.71
N SER PB 145 -99.62 -13.82 39.71
CA SER PB 145 -100.32 -14.98 39.17
C SER PB 145 -100.55 -14.85 37.67
N PHE PB 146 -99.47 -14.71 36.92
CA PHE PB 146 -99.56 -14.59 35.46
C PHE PB 146 -98.33 -15.18 34.78
N HIS PB 147 -98.56 -15.92 33.70
CA HIS PB 147 -97.46 -16.45 32.90
C HIS PB 147 -97.93 -16.70 31.46
N PRO PB 148 -97.04 -16.42 30.49
CA PRO PB 148 -97.28 -16.66 29.06
C PRO PB 148 -97.85 -18.05 28.76
N ASP PB 149 -97.43 -19.06 29.51
CA ASP PB 149 -97.89 -20.42 29.30
C ASP PB 149 -98.57 -20.99 30.54
N LYS PB 150 -99.60 -20.31 31.03
CA LYS PB 150 -100.33 -20.76 32.20
C LYS PB 150 -101.06 -22.08 31.93
N ASP PB 151 -101.45 -22.76 33.00
CA ASP PB 151 -102.12 -24.05 32.90
C ASP PB 151 -103.48 -23.93 32.21
N GLU PB 152 -104.29 -23.01 32.69
CA GLU PB 152 -105.66 -22.84 32.20
C GLU PB 152 -105.73 -22.47 30.72
N TYR PB 153 -104.61 -21.98 30.19
CA TYR PB 153 -104.55 -21.56 28.79
C TYR PB 153 -104.61 -22.75 27.84
N TYR PB 154 -104.25 -23.93 28.32
CA TYR PB 154 -104.19 -25.12 27.47
C TYR PB 154 -105.40 -26.02 27.70
N LYS PB 155 -106.40 -25.50 28.39
CA LYS PB 155 -107.60 -26.28 28.74
C LYS PB 155 -108.40 -26.71 27.52
N ASP PB 156 -108.31 -25.93 26.44
CA ASP PB 156 -109.08 -26.20 25.23
C ASP PB 156 -108.56 -27.41 24.46
N PHE PB 157 -107.28 -27.71 24.60
CA PHE PB 157 -106.64 -28.75 23.80
C PHE PB 157 -106.27 -29.99 24.62
N LEU PB 158 -106.53 -29.94 25.93
CA LEU PB 158 -106.25 -31.08 26.79
C LEU PB 158 -107.49 -31.50 27.57
N SER QB 3 -85.90 -43.39 18.59
CA SER QB 3 -86.64 -44.40 17.85
C SER QB 3 -87.93 -44.79 18.58
N VAL QB 4 -87.84 -44.90 19.91
CA VAL QB 4 -88.99 -45.25 20.73
C VAL QB 4 -89.28 -44.15 21.75
N ASN QB 5 -90.54 -43.77 21.88
CA ASN QB 5 -90.93 -42.72 22.81
C ASN QB 5 -91.95 -43.21 23.83
N THR QB 6 -91.46 -43.67 24.98
CA THR QB 6 -92.34 -44.10 26.05
C THR QB 6 -92.74 -42.94 26.94
N SER QB 7 -93.84 -43.10 27.67
CA SER QB 7 -94.34 -42.06 28.55
C SER QB 7 -95.35 -42.64 29.55
N PHE QB 8 -95.32 -42.11 30.76
CA PHE QB 8 -96.20 -42.61 31.82
C PHE QB 8 -97.40 -41.71 32.05
N LEU QB 9 -98.57 -42.16 31.61
CA LEU QB 9 -99.82 -41.47 31.90
C LEU QB 9 -100.23 -41.78 33.33
N SER QB 10 -99.88 -42.98 33.76
CA SER QB 10 -100.18 -43.47 35.10
C SER QB 10 -99.11 -44.50 35.47
N PRO QB 11 -99.01 -44.85 36.77
CA PRO QB 11 -98.06 -45.89 37.15
C PRO QB 11 -98.29 -47.22 36.43
N SER QB 12 -99.55 -47.57 36.18
CA SER QB 12 -99.87 -48.81 35.49
C SER QB 12 -100.29 -48.58 34.05
N LEU QB 13 -100.08 -47.36 33.55
CA LEU QB 13 -100.47 -47.02 32.18
C LEU QB 13 -99.32 -46.37 31.42
N VAL QB 14 -98.85 -47.04 30.38
CA VAL QB 14 -97.71 -46.55 29.59
C VAL QB 14 -98.03 -46.59 28.09
N THR QB 15 -97.75 -45.49 27.40
CA THR QB 15 -97.92 -45.43 25.96
C THR QB 15 -96.57 -45.51 25.26
N ILE QB 16 -96.43 -46.49 24.36
CA ILE QB 16 -95.17 -46.72 23.66
C ILE QB 16 -95.32 -46.50 22.16
N ARG QB 17 -94.57 -45.54 21.63
CA ARG QB 17 -94.59 -45.25 20.20
C ARG QB 17 -93.28 -45.67 19.54
N ASP QB 18 -93.40 -46.50 18.50
CA ASP QB 18 -92.23 -46.94 17.74
C ASP QB 18 -92.24 -46.28 16.36
N PHE QB 19 -91.37 -45.30 16.18
CA PHE QB 19 -91.33 -44.54 14.93
C PHE QB 19 -90.77 -45.36 13.78
N ASP QB 20 -89.74 -46.15 14.04
CA ASP QB 20 -89.09 -46.94 13.00
C ASP QB 20 -90.01 -48.03 12.45
N ASN QB 21 -90.70 -48.73 13.35
CA ASN QB 21 -91.60 -49.80 12.95
C ASN QB 21 -93.00 -49.28 12.66
N GLY QB 22 -93.24 -48.02 12.97
CA GLY QB 22 -94.54 -47.40 12.76
C GLY QB 22 -95.63 -48.08 13.57
N GLN QB 23 -95.37 -48.27 14.85
CA GLN QB 23 -96.30 -48.96 15.73
C GLN QB 23 -96.61 -48.15 16.99
N PHE QB 24 -97.76 -48.41 17.59
CA PHE QB 24 -98.13 -47.80 18.85
C PHE QB 24 -98.79 -48.85 19.73
N ALA QB 25 -98.24 -49.06 20.92
CA ALA QB 25 -98.78 -50.05 21.85
C ALA QB 25 -99.02 -49.43 23.22
N VAL QB 26 -100.13 -49.79 23.84
CA VAL QB 26 -100.46 -49.33 25.17
C VAL QB 26 -100.09 -50.39 26.21
N LEU QB 27 -99.20 -50.04 27.12
CA LEU QB 27 -98.78 -50.95 28.17
C LEU QB 27 -99.58 -50.70 29.45
N ARG QB 28 -100.37 -51.69 29.84
CA ARG QB 28 -101.24 -51.54 31.01
C ARG QB 28 -101.23 -52.77 31.90
N ILE QB 29 -101.05 -52.55 33.20
CA ILE QB 29 -101.16 -53.62 34.18
C ILE QB 29 -102.46 -53.43 34.96
N GLY QB 30 -103.56 -53.85 34.35
CA GLY QB 30 -104.89 -53.61 34.89
C GLY QB 30 -105.27 -54.45 36.10
N ARG QB 31 -104.97 -55.74 36.03
CA ARG QB 31 -105.38 -56.70 37.05
C ARG QB 31 -104.90 -56.31 38.45
N THR QB 32 -103.67 -55.82 38.55
CA THR QB 32 -103.07 -55.51 39.85
C THR QB 32 -102.87 -54.01 40.06
N GLY QB 33 -102.51 -53.31 39.00
CA GLY QB 33 -102.24 -51.89 39.08
C GLY QB 33 -100.82 -51.60 39.52
N PHE QB 34 -99.95 -52.59 39.38
CA PHE QB 34 -98.54 -52.43 39.71
C PHE QB 34 -97.85 -51.49 38.72
N PRO QB 35 -96.76 -50.83 39.16
CA PRO QB 35 -96.01 -49.94 38.26
C PRO QB 35 -95.20 -50.72 37.23
N ALA QB 36 -95.26 -50.29 35.98
CA ALA QB 36 -94.54 -50.96 34.91
C ALA QB 36 -93.03 -50.76 35.06
N ASP QB 37 -92.31 -51.86 35.25
CA ASP QB 37 -90.86 -51.80 35.41
C ASP QB 37 -90.17 -51.88 34.06
N LYS QB 38 -88.84 -51.85 34.07
CA LYS QB 38 -88.05 -51.92 32.85
C LYS QB 38 -88.27 -53.25 32.12
N GLY QB 39 -88.45 -54.32 32.90
CA GLY QB 39 -88.71 -55.63 32.34
C GLY QB 39 -90.05 -55.71 31.63
N ASP QB 40 -91.05 -55.06 32.20
CA ASP QB 40 -92.39 -55.05 31.64
C ASP QB 40 -92.42 -54.33 30.28
N ILE QB 41 -91.73 -53.20 30.21
CA ILE QB 41 -91.66 -52.43 28.97
C ILE QB 41 -90.89 -53.19 27.89
N ASP QB 42 -89.76 -53.78 28.29
CA ASP QB 42 -88.95 -54.57 27.37
C ASP QB 42 -89.71 -55.78 26.83
N LEU QB 43 -90.57 -56.34 27.67
CA LEU QB 43 -91.42 -57.46 27.27
C LEU QB 43 -92.44 -57.00 26.23
N CYS QB 44 -92.98 -55.81 26.44
CA CYS QB 44 -93.97 -55.24 25.52
C CYS QB 44 -93.35 -55.01 24.15
N LEU QB 45 -92.12 -54.50 24.13
CA LEU QB 45 -91.40 -54.27 22.89
C LEU QB 45 -91.18 -55.58 22.12
N ASP QB 46 -90.88 -56.63 22.87
CA ASP QB 46 -90.67 -57.95 22.28
C ASP QB 46 -91.95 -58.50 21.65
N LYS QB 47 -93.10 -58.06 22.15
CA LYS QB 47 -94.39 -58.48 21.62
C LYS QB 47 -94.75 -57.71 20.36
N MET QB 48 -94.34 -56.45 20.30
CA MET QB 48 -94.61 -55.60 19.14
C MET QB 48 -93.93 -56.13 17.88
N ILE QB 49 -92.65 -56.47 18.01
CA ILE QB 49 -91.88 -56.98 16.88
C ILE QB 49 -92.38 -58.36 16.45
N GLY QB 50 -93.01 -59.09 17.38
CA GLY QB 50 -93.56 -60.38 17.08
C GLY QB 50 -94.77 -60.28 16.15
N VAL QB 51 -95.66 -59.35 16.45
CA VAL QB 51 -96.83 -59.11 15.62
C VAL QB 51 -96.40 -58.43 14.32
N ARG QB 52 -95.35 -57.62 14.41
CA ARG QB 52 -94.73 -57.04 13.23
C ARG QB 52 -94.29 -58.14 12.27
N ALA QB 53 -93.76 -59.21 12.84
CA ALA QB 53 -93.36 -60.38 12.06
C ALA QB 53 -94.59 -61.11 11.52
N ALA QB 54 -95.69 -61.07 12.27
CA ALA QB 54 -96.94 -61.68 11.82
C ALA QB 54 -97.51 -60.93 10.63
N GLN QB 55 -97.35 -59.61 10.63
CA GLN QB 55 -97.86 -58.77 9.55
C GLN QB 55 -97.15 -59.05 8.23
N ILE QB 56 -95.82 -59.05 8.25
CA ILE QB 56 -95.02 -59.29 7.05
C ILE QB 56 -95.17 -60.75 6.60
N PHE QB 57 -95.46 -61.63 7.54
CA PHE QB 57 -95.74 -63.03 7.22
C PHE QB 57 -97.00 -63.15 6.37
N LEU QB 58 -98.04 -62.43 6.76
CA LEU QB 58 -99.30 -62.45 6.03
C LEU QB 58 -99.18 -61.69 4.70
N GLY QB 59 -98.10 -60.92 4.56
CA GLY QB 59 -97.87 -60.15 3.35
C GLY QB 59 -97.28 -58.79 3.64
N ASP QB 60 -96.32 -58.37 2.83
CA ASP QB 60 -95.68 -57.07 3.01
C ASP QB 60 -96.63 -55.95 2.60
N ASP QB 61 -97.18 -55.27 3.60
CA ASP QB 61 -98.14 -54.20 3.35
C ASP QB 61 -97.48 -52.82 3.46
N THR QB 62 -96.16 -52.82 3.53
CA THR QB 62 -95.40 -51.57 3.52
C THR QB 62 -95.34 -51.00 2.11
N GLU QB 63 -95.52 -51.87 1.12
CA GLU QB 63 -95.51 -51.46 -0.27
C GLU QB 63 -96.81 -50.75 -0.65
N ASP QB 64 -96.85 -50.18 -1.85
CA ASP QB 64 -98.02 -49.49 -2.34
C ASP QB 64 -99.12 -50.47 -2.74
N GLY QB 65 -100.37 -50.09 -2.47
CA GLY QB 65 -101.51 -50.92 -2.80
C GLY QB 65 -101.64 -52.11 -1.87
N PHE QB 66 -101.51 -51.86 -0.57
CA PHE QB 66 -101.61 -52.89 0.45
C PHE QB 66 -103.00 -53.53 0.46
N LYS QB 67 -103.13 -54.66 -0.22
CA LYS QB 67 -104.41 -55.37 -0.28
C LYS QB 67 -104.79 -55.96 1.07
N GLY QB 68 -103.81 -56.10 1.95
CA GLY QB 68 -104.05 -56.61 3.30
C GLY QB 68 -103.78 -58.09 3.44
N PRO QB 69 -104.22 -58.68 4.56
CA PRO QB 69 -104.92 -57.97 5.64
C PRO QB 69 -103.96 -57.29 6.62
N HIS QB 70 -104.44 -56.27 7.32
CA HIS QB 70 -103.64 -55.56 8.30
C HIS QB 70 -103.83 -56.13 9.70
N ILE QB 71 -102.73 -56.39 10.39
CA ILE QB 71 -102.77 -56.91 11.75
C ILE QB 71 -101.82 -56.13 12.66
N ARG QB 72 -102.39 -55.37 13.59
CA ARG QB 72 -101.61 -54.47 14.43
C ARG QB 72 -101.94 -54.63 15.92
N ILE QB 73 -100.94 -54.40 16.76
CA ILE QB 73 -101.12 -54.43 18.21
C ILE QB 73 -101.85 -53.19 18.70
N ARG QB 74 -102.82 -53.38 19.58
CA ARG QB 74 -103.55 -52.26 20.17
C ARG QB 74 -103.10 -52.01 21.61
N CYS QB 75 -102.93 -53.08 22.37
CA CYS QB 75 -102.58 -52.96 23.80
C CYS QB 75 -102.05 -54.27 24.37
N VAL QB 76 -101.34 -54.18 25.48
CA VAL QB 76 -100.82 -55.36 26.18
C VAL QB 76 -101.15 -55.31 27.66
N ASP QB 77 -101.97 -56.26 28.12
CA ASP QB 77 -102.40 -56.30 29.51
C ASP QB 77 -101.63 -57.36 30.28
N ILE QB 78 -101.00 -56.95 31.37
CA ILE QB 78 -100.16 -57.85 32.16
C ILE QB 78 -100.80 -58.26 33.48
N ASP QB 79 -100.92 -59.57 33.70
CA ASP QB 79 -101.37 -60.10 34.98
C ASP QB 79 -100.16 -60.33 35.88
N ASP QB 80 -100.14 -59.68 37.03
CA ASP QB 80 -98.96 -59.67 37.89
C ASP QB 80 -99.26 -60.14 39.31
N LYS QB 81 -100.45 -60.69 39.51
CA LYS QB 81 -100.89 -61.10 40.85
C LYS QB 81 -100.01 -62.21 41.44
N HIS QB 82 -100.06 -63.39 40.83
CA HIS QB 82 -99.35 -64.54 41.35
C HIS QB 82 -98.29 -65.03 40.37
N THR QB 83 -98.71 -65.25 39.12
CA THR QB 83 -97.79 -65.68 38.08
C THR QB 83 -97.72 -64.65 36.96
N TYR QB 84 -96.54 -64.51 36.37
CA TYR QB 84 -96.32 -63.51 35.32
C TYR QB 84 -97.07 -63.90 34.05
N ASN QB 85 -98.10 -63.12 33.72
CA ASN QB 85 -98.92 -63.39 32.54
C ASN QB 85 -99.20 -62.12 31.74
N ALA QB 86 -99.31 -62.26 30.42
CA ALA QB 86 -99.57 -61.12 29.55
C ALA QB 86 -100.67 -61.41 28.53
N MET QB 87 -101.63 -60.50 28.44
CA MET QB 87 -102.70 -60.60 27.45
C MET QB 87 -102.57 -59.52 26.38
N VAL QB 88 -102.31 -59.94 25.15
CA VAL QB 88 -102.10 -59.00 24.05
C VAL QB 88 -103.40 -58.73 23.27
N TYR QB 89 -103.63 -57.46 22.94
CA TYR QB 89 -104.81 -57.08 22.17
C TYR QB 89 -104.41 -56.70 20.74
N VAL QB 90 -104.96 -57.42 19.78
CA VAL QB 90 -104.56 -57.27 18.38
C VAL QB 90 -105.80 -57.03 17.49
N ASP QB 91 -105.68 -56.10 16.55
CA ASP QB 91 -106.76 -55.85 15.60
C ASP QB 91 -106.41 -56.33 14.20
N LEU QB 92 -107.28 -57.16 13.63
CA LEU QB 92 -107.09 -57.65 12.27
C LEU QB 92 -108.03 -56.93 11.31
N ILE QB 93 -107.46 -56.18 10.37
CA ILE QB 93 -108.25 -55.43 9.41
C ILE QB 93 -108.17 -56.04 8.02
N VAL QB 94 -109.33 -56.24 7.39
CA VAL QB 94 -109.39 -56.83 6.06
C VAL QB 94 -110.48 -56.18 5.22
N GLU QB 100 -116.11 -63.56 2.18
CA GLU QB 100 -116.28 -64.01 3.56
C GLU QB 100 -115.40 -65.21 3.87
N VAL QB 101 -115.21 -66.07 2.86
CA VAL QB 101 -114.37 -67.25 3.00
C VAL QB 101 -112.90 -66.86 3.18
N GLU QB 102 -112.46 -65.88 2.41
CA GLU QB 102 -111.09 -65.38 2.51
C GLU QB 102 -110.86 -64.69 3.85
N ARG QB 103 -111.92 -64.09 4.38
CA ARG QB 103 -111.86 -63.43 5.68
C ARG QB 103 -111.61 -64.45 6.80
N GLU QB 104 -112.28 -65.59 6.71
CA GLU QB 104 -112.09 -66.68 7.66
C GLU QB 104 -110.69 -67.27 7.53
N THR QB 105 -110.22 -67.37 6.29
CA THR QB 105 -108.89 -67.88 6.02
C THR QB 105 -107.81 -66.95 6.57
N ALA QB 106 -108.03 -65.65 6.40
CA ALA QB 106 -107.10 -64.65 6.92
C ALA QB 106 -107.07 -64.68 8.44
N GLU QB 107 -108.23 -64.84 9.05
CA GLU QB 107 -108.34 -64.92 10.50
C GLU QB 107 -107.65 -66.17 11.04
N GLU QB 108 -107.78 -67.28 10.32
CA GLU QB 108 -107.16 -68.54 10.72
C GLU QB 108 -105.64 -68.47 10.64
N GLU QB 109 -105.13 -67.96 9.52
CA GLU QB 109 -103.69 -67.84 9.32
C GLU QB 109 -103.06 -66.88 10.31
N ALA QB 110 -103.74 -65.77 10.58
CA ALA QB 110 -103.26 -64.77 11.53
C ALA QB 110 -103.23 -65.34 12.93
N LYS QB 111 -104.23 -66.13 13.28
CA LYS QB 111 -104.32 -66.75 14.60
C LYS QB 111 -103.15 -67.70 14.83
N LEU QB 112 -102.90 -68.55 13.84
CA LEU QB 112 -101.80 -69.51 13.93
C LEU QB 112 -100.46 -68.80 14.00
N ALA QB 113 -100.32 -67.72 13.23
CA ALA QB 113 -99.09 -66.94 13.20
C ALA QB 113 -98.84 -66.23 14.53
N LEU QB 114 -99.90 -65.73 15.14
CA LEU QB 114 -99.79 -65.01 16.42
C LEU QB 114 -99.40 -65.94 17.56
N ARG QB 115 -99.87 -67.17 17.50
CA ARG QB 115 -99.55 -68.17 18.54
C ARG QB 115 -98.05 -68.44 18.57
N VAL QB 116 -97.44 -68.52 17.39
CA VAL QB 116 -96.01 -68.78 17.28
C VAL QB 116 -95.18 -67.54 17.63
N ALA QB 117 -95.63 -66.39 17.16
CA ALA QB 117 -94.89 -65.14 17.33
C ALA QB 117 -94.88 -64.68 18.79
N LEU QB 118 -96.04 -64.78 19.46
CA LEU QB 118 -96.17 -64.29 20.81
C LEU QB 118 -95.93 -65.38 21.86
N GLN QB 119 -95.62 -66.58 21.39
CA GLN QB 119 -95.37 -67.73 22.25
C GLN QB 119 -96.53 -67.98 23.22
N VAL QB 120 -97.71 -68.15 22.67
CA VAL QB 120 -98.93 -68.36 23.46
C VAL QB 120 -98.88 -69.67 24.23
N ASP QB 121 -99.25 -69.62 25.50
CA ASP QB 121 -99.33 -70.78 26.38
C ASP QB 121 -97.96 -71.41 26.61
N ILE QB 122 -96.91 -70.65 26.30
CA ILE QB 122 -95.54 -71.11 26.54
C ILE QB 122 -94.74 -70.05 27.28
N ALA QB 123 -93.67 -70.47 27.94
CA ALA QB 123 -92.83 -69.56 28.70
C ALA QB 123 -92.03 -68.65 27.77
N ASP QB 124 -92.23 -67.34 27.92
CA ASP QB 124 -91.52 -66.36 27.09
C ASP QB 124 -90.09 -66.18 27.58
N GLU QB 125 -89.35 -65.28 26.94
CA GLU QB 125 -87.97 -65.01 27.32
C GLU QB 125 -87.90 -64.35 28.71
N HIS QB 126 -89.00 -63.70 29.10
CA HIS QB 126 -89.08 -63.07 30.41
C HIS QB 126 -89.84 -63.94 31.40
N SER QB 127 -89.83 -65.25 31.15
CA SER QB 127 -90.56 -66.22 31.96
C SER QB 127 -92.04 -65.87 32.08
N CYS QB 128 -92.67 -65.60 30.95
CA CYS QB 128 -94.06 -65.17 30.93
C CYS QB 128 -94.94 -66.06 30.07
N VAL QB 129 -96.16 -66.32 30.56
CA VAL QB 129 -97.15 -67.07 29.79
C VAL QB 129 -98.07 -66.10 29.05
N THR QB 130 -97.96 -66.07 27.73
CA THR QB 130 -98.68 -65.07 26.94
C THR QB 130 -99.96 -65.62 26.32
N GLN QB 131 -100.91 -64.72 26.08
CA GLN QB 131 -102.15 -65.06 25.38
C GLN QB 131 -102.63 -63.82 24.62
N PHE QB 132 -103.50 -64.02 23.64
CA PHE QB 132 -103.95 -62.90 22.81
C PHE QB 132 -105.44 -62.97 22.49
N GLU QB 133 -106.05 -61.80 22.30
CA GLU QB 133 -107.43 -61.69 21.87
C GLU QB 133 -107.52 -60.73 20.68
N MET QB 134 -108.24 -61.12 19.64
CA MET QB 134 -108.30 -60.31 18.43
C MET QB 134 -109.72 -60.00 17.97
N LYS QB 135 -109.89 -58.81 17.39
CA LYS QB 135 -111.18 -58.38 16.85
C LYS QB 135 -111.08 -58.15 15.35
N LEU QB 136 -112.16 -58.39 14.63
CA LEU QB 136 -112.17 -58.25 13.18
C LEU QB 136 -112.84 -56.96 12.74
N ARG QB 137 -112.14 -56.19 11.91
CA ARG QB 137 -112.67 -54.93 11.38
C ARG QB 137 -112.53 -54.89 9.86
N GLU QB 138 -113.48 -54.24 9.19
CA GLU QB 138 -113.47 -54.18 7.74
C GLU QB 138 -113.55 -52.74 7.24
N GLU QB 139 -112.55 -52.33 6.47
CA GLU QB 139 -112.50 -50.98 5.91
C GLU QB 139 -111.75 -50.95 4.59
N LEU QB 140 -112.04 -49.95 3.76
CA LEU QB 140 -111.38 -49.80 2.47
C LEU QB 140 -109.91 -49.42 2.64
N LEU QB 141 -109.02 -50.26 2.10
CA LEU QB 141 -107.59 -50.00 2.17
C LEU QB 141 -107.18 -48.81 1.31
N SER QB 142 -107.94 -48.56 0.24
CA SER QB 142 -107.63 -47.47 -0.67
C SER QB 142 -108.27 -46.16 -0.22
N SER QB 143 -109.03 -46.22 0.87
CA SER QB 143 -109.69 -45.03 1.40
C SER QB 143 -108.68 -44.06 2.00
N ASP QB 144 -108.94 -42.76 1.80
CA ASP QB 144 -108.06 -41.73 2.34
C ASP QB 144 -108.12 -41.68 3.86
N SER QB 145 -109.32 -41.81 4.40
CA SER QB 145 -109.52 -41.77 5.84
C SER QB 145 -109.36 -43.15 6.48
N PHE QB 146 -108.18 -43.74 6.30
CA PHE QB 146 -107.89 -45.05 6.88
C PHE QB 146 -106.41 -45.20 7.23
N HIS QB 147 -106.15 -45.78 8.40
CA HIS QB 147 -104.79 -46.07 8.83
C HIS QB 147 -104.79 -47.22 9.84
N PRO QB 148 -103.80 -48.12 9.74
CA PRO QB 148 -103.60 -49.24 10.65
C PRO QB 148 -103.72 -48.88 12.14
N ASP QB 149 -103.24 -47.70 12.52
CA ASP QB 149 -103.27 -47.27 13.91
C ASP QB 149 -104.07 -45.99 14.11
N LYS QB 150 -105.34 -46.01 13.70
CA LYS QB 150 -106.20 -44.84 13.83
C LYS QB 150 -106.45 -44.49 15.29
N ASP QB 151 -106.92 -43.27 15.52
CA ASP QB 151 -107.18 -42.77 16.88
C ASP QB 151 -108.28 -43.56 17.58
N GLU QB 152 -109.40 -43.73 16.90
CA GLU QB 152 -110.58 -44.38 17.48
C GLU QB 152 -110.32 -45.84 17.85
N TYR QB 153 -109.27 -46.42 17.28
CA TYR QB 153 -108.95 -47.82 17.52
C TYR QB 153 -108.43 -48.05 18.94
N TYR QB 154 -107.92 -47.01 19.56
CA TYR QB 154 -107.33 -47.12 20.89
C TYR QB 154 -108.27 -46.59 21.97
N LYS QB 155 -109.52 -46.37 21.60
CA LYS QB 155 -110.52 -45.79 22.51
C LYS QB 155 -110.82 -46.69 23.70
N ASP QB 156 -110.67 -48.00 23.50
CA ASP QB 156 -110.98 -48.98 24.54
C ASP QB 156 -109.95 -48.99 25.67
N PHE QB 157 -108.73 -48.59 25.35
CA PHE QB 157 -107.63 -48.68 26.30
C PHE QB 157 -107.16 -47.31 26.79
N LEU QB 158 -107.78 -46.26 26.26
CA LEU QB 158 -107.46 -44.90 26.67
C LEU QB 158 -108.70 -44.15 27.14
N SER RB 3 -39.49 -64.00 39.42
CA SER RB 3 -39.52 -63.88 40.88
C SER RB 3 -39.69 -65.26 41.54
N VAL RB 4 -40.53 -66.10 40.94
CA VAL RB 4 -40.75 -67.45 41.45
C VAL RB 4 -40.40 -68.49 40.41
N ASN RB 5 -39.67 -69.51 40.81
CA ASN RB 5 -39.24 -70.56 39.89
C ASN RB 5 -39.71 -71.94 40.34
N THR RB 6 -40.87 -72.36 39.82
CA THR RB 6 -41.40 -73.68 40.13
C THR RB 6 -40.88 -74.72 39.15
N SER RB 7 -40.94 -75.99 39.55
CA SER RB 7 -40.46 -77.08 38.72
C SER RB 7 -41.01 -78.43 39.19
N PHE RB 8 -41.31 -79.30 38.24
CA PHE RB 8 -41.89 -80.61 38.55
C PHE RB 8 -40.86 -81.73 38.48
N LEU RB 9 -40.46 -82.25 39.64
CA LEU RB 9 -39.60 -83.43 39.69
C LEU RB 9 -40.44 -84.66 39.40
N SER RB 10 -41.71 -84.59 39.81
CA SER RB 10 -42.67 -85.66 39.62
C SER RB 10 -44.06 -85.05 39.57
N PRO RB 11 -45.07 -85.80 39.11
CA PRO RB 11 -46.43 -85.26 39.12
C PRO RB 11 -46.90 -84.83 40.52
N SER RB 12 -46.48 -85.55 41.55
CA SER RB 12 -46.86 -85.21 42.91
C SER RB 12 -45.70 -84.57 43.67
N LEU RB 13 -44.65 -84.20 42.96
CA LEU RB 13 -43.48 -83.59 43.59
C LEU RB 13 -43.09 -82.30 42.89
N VAL RB 14 -43.18 -81.18 43.61
CA VAL RB 14 -42.89 -79.88 43.05
C VAL RB 14 -41.94 -79.08 43.93
N THR RB 15 -40.91 -78.50 43.33
CA THR RB 15 -39.99 -77.63 44.06
C THR RB 15 -40.24 -76.17 43.71
N ILE RB 16 -40.50 -75.36 44.74
CA ILE RB 16 -40.81 -73.95 44.55
C ILE RB 16 -39.76 -73.06 45.19
N ARG RB 17 -39.10 -72.24 44.38
CA ARG RB 17 -38.09 -71.32 44.87
C ARG RB 17 -38.58 -69.88 44.80
N ASP RB 18 -38.55 -69.18 45.94
CA ASP RB 18 -38.95 -67.79 45.99
C ASP RB 18 -37.73 -66.90 46.22
N PHE RB 19 -37.29 -66.23 45.16
CA PHE RB 19 -36.10 -65.40 45.22
C PHE RB 19 -36.30 -64.14 46.05
N ASP RB 20 -37.47 -63.51 45.91
CA ASP RB 20 -37.75 -62.26 46.61
C ASP RB 20 -37.84 -62.45 48.12
N ASN RB 21 -38.52 -63.52 48.55
CA ASN RB 21 -38.66 -63.81 49.97
C ASN RB 21 -37.53 -64.67 50.51
N GLY RB 22 -36.69 -65.17 49.60
CA GLY RB 22 -35.57 -66.02 49.98
C GLY RB 22 -35.97 -67.31 50.65
N GLN RB 23 -36.92 -68.01 50.03
CA GLN RB 23 -37.44 -69.26 50.60
C GLN RB 23 -37.40 -70.40 49.58
N PHE RB 24 -37.40 -71.62 50.10
CA PHE RB 24 -37.48 -72.82 49.26
C PHE RB 24 -38.41 -73.80 49.94
N ALA RB 25 -39.46 -74.20 49.22
CA ALA RB 25 -40.45 -75.13 49.76
C ALA RB 25 -40.69 -76.28 48.79
N VAL RB 26 -40.80 -77.49 49.34
CA VAL RB 26 -41.10 -78.66 48.53
C VAL RB 26 -42.58 -79.02 48.64
N LEU RB 27 -43.28 -78.99 47.52
CA LEU RB 27 -44.70 -79.34 47.48
C LEU RB 27 -44.87 -80.80 47.09
N ARG RB 28 -45.43 -81.60 48.00
CA ARG RB 28 -45.58 -83.03 47.75
C ARG RB 28 -46.95 -83.55 48.17
N ILE RB 29 -47.59 -84.29 47.26
CA ILE RB 29 -48.85 -84.96 47.57
C ILE RB 29 -48.61 -86.45 47.73
N GLY RB 30 -48.11 -86.84 48.89
CA GLY RB 30 -47.69 -88.21 49.14
C GLY RB 30 -48.82 -89.20 49.33
N ARG RB 31 -49.82 -88.81 50.12
CA ARG RB 31 -50.91 -89.69 50.49
C ARG RB 31 -51.65 -90.29 49.30
N THR RB 32 -51.87 -89.48 48.27
CA THR RB 32 -52.65 -89.93 47.11
C THR RB 32 -51.82 -90.08 45.86
N GLY RB 33 -50.86 -89.16 45.67
CA GLY RB 33 -50.03 -89.16 44.49
C GLY RB 33 -50.68 -88.44 43.32
N PHE RB 34 -51.67 -87.61 43.64
CA PHE RB 34 -52.35 -86.81 42.62
C PHE RB 34 -51.43 -85.74 42.07
N PRO RB 35 -51.66 -85.30 40.82
CA PRO RB 35 -50.84 -84.24 40.23
C PRO RB 35 -51.14 -82.88 40.86
N ALA RB 36 -50.10 -82.12 41.19
CA ALA RB 36 -50.27 -80.82 41.79
C ALA RB 36 -50.87 -79.84 40.78
N ASP RB 37 -52.05 -79.33 41.09
CA ASP RB 37 -52.72 -78.37 40.21
C ASP RB 37 -52.31 -76.94 40.56
N LYS RB 38 -52.87 -75.97 39.83
CA LYS RB 38 -52.58 -74.56 40.06
C LYS RB 38 -53.02 -74.15 41.47
N GLY RB 39 -54.12 -74.72 41.94
CA GLY RB 39 -54.63 -74.44 43.26
C GLY RB 39 -53.70 -74.93 44.36
N ASP RB 40 -53.10 -76.10 44.15
CA ASP RB 40 -52.18 -76.68 45.11
C ASP RB 40 -50.93 -75.80 45.27
N ILE RB 41 -50.41 -75.32 44.16
CA ILE RB 41 -49.23 -74.46 44.17
C ILE RB 41 -49.55 -73.12 44.82
N ASP RB 42 -50.69 -72.54 44.47
CA ASP RB 42 -51.12 -71.27 45.04
C ASP RB 42 -51.33 -71.38 46.54
N LEU RB 43 -51.80 -72.55 46.98
CA LEU RB 43 -51.96 -72.81 48.41
C LEU RB 43 -50.62 -72.86 49.11
N CYS RB 44 -49.65 -73.48 48.47
CA CYS RB 44 -48.31 -73.60 49.02
C CYS RB 44 -47.65 -72.23 49.20
N LEU RB 45 -47.82 -71.37 48.20
CA LEU RB 45 -47.29 -70.01 48.25
C LEU RB 45 -47.90 -69.23 49.41
N ASP RB 46 -49.20 -69.44 49.64
CA ASP RB 46 -49.91 -68.79 50.73
C ASP RB 46 -49.39 -69.25 52.09
N LYS RB 47 -48.86 -70.47 52.15
CA LYS RB 47 -48.31 -71.01 53.39
C LYS RB 47 -46.90 -70.49 53.64
N MET RB 48 -46.14 -70.28 52.56
CA MET RB 48 -44.78 -69.77 52.68
C MET RB 48 -44.75 -68.37 53.25
N ILE RB 49 -45.63 -67.51 52.73
CA ILE RB 49 -45.69 -66.12 53.18
C ILE RB 49 -46.24 -66.05 54.62
N GLY RB 50 -46.99 -67.08 55.01
CA GLY RB 50 -47.51 -67.17 56.37
C GLY RB 50 -46.40 -67.41 57.38
N VAL RB 51 -45.53 -68.36 57.07
CA VAL RB 51 -44.39 -68.66 57.93
C VAL RB 51 -43.37 -67.52 57.83
N ARG RB 52 -43.30 -66.91 56.66
CA ARG RB 52 -42.48 -65.71 56.47
C ARG RB 52 -42.92 -64.63 57.43
N ALA RB 53 -44.23 -64.52 57.63
CA ALA RB 53 -44.80 -63.59 58.59
C ALA RB 53 -44.48 -64.01 60.02
N ALA RB 54 -44.43 -65.32 60.24
CA ALA RB 54 -44.09 -65.85 61.56
C ALA RB 54 -42.63 -65.53 61.91
N GLN RB 55 -41.77 -65.56 60.89
CA GLN RB 55 -40.35 -65.30 61.08
C GLN RB 55 -40.10 -63.86 61.51
N ILE RB 56 -40.69 -62.91 60.77
CA ILE RB 56 -40.51 -61.50 61.05
C ILE RB 56 -41.23 -61.12 62.36
N PHE RB 57 -42.29 -61.86 62.68
CA PHE RB 57 -42.99 -61.67 63.95
C PHE RB 57 -42.07 -62.00 65.12
N LEU RB 58 -41.36 -63.13 65.01
CA LEU RB 58 -40.44 -63.56 66.05
C LEU RB 58 -39.20 -62.66 66.10
N GLY RB 59 -39.03 -61.85 65.06
CA GLY RB 59 -37.91 -60.93 64.98
C GLY RB 59 -37.36 -60.83 63.57
N ASP RB 60 -37.03 -59.62 63.16
CA ASP RB 60 -36.48 -59.40 61.82
C ASP RB 60 -35.03 -59.89 61.77
N ASP RB 61 -34.84 -61.04 61.13
CA ASP RB 61 -33.51 -61.65 61.06
C ASP RB 61 -32.86 -61.38 59.70
N THR RB 62 -33.48 -60.48 58.92
CA THR RB 62 -32.91 -60.05 57.66
C THR RB 62 -31.76 -59.08 57.90
N GLU RB 63 -31.77 -58.46 59.08
CA GLU RB 63 -30.72 -57.53 59.47
C GLU RB 63 -29.45 -58.28 59.87
N ASP RB 64 -28.37 -57.53 60.08
CA ASP RB 64 -27.10 -58.13 60.47
C ASP RB 64 -27.11 -58.55 61.94
N GLY RB 65 -26.45 -59.67 62.23
CA GLY RB 65 -26.38 -60.18 63.59
C GLY RB 65 -27.70 -60.80 64.04
N PHE RB 66 -28.29 -61.62 63.17
CA PHE RB 66 -29.55 -62.29 63.47
C PHE RB 66 -29.41 -63.24 64.66
N LYS RB 67 -29.80 -62.74 65.84
CA LYS RB 67 -29.72 -63.54 67.06
C LYS RB 67 -30.73 -64.68 67.05
N GLY RB 68 -31.73 -64.58 66.19
CA GLY RB 68 -32.74 -65.63 66.05
C GLY RB 68 -33.99 -65.36 66.84
N PRO RB 69 -34.86 -66.39 66.98
CA PRO RB 69 -34.65 -67.72 66.39
C PRO RB 69 -35.10 -67.78 64.93
N HIS RB 70 -34.54 -68.74 64.18
CA HIS RB 70 -34.90 -68.89 62.78
C HIS RB 70 -36.01 -69.92 62.58
N ILE RB 71 -37.03 -69.56 61.82
CA ILE RB 71 -38.13 -70.46 61.52
C ILE RB 71 -38.46 -70.45 60.03
N ARG RB 72 -38.20 -71.57 59.35
CA ARG RB 72 -38.34 -71.66 57.90
C ARG RB 72 -39.14 -72.88 57.48
N ILE RB 73 -39.87 -72.75 56.38
CA ILE RB 73 -40.63 -73.87 55.81
C ILE RB 73 -39.71 -74.86 55.11
N ARG RB 74 -39.95 -76.15 55.36
CA ARG RB 74 -39.20 -77.21 54.70
C ARG RB 74 -40.02 -77.88 53.61
N CYS RB 75 -41.30 -78.15 53.91
CA CYS RB 75 -42.16 -78.86 52.98
C CYS RB 75 -43.63 -78.72 53.30
N VAL RB 76 -44.48 -78.96 52.31
CA VAL RB 76 -45.93 -78.94 52.49
C VAL RB 76 -46.56 -80.20 51.91
N ASP RB 77 -47.14 -81.03 52.78
CA ASP RB 77 -47.75 -82.28 52.35
C ASP RB 77 -49.27 -82.15 52.30
N ILE RB 78 -49.86 -82.46 51.15
CA ILE RB 78 -51.29 -82.31 50.95
C ILE RB 78 -52.02 -83.66 50.93
N ASP RB 79 -53.00 -83.81 51.80
CA ASP RB 79 -53.89 -84.97 51.79
C ASP RB 79 -55.07 -84.67 50.88
N ASP RB 80 -55.25 -85.50 49.85
CA ASP RB 80 -56.23 -85.21 48.80
C ASP RB 80 -57.22 -86.35 48.60
N LYS RB 81 -57.21 -87.32 49.53
CA LYS RB 81 -58.03 -88.51 49.41
C LYS RB 81 -59.53 -88.20 49.43
N HIS RB 82 -60.01 -87.72 50.57
CA HIS RB 82 -61.43 -87.45 50.74
C HIS RB 82 -61.70 -85.97 50.99
N THR RB 83 -61.00 -85.40 51.96
CA THR RB 83 -61.13 -83.99 52.28
C THR RB 83 -59.81 -83.26 52.09
N TYR RB 84 -59.88 -82.01 51.63
CA TYR RB 84 -58.69 -81.22 51.36
C TYR RB 84 -57.95 -80.85 52.65
N ASN RB 85 -56.77 -81.43 52.84
CA ASN RB 85 -55.97 -81.17 54.04
C ASN RB 85 -54.51 -80.94 53.68
N ALA RB 86 -53.84 -80.09 54.47
CA ALA RB 86 -52.44 -79.78 54.21
C ALA RB 86 -51.61 -79.86 55.49
N MET RB 87 -50.48 -80.57 55.41
CA MET RB 87 -49.55 -80.68 56.52
C MET RB 87 -48.26 -79.95 56.21
N VAL RB 88 -47.98 -78.89 56.95
CA VAL RB 88 -46.80 -78.07 56.72
C VAL RB 88 -45.63 -78.53 57.58
N TYR RB 89 -44.45 -78.63 56.97
CA TYR RB 89 -43.25 -79.01 57.68
C TYR RB 89 -42.31 -77.83 57.86
N VAL RB 90 -42.04 -77.48 59.11
CA VAL RB 90 -41.26 -76.30 59.43
C VAL RB 90 -40.09 -76.64 60.36
N ASP RB 91 -38.92 -76.06 60.10
CA ASP RB 91 -37.77 -76.24 60.98
C ASP RB 91 -37.47 -74.98 61.76
N LEU RB 92 -37.39 -75.11 63.08
CA LEU RB 92 -37.07 -73.99 63.95
C LEU RB 92 -35.62 -74.08 64.45
N ILE RB 93 -34.81 -73.10 64.06
CA ILE RB 93 -33.40 -73.08 64.44
C ILE RB 93 -33.14 -71.99 65.49
N VAL RB 94 -32.46 -72.37 66.56
CA VAL RB 94 -32.16 -71.42 67.63
C VAL RB 94 -30.77 -71.67 68.22
N GLU RB 100 -31.82 -73.26 78.02
CA GLU RB 100 -32.82 -74.29 77.75
C GLU RB 100 -34.23 -73.76 77.95
N VAL RB 101 -34.39 -72.85 78.91
CA VAL RB 101 -35.68 -72.24 79.19
C VAL RB 101 -36.13 -71.34 78.04
N GLU RB 102 -35.18 -70.58 77.49
CA GLU RB 102 -35.45 -69.70 76.37
C GLU RB 102 -35.79 -70.51 75.12
N ARG RB 103 -35.21 -71.70 75.00
CA ARG RB 103 -35.49 -72.59 73.88
C ARG RB 103 -36.94 -73.07 73.91
N GLU RB 104 -37.42 -73.40 75.11
CA GLU RB 104 -38.81 -73.80 75.30
C GLU RB 104 -39.75 -72.62 75.05
N THR RB 105 -39.32 -71.45 75.48
CA THR RB 105 -40.09 -70.22 75.27
C THR RB 105 -40.17 -69.89 73.78
N ALA RB 106 -39.05 -70.05 73.09
CA ALA RB 106 -39.00 -69.79 71.65
C ALA RB 106 -39.89 -70.78 70.88
N GLU RB 107 -39.86 -72.04 71.33
CA GLU RB 107 -40.68 -73.07 70.73
C GLU RB 107 -42.17 -72.78 70.94
N GLU RB 108 -42.50 -72.28 72.13
CA GLU RB 108 -43.88 -71.94 72.46
C GLU RB 108 -44.38 -70.77 71.61
N GLU RB 109 -43.57 -69.72 71.53
CA GLU RB 109 -43.92 -68.54 70.75
C GLU RB 109 -44.04 -68.88 69.26
N ALA RB 110 -43.12 -69.70 68.76
CA ALA RB 110 -43.14 -70.11 67.36
C ALA RB 110 -44.39 -70.94 67.05
N LYS RB 111 -44.75 -71.80 67.98
CA LYS RB 111 -45.93 -72.66 67.83
C LYS RB 111 -47.20 -71.83 67.75
N LEU RB 112 -47.36 -70.88 68.67
CA LEU RB 112 -48.53 -70.02 68.72
C LEU RB 112 -48.63 -69.14 67.48
N ALA RB 113 -47.49 -68.64 67.01
CA ALA RB 113 -47.45 -67.79 65.83
C ALA RB 113 -47.85 -68.56 64.58
N LEU RB 114 -47.39 -69.80 64.49
CA LEU RB 114 -47.69 -70.65 63.34
C LEU RB 114 -49.17 -71.03 63.26
N ARG RB 115 -49.80 -71.18 64.43
CA ARG RB 115 -51.22 -71.53 64.49
C ARG RB 115 -52.08 -70.44 63.84
N VAL RB 116 -51.73 -69.19 64.11
CA VAL RB 116 -52.46 -68.06 63.55
C VAL RB 116 -52.11 -67.84 62.08
N ALA RB 117 -50.83 -67.96 61.75
CA ALA RB 117 -50.35 -67.69 60.40
C ALA RB 117 -50.82 -68.72 59.39
N LEU RB 118 -50.77 -70.00 59.77
CA LEU RB 118 -51.12 -71.08 58.86
C LEU RB 118 -52.57 -71.51 58.99
N GLN RB 119 -53.32 -70.84 59.87
CA GLN RB 119 -54.72 -71.15 60.12
C GLN RB 119 -54.93 -72.62 60.46
N VAL RB 120 -54.24 -73.07 61.51
CA VAL RB 120 -54.31 -74.47 61.93
C VAL RB 120 -55.70 -74.82 62.44
N ASP RB 121 -56.20 -75.97 61.99
CA ASP RB 121 -57.50 -76.50 62.41
C ASP RB 121 -58.65 -75.60 61.98
N ILE RB 122 -58.39 -74.70 61.04
CA ILE RB 122 -59.41 -73.83 60.49
C ILE RB 122 -59.41 -73.87 58.96
N ALA RB 123 -60.53 -73.49 58.36
CA ALA RB 123 -60.65 -73.48 56.91
C ALA RB 123 -59.81 -72.37 56.29
N ASP RB 124 -58.88 -72.75 55.43
CA ASP RB 124 -58.01 -71.78 54.77
C ASP RB 124 -58.75 -71.05 53.65
N GLU RB 125 -58.04 -70.17 52.95
CA GLU RB 125 -58.62 -69.44 51.83
C GLU RB 125 -58.98 -70.36 50.68
N HIS RB 126 -58.31 -71.51 50.63
CA HIS RB 126 -58.59 -72.51 49.60
C HIS RB 126 -59.48 -73.63 50.15
N SER RB 127 -60.25 -73.30 51.18
CA SER RB 127 -61.11 -74.24 51.88
C SER RB 127 -60.33 -75.47 52.35
N CYS RB 128 -59.22 -75.22 53.04
CA CYS RB 128 -58.34 -76.30 53.49
C CYS RB 128 -58.12 -76.27 55.00
N VAL RB 129 -58.08 -77.46 55.60
CA VAL RB 129 -57.76 -77.59 57.02
C VAL RB 129 -56.26 -77.88 57.18
N THR RB 130 -55.53 -76.93 57.73
CA THR RB 130 -54.08 -77.02 57.80
C THR RB 130 -53.58 -77.49 59.17
N GLN RB 131 -52.41 -78.12 59.17
CA GLN RB 131 -51.73 -78.55 60.40
C GLN RB 131 -50.23 -78.48 60.17
N PHE RB 132 -49.46 -78.45 61.25
CA PHE RB 132 -48.01 -78.30 61.13
C PHE RB 132 -47.23 -79.18 62.11
N GLU RB 133 -46.01 -79.53 61.69
CA GLU RB 133 -45.09 -80.26 62.55
C GLU RB 133 -43.73 -79.56 62.50
N MET RB 134 -43.12 -79.34 63.66
CA MET RB 134 -41.86 -78.60 63.70
C MET RB 134 -40.77 -79.35 64.45
N LYS RB 135 -39.53 -79.18 63.98
CA LYS RB 135 -38.37 -79.79 64.61
C LYS RB 135 -37.42 -78.71 65.13
N LEU RB 136 -36.72 -79.02 66.22
CA LEU RB 136 -35.82 -78.06 66.82
C LEU RB 136 -34.37 -78.37 66.47
N ARG RB 137 -33.66 -77.36 65.96
CA ARG RB 137 -32.26 -77.52 65.59
C ARG RB 137 -31.41 -76.42 66.24
N GLU RB 138 -30.19 -76.75 66.59
CA GLU RB 138 -29.30 -75.79 67.26
C GLU RB 138 -27.96 -75.67 66.54
N GLU RB 139 -27.64 -74.46 66.10
CA GLU RB 139 -26.38 -74.19 65.42
C GLU RB 139 -25.93 -72.76 65.63
N LEU RB 140 -24.63 -72.52 65.50
CA LEU RB 140 -24.06 -71.19 65.67
C LEU RB 140 -24.49 -70.25 64.54
N LEU RB 141 -25.13 -69.15 64.91
CA LEU RB 141 -25.57 -68.16 63.94
C LEU RB 141 -24.39 -67.43 63.30
N SER RB 142 -23.30 -67.32 64.05
CA SER RB 142 -22.11 -66.62 63.57
C SER RB 142 -21.20 -67.55 62.78
N SER RB 143 -21.57 -68.82 62.70
CA SER RB 143 -20.78 -69.80 61.97
C SER RB 143 -20.86 -69.56 60.46
N ASP RB 144 -19.76 -69.77 59.78
CA ASP RB 144 -19.70 -69.59 58.32
C ASP RB 144 -20.52 -70.65 57.60
N SER RB 145 -20.42 -71.89 58.08
CA SER RB 145 -21.15 -73.00 57.47
C SER RB 145 -22.54 -73.15 58.06
N PHE RB 146 -23.35 -72.11 57.94
CA PHE RB 146 -24.72 -72.14 58.45
C PHE RB 146 -25.66 -71.29 57.60
N HIS RB 147 -26.85 -71.81 57.34
CA HIS RB 147 -27.88 -71.08 56.63
C HIS RB 147 -29.26 -71.62 56.97
N PRO RB 148 -30.25 -70.72 57.12
CA PRO RB 148 -31.65 -71.06 57.38
C PRO RB 148 -32.19 -72.16 56.47
N ASP RB 149 -31.76 -72.15 55.21
CA ASP RB 149 -32.23 -73.14 54.24
C ASP RB 149 -31.08 -73.96 53.66
N LYS RB 150 -30.32 -74.62 54.53
CA LYS RB 150 -29.20 -75.44 54.08
C LYS RB 150 -29.68 -76.63 53.25
N ASP RB 151 -28.75 -77.23 52.50
CA ASP RB 151 -29.07 -78.34 51.62
C ASP RB 151 -29.55 -79.57 52.39
N GLU RB 152 -28.79 -79.95 53.40
CA GLU RB 152 -29.07 -81.17 54.18
C GLU RB 152 -30.42 -81.13 54.90
N TYR RB 153 -30.98 -79.94 55.06
CA TYR RB 153 -32.23 -79.79 55.79
C TYR RB 153 -33.43 -80.34 55.03
N TYR RB 154 -33.30 -80.45 53.71
CA TYR RB 154 -34.39 -80.90 52.85
C TYR RB 154 -34.23 -82.36 52.41
N LYS RB 155 -33.33 -83.08 53.06
CA LYS RB 155 -33.03 -84.46 52.69
C LYS RB 155 -34.23 -85.39 52.86
N ASP RB 156 -35.12 -85.05 53.79
CA ASP RB 156 -36.28 -85.89 54.08
C ASP RB 156 -37.34 -85.87 52.98
N PHE RB 157 -37.40 -84.78 52.23
CA PHE RB 157 -38.47 -84.61 51.25
C PHE RB 157 -37.99 -84.70 49.80
N LEU RB 158 -36.68 -84.86 49.62
CA LEU RB 158 -36.12 -84.99 48.27
C LEU RB 158 -35.30 -86.26 48.13
N SER SB 3 -36.24 -68.65 26.43
CA SER SB 3 -34.88 -68.84 25.93
C SER SB 3 -34.05 -69.67 26.90
N VAL SB 4 -34.22 -69.40 28.19
CA VAL SB 4 -33.50 -70.13 29.23
C VAL SB 4 -34.48 -70.82 30.18
N ASN SB 5 -34.21 -72.08 30.48
CA ASN SB 5 -35.09 -72.85 31.35
C ASN SB 5 -34.35 -73.36 32.59
N THR SB 6 -34.43 -72.60 33.67
CA THR SB 6 -33.82 -73.00 34.93
C THR SB 6 -34.79 -73.85 35.74
N SER SB 7 -34.25 -74.62 36.68
CA SER SB 7 -35.06 -75.48 37.53
C SER SB 7 -34.28 -75.93 38.76
N PHE SB 8 -34.97 -76.04 39.89
CA PHE SB 8 -34.33 -76.42 41.14
C PHE SB 8 -34.60 -77.87 41.51
N LEU SB 9 -33.57 -78.71 41.36
CA LEU SB 9 -33.66 -80.10 41.81
C LEU SB 9 -33.47 -80.12 43.32
N SER SB 10 -32.68 -79.18 43.81
CA SER SB 10 -32.39 -79.04 45.23
C SER SB 10 -32.06 -77.57 45.49
N PRO SB 11 -32.03 -77.15 46.77
CA PRO SB 11 -31.66 -75.77 47.05
C PRO SB 11 -30.27 -75.41 46.51
N SER SB 12 -29.34 -76.36 46.56
CA SER SB 12 -27.98 -76.12 46.08
C SER SB 12 -27.73 -76.79 44.72
N LEU SB 13 -28.80 -77.27 44.08
CA LEU SB 13 -28.66 -77.94 42.79
C LEU SB 13 -29.62 -77.33 41.76
N VAL SB 14 -29.07 -76.73 40.72
CA VAL SB 14 -29.86 -76.07 39.68
C VAL SB 14 -29.44 -76.52 38.29
N THR SB 15 -30.42 -76.86 37.46
CA THR SB 15 -30.14 -77.21 36.07
C THR SB 15 -30.55 -76.07 35.15
N ILE SB 16 -29.60 -75.60 34.35
CA ILE SB 16 -29.85 -74.47 33.45
C ILE SB 16 -29.71 -74.88 31.98
N ARG SB 17 -30.79 -74.74 31.23
CA ARG SB 17 -30.77 -75.07 29.81
C ARG SB 17 -30.88 -73.82 28.94
N ASP SB 18 -29.91 -73.65 28.03
CA ASP SB 18 -29.92 -72.52 27.10
C ASP SB 18 -30.24 -73.02 25.70
N PHE SB 19 -31.46 -72.77 25.24
CA PHE SB 19 -31.91 -73.24 23.94
C PHE SB 19 -31.23 -72.49 22.79
N ASP SB 20 -31.05 -71.18 22.97
CA ASP SB 20 -30.47 -70.34 21.94
C ASP SB 20 -29.00 -70.69 21.68
N ASN SB 21 -28.24 -70.89 22.75
CA ASN SB 21 -26.83 -71.22 22.63
C ASN SB 21 -26.61 -72.73 22.55
N GLY SB 22 -27.67 -73.50 22.79
CA GLY SB 22 -27.58 -74.95 22.75
C GLY SB 22 -26.64 -75.47 23.82
N GLN SB 23 -26.81 -74.99 25.05
CA GLN SB 23 -25.94 -75.37 26.15
C GLN SB 23 -26.72 -75.86 27.36
N PHE SB 24 -26.06 -76.66 28.19
CA PHE SB 24 -26.65 -77.12 29.44
C PHE SB 24 -25.59 -77.06 30.53
N ALA SB 25 -25.89 -76.34 31.60
CA ALA SB 25 -24.95 -76.18 32.71
C ALA SB 25 -25.61 -76.53 34.03
N VAL SB 26 -24.86 -77.22 34.89
CA VAL SB 26 -25.35 -77.56 36.22
C VAL SB 26 -24.80 -76.59 37.26
N LEU SB 27 -25.70 -75.89 37.95
CA LEU SB 27 -25.30 -74.96 38.99
C LEU SB 27 -25.37 -75.65 40.35
N ARG SB 28 -24.22 -75.80 40.99
CA ARG SB 28 -24.15 -76.50 42.27
C ARG SB 28 -23.27 -75.78 43.28
N ILE SB 29 -23.80 -75.60 44.48
CA ILE SB 29 -23.01 -75.06 45.58
C ILE SB 29 -22.69 -76.18 46.56
N GLY SB 30 -21.68 -76.97 46.22
CA GLY SB 30 -21.35 -78.17 46.96
C GLY SB 30 -20.66 -77.93 48.30
N ARG SB 31 -19.69 -77.03 48.30
CA ARG SB 31 -18.86 -76.78 49.47
C ARG SB 31 -19.67 -76.41 50.72
N THR SB 32 -20.70 -75.60 50.54
CA THR SB 32 -21.48 -75.10 51.67
C THR SB 32 -22.89 -75.68 51.70
N GLY SB 33 -23.48 -75.85 50.52
CA GLY SB 33 -24.85 -76.33 50.42
C GLY SB 33 -25.86 -75.21 50.55
N PHE SB 34 -25.41 -73.98 50.34
CA PHE SB 34 -26.27 -72.81 50.37
C PHE SB 34 -27.23 -72.82 49.18
N PRO SB 35 -28.39 -72.16 49.32
CA PRO SB 35 -29.35 -72.08 48.21
C PRO SB 35 -28.88 -71.13 47.11
N ALA SB 36 -28.99 -71.56 45.87
CA ALA SB 36 -28.56 -70.74 44.75
C ALA SB 36 -29.47 -69.52 44.57
N ASP SB 37 -28.88 -68.33 44.73
CA ASP SB 37 -29.64 -67.09 44.59
C ASP SB 37 -29.64 -66.62 43.14
N LYS SB 38 -30.28 -65.48 42.91
CA LYS SB 38 -30.36 -64.89 41.57
C LYS SB 38 -28.97 -64.53 41.05
N GLY SB 39 -28.11 -64.09 41.96
CA GLY SB 39 -26.74 -63.73 41.62
C GLY SB 39 -25.93 -64.93 41.18
N ASP SB 40 -26.15 -66.07 41.84
CA ASP SB 40 -25.45 -67.30 41.52
C ASP SB 40 -25.80 -67.79 40.11
N ILE SB 41 -27.09 -67.74 39.79
CA ILE SB 41 -27.56 -68.16 38.47
C ILE SB 41 -27.06 -67.21 37.40
N ASP SB 42 -27.14 -65.91 37.68
CA ASP SB 42 -26.67 -64.88 36.75
C ASP SB 42 -25.17 -65.02 36.51
N LEU SB 43 -24.44 -65.44 37.54
CA LEU SB 43 -23.02 -65.67 37.43
C LEU SB 43 -22.75 -66.86 36.51
N CYS SB 44 -23.57 -67.90 36.64
CA CYS SB 44 -23.44 -69.10 35.82
C CYS SB 44 -23.69 -68.78 34.35
N LEU SB 45 -24.70 -67.96 34.08
CA LEU SB 45 -25.01 -67.55 32.71
C LEU SB 45 -23.85 -66.77 32.10
N ASP SB 46 -23.21 -65.94 32.92
CA ASP SB 46 -22.06 -65.16 32.47
C ASP SB 46 -20.87 -66.05 32.14
N LYS SB 47 -20.81 -67.22 32.78
CA LYS SB 47 -19.74 -68.17 32.54
C LYS SB 47 -20.00 -69.00 31.28
N MET SB 48 -21.27 -69.29 31.02
CA MET SB 48 -21.65 -70.05 29.84
C MET SB 48 -21.31 -69.31 28.55
N ILE SB 49 -21.64 -68.02 28.50
CA ILE SB 49 -21.37 -67.21 27.32
C ILE SB 49 -19.87 -66.99 27.15
N GLY SB 50 -19.14 -67.08 28.26
CA GLY SB 50 -17.69 -66.97 28.23
C GLY SB 50 -17.07 -68.18 27.55
N VAL SB 51 -17.53 -69.36 27.95
CA VAL SB 51 -17.06 -70.61 27.35
C VAL SB 51 -17.61 -70.75 25.93
N ARG SB 52 -18.81 -70.23 25.71
CA ARG SB 52 -19.39 -70.17 24.36
C ARG SB 52 -18.46 -69.36 23.46
N ALA SB 53 -17.89 -68.29 24.00
CA ALA SB 53 -16.91 -67.49 23.28
C ALA SB 53 -15.61 -68.26 23.10
N ALA SB 54 -15.27 -69.09 24.07
CA ALA SB 54 -14.07 -69.91 23.99
C ALA SB 54 -14.20 -70.96 22.88
N GLN SB 55 -15.40 -71.49 22.72
CA GLN SB 55 -15.67 -72.51 21.70
C GLN SB 55 -15.50 -71.98 20.29
N ILE SB 56 -16.13 -70.84 20.01
CA ILE SB 56 -16.06 -70.23 18.69
C ILE SB 56 -14.66 -69.69 18.40
N PHE SB 57 -13.93 -69.35 19.46
CA PHE SB 57 -12.54 -68.93 19.33
C PHE SB 57 -11.67 -70.07 18.79
N LEU SB 58 -11.86 -71.26 19.35
CA LEU SB 58 -11.11 -72.45 18.92
C LEU SB 58 -11.53 -72.90 17.53
N GLY SB 59 -12.65 -72.38 17.06
CA GLY SB 59 -13.16 -72.72 15.74
C GLY SB 59 -14.68 -72.80 15.75
N ASP SB 60 -15.31 -72.29 14.69
CA ASP SB 60 -16.75 -72.32 14.59
C ASP SB 60 -17.23 -73.73 14.28
N ASP SB 61 -17.77 -74.41 15.29
CA ASP SB 61 -18.23 -75.78 15.12
C ASP SB 61 -19.74 -75.85 14.95
N THR SB 62 -20.36 -74.68 14.77
CA THR SB 62 -21.79 -74.62 14.46
C THR SB 62 -22.02 -74.99 13.00
N GLU SB 63 -20.98 -74.84 12.19
CA GLU SB 63 -21.05 -75.17 10.77
C GLU SB 63 -20.98 -76.69 10.57
N ASP SB 64 -21.21 -77.12 9.33
CA ASP SB 64 -21.18 -78.54 9.01
C ASP SB 64 -19.74 -79.05 8.94
N GLY SB 65 -19.53 -80.29 9.40
CA GLY SB 65 -18.21 -80.88 9.40
C GLY SB 65 -17.31 -80.30 10.47
N PHE SB 66 -17.85 -80.16 11.68
CA PHE SB 66 -17.10 -79.62 12.81
C PHE SB 66 -15.91 -80.50 13.17
N LYS SB 67 -14.74 -80.15 12.66
CA LYS SB 67 -13.52 -80.91 12.93
C LYS SB 67 -13.08 -80.79 14.38
N GLY SB 68 -13.58 -79.76 15.07
CA GLY SB 68 -13.26 -79.57 16.47
C GLY SB 68 -12.13 -78.58 16.69
N PRO SB 69 -11.60 -78.52 17.93
CA PRO SB 69 -12.05 -79.35 19.05
C PRO SB 69 -13.26 -78.75 19.77
N HIS SB 70 -14.03 -79.60 20.46
CA HIS SB 70 -15.20 -79.14 21.19
C HIS SB 70 -14.87 -78.84 22.65
N ILE SB 71 -15.32 -77.69 23.12
CA ILE SB 71 -15.11 -77.29 24.51
C ILE SB 71 -16.42 -76.77 25.10
N ARG SB 72 -16.98 -77.53 26.04
CA ARG SB 72 -18.30 -77.23 26.58
C ARG SB 72 -18.33 -77.24 28.11
N ILE SB 73 -19.19 -76.40 28.68
CA ILE SB 73 -19.38 -76.37 30.13
C ILE SB 73 -20.19 -77.58 30.59
N ARG SB 74 -19.74 -78.21 31.67
CA ARG SB 74 -20.47 -79.32 32.27
C ARG SB 74 -21.18 -78.89 33.55
N CYS SB 75 -20.50 -78.11 34.37
CA CYS SB 75 -21.02 -77.69 35.66
C CYS SB 75 -20.26 -76.49 36.22
N VAL SB 76 -20.89 -75.79 37.16
CA VAL SB 76 -20.26 -74.66 37.84
C VAL SB 76 -20.41 -74.81 39.35
N ASP SB 77 -19.28 -74.99 40.04
CA ASP SB 77 -19.30 -75.18 41.49
C ASP SB 77 -18.88 -73.90 42.20
N ILE SB 78 -19.74 -73.43 43.10
CA ILE SB 78 -19.50 -72.18 43.81
C ILE SB 78 -19.08 -72.40 45.27
N ASP SB 79 -17.93 -71.85 45.63
CA ASP SB 79 -17.49 -71.85 47.03
C ASP SB 79 -18.03 -70.59 47.70
N ASP SB 80 -18.82 -70.77 48.75
CA ASP SB 80 -19.55 -69.67 49.37
C ASP SB 80 -19.27 -69.52 50.85
N LYS SB 81 -18.26 -70.24 51.34
CA LYS SB 81 -17.94 -70.26 52.76
C LYS SB 81 -17.53 -68.90 53.30
N HIS SB 82 -16.39 -68.39 52.83
CA HIS SB 82 -15.85 -67.13 53.33
C HIS SB 82 -15.79 -66.09 52.22
N THR SB 83 -15.16 -66.45 51.11
CA THR SB 83 -15.05 -65.56 49.96
C THR SB 83 -15.74 -66.16 48.74
N TYR SB 84 -16.34 -65.31 47.93
CA TYR SB 84 -17.08 -65.76 46.74
C TYR SB 84 -16.14 -66.33 45.69
N ASN SB 85 -16.22 -67.64 45.48
CA ASN SB 85 -15.37 -68.34 44.53
C ASN SB 85 -16.17 -69.30 43.65
N ALA SB 86 -15.74 -69.47 42.41
CA ALA SB 86 -16.43 -70.35 41.47
C ALA SB 86 -15.46 -71.28 40.75
N MET SB 87 -15.78 -72.58 40.75
CA MET SB 87 -14.99 -73.56 40.02
C MET SB 87 -15.77 -74.12 38.84
N VAL SB 88 -15.29 -73.84 37.63
CA VAL SB 88 -15.98 -74.25 36.42
C VAL SB 88 -15.45 -75.59 35.91
N TYR SB 89 -16.37 -76.47 35.50
CA TYR SB 89 -16.01 -77.78 34.96
C TYR SB 89 -16.25 -77.82 33.46
N VAL SB 90 -15.18 -78.07 32.70
CA VAL SB 90 -15.23 -78.01 31.25
C VAL SB 90 -14.73 -79.30 30.61
N ASP SB 91 -15.41 -79.75 29.55
CA ASP SB 91 -14.98 -80.94 28.82
C ASP SB 91 -14.42 -80.57 27.45
N LEU SB 92 -13.20 -81.02 27.17
CA LEU SB 92 -12.56 -80.79 25.88
C LEU SB 92 -12.59 -82.06 25.04
N ILE SB 93 -13.29 -82.01 23.91
CA ILE SB 93 -13.40 -83.17 23.04
C ILE SB 93 -12.58 -82.97 21.77
N VAL SB 94 -11.77 -83.97 21.43
CA VAL SB 94 -10.91 -83.90 20.25
C VAL SB 94 -10.80 -85.25 19.55
N GLU SB 100 -1.15 -86.51 18.46
CA GLU SB 100 -0.96 -86.24 19.88
C GLU SB 100 -0.42 -84.84 20.12
N VAL SB 101 0.41 -84.36 19.20
CA VAL SB 101 0.98 -83.03 19.29
C VAL SB 101 -0.10 -81.96 19.11
N GLU SB 102 -0.99 -82.19 18.15
CA GLU SB 102 -2.11 -81.27 17.91
C GLU SB 102 -3.07 -81.26 19.10
N ARG SB 103 -3.18 -82.41 19.76
CA ARG SB 103 -4.01 -82.55 20.94
C ARG SB 103 -3.47 -81.70 22.08
N GLU SB 104 -2.15 -81.71 22.23
CA GLU SB 104 -1.48 -80.90 23.24
C GLU SB 104 -1.61 -79.42 22.90
N THR SB 105 -1.54 -79.11 21.61
CA THR SB 105 -1.69 -77.74 21.14
C THR SB 105 -3.11 -77.24 21.39
N ALA SB 106 -4.09 -78.10 21.14
CA ALA SB 106 -5.49 -77.77 21.37
C ALA SB 106 -5.78 -77.55 22.86
N GLU SB 107 -5.17 -78.38 23.70
CA GLU SB 107 -5.33 -78.26 25.15
C GLU SB 107 -4.74 -76.95 25.67
N GLU SB 108 -3.61 -76.55 25.11
CA GLU SB 108 -2.95 -75.31 25.51
C GLU SB 108 -3.79 -74.08 25.14
N GLU SB 109 -4.27 -74.05 23.90
CA GLU SB 109 -5.08 -72.95 23.42
C GLU SB 109 -6.40 -72.84 24.18
N ALA SB 110 -7.01 -73.99 24.45
CA ALA SB 110 -8.27 -74.02 25.19
C ALA SB 110 -8.08 -73.54 26.62
N LYS SB 111 -6.97 -73.92 27.23
CA LYS SB 111 -6.65 -73.52 28.59
C LYS SB 111 -6.49 -72.00 28.69
N LEU SB 112 -5.71 -71.44 27.76
CA LEU SB 112 -5.46 -70.00 27.73
C LEU SB 112 -6.74 -69.21 27.46
N ALA SB 113 -7.58 -69.74 26.58
CA ALA SB 113 -8.83 -69.08 26.23
C ALA SB 113 -9.79 -69.03 27.41
N LEU SB 114 -9.84 -70.12 28.18
CA LEU SB 114 -10.72 -70.20 29.34
C LEU SB 114 -10.29 -69.25 30.46
N ARG SB 115 -8.98 -69.05 30.59
CA ARG SB 115 -8.45 -68.14 31.60
C ARG SB 115 -8.91 -66.70 31.37
N VAL SB 116 -8.93 -66.29 30.11
CA VAL SB 116 -9.36 -64.95 29.75
C VAL SB 116 -10.87 -64.80 29.83
N ALA SB 117 -11.58 -65.82 29.35
CA ALA SB 117 -13.03 -65.79 29.28
C ALA SB 117 -13.70 -65.85 30.66
N LEU SB 118 -13.17 -66.71 31.52
CA LEU SB 118 -13.77 -66.93 32.83
C LEU SB 118 -13.15 -66.06 33.93
N GLN SB 119 -12.19 -65.22 33.54
CA GLN SB 119 -11.49 -64.34 34.47
C GLN SB 119 -10.87 -65.10 35.64
N VAL SB 120 -10.03 -66.08 35.31
CA VAL SB 120 -9.39 -66.93 36.32
C VAL SB 120 -8.42 -66.13 37.19
N ASP SB 121 -8.50 -66.35 38.50
CA ASP SB 121 -7.60 -65.73 39.49
C ASP SB 121 -7.77 -64.21 39.53
N ILE SB 122 -8.87 -63.71 38.98
CA ILE SB 122 -9.18 -62.29 39.01
C ILE SB 122 -10.61 -62.08 39.49
N ALA SB 123 -10.89 -60.88 39.99
CA ALA SB 123 -12.22 -60.55 40.47
C ALA SB 123 -13.21 -60.42 39.31
N ASP SB 124 -14.25 -61.24 39.34
CA ASP SB 124 -15.26 -61.22 38.29
C ASP SB 124 -16.21 -60.03 38.45
N GLU SB 125 -17.21 -59.94 37.57
CA GLU SB 125 -18.19 -58.87 37.63
C GLU SB 125 -19.06 -58.99 38.88
N HIS SB 126 -19.15 -60.20 39.43
CA HIS SB 126 -19.91 -60.44 40.64
C HIS SB 126 -18.98 -60.50 41.86
N SER SB 127 -17.83 -59.85 41.74
CA SER SB 127 -16.79 -59.87 42.78
C SER SB 127 -16.42 -61.30 43.16
N CYS SB 128 -16.13 -62.11 42.14
CA CYS SB 128 -15.84 -63.51 42.35
C CYS SB 128 -14.47 -63.92 41.79
N VAL SB 129 -13.76 -64.77 42.53
CA VAL SB 129 -12.51 -65.32 42.05
C VAL SB 129 -12.77 -66.68 41.41
N THR SB 130 -12.61 -66.76 40.09
CA THR SB 130 -12.97 -67.97 39.36
C THR SB 130 -11.76 -68.85 39.04
N GLN SB 131 -12.03 -70.15 38.89
CA GLN SB 131 -11.01 -71.11 38.48
C GLN SB 131 -11.70 -72.21 37.68
N PHE SB 132 -10.93 -72.96 36.90
CA PHE SB 132 -11.51 -73.98 36.04
C PHE SB 132 -10.71 -75.27 36.01
N GLU SB 133 -11.41 -76.38 35.79
CA GLU SB 133 -10.78 -77.69 35.60
C GLU SB 133 -11.35 -78.35 34.36
N MET SB 134 -10.48 -78.90 33.51
CA MET SB 134 -10.92 -79.47 32.25
C MET SB 134 -10.43 -80.91 32.05
N LYS SB 135 -11.26 -81.72 31.42
CA LYS SB 135 -10.91 -83.10 31.11
C LYS SB 135 -10.88 -83.32 29.60
N LEU SB 136 -10.01 -84.23 29.16
CA LEU SB 136 -9.86 -84.50 27.73
C LEU SB 136 -10.57 -85.79 27.32
N ARG SB 137 -11.41 -85.70 26.30
CA ARG SB 137 -12.13 -86.86 25.78
C ARG SB 137 -11.94 -86.96 24.27
N GLU SB 138 -11.92 -88.19 23.76
CA GLU SB 138 -11.69 -88.42 22.34
C GLU SB 138 -12.80 -89.27 21.73
N GLU SB 139 -13.49 -88.72 20.74
CA GLU SB 139 -14.57 -89.42 20.07
C GLU SB 139 -14.70 -88.97 18.62
N LEU SB 140 -15.28 -89.82 17.78
CA LEU SB 140 -15.49 -89.50 16.38
C LEU SB 140 -16.52 -88.40 16.20
N LEU SB 141 -16.12 -87.30 15.58
CA LEU SB 141 -17.02 -86.17 15.35
C LEU SB 141 -18.10 -86.52 14.32
N SER SB 142 -17.78 -87.44 13.42
CA SER SB 142 -18.71 -87.84 12.37
C SER SB 142 -19.62 -88.97 12.83
N SER SB 143 -19.40 -89.44 14.06
CA SER SB 143 -20.21 -90.51 14.62
C SER SB 143 -21.63 -90.04 14.91
N ASP SB 144 -22.60 -90.92 14.67
CA ASP SB 144 -24.00 -90.60 14.91
C ASP SB 144 -24.28 -90.45 16.41
N SER SB 145 -23.69 -91.33 17.21
CA SER SB 145 -23.89 -91.31 18.65
C SER SB 145 -22.89 -90.39 19.35
N PHE SB 146 -22.91 -89.11 18.97
CA PHE SB 146 -22.02 -88.13 19.57
C PHE SB 146 -22.65 -86.74 19.62
N HIS SB 147 -22.46 -86.06 20.75
CA HIS SB 147 -22.90 -84.68 20.90
C HIS SB 147 -22.05 -83.98 21.98
N PRO SB 148 -21.73 -82.70 21.74
CA PRO SB 148 -20.99 -81.86 22.69
C PRO SB 148 -21.53 -81.94 24.12
N ASP SB 149 -22.85 -82.06 24.25
CA ASP SB 149 -23.48 -82.13 25.57
C ASP SB 149 -24.26 -83.42 25.74
N LYS SB 150 -23.59 -84.56 25.59
CA LYS SB 150 -24.24 -85.85 25.76
C LYS SB 150 -24.71 -86.05 27.20
N ASP SB 151 -25.62 -87.00 27.39
CA ASP SB 151 -26.19 -87.27 28.70
C ASP SB 151 -25.12 -87.75 29.68
N GLU SB 152 -24.35 -88.75 29.26
CA GLU SB 152 -23.34 -89.36 30.12
C GLU SB 152 -22.26 -88.38 30.57
N TYR SB 153 -22.14 -87.27 29.86
CA TYR SB 153 -21.11 -86.27 30.16
C TYR SB 153 -21.43 -85.53 31.47
N TYR SB 154 -22.70 -85.51 31.85
CA TYR SB 154 -23.13 -84.79 33.04
C TYR SB 154 -23.38 -85.72 34.22
N LYS SB 155 -22.94 -86.97 34.08
CA LYS SB 155 -23.18 -87.99 35.09
C LYS SB 155 -22.49 -87.68 36.43
N ASP SB 156 -21.38 -86.97 36.36
CA ASP SB 156 -20.58 -86.67 37.54
C ASP SB 156 -21.25 -85.65 38.46
N PHE SB 157 -22.08 -84.79 37.89
CA PHE SB 157 -22.65 -83.68 38.65
C PHE SB 157 -24.16 -83.85 38.88
N LEU SB 158 -24.72 -84.92 38.33
CA LEU SB 158 -26.14 -85.21 38.52
C LEU SB 158 -26.34 -86.62 39.08
N GLU TB 2 -47.52 -69.61 32.32
CA GLU TB 2 -48.09 -70.26 33.50
C GLU TB 2 -48.95 -71.46 33.10
N SER TB 3 -49.29 -71.54 31.83
CA SER TB 3 -50.13 -72.62 31.32
C SER TB 3 -49.35 -73.92 31.25
N VAL TB 4 -48.10 -73.83 30.80
CA VAL TB 4 -47.24 -75.01 30.70
C VAL TB 4 -45.97 -74.82 31.54
N ASN TB 5 -45.62 -75.84 32.31
CA ASN TB 5 -44.45 -75.76 33.17
C ASN TB 5 -43.43 -76.85 32.86
N THR TB 6 -42.47 -76.53 32.00
CA THR TB 6 -41.40 -77.46 31.66
C THR TB 6 -40.24 -77.32 32.64
N SER TB 7 -39.42 -78.35 32.72
CA SER TB 7 -38.27 -78.36 33.63
C SER TB 7 -37.27 -79.45 33.24
N PHE TB 8 -35.99 -79.16 33.40
CA PHE TB 8 -34.93 -80.10 33.04
C PHE TB 8 -34.34 -80.80 34.26
N LEU TB 9 -34.68 -82.07 34.42
CA LEU TB 9 -34.06 -82.89 35.46
C LEU TB 9 -32.67 -83.31 35.00
N SER TB 10 -32.54 -83.46 33.70
CA SER TB 10 -31.30 -83.86 33.05
C SER TB 10 -31.31 -83.30 31.63
N PRO TB 11 -30.16 -83.30 30.95
CA PRO TB 11 -30.16 -82.84 29.55
C PRO TB 11 -31.13 -83.63 28.67
N SER TB 12 -31.26 -84.93 28.92
CA SER TB 12 -32.16 -85.77 28.13
C SER TB 12 -33.45 -86.11 28.88
N LEU TB 13 -33.69 -85.43 30.00
CA LEU TB 13 -34.88 -85.70 30.79
C LEU TB 13 -35.64 -84.41 31.10
N VAL TB 14 -36.87 -84.32 30.59
CA VAL TB 14 -37.70 -83.12 30.79
C VAL TB 14 -39.09 -83.48 31.29
N THR TB 15 -39.55 -82.78 32.32
CA THR TB 15 -40.90 -82.98 32.83
C THR TB 15 -41.82 -81.83 32.40
N ILE TB 16 -42.92 -82.17 31.74
CA ILE TB 16 -43.84 -81.17 31.23
C ILE TB 16 -45.22 -81.28 31.88
N ARG TB 17 -45.64 -80.22 32.57
CA ARG TB 17 -46.96 -80.19 33.20
C ARG TB 17 -47.88 -79.20 32.49
N ASP TB 18 -49.05 -79.68 32.07
CA ASP TB 18 -50.03 -78.83 31.42
C ASP TB 18 -51.23 -78.63 32.36
N PHE TB 19 -51.31 -77.45 32.96
CA PHE TB 19 -52.37 -77.16 33.92
C PHE TB 19 -53.74 -77.02 33.28
N ASP TB 20 -53.79 -76.38 32.11
CA ASP TB 20 -55.05 -76.12 31.43
C ASP TB 20 -55.70 -77.42 30.93
N ASN TB 21 -54.90 -78.30 30.34
CA ASN TB 21 -55.42 -79.56 29.82
C ASN TB 21 -55.39 -80.66 30.87
N GLY TB 22 -54.75 -80.38 32.01
CA GLY TB 22 -54.66 -81.35 33.09
C GLY TB 22 -53.87 -82.58 32.68
N GLN TB 23 -52.71 -82.37 32.08
CA GLN TB 23 -51.88 -83.46 31.59
C GLN TB 23 -50.45 -83.37 32.13
N PHE TB 24 -49.77 -84.51 32.17
CA PHE TB 24 -48.37 -84.55 32.54
C PHE TB 24 -47.66 -85.55 31.63
N ALA TB 25 -46.62 -85.08 30.95
CA ALA TB 25 -45.86 -85.92 30.04
C ALA TB 25 -44.37 -85.84 30.35
N VAL TB 26 -43.70 -86.98 30.30
CA VAL TB 26 -42.26 -87.03 30.52
C VAL TB 26 -41.51 -87.08 29.18
N LEU TB 27 -40.68 -86.09 28.93
CA LEU TB 27 -39.89 -86.05 27.71
C LEU TB 27 -38.50 -86.63 27.95
N ARG TB 28 -38.20 -87.73 27.27
CA ARG TB 28 -36.93 -88.42 27.47
C ARG TB 28 -36.31 -88.85 26.15
N ILE TB 29 -35.03 -88.52 25.96
CA ILE TB 29 -34.27 -88.98 24.81
C ILE TB 29 -33.28 -90.05 25.26
N GLY TB 30 -33.78 -91.27 25.44
CA GLY TB 30 -32.99 -92.35 25.99
C GLY TB 30 -31.95 -92.94 25.06
N ARG TB 31 -32.34 -93.19 23.82
CA ARG TB 31 -31.50 -93.87 22.84
C ARG TB 31 -30.14 -93.20 22.62
N THR TB 32 -30.14 -91.87 22.59
CA THR TB 32 -28.92 -91.13 22.30
C THR TB 32 -28.40 -90.35 23.49
N GLY TB 33 -29.32 -89.78 24.28
CA GLY TB 33 -28.95 -88.98 25.42
C GLY TB 33 -28.67 -87.53 25.04
N PHE TB 34 -29.17 -87.13 23.86
CA PHE TB 34 -29.01 -85.77 23.39
C PHE TB 34 -29.85 -84.82 24.23
N PRO TB 35 -29.44 -83.54 24.30
CA PRO TB 35 -30.23 -82.55 25.05
C PRO TB 35 -31.51 -82.19 24.31
N ALA TB 36 -32.62 -82.14 25.04
CA ALA TB 36 -33.91 -81.82 24.43
C ALA TB 36 -33.97 -80.36 24.00
N ASP TB 37 -34.14 -80.14 22.70
CA ASP TB 37 -34.23 -78.80 22.15
C ASP TB 37 -35.67 -78.31 22.15
N LYS TB 38 -35.87 -77.10 21.64
CA LYS TB 38 -37.20 -76.50 21.57
C LYS TB 38 -38.12 -77.33 20.67
N GLY TB 39 -37.55 -77.90 19.61
CA GLY TB 39 -38.30 -78.73 18.69
C GLY TB 39 -38.77 -80.01 19.34
N ASP TB 40 -37.92 -80.59 20.18
CA ASP TB 40 -38.26 -81.83 20.87
C ASP TB 40 -39.42 -81.65 21.83
N ILE TB 41 -39.40 -80.54 22.58
CA ILE TB 41 -40.46 -80.22 23.53
C ILE TB 41 -41.77 -79.93 22.80
N ASP TB 42 -41.66 -79.15 21.72
CA ASP TB 42 -42.83 -78.80 20.91
C ASP TB 42 -43.48 -80.03 20.31
N LEU TB 43 -42.67 -81.03 19.96
CA LEU TB 43 -43.17 -82.29 19.44
C LEU TB 43 -43.97 -83.04 20.50
N CYS TB 44 -43.46 -83.00 21.74
CA CYS TB 44 -44.11 -83.67 22.86
C CYS TB 44 -45.49 -83.06 23.14
N LEU TB 45 -45.56 -81.73 23.09
CA LEU TB 45 -46.81 -81.01 23.27
C LEU TB 45 -47.82 -81.41 22.20
N ASP TB 46 -47.32 -81.57 20.98
CA ASP TB 46 -48.15 -81.98 19.85
C ASP TB 46 -48.71 -83.39 20.02
N LYS TB 47 -48.00 -84.20 20.80
CA LYS TB 47 -48.43 -85.56 21.06
C LYS TB 47 -49.49 -85.58 22.17
N MET TB 48 -49.37 -84.66 23.12
CA MET TB 48 -50.32 -84.56 24.22
C MET TB 48 -51.72 -84.19 23.72
N ILE TB 49 -51.78 -83.20 22.84
CA ILE TB 49 -53.05 -82.74 22.30
C ILE TB 49 -53.66 -83.81 21.39
N GLY TB 50 -52.81 -84.66 20.82
CA GLY TB 50 -53.26 -85.75 19.99
C GLY TB 50 -54.00 -86.80 20.81
N VAL TB 51 -53.41 -87.18 21.93
CA VAL TB 51 -54.02 -88.14 22.84
C VAL TB 51 -55.21 -87.49 23.55
N ARG TB 52 -55.10 -86.18 23.78
CA ARG TB 52 -56.21 -85.40 24.33
C ARG TB 52 -57.41 -85.52 23.39
N ALA TB 53 -57.13 -85.48 22.09
CA ALA TB 53 -58.17 -85.67 21.08
C ALA TB 53 -58.67 -87.12 21.09
N ALA TB 54 -57.77 -88.05 21.39
CA ALA TB 54 -58.13 -89.46 21.47
C ALA TB 54 -59.05 -89.72 22.66
N GLN TB 55 -58.81 -89.02 23.75
CA GLN TB 55 -59.60 -89.17 24.97
C GLN TB 55 -61.05 -88.73 24.78
N ILE TB 56 -61.22 -87.53 24.22
CA ILE TB 56 -62.55 -86.96 24.01
C ILE TB 56 -63.29 -87.74 22.92
N PHE TB 57 -62.55 -88.35 22.00
CA PHE TB 57 -63.14 -89.22 20.99
C PHE TB 57 -63.81 -90.43 21.61
N LEU TB 58 -63.13 -91.07 22.56
CA LEU TB 58 -63.64 -92.24 23.23
C LEU TB 58 -64.80 -91.89 24.17
N GLY TB 59 -64.96 -90.61 24.45
CA GLY TB 59 -66.01 -90.13 25.32
C GLY TB 59 -65.54 -88.99 26.21
N ASP TB 60 -66.40 -87.99 26.38
CA ASP TB 60 -66.07 -86.84 27.21
C ASP TB 60 -66.09 -87.24 28.69
N ASP TB 61 -64.92 -87.40 29.27
CA ASP TB 61 -64.79 -87.82 30.66
C ASP TB 61 -64.52 -86.63 31.57
N THR TB 62 -64.66 -85.43 31.04
CA THR TB 62 -64.53 -84.21 31.82
C THR TB 62 -65.77 -84.01 32.69
N GLU TB 63 -66.87 -84.63 32.28
CA GLU TB 63 -68.12 -84.56 33.01
C GLU TB 63 -68.08 -85.44 34.26
N ASP TB 64 -69.09 -85.32 35.10
CA ASP TB 64 -69.17 -86.09 36.33
C ASP TB 64 -69.54 -87.54 36.04
N GLY TB 65 -68.96 -88.47 36.80
CA GLY TB 65 -69.24 -89.88 36.63
C GLY TB 65 -68.59 -90.44 35.38
N PHE TB 66 -67.32 -90.11 35.19
CA PHE TB 66 -66.56 -90.58 34.04
C PHE TB 66 -66.43 -92.10 34.03
N LYS TB 67 -67.31 -92.75 33.29
CA LYS TB 67 -67.31 -94.21 33.20
C LYS TB 67 -66.07 -94.74 32.45
N GLY TB 68 -65.42 -93.86 31.70
CA GLY TB 68 -64.22 -94.23 30.98
C GLY TB 68 -64.48 -94.59 29.52
N PRO TB 69 -63.49 -95.20 28.86
CA PRO TB 69 -62.18 -95.52 29.46
C PRO TB 69 -61.22 -94.33 29.42
N HIS TB 70 -60.23 -94.35 30.31
CA HIS TB 70 -59.24 -93.27 30.36
C HIS TB 70 -58.01 -93.62 29.54
N ILE TB 71 -57.58 -92.68 28.71
CA ILE TB 71 -56.39 -92.86 27.89
C ILE TB 71 -55.51 -91.62 28.01
N ARG TB 72 -54.36 -91.78 28.66
CA ARG TB 72 -53.50 -90.65 28.98
C ARG TB 72 -52.05 -90.91 28.60
N ILE TB 73 -51.34 -89.85 28.23
CA ILE TB 73 -49.91 -89.96 27.92
C ILE TB 73 -49.09 -90.10 29.20
N ARG TB 74 -48.14 -91.04 29.17
CA ARG TB 74 -47.23 -91.24 30.29
C ARG TB 74 -45.86 -90.65 29.99
N CYS TB 75 -45.39 -90.86 28.77
CA CYS TB 75 -44.04 -90.42 28.37
C CYS TB 75 -43.88 -90.40 26.86
N VAL TB 76 -42.90 -89.65 26.39
CA VAL TB 76 -42.56 -89.59 24.97
C VAL TB 76 -41.06 -89.80 24.79
N ASP TB 77 -40.69 -90.89 24.13
CA ASP TB 77 -39.30 -91.23 23.92
C ASP TB 77 -38.88 -90.92 22.49
N ILE TB 78 -37.83 -90.11 22.34
CA ILE TB 78 -37.37 -89.67 21.04
C ILE TB 78 -36.09 -90.37 20.61
N ASP TB 79 -36.13 -91.03 19.45
CA ASP TB 79 -34.94 -91.61 18.85
C ASP TB 79 -34.30 -90.58 17.93
N ASP TB 80 -33.04 -90.24 18.20
CA ASP TB 80 -32.38 -89.14 17.51
C ASP TB 80 -31.08 -89.58 16.86
N LYS TB 81 -30.85 -90.89 16.82
CA LYS TB 81 -29.60 -91.45 16.30
C LYS TB 81 -29.41 -91.16 14.82
N HIS TB 82 -30.28 -91.73 13.98
CA HIS TB 82 -30.14 -91.61 12.55
C HIS TB 82 -31.33 -90.89 11.94
N THR TB 83 -32.53 -91.37 12.24
CA THR TB 83 -33.76 -90.76 11.74
C THR TB 83 -34.64 -90.28 12.89
N TYR TB 84 -35.32 -89.16 12.69
CA TYR TB 84 -36.17 -88.58 13.72
C TYR TB 84 -37.40 -89.46 13.99
N ASN TB 85 -37.42 -90.07 15.16
CA ASN TB 85 -38.51 -90.96 15.54
C ASN TB 85 -38.99 -90.70 16.96
N ALA TB 86 -40.28 -90.90 17.21
CA ALA TB 86 -40.85 -90.66 18.53
C ALA TB 86 -41.72 -91.83 18.98
N MET TB 87 -41.48 -92.30 20.19
CA MET TB 87 -42.28 -93.36 20.79
C MET TB 87 -43.10 -92.83 21.95
N VAL TB 88 -44.42 -92.85 21.81
CA VAL TB 88 -45.30 -92.31 22.83
C VAL TB 88 -45.75 -93.41 23.77
N TYR TB 89 -45.74 -93.13 25.07
CA TYR TB 89 -46.18 -94.10 26.08
C TYR TB 89 -47.52 -93.69 26.65
N VAL TB 90 -48.52 -94.56 26.47
CA VAL TB 90 -49.89 -94.26 26.86
C VAL TB 90 -50.46 -95.34 27.76
N ASP TB 91 -51.21 -94.93 28.78
CA ASP TB 91 -51.88 -95.89 29.66
C ASP TB 91 -53.38 -95.86 29.43
N LEU TB 92 -53.95 -97.04 29.18
CA LEU TB 92 -55.40 -97.16 29.00
C LEU TB 92 -56.05 -97.72 30.25
N ILE TB 93 -56.90 -96.92 30.88
CA ILE TB 93 -57.56 -97.33 32.11
C ILE TB 93 -59.04 -97.63 31.88
N VAL TB 94 -59.47 -98.79 32.37
CA VAL TB 94 -60.85 -99.22 32.22
C VAL TB 94 -61.35 -99.95 33.46
N GLU TB 100 -64.93 -108.41 29.68
CA GLU TB 100 -63.70 -108.67 28.94
C GLU TB 100 -63.87 -108.33 27.45
N VAL TB 101 -65.08 -108.54 26.94
CA VAL TB 101 -65.38 -108.23 25.54
C VAL TB 101 -65.33 -106.73 25.29
N GLU TB 102 -65.90 -105.97 26.22
CA GLU TB 102 -65.89 -104.51 26.14
C GLU TB 102 -64.48 -103.96 26.28
N ARG TB 103 -63.65 -104.67 27.04
CA ARG TB 103 -62.25 -104.29 27.23
C ARG TB 103 -61.48 -104.39 25.92
N GLU TB 104 -61.74 -105.47 25.17
CA GLU TB 104 -61.11 -105.66 23.87
C GLU TB 104 -61.59 -104.61 22.88
N THR TB 105 -62.87 -104.26 22.97
CA THR TB 105 -63.45 -103.23 22.12
C THR TB 105 -62.85 -101.87 22.45
N ALA TB 106 -62.68 -101.61 23.74
CA ALA TB 106 -62.07 -100.36 24.20
C ALA TB 106 -60.60 -100.30 23.76
N GLU TB 107 -59.91 -101.43 23.87
CA GLU TB 107 -58.52 -101.51 23.46
C GLU TB 107 -58.36 -101.30 21.95
N GLU TB 108 -59.29 -101.85 21.19
CA GLU TB 108 -59.27 -101.72 19.74
C GLU TB 108 -59.53 -100.29 19.30
N GLU TB 109 -60.56 -99.67 19.88
CA GLU TB 109 -60.92 -98.29 19.56
C GLU TB 109 -59.81 -97.31 19.95
N ALA TB 110 -59.22 -97.53 21.13
CA ALA TB 110 -58.15 -96.66 21.61
C ALA TB 110 -56.91 -96.78 20.72
N LYS TB 111 -56.60 -98.00 20.30
CA LYS TB 111 -55.45 -98.23 19.43
C LYS TB 111 -55.61 -97.53 18.08
N LEU TB 112 -56.78 -97.70 17.48
CA LEU TB 112 -57.08 -97.09 16.18
C LEU TB 112 -57.09 -95.57 16.27
N ALA TB 113 -57.62 -95.04 17.37
CA ALA TB 113 -57.69 -93.60 17.57
C ALA TB 113 -56.29 -93.00 17.70
N LEU TB 114 -55.41 -93.72 18.40
CA LEU TB 114 -54.05 -93.26 18.62
C LEU TB 114 -53.24 -93.26 17.32
N ARG TB 115 -53.54 -94.20 16.44
CA ARG TB 115 -52.85 -94.28 15.15
C ARG TB 115 -53.11 -93.04 14.31
N VAL TB 116 -54.34 -92.56 14.32
CA VAL TB 116 -54.73 -91.37 13.57
C VAL TB 116 -54.25 -90.09 14.25
N ALA TB 117 -54.40 -90.05 15.57
CA ALA TB 117 -54.08 -88.85 16.35
C ALA TB 117 -52.58 -88.58 16.41
N LEU TB 118 -51.80 -89.64 16.60
CA LEU TB 118 -50.35 -89.48 16.79
C LEU TB 118 -49.59 -89.64 15.48
N GLN TB 119 -50.32 -89.85 14.39
CA GLN TB 119 -49.72 -90.06 13.06
C GLN TB 119 -48.70 -91.17 13.09
N VAL TB 120 -49.12 -92.35 13.52
CA VAL TB 120 -48.22 -93.50 13.65
C VAL TB 120 -47.74 -94.00 12.28
N ASP TB 121 -46.44 -94.26 12.19
CA ASP TB 121 -45.80 -94.78 10.98
C ASP TB 121 -45.89 -93.81 9.81
N ILE TB 122 -46.20 -92.56 10.11
CA ILE TB 122 -46.24 -91.52 9.09
C ILE TB 122 -45.44 -90.30 9.52
N ALA TB 123 -45.02 -89.49 8.55
CA ALA TB 123 -44.25 -88.29 8.83
C ALA TB 123 -45.12 -87.23 9.52
N ASP TB 124 -44.72 -86.82 10.71
CA ASP TB 124 -45.45 -85.81 11.46
C ASP TB 124 -45.18 -84.42 10.89
N GLU TB 125 -45.77 -83.41 11.53
CA GLU TB 125 -45.58 -82.02 11.11
C GLU TB 125 -44.13 -81.58 11.31
N HIS TB 126 -43.44 -82.25 12.24
CA HIS TB 126 -42.04 -81.94 12.51
C HIS TB 126 -41.12 -82.92 11.79
N SER TB 127 -41.62 -83.49 10.69
CA SER TB 127 -40.89 -84.49 9.92
C SER TB 127 -40.45 -85.67 10.80
N CYS TB 128 -41.39 -86.21 11.56
CA CYS TB 128 -41.09 -87.28 12.50
C CYS TB 128 -41.95 -88.51 12.26
N VAL TB 129 -41.34 -89.69 12.39
CA VAL TB 129 -42.07 -90.94 12.30
C VAL TB 129 -42.43 -91.40 13.72
N THR TB 130 -43.73 -91.36 14.04
CA THR TB 130 -44.18 -91.64 15.39
C THR TB 130 -44.69 -93.06 15.57
N GLN TB 131 -44.60 -93.54 16.80
CA GLN TB 131 -45.13 -94.85 17.19
C GLN TB 131 -45.56 -94.79 18.64
N PHE TB 132 -46.40 -95.73 19.06
CA PHE TB 132 -46.92 -95.70 20.42
C PHE TB 132 -46.97 -97.09 21.04
N GLU TB 133 -46.85 -97.13 22.37
CA GLU TB 133 -47.01 -98.36 23.13
C GLU TB 133 -47.97 -98.11 24.28
N MET TB 134 -48.94 -99.00 24.46
CA MET TB 134 -49.95 -98.79 25.48
C MET TB 134 -50.10 -99.97 26.44
N LYS TB 135 -50.40 -99.65 27.69
CA LYS TB 135 -50.64 -100.67 28.71
C LYS TB 135 -52.06 -100.58 29.24
N LEU TB 136 -52.62 -101.72 29.63
CA LEU TB 136 -53.99 -101.77 30.13
C LEU TB 136 -54.01 -101.85 31.64
N ARG TB 137 -54.77 -100.95 32.27
CA ARG TB 137 -54.90 -100.94 33.72
C ARG TB 137 -56.37 -100.92 34.13
N GLU TB 138 -56.70 -101.56 35.25
CA GLU TB 138 -58.07 -101.63 35.71
C GLU TB 138 -58.21 -101.14 37.15
N GLU TB 139 -59.01 -100.09 37.34
CA GLU TB 139 -59.24 -99.52 38.66
C GLU TB 139 -60.63 -98.88 38.73
N LEU TB 140 -61.17 -98.77 39.93
CA LEU TB 140 -62.48 -98.15 40.12
C LEU TB 140 -62.43 -96.65 39.83
N LEU TB 141 -63.25 -96.20 38.89
CA LEU TB 141 -63.32 -94.80 38.53
C LEU TB 141 -63.94 -93.98 39.64
N SER TB 142 -64.81 -94.61 40.43
CA SER TB 142 -65.50 -93.94 41.52
C SER TB 142 -64.68 -93.96 42.81
N SER TB 143 -63.53 -94.63 42.76
CA SER TB 143 -62.65 -94.73 43.92
C SER TB 143 -62.02 -93.38 44.25
N ASP TB 144 -61.89 -93.09 45.54
CA ASP TB 144 -61.29 -91.84 45.99
C ASP TB 144 -59.80 -91.80 45.67
N SER TB 145 -59.11 -92.91 45.87
CA SER TB 145 -57.68 -92.99 45.60
C SER TB 145 -57.40 -93.38 44.16
N PHE TB 146 -57.89 -92.57 43.23
CA PHE TB 146 -57.67 -92.82 41.81
C PHE TB 146 -57.61 -91.53 40.99
N HIS TB 147 -56.67 -91.48 40.06
CA HIS TB 147 -56.56 -90.37 39.12
C HIS TB 147 -55.87 -90.81 37.84
N PRO TB 148 -56.34 -90.30 36.69
CA PRO TB 148 -55.76 -90.56 35.37
C PRO TB 148 -54.23 -90.41 35.34
N ASP TB 149 -53.70 -89.46 36.11
CA ASP TB 149 -52.26 -89.23 36.13
C ASP TB 149 -51.68 -89.40 37.53
N LYS TB 150 -51.88 -90.57 38.12
CA LYS TB 150 -51.37 -90.86 39.45
C LYS TB 150 -49.83 -90.88 39.47
N ASP TB 151 -49.27 -90.78 40.66
CA ASP TB 151 -47.82 -90.75 40.84
C ASP TB 151 -47.16 -92.05 40.39
N GLU TB 152 -47.68 -93.18 40.89
CA GLU TB 152 -47.10 -94.49 40.62
C GLU TB 152 -47.12 -94.85 39.14
N TYR TB 153 -47.97 -94.18 38.37
CA TYR TB 153 -48.12 -94.47 36.95
C TYR TB 153 -46.89 -94.05 36.15
N TYR TB 154 -46.13 -93.09 36.67
CA TYR TB 154 -44.97 -92.55 35.96
C TYR TB 154 -43.67 -93.13 36.49
N LYS TB 155 -43.76 -94.19 37.28
CA LYS TB 155 -42.60 -94.79 37.93
C LYS TB 155 -41.61 -95.35 36.91
N ASP TB 156 -42.11 -95.75 35.75
CA ASP TB 156 -41.29 -96.38 34.72
C ASP TB 156 -40.33 -95.41 34.04
N PHE TB 157 -40.69 -94.14 33.99
CA PHE TB 157 -39.93 -93.15 33.23
C PHE TB 157 -39.18 -92.14 34.09
N LEU TB 158 -39.34 -92.23 35.41
CA LEU TB 158 -38.65 -91.33 36.32
C LEU TB 158 -37.85 -92.11 37.37
N SER UB 3 -24.67 52.70 -75.06
CA SER UB 3 -23.27 52.96 -75.35
C SER UB 3 -22.90 52.45 -76.75
N VAL UB 4 -23.42 51.28 -77.11
CA VAL UB 4 -23.17 50.70 -78.42
C VAL UB 4 -24.48 50.48 -79.16
N ASN UB 5 -24.51 50.86 -80.43
CA ASN UB 5 -25.73 50.73 -81.24
C ASN UB 5 -25.51 49.85 -82.46
N THR UB 6 -25.80 48.56 -82.32
CA THR UB 6 -25.69 47.62 -83.42
C THR UB 6 -26.99 47.56 -84.23
N SER UB 7 -26.88 47.05 -85.46
CA SER UB 7 -28.02 46.95 -86.36
C SER UB 7 -27.72 45.98 -87.49
N PHE UB 8 -28.72 45.22 -87.90
CA PHE UB 8 -28.56 44.22 -88.94
C PHE UB 8 -29.09 44.68 -90.29
N LEU UB 9 -28.18 45.00 -91.21
CA LEU UB 9 -28.56 45.31 -92.58
C LEU UB 9 -28.82 44.00 -93.32
N SER UB 10 -28.09 42.96 -92.93
CA SER UB 10 -28.20 41.64 -93.53
C SER UB 10 -27.79 40.60 -92.49
N PRO UB 11 -28.10 39.32 -92.73
CA PRO UB 11 -27.66 38.28 -91.78
C PRO UB 11 -26.14 38.26 -91.59
N SER UB 12 -25.39 38.52 -92.66
CA SER UB 12 -23.93 38.51 -92.57
C SER UB 12 -23.36 39.92 -92.59
N LEU UB 13 -24.22 40.92 -92.43
CA LEU UB 13 -23.78 42.31 -92.44
C LEU UB 13 -24.31 43.07 -91.23
N VAL UB 14 -23.39 43.53 -90.38
CA VAL UB 14 -23.76 44.23 -89.15
C VAL UB 14 -22.98 45.54 -89.01
N THR UB 15 -23.69 46.62 -88.69
CA THR UB 15 -23.06 47.90 -88.44
C THR UB 15 -23.02 48.20 -86.95
N ILE UB 16 -21.82 48.45 -86.43
CA ILE UB 16 -21.65 48.69 -85.00
C ILE UB 16 -21.11 50.08 -84.71
N ARG UB 17 -21.88 50.88 -83.98
CA ARG UB 17 -21.46 52.22 -83.60
C ARG UB 17 -21.17 52.32 -82.11
N ASP UB 18 -19.96 52.79 -81.78
CA ASP UB 18 -19.57 52.97 -80.38
C ASP UB 18 -19.49 54.47 -80.08
N PHE UB 19 -20.49 54.97 -79.35
CA PHE UB 19 -20.56 56.39 -79.04
C PHE UB 19 -19.51 56.82 -78.03
N ASP UB 20 -19.28 55.99 -77.02
CA ASP UB 20 -18.33 56.33 -75.96
C ASP UB 20 -16.89 56.38 -76.49
N ASN UB 21 -16.52 55.39 -77.29
CA ASN UB 21 -15.17 55.33 -77.84
C ASN UB 21 -15.05 56.09 -79.15
N GLY UB 22 -16.18 56.54 -79.69
CA GLY UB 22 -16.19 57.27 -80.94
C GLY UB 22 -15.68 56.45 -82.10
N GLN UB 23 -16.19 55.22 -82.21
CA GLN UB 23 -15.74 54.31 -83.26
C GLN UB 23 -16.91 53.74 -84.05
N PHE UB 24 -16.63 53.30 -85.28
CA PHE UB 24 -17.62 52.61 -86.10
C PHE UB 24 -16.93 51.46 -86.81
N ALA UB 25 -17.47 50.26 -86.62
CA ALA UB 25 -16.91 49.06 -87.23
C ALA UB 25 -17.99 48.28 -87.97
N VAL UB 26 -17.64 47.76 -89.14
CA VAL UB 26 -18.56 46.95 -89.91
C VAL UB 26 -18.26 45.47 -89.71
N LEU UB 27 -19.23 44.74 -89.19
CA LEU UB 27 -19.07 43.31 -88.98
C LEU UB 27 -19.64 42.53 -90.16
N ARG UB 28 -18.77 41.82 -90.87
CA ARG UB 28 -19.18 41.09 -92.06
C ARG UB 28 -18.57 39.69 -92.11
N ILE UB 29 -19.41 38.70 -92.35
CA ILE UB 29 -18.94 37.34 -92.58
C ILE UB 29 -19.07 37.00 -94.06
N GLY UB 30 -18.09 37.47 -94.85
CA GLY UB 30 -18.15 37.37 -96.29
C GLY UB 30 -17.88 35.98 -96.85
N ARG UB 31 -16.85 35.33 -96.33
CA ARG UB 31 -16.40 34.03 -96.84
C ARG UB 31 -17.50 32.97 -96.86
N THR UB 32 -18.33 32.94 -95.82
CA THR UB 32 -19.36 31.90 -95.71
C THR UB 32 -20.78 32.47 -95.84
N GLY UB 33 -20.99 33.66 -95.31
CA GLY UB 33 -22.30 34.28 -95.33
C GLY UB 33 -23.17 33.81 -94.17
N PHE UB 34 -22.53 33.29 -93.14
CA PHE UB 34 -23.23 32.84 -91.94
C PHE UB 34 -23.79 34.04 -91.17
N PRO UB 35 -24.86 33.83 -90.40
CA PRO UB 35 -25.43 34.92 -89.59
C PRO UB 35 -24.55 35.25 -88.38
N ALA UB 36 -24.33 36.54 -88.15
CA ALA UB 36 -23.50 36.99 -87.04
C ALA UB 36 -24.17 36.72 -85.70
N ASP UB 37 -23.55 35.89 -84.88
CA ASP UB 37 -24.08 35.56 -83.56
C ASP UB 37 -23.58 36.55 -82.51
N LYS UB 38 -23.99 36.33 -81.26
CA LYS UB 38 -23.59 37.20 -80.16
C LYS UB 38 -22.08 37.15 -79.95
N GLY UB 39 -21.48 35.99 -80.17
CA GLY UB 39 -20.06 35.81 -80.03
C GLY UB 39 -19.27 36.59 -81.07
N ASP UB 40 -19.81 36.63 -82.29
CA ASP UB 40 -19.16 37.35 -83.38
C ASP UB 40 -19.12 38.86 -83.10
N ILE UB 41 -20.23 39.39 -82.59
CA ILE UB 41 -20.30 40.81 -82.26
C ILE UB 41 -19.37 41.14 -81.09
N ASP UB 42 -19.38 40.30 -80.07
CA ASP UB 42 -18.52 40.48 -78.90
C ASP UB 42 -17.05 40.43 -79.30
N LEU UB 43 -16.72 39.60 -80.28
CA LEU UB 43 -15.36 39.51 -80.79
C LEU UB 43 -14.98 40.79 -81.50
N CYS UB 44 -15.91 41.35 -82.26
CA CYS UB 44 -15.69 42.60 -82.99
C CYS UB 44 -15.43 43.76 -82.02
N LEU UB 45 -16.22 43.82 -80.96
CA LEU UB 45 -16.05 44.85 -79.93
C LEU UB 45 -14.67 44.73 -79.28
N ASP UB 46 -14.23 43.49 -79.06
CA ASP UB 46 -12.92 43.23 -78.48
C ASP UB 46 -11.79 43.68 -79.41
N LYS UB 47 -12.08 43.71 -80.70
CA LYS UB 47 -11.11 44.16 -81.69
C LYS UB 47 -11.07 45.69 -81.75
N MET UB 48 -12.21 46.32 -81.54
CA MET UB 48 -12.30 47.78 -81.56
C MET UB 48 -11.49 48.38 -80.42
N ILE UB 49 -11.67 47.83 -79.22
CA ILE UB 49 -10.96 48.33 -78.05
C ILE UB 49 -9.47 48.03 -78.15
N GLY UB 50 -9.12 46.99 -78.91
CA GLY UB 50 -7.73 46.65 -79.14
C GLY UB 50 -7.04 47.69 -79.99
N VAL UB 51 -7.70 48.08 -81.09
CA VAL UB 51 -7.18 49.10 -81.97
C VAL UB 51 -7.30 50.48 -81.29
N ARG UB 52 -8.32 50.63 -80.46
CA ARG UB 52 -8.45 51.84 -79.64
C ARG UB 52 -7.23 52.00 -78.76
N ALA UB 53 -6.72 50.89 -78.24
CA ALA UB 53 -5.50 50.87 -77.45
C ALA UB 53 -4.28 51.16 -78.33
N ALA UB 54 -4.34 50.72 -79.58
CA ALA UB 54 -3.26 50.97 -80.53
C ALA UB 54 -3.16 52.46 -80.87
N GLN UB 55 -4.32 53.12 -80.97
CA GLN UB 55 -4.37 54.54 -81.31
C GLN UB 55 -3.73 55.40 -80.23
N ILE UB 56 -4.13 55.17 -78.98
CA ILE UB 56 -3.63 55.95 -77.86
C ILE UB 56 -2.15 55.61 -77.61
N PHE UB 57 -1.76 54.39 -77.98
CA PHE UB 57 -0.36 53.98 -77.91
C PHE UB 57 0.53 54.81 -78.83
N LEU UB 58 0.06 55.03 -80.06
CA LEU UB 58 0.80 55.82 -81.03
C LEU UB 58 0.82 57.30 -80.65
N GLY UB 59 -0.03 57.67 -79.71
CA GLY UB 59 -0.12 59.04 -79.25
C GLY UB 59 -1.55 59.43 -78.95
N ASP UB 60 -1.75 60.17 -77.87
CA ASP UB 60 -3.09 60.59 -77.48
C ASP UB 60 -3.59 61.67 -78.41
N ASP UB 61 -4.51 61.28 -79.30
CA ASP UB 61 -5.05 62.20 -80.29
C ASP UB 61 -6.42 62.70 -79.86
N THR UB 62 -6.80 62.39 -78.62
CA THR UB 62 -8.03 62.89 -78.03
C THR UB 62 -7.85 64.35 -77.63
N GLU UB 63 -6.59 64.74 -77.42
CA GLU UB 63 -6.25 66.10 -77.06
C GLU UB 63 -6.34 67.02 -78.29
N ASP UB 64 -6.22 68.32 -78.06
CA ASP UB 64 -6.27 69.30 -79.14
C ASP UB 64 -4.98 69.29 -79.94
N GLY UB 65 -5.10 69.48 -81.26
CA GLY UB 65 -3.94 69.50 -82.13
C GLY UB 65 -3.35 68.13 -82.37
N PHE UB 66 -4.23 67.17 -82.65
CA PHE UB 66 -3.81 65.79 -82.91
C PHE UB 66 -2.90 65.70 -84.14
N LYS UB 67 -1.59 65.70 -83.91
CA LYS UB 67 -0.62 65.63 -85.00
C LYS UB 67 -0.63 64.27 -85.69
N GLY UB 68 -1.20 63.27 -85.02
CA GLY UB 68 -1.32 61.95 -85.58
C GLY UB 68 -0.21 61.00 -85.16
N PRO UB 69 -0.10 59.84 -85.83
CA PRO UB 69 -0.98 59.44 -86.92
C PRO UB 69 -2.26 58.79 -86.42
N HIS UB 70 -3.31 58.81 -87.25
CA HIS UB 70 -4.59 58.22 -86.88
C HIS UB 70 -4.70 56.78 -87.37
N ILE UB 71 -5.12 55.88 -86.48
CA ILE UB 71 -5.31 54.48 -86.82
C ILE UB 71 -6.66 53.99 -86.29
N ARG UB 72 -7.58 53.70 -87.21
CA ARG UB 72 -8.95 53.36 -86.86
C ARG UB 72 -9.42 52.09 -87.58
N ILE UB 73 -10.31 51.35 -86.92
CA ILE UB 73 -10.91 50.16 -87.52
C ILE UB 73 -11.95 50.53 -88.56
N ARG UB 74 -11.91 49.86 -89.70
CA ARG UB 74 -12.89 50.08 -90.75
C ARG UB 74 -13.91 48.94 -90.81
N CYS UB 75 -13.43 47.72 -90.67
CA CYS UB 75 -14.29 46.54 -90.79
C CYS UB 75 -13.63 45.29 -90.20
N VAL UB 76 -14.45 44.29 -89.90
CA VAL UB 76 -13.96 43.02 -89.39
C VAL UB 76 -14.57 41.86 -90.17
N ASP UB 77 -13.73 41.12 -90.89
CA ASP UB 77 -14.19 40.01 -91.71
C ASP UB 77 -13.88 38.68 -91.02
N ILE UB 78 -14.92 37.87 -90.83
CA ILE UB 78 -14.78 36.60 -90.13
C ILE UB 78 -14.83 35.39 -91.05
N ASP UB 79 -13.80 34.57 -91.02
CA ASP UB 79 -13.80 33.30 -91.74
C ASP UB 79 -14.37 32.22 -90.83
N ASP UB 80 -15.47 31.60 -91.26
CA ASP UB 80 -16.21 30.68 -90.40
C ASP UB 80 -16.41 29.32 -91.05
N LYS UB 81 -15.71 29.06 -92.15
CA LYS UB 81 -15.88 27.84 -92.91
C LYS UB 81 -15.49 26.59 -92.12
N HIS UB 82 -14.21 26.48 -91.79
CA HIS UB 82 -13.71 25.29 -91.09
C HIS UB 82 -13.17 25.68 -89.72
N THR UB 83 -12.28 26.66 -89.68
CA THR UB 83 -11.72 27.15 -88.43
C THR UB 83 -12.08 28.61 -88.22
N TYR UB 84 -12.30 28.98 -86.96
CA TYR UB 84 -12.69 30.35 -86.62
C TYR UB 84 -11.54 31.32 -86.86
N ASN UB 85 -11.71 32.19 -87.87
CA ASN UB 85 -10.70 33.16 -88.24
C ASN UB 85 -11.30 34.54 -88.47
N ALA UB 86 -10.53 35.57 -88.15
CA ALA UB 86 -11.01 36.95 -88.31
C ALA UB 86 -9.98 37.82 -89.01
N MET UB 87 -10.42 38.55 -90.03
CA MET UB 87 -9.56 39.48 -90.75
C MET UB 87 -10.02 40.92 -90.48
N VAL UB 88 -9.18 41.69 -89.80
CA VAL UB 88 -9.52 43.06 -89.44
C VAL UB 88 -9.02 44.06 -90.47
N TYR UB 89 -9.87 45.02 -90.82
CA TYR UB 89 -9.50 46.07 -91.76
C TYR UB 89 -9.31 47.40 -91.05
N VAL UB 90 -8.09 47.94 -91.14
CA VAL UB 90 -7.72 49.15 -90.41
C VAL UB 90 -7.14 50.20 -91.37
N ASP UB 91 -7.52 51.46 -91.19
CA ASP UB 91 -6.97 52.54 -91.99
C ASP UB 91 -6.02 53.41 -91.17
N LEU UB 92 -4.80 53.60 -91.68
CA LEU UB 92 -3.81 54.44 -91.01
C LEU UB 92 -3.69 55.79 -91.72
N ILE UB 93 -4.04 56.85 -91.01
CA ILE UB 93 -3.99 58.20 -91.57
C ILE UB 93 -2.84 59.02 -90.97
N VAL UB 94 -2.04 59.63 -91.84
CA VAL UB 94 -0.91 60.44 -91.40
C VAL UB 94 -0.74 61.68 -92.27
N GLU UB 100 8.65 61.35 -95.46
CA GLU UB 100 8.41 60.00 -95.94
C GLU UB 100 9.01 58.96 -94.99
N VAL UB 101 10.13 59.31 -94.38
CA VAL UB 101 10.79 58.42 -93.42
C VAL UB 101 9.93 58.24 -92.17
N GLU UB 102 9.36 59.35 -91.69
CA GLU UB 102 8.47 59.31 -90.54
C GLU UB 102 7.20 58.54 -90.86
N ARG UB 103 6.78 58.60 -92.12
CA ARG UB 103 5.61 57.87 -92.58
C ARG UB 103 5.85 56.36 -92.52
N GLU UB 104 7.06 55.95 -92.91
CA GLU UB 104 7.44 54.54 -92.84
C GLU UB 104 7.57 54.10 -91.39
N THR UB 105 8.07 55.00 -90.54
CA THR UB 105 8.21 54.72 -89.12
C THR UB 105 6.85 54.58 -88.46
N ALA UB 106 5.91 55.45 -88.85
CA ALA UB 106 4.55 55.39 -88.31
C ALA UB 106 3.86 54.10 -88.73
N GLU UB 107 4.08 53.70 -89.98
CA GLU UB 107 3.51 52.46 -90.49
C GLU UB 107 4.08 51.25 -89.76
N GLU UB 108 5.36 51.30 -89.44
CA GLU UB 108 6.03 50.22 -88.73
C GLU UB 108 5.52 50.09 -87.30
N GLU UB 109 5.43 51.22 -86.61
CA GLU UB 109 4.94 51.24 -85.23
C GLU UB 109 3.49 50.78 -85.15
N ALA UB 110 2.68 51.24 -86.10
CA ALA UB 110 1.26 50.88 -86.15
C ALA UB 110 1.10 49.38 -86.42
N LYS UB 111 1.94 48.85 -87.30
CA LYS UB 111 1.89 47.43 -87.64
C LYS UB 111 2.22 46.56 -86.43
N LEU UB 112 3.29 46.92 -85.73
CA LEU UB 112 3.72 46.18 -84.54
C LEU UB 112 2.68 46.26 -83.43
N ALA UB 113 2.07 47.44 -83.29
CA ALA UB 113 1.05 47.66 -82.27
C ALA UB 113 -0.20 46.82 -82.53
N LEU UB 114 -0.58 46.70 -83.80
CA LEU UB 114 -1.76 45.94 -84.18
C LEU UB 114 -1.57 44.45 -83.96
N ARG UB 115 -0.34 43.96 -84.14
CA ARG UB 115 -0.03 42.56 -83.93
C ARG UB 115 -0.23 42.14 -82.47
N VAL UB 116 0.18 43.01 -81.55
CA VAL UB 116 0.04 42.73 -80.13
C VAL UB 116 -1.40 42.91 -79.67
N ALA UB 117 -2.04 43.97 -80.14
CA ALA UB 117 -3.39 44.32 -79.71
C ALA UB 117 -4.44 43.32 -80.21
N LEU UB 118 -4.32 42.92 -81.47
CA LEU UB 118 -5.32 42.06 -82.09
C LEU UB 118 -4.95 40.57 -82.00
N GLN UB 119 -3.82 40.27 -81.38
CA GLN UB 119 -3.34 38.90 -81.24
C GLN UB 119 -3.25 38.20 -82.59
N VAL UB 120 -2.50 38.78 -83.51
CA VAL UB 120 -2.37 38.24 -84.86
C VAL UB 120 -1.65 36.89 -84.86
N ASP UB 121 -2.20 35.94 -85.60
CA ASP UB 121 -1.63 34.61 -85.77
C ASP UB 121 -1.59 33.83 -84.45
N ILE UB 122 -2.36 34.29 -83.48
CA ILE UB 122 -2.47 33.61 -82.19
C ILE UB 122 -3.94 33.42 -81.81
N ALA UB 123 -4.20 32.47 -80.92
CA ALA UB 123 -5.56 32.19 -80.49
C ALA UB 123 -6.10 33.32 -79.62
N ASP UB 124 -7.20 33.92 -80.05
CA ASP UB 124 -7.83 35.02 -79.31
C ASP UB 124 -8.60 34.48 -78.11
N GLU UB 125 -9.27 35.39 -77.40
CA GLU UB 125 -10.06 35.01 -76.24
C GLU UB 125 -11.26 34.17 -76.64
N HIS UB 126 -11.69 34.31 -77.91
CA HIS UB 126 -12.79 33.52 -78.43
C HIS UB 126 -12.27 32.34 -79.24
N SER UB 127 -11.05 31.91 -78.93
CA SER UB 127 -10.39 30.82 -79.65
C SER UB 127 -10.36 31.12 -81.15
N CYS UB 128 -9.90 32.32 -81.50
CA CYS UB 128 -9.89 32.76 -82.89
C CYS UB 128 -8.50 33.18 -83.34
N VAL UB 129 -8.16 32.84 -84.58
CA VAL UB 129 -6.90 33.27 -85.18
C VAL UB 129 -7.14 34.55 -85.99
N THR UB 130 -6.59 35.65 -85.52
CA THR UB 130 -6.85 36.96 -86.11
C THR UB 130 -5.75 37.40 -87.07
N GLN UB 131 -6.11 38.23 -88.03
CA GLN UB 131 -5.16 38.83 -88.96
C GLN UB 131 -5.67 40.21 -89.37
N PHE UB 132 -4.79 41.04 -89.90
CA PHE UB 132 -5.18 42.40 -90.24
C PHE UB 132 -4.61 42.87 -91.57
N GLU UB 133 -5.32 43.78 -92.22
CA GLU UB 133 -4.86 44.44 -93.43
C GLU UB 133 -5.03 45.95 -93.28
N MET UB 134 -4.01 46.71 -93.62
CA MET UB 134 -4.05 48.15 -93.40
C MET UB 134 -3.72 48.96 -94.66
N LYS UB 135 -4.38 50.11 -94.79
CA LYS UB 135 -4.14 51.03 -95.90
C LYS UB 135 -3.61 52.36 -95.38
N LEU UB 136 -2.77 53.01 -96.17
CA LEU UB 136 -2.18 54.29 -95.78
C LEU UB 136 -2.89 55.46 -96.46
N ARG UB 137 -3.32 56.43 -95.66
CA ARG UB 137 -3.99 57.61 -96.19
C ARG UB 137 -3.33 58.89 -95.66
N GLU UB 138 -3.32 59.92 -96.49
CA GLU UB 138 -2.69 61.18 -96.12
C GLU UB 138 -3.65 62.37 -96.28
N GLU UB 139 -3.92 63.07 -95.18
CA GLU UB 139 -4.80 64.23 -95.21
C GLU UB 139 -4.43 65.23 -94.12
N LEU UB 140 -4.82 66.49 -94.33
CA LEU UB 140 -4.52 67.55 -93.37
C LEU UB 140 -5.31 67.35 -92.08
N LEU UB 141 -4.59 67.24 -90.96
CA LEU UB 141 -5.22 67.06 -89.65
C LEU UB 141 -5.99 68.30 -89.20
N SER UB 142 -5.54 69.47 -89.66
CA SER UB 142 -6.17 70.72 -89.27
C SER UB 142 -7.33 71.09 -90.20
N SER UB 143 -7.55 70.26 -91.21
CA SER UB 143 -8.64 70.51 -92.16
C SER UB 143 -10.00 70.30 -91.51
N ASP UB 144 -10.95 71.15 -91.88
CA ASP UB 144 -12.32 71.07 -91.36
C ASP UB 144 -13.05 69.83 -91.88
N SER UB 145 -12.87 69.55 -93.16
CA SER UB 145 -13.52 68.41 -93.80
C SER UB 145 -12.70 67.14 -93.64
N PHE UB 146 -12.44 66.76 -92.40
CA PHE UB 146 -11.68 65.54 -92.11
C PHE UB 146 -12.11 64.90 -90.80
N HIS UB 147 -12.21 63.58 -90.80
CA HIS UB 147 -12.53 62.83 -89.60
C HIS UB 147 -11.98 61.40 -89.71
N PRO UB 148 -11.46 60.87 -88.59
CA PRO UB 148 -10.96 59.50 -88.49
C PRO UB 148 -11.91 58.46 -89.07
N ASP UB 149 -13.21 58.67 -88.90
CA ASP UB 149 -14.21 57.74 -89.39
C ASP UB 149 -15.18 58.39 -90.38
N LYS UB 150 -14.62 58.97 -91.44
CA LYS UB 150 -15.44 59.63 -92.46
C LYS UB 150 -16.34 58.64 -93.19
N ASP UB 151 -17.36 59.15 -93.88
CA ASP UB 151 -18.33 58.33 -94.59
C ASP UB 151 -17.68 57.56 -95.74
N GLU UB 152 -16.94 58.28 -96.58
CA GLU UB 152 -16.34 57.69 -97.78
C GLU UB 152 -15.32 56.60 -97.45
N TYR UB 153 -14.84 56.58 -96.22
CA TYR UB 153 -13.83 55.61 -95.80
C TYR UB 153 -14.42 54.20 -95.71
N TYR UB 154 -15.73 54.11 -95.52
CA TYR UB 154 -16.38 52.81 -95.34
C TYR UB 154 -17.03 52.33 -96.63
N LYS UB 155 -16.70 52.99 -97.74
CA LYS UB 155 -17.32 52.68 -99.02
C LYS UB 155 -17.01 51.26 -99.49
N ASP UB 156 -15.87 50.74 -99.07
CA ASP UB 156 -15.42 49.41 -99.50
C ASP UB 156 -16.25 48.30 -98.88
N PHE UB 157 -16.82 48.57 -97.70
CA PHE UB 157 -17.51 47.55 -96.93
C PHE UB 157 -19.02 47.77 -96.89
N LEU UB 158 -19.47 48.86 -97.50
CA LEU UB 158 -20.90 49.17 -97.55
C LEU UB 158 -21.38 49.36 -98.99
N SER VB 3 -39.31 52.46 -76.86
CA SER VB 3 -40.13 53.57 -77.34
C SER VB 3 -39.58 54.12 -78.65
N VAL VB 4 -38.26 54.23 -78.73
CA VAL VB 4 -37.59 54.73 -79.93
C VAL VB 4 -36.62 53.67 -80.46
N ASN VB 5 -36.64 53.45 -81.77
CA ASN VB 5 -35.78 52.44 -82.37
C ASN VB 5 -34.86 53.03 -83.43
N THR VB 6 -33.65 53.40 -82.99
CA THR VB 6 -32.64 53.93 -83.89
C THR VB 6 -31.81 52.81 -84.50
N SER VB 7 -31.16 53.11 -85.62
CA SER VB 7 -30.33 52.13 -86.32
C SER VB 7 -29.39 52.81 -87.31
N PHE VB 8 -28.18 52.25 -87.44
CA PHE VB 8 -27.18 52.83 -88.33
C PHE VB 8 -27.06 52.07 -89.65
N LEU VB 9 -27.56 52.67 -90.72
CA LEU VB 9 -27.38 52.12 -92.05
C LEU VB 9 -25.97 52.44 -92.52
N SER VB 10 -25.47 53.59 -92.06
CA SER VB 10 -24.14 54.06 -92.40
C SER VB 10 -23.65 54.94 -91.25
N PRO VB 11 -22.34 55.26 -91.23
CA PRO VB 11 -21.84 56.17 -90.18
C PRO VB 11 -22.56 57.51 -90.18
N SER VB 12 -22.92 58.01 -91.35
CA SER VB 12 -23.61 59.29 -91.47
C SER VB 12 -25.09 59.10 -91.75
N LEU VB 13 -25.59 57.88 -91.62
CA LEU VB 13 -27.00 57.59 -91.91
C LEU VB 13 -27.68 56.84 -90.77
N VAL VB 14 -28.68 57.47 -90.16
CA VAL VB 14 -29.42 56.88 -89.05
C VAL VB 14 -30.92 56.96 -89.27
N THR VB 15 -31.62 55.85 -89.06
CA THR VB 15 -33.08 55.83 -89.17
C THR VB 15 -33.73 55.77 -87.79
N ILE VB 16 -34.62 56.73 -87.52
CA ILE VB 16 -35.27 56.81 -86.22
C ILE VB 16 -36.78 56.62 -86.32
N ARG VB 17 -37.30 55.59 -85.66
CA ARG VB 17 -38.72 55.32 -85.62
C ARG VB 17 -39.27 55.58 -84.22
N ASP VB 18 -40.31 56.43 -84.15
CA ASP VB 18 -40.94 56.74 -82.87
C ASP VB 18 -42.32 56.10 -82.78
N PHE VB 19 -42.42 55.03 -82.00
CA PHE VB 19 -43.68 54.29 -81.88
C PHE VB 19 -44.71 55.10 -81.10
N ASP VB 20 -44.28 55.79 -80.05
CA ASP VB 20 -45.18 56.55 -79.21
C ASP VB 20 -45.80 57.74 -79.94
N ASN VB 21 -44.97 58.46 -80.69
CA ASN VB 21 -45.44 59.62 -81.43
C ASN VB 21 -45.91 59.27 -82.84
N GLY VB 22 -45.66 58.03 -83.25
CA GLY VB 22 -46.03 57.56 -84.58
C GLY VB 22 -45.33 58.35 -85.66
N GLN VB 23 -44.01 58.51 -85.51
CA GLN VB 23 -43.21 59.28 -86.44
C GLN VB 23 -42.00 58.50 -86.94
N PHE VB 24 -41.48 58.90 -88.10
CA PHE VB 24 -40.27 58.30 -88.64
C PHE VB 24 -39.40 59.42 -89.21
N ALA VB 25 -38.16 59.49 -88.73
CA ALA VB 25 -37.23 60.52 -89.18
C ALA VB 25 -35.90 59.90 -89.59
N VAL VB 26 -35.33 60.38 -90.70
CA VAL VB 26 -34.03 59.93 -91.16
C VAL VB 26 -32.95 60.93 -90.77
N LEU VB 27 -31.98 60.47 -89.99
CA LEU VB 27 -30.86 61.32 -89.59
C LEU VB 27 -29.67 61.11 -90.52
N ARG VB 28 -29.31 62.17 -91.25
CA ARG VB 28 -28.23 62.07 -92.22
C ARG VB 28 -27.28 63.26 -92.17
N ILE VB 29 -25.98 62.98 -92.11
CA ILE VB 29 -24.97 64.02 -92.19
C ILE VB 29 -24.30 63.97 -93.56
N GLY VB 30 -24.97 64.53 -94.56
CA GLY VB 30 -24.52 64.43 -95.94
C GLY VB 30 -23.34 65.31 -96.30
N ARG VB 31 -23.37 66.56 -95.86
CA ARG VB 31 -22.37 67.55 -96.23
C ARG VB 31 -20.94 67.13 -95.90
N THR VB 32 -20.75 66.51 -94.74
CA THR VB 32 -19.41 66.15 -94.28
C THR VB 32 -19.19 64.64 -94.26
N GLY VB 33 -20.23 63.90 -93.87
CA GLY VB 33 -20.13 62.46 -93.76
C GLY VB 33 -19.57 62.02 -92.42
N PHE VB 34 -19.63 62.92 -91.44
CA PHE VB 34 -19.18 62.62 -90.09
C PHE VB 34 -20.10 61.60 -89.42
N PRO VB 35 -19.57 60.83 -88.46
CA PRO VB 35 -20.41 59.86 -87.74
C PRO VB 35 -21.35 60.54 -86.77
N ALA VB 36 -22.62 60.12 -86.77
CA ALA VB 36 -23.63 60.71 -85.90
C ALA VB 36 -23.38 60.37 -84.44
N ASP VB 37 -23.15 61.41 -83.63
CA ASP VB 37 -22.90 61.24 -82.21
C ASP VB 37 -24.22 61.25 -81.43
N LYS VB 38 -24.12 61.12 -80.11
CA LYS VB 38 -25.30 61.12 -79.25
C LYS VB 38 -26.06 62.45 -79.34
N GLY VB 39 -25.31 63.54 -79.48
CA GLY VB 39 -25.90 64.85 -79.59
C GLY VB 39 -26.72 65.04 -80.85
N ASP VB 40 -26.23 64.47 -81.96
CA ASP VB 40 -26.91 64.58 -83.24
C ASP VB 40 -28.28 63.90 -83.22
N ILE VB 41 -28.33 62.71 -82.62
CA ILE VB 41 -29.57 61.96 -82.52
C ILE VB 41 -30.57 62.68 -81.60
N ASP VB 42 -30.07 63.18 -80.47
CA ASP VB 42 -30.90 63.91 -79.52
C ASP VB 42 -31.47 65.18 -80.15
N LEU VB 43 -30.70 65.79 -81.04
CA LEU VB 43 -31.15 66.97 -81.76
C LEU VB 43 -32.30 66.63 -82.71
N CYS VB 44 -32.19 65.48 -83.36
CA CYS VB 44 -33.22 65.01 -84.28
C CYS VB 44 -34.54 64.77 -83.55
N LEU VB 45 -34.45 64.14 -82.38
CA LEU VB 45 -35.62 63.87 -81.55
C LEU VB 45 -36.29 65.18 -81.14
N ASP VB 46 -35.48 66.18 -80.83
CA ASP VB 46 -35.98 67.51 -80.45
C ASP VB 46 -36.70 68.19 -81.61
N LYS VB 47 -36.32 67.82 -82.84
CA LYS VB 47 -36.95 68.38 -84.03
C LYS VB 47 -38.27 67.68 -84.33
N MET VB 48 -38.33 66.38 -84.03
CA MET VB 48 -39.55 65.61 -84.26
C MET VB 48 -40.68 66.12 -83.38
N ILE VB 49 -40.39 66.34 -82.10
CA ILE VB 49 -41.40 66.82 -81.16
C ILE VB 49 -41.78 68.27 -81.47
N GLY VB 50 -40.86 68.99 -82.12
CA GLY VB 50 -41.12 70.34 -82.53
C GLY VB 50 -42.15 70.39 -83.64
N VAL VB 51 -41.96 69.54 -84.64
CA VAL VB 51 -42.90 69.43 -85.75
C VAL VB 51 -44.18 68.76 -85.27
N ARG VB 52 -44.04 67.85 -84.31
CA ARG VB 52 -45.20 67.25 -83.65
C ARG VB 52 -46.05 68.34 -83.02
N ALA VB 53 -45.40 69.35 -82.46
CA ALA VB 53 -46.09 70.51 -81.90
C ALA VB 53 -46.71 71.35 -83.01
N ALA VB 54 -46.04 71.40 -84.17
CA ALA VB 54 -46.55 72.11 -85.32
C ALA VB 54 -47.80 71.42 -85.87
N GLN VB 55 -47.80 70.09 -85.82
CA GLN VB 55 -48.92 69.30 -86.33
C GLN VB 55 -50.19 69.54 -85.52
N ILE VB 56 -50.09 69.44 -84.21
CA ILE VB 56 -51.23 69.62 -83.33
C ILE VB 56 -51.71 71.08 -83.35
N PHE VB 57 -50.78 71.99 -83.62
CA PHE VB 57 -51.12 73.40 -83.78
C PHE VB 57 -52.03 73.62 -84.97
N LEU VB 58 -51.70 72.99 -86.09
CA LEU VB 58 -52.50 73.11 -87.31
C LEU VB 58 -53.83 72.38 -87.19
N GLY VB 59 -53.94 71.52 -86.17
CA GLY VB 59 -55.15 70.77 -85.94
C GLY VB 59 -54.86 69.35 -85.48
N ASP VB 60 -55.64 68.87 -84.52
CA ASP VB 60 -55.46 67.51 -84.01
C ASP VB 60 -55.96 66.49 -85.02
N ASP VB 61 -55.04 65.83 -85.70
CA ASP VB 61 -55.39 64.86 -86.72
C ASP VB 61 -55.29 63.43 -86.19
N THR VB 62 -55.12 63.31 -84.88
CA THR VB 62 -55.11 62.01 -84.23
C THR VB 62 -56.53 61.47 -84.11
N GLU VB 63 -57.50 62.38 -84.15
CA GLU VB 63 -58.91 62.00 -84.08
C GLU VB 63 -59.38 61.42 -85.41
N ASP VB 64 -60.60 60.87 -85.41
CA ASP VB 64 -61.18 60.28 -86.61
C ASP VB 64 -61.64 61.34 -87.59
N GLY VB 65 -61.47 61.08 -88.89
CA GLY VB 65 -61.87 62.02 -89.91
C GLY VB 65 -60.94 63.21 -90.01
N PHE VB 66 -59.64 62.93 -89.98
CA PHE VB 66 -58.61 63.98 -90.06
C PHE VB 66 -58.69 64.72 -91.38
N LYS VB 67 -59.36 65.87 -91.37
CA LYS VB 67 -59.52 66.69 -92.58
C LYS VB 67 -58.18 67.30 -93.00
N GLY VB 68 -57.23 67.33 -92.06
CA GLY VB 68 -55.90 67.85 -92.34
C GLY VB 68 -55.73 69.30 -91.94
N PRO VB 69 -54.62 69.91 -92.39
CA PRO VB 69 -53.60 69.26 -93.22
C PRO VB 69 -52.58 68.49 -92.39
N HIS VB 70 -51.91 67.52 -93.02
CA HIS VB 70 -50.89 66.72 -92.34
C HIS VB 70 -49.50 67.29 -92.58
N ILE VB 71 -48.74 67.45 -91.51
CA ILE VB 71 -47.37 67.95 -91.59
C ILE VB 71 -46.44 67.05 -90.78
N ARG VB 72 -45.57 66.33 -91.49
CA ARG VB 72 -44.71 65.33 -90.86
C ARG VB 72 -43.25 65.47 -91.26
N ILE VB 73 -42.35 65.12 -90.35
CA ILE VB 73 -40.92 65.12 -90.63
C ILE VB 73 -40.53 63.94 -91.51
N ARG VB 74 -39.71 64.20 -92.53
CA ARG VB 74 -39.20 63.15 -93.38
C ARG VB 74 -37.73 62.85 -93.07
N CYS VB 75 -36.95 63.91 -92.86
CA CYS VB 75 -35.52 63.77 -92.64
C CYS VB 75 -34.90 65.03 -92.01
N VAL VB 76 -33.74 64.86 -91.39
CA VAL VB 76 -32.99 65.96 -90.81
C VAL VB 76 -31.52 65.90 -91.25
N ASP VB 77 -31.08 66.89 -92.01
CA ASP VB 77 -29.72 66.92 -92.52
C ASP VB 77 -28.86 67.89 -91.72
N ILE VB 78 -27.75 67.40 -91.19
CA ILE VB 78 -26.87 68.21 -90.35
C ILE VB 78 -25.57 68.61 -91.07
N ASP VB 79 -25.33 69.92 -91.13
CA ASP VB 79 -24.06 70.44 -91.65
C ASP VB 79 -23.08 70.57 -90.49
N ASP VB 80 -21.94 69.90 -90.60
CA ASP VB 80 -21.01 69.79 -89.48
C ASP VB 80 -19.59 70.26 -89.83
N LYS VB 81 -19.44 70.92 -90.97
CA LYS VB 81 -18.13 71.35 -91.45
C LYS VB 81 -17.45 72.34 -90.51
N HIS VB 82 -18.03 73.53 -90.38
CA HIS VB 82 -17.43 74.58 -89.57
C HIS VB 82 -18.34 74.94 -88.40
N THR VB 83 -19.60 75.24 -88.70
CA THR VB 83 -20.57 75.58 -87.66
C THR VB 83 -21.72 74.57 -87.66
N TYR VB 84 -22.23 74.29 -86.46
CA TYR VB 84 -23.31 73.31 -86.31
C TYR VB 84 -24.63 73.82 -86.90
N ASN VB 85 -25.06 73.19 -87.98
CA ASN VB 85 -26.29 73.57 -88.65
C ASN VB 85 -27.15 72.36 -89.00
N ALA VB 86 -28.47 72.54 -88.98
CA ALA VB 86 -29.39 71.45 -89.27
C ALA VB 86 -30.49 71.86 -90.25
N MET VB 87 -30.68 71.05 -91.29
CA MET VB 87 -31.75 71.28 -92.26
C MET VB 87 -32.82 70.20 -92.15
N VAL VB 88 -34.02 70.59 -91.75
CA VAL VB 88 -35.11 69.64 -91.55
C VAL VB 88 -35.97 69.52 -92.80
N TYR VB 89 -36.32 68.30 -93.17
CA TYR VB 89 -37.18 68.05 -94.33
C TYR VB 89 -38.57 67.61 -93.89
N VAL VB 90 -39.57 68.40 -94.27
CA VAL VB 90 -40.94 68.17 -93.84
C VAL VB 90 -41.89 68.09 -95.03
N ASP VB 91 -42.84 67.16 -94.97
CA ASP VB 91 -43.85 67.04 -96.02
C ASP VB 91 -45.22 67.49 -95.53
N LEU VB 92 -45.82 68.43 -96.27
CA LEU VB 92 -47.15 68.92 -95.93
C LEU VB 92 -48.21 68.33 -96.86
N ILE VB 93 -49.14 67.57 -96.29
CA ILE VB 93 -50.18 66.93 -97.08
C ILE VB 93 -51.53 67.59 -96.86
N VAL VB 94 -52.22 67.93 -97.95
CA VAL VB 94 -53.51 68.58 -97.88
C VAL VB 94 -54.46 68.07 -98.97
N VAL VB 101 -56.94 78.62 -102.39
CA VAL VB 101 -56.68 79.69 -101.42
C VAL VB 101 -56.37 79.12 -100.04
N GLU VB 102 -57.13 78.10 -99.65
CA GLU VB 102 -56.91 77.42 -98.38
C GLU VB 102 -55.57 76.70 -98.36
N ARG VB 103 -55.15 76.21 -99.52
CA ARG VB 103 -53.87 75.54 -99.66
C ARG VB 103 -52.72 76.50 -99.40
N GLU VB 104 -52.85 77.72 -99.92
CA GLU VB 104 -51.86 78.76 -99.69
C GLU VB 104 -51.87 79.19 -98.23
N THR VB 105 -53.05 79.22 -97.64
CA THR VB 105 -53.21 79.56 -96.22
C THR VB 105 -52.57 78.49 -95.34
N ALA VB 106 -52.77 77.23 -95.71
CA ALA VB 106 -52.19 76.11 -94.98
C ALA VB 106 -50.66 76.12 -95.06
N GLU VB 107 -50.14 76.46 -96.23
CA GLU VB 107 -48.69 76.56 -96.42
C GLU VB 107 -48.09 77.67 -95.59
N GLU VB 108 -48.81 78.79 -95.49
CA GLU VB 108 -48.35 79.94 -94.71
C GLU VB 108 -48.34 79.64 -93.21
N GLU VB 109 -49.43 79.06 -92.73
CA GLU VB 109 -49.55 78.71 -91.32
C GLU VB 109 -48.52 77.66 -90.90
N ALA VB 110 -48.32 76.66 -91.75
CA ALA VB 110 -47.36 75.60 -91.48
C ALA VB 110 -45.94 76.15 -91.43
N LYS VB 111 -45.63 77.08 -92.34
CA LYS VB 111 -44.31 77.69 -92.39
C LYS VB 111 -44.01 78.47 -91.13
N LEU VB 112 -44.96 79.29 -90.71
CA LEU VB 112 -44.81 80.10 -89.51
C LEU VB 112 -44.68 79.24 -88.26
N ALA VB 113 -45.46 78.15 -88.22
CA ALA VB 113 -45.42 77.24 -87.08
C ALA VB 113 -44.07 76.54 -87.00
N LEU VB 114 -43.53 76.16 -88.15
CA LEU VB 114 -42.24 75.48 -88.21
C LEU VB 114 -41.09 76.39 -87.80
N ARG VB 115 -41.21 77.68 -88.13
CA ARG VB 115 -40.19 78.66 -87.78
C ARG VB 115 -40.04 78.80 -86.27
N VAL VB 116 -41.17 78.81 -85.57
CA VAL VB 116 -41.18 78.93 -84.12
C VAL VB 116 -40.78 77.63 -83.44
N ALA VB 117 -41.29 76.52 -83.96
CA ALA VB 117 -41.07 75.21 -83.37
C ALA VB 117 -39.62 74.74 -83.51
N LEU VB 118 -39.03 74.96 -84.68
CA LEU VB 118 -37.69 74.45 -84.96
C LEU VB 118 -36.62 75.51 -84.69
N GLN VB 119 -37.05 76.68 -84.22
CA GLN VB 119 -36.15 77.79 -83.92
C GLN VB 119 -35.26 78.13 -85.11
N VAL VB 120 -35.89 78.44 -86.24
CA VAL VB 120 -35.18 78.74 -87.48
C VAL VB 120 -34.36 80.03 -87.35
N ASP VB 121 -33.12 79.97 -87.82
CA ASP VB 121 -32.20 81.12 -87.85
C ASP VB 121 -31.85 81.60 -86.44
N ILE VB 122 -32.10 80.75 -85.45
CA ILE VB 122 -31.76 81.07 -84.06
C ILE VB 122 -30.98 79.91 -83.43
N ALA VB 123 -30.24 80.21 -82.38
CA ALA VB 123 -29.46 79.20 -81.68
C ALA VB 123 -30.37 78.24 -80.91
N ASP VB 124 -30.28 76.95 -81.24
CA ASP VB 124 -31.08 75.93 -80.57
C ASP VB 124 -30.51 75.60 -79.19
N GLU VB 125 -31.14 74.64 -78.53
CA GLU VB 125 -30.69 74.21 -77.21
C GLU VB 125 -29.34 73.51 -77.30
N HIS VB 126 -29.04 72.98 -78.48
CA HIS VB 126 -27.75 72.32 -78.72
C HIS VB 126 -26.79 73.25 -79.45
N SER VB 127 -27.02 74.56 -79.29
CA SER VB 127 -26.23 75.59 -79.97
C SER VB 127 -26.21 75.38 -81.48
N CYS VB 128 -27.38 75.19 -82.06
CA CYS VB 128 -27.49 74.91 -83.48
C CYS VB 128 -28.38 75.91 -84.21
N VAL VB 129 -27.98 76.29 -85.42
CA VAL VB 129 -28.79 77.14 -86.28
C VAL VB 129 -29.60 76.28 -87.24
N THR VB 130 -30.91 76.26 -87.05
CA THR VB 130 -31.77 75.36 -87.81
C THR VB 130 -32.46 76.06 -88.99
N GLN VB 131 -32.81 75.27 -90.00
CA GLN VB 131 -33.56 75.74 -91.15
C GLN VB 131 -34.41 74.59 -91.68
N PHE VB 132 -35.44 74.91 -92.46
CA PHE VB 132 -36.35 73.87 -92.93
C PHE VB 132 -36.76 74.05 -94.40
N GLU VB 133 -37.06 72.93 -95.04
CA GLU VB 133 -37.60 72.93 -96.40
C GLU VB 133 -38.83 72.04 -96.45
N MET VB 134 -39.91 72.53 -97.06
CA MET VB 134 -41.16 71.80 -97.07
C MET VB 134 -41.73 71.62 -98.48
N LYS VB 135 -42.37 70.48 -98.71
CA LYS VB 135 -43.00 70.19 -99.99
C LYS VB 135 -44.51 70.00 -99.81
N LEU VB 136 -45.28 70.37 -100.84
CA LEU VB 136 -46.73 70.27 -100.76
C LEU VB 136 -47.23 69.05 -101.53
N ARG VB 137 -48.04 68.23 -100.86
CA ARG VB 137 -48.61 67.02 -101.47
C ARG VB 137 -50.12 66.99 -101.28
N GLU VB 138 -50.82 66.43 -102.25
CA GLU VB 138 -52.28 66.37 -102.19
C GLU VB 138 -52.79 64.95 -102.37
N GLU VB 139 -53.50 64.43 -101.37
CA GLU VB 139 -54.05 63.09 -101.43
C GLU VB 139 -55.33 62.99 -100.60
N LEU VB 140 -56.17 62.02 -100.92
CA LEU VB 140 -57.41 61.80 -100.19
C LEU VB 140 -57.13 61.28 -98.78
N LEU VB 141 -57.59 62.02 -97.77
CA LEU VB 141 -57.38 61.63 -96.38
C LEU VB 141 -58.20 60.40 -96.01
N SER VB 142 -59.33 60.22 -96.68
CA SER VB 142 -60.23 59.09 -96.40
C SER VB 142 -59.84 57.85 -97.19
N SER VB 143 -58.83 57.99 -98.03
CA SER VB 143 -58.36 56.87 -98.86
C SER VB 143 -57.70 55.80 -97.99
N ASP VB 144 -57.92 54.54 -98.34
CA ASP VB 144 -57.35 53.42 -97.62
C ASP VB 144 -55.83 53.36 -97.82
N SER VB 145 -55.39 53.59 -99.05
CA SER VB 145 -53.98 53.55 -99.38
C SER VB 145 -53.31 54.91 -99.13
N PHE VB 146 -53.39 55.39 -97.90
CA PHE VB 146 -52.78 56.66 -97.53
C PHE VB 146 -52.32 56.66 -96.08
N HIS VB 147 -51.12 57.21 -95.85
CA HIS VB 147 -50.60 57.35 -94.49
C HIS VB 147 -49.60 58.48 -94.43
N PRO VB 148 -49.62 59.25 -93.32
CA PRO VB 148 -48.68 60.35 -93.05
C PRO VB 148 -47.21 59.99 -93.31
N ASP VB 149 -46.84 58.75 -93.02
CA ASP VB 149 -45.46 58.33 -93.19
C ASP VB 149 -45.35 57.14 -94.16
N LYS VB 150 -45.86 57.31 -95.37
CA LYS VB 150 -45.80 56.25 -96.38
C LYS VB 150 -44.37 55.94 -96.78
N ASP VB 151 -44.18 54.78 -97.41
CA ASP VB 151 -42.85 54.33 -97.82
C ASP VB 151 -42.24 55.27 -98.86
N GLU VB 152 -43.00 55.56 -99.91
CA GLU VB 152 -42.52 56.36 -101.03
C GLU VB 152 -42.14 57.78 -100.61
N TYR VB 153 -42.64 58.23 -99.47
CA TYR VB 153 -42.39 59.58 -99.00
C TYR VB 153 -40.94 59.76 -98.56
N TYR VB 154 -40.29 58.66 -98.19
CA TYR VB 154 -38.92 58.71 -97.69
C TYR VB 154 -37.92 58.26 -98.75
N LYS VB 155 -38.37 58.18 -100.00
CA LYS VB 155 -37.55 57.71 -101.10
C LYS VB 155 -36.35 58.62 -101.40
N ASP VB 156 -36.50 59.90 -101.07
CA ASP VB 156 -35.47 60.89 -101.36
C ASP VB 156 -34.23 60.74 -100.49
N PHE VB 157 -34.39 60.17 -99.30
CA PHE VB 157 -33.31 60.12 -98.32
C PHE VB 157 -32.79 58.70 -98.13
N LEU VB 158 -33.40 57.74 -98.81
CA LEU VB 158 -32.97 56.35 -98.73
C LEU VB 158 -32.69 55.79 -100.12
N SER WB 3 -31.77 40.09 -76.69
CA SER WB 3 -32.17 38.81 -77.28
C SER WB 3 -32.61 38.99 -78.73
N VAL WB 4 -33.34 40.07 -78.99
CA VAL WB 4 -33.82 40.38 -80.33
C VAL WB 4 -33.31 41.73 -80.79
N ASN WB 5 -32.82 41.80 -82.02
CA ASN WB 5 -32.26 43.03 -82.56
C ASN WB 5 -32.98 43.49 -83.82
N THR WB 6 -33.98 44.35 -83.66
CA THR WB 6 -34.71 44.90 -84.78
C THR WB 6 -34.04 46.17 -85.30
N SER WB 7 -34.34 46.53 -86.55
CA SER WB 7 -33.75 47.70 -87.18
C SER WB 7 -34.55 48.12 -88.40
N PHE WB 8 -34.65 49.43 -88.61
CA PHE WB 8 -35.44 49.96 -89.72
C PHE WB 8 -34.57 50.40 -90.90
N LEU WB 9 -34.59 49.61 -91.98
CA LEU WB 9 -33.93 50.00 -93.21
C LEU WB 9 -34.80 51.02 -93.93
N SER WB 10 -36.10 50.88 -93.75
CA SER WB 10 -37.10 51.75 -94.35
C SER WB 10 -38.34 51.75 -93.46
N PRO WB 11 -39.26 52.70 -93.67
CA PRO WB 11 -40.49 52.69 -92.87
C PRO WB 11 -41.28 51.38 -93.00
N SER WB 12 -41.29 50.78 -94.18
CA SER WB 12 -42.02 49.54 -94.39
C SER WB 12 -41.08 48.32 -94.46
N LEU WB 13 -39.82 48.53 -94.09
CA LEU WB 13 -38.83 47.44 -94.13
C LEU WB 13 -38.09 47.30 -92.81
N VAL WB 14 -38.26 46.16 -92.17
CA VAL WB 14 -37.64 45.90 -90.86
C VAL WB 14 -36.91 44.57 -90.85
N THR WB 15 -35.67 44.57 -90.35
CA THR WB 15 -34.90 43.34 -90.21
C THR WB 15 -34.86 42.91 -88.74
N ILE WB 16 -35.28 41.68 -88.47
CA ILE WB 16 -35.34 41.18 -87.10
C ILE WB 16 -34.42 39.98 -86.89
N ARG WB 17 -33.47 40.13 -85.98
CA ARG WB 17 -32.54 39.05 -85.64
C ARG WB 17 -32.80 38.50 -84.25
N ASP WB 18 -33.01 37.19 -84.16
CA ASP WB 18 -33.23 36.52 -82.88
C ASP WB 18 -32.02 35.67 -82.51
N PHE WB 19 -31.22 36.13 -81.56
CA PHE WB 19 -30.01 35.43 -81.15
C PHE WB 19 -30.31 34.14 -80.41
N ASP WB 20 -31.31 34.18 -79.53
CA ASP WB 20 -31.65 33.02 -78.72
C ASP WB 20 -32.20 31.87 -79.57
N ASN WB 21 -33.09 32.20 -80.50
CA ASN WB 21 -33.69 31.19 -81.36
C ASN WB 21 -32.86 30.93 -82.61
N GLY WB 22 -31.86 31.77 -82.83
CA GLY WB 22 -31.00 31.64 -84.00
C GLY WB 22 -31.77 31.83 -85.29
N GLN WB 23 -32.57 32.89 -85.35
CA GLN WB 23 -33.42 33.15 -86.51
C GLN WB 23 -33.24 34.56 -87.07
N PHE WB 24 -33.57 34.73 -88.34
CA PHE WB 24 -33.56 36.03 -88.98
C PHE WB 24 -34.79 36.15 -89.88
N ALA WB 25 -35.59 37.18 -89.63
CA ALA WB 25 -36.81 37.41 -90.40
C ALA WB 25 -36.87 38.83 -90.93
N VAL WB 26 -37.32 38.99 -92.16
CA VAL WB 26 -37.49 40.31 -92.76
C VAL WB 26 -38.95 40.73 -92.70
N LEU WB 27 -39.22 41.84 -92.02
CA LEU WB 27 -40.57 42.35 -91.90
C LEU WB 27 -40.81 43.43 -92.96
N ARG WB 28 -41.74 43.17 -93.87
CA ARG WB 28 -41.99 44.10 -94.97
C ARG WB 28 -43.48 44.29 -95.23
N ILE WB 29 -43.89 45.55 -95.31
CA ILE WB 29 -45.26 45.89 -95.71
C ILE WB 29 -45.24 46.44 -97.12
N GLY WB 30 -45.16 45.55 -98.09
CA GLY WB 30 -44.98 45.93 -99.49
C GLY WB 30 -46.20 46.52 -100.16
N ARG WB 31 -47.36 45.89 -99.95
CA ARG WB 31 -48.60 46.27 -100.63
C ARG WB 31 -48.97 47.74 -100.44
N THR WB 32 -48.78 48.24 -99.22
CA THR WB 32 -49.19 49.60 -98.90
C THR WB 32 -48.00 50.53 -98.65
N GLY WB 33 -46.96 50.01 -98.02
CA GLY WB 33 -45.79 50.80 -97.69
C GLY WB 33 -45.97 51.55 -96.38
N PHE WB 34 -46.91 51.09 -95.56
CA PHE WB 34 -47.17 51.68 -94.26
C PHE WB 34 -46.00 51.42 -93.31
N PRO WB 35 -45.83 52.30 -92.30
CA PRO WB 35 -44.75 52.10 -91.32
C PRO WB 35 -45.07 50.96 -90.36
N ALA WB 36 -44.09 50.09 -90.11
CA ALA WB 36 -44.30 48.97 -89.21
C ALA WB 36 -44.45 49.46 -87.79
N ASP WB 37 -45.61 49.21 -87.20
CA ASP WB 37 -45.88 49.61 -85.82
C ASP WB 37 -45.44 48.52 -84.86
N LYS WB 38 -45.67 48.75 -83.56
CA LYS WB 38 -45.30 47.78 -82.55
C LYS WB 38 -46.07 46.47 -82.74
N GLY WB 39 -47.31 46.60 -83.19
CA GLY WB 39 -48.15 45.44 -83.45
C GLY WB 39 -47.64 44.60 -84.61
N ASP WB 40 -47.13 45.27 -85.64
CA ASP WB 40 -46.60 44.59 -86.83
C ASP WB 40 -45.36 43.77 -86.49
N ILE WB 41 -44.48 44.33 -85.68
CA ILE WB 41 -43.26 43.64 -85.27
C ILE WB 41 -43.59 42.44 -84.38
N ASP WB 42 -44.51 42.65 -83.44
CA ASP WB 42 -44.95 41.59 -82.54
C ASP WB 42 -45.60 40.45 -83.30
N LEU WB 43 -46.30 40.77 -84.37
CA LEU WB 43 -46.92 39.77 -85.23
C LEU WB 43 -45.86 38.94 -85.94
N CYS WB 44 -44.80 39.59 -86.40
CA CYS WB 44 -43.70 38.92 -87.08
C CYS WB 44 -43.00 37.94 -86.16
N LEU WB 45 -42.77 38.36 -84.91
CA LEU WB 45 -42.16 37.51 -83.90
C LEU WB 45 -43.01 36.27 -83.64
N ASP WB 46 -44.32 36.46 -83.63
CA ASP WB 46 -45.26 35.36 -83.42
C ASP WB 46 -45.21 34.35 -84.55
N LYS WB 47 -44.82 34.80 -85.74
CA LYS WB 47 -44.70 33.93 -86.89
C LYS WB 47 -43.39 33.15 -86.85
N MET WB 48 -42.35 33.79 -86.32
CA MET WB 48 -41.04 33.15 -86.21
C MET WB 48 -41.09 31.96 -85.27
N ILE WB 49 -41.72 32.15 -84.12
CA ILE WB 49 -41.82 31.09 -83.12
C ILE WB 49 -42.75 29.98 -83.61
N GLY WB 50 -43.67 30.34 -84.51
CA GLY WB 50 -44.56 29.35 -85.10
C GLY WB 50 -43.81 28.42 -86.02
N VAL WB 51 -42.98 28.98 -86.88
CA VAL WB 51 -42.16 28.20 -87.80
C VAL WB 51 -41.05 27.50 -87.02
N ARG WB 52 -40.60 28.14 -85.94
CA ARG WB 52 -39.66 27.52 -85.02
C ARG WB 52 -40.26 26.24 -84.46
N ALA WB 53 -41.56 26.28 -84.18
CA ALA WB 53 -42.30 25.11 -83.72
C ALA WB 53 -42.43 24.08 -84.84
N ALA WB 54 -42.56 24.56 -86.07
CA ALA WB 54 -42.65 23.66 -87.22
C ALA WB 54 -41.34 22.91 -87.45
N GLN WB 55 -40.22 23.58 -87.21
CA GLN WB 55 -38.91 22.97 -87.39
C GLN WB 55 -38.66 21.84 -86.41
N ILE WB 56 -38.91 22.11 -85.14
CA ILE WB 56 -38.68 21.14 -84.08
C ILE WB 56 -39.71 20.02 -84.18
N PHE WB 57 -40.87 20.32 -84.76
CA PHE WB 57 -41.89 19.32 -85.03
C PHE WB 57 -41.40 18.25 -85.99
N LEU WB 58 -40.75 18.69 -87.07
CA LEU WB 58 -40.22 17.78 -88.06
C LEU WB 58 -39.00 17.03 -87.54
N GLY WB 59 -38.45 17.51 -86.43
CA GLY WB 59 -37.28 16.90 -85.83
C GLY WB 59 -36.32 17.93 -85.27
N ASP WB 60 -35.76 17.65 -84.10
CA ASP WB 60 -34.82 18.57 -83.47
C ASP WB 60 -33.49 18.53 -84.21
N ASP WB 61 -33.22 19.58 -84.99
CA ASP WB 61 -32.02 19.65 -85.80
C ASP WB 61 -30.95 20.52 -85.13
N THR WB 62 -31.20 20.87 -83.87
CA THR WB 62 -30.21 21.62 -83.08
C THR WB 62 -29.08 20.68 -82.65
N GLU WB 63 -29.36 19.39 -82.64
CA GLU WB 63 -28.37 18.39 -82.29
C GLU WB 63 -27.38 18.17 -83.42
N ASP WB 64 -26.32 17.41 -83.15
CA ASP WB 64 -25.30 17.12 -84.15
C ASP WB 64 -25.79 16.13 -85.19
N GLY WB 65 -25.38 16.33 -86.44
CA GLY WB 65 -25.77 15.46 -87.53
C GLY WB 65 -27.20 15.66 -87.96
N PHE WB 66 -27.59 16.92 -88.10
CA PHE WB 66 -28.95 17.27 -88.52
C PHE WB 66 -29.26 16.77 -89.93
N LYS WB 67 -29.90 15.61 -90.01
CA LYS WB 67 -30.24 15.01 -91.30
C LYS WB 67 -31.32 15.82 -92.02
N GLY WB 68 -32.03 16.66 -91.27
CA GLY WB 68 -33.05 17.52 -91.84
C GLY WB 68 -34.45 16.94 -91.73
N PRO WB 69 -35.41 17.55 -92.46
CA PRO WB 69 -35.16 18.72 -93.30
C PRO WB 69 -35.22 20.03 -92.53
N HIS WB 70 -34.58 21.06 -93.05
CA HIS WB 70 -34.56 22.38 -92.42
C HIS WB 70 -35.66 23.27 -92.97
N ILE WB 71 -36.41 23.91 -92.06
CA ILE WB 71 -37.48 24.82 -92.45
C ILE WB 71 -37.38 26.11 -91.65
N ARG WB 72 -37.04 27.20 -92.34
CA ARG WB 72 -36.77 28.48 -91.69
C ARG WB 72 -37.50 29.63 -92.37
N ILE WB 73 -37.87 30.64 -91.57
CA ILE WB 73 -38.52 31.84 -92.11
C ILE WB 73 -37.55 32.74 -92.85
N ARG WB 74 -37.98 33.22 -94.01
CA ARG WB 74 -37.19 34.16 -94.80
C ARG WB 74 -37.73 35.58 -94.68
N CYS WB 75 -39.06 35.71 -94.73
CA CYS WB 75 -39.71 37.02 -94.71
C CYS WB 75 -41.19 36.93 -94.36
N VAL WB 76 -41.74 38.05 -93.91
CA VAL WB 76 -43.16 38.16 -93.58
C VAL WB 76 -43.76 39.40 -94.24
N ASP WB 77 -44.68 39.18 -95.19
CA ASP WB 77 -45.28 40.30 -95.90
C ASP WB 77 -46.69 40.59 -95.38
N ILE WB 78 -46.92 41.82 -94.98
CA ILE WB 78 -48.20 42.22 -94.40
C ILE WB 78 -49.04 43.06 -95.34
N ASP WB 79 -50.27 42.60 -95.61
CA ASP WB 79 -51.23 43.39 -96.38
C ASP WB 79 -52.04 44.25 -95.41
N ASP WB 80 -51.99 45.56 -95.60
CA ASP WB 80 -52.57 46.49 -94.64
C ASP WB 80 -53.57 47.45 -95.28
N LYS WB 81 -53.93 47.17 -96.53
CA LYS WB 81 -54.82 48.06 -97.29
C LYS WB 81 -56.21 48.18 -96.67
N HIS WB 82 -56.95 47.08 -96.68
CA HIS WB 82 -58.33 47.09 -96.20
C HIS WB 82 -58.49 46.17 -94.99
N THR WB 83 -58.05 44.94 -95.14
CA THR WB 83 -58.11 43.97 -94.05
C THR WB 83 -56.71 43.51 -93.67
N TYR WB 84 -56.49 43.28 -92.37
CA TYR WB 84 -55.18 42.88 -91.87
C TYR WB 84 -54.83 41.46 -92.34
N ASN WB 85 -53.84 41.37 -93.22
CA ASN WB 85 -53.43 40.08 -93.76
C ASN WB 85 -51.91 39.95 -93.77
N ALA WB 86 -51.41 38.71 -93.59
CA ALA WB 86 -49.98 38.47 -93.56
C ALA WB 86 -49.59 37.27 -94.43
N MET WB 87 -48.59 37.46 -95.28
CA MET WB 87 -48.05 36.40 -96.10
C MET WB 87 -46.64 36.04 -95.66
N VAL WB 88 -46.47 34.83 -95.14
CA VAL WB 88 -45.18 34.40 -94.62
C VAL WB 88 -44.38 33.65 -95.69
N TYR WB 89 -43.09 33.98 -95.80
CA TYR WB 89 -42.22 33.32 -96.76
C TYR WB 89 -41.23 32.40 -96.04
N VAL WB 90 -41.30 31.11 -96.38
CA VAL WB 90 -40.52 30.09 -95.69
C VAL WB 90 -39.71 29.25 -96.68
N ASP WB 91 -38.47 28.93 -96.33
CA ASP WB 91 -37.65 28.07 -97.17
C ASP WB 91 -37.45 26.70 -96.54
N LEU WB 92 -37.77 25.65 -97.30
CA LEU WB 92 -37.59 24.28 -96.83
C LEU WB 92 -36.37 23.65 -97.50
N ILE WB 93 -35.37 23.30 -96.70
CA ILE WB 93 -34.14 22.72 -97.22
C ILE WB 93 -34.04 21.23 -96.86
N VAL WB 94 -33.76 20.40 -97.86
CA VAL WB 94 -33.64 18.97 -97.65
C VAL WB 94 -32.53 18.38 -98.51
N GLU WB 100 -36.61 11.20 -103.91
CA GLU WB 100 -37.60 12.17 -104.39
C GLU WB 100 -38.93 11.99 -103.67
N VAL WB 101 -39.25 10.75 -103.33
CA VAL WB 101 -40.49 10.44 -102.61
C VAL WB 101 -40.45 10.99 -101.20
N GLU WB 102 -39.30 10.85 -100.54
CA GLU WB 102 -39.11 11.36 -99.19
C GLU WB 102 -39.16 12.89 -99.18
N ARG WB 103 -38.71 13.49 -100.27
CA ARG WB 103 -38.74 14.95 -100.42
C ARG WB 103 -40.18 15.47 -100.45
N GLU WB 104 -41.04 14.74 -101.16
CA GLU WB 104 -42.45 15.09 -101.24
C GLU WB 104 -43.12 14.89 -99.88
N THR WB 105 -42.71 13.85 -99.17
CA THR WB 105 -43.24 13.57 -97.83
C THR WB 105 -42.83 14.67 -96.85
N ALA WB 106 -41.58 15.11 -96.96
CA ALA WB 106 -41.06 16.17 -96.11
C ALA WB 106 -41.79 17.49 -96.39
N GLU WB 107 -42.05 17.74 -97.67
CA GLU WB 107 -42.77 18.94 -98.09
C GLU WB 107 -44.20 18.93 -97.57
N GLU WB 108 -44.82 17.75 -97.58
CA GLU WB 108 -46.19 17.59 -97.10
C GLU WB 108 -46.29 17.81 -95.60
N GLU WB 109 -45.39 17.20 -94.85
CA GLU WB 109 -45.37 17.35 -93.40
C GLU WB 109 -45.09 18.79 -92.99
N ALA WB 110 -44.16 19.42 -93.69
CA ALA WB 110 -43.81 20.81 -93.41
C ALA WB 110 -44.98 21.75 -93.73
N LYS WB 111 -45.69 21.46 -94.81
CA LYS WB 111 -46.84 22.26 -95.21
C LYS WB 111 -47.95 22.20 -94.17
N LEU WB 112 -48.26 20.98 -93.71
CA LEU WB 112 -49.29 20.78 -92.70
C LEU WB 112 -48.91 21.44 -91.39
N ALA WB 113 -47.63 21.35 -91.04
CA ALA WB 113 -47.13 21.95 -89.81
C ALA WB 113 -47.23 23.47 -89.85
N LEU WB 114 -46.93 24.05 -91.01
CA LEU WB 114 -46.98 25.50 -91.18
C LEU WB 114 -48.39 26.04 -91.13
N ARG WB 115 -49.35 25.26 -91.62
CA ARG WB 115 -50.75 25.66 -91.61
C ARG WB 115 -51.28 25.82 -90.19
N VAL WB 116 -50.90 24.90 -89.32
CA VAL WB 116 -51.32 24.93 -87.93
C VAL WB 116 -50.55 25.99 -87.14
N ALA WB 117 -49.25 26.06 -87.40
CA ALA WB 117 -48.37 26.97 -86.67
C ALA WB 117 -48.66 28.43 -86.99
N LEU WB 118 -48.87 28.73 -88.28
CA LEU WB 118 -49.07 30.10 -88.70
C LEU WB 118 -50.54 30.48 -88.78
N GLN WB 119 -51.42 29.53 -88.43
CA GLN WB 119 -52.86 29.73 -88.45
C GLN WB 119 -53.34 30.25 -89.81
N VAL WB 120 -53.05 29.49 -90.86
CA VAL WB 120 -53.38 29.87 -92.22
C VAL WB 120 -54.89 29.91 -92.45
N ASP WB 121 -55.35 30.98 -93.11
CA ASP WB 121 -56.75 31.17 -93.47
C ASP WB 121 -57.66 31.29 -92.25
N ILE WB 122 -57.05 31.56 -91.09
CA ILE WB 122 -57.79 31.77 -89.87
C ILE WB 122 -57.34 33.06 -89.18
N ALA WB 123 -58.19 33.60 -88.32
CA ALA WB 123 -57.88 34.82 -87.61
C ALA WB 123 -56.78 34.60 -86.57
N ASP WB 124 -55.68 35.31 -86.72
CA ASP WB 124 -54.55 35.20 -85.79
C ASP WB 124 -54.83 35.92 -84.48
N GLU WB 125 -53.85 35.92 -83.59
CA GLU WB 125 -53.97 36.61 -82.31
C GLU WB 125 -54.04 38.12 -82.50
N HIS WB 126 -53.53 38.59 -83.63
CA HIS WB 126 -53.57 40.02 -83.95
C HIS WB 126 -54.72 40.32 -84.91
N SER WB 127 -55.74 39.46 -84.88
CA SER WB 127 -56.89 39.57 -85.78
C SER WB 127 -56.44 39.61 -87.24
N CYS WB 128 -55.58 38.68 -87.61
CA CYS WB 128 -55.00 38.64 -88.95
C CYS WB 128 -55.26 37.33 -89.66
N VAL WB 129 -55.53 37.40 -90.96
CA VAL WB 129 -55.67 36.21 -91.79
C VAL WB 129 -54.33 35.91 -92.46
N THR WB 130 -53.71 34.82 -92.05
CA THR WB 130 -52.36 34.49 -92.52
C THR WB 130 -52.33 33.47 -93.65
N GLN WB 131 -51.27 33.54 -94.45
CA GLN WB 131 -51.03 32.58 -95.53
C GLN WB 131 -49.52 32.42 -95.71
N PHE WB 132 -49.10 31.35 -96.37
CA PHE WB 132 -47.67 31.09 -96.52
C PHE WB 132 -47.31 30.57 -97.90
N GLU WB 133 -46.09 30.87 -98.33
CA GLU WB 133 -45.53 30.34 -99.56
C GLU WB 133 -44.14 29.78 -99.30
N MET WB 134 -43.87 28.58 -99.80
CA MET WB 134 -42.60 27.92 -99.51
C MET WB 134 -41.88 27.44 -100.76
N LYS WB 135 -40.55 27.50 -100.73
CA LYS WB 135 -39.72 27.03 -101.83
C LYS WB 135 -38.82 25.88 -101.38
N LEU WB 136 -38.54 24.95 -102.29
CA LEU WB 136 -37.72 23.79 -101.97
C LEU WB 136 -36.29 23.92 -102.49
N ARG WB 137 -35.32 23.72 -101.60
CA ARG WB 137 -33.91 23.77 -101.96
C ARG WB 137 -33.19 22.52 -101.48
N GLU WB 138 -32.18 22.09 -102.24
CA GLU WB 138 -31.44 20.88 -101.91
C GLU WB 138 -29.94 21.13 -101.82
N GLU WB 139 -29.37 20.86 -100.65
CA GLU WB 139 -27.93 21.03 -100.43
C GLU WB 139 -27.41 20.04 -99.38
N LEU WB 140 -26.11 19.77 -99.43
CA LEU WB 140 -25.50 18.85 -98.48
C LEU WB 140 -25.49 19.41 -97.06
N LEU WB 141 -26.11 18.68 -96.14
CA LEU WB 141 -26.17 19.08 -94.74
C LEU WB 141 -24.80 19.01 -94.07
N SER WB 142 -23.95 18.11 -94.54
CA SER WB 142 -22.64 17.92 -93.95
C SER WB 142 -21.60 18.86 -94.57
N SER WB 143 -22.03 19.64 -95.55
CA SER WB 143 -21.15 20.58 -96.23
C SER WB 143 -20.77 21.74 -95.30
N ASP WB 144 -19.52 22.18 -95.40
CA ASP WB 144 -19.03 23.28 -94.58
C ASP WB 144 -19.69 24.60 -94.97
N SER WB 145 -19.85 24.81 -96.27
CA SER WB 145 -20.46 26.03 -96.78
C SER WB 145 -21.99 25.91 -96.87
N PHE WB 146 -22.62 25.63 -95.73
CA PHE WB 146 -24.07 25.50 -95.69
C PHE WB 146 -24.63 25.93 -94.34
N HIS WB 147 -25.73 26.68 -94.39
CA HIS WB 147 -26.44 27.09 -93.17
C HIS WB 147 -27.90 27.39 -93.49
N PRO WB 148 -28.80 27.00 -92.57
CA PRO WB 148 -30.24 27.27 -92.66
C PRO WB 148 -30.57 28.71 -93.04
N ASP WB 149 -29.77 29.66 -92.55
CA ASP WB 149 -30.00 31.07 -92.82
C ASP WB 149 -28.81 31.71 -93.53
N LYS WB 150 -28.42 31.16 -94.67
CA LYS WB 150 -27.31 31.69 -95.45
C LYS WB 150 -27.60 33.09 -95.98
N ASP WB 151 -26.54 33.79 -96.39
CA ASP WB 151 -26.66 35.15 -96.89
C ASP WB 151 -27.49 35.24 -98.17
N GLU WB 152 -27.15 34.42 -99.15
CA GLU WB 152 -27.78 34.45 -100.46
C GLU WB 152 -29.28 34.11 -100.41
N TYR WB 153 -29.71 33.47 -99.33
CA TYR WB 153 -31.10 33.04 -99.19
C TYR WB 153 -32.06 34.21 -99.01
N TYR WB 154 -31.56 35.34 -98.51
CA TYR WB 154 -32.41 36.49 -98.24
C TYR WB 154 -32.29 37.56 -99.32
N LYS WB 155 -31.68 37.19 -100.44
CA LYS WB 155 -31.44 38.13 -101.54
C LYS WB 155 -32.74 38.64 -102.16
N ASP WB 156 -33.79 37.85 -102.08
CA ASP WB 156 -35.07 38.17 -102.71
C ASP WB 156 -35.80 39.32 -102.02
N PHE WB 157 -35.54 39.51 -100.73
CA PHE WB 157 -36.28 40.48 -99.93
C PHE WB 157 -35.42 41.68 -99.55
N LEU WB 158 -34.14 41.62 -99.94
CA LEU WB 158 -33.21 42.71 -99.65
C LEU WB 158 -32.55 43.22 -100.93
N GLU XB 2 -65.14 44.25 -34.88
CA GLU XB 2 -66.05 43.12 -34.69
C GLU XB 2 -66.19 42.76 -33.22
N SER XB 3 -65.38 43.40 -32.38
CA SER XB 3 -65.43 43.14 -30.94
C SER XB 3 -66.68 43.74 -30.32
N VAL XB 4 -67.03 44.94 -30.76
CA VAL XB 4 -68.23 45.62 -30.27
C VAL XB 4 -69.15 45.92 -31.45
N ASN XB 5 -70.44 45.64 -31.27
CA ASN XB 5 -71.40 45.85 -32.34
C ASN XB 5 -72.52 46.80 -31.94
N THR XB 6 -72.32 48.09 -32.24
CA THR XB 6 -73.34 49.10 -31.98
C THR XB 6 -74.29 49.21 -33.17
N SER XB 7 -75.48 49.76 -32.92
CA SER XB 7 -76.48 49.92 -33.97
C SER XB 7 -77.55 50.92 -33.54
N PHE XB 8 -78.04 51.71 -34.49
CA PHE XB 8 -79.03 52.74 -34.20
C PHE XB 8 -80.44 52.32 -34.62
N LEU XB 9 -81.28 51.99 -33.66
CA LEU XB 9 -82.69 51.72 -33.92
C LEU XB 9 -83.41 53.05 -34.09
N SER XB 10 -82.92 54.05 -33.37
CA SER XB 10 -83.48 55.40 -33.39
C SER XB 10 -82.35 56.38 -33.03
N PRO XB 11 -82.57 57.68 -33.27
CA PRO XB 11 -81.54 58.66 -32.86
C PRO XB 11 -81.20 58.59 -31.38
N SER XB 12 -82.20 58.32 -30.54
CA SER XB 12 -81.97 58.24 -29.10
C SER XB 12 -81.97 56.80 -28.60
N LEU XB 13 -81.93 55.84 -29.52
CA LEU XB 13 -81.94 54.43 -29.15
C LEU XB 13 -80.80 53.66 -29.81
N VAL XB 14 -79.89 53.13 -28.98
CA VAL XB 14 -78.73 52.41 -29.48
C VAL XB 14 -78.57 51.06 -28.77
N THR XB 15 -78.36 50.00 -29.56
CA THR XB 15 -78.10 48.69 -28.99
C THR XB 15 -76.62 48.32 -29.13
N ILE XB 16 -75.99 48.00 -28.01
CA ILE XB 16 -74.57 47.69 -27.99
C ILE XB 16 -74.30 46.25 -27.53
N ARG XB 17 -73.69 45.45 -28.42
CA ARG XB 17 -73.33 44.08 -28.09
C ARG XB 17 -71.83 43.91 -27.96
N ASP XB 18 -71.39 43.38 -26.82
CA ASP XB 18 -69.98 43.11 -26.59
C ASP XB 18 -69.71 41.60 -26.59
N PHE XB 19 -69.12 41.12 -27.68
CA PHE XB 19 -68.88 39.69 -27.85
C PHE XB 19 -67.81 39.15 -26.90
N ASP XB 20 -66.75 39.92 -26.72
CA ASP XB 20 -65.62 39.50 -25.89
C ASP XB 20 -66.00 39.40 -24.41
N ASN XB 21 -66.72 40.40 -23.92
CA ASN XB 21 -67.14 40.43 -22.52
C ASN XB 21 -68.47 39.73 -22.30
N GLY XB 22 -69.14 39.38 -23.40
CA GLY XB 22 -70.43 38.71 -23.33
C GLY XB 22 -71.50 39.55 -22.68
N GLN XB 23 -71.61 40.80 -23.12
CA GLN XB 23 -72.58 41.74 -22.54
C GLN XB 23 -73.45 42.39 -23.61
N PHE XB 24 -74.63 42.84 -23.20
CA PHE XB 24 -75.51 43.59 -24.07
C PHE XB 24 -76.12 44.74 -23.29
N ALA XB 25 -75.94 45.95 -23.78
CA ALA XB 25 -76.46 47.14 -23.13
C ALA XB 25 -77.25 48.01 -24.09
N VAL XB 26 -78.37 48.53 -23.61
CA VAL XB 26 -79.19 49.42 -24.43
C VAL XB 26 -78.92 50.88 -24.04
N LEU XB 27 -78.44 51.66 -24.99
CA LEU XB 27 -78.17 53.07 -24.75
C LEU XB 27 -79.36 53.91 -25.21
N ARG XB 28 -80.00 54.60 -24.26
CA ARG XB 28 -81.19 55.37 -24.56
C ARG XB 28 -81.17 56.74 -23.89
N ILE XB 29 -81.45 57.79 -24.66
CA ILE XB 29 -81.59 59.12 -24.11
C ILE XB 29 -83.06 59.51 -24.10
N GLY XB 30 -83.79 59.02 -23.10
CA GLY XB 30 -85.23 59.18 -23.03
C GLY XB 30 -85.70 60.58 -22.65
N ARG XB 31 -85.07 61.16 -21.63
CA ARG XB 31 -85.48 62.44 -21.08
C ARG XB 31 -85.57 63.57 -22.10
N THR XB 32 -84.61 63.62 -23.02
CA THR XB 32 -84.54 64.70 -23.99
C THR XB 32 -84.82 64.22 -25.42
N GLY XB 33 -84.34 63.02 -25.74
CA GLY XB 33 -84.49 62.48 -27.07
C GLY XB 33 -83.40 62.95 -28.02
N PHE XB 34 -82.30 63.42 -27.45
CA PHE XB 34 -81.15 63.85 -28.23
C PHE XB 34 -80.46 62.66 -28.89
N PRO XB 35 -79.78 62.91 -30.02
CA PRO XB 35 -79.05 61.82 -30.69
C PRO XB 35 -77.79 61.42 -29.93
N ALA XB 36 -77.58 60.11 -29.78
CA ALA XB 36 -76.42 59.61 -29.06
C ALA XB 36 -75.13 59.85 -29.85
N ASP XB 37 -74.23 60.63 -29.27
CA ASP XB 37 -72.95 60.93 -29.90
C ASP XB 37 -71.91 59.89 -29.53
N LYS XB 38 -70.68 60.08 -30.04
CA LYS XB 38 -69.58 59.16 -29.76
C LYS XB 38 -69.25 59.14 -28.28
N GLY XB 39 -69.38 60.29 -27.62
CA GLY XB 39 -69.13 60.41 -26.20
C GLY XB 39 -70.13 59.64 -25.37
N ASP XB 40 -71.39 59.64 -25.80
CA ASP XB 40 -72.44 58.93 -25.10
C ASP XB 40 -72.21 57.42 -25.13
N ILE XB 41 -71.81 56.91 -26.29
CA ILE XB 41 -71.53 55.49 -26.44
C ILE XB 41 -70.30 55.09 -25.63
N ASP XB 42 -69.26 55.92 -25.69
CA ASP XB 42 -68.04 55.67 -24.93
C ASP XB 42 -68.32 55.67 -23.43
N LEU XB 43 -69.25 56.50 -23.00
CA LEU XB 43 -69.67 56.55 -21.61
C LEU XB 43 -70.38 55.25 -21.22
N CYS XB 44 -71.20 54.74 -22.13
CA CYS XB 44 -71.94 53.51 -21.90
C CYS XB 44 -70.99 52.32 -21.77
N LEU XB 45 -69.98 52.28 -22.63
CA LEU XB 45 -68.97 51.22 -22.59
C LEU XB 45 -68.21 51.24 -21.26
N ASP XB 46 -67.94 52.44 -20.77
CA ASP XB 46 -67.24 52.62 -19.50
C ASP XB 46 -68.09 52.12 -18.32
N LYS XB 47 -69.41 52.13 -18.50
CA LYS XB 47 -70.32 51.65 -17.46
C LYS XB 47 -70.42 50.12 -17.48
N MET XB 48 -70.33 49.55 -18.67
CA MET XB 48 -70.41 48.09 -18.81
C MET XB 48 -69.23 47.40 -18.14
N ILE XB 49 -68.02 47.92 -18.37
CA ILE XB 49 -66.82 47.34 -17.78
C ILE XB 49 -66.81 47.58 -16.27
N GLY XB 50 -67.51 48.62 -15.83
CA GLY XB 50 -67.64 48.92 -14.42
C GLY XB 50 -68.48 47.86 -13.72
N VAL XB 51 -69.61 47.52 -14.33
CA VAL XB 51 -70.49 46.49 -13.81
C VAL XB 51 -69.83 45.12 -13.99
N ARG XB 52 -69.06 44.99 -15.06
CA ARG XB 52 -68.25 43.79 -15.29
C ARG XB 52 -67.30 43.59 -14.12
N ALA XB 53 -66.74 44.71 -13.64
CA ALA XB 53 -65.88 44.70 -12.47
C ALA XB 53 -66.67 44.38 -11.21
N ALA XB 54 -67.93 44.82 -11.17
CA ALA XB 54 -68.81 44.54 -10.05
C ALA XB 54 -69.14 43.05 -9.98
N GLN XB 55 -69.29 42.43 -11.15
CA GLN XB 55 -69.61 41.01 -11.23
C GLN XB 55 -68.50 40.12 -10.68
N ILE XB 56 -67.27 40.37 -11.15
CA ILE XB 56 -66.11 39.59 -10.74
C ILE XB 56 -65.79 39.86 -9.27
N PHE XB 57 -66.14 41.05 -8.80
CA PHE XB 57 -65.97 41.41 -7.39
C PHE XB 57 -66.83 40.51 -6.51
N LEU XB 58 -68.08 40.31 -6.90
CA LEU XB 58 -69.00 39.46 -6.16
C LEU XB 58 -68.64 37.99 -6.29
N GLY XB 59 -67.77 37.68 -7.25
CA GLY XB 59 -67.34 36.31 -7.48
C GLY XB 59 -67.19 36.01 -8.96
N ASP XB 60 -66.14 35.27 -9.30
CA ASP XB 60 -65.89 34.91 -10.69
C ASP XB 60 -66.89 33.86 -11.15
N ASP XB 61 -67.86 34.29 -11.95
CA ASP XB 61 -68.92 33.41 -12.44
C ASP XB 61 -68.65 32.95 -13.86
N THR XB 62 -67.44 33.22 -14.35
CA THR XB 62 -67.03 32.75 -15.66
C THR XB 62 -66.70 31.27 -15.62
N GLU XB 63 -66.41 30.78 -14.41
CA GLU XB 63 -66.11 29.37 -14.22
C GLU XB 63 -67.39 28.53 -14.24
N ASP XB 64 -67.23 27.22 -14.24
CA ASP XB 64 -68.37 26.30 -14.27
C ASP XB 64 -69.07 26.23 -12.92
N GLY XB 65 -70.39 26.11 -12.94
CA GLY XB 65 -71.18 26.03 -11.73
C GLY XB 65 -71.31 27.36 -11.02
N PHE XB 66 -71.60 28.41 -11.78
CA PHE XB 66 -71.77 29.75 -11.24
C PHE XB 66 -72.94 29.82 -10.25
N LYS XB 67 -72.64 29.70 -8.96
CA LYS XB 67 -73.66 29.74 -7.93
C LYS XB 67 -74.29 31.15 -7.82
N GLY XB 68 -73.60 32.14 -8.35
CA GLY XB 68 -74.09 33.51 -8.35
C GLY XB 68 -73.54 34.35 -7.20
N PRO XB 69 -74.15 35.52 -6.99
CA PRO XB 69 -75.27 36.03 -7.79
C PRO XB 69 -74.80 36.73 -9.06
N HIS XB 70 -75.69 36.80 -10.06
CA HIS XB 70 -75.37 37.44 -11.33
C HIS XB 70 -75.83 38.90 -11.34
N ILE XB 71 -74.95 39.79 -11.79
CA ILE XB 71 -75.26 41.21 -11.88
C ILE XB 71 -74.86 41.76 -13.26
N ARG XB 72 -75.87 42.10 -14.05
CA ARG XB 72 -75.65 42.51 -15.44
C ARG XB 72 -76.37 43.80 -15.79
N ILE XB 73 -75.79 44.59 -16.70
CA ILE XB 73 -76.41 45.80 -17.18
C ILE XB 73 -77.56 45.50 -18.14
N ARG XB 74 -78.68 46.19 -17.96
CA ARG XB 74 -79.82 46.03 -18.86
C ARG XB 74 -79.91 47.21 -19.83
N CYS XB 75 -79.71 48.41 -19.31
CA CYS XB 75 -79.84 49.62 -20.11
C CYS XB 75 -79.17 50.82 -19.43
N VAL XB 76 -78.87 51.84 -20.21
CA VAL XB 76 -78.30 53.08 -19.69
C VAL XB 76 -79.08 54.29 -20.19
N ASP XB 77 -79.74 54.99 -19.27
CA ASP XB 77 -80.56 56.15 -19.62
C ASP XB 77 -79.82 57.44 -19.28
N ILE XB 78 -79.68 58.31 -20.28
CA ILE XB 78 -78.94 59.55 -20.12
C ILE XB 78 -79.85 60.78 -20.05
N ASP XB 79 -79.72 61.54 -18.96
CA ASP XB 79 -80.40 62.82 -18.84
C ASP XB 79 -79.50 63.92 -19.40
N ASP XB 80 -79.98 64.64 -20.42
CA ASP XB 80 -79.16 65.57 -21.17
C ASP XB 80 -79.75 66.97 -21.20
N LYS XB 81 -80.76 67.21 -20.36
CA LYS XB 81 -81.47 68.48 -20.36
C LYS XB 81 -80.58 69.67 -19.98
N HIS XB 82 -80.12 69.69 -18.74
CA HIS XB 82 -79.34 70.81 -18.23
C HIS XB 82 -77.92 70.38 -17.85
N THR XB 83 -77.82 69.34 -17.04
CA THR XB 83 -76.53 68.81 -16.62
C THR XB 83 -76.36 67.36 -17.09
N TYR XB 84 -75.14 66.99 -17.44
CA TYR XB 84 -74.87 65.65 -17.95
C TYR XB 84 -75.04 64.62 -16.84
N ASN XB 85 -76.09 63.80 -16.99
CA ASN XB 85 -76.40 62.76 -15.99
C ASN XB 85 -76.74 61.43 -16.65
N ALA XB 86 -76.40 60.34 -15.97
CA ALA XB 86 -76.66 59.01 -16.48
C ALA XB 86 -77.30 58.11 -15.43
N MET XB 87 -78.39 57.44 -15.81
CA MET XB 87 -79.05 56.48 -14.93
C MET XB 87 -78.89 55.06 -15.45
N VAL XB 88 -78.18 54.24 -14.68
CA VAL XB 88 -77.89 52.87 -15.10
C VAL XB 88 -78.93 51.88 -14.57
N TYR XB 89 -79.36 50.96 -15.42
CA TYR XB 89 -80.32 49.93 -15.03
C TYR XB 89 -79.63 48.57 -14.93
N VAL XB 90 -79.67 47.99 -13.74
CA VAL XB 90 -78.95 46.74 -13.46
C VAL XB 90 -79.89 45.69 -12.88
N ASP XB 91 -79.75 44.44 -13.33
CA ASP XB 91 -80.55 43.35 -12.80
C ASP XB 91 -79.69 42.39 -11.97
N LEU XB 92 -80.12 42.15 -10.73
CA LEU XB 92 -79.43 41.22 -9.86
C LEU XB 92 -80.18 39.89 -9.76
N ILE XB 93 -79.55 38.82 -10.23
CA ILE XB 93 -80.18 37.51 -10.22
C ILE XB 93 -79.52 36.60 -9.17
N VAL XB 94 -80.35 35.97 -8.35
CA VAL XB 94 -79.84 35.08 -7.30
C VAL XB 94 -80.74 33.87 -7.12
N GLU XB 100 -83.16 34.03 2.48
CA GLU XB 100 -83.63 35.40 2.36
C GLU XB 100 -82.62 36.38 2.94
N VAL XB 101 -81.93 35.95 4.00
CA VAL XB 101 -80.90 36.78 4.63
C VAL XB 101 -79.71 36.98 3.70
N GLU XB 102 -79.31 35.90 3.02
CA GLU XB 102 -78.22 35.96 2.07
C GLU XB 102 -78.59 36.83 0.87
N ARG XB 103 -79.87 36.85 0.53
CA ARG XB 103 -80.37 37.67 -0.57
C ARG XB 103 -80.21 39.16 -0.24
N GLU XB 104 -80.51 39.52 1.00
CA GLU XB 104 -80.35 40.90 1.47
C GLU XB 104 -78.87 41.28 1.52
N THR XB 105 -78.03 40.32 1.92
CA THR XB 105 -76.59 40.54 1.96
C THR XB 105 -76.02 40.72 0.56
N ALA XB 106 -76.50 39.91 -0.37
CA ALA XB 106 -76.07 40.01 -1.76
C ALA XB 106 -76.49 41.33 -2.38
N GLU XB 107 -77.70 41.77 -2.06
CA GLU XB 107 -78.21 43.04 -2.54
C GLU XB 107 -77.40 44.21 -2.00
N GLU XB 108 -76.99 44.11 -0.75
CA GLU XB 108 -76.19 45.14 -0.11
C GLU XB 108 -74.80 45.23 -0.74
N GLU XB 109 -74.16 44.09 -0.90
CA GLU XB 109 -72.82 44.03 -1.50
C GLU XB 109 -72.84 44.52 -2.95
N ALA XB 110 -73.87 44.13 -3.69
CA ALA XB 110 -74.00 44.54 -5.09
C ALA XB 110 -74.21 46.04 -5.21
N LYS XB 111 -75.00 46.59 -4.29
CA LYS XB 111 -75.29 48.02 -4.27
C LYS XB 111 -74.03 48.83 -4.00
N LEU XB 112 -73.27 48.43 -2.99
CA LEU XB 112 -72.04 49.11 -2.62
C LEU XB 112 -70.98 49.03 -3.72
N ALA XB 113 -70.91 47.88 -4.38
CA ALA XB 113 -69.95 47.67 -5.45
C ALA XB 113 -70.28 48.55 -6.66
N LEU XB 114 -71.56 48.68 -6.97
CA LEU XB 114 -72.01 49.48 -8.11
C LEU XB 114 -71.76 50.97 -7.89
N ARG XB 115 -71.87 51.42 -6.65
CA ARG XB 115 -71.63 52.83 -6.32
C ARG XB 115 -70.20 53.24 -6.61
N VAL XB 116 -69.25 52.36 -6.29
CA VAL XB 116 -67.84 52.62 -6.52
C VAL XB 116 -67.48 52.48 -7.99
N ALA XB 117 -68.03 51.46 -8.64
CA ALA XB 117 -67.71 51.16 -10.03
C ALA XB 117 -68.25 52.21 -10.99
N LEU XB 118 -69.48 52.66 -10.76
CA LEU XB 118 -70.13 53.59 -11.67
C LEU XB 118 -69.94 55.05 -11.22
N GLN XB 119 -69.21 55.23 -10.13
CA GLN XB 119 -68.94 56.56 -9.57
C GLN XB 119 -70.24 57.34 -9.32
N VAL XB 120 -71.12 56.76 -8.51
CA VAL XB 120 -72.42 57.36 -8.22
C VAL XB 120 -72.26 58.65 -7.42
N ASP XB 121 -73.00 59.68 -7.82
CA ASP XB 121 -73.02 60.98 -7.15
C ASP XB 121 -71.66 61.68 -7.23
N ILE XB 122 -70.80 61.22 -8.13
CA ILE XB 122 -69.51 61.84 -8.37
C ILE XB 122 -69.29 62.10 -9.85
N ALA XB 123 -68.40 63.02 -10.17
CA ALA XB 123 -68.11 63.35 -11.56
C ALA XB 123 -67.35 62.22 -12.23
N ASP XB 124 -67.92 61.69 -13.30
CA ASP XB 124 -67.30 60.59 -14.04
C ASP XB 124 -66.17 61.09 -14.92
N GLU XB 125 -65.56 60.19 -15.69
CA GLU XB 125 -64.48 60.55 -16.59
C GLU XB 125 -64.98 61.44 -17.72
N HIS XB 126 -66.28 61.35 -18.01
CA HIS XB 126 -66.90 62.17 -19.03
C HIS XB 126 -67.62 63.36 -18.41
N SER XB 127 -67.19 63.74 -17.21
CA SER XB 127 -67.82 64.81 -16.44
C SER XB 127 -69.30 64.56 -16.26
N CYS XB 128 -69.64 63.36 -15.82
CA CYS XB 128 -71.04 62.96 -15.67
C CYS XB 128 -71.37 62.51 -14.25
N VAL XB 129 -72.56 62.88 -13.79
CA VAL XB 129 -73.05 62.41 -12.50
C VAL XB 129 -73.94 61.20 -12.70
N THR XB 130 -73.47 60.04 -12.24
CA THR XB 130 -74.16 58.78 -12.50
C THR XB 130 -75.00 58.32 -11.32
N GLN XB 131 -76.04 57.54 -11.62
CA GLN XB 131 -76.88 56.92 -10.61
C GLN XB 131 -77.40 55.60 -11.15
N PHE XB 132 -77.86 54.72 -10.27
CA PHE XB 132 -78.29 53.39 -10.71
C PHE XB 132 -79.56 52.91 -10.00
N GLU XB 133 -80.31 52.07 -10.69
CA GLU XB 133 -81.48 51.41 -10.13
C GLU XB 133 -81.39 49.91 -10.40
N MET XB 134 -81.63 49.10 -9.38
CA MET XB 134 -81.48 47.66 -9.55
C MET XB 134 -82.72 46.88 -9.10
N LYS XB 135 -82.98 45.79 -9.81
CA LYS XB 135 -84.11 44.92 -9.49
C LYS XB 135 -83.63 43.51 -9.12
N LEU XB 136 -84.36 42.86 -8.23
CA LEU XB 136 -83.99 41.52 -7.77
C LEU XB 136 -84.83 40.45 -8.46
N ARG XB 137 -84.15 39.46 -9.04
CA ARG XB 137 -84.83 38.36 -9.71
C ARG XB 137 -84.31 37.02 -9.19
N GLU XB 138 -85.17 36.02 -9.15
CA GLU XB 138 -84.79 34.71 -8.63
C GLU XB 138 -85.09 33.61 -9.63
N GLU XB 139 -84.05 32.88 -10.03
CA GLU XB 139 -84.19 31.79 -10.98
C GLU XB 139 -83.13 30.72 -10.74
N LEU XB 140 -83.42 29.50 -11.19
CA LEU XB 140 -82.47 28.39 -11.05
C LEU XB 140 -81.25 28.59 -11.93
N LEU XB 141 -80.08 28.63 -11.29
CA LEU XB 141 -78.82 28.81 -12.01
C LEU XB 141 -78.48 27.59 -12.84
N SER XB 142 -78.93 26.42 -12.40
CA SER XB 142 -78.64 25.17 -13.09
C SER XB 142 -79.64 24.87 -14.20
N SER XB 143 -80.64 25.74 -14.33
CA SER XB 143 -81.66 25.56 -15.36
C SER XB 143 -81.10 25.80 -16.75
N ASP XB 144 -81.55 25.00 -17.71
CA ASP XB 144 -81.09 25.11 -19.09
C ASP XB 144 -81.60 26.39 -19.74
N SER XB 145 -82.86 26.72 -19.46
CA SER XB 145 -83.48 27.93 -20.02
C SER XB 145 -83.21 29.14 -19.15
N PHE XB 146 -81.93 29.46 -18.95
CA PHE XB 146 -81.54 30.61 -18.15
C PHE XB 146 -80.25 31.23 -18.66
N HIS XB 147 -80.22 32.56 -18.69
CA HIS XB 147 -79.03 33.30 -19.07
C HIS XB 147 -79.06 34.69 -18.46
N PRO XB 148 -77.89 35.18 -18.00
CA PRO XB 148 -77.72 36.53 -17.45
C PRO XB 148 -78.36 37.62 -18.31
N ASP XB 149 -78.32 37.45 -19.63
CA ASP XB 149 -78.89 38.44 -20.54
C ASP XB 149 -79.98 37.85 -21.42
N LYS XB 150 -81.01 37.28 -20.78
CA LYS XB 150 -82.14 36.70 -21.52
C LYS XB 150 -82.90 37.74 -22.31
N ASP XB 151 -83.71 37.29 -23.26
CA ASP XB 151 -84.48 38.18 -24.12
C ASP XB 151 -85.49 39.00 -23.33
N GLU XB 152 -86.28 38.32 -22.52
CA GLU XB 152 -87.36 38.95 -21.77
C GLU XB 152 -86.86 40.01 -20.77
N TYR XB 153 -85.58 39.96 -20.45
CA TYR XB 153 -85.00 40.87 -19.46
C TYR XB 153 -84.89 42.30 -20.00
N TYR XB 154 -84.87 42.43 -21.33
CA TYR XB 154 -84.70 43.73 -21.96
C TYR XB 154 -86.02 44.27 -22.49
N LYS XB 155 -87.12 43.65 -22.09
CA LYS XB 155 -88.45 44.01 -22.59
C LYS XB 155 -88.87 45.42 -22.21
N ASP XB 156 -88.35 45.91 -21.08
CA ASP XB 156 -88.72 47.23 -20.58
C ASP XB 156 -88.11 48.36 -21.41
N PHE XB 157 -86.99 48.08 -22.06
CA PHE XB 157 -86.24 49.12 -22.75
C PHE XB 157 -86.31 48.99 -24.28
N LEU XB 158 -86.98 47.94 -24.75
CA LEU XB 158 -87.14 47.74 -26.19
C LEU XB 158 -88.61 47.60 -26.56
N SER YB 3 -68.17 44.32 -46.06
CA SER YB 3 -68.87 43.36 -46.91
C SER YB 3 -70.18 42.92 -46.26
N VAL YB 4 -70.15 42.71 -44.95
CA VAL YB 4 -71.32 42.29 -44.19
C VAL YB 4 -71.67 43.31 -43.11
N ASN YB 5 -72.94 43.66 -43.01
CA ASN YB 5 -73.37 44.64 -42.02
C ASN YB 5 -74.40 44.05 -41.07
N THR YB 6 -73.93 43.54 -39.94
CA THR YB 6 -74.81 42.99 -38.91
C THR YB 6 -75.26 44.09 -37.96
N SER YB 7 -76.36 43.82 -37.26
CA SER YB 7 -76.93 44.79 -36.32
C SER YB 7 -77.90 44.10 -35.37
N PHE YB 8 -77.92 44.55 -34.12
CA PHE YB 8 -78.75 43.94 -33.09
C PHE YB 8 -80.02 44.75 -32.84
N LEU YB 9 -81.15 44.24 -33.31
CA LEU YB 9 -82.44 44.85 -33.00
C LEU YB 9 -82.84 44.47 -31.58
N SER YB 10 -82.41 43.28 -31.17
CA SER YB 10 -82.68 42.74 -29.86
C SER YB 10 -81.54 41.78 -29.49
N PRO YB 11 -81.43 41.39 -28.20
CA PRO YB 11 -80.40 40.42 -27.84
C PRO YB 11 -80.51 39.11 -28.60
N SER YB 12 -81.73 38.67 -28.88
CA SER YB 12 -81.95 37.42 -29.60
C SER YB 12 -82.38 37.66 -31.04
N LEU YB 13 -82.26 38.89 -31.51
CA LEU YB 13 -82.67 39.24 -32.87
C LEU YB 13 -81.57 39.98 -33.62
N VAL YB 14 -81.06 39.36 -34.69
CA VAL YB 14 -79.97 39.95 -35.47
C VAL YB 14 -80.29 39.95 -36.97
N THR YB 15 -80.08 41.10 -37.61
CA THR YB 15 -80.27 41.21 -39.05
C THR YB 15 -78.91 41.24 -39.77
N ILE YB 16 -78.73 40.33 -40.71
CA ILE YB 16 -77.47 40.22 -41.43
C ILE YB 16 -77.64 40.49 -42.92
N ARG YB 17 -76.95 41.53 -43.41
CA ARG YB 17 -77.01 41.88 -44.82
C ARG YB 17 -75.68 41.58 -45.52
N ASP YB 18 -75.75 40.80 -46.60
CA ASP YB 18 -74.58 40.46 -47.38
C ASP YB 18 -74.62 41.17 -48.74
N PHE YB 19 -73.82 42.20 -48.89
CA PHE YB 19 -73.81 43.00 -50.11
C PHE YB 19 -73.22 42.23 -51.29
N ASP YB 20 -72.15 41.49 -51.03
CA ASP YB 20 -71.45 40.75 -52.08
C ASP YB 20 -72.30 39.64 -52.68
N ASN YB 21 -72.96 38.88 -51.83
CA ASN YB 21 -73.79 37.77 -52.28
C ASN YB 21 -75.22 38.19 -52.57
N GLY YB 22 -75.55 39.43 -52.20
CA GLY YB 22 -76.89 39.96 -52.41
C GLY YB 22 -77.93 39.18 -51.64
N GLN YB 23 -77.66 38.94 -50.35
CA GLN YB 23 -78.54 38.16 -49.50
C GLN YB 23 -78.90 38.90 -48.22
N PHE YB 24 -80.03 38.54 -47.62
CA PHE YB 24 -80.42 39.09 -46.33
C PHE YB 24 -81.00 37.96 -45.48
N ALA YB 25 -80.43 37.77 -44.30
CA ALA YB 25 -80.88 36.73 -43.40
C ALA YB 25 -81.14 37.29 -42.00
N VAL YB 26 -82.22 36.83 -41.38
CA VAL YB 26 -82.54 37.24 -40.03
C VAL YB 26 -82.11 36.17 -39.03
N LEU YB 27 -81.22 36.55 -38.11
CA LEU YB 27 -80.75 35.63 -37.09
C LEU YB 27 -81.56 35.78 -35.81
N ARG YB 28 -82.29 34.74 -35.45
CA ARG YB 28 -83.16 34.80 -34.28
C ARG YB 28 -83.07 33.54 -33.42
N ILE YB 29 -82.89 33.73 -32.12
CA ILE YB 29 -82.93 32.62 -31.17
C ILE YB 29 -84.23 32.70 -30.39
N GLY YB 30 -85.31 32.23 -31.00
CA GLY YB 30 -86.64 32.38 -30.45
C GLY YB 30 -86.96 31.46 -29.28
N ARG YB 31 -86.58 30.20 -29.41
CA ARG YB 31 -86.91 29.17 -28.42
C ARG YB 31 -86.46 29.52 -27.00
N THR YB 32 -85.26 30.08 -26.89
CA THR YB 32 -84.68 30.38 -25.58
C THR YB 32 -84.58 31.88 -25.31
N GLY YB 33 -84.25 32.65 -26.33
CA GLY YB 33 -84.08 34.07 -26.18
C GLY YB 33 -82.68 34.45 -25.73
N PHE YB 34 -81.74 33.52 -25.91
CA PHE YB 34 -80.35 33.76 -25.56
C PHE YB 34 -79.72 34.78 -26.52
N PRO YB 35 -78.69 35.50 -26.05
CA PRO YB 35 -78.01 36.48 -26.91
C PRO YB 35 -77.16 35.80 -27.98
N ALA YB 36 -77.25 36.29 -29.21
CA ALA YB 36 -76.50 35.72 -30.31
C ALA YB 36 -75.01 36.01 -30.16
N ASP YB 37 -74.21 34.96 -30.03
CA ASP YB 37 -72.76 35.10 -29.89
C ASP YB 37 -72.09 35.11 -31.26
N LYS YB 38 -70.77 35.21 -31.26
CA LYS YB 38 -70.01 35.24 -32.51
C LYS YB 38 -70.21 33.93 -33.29
N GLY YB 39 -70.32 32.82 -32.56
CA GLY YB 39 -70.54 31.53 -33.16
C GLY YB 39 -71.89 31.42 -33.84
N ASP YB 40 -72.91 32.01 -33.22
CA ASP YB 40 -74.26 31.99 -33.77
C ASP YB 40 -74.34 32.72 -35.11
N ILE YB 41 -73.70 33.89 -35.17
CA ILE YB 41 -73.68 34.67 -36.40
C ILE YB 41 -72.89 33.96 -37.49
N ASP YB 42 -71.75 33.38 -37.11
CA ASP YB 42 -70.90 32.65 -38.03
C ASP YB 42 -71.64 31.43 -38.60
N LEU YB 43 -72.50 30.82 -37.77
CA LEU YB 43 -73.30 29.70 -38.20
C LEU YB 43 -74.32 30.14 -39.26
N CYS YB 44 -74.91 31.31 -39.05
CA CYS YB 44 -75.88 31.87 -39.98
C CYS YB 44 -75.23 32.15 -41.33
N LEU YB 45 -74.02 32.72 -41.29
CA LEU YB 45 -73.27 33.01 -42.51
C LEU YB 45 -72.97 31.73 -43.30
N ASP YB 46 -72.66 30.66 -42.58
CA ASP YB 46 -72.38 29.37 -43.20
C ASP YB 46 -73.61 28.78 -43.88
N LYS YB 47 -74.79 29.15 -43.39
CA LYS YB 47 -76.04 28.69 -43.97
C LYS YB 47 -76.43 29.48 -45.21
N MET YB 48 -76.09 30.77 -45.22
CA MET YB 48 -76.40 31.63 -46.36
C MET YB 48 -75.66 31.19 -47.62
N ILE YB 49 -74.37 30.90 -47.47
CA ILE YB 49 -73.55 30.47 -48.60
C ILE YB 49 -73.96 29.08 -49.07
N GLY YB 50 -74.54 28.29 -48.15
CA GLY YB 50 -75.03 26.97 -48.48
C GLY YB 50 -76.21 27.03 -49.43
N VAL YB 51 -77.17 27.90 -49.10
CA VAL YB 51 -78.34 28.10 -49.95
C VAL YB 51 -77.92 28.83 -51.22
N ARG YB 52 -76.91 29.69 -51.09
CA ARG YB 52 -76.32 30.34 -52.26
C ARG YB 52 -75.79 29.28 -53.22
N ALA YB 53 -75.21 28.23 -52.66
CA ALA YB 53 -74.75 27.10 -53.45
C ALA YB 53 -75.94 26.31 -54.01
N ALA YB 54 -77.03 26.25 -53.26
CA ALA YB 54 -78.24 25.58 -53.71
C ALA YB 54 -78.87 26.33 -54.88
N GLN YB 55 -78.79 27.67 -54.83
CA GLN YB 55 -79.37 28.51 -55.86
C GLN YB 55 -78.67 28.32 -57.21
N ILE YB 56 -77.34 28.38 -57.20
CA ILE YB 56 -76.56 28.24 -58.42
C ILE YB 56 -76.64 26.79 -58.92
N PHE YB 57 -76.87 25.86 -58.01
CA PHE YB 57 -77.08 24.47 -58.36
C PHE YB 57 -78.35 24.30 -59.20
N LEU YB 58 -79.42 24.95 -58.77
CA LEU YB 58 -80.70 24.89 -59.47
C LEU YB 58 -80.64 25.66 -60.79
N GLY YB 59 -79.60 26.47 -60.96
CA GLY YB 59 -79.43 27.26 -62.17
C GLY YB 59 -78.88 28.63 -61.87
N ASP YB 60 -77.95 29.10 -62.70
CA ASP YB 60 -77.37 30.42 -62.51
C ASP YB 60 -78.38 31.49 -62.90
N ASP YB 61 -78.95 32.14 -61.89
CA ASP YB 61 -79.96 33.17 -62.13
C ASP YB 61 -79.36 34.57 -61.99
N THR YB 62 -78.04 34.62 -61.94
CA THR YB 62 -77.34 35.90 -61.93
C THR YB 62 -77.33 36.51 -63.33
N GLU YB 63 -77.51 35.65 -64.33
CA GLU YB 63 -77.57 36.09 -65.72
C GLU YB 63 -78.91 36.74 -66.03
N ASP YB 64 -79.02 37.34 -67.21
CA ASP YB 64 -80.25 38.00 -67.64
C ASP YB 64 -81.31 36.98 -68.05
N GLY YB 65 -82.56 37.29 -67.74
CA GLY YB 65 -83.66 36.41 -68.08
C GLY YB 65 -83.74 35.18 -67.18
N PHE YB 66 -83.59 35.40 -65.88
CA PHE YB 66 -83.63 34.32 -64.91
C PHE YB 66 -84.99 33.62 -64.89
N LYS YB 67 -85.09 32.50 -65.60
CA LYS YB 67 -86.33 31.74 -65.66
C LYS YB 67 -86.67 31.10 -64.33
N GLY YB 68 -85.68 30.98 -63.46
CA GLY YB 68 -85.88 30.43 -62.13
C GLY YB 68 -85.52 28.95 -62.04
N PRO YB 69 -85.92 28.30 -60.94
CA PRO YB 69 -86.64 28.91 -59.83
C PRO YB 69 -85.72 29.61 -58.83
N HIS YB 70 -86.26 30.55 -58.07
CA HIS YB 70 -85.48 31.28 -57.07
C HIS YB 70 -85.62 30.62 -55.70
N ILE YB 71 -84.47 30.42 -55.04
CA ILE YB 71 -84.46 29.84 -53.70
C ILE YB 71 -83.55 30.66 -52.78
N ARG YB 72 -84.16 31.36 -51.82
CA ARG YB 72 -83.43 32.30 -50.97
C ARG YB 72 -83.73 32.10 -49.49
N ILE YB 73 -82.73 32.37 -48.64
CA ILE YB 73 -82.90 32.31 -47.20
C ILE YB 73 -83.70 33.52 -46.68
N ARG YB 74 -84.65 33.25 -45.79
CA ARG YB 74 -85.43 34.30 -45.17
C ARG YB 74 -84.99 34.54 -43.72
N CYS YB 75 -84.75 33.45 -43.00
CA CYS YB 75 -84.40 33.53 -41.58
C CYS YB 75 -83.78 32.23 -41.07
N VAL YB 76 -83.07 32.33 -39.95
CA VAL YB 76 -82.46 31.17 -39.31
C VAL YB 76 -82.81 31.12 -37.83
N ASP YB 77 -83.55 30.10 -37.41
CA ASP YB 77 -83.98 29.96 -36.03
C ASP YB 77 -83.12 28.94 -35.30
N ILE YB 78 -82.54 29.37 -34.18
CA ILE YB 78 -81.63 28.52 -33.41
C ILE YB 78 -82.26 28.00 -32.12
N ASP YB 79 -82.27 26.68 -31.96
CA ASP YB 79 -82.70 26.06 -30.71
C ASP YB 79 -81.49 25.93 -29.80
N ASP YB 80 -81.56 26.53 -28.61
CA ASP YB 80 -80.40 26.64 -27.74
C ASP YB 80 -80.67 26.09 -26.34
N LYS YB 81 -81.79 25.40 -26.18
CA LYS YB 81 -82.19 24.91 -24.86
C LYS YB 81 -81.22 23.89 -24.28
N HIS YB 82 -81.14 22.72 -24.92
CA HIS YB 82 -80.31 21.64 -24.42
C HIS YB 82 -79.21 21.28 -25.41
N THR YB 83 -79.59 21.06 -26.66
CA THR YB 83 -78.63 20.74 -27.71
C THR YB 83 -78.68 21.78 -28.81
N TYR YB 84 -77.52 22.07 -29.40
CA TYR YB 84 -77.42 23.09 -30.44
C TYR YB 84 -78.12 22.66 -31.71
N ASN YB 85 -79.22 23.34 -32.03
CA ASN YB 85 -80.01 23.02 -33.22
C ASN YB 85 -80.40 24.28 -33.98
N ALA YB 86 -80.49 24.16 -35.30
CA ALA YB 86 -80.83 25.30 -36.14
C ALA YB 86 -81.92 24.96 -37.16
N MET YB 87 -82.94 25.81 -37.24
CA MET YB 87 -84.01 25.65 -38.22
C MET YB 87 -83.95 26.76 -39.25
N VAL YB 88 -83.67 26.41 -40.50
CA VAL YB 88 -83.52 27.39 -41.56
C VAL YB 88 -84.83 27.61 -42.31
N TYR YB 89 -85.15 28.87 -42.58
CA TYR YB 89 -86.36 29.20 -43.33
C TYR YB 89 -86.01 29.68 -44.74
N VAL YB 90 -86.52 28.98 -45.74
CA VAL YB 90 -86.18 29.24 -47.12
C VAL YB 90 -87.44 29.44 -47.97
N ASP YB 91 -87.39 30.41 -48.88
CA ASP YB 91 -88.50 30.65 -49.79
C ASP YB 91 -88.16 30.24 -51.22
N LEU YB 92 -89.01 29.40 -51.81
CA LEU YB 92 -88.83 28.98 -53.19
C LEU YB 92 -89.81 29.69 -54.11
N ILE YB 93 -89.27 30.48 -55.04
CA ILE YB 93 -90.10 31.25 -55.96
C ILE YB 93 -90.03 30.67 -57.38
N VAL YB 94 -91.20 30.45 -57.97
CA VAL YB 94 -91.28 29.89 -59.32
C VAL YB 94 -92.39 30.52 -60.13
N GLU YB 100 -97.43 22.65 -63.29
CA GLU YB 100 -97.52 22.09 -61.95
C GLU YB 100 -96.55 20.92 -61.76
N VAL YB 101 -96.34 20.17 -62.83
CA VAL YB 101 -95.40 19.05 -62.80
C VAL YB 101 -93.98 19.53 -62.63
N GLU YB 102 -93.63 20.60 -63.33
CA GLU YB 102 -92.30 21.20 -63.22
C GLU YB 102 -92.10 21.82 -61.83
N ARG YB 103 -93.20 22.30 -61.25
CA ARG YB 103 -93.16 22.88 -59.91
C ARG YB 103 -92.82 21.83 -58.85
N GLU YB 104 -93.39 20.64 -59.00
CA GLU YB 104 -93.09 19.53 -58.10
C GLU YB 104 -91.64 19.07 -58.28
N THR YB 105 -91.18 19.08 -59.53
CA THR YB 105 -89.79 18.72 -59.83
C THR YB 105 -88.83 19.75 -59.25
N ALA YB 106 -89.20 21.02 -59.37
CA ALA YB 106 -88.39 22.11 -58.82
C ALA YB 106 -88.34 22.03 -57.30
N GLU YB 107 -89.48 21.70 -56.70
CA GLU YB 107 -89.57 21.56 -55.25
C GLU YB 107 -88.72 20.39 -54.76
N GLU YB 108 -88.71 19.30 -55.53
CA GLU YB 108 -87.94 18.12 -55.19
C GLU YB 108 -86.44 18.37 -55.28
N GLU YB 109 -86.02 18.99 -56.38
CA GLU YB 109 -84.61 19.31 -56.60
C GLU YB 109 -84.10 20.29 -55.55
N ALA YB 110 -84.91 21.29 -55.23
CA ALA YB 110 -84.54 22.28 -54.23
C ALA YB 110 -84.43 21.65 -52.85
N LYS YB 111 -85.34 20.73 -52.56
CA LYS YB 111 -85.34 20.02 -51.28
C LYS YB 111 -84.09 19.19 -51.10
N LEU YB 112 -83.75 18.42 -52.14
CA LEU YB 112 -82.56 17.56 -52.11
C LEU YB 112 -81.27 18.37 -51.98
N ALA YB 113 -81.23 19.50 -52.68
CA ALA YB 113 -80.04 20.36 -52.66
C ALA YB 113 -79.84 20.99 -51.28
N LEU YB 114 -80.93 21.39 -50.64
CA LEU YB 114 -80.87 22.03 -49.34
C LEU YB 114 -80.41 21.08 -48.24
N ARG YB 115 -80.77 19.81 -48.37
CA ARG YB 115 -80.38 18.79 -47.39
C ARG YB 115 -78.87 18.62 -47.36
N VAL YB 116 -78.25 18.62 -48.53
CA VAL YB 116 -76.81 18.47 -48.66
C VAL YB 116 -76.07 19.75 -48.26
N ALA YB 117 -76.60 20.88 -48.71
CA ALA YB 117 -75.96 22.17 -48.49
C ALA YB 117 -75.98 22.59 -47.02
N LEU YB 118 -77.10 22.38 -46.35
CA LEU YB 118 -77.26 22.83 -44.97
C LEU YB 118 -76.93 21.73 -43.97
N GLN YB 119 -76.52 20.57 -44.47
CA GLN YB 119 -76.17 19.42 -43.65
C GLN YB 119 -77.30 19.06 -42.68
N VAL YB 120 -78.48 18.80 -43.24
CA VAL YB 120 -79.66 18.50 -42.44
C VAL YB 120 -79.52 17.16 -41.72
N ASP YB 121 -79.89 17.14 -40.43
CA ASP YB 121 -79.87 15.95 -39.60
C ASP YB 121 -78.45 15.41 -39.39
N ILE YB 122 -77.47 16.25 -39.67
CA ILE YB 122 -76.07 15.90 -39.47
C ILE YB 122 -75.36 17.00 -38.69
N ALA YB 123 -74.25 16.65 -38.05
CA ALA YB 123 -73.47 17.60 -37.27
C ALA YB 123 -72.78 18.61 -38.19
N ASP YB 124 -73.09 19.89 -38.00
CA ASP YB 124 -72.49 20.95 -38.81
C ASP YB 124 -71.05 21.23 -38.37
N GLU YB 125 -70.44 22.22 -39.01
CA GLU YB 125 -69.07 22.61 -38.68
C GLU YB 125 -69.00 23.20 -37.28
N HIS YB 126 -70.14 23.72 -36.81
CA HIS YB 126 -70.23 24.28 -35.47
C HIS YB 126 -70.87 23.28 -34.52
N SER YB 127 -70.75 21.99 -34.87
CA SER YB 127 -71.36 20.90 -34.11
C SER YB 127 -72.86 21.13 -33.92
N CYS YB 128 -73.54 21.42 -35.02
CA CYS YB 128 -74.97 21.74 -34.97
C CYS YB 128 -75.80 20.82 -35.85
N VAL YB 129 -76.98 20.45 -35.35
CA VAL YB 129 -77.94 19.67 -36.13
C VAL YB 129 -78.94 20.59 -36.80
N THR YB 130 -78.87 20.67 -38.13
CA THR YB 130 -79.68 21.62 -38.88
C THR YB 130 -80.93 20.99 -39.49
N GLN YB 131 -81.94 21.82 -39.69
CA GLN YB 131 -83.18 21.42 -40.37
C GLN YB 131 -83.74 22.62 -41.11
N PHE YB 132 -84.62 22.37 -42.08
CA PHE YB 132 -85.16 23.47 -42.88
C PHE YB 132 -86.64 23.32 -43.19
N GLU YB 133 -87.30 24.47 -43.37
CA GLU YB 133 -88.69 24.53 -43.79
C GLU YB 133 -88.84 25.50 -44.96
N MET YB 134 -89.56 25.08 -46.00
CA MET YB 134 -89.67 25.91 -47.20
C MET YB 134 -91.11 26.15 -47.63
N LYS YB 135 -91.35 27.34 -48.17
CA LYS YB 135 -92.66 27.72 -48.68
C LYS YB 135 -92.59 28.00 -50.18
N LEU YB 136 -93.68 27.71 -50.88
CA LEU YB 136 -93.71 27.90 -52.33
C LEU YB 136 -94.47 29.18 -52.72
N ARG YB 137 -93.83 30.01 -53.52
CA ARG YB 137 -94.45 31.25 -53.98
C ARG YB 137 -94.37 31.37 -55.50
N GLU YB 138 -95.38 31.97 -56.10
CA GLU YB 138 -95.44 32.09 -57.56
C GLU YB 138 -95.65 33.54 -58.01
N GLU YB 139 -94.70 34.05 -58.79
CA GLU YB 139 -94.78 35.41 -59.31
C GLU YB 139 -94.07 35.53 -60.66
N LEU YB 140 -94.46 36.52 -61.44
CA LEU YB 140 -93.84 36.75 -62.75
C LEU YB 140 -92.41 37.23 -62.60
N LEU YB 141 -91.48 36.49 -63.19
CA LEU YB 141 -90.06 36.84 -63.12
C LEU YB 141 -89.75 38.11 -63.91
N SER YB 142 -90.55 38.36 -64.94
CA SER YB 142 -90.35 39.54 -65.79
C SER YB 142 -91.06 40.76 -65.24
N SER YB 143 -91.79 40.58 -64.15
CA SER YB 143 -92.52 41.68 -63.53
C SER YB 143 -91.57 42.69 -62.89
N ASP YB 144 -91.91 43.96 -62.99
CA ASP YB 144 -91.09 45.03 -62.42
C ASP YB 144 -91.11 44.99 -60.90
N SER YB 145 -92.29 44.74 -60.33
CA SER YB 145 -92.45 44.69 -58.89
C SER YB 145 -92.18 43.29 -58.35
N PHE YB 146 -90.97 42.80 -58.58
CA PHE YB 146 -90.58 41.48 -58.11
C PHE YB 146 -89.09 41.42 -57.78
N HIS YB 147 -88.76 40.79 -56.66
CA HIS YB 147 -87.37 40.57 -56.28
C HIS YB 147 -87.26 39.38 -55.33
N PRO YB 148 -86.20 38.58 -55.51
CA PRO YB 148 -85.89 37.43 -54.64
C PRO YB 148 -85.99 37.75 -53.15
N ASP YB 149 -85.58 38.96 -52.77
CA ASP YB 149 -85.61 39.37 -51.37
C ASP YB 149 -86.48 40.60 -51.15
N LYS YB 150 -87.75 40.50 -51.55
CA LYS YB 150 -88.68 41.60 -51.38
C LYS YB 150 -88.93 41.90 -49.91
N ASP YB 151 -89.48 43.08 -49.63
CA ASP YB 151 -89.75 43.52 -48.28
C ASP YB 151 -90.78 42.63 -47.58
N GLU YB 152 -91.91 42.40 -48.25
CA GLU YB 152 -93.02 41.65 -47.69
C GLU YB 152 -92.66 40.20 -47.35
N TYR YB 153 -91.58 39.70 -47.94
CA TYR YB 153 -91.17 38.32 -47.73
C TYR YB 153 -90.64 38.08 -46.31
N TYR YB 154 -90.18 39.16 -45.67
CA TYR YB 154 -89.59 39.06 -44.35
C TYR YB 154 -90.56 39.51 -43.25
N LYS YB 155 -91.83 39.65 -43.62
CA LYS YB 155 -92.85 40.14 -42.69
C LYS YB 155 -93.09 39.19 -41.53
N ASP YB 156 -92.85 37.91 -41.76
CA ASP YB 156 -93.10 36.88 -40.75
C ASP YB 156 -92.10 36.93 -39.59
N PHE YB 157 -90.90 37.43 -39.85
CA PHE YB 157 -89.83 37.39 -38.88
C PHE YB 157 -89.50 38.76 -38.31
N LEU YB 158 -90.19 39.79 -38.79
CA LEU YB 158 -89.99 41.14 -38.31
C LEU YB 158 -91.31 41.76 -37.83
N GLU ZB 2 -66.58 53.65 -35.57
CA GLU ZB 2 -66.15 54.38 -36.76
C GLU ZB 2 -66.88 55.72 -36.88
N SER ZB 3 -66.67 56.40 -38.00
CA SER ZB 3 -67.30 57.70 -38.25
C SER ZB 3 -68.78 57.58 -38.55
N VAL ZB 4 -69.15 56.56 -39.33
CA VAL ZB 4 -70.54 56.33 -39.70
C VAL ZB 4 -71.02 54.96 -39.23
N ASN ZB 5 -72.21 54.94 -38.65
CA ASN ZB 5 -72.78 53.69 -38.13
C ASN ZB 5 -74.11 53.34 -38.78
N THR ZB 6 -74.05 52.54 -39.84
CA THR ZB 6 -75.26 52.07 -40.51
C THR ZB 6 -75.80 50.81 -39.87
N SER ZB 7 -77.08 50.52 -40.10
CA SER ZB 7 -77.72 49.35 -39.53
C SER ZB 7 -79.02 49.03 -40.27
N PHE ZB 8 -79.31 47.74 -40.41
CA PHE ZB 8 -80.50 47.30 -41.12
C PHE ZB 8 -81.63 46.88 -40.17
N LEU ZB 9 -82.66 47.71 -40.07
CA LEU ZB 9 -83.85 47.35 -39.30
C LEU ZB 9 -84.69 46.39 -40.13
N SER ZB 10 -84.62 46.56 -41.45
CA SER ZB 10 -85.36 45.74 -42.39
C SER ZB 10 -84.58 45.74 -43.71
N PRO ZB 11 -84.92 44.83 -44.63
CA PRO ZB 11 -84.24 44.86 -45.93
C PRO ZB 11 -84.39 46.19 -46.66
N SER ZB 12 -85.54 46.83 -46.51
CA SER ZB 12 -85.77 48.12 -47.15
C SER ZB 12 -85.71 49.28 -46.16
N LEU ZB 13 -85.23 49.00 -44.95
CA LEU ZB 13 -85.14 50.03 -43.91
C LEU ZB 13 -83.74 50.10 -43.29
N VAL ZB 14 -83.07 51.23 -43.48
CA VAL ZB 14 -81.72 51.41 -42.97
C VAL ZB 14 -81.57 52.73 -42.20
N THR ZB 15 -80.96 52.67 -41.03
CA THR ZB 15 -80.69 53.86 -40.24
C THR ZB 15 -79.22 54.24 -40.29
N ILE ZB 16 -78.93 55.47 -40.69
CA ILE ZB 16 -77.55 55.93 -40.84
C ILE ZB 16 -77.22 57.08 -39.89
N ARG ZB 17 -76.25 56.86 -39.01
CA ARG ZB 17 -75.80 57.88 -38.07
C ARG ZB 17 -74.40 58.39 -38.41
N ASP ZB 18 -74.27 59.71 -38.57
CA ASP ZB 18 -72.99 60.33 -38.86
C ASP ZB 18 -72.51 61.12 -37.64
N PHE ZB 19 -71.52 60.59 -36.94
CA PHE ZB 19 -71.02 61.22 -35.72
C PHE ZB 19 -70.25 62.51 -36.00
N ASP ZB 20 -69.44 62.51 -37.05
CA ASP ZB 20 -68.60 63.65 -37.38
C ASP ZB 20 -69.43 64.87 -37.81
N ASN ZB 21 -70.43 64.63 -38.67
CA ASN ZB 21 -71.28 65.71 -39.15
C ASN ZB 21 -72.48 65.94 -38.24
N GLY ZB 22 -72.68 65.03 -37.29
CA GLY ZB 22 -73.80 65.14 -36.36
C GLY ZB 22 -75.15 65.04 -37.05
N GLN ZB 23 -75.30 64.02 -37.91
CA GLN ZB 23 -76.53 63.85 -38.66
C GLN ZB 23 -77.09 62.43 -38.51
N PHE ZB 24 -78.40 62.31 -38.73
CA PHE ZB 24 -79.06 61.01 -38.71
C PHE ZB 24 -80.06 60.97 -39.86
N ALA ZB 25 -79.93 59.97 -40.73
CA ALA ZB 25 -80.82 59.83 -41.87
C ALA ZB 25 -81.38 58.41 -41.94
N VAL ZB 26 -82.66 58.31 -42.26
CA VAL ZB 26 -83.32 57.01 -42.43
C VAL ZB 26 -83.42 56.67 -43.92
N LEU ZB 27 -82.80 55.56 -44.31
CA LEU ZB 27 -82.84 55.12 -45.69
C LEU ZB 27 -83.95 54.09 -45.89
N ARG ZB 28 -84.94 54.44 -46.73
CA ARG ZB 28 -86.09 53.57 -46.94
C ARG ZB 28 -86.47 53.47 -48.41
N ILE ZB 29 -86.65 52.24 -48.88
CA ILE ZB 29 -87.14 52.00 -50.23
C ILE ZB 29 -88.59 51.51 -50.16
N GLY ZB 30 -89.50 52.46 -49.98
CA GLY ZB 30 -90.90 52.14 -49.75
C GLY ZB 30 -91.67 51.65 -50.96
N ARG ZB 31 -91.48 52.33 -52.10
CA ARG ZB 31 -92.24 52.04 -53.31
C ARG ZB 31 -92.15 50.58 -53.77
N THR ZB 32 -90.96 50.00 -53.66
CA THR ZB 32 -90.75 48.64 -54.16
C THR ZB 32 -90.47 47.64 -53.03
N GLY ZB 33 -89.74 48.09 -52.02
CA GLY ZB 33 -89.37 47.22 -50.92
C GLY ZB 33 -88.13 46.40 -51.24
N PHE ZB 34 -87.37 46.86 -52.22
CA PHE ZB 34 -86.12 46.20 -52.60
C PHE ZB 34 -85.07 46.39 -51.50
N PRO ZB 35 -84.10 45.45 -51.41
CA PRO ZB 35 -83.03 45.58 -50.42
C PRO ZB 35 -82.04 46.68 -50.80
N ALA ZB 36 -81.68 47.50 -49.82
CA ALA ZB 36 -80.73 48.60 -50.04
C ALA ZB 36 -79.32 48.08 -50.30
N ASP ZB 37 -78.79 48.37 -51.48
CA ASP ZB 37 -77.44 47.94 -51.83
C ASP ZB 37 -76.41 48.97 -51.39
N LYS ZB 38 -75.14 48.69 -51.68
CA LYS ZB 38 -74.06 49.60 -51.31
C LYS ZB 38 -74.20 50.95 -52.01
N GLY ZB 39 -74.68 50.91 -53.25
CA GLY ZB 39 -74.88 52.13 -54.02
C GLY ZB 39 -75.95 53.02 -53.44
N ASP ZB 40 -77.02 52.41 -52.94
CA ASP ZB 40 -78.12 53.14 -52.35
C ASP ZB 40 -77.68 53.89 -51.09
N ILE ZB 41 -76.90 53.22 -50.26
CA ILE ZB 41 -76.39 53.83 -49.03
C ILE ZB 41 -75.41 54.95 -49.35
N ASP ZB 42 -74.52 54.71 -50.31
CA ASP ZB 42 -73.56 55.72 -50.73
C ASP ZB 42 -74.26 56.96 -51.29
N LEU ZB 43 -75.39 56.73 -51.95
CA LEU ZB 43 -76.20 57.82 -52.49
C LEU ZB 43 -76.79 58.65 -51.36
N CYS ZB 44 -77.24 57.97 -50.30
CA CYS ZB 44 -77.82 58.64 -49.14
C CYS ZB 44 -76.79 59.52 -48.45
N LEU ZB 45 -75.58 59.02 -48.31
CA LEU ZB 45 -74.49 59.77 -47.71
C LEU ZB 45 -74.19 61.03 -48.51
N ASP ZB 46 -74.25 60.92 -49.83
CA ASP ZB 46 -74.02 62.05 -50.72
C ASP ZB 46 -75.11 63.11 -50.56
N LYS ZB 47 -76.29 62.69 -50.14
CA LYS ZB 47 -77.40 63.62 -49.92
C LYS ZB 47 -77.28 64.33 -48.57
N MET ZB 48 -76.75 63.62 -47.58
CA MET ZB 48 -76.57 64.20 -46.24
C MET ZB 48 -75.60 65.36 -46.26
N ILE ZB 49 -74.46 65.17 -46.94
CA ILE ZB 49 -73.44 66.19 -47.03
C ILE ZB 49 -73.93 67.36 -47.90
N GLY ZB 50 -74.88 67.07 -48.79
CA GLY ZB 50 -75.48 68.09 -49.63
C GLY ZB 50 -76.32 69.06 -48.83
N VAL ZB 51 -77.17 68.52 -47.96
CA VAL ZB 51 -78.00 69.34 -47.09
C VAL ZB 51 -77.14 70.00 -46.02
N ARG ZB 52 -76.08 69.32 -45.62
CA ARG ZB 52 -75.09 69.89 -44.72
C ARG ZB 52 -74.49 71.15 -45.32
N ALA ZB 53 -74.29 71.14 -46.64
CA ALA ZB 53 -73.81 72.31 -47.36
C ALA ZB 53 -74.88 73.39 -47.40
N ALA ZB 54 -76.15 72.98 -47.45
CA ALA ZB 54 -77.26 73.92 -47.44
C ALA ZB 54 -77.34 74.63 -46.09
N GLN ZB 55 -77.04 73.90 -45.02
CA GLN ZB 55 -77.09 74.43 -43.67
C GLN ZB 55 -76.06 75.54 -43.45
N ILE ZB 56 -74.81 75.27 -43.82
CA ILE ZB 56 -73.73 76.23 -43.65
C ILE ZB 56 -73.93 77.41 -44.60
N PHE ZB 57 -74.58 77.15 -45.73
CA PHE ZB 57 -74.93 78.21 -46.68
C PHE ZB 57 -75.90 79.22 -46.05
N LEU ZB 58 -76.92 78.69 -45.38
CA LEU ZB 58 -77.92 79.53 -44.71
C LEU ZB 58 -77.33 80.20 -43.47
N GLY ZB 59 -76.18 79.71 -43.03
CA GLY ZB 59 -75.51 80.26 -41.87
C GLY ZB 59 -74.88 79.19 -41.00
N ASP ZB 60 -73.68 79.47 -40.51
CA ASP ZB 60 -72.97 78.52 -39.65
C ASP ZB 60 -73.62 78.48 -38.28
N ASP ZB 61 -74.36 77.40 -38.01
CA ASP ZB 61 -75.08 77.26 -36.75
C ASP ZB 61 -74.31 76.37 -35.77
N THR ZB 62 -73.08 76.06 -36.11
CA THR ZB 62 -72.20 75.31 -35.23
C THR ZB 62 -71.68 76.20 -34.11
N GLU ZB 63 -71.69 77.51 -34.35
CA GLU ZB 63 -71.23 78.48 -33.36
C GLU ZB 63 -72.27 78.67 -32.26
N ASP ZB 64 -71.89 79.40 -31.22
CA ASP ZB 64 -72.79 79.67 -30.09
C ASP ZB 64 -73.83 80.71 -30.46
N GLY ZB 65 -75.05 80.53 -29.95
CA GLY ZB 65 -76.14 81.44 -30.22
C GLY ZB 65 -76.68 81.29 -31.62
N PHE ZB 66 -76.88 80.05 -32.04
CA PHE ZB 66 -77.40 79.74 -33.37
C PHE ZB 66 -78.80 80.31 -33.58
N LYS ZB 67 -78.88 81.48 -34.19
CA LYS ZB 67 -80.17 82.13 -34.46
C LYS ZB 67 -80.97 81.37 -35.51
N GLY ZB 68 -80.30 80.52 -36.28
CA GLY ZB 68 -80.96 79.71 -37.28
C GLY ZB 68 -80.88 80.32 -38.67
N PRO ZB 69 -81.69 79.80 -39.62
CA PRO ZB 69 -82.60 78.67 -39.40
C PRO ZB 69 -81.91 77.31 -39.54
N HIS ZB 70 -82.49 76.28 -38.94
CA HIS ZB 70 -81.95 74.93 -39.02
C HIS ZB 70 -82.59 74.13 -40.14
N ILE ZB 71 -81.76 73.47 -40.95
CA ILE ZB 71 -82.25 72.63 -42.04
C ILE ZB 71 -81.54 71.28 -42.03
N ARG ZB 72 -82.28 70.23 -41.70
CA ARG ZB 72 -81.70 68.90 -41.51
C ARG ZB 72 -82.47 67.82 -42.27
N ILE ZB 73 -81.75 66.78 -42.70
CA ILE ZB 73 -82.37 65.64 -43.37
C ILE ZB 73 -83.13 64.75 -42.37
N ARG ZB 74 -84.33 64.34 -42.76
CA ARG ZB 74 -85.12 63.43 -41.95
C ARG ZB 74 -85.11 62.02 -42.51
N CYS ZB 75 -85.23 61.91 -43.83
CA CYS ZB 75 -85.30 60.62 -44.49
C CYS ZB 75 -85.05 60.72 -46.00
N VAL ZB 76 -84.67 59.60 -46.61
CA VAL ZB 76 -84.47 59.53 -48.06
C VAL ZB 76 -85.20 58.34 -48.65
N ASP ZB 77 -86.19 58.62 -49.49
CA ASP ZB 77 -86.99 57.55 -50.10
C ASP ZB 77 -86.55 57.31 -51.54
N ILE ZB 78 -86.19 56.08 -51.85
CA ILE ZB 78 -85.68 55.73 -53.17
C ILE ZB 78 -86.71 54.95 -54.00
N ASP ZB 79 -87.02 55.48 -55.18
CA ASP ZB 79 -87.86 54.75 -56.13
C ASP ZB 79 -86.99 53.90 -57.03
N ASP ZB 80 -87.23 52.59 -57.02
CA ASP ZB 80 -86.35 51.64 -57.70
C ASP ZB 80 -87.14 50.79 -58.67
N LYS ZB 81 -88.40 51.16 -58.88
CA LYS ZB 81 -89.32 50.39 -59.72
C LYS ZB 81 -88.88 50.36 -61.17
N HIS ZB 82 -88.90 51.52 -61.82
CA HIS ZB 82 -88.59 51.59 -63.25
C HIS ZB 82 -87.35 52.42 -63.52
N THR ZB 83 -87.33 53.65 -63.00
CA THR ZB 83 -86.19 54.54 -63.14
C THR ZB 83 -85.64 54.91 -61.76
N TYR ZB 84 -84.32 55.08 -61.68
CA TYR ZB 84 -83.68 55.39 -60.42
C TYR ZB 84 -84.05 56.80 -59.96
N ASN ZB 85 -84.84 56.88 -58.90
CA ASN ZB 85 -85.31 58.16 -58.36
C ASN ZB 85 -85.19 58.22 -56.85
N ALA ZB 86 -84.95 59.41 -56.32
CA ALA ZB 86 -84.78 59.59 -54.89
C ALA ZB 86 -85.60 60.77 -54.35
N MET ZB 87 -86.34 60.53 -53.28
CA MET ZB 87 -87.13 61.58 -52.63
C MET ZB 87 -86.55 61.90 -51.25
N VAL ZB 88 -86.03 63.12 -51.11
CA VAL ZB 88 -85.40 63.54 -49.86
C VAL ZB 88 -86.38 64.24 -48.93
N TYR ZB 89 -86.33 63.90 -47.65
CA TYR ZB 89 -87.19 64.52 -46.66
C TYR ZB 89 -86.40 65.47 -45.77
N VAL ZB 90 -86.77 66.74 -45.78
CA VAL ZB 90 -86.03 67.77 -45.07
C VAL ZB 90 -86.94 68.58 -44.16
N ASP ZB 91 -86.47 68.89 -42.95
CA ASP ZB 91 -87.23 69.73 -42.04
C ASP ZB 91 -86.57 71.09 -41.86
N LEU ZB 92 -87.33 72.16 -42.07
CA LEU ZB 92 -86.82 73.52 -41.90
C LEU ZB 92 -87.35 74.12 -40.59
N ILE ZB 93 -86.44 74.41 -39.68
CA ILE ZB 93 -86.82 74.96 -38.38
C ILE ZB 93 -86.44 76.44 -38.27
N VAL ZB 94 -87.40 77.26 -37.86
CA VAL ZB 94 -87.16 78.69 -37.72
C VAL ZB 94 -87.89 79.26 -36.50
N GLU ZB 100 -93.04 86.98 -39.82
CA GLU ZB 100 -93.64 86.09 -40.81
C GLU ZB 100 -92.98 86.28 -42.17
N VAL ZB 101 -92.57 87.51 -42.46
CA VAL ZB 101 -91.89 87.81 -43.73
C VAL ZB 101 -90.53 87.14 -43.80
N GLU ZB 102 -89.79 87.18 -42.69
CA GLU ZB 102 -88.49 86.54 -42.61
C GLU ZB 102 -88.60 85.03 -42.71
N ARG ZB 103 -89.71 84.49 -42.22
CA ARG ZB 103 -89.97 83.06 -42.30
C ARG ZB 103 -90.14 82.60 -43.75
N GLU ZB 104 -90.85 83.41 -44.53
CA GLU ZB 104 -91.03 83.14 -45.95
C GLU ZB 104 -89.70 83.27 -46.70
N THR ZB 105 -88.89 84.23 -46.28
CA THR ZB 105 -87.57 84.46 -46.86
C THR ZB 105 -86.65 83.28 -46.59
N ALA ZB 106 -86.71 82.77 -45.36
CA ALA ZB 106 -85.90 81.61 -44.97
C ALA ZB 106 -86.30 80.37 -45.78
N GLU ZB 107 -87.60 80.21 -45.99
CA GLU ZB 107 -88.13 79.09 -46.77
C GLU ZB 107 -87.66 79.17 -48.22
N GLU ZB 108 -87.63 80.39 -48.75
CA GLU ZB 108 -87.20 80.62 -50.14
C GLU ZB 108 -85.73 80.30 -50.33
N GLU ZB 109 -84.89 80.79 -49.43
CA GLU ZB 109 -83.46 80.55 -49.49
C GLU ZB 109 -83.14 79.07 -49.33
N ALA ZB 110 -83.84 78.41 -48.42
CA ALA ZB 110 -83.63 76.99 -48.17
C ALA ZB 110 -84.05 76.15 -49.38
N LYS ZB 111 -85.15 76.54 -50.01
CA LYS ZB 111 -85.65 75.82 -51.18
C LYS ZB 111 -84.67 75.90 -52.35
N LEU ZB 112 -84.17 77.10 -52.62
CA LEU ZB 112 -83.21 77.31 -53.69
C LEU ZB 112 -81.90 76.58 -53.45
N ALA ZB 113 -81.46 76.57 -52.18
CA ALA ZB 113 -80.21 75.91 -51.81
C ALA ZB 113 -80.31 74.39 -51.97
N LEU ZB 114 -81.47 73.83 -51.62
CA LEU ZB 114 -81.68 72.39 -51.71
C LEU ZB 114 -81.72 71.90 -53.15
N ARG ZB 115 -82.25 72.73 -54.05
CA ARG ZB 115 -82.34 72.38 -55.47
C ARG ZB 115 -80.95 72.19 -56.07
N VAL ZB 116 -80.03 73.08 -55.71
CA VAL ZB 116 -78.66 73.00 -56.21
C VAL ZB 116 -77.87 71.90 -55.53
N ALA ZB 117 -78.05 71.79 -54.22
CA ALA ZB 117 -77.29 70.83 -53.42
C ALA ZB 117 -77.70 69.39 -53.71
N LEU ZB 118 -79.00 69.16 -53.85
CA LEU ZB 118 -79.50 67.80 -54.04
C LEU ZB 118 -79.69 67.43 -55.51
N GLN ZB 119 -79.37 68.36 -56.41
CA GLN ZB 119 -79.48 68.16 -57.85
C GLN ZB 119 -80.88 67.75 -58.29
N VAL ZB 120 -81.88 68.56 -57.92
CA VAL ZB 120 -83.28 68.26 -58.20
C VAL ZB 120 -83.59 68.28 -59.69
N ASP ZB 121 -84.33 67.26 -60.13
CA ASP ZB 121 -84.79 67.14 -61.53
C ASP ZB 121 -83.66 66.99 -62.53
N ILE ZB 122 -82.47 66.66 -62.03
CA ILE ZB 122 -81.31 66.42 -62.87
C ILE ZB 122 -80.65 65.10 -62.49
N ALA ZB 123 -79.86 64.55 -63.40
CA ALA ZB 123 -79.18 63.28 -63.15
C ALA ZB 123 -78.09 63.43 -62.10
N ASP ZB 124 -78.21 62.66 -61.02
CA ASP ZB 124 -77.24 62.70 -59.93
C ASP ZB 124 -75.96 61.96 -60.31
N GLU ZB 125 -75.02 61.87 -59.39
CA GLU ZB 125 -73.77 61.16 -59.61
C GLU ZB 125 -74.02 59.67 -59.78
N HIS ZB 126 -75.12 59.20 -59.23
CA HIS ZB 126 -75.50 57.80 -59.34
C HIS ZB 126 -76.56 57.61 -60.42
N SER ZB 127 -76.56 58.54 -61.39
CA SER ZB 127 -77.54 58.54 -62.48
C SER ZB 127 -78.96 58.52 -61.91
N CYS ZB 128 -79.23 59.43 -60.98
CA CYS ZB 128 -80.53 59.47 -60.29
C CYS ZB 128 -81.21 60.83 -60.42
N VAL ZB 129 -82.53 60.80 -60.60
CA VAL ZB 129 -83.33 62.02 -60.60
C VAL ZB 129 -83.89 62.27 -59.20
N THR ZB 130 -83.39 63.32 -58.55
CA THR ZB 130 -83.73 63.59 -57.16
C THR ZB 130 -84.82 64.64 -57.01
N GLN ZB 131 -85.55 64.55 -55.90
CA GLN ZB 131 -86.57 65.53 -55.55
C GLN ZB 131 -86.64 65.65 -54.03
N PHE ZB 132 -87.23 66.74 -53.54
CA PHE ZB 132 -87.27 66.96 -52.09
C PHE ZB 132 -88.62 67.52 -51.63
N GLU ZB 133 -88.95 67.21 -50.37
CA GLU ZB 133 -90.14 67.75 -49.72
C GLU ZB 133 -89.76 68.29 -48.35
N MET ZB 134 -90.22 69.49 -48.01
CA MET ZB 134 -89.83 70.10 -46.76
C MET ZB 134 -91.00 70.55 -45.89
N LYS ZB 135 -90.82 70.44 -44.58
CA LYS ZB 135 -91.82 70.87 -43.61
C LYS ZB 135 -91.28 71.99 -42.73
N LEU ZB 136 -92.16 72.89 -42.31
CA LEU ZB 136 -91.76 74.03 -41.48
C LEU ZB 136 -92.13 73.82 -40.01
N ARG ZB 137 -91.14 73.98 -39.14
CA ARG ZB 137 -91.36 73.84 -37.70
C ARG ZB 137 -90.81 75.05 -36.95
N GLU ZB 138 -91.46 75.41 -35.86
CA GLU ZB 138 -91.06 76.59 -35.08
C GLU ZB 138 -90.83 76.27 -33.61
N GLU ZB 139 -89.61 76.50 -33.14
CA GLU ZB 139 -89.26 76.28 -31.74
C GLU ZB 139 -88.15 77.22 -31.29
N LEU ZB 140 -88.08 77.45 -29.98
CA LEU ZB 140 -87.05 78.32 -29.41
C LEU ZB 140 -85.67 77.70 -29.53
N LEU ZB 141 -84.76 78.41 -30.18
CA LEU ZB 141 -83.38 77.93 -30.37
C LEU ZB 141 -82.61 77.90 -29.05
N SER ZB 142 -82.99 78.78 -28.13
CA SER ZB 142 -82.31 78.88 -26.84
C SER ZB 142 -82.91 77.92 -25.82
N SER ZB 143 -83.95 77.20 -26.22
CA SER ZB 143 -84.60 76.25 -25.33
C SER ZB 143 -83.71 75.04 -25.06
N ASP ZB 144 -83.76 74.54 -23.84
CA ASP ZB 144 -82.95 73.39 -23.45
C ASP ZB 144 -83.42 72.11 -24.14
N SER ZB 145 -84.74 71.94 -24.23
CA SER ZB 145 -85.32 70.76 -24.85
C SER ZB 145 -85.49 70.94 -26.36
N PHE ZB 146 -84.39 71.19 -27.05
CA PHE ZB 146 -84.43 71.37 -28.50
C PHE ZB 146 -83.14 70.89 -29.16
N HIS ZB 147 -83.28 70.20 -30.29
CA HIS ZB 147 -82.15 69.78 -31.09
C HIS ZB 147 -82.59 69.57 -32.53
N PRO ZB 148 -81.73 69.97 -33.49
CA PRO ZB 148 -81.97 69.78 -34.93
C PRO ZB 148 -82.45 68.39 -35.31
N ASP ZB 149 -81.95 67.37 -34.63
CA ASP ZB 149 -82.33 65.98 -34.92
C ASP ZB 149 -82.95 65.29 -33.71
N LYS ZB 150 -84.02 65.86 -33.18
CA LYS ZB 150 -84.71 65.29 -32.03
C LYS ZB 150 -85.33 63.93 -32.38
N ASP ZB 151 -85.65 63.16 -31.36
CA ASP ZB 151 -86.21 61.82 -31.53
C ASP ZB 151 -87.57 61.86 -32.23
N GLU ZB 152 -88.47 62.68 -31.72
CA GLU ZB 152 -89.85 62.75 -32.23
C GLU ZB 152 -89.93 63.19 -33.68
N TYR ZB 153 -88.85 63.80 -34.19
CA TYR ZB 153 -88.84 64.32 -35.54
C TYR ZB 153 -88.80 63.20 -36.59
N TYR ZB 154 -88.33 62.02 -36.18
CA TYR ZB 154 -88.16 60.91 -37.11
C TYR ZB 154 -89.30 59.90 -36.97
N LYS ZB 155 -90.36 60.30 -36.27
CA LYS ZB 155 -91.47 59.39 -35.98
C LYS ZB 155 -92.21 58.94 -37.23
N ASP ZB 156 -92.18 59.76 -38.28
CA ASP ZB 156 -92.90 59.45 -39.51
C ASP ZB 156 -92.27 58.32 -40.31
N PHE ZB 157 -90.97 58.12 -40.13
CA PHE ZB 157 -90.23 57.16 -40.95
C PHE ZB 157 -89.78 55.94 -40.16
N LEU ZB 158 -90.04 55.94 -38.86
CA LEU ZB 158 -89.67 54.80 -38.01
C LEU ZB 158 -90.88 54.25 -37.27
N SER AC 3 -19.96 27.07 -25.61
CA SER AC 3 -20.02 27.09 -24.15
C SER AC 3 -20.09 25.68 -23.59
N VAL AC 4 -20.87 24.83 -24.24
CA VAL AC 4 -21.02 23.43 -23.81
C VAL AC 4 -20.59 22.48 -24.92
N ASN AC 5 -19.79 21.48 -24.58
CA ASN AC 5 -19.30 20.52 -25.56
C ASN AC 5 -19.69 19.09 -25.19
N THR AC 6 -20.82 18.64 -25.73
CA THR AC 6 -21.27 17.27 -25.51
C THR AC 6 -20.66 16.33 -26.53
N SER AC 7 -20.63 15.04 -26.19
CA SER AC 7 -20.05 14.03 -27.06
C SER AC 7 -20.50 12.62 -26.69
N PHE AC 8 -20.71 11.79 -27.70
CA PHE AC 8 -21.19 10.43 -27.50
C PHE AC 8 -20.08 9.39 -27.61
N LEU AC 9 -19.68 8.83 -26.48
CA LEU AC 9 -18.75 7.72 -26.46
C LEU AC 9 -19.50 6.44 -26.83
N SER AC 10 -20.77 6.42 -26.46
CA SER AC 10 -21.65 5.29 -26.73
C SER AC 10 -23.08 5.82 -26.81
N PRO AC 11 -24.03 5.01 -27.34
CA PRO AC 11 -25.42 5.48 -27.35
C PRO AC 11 -25.96 5.83 -25.96
N SER AC 12 -25.55 5.09 -24.95
CA SER AC 12 -26.01 5.34 -23.59
C SER AC 12 -24.94 6.03 -22.73
N LEU AC 13 -23.87 6.48 -23.37
CA LEU AC 13 -22.77 7.12 -22.64
C LEU AC 13 -22.43 8.47 -23.27
N VAL AC 14 -22.61 9.54 -22.50
CA VAL AC 14 -22.38 10.90 -22.99
C VAL AC 14 -21.49 11.70 -22.05
N THR AC 15 -20.49 12.37 -22.60
CA THR AC 15 -19.64 13.26 -21.82
C THR AC 15 -20.00 14.72 -22.09
N ILE AC 16 -20.31 15.45 -21.04
CA ILE AC 16 -20.73 16.83 -21.15
C ILE AC 16 -19.76 17.78 -20.47
N ARG AC 17 -19.17 18.69 -21.24
CA ARG AC 17 -18.25 19.68 -20.68
C ARG AC 17 -18.87 21.08 -20.71
N ASP AC 18 -18.92 21.71 -19.54
CA ASP AC 18 -19.44 23.07 -19.44
C ASP AC 18 -18.30 24.04 -19.15
N PHE AC 19 -17.91 24.79 -20.17
CA PHE AC 19 -16.78 25.72 -20.05
C PHE AC 19 -17.10 26.91 -19.16
N ASP AC 20 -18.32 27.44 -19.29
CA ASP AC 20 -18.73 28.62 -18.54
C ASP AC 20 -18.84 28.32 -17.05
N ASN AC 21 -19.43 27.18 -16.71
CA ASN AC 21 -19.61 26.80 -15.32
C ASN AC 21 -18.41 26.04 -14.78
N GLY AC 22 -17.49 25.67 -15.68
CA GLY AC 22 -16.29 24.94 -15.29
C GLY AC 22 -16.62 23.58 -14.70
N GLN AC 23 -17.49 22.84 -15.39
CA GLN AC 23 -17.94 21.54 -14.91
C GLN AC 23 -17.80 20.46 -15.98
N PHE AC 24 -17.70 19.21 -15.52
CA PHE AC 24 -17.67 18.07 -16.42
C PHE AC 24 -18.54 16.96 -15.80
N ALA AC 25 -19.53 16.50 -16.57
CA ALA AC 25 -20.43 15.46 -16.10
C ALA AC 25 -20.54 14.33 -17.10
N VAL AC 26 -20.55 13.11 -16.60
CA VAL AC 26 -20.72 11.93 -17.46
C VAL AC 26 -22.17 11.45 -17.39
N LEU AC 27 -22.84 11.45 -18.54
CA LEU AC 27 -24.22 10.98 -18.61
C LEU AC 27 -24.26 9.52 -19.04
N ARG AC 28 -24.77 8.66 -18.16
CA ARG AC 28 -24.81 7.24 -18.42
C ARG AC 28 -26.16 6.63 -18.04
N ILE AC 29 -26.74 5.87 -18.95
CA ILE AC 29 -27.97 5.14 -18.68
C ILE AC 29 -27.65 3.66 -18.52
N GLY AC 30 -27.18 3.29 -17.33
CA GLY AC 30 -26.70 1.95 -17.07
C GLY AC 30 -27.78 0.90 -16.93
N ARG AC 31 -28.83 1.24 -16.19
CA ARG AC 31 -29.89 0.28 -15.88
C ARG AC 31 -30.54 -0.35 -17.11
N THR AC 32 -30.76 0.45 -18.15
CA THR AC 32 -31.45 -0.04 -19.34
C THR AC 32 -30.55 -0.08 -20.57
N GLY AC 33 -29.68 0.90 -20.70
CA GLY AC 33 -28.80 0.99 -21.86
C GLY AC 33 -29.48 1.69 -23.03
N PHE AC 34 -30.54 2.41 -22.75
CA PHE AC 34 -31.25 3.17 -23.78
C PHE AC 34 -30.40 4.34 -24.26
N PRO AC 35 -30.64 4.79 -25.51
CA PRO AC 35 -29.88 5.93 -26.03
C PRO AC 35 -30.32 7.25 -25.39
N ALA AC 36 -29.34 8.07 -25.00
CA ALA AC 36 -29.64 9.34 -24.37
C ALA AC 36 -30.27 10.31 -25.37
N ASP AC 37 -31.50 10.72 -25.08
CA ASP AC 37 -32.21 11.66 -25.94
C ASP AC 37 -31.90 13.09 -25.53
N LYS AC 38 -32.52 14.05 -26.23
CA LYS AC 38 -32.31 15.46 -25.94
C LYS AC 38 -32.78 15.82 -24.53
N GLY AC 39 -33.86 15.17 -24.10
CA GLY AC 39 -34.40 15.38 -22.76
C GLY AC 39 -33.46 14.92 -21.66
N ASP AC 40 -32.79 13.79 -21.90
CA ASP AC 40 -31.84 13.24 -20.94
C ASP AC 40 -30.66 14.18 -20.74
N ILE AC 41 -30.16 14.72 -21.84
CA ILE AC 41 -29.03 15.66 -21.79
C ILE AC 41 -29.43 16.94 -21.09
N ASP AC 42 -30.61 17.45 -21.44
CA ASP AC 42 -31.14 18.66 -20.83
C ASP AC 42 -31.35 18.49 -19.32
N LEU AC 43 -31.74 17.27 -18.93
CA LEU AC 43 -31.93 16.94 -17.52
C LEU AC 43 -30.60 16.97 -16.76
N CYS AC 44 -29.55 16.46 -17.40
CA CYS AC 44 -28.23 16.44 -16.79
C CYS AC 44 -27.71 17.85 -16.55
N LEU AC 45 -27.93 18.73 -17.52
CA LEU AC 45 -27.53 20.12 -17.41
C LEU AC 45 -28.21 20.80 -16.23
N ASP AC 46 -29.48 20.48 -16.02
CA ASP AC 46 -30.25 21.03 -14.92
C ASP AC 46 -29.70 20.56 -13.57
N LYS AC 47 -29.08 19.40 -13.55
CA LYS AC 47 -28.49 18.86 -12.33
C LYS AC 47 -27.12 19.49 -12.06
N MET AC 48 -26.38 19.79 -13.12
CA MET AC 48 -25.08 20.41 -12.99
C MET AC 48 -25.19 21.80 -12.38
N ILE AC 49 -26.13 22.58 -12.89
CA ILE AC 49 -26.36 23.93 -12.41
C ILE AC 49 -26.94 23.91 -10.99
N GLY AC 50 -27.61 22.81 -10.66
CA GLY AC 50 -28.15 22.63 -9.33
C GLY AC 50 -27.05 22.44 -8.29
N VAL AC 51 -26.09 21.57 -8.62
CA VAL AC 51 -24.96 21.33 -7.75
C VAL AC 51 -24.01 22.53 -7.76
N ARG AC 52 -23.97 23.22 -8.89
CA ARG AC 52 -23.23 24.47 -9.00
C ARG AC 52 -23.77 25.47 -7.98
N ALA AC 53 -25.09 25.47 -7.82
CA ALA AC 53 -25.75 26.30 -6.83
C ALA AC 53 -25.47 25.80 -5.42
N ALA AC 54 -25.34 24.48 -5.29
CA ALA AC 54 -25.02 23.87 -3.99
C ALA AC 54 -23.61 24.24 -3.55
N GLN AC 55 -22.70 24.31 -4.53
CA GLN AC 55 -21.30 24.64 -4.23
C GLN AC 55 -21.14 26.05 -3.70
N ILE AC 56 -21.73 27.01 -4.41
CA ILE AC 56 -21.62 28.41 -4.04
C ILE AC 56 -22.40 28.70 -2.75
N PHE AC 57 -23.45 27.92 -2.51
CA PHE AC 57 -24.20 28.04 -1.27
C PHE AC 57 -23.37 27.70 -0.03
N LEU AC 58 -22.68 26.56 -0.06
CA LEU AC 58 -21.85 26.17 1.06
C LEU AC 58 -20.58 27.01 1.11
N GLY AC 59 -20.25 27.61 -0.02
CA GLY AC 59 -19.08 28.48 -0.13
C GLY AC 59 -18.33 28.22 -1.41
N ASP AC 60 -17.92 29.29 -2.08
CA ASP AC 60 -17.14 29.14 -3.31
C ASP AC 60 -15.70 29.48 -2.97
N ASP AC 61 -14.75 28.79 -3.60
CA ASP AC 61 -13.35 29.03 -3.27
C ASP AC 61 -12.69 29.97 -4.26
N THR AC 62 -13.49 30.54 -5.17
CA THR AC 62 -13.00 31.59 -6.03
C THR AC 62 -13.03 32.86 -5.20
N GLU AC 63 -13.89 32.84 -4.18
CA GLU AC 63 -14.05 33.94 -3.23
C GLU AC 63 -12.93 33.92 -2.19
N ASP AC 64 -12.88 34.96 -1.37
CA ASP AC 64 -11.87 35.08 -0.32
C ASP AC 64 -12.16 34.13 0.84
N PHE AC 66 -10.71 30.15 0.92
CA PHE AC 66 -10.70 28.90 0.16
C PHE AC 66 -10.60 27.70 1.09
N LYS AC 67 -11.25 27.79 2.25
CA LYS AC 67 -11.23 26.72 3.23
C LYS AC 67 -12.00 25.48 2.78
N GLY AC 68 -12.87 25.65 1.78
CA GLY AC 68 -13.64 24.53 1.27
C GLY AC 68 -15.01 24.51 1.94
N PRO AC 69 -15.73 23.39 1.81
CA PRO AC 69 -15.40 22.17 1.06
C PRO AC 69 -15.78 22.25 -0.42
N HIS AC 70 -15.17 21.42 -1.26
CA HIS AC 70 -15.49 21.38 -2.68
C HIS AC 70 -16.55 20.30 -2.93
N ILE AC 71 -17.59 20.66 -3.68
CA ILE AC 71 -18.64 19.72 -4.02
C ILE AC 71 -18.98 19.81 -5.52
N ARG AC 72 -18.62 18.76 -6.26
CA ARG AC 72 -18.76 18.76 -7.72
C ARG AC 72 -19.46 17.51 -8.23
N ILE AC 73 -20.18 17.63 -9.33
CA ILE AC 73 -20.84 16.49 -9.97
C ILE AC 73 -19.81 15.60 -10.67
N ARG AC 74 -19.97 14.29 -10.47
CA ARG AC 74 -19.11 13.32 -11.13
C ARG AC 74 -19.85 12.63 -12.29
N CYS AC 75 -21.10 12.28 -12.05
CA CYS AC 75 -21.89 11.54 -13.03
C CYS AC 75 -23.39 11.59 -12.75
N VAL AC 76 -24.19 11.34 -13.78
CA VAL AC 76 -25.63 11.27 -13.65
C VAL AC 76 -26.18 9.99 -14.28
N ASP AC 77 -26.72 9.10 -13.45
CA ASP AC 77 -27.23 7.82 -13.94
C ASP AC 77 -28.75 7.85 -14.00
N ILE AC 78 -29.31 7.53 -15.17
CA ILE AC 78 -30.74 7.58 -15.38
C ILE AC 78 -31.38 6.19 -15.43
N ASP AC 79 -32.37 5.96 -14.56
CA ASP AC 79 -33.16 4.74 -14.61
C ASP AC 79 -34.35 4.94 -15.54
N ASP AC 80 -34.45 4.10 -16.57
CA ASP AC 80 -35.42 4.30 -17.64
C ASP AC 80 -36.31 3.08 -17.85
N LYS AC 81 -36.24 2.13 -16.92
CA LYS AC 81 -36.97 0.87 -17.07
C LYS AC 81 -38.49 1.07 -17.07
N HIS AC 82 -39.03 1.49 -15.94
CA HIS AC 82 -40.47 1.66 -15.79
C HIS AC 82 -40.84 3.12 -15.54
N THR AC 83 -40.19 3.71 -14.53
CA THR AC 83 -40.44 5.10 -14.20
C THR AC 83 -39.15 5.92 -14.35
N TYR AC 84 -39.30 7.17 -14.78
CA TYR AC 84 -38.15 8.05 -15.00
C TYR AC 84 -37.49 8.42 -13.68
N ASN AC 85 -36.27 7.91 -13.48
CA ASN AC 85 -35.52 8.17 -12.26
C ASN AC 85 -34.07 8.52 -12.56
N ALA AC 86 -33.47 9.36 -11.74
CA ALA AC 86 -32.09 9.78 -11.94
C ALA AC 86 -31.27 9.69 -10.66
N MET AC 87 -30.10 9.06 -10.76
CA MET AC 87 -29.17 8.97 -9.63
C MET AC 87 -27.93 9.80 -9.91
N VAL AC 88 -27.73 10.85 -9.13
CA VAL AC 88 -26.60 11.75 -9.32
C VAL AC 88 -25.42 11.34 -8.45
N TYR AC 89 -24.22 11.35 -9.03
CA TYR AC 89 -23.02 10.99 -8.28
C TYR AC 89 -22.17 12.24 -8.03
N VAL AC 90 -21.95 12.55 -6.75
CA VAL AC 90 -21.27 13.77 -6.35
C VAL AC 90 -20.10 13.46 -5.42
N ASP AC 91 -18.98 14.14 -5.61
CA ASP AC 91 -17.82 13.97 -4.74
C ASP AC 91 -17.59 15.21 -3.87
N LEU AC 92 -17.48 14.97 -2.55
CA LEU AC 92 -17.22 16.05 -1.60
C LEU AC 92 -15.76 16.02 -1.17
N ILE AC 93 -15.03 17.08 -1.48
CA ILE AC 93 -13.63 17.18 -1.11
C ILE AC 93 -13.46 18.21 0.00
N VAL AC 94 -12.77 17.82 1.06
CA VAL AC 94 -12.56 18.71 2.20
C VAL AC 94 -11.16 18.55 2.78
N GLU AC 100 -12.39 16.21 12.31
CA GLU AC 100 -13.31 15.13 12.01
C GLU AC 100 -14.76 15.56 12.27
N VAL AC 101 -14.95 16.40 13.28
CA VAL AC 101 -16.27 16.91 13.62
C VAL AC 101 -16.79 17.83 12.52
N GLU AC 102 -15.90 18.69 12.01
CA GLU AC 102 -16.24 19.59 10.93
C GLU AC 102 -16.53 18.83 9.64
N ARG AC 103 -15.87 17.68 9.47
CA ARG AC 103 -16.08 16.84 8.30
C ARG AC 103 -17.50 16.28 8.27
N GLU AC 104 -17.99 15.86 9.43
CA GLU AC 104 -19.36 15.36 9.54
C GLU AC 104 -20.35 16.49 9.32
N THR AC 105 -20.02 17.68 9.81
CA THR AC 105 -20.84 18.86 9.62
C THR AC 105 -20.89 19.28 8.16
N ALA AC 106 -19.75 19.22 7.50
CA ALA AC 106 -19.66 19.56 6.08
C ALA AC 106 -20.47 18.60 5.24
N GLU AC 107 -20.42 17.32 5.58
CA GLU AC 107 -21.18 16.29 4.88
C GLU AC 107 -22.69 16.53 5.08
N GLU AC 108 -23.06 16.94 6.29
CA GLU AC 108 -24.45 17.20 6.63
C GLU AC 108 -25.00 18.41 5.87
N GLU AC 109 -24.23 19.50 5.87
CA GLU AC 109 -24.64 20.72 5.18
C GLU AC 109 -24.75 20.50 3.67
N ALA AC 110 -23.79 19.78 3.11
CA ALA AC 110 -23.78 19.49 1.67
C ALA AC 110 -24.96 18.60 1.29
N LYS AC 111 -25.28 17.64 2.15
CA LYS AC 111 -26.39 16.73 1.92
C LYS AC 111 -27.71 17.49 1.87
N LEU AC 112 -27.92 18.37 2.84
CA LEU AC 112 -29.14 19.17 2.90
C LEU AC 112 -29.27 20.10 1.71
N ALA AC 113 -28.15 20.68 1.28
CA ALA AC 113 -28.13 21.58 0.15
C ALA AC 113 -28.45 20.86 -1.14
N LEU AC 114 -27.92 19.65 -1.30
CA LEU AC 114 -28.13 18.86 -2.50
C LEU AC 114 -29.57 18.37 -2.64
N ARG AC 115 -30.21 18.09 -1.51
CA ARG AC 115 -31.60 17.62 -1.51
C ARG AC 115 -32.52 18.67 -2.12
N VAL AC 116 -32.28 19.92 -1.79
CA VAL AC 116 -33.09 21.02 -2.30
C VAL AC 116 -32.74 21.33 -3.76
N ALA AC 117 -31.45 21.31 -4.06
CA ALA AC 117 -30.97 21.65 -5.39
C ALA AC 117 -31.34 20.60 -6.44
N LEU AC 118 -31.21 19.34 -6.08
CA LEU AC 118 -31.46 18.25 -7.03
C LEU AC 118 -32.88 17.70 -6.94
N GLN AC 119 -33.68 18.30 -6.05
CA GLN AC 119 -35.07 17.89 -5.85
C GLN AC 119 -35.18 16.39 -5.56
N VAL AC 120 -34.49 15.94 -4.51
CA VAL AC 120 -34.47 14.53 -4.15
C VAL AC 120 -35.84 14.04 -3.70
N ASP AC 121 -36.25 12.88 -4.21
CA ASP AC 121 -37.51 12.24 -3.84
C ASP AC 121 -38.73 13.07 -4.25
N ILE AC 122 -38.52 14.03 -5.15
CA ILE AC 122 -39.60 14.85 -5.68
C ILE AC 122 -39.58 14.88 -7.19
N ALA AC 123 -40.71 15.21 -7.80
CA ALA AC 123 -40.81 15.28 -9.25
C ALA AC 123 -40.02 16.46 -9.80
N ASP AC 124 -39.07 16.18 -10.67
CA ASP AC 124 -38.24 17.21 -11.28
C ASP AC 124 -39.01 17.96 -12.36
N GLU AC 125 -38.34 18.90 -13.02
CA GLU AC 125 -38.95 19.66 -14.11
C GLU AC 125 -39.23 18.76 -15.32
N HIS AC 126 -38.48 17.67 -15.40
CA HIS AC 126 -38.66 16.69 -16.47
C HIS AC 126 -39.48 15.50 -15.98
N SER AC 127 -40.29 15.75 -14.95
CA SER AC 127 -41.11 14.71 -14.32
C SER AC 127 -40.26 13.53 -13.87
N CYS AC 128 -39.18 13.83 -13.16
CA CYS AC 128 -38.24 12.79 -12.74
C CYS AC 128 -38.04 12.77 -11.22
N VAL AC 129 -37.94 11.58 -10.65
CA VAL AC 129 -37.62 11.43 -9.24
C VAL AC 129 -36.11 11.24 -9.08
N THR AC 130 -35.46 12.23 -8.50
CA THR AC 130 -33.99 12.24 -8.42
C THR AC 130 -33.49 11.77 -7.06
N GLN AC 131 -32.26 11.24 -7.06
CA GLN AC 131 -31.58 10.83 -5.84
C GLN AC 131 -30.08 11.02 -6.03
N PHE AC 132 -29.33 11.06 -4.95
CA PHE AC 132 -27.90 11.30 -5.05
C PHE AC 132 -27.07 10.43 -4.12
N GLU AC 133 -25.83 10.19 -4.52
CA GLU AC 133 -24.86 9.45 -3.73
C GLU AC 133 -23.57 10.25 -3.65
N MET AC 134 -22.98 10.33 -2.46
CA MET AC 134 -21.82 11.18 -2.26
C MET AC 134 -20.63 10.42 -1.67
N LYS AC 135 -19.43 10.79 -2.11
CA LYS AC 135 -18.19 10.20 -1.60
C LYS AC 135 -17.32 11.25 -0.93
N LEU AC 136 -16.58 10.85 0.10
CA LEU AC 136 -15.72 11.77 0.83
C LEU AC 136 -14.26 11.59 0.45
N ARG AC 137 -13.60 12.68 0.07
CA ARG AC 137 -12.19 12.64 -0.29
C ARG AC 137 -11.41 13.73 0.47
N GLU AC 138 -10.17 13.44 0.82
CA GLU AC 138 -9.35 14.39 1.57
C GLU AC 138 -8.01 14.65 0.91
N GLU AC 139 -7.77 15.92 0.56
CA GLU AC 139 -6.52 16.34 -0.07
C GLU AC 139 -6.19 17.79 0.25
N LEU AC 140 -4.92 18.15 0.16
CA LEU AC 140 -4.50 19.52 0.43
C LEU AC 140 -5.01 20.45 -0.66
N LEU AC 141 -5.79 21.45 -0.27
CA LEU AC 141 -6.36 22.41 -1.21
C LEU AC 141 -5.32 23.35 -1.80
N SER AC 142 -4.24 23.58 -1.06
CA SER AC 142 -3.19 24.50 -1.50
C SER AC 142 -2.15 23.81 -2.39
N SER AC 143 -2.33 22.50 -2.57
CA SER AC 143 -1.41 21.72 -3.41
C SER AC 143 -1.55 22.10 -4.87
N ASP AC 144 -0.43 22.14 -5.59
CA ASP AC 144 -0.43 22.46 -7.00
C ASP AC 144 -1.09 21.37 -7.82
N SER AC 145 -0.81 20.12 -7.47
CA SER AC 145 -1.37 18.97 -8.19
C SER AC 145 -2.73 18.60 -7.62
N PHE AC 146 -3.67 19.54 -7.67
CA PHE AC 146 -5.02 19.31 -7.17
C PHE AC 146 -6.05 20.11 -7.95
N HIS AC 147 -7.18 19.47 -8.25
CA HIS AC 147 -8.30 20.14 -8.91
C HIS AC 147 -9.60 19.42 -8.58
N PRO AC 148 -10.67 20.20 -8.34
CA PRO AC 148 -12.02 19.69 -8.08
C PRO AC 148 -12.48 18.58 -9.04
N ASP AC 149 -12.08 18.71 -10.31
CA ASP AC 149 -12.49 17.74 -11.33
C ASP AC 149 -11.28 17.07 -11.97
N LYS AC 150 -10.43 16.46 -11.16
CA LYS AC 150 -9.24 15.76 -11.65
C LYS AC 150 -9.61 14.58 -12.53
N ASP AC 151 -8.64 14.11 -13.31
CA ASP AC 151 -8.86 13.01 -14.25
C ASP AC 151 -9.23 11.72 -13.53
N GLU AC 152 -8.43 11.34 -12.53
CA GLU AC 152 -8.60 10.08 -11.82
C GLU AC 152 -9.95 9.99 -11.10
N TYR AC 153 -10.59 11.13 -10.88
CA TYR AC 153 -11.86 11.16 -10.15
C TYR AC 153 -13.02 10.56 -10.94
N TYR AC 154 -12.89 10.52 -12.26
CA TYR AC 154 -13.98 10.02 -13.10
C TYR AC 154 -13.71 8.58 -13.56
N LYS AC 155 -12.75 7.93 -12.92
CA LYS AC 155 -12.36 6.58 -13.29
C LYS AC 155 -13.50 5.57 -13.10
N ASP AC 156 -14.39 5.87 -12.16
CA ASP AC 156 -15.49 4.96 -11.84
C ASP AC 156 -16.55 4.94 -12.94
N PHE AC 157 -16.66 6.02 -13.69
CA PHE AC 157 -17.73 6.17 -14.67
C PHE AC 157 -17.25 6.11 -16.11
N LEU AC 158 -15.94 6.00 -16.30
CA LEU AC 158 -15.37 5.89 -17.64
C LEU AC 158 -14.51 4.64 -17.78
N GLU BC 2 -28.99 21.60 -31.89
CA GLU BC 2 -28.12 20.51 -32.29
C GLU BC 2 -28.90 19.24 -32.57
N SER BC 3 -29.37 19.10 -33.81
CA SER BC 3 -30.14 17.93 -34.21
C SER BC 3 -29.26 16.70 -34.34
N VAL BC 4 -28.06 16.87 -34.86
CA VAL BC 4 -27.12 15.78 -35.02
C VAL BC 4 -25.83 16.06 -34.24
N ASN BC 5 -25.36 15.07 -33.51
CA ASN BC 5 -24.16 15.22 -32.69
C ASN BC 5 -23.07 14.23 -33.05
N THR BC 6 -22.16 14.64 -33.93
CA THR BC 6 -21.04 13.80 -34.31
C THR BC 6 -19.88 14.00 -33.35
N SER BC 7 -18.97 13.03 -33.30
CA SER BC 7 -17.82 13.10 -32.40
C SER BC 7 -16.75 12.10 -32.81
N PHE BC 8 -15.49 12.50 -32.66
CA PHE BC 8 -14.37 11.66 -33.04
C PHE BC 8 -13.71 10.98 -31.84
N LEU BC 9 -13.93 9.67 -31.72
CA LEU BC 9 -13.26 8.87 -30.70
C LEU BC 9 -11.84 8.60 -31.16
N SER BC 10 -11.69 8.50 -32.48
CA SER BC 10 -10.42 8.22 -33.13
C SER BC 10 -10.47 8.83 -34.53
N PRO BC 11 -9.32 8.94 -35.21
CA PRO BC 11 -9.35 9.47 -36.58
C PRO BC 11 -10.26 8.65 -37.51
N SER BC 12 -10.30 7.34 -37.32
CA SER BC 12 -11.11 6.48 -38.15
C SER BC 12 -12.38 6.00 -37.43
N LEU BC 13 -12.69 6.61 -36.29
CA LEU BC 13 -13.86 6.23 -35.52
C LEU BC 13 -14.74 7.42 -35.16
N VAL BC 14 -15.97 7.42 -35.68
CA VAL BC 14 -16.90 8.52 -35.45
C VAL BC 14 -18.26 8.03 -34.97
N THR BC 15 -18.78 8.66 -33.92
CA THR BC 15 -20.10 8.35 -33.41
C THR BC 15 -21.10 9.43 -33.81
N ILE BC 16 -22.17 9.02 -34.48
CA ILE BC 16 -23.17 9.97 -34.96
C ILE BC 16 -24.55 9.71 -34.34
N ARG BC 17 -25.06 10.71 -33.63
CA ARG BC 17 -26.38 10.61 -33.00
C ARG BC 17 -27.39 11.52 -33.69
N ASP BC 18 -28.50 10.94 -34.12
CA ASP BC 18 -29.57 11.69 -34.75
C ASP BC 18 -30.78 11.74 -33.82
N PHE BC 19 -30.98 12.88 -33.16
CA PHE BC 19 -32.05 13.02 -32.19
C PHE BC 19 -33.43 13.06 -32.83
N ASP BC 20 -33.53 13.76 -33.97
CA ASP BC 20 -34.81 13.92 -34.66
C ASP BC 20 -35.32 12.58 -35.22
N ASN BC 21 -34.44 11.82 -35.83
CA ASN BC 21 -34.80 10.53 -36.40
C ASN BC 21 -34.69 9.41 -35.38
N GLY BC 22 -34.11 9.72 -34.22
CA GLY BC 22 -33.94 8.74 -33.16
C GLY BC 22 -33.04 7.60 -33.57
N GLN BC 23 -31.89 7.93 -34.15
CA GLN BC 23 -30.96 6.93 -34.63
C GLN BC 23 -29.55 7.15 -34.08
N PHE BC 24 -28.76 6.08 -34.05
CA PHE BC 24 -27.36 6.17 -33.67
C PHE BC 24 -26.53 5.29 -34.60
N ALA BC 25 -25.55 5.90 -35.25
CA ALA BC 25 -24.70 5.16 -36.19
C ALA BC 25 -23.23 5.38 -35.89
N VAL BC 26 -22.45 4.31 -35.98
CA VAL BC 26 -21.01 4.40 -35.77
C VAL BC 26 -20.29 4.45 -37.11
N LEU BC 27 -19.55 5.53 -37.36
CA LEU BC 27 -18.80 5.66 -38.59
C LEU BC 27 -17.37 5.19 -38.37
N ARG BC 28 -16.98 4.13 -39.05
CA ARG BC 28 -15.67 3.54 -38.86
C ARG BC 28 -15.00 3.17 -40.18
N ILE BC 29 -13.76 3.59 -40.35
CA ILE BC 29 -12.95 3.21 -41.51
C ILE BC 29 -11.89 2.20 -41.09
N GLY BC 30 -12.31 0.95 -40.96
CA GLY BC 30 -11.45 -0.10 -40.43
C GLY BC 30 -10.36 -0.59 -41.36
N ARG BC 31 -10.74 -0.83 -42.62
CA ARG BC 31 -9.83 -1.41 -43.61
C ARG BC 31 -8.53 -0.63 -43.78
N THR BC 32 -8.61 0.69 -43.79
CA THR BC 32 -7.45 1.53 -44.03
C THR BC 32 -7.01 2.32 -42.79
N GLY BC 33 -7.99 2.78 -42.01
CA GLY BC 33 -7.71 3.58 -40.85
C GLY BC 33 -7.54 5.04 -41.20
N PHE BC 34 -8.04 5.42 -42.36
CA PHE BC 34 -7.99 6.81 -42.81
C PHE BC 34 -8.92 7.69 -41.95
N PRO BC 35 -8.61 8.99 -41.86
CA PRO BC 35 -9.47 9.89 -41.08
C PRO BC 35 -10.79 10.17 -41.81
N ALA BC 36 -11.89 10.11 -41.07
CA ALA BC 36 -13.21 10.34 -41.65
C ALA BC 36 -13.37 11.81 -42.04
N ASP BC 37 -13.58 12.05 -43.33
CA ASP BC 37 -13.77 13.40 -43.84
C ASP BC 37 -15.24 13.80 -43.78
N LYS BC 38 -15.54 15.00 -44.25
CA LYS BC 38 -16.91 15.51 -44.26
C LYS BC 38 -17.79 14.63 -45.14
N GLY BC 39 -17.21 14.12 -46.22
CA GLY BC 39 -17.92 13.24 -47.14
C GLY BC 39 -18.30 11.93 -46.49
N ASP BC 40 -17.42 11.39 -45.66
CA ASP BC 40 -17.67 10.13 -44.98
C ASP BC 40 -18.86 10.26 -44.04
N ILE BC 41 -18.90 11.36 -43.29
CA ILE BC 41 -20.00 11.61 -42.36
C ILE BC 41 -21.29 11.87 -43.13
N ASP BC 42 -21.21 12.67 -44.20
CA ASP BC 42 -22.36 12.97 -45.03
C ASP BC 42 -22.91 11.72 -45.70
N LEU BC 43 -22.01 10.80 -46.06
CA LEU BC 43 -22.41 9.52 -46.64
C LEU BC 43 -23.14 8.68 -45.61
N CYS BC 44 -22.65 8.71 -44.38
CA CYS BC 44 -23.26 7.96 -43.29
C CYS BC 44 -24.68 8.45 -43.02
N LEU BC 45 -24.86 9.77 -43.01
CA LEU BC 45 -26.17 10.36 -42.81
C LEU BC 45 -27.13 9.92 -43.92
N ASP BC 46 -26.61 9.85 -45.14
CA ASP BC 46 -27.39 9.42 -46.30
C ASP BC 46 -27.83 7.96 -46.18
N LYS BC 47 -27.04 7.18 -45.45
CA LYS BC 47 -27.37 5.76 -45.25
C LYS BC 47 -28.41 5.58 -44.15
N MET BC 48 -28.36 6.45 -43.15
CA MET BC 48 -29.32 6.40 -42.04
C MET BC 48 -30.75 6.67 -42.51
N ILE BC 49 -30.92 7.69 -43.35
CA ILE BC 49 -32.24 8.05 -43.86
C ILE BC 49 -32.75 6.97 -44.82
N GLY BC 50 -31.84 6.22 -45.42
CA GLY BC 50 -32.21 5.14 -46.30
C GLY BC 50 -32.85 3.99 -45.56
N VAL BC 51 -32.23 3.59 -44.45
CA VAL BC 51 -32.76 2.53 -43.61
C VAL BC 51 -34.00 3.03 -42.87
N ARG BC 52 -34.00 4.33 -42.55
CA ARG BC 52 -35.18 4.96 -41.97
C ARG BC 52 -36.37 4.82 -42.93
N ALA BC 53 -36.08 4.95 -44.22
CA ALA BC 53 -37.09 4.75 -45.25
C ALA BC 53 -37.47 3.27 -45.34
N ALA BC 54 -36.50 2.40 -45.09
CA ALA BC 54 -36.74 0.96 -45.08
C ALA BC 54 -37.64 0.56 -43.91
N GLN BC 55 -37.45 1.24 -42.78
CA GLN BC 55 -38.22 0.96 -41.57
C GLN BC 55 -39.70 1.27 -41.73
N ILE BC 56 -39.99 2.46 -42.24
CA ILE BC 56 -41.37 2.91 -42.42
C ILE BC 56 -42.06 2.08 -43.51
N PHE BC 57 -41.28 1.57 -44.47
CA PHE BC 57 -41.80 0.68 -45.49
C PHE BC 57 -42.34 -0.62 -44.89
N LEU BC 58 -41.58 -1.21 -43.97
CA LEU BC 58 -41.99 -2.45 -43.33
C LEU BC 58 -43.15 -2.23 -42.37
N GLY BC 59 -43.42 -0.96 -42.06
CA GLY BC 59 -44.51 -0.61 -41.17
C GLY BC 59 -44.14 0.54 -40.27
N ASP BC 60 -45.07 1.47 -40.07
CA ASP BC 60 -44.83 2.61 -39.21
C ASP BC 60 -44.83 2.16 -37.75
N ASP BC 61 -43.64 2.07 -37.17
CA ASP BC 61 -43.49 1.61 -35.79
C ASP BC 61 -43.32 2.77 -34.82
N THR BC 62 -43.55 3.98 -35.32
CA THR BC 62 -43.54 5.17 -34.47
C THR BC 62 -44.83 5.24 -33.67
N GLU BC 63 -45.86 4.55 -34.16
CA GLU BC 63 -47.15 4.49 -33.48
C GLU BC 63 -47.10 3.54 -32.28
N ASP BC 64 -48.17 3.55 -31.49
CA ASP BC 64 -48.25 2.69 -30.31
C ASP BC 64 -48.51 1.24 -30.70
N GLY BC 65 -47.89 0.32 -29.97
CA GLY BC 65 -48.06 -1.10 -30.22
C GLY BC 65 -47.31 -1.56 -31.46
N PHE BC 66 -46.07 -1.11 -31.58
CA PHE BC 66 -45.22 -1.47 -32.72
C PHE BC 66 -44.97 -2.97 -32.78
N LYS BC 67 -45.76 -3.67 -33.58
CA LYS BC 67 -45.63 -5.12 -33.72
C LYS BC 67 -44.33 -5.50 -34.42
N GLY BC 68 -43.73 -4.55 -35.12
CA GLY BC 68 -42.48 -4.78 -35.80
C GLY BC 68 -42.67 -5.12 -37.27
N PRO BC 69 -41.60 -5.61 -37.92
CA PRO BC 69 -40.28 -5.82 -37.33
C PRO BC 69 -39.43 -4.54 -37.32
N HIS BC 70 -38.43 -4.49 -36.43
CA HIS BC 70 -37.55 -3.34 -36.33
C HIS BC 70 -36.30 -3.54 -37.17
N ILE BC 71 -35.95 -2.52 -37.95
CA ILE BC 71 -34.75 -2.56 -38.78
C ILE BC 71 -33.98 -1.25 -38.60
N ARG BC 72 -32.82 -1.35 -37.96
CA ARG BC 72 -32.04 -0.17 -37.59
C ARG BC 72 -30.57 -0.29 -37.99
N ILE BC 73 -29.96 0.84 -38.32
CA ILE BC 73 -28.54 0.89 -38.61
C ILE BC 73 -27.71 0.77 -37.33
N ARG BC 74 -26.68 -0.06 -37.37
CA ARG BC 74 -25.77 -0.21 -36.26
C ARG BC 74 -24.45 0.50 -36.54
N CYS BC 75 -23.96 0.34 -37.76
CA CYS BC 75 -22.66 0.90 -38.15
C CYS BC 75 -22.49 0.96 -39.65
N VAL BC 76 -21.58 1.81 -40.10
CA VAL BC 76 -21.24 1.93 -41.52
C VAL BC 76 -19.73 1.86 -41.71
N ASP BC 77 -19.26 0.80 -42.36
CA ASP BC 77 -17.83 0.60 -42.56
C ASP BC 77 -17.44 0.98 -43.98
N ILE BC 78 -16.47 1.88 -44.11
CA ILE BC 78 -16.05 2.37 -45.42
C ILE BC 78 -14.71 1.79 -45.84
N ASP BC 79 -14.68 1.14 -47.01
CA ASP BC 79 -13.44 0.68 -47.60
C ASP BC 79 -12.87 1.79 -48.47
N ASP BC 80 -11.65 2.21 -48.15
CA ASP BC 80 -11.06 3.40 -48.77
C ASP BC 80 -9.71 3.10 -49.42
N LYS BC 81 -9.39 1.81 -49.53
CA LYS BC 81 -8.09 1.39 -50.05
C LYS BC 81 -7.89 1.79 -51.51
N HIS BC 82 -8.69 1.20 -52.40
CA HIS BC 82 -8.54 1.43 -53.82
C HIS BC 82 -9.76 2.10 -54.43
N THR BC 83 -10.93 1.52 -54.18
CA THR BC 83 -12.19 2.08 -54.68
C THR BC 83 -13.10 2.43 -53.51
N TYR BC 84 -13.87 3.51 -53.66
CA TYR BC 84 -14.76 3.96 -52.60
C TYR BC 84 -15.92 2.99 -52.39
N ASN BC 85 -15.90 2.30 -51.25
CA ASN BC 85 -16.92 1.31 -50.93
C ASN BC 85 -17.40 1.46 -49.50
N ALA BC 86 -18.68 1.16 -49.27
CA ALA BC 86 -19.26 1.28 -47.93
C ALA BC 86 -20.04 0.03 -47.55
N MET BC 87 -19.76 -0.49 -46.35
CA MET BC 87 -20.49 -1.64 -45.81
C MET BC 87 -21.34 -1.23 -44.62
N VAL BC 88 -22.65 -1.31 -44.78
CA VAL BC 88 -23.57 -0.91 -43.73
C VAL BC 88 -23.97 -2.10 -42.86
N TYR BC 89 -23.99 -1.89 -41.55
CA TYR BC 89 -24.37 -2.95 -40.61
C TYR BC 89 -25.75 -2.64 -40.03
N VAL BC 90 -26.69 -3.55 -40.25
CA VAL BC 90 -28.08 -3.35 -39.87
C VAL BC 90 -28.58 -4.51 -39.02
N ASP BC 91 -29.35 -4.19 -37.98
CA ASP BC 91 -29.95 -5.21 -37.14
C ASP BC 91 -31.46 -5.30 -37.36
N LEU BC 92 -31.94 -6.50 -37.65
CA LEU BC 92 -33.38 -6.71 -37.84
C LEU BC 92 -33.98 -7.39 -36.62
N ILE BC 93 -34.87 -6.68 -35.93
CA ILE BC 93 -35.51 -7.20 -34.73
C ILE BC 93 -36.97 -7.55 -34.99
N VAL BC 94 -37.36 -8.77 -34.59
CA VAL BC 94 -38.73 -9.23 -34.80
C VAL BC 94 -39.23 -10.06 -33.62
N GLU BC 100 -42.24 -18.93 -37.82
CA GLU BC 100 -40.93 -19.16 -38.41
C GLU BC 100 -40.92 -18.78 -39.89
N VAL BC 101 -42.05 -18.99 -40.55
CA VAL BC 101 -42.20 -18.64 -41.97
C VAL BC 101 -42.17 -17.12 -42.14
N GLU BC 102 -42.86 -16.42 -41.24
CA GLU BC 102 -42.90 -14.96 -41.27
C GLU BC 102 -41.53 -14.35 -40.99
N ARG BC 103 -40.72 -15.04 -40.18
CA ARG BC 103 -39.37 -14.58 -39.86
C ARG BC 103 -38.51 -14.59 -41.12
N GLU BC 104 -38.63 -15.65 -41.91
CA GLU BC 104 -37.93 -15.74 -43.19
C GLU BC 104 -38.47 -14.72 -44.17
N THR BC 105 -39.78 -14.51 -44.13
CA THR BC 105 -40.45 -13.53 -44.98
C THR BC 105 -40.03 -12.11 -44.62
N ALA BC 106 -39.94 -11.83 -43.32
CA ALA BC 106 -39.50 -10.52 -42.85
C ALA BC 106 -38.07 -10.25 -43.25
N GLU BC 107 -37.23 -11.28 -43.16
CA GLU BC 107 -35.83 -11.17 -43.55
C GLU BC 107 -35.70 -10.91 -45.05
N GLU BC 108 -36.56 -11.55 -45.83
CA GLU BC 108 -36.57 -11.39 -47.27
C GLU BC 108 -37.01 -9.99 -47.68
N GLU BC 109 -38.10 -9.52 -47.08
CA GLU BC 109 -38.62 -8.19 -47.36
C GLU BC 109 -37.64 -7.10 -46.94
N ALA BC 110 -37.01 -7.29 -45.78
CA ALA BC 110 -36.04 -6.33 -45.27
C ALA BC 110 -34.81 -6.28 -46.17
N LYS BC 111 -34.38 -7.43 -46.66
CA LYS BC 111 -33.24 -7.51 -47.55
C LYS BC 111 -33.50 -6.78 -48.86
N LEU BC 112 -34.66 -7.02 -49.45
CA LEU BC 112 -35.04 -6.37 -50.71
C LEU BC 112 -35.18 -4.87 -50.53
N ALA BC 113 -35.74 -4.46 -49.39
CA ALA BC 113 -35.93 -3.05 -49.11
C ALA BC 113 -34.59 -2.32 -48.95
N LEU BC 114 -33.65 -2.99 -48.29
CA LEU BC 114 -32.33 -2.40 -48.05
C LEU BC 114 -31.54 -2.25 -49.35
N ARG BC 115 -31.73 -3.18 -50.27
CA ARG BC 115 -31.04 -3.13 -51.56
C ARG BC 115 -31.45 -1.90 -52.35
N VAL BC 116 -32.74 -1.58 -52.32
CA VAL BC 116 -33.26 -0.41 -53.03
C VAL BC 116 -32.91 0.88 -52.30
N ALA BC 117 -33.04 0.87 -50.99
CA ALA BC 117 -32.83 2.06 -50.17
C ALA BC 117 -31.36 2.48 -50.12
N LEU BC 118 -30.47 1.50 -49.97
CA LEU BC 118 -29.05 1.78 -49.80
C LEU BC 118 -28.27 1.72 -51.12
N GLN BC 119 -28.98 1.44 -52.21
CA GLN BC 119 -28.38 1.34 -53.54
C GLN BC 119 -27.21 0.36 -53.57
N VAL BC 120 -27.49 -0.89 -53.19
CA VAL BC 120 -26.47 -1.93 -53.10
C VAL BC 120 -25.90 -2.30 -54.48
N ASP BC 121 -24.59 -2.42 -54.55
CA ASP BC 121 -23.86 -2.82 -55.76
C ASP BC 121 -24.00 -1.80 -56.88
N ILE BC 122 -24.42 -0.60 -56.53
CA ILE BC 122 -24.54 0.50 -57.49
C ILE BC 122 -23.85 1.75 -56.96
N ALA BC 123 -23.49 2.65 -57.86
CA ALA BC 123 -22.82 3.89 -57.47
C ALA BC 123 -23.79 4.81 -56.74
N ASP BC 124 -23.46 5.17 -55.50
CA ASP BC 124 -24.29 6.04 -54.69
C ASP BC 124 -24.17 7.49 -55.14
N GLU BC 125 -24.85 8.39 -54.43
CA GLU BC 125 -24.79 9.81 -54.73
C GLU BC 125 -23.41 10.38 -54.48
N HIS BC 126 -22.65 9.71 -53.62
CA HIS BC 126 -21.27 10.12 -53.33
C HIS BC 126 -20.29 9.28 -54.14
N SER BC 127 -20.76 8.76 -55.26
CA SER BC 127 -19.97 7.88 -56.13
C SER BC 127 -19.40 6.71 -55.34
N CYS BC 128 -20.27 6.03 -54.59
CA CYS BC 128 -19.85 4.93 -53.73
C CYS BC 128 -20.62 3.64 -54.04
N VAL BC 129 -19.93 2.52 -54.01
CA VAL BC 129 -20.58 1.22 -54.17
C VAL BC 129 -20.89 0.64 -52.79
N THR BC 130 -22.17 0.57 -52.46
CA THR BC 130 -22.59 0.16 -51.12
C THR BC 130 -23.00 -1.31 -51.04
N GLN BC 131 -22.85 -1.87 -49.84
CA GLN BC 131 -23.29 -3.23 -49.56
C GLN BC 131 -23.71 -3.32 -48.09
N PHE BC 132 -24.48 -4.33 -47.74
CA PHE BC 132 -24.98 -4.43 -46.38
C PHE BC 132 -24.95 -5.86 -45.83
N GLU BC 133 -24.82 -5.95 -44.52
CA GLU BC 133 -24.90 -7.22 -43.81
C GLU BC 133 -25.85 -7.06 -42.63
N MET BC 134 -26.77 -8.00 -42.45
CA MET BC 134 -27.77 -7.88 -41.40
C MET BC 134 -27.82 -9.08 -40.47
N LYS BC 135 -28.13 -8.81 -39.20
CA LYS BC 135 -28.26 -9.85 -38.19
C LYS BC 135 -29.68 -9.90 -37.64
N LEU BC 136 -30.13 -11.10 -37.29
CA LEU BC 136 -31.49 -11.28 -36.78
C LEU BC 136 -31.50 -11.43 -35.26
N ARG BC 137 -32.34 -10.63 -34.61
CA ARG BC 137 -32.49 -10.69 -33.16
C ARG BC 137 -33.97 -10.81 -32.80
N GLU BC 138 -34.26 -11.52 -31.72
CA GLU BC 138 -35.64 -11.72 -31.30
C GLU BC 138 -35.85 -11.30 -29.85
N GLU BC 139 -36.74 -10.33 -29.66
CA GLU BC 139 -37.06 -9.83 -28.33
C GLU BC 139 -38.48 -9.28 -28.29
N LEU BC 140 -39.07 -9.25 -27.10
CA LEU BC 140 -40.41 -8.73 -26.93
C LEU BC 140 -40.43 -7.22 -27.15
N LEU BC 141 -41.24 -6.78 -28.11
CA LEU BC 141 -41.36 -5.35 -28.42
C LEU BC 141 -42.06 -4.61 -27.27
N SER BC 142 -42.91 -5.32 -26.55
CA SER BC 142 -43.67 -4.73 -25.44
C SER BC 142 -42.89 -4.78 -24.14
N SER BC 143 -41.71 -5.39 -24.17
CA SER BC 143 -40.87 -5.50 -22.99
C SER BC 143 -40.33 -4.14 -22.56
N ASP BC 144 -40.24 -3.93 -21.25
CA ASP BC 144 -39.74 -2.67 -20.71
C ASP BC 144 -38.25 -2.51 -21.01
N SER BC 145 -37.50 -3.59 -20.86
CA SER BC 145 -36.06 -3.56 -21.12
C SER BC 145 -35.77 -3.83 -22.58
N PHE BC 146 -36.32 -3.02 -23.46
CA PHE BC 146 -36.10 -3.18 -24.90
C PHE BC 146 -36.15 -1.85 -25.66
N HIS BC 147 -35.21 -1.70 -26.59
CA HIS BC 147 -35.20 -0.55 -27.49
C HIS BC 147 -34.46 -0.90 -28.76
N PRO BC 148 -34.94 -0.41 -29.91
CA PRO BC 148 -34.32 -0.59 -31.22
C PRO BC 148 -32.81 -0.34 -31.22
N ASP BC 149 -32.36 0.63 -30.44
CA ASP BC 149 -30.94 0.97 -30.39
C ASP BC 149 -30.36 0.83 -28.98
N LYS BC 150 -30.49 -0.36 -28.41
CA LYS BC 150 -29.97 -0.63 -27.07
C LYS BC 150 -28.44 -0.53 -27.04
N ASP BC 151 -27.88 -0.42 -25.84
CA ASP BC 151 -26.45 -0.28 -25.66
C ASP BC 151 -25.67 -1.49 -26.15
N GLU BC 152 -26.09 -2.67 -25.70
CA GLU BC 152 -25.40 -3.92 -26.01
C GLU BC 152 -25.37 -4.24 -27.50
N TYR BC 153 -26.27 -3.61 -28.26
CA TYR BC 153 -26.38 -3.88 -29.70
C TYR BC 153 -25.19 -3.34 -30.48
N TYR BC 154 -24.51 -2.34 -29.91
CA TYR BC 154 -23.40 -1.67 -30.60
C TYR BC 154 -22.04 -2.12 -30.07
N LYS BC 155 -22.04 -3.21 -29.31
CA LYS BC 155 -20.81 -3.71 -28.68
C LYS BC 155 -19.78 -4.15 -29.71
N ASP BC 156 -20.26 -4.58 -30.88
CA ASP BC 156 -19.40 -5.09 -31.94
C ASP BC 156 -18.55 -4.00 -32.60
N PHE BC 157 -19.05 -2.77 -32.59
CA PHE BC 157 -18.40 -1.69 -33.32
C PHE BC 157 -17.75 -0.66 -32.40
N LEU BC 158 -17.91 -0.85 -31.10
CA LEU BC 158 -17.31 0.05 -30.12
C LEU BC 158 -16.46 -0.70 -29.11
N GLU CC 2 -19.76 21.53 -39.62
CA GLU CC 2 -18.84 22.36 -38.86
C GLU CC 2 -17.41 22.22 -39.37
N SER CC 3 -16.63 23.29 -39.27
CA SER CC 3 -15.25 23.28 -39.73
C SER CC 3 -14.35 22.47 -38.80
N VAL CC 4 -14.56 22.62 -37.51
CA VAL CC 4 -13.79 21.90 -36.50
C VAL CC 4 -14.71 21.06 -35.61
N ASN CC 5 -14.33 19.81 -35.37
CA ASN CC 5 -15.13 18.92 -34.56
C ASN CC 5 -14.38 18.41 -33.34
N THR CC 6 -14.52 19.13 -32.23
CA THR CC 6 -13.89 18.73 -30.97
C THR CC 6 -14.80 17.80 -30.17
N SER CC 7 -14.22 17.05 -29.24
CA SER CC 7 -14.96 16.11 -28.43
C SER CC 7 -14.17 15.69 -27.19
N PHE CC 8 -14.88 15.50 -26.08
CA PHE CC 8 -14.25 15.14 -24.82
C PHE CC 8 -14.40 13.64 -24.51
N LEU CC 9 -13.32 12.89 -24.65
CA LEU CC 9 -13.31 11.49 -24.26
C LEU CC 9 -13.17 11.40 -22.74
N SER CC 10 -12.46 12.37 -22.18
CA SER CC 10 -12.21 12.45 -20.75
C SER CC 10 -11.99 13.91 -20.39
N PRO CC 11 -12.03 14.25 -19.09
CA PRO CC 11 -11.75 15.65 -18.73
C PRO CC 11 -10.39 16.14 -19.22
N SER CC 12 -9.39 15.27 -19.21
CA SER CC 12 -8.05 15.65 -19.66
C SER CC 12 -7.73 15.07 -21.04
N LEU CC 13 -8.74 14.56 -21.73
CA LEU CC 13 -8.54 13.97 -23.05
C LEU CC 13 -9.51 14.55 -24.08
N VAL CC 14 -8.96 15.24 -25.08
CA VAL CC 14 -9.78 15.87 -26.10
C VAL CC 14 -9.29 15.52 -27.50
N THR CC 15 -10.20 15.12 -28.38
CA THR CC 15 -9.85 14.84 -29.76
C THR CC 15 -10.34 15.97 -30.66
N ILE CC 16 -9.43 16.55 -31.43
CA ILE CC 16 -9.76 17.67 -32.30
C ILE CC 16 -9.56 17.32 -33.77
N ARG CC 17 -10.64 17.37 -34.54
CA ARG CC 17 -10.59 17.09 -35.96
C ARG CC 17 -10.81 18.38 -36.77
N ASP CC 18 -9.86 18.68 -37.65
CA ASP CC 18 -9.98 19.86 -38.51
C ASP CC 18 -10.23 19.43 -39.96
N PHE CC 19 -11.48 19.59 -40.40
CA PHE CC 19 -11.87 19.16 -41.74
C PHE CC 19 -11.24 20.04 -42.82
N ASP CC 20 -11.18 21.33 -42.55
CA ASP CC 20 -10.65 22.28 -43.53
C ASP CC 20 -9.15 22.10 -43.75
N ASN CC 21 -8.40 21.93 -42.67
CA ASN CC 21 -6.96 21.75 -42.75
C ASN CC 21 -6.56 20.29 -42.90
N GLY CC 22 -7.53 19.39 -42.75
CA GLY CC 22 -7.28 17.96 -42.86
C GLY CC 22 -6.33 17.44 -41.79
N GLN CC 23 -6.59 17.82 -40.56
CA GLN CC 23 -5.74 17.41 -39.44
C GLN CC 23 -6.53 16.80 -38.29
N PHE CC 24 -5.85 16.00 -37.49
CA PHE CC 24 -6.42 15.42 -36.28
C PHE CC 24 -5.37 15.51 -35.18
N ALA CC 25 -5.73 16.15 -34.08
CA ALA CC 25 -4.81 16.33 -32.96
C ALA CC 25 -5.45 15.89 -31.66
N VAL CC 26 -4.69 15.21 -30.82
CA VAL CC 26 -5.16 14.79 -29.51
C VAL CC 26 -4.67 15.75 -28.43
N LEU CC 27 -5.62 16.38 -27.74
CA LEU CC 27 -5.27 17.29 -26.65
C LEU CC 27 -5.32 16.56 -25.32
N ARG CC 28 -4.18 16.45 -24.66
CA ARG CC 28 -4.09 15.71 -23.41
C ARG CC 28 -3.27 16.44 -22.36
N ILE CC 29 -3.83 16.54 -21.16
CA ILE CC 29 -3.10 17.10 -20.03
C ILE CC 29 -2.71 15.96 -19.09
N GLY CC 30 -1.63 15.27 -19.45
CA GLY CC 30 -1.21 14.07 -18.74
C GLY CC 30 -0.56 14.31 -17.40
N ARG CC 31 0.34 15.29 -17.36
CA ARG CC 31 1.15 15.56 -16.17
C ARG CC 31 0.32 15.83 -14.92
N THR CC 32 -0.78 16.55 -15.07
CA THR CC 32 -1.60 16.94 -13.92
C THR CC 32 -2.96 16.26 -13.93
N GLY CC 33 -3.53 16.09 -15.12
CA GLY CC 33 -4.85 15.49 -15.25
C GLY CC 33 -5.95 16.53 -15.10
N PHE CC 34 -5.58 17.79 -15.26
CA PHE CC 34 -6.54 18.89 -15.19
C PHE CC 34 -7.48 18.85 -16.39
N PRO CC 35 -8.70 19.40 -16.22
CA PRO CC 35 -9.65 19.46 -17.34
C PRO CC 35 -9.24 20.52 -18.37
N ALA CC 36 -9.31 20.16 -19.65
CA ALA CC 36 -8.93 21.08 -20.72
C ALA CC 36 -9.93 22.23 -20.83
N ASP CC 37 -9.44 23.45 -20.61
CA ASP CC 37 -10.27 24.63 -20.69
C ASP CC 37 -10.30 25.18 -22.12
N LYS CC 38 -11.02 26.28 -22.32
CA LYS CC 38 -11.11 26.90 -23.63
C LYS CC 38 -9.76 27.37 -24.12
N GLY CC 39 -8.93 27.84 -23.19
CA GLY CC 39 -7.59 28.28 -23.50
C GLY CC 39 -6.69 27.16 -23.98
N ASP CC 40 -6.84 25.99 -23.36
CA ASP CC 40 -6.05 24.82 -23.71
C ASP CC 40 -6.35 24.35 -25.13
N ILE CC 41 -7.63 24.33 -25.48
CA ILE CC 41 -8.05 23.93 -26.83
C ILE CC 41 -7.58 24.95 -27.86
N ASP CC 42 -7.73 26.23 -27.54
CA ASP CC 42 -7.30 27.30 -28.43
C ASP CC 42 -5.79 27.25 -28.64
N LEU CC 43 -5.07 26.84 -27.61
CA LEU CC 43 -3.63 26.67 -27.72
C LEU CC 43 -3.29 25.53 -28.67
N CYS CC 44 -4.06 24.45 -28.56
CA CYS CC 44 -3.87 23.29 -29.42
C CYS CC 44 -4.12 23.63 -30.88
N LEU CC 45 -5.17 24.39 -31.13
CA LEU CC 45 -5.50 24.83 -32.49
C LEU CC 45 -4.38 25.69 -33.07
N ASP CC 46 -3.80 26.54 -32.23
CA ASP CC 46 -2.70 27.41 -32.65
C ASP CC 46 -1.46 26.61 -33.01
N LYS CC 47 -1.33 25.43 -32.40
CA LYS CC 47 -0.19 24.56 -32.69
C LYS CC 47 -0.41 23.75 -33.97
N MET CC 48 -1.67 23.40 -34.25
CA MET CC 48 -1.99 22.66 -35.45
C MET CC 48 -1.71 23.46 -36.71
N ILE CC 49 -2.13 24.72 -36.71
CA ILE CC 49 -1.92 25.59 -37.87
C ILE CC 49 -0.43 25.93 -38.02
N GLY CC 50 0.31 25.88 -36.91
CA GLY CC 50 1.73 26.14 -36.94
C GLY CC 50 2.49 25.03 -37.66
N VAL CC 51 2.17 23.79 -37.32
CA VAL CC 51 2.77 22.64 -37.97
C VAL CC 51 2.24 22.48 -39.39
N ARG CC 52 0.99 22.89 -39.60
CA ARG CC 52 0.40 22.94 -40.94
C ARG CC 52 1.24 23.86 -41.82
N ALA CC 53 1.71 24.96 -41.24
CA ALA CC 53 2.59 25.89 -41.92
C ALA CC 53 3.96 25.26 -42.16
N ALA CC 54 4.40 24.42 -41.22
CA ALA CC 54 5.67 23.73 -41.36
C ALA CC 54 5.63 22.73 -42.51
N GLN CC 55 4.48 22.08 -42.68
CA GLN CC 55 4.31 21.09 -43.73
C GLN CC 55 4.39 21.70 -45.13
N ILE CC 56 3.65 22.78 -45.34
CA ILE CC 56 3.61 23.44 -46.64
C ILE CC 56 4.96 24.13 -46.90
N PHE CC 57 5.66 24.49 -45.83
CA PHE CC 57 7.01 25.04 -45.94
C PHE CC 57 7.98 24.02 -46.52
N LEU CC 58 7.90 22.78 -46.04
CA LEU CC 58 8.76 21.70 -46.50
C LEU CC 58 8.43 21.29 -47.93
N GLY CC 59 7.28 21.75 -48.42
CA GLY CC 59 6.84 21.44 -49.77
C GLY CC 59 5.34 21.22 -49.82
N ASP CC 60 4.71 21.74 -50.87
CA ASP CC 60 3.27 21.60 -51.03
C ASP CC 60 2.90 20.18 -51.42
N ASP CC 61 2.38 19.43 -50.45
CA ASP CC 61 2.01 18.04 -50.68
C ASP CC 61 0.50 17.92 -50.91
N THR CC 62 -0.16 19.05 -51.06
CA THR CC 62 -1.57 19.08 -51.41
C THR CC 62 -1.74 18.75 -52.90
N GLU CC 63 -0.67 18.97 -53.66
CA GLU CC 63 -0.66 18.67 -55.07
C GLU CC 63 -0.51 17.17 -55.32
N ASP CC 64 -0.67 16.76 -56.57
CA ASP CC 64 -0.55 15.35 -56.93
C ASP CC 64 0.91 14.90 -56.95
N GLY CC 65 1.17 13.67 -56.52
CA GLY CC 65 2.51 13.13 -56.50
C GLY CC 65 3.36 13.71 -55.39
N PHE CC 66 2.79 13.77 -54.18
CA PHE CC 66 3.49 14.30 -53.02
C PHE CC 66 4.72 13.46 -52.67
N LYS CC 67 5.88 13.90 -53.14
CA LYS CC 67 7.14 13.20 -52.88
C LYS CC 67 7.54 13.29 -51.40
N GLY CC 68 6.97 14.25 -50.70
CA GLY CC 68 7.25 14.43 -49.28
C GLY CC 68 8.31 15.48 -49.00
N PRO CC 69 8.82 15.52 -47.77
CA PRO CC 69 8.41 14.64 -46.67
C PRO CC 69 7.16 15.13 -45.95
N HIS CC 70 6.46 14.23 -45.28
CA HIS CC 70 5.25 14.57 -44.54
C HIS CC 70 5.53 14.83 -43.06
N ILE CC 71 5.01 15.94 -42.54
CA ILE CC 71 5.16 16.28 -41.14
C ILE CC 71 3.81 16.70 -40.55
N ARG CC 72 3.27 15.88 -39.66
CA ARG CC 72 1.92 16.08 -39.14
C ARG CC 72 1.89 16.00 -37.61
N ILE CC 73 0.98 16.75 -37.00
CA ILE CC 73 0.80 16.70 -35.56
C ILE CC 73 0.09 15.43 -35.12
N ARG CC 74 0.61 14.81 -34.06
CA ARG CC 74 -0.02 13.63 -33.49
C ARG CC 74 -0.76 13.95 -32.21
N CYS CC 75 -0.16 14.78 -31.36
CA CYS CC 75 -0.73 15.10 -30.07
C CYS CC 75 -0.10 16.35 -29.44
N VAL CC 76 -0.82 16.94 -28.49
CA VAL CC 76 -0.31 18.09 -27.75
C VAL CC 76 -0.48 17.87 -26.25
N ASP CC 77 0.64 17.75 -25.55
CA ASP CC 77 0.63 17.49 -24.12
C ASP CC 77 0.92 18.76 -23.34
N ILE CC 78 0.02 19.11 -22.43
CA ILE CC 78 0.15 20.35 -21.66
C ILE CC 78 0.57 20.09 -20.22
N ASP CC 79 1.68 20.70 -19.81
CA ASP CC 79 2.09 20.66 -18.41
C ASP CC 79 1.47 21.86 -17.71
N ASP CC 80 0.67 21.59 -16.68
CA ASP CC 80 -0.15 22.63 -16.06
C ASP CC 80 0.10 22.74 -14.56
N LYS CC 81 1.16 22.08 -14.09
CA LYS CC 81 1.46 22.03 -12.66
C LYS CC 81 1.79 23.39 -12.07
N HIS CC 82 2.91 23.97 -12.50
CA HIS CC 82 3.38 25.23 -11.94
C HIS CC 82 3.40 26.34 -12.99
N THR CC 83 4.05 26.05 -14.11
CA THR CC 83 4.12 27.01 -15.21
C THR CC 83 3.47 26.42 -16.46
N TYR CC 84 2.82 27.27 -17.24
CA TYR CC 84 2.12 26.82 -18.44
C TYR CC 84 3.11 26.36 -19.50
N ASN CC 85 3.11 25.06 -19.77
CA ASN CC 85 4.02 24.46 -20.74
C ASN CC 85 3.30 23.47 -21.65
N ALA CC 86 3.75 23.38 -22.89
CA ALA CC 86 3.13 22.49 -23.86
C ALA CC 86 4.16 21.66 -24.60
N MET CC 87 3.95 20.35 -24.66
CA MET CC 87 4.81 19.44 -25.39
C MET CC 87 4.08 18.88 -26.60
N VAL CC 88 4.56 19.23 -27.79
CA VAL CC 88 3.91 18.81 -29.03
C VAL CC 88 4.54 17.53 -29.58
N TYR CC 89 3.69 16.60 -30.03
CA TYR CC 89 4.16 15.35 -30.60
C TYR CC 89 3.93 15.34 -32.10
N VAL CC 90 5.03 15.20 -32.86
CA VAL CC 90 4.99 15.30 -34.31
C VAL CC 90 5.61 14.07 -34.97
N ASP CC 91 5.00 13.60 -36.04
CA ASP CC 91 5.55 12.49 -36.80
C ASP CC 91 6.07 12.94 -38.16
N LEU CC 92 7.32 12.61 -38.47
CA LEU CC 92 7.91 12.96 -39.74
C LEU CC 92 7.95 11.74 -40.67
N ILE CC 93 7.21 11.82 -41.77
CA ILE CC 93 7.12 10.72 -42.72
C ILE CC 93 7.88 11.03 -44.01
N VAL CC 94 8.72 10.10 -44.44
CA VAL CC 94 9.51 10.28 -45.65
C VAL CC 94 9.64 8.98 -46.43
N GLU CC 100 20.10 8.43 -47.22
CA GLU CC 100 20.15 8.61 -45.77
C GLU CC 100 20.63 10.01 -45.40
N VAL CC 101 21.53 10.55 -46.22
CA VAL CC 101 22.05 11.89 -46.00
C VAL CC 101 20.97 12.94 -46.23
N GLU CC 102 20.18 12.75 -47.28
CA GLU CC 102 19.07 13.64 -47.60
C GLU CC 102 17.98 13.54 -46.54
N ARG CC 103 17.83 12.35 -45.96
CA ARG CC 103 16.86 12.13 -44.90
C ARG CC 103 17.22 12.93 -43.64
N GLU CC 104 18.51 12.96 -43.33
CA GLU CC 104 19.02 13.73 -42.20
C GLU CC 104 18.83 15.22 -42.46
N THR CC 105 19.01 15.62 -43.71
CA THR CC 105 18.83 17.02 -44.12
C THR CC 105 17.37 17.42 -43.96
N ALA CC 106 16.47 16.51 -44.34
CA ALA CC 106 15.03 16.74 -44.21
C ALA CC 106 14.65 16.84 -42.73
N GLU CC 107 15.26 16.00 -41.91
CA GLU CC 107 15.03 16.02 -40.47
C GLU CC 107 15.51 17.32 -39.85
N GLU CC 108 16.63 17.82 -40.35
CA GLU CC 108 17.22 19.07 -39.86
C GLU CC 108 16.34 20.26 -40.20
N GLU CC 109 15.88 20.32 -41.45
CA GLU CC 109 15.01 21.41 -41.91
C GLU CC 109 13.69 21.41 -41.16
N ALA CC 110 13.14 20.21 -40.93
CA ALA CC 110 11.89 20.06 -40.21
C ALA CC 110 12.03 20.51 -38.76
N LYS CC 111 13.18 20.18 -38.16
CA LYS CC 111 13.45 20.56 -36.77
C LYS CC 111 13.51 22.08 -36.61
N LEU CC 112 14.23 22.74 -37.50
CA LEU CC 112 14.37 24.19 -37.45
C LEU CC 112 13.04 24.89 -37.69
N ALA CC 113 12.25 24.33 -38.61
CA ALA CC 113 10.94 24.90 -38.95
C ALA CC 113 9.97 24.81 -37.77
N LEU CC 114 10.01 23.69 -37.05
CA LEU CC 114 9.13 23.47 -35.92
C LEU CC 114 9.45 24.41 -34.76
N ARG CC 115 10.72 24.74 -34.59
CA ARG CC 115 11.16 25.65 -33.54
C ARG CC 115 10.55 27.04 -33.73
N VAL CC 116 10.51 27.50 -34.97
CA VAL CC 116 9.97 28.80 -35.30
C VAL CC 116 8.44 28.80 -35.24
N ALA CC 117 7.84 27.73 -35.76
CA ALA CC 117 6.39 27.63 -35.86
C ALA CC 117 5.72 27.49 -34.50
N LEU CC 118 6.31 26.66 -33.62
CA LEU CC 118 5.72 26.38 -32.33
C LEU CC 118 6.26 27.29 -31.23
N GLN CC 119 7.16 28.18 -31.61
CA GLN CC 119 7.80 29.11 -30.66
C GLN CC 119 8.44 28.36 -29.50
N VAL CC 120 9.33 27.43 -29.82
CA VAL CC 120 9.99 26.60 -28.82
C VAL CC 120 10.91 27.41 -27.92
N ASP CC 121 10.83 27.16 -26.62
CA ASP CC 121 11.66 27.81 -25.60
C ASP CC 121 11.39 29.30 -25.51
N ILE CC 122 10.26 29.74 -26.08
CA ILE CC 122 9.84 31.12 -26.01
C ILE CC 122 8.39 31.23 -25.55
N ALA CC 123 8.02 32.38 -25.02
CA ALA CC 123 6.65 32.60 -24.55
C ALA CC 123 5.67 32.66 -25.73
N ASP CC 124 4.70 31.77 -25.72
CA ASP CC 124 3.69 31.73 -26.79
C ASP CC 124 2.66 32.84 -26.62
N GLU CC 125 1.68 32.86 -27.50
CA GLU CC 125 0.62 33.86 -27.45
C GLU CC 125 -0.25 33.67 -26.20
N HIS CC 126 -0.26 32.45 -25.68
CA HIS CC 126 -1.01 32.13 -24.46
C HIS CC 126 -0.08 32.13 -23.25
N SER CC 127 1.03 32.86 -23.35
CA SER CC 127 2.04 32.90 -22.29
C SER CC 127 2.52 31.50 -21.94
N CYS CC 128 2.87 30.73 -22.97
CA CYS CC 128 3.26 29.34 -22.79
C CYS CC 128 4.65 29.05 -23.35
N VAL CC 129 5.41 28.23 -22.63
CA VAL CC 129 6.69 27.76 -23.11
C VAL CC 129 6.52 26.41 -23.79
N THR CC 130 6.69 26.38 -25.10
CA THR CC 130 6.39 25.18 -25.87
C THR CC 130 7.64 24.37 -26.19
N GLN CC 131 7.43 23.07 -26.39
CA GLN CC 131 8.51 22.16 -26.78
C GLN CC 131 7.92 21.07 -27.68
N PHE CC 132 8.77 20.39 -28.44
CA PHE CC 132 8.29 19.38 -29.37
C PHE CC 132 9.18 18.14 -29.40
N GLU CC 133 8.55 17.01 -29.71
CA GLU CC 133 9.28 15.75 -29.90
C GLU CC 133 8.82 15.11 -31.21
N MET CC 134 9.77 14.66 -32.02
CA MET CC 134 9.41 14.11 -33.33
C MET CC 134 10.01 12.73 -33.58
N LYS CC 135 9.25 11.89 -34.28
CA LYS CC 135 9.69 10.55 -34.64
C LYS CC 135 9.74 10.41 -36.16
N LEU CC 136 10.68 9.60 -36.65
CA LEU CC 136 10.85 9.40 -38.08
C LEU CC 136 10.24 8.08 -38.54
N ARG CC 137 9.39 8.15 -39.56
CA ARG CC 137 8.75 6.97 -40.11
C ARG CC 137 8.94 6.91 -41.63
N GLU CC 138 9.04 5.71 -42.17
CA GLU CC 138 9.27 5.53 -43.60
C GLU CC 138 8.23 4.61 -44.24
N GLU CC 139 7.50 5.15 -45.22
CA GLU CC 139 6.49 4.39 -45.94
C GLU CC 139 6.36 4.91 -47.37
N LEU CC 140 5.86 4.06 -48.27
CA LEU CC 140 5.66 4.45 -49.66
C LEU CC 140 4.56 5.48 -49.80
N LEU CC 141 4.91 6.64 -50.35
CA LEU CC 141 3.96 7.73 -50.55
C LEU CC 141 2.93 7.38 -51.62
N SER CC 142 3.33 6.55 -52.58
CA SER CC 142 2.46 6.17 -53.68
C SER CC 142 1.59 4.97 -53.32
N SER CC 143 1.81 4.43 -52.12
CA SER CC 143 1.03 3.27 -51.66
C SER CC 143 -0.41 3.66 -51.37
N ASP CC 144 -1.33 2.74 -51.69
CA ASP CC 144 -2.74 2.97 -51.47
C ASP CC 144 -3.08 3.01 -49.98
N SER CC 145 -2.46 2.10 -49.22
CA SER CC 145 -2.69 2.02 -47.78
C SER CC 145 -1.77 2.94 -46.99
N PHE CC 146 -1.83 4.24 -47.28
CA PHE CC 146 -1.01 5.22 -46.58
C PHE CC 146 -1.71 6.57 -46.47
N HIS CC 147 -1.58 7.19 -45.30
CA HIS CC 147 -2.11 8.53 -45.09
C HIS CC 147 -1.34 9.25 -43.99
N PRO CC 148 -1.09 10.56 -44.16
CA PRO CC 148 -0.43 11.43 -43.18
C PRO CC 148 -0.98 11.26 -41.77
N ASP CC 149 -2.28 11.04 -41.65
CA ASP CC 149 -2.92 10.89 -40.34
C ASP CC 149 -3.60 9.53 -40.20
N LYS CC 150 -2.84 8.46 -40.40
CA LYS CC 150 -3.38 7.10 -40.29
C LYS CC 150 -3.82 6.80 -38.85
N ASP CC 151 -4.65 5.77 -38.71
CA ASP CC 151 -5.18 5.38 -37.42
C ASP CC 151 -4.08 4.93 -36.47
N GLU CC 152 -3.22 4.03 -36.95
CA GLU CC 152 -2.17 3.44 -36.13
C GLU CC 152 -1.18 4.48 -35.61
N TYR CC 153 -1.15 5.65 -36.24
CA TYR CC 153 -0.22 6.70 -35.86
C TYR CC 153 -0.59 7.34 -34.52
N TYR CC 154 -1.86 7.24 -34.14
CA TYR CC 154 -2.34 7.87 -32.91
C TYR CC 154 -2.51 6.87 -31.77
N LYS CC 155 -1.95 5.67 -31.96
CA LYS CC 155 -2.11 4.60 -30.98
C LYS CC 155 -1.47 4.94 -29.64
N ASP CC 156 -0.45 5.78 -29.67
CA ASP CC 156 0.28 6.16 -28.45
C ASP CC 156 -0.51 7.09 -27.53
N PHE CC 157 -1.43 7.86 -28.12
CA PHE CC 157 -2.12 8.90 -27.36
C PHE CC 157 -3.61 8.59 -27.15
N LEU CC 158 -4.08 7.48 -27.71
CA LEU CC 158 -5.47 7.08 -27.54
C LEU CC 158 -5.58 5.66 -27.00
N SER DC 3 -28.11 74.31 -27.12
CA SER DC 3 -28.56 74.35 -25.74
C SER DC 3 -27.52 75.05 -24.85
N VAL DC 4 -26.25 74.77 -25.10
CA VAL DC 4 -25.16 75.38 -24.35
C VAL DC 4 -24.24 76.15 -25.29
N ASN DC 5 -23.87 77.37 -24.89
CA ASN DC 5 -23.02 78.21 -25.72
C ASN DC 5 -21.73 78.61 -25.01
N THR DC 6 -20.68 77.83 -25.23
CA THR DC 6 -19.37 78.14 -24.67
C THR DC 6 -18.59 79.07 -25.60
N SER DC 7 -17.59 79.76 -25.04
CA SER DC 7 -16.78 80.69 -25.81
C SER DC 7 -15.49 81.02 -25.08
N PHE DC 8 -14.41 81.20 -25.84
CA PHE DC 8 -13.10 81.48 -25.27
C PHE DC 8 -12.73 82.96 -25.36
N LEU DC 9 -12.77 83.65 -24.23
CA LEU DC 9 -12.30 85.02 -24.16
C LEU DC 9 -10.77 85.04 -24.11
N SER DC 10 -10.22 84.00 -23.50
CA SER DC 10 -8.80 83.83 -23.33
C SER DC 10 -8.50 82.33 -23.23
N PRO DC 11 -7.22 81.93 -23.36
CA PRO DC 11 -6.90 80.50 -23.18
C PRO DC 11 -7.34 79.95 -21.83
N SER DC 12 -7.25 80.76 -20.79
CA SER DC 12 -7.64 80.34 -19.45
C SER DC 12 -8.98 80.94 -19.02
N LEU DC 13 -9.70 81.55 -19.97
CA LEU DC 13 -10.98 82.18 -19.67
C LEU DC 13 -12.09 81.70 -20.60
N VAL DC 14 -13.09 81.04 -20.03
CA VAL DC 14 -14.19 80.50 -20.81
C VAL DC 14 -15.55 80.90 -20.21
N THR DC 15 -16.45 81.39 -21.06
CA THR DC 15 -17.80 81.72 -20.62
C THR DC 15 -18.80 80.66 -21.08
N ILE DC 16 -19.54 80.10 -20.14
CA ILE DC 16 -20.49 79.04 -20.45
C ILE DC 16 -21.92 79.46 -20.13
N ARG DC 17 -22.77 79.50 -21.15
CA ARG DC 17 -24.17 79.84 -20.97
C ARG DC 17 -25.09 78.64 -21.18
N ASP DC 18 -25.92 78.36 -20.19
CA ASP DC 18 -26.87 77.25 -20.28
C ASP DC 18 -28.29 77.79 -20.42
N PHE DC 19 -28.83 77.71 -21.63
CA PHE DC 19 -30.16 78.24 -21.91
C PHE DC 19 -31.27 77.43 -21.25
N ASP DC 20 -31.12 76.11 -21.28
CA ASP DC 20 -32.13 75.21 -20.73
C ASP DC 20 -32.25 75.33 -19.22
N ASN DC 21 -31.11 75.39 -18.54
CA ASN DC 21 -31.10 75.49 -17.08
C ASN DC 21 -31.11 76.94 -16.61
N GLY DC 22 -30.93 77.87 -17.54
CA GLY DC 22 -30.92 79.29 -17.21
C GLY DC 22 -29.77 79.66 -16.30
N GLN DC 23 -28.56 79.20 -16.64
CA GLN DC 23 -27.39 79.44 -15.81
C GLN DC 23 -26.25 80.04 -16.62
N PHE DC 24 -25.34 80.73 -15.93
CA PHE DC 24 -24.13 81.26 -16.54
C PHE DC 24 -22.95 81.05 -15.60
N ALA DC 25 -21.92 80.38 -16.10
CA ALA DC 25 -20.74 80.10 -15.29
C ALA DC 25 -19.47 80.52 -16.02
N VAL DC 26 -18.55 81.12 -15.27
CA VAL DC 26 -17.25 81.51 -15.83
C VAL DC 26 -16.18 80.49 -15.46
N LEU DC 27 -15.58 79.88 -16.49
CA LEU DC 27 -14.52 78.90 -16.27
C LEU DC 27 -13.15 79.55 -16.38
N ARG DC 28 -12.40 79.54 -15.28
CA ARG DC 28 -11.10 80.20 -15.24
C ARG DC 28 -10.04 79.34 -14.56
N ILE DC 29 -8.89 79.19 -15.22
CA ILE DC 29 -7.74 78.52 -14.62
C ILE DC 29 -6.68 79.56 -14.25
N GLY DC 30 -6.89 80.21 -13.12
CA GLY DC 30 -6.05 81.33 -12.70
C GLY DC 30 -4.67 80.96 -12.19
N ARG DC 31 -4.60 79.93 -11.35
CA ARG DC 31 -3.37 79.54 -10.69
C ARG DC 31 -2.21 79.28 -11.65
N THR DC 32 -2.51 78.62 -12.77
CA THR DC 32 -1.48 78.23 -13.73
C THR DC 32 -1.58 78.99 -15.04
N GLY DC 33 -2.80 79.25 -15.49
CA GLY DC 33 -3.01 79.93 -16.75
C GLY DC 33 -2.99 78.97 -17.93
N PHE DC 34 -3.18 77.69 -17.62
CA PHE DC 34 -3.23 76.65 -18.66
C PHE DC 34 -4.52 76.77 -19.49
N PRO DC 35 -4.48 76.29 -20.74
CA PRO DC 35 -5.67 76.34 -21.59
C PRO DC 35 -6.72 75.33 -21.15
N ALA DC 36 -7.97 75.76 -21.09
CA ALA DC 36 -9.07 74.90 -20.68
C ALA DC 36 -9.34 73.83 -21.74
N ASP DC 37 -9.17 72.57 -21.36
CA ASP DC 37 -9.41 71.46 -22.28
C ASP DC 37 -10.87 71.03 -22.23
N LYS DC 38 -11.20 70.00 -23.00
CA LYS DC 38 -12.57 69.47 -23.05
C LYS DC 38 -12.98 68.92 -21.69
N GLY DC 39 -12.04 68.34 -20.98
CA GLY DC 39 -12.29 67.79 -19.65
C GLY DC 39 -12.63 68.86 -18.63
N ASP DC 40 -11.97 70.00 -18.73
CA ASP DC 40 -12.19 71.12 -17.81
C ASP DC 40 -13.61 71.67 -17.93
N ILE DC 41 -14.08 71.81 -19.17
CA ILE DC 41 -15.42 72.32 -19.42
C ILE DC 41 -16.49 71.33 -18.94
N ASP DC 42 -16.27 70.05 -19.21
CA ASP DC 42 -17.18 69.00 -18.80
C ASP DC 42 -17.28 68.93 -17.27
N LEU DC 43 -16.17 69.21 -16.60
CA LEU DC 43 -16.16 69.26 -15.14
C LEU DC 43 -16.99 70.42 -14.62
N CYS DC 44 -16.88 71.55 -15.30
CA CYS DC 44 -17.63 72.75 -14.92
C CYS DC 44 -19.13 72.54 -15.04
N LEU DC 45 -19.56 71.90 -16.12
CA LEU DC 45 -20.97 71.57 -16.33
C LEU DC 45 -21.49 70.66 -15.23
N ASP DC 46 -20.66 69.71 -14.81
CA ASP DC 46 -21.03 68.80 -13.73
C ASP DC 46 -21.22 69.53 -12.41
N LYS DC 47 -20.53 70.67 -12.28
CA LYS DC 47 -20.66 71.50 -11.08
C LYS DC 47 -21.90 72.37 -11.16
N MET DC 48 -22.25 72.78 -12.38
CA MET DC 48 -23.42 73.61 -12.61
C MET DC 48 -24.70 72.87 -12.25
N ILE DC 49 -24.81 71.62 -12.71
CA ILE DC 49 -25.98 70.80 -12.44
C ILE DC 49 -26.04 70.43 -10.96
N GLY DC 50 -24.88 70.42 -10.31
CA GLY DC 50 -24.80 70.13 -8.88
C GLY DC 50 -25.41 71.23 -8.04
N VAL DC 51 -25.06 72.47 -8.33
CA VAL DC 51 -25.62 73.61 -7.62
C VAL DC 51 -27.08 73.80 -8.01
N ARG DC 52 -27.41 73.44 -9.24
CA ARG DC 52 -28.79 73.43 -9.70
C ARG DC 52 -29.60 72.48 -8.81
N ALA DC 53 -28.99 71.35 -8.45
CA ALA DC 53 -29.61 70.41 -7.52
C ALA DC 53 -29.69 70.99 -6.11
N ALA DC 54 -28.69 71.81 -5.76
CA ALA DC 54 -28.68 72.47 -4.47
C ALA DC 54 -29.81 73.50 -4.38
N GLN DC 55 -30.08 74.17 -5.49
CA GLN DC 55 -31.12 75.20 -5.56
C GLN DC 55 -32.51 74.60 -5.33
N ILE DC 56 -32.82 73.53 -6.06
CA ILE DC 56 -34.12 72.89 -5.95
C ILE DC 56 -34.26 72.22 -4.58
N PHE DC 57 -33.13 71.82 -3.99
CA PHE DC 57 -33.12 71.29 -2.64
C PHE DC 57 -33.57 72.37 -1.64
N LEU DC 58 -33.02 73.57 -1.79
CA LEU DC 58 -33.36 74.69 -0.91
C LEU DC 58 -34.78 75.18 -1.18
N GLY DC 59 -35.34 74.76 -2.30
CA GLY DC 59 -36.69 75.15 -2.68
C GLY DC 59 -36.83 75.43 -4.16
N ASP DC 60 -37.93 74.97 -4.75
CA ASP DC 60 -38.18 75.18 -6.16
C ASP DC 60 -38.56 76.63 -6.40
N ASP DC 61 -37.62 77.41 -6.95
CA ASP DC 61 -37.84 78.82 -7.17
C ASP DC 61 -38.20 79.09 -8.64
N THR DC 62 -38.48 78.03 -9.38
CA THR DC 62 -38.94 78.15 -10.75
C THR DC 62 -40.41 78.58 -10.76
N GLU DC 63 -41.09 78.32 -9.65
CA GLU DC 63 -42.49 78.70 -9.50
C GLU DC 63 -42.62 80.20 -9.23
N ASP DC 64 -43.86 80.70 -9.27
CA ASP DC 64 -44.12 82.11 -9.04
C ASP DC 64 -44.00 82.48 -7.57
N GLY DC 65 -43.48 83.68 -7.30
CA GLY DC 65 -43.33 84.15 -5.94
C GLY DC 65 -42.19 83.46 -5.20
N PHE DC 66 -41.04 83.35 -5.87
CA PHE DC 66 -39.87 82.71 -5.29
C PHE DC 66 -39.36 83.45 -4.06
N LYS DC 67 -39.78 82.98 -2.88
CA LYS DC 67 -39.38 83.59 -1.61
C LYS DC 67 -37.89 83.37 -1.34
N GLY DC 68 -37.30 82.39 -2.03
CA GLY DC 68 -35.89 82.10 -1.88
C GLY DC 68 -35.60 80.96 -0.91
N PRO DC 69 -34.33 80.81 -0.53
CA PRO DC 69 -33.22 81.65 -1.01
C PRO DC 69 -32.67 81.20 -2.35
N HIS DC 70 -32.03 82.12 -3.08
CA HIS DC 70 -31.44 81.80 -4.37
C HIS DC 70 -29.96 81.46 -4.24
N ILE DC 71 -29.55 80.37 -4.86
CA ILE DC 71 -28.15 79.95 -4.85
C ILE DC 71 -27.69 79.59 -6.27
N ARG DC 72 -26.79 80.40 -6.81
CA ARG DC 72 -26.37 80.27 -8.21
C ARG DC 72 -24.85 80.27 -8.34
N ILE DC 73 -24.34 79.55 -9.33
CA ILE DC 73 -22.91 79.52 -9.61
C ILE DC 73 -22.45 80.81 -10.30
N ARG DC 74 -21.33 81.35 -9.85
CA ARG DC 74 -20.74 82.53 -10.47
C ARG DC 74 -19.52 82.17 -11.30
N CYS DC 75 -18.67 81.30 -10.77
CA CYS DC 75 -17.42 80.95 -11.42
C CYS DC 75 -16.82 79.65 -10.87
N VAL DC 76 -15.95 79.03 -11.65
CA VAL DC 76 -15.24 77.83 -11.23
C VAL DC 76 -13.74 77.96 -11.48
N ASP DC 77 -12.96 77.99 -10.41
CA ASP DC 77 -11.51 78.17 -10.52
C ASP DC 77 -10.78 76.84 -10.33
N ILE DC 78 -9.95 76.49 -11.31
CA ILE DC 78 -9.22 75.22 -11.28
C ILE DC 78 -7.74 75.41 -10.98
N ASP DC 79 -7.25 74.74 -9.94
CA ASP DC 79 -5.83 74.70 -9.64
C ASP DC 79 -5.21 73.50 -10.36
N ASP DC 80 -4.22 73.77 -11.20
CA ASP DC 80 -3.69 72.75 -12.10
C ASP DC 80 -2.17 72.57 -11.96
N LYS DC 81 -1.61 73.15 -10.90
CA LYS DC 81 -0.15 73.12 -10.71
C LYS DC 81 0.39 71.70 -10.51
N HIS DC 82 0.02 71.07 -9.40
CA HIS DC 82 0.54 69.74 -9.07
C HIS DC 82 -0.57 68.70 -9.04
N THR DC 83 -1.62 68.99 -8.27
CA THR DC 83 -2.76 68.08 -8.16
C THR DC 83 -4.02 68.78 -8.65
N TYR DC 84 -4.90 68.03 -9.30
CA TYR DC 84 -6.13 68.59 -9.84
C TYR DC 84 -7.10 69.01 -8.75
N ASN DC 85 -7.30 70.32 -8.62
CA ASN DC 85 -8.20 70.88 -7.61
C ASN DC 85 -9.09 71.94 -8.21
N ALA DC 86 -10.31 72.07 -7.69
CA ALA DC 86 -11.25 73.05 -8.22
C ALA DC 86 -11.92 73.84 -7.10
N MET DC 87 -11.90 75.17 -7.24
CA MET DC 87 -12.58 76.04 -6.29
C MET DC 87 -13.77 76.70 -6.96
N VAL DC 88 -14.96 76.37 -6.48
CA VAL DC 88 -16.20 76.88 -7.06
C VAL DC 88 -16.66 78.15 -6.35
N TYR DC 89 -17.10 79.13 -7.14
CA TYR DC 89 -17.59 80.39 -6.58
C TYR DC 89 -19.11 80.45 -6.72
N VAL DC 90 -19.79 80.54 -5.59
CA VAL DC 90 -21.25 80.49 -5.55
C VAL DC 90 -21.82 81.70 -4.79
N ASP DC 91 -22.89 82.27 -5.31
CA ASP DC 91 -23.57 83.38 -4.63
C ASP DC 91 -24.91 82.94 -4.07
N LEU DC 92 -25.10 83.18 -2.77
CA LEU DC 92 -26.36 82.86 -2.11
C LEU DC 92 -27.19 84.13 -1.90
N ILE DC 93 -28.34 84.19 -2.55
CA ILE DC 93 -29.20 85.37 -2.46
C ILE DC 93 -30.45 85.07 -1.63
N VAL DC 94 -30.74 85.92 -0.67
CA VAL DC 94 -31.90 85.73 0.20
C VAL DC 94 -32.57 87.07 0.54
N GLU DC 100 -32.72 87.49 11.20
CA GLU DC 100 -31.28 87.30 11.17
C GLU DC 100 -30.91 85.84 11.44
N VAL DC 101 -31.69 85.19 12.28
CA VAL DC 101 -31.47 83.78 12.62
C VAL DC 101 -31.73 82.90 11.40
N GLU DC 102 -32.79 83.21 10.66
CA GLU DC 102 -33.14 82.47 9.45
C GLU DC 102 -32.06 82.65 8.38
N ARG DC 103 -31.41 83.80 8.38
CA ARG DC 103 -30.34 84.08 7.43
C ARG DC 103 -29.15 83.15 7.70
N GLU DC 104 -28.85 82.95 8.96
CA GLU DC 104 -27.78 82.03 9.37
C GLU DC 104 -28.17 80.59 9.05
N THR DC 105 -29.45 80.28 9.21
CA THR DC 105 -29.99 78.97 8.91
C THR DC 105 -29.90 78.66 7.42
N ALA DC 106 -30.20 79.66 6.60
CA ALA DC 106 -30.14 79.52 5.15
C ALA DC 106 -28.70 79.27 4.68
N GLU DC 107 -27.76 79.97 5.30
CA GLU DC 107 -26.35 79.81 5.00
C GLU DC 107 -25.86 78.40 5.35
N GLU DC 108 -26.35 77.88 6.47
CA GLU DC 108 -25.97 76.55 6.94
C GLU DC 108 -26.49 75.46 6.00
N GLU DC 109 -27.77 75.55 5.64
CA GLU DC 109 -28.38 74.58 4.73
C GLU DC 109 -27.73 74.62 3.36
N ALA DC 110 -27.44 75.82 2.87
CA ALA DC 110 -26.79 75.99 1.58
C ALA DC 110 -25.37 75.43 1.58
N LYS DC 111 -24.67 75.64 2.70
CA LYS DC 111 -23.30 75.15 2.84
C LYS DC 111 -23.27 73.63 2.83
N LEU DC 112 -24.15 73.01 3.60
CA LEU DC 112 -24.23 71.55 3.66
C LEU DC 112 -24.65 70.96 2.33
N ALA DC 113 -25.57 71.62 1.65
CA ALA DC 113 -26.06 71.16 0.35
C ALA DC 113 -24.96 71.21 -0.69
N LEU DC 114 -24.15 72.27 -0.65
CA LEU DC 114 -23.07 72.45 -1.62
C LEU DC 114 -21.97 71.40 -1.41
N ARG DC 115 -21.74 71.03 -0.16
CA ARG DC 115 -20.73 70.02 0.16
C ARG DC 115 -21.08 68.67 -0.47
N VAL DC 116 -22.37 68.33 -0.42
CA VAL DC 116 -22.85 67.08 -0.99
C VAL DC 116 -22.93 67.16 -2.52
N ALA DC 117 -23.43 68.28 -3.01
CA ALA DC 117 -23.65 68.46 -4.44
C ALA DC 117 -22.34 68.55 -5.23
N LEU DC 118 -21.38 69.30 -4.70
CA LEU DC 118 -20.12 69.52 -5.41
C LEU DC 118 -19.03 68.55 -4.98
N GLN DC 119 -19.38 67.66 -4.05
CA GLN DC 119 -18.43 66.68 -3.51
C GLN DC 119 -17.19 67.39 -3.00
N VAL DC 120 -17.39 68.33 -2.09
CA VAL DC 120 -16.31 69.15 -1.55
C VAL DC 120 -15.32 68.33 -0.73
N ASP DC 121 -14.04 68.56 -0.97
CA ASP DC 121 -12.95 67.91 -0.23
C ASP DC 121 -12.95 66.40 -0.49
N ILE DC 122 -13.63 65.98 -1.55
CA ILE DC 122 -13.66 64.58 -1.95
C ILE DC 122 -13.33 64.45 -3.44
N ALA DC 123 -12.89 63.26 -3.86
CA ALA DC 123 -12.54 63.03 -5.25
C ALA DC 123 -13.77 63.03 -6.15
N ASP DC 124 -13.79 63.94 -7.12
CA ASP DC 124 -14.90 64.06 -8.05
C ASP DC 124 -14.85 62.97 -9.12
N GLU DC 125 -15.81 63.03 -10.05
CA GLU DC 125 -15.87 62.07 -11.15
C GLU DC 125 -14.68 62.23 -12.10
N HIS DC 126 -14.09 63.42 -12.10
CA HIS DC 126 -12.93 63.70 -12.93
C HIS DC 126 -11.64 63.60 -12.11
N SER DC 127 -11.69 62.81 -11.04
CA SER DC 127 -10.57 62.66 -10.11
C SER DC 127 -10.09 64.01 -9.60
N CYS DC 128 -11.02 64.82 -9.12
CA CYS DC 128 -10.70 66.17 -8.68
C CYS DC 128 -11.15 66.41 -7.23
N VAL DC 129 -10.33 67.12 -6.48
CA VAL DC 129 -10.69 67.53 -5.12
C VAL DC 129 -11.30 68.93 -5.16
N THR DC 130 -12.59 69.02 -4.88
CA THR DC 130 -13.33 70.28 -5.03
C THR DC 130 -13.50 71.02 -3.71
N GLN DC 131 -13.64 72.34 -3.81
CA GLN DC 131 -13.92 73.19 -2.67
C GLN DC 131 -14.75 74.38 -3.13
N PHE DC 132 -15.41 75.06 -2.20
CA PHE DC 132 -16.28 76.16 -2.59
C PHE DC 132 -16.19 77.34 -1.65
N GLU DC 133 -16.46 78.53 -2.19
CA GLU DC 133 -16.54 79.75 -1.40
C GLU DC 133 -17.83 80.47 -1.77
N MET DC 134 -18.59 80.91 -0.76
CA MET DC 134 -19.88 81.52 -1.03
C MET DC 134 -20.04 82.88 -0.36
N LYS DC 135 -20.76 83.77 -1.03
CA LYS DC 135 -21.04 85.09 -0.50
C LYS DC 135 -22.54 85.28 -0.31
N LEU DC 136 -22.93 86.04 0.70
CA LEU DC 136 -24.33 86.26 1.01
C LEU DC 136 -24.79 87.64 0.52
N ARG DC 137 -25.87 87.65 -0.24
CA ARG DC 137 -26.42 88.90 -0.77
C ARG DC 137 -27.92 88.99 -0.45
N GLU DC 138 -28.39 90.21 -0.20
CA GLU DC 138 -29.79 90.42 0.15
C GLU DC 138 -30.44 91.44 -0.77
N GLU DC 139 -31.48 91.03 -1.47
CA GLU DC 139 -32.22 91.90 -2.38
C GLU DC 139 -33.68 91.47 -2.48
N LEU DC 140 -34.54 92.41 -2.86
CA LEU DC 140 -35.96 92.12 -3.00
C LEU DC 140 -36.23 91.19 -4.18
N LEU DC 141 -36.85 90.04 -3.89
CA LEU DC 141 -37.18 89.07 -4.92
C LEU DC 141 -38.29 89.59 -5.84
N SER DC 142 -39.13 90.45 -5.31
CA SER DC 142 -40.25 91.01 -6.07
C SER DC 142 -39.84 92.25 -6.84
N SER DC 143 -38.60 92.68 -6.67
CA SER DC 143 -38.08 93.85 -7.38
C SER DC 143 -37.93 93.58 -8.87
N ASP DC 144 -38.23 94.58 -9.68
CA ASP DC 144 -38.13 94.45 -11.13
C ASP DC 144 -36.68 94.34 -11.57
N SER DC 145 -35.81 95.15 -10.95
CA SER DC 145 -34.39 95.15 -11.29
C SER DC 145 -33.63 94.10 -10.48
N PHE DC 146 -34.03 92.84 -10.62
CA PHE DC 146 -33.36 91.76 -9.91
C PHE DC 146 -33.39 90.45 -10.69
N HIS DC 147 -32.26 89.75 -10.69
CA HIS DC 147 -32.18 88.42 -11.30
C HIS DC 147 -31.05 87.63 -10.65
N PRO DC 148 -31.27 86.33 -10.45
CA PRO DC 148 -30.28 85.39 -9.90
C PRO DC 148 -28.89 85.52 -10.52
N ASP DC 149 -28.84 85.80 -11.83
CA ASP DC 149 -27.57 85.91 -12.53
C ASP DC 149 -27.40 87.29 -13.17
N LYS DC 150 -27.47 88.33 -12.35
CA LYS DC 150 -27.31 89.71 -12.84
C LYS DC 150 -25.90 89.93 -13.38
N ASP DC 151 -25.74 91.00 -14.17
CA ASP DC 151 -24.46 91.32 -14.79
C ASP DC 151 -23.39 91.65 -13.75
N GLU DC 152 -23.73 92.56 -12.84
CA GLU DC 152 -22.80 93.04 -11.83
C GLU DC 152 -22.29 91.94 -10.90
N TYR DC 153 -23.01 90.83 -10.85
CA TYR DC 153 -22.66 89.72 -9.97
C TYR DC 153 -21.39 89.01 -10.46
N TYR DC 154 -21.11 89.14 -11.76
CA TYR DC 154 -19.98 88.44 -12.36
C TYR DC 154 -18.80 89.39 -12.59
N LYS DC 155 -18.85 90.56 -11.98
CA LYS DC 155 -17.82 91.58 -12.18
C LYS DC 155 -16.46 91.14 -11.66
N ASP DC 156 -16.46 90.27 -10.66
CA ASP DC 156 -15.23 89.82 -10.04
C ASP DC 156 -14.41 88.88 -10.94
N PHE DC 157 -15.09 88.18 -11.83
CA PHE DC 157 -14.43 87.16 -12.63
C PHE DC 157 -14.32 87.55 -14.10
N LEU DC 158 -14.87 88.71 -14.45
CA LEU DC 158 -14.80 89.20 -15.83
C LEU DC 158 -14.22 90.61 -15.88
N SER EC 3 -23.60 78.83 -39.67
CA SER EC 3 -24.10 80.04 -40.33
C SER EC 3 -24.07 81.24 -39.39
N VAL EC 4 -24.43 81.00 -38.13
CA VAL EC 4 -24.43 82.06 -37.13
C VAL EC 4 -23.51 81.70 -35.97
N ASN EC 5 -22.67 82.64 -35.55
CA ASN EC 5 -21.74 82.40 -34.47
C ASN EC 5 -21.94 83.37 -33.30
N THR EC 6 -22.72 82.96 -32.31
CA THR EC 6 -22.95 83.77 -31.13
C THR EC 6 -21.88 83.49 -30.08
N SER EC 7 -21.73 84.42 -29.14
CA SER EC 7 -20.73 84.29 -28.08
C SER EC 7 -21.04 85.24 -26.93
N PHE EC 8 -20.79 84.78 -25.71
CA PHE EC 8 -21.08 85.56 -24.52
C PHE EC 8 -19.83 86.21 -23.91
N LEU EC 9 -19.71 87.52 -24.08
CA LEU EC 9 -18.64 88.28 -23.43
C LEU EC 9 -19.03 88.48 -21.97
N SER EC 10 -20.33 88.58 -21.74
CA SER EC 10 -20.90 88.78 -20.42
C SER EC 10 -22.31 88.19 -20.41
N PRO EC 11 -22.91 88.00 -19.23
CA PRO EC 11 -24.30 87.51 -19.18
C PRO EC 11 -25.27 88.40 -19.96
N SER EC 12 -25.03 89.71 -19.92
CA SER EC 12 -25.90 90.66 -20.62
C SER EC 12 -25.27 91.20 -21.89
N LEU EC 13 -24.16 90.58 -22.31
CA LEU EC 13 -23.46 91.02 -23.51
C LEU EC 13 -23.21 89.87 -24.47
N VAL EC 14 -23.80 89.94 -25.66
CA VAL EC 14 -23.68 88.89 -26.66
C VAL EC 14 -23.27 89.44 -28.02
N THR EC 15 -22.27 88.80 -28.64
CA THR EC 15 -21.85 89.17 -29.99
C THR EC 15 -22.34 88.14 -30.99
N ILE EC 16 -23.07 88.60 -32.01
CA ILE EC 16 -23.65 87.71 -33.00
C ILE EC 16 -23.12 87.99 -34.41
N ARG EC 17 -22.46 87.01 -35.01
CA ARG EC 17 -21.94 87.14 -36.36
C ARG EC 17 -22.72 86.28 -37.34
N ASP EC 18 -23.24 86.90 -38.40
CA ASP EC 18 -23.98 86.19 -39.44
C ASP EC 18 -23.15 86.13 -40.72
N PHE EC 19 -22.59 84.95 -41.01
CA PHE EC 19 -21.72 84.77 -42.16
C PHE EC 19 -22.49 84.82 -43.49
N ASP EC 20 -23.67 84.22 -43.52
CA ASP EC 20 -24.47 84.16 -44.75
C ASP EC 20 -24.95 85.53 -45.17
N ASN EC 21 -25.45 86.32 -44.22
CA ASN EC 21 -25.96 87.65 -44.51
C ASN EC 21 -24.87 88.72 -44.42
N GLY EC 22 -23.69 88.32 -43.93
CA GLY EC 22 -22.58 89.24 -43.78
C GLY EC 22 -22.88 90.36 -42.81
N GLN EC 23 -23.39 89.99 -41.64
CA GLN EC 23 -23.79 90.96 -40.64
C GLN EC 23 -23.16 90.68 -39.28
N PHE EC 24 -23.04 91.72 -38.46
CA PHE EC 24 -22.56 91.59 -37.09
C PHE EC 24 -23.40 92.48 -36.18
N ALA EC 25 -24.01 91.88 -35.17
CA ALA EC 25 -24.86 92.61 -34.24
C ALA EC 25 -24.48 92.33 -32.79
N VAL EC 26 -24.47 93.38 -31.98
CA VAL EC 26 -24.18 93.23 -30.55
C VAL EC 26 -25.48 93.21 -29.75
N LEU EC 27 -25.72 92.11 -29.04
CA LEU EC 27 -26.91 91.99 -28.20
C LEU EC 27 -26.58 92.36 -26.77
N ARG EC 28 -27.21 93.42 -26.27
CA ARG EC 28 -26.92 93.90 -24.93
C ARG EC 28 -28.17 94.28 -24.16
N ILE EC 29 -28.28 93.78 -22.93
CA ILE EC 29 -29.37 94.15 -22.04
C ILE EC 29 -28.82 95.07 -20.95
N GLY EC 30 -28.66 96.34 -21.30
CA GLY EC 30 -28.01 97.31 -20.43
C GLY EC 30 -28.83 97.79 -19.25
N ARG EC 31 -30.11 98.10 -19.51
CA ARG EC 31 -30.99 98.68 -18.50
C ARG EC 31 -31.10 97.84 -17.23
N THR EC 32 -31.17 96.52 -17.39
CA THR EC 32 -31.36 95.63 -16.25
C THR EC 32 -30.14 94.78 -15.96
N GLY EC 33 -29.45 94.34 -17.02
CA GLY EC 33 -28.30 93.48 -16.86
C GLY EC 33 -28.71 92.02 -16.78
N PHE EC 34 -29.92 91.73 -17.25
CA PHE EC 34 -30.42 90.35 -17.26
C PHE EC 34 -29.66 89.51 -18.29
N PRO EC 35 -29.61 88.19 -18.07
CA PRO EC 35 -28.95 87.30 -19.03
C PRO EC 35 -29.78 87.11 -20.30
N ALA EC 36 -29.13 87.17 -21.45
CA ALA EC 36 -29.82 87.02 -22.73
C ALA EC 36 -30.30 85.58 -22.93
N ASP EC 37 -31.62 85.41 -23.05
CA ASP EC 37 -32.20 84.10 -23.26
C ASP EC 37 -32.29 83.76 -24.75
N LYS EC 38 -32.83 82.59 -25.06
CA LYS EC 38 -32.97 82.15 -26.44
C LYS EC 38 -33.90 83.06 -27.23
N GLY EC 39 -34.93 83.57 -26.56
CA GLY EC 39 -35.87 84.48 -27.19
C GLY EC 39 -35.24 85.82 -27.54
N ASP EC 40 -34.36 86.30 -26.67
CA ASP EC 40 -33.67 87.57 -26.88
C ASP EC 40 -32.76 87.51 -28.10
N ILE EC 41 -32.02 86.41 -28.22
CA ILE EC 41 -31.11 86.23 -29.35
C ILE EC 41 -31.89 86.09 -30.65
N ASP EC 42 -32.97 85.31 -30.60
CA ASP EC 42 -33.84 85.12 -31.76
C ASP EC 42 -34.47 86.45 -32.18
N LEU EC 43 -34.76 87.29 -31.20
CA LEU EC 43 -35.29 88.63 -31.46
C LEU EC 43 -34.25 89.49 -32.15
N CYS EC 44 -33.00 89.36 -31.73
CA CYS EC 44 -31.89 90.10 -32.31
C CYS EC 44 -31.70 89.72 -33.78
N LEU EC 45 -31.78 88.43 -34.06
CA LEU EC 45 -31.67 87.92 -35.42
C LEU EC 45 -32.80 88.49 -36.29
N ASP EC 46 -33.98 88.59 -35.70
CA ASP EC 46 -35.15 89.12 -36.39
C ASP EC 46 -34.98 90.60 -36.73
N LYS EC 47 -34.16 91.30 -35.95
CA LYS EC 47 -33.88 92.71 -36.20
C LYS EC 47 -32.85 92.88 -37.30
N MET EC 48 -31.91 91.96 -37.38
CA MET EC 48 -30.87 91.99 -38.40
C MET EC 48 -31.46 91.82 -39.80
N ILE EC 49 -32.35 90.84 -39.94
CA ILE EC 49 -32.98 90.55 -41.22
C ILE EC 49 -33.94 91.67 -41.62
N GLY EC 50 -34.44 92.40 -40.61
CA GLY EC 50 -35.31 93.54 -40.87
C GLY EC 50 -34.54 94.68 -41.50
N VAL EC 51 -33.38 94.99 -40.94
CA VAL EC 51 -32.53 96.03 -41.47
C VAL EC 51 -31.91 95.57 -42.79
N ARG EC 52 -31.66 94.27 -42.88
CA ARG EC 52 -31.21 93.66 -44.14
C ARG EC 52 -32.23 93.92 -45.24
N ALA EC 53 -33.51 93.84 -44.89
CA ALA EC 53 -34.59 94.14 -45.82
C ALA EC 53 -34.63 95.64 -46.14
N ALA EC 54 -34.28 96.45 -45.15
CA ALA EC 54 -34.22 97.89 -45.33
C ALA EC 54 -33.09 98.28 -46.27
N GLN EC 55 -31.98 97.56 -46.17
CA GLN EC 55 -30.80 97.84 -47.00
C GLN EC 55 -31.07 97.56 -48.48
N ILE EC 56 -31.62 96.39 -48.77
CA ILE EC 56 -31.90 96.00 -50.15
C ILE EC 56 -33.05 96.82 -50.72
N PHE EC 57 -33.93 97.29 -49.84
CA PHE EC 57 -35.03 98.17 -50.24
C PHE EC 57 -34.47 99.48 -50.78
N LEU EC 58 -33.50 100.05 -50.08
CA LEU EC 58 -32.86 101.29 -50.51
C LEU EC 58 -31.96 101.06 -51.73
N GLY EC 59 -31.67 99.80 -52.02
CA GLY EC 59 -30.84 99.44 -53.16
C GLY EC 59 -29.90 98.29 -52.85
N ASP EC 60 -29.77 97.38 -53.82
CA ASP EC 60 -28.89 96.22 -53.64
C ASP EC 60 -27.43 96.65 -53.73
N ASP EC 61 -26.75 96.70 -52.59
CA ASP EC 61 -25.36 97.13 -52.53
C ASP EC 61 -24.39 95.95 -52.46
N THR EC 62 -24.91 94.75 -52.68
CA THR EC 62 -24.08 93.56 -52.74
C THR EC 62 -23.32 93.50 -54.06
N GLU EC 63 -23.84 94.19 -55.06
CA GLU EC 63 -23.21 94.26 -56.37
C GLU EC 63 -22.00 95.19 -56.36
N ASP EC 64 -21.24 95.18 -57.46
CA ASP EC 64 -20.05 96.01 -57.57
C ASP EC 64 -20.43 97.48 -57.79
N GLY EC 65 -19.65 98.38 -57.20
CA GLY EC 65 -19.88 99.81 -57.33
C GLY EC 65 -21.08 100.27 -56.51
N PHE EC 66 -21.14 99.80 -55.27
CA PHE EC 66 -22.23 100.16 -54.35
C PHE EC 66 -22.23 101.65 -54.07
N LYS EC 67 -23.06 102.40 -54.79
CA LYS EC 67 -23.16 103.85 -54.61
C LYS EC 67 -23.78 104.21 -53.26
N GLY EC 68 -24.47 103.26 -52.65
CA GLY EC 68 -25.07 103.47 -51.34
C GLY EC 68 -26.53 103.85 -51.42
N PRO EC 69 -27.09 104.32 -50.28
CA PRO EC 69 -26.39 104.45 -49.01
C PRO EC 69 -26.36 103.14 -48.21
N HIS EC 70 -25.40 103.01 -47.30
CA HIS EC 70 -25.29 101.81 -46.48
C HIS EC 70 -26.00 101.97 -45.15
N ILE EC 71 -26.80 100.97 -44.79
CA ILE EC 71 -27.52 100.97 -43.52
C ILE EC 71 -27.35 99.62 -42.83
N ARG EC 72 -26.62 99.62 -41.73
CA ARG EC 72 -26.25 98.39 -41.03
C ARG EC 72 -26.53 98.48 -39.53
N ILE EC 73 -26.87 97.34 -38.94
CA ILE EC 73 -27.07 97.26 -37.49
C ILE EC 73 -25.74 97.29 -36.74
N ARG EC 74 -25.68 98.08 -35.68
CA ARG EC 74 -24.50 98.14 -34.83
C ARG EC 74 -24.74 97.37 -33.54
N CYS EC 75 -25.93 97.55 -32.96
CA CYS EC 75 -26.27 96.95 -31.69
C CYS EC 75 -27.79 96.96 -31.45
N VAL EC 76 -28.25 96.07 -30.57
CA VAL EC 76 -29.65 96.02 -30.17
C VAL EC 76 -29.76 95.99 -28.66
N ASP EC 77 -30.33 97.04 -28.09
CA ASP EC 77 -30.44 97.14 -26.63
C ASP EC 77 -31.86 96.81 -26.17
N ILE EC 78 -31.97 95.85 -25.26
CA ILE EC 78 -33.27 95.38 -24.79
C ILE EC 78 -33.58 95.87 -23.38
N ASP EC 79 -34.71 96.55 -23.24
CA ASP EC 79 -35.22 96.95 -21.93
C ASP EC 79 -36.11 95.86 -21.38
N ASP EC 80 -35.76 95.32 -20.21
CA ASP EC 80 -36.44 94.14 -19.67
C ASP EC 80 -36.99 94.40 -18.27
N LYS EC 81 -37.00 95.66 -17.86
CA LYS EC 81 -37.42 96.03 -16.51
C LYS EC 81 -38.89 95.70 -16.24
N HIS EC 82 -39.79 96.38 -16.95
CA HIS EC 82 -41.22 96.21 -16.72
C HIS EC 82 -41.91 95.65 -17.96
N THR EC 83 -41.70 96.28 -19.10
CA THR EC 83 -42.28 95.83 -20.35
C THR EC 83 -41.18 95.47 -21.35
N TYR EC 84 -41.43 94.46 -22.17
CA TYR EC 84 -40.44 94.00 -23.14
C TYR EC 84 -40.24 95.04 -24.24
N ASN EC 85 -39.06 95.66 -24.24
CA ASN EC 85 -38.74 96.70 -25.21
C ASN EC 85 -37.35 96.52 -25.81
N ALA EC 86 -37.19 96.91 -27.06
CA ALA EC 86 -35.90 96.79 -27.74
C ALA EC 86 -35.52 98.07 -28.47
N MET EC 87 -34.29 98.54 -28.23
CA MET EC 87 -33.78 99.72 -28.92
C MET EC 87 -32.66 99.34 -29.88
N VAL EC 88 -32.90 99.54 -31.17
CA VAL EC 88 -31.95 99.16 -32.21
C VAL EC 88 -31.04 100.32 -32.58
N TYR EC 89 -29.74 100.04 -32.71
CA TYR EC 89 -28.76 101.05 -33.10
C TYR EC 89 -28.29 100.80 -34.53
N VAL EC 90 -28.51 101.78 -35.38
CA VAL EC 90 -28.24 101.65 -36.82
C VAL EC 90 -27.33 102.78 -37.31
N ASP EC 91 -26.38 102.44 -38.17
CA ASP EC 91 -25.51 103.46 -38.77
C ASP EC 91 -25.84 103.66 -40.25
N LEU EC 92 -26.09 104.91 -40.62
CA LEU EC 92 -26.37 105.26 -42.01
C LEU EC 92 -25.16 105.92 -42.65
N ILE EC 93 -24.60 105.25 -43.67
CA ILE EC 93 -23.43 105.75 -44.36
C ILE EC 93 -23.77 106.26 -45.76
N VAL EC 94 -23.32 107.47 -46.08
CA VAL EC 94 -23.58 108.08 -47.38
C VAL EC 94 -22.37 108.86 -47.88
N GLU EC 100 -26.24 117.41 -49.84
CA GLU EC 100 -26.85 117.51 -48.52
C GLU EC 100 -28.35 117.21 -48.60
N VAL EC 101 -28.97 117.62 -49.70
CA VAL EC 101 -30.39 117.36 -49.91
C VAL EC 101 -30.65 115.88 -50.07
N GLU EC 102 -29.79 115.22 -50.83
CA GLU EC 102 -29.87 113.78 -51.03
C GLU EC 102 -29.60 113.05 -49.72
N ARG EC 103 -28.75 113.65 -48.88
CA ARG EC 103 -28.43 113.09 -47.57
C ARG EC 103 -29.67 113.12 -46.68
N GLU EC 104 -30.41 114.23 -46.74
CA GLU EC 104 -31.66 114.36 -46.01
C GLU EC 104 -32.71 113.40 -46.58
N THR EC 105 -32.70 113.24 -47.90
CA THR EC 105 -33.60 112.32 -48.57
C THR EC 105 -33.28 110.88 -48.19
N ALA EC 106 -31.99 110.57 -48.14
CA ALA EC 106 -31.53 109.23 -47.77
C ALA EC 106 -31.89 108.93 -46.31
N GLU EC 107 -31.75 109.95 -45.46
CA GLU EC 107 -32.11 109.82 -44.05
C GLU EC 107 -33.60 109.57 -43.89
N GLU EC 108 -34.41 110.23 -44.70
CA GLU EC 108 -35.85 110.07 -44.67
C GLU EC 108 -36.27 108.67 -45.11
N GLU EC 109 -35.71 108.22 -46.24
CA GLU EC 109 -36.01 106.90 -46.76
C GLU EC 109 -35.57 105.80 -45.80
N ALA EC 110 -34.40 105.96 -45.21
CA ALA EC 110 -33.87 104.98 -44.27
C ALA EC 110 -34.74 104.93 -43.01
N LYS EC 111 -35.19 106.09 -42.56
CA LYS EC 111 -36.04 106.17 -41.37
C LYS EC 111 -37.38 105.47 -41.58
N LEU EC 112 -38.02 105.75 -42.71
CA LEU EC 112 -39.30 105.14 -43.03
C LEU EC 112 -39.20 103.64 -43.21
N ALA EC 113 -38.11 103.19 -43.83
CA ALA EC 113 -37.90 101.76 -44.06
C ALA EC 113 -37.68 101.02 -42.75
N LEU EC 114 -36.94 101.63 -41.83
CA LEU EC 114 -36.65 101.01 -40.54
C LEU EC 114 -37.89 100.89 -39.67
N ARG EC 115 -38.79 101.87 -39.78
CA ARG EC 115 -40.02 101.86 -38.99
C ARG EC 115 -40.91 100.68 -39.35
N VAL EC 116 -40.99 100.37 -40.65
CA VAL EC 116 -41.80 99.26 -41.11
C VAL EC 116 -41.11 97.92 -40.85
N ALA EC 117 -39.81 97.87 -41.09
CA ALA EC 117 -39.04 96.64 -40.97
C ALA EC 117 -38.88 96.18 -39.52
N LEU EC 118 -38.61 97.13 -38.62
CA LEU EC 118 -38.34 96.79 -37.23
C LEU EC 118 -39.60 96.87 -36.36
N GLN EC 119 -40.73 97.20 -36.98
CA GLN EC 119 -42.01 97.32 -36.28
C GLN EC 119 -41.90 98.28 -35.10
N VAL EC 120 -41.49 99.51 -35.39
CA VAL EC 120 -41.29 100.52 -34.36
C VAL EC 120 -42.60 100.95 -33.71
N ASP EC 121 -42.60 101.03 -32.38
CA ASP EC 121 -43.73 101.47 -31.58
C ASP EC 121 -44.94 100.54 -31.70
N ILE EC 122 -44.69 99.32 -32.20
CA ILE EC 122 -45.73 98.32 -32.31
C ILE EC 122 -45.27 97.00 -31.71
N ALA EC 123 -46.21 96.14 -31.34
CA ALA EC 123 -45.88 94.85 -30.77
C ALA EC 123 -45.28 93.93 -31.81
N ASP EC 124 -44.05 93.48 -31.56
CA ASP EC 124 -43.35 92.58 -32.48
C ASP EC 124 -43.88 91.15 -32.38
N GLU EC 125 -43.27 90.25 -33.13
CA GLU EC 125 -43.67 88.85 -33.11
C GLU EC 125 -43.36 88.21 -31.75
N HIS EC 126 -42.40 88.80 -31.04
CA HIS EC 126 -42.05 88.33 -29.70
C HIS EC 126 -42.71 89.17 -28.63
N SER EC 127 -43.83 89.80 -28.99
CA SER EC 127 -44.56 90.70 -28.11
C SER EC 127 -43.65 91.80 -27.56
N CYS EC 128 -42.93 92.46 -28.47
CA CYS EC 128 -41.96 93.47 -28.07
C CYS EC 128 -42.24 94.81 -28.76
N VAL EC 129 -42.07 95.89 -28.00
CA VAL EC 129 -42.19 97.23 -28.56
C VAL EC 129 -40.80 97.75 -28.94
N THR EC 130 -40.57 97.88 -30.24
CA THR EC 130 -39.24 98.23 -30.74
C THR EC 130 -39.10 99.71 -31.07
N GLN EC 131 -37.86 100.19 -30.99
CA GLN EC 131 -37.54 101.56 -31.37
C GLN EC 131 -36.11 101.59 -31.90
N PHE EC 132 -35.75 102.64 -32.65
CA PHE EC 132 -34.43 102.69 -33.24
C PHE EC 132 -33.81 104.08 -33.17
N GLU EC 133 -32.48 104.12 -33.14
CA GLU EC 133 -31.72 105.35 -33.18
C GLU EC 133 -30.62 105.22 -34.24
N MET EC 134 -30.47 106.24 -35.08
CA MET EC 134 -29.53 106.15 -36.18
C MET EC 134 -28.54 107.32 -36.22
N LYS EC 135 -27.32 107.03 -36.65
CA LYS EC 135 -26.29 108.04 -36.79
C LYS EC 135 -25.84 108.17 -38.24
N LEU EC 136 -25.46 109.37 -38.65
CA LEU EC 136 -25.06 109.61 -40.03
C LEU EC 136 -23.53 109.69 -40.17
N ARG EC 137 -22.99 108.91 -41.08
CA ARG EC 137 -21.55 108.91 -41.34
C ARG EC 137 -21.28 109.08 -42.84
N GLU EC 138 -20.18 109.74 -43.17
CA GLU EC 138 -19.84 110.00 -44.56
C GLU EC 138 -18.43 109.53 -44.90
N GLU EC 139 -18.34 108.61 -45.86
CA GLU EC 139 -17.05 108.07 -46.28
C GLU EC 139 -17.08 107.65 -47.75
N LEU EC 140 -15.91 107.60 -48.37
CA LEU EC 140 -15.79 107.19 -49.76
C LEU EC 140 -16.09 105.71 -49.93
N LEU EC 141 -17.08 105.40 -50.78
CA LEU EC 141 -17.46 104.02 -51.03
C LEU EC 141 -16.38 103.28 -51.82
N SER EC 142 -15.61 104.02 -52.60
CA SER EC 142 -14.56 103.43 -53.42
C SER EC 142 -13.24 103.31 -52.67
N SER EC 143 -13.22 103.80 -51.43
CA SER EC 143 -12.02 103.75 -50.60
C SER EC 143 -11.70 102.31 -50.20
N ASP EC 144 -10.41 101.98 -50.17
CA ASP EC 144 -9.96 100.65 -49.80
C ASP EC 144 -10.18 100.36 -48.32
N SER EC 145 -9.90 101.35 -47.47
CA SER EC 145 -10.04 101.20 -46.04
C SER EC 145 -11.46 101.55 -45.59
N PHE EC 146 -12.44 100.84 -46.13
CA PHE EC 146 -13.84 101.07 -45.77
C PHE EC 146 -14.68 99.79 -45.85
N HIS EC 147 -15.55 99.61 -44.87
CA HIS EC 147 -16.49 98.50 -44.87
C HIS EC 147 -17.70 98.85 -44.03
N PRO EC 148 -18.90 98.43 -44.48
CA PRO EC 148 -20.17 98.61 -43.77
C PRO EC 148 -20.09 98.25 -42.29
N ASP EC 149 -19.31 97.23 -41.96
CA ASP EC 149 -19.16 96.79 -40.57
C ASP EC 149 -17.71 96.88 -40.11
N LYS EC 150 -17.13 98.06 -40.20
CA LYS EC 150 -15.75 98.28 -39.77
C LYS EC 150 -15.61 98.08 -38.26
N ASP EC 151 -14.37 97.91 -37.82
CA ASP EC 151 -14.08 97.68 -36.40
C ASP EC 151 -14.46 98.89 -35.54
N GLU EC 152 -13.98 100.06 -35.94
CA GLU EC 152 -14.18 101.28 -35.17
C GLU EC 152 -15.65 101.68 -35.01
N TYR EC 153 -16.50 101.13 -35.86
CA TYR EC 153 -17.93 101.47 -35.86
C TYR EC 153 -18.65 100.90 -34.62
N TYR EC 154 -18.07 99.86 -34.04
CA TYR EC 154 -18.67 99.18 -32.91
C TYR EC 154 -18.02 99.58 -31.59
N LYS EC 155 -17.22 100.64 -31.61
CA LYS EC 155 -16.47 101.09 -30.45
C LYS EC 155 -17.38 101.52 -29.29
N ASP EC 156 -18.58 101.99 -29.63
CA ASP EC 156 -19.51 102.48 -28.62
C ASP EC 156 -20.11 101.38 -27.76
N PHE EC 157 -20.20 100.17 -28.31
CA PHE EC 157 -20.88 99.07 -27.63
C PHE EC 157 -19.91 97.99 -27.17
N LEU EC 158 -18.64 98.16 -27.48
CA LEU EC 158 -17.60 97.21 -27.07
C LEU EC 158 -16.49 97.90 -26.30
N SER FC 3 -15.27 69.99 -31.84
CA SER FC 3 -13.82 69.90 -32.00
C SER FC 3 -13.17 71.28 -31.99
N VAL FC 4 -13.83 72.23 -32.65
CA VAL FC 4 -13.33 73.60 -32.72
C VAL FC 4 -14.34 74.58 -32.12
N ASN FC 5 -13.87 75.49 -31.28
CA ASN FC 5 -14.74 76.46 -30.62
C ASN FC 5 -14.35 77.89 -30.95
N THR FC 6 -14.97 78.45 -31.97
CA THR FC 6 -14.72 79.84 -32.35
C THR FC 6 -15.64 80.80 -31.60
N SER FC 7 -15.23 82.07 -31.54
CA SER FC 7 -16.00 83.09 -30.84
C SER FC 7 -15.56 84.49 -31.25
N PHE FC 8 -16.51 85.41 -31.35
CA PHE FC 8 -16.24 86.77 -31.79
C PHE FC 8 -16.20 87.74 -30.62
N LEU FC 9 -15.01 88.19 -30.24
CA LEU FC 9 -14.86 89.24 -29.24
C LEU FC 9 -15.15 90.60 -29.87
N SER FC 10 -14.83 90.70 -31.15
CA SER FC 10 -15.02 91.93 -31.91
C SER FC 10 -15.21 91.55 -33.38
N PRO FC 11 -15.68 92.49 -34.23
CA PRO FC 11 -15.80 92.19 -35.65
C PRO FC 11 -14.47 91.76 -36.28
N SER FC 12 -13.37 92.35 -35.84
CA SER FC 12 -12.06 92.01 -36.38
C SER FC 12 -11.24 91.14 -35.43
N LEU FC 13 -11.89 90.62 -34.39
CA LEU FC 13 -11.20 89.80 -33.40
C LEU FC 13 -11.92 88.46 -33.17
N VAL FC 14 -11.24 87.37 -33.49
CA VAL FC 14 -11.81 86.04 -33.35
C VAL FC 14 -10.86 85.11 -32.59
N THR FC 15 -11.40 84.39 -31.61
CA THR FC 15 -10.63 83.41 -30.85
C THR FC 15 -10.98 81.99 -31.25
N ILE FC 16 -9.96 81.22 -31.65
CA ILE FC 16 -10.16 79.85 -32.11
C ILE FC 16 -9.45 78.84 -31.21
N ARG FC 17 -10.22 77.95 -30.60
CA ARG FC 17 -9.66 76.90 -29.75
C ARG FC 17 -9.80 75.53 -30.39
N ASP FC 18 -8.68 74.83 -30.54
CA ASP FC 18 -8.69 73.47 -31.09
C ASP FC 18 -8.38 72.44 -30.01
N PHE FC 19 -9.40 71.73 -29.56
CA PHE FC 19 -9.24 70.75 -28.49
C PHE FC 19 -8.46 69.52 -28.95
N ASP FC 20 -8.74 69.07 -30.17
CA ASP FC 20 -8.11 67.87 -30.70
C ASP FC 20 -6.61 68.07 -30.95
N ASN FC 21 -6.26 69.22 -31.52
CA ASN FC 21 -4.85 69.51 -31.81
C ASN FC 21 -4.16 70.20 -30.64
N GLY FC 22 -4.96 70.58 -29.64
CA GLY FC 22 -4.43 71.25 -28.46
C GLY FC 22 -3.79 72.59 -28.77
N GLN FC 23 -4.49 73.41 -29.55
CA GLN FC 23 -3.97 74.70 -29.95
C GLN FC 23 -4.94 75.85 -29.68
N PHE FC 24 -4.39 77.05 -29.59
CA PHE FC 24 -5.19 78.26 -29.44
C PHE FC 24 -4.59 79.35 -30.32
N ALA FC 25 -5.41 79.90 -31.22
CA ALA FC 25 -4.95 80.94 -32.13
C ALA FC 25 -5.88 82.14 -32.10
N VAL FC 26 -5.30 83.33 -32.13
CA VAL FC 26 -6.07 84.56 -32.17
C VAL FC 26 -6.14 85.11 -33.60
N LEU FC 27 -7.35 85.22 -34.13
CA LEU FC 27 -7.54 85.75 -35.47
C LEU FC 27 -7.88 87.24 -35.41
N ARG FC 28 -6.99 88.07 -35.96
CA ARG FC 28 -7.19 89.52 -35.90
C ARG FC 28 -6.87 90.20 -37.23
N ILE FC 29 -7.80 91.04 -37.68
CA ILE FC 29 -7.57 91.86 -38.87
C ILE FC 29 -7.35 93.31 -38.44
N GLY FC 30 -6.14 93.60 -38.00
CA GLY FC 30 -5.81 94.90 -37.42
C GLY FC 30 -5.68 96.04 -38.41
N ARG FC 31 -4.99 95.78 -39.52
CA ARG FC 31 -4.68 96.81 -40.50
C ARG FC 31 -5.92 97.53 -41.05
N THR FC 32 -6.98 96.78 -41.32
CA THR FC 32 -8.18 97.34 -41.92
C THR FC 32 -9.36 97.36 -40.97
N GLY FC 33 -9.48 96.33 -40.15
CA GLY FC 33 -10.60 96.22 -39.22
C GLY FC 33 -11.84 95.60 -39.86
N PHE FC 34 -11.64 94.89 -40.98
CA PHE FC 34 -12.73 94.21 -41.65
C PHE FC 34 -13.23 93.03 -40.82
N PRO FC 35 -14.51 92.66 -40.99
CA PRO FC 35 -15.08 91.51 -40.27
C PRO FC 35 -14.56 90.17 -40.82
N ALA FC 36 -14.18 89.27 -39.93
CA ALA FC 36 -13.67 87.97 -40.32
C ALA FC 36 -14.77 87.11 -40.93
N ASP FC 37 -14.60 86.75 -42.20
CA ASP FC 37 -15.56 85.90 -42.88
C ASP FC 37 -15.23 84.43 -42.69
N LYS FC 38 -16.02 83.55 -43.29
CA LYS FC 38 -15.79 82.11 -43.19
C LYS FC 38 -14.46 81.72 -43.81
N GLY FC 39 -14.09 82.41 -44.88
CA GLY FC 39 -12.82 82.15 -45.56
C GLY FC 39 -11.62 82.53 -44.70
N ASP FC 40 -11.74 83.63 -43.96
CA ASP FC 40 -10.67 84.09 -43.09
C ASP FC 40 -10.40 83.10 -41.97
N ILE FC 41 -11.47 82.57 -41.38
CA ILE FC 41 -11.36 81.59 -40.31
C ILE FC 41 -10.77 80.28 -40.83
N ASP FC 42 -11.24 79.84 -41.99
CA ASP FC 42 -10.75 78.61 -42.61
C ASP FC 42 -9.27 78.73 -42.95
N LEU FC 43 -8.83 79.93 -43.32
CA LEU FC 43 -7.43 80.18 -43.61
C LEU FC 43 -6.58 80.06 -42.35
N CYS FC 44 -7.11 80.56 -41.24
CA CYS FC 44 -6.43 80.48 -39.95
C CYS FC 44 -6.25 79.04 -39.52
N LEU FC 45 -7.28 78.23 -39.70
CA LEU FC 45 -7.24 76.81 -39.36
C LEU FC 45 -6.15 76.10 -40.16
N ASP FC 46 -6.01 76.48 -41.42
CA ASP FC 46 -5.01 75.89 -42.30
C ASP FC 46 -3.60 76.25 -41.85
N LYS FC 47 -3.46 77.37 -41.16
CA LYS FC 47 -2.16 77.81 -40.64
C LYS FC 47 -1.82 77.09 -39.34
N MET FC 48 -2.84 76.81 -38.53
CA MET FC 48 -2.63 76.11 -37.27
C MET FC 48 -2.10 74.69 -37.48
N ILE FC 49 -2.72 73.97 -38.41
CA ILE FC 49 -2.31 72.60 -38.70
C ILE FC 49 -0.95 72.58 -39.38
N GLY FC 50 -0.61 73.68 -40.06
CA GLY FC 50 0.68 73.81 -40.71
C GLY FC 50 1.78 73.92 -39.68
N VAL FC 51 1.57 74.78 -38.69
CA VAL FC 51 2.52 74.97 -37.60
C VAL FC 51 2.50 73.74 -36.70
N ARG FC 52 1.33 73.11 -36.58
CA ARG FC 52 1.19 71.85 -35.87
C ARG FC 52 2.12 70.82 -36.51
N ALA FC 53 2.20 70.84 -37.83
CA ALA FC 53 3.09 69.97 -38.57
C ALA FC 53 4.56 70.37 -38.34
N ALA FC 54 4.80 71.67 -38.15
CA ALA FC 54 6.15 72.15 -37.87
C ALA FC 54 6.62 71.66 -36.51
N GLN FC 55 5.71 71.58 -35.56
CA GLN FC 55 6.03 71.14 -34.20
C GLN FC 55 6.45 69.68 -34.17
N ILE FC 56 5.63 68.82 -34.78
CA ILE FC 56 5.89 67.39 -34.80
C ILE FC 56 7.09 67.08 -35.69
N PHE FC 57 7.34 67.95 -36.68
CA PHE FC 57 8.53 67.84 -37.51
C PHE FC 57 9.79 68.04 -36.69
N LEU FC 58 9.77 69.04 -35.83
CA LEU FC 58 10.91 69.36 -34.96
C LEU FC 58 11.09 68.29 -33.88
N GLY FC 59 10.07 67.45 -33.72
CA GLY FC 59 10.11 66.40 -32.72
C GLY FC 59 8.76 66.19 -32.07
N ASP FC 60 8.40 64.94 -31.85
CA ASP FC 60 7.12 64.61 -31.23
C ASP FC 60 7.12 64.97 -29.75
N ASP FC 61 6.46 66.07 -29.42
CA ASP FC 61 6.41 66.54 -28.03
C ASP FC 61 5.08 66.15 -27.39
N THR FC 62 4.31 65.33 -28.09
CA THR FC 62 3.08 64.78 -27.54
C THR FC 62 3.41 63.63 -26.59
N GLU FC 63 4.57 63.04 -26.79
CA GLU FC 63 5.04 61.95 -25.94
C GLU FC 63 5.55 62.48 -24.60
N ASP FC 64 5.85 61.58 -23.68
CA ASP FC 64 6.35 61.96 -22.37
C ASP FC 64 7.81 62.39 -22.45
N GLY FC 65 8.17 63.40 -21.65
CA GLY FC 65 9.53 63.90 -21.62
C GLY FC 65 9.87 64.72 -22.86
N PHE FC 66 8.97 65.62 -23.24
CA PHE FC 66 9.17 66.48 -24.40
C PHE FC 66 10.38 67.38 -24.23
N LYS FC 67 11.51 66.96 -24.77
CA LYS FC 67 12.75 67.73 -24.68
C LYS FC 67 12.69 69.01 -25.50
N GLY FC 68 11.75 69.07 -26.43
CA GLY FC 68 11.56 70.26 -27.24
C GLY FC 68 12.26 70.20 -28.58
N PRO FC 69 12.35 71.34 -29.28
CA PRO FC 69 11.79 72.62 -28.82
C PRO FC 69 10.31 72.76 -29.16
N HIS FC 70 9.60 73.61 -28.42
CA HIS FC 70 8.18 73.83 -28.68
C HIS FC 70 7.96 75.04 -29.58
N ILE FC 71 7.14 74.85 -30.61
CA ILE FC 71 6.81 75.92 -31.54
C ILE FC 71 5.30 75.96 -31.77
N ARG FC 72 4.67 77.03 -31.29
CA ARG FC 72 3.21 77.12 -31.29
C ARG FC 72 2.71 78.44 -31.87
N ILE FC 73 1.55 78.41 -32.51
CA ILE FC 73 0.93 79.62 -33.04
C ILE FC 73 0.33 80.46 -31.93
N ARG FC 74 0.57 81.76 -31.99
CA ARG FC 74 0.00 82.71 -31.04
C ARG FC 74 -1.14 83.50 -31.67
N CYS FC 75 -0.94 83.93 -32.91
CA CYS FC 75 -1.92 84.77 -33.60
C CYS FC 75 -1.72 84.79 -35.11
N VAL FC 76 -2.78 85.15 -35.83
CA VAL FC 76 -2.72 85.28 -37.28
C VAL FC 76 -3.32 86.62 -37.72
N ASP FC 77 -2.49 87.49 -38.29
CA ASP FC 77 -2.94 88.81 -38.71
C ASP FC 77 -3.13 88.86 -40.22
N ILE FC 78 -4.31 89.26 -40.65
CA ILE FC 78 -4.65 89.31 -42.07
C ILE FC 78 -4.69 90.73 -42.63
N ASP FC 79 -3.91 90.99 -43.67
CA ASP FC 79 -3.98 92.25 -44.38
C ASP FC 79 -5.00 92.14 -45.50
N ASP FC 80 -6.03 92.99 -45.47
CA ASP FC 80 -7.16 92.85 -46.38
C ASP FC 80 -7.43 94.13 -47.17
N LYS FC 81 -6.50 95.08 -47.11
CA LYS FC 81 -6.66 96.38 -47.74
C LYS FC 81 -6.77 96.27 -49.27
N HIS FC 82 -5.69 95.85 -49.90
CA HIS FC 82 -5.64 95.78 -51.36
C HIS FC 82 -5.46 94.34 -51.84
N THR FC 83 -4.45 93.67 -51.31
CA THR FC 83 -4.18 92.28 -51.65
C THR FC 83 -4.29 91.39 -50.42
N TYR FC 84 -4.78 90.17 -50.63
CA TYR FC 84 -4.99 89.23 -49.53
C TYR FC 84 -3.64 88.75 -48.97
N ASN FC 85 -3.34 89.17 -47.75
CA ASN FC 85 -2.09 88.83 -47.10
C ASN FC 85 -2.28 88.40 -45.65
N ALA FC 86 -1.44 87.48 -45.17
CA ALA FC 86 -1.54 87.00 -43.80
C ALA FC 86 -0.19 86.99 -43.10
N MET FC 87 -0.14 87.56 -41.90
CA MET FC 87 1.06 87.55 -41.08
C MET FC 87 0.85 86.69 -39.84
N VAL FC 88 1.59 85.58 -39.75
CA VAL FC 88 1.41 84.65 -38.65
C VAL FC 88 2.39 84.93 -37.51
N TYR FC 89 1.90 84.89 -36.28
CA TYR FC 89 2.73 85.11 -35.11
C TYR FC 89 2.93 83.79 -34.37
N VAL FC 90 4.17 83.36 -34.26
CA VAL FC 90 4.52 82.06 -33.69
C VAL FC 90 5.55 82.20 -32.57
N ASP FC 91 5.38 81.45 -31.49
CA ASP FC 91 6.36 81.46 -30.41
C ASP FC 91 7.14 80.14 -30.38
N LEU FC 92 8.46 80.26 -30.40
CA LEU FC 92 9.33 79.09 -30.34
C LEU FC 92 9.97 78.97 -28.96
N ILE FC 93 9.63 77.89 -28.25
CA ILE FC 93 10.16 77.68 -26.90
C ILE FC 93 11.18 76.56 -26.88
N VAL FC 94 12.33 76.82 -26.26
CA VAL FC 94 13.41 75.84 -26.19
C VAL FC 94 14.13 75.91 -24.85
N GLU FC 100 23.88 77.35 -26.56
CA GLU FC 100 23.56 78.51 -27.39
C GLU FC 100 23.62 78.16 -28.87
N VAL FC 101 24.51 77.25 -29.23
CA VAL FC 101 24.64 76.80 -30.62
C VAL FC 101 23.42 76.01 -31.04
N GLU FC 102 22.93 75.16 -30.15
CA GLU FC 102 21.74 74.36 -30.41
C GLU FC 102 20.50 75.25 -30.52
N ARG FC 103 20.51 76.36 -29.79
CA ARG FC 103 19.41 77.32 -29.84
C ARG FC 103 19.29 77.97 -31.22
N GLU FC 104 20.44 78.31 -31.80
CA GLU FC 104 20.47 78.87 -33.15
C GLU FC 104 20.04 77.84 -34.19
N THR FC 105 20.44 76.59 -33.96
CA THR FC 105 20.06 75.49 -34.85
C THR FC 105 18.56 75.22 -34.78
N ALA FC 106 17.99 75.28 -33.58
CA ALA FC 106 16.57 75.08 -33.39
C ALA FC 106 15.77 76.19 -34.07
N GLU FC 107 16.27 77.41 -33.97
CA GLU FC 107 15.63 78.56 -34.60
C GLU FC 107 15.67 78.43 -36.12
N GLU FC 108 16.80 77.92 -36.64
CA GLU FC 108 16.98 77.74 -38.08
C GLU FC 108 16.04 76.68 -38.63
N GLU FC 109 15.97 75.54 -37.96
CA GLU FC 109 15.11 74.44 -38.38
C GLU FC 109 13.64 74.85 -38.33
N ALA FC 110 13.27 75.57 -37.27
CA ALA FC 110 11.91 76.04 -37.10
C ALA FC 110 11.54 77.06 -38.18
N LYS FC 111 12.48 77.93 -38.52
CA LYS FC 111 12.27 78.94 -39.54
C LYS FC 111 12.03 78.30 -40.91
N LEU FC 112 12.88 77.34 -41.27
CA LEU FC 112 12.76 76.64 -42.54
C LEU FC 112 11.46 75.84 -42.63
N ALA FC 113 11.08 75.23 -41.52
CA ALA FC 113 9.86 74.42 -41.45
C ALA FC 113 8.61 75.29 -41.62
N LEU FC 114 8.63 76.47 -41.01
CA LEU FC 114 7.49 77.38 -41.08
C LEU FC 114 7.30 77.93 -42.48
N ARG FC 115 8.40 78.14 -43.20
CA ARG FC 115 8.35 78.63 -44.57
C ARG FC 115 7.64 77.65 -45.48
N VAL FC 116 7.92 76.37 -45.29
CA VAL FC 116 7.31 75.32 -46.10
C VAL FC 116 5.86 75.07 -45.69
N ALA FC 117 5.62 75.04 -44.38
CA ALA FC 117 4.30 74.73 -43.85
C ALA FC 117 3.27 75.83 -44.13
N LEU FC 118 3.69 77.08 -43.95
CA LEU FC 118 2.77 78.20 -44.10
C LEU FC 118 2.81 78.82 -45.48
N GLN FC 119 3.64 78.25 -46.36
CA GLN FC 119 3.80 78.74 -47.73
C GLN FC 119 4.14 80.23 -47.76
N VAL FC 120 5.24 80.59 -47.09
CA VAL FC 120 5.67 81.98 -46.99
C VAL FC 120 6.08 82.56 -48.34
N ASP FC 121 5.62 83.76 -48.61
CA ASP FC 121 5.96 84.50 -49.84
C ASP FC 121 5.43 83.80 -51.10
N ILE FC 122 4.48 82.88 -50.90
CA ILE FC 122 3.85 82.20 -52.01
C ILE FC 122 2.33 82.25 -51.88
N ALA FC 123 1.63 82.07 -52.99
CA ALA FC 123 0.17 82.11 -53.00
C ALA FC 123 -0.42 80.88 -52.31
N ASP FC 124 -1.20 81.12 -51.26
CA ASP FC 124 -1.83 80.04 -50.51
C ASP FC 124 -3.02 79.46 -51.27
N GLU FC 125 -3.70 78.49 -50.66
CA GLU FC 125 -4.88 77.88 -51.26
C GLU FC 125 -6.03 78.87 -51.37
N HIS FC 126 -6.00 79.90 -50.53
CA HIS FC 126 -7.02 80.95 -50.56
C HIS FC 126 -6.52 82.17 -51.30
N SER FC 127 -5.56 81.95 -52.21
CA SER FC 127 -4.94 83.03 -52.98
C SER FC 127 -4.34 84.09 -52.06
N CYS FC 128 -3.56 83.65 -51.08
CA CYS FC 128 -2.98 84.55 -50.09
C CYS FC 128 -1.46 84.46 -50.03
N VAL FC 129 -0.83 85.61 -49.86
CA VAL FC 129 0.62 85.67 -49.66
C VAL FC 129 0.92 85.72 -48.17
N THR FC 130 1.51 84.66 -47.65
CA THR FC 130 1.72 84.52 -46.21
C THR FC 130 3.13 84.91 -45.76
N GLN FC 131 3.23 85.33 -44.51
CA GLN FC 131 4.51 85.65 -43.88
C GLN FC 131 4.42 85.35 -42.39
N PHE FC 132 5.56 85.21 -41.73
CA PHE FC 132 5.56 84.85 -40.32
C PHE FC 132 6.60 85.61 -39.50
N GLU FC 133 6.29 85.78 -38.23
CA GLU FC 133 7.22 86.39 -37.27
C GLU FC 133 7.31 85.51 -36.03
N MET FC 134 8.51 85.24 -35.57
CA MET FC 134 8.69 84.33 -34.43
C MET FC 134 9.55 84.94 -33.32
N LYS FC 135 9.21 84.60 -32.08
CA LYS FC 135 9.95 85.05 -30.91
C LYS FC 135 10.53 83.85 -30.16
N LEU FC 136 11.69 84.05 -29.53
CA LEU FC 136 12.35 82.98 -28.80
C LEU FC 136 12.14 83.10 -27.29
N ARG FC 137 11.66 82.02 -26.68
CA ARG FC 137 11.44 81.98 -25.23
C ARG FC 137 12.10 80.75 -24.61
N GLU FC 138 12.57 80.89 -23.38
CA GLU FC 138 13.25 79.79 -22.70
C GLU FC 138 12.67 79.47 -21.33
N GLU FC 139 12.20 78.23 -21.17
CA GLU FC 139 11.66 77.75 -19.90
C GLU FC 139 11.87 76.25 -19.73
N LEU FC 140 11.85 75.79 -18.48
CA LEU FC 140 12.01 74.37 -18.17
C LEU FC 140 10.78 73.58 -18.63
N LEU FC 141 11.02 72.60 -19.49
CA LEU FC 141 9.95 71.76 -20.00
C LEU FC 141 9.36 70.87 -18.92
N SER FC 142 10.19 70.54 -17.92
CA SER FC 142 9.78 69.66 -16.83
C SER FC 142 9.11 70.44 -15.70
N SER FC 143 9.05 71.75 -15.84
CA SER FC 143 8.43 72.60 -14.84
C SER FC 143 6.92 72.40 -14.82
N ASP FC 144 6.34 72.42 -13.62
CA ASP FC 144 4.90 72.24 -13.46
C ASP FC 144 4.13 73.44 -14.02
N SER FC 145 4.65 74.64 -13.76
CA SER FC 145 4.01 75.86 -14.23
C SER FC 145 4.49 76.23 -15.63
N PHE FC 146 4.29 75.33 -16.58
CA PHE FC 146 4.68 75.57 -17.97
C PHE FC 146 3.76 74.86 -18.95
N HIS FC 147 3.39 75.55 -20.02
CA HIS FC 147 2.60 74.96 -21.08
C HIS FC 147 2.85 75.70 -22.40
N PRO FC 148 2.89 74.95 -23.52
CA PRO FC 148 3.06 75.49 -24.87
C PRO FC 148 2.15 76.69 -25.15
N ASP FC 149 0.94 76.67 -24.61
CA ASP FC 149 -0.01 77.75 -24.83
C ASP FC 149 -0.46 78.39 -23.51
N LYS FC 150 0.51 78.86 -22.73
CA LYS FC 150 0.20 79.50 -21.45
C LYS FC 150 -0.60 80.79 -21.63
N ASP FC 151 -1.23 81.25 -20.56
CA ASP FC 151 -2.07 82.43 -20.61
C ASP FC 151 -1.29 83.69 -20.96
N GLU FC 152 -0.19 83.92 -20.25
CA GLU FC 152 0.61 85.12 -20.42
C GLU FC 152 1.22 85.26 -21.82
N TYR FC 153 1.28 84.14 -22.55
CA TYR FC 153 1.89 84.13 -23.87
C TYR FC 153 1.04 84.88 -24.91
N TYR FC 154 -0.25 85.00 -24.64
CA TYR FC 154 -1.18 85.61 -25.58
C TYR FC 154 -1.55 87.04 -25.19
N LYS FC 155 -0.79 87.61 -24.26
CA LYS FC 155 -1.07 88.96 -23.75
C LYS FC 155 -0.93 90.03 -24.82
N ASP FC 156 -0.09 89.77 -25.81
CA ASP FC 156 0.18 90.73 -26.87
C ASP FC 156 -0.99 90.90 -27.83
N PHE FC 157 -1.80 89.85 -27.95
CA PHE FC 157 -2.87 89.84 -28.94
C PHE FC 157 -4.26 89.91 -28.31
N LEU FC 158 -4.31 89.92 -26.98
CA LEU FC 158 -5.57 90.01 -26.26
C LEU FC 158 -5.57 91.20 -25.30
N GLU GC 2 40.18 -23.92 -9.05
CA GLU GC 2 40.34 -23.34 -10.38
C GLU GC 2 41.11 -22.02 -10.32
N SER GC 3 42.13 -21.90 -11.17
CA SER GC 3 42.97 -20.70 -11.21
C SER GC 3 42.25 -19.52 -11.86
N VAL GC 4 41.50 -19.79 -12.92
CA VAL GC 4 40.77 -18.74 -13.62
C VAL GC 4 39.26 -19.01 -13.62
N ASN GC 5 38.49 -17.97 -13.33
CA ASN GC 5 37.04 -18.09 -13.25
C ASN GC 5 36.34 -17.15 -14.22
N THR GC 6 36.04 -17.65 -15.42
CA THR GC 6 35.32 -16.86 -16.41
C THR GC 6 33.81 -17.00 -16.23
N SER GC 7 33.06 -16.05 -16.77
CA SER GC 7 31.61 -16.05 -16.64
C SER GC 7 30.97 -15.12 -17.67
N PHE GC 8 29.80 -15.51 -18.18
CA PHE GC 8 29.11 -14.75 -19.19
C PHE GC 8 27.96 -13.93 -18.61
N LEU GC 9 28.14 -12.62 -18.52
CA LEU GC 9 27.06 -11.74 -18.12
C LEU GC 9 26.11 -11.55 -19.29
N SER GC 10 26.68 -11.60 -20.49
CA SER GC 10 25.94 -11.43 -21.73
C SER GC 10 26.69 -12.20 -22.82
N PRO GC 11 26.05 -12.44 -23.98
CA PRO GC 11 26.78 -13.10 -25.06
C PRO GC 11 28.04 -12.36 -25.49
N SER GC 12 28.00 -11.03 -25.47
CA SER GC 12 29.16 -10.23 -25.86
C SER GC 12 29.87 -9.62 -24.66
N LEU GC 13 29.51 -10.06 -23.46
CA LEU GC 13 30.12 -9.52 -22.24
C LEU GC 13 30.63 -10.65 -21.34
N VAL GC 14 31.94 -10.67 -21.14
CA VAL GC 14 32.58 -11.72 -20.35
C VAL GC 14 33.49 -11.15 -19.28
N THR GC 15 33.36 -11.65 -18.05
CA THR GC 15 34.24 -11.25 -16.96
C THR GC 15 35.25 -12.34 -16.65
N ILE GC 16 36.53 -11.99 -16.69
CA ILE GC 16 37.59 -12.96 -16.45
C ILE GC 16 38.43 -12.59 -15.22
N ARG GC 17 38.43 -13.48 -14.23
CA ARG GC 17 39.22 -13.27 -13.02
C ARG GC 17 40.40 -14.24 -12.94
N ASP GC 18 41.61 -13.70 -12.79
CA ASP GC 18 42.80 -14.51 -12.65
C ASP GC 18 43.33 -14.41 -11.22
N PHE GC 19 43.13 -15.48 -10.44
CA PHE GC 19 43.52 -15.49 -9.04
C PHE GC 19 45.03 -15.53 -8.84
N ASP GC 20 45.72 -16.31 -9.67
CA ASP GC 20 47.17 -16.48 -9.53
C ASP GC 20 47.93 -15.20 -9.83
N ASN GC 21 47.55 -14.51 -10.89
CA ASN GC 21 48.22 -13.27 -11.28
C ASN GC 21 47.60 -12.06 -10.60
N GLY GC 22 46.46 -12.28 -9.93
CA GLY GC 22 45.76 -11.21 -9.25
C GLY GC 22 45.27 -10.14 -10.21
N GLN GC 23 44.62 -10.57 -11.28
CA GLN GC 23 44.14 -9.66 -12.30
C GLN GC 23 42.66 -9.85 -12.58
N PHE GC 24 42.02 -8.81 -13.10
CA PHE GC 24 40.63 -8.90 -13.51
C PHE GC 24 40.48 -8.14 -14.83
N ALA GC 25 39.98 -8.83 -15.85
CA ALA GC 25 39.80 -8.23 -17.15
C ALA GC 25 38.38 -8.46 -17.66
N VAL GC 26 37.80 -7.43 -18.27
CA VAL GC 26 36.47 -7.56 -18.84
C VAL GC 26 36.57 -7.78 -20.35
N LEU GC 27 36.06 -8.91 -20.82
CA LEU GC 27 36.06 -9.21 -22.24
C LEU GC 27 34.74 -8.80 -22.85
N ARG GC 28 34.78 -7.83 -23.76
CA ARG GC 28 33.56 -7.30 -24.37
C ARG GC 28 33.72 -7.12 -25.86
N ILE GC 29 32.73 -7.62 -26.61
CA ILE GC 29 32.68 -7.41 -28.05
C ILE GC 29 31.60 -6.38 -28.34
N GLY GC 30 31.94 -5.10 -28.13
CA GLY GC 30 30.97 -4.03 -28.23
C GLY GC 30 30.56 -3.65 -29.64
N ARG GC 31 31.53 -3.56 -30.52
CA ARG GC 31 31.31 -3.10 -31.89
C ARG GC 31 30.25 -3.91 -32.63
N THR GC 32 30.27 -5.22 -32.44
CA THR GC 32 29.36 -6.10 -33.15
C THR GC 32 28.32 -6.74 -32.25
N GLY GC 33 28.72 -7.10 -31.04
CA GLY GC 33 27.84 -7.77 -30.10
C GLY GC 33 27.81 -9.27 -30.33
N PHE GC 34 28.84 -9.77 -31.02
CA PHE GC 34 28.96 -11.20 -31.28
C PHE GC 34 29.28 -11.96 -29.98
N PRO GC 35 28.91 -13.25 -29.92
CA PRO GC 35 29.23 -14.05 -28.74
C PRO GC 35 30.71 -14.38 -28.64
N ALA GC 36 31.27 -14.22 -27.45
CA ALA GC 36 32.69 -14.49 -27.23
C ALA GC 36 33.00 -15.97 -27.34
N ASP GC 37 33.85 -16.33 -28.29
CA ASP GC 37 34.23 -17.72 -28.49
C ASP GC 37 35.43 -18.08 -27.63
N LYS GC 38 35.90 -19.32 -27.73
CA LYS GC 38 37.05 -19.78 -26.95
C LYS GC 38 38.29 -18.99 -27.33
N GLY GC 39 38.40 -18.62 -28.61
CA GLY GC 39 39.53 -17.85 -29.09
C GLY GC 39 39.57 -16.45 -28.51
N ASP GC 40 38.41 -15.83 -28.35
CA ASP GC 40 38.33 -14.48 -27.81
C ASP GC 40 38.80 -14.45 -26.36
N ILE GC 41 38.39 -15.45 -25.58
CA ILE GC 41 38.79 -15.55 -24.19
C ILE GC 41 40.29 -15.86 -24.11
N ASP GC 42 40.74 -16.77 -24.96
CA ASP GC 42 42.15 -17.14 -25.04
C ASP GC 42 42.99 -15.93 -25.44
N LEU GC 43 42.43 -15.08 -26.29
CA LEU GC 43 43.08 -13.85 -26.70
C LEU GC 43 43.21 -12.89 -25.52
N CYS GC 44 42.16 -12.81 -24.71
CA CYS GC 44 42.14 -11.94 -23.55
C CYS GC 44 43.19 -12.35 -22.53
N LEU GC 45 43.30 -13.65 -22.28
CA LEU GC 45 44.30 -14.18 -21.35
C LEU GC 45 45.72 -13.85 -21.82
N ASP GC 46 45.93 -13.95 -23.13
CA ASP GC 46 47.22 -13.65 -23.72
C ASP GC 46 47.58 -12.17 -23.59
N LYS GC 47 46.56 -11.32 -23.49
CA LYS GC 47 46.77 -9.89 -23.34
C LYS GC 47 47.07 -9.53 -21.89
N MET GC 48 46.47 -10.26 -20.95
CA MET GC 48 46.68 -10.02 -19.53
C MET GC 48 48.13 -10.30 -19.13
N ILE GC 49 48.66 -11.42 -19.60
CA ILE GC 49 50.04 -11.80 -19.27
C ILE GC 49 51.03 -10.84 -19.93
N GLY GC 50 50.60 -10.21 -21.02
CA GLY GC 50 51.44 -9.23 -21.71
C GLY GC 50 51.61 -7.97 -20.88
N VAL GC 51 50.51 -7.47 -20.34
CA VAL GC 51 50.54 -6.28 -19.49
C VAL GC 51 51.19 -6.61 -18.15
N ARG GC 52 51.01 -7.83 -17.69
CA ARG GC 52 51.69 -8.31 -16.49
C ARG GC 52 53.20 -8.22 -16.68
N ALA GC 53 53.66 -8.52 -17.88
CA ALA GC 53 55.07 -8.40 -18.24
C ALA GC 53 55.49 -6.93 -18.30
N ALA GC 54 54.57 -6.07 -18.72
CA ALA GC 54 54.83 -4.64 -18.77
C ALA GC 54 54.97 -4.08 -17.37
N GLN GC 55 54.19 -4.60 -16.44
CA GLN GC 55 54.20 -4.15 -15.05
C GLN GC 55 55.53 -4.44 -14.37
N ILE GC 56 56.01 -5.68 -14.49
CA ILE GC 56 57.25 -6.08 -13.86
C ILE GC 56 58.44 -5.39 -14.53
N PHE GC 57 58.29 -5.02 -15.80
CA PHE GC 57 59.30 -4.25 -16.51
C PHE GC 57 59.47 -2.87 -15.87
N LEU GC 58 58.35 -2.22 -15.58
CA LEU GC 58 58.37 -0.89 -14.97
C LEU GC 58 58.83 -0.97 -13.52
N GLY GC 59 58.87 -2.17 -12.97
CA GLY GC 59 59.30 -2.39 -11.61
C GLY GC 59 58.48 -3.45 -10.92
N ASP GC 60 59.15 -4.31 -10.14
CA ASP GC 60 58.45 -5.36 -9.43
C ASP GC 60 57.69 -4.76 -8.25
N ASP GC 61 56.37 -4.67 -8.39
CA ASP GC 61 55.53 -4.08 -7.36
C ASP GC 61 54.86 -5.15 -6.51
N THR GC 62 55.30 -6.40 -6.70
CA THR GC 62 54.82 -7.50 -5.87
C THR GC 62 55.48 -7.44 -4.49
N GLU GC 63 56.63 -6.77 -4.43
CA GLU GC 63 57.36 -6.60 -3.18
C GLU GC 63 56.69 -5.54 -2.29
N ASP GC 64 57.16 -5.43 -1.05
CA ASP GC 64 56.62 -4.46 -0.11
C ASP GC 64 57.07 -3.05 -0.44
N GLY GC 65 56.18 -2.08 -0.24
CA GLY GC 65 56.49 -0.69 -0.50
C GLY GC 65 56.52 -0.38 -1.99
N PHE GC 66 55.52 -0.87 -2.72
CA PHE GC 66 55.43 -0.65 -4.16
C PHE GC 66 55.28 0.84 -4.48
N LYS GC 67 56.41 1.48 -4.80
CA LYS GC 67 56.41 2.91 -5.12
C LYS GC 67 55.71 3.18 -6.46
N GLY GC 68 55.56 2.14 -7.27
CA GLY GC 68 54.88 2.25 -8.54
C GLY GC 68 55.82 2.47 -9.71
N PRO GC 69 55.27 2.85 -10.87
CA PRO GC 69 53.83 3.04 -11.07
C PRO GC 69 53.10 1.74 -11.40
N HIS GC 70 51.79 1.70 -11.14
CA HIS GC 70 50.99 0.52 -11.43
C HIS GC 70 50.33 0.61 -12.80
N ILE GC 71 50.44 -0.48 -13.56
CA ILE GC 71 49.84 -0.55 -14.89
C ILE GC 71 49.07 -1.86 -15.02
N ARG GC 72 47.74 -1.76 -15.08
CA ARG GC 72 46.87 -2.93 -15.05
C ARG GC 72 45.82 -2.90 -16.16
N ILE GC 73 45.44 -4.08 -16.64
CA ILE GC 73 44.39 -4.18 -17.65
C ILE GC 73 43.02 -3.93 -17.03
N ARG GC 74 42.20 -3.12 -17.70
CA ARG GC 74 40.85 -2.85 -17.25
C ARG GC 74 39.84 -3.63 -18.09
N CYS GC 75 40.06 -3.64 -19.40
CA CYS GC 75 39.13 -4.27 -20.33
C CYS GC 75 39.76 -4.54 -21.70
N VAL GC 76 39.16 -5.46 -22.45
CA VAL GC 76 39.61 -5.77 -23.81
C VAL GC 76 38.41 -5.76 -24.75
N ASP GC 77 38.41 -4.80 -25.68
CA ASP GC 77 37.30 -4.65 -26.63
C ASP GC 77 37.70 -5.22 -27.98
N ILE GC 78 36.88 -6.14 -28.49
CA ILE GC 78 37.17 -6.81 -29.75
C ILE GC 78 36.29 -6.31 -30.90
N ASP GC 79 36.94 -5.84 -31.96
CA ASP GC 79 36.23 -5.48 -33.18
C ASP GC 79 36.15 -6.72 -34.07
N ASP GC 80 34.93 -7.13 -34.39
CA ASP GC 80 34.71 -8.40 -35.06
C ASP GC 80 33.91 -8.25 -36.36
N LYS GC 81 33.74 -7.00 -36.79
CA LYS GC 81 32.92 -6.71 -37.97
C LYS GC 81 33.51 -7.30 -39.25
N HIS GC 82 34.66 -6.79 -39.65
CA HIS GC 82 35.28 -7.20 -40.91
C HIS GC 82 36.63 -7.87 -40.67
N THR GC 83 37.50 -7.20 -39.92
CA THR GC 83 38.82 -7.74 -39.60
C THR GC 83 38.97 -7.89 -38.09
N TYR GC 84 39.68 -8.93 -37.67
CA TYR GC 84 39.85 -9.22 -36.25
C TYR GC 84 40.75 -8.17 -35.59
N ASN GC 85 40.17 -7.36 -34.72
CA ASN GC 85 40.90 -6.31 -34.03
C ASN GC 85 40.55 -6.28 -32.54
N ALA GC 86 41.53 -5.91 -31.72
CA ALA GC 86 41.33 -5.87 -30.28
C ALA GC 86 41.83 -4.57 -29.68
N MET GC 87 40.99 -3.93 -28.88
CA MET GC 87 41.36 -2.70 -28.18
C MET GC 87 41.45 -2.95 -26.69
N VAL GC 88 42.65 -2.84 -26.13
CA VAL GC 88 42.87 -3.10 -24.72
C VAL GC 88 42.79 -1.80 -23.92
N TYR GC 89 42.08 -1.86 -22.79
CA TYR GC 89 41.96 -0.70 -21.93
C TYR GC 89 42.80 -0.89 -20.67
N VAL GC 90 43.74 0.01 -20.47
CA VAL GC 90 44.70 -0.11 -19.38
C VAL GC 90 44.73 1.17 -18.53
N ASP GC 91 44.80 1.02 -17.22
CA ASP GC 91 44.90 2.16 -16.32
C ASP GC 91 46.29 2.24 -15.70
N LEU GC 92 46.92 3.40 -15.83
CA LEU GC 92 48.23 3.62 -15.24
C LEU GC 92 48.13 4.48 -13.98
N ILE GC 93 48.50 3.90 -12.85
CA ILE GC 93 48.43 4.60 -11.57
C ILE GC 93 49.82 4.98 -11.09
N VAL GC 94 49.99 6.24 -10.72
CA VAL GC 94 51.27 6.73 -10.25
C VAL GC 94 51.11 7.75 -9.11
N GLU GC 100 55.86 16.07 -11.92
CA GLU GC 100 55.15 16.06 -13.20
C GLU GC 100 56.04 15.53 -14.32
N VAL GC 101 57.33 15.79 -14.23
CA VAL GC 101 58.29 15.31 -15.21
C VAL GC 101 58.43 13.80 -15.12
N GLU GC 102 58.47 13.28 -13.90
CA GLU GC 102 58.55 11.84 -13.67
C GLU GC 102 57.28 11.15 -14.16
N ARG GC 103 56.15 11.86 -14.06
CA ARG GC 103 54.88 11.33 -14.52
C ARG GC 103 54.88 11.14 -16.03
N GLU GC 104 55.45 12.11 -16.74
CA GLU GC 104 55.58 12.03 -18.20
C GLU GC 104 56.56 10.93 -18.58
N THR GC 105 57.62 10.78 -17.80
CA THR GC 105 58.62 9.75 -18.04
C THR GC 105 58.03 8.36 -17.82
N ALA GC 106 57.24 8.22 -16.75
CA ALA GC 106 56.58 6.96 -16.45
C ALA GC 106 55.56 6.60 -17.53
N GLU GC 107 54.84 7.61 -18.00
CA GLU GC 107 53.86 7.43 -19.06
C GLU GC 107 54.51 6.98 -20.37
N GLU GC 108 55.68 7.55 -20.65
CA GLU GC 108 56.41 7.22 -21.87
C GLU GC 108 56.92 5.78 -21.85
N GLU GC 109 57.53 5.39 -20.74
CA GLU GC 109 58.04 4.03 -20.59
C GLU GC 109 56.92 3.00 -20.63
N ALA GC 110 55.81 3.32 -19.96
CA ALA GC 110 54.65 2.43 -19.93
C ALA GC 110 54.02 2.27 -21.31
N LYS GC 111 53.97 3.37 -22.06
CA LYS GC 111 53.41 3.36 -23.41
C LYS GC 111 54.24 2.47 -24.33
N LEU GC 112 55.55 2.65 -24.28
CA LEU GC 112 56.47 1.86 -25.11
C LEU GC 112 56.42 0.38 -24.75
N ALA GC 113 56.30 0.10 -23.45
CA ALA GC 113 56.25 -1.27 -22.97
C ALA GC 113 54.98 -1.98 -23.45
N LEU GC 114 53.88 -1.24 -23.47
CA LEU GC 114 52.59 -1.80 -23.90
C LEU GC 114 52.60 -2.10 -25.39
N ARG GC 115 53.31 -1.27 -26.16
CA ARG GC 115 53.42 -1.46 -27.60
C ARG GC 115 54.13 -2.78 -27.93
N VAL GC 116 55.17 -3.08 -27.17
CA VAL GC 116 55.93 -4.31 -27.37
C VAL GC 116 55.20 -5.53 -26.83
N ALA GC 117 54.62 -5.38 -25.64
CA ALA GC 117 53.96 -6.48 -24.96
C ALA GC 117 52.68 -6.94 -25.65
N LEU GC 118 51.88 -5.98 -26.11
CA LEU GC 118 50.59 -6.30 -26.70
C LEU GC 118 50.66 -6.41 -28.22
N GLN GC 119 51.85 -6.23 -28.77
CA GLN GC 119 52.08 -6.29 -30.22
C GLN GC 119 51.15 -5.33 -30.96
N VAL GC 120 51.22 -4.05 -30.61
CA VAL GC 120 50.38 -3.03 -31.20
C VAL GC 120 50.68 -2.82 -32.69
N ASP GC 121 49.62 -2.73 -33.49
CA ASP GC 121 49.72 -2.49 -34.94
C ASP GC 121 50.42 -3.63 -35.68
N ILE GC 122 50.53 -4.79 -35.03
CA ILE GC 122 51.10 -5.96 -35.65
C ILE GC 122 50.18 -7.17 -35.47
N ALA GC 123 50.34 -8.17 -36.33
CA ALA GC 123 49.52 -9.37 -36.26
C ALA GC 123 49.91 -10.20 -35.04
N ASP GC 124 48.94 -10.44 -34.16
CA ASP GC 124 49.19 -11.23 -32.95
C ASP GC 124 49.24 -12.72 -33.27
N GLU GC 125 49.41 -13.53 -32.22
CA GLU GC 125 49.45 -14.98 -32.37
C GLU GC 125 48.10 -15.52 -32.81
N HIS GC 126 47.03 -14.77 -32.53
CA HIS GC 126 45.69 -15.16 -32.93
C HIS GC 126 45.26 -14.44 -34.20
N SER GC 127 46.26 -14.01 -34.98
CA SER GC 127 46.02 -13.25 -36.21
C SER GC 127 45.17 -12.02 -35.93
N CYS GC 128 45.56 -11.27 -34.90
CA CYS GC 128 44.79 -10.10 -34.47
C CYS GC 128 45.63 -8.83 -34.45
N VAL GC 129 45.04 -7.72 -34.88
CA VAL GC 129 45.70 -6.43 -34.80
C VAL GC 129 45.26 -5.72 -33.52
N THR GC 130 46.19 -5.58 -32.58
CA THR GC 130 45.85 -5.04 -31.27
C THR GC 130 46.20 -3.56 -31.14
N GLN GC 131 45.46 -2.88 -30.27
CA GLN GC 131 45.72 -1.47 -29.96
C GLN GC 131 45.31 -1.21 -28.52
N PHE GC 132 45.82 -0.14 -27.94
CA PHE GC 132 45.53 0.15 -26.54
C PHE GC 132 45.26 1.64 -26.27
N GLU GC 133 44.45 1.90 -25.26
CA GLU GC 133 44.20 3.26 -24.79
C GLU GC 133 44.38 3.27 -23.27
N MET GC 134 45.10 4.25 -22.75
CA MET GC 134 45.39 4.27 -21.32
C MET GC 134 45.02 5.59 -20.64
N LYS GC 135 44.61 5.48 -19.39
CA LYS GC 135 44.25 6.65 -18.59
C LYS GC 135 45.18 6.78 -17.39
N LEU GC 136 45.44 8.02 -16.97
CA LEU GC 136 46.35 8.28 -15.86
C LEU GC 136 45.60 8.58 -14.57
N ARG GC 137 45.94 7.86 -13.51
CA ARG GC 137 45.32 8.06 -12.21
C ARG GC 137 46.39 8.25 -11.14
N GLU GC 138 46.09 9.07 -10.14
CA GLU GC 138 47.06 9.35 -9.08
C GLU GC 138 46.47 9.07 -7.70
N GLU GC 139 47.10 8.16 -6.97
CA GLU GC 139 46.64 7.81 -5.63
C GLU GC 139 47.80 7.35 -4.75
N LEU GC 140 47.62 7.47 -3.44
CA LEU GC 140 48.64 7.06 -2.49
C LEU GC 140 48.80 5.54 -2.47
N LEU GC 141 50.02 5.07 -2.75
CA LEU GC 141 50.31 3.65 -2.76
C LEU GC 141 50.25 3.05 -1.35
N SER GC 142 50.54 3.87 -0.35
CA SER GC 142 50.55 3.41 1.04
C SER GC 142 49.17 3.53 1.68
N SER GC 143 48.21 4.07 0.93
CA SER GC 143 46.86 4.25 1.43
C SER GC 143 46.14 2.92 1.62
N ASP GC 144 45.35 2.82 2.68
CA ASP GC 144 44.61 1.60 2.98
C ASP GC 144 43.51 1.37 1.95
N SER GC 145 42.82 2.44 1.55
CA SER GC 145 41.75 2.34 0.57
C SER GC 145 42.29 2.48 -0.85
N PHE GC 146 43.21 1.59 -1.21
CA PHE GC 146 43.79 1.59 -2.56
C PHE GC 146 44.17 0.20 -3.03
N HIS GC 147 43.87 -0.09 -4.29
CA HIS GC 147 44.28 -1.34 -4.92
C HIS GC 147 44.36 -1.16 -6.43
N PRO GC 148 45.36 -1.77 -7.07
CA PRO GC 148 45.54 -1.76 -8.53
C PRO GC 148 44.26 -2.05 -9.30
N ASP GC 149 43.43 -2.94 -8.78
CA ASP GC 149 42.19 -3.32 -9.45
C ASP GC 149 40.96 -3.03 -8.59
N LYS GC 150 40.80 -1.78 -8.17
CA LYS GC 150 39.65 -1.39 -7.35
C LYS GC 150 38.34 -1.56 -8.12
N ASP GC 151 37.24 -1.56 -7.38
CA ASP GC 151 35.91 -1.75 -7.98
C ASP GC 151 35.55 -0.61 -8.93
N GLU GC 152 35.70 0.62 -8.45
CA GLU GC 152 35.31 1.80 -9.22
C GLU GC 152 36.07 1.95 -10.54
N TYR GC 153 37.21 1.26 -10.65
CA TYR GC 153 38.06 1.37 -11.83
C TYR GC 153 37.42 0.70 -13.05
N TYR GC 154 36.51 -0.23 -12.83
CA TYR GC 154 35.90 -0.97 -13.93
C TYR GC 154 34.50 -0.46 -14.24
N LYS GC 155 34.16 0.71 -13.71
CA LYS GC 155 32.82 1.26 -13.85
C LYS GC 155 32.47 1.57 -15.31
N ASP GC 156 33.49 1.84 -16.11
CA ASP GC 156 33.31 2.22 -17.50
C ASP GC 156 32.87 1.05 -18.39
N PHE GC 157 33.24 -0.16 -18.00
CA PHE GC 157 33.02 -1.32 -18.86
C PHE GC 157 31.95 -2.28 -18.33
N LEU GC 158 31.41 -2.00 -17.16
CA LEU GC 158 30.36 -2.83 -16.57
C LEU GC 158 29.12 -2.00 -16.23
N GLU HC 2 29.89 -30.13 -11.33
CA GLU HC 2 29.97 -28.78 -10.78
C GLU HC 2 29.12 -28.65 -9.52
N SER HC 3 29.72 -28.97 -8.38
CA SER HC 3 29.01 -28.89 -7.09
C SER HC 3 28.81 -27.44 -6.68
N VAL HC 4 29.84 -26.62 -6.90
CA VAL HC 4 29.77 -25.20 -6.58
C VAL HC 4 30.02 -24.37 -7.84
N ASN HC 5 29.17 -23.37 -8.07
CA ASN HC 5 29.30 -22.54 -9.26
C ASN HC 5 29.48 -21.06 -8.90
N THR HC 6 30.74 -20.64 -8.82
CA THR HC 6 31.04 -19.24 -8.53
C THR HC 6 31.09 -18.44 -9.83
N SER HC 7 30.95 -17.12 -9.70
CA SER HC 7 30.95 -16.24 -10.86
C SER HC 7 31.17 -14.79 -10.46
N PHE HC 8 31.90 -14.04 -11.29
CA PHE HC 8 32.24 -12.66 -11.00
C PHE HC 8 31.38 -11.69 -11.80
N LEU HC 9 30.43 -11.03 -11.12
CA LEU HC 9 29.66 -9.97 -11.74
C LEU HC 9 30.49 -8.68 -11.79
N SER HC 10 31.35 -8.54 -10.80
CA SER HC 10 32.24 -7.39 -10.67
C SER HC 10 33.48 -7.83 -9.90
N PRO HC 11 34.55 -7.01 -9.91
CA PRO HC 11 35.73 -7.39 -9.13
C PRO HC 11 35.43 -7.59 -7.64
N SER HC 12 34.54 -6.79 -7.08
CA SER HC 12 34.19 -6.92 -5.67
C SER HC 12 32.83 -7.58 -5.47
N LEU HC 13 32.27 -8.14 -6.54
CA LEU HC 13 30.95 -8.77 -6.45
C LEU HC 13 30.98 -10.19 -7.02
N VAL HC 14 30.72 -11.17 -6.16
CA VAL HC 14 30.75 -12.58 -6.56
C VAL HC 14 29.49 -13.33 -6.12
N THR HC 15 28.92 -14.10 -7.03
CA THR HC 15 27.76 -14.93 -6.72
C THR HC 15 28.17 -16.39 -6.61
N ILE HC 16 27.87 -17.01 -5.47
CA ILE HC 16 28.24 -18.40 -5.22
C ILE HC 16 27.01 -19.27 -5.04
N ARG HC 17 26.87 -20.28 -5.91
CA ARG HC 17 25.76 -21.20 -5.81
C ARG HC 17 26.22 -22.58 -5.36
N ASP HC 18 25.62 -23.08 -4.28
CA ASP HC 18 25.94 -24.40 -3.76
C ASP HC 18 24.79 -25.37 -4.04
N PHE HC 19 24.98 -26.24 -5.03
CA PHE HC 19 23.94 -27.17 -5.43
C PHE HC 19 23.70 -28.27 -4.39
N ASP HC 20 24.79 -28.78 -3.81
CA ASP HC 20 24.70 -29.87 -2.84
C ASP HC 20 24.01 -29.42 -1.55
N ASN HC 21 24.38 -28.25 -1.05
CA ASN HC 21 23.81 -27.73 0.18
C ASN HC 21 22.54 -26.91 -0.06
N GLY HC 22 22.26 -26.63 -1.33
CA GLY HC 22 21.08 -25.87 -1.70
C GLY HC 22 21.09 -24.45 -1.17
N GLN HC 23 22.21 -23.75 -1.36
CA GLN HC 23 22.35 -22.39 -0.86
C GLN HC 23 22.81 -21.43 -1.95
N PHE HC 24 22.51 -20.15 -1.75
CA PHE HC 24 22.98 -19.10 -2.65
C PHE HC 24 23.44 -17.92 -1.81
N ALA HC 25 24.69 -17.52 -1.99
CA ALA HC 25 25.26 -16.41 -1.24
C ALA HC 25 25.92 -15.40 -2.17
N VAL HC 26 25.73 -14.12 -1.88
CA VAL HC 26 26.36 -13.06 -2.64
C VAL HC 26 27.59 -12.57 -1.91
N LEU HC 27 28.75 -12.70 -2.55
CA LEU HC 27 30.01 -12.25 -1.95
C LEU HC 27 30.35 -10.85 -2.43
N ARG HC 28 30.37 -9.90 -1.50
CA ARG HC 28 30.62 -8.51 -1.83
C ARG HC 28 31.59 -7.84 -0.88
N ILE HC 29 32.58 -7.15 -1.44
CA ILE HC 29 33.52 -6.36 -0.65
C ILE HC 29 33.19 -4.88 -0.85
N GLY HC 30 32.17 -4.41 -0.14
CA GLY HC 30 31.65 -3.08 -0.33
C GLY HC 30 32.50 -1.96 0.23
N ARG HC 31 32.99 -2.15 1.46
CA ARG HC 31 33.74 -1.12 2.17
C ARG HC 31 34.95 -0.58 1.38
N THR HC 32 35.68 -1.48 0.73
CA THR HC 32 36.90 -1.10 0.03
C THR HC 32 36.77 -1.21 -1.49
N GLY HC 33 36.07 -2.24 -1.95
CA GLY HC 33 35.92 -2.48 -3.37
C GLY HC 33 37.08 -3.27 -3.93
N PHE HC 34 37.82 -3.95 -3.05
CA PHE HC 34 38.93 -4.80 -3.45
C PHE HC 34 38.44 -6.03 -4.20
N PRO HC 35 39.29 -6.60 -5.07
CA PRO HC 35 38.92 -7.82 -5.79
C PRO HC 35 38.90 -9.04 -4.87
N ALA HC 36 37.86 -9.85 -4.98
CA ALA HC 36 37.72 -11.04 -4.14
C ALA HC 36 38.77 -12.09 -4.48
N ASP HC 37 39.63 -12.40 -3.53
CA ASP HC 37 40.68 -13.39 -3.73
C ASP HC 37 40.17 -14.79 -3.38
N LYS HC 38 41.04 -15.78 -3.50
CA LYS HC 38 40.69 -17.16 -3.20
C LYS HC 38 40.32 -17.32 -1.72
N GLY HC 39 41.00 -16.56 -0.86
CA GLY HC 39 40.74 -16.60 0.55
C GLY HC 39 39.37 -16.06 0.92
N ASP HC 40 38.94 -15.01 0.22
CA ASP HC 40 37.64 -14.40 0.46
C ASP HC 40 36.51 -15.37 0.14
N ILE HC 41 36.65 -16.07 -0.99
CA ILE HC 41 35.64 -17.05 -1.40
C ILE HC 41 35.62 -18.23 -0.45
N ASP HC 42 36.80 -18.72 -0.07
CA ASP HC 42 36.92 -19.83 0.87
C ASP HC 42 36.32 -19.44 2.23
N LEU HC 43 36.48 -18.19 2.59
CA LEU HC 43 35.89 -17.67 3.83
C LEU HC 43 34.37 -17.65 3.75
N CYS HC 44 33.86 -17.26 2.58
CA CYS HC 44 32.41 -17.22 2.35
C CYS HC 44 31.80 -18.61 2.43
N LEU HC 45 32.48 -19.59 1.83
CA LEU HC 45 32.02 -20.97 1.86
C LEU HC 45 31.98 -21.49 3.30
N ASP HC 46 32.97 -21.10 4.09
CA ASP HC 46 33.04 -21.51 5.50
C ASP HC 46 31.89 -20.93 6.31
N LYS HC 47 31.36 -19.78 5.87
CA LYS HC 47 30.24 -19.15 6.55
C LYS HC 47 28.91 -19.79 6.15
N MET HC 48 28.81 -20.21 4.88
CA MET HC 48 27.60 -20.85 4.38
C MET HC 48 27.33 -22.17 5.10
N ILE HC 49 28.38 -22.97 5.24
CA ILE HC 49 28.26 -24.27 5.89
C ILE HC 49 28.00 -24.08 7.39
N GLY HC 50 28.42 -22.94 7.92
CA GLY HC 50 28.19 -22.61 9.31
C GLY HC 50 26.72 -22.34 9.58
N VAL HC 51 26.12 -21.54 8.72
CA VAL HC 51 24.69 -21.22 8.81
C VAL HC 51 23.86 -22.45 8.43
N ARG HC 52 24.40 -23.25 7.52
CA ARG HC 52 23.80 -24.53 7.17
C ARG HC 52 23.68 -25.40 8.41
N ALA HC 53 24.71 -25.35 9.26
CA ALA HC 53 24.70 -26.07 10.53
C ALA HC 53 23.70 -25.45 11.50
N ALA HC 54 23.54 -24.14 11.43
CA ALA HC 54 22.58 -23.44 12.28
C ALA HC 54 21.14 -23.81 11.95
N GLN HC 55 20.87 -24.00 10.65
CA GLN HC 55 19.53 -24.36 10.19
C GLN HC 55 19.10 -25.74 10.69
N ILE HC 56 19.97 -26.72 10.49
CA ILE HC 56 19.68 -28.09 10.88
C ILE HC 56 19.67 -28.22 12.41
N PHE HC 57 20.42 -27.36 13.08
CA PHE HC 57 20.41 -27.30 14.54
C PHE HC 57 19.04 -26.91 15.07
N LEU HC 58 18.45 -25.90 14.43
CA LEU HC 58 17.12 -25.43 14.82
C LEU HC 58 16.05 -26.46 14.43
N GLY HC 59 16.44 -27.41 13.60
CA GLY HC 59 15.54 -28.46 13.16
C GLY HC 59 15.76 -28.81 11.71
N ASP HC 60 15.74 -30.11 11.40
CA ASP HC 60 15.92 -30.57 10.03
C ASP HC 60 14.67 -30.25 9.22
N ASP HC 61 14.76 -29.23 8.38
CA ASP HC 61 13.62 -28.80 7.58
C ASP HC 61 13.72 -29.31 6.15
N THR HC 62 14.66 -30.23 5.92
CA THR HC 62 14.79 -30.88 4.63
C THR HC 62 13.68 -31.92 4.47
N GLU HC 63 13.12 -32.35 5.59
CA GLU HC 63 12.03 -33.31 5.60
C GLU HC 63 10.72 -32.63 5.21
N ASP HC 64 9.68 -33.43 5.00
CA ASP HC 64 8.37 -32.92 4.62
C ASP HC 64 7.66 -32.25 5.79
N GLY HC 65 6.93 -31.18 5.50
CA GLY HC 65 6.19 -30.45 6.51
C GLY HC 65 7.07 -29.60 7.40
N PHE HC 66 7.99 -28.87 6.77
CA PHE HC 66 8.92 -28.00 7.49
C PHE HC 66 8.18 -26.88 8.24
N LYS HC 67 7.92 -27.11 9.52
CA LYS HC 67 7.22 -26.12 10.35
C LYS HC 67 8.07 -24.88 10.59
N GLY HC 68 9.37 -25.01 10.37
CA GLY HC 68 10.29 -23.90 10.53
C GLY HC 68 10.97 -23.87 11.88
N PRO HC 69 11.64 -22.74 12.20
CA PRO HC 69 11.77 -21.57 11.33
C PRO HC 69 12.90 -21.71 10.31
N HIS HC 70 12.83 -20.95 9.23
CA HIS HC 70 13.86 -21.00 8.20
C HIS HC 70 14.90 -19.90 8.42
N ILE HC 71 16.17 -20.29 8.36
CA ILE HC 71 17.28 -19.35 8.52
C ILE HC 71 18.32 -19.57 7.42
N ARG HC 72 18.44 -18.61 6.52
CA ARG HC 72 19.30 -18.74 5.35
C ARG HC 72 20.22 -17.54 5.14
N ILE HC 73 21.40 -17.81 4.58
CA ILE HC 73 22.35 -16.74 4.24
C ILE HC 73 21.91 -15.97 3.00
N ARG HC 74 22.01 -14.64 3.08
CA ARG HC 74 21.71 -13.80 1.93
C ARG HC 74 22.98 -13.25 1.29
N CYS HC 75 23.92 -12.81 2.13
CA CYS HC 75 25.15 -12.17 1.63
C CYS HC 75 26.25 -12.12 2.68
N VAL HC 76 27.49 -11.95 2.21
CA VAL HC 76 28.65 -11.79 3.09
C VAL HC 76 29.48 -10.59 2.69
N ASP HC 77 29.54 -9.58 3.56
CA ASP HC 77 30.27 -8.36 3.28
C ASP HC 77 31.61 -8.34 4.02
N ILE HC 78 32.70 -8.15 3.28
CA ILE HC 78 34.04 -8.17 3.85
C ILE HC 78 34.67 -6.79 3.98
N ASP HC 79 35.06 -6.43 5.20
CA ASP HC 79 35.81 -5.20 5.43
C ASP HC 79 37.31 -5.50 5.32
N ASP HC 80 37.98 -4.81 4.40
CA ASP HC 80 39.37 -5.12 4.08
C ASP HC 80 40.28 -3.90 4.21
N LYS HC 81 39.76 -2.83 4.79
CA LYS HC 81 40.50 -1.58 4.89
C LYS HC 81 41.76 -1.71 5.73
N HIS HC 82 41.58 -1.96 7.03
CA HIS HC 82 42.71 -2.02 7.96
C HIS HC 82 42.83 -3.41 8.57
N THR HC 83 41.73 -3.90 9.14
CA THR HC 83 41.71 -5.23 9.74
C THR HC 83 40.69 -6.12 9.04
N TYR HC 84 41.01 -7.40 8.92
CA TYR HC 84 40.14 -8.35 8.23
C TYR HC 84 38.84 -8.61 9.01
N ASN HC 85 37.73 -8.12 8.47
CA ASN HC 85 36.43 -8.29 9.12
C ASN HC 85 35.35 -8.70 8.13
N ALA HC 86 34.39 -9.49 8.59
CA ALA HC 86 33.32 -9.97 7.73
C ALA HC 86 31.96 -9.80 8.39
N MET HC 87 31.01 -9.21 7.66
CA MET HC 87 29.64 -9.07 8.14
C MET HC 87 28.68 -9.92 7.32
N VAL HC 88 28.08 -10.92 7.97
CA VAL HC 88 27.18 -11.84 7.29
C VAL HC 88 25.73 -11.38 7.38
N TYR HC 89 25.01 -11.47 6.28
CA TYR HC 89 23.60 -11.10 6.24
C TYR HC 89 22.72 -12.34 6.13
N VAL HC 90 21.84 -12.52 7.12
CA VAL HC 90 21.03 -13.72 7.24
C VAL HC 90 19.55 -13.35 7.35
N ASP HC 91 18.68 -14.11 6.69
CA ASP HC 91 17.24 -13.90 6.79
C ASP HC 91 16.56 -14.99 7.60
N LEU HC 92 15.80 -14.58 8.61
CA LEU HC 92 15.05 -15.53 9.43
C LEU HC 92 13.58 -15.53 9.04
N ILE HC 93 13.11 -16.67 8.55
CA ILE HC 93 11.74 -16.79 8.09
C ILE HC 93 10.91 -17.64 9.06
N VAL HC 94 9.73 -17.13 9.43
CA VAL HC 94 8.86 -17.82 10.38
C VAL HC 94 7.40 -17.72 9.95
N GLU HC 100 3.70 -14.07 19.28
CA GLU HC 100 4.72 -13.04 19.40
C GLU HC 100 5.87 -13.47 20.31
N VAL HC 101 5.54 -14.24 21.34
CA VAL HC 101 6.54 -14.75 22.26
C VAL HC 101 7.45 -15.77 21.58
N GLU HC 102 6.84 -16.65 20.79
CA GLU HC 102 7.58 -17.67 20.04
C GLU HC 102 8.46 -17.04 18.97
N ARG HC 103 8.00 -15.92 18.41
CA ARG HC 103 8.78 -15.21 17.40
C ARG HC 103 10.06 -14.63 18.01
N GLU HC 104 9.93 -14.07 19.21
CA GLU HC 104 11.09 -13.56 19.94
C GLU HC 104 11.99 -14.70 20.36
N THR HC 105 11.38 -15.82 20.74
CA THR HC 105 12.12 -17.01 21.12
C THR HC 105 12.87 -17.61 19.93
N ALA HC 106 12.21 -17.63 18.78
CA ALA HC 106 12.84 -18.15 17.56
C ALA HC 106 14.01 -17.26 17.14
N GLU HC 107 13.83 -15.95 17.28
CA GLU HC 107 14.88 -14.98 16.96
C GLU HC 107 16.05 -15.14 17.93
N GLU HC 108 15.74 -15.39 19.20
CA GLU HC 108 16.76 -15.57 20.23
C GLU HC 108 17.58 -16.84 20.00
N GLU HC 109 16.90 -17.94 19.73
CA GLU HC 109 17.57 -19.22 19.48
C GLU HC 109 18.43 -19.14 18.23
N ALA HC 110 17.91 -18.51 17.19
CA ALA HC 110 18.64 -18.36 15.94
C ALA HC 110 19.88 -17.49 16.13
N LYS HC 111 19.74 -16.44 16.94
CA LYS HC 111 20.84 -15.53 17.23
C LYS HC 111 21.98 -16.25 17.94
N LEU HC 112 21.65 -17.02 18.96
CA LEU HC 112 22.65 -17.76 19.73
C LEU HC 112 23.36 -18.80 18.88
N ALA HC 113 22.61 -19.47 18.01
CA ALA HC 113 23.17 -20.49 17.14
C ALA HC 113 24.15 -19.89 16.13
N LEU HC 114 23.80 -18.72 15.60
CA LEU HC 114 24.62 -18.05 14.60
C LEU HC 114 25.93 -17.54 15.21
N ARG HC 115 25.89 -17.13 16.47
CA ARG HC 115 27.08 -16.64 17.15
C ARG HC 115 28.15 -17.73 17.27
N VAL HC 116 27.72 -18.95 17.56
CA VAL HC 116 28.64 -20.07 17.70
C VAL HC 116 29.14 -20.56 16.34
N ALA HC 117 28.22 -20.64 15.38
CA ALA HC 117 28.54 -21.17 14.06
C ALA HC 117 29.48 -20.26 13.26
N LEU HC 118 29.25 -18.96 13.33
CA LEU HC 118 30.02 -18.01 12.53
C LEU HC 118 31.21 -17.43 13.29
N GLN HC 119 31.40 -17.88 14.53
CA GLN HC 119 32.49 -17.42 15.38
C GLN HC 119 32.47 -15.89 15.50
N VAL HC 120 31.35 -15.35 15.96
CA VAL HC 120 31.18 -13.91 16.07
C VAL HC 120 32.11 -13.32 17.13
N ASP HC 121 32.75 -12.21 16.78
CA ASP HC 121 33.65 -11.47 17.68
C ASP HC 121 34.87 -12.29 18.05
N ILE HC 122 35.13 -13.35 17.29
CA ILE HC 122 36.29 -14.19 17.51
C ILE HC 122 37.06 -14.40 16.21
N ALA HC 123 38.34 -14.77 16.34
CA ALA HC 123 39.19 -15.00 15.18
C ALA HC 123 38.79 -16.26 14.43
N ASP HC 124 38.44 -16.10 13.16
CA ASP HC 124 38.03 -17.23 12.32
C ASP HC 124 39.23 -18.07 11.91
N GLU HC 125 38.99 -19.12 11.13
CA GLU HC 125 40.06 -19.97 10.63
C GLU HC 125 40.94 -19.20 9.66
N HIS HC 126 40.37 -18.16 9.05
CA HIS HC 126 41.11 -17.32 8.11
C HIS HC 126 41.57 -16.04 8.80
N SER HC 127 41.72 -16.11 10.12
CA SER HC 127 42.11 -14.96 10.94
C SER HC 127 41.16 -13.78 10.73
N CYS HC 128 39.86 -14.05 10.82
CA CYS HC 128 38.85 -13.02 10.55
C CYS HC 128 37.90 -12.84 11.73
N VAL HC 129 37.54 -11.59 11.99
CA VAL HC 129 36.53 -11.28 13.00
C VAL HC 129 35.17 -11.14 12.33
N THR HC 130 34.27 -12.09 12.60
CA THR HC 130 32.99 -12.14 11.92
C THR HC 130 31.86 -11.54 12.75
N GLN HC 131 30.83 -11.06 12.07
CA GLN HC 131 29.63 -10.54 12.72
C GLN HC 131 28.43 -10.78 11.81
N PHE HC 132 27.24 -10.73 12.37
CA PHE HC 132 26.04 -11.03 11.59
C PHE HC 132 24.88 -10.09 11.89
N GLU HC 133 24.03 -9.88 10.89
CA GLU HC 133 22.81 -9.12 11.01
C GLU HC 133 21.65 -9.92 10.42
N MET HC 134 20.53 -9.99 11.13
CA MET HC 134 19.41 -10.80 10.67
C MET HC 134 18.10 -10.04 10.61
N LYS HC 135 17.28 -10.38 9.62
CA LYS HC 135 15.97 -9.77 9.44
C LYS HC 135 14.86 -10.80 9.58
N LEU HC 136 13.71 -10.36 10.08
CA LEU HC 136 12.58 -11.25 10.30
C LEU HC 136 11.54 -11.10 9.19
N ARG HC 137 11.16 -12.22 8.59
CA ARG HC 137 10.14 -12.22 7.54
C ARG HC 137 9.08 -13.27 7.86
N GLU HC 138 7.84 -12.98 7.47
CA GLU HC 138 6.73 -13.89 7.76
C GLU HC 138 5.95 -14.28 6.52
N GLU HC 139 5.90 -15.58 6.24
CA GLU HC 139 5.18 -16.11 5.10
C GLU HC 139 4.71 -17.54 5.37
N LEU HC 140 3.67 -17.96 4.67
CA LEU HC 140 3.14 -19.31 4.83
C LEU HC 140 4.14 -20.35 4.30
N LEU HC 141 4.55 -21.26 5.16
CA LEU HC 141 5.51 -22.30 4.78
C LEU HC 141 4.88 -23.31 3.83
N SER HC 142 3.56 -23.48 3.93
CA SER HC 142 2.84 -24.45 3.10
C SER HC 142 2.42 -23.84 1.77
N SER HC 143 2.71 -22.56 1.59
CA SER HC 143 2.36 -21.86 0.35
C SER HC 143 3.19 -22.36 -0.82
N ASP HC 144 2.57 -22.45 -1.99
CA ASP HC 144 3.26 -22.91 -3.18
C ASP HC 144 4.29 -21.89 -3.66
N SER HC 145 3.93 -20.61 -3.60
CA SER HC 145 4.82 -19.54 -4.02
C SER HC 145 5.73 -19.09 -2.88
N PHE HC 146 6.52 -20.02 -2.35
CA PHE HC 146 7.44 -19.71 -1.27
C PHE HC 146 8.70 -20.58 -1.32
N HIS HC 147 9.84 -19.96 -1.05
CA HIS HC 147 11.10 -20.68 -0.97
C HIS HC 147 12.09 -19.92 -0.08
N PRO HC 148 12.86 -20.66 0.74
CA PRO HC 148 13.90 -20.14 1.62
C PRO HC 148 14.83 -19.15 0.94
N ASP HC 149 15.15 -19.39 -0.33
CA ASP HC 149 16.05 -18.54 -1.09
C ASP HC 149 15.38 -17.95 -2.31
N LYS HC 150 14.26 -17.26 -2.12
CA LYS HC 150 13.53 -16.65 -3.22
C LYS HC 150 14.37 -15.57 -3.89
N ASP HC 151 13.99 -15.21 -5.11
CA ASP HC 151 14.71 -14.21 -5.88
C ASP HC 151 14.69 -12.84 -5.22
N GLU HC 152 13.49 -12.40 -4.85
CA GLU HC 152 13.30 -11.06 -4.28
C GLU HC 152 14.04 -10.85 -2.96
N TYR HC 153 14.44 -11.93 -2.31
CA TYR HC 153 15.13 -11.84 -1.03
C TYR HC 153 16.53 -11.27 -1.18
N TYR HC 154 17.08 -11.40 -2.38
CA TYR HC 154 18.45 -10.97 -2.65
C TYR HC 154 18.49 -9.62 -3.37
N LYS HC 155 17.36 -8.92 -3.39
CA LYS HC 155 17.23 -7.66 -4.09
C LYS HC 155 18.14 -6.58 -3.50
N ASP HC 156 18.45 -6.71 -2.22
CA ASP HC 156 19.27 -5.73 -1.51
C ASP HC 156 20.74 -5.78 -1.94
N PHE HC 157 21.18 -6.94 -2.39
CA PHE HC 157 22.59 -7.16 -2.68
C PHE HC 157 22.87 -7.29 -4.18
N LEU HC 158 21.81 -7.25 -4.99
CA LEU HC 158 21.96 -7.34 -6.44
C LEU HC 158 21.32 -6.14 -7.13
N SER IC 3 33.88 -26.75 -21.86
CA SER IC 3 32.97 -26.82 -23.00
C SER IC 3 31.74 -25.96 -22.77
N VAL IC 4 31.21 -25.98 -21.55
CA VAL IC 4 30.04 -25.20 -21.19
C VAL IC 4 30.39 -24.25 -20.04
N ASN IC 5 29.97 -23.00 -20.17
CA ASN IC 5 30.27 -22.00 -19.14
C ASN IC 5 29.01 -21.38 -18.56
N THR IC 6 28.53 -21.96 -17.45
CA THR IC 6 27.37 -21.43 -16.76
C THR IC 6 27.79 -20.38 -15.74
N SER IC 7 26.84 -19.54 -15.34
CA SER IC 7 27.11 -18.47 -14.38
C SER IC 7 25.80 -17.94 -13.80
N PHE IC 8 25.83 -17.60 -12.51
CA PHE IC 8 24.63 -17.13 -11.83
C PHE IC 8 24.61 -15.62 -11.65
N LEU IC 9 23.77 -14.94 -12.44
CA LEU IC 9 23.55 -13.51 -12.27
C LEU IC 9 22.63 -13.28 -11.09
N SER IC 10 21.71 -14.22 -10.89
CA SER IC 10 20.73 -14.16 -9.81
C SER IC 10 20.33 -15.60 -9.46
N PRO IC 11 19.67 -15.79 -8.31
CA PRO IC 11 19.20 -17.15 -7.98
C PRO IC 11 18.28 -17.75 -9.05
N SER IC 12 17.46 -16.91 -9.67
CA SER IC 12 16.54 -17.39 -10.71
C SER IC 12 17.00 -17.00 -12.11
N LEU IC 13 18.24 -16.53 -12.22
CA LEU IC 13 18.78 -16.11 -13.51
C LEU IC 13 20.14 -16.76 -13.81
N VAL IC 14 20.18 -17.57 -14.86
CA VAL IC 14 21.41 -18.28 -15.23
C VAL IC 14 21.72 -18.10 -16.71
N THR IC 15 22.97 -17.76 -17.01
CA THR IC 15 23.42 -17.66 -18.39
C THR IC 15 24.30 -18.86 -18.76
N ILE IC 16 23.91 -19.56 -19.83
CA ILE IC 16 24.63 -20.75 -20.24
C ILE IC 16 25.24 -20.59 -21.64
N ARG IC 17 26.56 -20.69 -21.72
CA ARG IC 17 27.26 -20.58 -22.98
C ARG IC 17 27.84 -21.93 -23.42
N ASP IC 18 27.49 -22.36 -24.63
CA ASP IC 18 28.00 -23.61 -25.18
C ASP IC 18 28.98 -23.33 -26.31
N PHE IC 19 30.27 -23.50 -26.04
CA PHE IC 19 31.30 -23.20 -27.03
C PHE IC 19 31.30 -24.22 -28.16
N ASP IC 20 31.11 -25.49 -27.82
CA ASP IC 20 31.13 -26.57 -28.80
C ASP IC 20 29.97 -26.48 -29.78
N ASN IC 21 28.78 -26.22 -29.25
CA ASN IC 21 27.59 -26.11 -30.09
C ASN IC 21 27.36 -24.70 -30.60
N GLY IC 22 28.14 -23.76 -30.07
CA GLY IC 22 28.05 -22.37 -30.47
C GLY IC 22 26.70 -21.75 -30.15
N GLN IC 23 26.22 -21.97 -28.92
CA GLN IC 23 24.92 -21.47 -28.51
C GLN IC 23 25.01 -20.70 -27.19
N PHE IC 24 24.04 -19.82 -26.97
CA PHE IC 24 23.92 -19.11 -25.72
C PHE IC 24 22.44 -19.07 -25.32
N ALA IC 25 22.14 -19.57 -24.13
CA ALA IC 25 20.77 -19.61 -23.64
C ALA IC 25 20.67 -19.01 -22.26
N VAL IC 26 19.60 -18.25 -22.02
CA VAL IC 26 19.36 -17.67 -20.71
C VAL IC 26 18.35 -18.51 -19.94
N LEU IC 27 18.78 -19.03 -18.78
CA LEU IC 27 17.91 -19.82 -17.94
C LEU IC 27 17.27 -18.95 -16.87
N ARG IC 28 15.95 -18.82 -16.92
CA ARG IC 28 15.24 -17.94 -16.00
C ARG IC 28 13.97 -18.58 -15.47
N ILE IC 29 13.81 -18.54 -14.14
CA ILE IC 29 12.59 -18.99 -13.50
C ILE IC 29 11.79 -17.78 -13.04
N GLY IC 30 11.08 -17.16 -13.99
CA GLY IC 30 10.38 -15.91 -13.75
C GLY IC 30 9.11 -16.04 -12.93
N ARG IC 31 8.30 -17.03 -13.27
CA ARG IC 31 6.98 -17.21 -12.66
C ARG IC 31 7.03 -17.30 -11.13
N THR IC 32 8.02 -18.00 -10.60
CA THR IC 32 8.10 -18.23 -9.17
C THR IC 32 9.28 -17.51 -8.53
N GLY IC 33 10.40 -17.46 -9.25
CA GLY IC 33 11.61 -16.85 -8.73
C GLY IC 33 12.41 -17.82 -7.89
N PHE IC 34 12.14 -19.11 -8.05
CA PHE IC 34 12.87 -20.15 -7.35
C PHE IC 34 14.31 -20.26 -7.87
N PRO IC 35 15.23 -20.74 -7.03
CA PRO IC 35 16.62 -20.90 -7.47
C PRO IC 35 16.78 -22.07 -8.43
N ALA IC 36 17.52 -21.85 -9.51
CA ALA IC 36 17.74 -22.89 -10.51
C ALA IC 36 18.62 -24.00 -9.96
N ASP IC 37 18.08 -25.21 -9.90
CA ASP IC 37 18.82 -26.36 -9.41
C ASP IC 37 19.59 -27.03 -10.55
N LYS IC 38 20.29 -28.12 -10.23
CA LYS IC 38 21.06 -28.85 -11.23
C LYS IC 38 20.16 -29.43 -12.31
N GLY IC 39 18.95 -29.83 -11.92
CA GLY IC 39 17.99 -30.37 -12.84
C GLY IC 39 17.49 -29.33 -13.84
N ASP IC 40 17.31 -28.11 -13.36
CA ASP IC 40 16.85 -27.02 -14.20
C ASP IC 40 17.85 -26.68 -15.28
N ILE IC 41 19.13 -26.65 -14.91
CA ILE IC 41 20.20 -26.37 -15.88
C ILE IC 41 20.33 -27.51 -16.89
N ASP IC 42 20.28 -28.73 -16.39
CA ASP IC 42 20.35 -29.91 -17.25
C ASP IC 42 19.18 -29.96 -18.22
N LEU IC 43 18.01 -29.48 -17.77
CA LEU IC 43 16.83 -29.40 -18.62
C LEU IC 43 17.05 -28.39 -19.73
N CYS IC 44 17.66 -27.27 -19.39
CA CYS IC 44 17.95 -26.21 -20.35
C CYS IC 44 18.91 -26.71 -21.43
N LEU IC 45 19.93 -27.44 -21.01
CA LEU IC 45 20.90 -28.02 -21.94
C LEU IC 45 20.23 -28.97 -22.92
N ASP IC 46 19.28 -29.75 -22.42
CA ASP IC 46 18.54 -30.70 -23.23
C ASP IC 46 17.67 -29.98 -24.28
N LYS IC 47 17.28 -28.76 -23.97
CA LYS IC 47 16.48 -27.96 -24.90
C LYS IC 47 17.35 -27.29 -25.96
N MET IC 48 18.58 -26.91 -25.57
CA MET IC 48 19.50 -26.28 -26.50
C MET IC 48 19.89 -27.23 -27.63
N ILE IC 49 20.22 -28.46 -27.26
CA ILE IC 49 20.62 -29.47 -28.25
C ILE IC 49 19.43 -29.89 -29.11
N GLY IC 50 18.23 -29.73 -28.57
CA GLY IC 50 17.01 -30.05 -29.32
C GLY IC 50 16.78 -29.07 -30.46
N VAL IC 51 16.91 -27.79 -30.17
CA VAL IC 51 16.76 -26.74 -31.18
C VAL IC 51 17.97 -26.77 -32.11
N ARG IC 52 19.12 -27.15 -31.57
CA ARG IC 52 20.31 -27.35 -32.38
C ARG IC 52 20.04 -28.39 -33.46
N ALA IC 53 19.28 -29.43 -33.09
CA ALA IC 53 18.87 -30.46 -34.03
C ALA IC 53 17.85 -29.91 -35.02
N ALA IC 54 17.02 -28.97 -34.57
CA ALA IC 54 16.04 -28.34 -35.45
C ALA IC 54 16.72 -27.47 -36.51
N GLN IC 55 17.81 -26.82 -36.12
CA GLN IC 55 18.55 -25.95 -37.02
C GLN IC 55 19.19 -26.73 -38.17
N ILE IC 56 19.89 -27.80 -37.82
CA ILE IC 56 20.57 -28.63 -38.81
C ILE IC 56 19.53 -29.38 -39.67
N PHE IC 57 18.37 -29.62 -39.09
CA PHE IC 57 17.25 -30.21 -39.81
C PHE IC 57 16.78 -29.29 -40.93
N LEU IC 58 16.63 -28.00 -40.61
CA LEU IC 58 16.18 -27.01 -41.57
C LEU IC 58 17.25 -26.73 -42.62
N GLY IC 59 18.47 -27.19 -42.36
CA GLY IC 59 19.57 -26.99 -43.28
C GLY IC 59 20.87 -26.73 -42.54
N ASP IC 60 21.95 -27.32 -43.05
CA ASP IC 60 23.26 -27.14 -42.44
C ASP IC 60 23.79 -25.74 -42.72
N ASP IC 61 23.74 -24.89 -41.70
CA ASP IC 61 24.18 -23.51 -41.84
C ASP IC 61 25.58 -23.33 -41.26
N THR IC 62 26.21 -24.46 -40.90
CA THR IC 62 27.59 -24.44 -40.44
C THR IC 62 28.52 -24.27 -41.64
N GLU IC 63 28.01 -24.63 -42.81
CA GLU IC 63 28.77 -24.49 -44.05
C GLU IC 63 28.79 -23.04 -44.52
N ASP IC 64 29.60 -22.77 -45.53
CA ASP IC 64 29.73 -21.42 -46.08
C ASP IC 64 28.51 -21.05 -46.92
N GLY IC 65 28.10 -19.78 -46.84
CA GLY IC 65 26.97 -19.30 -47.61
C GLY IC 65 25.64 -19.80 -47.06
N PHE IC 66 25.49 -19.70 -45.74
CA PHE IC 66 24.25 -20.13 -45.07
C PHE IC 66 23.05 -19.32 -45.53
N LYS IC 67 22.31 -19.86 -46.49
CA LYS IC 67 21.12 -19.19 -47.02
C LYS IC 67 20.00 -19.14 -45.99
N GLY IC 68 20.10 -19.99 -44.97
CA GLY IC 68 19.11 -20.03 -43.91
C GLY IC 68 18.05 -21.09 -44.10
N PRO IC 69 16.96 -21.01 -43.31
CA PRO IC 69 16.77 -19.98 -42.28
C PRO IC 69 17.45 -20.35 -40.95
N HIS IC 70 17.74 -19.34 -40.14
CA HIS IC 70 18.37 -19.56 -38.85
C HIS IC 70 17.34 -19.64 -37.73
N ILE IC 71 17.48 -20.66 -36.89
CA ILE IC 71 16.60 -20.85 -35.74
C ILE IC 71 17.42 -21.14 -34.48
N ARG IC 72 17.41 -20.20 -33.55
CA ARG IC 72 18.27 -20.29 -32.37
C ARG IC 72 17.49 -20.04 -31.07
N ILE IC 73 17.92 -20.70 -30.00
CA ILE IC 73 17.32 -20.49 -28.68
C ILE IC 73 17.74 -19.16 -28.10
N ARG IC 74 16.78 -18.43 -27.53
CA ARG IC 74 17.07 -17.17 -26.86
C ARG IC 74 17.02 -17.32 -25.35
N CYS IC 75 16.03 -18.04 -24.85
CA CYS IC 75 15.82 -18.18 -23.42
C CYS IC 75 14.88 -19.35 -23.08
N VAL IC 76 14.97 -19.81 -21.84
CA VAL IC 76 14.09 -20.87 -21.36
C VAL IC 76 13.43 -20.47 -20.04
N ASP IC 77 12.11 -20.31 -20.06
CA ASP IC 77 11.37 -19.89 -18.87
C ASP IC 77 10.68 -21.10 -18.24
N ILE IC 78 10.94 -21.31 -16.95
CA ILE IC 78 10.40 -22.47 -16.25
C ILE IC 78 9.28 -22.08 -15.29
N ASP IC 79 8.11 -22.70 -15.47
CA ASP IC 79 7.02 -22.55 -14.51
C ASP IC 79 7.16 -23.64 -13.45
N ASP IC 80 7.32 -23.22 -12.20
CA ASP IC 80 7.66 -24.15 -11.13
C ASP IC 80 6.66 -24.08 -9.97
N LYS IC 81 5.55 -23.38 -10.19
CA LYS IC 81 4.57 -23.14 -9.14
C LYS IC 81 3.91 -24.43 -8.65
N HIS IC 82 3.14 -25.07 -9.52
CA HIS IC 82 2.38 -26.25 -9.14
C HIS IC 82 2.84 -27.48 -9.92
N THR IC 83 2.87 -27.35 -11.24
CA THR IC 83 3.34 -28.43 -12.10
C THR IC 83 4.55 -27.99 -12.90
N TYR IC 84 5.47 -28.91 -13.12
CA TYR IC 84 6.72 -28.59 -13.83
C TYR IC 84 6.46 -28.29 -15.30
N ASN IC 85 6.66 -27.03 -15.68
CA ASN IC 85 6.43 -26.59 -17.05
C ASN IC 85 7.58 -25.70 -17.53
N ALA IC 86 7.88 -25.78 -18.83
CA ALA IC 86 8.96 -25.00 -19.41
C ALA IC 86 8.52 -24.29 -20.68
N MET IC 87 8.81 -22.99 -20.76
CA MET IC 87 8.51 -22.20 -21.95
C MET IC 87 9.78 -21.77 -22.66
N VAL IC 88 9.98 -22.28 -23.87
CA VAL IC 88 11.19 -22.00 -24.64
C VAL IC 88 11.00 -20.80 -25.57
N TYR IC 89 11.99 -19.92 -25.61
CA TYR IC 89 11.95 -18.75 -26.47
C TYR IC 89 12.91 -18.91 -27.64
N VAL IC 90 12.39 -18.86 -28.85
CA VAL IC 90 13.16 -19.13 -30.06
C VAL IC 90 13.02 -17.99 -31.07
N ASP IC 91 14.13 -17.63 -31.72
CA ASP IC 91 14.09 -16.61 -32.77
C ASP IC 91 14.35 -17.23 -34.14
N LEU IC 92 13.45 -16.96 -35.08
CA LEU IC 92 13.60 -17.46 -36.45
C LEU IC 92 14.07 -16.34 -37.38
N ILE IC 93 15.26 -16.50 -37.94
CA ILE IC 93 15.84 -15.49 -38.82
C ILE IC 93 15.88 -15.99 -40.27
N VAL IC 94 15.39 -15.16 -41.19
CA VAL IC 94 15.36 -15.51 -42.60
C VAL IC 94 15.67 -14.32 -43.49
N GLU IC 100 7.71 -14.11 -49.63
CA GLU IC 100 6.83 -14.15 -48.46
C GLU IC 100 6.23 -15.54 -48.28
N VAL IC 101 5.97 -16.23 -49.39
CA VAL IC 101 5.42 -17.58 -49.35
C VAL IC 101 6.42 -18.57 -48.77
N GLU IC 102 7.68 -18.43 -49.17
CA GLU IC 102 8.76 -19.28 -48.65
C GLU IC 102 8.99 -19.01 -47.17
N ARG IC 103 8.76 -17.78 -46.75
CA ARG IC 103 8.90 -17.39 -45.35
C ARG IC 103 7.85 -18.10 -44.49
N GLU IC 104 6.64 -18.18 -45.01
CA GLU IC 104 5.56 -18.88 -44.33
C GLU IC 104 5.85 -20.39 -44.27
N THR IC 105 6.43 -20.91 -45.33
CA THR IC 105 6.80 -22.32 -45.39
C THR IC 105 7.89 -22.64 -44.38
N ALA IC 106 8.87 -21.74 -44.26
CA ALA IC 106 9.95 -21.91 -43.30
C ALA IC 106 9.44 -21.87 -41.86
N GLU IC 107 8.49 -20.96 -41.61
CA GLU IC 107 7.88 -20.84 -40.29
C GLU IC 107 7.10 -22.10 -39.92
N GLU IC 108 6.42 -22.68 -40.90
CA GLU IC 108 5.64 -23.89 -40.69
C GLU IC 108 6.55 -25.07 -40.37
N GLU IC 109 7.59 -25.24 -41.17
CA GLU IC 109 8.55 -26.32 -40.97
C GLU IC 109 9.26 -26.19 -39.63
N ALA IC 110 9.62 -24.96 -39.28
CA ALA IC 110 10.30 -24.69 -38.01
C ALA IC 110 9.37 -24.99 -36.84
N LYS IC 111 8.09 -24.66 -37.00
CA LYS IC 111 7.10 -24.90 -35.97
C LYS IC 111 6.92 -26.40 -35.71
N LEU IC 112 6.78 -27.16 -36.79
CA LEU IC 112 6.62 -28.62 -36.69
C LEU IC 112 7.85 -29.28 -36.09
N ALA IC 113 9.02 -28.79 -36.48
CA ALA IC 113 10.28 -29.34 -35.99
C ALA IC 113 10.47 -29.09 -34.50
N LEU IC 114 10.09 -27.89 -34.05
CA LEU IC 114 10.25 -27.51 -32.65
C LEU IC 114 9.32 -28.32 -31.73
N ARG IC 115 8.14 -28.66 -32.24
CA ARG IC 115 7.18 -29.44 -31.48
C ARG IC 115 7.74 -30.83 -31.17
N VAL IC 116 8.42 -31.43 -32.14
CA VAL IC 116 9.01 -32.74 -31.97
C VAL IC 116 10.28 -32.69 -31.12
N ALA IC 117 11.11 -31.69 -31.36
CA ALA IC 117 12.39 -31.56 -30.68
C ALA IC 117 12.23 -31.22 -29.20
N LEU IC 118 11.32 -30.30 -28.88
CA LEU IC 118 11.15 -29.83 -27.52
C LEU IC 118 10.07 -30.59 -26.75
N GLN IC 119 9.46 -31.58 -27.42
CA GLN IC 119 8.40 -32.38 -26.82
C GLN IC 119 7.27 -31.52 -26.27
N VAL IC 120 6.69 -30.69 -27.14
CA VAL IC 120 5.62 -29.78 -26.75
C VAL IC 120 4.35 -30.53 -26.37
N ASP IC 121 3.75 -30.12 -25.24
CA ASP IC 121 2.49 -30.68 -24.75
C ASP IC 121 2.62 -32.16 -24.38
N ILE IC 122 3.85 -32.62 -24.22
CA ILE IC 122 4.12 -33.99 -23.80
C ILE IC 122 5.10 -34.01 -22.65
N ALA IC 123 5.11 -35.10 -21.89
CA ALA IC 123 6.02 -35.22 -20.75
C ALA IC 123 7.47 -35.37 -21.22
N ASP IC 124 8.32 -34.45 -20.81
CA ASP IC 124 9.73 -34.46 -21.18
C ASP IC 124 10.49 -35.51 -20.38
N GLU IC 125 11.80 -35.58 -20.60
CA GLU IC 125 12.66 -36.51 -19.87
C GLU IC 125 12.73 -36.15 -18.40
N HIS IC 126 12.47 -34.89 -18.09
CA HIS IC 126 12.46 -34.43 -16.70
C HIS IC 126 11.03 -34.35 -16.17
N SER IC 127 10.15 -35.13 -16.77
CA SER IC 127 8.72 -35.13 -16.43
C SER IC 127 8.14 -33.73 -16.54
N CYS IC 128 8.38 -33.08 -17.66
CA CYS IC 128 7.96 -31.70 -17.87
C CYS IC 128 7.08 -31.53 -19.10
N VAL IC 129 6.07 -30.69 -18.98
CA VAL IC 129 5.21 -30.34 -20.12
C VAL IC 129 5.75 -29.04 -20.72
N THR IC 130 6.30 -29.15 -21.92
CA THR IC 130 6.98 -28.02 -22.54
C THR IC 130 6.12 -27.30 -23.57
N GLN IC 131 6.42 -26.02 -23.77
CA GLN IC 131 5.76 -25.20 -24.78
C GLN IC 131 6.77 -24.18 -25.28
N PHE IC 132 6.53 -23.60 -26.45
CA PHE IC 132 7.47 -22.66 -27.03
C PHE IC 132 6.80 -21.48 -27.70
N GLU IC 133 7.51 -20.36 -27.74
CA GLU IC 133 7.06 -19.16 -28.44
C GLU IC 133 8.20 -18.66 -29.33
N MET IC 134 7.88 -18.34 -30.58
CA MET IC 134 8.92 -17.94 -31.52
C MET IC 134 8.61 -16.61 -32.20
N LYS IC 135 9.66 -15.83 -32.46
CA LYS IC 135 9.53 -14.55 -33.13
C LYS IC 135 10.28 -14.56 -34.47
N LEU IC 136 9.76 -13.81 -35.43
CA LEU IC 136 10.35 -13.76 -36.76
C LEU IC 136 11.15 -12.49 -36.96
N ARG IC 137 12.40 -12.64 -37.39
CA ARG IC 137 13.27 -11.50 -37.67
C ARG IC 137 13.87 -11.62 -39.07
N GLU IC 138 14.10 -10.49 -39.72
CA GLU IC 138 14.63 -10.49 -41.07
C GLU IC 138 15.87 -9.62 -41.20
N GLU IC 139 16.97 -10.25 -41.59
CA GLU IC 139 18.24 -9.54 -41.78
C GLU IC 139 19.08 -10.24 -42.85
N LEU IC 140 19.99 -9.50 -43.45
CA LEU IC 140 20.86 -10.08 -44.48
C LEU IC 140 21.85 -11.07 -43.86
N LEU IC 141 21.80 -12.31 -44.33
CA LEU IC 141 22.69 -13.35 -43.83
C LEU IC 141 24.14 -13.08 -44.24
N SER IC 142 24.31 -12.41 -45.36
CA SER IC 142 25.64 -12.11 -45.87
C SER IC 142 26.20 -10.82 -45.28
N SER IC 143 25.40 -10.16 -44.46
CA SER IC 143 25.82 -8.91 -43.82
C SER IC 143 26.90 -9.17 -42.79
N ASP IC 144 27.86 -8.25 -42.70
CA ASP IC 144 28.95 -8.37 -41.75
C ASP IC 144 28.48 -8.23 -40.32
N SER IC 145 27.57 -7.27 -40.10
CA SER IC 145 27.03 -7.03 -38.76
C SER IC 145 25.83 -7.93 -38.48
N PHE IC 146 26.03 -9.23 -38.54
CA PHE IC 146 24.98 -10.19 -38.28
C PHE IC 146 25.51 -11.49 -37.67
N HIS IC 147 24.78 -12.01 -36.68
CA HIS IC 147 25.10 -13.30 -36.09
C HIS IC 147 23.85 -13.93 -35.47
N PRO IC 148 23.71 -15.25 -35.60
CA PRO IC 148 22.62 -16.03 -35.02
C PRO IC 148 22.34 -15.69 -33.56
N ASP IC 149 23.39 -15.40 -32.80
CA ASP IC 149 23.24 -15.07 -31.38
C ASP IC 149 23.79 -13.68 -31.08
N LYS IC 150 23.26 -12.67 -31.76
CA LYS IC 150 23.71 -11.29 -31.55
C LYS IC 150 23.37 -10.80 -30.15
N ASP IC 151 24.02 -9.72 -29.75
CA ASP IC 151 23.83 -9.15 -28.41
C ASP IC 151 22.40 -8.65 -28.21
N GLU IC 152 21.92 -7.84 -29.15
CA GLU IC 152 20.61 -7.21 -29.05
C GLU IC 152 19.47 -8.22 -29.01
N TYR IC 153 19.75 -9.46 -29.44
CA TYR IC 153 18.72 -10.49 -29.49
C TYR IC 153 18.33 -10.98 -28.10
N TYR IC 154 19.21 -10.79 -27.12
CA TYR IC 154 18.95 -11.27 -25.76
C TYR IC 154 18.53 -10.13 -24.84
N LYS IC 155 18.20 -8.98 -25.43
CA LYS IC 155 17.85 -7.79 -24.65
C LYS IC 155 16.58 -7.99 -23.83
N ASP IC 156 15.69 -8.86 -24.31
CA ASP IC 156 14.42 -9.09 -23.64
C ASP IC 156 14.57 -9.87 -22.35
N PHE IC 157 15.62 -10.69 -22.26
CA PHE IC 157 15.79 -11.60 -21.13
C PHE IC 157 16.94 -11.21 -20.21
N LEU IC 158 17.66 -10.15 -20.58
CA LEU IC 158 18.76 -9.67 -19.76
C LEU IC 158 18.60 -8.20 -19.40
N SER JC 3 38.24 -81.80 -12.85
CA SER JC 3 38.99 -83.04 -13.03
C SER JC 3 38.47 -84.14 -12.10
N VAL JC 4 38.16 -83.76 -10.87
CA VAL JC 4 37.64 -84.71 -9.89
C VAL JC 4 36.27 -84.28 -9.41
N ASN JC 5 35.33 -85.22 -9.35
CA ASN JC 5 33.96 -84.90 -8.93
C ASN JC 5 33.53 -85.72 -7.72
N THR JC 6 33.72 -85.16 -6.54
CA THR JC 6 33.31 -85.83 -5.30
C THR JC 6 31.86 -85.47 -4.97
N SER JC 7 31.23 -86.31 -4.15
CA SER JC 7 29.83 -86.10 -3.76
C SER JC 7 29.48 -86.91 -2.52
N PHE JC 8 28.64 -86.32 -1.67
CA PHE JC 8 28.24 -86.97 -0.43
C PHE JC 8 26.84 -87.58 -0.53
N LEU JC 9 26.77 -88.90 -0.60
CA LEU JC 9 25.50 -89.61 -0.54
C LEU JC 9 25.04 -89.66 0.91
N SER JC 10 26.01 -89.70 1.80
CA SER JC 10 25.77 -89.75 3.24
C SER JC 10 26.98 -89.13 3.94
N PRO JC 11 26.86 -88.82 5.24
CA PRO JC 11 28.02 -88.28 5.95
C PRO JC 11 29.23 -89.22 5.91
N SER JC 12 28.98 -90.52 5.95
CA SER JC 12 30.06 -91.51 5.91
C SER JC 12 30.17 -92.19 4.55
N LEU JC 13 29.48 -91.67 3.54
CA LEU JC 13 29.50 -92.27 2.21
C LEU JC 13 29.83 -91.24 1.13
N VAL JC 14 30.97 -91.44 0.46
CA VAL JC 14 31.42 -90.51 -0.57
C VAL JC 14 31.79 -91.23 -1.86
N THR JC 15 31.28 -90.72 -2.99
CA THR JC 15 31.64 -91.26 -4.30
C THR JC 15 32.60 -90.32 -5.02
N ILE JC 16 33.74 -90.85 -5.43
CA ILE JC 16 34.77 -90.06 -6.10
C ILE JC 16 35.02 -90.52 -7.53
N ARG JC 17 34.78 -89.65 -8.49
CA ARG JC 17 35.02 -89.96 -9.89
C ARG JC 17 36.21 -89.19 -10.45
N ASP JC 18 37.18 -89.91 -11.00
CA ASP JC 18 38.35 -89.29 -11.60
C ASP JC 18 38.29 -89.42 -13.12
N PHE JC 19 37.97 -88.33 -13.81
CA PHE JC 19 37.81 -88.33 -15.26
C PHE JC 19 39.14 -88.52 -15.99
N ASP JC 20 40.19 -87.86 -15.50
CA ASP JC 20 41.49 -87.90 -16.15
C ASP JC 20 42.12 -89.30 -16.06
N ASN JC 21 42.04 -89.91 -14.89
CA ASN JC 21 42.60 -91.25 -14.70
C ASN JC 21 41.61 -92.35 -15.03
N GLY JC 22 40.36 -91.97 -15.26
CA GLY JC 22 39.31 -92.92 -15.58
C GLY JC 22 39.04 -93.89 -14.45
N GLN JC 23 38.89 -93.37 -13.24
CA GLN JC 23 38.67 -94.20 -12.07
C GLN JC 23 37.43 -93.76 -11.28
N PHE JC 24 36.87 -94.69 -10.52
CA PHE JC 24 35.75 -94.40 -9.62
C PHE JC 24 35.97 -95.14 -8.31
N ALA JC 25 35.98 -94.40 -7.20
CA ALA JC 25 36.20 -94.99 -5.89
C ALA JC 25 35.13 -94.55 -4.90
N VAL JC 26 34.68 -95.49 -4.08
CA VAL JC 26 33.71 -95.19 -3.04
C VAL JC 26 34.40 -95.04 -1.69
N LEU JC 27 34.26 -93.86 -1.09
CA LEU JC 27 34.86 -93.60 0.22
C LEU JC 27 33.84 -93.84 1.33
N ARG JC 28 34.10 -94.82 2.17
CA ARG JC 28 33.17 -95.19 3.22
C ARG JC 28 33.87 -95.44 4.56
N ILE JC 29 33.34 -94.83 5.62
CA ILE JC 29 33.81 -95.08 6.97
C ILE JC 29 32.77 -95.93 7.69
N GLY JC 30 32.79 -97.23 7.43
CA GLY JC 30 31.76 -98.15 7.91
C GLY JC 30 31.82 -98.47 9.39
N ARG JC 31 33.02 -98.75 9.90
CA ARG JC 31 33.21 -99.19 11.27
C ARG JC 31 32.61 -98.23 12.30
N THR JC 32 32.76 -96.94 12.07
CA THR JC 32 32.31 -95.93 13.03
C THR JC 32 31.13 -95.11 12.53
N GLY JC 33 31.13 -94.80 11.23
CA GLY JC 33 30.09 -93.97 10.65
C GLY JC 33 30.40 -92.50 10.81
N PHE JC 34 31.67 -92.19 11.07
CA PHE JC 34 32.12 -90.81 11.19
C PHE JC 34 32.08 -90.10 9.84
N PRO JC 35 31.94 -88.76 9.85
CA PRO JC 35 31.93 -88.00 8.59
C PRO JC 35 33.31 -87.91 7.96
N ALA JC 36 33.37 -88.13 6.66
CA ALA JC 36 34.64 -88.09 5.93
C ALA JC 36 35.18 -86.66 5.85
N ASP JC 37 36.36 -86.44 6.43
CA ASP JC 37 36.98 -85.12 6.42
C ASP JC 37 37.83 -84.95 5.17
N LYS JC 38 38.49 -83.80 5.06
CA LYS JC 38 39.34 -83.51 3.91
C LYS JC 38 40.49 -84.50 3.83
N GLY JC 39 41.00 -84.92 4.98
CA GLY JC 39 42.08 -85.88 5.04
C GLY JC 39 41.66 -87.25 4.55
N ASP JC 40 40.43 -87.65 4.87
CA ASP JC 40 39.91 -88.94 4.44
C ASP JC 40 39.78 -89.04 2.92
N ILE JC 41 39.27 -87.98 2.31
CA ILE JC 41 39.13 -87.94 0.85
C ILE JC 41 40.49 -87.94 0.18
N ASP JC 42 41.40 -87.12 0.71
CA ASP JC 42 42.76 -87.03 0.19
C ASP JC 42 43.49 -88.37 0.32
N LEU JC 43 43.17 -89.10 1.39
CA LEU JC 43 43.73 -90.43 1.61
C LEU JC 43 43.23 -91.40 0.53
N CYS JC 44 41.96 -91.28 0.20
CA CYS JC 44 41.35 -92.13 -0.83
C CYS JC 44 41.99 -91.88 -2.18
N LEU JC 45 42.22 -90.60 -2.50
CA LEU JC 45 42.86 -90.21 -3.74
C LEU JC 45 44.28 -90.78 -3.83
N ASP JC 46 44.97 -90.79 -2.69
CA ASP JC 46 46.33 -91.31 -2.61
C ASP JC 46 46.38 -92.82 -2.88
N LYS JC 47 45.28 -93.50 -2.58
CA LYS JC 47 45.19 -94.93 -2.83
C LYS JC 47 44.83 -95.23 -4.29
N MET JC 48 44.04 -94.37 -4.91
CA MET JC 48 43.65 -94.56 -6.31
C MET JC 48 44.87 -94.49 -7.22
N ILE JC 49 45.70 -93.48 -7.00
CA ILE JC 49 46.91 -93.30 -7.81
C ILE JC 49 47.91 -94.41 -7.52
N GLY JC 50 47.82 -94.99 -6.33
CA GLY JC 50 48.66 -96.11 -5.95
C GLY JC 50 48.32 -97.37 -6.73
N VAL JC 51 47.03 -97.67 -6.81
CA VAL JC 51 46.55 -98.82 -7.56
C VAL JC 51 46.70 -98.55 -9.06
N ARG JC 52 46.56 -97.29 -9.44
CA ARG JC 52 46.83 -96.85 -10.81
C ARG JC 52 48.26 -97.19 -11.21
N ALA JC 53 49.17 -97.02 -10.26
CA ALA JC 53 50.57 -97.38 -10.46
C ALA JC 53 50.74 -98.89 -10.54
N ALA JC 54 49.92 -99.63 -9.79
CA ALA JC 54 49.95 -101.08 -9.82
C ALA JC 54 49.46 -101.61 -11.17
N GLN JC 55 48.47 -100.93 -11.74
CA GLN JC 55 47.89 -101.33 -13.01
C GLN JC 55 48.89 -101.20 -14.16
N ILE JC 56 49.52 -100.05 -14.26
CA ILE JC 56 50.49 -99.77 -15.31
C ILE JC 56 51.74 -100.62 -15.12
N PHE JC 57 52.02 -100.98 -13.87
CA PHE JC 57 53.14 -101.86 -13.55
C PHE JC 57 52.92 -103.24 -14.17
N LEU JC 58 51.71 -103.75 -14.04
CA LEU JC 58 51.35 -105.05 -14.60
C LEU JC 58 51.24 -104.98 -16.13
N GLY JC 59 51.19 -103.75 -16.65
CA GLY JC 59 51.09 -103.55 -18.09
C GLY JC 59 50.18 -102.40 -18.44
N ASP JC 60 50.59 -101.58 -19.42
CA ASP JC 60 49.80 -100.45 -19.85
C ASP JC 60 48.59 -100.92 -20.66
N ASP JC 61 47.42 -100.86 -20.04
CA ASP JC 61 46.19 -101.33 -20.68
C ASP JC 61 45.38 -100.17 -21.25
N THR JC 62 45.99 -98.99 -21.30
CA THR JC 62 45.37 -97.84 -21.93
C THR JC 62 45.45 -97.96 -23.45
N GLU JC 63 46.41 -98.76 -23.91
CA GLU JC 63 46.60 -99.01 -25.33
C GLU JC 63 45.53 -99.96 -25.87
N ASP JC 64 45.49 -100.13 -27.18
CA ASP JC 64 44.53 -101.01 -27.82
C ASP JC 64 44.88 -102.48 -27.62
N GLY JC 65 43.86 -103.31 -27.45
CA GLY JC 65 44.05 -104.73 -27.26
C GLY JC 65 44.58 -105.07 -25.88
N PHE JC 66 43.98 -104.46 -24.85
CA PHE JC 66 44.38 -104.70 -23.47
C PHE JC 66 44.14 -106.14 -23.07
N LYS JC 67 45.19 -106.96 -23.15
CA LYS JC 67 45.10 -108.37 -22.80
C LYS JC 67 44.89 -108.58 -21.29
N GLY JC 68 45.21 -107.54 -20.51
CA GLY JC 68 45.02 -107.59 -19.08
C GLY JC 68 46.29 -107.97 -18.34
N PRO JC 69 46.17 -108.29 -17.04
CA PRO JC 69 44.90 -108.30 -16.30
C PRO JC 69 44.53 -106.92 -15.78
N HIS JC 70 43.24 -106.71 -15.51
CA HIS JC 70 42.77 -105.43 -15.00
C HIS JC 70 42.70 -105.42 -13.48
N ILE JC 71 43.23 -104.35 -12.88
CA ILE JC 71 43.20 -104.19 -11.45
C ILE JC 71 42.75 -102.76 -11.12
N ARG JC 72 41.54 -102.65 -10.56
CA ARG JC 72 40.91 -101.36 -10.32
C ARG JC 72 40.37 -101.25 -8.90
N ILE JC 73 40.39 -100.03 -8.36
CA ILE JC 73 39.82 -99.79 -7.04
C ILE JC 73 38.29 -99.77 -7.10
N ARG JC 74 37.67 -100.45 -6.14
CA ARG JC 74 36.21 -100.46 -6.03
C ARG JC 74 35.74 -99.55 -4.91
N CYS JC 75 36.44 -99.62 -3.78
CA CYS JC 75 36.06 -98.87 -2.58
C CYS JC 75 37.22 -98.77 -1.59
N VAL JC 76 37.12 -97.80 -0.70
CA VAL JC 76 38.12 -97.63 0.37
C VAL JC 76 37.43 -97.48 1.71
N ASP JC 77 37.64 -98.45 2.60
CA ASP JC 77 37.00 -98.45 3.91
C ASP JC 77 37.98 -98.00 4.99
N ILE JC 78 37.58 -96.97 5.74
CA ILE JC 78 38.44 -96.40 6.77
C ILE JC 78 37.97 -96.78 8.18
N ASP JC 79 38.88 -97.38 8.95
CA ASP JC 79 38.62 -97.65 10.36
C ASP JC 79 39.05 -96.45 11.19
N ASP JC 80 38.12 -95.88 11.93
CA ASP JC 80 38.34 -94.62 12.62
C ASP JC 80 38.08 -94.71 14.12
N LYS JC 81 37.91 -95.93 14.61
CA LYS JC 81 37.55 -96.16 16.01
C LYS JC 81 38.64 -95.70 16.97
N HIS JC 82 39.78 -96.38 16.93
CA HIS JC 82 40.87 -96.09 17.86
C HIS JC 82 42.13 -95.61 17.12
N THR JC 83 42.55 -96.39 16.13
CA THR JC 83 43.70 -96.03 15.32
C THR JC 83 43.31 -95.87 13.86
N TYR JC 84 43.94 -94.94 13.17
CA TYR JC 84 43.62 -94.66 11.79
C TYR JC 84 44.04 -95.80 10.88
N ASN JC 85 43.05 -96.50 10.32
CA ASN JC 85 43.29 -97.65 9.45
C ASN JC 85 42.43 -97.60 8.20
N ALA JC 86 42.96 -98.12 7.10
CA ALA JC 86 42.24 -98.11 5.82
C ALA JC 86 42.27 -99.47 5.15
N MET JC 87 41.10 -99.94 4.72
CA MET JC 87 40.98 -101.20 4.00
C MET JC 87 40.58 -100.96 2.55
N VAL JC 88 41.48 -101.28 1.62
CA VAL JC 88 41.23 -101.04 0.20
C VAL JC 88 40.62 -102.27 -0.46
N TYR JC 89 39.60 -102.05 -1.29
CA TYR JC 89 38.94 -103.13 -2.00
C TYR JC 89 39.29 -103.08 -3.49
N VAL JC 90 39.88 -104.17 -3.99
CA VAL JC 90 40.40 -104.23 -5.35
C VAL JC 90 39.81 -105.41 -6.12
N ASP JC 91 39.47 -105.18 -7.39
CA ASP JC 91 38.97 -106.24 -8.25
C ASP JC 91 40.00 -106.64 -9.31
N LEU JC 92 40.28 -107.94 -9.38
CA LEU JC 92 41.21 -108.49 -10.37
C LEU JC 92 40.45 -109.17 -11.51
N ILE JC 93 40.59 -108.63 -12.71
CA ILE JC 93 39.91 -109.17 -13.88
C ILE JC 93 40.91 -109.85 -14.82
N VAL JC 94 40.61 -111.08 -15.23
CA VAL JC 94 41.49 -111.83 -16.11
C VAL JC 94 40.69 -112.66 -17.12
N GLU JC 100 44.99 -121.25 -15.59
CA GLU JC 100 44.88 -121.20 -14.13
C GLU JC 100 46.22 -120.88 -13.49
N VAL JC 101 47.30 -121.38 -14.10
CA VAL JC 101 48.65 -121.13 -13.61
C VAL JC 101 49.00 -119.65 -13.77
N GLU JC 102 48.65 -119.08 -14.92
CA GLU JC 102 48.86 -117.67 -15.19
C GLU JC 102 47.99 -116.82 -14.27
N ARG JC 103 46.82 -117.35 -13.92
CA ARG JC 103 45.90 -116.67 -13.01
C ARG JC 103 46.50 -116.56 -11.62
N GLU JC 104 47.15 -117.62 -11.16
CA GLU JC 104 47.81 -117.61 -9.87
C GLU JC 104 49.00 -116.66 -9.89
N THR JC 105 49.70 -116.62 -11.02
CA THR JC 105 50.83 -115.72 -11.20
C THR JC 105 50.36 -114.27 -11.23
N ALA JC 106 49.25 -114.02 -11.92
CA ALA JC 106 48.67 -112.68 -12.01
C ALA JC 106 48.21 -112.21 -10.64
N GLU JC 107 47.60 -113.12 -9.87
CA GLU JC 107 47.13 -112.80 -8.52
C GLU JC 107 48.31 -112.48 -7.61
N GLU JC 108 49.41 -113.21 -7.78
CA GLU JC 108 50.61 -113.01 -6.99
C GLU JC 108 51.27 -111.68 -7.30
N GLU JC 109 51.43 -111.38 -8.59
CA GLU JC 109 52.05 -110.13 -9.02
C GLU JC 109 51.23 -108.92 -8.58
N ALA JC 110 49.91 -109.02 -8.72
CA ALA JC 110 49.02 -107.94 -8.31
C ALA JC 110 49.07 -107.72 -6.80
N LYS JC 111 49.14 -108.83 -6.06
CA LYS JC 111 49.20 -108.76 -4.60
C LYS JC 111 50.48 -108.07 -4.14
N LEU JC 112 51.60 -108.47 -4.70
CA LEU JC 112 52.90 -107.90 -4.35
C LEU JC 112 52.98 -106.42 -4.72
N ALA JC 113 52.43 -106.08 -5.88
CA ALA JC 113 52.43 -104.69 -6.34
C ALA JC 113 51.59 -103.81 -5.45
N LEU JC 114 50.44 -104.32 -5.00
CA LEU JC 114 49.53 -103.58 -4.15
C LEU JC 114 50.13 -103.33 -2.77
N ARG JC 115 50.91 -104.30 -2.28
CA ARG JC 115 51.55 -104.18 -0.98
C ARG JC 115 52.52 -103.01 -0.95
N VAL JC 116 53.27 -102.84 -2.04
CA VAL JC 116 54.23 -101.75 -2.16
C VAL JC 116 53.54 -100.42 -2.43
N ALA JC 117 52.54 -100.46 -3.32
CA ALA JC 117 51.85 -99.25 -3.75
C ALA JC 117 50.98 -98.66 -2.65
N LEU JC 118 50.27 -99.51 -1.91
CA LEU JC 118 49.34 -99.03 -0.90
C LEU JC 118 49.95 -98.98 0.49
N GLN JC 119 51.23 -99.33 0.58
CA GLN JC 119 51.97 -99.34 1.85
C GLN JC 119 51.25 -100.17 2.91
N VAL JC 120 51.01 -101.44 2.60
CA VAL JC 120 50.30 -102.34 3.50
C VAL JC 120 51.06 -102.62 4.79
N ASP JC 121 50.36 -102.56 5.91
CA ASP JC 121 50.91 -102.85 7.23
C ASP JC 121 51.98 -101.85 7.64
N ILE JC 122 52.03 -100.71 6.95
CA ILE JC 122 52.96 -99.64 7.28
C ILE JC 122 52.24 -98.30 7.39
N ALA JC 123 52.86 -97.36 8.10
CA ALA JC 123 52.27 -96.03 8.27
C ALA JC 123 52.30 -95.24 6.96
N ASP JC 124 51.13 -94.83 6.50
CA ASP JC 124 51.02 -94.07 5.26
C ASP JC 124 51.44 -92.62 5.46
N GLU JC 125 51.33 -91.82 4.40
CA GLU JC 125 51.69 -90.40 4.46
C GLU JC 125 50.74 -89.63 5.37
N HIS JC 126 49.54 -90.17 5.56
CA HIS JC 126 48.55 -89.56 6.44
C HIS JC 126 48.54 -90.25 7.80
N SER JC 127 49.67 -90.87 8.14
CA SER JC 127 49.81 -91.63 9.38
C SER JC 127 48.73 -92.71 9.49
N CYS JC 128 48.59 -93.48 8.42
CA CYS JC 128 47.55 -94.51 8.35
C CYS JC 128 48.13 -95.90 8.08
N VAL JC 129 47.58 -96.90 8.73
CA VAL JC 129 47.95 -98.29 8.47
C VAL JC 129 46.99 -98.90 7.47
N THR JC 130 47.48 -99.17 6.26
CA THR JC 130 46.63 -99.62 5.17
C THR JC 130 46.66 -101.13 4.97
N GLN JC 131 45.57 -101.67 4.43
CA GLN JC 131 45.47 -103.08 4.07
C GLN JC 131 44.55 -103.21 2.87
N PHE JC 132 44.62 -104.33 2.16
CA PHE JC 132 43.80 -104.50 0.97
C PHE JC 132 43.22 -105.91 0.86
N GLU JC 133 42.07 -105.99 0.20
CA GLU JC 133 41.43 -107.26 -0.11
C GLU JC 133 41.07 -107.29 -1.58
N MET JC 134 41.36 -108.41 -2.26
CA MET JC 134 41.13 -108.48 -3.69
C MET JC 134 40.28 -109.68 -4.10
N LYS JC 135 39.45 -109.47 -5.13
CA LYS JC 135 38.60 -110.53 -5.66
C LYS JC 135 38.94 -110.82 -7.12
N LEU JC 136 38.78 -112.07 -7.53
CA LEU JC 136 39.09 -112.47 -8.89
C LEU JC 136 37.84 -112.62 -9.75
N ARG JC 137 37.83 -111.95 -10.89
CA ARG JC 137 36.71 -112.02 -11.83
C ARG JC 137 37.22 -112.35 -13.23
N GLU JC 138 36.40 -113.08 -14.00
CA GLU JC 138 36.81 -113.50 -15.34
C GLU JC 138 35.79 -113.10 -16.41
N GLU JC 139 36.25 -112.30 -17.37
CA GLU JC 139 35.40 -111.86 -18.48
C GLU JC 139 36.24 -111.61 -19.74
N LEU JC 140 35.59 -111.70 -20.90
CA LEU JC 140 36.26 -111.45 -22.17
C LEU JC 140 36.66 -109.99 -22.31
N LEU JC 141 37.96 -109.75 -22.51
CA LEU JC 141 38.47 -108.39 -22.68
C LEU JC 141 38.00 -107.78 -23.99
N SER JC 142 37.76 -108.64 -24.98
CA SER JC 142 37.35 -108.19 -26.31
C SER JC 142 35.83 -108.04 -26.40
N SER JC 143 35.12 -108.37 -25.32
CA SER JC 143 33.67 -108.27 -25.30
C SER JC 143 33.22 -106.80 -25.31
N ASP JC 144 32.14 -106.53 -26.02
CA ASP JC 144 31.60 -105.17 -26.12
C ASP JC 144 31.00 -104.71 -24.79
N SER JC 145 30.28 -105.61 -24.13
CA SER JC 145 29.64 -105.29 -22.86
C SER JC 145 30.58 -105.54 -21.68
N PHE JC 146 31.72 -104.85 -21.70
CA PHE JC 146 32.71 -104.99 -20.63
C PHE JC 146 33.48 -103.69 -20.41
N HIS JC 147 33.71 -103.37 -19.15
CA HIS JC 147 34.53 -102.22 -18.77
C HIS JC 147 35.12 -102.43 -17.39
N PRO JC 148 36.37 -102.00 -17.19
CA PRO JC 148 37.09 -102.07 -15.91
C PRO JC 148 36.26 -101.59 -14.73
N ASP JC 149 35.43 -100.56 -14.94
CA ASP JC 149 34.61 -100.00 -13.87
C ASP JC 149 33.13 -100.07 -14.22
N LYS JC 150 32.64 -101.28 -14.49
CA LYS JC 150 31.23 -101.47 -14.82
C LYS JC 150 30.33 -101.14 -13.63
N ASP JC 151 29.05 -100.93 -13.93
CA ASP JC 151 28.07 -100.56 -12.90
C ASP JC 151 27.88 -101.66 -11.86
N GLU JC 152 27.63 -102.89 -12.34
CA GLU JC 152 27.35 -104.03 -11.47
C GLU JC 152 28.51 -104.37 -10.54
N TYR JC 153 29.71 -103.89 -10.88
CA TYR JC 153 30.90 -104.19 -10.10
C TYR JC 153 30.90 -103.46 -8.75
N TYR JC 154 30.13 -102.38 -8.66
CA TYR JC 154 30.10 -101.56 -7.46
C TYR JC 154 28.88 -101.86 -6.60
N LYS JC 155 28.20 -102.96 -6.90
CA LYS JC 155 26.97 -103.33 -6.21
C LYS JC 155 27.19 -103.63 -4.73
N ASP JC 156 28.40 -104.07 -4.39
CA ASP JC 156 28.72 -104.46 -3.02
C ASP JC 156 28.83 -103.26 -2.08
N PHE JC 157 29.19 -102.11 -2.64
CA PHE JC 157 29.47 -100.93 -1.81
C PHE JC 157 28.44 -99.83 -1.97
N LEU JC 158 27.48 -100.04 -2.87
CA LEU JC 158 26.41 -99.07 -3.08
C LEU JC 158 25.04 -99.70 -2.91
N SER KC 3 27.76 -72.57 -11.14
CA SER KC 3 26.60 -72.46 -12.02
C SER KC 3 25.96 -73.82 -12.23
N VAL KC 4 26.79 -74.84 -12.40
CA VAL KC 4 26.31 -76.20 -12.61
C VAL KC 4 26.83 -77.13 -11.50
N ASN KC 5 25.96 -77.95 -10.95
CA ASN KC 5 26.33 -78.85 -9.87
C ASN KC 5 26.09 -80.32 -10.22
N THR KC 6 27.13 -80.97 -10.74
CA THR KC 6 27.05 -82.38 -11.06
C THR KC 6 27.44 -83.24 -9.86
N SER KC 7 27.03 -84.50 -9.87
CA SER KC 7 27.32 -85.42 -8.77
C SER KC 7 27.09 -86.87 -9.19
N PHE KC 8 27.94 -87.77 -8.69
CA PHE KC 8 27.86 -89.17 -9.03
C PHE KC 8 27.20 -90.01 -7.94
N LEU KC 9 25.97 -90.44 -8.19
CA LEU KC 9 25.30 -91.38 -7.30
C LEU KC 9 25.84 -92.78 -7.55
N SER KC 10 26.22 -93.02 -8.79
CA SER KC 10 26.76 -94.30 -9.23
C SER KC 10 27.68 -94.05 -10.43
N PRO KC 11 28.49 -95.05 -10.82
CA PRO KC 11 29.34 -94.87 -12.00
C PRO KC 11 28.53 -94.54 -13.26
N SER KC 12 27.35 -95.13 -13.40
CA SER KC 12 26.51 -94.88 -14.56
C SER KC 12 25.34 -93.95 -14.25
N LEU KC 13 25.37 -93.32 -13.08
CA LEU KC 13 24.29 -92.42 -12.67
C LEU KC 13 24.80 -91.06 -12.24
N VAL KC 14 24.40 -90.02 -12.98
CA VAL KC 14 24.84 -88.66 -12.70
C VAL KC 14 23.65 -87.70 -12.64
N THR KC 15 23.61 -86.86 -11.60
CA THR KC 15 22.56 -85.85 -11.48
C THR KC 15 23.11 -84.46 -11.80
N ILE KC 16 22.47 -83.78 -12.75
CA ILE KC 16 22.92 -82.46 -13.18
C ILE KC 16 21.87 -81.39 -12.91
N ARG KC 17 22.23 -80.41 -12.08
CA ARG KC 17 21.34 -79.29 -11.77
C ARG KC 17 21.84 -78.00 -12.39
N ASP KC 18 20.98 -77.35 -13.16
CA ASP KC 18 21.33 -76.07 -13.80
C ASP KC 18 20.56 -74.93 -13.13
N PHE KC 19 21.25 -74.15 -12.31
CA PHE KC 19 20.62 -73.06 -11.57
C PHE KC 19 20.22 -71.92 -12.50
N ASP KC 20 21.10 -71.60 -13.46
CA ASP KC 20 20.86 -70.49 -14.37
C ASP KC 20 19.68 -70.75 -15.29
N ASN KC 21 19.61 -71.96 -15.84
CA ASN KC 21 18.53 -72.34 -16.74
C ASN KC 21 17.33 -72.92 -15.99
N GLY KC 22 17.50 -73.18 -14.70
CA GLY KC 22 16.45 -73.75 -13.88
C GLY KC 22 16.03 -75.13 -14.33
N GLN KC 23 17.00 -76.01 -14.56
CA GLN KC 23 16.73 -77.35 -15.06
C GLN KC 23 17.39 -78.44 -14.20
N PHE KC 24 16.84 -79.64 -14.27
CA PHE KC 24 17.41 -80.80 -13.61
C PHE KC 24 17.31 -81.99 -14.57
N ALA KC 25 18.46 -82.61 -14.84
CA ALA KC 25 18.50 -83.75 -15.75
C ALA KC 25 19.26 -84.93 -15.12
N VAL KC 26 18.73 -86.13 -15.31
CA VAL KC 26 19.39 -87.34 -14.83
C VAL KC 26 20.16 -88.02 -15.95
N LEU KC 27 21.47 -88.15 -15.77
CA LEU KC 27 22.32 -88.81 -16.75
C LEU KC 27 22.53 -90.28 -16.39
N ARG KC 28 22.03 -91.17 -17.23
CA ARG KC 28 22.12 -92.60 -16.95
C ARG KC 28 22.52 -93.43 -18.16
N ILE KC 29 23.52 -94.29 -18.00
CA ILE KC 29 23.92 -95.23 -19.03
C ILE KC 29 23.46 -96.64 -18.61
N GLY KC 30 22.19 -96.92 -18.82
CA GLY KC 30 21.58 -98.16 -18.34
C GLY KC 30 21.95 -99.41 -19.11
N ARG KC 31 21.94 -99.31 -20.44
CA ARG KC 31 22.15 -100.46 -21.32
C ARG KC 31 23.47 -101.18 -21.05
N THR KC 32 24.53 -100.42 -20.81
CA THR KC 32 25.86 -101.01 -20.63
C THR KC 32 26.37 -100.88 -19.20
N GLY KC 33 26.08 -99.76 -18.55
CA GLY KC 33 26.55 -99.51 -17.21
C GLY KC 33 27.95 -98.93 -17.19
N PHE KC 34 28.37 -98.36 -18.31
CA PHE KC 34 29.68 -97.72 -18.40
C PHE KC 34 29.73 -96.45 -17.57
N PRO KC 35 30.93 -96.08 -17.10
CA PRO KC 35 31.09 -94.84 -16.33
C PRO KC 35 30.99 -93.59 -17.19
N ALA KC 36 30.23 -92.61 -16.72
CA ALA KC 36 30.04 -91.36 -17.46
C ALA KC 36 31.32 -90.53 -17.49
N ASP KC 37 31.85 -90.31 -18.68
CA ASP KC 37 33.06 -89.52 -18.84
C ASP KC 37 32.72 -88.04 -19.00
N LYS KC 38 33.75 -87.21 -19.18
CA LYS KC 38 33.56 -85.78 -19.35
C LYS KC 38 32.75 -85.47 -20.62
N GLY KC 39 32.97 -86.27 -21.65
CA GLY KC 39 32.27 -86.12 -22.91
C GLY KC 39 30.78 -86.43 -22.80
N ASP KC 40 30.45 -87.44 -22.01
CA ASP KC 40 29.06 -87.83 -21.79
C ASP KC 40 28.26 -86.74 -21.08
N ILE KC 41 28.87 -86.13 -20.07
CA ILE KC 41 28.23 -85.05 -19.34
C ILE KC 41 28.06 -83.82 -20.22
N ASP KC 42 29.09 -83.49 -20.99
CA ASP KC 42 29.05 -82.37 -21.91
C ASP KC 42 27.98 -82.58 -22.98
N LEU KC 43 27.78 -83.83 -23.38
CA LEU KC 43 26.74 -84.16 -24.35
C LEU KC 43 25.35 -83.93 -23.76
N CYS KC 44 25.19 -84.28 -22.49
CA CYS KC 44 23.92 -84.10 -21.79
C CYS KC 44 23.54 -82.63 -21.70
N LEU KC 45 24.51 -81.79 -21.37
CA LEU KC 45 24.30 -80.35 -21.26
C LEU KC 45 23.85 -79.75 -22.59
N ASP KC 46 24.42 -80.25 -23.69
CA ASP KC 46 24.06 -79.78 -25.02
C ASP KC 46 22.61 -80.14 -25.33
N LYS KC 47 22.13 -81.21 -24.71
CA LYS KC 47 20.74 -81.65 -24.90
C LYS KC 47 19.80 -80.83 -24.02
N MET KC 48 20.28 -80.44 -22.84
CA MET KC 48 19.50 -79.64 -21.90
C MET KC 48 19.17 -78.28 -22.48
N ILE KC 49 20.18 -77.61 -23.05
CA ILE KC 49 19.99 -76.30 -23.64
C ILE KC 49 19.14 -76.39 -24.91
N GLY KC 50 19.15 -77.57 -25.54
CA GLY KC 50 18.35 -77.80 -26.73
C GLY KC 50 16.86 -77.83 -26.42
N VAL KC 51 16.50 -78.56 -25.38
CA VAL KC 51 15.11 -78.63 -24.94
C VAL KC 51 14.71 -77.30 -24.31
N ARG KC 52 15.67 -76.65 -23.67
CA ARG KC 52 15.48 -75.30 -23.15
C ARG KC 52 15.08 -74.36 -24.28
N ALA KC 53 15.68 -74.56 -25.44
CA ALA KC 53 15.34 -73.80 -26.63
C ALA KC 53 13.94 -74.17 -27.14
N ALA KC 54 13.57 -75.44 -26.96
CA ALA KC 54 12.24 -75.90 -27.36
C ALA KC 54 11.15 -75.27 -26.51
N GLN KC 55 11.43 -75.08 -25.23
CA GLN KC 55 10.47 -74.49 -24.31
C GLN KC 55 10.16 -73.04 -24.66
N ILE KC 56 11.21 -72.25 -24.84
CA ILE KC 56 11.08 -70.83 -25.15
C ILE KC 56 10.51 -70.66 -26.56
N PHE KC 57 10.76 -71.66 -27.42
CA PHE KC 57 10.19 -71.69 -28.76
C PHE KC 57 8.66 -71.81 -28.70
N LEU KC 58 8.19 -72.71 -27.85
CA LEU KC 58 6.75 -72.94 -27.68
C LEU KC 58 6.08 -71.76 -26.98
N GLY KC 59 6.89 -70.88 -26.39
CA GLY KC 59 6.37 -69.72 -25.68
C GLY KC 59 7.18 -69.42 -24.44
N ASP KC 60 7.42 -68.14 -24.20
CA ASP KC 60 8.17 -67.72 -23.02
C ASP KC 60 7.36 -67.90 -21.75
N ASP KC 61 7.69 -68.93 -20.98
CA ASP KC 61 6.96 -69.23 -19.76
C ASP KC 61 7.73 -68.71 -18.55
N THR KC 62 8.78 -67.94 -18.81
CA THR KC 62 9.52 -67.27 -17.74
C THR KC 62 8.75 -66.05 -17.27
N GLU KC 63 7.87 -65.55 -18.14
CA GLU KC 63 7.03 -64.40 -17.83
C GLU KC 63 5.88 -64.80 -16.91
N ASP KC 64 5.15 -63.81 -16.42
CA ASP KC 64 4.02 -64.06 -15.52
C ASP KC 64 2.81 -64.59 -16.30
N GLY KC 65 2.07 -65.51 -15.69
CA GLY KC 65 0.91 -66.09 -16.31
C GLY KC 65 1.23 -67.07 -17.42
N PHE KC 66 2.20 -67.94 -17.16
CA PHE KC 66 2.62 -68.95 -18.14
C PHE KC 66 1.48 -69.90 -18.48
N LYS KC 67 0.78 -69.62 -19.58
CA LYS KC 67 -0.34 -70.45 -20.03
C LYS KC 67 0.14 -71.82 -20.52
N GLY KC 68 1.43 -71.91 -20.83
CA GLY KC 68 2.01 -73.17 -21.27
C GLY KC 68 2.09 -73.28 -22.78
N PRO KC 69 2.37 -74.49 -23.29
CA PRO KC 69 2.61 -75.69 -22.46
C PRO KC 69 4.05 -75.78 -21.98
N HIS KC 70 4.26 -76.53 -20.89
CA HIS KC 70 5.60 -76.72 -20.34
C HIS KC 70 6.25 -77.98 -20.87
N ILE KC 71 7.50 -77.86 -21.31
CA ILE KC 71 8.27 -78.98 -21.82
C ILE KC 71 9.66 -79.01 -21.20
N ARG KC 72 9.92 -80.01 -20.37
CA ARG KC 72 11.15 -80.07 -19.60
C ARG KC 72 11.83 -81.44 -19.71
N ILE KC 73 13.16 -81.44 -19.65
CA ILE KC 73 13.93 -82.69 -19.66
C ILE KC 73 13.83 -83.40 -18.32
N ARG KC 74 13.61 -84.72 -18.38
CA ARG KC 74 13.57 -85.54 -17.19
C ARG KC 74 14.85 -86.37 -17.05
N CYS KC 75 15.31 -86.93 -18.16
CA CYS KC 75 16.47 -87.82 -18.15
C CYS KC 75 17.09 -88.00 -19.53
N VAL KC 76 18.34 -88.42 -19.56
CA VAL KC 76 19.05 -88.70 -20.81
C VAL KC 76 19.72 -90.07 -20.75
N ASP KC 77 19.26 -90.99 -21.59
CA ASP KC 77 19.80 -92.35 -21.61
C ASP KC 77 20.76 -92.56 -22.77
N ILE KC 78 21.97 -92.98 -22.47
CA ILE KC 78 23.01 -93.18 -23.48
C ILE KC 78 23.26 -94.65 -23.78
N ASP KC 79 23.13 -95.02 -25.06
CA ASP KC 79 23.50 -96.36 -25.50
C ASP KC 79 24.97 -96.35 -25.92
N ASP KC 80 25.78 -97.19 -25.26
CA ASP KC 80 27.22 -97.14 -25.44
C ASP KC 80 27.82 -98.49 -25.84
N LYS KC 81 26.94 -99.44 -26.18
CA LYS KC 81 27.37 -100.80 -26.50
C LYS KC 81 28.27 -100.86 -27.73
N HIS KC 82 27.70 -100.54 -28.88
CA HIS KC 82 28.42 -100.64 -30.14
C HIS KC 82 28.57 -99.28 -30.80
N THR KC 83 27.46 -98.58 -30.96
CA THR KC 83 27.48 -97.24 -31.55
C THR KC 83 26.95 -96.22 -30.55
N TYR KC 84 27.52 -95.01 -30.60
CA TYR KC 84 27.16 -93.95 -29.67
C TYR KC 84 25.75 -93.45 -29.93
N ASN KC 85 24.84 -93.74 -29.00
CA ASN KC 85 23.44 -93.34 -29.13
C ASN KC 85 22.89 -92.76 -27.83
N ALA KC 86 21.96 -91.80 -27.95
CA ALA KC 86 21.37 -91.17 -26.77
C ALA KC 86 19.85 -91.09 -26.89
N MET KC 87 19.16 -91.52 -25.83
CA MET KC 87 17.71 -91.44 -25.76
C MET KC 87 17.26 -90.44 -24.69
N VAL KC 88 16.63 -89.36 -25.11
CA VAL KC 88 16.21 -88.30 -24.20
C VAL KC 88 14.77 -88.49 -23.73
N TYR KC 89 14.54 -88.30 -22.43
CA TYR KC 89 13.21 -88.39 -21.86
C TYR KC 89 12.68 -87.00 -21.47
N VAL KC 90 11.55 -86.62 -22.07
CA VAL KC 90 11.00 -85.29 -21.91
C VAL KC 90 9.54 -85.35 -21.45
N ASP KC 91 9.16 -84.46 -20.53
CA ASP KC 91 7.78 -84.38 -20.09
C ASP KC 91 7.10 -83.11 -20.60
N LEU KC 92 5.95 -83.28 -21.27
CA LEU KC 92 5.18 -82.16 -21.78
C LEU KC 92 3.96 -81.91 -20.90
N ILE KC 93 3.91 -80.75 -20.27
CA ILE KC 93 2.80 -80.40 -19.38
C ILE KC 93 1.90 -79.35 -20.00
N VAL KC 94 0.59 -79.61 -20.00
CA VAL KC 94 -0.38 -78.68 -20.57
C VAL KC 94 -1.66 -78.64 -19.75
N GLU KC 100 -8.92 -80.37 -26.22
CA GLU KC 100 -8.26 -81.60 -26.65
C GLU KC 100 -7.55 -81.40 -27.99
N VAL KC 101 -8.16 -80.58 -28.86
CA VAL KC 101 -7.58 -80.28 -30.16
C VAL KC 101 -6.29 -79.48 -30.01
N GLU KC 102 -6.30 -78.52 -29.10
CA GLU KC 102 -5.12 -77.71 -28.80
C GLU KC 102 -4.03 -78.57 -28.17
N ARG KC 103 -4.44 -79.59 -27.43
CA ARG KC 103 -3.50 -80.51 -26.80
C ARG KC 103 -2.74 -81.30 -27.85
N GLU KC 104 -3.44 -81.73 -28.89
CA GLU KC 104 -2.82 -82.45 -30.00
C GLU KC 104 -1.89 -81.53 -30.77
N THR KC 105 -2.30 -80.26 -30.91
CA THR KC 105 -1.49 -79.25 -31.59
C THR KC 105 -0.21 -78.96 -30.81
N ALA KC 106 -0.35 -78.87 -29.49
CA ALA KC 106 0.80 -78.62 -28.62
C ALA KC 106 1.79 -79.78 -28.68
N GLU KC 107 1.26 -81.00 -28.73
CA GLU KC 107 2.10 -82.19 -28.83
C GLU KC 107 2.85 -82.23 -30.15
N GLU KC 108 2.18 -81.78 -31.21
CA GLU KC 108 2.79 -81.75 -32.54
C GLU KC 108 3.93 -80.74 -32.62
N GLU KC 109 3.68 -79.54 -32.12
CA GLU KC 109 4.68 -78.47 -32.11
C GLU KC 109 5.89 -78.84 -31.26
N ALA KC 110 5.63 -79.44 -30.10
CA ALA KC 110 6.69 -79.86 -29.19
C ALA KC 110 7.54 -80.96 -29.80
N LYS KC 111 6.89 -81.90 -30.48
CA LYS KC 111 7.58 -83.02 -31.13
C LYS KC 111 8.52 -82.53 -32.23
N LEU KC 112 8.00 -81.66 -33.09
CA LEU KC 112 8.79 -81.11 -34.20
C LEU KC 112 9.96 -80.29 -33.70
N ALA KC 113 9.74 -79.53 -32.63
CA ALA KC 113 10.77 -78.68 -32.04
C ALA KC 113 11.89 -79.53 -31.44
N LEU KC 114 11.52 -80.64 -30.81
CA LEU KC 114 12.50 -81.51 -30.18
C LEU KC 114 13.38 -82.23 -31.20
N ARG KC 115 12.79 -82.55 -32.35
CA ARG KC 115 13.53 -83.21 -33.42
C ARG KC 115 14.65 -82.34 -33.96
N VAL KC 116 14.37 -81.05 -34.12
CA VAL KC 116 15.34 -80.11 -34.64
C VAL KC 116 16.39 -79.74 -33.59
N ALA KC 117 15.94 -79.53 -32.36
CA ALA KC 117 16.81 -79.09 -31.28
C ALA KC 117 17.80 -80.16 -30.85
N LEU KC 118 17.33 -81.40 -30.75
CA LEU KC 118 18.17 -82.48 -30.25
C LEU KC 118 18.84 -83.27 -31.38
N GLN KC 119 18.60 -82.84 -32.62
CA GLN KC 119 19.17 -83.49 -33.80
C GLN KC 119 18.85 -84.99 -33.83
N VAL KC 120 17.56 -85.31 -33.79
CA VAL KC 120 17.11 -86.70 -33.75
C VAL KC 120 17.44 -87.43 -35.05
N ASP KC 121 17.95 -88.66 -34.91
CA ASP KC 121 18.29 -89.53 -36.03
C ASP KC 121 19.40 -88.95 -36.90
N ILE KC 122 20.13 -87.99 -36.36
CA ILE KC 122 21.26 -87.40 -37.05
C ILE KC 122 22.49 -87.37 -36.15
N ALA KC 123 23.67 -87.29 -36.76
CA ALA KC 123 24.91 -87.26 -36.00
C ALA KC 123 25.07 -85.96 -35.22
N ASP KC 124 25.20 -86.08 -33.91
CA ASP KC 124 25.36 -84.91 -33.05
C ASP KC 124 26.78 -84.37 -33.12
N GLU KC 125 27.06 -83.34 -32.33
CA GLU KC 125 28.39 -82.74 -32.29
C GLU KC 125 29.41 -83.71 -31.69
N HIS KC 126 28.90 -84.66 -30.89
CA HIS KC 126 29.76 -85.69 -30.30
C HIS KC 126 29.66 -86.99 -31.08
N SER KC 127 29.32 -86.87 -32.36
CA SER KC 127 29.13 -88.02 -33.25
C SER KC 127 28.12 -89.00 -32.66
N CYS KC 128 26.96 -88.49 -32.27
CA CYS KC 128 25.94 -89.30 -31.63
C CYS KC 128 24.60 -89.26 -32.36
N VAL KC 129 23.94 -90.41 -32.43
CA VAL KC 129 22.59 -90.49 -33.00
C VAL KC 129 21.55 -90.39 -31.90
N THR KC 130 20.81 -89.29 -31.88
CA THR KC 130 19.89 -89.01 -30.79
C THR KC 130 18.44 -89.38 -31.10
N GLN KC 131 17.67 -89.67 -30.05
CA GLN KC 131 16.25 -89.93 -30.16
C GLN KC 131 15.57 -89.46 -28.88
N PHE KC 132 14.25 -89.27 -28.93
CA PHE KC 132 13.53 -88.75 -27.77
C PHE KC 132 12.19 -89.43 -27.54
N GLU KC 133 11.77 -89.47 -26.28
CA GLU KC 133 10.47 -89.98 -25.90
C GLU KC 133 9.77 -88.98 -24.97
N MET KC 134 8.51 -88.68 -25.23
CA MET KC 134 7.80 -87.68 -24.44
C MET KC 134 6.46 -88.19 -23.88
N LYS KC 135 6.13 -87.73 -22.68
CA LYS KC 135 4.87 -88.08 -22.04
C LYS KC 135 4.02 -86.83 -21.80
N LEU KC 136 2.69 -86.99 -21.86
CA LEU KC 136 1.78 -85.87 -21.68
C LEU KC 136 1.16 -85.86 -20.29
N ARG KC 137 1.26 -84.70 -19.62
CA ARG KC 137 0.68 -84.53 -18.28
C ARG KC 137 -0.17 -83.27 -18.24
N GLU KC 138 -1.23 -83.30 -17.44
CA GLU KC 138 -2.15 -82.17 -17.36
C GLU KC 138 -2.36 -81.70 -15.92
N GLU KC 139 -2.03 -80.44 -15.67
CA GLU KC 139 -2.19 -79.83 -14.35
C GLU KC 139 -2.43 -78.33 -14.45
N LEU KC 140 -3.05 -77.77 -13.42
CA LEU KC 140 -3.33 -76.33 -13.37
C LEU KC 140 -2.05 -75.51 -13.25
N LEU KC 141 -1.81 -74.63 -14.21
CA LEU KC 141 -0.63 -73.77 -14.21
C LEU KC 141 -0.67 -72.75 -13.07
N SER KC 142 -1.87 -72.36 -12.67
CA SER KC 142 -2.04 -71.36 -11.62
C SER KC 142 -2.05 -72.00 -10.24
N SER KC 143 -1.97 -73.33 -10.20
CA SER KC 143 -1.95 -74.05 -8.93
C SER KC 143 -0.65 -73.81 -8.16
N ASP KC 144 -0.77 -73.71 -6.85
CA ASP KC 144 0.40 -73.48 -5.99
C ASP KC 144 1.30 -74.71 -5.95
N SER KC 145 0.70 -75.89 -5.87
CA SER KC 145 1.46 -77.13 -5.81
C SER KC 145 1.79 -77.67 -7.19
N PHE KC 146 2.50 -76.87 -7.99
CA PHE KC 146 2.90 -77.28 -9.33
C PHE KC 146 4.23 -76.63 -9.73
N HIS KC 147 5.09 -77.43 -10.36
CA HIS KC 147 6.34 -76.91 -10.90
C HIS KC 147 6.81 -77.78 -12.06
N PRO KC 148 7.38 -77.14 -13.09
CA PRO KC 148 7.95 -77.81 -14.28
C PRO KC 148 8.86 -78.98 -13.91
N ASP KC 149 9.61 -78.85 -12.82
CA ASP KC 149 10.53 -79.89 -12.38
C ASP KC 149 10.20 -80.37 -10.97
N LYS KC 150 8.96 -80.82 -10.77
CA LYS KC 150 8.53 -81.31 -9.46
C LYS KC 150 9.30 -82.57 -9.08
N ASP KC 151 9.27 -82.91 -7.79
CA ASP KC 151 9.98 -84.06 -7.26
C ASP KC 151 9.47 -85.37 -7.85
N GLU KC 152 8.15 -85.58 -7.80
CA GLU KC 152 7.52 -86.81 -8.24
C GLU KC 152 7.72 -87.10 -9.73
N TYR KC 153 8.06 -86.07 -10.49
CA TYR KC 153 8.22 -86.21 -11.94
C TYR KC 153 9.47 -87.00 -12.31
N TYR KC 154 10.44 -87.05 -11.39
CA TYR KC 154 11.70 -87.74 -11.66
C TYR KC 154 11.75 -89.10 -10.99
N LYS KC 155 10.60 -89.58 -10.53
CA LYS KC 155 10.51 -90.85 -9.83
C LYS KC 155 10.88 -92.05 -10.71
N ASP KC 156 10.67 -91.90 -12.01
CA ASP KC 156 10.91 -93.00 -12.95
C ASP KC 156 12.40 -93.28 -13.15
N PHE KC 157 13.22 -92.24 -12.98
CA PHE KC 157 14.64 -92.35 -13.27
C PHE KC 157 15.51 -92.30 -12.01
N LEU KC 158 14.87 -92.12 -10.86
CA LEU KC 158 15.58 -92.10 -9.59
C LEU KC 158 15.02 -93.14 -8.62
N SER LC 3 35.91 -75.81 0.12
CA SER LC 3 35.46 -75.67 1.50
C SER LC 3 34.09 -76.32 1.70
N VAL LC 4 33.21 -76.14 0.72
CA VAL LC 4 31.87 -76.71 0.78
C VAL LC 4 31.63 -77.64 -0.41
N ASN LC 5 31.09 -78.82 -0.14
CA ASN LC 5 30.83 -79.81 -1.19
C ASN LC 5 29.35 -80.19 -1.26
N THR LC 6 28.61 -79.50 -2.10
CA THR LC 6 27.20 -79.80 -2.31
C THR LC 6 27.01 -80.85 -3.38
N SER LC 7 25.85 -81.50 -3.37
CA SER LC 7 25.53 -82.56 -4.33
C SER LC 7 24.03 -82.84 -4.35
N PHE LC 8 23.50 -83.13 -5.53
CA PHE LC 8 22.07 -83.37 -5.68
C PHE LC 8 21.74 -84.85 -5.77
N LEU LC 9 21.16 -85.39 -4.70
CA LEU LC 9 20.66 -86.76 -4.71
C LEU LC 9 19.33 -86.81 -5.44
N SER LC 10 18.58 -85.71 -5.32
CA SER LC 10 17.27 -85.58 -5.93
C SER LC 10 17.01 -84.10 -6.19
N PRO LC 11 15.98 -83.77 -7.00
CA PRO LC 11 15.66 -82.35 -7.19
C PRO LC 11 15.34 -81.62 -5.89
N SER LC 12 14.68 -82.31 -4.96
CA SER LC 12 14.33 -81.71 -3.68
C SER LC 12 15.23 -82.20 -2.55
N LEU LC 13 16.31 -82.89 -2.89
CA LEU LC 13 17.22 -83.43 -1.88
C LEU LC 13 18.67 -83.04 -2.15
N VAL LC 14 19.25 -82.27 -1.23
CA VAL LC 14 20.62 -81.79 -1.38
C VAL LC 14 21.44 -82.05 -0.10
N THR LC 15 22.63 -82.60 -0.27
CA THR LC 15 23.54 -82.82 0.85
C THR LC 15 24.68 -81.80 0.85
N ILE LC 16 24.84 -81.09 1.96
CA ILE LC 16 25.85 -80.05 2.06
C ILE LC 16 26.89 -80.37 3.14
N ARG LC 17 28.14 -80.51 2.74
CA ARG LC 17 29.23 -80.78 3.68
C ARG LC 17 30.15 -79.59 3.84
N ASP LC 18 30.35 -79.16 5.07
CA ASP LC 18 31.24 -78.05 5.38
C ASP LC 18 32.49 -78.57 6.09
N PHE LC 19 33.60 -78.63 5.37
CA PHE LC 19 34.85 -79.16 5.92
C PHE LC 19 35.46 -78.24 6.97
N ASP LC 20 35.41 -76.93 6.71
CA ASP LC 20 36.01 -75.95 7.60
C ASP LC 20 35.28 -75.89 8.94
N ASN LC 21 33.96 -75.88 8.90
CA ASN LC 21 33.15 -75.82 10.12
C ASN LC 21 32.85 -77.21 10.69
N GLY LC 22 33.18 -78.24 9.92
CA GLY LC 22 32.94 -79.61 10.34
C GLY LC 22 31.46 -79.92 10.55
N GLN LC 23 30.64 -79.55 9.56
CA GLN LC 23 29.20 -79.74 9.66
C GLN LC 23 28.62 -80.47 8.46
N PHE LC 24 27.47 -81.10 8.66
CA PHE LC 24 26.74 -81.76 7.58
C PHE LC 24 25.25 -81.47 7.74
N ALA LC 25 24.66 -80.90 6.71
CA ALA LC 25 23.24 -80.57 6.73
C ALA LC 25 22.52 -81.11 5.51
N VAL LC 26 21.32 -81.64 5.71
CA VAL LC 26 20.50 -82.14 4.62
C VAL LC 26 19.44 -81.11 4.21
N LEU LC 27 19.50 -80.67 2.97
CA LEU LC 27 18.53 -79.70 2.46
C LEU LC 27 17.39 -80.41 1.72
N ARG LC 28 16.18 -80.30 2.24
CA ARG LC 28 15.04 -80.98 1.66
C ARG LC 28 13.80 -80.09 1.58
N ILE LC 29 13.18 -80.06 0.40
CA ILE LC 29 11.91 -79.37 0.21
C ILE LC 29 10.79 -80.39 0.08
N GLY LC 30 10.33 -80.91 1.21
CA GLY LC 30 9.38 -82.01 1.23
C GLY LC 30 7.95 -81.62 0.88
N ARG LC 31 7.48 -80.51 1.46
CA ARG LC 31 6.09 -80.09 1.33
C ARG LC 31 5.63 -79.93 -0.12
N THR LC 32 6.51 -79.38 -0.97
CA THR LC 32 6.14 -79.10 -2.35
C THR LC 32 6.90 -79.98 -3.34
N GLY LC 33 8.16 -80.27 -3.04
CA GLY LC 33 8.99 -81.07 -3.92
C GLY LC 33 9.64 -80.22 -5.01
N PHE LC 34 9.69 -78.91 -4.77
CA PHE LC 34 10.32 -78.00 -5.70
C PHE LC 34 11.83 -78.20 -5.72
N PRO LC 35 12.49 -77.87 -6.86
CA PRO LC 35 13.95 -77.98 -6.95
C PRO LC 35 14.65 -76.90 -6.15
N ALA LC 36 15.67 -77.29 -5.39
CA ALA LC 36 16.42 -76.35 -4.55
C ALA LC 36 17.24 -75.40 -5.41
N ASP LC 37 16.93 -74.10 -5.31
CA ASP LC 37 17.65 -73.08 -6.06
C ASP LC 37 18.87 -72.60 -5.28
N LYS LC 38 19.59 -71.64 -5.86
CA LYS LC 38 20.77 -71.08 -5.21
C LYS LC 38 20.41 -70.38 -3.90
N GLY LC 39 19.23 -69.76 -3.88
CA GLY LC 39 18.75 -69.08 -2.69
C GLY LC 39 18.46 -70.04 -1.56
N ASP LC 40 17.91 -71.21 -1.89
CA ASP LC 40 17.59 -72.22 -0.89
C ASP LC 40 18.84 -72.75 -0.21
N ILE LC 41 19.88 -73.00 -0.99
CA ILE LC 41 21.15 -73.48 -0.46
C ILE LC 41 21.82 -72.41 0.40
N ASP LC 42 21.81 -71.18 -0.07
CA ASP LC 42 22.37 -70.05 0.66
C ASP LC 42 21.67 -69.84 1.98
N LEU LC 43 20.36 -70.11 2.00
CA LEU LC 43 19.57 -70.03 3.22
C LEU LC 43 20.00 -71.10 4.21
N CYS LC 44 20.27 -72.30 3.69
CA CYS LC 44 20.69 -73.43 4.51
C CYS LC 44 22.04 -73.14 5.17
N LEU LC 45 22.96 -72.57 4.40
CA LEU LC 45 24.27 -72.18 4.91
C LEU LC 45 24.14 -71.16 6.03
N ASP LC 46 23.20 -70.23 5.85
CA ASP LC 46 22.94 -69.19 6.84
C ASP LC 46 22.38 -69.79 8.14
N LYS LC 47 21.73 -70.94 8.02
CA LYS LC 47 21.17 -71.62 9.18
C LYS LC 47 22.24 -72.43 9.92
N MET LC 48 23.19 -72.97 9.17
CA MET LC 48 24.28 -73.75 9.75
C MET LC 48 25.16 -72.89 10.65
N ILE LC 49 25.52 -71.71 10.16
CA ILE LC 49 26.38 -70.80 10.91
C ILE LC 49 25.64 -70.27 12.14
N GLY LC 50 24.31 -70.24 12.07
CA GLY LC 50 23.51 -69.82 13.19
C GLY LC 50 23.57 -70.80 14.35
N VAL LC 51 23.42 -72.08 14.04
CA VAL LC 51 23.51 -73.12 15.04
C VAL LC 51 24.96 -73.30 15.50
N ARG LC 52 25.88 -73.06 14.58
CA ARG LC 52 27.31 -73.04 14.91
C ARG LC 52 27.56 -71.98 15.97
N ALA LC 53 26.88 -70.85 15.84
CA ALA LC 53 26.96 -69.79 16.83
C ALA LC 53 26.27 -70.21 18.13
N ALA LC 54 25.22 -71.02 18.02
CA ALA LC 54 24.51 -71.52 19.19
C ALA LC 54 25.40 -72.50 19.98
N GLN LC 55 26.19 -73.28 19.25
CA GLN LC 55 27.07 -74.27 19.87
C GLN LC 55 28.17 -73.61 20.70
N ILE LC 56 28.85 -72.63 20.11
CA ILE LC 56 29.94 -71.94 20.78
C ILE LC 56 29.38 -71.10 21.94
N PHE LC 57 28.13 -70.67 21.81
CA PHE LC 57 27.45 -69.97 22.89
C PHE LC 57 27.28 -70.89 24.10
N LEU LC 58 26.84 -72.12 23.85
CA LEU LC 58 26.65 -73.10 24.91
C LEU LC 58 27.98 -73.59 25.47
N GLY LC 59 29.06 -73.31 24.74
CA GLY LC 59 30.39 -73.71 25.16
C GLY LC 59 31.25 -74.18 23.99
N ASP LC 60 32.51 -73.76 23.99
CA ASP LC 60 33.43 -74.16 22.93
C ASP LC 60 33.82 -75.63 23.11
N ASP LC 61 33.26 -76.49 22.26
CA ASP LC 61 33.52 -77.92 22.37
C ASP LC 61 34.56 -78.37 21.36
N THR LC 62 35.21 -77.39 20.72
CA THR LC 62 36.32 -77.70 19.82
C THR LC 62 37.57 -78.06 20.62
N GLU LC 63 37.60 -77.62 21.87
CA GLU LC 63 38.70 -77.93 22.76
C GLU LC 63 38.64 -79.36 23.27
N ASP LC 64 39.69 -79.80 23.94
CA ASP LC 64 39.76 -81.16 24.47
C ASP LC 64 38.88 -81.33 25.71
N GLY LC 65 38.26 -82.50 25.83
CA GLY LC 65 37.40 -82.80 26.96
C GLY LC 65 36.07 -82.07 26.88
N PHE LC 66 35.45 -82.10 25.70
CA PHE LC 66 34.16 -81.46 25.49
C PHE LC 66 33.06 -82.06 26.35
N LYS LC 67 32.80 -81.43 27.49
CA LYS LC 67 31.77 -81.90 28.41
C LYS LC 67 30.38 -81.73 27.83
N GLY LC 68 30.26 -80.87 26.82
CA GLY LC 68 29.00 -80.62 26.16
C GLY LC 68 28.28 -79.39 26.67
N PRO LC 69 27.00 -79.23 26.31
CA PRO LC 69 26.27 -80.17 25.43
C PRO LC 69 26.51 -79.89 23.94
N HIS LC 70 26.31 -80.90 23.12
CA HIS LC 70 26.48 -80.76 21.68
C HIS LC 70 25.16 -80.45 20.98
N ILE LC 71 25.18 -79.45 20.12
CA ILE LC 71 23.99 -79.06 19.37
C ILE LC 71 24.33 -78.89 17.88
N ARG LC 72 23.81 -79.78 17.06
CA ARG LC 72 24.17 -79.81 15.65
C ARG LC 72 22.94 -79.87 14.74
N ILE LC 73 23.04 -79.27 13.56
CA ILE LC 73 21.99 -79.32 12.55
C ILE LC 73 21.96 -80.68 11.86
N ARG LC 74 20.75 -81.24 11.70
CA ARG LC 74 20.59 -82.49 10.99
C ARG LC 74 19.99 -82.27 9.60
N CYS LC 75 19.00 -81.39 9.52
CA CYS LC 75 18.30 -81.15 8.26
C CYS LC 75 17.51 -79.84 8.28
N VAL LC 76 17.21 -79.34 7.09
CA VAL LC 76 16.40 -78.13 6.95
C VAL LC 76 15.27 -78.36 5.95
N ASP LC 77 14.04 -78.30 6.44
CA ASP LC 77 12.87 -78.55 5.61
C ASP LC 77 12.20 -77.23 5.22
N ILE LC 78 12.02 -77.01 3.93
CA ILE LC 78 11.45 -75.76 3.44
C ILE LC 78 10.02 -75.94 2.93
N ASP LC 79 9.10 -75.16 3.50
CA ASP LC 79 7.73 -75.11 2.99
C ASP LC 79 7.64 -74.01 1.93
N ASP LC 80 7.23 -74.39 0.72
CA ASP LC 80 7.31 -73.48 -0.41
C ASP LC 80 5.96 -73.29 -1.11
N LYS LC 81 4.88 -73.76 -0.48
CA LYS LC 81 3.55 -73.73 -1.07
C LYS LC 81 3.05 -72.31 -1.34
N HIS LC 82 2.81 -71.56 -0.28
CA HIS LC 82 2.25 -70.21 -0.41
C HIS LC 82 3.22 -69.15 0.10
N THR LC 83 3.71 -69.34 1.32
CA THR LC 83 4.67 -68.41 1.92
C THR LC 83 5.97 -69.13 2.21
N TYR LC 84 7.08 -68.42 2.06
CA TYR LC 84 8.40 -69.01 2.27
C TYR LC 84 8.63 -69.32 3.75
N ASN LC 85 8.69 -70.60 4.08
CA ASN LC 85 8.89 -71.04 5.45
C ASN LC 85 9.93 -72.14 5.54
N ALA LC 86 10.67 -72.18 6.65
CA ALA LC 86 11.72 -73.16 6.84
C ALA LC 86 11.65 -73.83 8.21
N MET LC 87 11.70 -75.16 8.21
CA MET LC 87 11.72 -75.92 9.46
C MET LC 87 13.09 -76.57 9.65
N VAL LC 88 13.79 -76.13 10.68
CA VAL LC 88 15.15 -76.63 10.95
C VAL LC 88 15.13 -77.80 11.92
N TYR LC 89 15.92 -78.83 11.62
CA TYR LC 89 16.01 -80.00 12.48
C TYR LC 89 17.35 -80.03 13.20
N VAL LC 90 17.31 -80.01 14.53
CA VAL LC 90 18.50 -79.89 15.35
C VAL LC 90 18.56 -81.01 16.39
N ASP LC 91 19.75 -81.57 16.58
CA ASP LC 91 19.95 -82.60 17.61
C ASP LC 91 20.77 -82.06 18.78
N LEU LC 92 20.23 -82.20 19.99
CA LEU LC 92 20.94 -81.78 21.20
C LEU LC 92 21.48 -82.99 21.94
N ILE LC 93 22.80 -83.08 22.04
CA ILE LC 93 23.45 -84.20 22.72
C ILE LC 93 24.05 -83.77 24.05
N VAL LC 94 23.76 -84.52 25.10
CA VAL LC 94 24.25 -84.21 26.43
C VAL LC 94 24.61 -85.47 27.21
N GLU LC 100 19.34 -84.88 35.68
CA GLU LC 100 18.09 -84.64 34.98
C GLU LC 100 17.69 -83.18 35.05
N VAL LC 101 18.01 -82.53 36.16
CA VAL LC 101 17.72 -81.11 36.34
C VAL LC 101 18.55 -80.26 35.39
N GLU LC 102 19.83 -80.62 35.26
CA GLU LC 102 20.72 -79.93 34.34
C GLU LC 102 20.30 -80.15 32.90
N ARG LC 103 19.72 -81.31 32.63
CA ARG LC 103 19.22 -81.64 31.30
C ARG LC 103 18.08 -80.71 30.89
N GLU LC 104 17.18 -80.44 31.83
CA GLU LC 104 16.07 -79.52 31.58
C GLU LC 104 16.59 -78.09 31.38
N THR LC 105 17.61 -77.72 32.13
CA THR LC 105 18.22 -76.41 32.01
C THR LC 105 18.93 -76.26 30.67
N ALA LC 106 19.62 -77.30 30.24
CA ALA LC 106 20.33 -77.31 28.96
C ALA LC 106 19.36 -77.20 27.79
N GLU LC 107 18.23 -77.89 27.89
CA GLU LC 107 17.21 -77.86 26.85
C GLU LC 107 16.61 -76.46 26.73
N GLU LC 108 16.42 -75.78 27.85
CA GLU LC 108 15.86 -74.44 27.87
C GLU LC 108 16.81 -73.43 27.23
N GLU LC 109 18.08 -73.49 27.63
CA GLU LC 109 19.10 -72.58 27.10
C GLU LC 109 19.30 -72.80 25.60
N ALA LC 110 19.32 -74.05 25.18
CA ALA LC 110 19.50 -74.39 23.78
C ALA LC 110 18.32 -73.91 22.95
N LYS LC 111 17.12 -74.05 23.51
CA LYS LC 111 15.90 -73.60 22.84
C LYS LC 111 15.92 -72.08 22.64
N LEU LC 112 16.27 -71.36 23.70
CA LEU LC 112 16.35 -69.91 23.64
C LEU LC 112 17.43 -69.44 22.68
N ALA LC 113 18.55 -70.14 22.67
CA ALA LC 113 19.67 -69.80 21.80
C ALA LC 113 19.30 -70.00 20.33
N LEU LC 114 18.58 -71.08 20.04
CA LEU LC 114 18.17 -71.39 18.68
C LEU LC 114 17.15 -70.39 18.14
N ARG LC 115 16.31 -69.88 19.02
CA ARG LC 115 15.30 -68.90 18.63
C ARG LC 115 15.95 -67.61 18.16
N VAL LC 116 17.01 -67.19 18.85
CA VAL LC 116 17.72 -65.97 18.49
C VAL LC 116 18.62 -66.18 17.27
N ALA LC 117 19.30 -67.32 17.23
CA ALA LC 117 20.26 -67.61 16.16
C ALA LC 117 19.59 -67.85 14.81
N LEU LC 118 18.49 -68.60 14.81
CA LEU LC 118 17.83 -68.97 13.57
C LEU LC 118 16.69 -68.01 13.21
N GLN LC 119 16.48 -67.00 14.04
CA GLN LC 119 15.40 -66.03 13.84
C GLN LC 119 14.07 -66.76 13.69
N VAL LC 120 13.74 -67.58 14.69
CA VAL LC 120 12.54 -68.38 14.67
C VAL LC 120 11.28 -67.53 14.72
N ASP LC 121 10.32 -67.87 13.85
CA ASP LC 121 9.02 -67.21 13.80
C ASP LC 121 9.16 -65.74 13.40
N ILE LC 122 10.31 -65.38 12.84
CA ILE LC 122 10.56 -64.03 12.35
C ILE LC 122 11.09 -64.06 10.92
N ALA LC 123 10.95 -62.94 10.22
CA ALA LC 123 11.40 -62.84 8.83
C ALA LC 123 12.93 -62.87 8.74
N ASP LC 124 13.46 -63.86 8.03
CA ASP LC 124 14.90 -64.00 7.85
C ASP LC 124 15.44 -63.02 6.81
N GLU LC 125 16.73 -63.11 6.54
CA GLU LC 125 17.38 -62.26 5.55
C GLU LC 125 16.87 -62.56 4.14
N HIS LC 126 16.36 -63.78 3.95
CA HIS LC 126 15.81 -64.19 2.67
C HIS LC 126 14.29 -64.08 2.68
N SER LC 127 13.78 -63.20 3.53
CA SER LC 127 12.33 -63.00 3.72
C SER LC 127 11.64 -64.32 4.04
N CYS LC 128 12.17 -65.04 5.01
CA CYS LC 128 11.66 -66.36 5.38
C CYS LC 128 11.28 -66.44 6.85
N VAL LC 129 10.17 -67.10 7.13
CA VAL LC 129 9.77 -67.36 8.51
C VAL LC 129 10.26 -68.73 8.94
N THR LC 130 11.23 -68.75 9.86
CA THR LC 130 11.88 -69.99 10.25
C THR LC 130 11.31 -70.57 11.54
N GLN LC 131 11.42 -71.89 11.68
CA GLN LC 131 11.02 -72.58 12.90
C GLN LC 131 11.91 -73.80 13.08
N PHE LC 132 11.97 -74.34 14.29
CA PHE LC 132 12.85 -75.47 14.56
C PHE LC 132 12.22 -76.53 15.44
N GLU LC 133 12.68 -77.76 15.27
CA GLU LC 133 12.29 -78.88 16.12
C GLU LC 133 13.56 -79.60 16.55
N MET LC 134 13.67 -79.90 17.84
CA MET LC 134 14.89 -80.50 18.36
C MET LC 134 14.63 -81.77 19.16
N LYS LC 135 15.56 -82.70 19.07
CA LYS LC 135 15.47 -83.96 19.81
C LYS LC 135 16.64 -84.07 20.79
N LEU LC 136 16.38 -84.72 21.92
CA LEU LC 136 17.40 -84.86 22.96
C LEU LC 136 18.03 -86.25 22.92
N ARG LC 137 19.35 -86.28 22.88
CA ARG LC 137 20.08 -87.54 22.85
C ARG LC 137 21.14 -87.58 23.95
N GLU LC 138 21.38 -88.76 24.50
CA GLU LC 138 22.34 -88.91 25.58
C GLU LC 138 23.36 -89.98 25.26
N GLU LC 139 24.63 -89.59 25.22
CA GLU LC 139 25.72 -90.52 24.93
C GLU LC 139 27.01 -90.07 25.60
N LEU LC 140 27.91 -91.02 25.83
CA LEU LC 140 29.19 -90.72 26.47
C LEU LC 140 30.07 -89.89 25.53
N LEU LC 141 30.47 -88.71 26.00
CA LEU LC 141 31.32 -87.81 25.22
C LEU LC 141 32.72 -88.39 25.08
N SER LC 142 33.14 -89.18 26.07
CA SER LC 142 34.48 -89.76 26.07
C SER LC 142 34.52 -91.08 25.32
N SER LC 143 33.37 -91.52 24.83
CA SER LC 143 33.29 -92.77 24.08
C SER LC 143 33.97 -92.66 22.73
N ASP LC 144 34.63 -93.73 22.32
CA ASP LC 144 35.33 -93.77 21.03
C ASP LC 144 34.34 -93.76 19.88
N SER LC 145 33.25 -94.51 20.03
CA SER LC 145 32.22 -94.59 19.00
C SER LC 145 31.20 -93.47 19.14
N PHE LC 146 31.66 -92.23 19.07
CA PHE LC 146 30.79 -91.08 19.18
C PHE LC 146 31.26 -89.89 18.36
N HIS LC 147 30.31 -89.24 17.69
CA HIS LC 147 30.60 -88.02 16.95
C HIS LC 147 29.33 -87.19 16.81
N PRO LC 148 29.47 -85.85 16.93
CA PRO LC 148 28.37 -84.90 16.76
C PRO LC 148 27.51 -85.16 15.51
N ASP LC 149 28.15 -85.59 14.44
CA ASP LC 149 27.44 -85.83 13.18
C ASP LC 149 27.58 -87.28 12.71
N LYS LC 150 27.17 -88.22 13.55
CA LYS LC 150 27.24 -89.63 13.20
C LYS LC 150 26.31 -89.96 12.03
N ASP LC 151 26.56 -91.11 11.40
CA ASP LC 151 25.77 -91.53 10.23
C ASP LC 151 24.31 -91.77 10.59
N GLU LC 152 24.08 -92.55 11.64
CA GLU LC 152 22.74 -92.94 12.05
C GLU LC 152 21.87 -91.75 12.45
N TYR LC 153 22.50 -90.62 12.74
CA TYR LC 153 21.77 -89.43 13.17
C TYR LC 153 20.97 -88.82 12.03
N TYR LC 154 21.39 -89.08 10.80
CA TYR LC 154 20.76 -88.50 9.62
C TYR LC 154 19.83 -89.50 8.93
N LYS LC 155 19.55 -90.61 9.61
CA LYS LC 155 18.75 -91.67 9.03
C LYS LC 155 17.31 -91.21 8.73
N ASP LC 156 16.82 -90.24 9.50
CA ASP LC 156 15.44 -89.81 9.33
C ASP LC 156 15.23 -89.01 8.05
N PHE LC 157 16.30 -88.37 7.57
CA PHE LC 157 16.17 -87.45 6.44
C PHE LC 157 16.84 -88.00 5.18
N LEU LC 158 17.47 -89.15 5.29
CA LEU LC 158 18.12 -89.78 4.15
C LEU LC 158 17.61 -91.20 3.95
N SER MC 3 72.00 -59.27 -38.68
CA SER MC 3 72.93 -60.39 -38.56
C SER MC 3 73.11 -61.10 -39.91
N VAL MC 4 72.00 -61.25 -40.64
CA VAL MC 4 72.04 -61.89 -41.95
C VAL MC 4 71.52 -60.93 -43.02
N ASN MC 5 72.24 -60.86 -44.14
CA ASN MC 5 71.85 -59.97 -45.22
C ASN MC 5 71.61 -60.72 -46.53
N THR MC 6 70.36 -61.10 -46.75
CA THR MC 6 69.98 -61.78 -47.99
C THR MC 6 69.61 -60.76 -49.07
N SER MC 7 69.64 -61.19 -50.32
CA SER MC 7 69.34 -60.32 -51.45
C SER MC 7 69.05 -61.12 -52.71
N PHE MC 8 68.11 -60.63 -53.51
CA PHE MC 8 67.69 -61.32 -54.72
C PHE MC 8 68.31 -60.71 -55.98
N LEU MC 9 69.28 -61.41 -56.56
CA LEU MC 9 69.84 -61.00 -57.85
C LEU MC 9 68.86 -61.41 -58.95
N SER MC 10 68.15 -62.51 -58.69
CA SER MC 10 67.18 -63.06 -59.62
C SER MC 10 66.14 -63.84 -58.80
N PRO MC 11 65.00 -64.19 -59.42
CA PRO MC 11 64.01 -65.00 -58.69
C PRO MC 11 64.59 -66.32 -58.19
N SER MC 12 65.48 -66.92 -58.96
CA SER MC 12 66.11 -68.18 -58.58
C SER MC 12 67.54 -68.00 -58.09
N LEU MC 13 67.93 -66.76 -57.85
CA LEU MC 13 69.30 -66.46 -57.40
C LEU MC 13 69.31 -65.57 -56.16
N VAL MC 14 69.83 -66.11 -55.05
CA VAL MC 14 69.87 -65.37 -53.79
C VAL MC 14 71.26 -65.41 -53.18
N THR MC 15 71.76 -64.26 -52.75
CA THR MC 15 73.05 -64.18 -52.07
C THR MC 15 72.86 -63.96 -50.57
N ILE MC 16 73.44 -64.84 -49.76
CA ILE MC 16 73.29 -64.76 -48.31
C ILE MC 16 74.63 -64.53 -47.61
N ARG MC 17 74.73 -63.40 -46.91
CA ARG MC 17 75.94 -63.07 -46.16
C ARG MC 17 75.67 -63.15 -44.66
N ASP MC 18 76.47 -63.94 -43.95
CA ASP MC 18 76.34 -64.07 -42.51
C ASP MC 18 77.51 -63.39 -41.80
N PHE MC 19 77.26 -62.24 -41.23
CA PHE MC 19 78.30 -61.46 -40.56
C PHE MC 19 78.78 -62.12 -39.27
N ASP MC 20 77.84 -62.67 -38.52
CA ASP MC 20 78.17 -63.29 -37.23
C ASP MC 20 79.04 -64.53 -37.40
N ASN MC 21 78.67 -65.38 -38.36
CA ASN MC 21 79.43 -66.60 -38.62
C ASN MC 21 80.55 -66.38 -39.62
N GLY MC 22 80.57 -65.22 -40.25
CA GLY MC 22 81.58 -64.89 -41.24
C GLY MC 22 81.51 -65.81 -42.44
N GLN MC 23 80.31 -66.00 -42.96
CA GLN MC 23 80.08 -66.90 -44.09
C GLN MC 23 79.32 -66.23 -45.22
N PHE MC 24 79.49 -66.75 -46.43
CA PHE MC 24 78.74 -66.28 -47.58
C PHE MC 24 78.30 -67.49 -48.41
N ALA MC 25 76.99 -67.59 -48.65
CA ALA MC 25 76.44 -68.69 -49.40
C ALA MC 25 75.55 -68.18 -50.53
N VAL MC 26 75.66 -68.81 -51.69
CA VAL MC 26 74.81 -68.45 -52.83
C VAL MC 26 73.65 -69.44 -52.95
N LEU MC 27 72.43 -68.93 -52.85
CA LEU MC 27 71.25 -69.76 -52.98
C LEU MC 27 70.72 -69.70 -54.41
N ARG MC 28 70.74 -70.83 -55.10
CA ARG MC 28 70.33 -70.88 -56.49
C ARG MC 28 69.45 -72.08 -56.80
N ILE MC 29 68.31 -71.83 -57.44
CA ILE MC 29 67.44 -72.91 -57.92
C ILE MC 29 67.57 -73.02 -59.44
N GLY MC 30 68.65 -73.67 -59.88
CA GLY MC 30 68.98 -73.74 -61.30
C GLY MC 30 68.13 -74.68 -62.12
N ARG MC 31 67.90 -75.88 -61.58
CA ARG MC 31 67.19 -76.95 -62.31
C ARG MC 31 65.81 -76.52 -62.81
N THR MC 32 65.07 -75.78 -61.99
CA THR MC 32 63.71 -75.39 -62.34
C THR MC 32 63.58 -73.90 -62.60
N GLY MC 33 64.31 -73.11 -61.83
CA GLY MC 33 64.24 -71.66 -61.95
C GLY MC 33 63.09 -71.08 -61.13
N PHE MC 34 62.61 -71.86 -60.17
CA PHE MC 34 61.54 -71.41 -59.28
C PHE MC 34 62.04 -70.32 -58.35
N PRO MC 35 61.13 -69.45 -57.88
CA PRO MC 35 61.51 -68.39 -56.94
C PRO MC 35 61.78 -68.95 -55.55
N ALA MC 36 62.87 -68.50 -54.94
CA ALA MC 36 63.25 -68.98 -53.61
C ALA MC 36 62.27 -68.49 -52.56
N ASP MC 37 61.60 -69.44 -51.90
CA ASP MC 37 60.63 -69.10 -50.85
C ASP MC 37 61.33 -68.99 -49.50
N LYS MC 38 60.54 -68.73 -48.46
CA LYS MC 38 61.08 -68.60 -47.11
C LYS MC 38 61.70 -69.91 -46.63
N GLY MC 39 61.12 -71.02 -47.04
CA GLY MC 39 61.62 -72.34 -46.68
C GLY MC 39 62.97 -72.64 -47.30
N ASP MC 40 63.16 -72.21 -48.55
CA ASP MC 40 64.41 -72.42 -49.26
C ASP MC 40 65.58 -71.70 -48.61
N ILE MC 41 65.35 -70.45 -48.22
CA ILE MC 41 66.39 -69.65 -47.56
C ILE MC 41 66.71 -70.22 -46.18
N ASP MC 42 65.67 -70.58 -45.43
CA ASP MC 42 65.85 -71.16 -44.11
C ASP MC 42 66.61 -72.48 -44.18
N LEU MC 43 66.38 -73.23 -45.26
CA LEU MC 43 67.10 -74.48 -45.48
C LEU MC 43 68.58 -74.20 -45.75
N CYS MC 44 68.85 -73.14 -46.50
CA CYS MC 44 70.22 -72.76 -46.82
C CYS MC 44 70.98 -72.37 -45.56
N LEU MC 45 70.32 -71.60 -44.70
CA LEU MC 45 70.91 -71.19 -43.42
C LEU MC 45 71.23 -72.41 -42.56
N ASP MC 46 70.33 -73.39 -42.60
CA ASP MC 46 70.52 -74.63 -41.85
C ASP MC 46 71.71 -75.43 -42.39
N LYS MC 47 72.03 -75.22 -43.66
CA LYS MC 47 73.16 -75.91 -44.28
C LYS MC 47 74.47 -75.21 -43.93
N MET MC 48 74.43 -73.89 -43.80
CA MET MC 48 75.63 -73.13 -43.44
C MET MC 48 76.11 -73.49 -42.05
N ILE MC 49 75.20 -73.57 -41.09
CA ILE MC 49 75.54 -73.91 -39.72
C ILE MC 49 75.97 -75.38 -39.63
N GLY MC 50 75.48 -76.19 -40.57
CA GLY MC 50 75.87 -77.58 -40.63
C GLY MC 50 77.32 -77.73 -41.03
N VAL MC 51 77.71 -77.00 -42.08
CA VAL MC 51 79.09 -77.01 -42.54
C VAL MC 51 79.98 -76.25 -41.55
N ARG MC 52 79.38 -75.25 -40.90
CA ARG MC 52 80.07 -74.55 -39.81
C ARG MC 52 80.45 -75.53 -38.72
N ALA MC 53 79.56 -76.49 -38.45
CA ALA MC 53 79.84 -77.54 -37.49
C ALA MC 53 80.93 -78.48 -38.01
N ALA MC 54 80.97 -78.67 -39.32
CA ALA MC 54 82.00 -79.48 -39.95
C ALA MC 54 83.36 -78.80 -39.83
N GLN MC 55 83.36 -77.48 -39.94
CA GLN MC 55 84.58 -76.69 -39.87
C GLN MC 55 85.25 -76.78 -38.50
N ILE MC 56 84.46 -76.56 -37.45
CA ILE MC 56 84.97 -76.60 -36.08
C ILE MC 56 85.35 -78.03 -35.71
N PHE MC 57 84.68 -79.00 -36.34
CA PHE MC 57 85.03 -80.41 -36.14
C PHE MC 57 86.43 -80.71 -36.66
N LEU MC 58 86.75 -80.22 -37.85
CA LEU MC 58 88.06 -80.42 -38.45
C LEU MC 58 89.14 -79.62 -37.72
N GLY MC 59 88.71 -78.66 -36.90
CA GLY MC 59 89.63 -77.84 -36.15
C GLY MC 59 89.18 -76.40 -36.07
N ASP MC 60 89.33 -75.80 -34.89
CA ASP MC 60 88.95 -74.41 -34.70
C ASP MC 60 89.96 -73.49 -35.41
N ASP MC 61 89.54 -72.94 -36.54
CA ASP MC 61 90.42 -72.08 -37.34
C ASP MC 61 90.13 -70.61 -37.10
N THR MC 62 89.31 -70.33 -36.09
CA THR MC 62 89.04 -68.96 -35.68
C THR MC 62 90.22 -68.36 -34.92
N GLU MC 63 91.05 -69.24 -34.36
CA GLU MC 63 92.23 -68.81 -33.62
C GLU MC 63 93.34 -68.37 -34.57
N ASP MC 64 94.40 -67.79 -34.01
CA ASP MC 64 95.52 -67.31 -34.81
C ASP MC 64 96.39 -68.48 -35.28
N GLY MC 65 96.91 -68.36 -36.51
CA GLY MC 65 97.76 -69.40 -37.07
C GLY MC 65 96.96 -70.62 -37.47
N PHE MC 66 95.83 -70.39 -38.15
CA PHE MC 66 94.96 -71.47 -38.61
C PHE MC 66 95.67 -72.37 -39.61
N LYS MC 67 96.22 -73.47 -39.12
CA LYS MC 67 96.93 -74.43 -39.97
C LYS MC 67 95.98 -75.14 -40.93
N GLY MC 68 94.69 -75.10 -40.62
CA GLY MC 68 93.68 -75.70 -41.47
C GLY MC 68 93.28 -77.09 -41.04
N PRO MC 69 92.56 -77.82 -41.91
CA PRO MC 69 92.15 -77.32 -43.23
C PRO MC 69 90.87 -76.49 -43.17
N HIS MC 70 90.68 -75.62 -44.16
CA HIS MC 70 89.49 -74.78 -44.24
C HIS MC 70 88.41 -75.44 -45.10
N ILE MC 71 87.19 -75.47 -44.58
CA ILE MC 71 86.06 -76.03 -45.30
C ILE MC 71 84.87 -75.07 -45.23
N ARG MC 72 84.52 -74.49 -46.37
CA ARG MC 72 83.50 -73.44 -46.42
C ARG MC 72 82.47 -73.69 -47.50
N ILE MC 73 81.24 -73.26 -47.25
CA ILE MC 73 80.17 -73.36 -48.23
C ILE MC 73 80.35 -72.32 -49.33
N ARG MC 74 80.18 -72.76 -50.57
CA ARG MC 74 80.25 -71.86 -51.72
C ARG MC 74 78.87 -71.54 -52.26
N CYS MC 75 78.03 -72.57 -52.34
CA CYS MC 75 76.69 -72.42 -52.91
C CYS MC 75 75.77 -73.58 -52.54
N VAL MC 76 74.47 -73.35 -52.64
CA VAL MC 76 73.47 -74.40 -52.41
C VAL MC 76 72.48 -74.44 -53.55
N ASP MC 77 72.47 -75.55 -54.29
CA ASP MC 77 71.59 -75.71 -55.44
C ASP MC 77 70.40 -76.60 -55.10
N ILE MC 78 69.19 -76.08 -55.30
CA ILE MC 78 67.98 -76.81 -54.96
C ILE MC 78 67.24 -77.35 -56.17
N ASP MC 79 67.02 -78.67 -56.19
CA ASP MC 79 66.19 -79.30 -57.21
C ASP MC 79 64.75 -79.32 -56.73
N ASP MC 80 63.85 -78.71 -57.49
CA ASP MC 80 62.48 -78.49 -57.05
C ASP MC 80 61.46 -79.06 -58.05
N LYS MC 81 61.95 -79.83 -59.02
CA LYS MC 81 61.12 -80.35 -60.09
C LYS MC 81 60.03 -81.30 -59.58
N HIS MC 82 60.46 -82.45 -59.04
CA HIS MC 82 59.52 -83.46 -58.60
C HIS MC 82 59.62 -83.70 -57.09
N THR MC 83 60.84 -83.94 -56.62
CA THR MC 83 61.08 -84.14 -55.20
C THR MC 83 62.03 -83.08 -54.66
N TYR MC 84 61.81 -82.66 -53.41
CA TYR MC 84 62.62 -81.63 -52.81
C TYR MC 84 64.05 -82.13 -52.55
N ASN MC 85 65.00 -81.59 -53.30
CA ASN MC 85 66.40 -81.99 -53.19
C ASN MC 85 67.33 -80.79 -53.19
N ALA MC 86 68.44 -80.91 -52.47
CA ALA MC 86 69.40 -79.81 -52.38
C ALA MC 86 70.83 -80.29 -52.61
N MET MC 87 71.55 -79.60 -53.49
CA MET MC 87 72.95 -79.91 -53.75
C MET MC 87 73.84 -78.78 -53.24
N VAL MC 88 74.64 -79.08 -52.23
CA VAL MC 88 75.51 -78.09 -51.61
C VAL MC 88 76.91 -78.11 -52.23
N TYR MC 89 77.45 -76.92 -52.51
CA TYR MC 89 78.79 -76.80 -53.05
C TYR MC 89 79.75 -76.25 -52.00
N VAL MC 90 80.77 -77.05 -51.68
CA VAL MC 90 81.70 -76.72 -50.61
C VAL MC 90 83.14 -76.77 -51.11
N ASP MC 91 83.96 -75.81 -50.71
CA ASP MC 91 85.37 -75.81 -51.07
C ASP MC 91 86.24 -76.14 -49.85
N LEU MC 92 87.11 -77.13 -50.01
CA LEU MC 92 88.03 -77.53 -48.96
C LEU MC 92 89.44 -77.02 -49.24
N ILE MC 93 89.94 -76.14 -48.37
CA ILE MC 93 91.26 -75.57 -48.54
C ILE MC 93 92.24 -76.13 -47.52
N VAL MC 94 93.40 -76.57 -48.01
CA VAL MC 94 94.43 -77.15 -47.14
C VAL MC 94 95.83 -76.75 -47.60
N GLU MC 100 100.92 -85.08 -49.04
CA GLU MC 100 99.87 -85.59 -49.92
C GLU MC 100 98.99 -86.60 -49.18
N VAL MC 101 99.59 -87.35 -48.27
CA VAL MC 101 98.85 -88.33 -47.47
C VAL MC 101 97.88 -87.63 -46.52
N GLU MC 102 98.35 -86.56 -45.90
CA GLU MC 102 97.52 -85.77 -44.99
C GLU MC 102 96.38 -85.10 -45.74
N ARG MC 103 96.63 -84.75 -47.00
CA ARG MC 103 95.62 -84.13 -47.84
C ARG MC 103 94.46 -85.10 -48.11
N GLU MC 104 94.81 -86.36 -48.35
CA GLU MC 104 93.80 -87.40 -48.55
C GLU MC 104 93.04 -87.66 -47.26
N THR MC 105 93.74 -87.59 -46.14
CA THR MC 105 93.12 -87.77 -44.83
C THR MC 105 92.16 -86.63 -44.52
N ALA MC 106 92.57 -85.41 -44.87
CA ALA MC 106 91.73 -84.24 -44.67
C ALA MC 106 90.48 -84.32 -45.54
N GLU MC 107 90.64 -84.79 -46.77
CA GLU MC 107 89.52 -84.96 -47.68
C GLU MC 107 88.54 -86.01 -47.15
N GLU MC 108 89.09 -87.08 -46.57
CA GLU MC 108 88.27 -88.15 -46.02
C GLU MC 108 87.48 -87.69 -44.80
N GLU MC 109 88.16 -87.01 -43.88
CA GLU MC 109 87.53 -86.50 -42.68
C GLU MC 109 86.45 -85.46 -42.99
N ALA MC 110 86.74 -84.59 -43.94
CA ALA MC 110 85.79 -83.55 -44.34
C ALA MC 110 84.55 -84.17 -44.99
N LYS MC 111 84.76 -85.20 -45.79
CA LYS MC 111 83.66 -85.88 -46.47
C LYS MC 111 82.72 -86.55 -45.47
N LEU MC 112 83.29 -87.27 -44.52
CA LEU MC 112 82.50 -87.95 -43.49
C LEU MC 112 81.75 -86.96 -42.62
N ALA MC 113 82.40 -85.84 -42.30
CA ALA MC 113 81.78 -84.82 -41.47
C ALA MC 113 80.61 -84.17 -42.18
N LEU MC 114 80.76 -83.94 -43.48
CA LEU MC 114 79.71 -83.32 -44.28
C LEU MC 114 78.49 -84.23 -44.43
N ARG MC 115 78.73 -85.54 -44.51
CA ARG MC 115 77.64 -86.50 -44.63
C ARG MC 115 76.72 -86.49 -43.42
N VAL MC 116 77.32 -86.39 -42.23
CA VAL MC 116 76.57 -86.37 -40.99
C VAL MC 116 75.91 -85.01 -40.78
N ALA MC 117 76.65 -83.95 -41.06
CA ALA MC 117 76.18 -82.59 -40.81
C ALA MC 117 75.05 -82.18 -41.75
N LEU MC 118 75.18 -82.54 -43.03
CA LEU MC 118 74.20 -82.13 -44.03
C LEU MC 118 73.11 -83.18 -44.26
N GLN MC 119 73.20 -84.28 -43.52
CA GLN MC 119 72.24 -85.38 -43.65
C GLN MC 119 72.12 -85.86 -45.08
N VAL MC 120 73.24 -86.27 -45.67
CA VAL MC 120 73.26 -86.70 -47.06
C VAL MC 120 72.46 -87.99 -47.26
N ASP MC 121 71.65 -88.00 -48.32
CA ASP MC 121 70.84 -89.16 -48.70
C ASP MC 121 69.79 -89.50 -47.65
N ILE MC 122 69.52 -88.55 -46.76
CA ILE MC 122 68.50 -88.72 -45.73
C ILE MC 122 67.56 -87.53 -45.71
N ALA MC 123 66.36 -87.73 -45.16
CA ALA MC 123 65.36 -86.67 -45.09
C ALA MC 123 65.76 -85.59 -44.07
N ASP MC 124 65.89 -84.36 -44.55
CA ASP MC 124 66.26 -83.24 -43.69
C ASP MC 124 65.06 -82.78 -42.87
N GLU MC 125 65.27 -81.73 -42.07
CA GLU MC 125 64.20 -81.16 -41.26
C GLU MC 125 63.10 -80.53 -42.12
N HIS MC 126 63.47 -80.15 -43.34
CA HIS MC 126 62.53 -79.57 -44.28
C HIS MC 126 62.05 -80.61 -45.28
N SER MC 127 62.10 -81.88 -44.88
CA SER MC 127 61.75 -83.01 -45.74
C SER MC 127 62.52 -82.97 -47.05
N CYS MC 128 63.85 -82.81 -46.95
CA CYS MC 128 64.70 -82.68 -48.12
C CYS MC 128 65.80 -83.74 -48.15
N VAL MC 129 66.08 -84.26 -49.34
CA VAL MC 129 67.20 -85.17 -49.53
C VAL MC 129 68.41 -84.39 -50.03
N THR MC 130 69.43 -84.30 -49.18
CA THR MC 130 70.58 -83.45 -49.47
C THR MC 130 71.77 -84.25 -50.02
N GLN MC 131 72.59 -83.55 -50.80
CA GLN MC 131 73.83 -84.13 -51.33
C GLN MC 131 74.87 -83.01 -51.46
N PHE MC 132 76.14 -83.38 -51.55
CA PHE MC 132 77.20 -82.38 -51.61
C PHE MC 132 78.30 -82.72 -52.60
N GLU MC 133 78.94 -81.68 -53.13
CA GLU MC 133 80.11 -81.83 -53.98
C GLU MC 133 81.22 -80.92 -53.47
N MET MC 134 82.43 -81.44 -53.37
CA MET MC 134 83.52 -80.67 -52.80
C MET MC 134 84.75 -80.63 -53.70
N LYS MC 135 85.46 -79.50 -53.67
CA LYS MC 135 86.67 -79.31 -54.44
C LYS MC 135 87.86 -79.05 -53.52
N LEU MC 136 89.04 -79.51 -53.93
CA LEU MC 136 90.25 -79.34 -53.12
C LEU MC 136 91.11 -78.20 -53.64
N ARG MC 137 91.47 -77.28 -52.76
CA ARG MC 137 92.31 -76.14 -53.12
C ARG MC 137 93.50 -76.03 -52.18
N GLU MC 138 94.63 -75.57 -52.70
CA GLU MC 138 95.85 -75.44 -51.89
C GLU MC 138 96.43 -74.04 -51.96
N GLU MC 139 96.52 -73.38 -50.81
CA GLU MC 139 97.08 -72.04 -50.72
C GLU MC 139 97.71 -71.81 -49.35
N LEU MC 140 98.64 -70.86 -49.29
CA LEU MC 140 99.31 -70.54 -48.03
C LEU MC 140 98.34 -69.86 -47.05
N LEU MC 141 98.17 -70.47 -45.88
CA LEU MC 141 97.28 -69.93 -44.86
C LEU MC 141 97.84 -68.65 -44.24
N SER MC 142 99.16 -68.53 -44.24
CA SER MC 142 99.82 -67.37 -43.65
C SER MC 142 99.96 -66.23 -44.66
N SER MC 143 99.53 -66.47 -45.89
CA SER MC 143 99.61 -65.47 -46.94
C SER MC 143 98.63 -64.32 -46.67
N ASP MC 144 99.05 -63.10 -46.99
CA ASP MC 144 98.21 -61.92 -46.79
C ASP MC 144 97.03 -61.93 -47.74
N SER MC 145 97.27 -62.33 -48.99
CA SER MC 145 96.23 -62.37 -50.00
C SER MC 145 95.49 -63.71 -49.98
N PHE MC 146 94.89 -64.03 -48.84
CA PHE MC 146 94.14 -65.28 -48.70
C PHE MC 146 92.97 -65.13 -47.72
N HIS MC 147 91.83 -65.70 -48.11
CA HIS MC 147 90.67 -65.74 -47.24
C HIS MC 147 89.76 -66.92 -47.62
N PRO MC 148 89.17 -67.58 -46.61
CA PRO MC 148 88.23 -68.68 -46.79
C PRO MC 148 87.13 -68.41 -47.82
N ASP MC 149 86.66 -67.17 -47.89
CA ASP MC 149 85.59 -66.80 -48.81
C ASP MC 149 86.01 -65.72 -49.80
N LYS MC 150 87.07 -65.97 -50.55
CA LYS MC 150 87.56 -65.02 -51.54
C LYS MC 150 86.55 -64.80 -52.66
N ASP MC 151 86.72 -63.72 -53.41
CA ASP MC 151 85.83 -63.37 -54.50
C ASP MC 151 85.85 -64.40 -55.62
N GLU MC 152 87.05 -64.75 -56.08
CA GLU MC 152 87.21 -65.66 -57.20
C GLU MC 152 86.66 -67.05 -56.91
N TYR MC 153 86.47 -67.35 -55.64
CA TYR MC 153 85.99 -68.68 -55.24
C TYR MC 153 84.51 -68.86 -55.60
N TYR MC 154 83.80 -67.74 -55.75
CA TYR MC 154 82.36 -67.78 -56.03
C TYR MC 154 82.06 -67.51 -57.49
N LYS MC 155 83.09 -67.56 -58.33
CA LYS MC 155 82.94 -67.24 -59.76
C LYS MC 155 82.02 -68.20 -60.50
N ASP MC 156 81.95 -69.45 -60.02
CA ASP MC 156 81.16 -70.48 -60.69
C ASP MC 156 79.65 -70.26 -60.56
N PHE MC 157 79.24 -69.59 -59.49
CA PHE MC 157 77.82 -69.47 -59.18
C PHE MC 157 77.28 -68.06 -59.39
N LEU MC 158 78.16 -67.14 -59.78
CA LEU MC 158 77.76 -65.76 -60.05
C LEU MC 158 78.16 -65.33 -61.46
N SER NC 3 59.07 -60.09 -44.54
CA SER NC 3 58.00 -60.45 -45.45
C SER NC 3 58.34 -60.08 -46.89
N VAL NC 4 58.96 -58.92 -47.06
CA VAL NC 4 59.38 -58.45 -48.38
C VAL NC 4 60.88 -58.23 -48.41
N ASN NC 5 61.53 -58.70 -49.48
CA ASN NC 5 62.98 -58.58 -49.60
C ASN NC 5 63.40 -57.80 -50.83
N THR NC 6 63.60 -56.50 -50.68
CA THR NC 6 64.07 -55.66 -51.77
C THR NC 6 65.59 -55.63 -51.82
N SER NC 7 66.13 -55.26 -52.97
CA SER NC 7 67.57 -55.21 -53.17
C SER NC 7 67.93 -54.38 -54.39
N PHE NC 8 69.02 -53.64 -54.31
CA PHE NC 8 69.45 -52.78 -55.40
C PHE NC 8 70.59 -53.39 -56.21
N LEU NC 9 70.28 -53.85 -57.42
CA LEU NC 9 71.31 -54.33 -58.34
C LEU NC 9 71.99 -53.14 -58.98
N SER NC 10 71.23 -52.07 -59.15
CA SER NC 10 71.70 -50.83 -59.75
C SER NC 10 70.85 -49.68 -59.22
N PRO NC 11 71.30 -48.43 -59.41
CA PRO NC 11 70.47 -47.30 -58.97
C PRO NC 11 69.07 -47.29 -59.60
N SER NC 12 68.98 -47.72 -60.85
CA SER NC 12 67.69 -47.75 -61.54
C SER NC 12 67.14 -49.17 -61.66
N LEU NC 13 67.76 -50.11 -60.96
CA LEU NC 13 67.33 -51.51 -61.02
C LEU NC 13 67.11 -52.09 -59.63
N VAL NC 14 65.87 -52.47 -59.35
CA VAL NC 14 65.50 -53.01 -58.05
C VAL NC 14 64.73 -54.31 -58.19
N THR NC 15 65.12 -55.33 -57.43
CA THR NC 15 64.41 -56.60 -57.40
C THR NC 15 63.60 -56.72 -56.11
N ILE NC 16 62.29 -56.94 -56.26
CA ILE NC 16 61.40 -57.03 -55.10
C ILE NC 16 60.75 -58.41 -54.99
N ARG NC 17 61.01 -59.10 -53.89
CA ARG NC 17 60.41 -60.40 -53.65
C ARG NC 17 59.39 -60.33 -52.52
N ASP NC 18 58.16 -60.76 -52.81
CA ASP NC 18 57.11 -60.79 -51.81
C ASP NC 18 56.81 -62.23 -51.41
N PHE NC 19 57.27 -62.63 -50.23
CA PHE NC 19 57.12 -64.00 -49.76
C PHE NC 19 55.68 -64.34 -49.40
N ASP NC 20 54.98 -63.39 -48.77
CA ASP NC 20 53.62 -63.62 -48.33
C ASP NC 20 52.65 -63.78 -49.51
N ASN NC 21 52.80 -62.92 -50.51
CA ASN NC 21 51.94 -62.97 -51.68
C ASN NC 21 52.51 -63.88 -52.76
N GLY NC 22 53.74 -64.34 -52.57
CA GLY NC 22 54.39 -65.21 -53.53
C GLY NC 22 54.59 -64.55 -54.88
N GLN NC 23 55.12 -63.33 -54.86
CA GLN NC 23 55.31 -62.56 -56.08
C GLN NC 23 56.75 -62.04 -56.21
N PHE NC 24 57.15 -61.77 -57.45
CA PHE NC 24 58.44 -61.15 -57.70
C PHE NC 24 58.27 -60.10 -58.80
N ALA NC 25 58.67 -58.87 -58.49
CA ALA NC 25 58.54 -57.77 -59.44
C ALA NC 25 59.86 -57.03 -59.60
N VAL NC 26 60.17 -56.66 -60.83
CA VAL NC 26 61.39 -55.90 -61.10
C VAL NC 26 61.06 -54.42 -61.25
N LEU NC 27 61.65 -53.60 -60.38
CA LEU NC 27 61.45 -52.17 -60.43
C LEU NC 27 62.56 -51.50 -61.22
N ARG NC 28 62.22 -50.91 -62.35
CA ARG NC 28 63.22 -50.30 -63.22
C ARG NC 28 62.79 -48.94 -63.75
N ILE NC 29 63.67 -47.96 -63.63
CA ILE NC 29 63.45 -46.64 -64.22
C ILE NC 29 64.35 -46.51 -65.45
N GLY NC 30 63.92 -47.11 -66.56
CA GLY NC 30 64.74 -47.20 -67.75
C GLY NC 30 64.88 -45.91 -68.54
N ARG NC 31 63.76 -45.21 -68.72
CA ARG NC 31 63.71 -44.01 -69.56
C ARG NC 31 64.72 -42.93 -69.14
N THR NC 32 64.88 -42.75 -67.83
CA THR NC 32 65.75 -41.70 -67.32
C THR NC 32 66.99 -42.24 -66.63
N GLY NC 33 66.83 -43.37 -65.92
CA GLY NC 33 67.93 -43.95 -65.17
C GLY NC 33 68.09 -43.33 -63.80
N PHE NC 34 67.02 -42.69 -63.33
CA PHE NC 34 67.02 -42.09 -62.00
C PHE NC 34 67.03 -43.16 -60.91
N PRO NC 35 67.56 -42.83 -59.72
CA PRO NC 35 67.58 -43.78 -58.62
C PRO NC 35 66.19 -44.00 -58.01
N ALA NC 36 65.84 -45.26 -57.76
CA ALA NC 36 64.54 -45.59 -57.20
C ALA NC 36 64.45 -45.15 -55.74
N ASP NC 37 63.53 -44.24 -55.45
CA ASP NC 37 63.34 -43.75 -54.08
C ASP NC 37 62.35 -44.63 -53.33
N LYS NC 38 62.06 -44.27 -52.08
CA LYS NC 38 61.13 -45.03 -51.26
C LYS NC 38 59.73 -45.00 -51.87
N GLY NC 39 59.38 -43.88 -52.48
CA GLY NC 39 58.09 -43.73 -53.13
C GLY NC 39 57.91 -44.63 -54.33
N ASP NC 40 58.99 -44.79 -55.10
CA ASP NC 40 58.98 -45.63 -56.29
C ASP NC 40 58.75 -47.10 -55.93
N ILE NC 41 59.42 -47.56 -54.88
CA ILE NC 41 59.27 -48.93 -54.42
C ILE NC 41 57.86 -49.16 -53.87
N ASP NC 42 57.38 -48.21 -53.07
CA ASP NC 42 56.04 -48.28 -52.51
C ASP NC 42 54.97 -48.30 -53.59
N LEU NC 43 55.23 -47.58 -54.69
CA LEU NC 43 54.33 -47.57 -55.84
C LEU NC 43 54.31 -48.93 -56.50
N CYS NC 44 55.48 -49.55 -56.60
CA CYS NC 44 55.61 -50.88 -57.21
C CYS NC 44 54.84 -51.92 -56.39
N LEU NC 45 54.96 -51.84 -55.07
CA LEU NC 45 54.24 -52.75 -54.18
C LEU NC 45 52.74 -52.61 -54.36
N ASP NC 46 52.29 -51.37 -54.55
CA ASP NC 46 50.87 -51.08 -54.76
C ASP NC 46 50.38 -51.68 -56.07
N LYS NC 47 51.29 -51.85 -57.02
CA LYS NC 47 50.96 -52.45 -58.31
C LYS NC 47 50.91 -53.97 -58.22
N MET NC 48 51.76 -54.55 -57.38
CA MET NC 48 51.80 -55.99 -57.20
C MET NC 48 50.50 -56.50 -56.59
N ILE NC 49 50.03 -55.83 -55.55
CA ILE NC 49 48.79 -56.23 -54.89
C ILE NC 49 47.58 -55.96 -55.79
N GLY NC 50 47.73 -55.01 -56.71
CA GLY NC 50 46.69 -54.70 -57.66
C GLY NC 50 46.49 -55.83 -58.65
N VAL NC 51 47.60 -56.32 -59.20
CA VAL NC 51 47.57 -57.43 -60.14
C VAL NC 51 47.25 -58.73 -59.37
N ARG NC 52 47.67 -58.78 -58.13
CA ARG NC 52 47.31 -59.89 -57.24
C ARG NC 52 45.79 -59.97 -57.12
N ALA NC 53 45.14 -58.80 -57.06
CA ALA NC 53 43.69 -58.73 -57.04
C ALA NC 53 43.11 -59.15 -58.39
N ALA NC 54 43.82 -58.86 -59.46
CA ALA NC 54 43.39 -59.26 -60.80
C ALA NC 54 43.42 -60.78 -60.95
N GLN NC 55 44.42 -61.41 -60.35
CA GLN NC 55 44.58 -62.86 -60.44
C GLN NC 55 43.45 -63.61 -59.73
N ILE NC 56 43.16 -63.22 -58.50
CA ILE NC 56 42.12 -63.86 -57.70
C ILE NC 56 40.74 -63.56 -58.29
N PHE NC 57 40.63 -62.42 -58.97
CA PHE NC 57 39.40 -62.06 -59.68
C PHE NC 57 39.09 -63.05 -60.80
N LEU NC 58 40.12 -63.39 -61.57
CA LEU NC 58 39.98 -64.32 -62.69
C LEU NC 58 39.73 -65.75 -62.21
N GLY NC 59 39.96 -65.99 -60.93
CA GLY NC 59 39.75 -67.30 -60.34
C GLY NC 59 40.81 -67.62 -59.30
N ASP NC 60 40.38 -68.24 -58.22
CA ASP NC 60 41.30 -68.61 -57.14
C ASP NC 60 42.19 -69.77 -57.56
N ASP NC 61 43.45 -69.46 -57.88
CA ASP NC 61 44.40 -70.46 -58.33
C ASP NC 61 45.33 -70.87 -57.20
N THR NC 62 45.02 -70.41 -55.99
CA THR NC 62 45.77 -70.82 -54.80
C THR NC 62 45.37 -72.23 -54.39
N GLU NC 63 44.18 -72.63 -54.81
CA GLU NC 63 43.66 -73.96 -54.53
C GLU NC 63 44.33 -75.00 -55.43
N ASP NC 64 44.08 -76.27 -55.16
CA ASP NC 64 44.65 -77.35 -55.94
C ASP NC 64 43.96 -77.47 -57.29
N GLY NC 65 44.73 -77.80 -58.33
CA GLY NC 65 44.19 -77.95 -59.67
C GLY NC 65 43.87 -76.62 -60.33
N PHE NC 66 44.80 -75.67 -60.21
CA PHE NC 66 44.63 -74.35 -60.81
C PHE NC 66 44.52 -74.41 -62.32
N LYS NC 67 43.28 -74.43 -62.83
CA LYS NC 67 43.03 -74.51 -64.26
C LYS NC 67 43.46 -73.22 -64.98
N GLY NC 68 43.61 -72.14 -64.22
CA GLY NC 68 44.06 -70.88 -64.79
C GLY NC 68 42.91 -69.93 -65.11
N PRO NC 69 43.20 -68.87 -65.86
CA PRO NC 69 44.54 -68.55 -66.37
C PRO NC 69 45.40 -67.80 -65.34
N HIS NC 70 46.72 -67.87 -65.48
CA HIS NC 70 47.62 -67.19 -64.57
C HIS NC 70 48.02 -65.82 -65.07
N ILE NC 71 47.93 -64.82 -64.20
CA ILE NC 71 48.31 -63.45 -64.55
C ILE NC 71 49.21 -62.87 -63.44
N ARG NC 72 50.47 -62.66 -63.79
CA ARG NC 72 51.48 -62.24 -62.81
C ARG NC 72 52.29 -61.05 -63.30
N ILE NC 73 52.72 -60.21 -62.38
CA ILE NC 73 53.58 -59.08 -62.71
C ILE NC 73 55.00 -59.55 -63.03
N ARG NC 74 55.58 -59.01 -64.10
CA ARG NC 74 56.95 -59.31 -64.47
C ARG NC 74 57.87 -58.15 -64.10
N CYS NC 75 57.42 -56.94 -64.37
CA CYS NC 75 58.24 -55.75 -64.15
C CYS NC 75 57.40 -54.47 -64.13
N VAL NC 76 57.96 -53.42 -63.54
CA VAL NC 76 57.31 -52.11 -63.51
C VAL NC 76 58.29 -51.03 -63.98
N ASP NC 77 57.99 -50.42 -65.11
CA ASP NC 77 58.87 -49.40 -65.67
C ASP NC 77 58.31 -48.00 -65.41
N ILE NC 78 59.13 -47.16 -64.79
CA ILE NC 78 58.71 -45.82 -64.42
C ILE NC 78 59.32 -44.74 -65.31
N ASP NC 79 58.47 -43.93 -65.93
CA ASP NC 79 58.94 -42.77 -66.68
C ASP NC 79 59.00 -41.57 -65.73
N ASP NC 80 60.19 -40.99 -65.58
CA ASP NC 80 60.41 -39.98 -64.56
C ASP NC 80 60.96 -38.67 -65.13
N LYS NC 81 60.94 -38.55 -66.46
CA LYS NC 81 61.51 -37.38 -67.14
C LYS NC 81 60.79 -36.09 -66.79
N HIS NC 82 59.54 -35.97 -67.19
CA HIS NC 82 58.77 -34.75 -67.00
C HIS NC 82 57.57 -34.98 -66.09
N THR NC 83 56.78 -35.99 -66.43
CA THR NC 83 55.60 -36.34 -65.63
C THR NC 83 55.73 -37.76 -65.10
N TYR NC 84 55.23 -37.96 -63.88
CA TYR NC 84 55.33 -39.26 -63.23
C TYR NC 84 54.45 -40.30 -63.93
N ASN NC 85 55.08 -41.26 -64.59
CA ASN NC 85 54.37 -42.29 -65.34
C ASN NC 85 54.94 -43.67 -65.06
N ALA NC 86 54.08 -44.69 -65.09
CA ALA NC 86 54.51 -46.05 -64.82
C ALA NC 86 53.99 -47.04 -65.86
N MET NC 87 54.89 -47.87 -66.37
CA MET NC 87 54.52 -48.92 -67.31
C MET NC 87 54.73 -50.28 -66.66
N VAL NC 88 53.63 -51.00 -66.44
CA VAL NC 88 53.68 -52.30 -65.77
C VAL NC 88 53.77 -53.43 -66.79
N TYR NC 89 54.63 -54.41 -66.52
CA TYR NC 89 54.78 -55.56 -67.40
C TYR NC 89 54.17 -56.81 -66.78
N VAL NC 90 53.17 -57.37 -67.46
CA VAL NC 90 52.41 -58.49 -66.93
C VAL NC 90 52.38 -59.65 -67.94
N ASP NC 91 52.54 -60.88 -67.46
CA ASP NC 91 52.44 -62.05 -68.33
C ASP NC 91 51.18 -62.85 -68.03
N LEU NC 92 50.39 -63.11 -69.07
CA LEU NC 92 49.18 -63.90 -68.93
C LEU NC 92 49.39 -65.32 -69.47
N ILE NC 93 49.30 -66.30 -68.59
CA ILE NC 93 49.49 -67.70 -68.97
C ILE NC 93 48.19 -68.47 -68.95
N VAL NC 94 47.92 -69.18 -70.04
CA VAL NC 94 46.69 -69.97 -70.16
C VAL NC 94 46.94 -71.29 -70.88
N GLU NC 100 40.56 -71.59 -78.41
CA GLU NC 100 41.08 -70.30 -78.85
C GLU NC 100 40.13 -69.16 -78.47
N VAL NC 101 38.83 -69.46 -78.48
CA VAL NC 101 37.82 -68.48 -78.09
C VAL NC 101 37.93 -68.13 -76.61
N GLU NC 102 38.13 -69.15 -75.79
CA GLU NC 102 38.29 -68.97 -74.35
C GLU NC 102 39.57 -68.20 -74.05
N ARG NC 103 40.58 -68.39 -74.90
CA ARG NC 103 41.85 -67.69 -74.76
C ARG NC 103 41.67 -66.20 -74.99
N GLU NC 104 40.87 -65.85 -76.00
CA GLU NC 104 40.56 -64.46 -76.28
C GLU NC 104 39.72 -63.85 -75.17
N THR NC 105 38.81 -64.66 -74.61
CA THR NC 105 37.97 -64.22 -73.50
C THR NC 105 38.81 -63.99 -72.25
N ALA NC 106 39.76 -64.88 -72.00
CA ALA NC 106 40.66 -64.76 -70.86
C ALA NC 106 41.54 -63.52 -70.97
N GLU NC 107 42.01 -63.25 -72.18
CA GLU NC 107 42.83 -62.08 -72.44
C GLU NC 107 42.02 -60.80 -72.23
N GLU NC 108 40.76 -60.83 -72.64
CA GLU NC 108 39.86 -59.69 -72.49
C GLU NC 108 39.55 -59.40 -71.03
N GLU NC 109 39.22 -60.45 -70.28
CA GLU NC 109 38.91 -60.32 -68.86
C GLU NC 109 40.12 -59.83 -68.08
N ALA NC 110 41.29 -60.36 -68.42
CA ALA NC 110 42.53 -59.97 -67.76
C ALA NC 110 42.87 -58.52 -68.06
N LYS NC 111 42.64 -58.10 -69.30
CA LYS NC 111 42.90 -56.74 -69.72
C LYS NC 111 42.02 -55.74 -68.97
N LEU NC 112 40.73 -56.03 -68.89
CA LEU NC 112 39.78 -55.17 -68.21
C LEU NC 112 40.07 -55.08 -66.72
N ALA NC 113 40.47 -56.21 -66.14
CA ALA NC 113 40.78 -56.27 -64.71
C ALA NC 113 42.02 -55.43 -64.39
N LEU NC 114 43.01 -55.48 -65.27
CA LEU NC 114 44.24 -54.74 -65.07
C LEU NC 114 44.03 -53.23 -65.17
N ARG NC 115 43.10 -52.83 -66.02
CA ARG NC 115 42.77 -51.42 -66.18
C ARG NC 115 42.20 -50.82 -64.91
N VAL NC 116 41.33 -51.57 -64.24
CA VAL NC 116 40.72 -51.12 -63.00
C VAL NC 116 41.68 -51.20 -61.82
N ALA NC 117 42.42 -52.30 -61.75
CA ALA NC 117 43.32 -52.56 -60.63
C ALA NC 117 44.51 -51.60 -60.61
N LEU NC 118 45.10 -51.35 -61.77
CA LEU NC 118 46.31 -50.53 -61.85
C LEU NC 118 45.99 -49.06 -62.15
N GLN NC 119 44.71 -48.74 -62.26
CA GLN NC 119 44.25 -47.39 -62.57
C GLN NC 119 44.92 -46.84 -63.82
N VAL NC 120 44.75 -47.55 -64.93
CA VAL NC 120 45.37 -47.17 -66.19
C VAL NC 120 44.81 -45.86 -66.72
N ASP NC 121 45.70 -44.98 -67.17
CA ASP NC 121 45.35 -43.68 -67.75
C ASP NC 121 44.68 -42.77 -66.72
N ILE NC 122 44.84 -43.12 -65.44
CA ILE NC 122 44.30 -42.31 -64.36
C ILE NC 122 45.37 -42.04 -63.30
N ALA NC 123 45.18 -40.99 -62.51
CA ALA NC 123 46.13 -40.64 -61.46
C ALA NC 123 46.10 -41.65 -60.32
N ASP NC 124 47.24 -42.27 -60.05
CA ASP NC 124 47.36 -43.24 -58.97
C ASP NC 124 47.41 -42.57 -57.61
N GLU NC 125 47.57 -43.37 -56.56
CA GLU NC 125 47.66 -42.85 -55.20
C GLU NC 125 48.93 -42.02 -55.01
N HIS NC 126 49.93 -42.29 -55.83
CA HIS NC 126 51.19 -41.55 -55.78
C HIS NC 126 51.22 -40.48 -56.86
N SER NC 127 50.04 -40.02 -57.27
CA SER NC 127 49.88 -39.04 -58.34
C SER NC 127 50.60 -39.52 -59.61
N CYS NC 128 50.32 -40.75 -60.00
CA CYS NC 128 50.99 -41.36 -61.14
C CYS NC 128 50.02 -41.84 -62.21
N VAL NC 129 50.39 -41.65 -63.46
CA VAL NC 129 49.62 -42.17 -64.59
C VAL NC 129 50.17 -43.52 -65.02
N THR NC 130 49.40 -44.58 -64.78
CA THR NC 130 49.88 -45.93 -65.01
C THR NC 130 49.41 -46.50 -66.34
N GLN NC 131 50.20 -47.44 -66.86
CA GLN NC 131 49.85 -48.17 -68.08
C GLN NC 131 50.43 -49.57 -68.02
N PHE NC 132 49.92 -50.48 -68.84
CA PHE NC 132 50.37 -51.86 -68.78
C PHE NC 132 50.54 -52.49 -70.15
N GLU NC 133 51.44 -53.46 -70.24
CA GLU NC 133 51.65 -54.24 -71.44
C GLU NC 133 51.65 -55.72 -71.09
N MET NC 134 50.92 -56.53 -71.84
CA MET NC 134 50.78 -57.94 -71.51
C MET NC 134 51.11 -58.87 -72.68
N LYS NC 135 51.69 -60.02 -72.35
CA LYS NC 135 52.02 -61.04 -73.34
C LYS NC 135 51.26 -62.33 -73.05
N LEU NC 136 50.92 -63.08 -74.09
CA LEU NC 136 50.16 -64.32 -73.93
C LEU NC 136 51.07 -65.53 -74.02
N ARG NC 137 50.99 -66.40 -73.03
CA ARG NC 137 51.80 -67.63 -73.00
C ARG NC 137 50.92 -68.85 -72.74
N GLU NC 138 51.30 -69.98 -73.32
CA GLU NC 138 50.52 -71.21 -73.18
C GLU NC 138 51.39 -72.36 -72.70
N GLU NC 139 51.04 -72.92 -71.55
CA GLU NC 139 51.78 -74.05 -70.98
C GLU NC 139 50.87 -74.94 -70.12
N LEU NC 140 51.28 -76.19 -69.96
CA LEU NC 140 50.52 -77.14 -69.16
C LEU NC 140 50.55 -76.77 -67.67
N LEU NC 141 49.38 -76.57 -67.09
CA LEU NC 141 49.27 -76.22 -65.68
C LEU NC 141 49.66 -77.38 -64.76
N SER NC 142 49.48 -78.61 -65.25
CA SER NC 142 49.78 -79.79 -64.46
C SER NC 142 51.24 -80.22 -64.60
N SER NC 143 51.99 -79.50 -65.42
CA SER NC 143 53.40 -79.82 -65.63
C SER NC 143 54.22 -79.51 -64.39
N ASP NC 144 55.20 -80.36 -64.11
CA ASP NC 144 56.08 -80.19 -62.96
C ASP NC 144 57.02 -79.01 -63.12
N SER NC 145 57.57 -78.85 -64.33
CA SER NC 145 58.51 -77.77 -64.62
C SER NC 145 57.78 -76.51 -65.06
N PHE NC 146 56.90 -76.00 -64.20
CA PHE NC 146 56.15 -74.79 -64.49
C PHE NC 146 55.84 -73.99 -63.23
N HIS NC 147 55.98 -72.68 -63.32
CA HIS NC 147 55.61 -71.79 -62.22
C HIS NC 147 55.25 -70.41 -62.76
N PRO NC 148 54.24 -69.77 -62.14
CA PRO NC 148 53.81 -68.41 -62.47
C PRO NC 148 54.96 -67.42 -62.59
N ASP NC 149 55.98 -67.60 -61.76
CA ASP NC 149 57.13 -66.70 -61.77
C ASP NC 149 58.44 -67.44 -62.04
N LYS NC 150 58.50 -68.15 -63.16
CA LYS NC 150 59.69 -68.90 -63.54
C LYS NC 150 60.87 -67.96 -63.82
N ASP NC 151 62.07 -68.53 -63.82
CA ASP NC 151 63.29 -67.74 -64.03
C ASP NC 151 63.34 -67.13 -65.42
N GLU NC 152 63.12 -67.95 -66.44
CA GLU NC 152 63.21 -67.51 -67.83
C GLU NC 152 62.21 -66.42 -68.17
N TYR NC 153 61.16 -66.30 -67.37
CA TYR NC 153 60.11 -65.33 -67.62
C TYR NC 153 60.59 -63.90 -67.35
N TYR NC 154 61.63 -63.76 -66.54
CA TYR NC 154 62.14 -62.44 -66.17
C TYR NC 154 63.39 -62.08 -66.96
N LYS NC 155 63.66 -62.84 -68.01
CA LYS NC 155 64.88 -62.65 -68.81
C LYS NC 155 64.92 -61.30 -69.51
N ASP NC 156 63.74 -60.76 -69.82
CA ASP NC 156 63.65 -59.49 -70.56
C ASP NC 156 64.06 -58.30 -69.71
N PHE NC 157 63.91 -58.41 -68.39
CA PHE NC 157 64.13 -57.29 -67.49
C PHE NC 157 65.37 -57.47 -66.62
N LEU NC 158 66.04 -58.60 -66.77
CA LEU NC 158 67.25 -58.86 -66.01
C LEU NC 158 68.42 -59.19 -66.94
N SER OC 3 66.17 -47.21 -43.44
CA SER OC 3 66.83 -45.99 -43.92
C SER OC 3 67.89 -46.32 -44.96
N VAL OC 4 68.64 -47.39 -44.72
CA VAL OC 4 69.68 -47.82 -45.63
C VAL OC 4 69.42 -49.25 -46.12
N ASN OC 5 69.57 -49.46 -47.42
CA ASN OC 5 69.30 -50.77 -48.02
C ASN OC 5 70.54 -51.33 -48.72
N THR OC 6 71.31 -52.14 -47.99
CA THR OC 6 72.48 -52.78 -48.56
C THR OC 6 72.11 -54.11 -49.22
N SER OC 7 72.99 -54.59 -50.09
CA SER OC 7 72.76 -55.83 -50.81
C SER OC 7 74.07 -56.36 -51.40
N PHE OC 8 74.22 -57.68 -51.40
CA PHE OC 8 75.44 -58.32 -51.87
C PHE OC 8 75.29 -58.90 -53.29
N LEU OC 9 75.90 -58.24 -54.26
CA LEU OC 9 75.97 -58.78 -55.61
C LEU OC 9 77.03 -59.86 -55.66
N SER OC 10 78.05 -59.68 -54.84
CA SER OC 10 79.17 -60.61 -54.74
C SER OC 10 79.76 -60.50 -53.34
N PRO OC 11 80.62 -61.45 -52.94
CA PRO OC 11 81.26 -61.34 -51.62
C PRO OC 11 82.05 -60.05 -51.45
N SER OC 12 82.70 -59.58 -52.51
CA SER OC 12 83.49 -58.36 -52.43
C SER OC 12 82.78 -57.19 -53.11
N LEU OC 13 81.51 -57.36 -53.43
CA LEU OC 13 80.74 -56.31 -54.11
C LEU OC 13 79.44 -56.04 -53.38
N VAL OC 14 79.30 -54.81 -52.87
CA VAL OC 14 78.12 -54.42 -52.11
C VAL OC 14 77.53 -53.10 -52.63
N THR OC 15 76.23 -53.08 -52.82
CA THR OC 15 75.53 -51.86 -53.22
C THR OC 15 74.78 -51.26 -52.04
N ILE OC 16 75.06 -50.00 -51.73
CA ILE OC 16 74.45 -49.34 -50.59
C ILE OC 16 73.60 -48.15 -51.01
N ARG OC 17 72.30 -48.21 -50.71
CA ARG OC 17 71.37 -47.13 -51.04
C ARG OC 17 70.91 -46.40 -49.79
N ASP OC 18 71.09 -45.08 -49.77
CA ASP OC 18 70.66 -44.25 -48.66
C ASP OC 18 69.47 -43.38 -49.06
N PHE OC 19 68.28 -43.77 -48.59
CA PHE OC 19 67.06 -43.05 -48.95
C PHE OC 19 67.00 -41.67 -48.29
N ASP OC 20 67.43 -41.59 -47.04
CA ASP OC 20 67.37 -40.35 -46.28
C ASP OC 20 68.31 -39.30 -46.86
N ASN OC 21 69.52 -39.71 -47.20
CA ASN OC 21 70.51 -38.79 -47.76
C ASN OC 21 70.42 -38.69 -49.27
N GLY OC 22 69.62 -39.56 -49.88
CA GLY OC 22 69.45 -39.59 -51.32
C GLY OC 22 70.77 -39.90 -52.00
N GLN OC 23 71.45 -40.93 -51.52
CA GLN OC 23 72.76 -41.31 -52.04
C GLN OC 23 72.83 -42.78 -52.43
N PHE OC 24 73.77 -43.10 -53.32
CA PHE OC 24 74.04 -44.47 -53.71
C PHE OC 24 75.55 -44.67 -53.79
N ALA OC 25 76.04 -45.64 -53.04
CA ALA OC 25 77.47 -45.93 -53.02
C ALA OC 25 77.72 -47.41 -53.27
N VAL OC 26 78.74 -47.71 -54.08
CA VAL OC 26 79.12 -49.09 -54.34
C VAL OC 26 80.32 -49.48 -53.50
N LEU OC 27 80.15 -50.48 -52.64
CA LEU OC 27 81.23 -50.96 -51.81
C LEU OC 27 81.91 -52.15 -52.46
N ARG OC 28 83.17 -51.98 -52.82
CA ARG OC 28 83.90 -53.03 -53.53
C ARG OC 28 85.31 -53.22 -52.99
N ILE OC 29 85.66 -54.46 -52.70
CA ILE OC 29 87.03 -54.80 -52.31
C ILE OC 29 87.71 -55.52 -53.48
N GLY OC 30 88.16 -54.75 -54.45
CA GLY OC 30 88.71 -55.28 -55.68
C GLY OC 30 90.09 -55.90 -55.57
N ARG OC 31 90.99 -55.20 -54.88
CA ARG OC 31 92.39 -55.60 -54.78
C ARG OC 31 92.57 -57.01 -54.24
N THR OC 32 91.78 -57.38 -53.24
CA THR OC 32 91.93 -58.68 -52.59
C THR OC 32 90.77 -59.62 -52.87
N GLY OC 33 89.56 -59.06 -52.93
CA GLY OC 33 88.37 -59.86 -53.15
C GLY OC 33 87.81 -60.44 -51.85
N PHE OC 34 88.21 -59.84 -50.74
CA PHE OC 34 87.72 -60.27 -49.42
C PHE OC 34 86.24 -59.94 -49.25
N PRO OC 35 85.55 -60.70 -48.40
CA PRO OC 35 84.12 -60.44 -48.13
C PRO OC 35 83.94 -59.20 -47.28
N ALA OC 36 83.00 -58.34 -47.65
CA ALA OC 36 82.75 -57.11 -46.91
C ALA OC 36 82.14 -57.43 -45.55
N ASP OC 37 82.88 -57.06 -44.49
CA ASP OC 37 82.41 -57.28 -43.13
C ASP OC 37 81.58 -56.09 -42.65
N LYS OC 38 81.13 -56.14 -41.40
CA LYS OC 38 80.35 -55.07 -40.82
C LYS OC 38 81.17 -53.78 -40.76
N GLY OC 39 82.47 -53.93 -40.51
CA GLY OC 39 83.37 -52.80 -40.45
C GLY OC 39 83.56 -52.14 -41.80
N ASP OC 40 83.62 -52.95 -42.85
CA ASP OC 40 83.79 -52.43 -44.21
C ASP OC 40 82.60 -51.59 -44.65
N ILE OC 41 81.39 -52.07 -44.36
CA ILE OC 41 80.17 -51.35 -44.71
C ILE OC 41 80.05 -50.06 -43.90
N ASP OC 42 80.35 -50.15 -42.61
CA ASP OC 42 80.31 -48.98 -41.72
C ASP OC 42 81.31 -47.91 -42.17
N LEU OC 43 82.44 -48.36 -42.71
CA LEU OC 43 83.44 -47.44 -43.24
C LEU OC 43 82.90 -46.72 -44.47
N CYS OC 44 82.18 -47.45 -45.30
CA CYS OC 44 81.59 -46.88 -46.51
C CYS OC 44 80.55 -45.83 -46.15
N LEU OC 45 79.72 -46.13 -45.15
CA LEU OC 45 78.71 -45.20 -44.67
C LEU OC 45 79.34 -43.91 -44.15
N ASP OC 46 80.47 -44.06 -43.47
CA ASP OC 46 81.19 -42.91 -42.91
C ASP OC 46 81.75 -42.01 -44.02
N LYS OC 47 81.99 -42.60 -45.18
CA LYS OC 47 82.50 -41.84 -46.32
C LYS OC 47 81.36 -41.11 -47.04
N MET OC 48 80.18 -41.72 -47.05
CA MET OC 48 79.02 -41.12 -47.69
C MET OC 48 78.60 -39.83 -46.99
N ILE OC 49 78.55 -39.88 -45.67
CA ILE OC 49 78.16 -38.72 -44.89
C ILE OC 49 79.24 -37.64 -44.95
N GLY OC 50 80.47 -38.06 -45.20
CA GLY OC 50 81.58 -37.13 -45.35
C GLY OC 50 81.46 -36.32 -46.63
N VAL OC 51 81.17 -37.00 -47.73
CA VAL OC 51 80.99 -36.35 -49.02
C VAL OC 51 79.67 -35.59 -49.03
N ARG OC 52 78.69 -36.11 -48.30
CA ARG OC 52 77.43 -35.40 -48.10
C ARG OC 52 77.70 -34.04 -47.45
N ALA OC 53 78.65 -34.02 -46.52
CA ALA OC 53 79.07 -32.78 -45.88
C ALA OC 53 79.82 -31.88 -46.86
N ALA OC 54 80.56 -32.48 -47.78
CA ALA OC 54 81.28 -31.72 -48.79
C ALA OC 54 80.32 -31.02 -49.75
N GLN OC 55 79.23 -31.70 -50.08
CA GLN OC 55 78.23 -31.14 -50.99
C GLN OC 55 77.55 -29.91 -50.43
N ILE OC 56 77.06 -30.02 -49.19
CA ILE OC 56 76.36 -28.94 -48.53
C ILE OC 56 77.33 -27.81 -48.19
N PHE OC 57 78.60 -28.16 -48.01
CA PHE OC 57 79.64 -27.16 -47.77
C PHE OC 57 79.79 -26.24 -48.98
N LEU OC 58 79.82 -26.83 -50.16
CA LEU OC 58 79.94 -26.07 -51.40
C LEU OC 58 78.67 -25.29 -51.70
N GLY OC 59 77.60 -25.64 -51.00
CA GLY OC 59 76.32 -24.98 -51.18
C GLY OC 59 75.17 -25.96 -51.07
N ASP OC 60 74.09 -25.55 -50.41
CA ASP OC 60 72.93 -26.41 -50.25
C ASP OC 60 72.19 -26.53 -51.58
N ASP OC 61 72.33 -27.68 -52.23
CA ASP OC 61 71.71 -27.90 -53.53
C ASP OC 61 70.45 -28.73 -53.40
N THR OC 62 70.00 -28.93 -52.16
CA THR OC 62 68.75 -29.61 -51.90
C THR OC 62 67.58 -28.67 -52.21
N GLU OC 63 67.86 -27.37 -52.19
CA GLU OC 63 66.86 -26.36 -52.52
C GLU OC 63 66.60 -26.30 -54.01
N ASP OC 64 65.59 -25.53 -54.40
CA ASP OC 64 65.23 -25.39 -55.81
C ASP OC 64 66.22 -24.51 -56.54
N GLY OC 65 66.50 -24.85 -57.80
CA GLY OC 65 67.43 -24.09 -58.62
C GLY OC 65 68.87 -24.30 -58.21
N PHE OC 66 69.24 -25.57 -58.00
CA PHE OC 66 70.59 -25.92 -57.62
C PHE OC 66 71.60 -25.55 -58.71
N LYS OC 67 72.23 -24.38 -58.56
CA LYS OC 67 73.21 -23.91 -59.52
C LYS OC 67 74.47 -24.76 -59.51
N GLY OC 68 74.67 -25.51 -58.43
CA GLY OC 68 75.81 -26.41 -58.33
C GLY OC 68 76.99 -25.80 -57.57
N PRO OC 69 78.16 -26.46 -57.65
CA PRO OC 69 78.33 -27.71 -58.39
C PRO OC 69 77.92 -28.93 -57.58
N HIS OC 70 77.59 -30.03 -58.27
CA HIS OC 70 77.18 -31.25 -57.60
C HIS OC 70 78.36 -32.20 -57.40
N ILE OC 71 78.49 -32.72 -56.18
CA ILE OC 71 79.55 -33.66 -55.85
C ILE OC 71 78.98 -34.86 -55.10
N ARG OC 72 79.01 -36.02 -55.76
CA ARG OC 72 78.37 -37.22 -55.22
C ARG OC 72 79.31 -38.43 -55.26
N ILE OC 73 79.15 -39.33 -54.29
CA ILE OC 73 79.94 -40.56 -54.25
C ILE OC 73 79.45 -41.56 -55.28
N ARG OC 74 80.39 -42.18 -55.99
CA ARG OC 74 80.07 -43.22 -56.97
C ARG OC 74 80.41 -44.61 -56.41
N CYS OC 75 81.57 -44.73 -55.78
CA CYS OC 75 82.04 -46.01 -55.29
C CYS OC 75 83.15 -45.87 -54.24
N VAL OC 76 83.35 -46.91 -53.45
CA VAL OC 76 84.40 -46.95 -52.45
C VAL OC 76 85.20 -48.26 -52.56
N ASP OC 77 86.48 -48.14 -52.93
CA ASP OC 77 87.32 -49.32 -53.10
C ASP OC 77 88.25 -49.49 -51.91
N ILE OC 78 88.19 -50.66 -51.29
CA ILE OC 78 88.99 -50.94 -50.09
C ILE OC 78 90.16 -51.87 -50.37
N ASP OC 79 91.37 -51.42 -50.05
CA ASP OC 79 92.55 -52.27 -50.12
C ASP OC 79 92.75 -52.94 -48.76
N ASP OC 80 92.75 -54.27 -48.75
CA ASP OC 80 92.73 -55.03 -47.50
C ASP OC 80 93.88 -56.03 -47.42
N LYS OC 81 94.83 -55.92 -48.34
CA LYS OC 81 95.94 -56.87 -48.44
C LYS OC 81 96.83 -56.88 -47.20
N HIS OC 82 97.53 -55.77 -46.97
CA HIS OC 82 98.48 -55.68 -45.88
C HIS OC 82 98.04 -54.65 -44.85
N THR OC 83 97.77 -53.43 -45.33
CA THR OC 83 97.30 -52.37 -44.46
C THR OC 83 95.90 -51.91 -44.89
N TYR OC 84 95.07 -51.54 -43.92
CA TYR OC 84 93.70 -51.13 -44.22
C TYR OC 84 93.68 -49.78 -44.94
N ASN OC 85 93.30 -49.81 -46.21
CA ASN OC 85 93.25 -48.60 -47.03
C ASN OC 85 91.95 -48.52 -47.83
N ALA OC 86 91.50 -47.29 -48.07
CA ALA OC 86 90.25 -47.08 -48.81
C ALA OC 86 90.41 -46.00 -49.88
N MET OC 87 89.97 -46.33 -51.10
CA MET OC 87 89.98 -45.38 -52.20
C MET OC 87 88.55 -45.00 -52.58
N VAL OC 88 88.19 -43.73 -52.38
CA VAL OC 88 86.84 -43.26 -52.64
C VAL OC 88 86.72 -42.70 -54.05
N TYR OC 89 85.65 -43.06 -54.75
CA TYR OC 89 85.42 -42.56 -56.09
C TYR OC 89 84.25 -41.56 -56.11
N VAL OC 90 84.55 -40.33 -56.53
CA VAL OC 90 83.58 -39.25 -56.48
C VAL OC 90 83.43 -38.55 -57.83
N ASP OC 91 82.19 -38.22 -58.21
CA ASP OC 91 81.96 -37.48 -59.45
C ASP OC 91 81.52 -36.04 -59.14
N LEU OC 92 82.23 -35.08 -59.74
CA LEU OC 92 81.90 -33.67 -59.57
C LEU OC 92 81.21 -33.12 -60.82
N ILE OC 93 79.95 -32.70 -60.66
CA ILE OC 93 79.18 -32.18 -61.78
C ILE OC 93 78.98 -30.67 -61.65
N VAL OC 94 79.27 -29.95 -62.72
CA VAL OC 94 79.13 -28.49 -62.72
C VAL OC 94 78.61 -27.99 -64.07
N GLU OC 100 85.25 -21.48 -67.45
CA GLU OC 100 86.31 -22.46 -67.23
C GLU OC 100 87.08 -22.17 -65.93
N VAL OC 101 87.22 -20.89 -65.62
CA VAL OC 101 87.91 -20.46 -64.41
C VAL OC 101 87.12 -20.85 -63.17
N GLU OC 102 85.81 -20.66 -63.23
CA GLU OC 102 84.92 -21.03 -62.13
C GLU OC 102 84.90 -22.55 -61.95
N ARG OC 103 85.07 -23.28 -63.04
CA ARG OC 103 85.11 -24.73 -63.01
C ARG OC 103 86.35 -25.21 -62.25
N GLU OC 104 87.47 -24.54 -62.50
CA GLU OC 104 88.72 -24.84 -61.79
C GLU OC 104 88.60 -24.48 -60.32
N THR OC 105 87.91 -23.38 -60.05
CA THR OC 105 87.66 -22.94 -58.67
C THR OC 105 86.77 -23.93 -57.94
N ALA OC 106 85.75 -24.42 -58.64
CA ALA OC 106 84.84 -25.40 -58.08
C ALA OC 106 85.56 -26.72 -57.79
N GLU OC 107 86.45 -27.10 -58.70
CA GLU OC 107 87.25 -28.31 -58.53
C GLU OC 107 88.19 -28.20 -57.33
N GLU OC 108 88.75 -27.00 -57.15
CA GLU OC 108 89.66 -26.74 -56.04
C GLU OC 108 88.93 -26.79 -54.70
N GLU OC 109 87.78 -26.13 -54.63
CA GLU OC 109 86.97 -26.11 -53.42
C GLU OC 109 86.48 -27.51 -53.05
N ALA OC 110 86.07 -28.27 -54.06
CA ALA OC 110 85.59 -29.64 -53.84
C ALA OC 110 86.73 -30.53 -53.35
N LYS OC 111 87.92 -30.33 -53.91
CA LYS OC 111 89.09 -31.12 -53.52
C LYS OC 111 89.47 -30.88 -52.06
N LEU OC 112 89.52 -29.61 -51.67
CA LEU OC 112 89.88 -29.26 -50.29
C LEU OC 112 88.86 -29.78 -49.29
N ALA OC 113 87.58 -29.71 -49.66
CA ALA OC 113 86.50 -30.17 -48.80
C ALA OC 113 86.57 -31.69 -48.60
N LEU OC 114 86.89 -32.40 -49.67
CA LEU OC 114 86.99 -33.86 -49.62
C LEU OC 114 88.16 -34.34 -48.78
N ARG OC 115 89.25 -33.58 -48.79
CA ARG OC 115 90.43 -33.93 -48.01
C ARG OC 115 90.13 -33.90 -46.52
N VAL OC 116 89.37 -32.90 -46.08
CA VAL OC 116 89.00 -32.77 -44.68
C VAL OC 116 87.92 -33.77 -44.30
N ALA OC 117 86.93 -33.93 -45.18
CA ALA OC 117 85.79 -34.79 -44.91
C ALA OC 117 86.15 -36.27 -44.89
N LEU OC 118 86.99 -36.69 -45.84
CA LEU OC 118 87.32 -38.10 -45.97
C LEU OC 118 88.62 -38.48 -45.24
N GLN OC 119 89.24 -37.50 -44.59
CA GLN OC 119 90.49 -37.70 -43.86
C GLN OC 119 91.54 -38.36 -44.74
N VAL OC 120 91.86 -37.72 -45.85
CA VAL OC 120 92.81 -38.26 -46.82
C VAL OC 120 94.23 -38.33 -46.24
N ASP OC 121 94.87 -39.47 -46.46
CA ASP OC 121 96.26 -39.71 -46.03
C ASP OC 121 96.40 -39.68 -44.51
N ILE OC 122 95.28 -39.80 -43.81
CA ILE OC 122 95.28 -39.84 -42.35
C ILE OC 122 94.48 -41.04 -41.86
N ALA OC 123 94.75 -41.46 -40.63
CA ALA OC 123 94.05 -42.60 -40.04
C ALA OC 123 92.59 -42.26 -39.74
N ASP OC 124 91.68 -43.02 -40.34
CA ASP OC 124 90.25 -42.81 -40.15
C ASP OC 124 89.80 -43.37 -38.79
N GLU OC 125 88.50 -43.29 -38.53
CA GLU OC 125 87.93 -43.81 -37.30
C GLU OC 125 88.05 -45.33 -37.24
N HIS OC 126 88.16 -45.96 -38.41
CA HIS OC 126 88.33 -47.40 -38.50
C HIS OC 126 89.79 -47.77 -38.69
N SER OC 127 90.68 -46.88 -38.26
CA SER OC 127 92.13 -47.05 -38.44
C SER OC 127 92.48 -47.29 -39.91
N CYS OC 128 91.96 -46.43 -40.78
CA CYS OC 128 92.15 -46.58 -42.22
C CYS OC 128 92.76 -45.35 -42.86
N VAL OC 129 93.67 -45.57 -43.81
CA VAL OC 129 94.24 -44.47 -44.58
C VAL OC 129 93.45 -44.30 -45.87
N THR OC 130 92.73 -43.18 -45.96
CA THR OC 130 91.81 -42.97 -47.07
C THR OC 130 92.38 -42.09 -48.17
N GLN OC 131 91.89 -42.28 -49.39
CA GLN OC 131 92.25 -41.47 -50.54
C GLN OC 131 91.06 -41.39 -51.48
N PHE OC 132 91.07 -40.40 -52.38
CA PHE OC 132 89.93 -40.21 -53.28
C PHE OC 132 90.37 -39.86 -54.70
N GLU OC 133 89.53 -40.22 -55.66
CA GLU OC 133 89.73 -39.86 -57.06
C GLU OC 133 88.44 -39.28 -57.63
N MET OC 134 88.56 -38.15 -58.33
CA MET OC 134 87.38 -37.46 -58.84
C MET OC 134 87.45 -37.17 -60.33
N LYS OC 135 86.29 -37.22 -60.99
CA LYS OC 135 86.19 -36.90 -62.41
C LYS OC 135 85.28 -35.70 -62.64
N LEU OC 136 85.58 -34.91 -63.66
CA LEU OC 136 84.79 -33.72 -63.94
C LEU OC 136 83.81 -33.93 -65.10
N ARG OC 137 82.54 -33.61 -64.85
CA ARG OC 137 81.50 -33.74 -65.85
C ARG OC 137 80.70 -32.44 -65.97
N GLU OC 138 80.23 -32.13 -67.17
CA GLU OC 138 79.49 -30.90 -67.41
C GLU OC 138 78.14 -31.18 -68.07
N GLU OC 139 77.06 -30.78 -67.40
CA GLU OC 139 75.72 -30.98 -67.92
C GLU OC 139 74.77 -29.90 -67.40
N LEU OC 140 73.68 -29.67 -68.14
CA LEU OC 140 72.70 -28.67 -67.76
C LEU OC 140 71.94 -29.08 -66.50
N LEU OC 141 72.01 -28.23 -65.47
CA LEU OC 141 71.32 -28.49 -64.22
C LEU OC 141 69.80 -28.39 -64.36
N SER OC 142 69.36 -27.56 -65.30
CA SER OC 142 67.93 -27.34 -65.52
C SER OC 142 67.35 -28.37 -66.49
N SER OC 143 68.21 -29.24 -67.02
CA SER OC 143 67.78 -30.27 -67.96
C SER OC 143 66.93 -31.33 -67.26
N ASP OC 144 65.91 -31.82 -67.96
CA ASP OC 144 65.02 -32.83 -67.41
C ASP OC 144 65.74 -34.17 -67.25
N SER OC 145 66.55 -34.52 -68.25
CA SER OC 145 67.28 -35.79 -68.23
C SER OC 145 68.62 -35.62 -67.52
N PHE OC 146 68.58 -35.22 -66.25
CA PHE OC 146 69.79 -35.05 -65.46
C PHE OC 146 69.53 -35.32 -63.99
N HIS OC 147 70.46 -36.04 -63.36
CA HIS OC 147 70.40 -36.29 -61.92
C HIS OC 147 71.79 -36.57 -61.37
N PRO OC 148 72.07 -36.07 -60.16
CA PRO OC 148 73.33 -36.30 -59.44
C PRO OC 148 73.78 -37.76 -59.43
N ASP OC 149 72.81 -38.69 -59.34
CA ASP OC 149 73.13 -40.11 -59.30
C ASP OC 149 72.48 -40.88 -60.45
N LYS OC 150 72.77 -40.46 -61.67
CA LYS OC 150 72.21 -41.12 -62.86
C LYS OC 150 72.72 -42.56 -62.99
N ASP OC 151 72.02 -43.35 -63.80
CA ASP OC 151 72.36 -44.75 -63.99
C ASP OC 151 73.73 -44.93 -64.64
N GLU OC 152 73.95 -44.23 -65.75
CA GLU OC 152 75.18 -44.37 -66.53
C GLU OC 152 76.43 -43.96 -65.75
N TYR OC 153 76.24 -43.20 -64.67
CA TYR OC 153 77.37 -42.70 -63.88
C TYR OC 153 78.05 -43.81 -63.10
N TYR OC 154 77.33 -44.90 -62.84
CA TYR OC 154 77.86 -46.00 -62.05
C TYR OC 154 78.29 -47.16 -62.93
N LYS OC 155 78.38 -46.91 -64.23
CA LYS OC 155 78.71 -47.96 -65.21
C LYS OC 155 80.12 -48.50 -65.02
N ASP OC 156 81.01 -47.68 -64.47
CA ASP OC 156 82.40 -48.06 -64.30
C ASP OC 156 82.59 -49.10 -63.20
N PHE OC 157 81.68 -49.11 -62.23
CA PHE OC 157 81.82 -49.97 -61.06
C PHE OC 157 80.80 -51.10 -61.06
N LEU OC 158 79.92 -51.12 -62.06
CA LEU OC 158 78.93 -52.17 -62.19
C LEU OC 158 79.01 -52.85 -63.55
N GLU PC 2 73.02 -55.28 10.30
CA GLU PC 2 73.99 -55.77 9.32
C GLU PC 2 74.57 -57.12 9.74
N SER PC 3 74.94 -57.93 8.76
CA SER PC 3 75.49 -59.26 9.01
C SER PC 3 76.91 -59.17 9.56
N VAL PC 4 77.68 -58.24 9.00
CA VAL PC 4 79.07 -58.05 9.42
C VAL PC 4 79.28 -56.62 9.93
N ASN PC 5 79.97 -56.51 11.07
CA ASN PC 5 80.20 -55.21 11.68
C ASN PC 5 81.69 -54.90 11.82
N THR PC 6 82.23 -54.21 10.81
CA THR PC 6 83.63 -53.80 10.83
C THR PC 6 83.80 -52.45 11.53
N SER PC 7 85.03 -52.16 11.95
CA SER PC 7 85.33 -50.92 12.65
C SER PC 7 86.83 -50.65 12.66
N PHE PC 8 87.20 -49.38 12.54
CA PHE PC 8 88.59 -48.97 12.48
C PHE PC 8 89.09 -48.43 13.81
N LEU PC 9 89.91 -49.21 14.50
CA LEU PC 9 90.57 -48.73 15.72
C LEU PC 9 91.75 -47.84 15.35
N SER PC 10 92.34 -48.16 14.20
CA SER PC 10 93.48 -47.42 13.67
C SER PC 10 93.50 -47.58 12.15
N PRO PC 11 94.28 -46.76 11.44
CA PRO PC 11 94.38 -46.94 9.98
C PRO PC 11 94.84 -48.33 9.58
N SER PC 12 95.73 -48.93 10.37
CA SER PC 12 96.23 -50.27 10.07
C SER PC 12 95.61 -51.32 11.00
N LEU PC 13 94.58 -50.93 11.74
CA LEU PC 13 93.94 -51.83 12.68
C LEU PC 13 92.43 -51.86 12.48
N VAL PC 14 91.90 -53.04 12.10
CA VAL PC 14 90.48 -53.19 11.84
C VAL PC 14 89.91 -54.40 12.57
N THR PC 15 88.79 -54.21 13.25
CA THR PC 15 88.11 -55.32 13.92
C THR PC 15 86.87 -55.72 13.14
N ILE PC 16 86.79 -57.00 12.79
CA ILE PC 16 85.67 -57.51 12.00
C ILE PC 16 84.87 -58.57 12.75
N ARG PC 17 83.59 -58.28 12.98
CA ARG PC 17 82.70 -59.23 13.66
C ARG PC 17 81.67 -59.81 12.69
N ASP PC 18 81.62 -61.13 12.64
CA ASP PC 18 80.64 -61.83 11.80
C ASP PC 18 79.59 -62.50 12.68
N PHE PC 19 78.41 -61.91 12.72
CA PHE PC 19 77.32 -62.40 13.57
C PHE PC 19 76.77 -63.74 13.08
N ASP PC 20 76.62 -63.86 11.76
CA ASP PC 20 76.03 -65.06 11.18
C ASP PC 20 76.91 -66.29 11.36
N ASN PC 21 78.22 -66.13 11.13
CA ASN PC 21 79.16 -67.25 11.27
C ASN PC 21 79.71 -67.36 12.68
N GLY PC 22 79.42 -66.36 13.51
CA GLY PC 22 79.89 -66.35 14.88
C GLY PC 22 81.41 -66.31 15.01
N GLN PC 23 82.03 -65.41 14.26
CA GLN PC 23 83.49 -65.31 14.25
C GLN PC 23 83.94 -63.88 14.50
N PHE PC 24 85.17 -63.73 14.99
CA PHE PC 24 85.76 -62.41 15.18
C PHE PC 24 87.22 -62.47 14.74
N ALA PC 25 87.58 -61.58 13.81
CA ALA PC 25 88.93 -61.53 13.30
C ALA PC 25 89.47 -60.10 13.37
N VAL PC 26 90.73 -59.98 13.76
CA VAL PC 26 91.38 -58.67 13.80
C VAL PC 26 92.26 -58.48 12.57
N LEU PC 27 91.96 -57.45 11.79
CA LEU PC 27 92.75 -57.16 10.59
C LEU PC 27 93.81 -56.11 10.90
N ARG PC 28 95.07 -56.51 10.77
CA ARG PC 28 96.17 -55.62 11.11
C ARG PC 28 97.29 -55.69 10.07
N ILE PC 29 97.72 -54.52 9.62
CA ILE PC 29 98.87 -54.41 8.73
C ILE PC 29 100.07 -53.87 9.50
N GLY PC 30 100.72 -54.75 10.25
CA GLY PC 30 101.79 -54.35 11.15
C GLY PC 30 103.10 -53.99 10.49
N ARG PC 31 103.53 -54.80 9.53
CA ARG PC 31 104.82 -54.64 8.89
C ARG PC 31 105.03 -53.25 8.27
N THR PC 32 104.00 -52.72 7.64
CA THR PC 32 104.12 -51.43 6.96
C THR PC 32 103.33 -50.32 7.63
N GLY PC 33 102.15 -50.66 8.15
CA GLY PC 33 101.28 -49.68 8.77
C GLY PC 33 100.41 -48.96 7.75
N PHE PC 34 100.25 -49.57 6.58
CA PHE PC 34 99.41 -49.01 5.53
C PHE PC 34 97.93 -49.10 5.93
N PRO PC 35 97.09 -48.20 5.39
CA PRO PC 35 95.66 -48.24 5.69
C PRO PC 35 94.98 -49.42 4.99
N ALA PC 36 94.13 -50.14 5.72
CA ALA PC 36 93.44 -51.29 5.16
C ALA PC 36 92.40 -50.87 4.14
N ASP PC 37 92.58 -51.32 2.89
CA ASP PC 37 91.65 -50.99 1.83
C ASP PC 37 90.51 -52.02 1.77
N LYS PC 38 89.61 -51.85 0.81
CA LYS PC 38 88.48 -52.76 0.64
C LYS PC 38 88.94 -54.16 0.30
N GLY PC 39 90.02 -54.26 -0.47
CA GLY PC 39 90.59 -55.53 -0.85
C GLY PC 39 91.16 -56.28 0.35
N ASP PC 40 91.78 -55.54 1.26
CA ASP PC 40 92.37 -56.12 2.46
C ASP PC 40 91.29 -56.72 3.37
N ILE PC 41 90.19 -55.99 3.52
CA ILE PC 41 89.08 -56.46 4.34
C ILE PC 41 88.41 -57.67 3.71
N ASP PC 42 88.19 -57.60 2.39
CA ASP PC 42 87.58 -58.70 1.65
C ASP PC 42 88.45 -59.95 1.71
N LEU PC 43 89.77 -59.74 1.74
CA LEU PC 43 90.71 -60.85 1.86
C LEU PC 43 90.59 -61.50 3.24
N CYS PC 44 90.41 -60.67 4.26
CA CYS PC 44 90.26 -61.15 5.62
C CYS PC 44 89.01 -62.01 5.77
N LEU PC 45 87.91 -61.56 5.16
CA LEU PC 45 86.66 -62.30 5.16
C LEU PC 45 86.83 -63.66 4.50
N ASP PC 46 87.61 -63.69 3.42
CA ASP PC 46 87.87 -64.92 2.68
C ASP PC 46 88.68 -65.92 3.52
N LYS PC 47 89.45 -65.40 4.47
CA LYS PC 47 90.24 -66.25 5.35
C LYS PC 47 89.38 -66.83 6.48
N MET PC 48 88.41 -66.04 6.93
CA MET PC 48 87.51 -66.49 8.00
C MET PC 48 86.66 -67.67 7.57
N ILE PC 49 86.08 -67.59 6.37
CA ILE PC 49 85.24 -68.66 5.85
C ILE PC 49 86.07 -69.90 5.52
N GLY PC 50 87.36 -69.69 5.24
CA GLY PC 50 88.26 -70.79 4.97
C GLY PC 50 88.52 -71.63 6.21
N VAL PC 51 88.79 -70.97 7.33
CA VAL PC 51 89.01 -71.64 8.59
C VAL PC 51 87.69 -72.22 9.11
N ARG PC 52 86.60 -71.52 8.80
CA ARG PC 52 85.26 -72.03 9.11
C ARG PC 52 85.03 -73.38 8.43
N ALA PC 53 85.54 -73.50 7.21
CA ALA PC 53 85.47 -74.76 6.46
C ALA PC 53 86.37 -75.82 7.11
N ALA PC 54 87.49 -75.37 7.67
CA ALA PC 54 88.41 -76.27 8.36
C ALA PC 54 87.75 -76.81 9.64
N GLN PC 55 86.96 -75.97 10.29
CA GLN PC 55 86.28 -76.35 11.52
C GLN PC 55 85.26 -77.45 11.30
N ILE PC 56 84.40 -77.26 10.31
CA ILE PC 56 83.35 -78.23 10.00
C ILE PC 56 83.97 -79.51 9.43
N PHE PC 57 85.13 -79.37 8.79
CA PHE PC 57 85.88 -80.52 8.31
C PHE PC 57 86.34 -81.39 9.46
N LEU PC 58 86.89 -80.76 10.50
CA LEU PC 58 87.37 -81.47 11.68
C LEU PC 58 86.20 -82.02 12.50
N GLY PC 59 85.01 -81.52 12.23
CA GLY PC 59 83.82 -81.96 12.94
C GLY PC 59 82.87 -80.80 13.21
N ASP PC 60 81.58 -81.04 13.04
CA ASP PC 60 80.57 -80.02 13.28
C ASP PC 60 80.41 -79.81 14.78
N ASP PC 61 80.95 -78.69 15.27
CA ASP PC 61 80.91 -78.39 16.70
C ASP PC 61 79.78 -77.42 17.05
N THR PC 62 78.91 -77.17 16.07
CA THR PC 62 77.72 -76.34 16.30
C THR PC 62 76.68 -77.12 17.08
N GLU PC 63 76.76 -78.45 17.02
CA GLU PC 63 75.83 -79.31 17.75
C GLU PC 63 76.15 -79.36 19.23
N ASP PC 64 75.25 -79.97 20.00
CA ASP PC 64 75.44 -80.08 21.45
C ASP PC 64 76.49 -81.13 21.79
N GLY PC 65 77.26 -80.85 22.84
CA GLY PC 65 78.30 -81.76 23.28
C GLY PC 65 79.50 -81.76 22.35
N PHE PC 66 79.93 -80.57 21.95
CA PHE PC 66 81.06 -80.41 21.06
C PHE PC 66 82.35 -80.95 21.67
N LYS PC 67 82.69 -82.19 21.31
CA LYS PC 67 83.89 -82.84 21.82
C LYS PC 67 85.15 -82.17 21.25
N GLY PC 68 84.99 -81.43 20.16
CA GLY PC 68 86.10 -80.72 19.55
C GLY PC 68 86.72 -81.47 18.39
N PRO PC 69 87.90 -81.02 17.94
CA PRO PC 69 88.60 -79.84 18.48
C PRO PC 69 88.10 -78.53 17.86
N HIS PC 70 88.30 -77.43 18.56
CA HIS PC 70 87.90 -76.12 18.07
C HIS PC 70 89.05 -75.41 17.36
N ILE PC 71 88.77 -74.88 16.18
CA ILE PC 71 89.77 -74.14 15.41
C ILE PC 71 89.18 -72.82 14.90
N ARG PC 72 89.67 -71.71 15.44
CA ARG PC 72 89.11 -70.40 15.15
C ARG PC 72 90.19 -69.39 14.78
N ILE PC 73 89.84 -68.43 13.92
CA ILE PC 73 90.76 -67.36 13.56
C ILE PC 73 90.90 -66.33 14.68
N ARG PC 74 92.13 -65.92 14.94
CA ARG PC 74 92.40 -64.89 15.94
C ARG PC 74 92.72 -63.55 15.28
N CYS PC 75 93.53 -63.60 14.22
CA CYS PC 75 93.99 -62.39 13.55
C CYS PC 75 94.55 -62.67 12.17
N VAL PC 76 94.59 -61.65 11.33
CA VAL PC 76 95.18 -61.75 9.99
C VAL PC 76 96.16 -60.61 9.74
N ASP PC 77 97.44 -60.95 9.58
CA ASP PC 77 98.47 -59.94 9.38
C ASP PC 77 98.87 -59.89 7.91
N ILE PC 78 98.77 -58.70 7.33
CA ILE PC 78 99.06 -58.51 5.91
C ILE PC 78 100.38 -57.80 5.66
N ASP PC 79 101.26 -58.44 4.89
CA ASP PC 79 102.49 -57.78 4.45
C ASP PC 79 102.21 -57.08 3.13
N ASP PC 80 102.41 -55.77 3.10
CA ASP PC 80 102.03 -54.96 1.94
C ASP PC 80 103.20 -54.15 1.41
N LYS PC 81 104.40 -54.45 1.93
CA LYS PC 81 105.60 -53.71 1.59
C LYS PC 81 105.96 -53.83 0.12
N HIS PC 82 106.32 -55.04 -0.29
CA HIS PC 82 106.81 -55.27 -1.64
C HIS PC 82 105.88 -56.19 -2.43
N THR PC 83 105.60 -57.36 -1.86
CA THR PC 83 104.69 -58.32 -2.48
C THR PC 83 103.51 -58.57 -1.55
N TYR PC 84 102.33 -58.79 -2.13
CA TYR PC 84 101.13 -59.01 -1.34
C TYR PC 84 101.18 -60.35 -0.63
N ASN PC 85 101.30 -60.29 0.71
CA ASN PC 85 101.39 -61.50 1.52
C ASN PC 85 100.49 -61.41 2.75
N ALA PC 86 99.96 -62.56 3.19
CA ALA PC 86 99.07 -62.59 4.33
C ALA PC 86 99.45 -63.69 5.33
N MET PC 87 99.53 -63.31 6.60
CA MET PC 87 99.83 -64.26 7.67
C MET PC 87 98.60 -64.46 8.57
N VAL PC 88 98.06 -65.67 8.56
CA VAL PC 88 96.85 -65.96 9.33
C VAL PC 88 97.19 -66.53 10.70
N TYR PC 89 96.49 -66.05 11.73
CA TYR PC 89 96.68 -66.52 13.09
C TYR PC 89 95.50 -67.38 13.53
N VAL PC 90 95.78 -68.64 13.87
CA VAL PC 90 94.73 -69.60 14.19
C VAL PC 90 94.96 -70.26 15.55
N ASP PC 91 93.90 -70.43 16.33
CA ASP PC 91 94.00 -71.14 17.60
C ASP PC 91 93.29 -72.49 17.55
N LEU PC 92 94.01 -73.54 17.92
CA LEU PC 92 93.45 -74.88 17.98
C LEU PC 92 93.18 -75.30 19.41
N ILE PC 93 91.91 -75.51 19.74
CA ILE PC 93 91.52 -75.88 21.10
C ILE PC 93 91.09 -77.34 21.18
N VAL PC 94 91.64 -78.07 22.13
CA VAL PC 94 91.32 -79.49 22.30
C VAL PC 94 91.27 -79.88 23.77
N GLU PC 100 97.30 -87.63 24.52
CA GLU PC 100 98.36 -86.86 23.89
C GLU PC 100 98.53 -87.25 22.43
N VAL PC 101 98.30 -88.52 22.13
CA VAL PC 101 98.39 -89.01 20.76
C VAL PC 101 97.29 -88.42 19.88
N GLU PC 102 96.09 -88.36 20.43
CA GLU PC 102 94.95 -87.77 19.72
C GLU PC 102 95.15 -86.27 19.51
N ARG PC 103 95.83 -85.65 20.45
CA ARG PC 103 96.15 -84.21 20.35
C ARG PC 103 97.08 -83.95 19.19
N GLU PC 104 98.06 -84.82 19.01
CA GLU PC 104 99.00 -84.73 17.89
C GLU PC 104 98.28 -85.00 16.58
N THR PC 105 97.34 -85.93 16.61
CA THR PC 105 96.53 -86.27 15.45
C THR PC 105 95.64 -85.09 15.04
N ALA PC 106 95.07 -84.42 16.04
CA ALA PC 106 94.24 -83.26 15.81
C ALA PC 106 95.05 -82.11 15.21
N GLU PC 107 96.27 -81.95 15.70
CA GLU PC 107 97.18 -80.92 15.20
C GLU PC 107 97.56 -81.19 13.74
N GLU PC 108 97.75 -82.46 13.41
CA GLU PC 108 98.11 -82.85 12.05
C GLU PC 108 96.97 -82.60 11.09
N GLU PC 109 95.76 -83.01 11.48
CA GLU PC 109 94.57 -82.82 10.65
C GLU PC 109 94.27 -81.33 10.46
N ALA PC 110 94.43 -80.55 11.53
CA ALA PC 110 94.19 -79.12 11.47
C ALA PC 110 95.20 -78.43 10.56
N LYS PC 111 96.45 -78.87 10.63
CA LYS PC 111 97.51 -78.30 9.79
C LYS PC 111 97.24 -78.55 8.31
N LEU PC 112 96.90 -79.78 7.98
CA LEU PC 112 96.61 -80.15 6.59
C LEU PC 112 95.39 -79.43 6.05
N ALA PC 113 94.37 -79.29 6.89
CA ALA PC 113 93.13 -78.61 6.49
C ALA PC 113 93.35 -77.13 6.22
N LEU PC 114 94.16 -76.49 7.06
CA LEU PC 114 94.42 -75.06 6.92
C LEU PC 114 95.24 -74.73 5.69
N ARG PC 115 96.15 -75.63 5.31
CA ARG PC 115 96.98 -75.43 4.13
C ARG PC 115 96.13 -75.39 2.86
N VAL PC 116 95.14 -76.26 2.80
CA VAL PC 116 94.25 -76.33 1.64
C VAL PC 116 93.26 -75.18 1.65
N ALA PC 117 92.70 -74.90 2.83
CA ALA PC 117 91.67 -73.88 2.97
C ALA PC 117 92.21 -72.47 2.75
N LEU PC 118 93.39 -72.18 3.29
CA LEU PC 118 93.95 -70.84 3.22
C LEU PC 118 94.90 -70.68 2.04
N GLN PC 119 95.06 -71.74 1.25
CA GLN PC 119 95.94 -71.74 0.08
C GLN PC 119 97.37 -71.30 0.42
N VAL PC 120 97.99 -72.01 1.35
CA VAL PC 120 99.34 -71.67 1.81
C VAL PC 120 100.37 -71.86 0.70
N ASP PC 121 101.26 -70.88 0.56
CA ASP PC 121 102.35 -70.91 -0.41
C ASP PC 121 101.86 -70.92 -1.86
N ILE PC 122 100.59 -70.55 -2.04
CA ILE PC 122 100.02 -70.46 -3.38
C ILE PC 122 99.32 -69.11 -3.56
N ALA PC 123 99.13 -68.72 -4.81
CA ALA PC 123 98.47 -67.45 -5.13
C ALA PC 123 96.98 -67.52 -4.80
N ASP PC 124 96.55 -66.63 -3.90
CA ASP PC 124 95.14 -66.58 -3.50
C ASP PC 124 94.27 -65.92 -4.56
N GLU PC 125 92.99 -65.78 -4.27
CA GLU PC 125 92.05 -65.14 -5.19
C GLU PC 125 92.38 -63.65 -5.36
N HIS PC 126 93.06 -63.08 -4.36
CA HIS PC 126 93.47 -61.68 -4.42
C HIS PC 126 94.92 -61.56 -4.83
N SER PC 127 95.42 -62.57 -5.54
CA SER PC 127 96.82 -62.65 -5.95
C SER PC 127 97.74 -62.50 -4.75
N CYS PC 128 97.48 -63.28 -3.72
CA CYS PC 128 98.23 -63.20 -2.47
C CYS PC 128 98.85 -64.54 -2.07
N VAL PC 129 100.06 -64.47 -1.53
CA VAL PC 129 100.72 -65.66 -1.00
C VAL PC 129 100.47 -65.75 0.50
N THR PC 130 99.67 -66.73 0.91
CA THR PC 130 99.24 -66.84 2.30
C THR PC 130 100.05 -67.84 3.11
N GLN PC 131 100.10 -67.61 4.42
CA GLN PC 131 100.74 -68.52 5.35
C GLN PC 131 100.02 -68.44 6.69
N PHE PC 132 100.20 -69.44 7.54
CA PHE PC 132 99.48 -69.46 8.81
C PHE PC 132 100.35 -69.94 9.98
N GLU PC 133 100.01 -69.46 11.17
CA GLU PC 133 100.66 -69.89 12.41
C GLU PC 133 99.59 -70.26 13.42
N MET PC 134 99.74 -71.40 14.08
CA MET PC 134 98.72 -71.86 15.01
C MET PC 134 99.26 -72.20 16.39
N LYS PC 135 98.44 -71.94 17.41
CA LYS PC 135 98.79 -72.24 18.79
C LYS PC 135 97.79 -73.25 19.38
N LEU PC 136 98.28 -74.09 20.29
CA LEU PC 136 97.43 -75.12 20.90
C LEU PC 136 97.01 -74.74 22.31
N ARG PC 137 95.70 -74.80 22.55
CA ARG PC 137 95.15 -74.50 23.88
C ARG PC 137 94.25 -75.63 24.35
N GLU PC 138 94.23 -75.87 25.66
CA GLU PC 138 93.43 -76.97 26.21
C GLU PC 138 92.49 -76.51 27.31
N GLU PC 139 91.20 -76.71 27.11
CA GLU PC 139 90.19 -76.36 28.10
C GLU PC 139 88.97 -77.27 27.99
N LEU PC 140 88.23 -77.38 29.08
CA LEU PC 140 87.03 -78.21 29.13
C LEU PC 140 85.92 -77.63 28.25
N LEU PC 141 85.45 -78.42 27.30
CA LEU PC 141 84.39 -77.98 26.40
C LEU PC 141 83.06 -77.83 27.14
N SER PC 142 82.89 -78.62 28.20
CA SER PC 142 81.65 -78.59 28.98
C SER PC 142 81.71 -77.54 30.07
N SER PC 143 82.85 -76.86 30.18
CA SER PC 143 83.03 -75.81 31.18
C SER PC 143 82.20 -74.58 30.84
N ASP PC 144 81.65 -73.94 31.87
CA ASP PC 144 80.84 -72.76 31.68
C ASP PC 144 81.67 -71.58 31.19
N SER PC 145 82.87 -71.43 31.76
CA SER PC 145 83.76 -70.33 31.40
C SER PC 145 84.64 -70.70 30.20
N PHE PC 146 84.01 -71.04 29.09
CA PHE PC 146 84.76 -71.39 27.88
C PHE PC 146 84.00 -71.03 26.62
N HIS PC 147 84.72 -70.46 25.65
CA HIS PC 147 84.16 -70.15 24.34
C HIS PC 147 85.25 -70.11 23.28
N PRO PC 148 84.95 -70.61 22.07
CA PRO PC 148 85.86 -70.56 20.92
C PRO PC 148 86.51 -69.21 20.70
N ASP PC 149 85.77 -68.13 20.96
CA ASP PC 149 86.29 -66.78 20.76
C ASP PC 149 86.26 -65.96 22.05
N LYS PC 150 86.93 -66.44 23.09
CA LYS PC 150 86.97 -65.74 24.37
C LYS PC 150 87.71 -64.41 24.25
N ASP PC 151 87.49 -63.53 25.23
CA ASP PC 151 88.10 -62.20 25.25
C ASP PC 151 89.62 -62.23 25.36
N GLU PC 152 90.11 -62.97 26.35
CA GLU PC 152 91.54 -63.02 26.65
C GLU PC 152 92.37 -63.60 25.50
N TYR PC 153 91.71 -64.31 24.60
CA TYR PC 153 92.40 -64.96 23.49
C TYR PC 153 92.92 -63.97 22.45
N TYR PC 154 92.34 -62.77 22.42
CA TYR PC 154 92.69 -61.76 21.43
C TYR PC 154 93.61 -60.70 22.03
N LYS PC 155 94.16 -60.99 23.20
CA LYS PC 155 94.99 -60.03 23.92
C LYS PC 155 96.28 -59.68 23.18
N ASP PC 156 96.76 -60.60 22.36
CA ASP PC 156 98.02 -60.41 21.63
C ASP PC 156 97.89 -59.38 20.52
N PHE PC 157 96.68 -59.23 19.99
CA PHE PC 157 96.47 -58.39 18.81
C PHE PC 157 95.71 -57.11 19.14
N LEU PC 158 95.33 -56.95 20.40
CA LEU PC 158 94.62 -55.75 20.83
C LEU PC 158 95.35 -55.08 22.00
N SER QC 3 71.08 -44.62 11.62
CA SER QC 3 70.48 -44.17 12.87
C SER QC 3 71.29 -44.65 14.07
N VAL QC 4 71.76 -45.89 14.00
CA VAL QC 4 72.56 -46.47 15.06
C VAL QC 4 73.93 -46.88 14.54
N ASN QC 5 74.98 -46.54 15.28
CA ASN QC 5 76.34 -46.86 14.86
C ASN QC 5 77.07 -47.71 15.89
N THR QC 6 77.02 -49.02 15.70
CA THR QC 6 77.72 -49.95 16.58
C THR QC 6 79.15 -50.17 16.08
N SER QC 7 80.00 -50.64 16.98
CA SER QC 7 81.41 -50.90 16.64
C SER QC 7 82.05 -51.80 17.68
N PHE QC 8 82.94 -52.68 17.21
CA PHE QC 8 83.61 -53.63 18.10
C PHE QC 8 85.04 -53.23 18.42
N LEU QC 9 85.25 -52.77 19.65
CA LEU QC 9 86.60 -52.50 20.13
C LEU QC 9 87.26 -53.82 20.50
N SER QC 10 86.43 -54.76 20.95
CA SER QC 10 86.88 -56.09 21.35
C SER QC 10 85.70 -57.04 21.15
N PRO QC 11 85.94 -58.36 21.19
CA PRO QC 11 84.82 -59.30 21.08
C PRO QC 11 83.78 -59.10 22.18
N SER QC 12 84.21 -58.73 23.37
CA SER QC 12 83.28 -58.51 24.48
C SER QC 12 83.07 -57.02 24.77
N LEU QC 13 83.54 -56.17 23.86
CA LEU QC 13 83.40 -54.72 24.05
C LEU QC 13 82.79 -54.06 22.83
N VAL QC 14 81.60 -53.48 23.00
CA VAL QC 14 80.88 -52.84 21.90
C VAL QC 14 80.41 -51.44 22.27
N THR QC 15 80.67 -50.48 21.39
CA THR QC 15 80.19 -49.12 21.59
C THR QC 15 79.01 -48.83 20.68
N ILE QC 16 77.89 -48.42 21.26
CA ILE QC 16 76.67 -48.16 20.51
C ILE QC 16 76.24 -46.71 20.57
N ARG QC 17 76.17 -46.06 19.42
CA ARG QC 17 75.74 -44.67 19.33
C ARG QC 17 74.38 -44.52 18.67
N ASP QC 18 73.46 -43.86 19.36
CA ASP QC 18 72.13 -43.60 18.82
C ASP QC 18 72.00 -42.11 18.52
N PHE QC 19 72.08 -41.76 17.24
CA PHE QC 19 72.03 -40.35 16.83
C PHE QC 19 70.64 -39.74 17.03
N ASP QC 20 69.61 -40.51 16.70
CA ASP QC 20 68.23 -40.02 16.78
C ASP QC 20 67.80 -39.75 18.21
N ASN QC 21 68.12 -40.68 19.12
CA ASN QC 21 67.75 -40.53 20.52
C ASN QC 21 68.82 -39.80 21.32
N GLY QC 22 69.97 -39.57 20.70
CA GLY QC 22 71.07 -38.87 21.35
C GLY QC 22 71.62 -39.61 22.56
N GLN QC 23 71.89 -40.91 22.38
CA GLN QC 23 72.39 -41.73 23.48
C GLN QC 23 73.67 -42.47 23.10
N PHE QC 24 74.45 -42.83 24.12
CA PHE QC 24 75.65 -43.64 23.92
C PHE QC 24 75.73 -44.67 25.04
N ALA QC 25 75.80 -45.94 24.65
CA ALA QC 25 75.88 -47.03 25.62
C ALA QC 25 77.03 -47.98 25.29
N VAL QC 26 77.74 -48.41 26.32
CA VAL QC 26 78.81 -49.37 26.15
C VAL QC 26 78.35 -50.77 26.52
N LEU QC 27 78.40 -51.69 25.55
CA LEU QC 27 78.01 -53.07 25.78
C LEU QC 27 79.23 -53.93 26.10
N ARG QC 28 79.26 -54.47 27.32
CA ARG QC 28 80.40 -55.25 27.77
C ARG QC 28 79.99 -56.52 28.50
N ILE QC 29 80.59 -57.64 28.11
CA ILE QC 29 80.38 -58.91 28.80
C ILE QC 29 81.62 -59.25 29.62
N GLY QC 30 81.73 -58.63 30.78
CA GLY QC 30 82.92 -58.73 31.61
C GLY QC 30 83.10 -60.06 32.34
N ARG QC 31 82.01 -60.54 32.92
CA ARG QC 31 82.05 -61.74 33.75
C ARG QC 31 82.63 -62.96 33.04
N THR QC 32 82.26 -63.14 31.77
CA THR QC 32 82.69 -64.32 31.02
C THR QC 32 83.67 -63.99 29.91
N GLY QC 33 83.49 -62.84 29.26
CA GLY QC 33 84.32 -62.45 28.15
C GLY QC 33 83.86 -63.03 26.83
N PHE QC 34 82.59 -63.45 26.78
CA PHE QC 34 82.00 -63.98 25.56
C PHE QC 34 81.82 -62.89 24.52
N PRO QC 35 81.81 -63.26 23.23
CA PRO QC 35 81.58 -62.28 22.16
C PRO QC 35 80.13 -61.82 22.11
N ALA QC 36 79.92 -60.51 21.98
CA ALA QC 36 78.57 -59.97 21.93
C ALA QC 36 77.87 -60.36 20.63
N ASP QC 37 76.78 -61.10 20.76
CA ASP QC 37 76.00 -61.54 19.61
C ASP QC 37 74.94 -60.52 19.24
N LYS QC 38 74.16 -60.83 18.21
CA LYS QC 38 73.08 -59.95 17.76
C LYS QC 38 72.03 -59.76 18.85
N GLY QC 39 71.77 -60.80 19.61
CA GLY QC 39 70.81 -60.76 20.70
C GLY QC 39 71.23 -59.83 21.82
N ASP QC 40 72.53 -59.83 22.12
CA ASP QC 40 73.08 -59.00 23.18
C ASP QC 40 72.93 -57.51 22.84
N ILE QC 41 73.22 -57.16 21.59
CA ILE QC 41 73.10 -55.77 21.14
C ILE QC 41 71.65 -55.32 21.14
N ASP QC 42 70.76 -56.19 20.65
CA ASP QC 42 69.34 -55.90 20.62
C ASP QC 42 68.79 -55.73 22.03
N LEU QC 43 69.37 -56.48 22.97
CA LEU QC 43 69.00 -56.36 24.38
C LEU QC 43 69.42 -55.01 24.93
N CYS QC 44 70.61 -54.56 24.53
CA CYS QC 44 71.13 -53.27 24.97
C CYS QC 44 70.27 -52.12 24.47
N LEU QC 45 69.85 -52.20 23.21
CA LEU QC 45 68.99 -51.19 22.61
C LEU QC 45 67.65 -51.10 23.35
N ASP QC 46 67.14 -52.26 23.77
CA ASP QC 46 65.88 -52.31 24.50
C ASP QC 46 66.02 -51.67 25.88
N LYS QC 47 67.23 -51.67 26.41
CA LYS QC 47 67.50 -51.05 27.70
C LYS QC 47 67.67 -49.54 27.59
N MET QC 48 68.23 -49.10 26.46
CA MET QC 48 68.42 -47.67 26.22
C MET QC 48 67.08 -46.95 26.10
N ILE QC 49 66.16 -47.54 25.34
CA ILE QC 49 64.84 -46.95 25.14
C ILE QC 49 64.03 -47.01 26.43
N GLY QC 50 64.37 -47.98 27.28
CA GLY QC 50 63.72 -48.11 28.57
C GLY QC 50 64.07 -46.96 29.50
N VAL QC 51 65.37 -46.64 29.56
CA VAL QC 51 65.84 -45.53 30.38
C VAL QC 51 65.42 -44.21 29.74
N ARG QC 52 65.35 -44.21 28.41
CA ARG QC 52 64.83 -43.07 27.67
C ARG QC 52 63.40 -42.77 28.11
N ALA QC 53 62.64 -43.84 28.36
CA ALA QC 53 61.27 -43.71 28.87
C ALA QC 53 61.28 -43.21 30.31
N ALA QC 54 62.31 -43.61 31.06
CA ALA QC 54 62.47 -43.15 32.43
C ALA QC 54 62.78 -41.65 32.46
N GLN QC 55 63.55 -41.20 31.48
CA GLN QC 55 63.94 -39.79 31.38
C GLN QC 55 62.73 -38.88 31.14
N ILE QC 56 61.92 -39.23 30.14
CA ILE QC 56 60.76 -38.44 29.80
C ILE QC 56 59.71 -38.54 30.90
N PHE QC 57 59.72 -39.66 31.61
CA PHE QC 57 58.83 -39.85 32.76
C PHE QC 57 59.15 -38.84 33.85
N LEU QC 58 60.44 -38.68 34.14
CA LEU QC 58 60.90 -37.73 35.15
C LEU QC 58 60.74 -36.29 34.68
N GLY QC 59 60.53 -36.12 33.38
CA GLY QC 59 60.36 -34.79 32.81
C GLY QC 59 61.04 -34.67 31.45
N ASP QC 60 60.36 -34.00 30.52
CA ASP QC 60 60.91 -33.80 29.18
C ASP QC 60 62.03 -32.77 29.22
N ASP QC 61 63.27 -33.24 29.12
CA ASP QC 61 64.44 -32.36 29.18
C ASP QC 61 64.99 -32.07 27.79
N THR QC 62 64.22 -32.45 26.77
CA THR QC 62 64.58 -32.13 25.40
C THR QC 62 64.29 -30.65 25.10
N GLU QC 63 63.39 -30.07 25.90
CA GLU QC 63 63.04 -28.67 25.75
C GLU QC 63 64.12 -27.77 26.33
N ASP QC 64 64.00 -26.47 26.11
CA ASP QC 64 64.97 -25.50 26.61
C ASP QC 64 64.80 -25.27 28.10
N GLY QC 65 65.92 -25.08 28.80
CA GLY QC 65 65.90 -24.83 30.23
C GLY QC 65 65.59 -26.09 31.03
N PHE QC 66 66.23 -27.19 30.66
CA PHE QC 66 66.06 -28.46 31.33
C PHE QC 66 66.49 -28.40 32.79
N LYS QC 67 65.53 -28.19 33.69
CA LYS QC 67 65.81 -28.09 35.11
C LYS QC 67 66.25 -29.44 35.68
N GLY QC 68 65.95 -30.51 34.97
CA GLY QC 68 66.37 -31.84 35.37
C GLY QC 68 65.30 -32.61 36.12
N PRO QC 69 65.68 -33.73 36.75
CA PRO QC 69 67.05 -34.26 36.72
C PRO QC 69 67.33 -35.11 35.49
N HIS QC 70 68.60 -35.25 35.13
CA HIS QC 70 68.99 -36.06 33.98
C HIS QC 70 69.36 -37.47 34.37
N ILE QC 71 68.81 -38.44 33.65
CA ILE QC 71 69.11 -39.85 33.90
C ILE QC 71 69.45 -40.57 32.59
N ARG QC 72 70.72 -40.96 32.46
CA ARG QC 72 71.23 -41.53 31.22
C ARG QC 72 71.99 -42.83 31.46
N ILE QC 73 71.94 -43.72 30.46
CA ILE QC 73 72.68 -44.98 30.52
C ILE QC 73 74.17 -44.75 30.28
N ARG QC 74 75.01 -45.40 31.09
CA ARG QC 74 76.45 -45.32 30.93
C ARG QC 74 77.02 -46.59 30.29
N CYS QC 75 76.54 -47.74 30.75
CA CYS QC 75 77.05 -49.02 30.29
C CYS QC 75 76.10 -50.17 30.62
N VAL QC 76 76.23 -51.28 29.91
CA VAL QC 76 75.43 -52.47 30.17
C VAL QC 76 76.31 -53.72 30.28
N ASP QC 77 76.35 -54.31 31.47
CA ASP QC 77 77.18 -55.48 31.71
C ASP QC 77 76.32 -56.75 31.73
N ILE QC 78 76.68 -57.72 30.89
CA ILE QC 78 75.90 -58.95 30.78
C ILE QC 78 76.60 -60.14 31.41
N ASP QC 79 75.91 -60.80 32.33
CA ASP QC 79 76.40 -62.05 32.91
C ASP QC 79 75.87 -63.21 32.05
N ASP QC 80 76.79 -64.00 31.51
CA ASP QC 80 76.44 -65.02 30.53
C ASP QC 80 76.93 -66.41 30.93
N LYS QC 81 77.36 -66.54 32.19
CA LYS QC 81 77.93 -67.79 32.68
C LYS QC 81 76.93 -68.95 32.66
N HIS QC 82 75.89 -68.84 33.49
CA HIS QC 82 74.93 -69.92 33.62
C HIS QC 82 73.53 -69.49 33.15
N THR QC 83 73.06 -68.38 33.69
CA THR QC 83 71.77 -67.83 33.31
C THR QC 83 71.94 -66.43 32.72
N TYR QC 84 71.09 -66.10 31.75
CA TYR QC 84 71.17 -64.82 31.06
C TYR QC 84 70.79 -63.68 31.99
N ASN QC 85 71.77 -62.86 32.35
CA ASN QC 85 71.56 -61.74 33.26
C ASN QC 85 72.25 -60.48 32.76
N ALA QC 86 71.65 -59.33 33.06
CA ALA QC 86 72.19 -58.04 32.61
C ALA QC 86 72.23 -57.01 33.74
N MET QC 87 73.37 -56.36 33.90
CA MET QC 87 73.53 -55.29 34.88
C MET QC 87 73.69 -53.94 34.19
N VAL QC 88 72.70 -53.07 34.39
CA VAL QC 88 72.71 -51.76 33.75
C VAL QC 88 73.33 -50.69 34.64
N TYR QC 89 74.18 -49.85 34.05
CA TYR QC 89 74.81 -48.76 34.78
C TYR QC 89 74.22 -47.42 34.37
N VAL QC 90 73.64 -46.71 35.33
CA VAL QC 90 72.92 -45.47 35.04
C VAL QC 90 73.44 -44.33 35.91
N ASP QC 91 73.59 -43.15 35.32
CA ASP QC 91 74.00 -41.96 36.08
C ASP QC 91 72.86 -40.95 36.21
N LEU QC 92 72.57 -40.56 37.45
CA LEU QC 92 71.53 -39.56 37.71
C LEU QC 92 72.15 -38.22 38.07
N ILE QC 93 71.92 -37.21 37.23
CA ILE QC 93 72.48 -35.88 37.45
C ILE QC 93 71.40 -34.90 37.88
N VAL QC 94 71.67 -34.16 38.95
CA VAL QC 94 70.71 -33.19 39.48
C VAL QC 94 71.41 -31.94 40.00
N GLU QC 100 68.45 -30.77 49.34
CA GLU QC 100 68.92 -32.13 49.59
C GLU QC 100 67.76 -33.10 49.68
N VAL QC 101 66.62 -32.63 50.21
CA VAL QC 101 65.42 -33.45 50.32
C VAL QC 101 64.85 -33.77 48.95
N GLU QC 102 64.84 -32.78 48.07
CA GLU QC 102 64.35 -32.96 46.70
C GLU QC 102 65.25 -33.91 45.93
N ARG QC 103 66.53 -33.91 46.26
CA ARG QC 103 67.49 -34.82 45.63
C ARG QC 103 67.18 -36.27 45.96
N GLU QC 104 66.82 -36.51 47.21
CA GLU QC 104 66.43 -37.85 47.66
C GLU QC 104 65.13 -38.29 47.01
N THR QC 105 64.21 -37.35 46.83
CA THR QC 105 62.93 -37.62 46.19
C THR QC 105 63.12 -37.96 44.72
N ALA QC 106 64.00 -37.21 44.05
CA ALA QC 106 64.30 -37.44 42.64
C ALA QC 106 64.96 -38.81 42.44
N GLU QC 107 65.86 -39.16 43.36
CA GLU QC 107 66.53 -40.45 43.31
C GLU QC 107 65.55 -41.60 43.50
N GLU QC 108 64.57 -41.40 44.38
CA GLU QC 108 63.56 -42.41 44.65
C GLU QC 108 62.67 -42.65 43.43
N GLU QC 109 62.20 -41.56 42.83
CA GLU QC 109 61.35 -41.63 41.65
C GLU QC 109 62.10 -42.27 40.48
N ALA QC 110 63.36 -41.90 40.31
CA ALA QC 110 64.19 -42.44 39.25
C ALA QC 110 64.44 -43.93 39.45
N LYS QC 111 64.65 -44.32 40.70
CA LYS QC 111 64.88 -45.72 41.03
C LYS QC 111 63.67 -46.58 40.73
N LEU QC 112 62.49 -46.10 41.14
CA LEU QC 112 61.24 -46.82 40.91
C LEU QC 112 60.94 -46.93 39.42
N ALA QC 113 61.23 -45.85 38.68
CA ALA QC 113 60.99 -45.83 37.25
C ALA QC 113 61.88 -46.83 36.51
N LEU QC 114 63.13 -46.93 36.96
CA LEU QC 114 64.09 -47.82 36.34
C LEU QC 114 63.74 -49.29 36.56
N ARG QC 115 63.16 -49.59 37.71
CA ARG QC 115 62.76 -50.96 38.03
C ARG QC 115 61.69 -51.45 37.06
N VAL QC 116 60.75 -50.58 36.73
CA VAL QC 116 59.67 -50.90 35.81
C VAL QC 116 60.17 -50.91 34.36
N ALA QC 117 60.99 -49.92 34.02
CA ALA QC 117 61.47 -49.75 32.65
C ALA QC 117 62.43 -50.86 32.23
N LEU QC 118 63.33 -51.24 33.12
CA LEU QC 118 64.35 -52.23 32.79
C LEU QC 118 63.92 -53.64 33.17
N GLN QC 119 62.71 -53.76 33.71
CA GLN QC 119 62.15 -55.04 34.15
C GLN QC 119 63.08 -55.75 35.13
N VAL QC 120 63.40 -55.05 36.22
CA VAL QC 120 64.31 -55.59 37.23
C VAL QC 120 63.70 -56.78 37.94
N ASP QC 121 64.50 -57.84 38.11
CA ASP QC 121 64.11 -59.06 38.81
C ASP QC 121 62.96 -59.78 38.10
N ILE QC 122 62.74 -59.44 36.84
CA ILE QC 122 61.73 -60.10 36.03
C ILE QC 122 62.31 -60.53 34.69
N ALA QC 123 61.68 -61.51 34.05
CA ALA QC 123 62.14 -62.00 32.76
C ALA QC 123 61.88 -60.98 31.66
N ASP QC 124 62.95 -60.55 31.00
CA ASP QC 124 62.85 -59.57 29.93
C ASP QC 124 62.32 -60.23 28.65
N GLU QC 125 62.23 -59.45 27.58
CA GLU QC 125 61.77 -59.96 26.29
C GLU QC 125 62.77 -60.94 25.71
N HIS QC 126 64.02 -60.82 26.12
CA HIS QC 126 65.07 -61.72 25.66
C HIS QC 126 65.36 -62.80 26.70
N SER QC 127 64.34 -63.09 27.53
CA SER QC 127 64.46 -64.05 28.62
C SER QC 127 65.64 -63.72 29.53
N CYS QC 128 65.70 -62.46 29.97
CA CYS QC 128 66.81 -62.00 30.79
C CYS QC 128 66.36 -61.39 32.11
N VAL QC 129 67.09 -61.69 33.18
CA VAL QC 129 66.85 -61.08 34.48
C VAL QC 129 67.76 -59.87 34.67
N THR QC 130 67.16 -58.68 34.68
CA THR QC 130 67.93 -57.44 34.70
C THR QC 130 68.05 -56.83 36.09
N GLN QC 131 69.11 -56.07 36.30
CA GLN QC 131 69.33 -55.32 37.54
C GLN QC 131 70.10 -54.06 37.20
N PHE QC 132 70.06 -53.07 38.10
CA PHE QC 132 70.72 -51.80 37.82
C PHE QC 132 71.44 -51.21 39.03
N GLU QC 133 72.48 -50.44 38.76
CA GLU QC 133 73.20 -49.68 39.78
C GLU QC 133 73.35 -48.24 39.32
N MET QC 134 73.05 -47.30 40.20
CA MET QC 134 73.07 -45.88 39.82
C MET QC 134 73.93 -45.02 40.74
N LYS QC 135 74.56 -44.01 40.15
CA LYS QC 135 75.38 -43.07 40.89
C LYS QC 135 74.83 -41.65 40.79
N LEU QC 136 75.01 -40.86 41.84
CA LEU QC 136 74.49 -39.49 41.87
C LEU QC 136 75.59 -38.46 41.60
N ARG QC 137 75.34 -37.57 40.64
CA ARG QC 137 76.29 -36.52 40.28
C ARG QC 137 75.59 -35.16 40.29
N GLU QC 138 76.32 -34.12 40.66
CA GLU QC 138 75.74 -32.78 40.75
C GLU QC 138 76.54 -31.74 39.95
N GLU QC 139 75.88 -31.11 38.99
CA GLU QC 139 76.52 -30.09 38.17
C GLU QC 139 75.50 -29.06 37.68
N LEU QC 140 76.00 -27.87 37.34
CA LEU QC 140 75.14 -26.79 36.86
C LEU QC 140 74.58 -27.11 35.48
N LEU QC 141 73.25 -27.12 35.37
CA LEU QC 141 72.58 -27.41 34.11
C LEU QC 141 72.79 -26.28 33.09
N SER QC 142 72.96 -25.07 33.59
CA SER QC 142 73.14 -23.91 32.72
C SER QC 142 74.60 -23.72 32.33
N SER QC 143 75.47 -24.56 32.86
CA SER QC 143 76.90 -24.48 32.56
C SER QC 143 77.17 -24.89 31.12
N ASP QC 144 78.11 -24.22 30.48
CA ASP QC 144 78.47 -24.52 29.10
C ASP QC 144 79.18 -25.86 28.98
N SER QC 145 80.06 -26.14 29.94
CA SER QC 145 80.82 -27.38 29.93
C SER QC 145 80.07 -28.51 30.64
N PHE QC 146 78.88 -28.83 30.15
CA PHE QC 146 78.07 -29.90 30.71
C PHE QC 146 77.23 -30.58 29.65
N HIS QC 147 77.18 -31.91 29.71
CA HIS QC 147 76.33 -32.70 28.82
C HIS QC 147 75.98 -34.03 29.48
N PRO QC 148 74.74 -34.50 29.27
CA PRO QC 148 74.26 -35.78 29.77
C PRO QC 148 75.23 -36.94 29.51
N ASP QC 149 75.91 -36.91 28.37
CA ASP QC 149 76.85 -37.96 28.01
C ASP QC 149 78.25 -37.42 27.79
N LYS QC 150 78.80 -36.75 28.80
CA LYS QC 150 80.15 -36.19 28.71
C LYS QC 150 81.20 -37.28 28.57
N ASP QC 151 82.40 -36.90 28.14
CA ASP QC 151 83.49 -37.84 27.93
C ASP QC 151 83.93 -38.51 29.23
N GLU QC 152 84.20 -37.69 30.25
CA GLU QC 152 84.72 -38.19 31.53
C GLU QC 152 83.75 -39.14 32.24
N TYR QC 153 82.49 -39.11 31.85
CA TYR QC 153 81.47 -39.93 32.49
C TYR QC 153 81.62 -41.42 32.14
N TYR QC 154 82.27 -41.70 31.01
CA TYR QC 154 82.40 -43.08 30.55
C TYR QC 154 83.79 -43.63 30.84
N LYS QC 155 84.55 -42.93 31.68
CA LYS QC 155 85.93 -43.33 31.98
C LYS QC 155 86.02 -44.68 32.68
N ASP QC 156 84.98 -45.03 33.42
CA ASP QC 156 84.97 -46.27 34.19
C ASP QC 156 84.83 -47.51 33.31
N PHE QC 157 84.20 -47.34 32.14
CA PHE QC 157 83.88 -48.48 31.28
C PHE QC 157 84.71 -48.51 30.01
N LEU QC 158 85.55 -47.50 29.81
CA LEU QC 158 86.41 -47.44 28.64
C LEU QC 158 87.88 -47.28 29.04
N SER RC 3 81.10 -47.20 1.46
CA SER RC 3 82.13 -46.27 1.00
C SER RC 3 82.88 -45.65 2.18
N VAL RC 4 82.14 -45.32 3.23
CA VAL RC 4 82.73 -44.74 4.42
C VAL RC 4 82.43 -45.61 5.64
N ASN RC 5 83.45 -45.85 6.46
CA ASN RC 5 83.30 -46.70 7.63
C ASN RC 5 83.63 -45.96 8.92
N THR RC 6 82.62 -45.37 9.55
CA THR RC 6 82.79 -44.68 10.82
C THR RC 6 82.67 -45.64 11.98
N SER RC 7 83.21 -45.25 13.13
CA SER RC 7 83.18 -46.08 14.33
C SER RC 7 83.50 -45.25 15.57
N PHE RC 8 82.84 -45.58 16.67
CA PHE RC 8 83.01 -44.84 17.91
C PHE RC 8 83.91 -45.56 18.91
N LEU RC 9 85.14 -45.06 19.07
CA LEU RC 9 86.04 -45.57 20.09
C LEU RC 9 85.62 -45.02 21.45
N SER RC 10 85.08 -43.81 21.43
CA SER RC 10 84.63 -43.12 22.62
C SER RC 10 83.51 -42.15 22.21
N PRO RC 11 82.75 -41.62 23.18
CA PRO RC 11 81.72 -40.64 22.81
C PRO RC 11 82.29 -39.42 22.07
N SER RC 12 83.48 -38.99 22.45
CA SER RC 12 84.11 -37.84 21.81
C SER RC 12 85.22 -38.25 20.86
N LEU RC 13 85.32 -39.54 20.56
CA LEU RC 13 86.37 -40.04 19.68
C LEU RC 13 85.79 -40.89 18.54
N VAL RC 14 85.97 -40.43 17.31
CA VAL RC 14 85.43 -41.13 16.14
C VAL RC 14 86.50 -41.32 15.07
N THR RC 15 86.60 -42.54 14.55
CA THR RC 15 87.51 -42.83 13.44
C THR RC 15 86.74 -42.97 12.14
N ILE RC 16 87.13 -42.18 11.14
CA ILE RC 16 86.44 -42.18 9.86
C ILE RC 16 87.36 -42.61 8.72
N ARG RC 17 87.00 -43.70 8.05
CA ARG RC 17 87.77 -44.19 6.91
C ARG RC 17 87.00 -43.98 5.62
N ASP RC 18 87.64 -43.31 4.66
CA ASP RC 18 87.04 -43.05 3.36
C ASP RC 18 87.72 -43.89 2.28
N PHE RC 19 87.04 -44.94 1.83
CA PHE RC 19 87.61 -45.86 0.84
C PHE RC 19 87.73 -45.23 -0.55
N ASP RC 20 86.73 -44.47 -0.95
CA ASP RC 20 86.70 -43.87 -2.28
C ASP RC 20 87.79 -42.82 -2.47
N ASN RC 21 87.95 -41.94 -1.49
CA ASN RC 21 88.95 -40.88 -1.57
C ASN RC 21 90.31 -41.30 -1.02
N GLY RC 22 90.35 -42.48 -0.39
CA GLY RC 22 91.58 -43.00 0.19
C GLY RC 22 92.10 -42.11 1.31
N GLN RC 23 91.22 -41.74 2.22
CA GLN RC 23 91.57 -40.86 3.33
C GLN RC 23 91.16 -41.46 4.67
N PHE RC 24 91.83 -41.02 5.74
CA PHE RC 24 91.47 -41.43 7.09
C PHE RC 24 91.56 -40.22 8.01
N ALA RC 25 90.46 -39.91 8.68
CA ALA RC 25 90.40 -38.77 9.58
C ALA RC 25 89.86 -39.15 10.94
N VAL RC 26 90.47 -38.62 12.00
CA VAL RC 26 90.00 -38.86 13.36
C VAL RC 26 89.17 -37.68 13.85
N LEU RC 27 87.91 -37.94 14.19
CA LEU RC 27 87.03 -36.89 14.70
C LEU RC 27 87.03 -36.90 16.22
N ARG RC 28 87.53 -35.82 16.82
CA ARG RC 28 87.65 -35.75 18.26
C ARG RC 28 87.18 -34.40 18.82
N ILE RC 29 86.33 -34.46 19.85
CA ILE RC 29 85.92 -33.26 20.56
C ILE RC 29 86.60 -33.24 21.93
N GLY RC 30 87.86 -32.81 21.94
CA GLY RC 30 88.68 -32.85 23.13
C GLY RC 30 88.37 -31.81 24.18
N ARG RC 31 88.19 -30.57 23.74
CA ARG RC 31 88.00 -29.42 24.64
C ARG RC 31 86.84 -29.60 25.62
N THR RC 32 85.73 -30.16 25.15
CA THR RC 32 84.54 -30.29 25.98
C THR RC 32 84.23 -31.75 26.31
N GLY RC 33 84.49 -32.64 25.36
CA GLY RC 33 84.20 -34.06 25.55
C GLY RC 33 82.76 -34.41 25.20
N PHE RC 34 82.11 -33.54 24.44
CA PHE RC 34 80.75 -33.80 24.00
C PHE RC 34 80.71 -34.95 23.00
N PRO RC 35 79.56 -35.65 22.92
CA PRO RC 35 79.42 -36.74 21.94
C PRO RC 35 79.26 -36.20 20.53
N ALA RC 36 79.97 -36.78 19.58
CA ALA RC 36 79.91 -36.34 18.19
C ALA RC 36 78.56 -36.67 17.57
N ASP RC 37 77.83 -35.64 17.17
CA ASP RC 37 76.52 -35.81 16.54
C ASP RC 37 76.67 -36.00 15.05
N LYS RC 38 75.53 -36.15 14.36
CA LYS RC 38 75.53 -36.33 12.91
C LYS RC 38 76.12 -35.11 12.19
N GLY RC 39 75.87 -33.94 12.74
CA GLY RC 39 76.38 -32.70 12.18
C GLY RC 39 77.89 -32.61 12.29
N ASP RC 40 78.43 -33.08 13.41
CA ASP RC 40 79.88 -33.05 13.64
C ASP RC 40 80.62 -33.93 12.64
N ILE RC 41 80.09 -35.12 12.39
CA ILE RC 41 80.70 -36.05 11.44
C ILE RC 41 80.63 -35.51 10.02
N ASP RC 42 79.47 -34.98 9.66
CA ASP RC 42 79.27 -34.40 8.33
C ASP RC 42 80.22 -33.22 8.09
N LEU RC 43 80.50 -32.47 9.16
CA LEU RC 43 81.44 -31.36 9.08
C LEU RC 43 82.85 -31.86 8.82
N CYS RC 44 83.21 -32.97 9.47
CA CYS RC 44 84.51 -33.58 9.30
C CYS RC 44 84.70 -34.06 7.87
N LEU RC 45 83.66 -34.69 7.33
CA LEU RC 45 83.67 -35.17 5.94
C LEU RC 45 83.84 -34.00 4.98
N ASP RC 46 83.20 -32.88 5.30
CA ASP RC 46 83.28 -31.67 4.49
C ASP RC 46 84.69 -31.09 4.51
N LYS RC 47 85.42 -31.36 5.58
CA LYS RC 47 86.81 -30.88 5.70
C LYS RC 47 87.77 -31.78 4.93
N MET RC 48 87.47 -33.07 4.89
CA MET RC 48 88.31 -34.03 4.17
C MET RC 48 88.34 -33.75 2.68
N ILE RC 49 87.17 -33.51 2.10
CA ILE RC 49 87.06 -33.23 0.67
C ILE RC 49 87.69 -31.88 0.34
N GLY RC 50 87.75 -31.00 1.34
CA GLY RC 50 88.37 -29.71 1.18
C GLY RC 50 89.88 -29.84 1.02
N VAL RC 51 90.50 -30.63 1.89
CA VAL RC 51 91.93 -30.89 1.82
C VAL RC 51 92.23 -31.77 0.60
N ARG RC 52 91.28 -32.65 0.27
CA ARG RC 52 91.36 -33.44 -0.95
C ARG RC 52 91.45 -32.51 -2.16
N ALA RC 53 90.69 -31.42 -2.10
CA ALA RC 53 90.73 -30.39 -3.13
C ALA RC 53 92.06 -29.63 -3.08
N ALA RC 54 92.59 -29.46 -1.88
CA ALA RC 54 93.87 -28.80 -1.71
C ALA RC 54 95.01 -29.64 -2.29
N GLN RC 55 94.89 -30.96 -2.16
CA GLN RC 55 95.91 -31.88 -2.65
C GLN RC 55 96.01 -31.85 -4.17
N ILE RC 56 94.87 -31.96 -4.83
CA ILE RC 56 94.82 -31.97 -6.30
C ILE RC 56 95.17 -30.58 -6.84
N PHE RC 57 94.91 -29.55 -6.04
CA PHE RC 57 95.30 -28.19 -6.39
C PHE RC 57 96.81 -28.06 -6.48
N LEU RC 58 97.50 -28.61 -5.48
CA LEU RC 58 98.96 -28.57 -5.45
C LEU RC 58 99.58 -29.48 -6.50
N GLY RC 59 98.77 -30.37 -7.07
CA GLY RC 59 99.25 -31.28 -8.10
C GLY RC 59 98.64 -32.66 -7.96
N ASP RC 60 98.28 -33.27 -9.09
CA ASP RC 60 97.69 -34.60 -9.09
C ASP RC 60 98.76 -35.65 -8.78
N ASP RC 61 98.73 -36.17 -7.55
CA ASP RC 61 99.70 -37.17 -7.11
C ASP RC 61 99.11 -38.57 -7.14
N THR RC 62 97.93 -38.70 -7.76
CA THR RC 62 97.31 -40.01 -7.95
C THR RC 62 98.01 -40.77 -9.06
N GLU RC 63 98.69 -40.03 -9.94
CA GLU RC 63 99.43 -40.63 -11.04
C GLU RC 63 100.74 -41.24 -10.55
N ASP RC 64 101.43 -41.96 -11.42
CA ASP RC 64 102.69 -42.60 -11.08
C ASP RC 64 103.82 -41.57 -11.00
N GLY RC 65 104.74 -41.78 -10.06
CA GLY RC 65 105.86 -40.88 -9.88
C GLY RC 65 105.45 -39.57 -9.23
N PHE RC 66 104.64 -39.67 -8.18
CA PHE RC 66 104.16 -38.51 -7.45
C PHE RC 66 105.31 -37.73 -6.80
N LYS RC 67 105.76 -36.68 -7.49
CA LYS RC 67 106.86 -35.85 -6.99
C LYS RC 67 106.45 -35.06 -5.75
N GLY RC 68 105.15 -34.92 -5.54
CA GLY RC 68 104.63 -34.23 -4.37
C GLY RC 68 104.28 -32.78 -4.66
N PRO RC 69 104.05 -31.99 -3.60
CA PRO RC 69 104.09 -32.44 -2.20
C PRO RC 69 102.78 -33.07 -1.74
N HIS RC 70 102.84 -33.90 -0.70
CA HIS RC 70 101.66 -34.55 -0.17
C HIS RC 70 101.06 -33.76 0.99
N ILE RC 71 99.75 -33.56 0.94
CA ILE RC 71 99.04 -32.85 2.01
C ILE RC 71 97.77 -33.62 2.39
N ARG RC 72 97.77 -34.19 3.60
CA ARG RC 72 96.69 -35.06 4.04
C ARG RC 72 96.16 -34.70 5.42
N ILE RC 73 94.87 -34.92 5.64
CA ILE RC 73 94.25 -34.70 6.95
C ILE RC 73 94.62 -35.79 7.93
N ARG RC 74 94.96 -35.40 9.15
CA ARG RC 74 95.27 -36.35 10.22
C ARG RC 74 94.12 -36.45 11.22
N CYS RC 75 93.56 -35.30 11.57
CA CYS RC 75 92.52 -35.24 12.60
C CYS RC 75 91.73 -33.94 12.55
N VAL RC 76 90.53 -33.95 13.14
CA VAL RC 76 89.69 -32.77 13.23
C VAL RC 76 89.21 -32.56 14.67
N ASP RC 77 89.66 -31.48 15.28
CA ASP RC 77 89.31 -31.19 16.68
C ASP RC 77 88.23 -30.11 16.74
N ILE RC 78 87.13 -30.42 17.42
CA ILE RC 78 86.00 -29.51 17.50
C ILE RC 78 85.89 -28.84 18.87
N ASP RC 79 85.88 -27.50 18.87
CA ASP RC 79 85.62 -26.75 20.10
C ASP RC 79 84.11 -26.51 20.19
N ASP RC 80 83.51 -26.99 21.27
CA ASP RC 80 82.06 -27.00 21.38
C ASP RC 80 81.57 -26.28 22.65
N LYS RC 81 82.46 -25.58 23.31
CA LYS RC 81 82.15 -24.92 24.58
C LYS RC 81 81.08 -23.84 24.44
N HIS RC 82 81.42 -22.77 23.73
CA HIS RC 82 80.52 -21.63 23.61
C HIS RC 82 80.09 -21.40 22.16
N THR RC 83 81.07 -21.32 21.27
CA THR RC 83 80.80 -21.14 19.85
C THR RC 83 81.34 -22.32 19.04
N TYR RC 84 80.64 -22.68 17.98
CA TYR RC 84 81.03 -23.81 17.16
C TYR RC 84 82.32 -23.53 16.40
N ASN RC 85 83.39 -24.22 16.79
CA ASN RC 85 84.69 -24.03 16.18
C ASN RC 85 85.37 -25.36 15.86
N ALA RC 86 86.15 -25.39 14.79
CA ALA RC 86 86.83 -26.61 14.38
C ALA RC 86 88.30 -26.37 14.07
N MET RC 87 89.16 -27.19 14.64
CA MET RC 87 90.60 -27.12 14.38
C MET RC 87 91.06 -28.34 13.58
N VAL RC 88 91.50 -28.10 12.36
CA VAL RC 88 91.91 -29.19 11.47
C VAL RC 88 93.43 -29.44 11.56
N TYR RC 89 93.81 -30.70 11.62
CA TYR RC 89 95.21 -31.08 11.67
C TYR RC 89 95.65 -31.68 10.34
N VAL RC 90 96.64 -31.05 9.71
CA VAL RC 90 97.08 -31.43 8.38
C VAL RC 90 98.58 -31.70 8.35
N ASP RC 91 99.00 -32.74 7.64
CA ASP RC 91 100.41 -33.05 7.48
C ASP RC 91 100.87 -32.79 6.05
N LEU RC 92 101.93 -31.99 5.91
CA LEU RC 92 102.50 -31.70 4.60
C LEU RC 92 103.78 -32.50 4.38
N ILE RC 93 103.76 -33.41 3.41
CA ILE RC 93 104.91 -34.26 3.12
C ILE RC 93 105.60 -33.85 1.82
N VAL RC 94 106.91 -33.67 1.88
CA VAL RC 94 107.70 -33.28 0.73
C VAL RC 94 109.05 -33.98 0.69
N GLU RC 100 115.33 -26.23 -0.10
CA GLU RC 100 114.73 -25.55 1.03
C GLU RC 100 113.83 -24.41 0.56
N VAL RC 101 114.22 -23.76 -0.53
CA VAL RC 101 113.44 -22.66 -1.10
C VAL RC 101 112.12 -23.18 -1.65
N GLU RC 102 112.17 -24.32 -2.34
CA GLU RC 102 110.97 -24.94 -2.88
C GLU RC 102 110.08 -25.44 -1.75
N ARG RC 103 110.71 -25.85 -0.65
CA ARG RC 103 109.98 -26.31 0.53
C ARG RC 103 109.18 -25.18 1.16
N GLU RC 104 109.79 -24.00 1.22
CA GLU RC 104 109.12 -22.82 1.73
C GLU RC 104 108.00 -22.39 0.80
N THR RC 105 108.23 -22.54 -0.50
CA THR RC 105 107.23 -22.22 -1.51
C THR RC 105 106.06 -23.19 -1.42
N ALA RC 106 106.37 -24.47 -1.23
CA ALA RC 106 105.35 -25.49 -1.09
C ALA RC 106 104.50 -25.28 0.17
N GLU RC 107 105.17 -24.89 1.25
CA GLU RC 107 104.48 -24.62 2.50
C GLU RC 107 103.54 -23.43 2.38
N GLU RC 108 103.98 -22.42 1.64
CA GLU RC 108 103.18 -21.21 1.43
C GLU RC 108 101.94 -21.51 0.58
N GLU RC 109 102.14 -22.23 -0.52
CA GLU RC 109 101.05 -22.61 -1.41
C GLU RC 109 100.04 -23.51 -0.69
N ALA RC 110 100.55 -24.45 0.09
CA ALA RC 110 99.69 -25.37 0.84
C ALA RC 110 98.87 -24.60 1.88
N LYS RC 111 99.52 -23.63 2.53
CA LYS RC 111 98.87 -22.81 3.54
C LYS RC 111 97.74 -21.99 2.93
N LEU RC 112 98.02 -21.35 1.79
CA LEU RC 112 97.04 -20.52 1.10
C LEU RC 112 95.86 -21.35 0.61
N ALA RC 113 96.15 -22.55 0.12
CA ALA RC 113 95.11 -23.45 -0.39
C ALA RC 113 94.19 -23.92 0.72
N LEU RC 114 94.77 -24.21 1.89
CA LEU RC 114 94.01 -24.69 3.03
C LEU RC 114 93.07 -23.63 3.61
N ARG RC 115 93.49 -22.37 3.54
CA ARG RC 115 92.68 -21.27 4.03
C ARG RC 115 91.37 -21.14 3.25
N VAL RC 116 91.46 -21.31 1.94
CA VAL RC 116 90.30 -21.20 1.08
C VAL RC 116 89.42 -22.45 1.15
N ALA RC 117 90.06 -23.61 1.17
CA ALA RC 117 89.36 -24.89 1.15
C ALA RC 117 88.60 -25.16 2.44
N LEU RC 118 89.22 -24.85 3.58
CA LEU RC 118 88.62 -25.15 4.87
C LEU RC 118 87.84 -23.96 5.44
N GLN RC 119 87.79 -22.87 4.68
CA GLN RC 119 87.10 -21.65 5.08
C GLN RC 119 87.59 -21.17 6.45
N VAL RC 120 88.89 -20.95 6.55
CA VAL RC 120 89.51 -20.53 7.81
C VAL RC 120 89.09 -19.13 8.23
N ASP RC 121 88.76 -18.99 9.51
CA ASP RC 121 88.36 -17.70 10.12
C ASP RC 121 87.07 -17.16 9.52
N ILE RC 122 86.33 -18.03 8.84
CA ILE RC 122 85.04 -17.67 8.28
C ILE RC 122 83.99 -18.70 8.68
N ALA RC 123 82.72 -18.31 8.62
CA ALA RC 123 81.62 -19.20 8.97
C ALA RC 123 81.48 -20.31 7.94
N ASP RC 124 81.59 -21.55 8.39
CA ASP RC 124 81.47 -22.71 7.50
C ASP RC 124 80.01 -22.98 7.14
N GLU RC 125 79.79 -24.05 6.39
CA GLU RC 125 78.44 -24.44 5.99
C GLU RC 125 77.62 -24.88 7.21
N HIS RC 126 78.31 -25.30 8.25
CA HIS RC 126 77.66 -25.70 9.49
C HIS RC 126 77.72 -24.57 10.52
N SER RC 127 77.83 -23.35 10.02
CA SER RC 127 77.97 -22.15 10.85
C SER RC 127 79.15 -22.30 11.82
N CYS RC 128 80.30 -22.69 11.28
CA CYS RC 128 81.48 -22.95 12.09
C CYS RC 128 82.67 -22.10 11.68
N VAL RC 129 83.43 -21.64 12.66
CA VAL RC 129 84.68 -20.92 12.40
C VAL RC 129 85.84 -21.90 12.45
N THR RC 130 86.45 -22.14 11.29
CA THR RC 130 87.48 -23.17 11.17
C THR RC 130 88.89 -22.60 11.22
N GLN RC 131 89.83 -23.44 11.64
CA GLN RC 131 91.25 -23.10 11.66
C GLN RC 131 92.06 -24.36 11.44
N PHE RC 132 93.33 -24.21 11.05
CA PHE RC 132 94.15 -25.37 10.75
C PHE RC 132 95.57 -25.23 11.28
N GLU RC 133 96.19 -26.37 11.58
CA GLU RC 133 97.58 -26.42 12.01
C GLU RC 133 98.33 -27.48 11.20
N MET RC 134 99.52 -27.14 10.71
CA MET RC 134 100.25 -28.06 9.85
C MET RC 134 101.68 -28.32 10.31
N LYS RC 135 102.14 -29.54 10.08
CA LYS RC 135 103.50 -29.94 10.40
C LYS RC 135 104.22 -30.38 9.13
N LEU RC 136 105.53 -30.15 9.07
CA LEU RC 136 106.31 -30.49 7.90
C LEU RC 136 107.10 -31.78 8.09
N ARG RC 137 106.94 -32.72 7.16
CA ARG RC 137 107.66 -33.99 7.21
C ARG RC 137 108.35 -34.27 5.89
N GLU RC 138 109.52 -34.91 5.95
CA GLU RC 138 110.30 -35.19 4.75
C GLU RC 138 110.68 -36.66 4.61
N GLU RC 139 110.26 -37.28 3.52
CA GLU RC 139 110.56 -38.68 3.25
C GLU RC 139 110.63 -38.96 1.76
N LEU RC 140 111.36 -40.02 1.39
CA LEU RC 140 111.50 -40.40 0.00
C LEU RC 140 110.20 -40.93 -0.58
N LEU RC 141 109.72 -40.29 -1.66
CA LEU RC 141 108.48 -40.69 -2.31
C LEU RC 141 108.64 -42.03 -3.02
N SER RC 142 109.86 -42.35 -3.44
CA SER RC 142 110.11 -43.59 -4.15
C SER RC 142 110.42 -44.74 -3.20
N SER RC 143 110.45 -44.43 -1.91
CA SER RC 143 110.70 -45.43 -0.88
C SER RC 143 109.54 -46.41 -0.75
N ASP RC 144 109.86 -47.68 -0.53
CA ASP RC 144 108.84 -48.71 -0.38
C ASP RC 144 108.05 -48.54 0.92
N SER RC 145 108.75 -48.20 1.99
CA SER RC 145 108.12 -48.00 3.29
C SER RC 145 107.63 -46.57 3.47
N PHE RC 146 106.73 -46.13 2.59
CA PHE RC 146 106.17 -44.79 2.68
C PHE RC 146 104.74 -44.72 2.17
N HIS RC 147 103.89 -44.00 2.90
CA HIS RC 147 102.51 -43.78 2.48
C HIS RC 147 101.97 -42.50 3.12
N PRO RC 148 101.17 -41.73 2.36
CA PRO RC 148 100.50 -40.51 2.81
C PRO RC 148 99.80 -40.68 4.16
N ASP RC 149 99.22 -41.84 4.40
CA ASP RC 149 98.50 -42.09 5.64
C ASP RC 149 99.09 -43.27 6.42
N LYS RC 150 100.37 -43.18 6.74
CA LYS RC 150 101.06 -44.22 7.50
C LYS RC 150 100.49 -44.35 8.91
N ASP RC 151 100.77 -45.47 9.55
CA ASP RC 151 100.28 -45.75 10.90
C ASP RC 151 100.81 -44.76 11.93
N GLU RC 152 102.13 -44.59 11.94
CA GLU RC 152 102.81 -43.75 12.92
C GLU RC 152 102.39 -42.28 12.86
N TYR RC 153 101.80 -41.88 11.74
CA TYR RC 153 101.41 -40.48 11.55
C TYR RC 153 100.21 -40.10 12.43
N TYR RC 154 99.43 -41.10 12.83
CA TYR RC 154 98.22 -40.85 13.61
C TYR RC 154 98.42 -41.16 15.10
N LYS RC 155 99.68 -41.33 15.50
CA LYS RC 155 100.02 -41.71 16.87
C LYS RC 155 99.63 -40.62 17.88
N ASP RC 156 99.61 -39.37 17.41
CA ASP RC 156 99.33 -38.23 18.28
C ASP RC 156 97.87 -38.16 18.72
N PHE RC 157 96.98 -38.73 17.93
CA PHE RC 157 95.55 -38.58 18.17
C PHE RC 157 94.91 -39.89 18.65
N LEU RC 158 95.71 -40.95 18.73
CA LEU RC 158 95.23 -42.24 19.20
C LEU RC 158 96.05 -42.74 20.38
#